data_9H5K
#
_entry.id   9H5K
#
loop_
_entity.id
_entity.type
_entity.pdbx_description
1 polymer 'Maintenance of telomere capping protein 5'
2 polymer 'Protein transport protein SEC13'
3 polymer 'Restriction of telomere capping protein 1'
4 polymer 'Nucleoporin SEH1'
5 polymer 'SEH-associated protein 4'
6 polymer 'GTP-binding protein GTR1'
7 polymer 'GTP-binding protein GTR2'
8 polymer 'Nitrogen permease regulator 2'
9 polymer 'Nitrogen permease regulator 3'
10 polymer 'Vacuolar membrane-associated protein IML1'
11 polymer 'Protein MEH1'
12 polymer 'Protein EGO2'
13 polymer 'Protein SLM4'
14 non-polymer 'ZINC ION'
15 non-polymer 'MAGNESIUM ION'
16 non-polymer 'ALUMINUM FLUORIDE'
17 non-polymer "GUANOSINE-5'-DIPHOSPHATE"
#
loop_
_entity_poly.entity_id
_entity_poly.type
_entity_poly.pdbx_seq_one_letter_code
_entity_poly.pdbx_strand_id
1 'polypeptide(L)'
;MCSSINEGPYNSPTFGKSLSLKVDGGFNAVSINPSGRDIVLASRQGLYIIDLDDPFTPPRWLHHITPWQVADVQWSPHPA
KPYWIVSTSNQKAIIWNLAKSSSNAIEFVLHGHSRAITDINFNPQHPDVLATCSVDTYVHAWDMRSPHRPFYSTSSWRSA
ASQVKWNYKDPNVLASSHGNDIFVWDLRKGSTPLCSLKGHVSSVNSIDFNRFKYSEIMSSSNDGTVKFWDYSKSTTESKR
TVTTNFPIWRGRYLPFGEGYCIMPMVGGNNAVYLINLCDDDDSEQNKKTKLQPIYAFKGHSDRVIDFLWRSRHTCDGDYD
DREFQLVTWSKDCDLKLWPISDSIYGKVNFDRGKRLEEKLPDYDYCSYNKEPENRENVQKNEFRRLRENFVTTSGLKKNK
TNHITWLSGIRMNSATSQEDLFNETKIQNLGEEVSAIGHKFPKVVFEKISVSTRELCLTLNGPWSEENPDDYIFLRISIN
FPLNYPNKGDPPKFTIEENSNLTMSKRQEILSNLATIGQKYTDSNLYCLEPCIRFVLGEKVSLEDIEEGQEPLLNFDIAD
HIDFEELSSLDSSYSDSQNPENLSSQSDIESYKEALVFPDTSNQGLDFGRNLALDTTPVPNGCGSCWTATGELFCFFANE
KKPEKKQNAIIKLSQKEAGVEKHPFKIEPQVLYDKEVDSSVITAADELKARPKRYVDTLGLGGGTNGDSRTYFDDETSSD
DSFDSVADDWDDILRNDIIVRTKIPILRGNFKAFSSVHSESGKTVESTKKNKNLVISKNFSSLLSDRKELALEYLFMDAT
PEGFARNNALVAEKFDLDEISHCWQILSDMLIDQSDYDPYTTIWNNHPMGIKWFIKEAIVYFERQQNLQMLAMLCCVILS
ARRKKIPARYYGQELENMEGTIVFNDNESQNTSFWKGSDAFSTRSRSSTVTPNFYGNHLRGKNIHGGDNSSIRSDDHHAR
LRTHNTLNGSSKFTEPAQKQGSRAISSSPFHSRMPDIKVELLHDDIIEAYEQEDLLHLEVSDIPKFQTYIYQYSKLLFRW
GLPLERVKILKVSTDFRSSYSSQGIPPNNNKKSPYNGVLTHWIENNEFGEEKFLARNCNYCDLRVTRSSFICGNCQHVLH
SSCARIWWEIGDECPSGCGCNCPEMFDA
;
C,K
2 'polypeptide(L)'
;MVVIANAHNELIHDAVLDYYGKRLATCSSDKTIKIFEVEGETHKLIDTLTGHEGPVWRVDWAHPKFGTILASCSYDGKVL
IWKEENGRWSQIAVHAVHSASVNSVQWAPHEYGPLLLVASSDGKVSVVEFKENGTTSPIIIDAHAIGVNSASWAPATIEE
DGEHNGTKESRKFVTGGADNLVKIWKYNSDAQTYVLESTLEGHSDWVRDVAWSPTVLLRSYLASVSQDRTCIIWTQDNEQ
GPWKKTLLKEEKFPDVLWRASWSLSGNVLALSGGDNKVTLWKENLEGKWEPAGEVHQ
;
H,P
3 'polypeptide(L)'
;MSLSPHVENASIPKGSTPIPKNRNVSSIGKGEFLGSSSSNNSSFRMNHYSNSGQPSVLDSIRRPNLTPTFSYSNGVYMPE
SHRTSSFNDSYLPYDKNPYAKTTGSMSNKSNMKIKTKKNAINTNTRKSSGLIYTTKVDKELSSIDKVNDPNINGLVCAGK
THLGLYKFSPSDRSIKCVHDFITPNSNTSTRGTTSLLPKLSKRTRQNKFSTIADVKTGFNNYKNCIAVCNNSTAISIYDL
NKSSSIDNPLITSLCEHTRSINSFDFNMVESNLIISGGQDSCVKIWDLRSNKSKSSNRSDISINTASDSIRDVKWMPGYN
FASKNDQGSSTYGNLKSGYKFASIHDSGYLLKFDLRQPAQYEKKLNAHTGPGLCLNWHPNQEYIATGGRDGKCCLWFVGD
NANAAENTVLNYGNSPSLHAPNTSLNNSGSLAFPKLTINTGYPVTKLKFKPAYSSNIYNSLLGISSMGDEAEVRIYSLAR
KYIPKHVLLSETPSLGLVWWDENLIFNIDKGTRINGWDINKEPTVLENLSKNTTTWRDLDGNGLLSVDQEIGSYEVVEPE
LQPTSSTTCKKHPGTIKNPKNGNPENQGIIGGIKKGFSHTGLTSFTPERPPTLKAGPTFSTKSLTLASGASSFNSSSASL
TSLTPQTENREEIAIEPPCIITLDIPQIFNNIRLTKIAHSRKKNVISESSSMKNSPVEKFKYLARQLKFSYIREHNVSDS
ADTAYKNDIENIDVVKNATETHGDNTTTTNNNDDGDDDDDDDDDDKIIESHLLKKYNFPENNTWATLMNEKVNNKKSKRN
SSSSREFDEKDVRSSISSISASRQSHDRARKIDKNVEAELQEKIQTLVDLISIATHNASVYLSIDDLTNFKIWILIRDSL
LWDLKWMTSSQISSDNASNMDANESSDFEAGENLKTGKEFPEEDGAGTSGAESLVEERPQAFRANSDEPSDAEKKPVSKL
KEQLKNTEIIPYAQPNEDSDEVLTKLKELQNQRLESRTKMGETVSDDVIIEEDEHEHQEEEQPHDSPTKSAQFHASPIAK
SIPILQKREHRKSFIDTFMLHSPNGYNGDTDIGNEDDNISPRFTYNSVSPRSKVSSLQSYATTTSQLETFKKLSSHTAPI
IGSPRHAPSRPDSIGREQLSSSLTKKLAKCKKIIADPPWDTKKLIKQLYNQATETGNVVLTVNILFLFQTIYQITEIDIA
KDAIAHFLLLLHRYELFGIAADVLKYCPFEDIMGSEGDQSSIRLFCERCGELITNESSKEKLRAEAQQTGNKKIMDKFGY
WYCDSCKKKNTSCVLCERPLKKLTMVILPCGHEGHFQCIQEWFLDENEQECPGGCPGVAFI
;
A,I
4 'polypeptide(L)'
;MQPFDSGHDDLVHDVVYDFYGRHVATCSSDQHIKVFKLDKDTSNWELSDSWRAHDSSIVAIDWASPEYGRIIASASYDKT
VKLWEEDPDQEECSGRRWNKLCTLNDSKGSLYSVKFAPAHLGLKLACLGNDGILRLYDALEPSDLRSWTLTSEMKVLSIP
PANHLQSDFCLSWCPSRFSPEKLAVSALEQAIIYQRGKDGKLHVAAKLPGHKSLIRSISWAPSIGRWYQLIATGCKDGRI
RIFKITEKLSPLASEESLTNSNMFDNSADVDMDAQGRSDSNTEEKAELQSNLQVELLSEHDDHNGEVWSVSWNLTGTILS
SAGDDGKVRLWKATYSNEFKCMSVITAQQ
;
F,E,D,N,M,L
5 'polypeptide(L)'
;MGLIKKVTHWSYDNLIDYLSVNPTRDEVTHYKVDPENESDESIIKLHTVKDFGSITCLDYSESEIGMIGVGEKNGYLRIF
NISGQNSSSPASHAPVGLNANNETSMTNASGGKAAQAENIVGSVSNLKDTQGYPVSETNYDIRVRAKKQRCINSLGINTN
GLIAMGLDRNKHDSSLQIWDMNYHDDSHETINPMFSYCTNESIVSLKFLNDTSVLAASTKFLKEIDVRSPNPIYQHPTRL
TYDIKLNPFNDWQFSTYGDDGTLAIWDRRKLSDQASLGDLNVASPLLTFEKLVGSGAASRKYMNSCFRWSCVRNNEFATL
HRGDTIKRWRLGYYCDSNRDIAADDDNEMNIENLFVSSVHDTNTMYDRVATFDYIPRSNNGTSLICMRQSGTIYRMPISE
VCSKAILNNRNSLLLSNFENTEIDEIRVNNEHEKSNLENVKTILKNLSFEDLDVSEDYFPSGHDEPNNEIEYSELSEEEN
EGSNDVLDSKRGFELFWKPEKLLEKDISVIMRTRASLGYGLDPMNTVEMIDSSKNLQNNAYIRNTWRWIAIAKASVDDGT
MVSGDLDLGYEGVIGIWNGINGISNQDRYRQETILSDKQLNKEMEKIIKLRRKNRDRNSPIANAAGSPKYVQRRLCLIIS
GWDLSRSDYEDKYNIIMKNGHYEKAAAWAVFFGDIPKAVEILGSAKKERLRLIATAIAGYLAYKDLPGNNAWRQQCRKMS
SELDDPYLRVIFAFIADNDWWDILYEPAISLRERLGVALRFLNDTDLTTFLDRTSSTVIENGELEGLILTGITPNGIDLL
QSYVNKTSDVQSAALISIFGSPRYFRDQRVDEWIQTYRDMLKSWELFSMRARFDVLRSKLSRTKTGVLTADIKPRQIYIQ
CQNCKQNINTPRTSSPSSAVSTSAGNYKNGEAYRRNNADYKKFNTGSSEAQAADEKPRHKYCCPHCGSSFPRCAICLMPL
GTSNLPFVINGTQSRDPMQTEDSQDGANRELVSRKLKLNEWFSFCLSCNHGMHAGHAEEWFDRHNVCPTPGCTCQCNK
;
G,B,O,J
6 'polypeptide(L)'
;MSSNNRKKLLLMGRSGSGKSSMRSIIFSNYSAFDTRRLGATIDVEHSHLRFLGNMTLNLWDCGGQDVFMENYFTKQKDHI
FQMVQVLIHVFDVESTEVLKDIEIFAKALKQLRKYSPDAKIFVLLHKMDLVQLDKREELFQIMMKNLSETSSEFGFPNLI
GFPTSIWDESLYKAWSQIVCSLIPNMSNHQSNLKKFKEIMNALEIILFERTTFLVICSSNGENSNENHDSSDNNNVLLDP
KRFEKISNIMKNFKQSCTKLKSGFKTLILNNNIYVSELSSNMVCFIVLKDMNIPQELVLENIKKAKEFFQ
;
a,b
7 'polypeptide(L)'
;MSLEATDSKAMVLLMGVRRCGKSSICKVVFHNMQPLDTLYLESTSNPSLEHFSTLIDLAVMELPGQLNYFEPSYDSERLF
KSVGALVYVIDSQDEYINAITNLAMIIEYAYKVNPSINIEVLIHKVDGLSEDFKVDAQRDIMQRTGEELLELGLDGVQVS
FYLTSIFDHSIYEAFSRIVQKLIPELSFLENMLDNLIQHSKIEKAFLFDVNSKIYVSTDSNPVDIQMYEVCSEFIDVTID
LFDLYKAPVLRNSQKSSDKDNVINPRNELQNVSQLANGVIIYLRQMIRGLALVAIIRPNGTDMESCLTVADYNIDIFKKG
LEDIWANARASQAKNSIEDDV
;
c,d
8 'polypeptide(L)'
;MLSYFQGFVPIHTIFYSVFHPTEGSKIKYEFPPNNLKNHGINFNTFKNYIIPKPILCHKLITFKYGTYRIVCYPVTINSP
IYARNFFSFNFVFVFPYDCETSPYEPAITRLGKMFKVLEEQNQLLSKSERDPVFFDLKVLENSTTTPSTAGPSSTPNPSS
NTTPTHPTSEKDTKDMRSSRYSDLIKDLGLPQSAFSIQDLLMRIFQDLNNYSECLIPIDEGNAVDIKIFPLLRPPTTCVS
LEDVPLSSVNLKKIIDVNWDPTMMSIVPYIDGLNSIAKISKLSNSDPGLVIECIRHLIYYKCVTLSDIFQFSNIYAPSSL
IRNFLTDPLMASDCQSYVTFPEVSKISNLPLNKSLGSGDQDSPSFSVRRKSKSSSIPSNPDSRTTSFSSTSRVSQNSSLN
SSFSSIYKDWRQSQTSCSSSNIHVINNRNRFLPTRSCLFDLYRSLSQGQTLKTWYESKYMILKENNIDIRRFITFGLEKR
IIYRCYSFPVMINAGSREPKEMTPIITKDLVNNDKLLEKRNHNHLLSATGSRNTAQSGNLKPERPSKVSFEMQRVSSLAT
GKSTMPKLSDEEEGILEESIRNAETFDKICVLLSKPKLEVESYLNELGEFKVINS
;
T,g
9 'polypeptide(L)'
;MDECLPNSCLLGVHLVISTHSGPQIVYHYPPSNTAFLTNNPTKHQHLYGNHANLNKNTSTNKEEKLFNSGSTKTASQIAL
NESAKSYNTAITPSMTNTNTNNVTLPPTRSHANTVGSQSSIPAATNGVGYRKTDIEDTSRTFQYQETESETSSSGLSDSE
LSTDYLDISSDSFSISSSLSSSSLSSSPSSSSSSSPPQDGLSRTNSSFQSTDSMSPTSPQMIMENDSISVAESYLDSGTN
NKSRAASKRSQNFFHKLSTKKSTDSKTHSPVRKLKSKPSQSTKKGNKLLKNTSNETDGNAFTGSCSISSKKSLSSTGEHN
QELRNSSLNDTPGQSPHHYHHRYHHYHKNAATSQRNSHTQYDVEEEDMEVSAMLQDGKISMNEIFFEEENFQDINKILEF
DNDFVAEFCSPEREMCNTRFEFTVDNFCFLGLPIHVDSQGRWRKSKHKNKTRSKRSSSTTTNISRKKSIASKISSLSENT
LKKVNSGEADTVYDSNIGHEASTDTPNLRINTDVSGNEFEREKEDLGKNMNMFHVCFVMNPHLIEYNKRIDDMYQFVVTR
LSLLLRYVQSKTSYISSECHIILKEKERVLKHSKTYQSIRGAGNKGKYLYQRILAKSSLARALTECVDKIQRNEIACLEI
NDDKVISLQIPIQNEFEKMPNFKLQPVLRGSYLTSILNMKFLEKSSLRIESQNRQNDQAQFSDTNNNIYRFGNNINSTGH
CGAANVDDGDDNESNYYCDDNDDLLNYALLLLDEPNNIISSLETFSYQDDIGTIILKHLVRNIQPNIPLRSYRYLITDLL
DNPSSLDDLTTETNSLESSILRSCALHLMYWRHARIVIPLSSKYTYIVSPLAPIQGYTIDDYKSTSQNDGNVKKMDDREN
NKSGSDRVPLIYQNSMLFRSKFPSLPSLPIFLSLLSTDKPQAYSNIIPSREHKPVYLNALAWLIQYGYVTQLLTFINIRV
DKHIKMAVDEDLEKEGFRKTNTARRPSMDYKKTDKKLDDEDGQSRDANASEACSGKNEGMQSNDNNKDVDEKDNENDSRV
DDRDDNEIAIADEEEILHFEYDDPEMQHDYTIILEPERATAIEKRWLYRCIYGQPSDIQILFNKLLKYFNGKVPMELVII
KEEISRHDLKKLLNALDKYLIEIHHW
;
h,i
10 'polypeptide(L)'
;MFAKLHGKKQRPISSINSQTPRTSNTTHANSISLSSGNLIVGSNRNLRQKKEQFGSQQRASGRKLISNKENDDNVNNGGD
NNYDNGERVHRHHIPGLKIKAYQAELGYHESRFSENLVMLNLVEFPDIKPGDLVELKTYHKNPSASNGDKKIYFIAKDFD
GETKRRAKTSNVSILSGQLQTLLDLPSRSRIWIKLKPNKFDLQADVVEFNIKDCLLNRGDMWVLSSKLVDTCVFMDQRLA
FLDSIRGTIKGIYRNGKKIVSGYIGEQTRIIFRSESARLIFLIQITDEMWNFEETGEQLFQKMVNSFFPKIFKKWKDVDT
HHTITIAFAISMDLSDTSFKDLTPGESLKNSQDYFRIVVDQVSIIHWVDIMETLREEFMEIRKDLLNKQTDKGYSVANGR
FSPVIKSNFLELVNFATTILTDPFKQLDLRHTTTHVMIISPGSGLFDVDYSLLRLTGKKLLSLEMTMDLICLSKAPLHIV
PLFRYRDFENKLHHCVPLWLSVFFWNDHDKKSNSEWTPRCKIYDLQMMGITENELIREVDVEYLQLNKKVKSLSEFMNDY
DKNAFEVKILCAGSNTKQSKKLNSKFDTVFENDVVVKARKIPATATTTHGNTKFIWRGPKVALPAIKDIQKPNVIPDLSI
KTIEASFYDDCNTTNDKISTPTTSNNDNLEMNDSLVSVRSADNQNTSLALDSLKGLSKRNSLKDFTQRVITKFISNIDTS
KNKKIKSTLLRDDVDNSPLGSNTPLPSSESKISGLKLQQKGLADENVISKRGNLIIKKNLSIFGLPSNEIMSGSPSSYLG
SSHTRTSSKLSNMSDKAAFITEGQKSKHDDSNTYSLTQQLKHRISETWVDIKSPSIPVSSEFANELLPIRWKDVWPKYVA
RKYSKWRSFTTPAELPITISDFPSKDDFDRNFIFRNHSVTLNTDQEQYNQTYKDLLRDMIYMRLLTGFQICVGRQVEKIE
LSRESGESETVVNKYLDFNQNDAFKLYLMIDSEIHRITCSSSGIIDVERYLRKDEANLFDQVPSYIPLVKTRYESSFRDA
MIDPLHVKRESLNWNQIDQVLAGYGDNLIDRKWHGFRAKYVVLPTDIPPNTYSMVINGKSETLNPEEIRVEGLRRLIGSI
TRSRLRTEKEKKGRKTKREEIQPEVMFYTGPLYNFINEQQTSLESSAINFKDSIFVNDNNLLNRNVELSKLAYQIQRGED
RITLVNRKWHWKKHEKCFVGSEMVNWLIRNFSDIDTREDAIKYGQKVMKEGLFVHVLNKHNFLDGHYFYQFSPEYVMDTN
KLEKTNSHRSTLSDPKQMLRKASTGSSNDPSAMTPFSSVVPAISASNASVADAKEPSRPILMLSNSLVIDVDPAGKSSKQ
ESCTVHYDRVHNPDHCFHIRLEWLTTTPKLIDDLVGNWSRLCERYGLKMIEIPWEELCTIPSVNPFHSFVEIKLAINPWE
DPEFKDRELFAKSKFYYHVYLLKASGFLLDNRASKFLQNQDIEFDIMYSWGKPQFKYVQYIHHTGAYVAELRENGCLFLA
PNNIYISRVNPGNIIGKIHSASSSSLDAQKVILNFKSTCLDYQKLRSIFLDAKEMWITGKIVED
;
X,j
11 'polypeptide(L)'
;MGAVLSCCRNHSGEENEALLREQQAGYGSQGNANDEYDAEQMRLKEHEHEQKLLAREQELRDIVANTNDKLIDISMINNS
GIVIQGTDLQEALDKRQQEEGGDSREDERSAGDDNLSGHSVPSSGSAQATTHQTAPRTNTFTLLTSPDSAKISKEQLKKL
HSNILNEIFSQSQVNKPGPLTVPF
;
R,S
12 'polypeptide(L)' MEAEKQSDIKGTIAFDTHGNVIESTGVGSQRIEDIGDLSKVTLDAEGFAQVQGDSLLVHLYKRNDITLAVYTSAQ U,W
13 'polypeptide(L)'
;MVMLHSKNVKGFLENTLKPYDLHSVDFKTSSLQSSMIITATNGGILSYATSNNDVPKNSINEINSVNNLKMMSLLIKDKW
SEDENDTEEQHSNSCYPVEIDSFKTKIYTYEMEDLHTCVAQIPNSDLLLLFIAEGSFPYGLLVIKIERAMRELTDLFGYK
LG
;
Y,Z
#
# COMPACT_ATOMS: atom_id res chain seq x y z
N GLY A 8 -33.91 -9.52 -81.87
CA GLY A 8 -34.33 -9.22 -83.22
C GLY A 8 -35.51 -10.06 -83.67
N PRO A 9 -36.24 -9.59 -84.70
CA PRO A 9 -37.38 -10.36 -85.22
C PRO A 9 -36.99 -11.67 -85.89
N TYR A 10 -35.76 -11.81 -86.38
CA TYR A 10 -35.38 -12.97 -87.16
C TYR A 10 -34.92 -14.15 -86.31
N ASN A 11 -34.86 -13.99 -84.99
CA ASN A 11 -34.61 -15.09 -84.07
C ASN A 11 -35.87 -15.53 -83.35
N SER A 12 -37.04 -15.13 -83.85
CA SER A 12 -38.31 -15.46 -83.21
C SER A 12 -38.68 -16.91 -83.48
N PRO A 13 -38.94 -17.72 -82.45
CA PRO A 13 -39.28 -19.12 -82.64
C PRO A 13 -40.74 -19.39 -82.98
N THR A 14 -41.59 -18.37 -83.03
CA THR A 14 -43.01 -18.57 -83.33
C THR A 14 -43.45 -17.99 -84.67
N PHE A 15 -42.53 -17.47 -85.48
CA PHE A 15 -42.86 -17.01 -86.82
C PHE A 15 -42.79 -18.16 -87.81
N GLY A 16 -43.82 -18.28 -88.65
CA GLY A 16 -43.91 -19.34 -89.63
C GLY A 16 -44.38 -20.67 -89.08
N LYS A 17 -44.76 -20.75 -87.80
CA LYS A 17 -45.27 -21.97 -87.21
C LYS A 17 -46.64 -21.69 -86.60
N SER A 18 -47.55 -22.63 -86.78
CA SER A 18 -48.91 -22.48 -86.28
C SER A 18 -48.93 -22.68 -84.76
N LEU A 19 -49.34 -21.65 -84.04
CA LEU A 19 -49.44 -21.69 -82.59
C LEU A 19 -50.79 -21.12 -82.18
N SER A 20 -51.35 -21.69 -81.11
CA SER A 20 -52.68 -21.30 -80.63
C SER A 20 -52.62 -21.06 -79.13
N LEU A 21 -52.96 -19.84 -78.71
CA LEU A 21 -52.99 -19.52 -77.28
C LEU A 21 -54.34 -19.95 -76.68
N LYS A 22 -54.52 -19.63 -75.40
CA LYS A 22 -55.81 -19.82 -74.73
C LYS A 22 -55.92 -18.72 -73.68
N VAL A 23 -56.58 -17.62 -74.04
CA VAL A 23 -56.70 -16.45 -73.18
C VAL A 23 -58.14 -16.35 -72.72
N ASP A 24 -58.43 -16.89 -71.54
CA ASP A 24 -59.78 -16.83 -70.98
C ASP A 24 -60.08 -15.44 -70.45
N GLY A 25 -61.34 -15.04 -70.55
CA GLY A 25 -61.75 -13.76 -69.98
C GLY A 25 -62.73 -12.95 -70.79
N GLY A 26 -63.04 -13.38 -72.01
CA GLY A 26 -63.97 -12.67 -72.86
C GLY A 26 -63.43 -11.35 -73.37
N PHE A 27 -62.43 -11.42 -74.25
CA PHE A 27 -61.76 -10.25 -74.78
C PHE A 27 -62.36 -9.92 -76.15
N ASN A 28 -62.88 -8.70 -76.28
CA ASN A 28 -63.61 -8.30 -77.48
C ASN A 28 -62.77 -7.39 -78.38
N ALA A 29 -61.47 -7.29 -78.12
CA ALA A 29 -60.59 -6.48 -78.95
C ALA A 29 -59.20 -7.08 -78.94
N VAL A 30 -58.44 -6.79 -79.99
CA VAL A 30 -57.06 -7.22 -80.10
C VAL A 30 -56.31 -6.24 -80.98
N SER A 31 -55.02 -6.04 -80.67
CA SER A 31 -54.14 -5.22 -81.48
C SER A 31 -52.72 -5.73 -81.29
N ILE A 32 -51.85 -5.37 -82.24
CA ILE A 32 -50.50 -5.91 -82.32
C ILE A 32 -49.49 -4.77 -82.31
N ASN A 33 -48.39 -4.97 -81.60
CA ASN A 33 -47.27 -4.05 -81.65
C ASN A 33 -46.71 -4.01 -83.06
N PRO A 34 -46.51 -2.83 -83.66
CA PRO A 34 -45.90 -2.76 -85.00
C PRO A 34 -44.50 -3.34 -85.08
N SER A 35 -43.78 -3.43 -83.96
CA SER A 35 -42.49 -4.12 -83.96
C SER A 35 -42.65 -5.60 -84.25
N GLY A 36 -43.77 -6.19 -83.81
CA GLY A 36 -44.05 -7.59 -84.05
C GLY A 36 -43.75 -8.52 -82.90
N ARG A 37 -43.65 -8.02 -81.68
CA ARG A 37 -43.37 -8.85 -80.52
C ARG A 37 -44.50 -8.91 -79.51
N ASP A 38 -45.26 -7.82 -79.34
CA ASP A 38 -46.30 -7.75 -78.32
C ASP A 38 -47.69 -7.75 -78.94
N ILE A 39 -48.64 -8.33 -78.21
CA ILE A 39 -50.06 -8.31 -78.59
C ILE A 39 -50.89 -7.89 -77.39
N VAL A 40 -51.71 -6.85 -77.57
CA VAL A 40 -52.57 -6.33 -76.50
C VAL A 40 -54.00 -6.83 -76.70
N LEU A 41 -54.63 -7.26 -75.62
CA LEU A 41 -56.01 -7.73 -75.60
C LEU A 41 -56.82 -6.96 -74.57
N ALA A 42 -57.97 -6.44 -74.99
CA ALA A 42 -58.79 -5.57 -74.16
C ALA A 42 -60.05 -6.30 -73.69
N SER A 43 -60.37 -6.16 -72.41
CA SER A 43 -61.60 -6.71 -71.84
C SER A 43 -62.21 -5.64 -70.93
N ARG A 44 -63.26 -6.02 -70.20
CA ARG A 44 -63.88 -5.10 -69.26
C ARG A 44 -63.03 -4.87 -68.01
N GLN A 45 -62.06 -5.75 -67.75
CA GLN A 45 -61.17 -5.60 -66.59
C GLN A 45 -59.89 -4.86 -66.90
N GLY A 46 -59.54 -4.69 -68.17
CA GLY A 46 -58.32 -3.98 -68.53
C GLY A 46 -57.61 -4.55 -69.74
N LEU A 47 -56.28 -4.58 -69.69
CA LEU A 47 -55.47 -5.02 -70.81
C LEU A 47 -54.58 -6.21 -70.43
N TYR A 48 -54.38 -7.10 -71.39
CA TYR A 48 -53.38 -8.16 -71.31
C TYR A 48 -52.34 -7.93 -72.40
N ILE A 49 -51.06 -7.92 -72.02
CA ILE A 49 -49.97 -7.76 -72.98
C ILE A 49 -49.18 -9.07 -72.99
N ILE A 50 -49.05 -9.67 -74.18
CA ILE A 50 -48.47 -11.00 -74.34
C ILE A 50 -47.26 -10.89 -75.27
N ASP A 51 -46.13 -11.42 -74.82
CA ASP A 51 -44.95 -11.52 -75.65
C ASP A 51 -45.11 -12.67 -76.64
N LEU A 52 -45.04 -12.36 -77.94
CA LEU A 52 -45.18 -13.39 -78.95
C LEU A 52 -43.98 -14.32 -78.97
N ASP A 53 -42.79 -13.78 -78.73
CA ASP A 53 -41.58 -14.62 -78.78
C ASP A 53 -41.52 -15.58 -77.62
N ASP A 54 -42.09 -15.21 -76.47
CA ASP A 54 -42.17 -16.08 -75.29
C ASP A 54 -43.63 -16.11 -74.83
N PRO A 55 -44.49 -16.90 -75.49
CA PRO A 55 -45.89 -16.95 -75.06
C PRO A 55 -46.12 -17.63 -73.72
N PHE A 56 -45.12 -18.39 -73.23
CA PHE A 56 -45.30 -19.12 -71.98
C PHE A 56 -45.30 -18.22 -70.75
N THR A 57 -44.77 -17.01 -70.87
CA THR A 57 -44.84 -16.05 -69.78
C THR A 57 -46.29 -15.57 -69.63
N PRO A 58 -46.80 -15.47 -68.40
CA PRO A 58 -48.15 -14.95 -68.21
C PRO A 58 -48.23 -13.50 -68.64
N PRO A 59 -49.38 -13.08 -69.14
CA PRO A 59 -49.52 -11.70 -69.65
C PRO A 59 -49.49 -10.66 -68.54
N ARG A 60 -48.98 -9.49 -68.88
CA ARG A 60 -48.99 -8.36 -67.96
C ARG A 60 -50.40 -7.79 -67.90
N TRP A 61 -50.89 -7.55 -66.69
CA TRP A 61 -52.27 -7.13 -66.45
C TRP A 61 -52.29 -5.68 -66.00
N LEU A 62 -53.03 -4.85 -66.72
CA LEU A 62 -53.29 -3.47 -66.34
C LEU A 62 -54.76 -3.33 -65.96
N HIS A 63 -55.02 -2.80 -64.77
CA HIS A 63 -56.35 -2.86 -64.16
C HIS A 63 -57.15 -1.62 -64.53
N HIS A 64 -58.33 -1.84 -65.13
CA HIS A 64 -59.32 -0.77 -65.32
C HIS A 64 -60.68 -1.43 -65.44
N ILE A 65 -61.47 -1.37 -64.37
CA ILE A 65 -62.75 -2.05 -64.29
C ILE A 65 -63.85 -1.12 -64.80
N THR A 66 -64.54 -1.53 -65.85
CA THR A 66 -65.70 -0.84 -66.40
C THR A 66 -66.82 -1.83 -66.62
N PRO A 67 -68.08 -1.40 -66.46
CA PRO A 67 -69.18 -2.36 -66.68
C PRO A 67 -69.41 -2.66 -68.14
N TRP A 68 -69.37 -1.65 -69.00
CA TRP A 68 -69.67 -1.86 -70.41
C TRP A 68 -68.49 -2.53 -71.12
N GLN A 69 -68.81 -3.29 -72.17
CA GLN A 69 -67.81 -4.01 -72.94
C GLN A 69 -66.95 -3.04 -73.76
N VAL A 70 -65.65 -3.31 -73.80
CA VAL A 70 -64.75 -2.49 -74.60
C VAL A 70 -64.97 -2.76 -76.08
N ALA A 71 -64.74 -1.73 -76.91
CA ALA A 71 -65.02 -1.83 -78.33
C ALA A 71 -63.79 -2.24 -79.14
N ASP A 72 -62.73 -1.44 -79.08
CA ASP A 72 -61.55 -1.70 -79.90
C ASP A 72 -60.31 -1.20 -79.19
N VAL A 73 -59.18 -1.77 -79.57
CA VAL A 73 -57.87 -1.36 -79.07
C VAL A 73 -56.92 -1.24 -80.26
N GLN A 74 -55.99 -0.29 -80.16
CA GLN A 74 -55.07 0.00 -81.26
C GLN A 74 -53.73 0.40 -80.67
N TRP A 75 -52.68 -0.32 -81.03
CA TRP A 75 -51.33 0.06 -80.65
C TRP A 75 -50.90 1.29 -81.43
N SER A 76 -50.14 2.17 -80.78
CA SER A 76 -49.67 3.38 -81.44
C SER A 76 -48.55 3.05 -82.41
N PRO A 77 -48.66 3.42 -83.68
CA PRO A 77 -47.59 3.16 -84.66
C PRO A 77 -46.49 4.21 -84.69
N HIS A 78 -46.52 5.17 -83.77
CA HIS A 78 -45.48 6.20 -83.71
C HIS A 78 -44.17 5.59 -83.21
N PRO A 79 -43.09 5.67 -83.99
CA PRO A 79 -41.86 4.97 -83.58
C PRO A 79 -41.17 5.56 -82.37
N ALA A 80 -41.32 6.87 -82.11
CA ALA A 80 -40.65 7.44 -80.96
C ALA A 80 -41.33 7.08 -79.65
N LYS A 81 -42.61 6.69 -79.69
CA LYS A 81 -43.38 6.33 -78.50
C LYS A 81 -44.06 4.99 -78.74
N PRO A 82 -43.32 3.89 -78.56
CA PRO A 82 -43.94 2.55 -78.70
C PRO A 82 -44.58 2.02 -77.43
N TYR A 83 -44.78 2.86 -76.43
CA TYR A 83 -45.36 2.46 -75.15
C TYR A 83 -46.75 3.06 -74.94
N TRP A 84 -47.43 3.46 -76.01
CA TRP A 84 -48.74 4.08 -75.93
C TRP A 84 -49.78 3.14 -76.53
N ILE A 85 -50.81 2.82 -75.76
CA ILE A 85 -51.90 1.97 -76.20
C ILE A 85 -53.22 2.69 -75.93
N VAL A 86 -54.04 2.82 -76.96
CA VAL A 86 -55.33 3.50 -76.85
C VAL A 86 -56.42 2.44 -76.95
N SER A 87 -57.25 2.38 -75.91
CA SER A 87 -58.36 1.44 -75.83
C SER A 87 -59.60 2.18 -75.39
N THR A 88 -60.75 1.80 -75.94
CA THR A 88 -62.00 2.44 -75.56
C THR A 88 -62.44 1.97 -74.18
N SER A 89 -62.92 2.91 -73.37
CA SER A 89 -63.53 2.62 -72.06
C SER A 89 -64.86 3.36 -72.03
N ASN A 90 -65.90 2.72 -72.58
CA ASN A 90 -67.23 3.30 -72.77
C ASN A 90 -67.14 4.64 -73.50
N GLN A 91 -67.38 5.73 -72.80
CA GLN A 91 -67.44 7.05 -73.42
C GLN A 91 -66.10 7.77 -73.43
N LYS A 92 -65.04 7.14 -72.94
CA LYS A 92 -63.73 7.77 -72.89
C LYS A 92 -62.66 6.82 -73.45
N ALA A 93 -61.61 7.42 -74.02
CA ALA A 93 -60.50 6.69 -74.58
C ALA A 93 -59.29 6.87 -73.66
N ILE A 94 -58.64 5.75 -73.32
CA ILE A 94 -57.54 5.75 -72.37
C ILE A 94 -56.24 5.50 -73.11
N ILE A 95 -55.30 6.42 -73.01
CA ILE A 95 -53.96 6.24 -73.56
C ILE A 95 -53.09 5.68 -72.44
N TRP A 96 -52.73 4.41 -72.56
CA TRP A 96 -51.94 3.72 -71.55
C TRP A 96 -50.45 4.01 -71.73
N ASN A 97 -49.68 3.66 -70.71
CA ASN A 97 -48.22 3.81 -70.75
C ASN A 97 -47.62 2.56 -70.12
N LEU A 98 -46.94 1.76 -70.94
CA LEU A 98 -46.36 0.51 -70.48
C LEU A 98 -45.08 0.70 -69.68
N ALA A 99 -44.46 1.88 -69.75
CA ALA A 99 -43.25 2.14 -69.00
C ALA A 99 -43.52 2.41 -67.53
N LYS A 100 -44.78 2.68 -67.16
CA LYS A 100 -45.17 2.94 -65.79
C LYS A 100 -45.46 1.61 -65.08
N SER A 101 -46.01 1.68 -63.88
CA SER A 101 -46.36 0.48 -63.15
C SER A 101 -47.61 -0.16 -63.73
N SER A 102 -47.87 -1.41 -63.31
CA SER A 102 -49.03 -2.13 -63.81
C SER A 102 -50.33 -1.53 -63.29
N SER A 103 -50.32 -1.01 -62.07
CA SER A 103 -51.52 -0.43 -61.47
C SER A 103 -51.67 1.05 -61.75
N ASN A 104 -50.67 1.70 -62.36
CA ASN A 104 -50.71 3.12 -62.66
C ASN A 104 -50.23 3.39 -64.08
N ALA A 105 -50.75 2.61 -65.02
CA ALA A 105 -50.34 2.69 -66.42
C ALA A 105 -51.14 3.70 -67.22
N ILE A 106 -52.17 4.31 -66.64
CA ILE A 106 -52.99 5.29 -67.34
C ILE A 106 -52.24 6.62 -67.37
N GLU A 107 -52.04 7.16 -68.58
CA GLU A 107 -51.34 8.44 -68.72
C GLU A 107 -52.32 9.61 -68.78
N PHE A 108 -53.20 9.61 -69.78
CA PHE A 108 -54.24 10.63 -69.88
C PHE A 108 -55.44 10.02 -70.60
N VAL A 109 -56.59 10.65 -70.41
CA VAL A 109 -57.87 10.13 -70.89
C VAL A 109 -58.55 11.22 -71.73
N LEU A 110 -58.93 10.86 -72.96
CA LEU A 110 -59.70 11.76 -73.82
C LEU A 110 -61.15 11.82 -73.35
N HIS A 111 -61.59 12.99 -72.91
CA HIS A 111 -62.91 13.17 -72.31
C HIS A 111 -63.91 13.79 -73.31
N GLY A 112 -63.81 13.42 -74.58
CA GLY A 112 -64.78 13.83 -75.57
C GLY A 112 -66.01 12.96 -75.58
N HIS A 113 -66.82 13.15 -76.63
CA HIS A 113 -68.04 12.37 -76.89
C HIS A 113 -69.10 12.49 -75.79
N SER A 114 -70.22 11.80 -75.98
CA SER A 114 -71.24 11.66 -74.96
C SER A 114 -71.70 10.23 -74.77
N ARG A 115 -71.49 9.34 -75.74
CA ARG A 115 -71.85 7.94 -75.61
C ARG A 115 -70.65 7.08 -75.99
N ALA A 116 -70.87 5.77 -76.13
CA ALA A 116 -69.77 4.81 -76.21
C ALA A 116 -68.93 5.01 -77.46
N ILE A 117 -67.60 4.97 -77.28
CA ILE A 117 -66.69 5.05 -78.42
C ILE A 117 -66.74 3.73 -79.19
N THR A 118 -66.81 3.83 -80.51
CA THR A 118 -67.03 2.65 -81.35
C THR A 118 -65.75 2.11 -81.98
N ASP A 119 -64.97 2.96 -82.64
CA ASP A 119 -63.76 2.50 -83.30
C ASP A 119 -62.66 3.54 -83.15
N ILE A 120 -61.42 3.07 -83.26
CA ILE A 120 -60.22 3.88 -83.11
C ILE A 120 -59.26 3.55 -84.25
N ASN A 121 -58.78 4.57 -84.95
CA ASN A 121 -57.79 4.39 -85.99
C ASN A 121 -56.75 5.51 -85.92
N PHE A 122 -55.50 5.16 -86.21
CA PHE A 122 -54.40 6.11 -86.23
C PHE A 122 -54.11 6.55 -87.66
N ASN A 123 -53.64 7.78 -87.79
CA ASN A 123 -53.24 8.30 -89.09
C ASN A 123 -51.92 7.66 -89.50
N PRO A 124 -51.84 7.00 -90.67
CA PRO A 124 -50.58 6.34 -91.05
C PRO A 124 -49.49 7.31 -91.46
N GLN A 125 -49.83 8.55 -91.81
CA GLN A 125 -48.83 9.55 -92.19
C GLN A 125 -48.41 10.43 -91.02
N HIS A 126 -49.35 10.86 -90.19
CA HIS A 126 -49.05 11.58 -88.95
C HIS A 126 -49.38 10.68 -87.77
N PRO A 127 -48.41 9.91 -87.24
CA PRO A 127 -48.73 8.87 -86.25
C PRO A 127 -49.11 9.39 -84.86
N ASP A 128 -49.26 10.70 -84.69
CA ASP A 128 -49.72 11.28 -83.43
C ASP A 128 -51.12 11.88 -83.55
N VAL A 129 -51.82 11.60 -84.63
CA VAL A 129 -53.20 12.07 -84.85
C VAL A 129 -54.12 10.87 -84.75
N LEU A 130 -55.15 10.99 -83.91
CA LEU A 130 -56.06 9.91 -83.59
C LEU A 130 -57.48 10.30 -83.96
N ALA A 131 -58.23 9.36 -84.51
CA ALA A 131 -59.64 9.56 -84.85
C ALA A 131 -60.49 8.53 -84.14
N THR A 132 -61.54 8.99 -83.46
CA THR A 132 -62.46 8.12 -82.74
C THR A 132 -63.88 8.36 -83.24
N CYS A 133 -64.61 7.28 -83.47
CA CYS A 133 -66.02 7.37 -83.82
C CYS A 133 -66.83 6.73 -82.69
N SER A 134 -68.06 7.21 -82.50
CA SER A 134 -68.83 6.84 -81.33
C SER A 134 -70.29 6.63 -81.69
N VAL A 135 -71.03 6.03 -80.76
CA VAL A 135 -72.45 5.73 -80.96
C VAL A 135 -73.32 6.99 -81.03
N ASP A 136 -72.86 8.12 -80.48
CA ASP A 136 -73.64 9.35 -80.46
C ASP A 136 -73.44 10.19 -81.73
N THR A 137 -73.13 9.53 -82.84
CA THR A 137 -72.99 10.06 -84.20
C THR A 137 -71.77 10.95 -84.36
N TYR A 138 -70.92 11.08 -83.34
CA TYR A 138 -69.80 12.00 -83.39
C TYR A 138 -68.54 11.25 -83.82
N VAL A 139 -67.82 11.82 -84.78
CA VAL A 139 -66.49 11.38 -85.17
C VAL A 139 -65.53 12.49 -84.75
N HIS A 140 -64.63 12.17 -83.81
CA HIS A 140 -63.72 13.16 -83.26
C HIS A 140 -62.31 12.83 -83.69
N ALA A 141 -61.55 13.87 -84.02
CA ALA A 141 -60.14 13.74 -84.34
C ALA A 141 -59.33 14.34 -83.20
N TRP A 142 -58.43 13.55 -82.63
CA TRP A 142 -57.66 13.96 -81.47
C TRP A 142 -56.21 14.21 -81.86
N ASP A 143 -55.51 14.92 -80.97
CA ASP A 143 -54.07 15.11 -81.09
C ASP A 143 -53.43 14.73 -79.76
N MET A 144 -52.39 13.91 -79.83
CA MET A 144 -51.74 13.41 -78.62
C MET A 144 -50.88 14.47 -77.94
N ARG A 145 -50.53 15.54 -78.66
CA ARG A 145 -49.70 16.59 -78.06
C ARG A 145 -50.50 17.44 -77.09
N SER A 146 -51.76 17.75 -77.44
CA SER A 146 -52.66 18.54 -76.58
C SER A 146 -53.96 17.80 -76.42
N PRO A 147 -54.02 16.79 -75.56
CA PRO A 147 -55.23 15.94 -75.44
C PRO A 147 -56.24 16.50 -74.44
N HIS A 148 -56.69 17.73 -74.69
CA HIS A 148 -57.74 18.35 -73.88
C HIS A 148 -59.06 18.50 -74.61
N ARG A 149 -59.03 18.93 -75.87
CA ARG A 149 -60.22 19.15 -76.67
C ARG A 149 -59.95 18.60 -78.07
N PRO A 150 -60.98 18.16 -78.78
CA PRO A 150 -60.76 17.71 -80.17
C PRO A 150 -60.67 18.89 -81.12
N PHE A 151 -59.70 18.82 -82.03
CA PHE A 151 -59.49 19.89 -82.99
C PHE A 151 -60.39 19.76 -84.21
N TYR A 152 -61.22 18.71 -84.28
CA TYR A 152 -62.13 18.52 -85.39
C TYR A 152 -63.33 17.73 -84.90
N SER A 153 -64.53 18.22 -85.20
CA SER A 153 -65.77 17.57 -84.80
C SER A 153 -66.72 17.51 -85.99
N THR A 154 -67.34 16.35 -86.20
CA THR A 154 -68.29 16.17 -87.28
C THR A 154 -69.31 15.10 -86.90
N SER A 155 -70.44 15.10 -87.59
CA SER A 155 -71.52 14.18 -87.25
C SER A 155 -72.35 13.86 -88.48
N SER A 156 -73.06 12.73 -88.41
CA SER A 156 -74.04 12.34 -89.42
C SER A 156 -75.47 12.60 -89.00
N TRP A 157 -75.73 12.84 -87.71
CA TRP A 157 -77.01 13.25 -87.14
C TRP A 157 -78.13 12.22 -87.30
N ARG A 158 -77.83 11.04 -87.83
CA ARG A 158 -78.90 10.06 -88.01
C ARG A 158 -78.61 8.70 -87.38
N SER A 159 -77.39 8.19 -87.52
CA SER A 159 -77.11 6.81 -87.16
C SER A 159 -75.80 6.72 -86.38
N ALA A 160 -75.71 5.70 -85.54
CA ALA A 160 -74.49 5.44 -84.78
C ALA A 160 -73.37 5.01 -85.72
N ALA A 161 -72.18 5.54 -85.47
CA ALA A 161 -71.03 5.19 -86.28
C ALA A 161 -70.59 3.75 -85.99
N SER A 162 -69.94 3.13 -86.98
CA SER A 162 -69.46 1.77 -86.83
C SER A 162 -67.96 1.64 -87.01
N GLN A 163 -67.36 2.38 -87.94
CA GLN A 163 -65.91 2.38 -88.12
C GLN A 163 -65.46 3.74 -88.63
N VAL A 164 -64.20 4.07 -88.35
CA VAL A 164 -63.56 5.27 -88.85
C VAL A 164 -62.17 4.91 -89.36
N LYS A 165 -61.80 5.42 -90.53
CA LYS A 165 -60.52 5.11 -91.16
C LYS A 165 -59.94 6.35 -91.80
N TRP A 166 -58.61 6.48 -91.72
CA TRP A 166 -57.90 7.56 -92.39
C TRP A 166 -57.55 7.16 -93.81
N ASN A 167 -57.24 8.16 -94.63
CA ASN A 167 -56.75 7.91 -95.98
C ASN A 167 -55.23 7.79 -95.94
N TYR A 168 -54.71 6.76 -96.61
CA TYR A 168 -53.28 6.51 -96.58
C TYR A 168 -52.50 7.56 -97.36
N LYS A 169 -53.06 8.06 -98.46
CA LYS A 169 -52.36 9.02 -99.30
C LYS A 169 -52.63 10.46 -98.87
N ASP A 170 -53.91 10.85 -98.85
CA ASP A 170 -54.26 12.23 -98.48
C ASP A 170 -54.34 12.31 -96.96
N PRO A 171 -53.47 13.10 -96.31
CA PRO A 171 -53.37 13.04 -94.84
C PRO A 171 -54.55 13.62 -94.07
N ASN A 172 -55.45 14.38 -94.71
CA ASN A 172 -56.55 15.01 -93.99
C ASN A 172 -57.90 14.58 -94.55
N VAL A 173 -58.01 13.32 -94.98
CA VAL A 173 -59.26 12.74 -95.43
C VAL A 173 -59.55 11.52 -94.56
N LEU A 174 -60.72 11.51 -93.92
CA LEU A 174 -61.14 10.37 -93.13
C LEU A 174 -62.56 10.00 -93.51
N ALA A 175 -62.85 8.70 -93.45
CA ALA A 175 -64.17 8.18 -93.78
C ALA A 175 -64.81 7.53 -92.57
N SER A 176 -66.13 7.58 -92.52
CA SER A 176 -66.90 7.01 -91.42
C SER A 176 -68.11 6.30 -91.98
N SER A 177 -68.50 5.21 -91.31
CA SER A 177 -69.66 4.43 -91.69
C SER A 177 -70.75 4.65 -90.64
N HIS A 178 -71.92 5.08 -91.09
CA HIS A 178 -73.06 5.38 -90.21
C HIS A 178 -74.27 4.64 -90.74
N GLY A 179 -74.46 3.41 -90.27
CA GLY A 179 -75.60 2.63 -90.72
C GLY A 179 -75.38 2.07 -92.10
N ASN A 180 -76.31 2.36 -93.00
CA ASN A 180 -76.23 1.90 -94.39
C ASN A 180 -75.57 2.91 -95.32
N ASP A 181 -75.18 4.08 -94.80
CA ASP A 181 -74.55 5.12 -95.61
C ASP A 181 -73.20 5.45 -95.02
N ILE A 182 -72.18 5.54 -95.88
CA ILE A 182 -70.82 5.86 -95.46
C ILE A 182 -70.47 7.26 -95.94
N PHE A 183 -69.82 8.01 -95.07
CA PHE A 183 -69.45 9.39 -95.35
C PHE A 183 -67.94 9.51 -95.46
N VAL A 184 -67.48 10.49 -96.23
CA VAL A 184 -66.05 10.78 -96.39
C VAL A 184 -65.83 12.24 -96.03
N TRP A 185 -65.22 12.48 -94.87
CA TRP A 185 -65.00 13.84 -94.40
C TRP A 185 -63.61 14.33 -94.81
N ASP A 186 -63.47 15.66 -94.83
CA ASP A 186 -62.20 16.33 -95.07
C ASP A 186 -61.94 17.31 -93.95
N LEU A 187 -60.73 17.29 -93.41
CA LEU A 187 -60.38 18.16 -92.30
C LEU A 187 -60.39 19.63 -92.70
N ARG A 188 -60.01 19.94 -93.94
CA ARG A 188 -60.02 21.33 -94.38
C ARG A 188 -61.45 21.87 -94.48
N LYS A 189 -62.39 21.05 -94.96
CA LYS A 189 -63.78 21.47 -95.03
C LYS A 189 -64.49 21.27 -93.69
N GLY A 190 -64.66 20.02 -93.27
CA GLY A 190 -65.26 19.73 -91.99
C GLY A 190 -66.78 19.78 -92.00
N SER A 191 -67.41 18.74 -91.43
CA SER A 191 -68.85 18.62 -91.19
C SER A 191 -69.71 18.58 -92.46
N THR A 192 -69.10 18.68 -93.62
CA THR A 192 -69.79 18.53 -94.91
C THR A 192 -68.97 17.58 -95.76
N PRO A 193 -69.47 16.38 -96.05
CA PRO A 193 -68.64 15.37 -96.70
C PRO A 193 -68.28 15.72 -98.13
N LEU A 194 -67.11 15.22 -98.56
CA LEU A 194 -66.75 15.28 -99.97
C LEU A 194 -67.70 14.45 -100.81
N CYS A 195 -68.10 13.28 -100.31
CA CYS A 195 -68.96 12.36 -101.04
C CYS A 195 -69.67 11.46 -100.05
N SER A 196 -70.94 11.19 -100.32
CA SER A 196 -71.75 10.29 -99.50
C SER A 196 -72.09 9.08 -100.37
N LEU A 197 -71.28 8.03 -100.25
CA LEU A 197 -71.45 6.85 -101.09
C LEU A 197 -72.64 6.04 -100.58
N LYS A 198 -73.68 5.93 -101.39
CA LYS A 198 -74.96 5.30 -101.02
C LYS A 198 -75.26 4.20 -102.02
N GLY A 199 -74.82 2.99 -101.73
CA GLY A 199 -75.08 1.86 -102.59
C GLY A 199 -75.47 0.61 -101.83
N HIS A 200 -75.46 0.70 -100.50
CA HIS A 200 -75.74 -0.44 -99.66
C HIS A 200 -77.23 -0.52 -99.35
N VAL A 201 -77.67 -1.72 -98.96
CA VAL A 201 -79.04 -1.97 -98.54
C VAL A 201 -79.13 -2.16 -97.03
N SER A 202 -78.22 -2.96 -96.47
CA SER A 202 -78.11 -3.17 -95.04
C SER A 202 -77.04 -2.27 -94.46
N SER A 203 -76.81 -2.41 -93.16
CA SER A 203 -75.86 -1.55 -92.45
C SER A 203 -74.42 -1.92 -92.84
N VAL A 204 -73.53 -0.94 -92.70
CA VAL A 204 -72.12 -1.13 -93.02
C VAL A 204 -71.37 -1.50 -91.75
N ASN A 205 -70.65 -2.62 -91.80
CA ASN A 205 -69.93 -3.13 -90.65
C ASN A 205 -68.49 -2.64 -90.60
N SER A 206 -67.79 -2.64 -91.73
CA SER A 206 -66.39 -2.29 -91.76
C SER A 206 -66.13 -1.31 -92.91
N ILE A 207 -65.05 -0.55 -92.77
CA ILE A 207 -64.61 0.40 -93.78
C ILE A 207 -63.09 0.33 -93.85
N ASP A 208 -62.54 0.53 -95.04
CA ASP A 208 -61.10 0.43 -95.22
C ASP A 208 -60.66 1.26 -96.41
N PHE A 209 -59.36 1.50 -96.48
CA PHE A 209 -58.76 2.30 -97.53
C PHE A 209 -57.66 1.49 -98.20
N ASN A 210 -57.49 1.71 -99.51
CA ASN A 210 -56.37 1.10 -100.21
C ASN A 210 -55.06 1.78 -99.83
N ARG A 211 -54.01 0.96 -99.69
CA ARG A 211 -52.74 1.47 -99.20
C ARG A 211 -52.03 2.31 -100.26
N PHE A 212 -52.11 1.88 -101.52
CA PHE A 212 -51.42 2.59 -102.60
C PHE A 212 -52.35 3.44 -103.46
N LYS A 213 -53.64 3.12 -103.54
CA LYS A 213 -54.56 3.93 -104.31
C LYS A 213 -55.01 5.15 -103.52
N TYR A 214 -55.22 6.26 -104.24
CA TYR A 214 -55.53 7.52 -103.59
C TYR A 214 -56.97 7.55 -103.09
N SER A 215 -57.91 7.08 -103.90
CA SER A 215 -59.34 7.28 -103.66
C SER A 215 -60.11 5.99 -103.89
N GLU A 216 -59.65 4.89 -103.32
CA GLU A 216 -60.33 3.62 -103.40
C GLU A 216 -60.76 3.21 -101.99
N ILE A 217 -62.03 2.82 -101.86
CA ILE A 217 -62.63 2.56 -100.57
C ILE A 217 -63.37 1.23 -100.65
N MET A 218 -63.13 0.36 -99.66
CA MET A 218 -63.80 -0.93 -99.57
C MET A 218 -64.59 -0.98 -98.27
N SER A 219 -65.82 -1.45 -98.36
CA SER A 219 -66.68 -1.61 -97.19
C SER A 219 -67.35 -2.97 -97.21
N SER A 220 -67.58 -3.52 -96.01
CA SER A 220 -68.36 -4.73 -95.89
C SER A 220 -69.80 -4.36 -95.54
N SER A 221 -70.65 -5.37 -95.39
CA SER A 221 -72.06 -5.12 -95.12
C SER A 221 -72.70 -6.34 -94.49
N ASN A 222 -73.88 -6.14 -93.92
CA ASN A 222 -74.63 -7.22 -93.29
C ASN A 222 -75.33 -8.12 -94.30
N ASP A 223 -75.70 -7.59 -95.46
CA ASP A 223 -76.40 -8.39 -96.46
C ASP A 223 -75.46 -9.13 -97.41
N GLY A 224 -74.22 -9.35 -97.01
CA GLY A 224 -73.28 -10.09 -97.83
C GLY A 224 -72.85 -9.43 -99.12
N THR A 225 -72.63 -8.11 -99.10
CA THR A 225 -72.23 -7.37 -100.29
C THR A 225 -70.95 -6.60 -99.99
N VAL A 226 -69.85 -6.96 -100.65
CA VAL A 226 -68.61 -6.22 -100.55
C VAL A 226 -68.52 -5.33 -101.78
N LYS A 227 -68.60 -4.02 -101.55
CA LYS A 227 -68.65 -3.04 -102.62
C LYS A 227 -67.39 -2.18 -102.64
N PHE A 228 -66.72 -2.13 -103.78
CA PHE A 228 -65.50 -1.33 -103.94
C PHE A 228 -65.88 -0.01 -104.58
N TRP A 229 -65.37 1.09 -104.03
CA TRP A 229 -65.70 2.42 -104.53
C TRP A 229 -64.45 3.11 -105.07
N ASP A 230 -64.67 4.02 -106.02
CA ASP A 230 -63.68 4.98 -106.49
C ASP A 230 -64.40 6.32 -106.54
N TYR A 231 -64.39 7.05 -105.42
CA TYR A 231 -65.28 8.20 -105.28
C TYR A 231 -64.83 9.41 -106.09
N SER A 232 -63.64 9.38 -106.69
CA SER A 232 -63.25 10.46 -107.57
C SER A 232 -64.05 10.45 -108.87
N LYS A 233 -64.49 9.27 -109.30
CA LYS A 233 -65.25 9.15 -110.53
C LYS A 233 -66.72 9.45 -110.30
N SER A 234 -67.37 8.64 -109.45
CA SER A 234 -68.80 8.79 -109.18
C SER A 234 -69.07 8.41 -107.73
N THR A 235 -69.89 9.21 -107.06
CA THR A 235 -70.21 8.95 -105.66
C THR A 235 -71.12 7.74 -105.53
N THR A 236 -72.15 7.65 -106.37
CA THR A 236 -73.09 6.54 -106.31
C THR A 236 -72.48 5.30 -106.96
N GLU A 237 -73.23 4.20 -106.91
CA GLU A 237 -72.85 2.89 -107.45
C GLU A 237 -71.52 2.39 -106.86
N SER A 238 -70.83 1.52 -107.59
CA SER A 238 -69.58 0.96 -107.12
C SER A 238 -68.77 0.48 -108.32
N LYS A 239 -67.44 0.51 -108.16
CA LYS A 239 -66.57 0.00 -109.21
C LYS A 239 -66.66 -1.53 -109.28
N ARG A 240 -66.88 -2.18 -108.15
CA ARG A 240 -66.98 -3.63 -108.10
C ARG A 240 -67.84 -4.02 -106.91
N THR A 241 -68.56 -5.12 -107.07
CA THR A 241 -69.43 -5.65 -106.03
C THR A 241 -69.21 -7.15 -105.94
N VAL A 242 -68.89 -7.63 -104.73
CA VAL A 242 -68.67 -9.05 -104.48
C VAL A 242 -69.74 -9.51 -103.51
N THR A 243 -70.45 -10.58 -103.85
CA THR A 243 -71.53 -11.12 -103.05
C THR A 243 -71.14 -12.46 -102.45
N THR A 244 -71.28 -12.58 -101.13
CA THR A 244 -71.00 -13.80 -100.39
C THR A 244 -72.30 -14.38 -99.87
N ASN A 245 -72.20 -15.51 -99.18
CA ASN A 245 -73.35 -16.20 -98.60
C ASN A 245 -73.51 -15.93 -97.10
N PHE A 246 -72.75 -14.99 -96.55
CA PHE A 246 -72.74 -14.69 -95.13
C PHE A 246 -72.55 -13.19 -94.92
N PRO A 247 -73.05 -12.66 -93.80
CA PRO A 247 -72.67 -11.29 -93.43
C PRO A 247 -71.17 -11.23 -93.13
N ILE A 248 -70.55 -10.12 -93.49
CA ILE A 248 -69.12 -9.91 -93.29
C ILE A 248 -68.94 -8.89 -92.17
N TRP A 249 -68.14 -9.26 -91.16
CA TRP A 249 -67.90 -8.37 -90.04
C TRP A 249 -66.77 -7.41 -90.28
N ARG A 250 -65.59 -7.91 -90.68
CA ARG A 250 -64.45 -7.05 -90.96
C ARG A 250 -63.86 -7.43 -92.30
N GLY A 251 -63.77 -6.45 -93.20
CA GLY A 251 -63.14 -6.63 -94.49
C GLY A 251 -62.03 -5.63 -94.66
N ARG A 252 -60.78 -6.10 -94.77
CA ARG A 252 -59.63 -5.21 -94.80
C ARG A 252 -58.76 -5.53 -96.00
N TYR A 253 -58.06 -4.51 -96.48
CA TYR A 253 -57.18 -4.67 -97.62
C TYR A 253 -55.91 -5.41 -97.21
N LEU A 254 -55.30 -6.09 -98.19
CA LEU A 254 -54.03 -6.73 -97.94
C LEU A 254 -52.93 -5.67 -97.81
N PRO A 255 -51.97 -5.87 -96.92
CA PRO A 255 -50.83 -4.94 -96.86
C PRO A 255 -49.81 -5.18 -97.93
N PHE A 256 -49.80 -6.36 -98.55
CA PHE A 256 -48.82 -6.71 -99.58
C PHE A 256 -49.57 -7.13 -100.83
N GLY A 257 -49.10 -6.66 -101.99
CA GLY A 257 -49.74 -7.02 -103.23
C GLY A 257 -51.13 -6.38 -103.37
N GLU A 258 -51.94 -7.01 -104.21
CA GLU A 258 -53.31 -6.57 -104.46
C GLU A 258 -54.27 -7.66 -103.99
N GLY A 259 -55.05 -7.36 -102.96
CA GLY A 259 -55.99 -8.33 -102.44
C GLY A 259 -56.68 -7.81 -101.20
N TYR A 260 -57.58 -8.63 -100.67
CA TYR A 260 -58.35 -8.28 -99.50
C TYR A 260 -58.81 -9.55 -98.81
N CYS A 261 -58.89 -9.51 -97.48
CA CYS A 261 -59.33 -10.61 -96.66
C CYS A 261 -60.58 -10.22 -95.90
N ILE A 262 -61.60 -11.09 -95.93
CA ILE A 262 -62.84 -10.86 -95.20
C ILE A 262 -63.16 -12.06 -94.33
N MET A 263 -63.92 -11.80 -93.26
CA MET A 263 -64.35 -12.80 -92.31
C MET A 263 -65.79 -12.54 -91.89
N PRO A 264 -66.54 -13.57 -91.52
CA PRO A 264 -67.94 -13.37 -91.12
C PRO A 264 -68.11 -13.21 -89.62
N MET A 265 -69.16 -12.46 -89.25
CA MET A 265 -69.57 -12.44 -87.84
C MET A 265 -70.31 -13.72 -87.48
N VAL A 266 -71.19 -14.20 -88.36
CA VAL A 266 -71.85 -15.49 -88.22
C VAL A 266 -71.87 -16.13 -89.60
N GLY A 267 -72.10 -17.44 -89.64
CA GLY A 267 -72.14 -18.14 -90.89
C GLY A 267 -70.74 -18.46 -91.39
N GLY A 268 -70.70 -19.07 -92.57
CA GLY A 268 -69.42 -19.56 -93.07
C GLY A 268 -68.90 -20.70 -92.22
N ASN A 269 -67.57 -20.84 -92.21
CA ASN A 269 -66.91 -21.78 -91.32
C ASN A 269 -66.14 -21.08 -90.21
N ASN A 270 -66.53 -19.84 -89.90
CA ASN A 270 -65.81 -18.95 -88.96
C ASN A 270 -64.34 -18.83 -89.33
N ALA A 271 -64.07 -18.64 -90.62
CA ALA A 271 -62.72 -18.54 -91.14
C ALA A 271 -62.56 -17.27 -91.94
N VAL A 272 -61.33 -16.82 -92.07
CA VAL A 272 -61.00 -15.64 -92.84
C VAL A 272 -60.72 -16.08 -94.27
N TYR A 273 -61.40 -15.48 -95.22
CA TYR A 273 -61.26 -15.83 -96.62
C TYR A 273 -60.36 -14.80 -97.29
N LEU A 274 -59.38 -15.27 -98.05
CA LEU A 274 -58.45 -14.39 -98.74
C LEU A 274 -58.72 -14.44 -100.24
N ILE A 275 -58.94 -13.27 -100.83
CA ILE A 275 -59.44 -13.12 -102.19
C ILE A 275 -58.44 -12.31 -102.99
N ASN A 276 -58.09 -12.81 -104.17
CA ASN A 276 -57.23 -12.05 -105.07
C ASN A 276 -58.01 -10.88 -105.65
N LEU A 277 -57.28 -9.82 -105.99
CA LEU A 277 -57.89 -8.61 -106.54
C LEU A 277 -57.53 -8.39 -108.01
N CYS A 278 -56.61 -9.18 -108.57
CA CYS A 278 -56.20 -9.03 -109.96
C CYS A 278 -57.34 -9.38 -110.92
N ASN A 286 -68.62 -1.66 -112.26
CA ASN A 286 -69.92 -2.26 -111.99
C ASN A 286 -69.99 -3.68 -112.54
N LYS A 287 -69.65 -4.66 -111.71
CA LYS A 287 -69.66 -6.07 -112.12
C LYS A 287 -69.98 -6.92 -110.89
N LYS A 288 -71.25 -7.30 -110.75
CA LYS A 288 -71.65 -8.18 -109.67
C LYS A 288 -71.13 -9.59 -109.93
N THR A 289 -70.60 -10.22 -108.87
CA THR A 289 -70.00 -11.53 -109.00
C THR A 289 -70.11 -12.26 -107.67
N LYS A 290 -69.52 -13.45 -107.61
CA LYS A 290 -69.51 -14.27 -106.41
C LYS A 290 -68.11 -14.34 -105.83
N LEU A 291 -68.04 -14.66 -104.53
CA LEU A 291 -66.76 -14.71 -103.83
C LEU A 291 -65.96 -15.93 -104.28
N GLN A 292 -64.68 -15.70 -104.58
CA GLN A 292 -63.76 -16.74 -105.00
C GLN A 292 -62.49 -16.62 -104.16
N PRO A 293 -62.49 -17.19 -102.96
CA PRO A 293 -61.32 -17.09 -102.10
C PRO A 293 -60.17 -17.95 -102.60
N ILE A 294 -58.96 -17.61 -102.14
CA ILE A 294 -57.76 -18.38 -102.44
C ILE A 294 -57.39 -19.29 -101.29
N TYR A 295 -57.33 -18.76 -100.07
CA TYR A 295 -56.95 -19.53 -98.89
C TYR A 295 -57.93 -19.22 -97.78
N ALA A 296 -58.45 -20.27 -97.14
CA ALA A 296 -59.33 -20.14 -96.00
C ALA A 296 -58.62 -20.72 -94.77
N PHE A 297 -58.56 -19.93 -93.70
CA PHE A 297 -57.86 -20.32 -92.49
C PHE A 297 -58.82 -21.14 -91.63
N LYS A 298 -58.93 -22.42 -91.98
CA LYS A 298 -59.88 -23.31 -91.32
C LYS A 298 -59.47 -23.59 -89.88
N GLY A 299 -60.48 -23.68 -89.01
CA GLY A 299 -60.33 -23.77 -87.57
C GLY A 299 -61.29 -22.80 -86.94
N HIS A 300 -61.04 -22.49 -85.66
CA HIS A 300 -61.76 -21.45 -84.91
C HIS A 300 -63.26 -21.75 -84.85
N SER A 301 -63.59 -22.76 -84.04
CA SER A 301 -64.95 -23.31 -83.95
C SER A 301 -66.01 -22.24 -83.66
N ASP A 302 -65.68 -21.22 -82.88
CA ASP A 302 -66.58 -20.11 -82.64
C ASP A 302 -66.21 -18.92 -83.52
N ARG A 303 -67.01 -17.86 -83.45
CA ARG A 303 -66.82 -16.73 -84.35
C ARG A 303 -65.55 -15.96 -84.02
N VAL A 304 -65.04 -15.25 -85.01
CA VAL A 304 -63.76 -14.57 -84.94
C VAL A 304 -64.00 -13.10 -84.61
N ILE A 305 -63.17 -12.56 -83.72
CA ILE A 305 -63.35 -11.18 -83.26
C ILE A 305 -62.60 -10.21 -84.17
N ASP A 306 -61.32 -10.48 -84.41
CA ASP A 306 -60.50 -9.64 -85.28
C ASP A 306 -59.33 -10.48 -85.80
N PHE A 307 -58.72 -9.98 -86.86
CA PHE A 307 -57.52 -10.55 -87.43
C PHE A 307 -56.45 -9.47 -87.51
N LEU A 308 -55.20 -9.85 -87.26
CA LEU A 308 -54.09 -8.91 -87.27
C LEU A 308 -52.99 -9.42 -88.19
N TRP A 309 -52.13 -8.50 -88.60
CA TRP A 309 -51.01 -8.81 -89.47
C TRP A 309 -49.71 -8.51 -88.75
N ARG A 310 -48.80 -9.46 -88.78
CA ARG A 310 -47.49 -9.37 -88.14
C ARG A 310 -46.43 -9.17 -89.22
N SER A 311 -45.58 -8.17 -89.03
CA SER A 311 -44.60 -7.80 -90.05
C SER A 311 -43.20 -8.11 -89.53
N ARG A 312 -42.31 -8.46 -90.46
CA ARG A 312 -40.94 -8.82 -90.10
C ARG A 312 -40.08 -8.58 -91.32
N HIS A 313 -39.23 -7.55 -91.26
CA HIS A 313 -38.37 -7.20 -92.38
C HIS A 313 -37.01 -6.78 -91.85
N THR A 314 -36.05 -6.70 -92.76
CA THR A 314 -34.68 -6.36 -92.41
C THR A 314 -34.58 -4.89 -91.99
N CYS A 315 -33.50 -4.57 -91.29
CA CYS A 315 -33.38 -3.27 -90.63
C CYS A 315 -33.10 -2.16 -91.64
N ASP A 316 -31.95 -2.21 -92.30
CA ASP A 316 -31.51 -1.14 -93.17
C ASP A 316 -31.56 -1.52 -94.65
N GLY A 317 -32.17 -2.65 -94.99
CA GLY A 317 -32.24 -3.07 -96.38
C GLY A 317 -33.18 -2.20 -97.20
N ASP A 318 -32.93 -2.18 -98.51
CA ASP A 318 -33.75 -1.43 -99.46
C ASP A 318 -34.64 -2.34 -100.28
N TYR A 319 -34.89 -3.56 -99.83
CA TYR A 319 -35.64 -4.55 -100.59
C TYR A 319 -36.86 -5.00 -99.80
N ASP A 320 -37.93 -5.29 -100.53
CA ASP A 320 -39.19 -5.72 -99.91
C ASP A 320 -39.13 -7.23 -99.72
N ASP A 321 -38.43 -7.64 -98.65
CA ASP A 321 -38.23 -9.05 -98.34
C ASP A 321 -39.00 -9.49 -97.10
N ARG A 322 -40.05 -8.76 -96.73
CA ARG A 322 -40.75 -9.06 -95.49
C ARG A 322 -41.59 -10.31 -95.60
N GLU A 323 -41.68 -11.03 -94.48
CA GLU A 323 -42.57 -12.19 -94.34
C GLU A 323 -43.73 -11.82 -93.42
N PHE A 324 -44.87 -12.44 -93.64
CA PHE A 324 -46.10 -12.08 -92.96
C PHE A 324 -46.73 -13.28 -92.26
N GLN A 325 -47.28 -13.03 -91.07
CA GLN A 325 -47.99 -14.02 -90.28
C GLN A 325 -49.31 -13.40 -89.86
N LEU A 326 -50.36 -14.20 -89.84
CA LEU A 326 -51.71 -13.72 -89.51
C LEU A 326 -52.10 -14.15 -88.11
N VAL A 327 -52.56 -13.21 -87.30
CA VAL A 327 -52.98 -13.47 -85.93
C VAL A 327 -54.49 -13.24 -85.85
N THR A 328 -55.23 -14.28 -85.50
CA THR A 328 -56.68 -14.22 -85.40
C THR A 328 -57.10 -14.43 -83.95
N TRP A 329 -57.99 -13.57 -83.46
CA TRP A 329 -58.58 -13.70 -82.13
C TRP A 329 -60.06 -13.97 -82.27
N SER A 330 -60.56 -15.00 -81.59
CA SER A 330 -61.91 -15.50 -81.78
C SER A 330 -62.65 -15.57 -80.45
N LYS A 331 -63.95 -15.85 -80.54
CA LYS A 331 -64.84 -15.90 -79.38
C LYS A 331 -64.57 -17.12 -78.49
N ASP A 332 -63.94 -18.16 -79.03
CA ASP A 332 -63.67 -19.39 -78.29
C ASP A 332 -62.40 -19.30 -77.44
N CYS A 333 -61.94 -18.09 -77.13
CA CYS A 333 -60.75 -17.82 -76.30
C CYS A 333 -59.50 -18.48 -76.89
N ASP A 334 -59.39 -18.44 -78.22
CA ASP A 334 -58.23 -18.95 -78.92
C ASP A 334 -57.59 -17.82 -79.71
N LEU A 335 -56.29 -17.64 -79.54
CA LEU A 335 -55.52 -16.65 -80.27
C LEU A 335 -54.55 -17.44 -81.15
N LYS A 336 -54.94 -17.66 -82.39
CA LYS A 336 -54.15 -18.49 -83.30
C LYS A 336 -53.20 -17.65 -84.13
N LEU A 337 -52.08 -18.26 -84.52
CA LEU A 337 -51.11 -17.64 -85.39
C LEU A 337 -51.10 -18.39 -86.71
N TRP A 338 -51.33 -17.67 -87.80
CA TRP A 338 -51.44 -18.32 -89.10
C TRP A 338 -50.21 -18.03 -89.96
N PRO A 339 -49.36 -19.02 -90.22
CA PRO A 339 -48.24 -18.80 -91.15
C PRO A 339 -48.75 -18.62 -92.59
N ILE A 340 -47.98 -17.87 -93.37
CA ILE A 340 -48.30 -17.62 -94.77
C ILE A 340 -47.24 -18.27 -95.65
N SER A 341 -47.65 -19.21 -96.48
CA SER A 341 -46.73 -19.93 -97.35
C SER A 341 -46.39 -19.10 -98.59
N ASP A 342 -45.39 -19.57 -99.34
CA ASP A 342 -44.96 -18.86 -100.54
C ASP A 342 -45.98 -18.96 -101.67
N SER A 343 -46.83 -20.00 -101.65
CA SER A 343 -47.88 -20.12 -102.65
C SER A 343 -48.89 -18.98 -102.53
N ILE A 344 -49.14 -18.50 -101.31
CA ILE A 344 -49.99 -17.33 -101.13
C ILE A 344 -49.30 -16.09 -101.67
N TYR A 345 -47.98 -16.01 -101.49
CA TYR A 345 -47.20 -14.90 -102.03
C TYR A 345 -47.16 -14.92 -103.56
N GLY A 346 -47.36 -16.09 -104.17
CA GLY A 346 -47.37 -16.20 -105.61
C GLY A 346 -48.74 -15.95 -106.20
N LYS A 347 -49.78 -16.55 -105.61
CA LYS A 347 -51.14 -16.39 -106.12
C LYS A 347 -51.64 -14.96 -105.99
N VAL A 348 -51.36 -14.31 -104.86
CA VAL A 348 -51.56 -12.87 -104.74
C VAL A 348 -50.39 -12.16 -105.41
N ASN A 349 -50.67 -11.04 -106.08
CA ASN A 349 -49.63 -10.36 -106.85
C ASN A 349 -48.64 -9.65 -105.94
N PHE A 350 -47.86 -10.42 -105.20
CA PHE A 350 -46.83 -9.91 -104.31
C PHE A 350 -45.47 -10.34 -104.82
N ASP A 351 -44.58 -9.37 -105.02
CA ASP A 351 -43.23 -9.65 -105.48
C ASP A 351 -42.24 -8.88 -104.62
N ARG A 352 -41.05 -9.43 -104.50
CA ARG A 352 -39.99 -8.80 -103.72
C ARG A 352 -39.40 -7.65 -104.55
N GLY A 353 -39.63 -6.43 -104.08
CA GLY A 353 -39.26 -5.25 -104.87
C GLY A 353 -37.75 -5.11 -104.96
N LYS A 354 -37.25 -5.00 -106.20
CA LYS A 354 -35.81 -4.80 -106.39
C LYS A 354 -35.36 -3.44 -105.86
N ARG A 355 -36.19 -2.42 -106.03
CA ARG A 355 -35.93 -1.10 -105.49
C ARG A 355 -37.15 -0.60 -104.74
N LEU A 356 -36.92 0.11 -103.64
CA LEU A 356 -37.97 0.70 -102.82
C LEU A 356 -37.92 2.21 -102.94
N GLU A 357 -39.08 2.82 -103.21
CA GLU A 357 -39.16 4.28 -103.27
C GLU A 357 -38.86 4.91 -101.91
N GLU A 358 -39.35 4.29 -100.84
CA GLU A 358 -39.07 4.75 -99.48
C GLU A 358 -38.70 3.56 -98.61
N LYS A 359 -37.73 3.76 -97.73
CA LYS A 359 -37.34 2.71 -96.79
C LYS A 359 -38.43 2.51 -95.75
N LEU A 360 -38.65 1.23 -95.39
CA LEU A 360 -39.66 0.89 -94.40
C LEU A 360 -39.27 1.41 -93.02
N PRO A 361 -40.24 1.82 -92.21
CA PRO A 361 -39.94 2.27 -90.84
C PRO A 361 -39.39 1.14 -89.97
N ASP A 362 -38.49 1.52 -89.06
CA ASP A 362 -37.86 0.57 -88.15
C ASP A 362 -38.36 0.82 -86.74
N TYR A 363 -38.87 -0.23 -86.11
CA TYR A 363 -39.45 -0.15 -84.77
C TYR A 363 -38.52 -0.79 -83.75
N ASP A 364 -38.57 -0.28 -82.53
CA ASP A 364 -37.81 -0.88 -81.44
C ASP A 364 -38.42 -2.21 -81.06
N TYR A 365 -37.60 -3.25 -81.01
CA TYR A 365 -38.08 -4.61 -80.76
C TYR A 365 -37.95 -4.94 -79.27
N CYS A 366 -38.72 -4.21 -78.47
CA CYS A 366 -38.71 -4.34 -77.01
C CYS A 366 -39.84 -5.27 -76.56
N SER A 367 -39.75 -5.69 -75.29
CA SER A 367 -40.72 -6.59 -74.67
C SER A 367 -41.40 -5.85 -73.53
N TYR A 368 -42.63 -5.39 -73.77
CA TYR A 368 -43.40 -4.68 -72.73
C TYR A 368 -44.27 -5.65 -71.94
N ASN A 369 -43.68 -6.72 -71.44
CA ASN A 369 -44.39 -7.76 -70.71
C ASN A 369 -43.95 -7.88 -69.26
N LYS A 370 -42.66 -7.76 -68.99
CA LYS A 370 -42.16 -7.82 -67.62
C LYS A 370 -42.47 -6.52 -66.89
N GLU A 371 -42.70 -6.63 -65.59
CA GLU A 371 -43.04 -5.47 -64.78
C GLU A 371 -41.83 -4.54 -64.65
N PRO A 372 -41.97 -3.25 -64.97
CA PRO A 372 -40.83 -2.34 -64.86
C PRO A 372 -40.45 -2.09 -63.41
N GLU A 373 -39.17 -1.77 -63.21
CA GLU A 373 -38.67 -1.45 -61.88
C GLU A 373 -39.02 -0.01 -61.53
N ASN A 374 -39.62 0.18 -60.36
CA ASN A 374 -40.04 1.50 -59.90
C ASN A 374 -39.71 1.71 -58.44
N PHE A 383 -39.70 13.05 -45.76
CA PHE A 383 -38.34 12.74 -45.36
C PHE A 383 -37.80 11.55 -46.15
N ARG A 384 -36.75 10.92 -45.64
CA ARG A 384 -36.12 9.79 -46.29
C ARG A 384 -36.39 8.52 -45.51
N ARG A 385 -36.86 7.48 -46.20
CA ARG A 385 -37.10 6.20 -45.56
C ARG A 385 -35.78 5.51 -45.22
N LEU A 386 -35.82 4.65 -44.21
CA LEU A 386 -34.67 3.86 -43.80
C LEU A 386 -34.74 2.48 -44.44
N ARG A 387 -33.61 2.01 -44.94
CA ARG A 387 -33.56 0.72 -45.63
C ARG A 387 -33.71 -0.42 -44.63
N GLU A 388 -34.72 -1.27 -44.84
CA GLU A 388 -34.90 -2.44 -43.99
C GLU A 388 -35.74 -3.46 -44.75
N ASN A 389 -35.75 -4.68 -44.20
CA ASN A 389 -36.61 -5.76 -44.68
C ASN A 389 -37.70 -5.99 -43.63
N PHE A 390 -38.88 -5.41 -43.87
CA PHE A 390 -39.95 -5.46 -42.88
C PHE A 390 -40.51 -6.87 -42.74
N VAL A 391 -40.81 -7.51 -43.85
CA VAL A 391 -41.38 -8.86 -43.84
C VAL A 391 -40.62 -9.69 -44.86
N THR A 392 -40.57 -10.99 -44.61
CA THR A 392 -39.89 -11.92 -45.50
C THR A 392 -40.66 -12.05 -46.80
N THR A 393 -39.94 -12.00 -47.93
CA THR A 393 -40.56 -12.14 -49.24
C THR A 393 -41.20 -13.52 -49.41
N SER A 394 -40.49 -14.57 -48.98
CA SER A 394 -41.07 -15.90 -48.99
C SER A 394 -42.13 -16.01 -47.90
N GLY A 395 -43.20 -16.76 -48.19
CA GLY A 395 -44.37 -16.81 -47.34
C GLY A 395 -45.39 -15.75 -47.74
N LEU A 396 -44.91 -14.53 -48.00
CA LEU A 396 -45.75 -13.50 -48.62
C LEU A 396 -46.09 -13.86 -50.06
N LYS A 397 -45.30 -14.74 -50.69
CA LYS A 397 -45.51 -15.12 -52.08
C LYS A 397 -46.85 -15.82 -52.27
N LYS A 398 -47.46 -15.59 -53.43
CA LYS A 398 -48.62 -16.34 -53.89
C LYS A 398 -48.13 -17.44 -54.83
N ASN A 399 -48.49 -18.68 -54.51
CA ASN A 399 -48.06 -19.83 -55.31
C ASN A 399 -48.68 -19.78 -56.69
N LYS A 400 -47.84 -19.93 -57.71
CA LYS A 400 -48.23 -19.70 -59.10
C LYS A 400 -49.07 -20.87 -59.60
N THR A 401 -50.40 -20.78 -59.40
CA THR A 401 -51.29 -21.75 -59.99
C THR A 401 -51.88 -21.28 -61.32
N ASN A 402 -51.86 -19.97 -61.60
CA ASN A 402 -52.25 -19.46 -62.90
C ASN A 402 -51.22 -19.74 -63.98
N HIS A 403 -49.95 -19.92 -63.57
CA HIS A 403 -48.89 -20.25 -64.52
C HIS A 403 -49.13 -21.60 -65.18
N ILE A 404 -49.59 -22.59 -64.41
CA ILE A 404 -49.85 -23.92 -64.97
C ILE A 404 -51.04 -23.87 -65.91
N THR A 405 -52.07 -23.11 -65.56
CA THR A 405 -53.23 -22.96 -66.44
C THR A 405 -52.86 -22.26 -67.74
N TRP A 406 -51.99 -21.24 -67.66
CA TRP A 406 -51.51 -20.58 -68.87
C TRP A 406 -50.65 -21.50 -69.71
N LEU A 407 -49.81 -22.32 -69.06
CA LEU A 407 -48.95 -23.26 -69.79
C LEU A 407 -49.75 -24.38 -70.43
N SER A 408 -50.93 -24.69 -69.88
CA SER A 408 -51.79 -25.71 -70.43
C SER A 408 -52.51 -25.26 -71.70
N GLY A 409 -52.44 -23.97 -72.04
CA GLY A 409 -53.17 -23.47 -73.19
C GLY A 409 -52.32 -23.02 -74.36
N ILE A 410 -51.07 -23.46 -74.42
CA ILE A 410 -50.16 -23.13 -75.51
C ILE A 410 -49.85 -24.39 -76.28
N ARG A 411 -50.09 -24.36 -77.60
CA ARG A 411 -49.94 -25.53 -78.46
C ARG A 411 -49.05 -25.17 -79.64
N MET A 412 -47.74 -25.40 -79.49
CA MET A 412 -46.80 -25.15 -80.58
C MET A 412 -46.89 -26.27 -81.61
N ASN A 413 -46.97 -25.88 -82.88
CA ASN A 413 -47.10 -26.79 -84.03
C ASN A 413 -48.28 -27.76 -83.91
N LYS A 426 -48.33 -36.76 -77.76
CA LYS A 426 -48.18 -36.87 -76.32
C LYS A 426 -47.62 -35.58 -75.73
N ILE A 427 -46.29 -35.43 -75.78
CA ILE A 427 -45.61 -34.25 -75.27
C ILE A 427 -44.78 -33.61 -76.37
N GLN A 428 -44.81 -32.27 -76.43
CA GLN A 428 -44.19 -31.52 -77.49
C GLN A 428 -42.98 -30.72 -77.04
N ASN A 429 -43.12 -29.93 -75.99
CA ASN A 429 -42.05 -29.04 -75.55
C ASN A 429 -41.99 -29.04 -74.01
N LEU A 430 -41.16 -28.16 -73.47
CA LEU A 430 -40.98 -28.07 -72.03
C LEU A 430 -42.24 -27.56 -71.33
N GLY A 431 -42.95 -26.64 -71.97
CA GLY A 431 -44.12 -26.03 -71.34
C GLY A 431 -45.26 -27.00 -71.10
N GLU A 432 -45.52 -27.87 -72.09
CA GLU A 432 -46.55 -28.90 -71.91
C GLU A 432 -46.15 -29.88 -70.82
N GLU A 433 -44.85 -30.20 -70.71
CA GLU A 433 -44.38 -31.07 -69.63
C GLU A 433 -44.60 -30.43 -68.28
N VAL A 434 -44.31 -29.13 -68.16
CA VAL A 434 -44.51 -28.43 -66.89
C VAL A 434 -45.99 -28.35 -66.54
N SER A 435 -46.84 -28.11 -67.54
CA SER A 435 -48.29 -28.12 -67.32
C SER A 435 -48.78 -29.49 -66.88
N ALA A 436 -48.26 -30.56 -67.50
CA ALA A 436 -48.67 -31.91 -67.15
C ALA A 436 -48.27 -32.28 -65.73
N ILE A 437 -47.05 -31.95 -65.32
CA ILE A 437 -46.64 -32.27 -63.96
C ILE A 437 -47.33 -31.36 -62.95
N GLY A 438 -47.70 -30.13 -63.37
CA GLY A 438 -48.47 -29.28 -62.49
C GLY A 438 -49.88 -29.77 -62.24
N HIS A 439 -50.53 -30.28 -63.29
CA HIS A 439 -51.88 -30.82 -63.15
C HIS A 439 -51.87 -32.18 -62.47
N LYS A 440 -50.82 -32.99 -62.68
CA LYS A 440 -50.80 -34.33 -62.14
C LYS A 440 -50.54 -34.33 -60.64
N PHE A 441 -49.82 -33.33 -60.12
CA PHE A 441 -49.46 -33.25 -58.71
C PHE A 441 -49.91 -31.90 -58.17
N PRO A 442 -51.17 -31.79 -57.73
CA PRO A 442 -51.65 -30.51 -57.19
C PRO A 442 -51.02 -30.13 -55.84
N LYS A 443 -50.38 -31.07 -55.15
CA LYS A 443 -49.77 -30.81 -53.86
C LYS A 443 -48.30 -30.42 -53.95
N VAL A 444 -47.79 -30.20 -55.16
CA VAL A 444 -46.44 -29.71 -55.38
C VAL A 444 -46.53 -28.22 -55.71
N VAL A 445 -45.97 -27.39 -54.84
CA VAL A 445 -46.06 -25.95 -54.98
C VAL A 445 -44.86 -25.47 -55.78
N PHE A 446 -45.13 -24.79 -56.90
CA PHE A 446 -44.10 -24.26 -57.77
C PHE A 446 -43.68 -22.87 -57.30
N GLU A 447 -42.39 -22.71 -57.01
CA GLU A 447 -41.88 -21.42 -56.58
C GLU A 447 -41.49 -20.53 -57.76
N LYS A 448 -40.85 -21.10 -58.77
CA LYS A 448 -40.43 -20.33 -59.95
C LYS A 448 -40.56 -21.20 -61.19
N ILE A 449 -41.34 -20.74 -62.15
CA ILE A 449 -41.49 -21.39 -63.44
C ILE A 449 -40.99 -20.42 -64.51
N SER A 450 -40.06 -20.88 -65.34
CA SER A 450 -39.53 -20.05 -66.43
C SER A 450 -39.14 -20.99 -67.57
N VAL A 451 -40.03 -21.16 -68.53
CA VAL A 451 -39.77 -22.05 -69.66
C VAL A 451 -38.70 -21.45 -70.58
N SER A 452 -38.72 -20.13 -70.76
CA SER A 452 -37.79 -19.47 -71.68
C SER A 452 -36.35 -19.57 -71.18
N THR A 453 -36.13 -19.38 -69.88
CA THR A 453 -34.78 -19.46 -69.31
C THR A 453 -34.46 -20.84 -68.75
N ARG A 454 -35.39 -21.80 -68.89
CA ARG A 454 -35.21 -23.20 -68.48
C ARG A 454 -34.93 -23.33 -66.99
N GLU A 455 -35.46 -22.40 -66.20
CA GLU A 455 -35.32 -22.40 -64.74
C GLU A 455 -36.63 -22.82 -64.10
N LEU A 456 -36.56 -23.80 -63.21
CA LEU A 456 -37.75 -24.37 -62.58
C LEU A 456 -37.43 -24.65 -61.11
N CYS A 457 -37.99 -23.82 -60.23
CA CYS A 457 -37.83 -23.99 -58.78
C CYS A 457 -39.18 -24.38 -58.20
N LEU A 458 -39.22 -25.51 -57.49
CA LEU A 458 -40.47 -26.04 -56.97
C LEU A 458 -40.22 -26.63 -55.59
N THR A 459 -41.29 -26.71 -54.80
CA THR A 459 -41.24 -27.23 -53.44
C THR A 459 -42.14 -28.44 -53.29
N LEU A 460 -41.70 -29.37 -52.45
CA LEU A 460 -42.48 -30.56 -52.15
C LEU A 460 -42.07 -31.10 -50.78
N ASN A 461 -42.91 -31.98 -50.25
CA ASN A 461 -42.65 -32.66 -48.97
C ASN A 461 -42.42 -34.13 -49.24
N GLY A 462 -41.32 -34.67 -48.70
CA GLY A 462 -40.98 -36.05 -48.96
C GLY A 462 -40.38 -36.76 -47.76
N PRO A 463 -40.55 -38.08 -47.71
CA PRO A 463 -39.99 -38.90 -46.60
C PRO A 463 -38.50 -39.19 -46.78
N TRP A 464 -37.68 -38.21 -46.42
CA TRP A 464 -36.25 -38.30 -46.63
C TRP A 464 -35.49 -37.87 -45.37
N SER A 465 -35.91 -38.40 -44.24
CA SER A 465 -35.25 -38.14 -42.95
C SER A 465 -34.60 -39.41 -42.44
N GLU A 466 -33.31 -39.33 -42.12
CA GLU A 466 -32.60 -40.46 -41.54
C GLU A 466 -33.07 -40.77 -40.11
N GLU A 467 -33.67 -39.79 -39.43
CA GLU A 467 -34.15 -40.01 -38.08
C GLU A 467 -35.48 -40.75 -38.08
N ASN A 468 -36.48 -40.19 -38.74
CA ASN A 468 -37.82 -40.76 -38.79
C ASN A 468 -38.29 -40.84 -40.24
N PRO A 469 -38.37 -42.03 -40.83
CA PRO A 469 -38.78 -42.14 -42.24
C PRO A 469 -40.23 -41.75 -42.50
N ASP A 470 -41.09 -41.75 -41.49
CA ASP A 470 -42.51 -41.47 -41.69
C ASP A 470 -42.77 -39.97 -41.91
N ASP A 471 -41.99 -39.10 -41.28
CA ASP A 471 -42.21 -37.67 -41.39
C ASP A 471 -41.71 -37.16 -42.74
N TYR A 472 -42.13 -35.93 -43.07
CA TYR A 472 -41.83 -35.31 -44.35
C TYR A 472 -40.95 -34.09 -44.14
N ILE A 473 -40.08 -33.82 -45.11
CA ILE A 473 -39.11 -32.74 -45.05
C ILE A 473 -39.42 -31.76 -46.18
N PHE A 474 -39.55 -30.48 -45.84
CA PHE A 474 -39.79 -29.46 -46.85
C PHE A 474 -38.52 -29.20 -47.66
N LEU A 475 -38.66 -29.24 -48.98
CA LEU A 475 -37.53 -29.05 -49.89
C LEU A 475 -37.82 -27.89 -50.84
N ARG A 476 -36.77 -27.39 -51.47
CA ARG A 476 -36.86 -26.29 -52.43
C ARG A 476 -36.03 -26.60 -53.67
N ILE A 477 -36.26 -27.77 -54.25
CA ILE A 477 -35.46 -28.25 -55.39
C ILE A 477 -35.60 -27.31 -56.58
N SER A 478 -34.47 -26.89 -57.13
CA SER A 478 -34.42 -26.06 -58.34
C SER A 478 -33.92 -26.89 -59.50
N ILE A 479 -34.46 -26.65 -60.69
CA ILE A 479 -34.17 -27.46 -61.86
C ILE A 479 -33.61 -26.54 -62.96
N ASN A 480 -32.58 -27.02 -63.63
CA ASN A 480 -32.00 -26.37 -64.80
C ASN A 480 -32.00 -27.35 -65.96
N PHE A 481 -32.53 -26.91 -67.11
CA PHE A 481 -32.54 -27.74 -68.30
C PHE A 481 -31.53 -27.24 -69.32
N PRO A 482 -30.98 -28.13 -70.15
CA PRO A 482 -30.06 -27.68 -71.21
C PRO A 482 -30.81 -27.15 -72.42
N LEU A 483 -30.07 -26.83 -73.50
CA LEU A 483 -30.70 -26.36 -74.72
C LEU A 483 -31.57 -27.44 -75.37
N ASN A 484 -31.04 -28.66 -75.48
CA ASN A 484 -31.80 -29.80 -75.99
C ASN A 484 -32.10 -30.74 -74.84
N TYR A 485 -33.19 -30.46 -74.12
CA TYR A 485 -33.52 -31.26 -72.93
C TYR A 485 -33.89 -32.71 -73.28
N PRO A 486 -34.82 -33.01 -74.22
CA PRO A 486 -35.07 -34.42 -74.53
C PRO A 486 -34.36 -34.96 -75.76
N ASN A 487 -33.69 -34.10 -76.53
CA ASN A 487 -33.12 -34.54 -77.80
C ASN A 487 -31.89 -35.41 -77.59
N LYS A 488 -31.00 -35.00 -76.70
CA LYS A 488 -29.75 -35.69 -76.46
C LYS A 488 -29.82 -36.45 -75.14
N GLY A 489 -28.70 -37.08 -74.77
CA GLY A 489 -28.55 -37.82 -73.54
C GLY A 489 -28.26 -36.98 -72.32
N ASP A 490 -28.18 -35.67 -72.46
CA ASP A 490 -27.91 -34.77 -71.36
C ASP A 490 -29.11 -34.66 -70.42
N PRO A 491 -28.96 -34.96 -69.13
CA PRO A 491 -30.10 -34.89 -68.22
C PRO A 491 -30.18 -33.53 -67.54
N PRO A 492 -31.30 -33.22 -66.88
CA PRO A 492 -31.34 -32.02 -66.05
C PRO A 492 -30.39 -32.09 -64.86
N LYS A 493 -29.87 -30.93 -64.48
CA LYS A 493 -28.97 -30.81 -63.34
C LYS A 493 -29.79 -30.28 -62.15
N PHE A 494 -30.10 -31.16 -61.21
CA PHE A 494 -30.92 -30.80 -60.06
C PHE A 494 -30.05 -30.20 -58.96
N THR A 495 -30.49 -29.06 -58.42
CA THR A 495 -29.84 -28.41 -57.30
C THR A 495 -30.83 -28.24 -56.17
N ILE A 496 -30.46 -28.71 -54.97
CA ILE A 496 -31.31 -28.67 -53.79
C ILE A 496 -30.68 -27.74 -52.76
N GLU A 497 -31.49 -26.83 -52.22
CA GLU A 497 -31.01 -25.92 -51.20
C GLU A 497 -30.73 -26.68 -49.91
N GLU A 498 -29.73 -26.23 -49.16
CA GLU A 498 -29.28 -26.93 -47.98
C GLU A 498 -30.33 -26.86 -46.86
N ASN A 499 -30.45 -27.94 -46.11
CA ASN A 499 -31.34 -28.01 -44.96
C ASN A 499 -30.60 -28.72 -43.82
N SER A 500 -30.86 -28.27 -42.59
CA SER A 500 -30.33 -28.98 -41.43
C SER A 500 -31.04 -30.32 -41.24
N ASN A 501 -32.27 -30.44 -41.72
CA ASN A 501 -32.99 -31.71 -41.65
C ASN A 501 -32.49 -32.73 -42.65
N LEU A 502 -31.81 -32.28 -43.71
CA LEU A 502 -31.31 -33.15 -44.77
C LEU A 502 -29.81 -33.37 -44.58
N THR A 503 -29.40 -34.62 -44.50
CA THR A 503 -27.99 -34.93 -44.34
C THR A 503 -27.28 -34.87 -45.69
N MET A 504 -25.94 -34.93 -45.62
CA MET A 504 -25.14 -35.01 -46.84
C MET A 504 -25.35 -36.32 -47.57
N SER A 505 -25.53 -37.41 -46.81
CA SER A 505 -25.75 -38.74 -47.40
C SER A 505 -27.06 -38.78 -48.18
N LYS A 506 -28.13 -38.26 -47.58
CA LYS A 506 -29.43 -38.22 -48.26
C LYS A 506 -29.38 -37.33 -49.48
N ARG A 507 -28.67 -36.20 -49.39
CA ARG A 507 -28.54 -35.30 -50.54
C ARG A 507 -27.80 -35.97 -51.68
N GLN A 508 -26.70 -36.68 -51.36
CA GLN A 508 -25.95 -37.41 -52.39
C GLN A 508 -26.78 -38.52 -53.00
N GLU A 509 -27.55 -39.23 -52.17
CA GLU A 509 -28.41 -40.31 -52.67
C GLU A 509 -29.48 -39.77 -53.63
N ILE A 510 -30.13 -38.67 -53.24
CA ILE A 510 -31.18 -38.09 -54.06
C ILE A 510 -30.62 -37.57 -55.38
N LEU A 511 -29.49 -36.86 -55.32
CA LEU A 511 -28.89 -36.31 -56.53
C LEU A 511 -28.39 -37.41 -57.46
N SER A 512 -27.76 -38.46 -56.91
CA SER A 512 -27.29 -39.56 -57.74
C SER A 512 -28.44 -40.33 -58.37
N ASN A 513 -29.54 -40.53 -57.62
CA ASN A 513 -30.69 -41.25 -58.17
C ASN A 513 -31.40 -40.43 -59.24
N LEU A 514 -31.52 -39.11 -59.03
CA LEU A 514 -32.13 -38.25 -60.04
C LEU A 514 -31.27 -38.18 -61.29
N ALA A 515 -29.94 -38.12 -61.13
CA ALA A 515 -29.05 -38.14 -62.28
C ALA A 515 -29.13 -39.46 -63.03
N THR A 516 -29.25 -40.57 -62.30
CA THR A 516 -29.42 -41.88 -62.93
C THR A 516 -30.72 -41.95 -63.73
N ILE A 517 -31.82 -41.47 -63.15
CA ILE A 517 -33.11 -41.47 -63.82
C ILE A 517 -33.07 -40.61 -65.09
N GLY A 518 -32.50 -39.41 -64.98
CA GLY A 518 -32.42 -38.53 -66.13
C GLY A 518 -31.50 -39.07 -67.21
N GLN A 519 -30.39 -39.69 -66.82
CA GLN A 519 -29.46 -40.25 -67.79
C GLN A 519 -30.05 -41.45 -68.52
N LYS A 520 -30.73 -42.34 -67.78
CA LYS A 520 -31.31 -43.53 -68.40
C LYS A 520 -32.53 -43.17 -69.26
N TYR A 521 -33.36 -42.25 -68.80
CA TYR A 521 -34.68 -42.07 -69.39
C TYR A 521 -34.67 -41.12 -70.58
N THR A 522 -33.59 -40.35 -70.77
CA THR A 522 -33.40 -39.56 -71.98
C THR A 522 -32.77 -40.36 -73.11
N ASP A 523 -32.36 -41.60 -72.87
CA ASP A 523 -31.87 -42.44 -73.95
C ASP A 523 -32.98 -42.81 -74.92
N SER A 524 -34.22 -42.86 -74.43
CA SER A 524 -35.40 -43.05 -75.27
C SER A 524 -35.99 -41.71 -75.73
N ASN A 525 -35.32 -40.59 -75.40
CA ASN A 525 -35.70 -39.25 -75.82
C ASN A 525 -37.08 -38.84 -75.33
N LEU A 526 -37.49 -39.37 -74.19
CA LEU A 526 -38.75 -38.99 -73.56
C LEU A 526 -38.52 -37.85 -72.58
N TYR A 527 -39.52 -37.53 -71.77
CA TYR A 527 -39.52 -36.36 -70.91
C TYR A 527 -39.43 -36.79 -69.45
N CYS A 528 -38.30 -36.48 -68.80
CA CYS A 528 -38.04 -36.95 -67.44
C CYS A 528 -38.29 -35.83 -66.43
N LEU A 529 -39.57 -35.55 -66.18
CA LEU A 529 -39.88 -34.67 -65.05
C LEU A 529 -41.01 -35.24 -64.22
N GLU A 530 -41.87 -36.05 -64.84
CA GLU A 530 -42.83 -36.85 -64.08
C GLU A 530 -42.17 -37.91 -63.20
N PRO A 531 -41.29 -38.79 -63.70
CA PRO A 531 -40.74 -39.82 -62.80
C PRO A 531 -39.80 -39.26 -61.74
N CYS A 532 -39.06 -38.20 -62.06
CA CYS A 532 -38.15 -37.61 -61.08
C CYS A 532 -38.93 -37.02 -59.90
N ILE A 533 -39.98 -36.25 -60.19
CA ILE A 533 -40.78 -35.64 -59.14
C ILE A 533 -41.55 -36.72 -58.37
N ARG A 534 -42.02 -37.75 -59.07
CA ARG A 534 -42.68 -38.87 -58.40
C ARG A 534 -41.73 -39.59 -57.45
N PHE A 535 -40.48 -39.77 -57.86
CA PHE A 535 -39.51 -40.45 -57.01
C PHE A 535 -39.12 -39.60 -55.80
N VAL A 536 -38.93 -38.30 -56.00
CA VAL A 536 -38.58 -37.43 -54.86
C VAL A 536 -39.76 -37.33 -53.89
N LEU A 537 -41.00 -37.35 -54.41
CA LEU A 537 -42.17 -37.46 -53.55
C LEU A 537 -42.26 -38.82 -52.87
N GLY A 538 -41.52 -39.82 -53.34
CA GLY A 538 -41.50 -41.12 -52.70
C GLY A 538 -42.72 -41.98 -52.94
N GLU A 539 -43.51 -41.68 -53.97
CA GLU A 539 -44.73 -42.44 -54.20
C GLU A 539 -44.43 -43.85 -54.74
N LYS A 540 -43.43 -43.96 -55.60
CA LYS A 540 -43.14 -45.23 -56.26
C LYS A 540 -41.68 -45.23 -56.71
N VAL A 541 -41.29 -46.29 -57.42
CA VAL A 541 -39.97 -46.41 -58.01
C VAL A 541 -40.13 -46.83 -59.47
N SER A 542 -39.32 -46.26 -60.35
CA SER A 542 -39.39 -46.52 -61.77
C SER A 542 -38.04 -46.95 -62.30
N LEU A 543 -38.07 -47.79 -63.33
CA LEU A 543 -36.85 -48.30 -63.94
C LEU A 543 -37.03 -48.49 -65.45
N ALA A 613 -80.19 -96.05 -49.97
CA ALA A 613 -81.27 -95.61 -49.10
C ALA A 613 -81.19 -96.32 -47.76
N LEU A 614 -80.01 -96.85 -47.44
CA LEU A 614 -79.80 -97.55 -46.18
C LEU A 614 -78.47 -97.17 -45.53
N ASP A 615 -77.81 -96.12 -46.01
CA ASP A 615 -76.50 -95.70 -45.51
C ASP A 615 -76.66 -94.61 -44.46
N THR A 616 -75.96 -94.77 -43.34
CA THR A 616 -76.00 -93.82 -42.24
C THR A 616 -74.90 -92.80 -42.46
N THR A 617 -75.25 -91.70 -43.11
CA THR A 617 -74.29 -90.64 -43.43
C THR A 617 -74.69 -89.34 -42.75
N PRO A 618 -73.85 -88.78 -41.88
CA PRO A 618 -74.19 -87.53 -41.21
C PRO A 618 -74.05 -86.32 -42.13
N VAL A 619 -74.65 -85.22 -41.68
CA VAL A 619 -74.55 -83.93 -42.38
C VAL A 619 -73.09 -83.47 -42.34
N PRO A 620 -72.53 -82.99 -43.46
CA PRO A 620 -71.12 -82.58 -43.47
C PRO A 620 -70.85 -81.38 -42.57
N ASN A 621 -69.70 -81.42 -41.92
CA ASN A 621 -69.29 -80.32 -41.05
C ASN A 621 -68.86 -79.11 -41.89
N GLY A 622 -69.16 -77.93 -41.38
CA GLY A 622 -68.79 -76.70 -42.06
C GLY A 622 -67.57 -75.99 -41.51
N CYS A 623 -67.02 -76.48 -40.40
CA CYS A 623 -65.88 -75.85 -39.77
C CYS A 623 -65.13 -76.90 -38.94
N GLY A 624 -64.02 -76.47 -38.36
CA GLY A 624 -63.24 -77.33 -37.49
C GLY A 624 -62.01 -76.59 -37.00
N SER A 625 -61.20 -77.29 -36.22
CA SER A 625 -60.01 -76.69 -35.64
C SER A 625 -58.87 -77.71 -35.62
N CYS A 626 -57.64 -77.19 -35.64
CA CYS A 626 -56.44 -78.00 -35.53
C CYS A 626 -55.48 -77.34 -34.56
N TRP A 627 -54.87 -78.15 -33.69
CA TRP A 627 -53.93 -77.67 -32.68
C TRP A 627 -52.50 -77.92 -33.12
N THR A 628 -51.64 -76.93 -32.89
CA THR A 628 -50.21 -77.06 -33.13
C THR A 628 -49.46 -77.02 -31.81
N ALA A 629 -48.15 -77.28 -31.89
CA ALA A 629 -47.33 -77.33 -30.69
C ALA A 629 -47.07 -75.94 -30.11
N THR A 630 -47.20 -74.88 -30.90
CA THR A 630 -46.91 -73.54 -30.43
C THR A 630 -48.15 -72.81 -29.92
N GLY A 631 -49.28 -73.50 -29.83
CA GLY A 631 -50.49 -72.93 -29.27
C GLY A 631 -51.41 -72.24 -30.25
N GLU A 632 -51.02 -72.11 -31.51
CA GLU A 632 -51.87 -71.48 -32.51
C GLU A 632 -52.97 -72.44 -32.92
N LEU A 633 -54.22 -71.97 -32.84
CA LEU A 633 -55.38 -72.78 -33.15
C LEU A 633 -55.79 -72.51 -34.60
N PHE A 634 -55.57 -73.49 -35.47
CA PHE A 634 -55.84 -73.35 -36.90
C PHE A 634 -57.31 -73.67 -37.14
N CYS A 635 -58.09 -72.64 -37.46
CA CYS A 635 -59.54 -72.77 -37.64
C CYS A 635 -59.92 -72.38 -39.06
N PHE A 636 -60.75 -73.21 -39.69
CA PHE A 636 -61.31 -72.90 -40.99
C PHE A 636 -62.82 -72.70 -40.87
N PHE A 637 -63.34 -71.70 -41.58
CA PHE A 637 -64.74 -71.30 -41.41
C PHE A 637 -65.40 -71.08 -42.77
N ALA A 638 -66.72 -71.18 -42.76
CA ALA A 638 -67.54 -70.98 -43.94
C ALA A 638 -67.97 -69.52 -44.02
N ASN A 639 -68.94 -69.22 -44.86
CA ASN A 639 -69.53 -67.87 -44.97
C ASN A 639 -70.12 -67.39 -43.64
N LYS A 772 -67.31 -68.45 -50.23
CA LYS A 772 -65.88 -68.63 -49.99
C LYS A 772 -65.63 -69.20 -48.61
N ASN A 773 -64.42 -69.71 -48.40
CA ASN A 773 -64.00 -70.27 -47.12
C ASN A 773 -62.89 -69.41 -46.52
N LEU A 774 -62.90 -69.28 -45.20
CA LEU A 774 -61.92 -68.50 -44.46
C LEU A 774 -61.19 -69.42 -43.49
N VAL A 775 -59.88 -69.46 -43.58
CA VAL A 775 -59.03 -70.26 -42.68
C VAL A 775 -58.17 -69.29 -41.90
N ILE A 776 -58.30 -69.32 -40.56
CA ILE A 776 -57.59 -68.39 -39.71
C ILE A 776 -56.89 -69.15 -38.58
N SER A 777 -55.90 -68.49 -37.98
CA SER A 777 -55.17 -69.00 -36.84
C SER A 777 -54.98 -67.87 -35.84
N LYS A 778 -55.29 -68.13 -34.58
CA LYS A 778 -55.18 -67.13 -33.52
C LYS A 778 -54.18 -67.60 -32.47
N ASN A 779 -53.41 -66.65 -31.94
CA ASN A 779 -52.40 -66.97 -30.94
C ASN A 779 -53.05 -67.24 -29.59
N PHE A 780 -52.83 -68.43 -29.06
CA PHE A 780 -53.37 -68.85 -27.77
C PHE A 780 -52.28 -69.49 -26.92
N SER A 781 -51.06 -68.92 -26.96
CA SER A 781 -49.96 -69.47 -26.19
C SER A 781 -50.14 -69.24 -24.69
N SER A 782 -50.98 -68.28 -24.29
CA SER A 782 -51.20 -68.03 -22.87
C SER A 782 -52.00 -69.13 -22.20
N LEU A 783 -52.74 -69.93 -22.97
CA LEU A 783 -53.57 -70.99 -22.43
C LEU A 783 -52.83 -72.32 -22.35
N LEU A 784 -51.57 -72.37 -22.76
CA LEU A 784 -50.78 -73.60 -22.75
C LEU A 784 -49.69 -73.48 -21.70
N SER A 785 -49.58 -74.50 -20.85
CA SER A 785 -48.60 -74.46 -19.77
C SER A 785 -47.19 -74.69 -20.30
N ASP A 786 -47.01 -75.66 -21.19
CA ASP A 786 -45.70 -75.99 -21.72
C ASP A 786 -45.34 -75.01 -22.82
N ARG A 787 -44.19 -74.36 -22.69
CA ARG A 787 -43.76 -73.34 -23.65
C ARG A 787 -42.49 -73.79 -24.33
N LYS A 788 -42.45 -73.62 -25.66
CA LYS A 788 -41.27 -73.97 -26.43
C LYS A 788 -40.10 -73.03 -26.15
N GLU A 789 -40.37 -71.81 -25.72
CA GLU A 789 -39.30 -70.84 -25.45
C GLU A 789 -38.46 -71.25 -24.25
N LEU A 790 -39.04 -71.94 -23.28
CA LEU A 790 -38.27 -72.38 -22.12
C LEU A 790 -37.36 -73.54 -22.47
N ALA A 791 -37.77 -74.38 -23.44
CA ALA A 791 -36.99 -75.57 -23.77
C ALA A 791 -35.72 -75.23 -24.53
N LEU A 792 -35.67 -74.09 -25.22
CA LEU A 792 -34.49 -73.72 -25.98
C LEU A 792 -33.36 -73.25 -25.09
N GLU A 793 -33.64 -72.81 -23.87
CA GLU A 793 -32.63 -72.22 -23.01
C GLU A 793 -32.28 -73.07 -21.80
N TYR A 794 -33.02 -74.16 -21.55
CA TYR A 794 -32.69 -75.05 -20.45
C TYR A 794 -31.40 -75.80 -20.74
N LEU A 795 -30.58 -75.96 -19.69
CA LEU A 795 -29.38 -76.80 -19.78
C LEU A 795 -29.34 -77.63 -18.51
N PHE A 796 -29.70 -78.90 -18.63
CA PHE A 796 -29.83 -79.79 -17.47
C PHE A 796 -28.75 -80.85 -17.39
N MET A 797 -27.78 -80.87 -18.30
CA MET A 797 -26.73 -81.89 -18.21
C MET A 797 -25.32 -81.33 -18.35
N ASP A 798 -25.16 -80.21 -19.05
CA ASP A 798 -23.83 -79.69 -19.35
C ASP A 798 -23.37 -78.62 -18.36
N ALA A 799 -23.42 -78.92 -17.06
CA ALA A 799 -23.02 -78.00 -16.00
C ALA A 799 -22.86 -78.80 -14.71
N THR A 800 -22.72 -78.09 -13.60
CA THR A 800 -22.78 -78.70 -12.28
C THR A 800 -24.23 -79.01 -11.92
N PRO A 801 -24.47 -79.91 -10.96
CA PRO A 801 -25.84 -80.16 -10.51
C PRO A 801 -26.56 -78.94 -9.95
N GLU A 802 -25.84 -78.03 -9.30
CA GLU A 802 -26.43 -76.76 -8.91
C GLU A 802 -26.56 -75.83 -10.11
N GLY A 803 -25.70 -76.01 -11.11
CA GLY A 803 -25.72 -75.15 -12.28
C GLY A 803 -26.97 -75.31 -13.12
N PHE A 804 -27.49 -76.54 -13.22
CA PHE A 804 -28.72 -76.77 -13.97
C PHE A 804 -29.87 -75.98 -13.36
N ALA A 805 -30.04 -76.08 -12.05
CA ALA A 805 -31.16 -75.42 -11.40
C ALA A 805 -30.97 -73.91 -11.35
N ARG A 806 -29.72 -73.43 -11.26
CA ARG A 806 -29.52 -71.99 -11.29
C ARG A 806 -29.78 -71.41 -12.68
N ASN A 807 -29.33 -72.11 -13.73
CA ASN A 807 -29.61 -71.68 -15.09
C ASN A 807 -31.11 -71.71 -15.38
N ASN A 808 -31.81 -72.76 -14.93
CA ASN A 808 -33.25 -72.82 -15.10
C ASN A 808 -33.96 -71.75 -14.30
N ALA A 809 -33.42 -71.38 -13.13
CA ALA A 809 -34.01 -70.30 -12.35
C ALA A 809 -33.88 -68.96 -13.07
N LEU A 810 -32.72 -68.70 -13.65
CA LEU A 810 -32.53 -67.47 -14.42
C LEU A 810 -33.41 -67.46 -15.67
N VAL A 811 -33.57 -68.61 -16.31
CA VAL A 811 -34.40 -68.70 -17.51
C VAL A 811 -35.87 -68.47 -17.18
N ALA A 812 -36.35 -69.09 -16.10
CA ALA A 812 -37.73 -68.88 -15.68
C ALA A 812 -37.97 -67.47 -15.18
N GLU A 813 -36.94 -66.83 -14.61
CA GLU A 813 -37.09 -65.45 -14.19
C GLU A 813 -37.13 -64.50 -15.39
N LYS A 814 -36.39 -64.81 -16.45
CA LYS A 814 -36.37 -63.93 -17.61
C LYS A 814 -37.63 -64.00 -18.45
N PHE A 815 -38.47 -65.02 -18.26
CA PHE A 815 -39.73 -65.14 -18.97
C PHE A 815 -40.94 -64.89 -18.08
N ASP A 816 -40.74 -64.18 -16.97
CA ASP A 816 -41.81 -63.73 -16.06
C ASP A 816 -42.59 -64.90 -15.46
N LEU A 817 -41.91 -66.02 -15.22
CA LEU A 817 -42.46 -67.13 -14.45
C LEU A 817 -41.93 -67.02 -13.03
N ASP A 818 -42.83 -67.08 -12.05
CA ASP A 818 -42.48 -66.84 -10.66
C ASP A 818 -42.34 -68.13 -9.86
N GLU A 819 -43.39 -68.95 -9.83
CA GLU A 819 -43.40 -70.16 -9.02
C GLU A 819 -42.36 -71.16 -9.50
N ILE A 820 -42.23 -71.31 -10.82
CA ILE A 820 -41.22 -72.19 -11.40
C ILE A 820 -39.82 -71.67 -11.09
N SER A 821 -39.64 -70.35 -11.14
CA SER A 821 -38.34 -69.76 -10.83
C SER A 821 -37.95 -70.00 -9.38
N HIS A 822 -38.91 -69.85 -8.46
CA HIS A 822 -38.58 -70.12 -7.06
C HIS A 822 -38.36 -71.60 -6.81
N CYS A 823 -39.08 -72.47 -7.53
CA CYS A 823 -38.83 -73.91 -7.40
C CYS A 823 -37.43 -74.27 -7.84
N TRP A 824 -36.98 -73.70 -8.96
CA TRP A 824 -35.63 -73.94 -9.42
C TRP A 824 -34.59 -73.33 -8.48
N GLN A 825 -34.90 -72.18 -7.88
CA GLN A 825 -33.97 -71.56 -6.94
C GLN A 825 -33.81 -72.42 -5.67
N ILE A 826 -34.92 -72.91 -5.13
CA ILE A 826 -34.88 -73.76 -3.94
C ILE A 826 -34.17 -75.07 -4.24
N LEU A 827 -34.44 -75.66 -5.42
CA LEU A 827 -33.76 -76.89 -5.80
C LEU A 827 -32.27 -76.64 -6.06
N SER A 828 -31.91 -75.42 -6.48
CA SER A 828 -30.50 -75.05 -6.56
C SER A 828 -29.87 -74.99 -5.18
N ASP A 829 -30.58 -74.44 -4.21
CA ASP A 829 -30.05 -74.35 -2.86
C ASP A 829 -29.91 -75.73 -2.21
N MET A 830 -30.78 -76.67 -2.57
CA MET A 830 -30.71 -78.00 -1.99
C MET A 830 -29.69 -78.90 -2.67
N LEU A 831 -29.03 -78.43 -3.73
CA LEU A 831 -28.12 -79.27 -4.49
C LEU A 831 -26.73 -78.64 -4.58
N ILE A 832 -26.21 -78.13 -3.46
CA ILE A 832 -24.91 -77.47 -3.43
C ILE A 832 -23.88 -78.45 -2.89
N ASP A 833 -22.76 -78.58 -3.59
CA ASP A 833 -21.64 -79.40 -3.18
C ASP A 833 -20.37 -78.56 -3.12
N GLN A 834 -19.27 -79.20 -2.76
CA GLN A 834 -17.98 -78.53 -2.67
C GLN A 834 -16.89 -79.52 -3.04
N SER A 835 -15.67 -79.00 -3.19
CA SER A 835 -14.53 -79.85 -3.51
C SER A 835 -14.21 -80.81 -2.37
N ASP A 836 -14.23 -80.33 -1.13
CA ASP A 836 -14.03 -81.18 0.02
C ASP A 836 -15.26 -82.06 0.23
N TYR A 837 -15.03 -83.22 0.84
CA TYR A 837 -16.10 -84.18 1.11
C TYR A 837 -16.53 -84.09 2.56
N ASP A 838 -17.79 -83.76 2.79
CA ASP A 838 -18.39 -83.82 4.12
C ASP A 838 -19.46 -84.90 4.10
N PRO A 839 -19.31 -85.95 4.92
CA PRO A 839 -20.32 -87.03 4.90
C PRO A 839 -21.69 -86.60 5.39
N TYR A 840 -21.76 -85.56 6.21
CA TYR A 840 -23.05 -85.08 6.68
C TYR A 840 -23.87 -84.46 5.56
N THR A 841 -23.22 -83.92 4.53
CA THR A 841 -23.94 -83.42 3.36
C THR A 841 -24.64 -84.55 2.63
N THR A 842 -23.96 -85.68 2.44
CA THR A 842 -24.58 -86.84 1.81
C THR A 842 -25.68 -87.42 2.70
N ILE A 843 -25.46 -87.41 4.02
CA ILE A 843 -26.47 -87.89 4.95
C ILE A 843 -27.74 -87.04 4.87
N TRP A 844 -27.57 -85.71 4.79
CA TRP A 844 -28.73 -84.84 4.67
C TRP A 844 -29.40 -84.94 3.31
N ASN A 845 -28.62 -85.15 2.25
CA ASN A 845 -29.19 -85.34 0.92
C ASN A 845 -30.02 -86.61 0.85
N ASN A 846 -29.57 -87.67 1.52
CA ASN A 846 -30.24 -88.96 1.42
C ASN A 846 -31.42 -89.11 2.36
N HIS A 847 -31.73 -88.10 3.17
CA HIS A 847 -32.82 -88.24 4.14
C HIS A 847 -34.16 -88.20 3.41
N PRO A 848 -35.14 -88.99 3.86
CA PRO A 848 -36.47 -88.94 3.23
C PRO A 848 -37.20 -87.62 3.41
N MET A 849 -36.84 -86.82 4.40
CA MET A 849 -37.53 -85.55 4.64
C MET A 849 -36.93 -84.39 3.86
N GLY A 850 -35.82 -84.61 3.15
CA GLY A 850 -35.19 -83.56 2.39
C GLY A 850 -34.96 -84.02 0.96
N ILE A 851 -34.98 -83.03 0.06
CA ILE A 851 -34.80 -83.19 -1.39
C ILE A 851 -35.85 -84.11 -2.00
N LYS A 852 -35.88 -85.38 -1.59
CA LYS A 852 -36.85 -86.33 -2.11
C LYS A 852 -38.28 -85.90 -1.80
N TRP A 853 -38.51 -85.35 -0.60
CA TRP A 853 -39.82 -84.84 -0.25
C TRP A 853 -40.20 -83.66 -1.14
N PHE A 854 -39.22 -82.80 -1.44
CA PHE A 854 -39.47 -81.67 -2.32
C PHE A 854 -39.82 -82.13 -3.74
N ILE A 855 -39.13 -83.13 -4.24
CA ILE A 855 -39.41 -83.66 -5.58
C ILE A 855 -40.80 -84.28 -5.63
N LYS A 856 -41.16 -85.06 -4.61
CA LYS A 856 -42.48 -85.68 -4.56
C LYS A 856 -43.58 -84.63 -4.50
N GLU A 857 -43.41 -83.61 -3.66
CA GLU A 857 -44.47 -82.62 -3.53
C GLU A 857 -44.54 -81.70 -4.73
N ALA A 858 -43.41 -81.42 -5.39
CA ALA A 858 -43.45 -80.63 -6.61
C ALA A 858 -44.10 -81.41 -7.75
N ILE A 859 -43.88 -82.73 -7.80
CA ILE A 859 -44.54 -83.56 -8.78
C ILE A 859 -46.05 -83.58 -8.54
N VAL A 860 -46.45 -83.69 -7.28
CA VAL A 860 -47.88 -83.68 -6.93
C VAL A 860 -48.52 -82.34 -7.26
N TYR A 861 -47.82 -81.23 -7.00
CA TYR A 861 -48.38 -79.91 -7.29
C TYR A 861 -48.47 -79.67 -8.79
N PHE A 862 -47.43 -80.00 -9.55
CA PHE A 862 -47.41 -79.73 -10.98
C PHE A 862 -48.24 -80.72 -11.78
N GLU A 863 -48.64 -81.86 -11.19
CA GLU A 863 -49.61 -82.71 -11.84
C GLU A 863 -50.96 -82.01 -11.95
N ARG A 864 -51.36 -81.29 -10.90
CA ARG A 864 -52.63 -80.58 -10.91
C ARG A 864 -52.60 -79.35 -11.81
N GLN A 865 -51.41 -78.84 -12.13
CA GLN A 865 -51.30 -77.74 -13.08
C GLN A 865 -51.12 -78.22 -14.52
N GLN A 866 -51.01 -79.54 -14.73
CA GLN A 866 -50.82 -80.17 -16.04
C GLN A 866 -49.61 -79.60 -16.77
N ASN A 867 -48.49 -79.49 -16.04
CA ASN A 867 -47.24 -78.98 -16.59
C ASN A 867 -46.34 -80.19 -16.80
N LEU A 868 -46.45 -80.80 -17.98
CA LEU A 868 -45.62 -81.96 -18.31
C LEU A 868 -44.16 -81.56 -18.47
N GLN A 869 -43.91 -80.36 -19.00
CA GLN A 869 -42.56 -79.87 -19.20
C GLN A 869 -41.80 -79.78 -17.88
N MET A 870 -42.44 -79.21 -16.85
CA MET A 870 -41.78 -79.09 -15.55
C MET A 870 -41.61 -80.44 -14.89
N LEU A 871 -42.56 -81.36 -15.07
CA LEU A 871 -42.42 -82.70 -14.51
C LEU A 871 -41.22 -83.43 -15.09
N ALA A 872 -41.07 -83.39 -16.41
CA ALA A 872 -39.95 -84.09 -17.03
C ALA A 872 -38.63 -83.37 -16.77
N MET A 873 -38.65 -82.04 -16.70
CA MET A 873 -37.42 -81.32 -16.36
C MET A 873 -36.98 -81.61 -14.93
N LEU A 874 -37.93 -81.67 -13.99
CA LEU A 874 -37.59 -82.01 -12.62
C LEU A 874 -37.06 -83.43 -12.53
N CYS A 875 -37.66 -84.37 -13.28
CA CYS A 875 -37.18 -85.74 -13.28
C CYS A 875 -35.78 -85.85 -13.86
N CYS A 876 -35.50 -85.14 -14.97
CA CYS A 876 -34.18 -85.27 -15.56
C CYS A 876 -33.11 -84.52 -14.76
N VAL A 877 -33.48 -83.45 -14.06
CA VAL A 877 -32.51 -82.80 -13.18
C VAL A 877 -32.22 -83.66 -11.96
N ILE A 878 -33.26 -84.23 -11.34
CA ILE A 878 -33.03 -85.05 -10.15
C ILE A 878 -32.42 -86.40 -10.49
N LEU A 879 -32.46 -86.81 -11.76
CA LEU A 879 -31.79 -88.03 -12.18
C LEU A 879 -30.41 -87.80 -12.77
N SER A 880 -30.13 -86.61 -13.28
CA SER A 880 -28.79 -86.30 -13.77
C SER A 880 -27.84 -85.98 -12.64
N ALA A 881 -28.34 -85.41 -11.55
CA ALA A 881 -27.53 -85.14 -10.38
C ALA A 881 -27.30 -86.37 -9.52
N ARG A 882 -27.96 -87.48 -9.86
CA ARG A 882 -27.72 -88.75 -9.17
C ARG A 882 -26.30 -89.23 -9.38
N ARG A 883 -25.76 -89.08 -10.59
CA ARG A 883 -24.42 -89.51 -11.01
C ARG A 883 -24.17 -91.00 -10.74
N MET A 994 -8.85 -103.40 35.38
CA MET A 994 -9.17 -102.81 34.09
C MET A 994 -9.22 -103.86 32.96
N PRO A 995 -10.45 -104.21 32.54
CA PRO A 995 -10.59 -105.21 31.47
C PRO A 995 -10.58 -104.59 30.08
N ASP A 996 -10.73 -105.41 29.06
CA ASP A 996 -10.77 -104.97 27.67
C ASP A 996 -12.21 -104.78 27.21
N ILE A 997 -12.42 -103.71 26.44
CA ILE A 997 -13.74 -103.32 25.96
C ILE A 997 -13.72 -103.40 24.45
N LYS A 998 -14.65 -104.15 23.88
CA LYS A 998 -14.77 -104.30 22.43
C LYS A 998 -16.03 -103.60 21.94
N VAL A 999 -15.86 -102.70 20.98
CA VAL A 999 -16.94 -101.93 20.38
C VAL A 999 -16.97 -102.23 18.88
N GLU A 1000 -18.15 -102.56 18.36
CA GLU A 1000 -18.33 -102.86 16.94
C GLU A 1000 -19.40 -101.95 16.37
N LEU A 1001 -19.00 -101.04 15.48
CA LEU A 1001 -19.95 -100.16 14.82
C LEU A 1001 -20.78 -100.93 13.80
N LEU A 1002 -22.10 -100.70 13.82
CA LEU A 1002 -23.01 -101.32 12.88
C LEU A 1002 -23.85 -100.24 12.23
N HIS A 1003 -23.85 -100.22 10.89
CA HIS A 1003 -24.62 -99.28 10.07
C HIS A 1003 -24.29 -97.82 10.39
N ASP A 1004 -22.99 -97.51 10.40
CA ASP A 1004 -22.56 -96.14 10.60
C ASP A 1004 -22.89 -95.30 9.37
N ASP A 1005 -23.48 -94.13 9.60
CA ASP A 1005 -23.88 -93.28 8.48
C ASP A 1005 -22.68 -92.65 7.80
N ILE A 1006 -21.62 -92.37 8.55
CA ILE A 1006 -20.42 -91.78 7.97
C ILE A 1006 -19.71 -92.79 7.06
N ILE A 1007 -19.64 -94.05 7.50
CA ILE A 1007 -19.03 -95.10 6.69
C ILE A 1007 -19.84 -95.34 5.43
N GLU A 1008 -21.17 -95.37 5.55
CA GLU A 1008 -22.02 -95.56 4.37
C GLU A 1008 -21.94 -94.36 3.43
N ALA A 1009 -21.75 -93.16 3.97
CA ALA A 1009 -21.53 -92.01 3.11
C ALA A 1009 -20.17 -92.06 2.43
N TYR A 1010 -19.19 -92.67 3.08
CA TYR A 1010 -17.89 -92.90 2.45
C TYR A 1010 -17.93 -94.05 1.45
N GLU A 1011 -18.96 -94.89 1.49
CA GLU A 1011 -19.02 -96.09 0.67
C GLU A 1011 -19.91 -95.92 -0.55
N GLN A 1012 -20.13 -94.70 -1.02
CA GLN A 1012 -20.88 -94.50 -2.25
C GLN A 1012 -20.40 -93.22 -2.91
N GLU A 1013 -20.62 -93.14 -4.24
CA GLU A 1013 -20.24 -91.98 -5.02
C GLU A 1013 -21.43 -91.18 -5.53
N ASP A 1014 -22.63 -91.74 -5.50
CA ASP A 1014 -23.81 -91.02 -5.94
C ASP A 1014 -24.19 -89.95 -4.94
N LEU A 1015 -24.66 -88.81 -5.44
CA LEU A 1015 -25.13 -87.73 -4.58
C LEU A 1015 -26.36 -88.17 -3.79
N LEU A 1016 -27.27 -88.90 -4.43
CA LEU A 1016 -28.49 -89.38 -3.81
C LEU A 1016 -28.60 -90.88 -4.05
N HIS A 1017 -29.27 -91.57 -3.12
CA HIS A 1017 -29.60 -92.97 -3.35
C HIS A 1017 -31.08 -93.07 -3.75
N LEU A 1018 -31.34 -92.69 -5.00
CA LEU A 1018 -32.68 -92.72 -5.53
C LEU A 1018 -33.08 -94.14 -5.92
N GLU A 1019 -34.38 -94.39 -5.88
CA GLU A 1019 -34.93 -95.69 -6.26
C GLU A 1019 -36.15 -95.46 -7.16
N VAL A 1020 -36.80 -96.57 -7.51
CA VAL A 1020 -37.98 -96.49 -8.37
C VAL A 1020 -39.15 -95.86 -7.64
N SER A 1021 -39.31 -96.17 -6.35
CA SER A 1021 -40.41 -95.60 -5.59
C SER A 1021 -40.20 -94.13 -5.28
N ASP A 1022 -38.95 -93.65 -5.32
CA ASP A 1022 -38.69 -92.24 -5.05
C ASP A 1022 -39.21 -91.36 -6.17
N ILE A 1023 -38.95 -91.75 -7.41
CA ILE A 1023 -39.50 -91.08 -8.58
C ILE A 1023 -40.42 -92.07 -9.30
N PRO A 1024 -41.72 -92.00 -9.05
CA PRO A 1024 -42.60 -93.10 -9.45
C PRO A 1024 -42.95 -93.14 -10.94
N LYS A 1025 -43.04 -91.99 -11.59
CA LYS A 1025 -43.51 -91.91 -12.96
C LYS A 1025 -42.62 -91.02 -13.80
N PHE A 1026 -41.31 -91.22 -13.70
CA PHE A 1026 -40.37 -90.46 -14.52
C PHE A 1026 -40.43 -90.89 -15.98
N GLN A 1027 -40.71 -92.17 -16.23
CA GLN A 1027 -40.60 -92.71 -17.59
C GLN A 1027 -41.65 -92.11 -18.52
N THR A 1028 -42.91 -92.09 -18.09
CA THR A 1028 -43.98 -91.57 -18.93
C THR A 1028 -43.83 -90.08 -19.17
N TYR A 1029 -43.43 -89.34 -18.13
CA TYR A 1029 -43.27 -87.89 -18.27
C TYR A 1029 -42.13 -87.56 -19.22
N ILE A 1030 -41.00 -88.27 -19.09
CA ILE A 1030 -39.86 -88.05 -19.98
C ILE A 1030 -40.20 -88.44 -21.42
N TYR A 1031 -40.92 -89.55 -21.59
CA TYR A 1031 -41.31 -89.99 -22.93
C TYR A 1031 -42.25 -89.00 -23.61
N GLN A 1032 -43.24 -88.50 -22.88
CA GLN A 1032 -44.19 -87.56 -23.49
C GLN A 1032 -43.53 -86.22 -23.74
N TYR A 1033 -42.61 -85.78 -22.89
CA TYR A 1033 -41.92 -84.53 -23.18
C TYR A 1033 -40.93 -84.69 -24.33
N SER A 1034 -40.36 -85.89 -24.51
CA SER A 1034 -39.51 -86.13 -25.67
C SER A 1034 -40.31 -86.09 -26.96
N LYS A 1035 -41.52 -86.66 -26.93
CA LYS A 1035 -42.40 -86.58 -28.09
C LYS A 1035 -42.79 -85.14 -28.39
N LEU A 1036 -43.09 -84.36 -27.35
CA LEU A 1036 -43.38 -82.94 -27.54
C LEU A 1036 -42.14 -82.16 -28.00
N LEU A 1037 -40.95 -82.61 -27.63
CA LEU A 1037 -39.72 -82.00 -28.13
C LEU A 1037 -39.54 -82.28 -29.62
N PHE A 1038 -39.84 -83.50 -30.05
CA PHE A 1038 -39.79 -83.81 -31.47
C PHE A 1038 -40.89 -83.13 -32.26
N ARG A 1039 -42.00 -82.75 -31.61
CA ARG A 1039 -42.96 -81.86 -32.26
C ARG A 1039 -42.31 -80.50 -32.54
N TRP A 1040 -41.46 -80.03 -31.64
CA TRP A 1040 -40.70 -78.82 -31.86
C TRP A 1040 -39.46 -79.13 -32.70
N GLY A 1041 -38.68 -78.09 -32.99
CA GLY A 1041 -37.46 -78.26 -33.75
C GLY A 1041 -36.23 -78.47 -32.89
N LEU A 1042 -36.32 -79.37 -31.91
CA LEU A 1042 -35.24 -79.64 -30.97
C LEU A 1042 -35.05 -81.14 -30.87
N PRO A 1043 -34.37 -81.75 -31.84
CA PRO A 1043 -34.23 -83.21 -31.82
C PRO A 1043 -33.07 -83.71 -30.97
N LEU A 1044 -32.14 -82.82 -30.61
CA LEU A 1044 -31.03 -83.23 -29.75
C LEU A 1044 -31.49 -83.36 -28.29
N GLU A 1045 -32.38 -82.47 -27.86
CA GLU A 1045 -32.77 -82.45 -26.46
C GLU A 1045 -33.61 -83.67 -26.09
N ARG A 1046 -34.38 -84.20 -27.04
CA ARG A 1046 -35.13 -85.41 -26.75
C ARG A 1046 -34.20 -86.61 -26.61
N VAL A 1047 -33.10 -86.62 -27.37
CA VAL A 1047 -32.08 -87.65 -27.21
C VAL A 1047 -31.41 -87.53 -25.85
N LYS A 1048 -31.13 -86.30 -25.42
CA LYS A 1048 -30.53 -86.09 -24.10
C LYS A 1048 -31.44 -86.58 -22.98
N ILE A 1049 -32.72 -86.20 -23.03
CA ILE A 1049 -33.63 -86.57 -21.95
C ILE A 1049 -33.92 -88.08 -21.97
N LEU A 1050 -34.00 -88.69 -23.16
CA LEU A 1050 -34.20 -90.13 -23.21
C LEU A 1050 -32.95 -90.87 -22.77
N LYS A 1051 -31.78 -90.29 -22.98
CA LYS A 1051 -30.55 -90.89 -22.49
C LYS A 1051 -30.48 -90.86 -20.97
N VAL A 1052 -30.93 -89.75 -20.36
CA VAL A 1052 -31.00 -89.69 -18.89
C VAL A 1052 -31.97 -90.74 -18.36
N SER A 1053 -33.15 -90.85 -18.99
CA SER A 1053 -34.14 -91.84 -18.57
C SER A 1053 -33.61 -93.26 -18.69
N THR A 1054 -32.98 -93.60 -19.81
CA THR A 1054 -32.51 -94.96 -19.99
C THR A 1054 -31.26 -95.26 -19.18
N ASP A 1055 -30.47 -94.22 -18.83
CA ASP A 1055 -29.36 -94.44 -17.92
C ASP A 1055 -29.85 -94.82 -16.54
N PHE A 1056 -30.88 -94.12 -16.03
CA PHE A 1056 -31.42 -94.50 -14.73
C PHE A 1056 -32.11 -95.86 -14.80
N ARG A 1057 -32.79 -96.15 -15.91
CA ARG A 1057 -33.49 -97.42 -16.06
C ARG A 1057 -32.52 -98.59 -16.09
N SER A 1058 -31.40 -98.44 -16.79
CA SER A 1058 -30.36 -99.47 -16.74
C SER A 1058 -29.63 -99.49 -15.41
N SER A 1059 -29.64 -98.37 -14.67
CA SER A 1059 -29.02 -98.36 -13.36
C SER A 1059 -29.78 -99.22 -12.37
N TYR A 1060 -31.10 -99.06 -12.28
CA TYR A 1060 -31.81 -99.85 -11.28
C TYR A 1060 -32.11 -101.27 -11.73
N SER A 1061 -31.87 -101.59 -13.00
CA SER A 1061 -32.14 -102.94 -13.49
C SER A 1061 -30.94 -103.52 -14.23
N SER A 1073 -35.51 -103.71 -30.74
CA SER A 1073 -34.86 -102.41 -30.78
C SER A 1073 -34.75 -101.91 -32.21
N PRO A 1074 -35.34 -100.74 -32.49
CA PRO A 1074 -35.28 -100.19 -33.84
C PRO A 1074 -33.94 -99.58 -34.21
N TYR A 1075 -33.06 -99.35 -33.24
CA TYR A 1075 -31.76 -98.74 -33.49
C TYR A 1075 -30.68 -99.76 -33.81
N ASN A 1076 -31.02 -101.04 -33.87
CA ASN A 1076 -30.08 -102.11 -34.15
C ASN A 1076 -30.49 -102.80 -35.45
N GLY A 1077 -29.84 -103.93 -35.72
CA GLY A 1077 -30.15 -104.73 -36.88
C GLY A 1077 -29.20 -104.59 -38.04
N VAL A 1078 -28.16 -103.77 -37.90
CA VAL A 1078 -27.11 -103.65 -38.90
C VAL A 1078 -25.76 -103.66 -38.18
N LEU A 1079 -24.89 -104.58 -38.56
CA LEU A 1079 -23.56 -104.67 -37.98
C LEU A 1079 -22.53 -104.81 -39.10
N THR A 1080 -21.36 -104.19 -38.89
CA THR A 1080 -20.29 -104.22 -39.86
C THR A 1080 -19.45 -105.47 -39.66
N HIS A 1081 -18.96 -106.04 -40.78
CA HIS A 1081 -18.15 -107.24 -40.75
C HIS A 1081 -16.91 -107.04 -41.62
N TRP A 1082 -15.74 -107.24 -41.03
CA TRP A 1082 -14.49 -107.10 -41.77
C TRP A 1082 -14.32 -108.24 -42.77
N ILE A 1083 -13.72 -107.93 -43.92
CA ILE A 1083 -13.41 -108.96 -44.90
C ILE A 1083 -12.25 -109.78 -44.39
N GLU A 1084 -12.44 -111.09 -44.30
CA GLU A 1084 -11.43 -111.98 -43.75
C GLU A 1084 -10.48 -112.43 -44.87
N ASN A 1085 -9.20 -112.10 -44.73
CA ASN A 1085 -8.17 -112.48 -45.68
C ASN A 1085 -6.98 -113.02 -44.93
N ASN A 1086 -6.34 -114.04 -45.48
CA ASN A 1086 -5.18 -114.68 -44.85
C ASN A 1086 -3.93 -113.90 -45.20
N GLU A 1087 -3.53 -112.99 -44.31
CA GLU A 1087 -2.35 -112.14 -44.51
C GLU A 1087 -1.34 -112.42 -43.42
N PHE A 1088 -0.10 -112.00 -43.66
CA PHE A 1088 1.00 -112.38 -42.77
C PHE A 1088 1.82 -111.20 -42.25
N GLY A 1089 1.87 -110.10 -43.00
CA GLY A 1089 2.80 -109.04 -42.66
C GLY A 1089 2.20 -107.67 -42.43
N GLU A 1090 2.64 -106.69 -43.24
CA GLU A 1090 2.14 -105.33 -43.10
C GLU A 1090 0.68 -105.22 -43.48
N GLU A 1091 0.24 -106.00 -44.48
CA GLU A 1091 -1.10 -105.83 -45.02
C GLU A 1091 -2.18 -106.35 -44.08
N LYS A 1092 -1.83 -107.22 -43.13
CA LYS A 1092 -2.81 -107.61 -42.11
C LYS A 1092 -3.09 -106.45 -41.17
N PHE A 1093 -2.08 -105.65 -40.87
CA PHE A 1093 -2.29 -104.46 -40.06
C PHE A 1093 -2.95 -103.34 -40.87
N LEU A 1094 -2.60 -103.24 -42.15
CA LEU A 1094 -3.11 -102.17 -43.01
C LEU A 1094 -4.45 -102.50 -43.63
N ALA A 1095 -4.98 -103.71 -43.41
CA ALA A 1095 -6.31 -104.02 -43.92
C ALA A 1095 -7.40 -103.28 -43.17
N ARG A 1096 -7.19 -103.01 -41.89
CA ARG A 1096 -8.17 -102.34 -41.05
C ARG A 1096 -7.78 -100.91 -40.75
N ASN A 1097 -7.14 -100.23 -41.69
CA ASN A 1097 -6.66 -98.88 -41.50
C ASN A 1097 -7.41 -97.90 -42.40
N CYS A 1098 -7.46 -96.64 -41.97
CA CYS A 1098 -8.10 -95.59 -42.75
C CYS A 1098 -7.31 -95.35 -44.04
N ASN A 1099 -8.02 -94.90 -45.06
CA ASN A 1099 -7.43 -94.73 -46.38
C ASN A 1099 -7.13 -93.27 -46.70
N TYR A 1100 -7.22 -92.39 -45.71
CA TYR A 1100 -6.80 -90.99 -45.87
C TYR A 1100 -5.68 -90.62 -44.92
N CYS A 1101 -5.80 -90.95 -43.64
CA CYS A 1101 -4.78 -90.64 -42.64
C CYS A 1101 -3.91 -91.84 -42.30
N ASP A 1102 -4.22 -93.03 -42.83
CA ASP A 1102 -3.45 -94.26 -42.64
C ASP A 1102 -3.26 -94.60 -41.16
N LEU A 1103 -4.33 -94.48 -40.39
CA LEU A 1103 -4.36 -94.91 -39.00
C LEU A 1103 -5.46 -95.95 -38.82
N ARG A 1104 -5.43 -96.62 -37.68
CA ARG A 1104 -6.42 -97.64 -37.38
C ARG A 1104 -7.79 -97.02 -37.16
N VAL A 1105 -8.83 -97.66 -37.68
CA VAL A 1105 -10.20 -97.23 -37.53
C VAL A 1105 -10.87 -98.16 -36.54
N THR A 1106 -11.35 -97.59 -35.43
CA THR A 1106 -12.12 -98.36 -34.46
C THR A 1106 -13.40 -97.68 -34.01
N ARG A 1107 -13.57 -96.38 -34.25
CA ARG A 1107 -14.78 -95.67 -33.86
C ARG A 1107 -15.13 -94.64 -34.93
N SER A 1108 -16.43 -94.48 -35.17
CA SER A 1108 -17.00 -93.44 -36.03
C SER A 1108 -16.47 -93.53 -37.46
N SER A 1109 -16.79 -94.64 -38.12
CA SER A 1109 -16.25 -94.94 -39.43
C SER A 1109 -17.15 -94.42 -40.54
N PHE A 1110 -16.73 -94.66 -41.79
CA PHE A 1110 -17.56 -94.45 -42.97
C PHE A 1110 -17.21 -95.54 -43.98
N ILE A 1111 -18.24 -96.22 -44.48
CA ILE A 1111 -18.08 -97.39 -45.34
C ILE A 1111 -18.76 -97.12 -46.67
N CYS A 1112 -18.04 -97.32 -47.76
CA CYS A 1112 -18.61 -97.23 -49.10
C CYS A 1112 -19.01 -98.62 -49.57
N GLY A 1113 -19.92 -98.66 -50.53
CA GLY A 1113 -20.45 -99.94 -50.99
C GLY A 1113 -19.89 -100.45 -52.29
N ASN A 1114 -19.62 -99.54 -53.24
CA ASN A 1114 -19.03 -99.95 -54.51
C ASN A 1114 -17.60 -100.46 -54.30
N CYS A 1115 -16.78 -99.69 -53.60
CA CYS A 1115 -15.50 -100.16 -53.09
C CYS A 1115 -15.61 -100.25 -51.58
N GLN A 1116 -15.02 -101.28 -51.01
CA GLN A 1116 -15.19 -101.55 -49.59
C GLN A 1116 -14.00 -101.02 -48.81
N HIS A 1117 -13.96 -99.69 -48.70
CA HIS A 1117 -12.86 -98.97 -48.07
C HIS A 1117 -13.40 -98.10 -46.95
N VAL A 1118 -12.69 -98.09 -45.82
CA VAL A 1118 -13.14 -97.37 -44.64
C VAL A 1118 -12.59 -95.94 -44.69
N LEU A 1119 -13.18 -95.08 -43.85
CA LEU A 1119 -12.69 -93.74 -43.61
C LEU A 1119 -13.12 -93.31 -42.22
N HIS A 1120 -12.39 -92.38 -41.64
CA HIS A 1120 -12.80 -91.78 -40.37
C HIS A 1120 -13.88 -90.74 -40.63
N SER A 1121 -14.54 -90.30 -39.55
CA SER A 1121 -15.55 -89.25 -39.69
C SER A 1121 -14.90 -87.92 -40.03
N SER A 1122 -13.85 -87.54 -39.28
CA SER A 1122 -13.14 -86.31 -39.58
C SER A 1122 -12.39 -86.40 -40.90
N CYS A 1123 -11.84 -87.57 -41.20
CA CYS A 1123 -11.14 -87.77 -42.47
C CYS A 1123 -12.08 -87.62 -43.65
N ALA A 1124 -13.28 -88.19 -43.56
CA ALA A 1124 -14.25 -88.03 -44.64
C ALA A 1124 -14.73 -86.60 -44.76
N ARG A 1125 -15.05 -85.96 -43.63
CA ARG A 1125 -15.54 -84.59 -43.68
C ARG A 1125 -14.45 -83.60 -44.09
N ILE A 1126 -13.19 -83.99 -44.03
CA ILE A 1126 -12.11 -83.18 -44.58
C ILE A 1126 -11.89 -83.48 -46.06
N TRP A 1127 -11.92 -84.76 -46.43
CA TRP A 1127 -11.53 -85.16 -47.78
C TRP A 1127 -12.60 -84.86 -48.82
N TRP A 1128 -13.89 -84.95 -48.46
CA TRP A 1128 -14.89 -84.77 -49.49
C TRP A 1128 -15.15 -83.32 -49.85
N GLU A 1129 -14.58 -82.38 -49.11
CA GLU A 1129 -14.61 -80.99 -49.53
C GLU A 1129 -13.60 -80.69 -50.63
N ILE A 1130 -12.54 -81.50 -50.73
CA ILE A 1130 -11.48 -81.27 -51.71
C ILE A 1130 -11.21 -82.54 -52.50
N GLY A 1131 -12.24 -83.36 -52.69
CA GLY A 1131 -12.05 -84.66 -53.31
C GLY A 1131 -13.22 -85.03 -54.20
N ASP A 1132 -12.95 -85.98 -55.10
CA ASP A 1132 -14.01 -86.52 -55.95
C ASP A 1132 -13.98 -88.04 -56.00
N GLU A 1133 -12.80 -88.64 -55.83
CA GLU A 1133 -12.64 -90.08 -55.93
C GLU A 1133 -12.29 -90.67 -54.57
N CYS A 1134 -12.10 -91.99 -54.56
CA CYS A 1134 -11.66 -92.66 -53.34
C CYS A 1134 -10.20 -92.31 -53.05
N PRO A 1135 -9.86 -92.01 -51.80
CA PRO A 1135 -8.47 -91.66 -51.48
C PRO A 1135 -7.49 -92.81 -51.64
N SER A 1136 -7.96 -94.05 -51.68
CA SER A 1136 -7.08 -95.18 -51.97
C SER A 1136 -6.78 -95.31 -53.46
N GLY A 1137 -7.47 -94.54 -54.30
CA GLY A 1137 -7.23 -94.57 -55.73
C GLY A 1137 -7.64 -95.86 -56.43
N CYS A 1138 -8.82 -96.37 -56.10
CA CYS A 1138 -9.36 -97.53 -56.79
C CYS A 1138 -10.32 -97.16 -57.91
N GLY A 1139 -10.52 -95.87 -58.17
CA GLY A 1139 -11.33 -95.45 -59.29
C GLY A 1139 -12.82 -95.41 -59.03
N CYS A 1140 -13.25 -95.38 -57.77
CA CYS A 1140 -14.66 -95.34 -57.43
C CYS A 1140 -15.05 -93.94 -57.01
N ASN A 1141 -16.06 -93.38 -57.68
CA ASN A 1141 -16.63 -92.09 -57.28
C ASN A 1141 -17.54 -92.33 -56.08
N CYS A 1142 -16.93 -92.32 -54.90
CA CYS A 1142 -17.67 -92.63 -53.67
C CYS A 1142 -18.79 -91.65 -53.31
N PRO A 1143 -18.77 -90.35 -53.64
CA PRO A 1143 -19.98 -89.54 -53.41
C PRO A 1143 -21.22 -90.02 -54.16
N GLU A 1144 -21.04 -90.67 -55.31
CA GLU A 1144 -22.18 -91.14 -56.08
C GLU A 1144 -22.35 -92.65 -56.06
N MET A 1145 -21.49 -93.39 -55.34
CA MET A 1145 -21.58 -94.84 -55.43
C MET A 1145 -21.41 -95.56 -54.09
N PHE A 1146 -21.63 -94.89 -52.96
CA PHE A 1146 -21.55 -95.61 -51.69
C PHE A 1146 -22.78 -96.45 -51.40
N ASP A 1147 -23.83 -96.31 -52.19
CA ASP A 1147 -25.06 -97.07 -52.00
C ASP A 1147 -24.89 -98.52 -52.46
N VAL B 2 -52.35 -65.84 -40.17
CA VAL B 2 -52.56 -66.62 -41.38
C VAL B 2 -54.04 -66.61 -41.77
N VAL B 3 -54.39 -65.82 -42.77
CA VAL B 3 -55.74 -65.70 -43.27
C VAL B 3 -55.77 -66.24 -44.69
N ILE B 4 -56.51 -67.32 -44.89
CA ILE B 4 -56.66 -67.96 -46.20
C ILE B 4 -58.11 -67.80 -46.62
N ALA B 5 -58.36 -66.98 -47.64
CA ALA B 5 -59.70 -66.70 -48.12
C ALA B 5 -59.93 -67.39 -49.46
N ASN B 6 -61.11 -68.03 -49.59
CA ASN B 6 -61.54 -68.72 -50.80
C ASN B 6 -60.56 -69.81 -51.24
N ALA B 7 -60.20 -70.68 -50.29
CA ALA B 7 -59.29 -71.77 -50.61
C ALA B 7 -59.97 -72.82 -51.49
N HIS B 8 -61.27 -73.03 -51.29
CA HIS B 8 -62.06 -73.96 -52.07
C HIS B 8 -63.30 -73.26 -52.58
N ASN B 9 -63.83 -73.74 -53.70
CA ASN B 9 -65.04 -73.16 -54.27
C ASN B 9 -66.32 -73.64 -53.60
N GLU B 10 -66.23 -74.65 -52.75
CA GLU B 10 -67.42 -75.19 -52.07
C GLU B 10 -67.11 -75.26 -50.58
N LEU B 11 -67.95 -75.95 -49.81
CA LEU B 11 -67.76 -76.04 -48.36
C LEU B 11 -66.53 -76.87 -48.05
N ILE B 12 -65.68 -76.33 -47.17
CA ILE B 12 -64.47 -77.00 -46.70
C ILE B 12 -64.82 -77.88 -45.51
N HIS B 13 -64.22 -79.07 -45.45
CA HIS B 13 -64.59 -80.08 -44.46
C HIS B 13 -63.54 -80.33 -43.40
N ASP B 14 -62.26 -80.38 -43.75
CA ASP B 14 -61.22 -80.69 -42.77
C ASP B 14 -59.90 -80.08 -43.20
N ALA B 15 -59.24 -79.39 -42.27
CA ALA B 15 -57.90 -78.84 -42.49
C ALA B 15 -57.01 -79.30 -41.33
N VAL B 16 -56.02 -80.13 -41.63
CA VAL B 16 -55.18 -80.75 -40.63
C VAL B 16 -53.74 -80.31 -40.88
N LEU B 17 -53.10 -79.80 -39.83
CA LEU B 17 -51.69 -79.43 -39.91
C LEU B 17 -50.81 -80.68 -39.89
N ASP B 18 -49.56 -80.50 -40.29
CA ASP B 18 -48.61 -81.60 -40.33
C ASP B 18 -48.01 -81.83 -38.93
N TYR B 19 -46.97 -82.65 -38.87
CA TYR B 19 -46.34 -82.95 -37.57
C TYR B 19 -45.56 -81.76 -37.05
N TYR B 20 -44.90 -81.01 -37.93
CA TYR B 20 -44.13 -79.85 -37.53
C TYR B 20 -44.90 -78.55 -37.59
N GLY B 21 -46.17 -78.59 -37.99
CA GLY B 21 -46.96 -77.38 -38.09
C GLY B 21 -46.48 -76.43 -39.16
N LYS B 22 -45.96 -76.95 -40.26
CA LYS B 22 -45.48 -76.14 -41.37
C LYS B 22 -46.30 -76.31 -42.65
N ARG B 23 -47.08 -77.38 -42.77
CA ARG B 23 -47.89 -77.62 -43.95
C ARG B 23 -49.33 -77.88 -43.54
N LEU B 24 -50.27 -77.29 -44.28
CA LEU B 24 -51.69 -77.42 -44.01
C LEU B 24 -52.35 -78.14 -45.17
N ALA B 25 -53.13 -79.18 -44.86
CA ALA B 25 -53.82 -79.98 -45.86
C ALA B 25 -55.32 -79.80 -45.67
N THR B 26 -55.94 -79.07 -46.58
CA THR B 26 -57.37 -78.77 -46.53
C THR B 26 -58.10 -79.60 -47.57
N CYS B 27 -59.05 -80.40 -47.12
CA CYS B 27 -59.88 -81.21 -48.00
C CYS B 27 -61.32 -80.73 -47.91
N SER B 28 -62.06 -80.91 -49.00
CA SER B 28 -63.40 -80.36 -49.10
C SER B 28 -64.28 -81.31 -49.91
N SER B 29 -65.49 -80.85 -50.23
CA SER B 29 -66.45 -81.60 -51.03
C SER B 29 -66.19 -81.48 -52.52
N ASP B 30 -65.21 -80.67 -52.93
CA ASP B 30 -64.89 -80.45 -54.33
C ASP B 30 -64.04 -81.56 -54.92
N LYS B 31 -63.87 -82.69 -54.22
CA LYS B 31 -62.95 -83.78 -54.57
C LYS B 31 -61.52 -83.28 -54.74
N THR B 32 -61.16 -82.22 -54.01
CA THR B 32 -59.85 -81.59 -54.11
C THR B 32 -59.23 -81.48 -52.73
N ILE B 33 -57.95 -81.82 -52.63
CA ILE B 33 -57.18 -81.60 -51.41
C ILE B 33 -56.02 -80.69 -51.79
N LYS B 34 -55.95 -79.52 -51.16
CA LYS B 34 -54.94 -78.52 -51.45
C LYS B 34 -53.93 -78.47 -50.31
N ILE B 35 -52.65 -78.52 -50.65
CA ILE B 35 -51.57 -78.48 -49.67
C ILE B 35 -50.95 -77.10 -49.71
N PHE B 36 -50.75 -76.49 -48.54
CA PHE B 36 -50.15 -75.18 -48.44
C PHE B 36 -48.95 -75.24 -47.51
N GLU B 37 -47.89 -74.52 -47.86
CA GLU B 37 -46.77 -74.31 -46.95
C GLU B 37 -47.11 -73.11 -46.08
N VAL B 38 -47.43 -73.37 -44.82
CA VAL B 38 -47.94 -72.32 -43.94
C VAL B 38 -46.83 -71.92 -42.96
N GLU B 39 -45.59 -72.07 -43.38
CA GLU B 39 -44.45 -71.64 -42.57
C GLU B 39 -44.45 -70.12 -42.45
N GLY B 40 -44.27 -69.63 -41.23
CA GLY B 40 -44.38 -68.21 -40.96
C GLY B 40 -45.79 -67.73 -41.16
N GLU B 41 -45.96 -66.70 -42.00
CA GLU B 41 -47.28 -66.19 -42.33
C GLU B 41 -47.71 -66.49 -43.75
N THR B 42 -46.76 -66.76 -44.65
CA THR B 42 -47.10 -67.09 -46.04
C THR B 42 -47.75 -68.46 -46.12
N HIS B 43 -48.77 -68.58 -46.96
CA HIS B 43 -49.51 -69.83 -47.15
C HIS B 43 -49.58 -70.19 -48.63
N LYS B 44 -48.43 -70.18 -49.29
CA LYS B 44 -48.35 -70.46 -50.71
C LYS B 44 -48.70 -71.92 -51.00
N LEU B 45 -49.56 -72.13 -51.99
CA LEU B 45 -49.97 -73.48 -52.37
C LEU B 45 -48.83 -74.23 -53.04
N ILE B 46 -48.89 -75.55 -52.94
CA ILE B 46 -47.93 -76.44 -53.59
C ILE B 46 -48.60 -77.29 -54.67
N ASP B 47 -49.62 -78.06 -54.30
CA ASP B 47 -50.28 -78.95 -55.24
C ASP B 47 -51.79 -78.85 -55.05
N THR B 48 -52.51 -79.27 -56.09
CA THR B 48 -53.96 -79.23 -56.16
C THR B 48 -54.46 -80.64 -56.50
N LEU B 49 -53.99 -81.60 -55.70
CA LEU B 49 -54.18 -83.02 -55.98
C LEU B 49 -55.65 -83.42 -56.04
N THR B 50 -56.01 -84.12 -57.11
CA THR B 50 -57.39 -84.56 -57.37
C THR B 50 -57.36 -86.05 -57.68
N GLY B 51 -57.80 -86.87 -56.73
CA GLY B 51 -57.83 -88.30 -56.97
C GLY B 51 -59.11 -88.97 -56.53
N HIS B 52 -59.97 -88.23 -55.83
CA HIS B 52 -61.17 -88.79 -55.23
C HIS B 52 -62.38 -88.57 -56.13
N GLU B 53 -63.26 -89.56 -56.16
CA GLU B 53 -64.50 -89.48 -56.92
C GLU B 53 -65.64 -88.83 -56.15
N GLY B 54 -65.47 -88.59 -54.86
CA GLY B 54 -66.52 -88.01 -54.05
C GLY B 54 -65.98 -87.00 -53.05
N PRO B 55 -66.87 -86.50 -52.19
CA PRO B 55 -66.43 -85.55 -51.16
C PRO B 55 -65.49 -86.20 -50.16
N VAL B 56 -64.48 -85.44 -49.75
CA VAL B 56 -63.41 -85.94 -48.89
C VAL B 56 -63.70 -85.49 -47.46
N TRP B 57 -63.70 -86.45 -46.53
CA TRP B 57 -64.14 -86.20 -45.17
C TRP B 57 -63.00 -85.88 -44.22
N ARG B 58 -62.02 -86.77 -44.10
CA ARG B 58 -60.96 -86.62 -43.11
C ARG B 58 -59.61 -86.85 -43.76
N VAL B 59 -58.61 -86.12 -43.27
CA VAL B 59 -57.22 -86.31 -43.65
C VAL B 59 -56.38 -86.38 -42.38
N ASP B 60 -55.20 -86.97 -42.51
CA ASP B 60 -54.28 -87.11 -41.38
C ASP B 60 -52.86 -87.28 -41.90
N TRP B 61 -51.93 -86.52 -41.35
CA TRP B 61 -50.54 -86.64 -41.75
C TRP B 61 -49.88 -87.80 -41.03
N ALA B 62 -49.07 -88.56 -41.75
CA ALA B 62 -48.29 -89.61 -41.13
C ALA B 62 -47.04 -89.01 -40.48
N HIS B 63 -46.40 -89.80 -39.63
CA HIS B 63 -45.21 -89.35 -38.94
C HIS B 63 -44.05 -89.18 -39.91
N PRO B 64 -43.21 -88.16 -39.74
CA PRO B 64 -42.05 -87.99 -40.62
C PRO B 64 -41.00 -89.07 -40.46
N LYS B 65 -41.06 -89.85 -39.38
CA LYS B 65 -40.24 -91.06 -39.27
C LYS B 65 -40.58 -92.04 -40.39
N PHE B 66 -41.87 -92.12 -40.76
CA PHE B 66 -42.33 -92.92 -41.88
C PHE B 66 -42.31 -92.16 -43.20
N GLY B 67 -41.82 -90.93 -43.22
CA GLY B 67 -41.78 -90.15 -44.43
C GLY B 67 -42.98 -89.24 -44.58
N THR B 68 -43.02 -88.55 -45.71
CA THR B 68 -44.08 -87.58 -45.99
C THR B 68 -45.26 -88.31 -46.65
N ILE B 69 -46.11 -88.88 -45.80
CA ILE B 69 -47.29 -89.61 -46.23
C ILE B 69 -48.52 -88.93 -45.64
N LEU B 70 -49.58 -88.82 -46.44
CA LEU B 70 -50.85 -88.24 -45.99
C LEU B 70 -51.98 -89.19 -46.34
N ALA B 71 -52.89 -89.40 -45.40
CA ALA B 71 -54.05 -90.26 -45.62
C ALA B 71 -55.26 -89.43 -46.02
N SER B 72 -56.19 -90.08 -46.72
CA SER B 72 -57.40 -89.40 -47.19
C SER B 72 -58.48 -90.43 -47.44
N CYS B 73 -59.64 -90.26 -46.81
CA CYS B 73 -60.80 -91.10 -47.03
C CYS B 73 -61.92 -90.23 -47.60
N SER B 74 -62.80 -90.84 -48.39
CA SER B 74 -63.84 -90.10 -49.08
C SER B 74 -65.14 -90.89 -49.03
N TYR B 75 -66.14 -90.40 -49.76
CA TYR B 75 -67.47 -90.99 -49.77
C TYR B 75 -67.53 -92.33 -50.50
N ASP B 76 -66.59 -92.58 -51.41
CA ASP B 76 -66.65 -93.75 -52.27
C ASP B 76 -66.36 -95.07 -51.55
N GLY B 77 -65.89 -95.02 -50.31
CA GLY B 77 -65.54 -96.23 -49.59
C GLY B 77 -64.14 -96.72 -49.79
N LYS B 78 -63.33 -96.03 -50.60
CA LYS B 78 -61.95 -96.41 -50.88
C LYS B 78 -61.01 -95.43 -50.19
N VAL B 79 -60.01 -95.97 -49.50
CA VAL B 79 -59.03 -95.15 -48.80
C VAL B 79 -57.85 -94.92 -49.74
N LEU B 80 -57.56 -93.64 -50.01
CA LEU B 80 -56.45 -93.27 -50.88
C LEU B 80 -55.30 -92.70 -50.05
N ILE B 81 -54.09 -93.12 -50.38
CA ILE B 81 -52.89 -92.83 -49.60
C ILE B 81 -51.90 -92.16 -50.53
N TRP B 82 -51.36 -91.02 -50.11
CA TRP B 82 -50.51 -90.21 -50.96
C TRP B 82 -49.13 -90.05 -50.33
N LYS B 83 -48.10 -90.12 -51.17
CA LYS B 83 -46.72 -89.91 -50.75
C LYS B 83 -46.11 -88.83 -51.62
N GLU B 84 -45.47 -87.84 -50.98
CA GLU B 84 -44.85 -86.74 -51.69
C GLU B 84 -43.39 -87.07 -51.96
N GLU B 85 -43.05 -87.27 -53.23
CA GLU B 85 -41.69 -87.57 -53.64
C GLU B 85 -41.20 -86.47 -54.57
N ASN B 86 -40.07 -85.84 -54.20
CA ASN B 86 -39.41 -84.81 -55.01
C ASN B 86 -40.34 -83.63 -55.32
N GLY B 87 -41.21 -83.31 -54.37
CA GLY B 87 -42.19 -82.25 -54.56
C GLY B 87 -43.39 -82.63 -55.41
N ARG B 88 -43.53 -83.91 -55.77
CA ARG B 88 -44.63 -84.38 -56.61
C ARG B 88 -45.53 -85.28 -55.77
N TRP B 89 -46.74 -84.81 -55.49
CA TRP B 89 -47.70 -85.63 -54.77
C TRP B 89 -48.25 -86.73 -55.67
N SER B 90 -48.25 -87.96 -55.17
CA SER B 90 -48.59 -89.11 -55.99
C SER B 90 -49.28 -90.17 -55.13
N GLN B 91 -50.22 -90.87 -55.76
CA GLN B 91 -50.91 -91.97 -55.09
C GLN B 91 -50.00 -93.19 -54.99
N ILE B 92 -50.18 -93.96 -53.90
CA ILE B 92 -49.39 -95.16 -53.70
C ILE B 92 -50.29 -96.38 -53.58
N ALA B 93 -51.22 -96.36 -52.64
CA ALA B 93 -52.02 -97.54 -52.33
C ALA B 93 -53.49 -97.17 -52.22
N VAL B 94 -54.35 -98.16 -52.49
CA VAL B 94 -55.79 -98.03 -52.38
C VAL B 94 -56.29 -99.10 -51.41
N HIS B 95 -57.13 -98.68 -50.46
CA HIS B 95 -57.73 -99.58 -49.48
C HIS B 95 -59.24 -99.46 -49.60
N ALA B 96 -59.88 -100.45 -50.23
CA ALA B 96 -61.32 -100.44 -50.46
C ALA B 96 -61.89 -101.79 -50.04
N VAL B 97 -62.25 -101.91 -48.77
CA VAL B 97 -62.87 -103.12 -48.24
C VAL B 97 -64.31 -102.86 -47.80
N HIS B 98 -64.56 -101.71 -47.17
CA HIS B 98 -65.90 -101.40 -46.70
C HIS B 98 -66.82 -101.07 -47.87
N SER B 99 -68.08 -101.46 -47.74
CA SER B 99 -69.04 -101.27 -48.81
C SER B 99 -69.68 -99.89 -48.78
N ALA B 100 -69.87 -99.32 -47.60
CA ALA B 100 -70.51 -98.03 -47.47
C ALA B 100 -69.45 -96.92 -47.47
N SER B 101 -69.88 -95.69 -47.21
CA SER B 101 -68.97 -94.57 -47.16
C SER B 101 -68.06 -94.64 -45.93
N VAL B 102 -66.82 -94.19 -46.10
CA VAL B 102 -65.84 -94.15 -45.03
C VAL B 102 -65.77 -92.72 -44.51
N ASN B 103 -65.99 -92.54 -43.21
CA ASN B 103 -66.10 -91.23 -42.61
C ASN B 103 -64.80 -90.74 -41.98
N SER B 104 -64.16 -91.55 -41.15
CA SER B 104 -63.01 -91.10 -40.36
C SER B 104 -61.79 -91.95 -40.66
N VAL B 105 -60.65 -91.28 -40.77
CA VAL B 105 -59.35 -91.92 -40.98
C VAL B 105 -58.32 -91.20 -40.13
N GLN B 106 -57.44 -91.97 -39.48
CA GLN B 106 -56.44 -91.39 -38.60
C GLN B 106 -55.23 -92.30 -38.49
N TRP B 107 -54.04 -91.72 -38.63
CA TRP B 107 -52.82 -92.48 -38.47
C TRP B 107 -52.59 -92.80 -36.99
N ALA B 108 -52.01 -93.97 -36.74
CA ALA B 108 -51.58 -94.29 -35.40
C ALA B 108 -50.33 -93.50 -35.04
N PRO B 109 -50.07 -93.28 -33.76
CA PRO B 109 -48.79 -92.72 -33.35
C PRO B 109 -47.63 -93.65 -33.70
N HIS B 110 -46.44 -93.06 -33.86
CA HIS B 110 -45.32 -93.73 -34.51
C HIS B 110 -44.80 -94.94 -33.74
N GLU B 111 -45.16 -95.09 -32.46
CA GLU B 111 -44.75 -96.27 -31.72
C GLU B 111 -45.48 -97.51 -32.19
N TYR B 112 -46.66 -97.37 -32.78
CA TYR B 112 -47.46 -98.50 -33.22
C TYR B 112 -47.06 -98.98 -34.61
N GLY B 113 -46.22 -98.24 -35.32
CA GLY B 113 -45.89 -98.55 -36.69
C GLY B 113 -46.70 -97.70 -37.64
N PRO B 114 -46.63 -98.00 -38.93
CA PRO B 114 -47.40 -97.24 -39.93
C PRO B 114 -48.82 -97.78 -40.08
N LEU B 115 -49.56 -97.80 -38.98
CA LEU B 115 -50.92 -98.30 -38.97
C LEU B 115 -51.90 -97.18 -39.28
N LEU B 116 -52.89 -97.50 -40.11
CA LEU B 116 -53.94 -96.55 -40.46
C LEU B 116 -55.27 -97.09 -39.95
N LEU B 117 -56.04 -96.22 -39.31
CA LEU B 117 -57.32 -96.58 -38.73
C LEU B 117 -58.43 -96.17 -39.67
N VAL B 118 -59.25 -97.13 -40.09
CA VAL B 118 -60.34 -96.88 -41.02
C VAL B 118 -61.65 -97.23 -40.35
N ALA B 119 -62.54 -96.24 -40.25
CA ALA B 119 -63.88 -96.43 -39.72
C ALA B 119 -64.87 -95.93 -40.76
N SER B 120 -65.80 -96.80 -41.15
CA SER B 120 -66.76 -96.50 -42.20
C SER B 120 -68.17 -96.45 -41.63
N SER B 121 -69.13 -96.17 -42.51
CA SER B 121 -70.54 -96.08 -42.14
C SER B 121 -71.28 -97.40 -42.32
N ASP B 122 -70.57 -98.52 -42.42
CA ASP B 122 -71.18 -99.83 -42.49
C ASP B 122 -71.24 -100.52 -41.13
N GLY B 123 -70.92 -99.81 -40.06
CA GLY B 123 -70.88 -100.42 -38.74
C GLY B 123 -69.68 -101.31 -38.52
N LYS B 124 -68.64 -101.18 -39.35
CA LYS B 124 -67.45 -102.01 -39.25
C LYS B 124 -66.21 -101.12 -39.28
N VAL B 125 -65.16 -101.58 -38.61
CA VAL B 125 -63.88 -100.89 -38.60
C VAL B 125 -62.79 -101.86 -39.03
N SER B 126 -61.74 -101.31 -39.65
CA SER B 126 -60.64 -102.10 -40.17
C SER B 126 -59.32 -101.44 -39.79
N VAL B 127 -58.33 -102.27 -39.49
CA VAL B 127 -56.98 -101.82 -39.16
C VAL B 127 -56.02 -102.36 -40.21
N VAL B 128 -55.26 -101.45 -40.82
CA VAL B 128 -54.39 -101.79 -41.94
C VAL B 128 -52.97 -101.34 -41.65
N GLU B 129 -52.01 -102.08 -42.21
CA GLU B 129 -50.59 -101.74 -42.11
C GLU B 129 -50.09 -101.44 -43.52
N PHE B 130 -49.62 -100.21 -43.74
CA PHE B 130 -49.21 -99.78 -45.07
C PHE B 130 -47.68 -99.72 -45.14
N LYS B 131 -47.07 -100.86 -45.41
CA LYS B 131 -45.63 -100.96 -45.60
C LYS B 131 -45.30 -101.01 -47.09
N GLU B 132 -44.00 -101.00 -47.38
CA GLU B 132 -43.43 -101.07 -48.74
C GLU B 132 -43.99 -100.01 -49.68
N SER B 137 -52.77 -108.10 -44.60
CA SER B 137 -53.89 -108.80 -43.97
C SER B 137 -54.56 -107.92 -42.93
N PRO B 138 -55.54 -107.12 -43.34
CA PRO B 138 -56.24 -106.26 -42.39
C PRO B 138 -57.16 -107.05 -41.48
N ILE B 139 -57.44 -106.46 -40.32
CA ILE B 139 -58.31 -107.03 -39.31
C ILE B 139 -59.63 -106.29 -39.36
N ILE B 140 -60.72 -107.01 -39.58
CA ILE B 140 -62.06 -106.43 -39.72
C ILE B 140 -62.85 -106.70 -38.44
N ILE B 141 -63.36 -105.62 -37.85
CA ILE B 141 -64.11 -105.68 -36.59
C ILE B 141 -65.45 -104.98 -36.80
N ASP B 142 -66.53 -105.64 -36.39
CA ASP B 142 -67.87 -105.03 -36.43
C ASP B 142 -68.02 -104.14 -35.21
N ALA B 143 -67.85 -102.83 -35.41
CA ALA B 143 -67.82 -101.90 -34.29
C ALA B 143 -69.22 -101.63 -33.73
N HIS B 144 -70.11 -101.10 -34.55
CA HIS B 144 -71.44 -100.69 -34.10
C HIS B 144 -72.51 -101.22 -35.04
N ALA B 145 -73.76 -101.01 -34.65
CA ALA B 145 -74.89 -101.56 -35.38
C ALA B 145 -75.28 -100.69 -36.57
N ILE B 146 -75.70 -99.45 -36.31
CA ILE B 146 -76.27 -98.63 -37.36
C ILE B 146 -75.24 -97.75 -38.08
N GLY B 147 -74.12 -97.44 -37.42
CA GLY B 147 -73.10 -96.63 -38.06
C GLY B 147 -71.99 -96.19 -37.13
N VAL B 148 -70.85 -95.80 -37.70
CA VAL B 148 -69.71 -95.31 -36.94
C VAL B 148 -69.24 -94.01 -37.58
N ASN B 149 -69.15 -92.95 -36.78
CA ASN B 149 -68.80 -91.64 -37.30
C ASN B 149 -67.36 -91.22 -37.01
N SER B 150 -66.71 -91.82 -36.01
CA SER B 150 -65.36 -91.43 -35.65
C SER B 150 -64.64 -92.59 -34.99
N ALA B 151 -63.31 -92.54 -35.05
CA ALA B 151 -62.45 -93.52 -34.39
C ALA B 151 -61.11 -92.84 -34.12
N SER B 152 -60.58 -93.02 -32.91
CA SER B 152 -59.40 -92.29 -32.50
C SER B 152 -58.47 -93.21 -31.73
N TRP B 153 -57.19 -92.82 -31.69
CA TRP B 153 -56.12 -93.61 -31.12
C TRP B 153 -55.78 -93.13 -29.71
N ALA B 154 -55.37 -94.06 -28.87
CA ALA B 154 -54.83 -93.67 -27.58
C ALA B 154 -53.34 -93.38 -27.70
N PRO B 155 -52.87 -92.30 -27.09
CA PRO B 155 -51.44 -91.98 -27.19
C PRO B 155 -50.59 -92.99 -26.44
N ALA B 156 -49.37 -93.17 -26.93
CA ALA B 156 -48.44 -94.14 -26.35
C ALA B 156 -47.63 -93.44 -25.26
N THR B 157 -47.86 -93.82 -24.01
CA THR B 157 -47.14 -93.22 -22.90
C THR B 157 -45.77 -93.85 -22.70
N ILE B 158 -45.60 -95.12 -23.06
CA ILE B 158 -44.37 -95.86 -22.82
C ILE B 158 -43.76 -96.25 -24.15
N GLU B 159 -42.54 -96.76 -24.09
CA GLU B 159 -41.78 -97.13 -25.28
C GLU B 159 -42.36 -98.37 -25.94
N SER B 170 -51.22 -103.42 -25.37
CA SER B 170 -51.74 -102.25 -24.68
C SER B 170 -52.22 -101.22 -25.68
N ARG B 171 -52.25 -101.60 -26.95
CA ARG B 171 -52.66 -100.70 -28.03
C ARG B 171 -54.18 -100.52 -27.96
N LYS B 172 -54.62 -99.34 -27.54
CA LYS B 172 -56.03 -99.03 -27.35
C LYS B 172 -56.49 -98.00 -28.36
N PHE B 173 -57.71 -98.15 -28.84
CA PHE B 173 -58.30 -97.16 -29.71
C PHE B 173 -59.80 -97.08 -29.43
N VAL B 174 -60.33 -95.86 -29.48
CA VAL B 174 -61.72 -95.58 -29.15
C VAL B 174 -62.51 -95.43 -30.43
N THR B 175 -63.76 -95.92 -30.43
CA THR B 175 -64.64 -95.89 -31.59
C THR B 175 -65.87 -95.06 -31.26
N GLY B 176 -66.17 -94.09 -32.12
CA GLY B 176 -67.37 -93.29 -31.96
C GLY B 176 -68.47 -93.72 -32.92
N GLY B 177 -69.47 -94.45 -32.40
CA GLY B 177 -70.52 -95.00 -33.24
C GLY B 177 -71.80 -94.17 -33.19
N ALA B 178 -72.71 -94.52 -34.10
CA ALA B 178 -74.03 -93.90 -34.18
C ALA B 178 -75.09 -94.66 -33.39
N ASP B 179 -74.68 -95.62 -32.57
CA ASP B 179 -75.60 -96.40 -31.75
C ASP B 179 -75.78 -95.80 -30.35
N ASN B 180 -75.63 -94.47 -30.23
CA ASN B 180 -75.70 -93.73 -28.96
C ASN B 180 -74.69 -94.25 -27.94
N LEU B 181 -73.54 -94.72 -28.40
CA LEU B 181 -72.57 -95.36 -27.54
C LEU B 181 -71.17 -94.83 -27.83
N VAL B 182 -70.35 -94.81 -26.79
CA VAL B 182 -68.92 -94.57 -26.90
C VAL B 182 -68.23 -95.84 -26.42
N LYS B 183 -67.55 -96.54 -27.32
CA LYS B 183 -66.97 -97.83 -27.04
C LYS B 183 -65.45 -97.73 -26.95
N ILE B 184 -64.86 -98.50 -26.03
CA ILE B 184 -63.41 -98.55 -25.84
C ILE B 184 -62.93 -99.92 -26.29
N TRP B 185 -61.88 -99.94 -27.10
CA TRP B 185 -61.34 -101.17 -27.65
C TRP B 185 -59.87 -101.32 -27.30
N LYS B 186 -59.47 -102.55 -26.99
CA LYS B 186 -58.13 -102.89 -26.56
C LYS B 186 -57.64 -104.09 -27.35
N TYR B 187 -56.33 -104.12 -27.61
CA TYR B 187 -55.72 -105.25 -28.30
C TYR B 187 -55.68 -106.46 -27.40
N ASN B 188 -55.98 -107.62 -27.97
CA ASN B 188 -55.87 -108.89 -27.27
C ASN B 188 -55.00 -109.83 -28.10
N SER B 189 -53.97 -110.38 -27.48
CA SER B 189 -53.08 -111.31 -28.16
C SER B 189 -53.65 -112.72 -28.25
N ASP B 190 -54.72 -113.01 -27.50
CA ASP B 190 -55.32 -114.34 -27.55
C ASP B 190 -56.03 -114.56 -28.87
N ALA B 191 -56.82 -113.57 -29.31
CA ALA B 191 -57.58 -113.66 -30.55
C ALA B 191 -56.96 -112.86 -31.68
N GLN B 192 -55.89 -112.10 -31.41
CA GLN B 192 -55.19 -111.26 -32.39
C GLN B 192 -56.12 -110.26 -33.05
N THR B 193 -57.11 -109.77 -32.31
CA THR B 193 -58.05 -108.78 -32.79
C THR B 193 -58.26 -107.73 -31.71
N TYR B 194 -58.63 -106.52 -32.14
CA TYR B 194 -58.94 -105.44 -31.21
C TYR B 194 -60.30 -105.70 -30.60
N VAL B 195 -60.33 -106.16 -29.35
CA VAL B 195 -61.56 -106.60 -28.71
C VAL B 195 -62.16 -105.46 -27.90
N LEU B 196 -63.44 -105.60 -27.57
CA LEU B 196 -64.15 -104.58 -26.81
C LEU B 196 -63.73 -104.64 -25.35
N GLU B 197 -63.44 -103.48 -24.77
CA GLU B 197 -63.04 -103.38 -23.37
C GLU B 197 -64.07 -102.69 -22.49
N SER B 198 -64.65 -101.59 -22.96
CA SER B 198 -65.65 -100.87 -22.17
C SER B 198 -66.60 -100.16 -23.10
N THR B 199 -67.80 -99.89 -22.60
CA THR B 199 -68.84 -99.17 -23.33
C THR B 199 -69.37 -98.04 -22.46
N LEU B 200 -69.55 -96.87 -23.07
CA LEU B 200 -70.03 -95.68 -22.37
C LEU B 200 -71.23 -95.13 -23.10
N GLU B 201 -72.30 -94.81 -22.35
CA GLU B 201 -73.50 -94.19 -22.90
C GLU B 201 -73.72 -92.82 -22.26
N GLY B 202 -73.64 -91.78 -23.08
CA GLY B 202 -73.83 -90.44 -22.58
C GLY B 202 -74.49 -89.50 -23.56
N HIS B 203 -74.97 -90.03 -24.67
CA HIS B 203 -75.54 -89.21 -25.73
C HIS B 203 -76.90 -89.75 -26.15
N SER B 204 -77.78 -88.84 -26.52
CA SER B 204 -79.10 -89.19 -27.03
C SER B 204 -79.16 -89.22 -28.55
N ASP B 205 -78.04 -89.00 -29.24
CA ASP B 205 -78.03 -88.95 -30.69
C ASP B 205 -76.72 -89.56 -31.17
N TRP B 206 -76.45 -89.45 -32.47
CA TRP B 206 -75.21 -89.95 -33.03
C TRP B 206 -74.04 -89.13 -32.55
N VAL B 207 -72.97 -89.81 -32.14
CA VAL B 207 -71.76 -89.13 -31.67
C VAL B 207 -71.03 -88.62 -32.90
N ARG B 208 -70.85 -87.29 -32.98
CA ARG B 208 -70.20 -86.72 -34.14
C ARG B 208 -68.71 -86.99 -34.17
N ASP B 209 -68.04 -86.83 -33.03
CA ASP B 209 -66.58 -86.98 -33.00
C ASP B 209 -66.16 -87.49 -31.63
N VAL B 210 -65.03 -88.20 -31.61
CA VAL B 210 -64.40 -88.64 -30.38
C VAL B 210 -62.93 -88.22 -30.44
N ALA B 211 -62.41 -87.75 -29.32
CA ALA B 211 -61.02 -87.31 -29.25
C ALA B 211 -60.41 -87.81 -27.95
N TRP B 212 -59.23 -88.40 -28.04
CA TRP B 212 -58.48 -88.84 -26.88
C TRP B 212 -57.34 -87.85 -26.67
N SER B 213 -57.14 -87.43 -25.43
CA SER B 213 -56.12 -86.42 -25.15
C SER B 213 -54.73 -87.03 -25.31
N PRO B 214 -53.78 -86.28 -25.90
CA PRO B 214 -52.45 -86.86 -26.13
C PRO B 214 -51.57 -86.95 -24.89
N THR B 215 -51.89 -86.25 -23.81
CA THR B 215 -51.09 -86.23 -22.60
C THR B 215 -51.83 -86.96 -21.49
N VAL B 216 -51.19 -87.97 -20.91
CA VAL B 216 -51.79 -88.73 -19.83
C VAL B 216 -51.05 -88.45 -18.54
N LEU B 217 -51.56 -87.50 -17.75
CA LEU B 217 -51.04 -87.20 -16.42
C LEU B 217 -52.17 -87.44 -15.42
N LEU B 218 -51.85 -88.18 -14.35
CA LEU B 218 -52.77 -88.54 -13.27
C LEU B 218 -53.95 -89.37 -13.78
N ARG B 219 -54.82 -88.78 -14.60
CA ARG B 219 -55.98 -89.48 -15.12
C ARG B 219 -56.07 -89.31 -16.64
N SER B 220 -56.69 -90.30 -17.28
CA SER B 220 -56.89 -90.26 -18.72
C SER B 220 -58.05 -89.34 -19.07
N TYR B 221 -58.14 -88.99 -20.36
CA TYR B 221 -59.12 -88.02 -20.81
C TYR B 221 -59.73 -88.47 -22.14
N LEU B 222 -60.97 -88.04 -22.37
CA LEU B 222 -61.67 -88.29 -23.62
C LEU B 222 -62.60 -87.12 -23.89
N ALA B 223 -63.10 -87.05 -25.12
CA ALA B 223 -63.99 -85.95 -25.51
C ALA B 223 -64.89 -86.43 -26.64
N SER B 224 -66.15 -86.68 -26.33
CA SER B 224 -67.13 -87.12 -27.32
C SER B 224 -68.18 -86.02 -27.49
N VAL B 225 -68.18 -85.38 -28.66
CA VAL B 225 -69.19 -84.39 -29.01
C VAL B 225 -70.18 -85.02 -29.97
N SER B 226 -71.44 -84.56 -29.89
CA SER B 226 -72.50 -85.12 -30.70
C SER B 226 -73.40 -84.01 -31.21
N GLN B 227 -74.35 -84.39 -32.07
CA GLN B 227 -75.22 -83.42 -32.73
C GLN B 227 -76.41 -83.01 -31.88
N ASP B 228 -76.64 -83.63 -30.72
CA ASP B 228 -77.72 -83.22 -29.83
C ASP B 228 -77.28 -82.16 -28.84
N ARG B 229 -76.25 -81.38 -29.18
CA ARG B 229 -75.79 -80.20 -28.44
C ARG B 229 -75.37 -80.54 -27.00
N THR B 230 -74.63 -81.64 -26.85
CA THR B 230 -74.07 -82.02 -25.56
C THR B 230 -72.65 -82.51 -25.76
N CYS B 231 -71.86 -82.46 -24.68
CA CYS B 231 -70.46 -82.84 -24.73
C CYS B 231 -70.05 -83.47 -23.41
N ILE B 232 -69.51 -84.69 -23.47
CA ILE B 232 -69.08 -85.42 -22.29
C ILE B 232 -67.57 -85.55 -22.30
N ILE B 233 -66.92 -85.10 -21.23
CA ILE B 233 -65.48 -85.25 -21.06
C ILE B 233 -65.28 -86.44 -20.13
N TRP B 234 -65.16 -87.63 -20.72
CA TRP B 234 -64.95 -88.83 -19.94
C TRP B 234 -63.52 -88.87 -19.38
N THR B 235 -63.40 -89.15 -18.09
CA THR B 235 -62.11 -89.24 -17.43
C THR B 235 -61.95 -90.60 -16.77
N GLN B 236 -60.73 -91.13 -16.79
CA GLN B 236 -60.41 -92.41 -16.16
C GLN B 236 -59.20 -92.21 -15.25
N ASP B 237 -59.42 -92.36 -13.94
CA ASP B 237 -58.33 -92.19 -12.98
C ASP B 237 -57.39 -93.40 -13.01
N ASN B 238 -57.92 -94.58 -12.70
CA ASN B 238 -57.10 -95.78 -12.61
C ASN B 238 -56.82 -96.34 -14.00
N GLU B 239 -55.99 -97.38 -14.04
CA GLU B 239 -55.65 -98.00 -15.31
C GLU B 239 -56.79 -98.84 -15.87
N GLN B 240 -57.64 -99.40 -15.00
CA GLN B 240 -58.78 -100.20 -15.43
C GLN B 240 -60.06 -99.81 -14.69
N GLY B 241 -60.11 -98.62 -14.11
CA GLY B 241 -61.27 -98.20 -13.37
C GLY B 241 -62.37 -97.74 -14.29
N PRO B 242 -63.53 -97.45 -13.69
CA PRO B 242 -64.66 -96.96 -14.47
C PRO B 242 -64.44 -95.54 -14.95
N TRP B 243 -64.90 -95.26 -16.17
CA TRP B 243 -64.74 -93.95 -16.78
C TRP B 243 -65.77 -93.01 -16.19
N LYS B 244 -65.31 -92.01 -15.45
CA LYS B 244 -66.21 -91.05 -14.83
C LYS B 244 -66.79 -90.11 -15.87
N LYS B 245 -68.10 -89.89 -15.81
CA LYS B 245 -68.80 -89.06 -16.78
C LYS B 245 -69.14 -87.72 -16.15
N THR B 246 -68.80 -86.64 -16.85
CA THR B 246 -69.15 -85.29 -16.42
C THR B 246 -69.53 -84.47 -17.64
N LEU B 247 -70.31 -83.42 -17.38
CA LEU B 247 -70.78 -82.52 -18.44
C LEU B 247 -69.79 -81.37 -18.61
N LEU B 248 -69.52 -81.02 -19.87
CA LEU B 248 -68.71 -79.86 -20.13
C LEU B 248 -69.43 -78.58 -19.75
N LYS B 249 -70.73 -78.52 -20.01
CA LYS B 249 -71.54 -77.36 -19.66
C LYS B 249 -72.90 -77.84 -19.15
N GLU B 250 -73.48 -77.06 -18.24
CA GLU B 250 -74.78 -77.40 -17.68
C GLU B 250 -75.90 -77.19 -18.69
N GLU B 251 -75.79 -76.14 -19.49
CA GLU B 251 -76.84 -75.78 -20.45
C GLU B 251 -76.68 -76.60 -21.72
N LYS B 252 -77.50 -76.30 -22.73
CA LYS B 252 -77.43 -76.94 -24.03
C LYS B 252 -76.69 -76.04 -24.99
N PHE B 253 -76.02 -76.66 -25.96
CA PHE B 253 -75.21 -75.89 -26.88
C PHE B 253 -76.09 -75.16 -27.89
N PRO B 254 -75.69 -73.95 -28.30
CA PRO B 254 -76.56 -73.14 -29.18
C PRO B 254 -76.80 -73.74 -30.56
N ASP B 255 -75.90 -74.60 -31.05
CA ASP B 255 -76.05 -75.16 -32.38
C ASP B 255 -75.45 -76.56 -32.39
N VAL B 256 -75.45 -77.19 -33.56
CA VAL B 256 -74.98 -78.55 -33.70
C VAL B 256 -73.45 -78.58 -33.55
N LEU B 257 -72.95 -79.52 -32.75
CA LEU B 257 -71.52 -79.73 -32.57
C LEU B 257 -71.00 -80.70 -33.61
N TRP B 258 -69.82 -80.41 -34.16
CA TRP B 258 -69.23 -81.23 -35.22
C TRP B 258 -67.99 -81.97 -34.74
N ARG B 259 -66.97 -81.26 -34.27
CA ARG B 259 -65.69 -81.85 -33.95
C ARG B 259 -65.19 -81.35 -32.60
N ALA B 260 -64.32 -82.15 -31.98
CA ALA B 260 -63.60 -81.76 -30.79
C ALA B 260 -62.12 -82.10 -30.99
N SER B 261 -61.25 -81.12 -30.80
CA SER B 261 -59.82 -81.28 -31.03
C SER B 261 -59.08 -80.86 -29.77
N TRP B 262 -58.43 -81.81 -29.11
CA TRP B 262 -57.69 -81.51 -27.90
C TRP B 262 -56.42 -80.74 -28.22
N SER B 263 -55.95 -79.98 -27.24
CA SER B 263 -54.65 -79.35 -27.34
C SER B 263 -53.55 -80.40 -27.19
N LEU B 264 -52.40 -80.10 -27.77
CA LEU B 264 -51.25 -80.99 -27.65
C LEU B 264 -50.70 -80.99 -26.24
N SER B 265 -50.67 -79.83 -25.60
CA SER B 265 -50.16 -79.68 -24.25
C SER B 265 -51.29 -79.29 -23.30
N GLY B 266 -51.30 -79.91 -22.13
CA GLY B 266 -52.39 -79.67 -21.21
C GLY B 266 -53.68 -80.29 -21.70
N ASN B 267 -54.79 -79.75 -21.21
CA ASN B 267 -56.12 -80.17 -21.61
C ASN B 267 -56.90 -78.91 -21.94
N VAL B 268 -56.74 -78.43 -23.18
CA VAL B 268 -57.50 -77.31 -23.71
C VAL B 268 -58.30 -77.83 -24.89
N LEU B 269 -59.62 -77.68 -24.83
CA LEU B 269 -60.50 -78.25 -25.83
C LEU B 269 -61.04 -77.15 -26.73
N ALA B 270 -60.91 -77.35 -28.03
CA ALA B 270 -61.47 -76.44 -29.03
C ALA B 270 -62.65 -77.14 -29.69
N LEU B 271 -63.81 -76.50 -29.65
CA LEU B 271 -65.03 -77.07 -30.19
C LEU B 271 -65.32 -76.51 -31.57
N SER B 272 -66.29 -77.13 -32.24
CA SER B 272 -66.68 -76.73 -33.60
C SER B 272 -68.21 -76.83 -33.68
N GLY B 273 -68.86 -75.71 -33.39
CA GLY B 273 -70.31 -75.66 -33.47
C GLY B 273 -70.80 -75.43 -34.88
N GLY B 274 -72.12 -75.55 -35.05
CA GLY B 274 -72.70 -75.32 -36.36
C GLY B 274 -72.81 -73.87 -36.76
N ASP B 275 -72.53 -72.94 -35.84
CA ASP B 275 -72.66 -71.52 -36.09
C ASP B 275 -71.32 -70.84 -36.38
N ASN B 276 -70.35 -71.61 -36.92
CA ASN B 276 -69.02 -71.13 -37.28
C ASN B 276 -68.29 -70.49 -36.10
N LYS B 277 -68.46 -71.07 -34.92
CA LYS B 277 -67.88 -70.54 -33.70
C LYS B 277 -67.08 -71.63 -33.02
N VAL B 278 -65.84 -71.30 -32.64
CA VAL B 278 -64.95 -72.22 -31.95
C VAL B 278 -64.78 -71.72 -30.53
N THR B 279 -65.13 -72.55 -29.55
CA THR B 279 -65.15 -72.16 -28.15
C THR B 279 -64.11 -72.95 -27.39
N LEU B 280 -63.29 -72.26 -26.60
CA LEU B 280 -62.17 -72.86 -25.90
C LEU B 280 -62.57 -73.19 -24.47
N TRP B 281 -62.14 -74.37 -24.01
CA TRP B 281 -62.52 -74.87 -22.68
C TRP B 281 -61.27 -75.34 -21.95
N LYS B 282 -61.11 -74.88 -20.71
CA LYS B 282 -59.99 -75.22 -19.86
C LYS B 282 -60.51 -75.65 -18.50
N GLU B 283 -59.87 -76.66 -17.92
CA GLU B 283 -60.30 -77.19 -16.63
C GLU B 283 -59.69 -76.40 -15.48
N ASN B 284 -60.46 -76.22 -14.42
CA ASN B 284 -59.98 -75.57 -13.21
C ASN B 284 -59.33 -76.62 -12.31
N LEU B 285 -58.99 -76.22 -11.07
CA LEU B 285 -58.46 -77.18 -10.12
C LEU B 285 -59.52 -78.15 -9.63
N GLU B 286 -60.74 -77.67 -9.41
CA GLU B 286 -61.81 -78.52 -8.92
C GLU B 286 -62.30 -79.48 -10.00
N GLY B 287 -62.51 -78.98 -11.21
CA GLY B 287 -62.98 -79.82 -12.29
C GLY B 287 -64.06 -79.20 -13.14
N LYS B 288 -64.50 -78.01 -12.78
CA LYS B 288 -65.52 -77.32 -13.56
C LYS B 288 -64.87 -76.70 -14.80
N TRP B 289 -65.36 -77.09 -15.97
CA TRP B 289 -64.75 -76.67 -17.23
C TRP B 289 -65.22 -75.26 -17.56
N GLU B 290 -64.47 -74.28 -17.08
CA GLU B 290 -64.76 -72.89 -17.41
C GLU B 290 -64.38 -72.60 -18.85
N PRO B 291 -65.24 -71.94 -19.62
CA PRO B 291 -64.86 -71.55 -20.98
C PRO B 291 -63.72 -70.54 -20.98
N ALA B 292 -62.88 -70.62 -22.00
CA ALA B 292 -61.64 -69.85 -22.06
C ALA B 292 -61.63 -68.79 -23.15
N GLY B 293 -62.24 -69.05 -24.31
CA GLY B 293 -62.20 -68.09 -25.38
C GLY B 293 -63.15 -68.50 -26.49
N GLU B 294 -63.31 -67.59 -27.46
CA GLU B 294 -64.24 -67.79 -28.55
C GLU B 294 -63.59 -67.37 -29.85
N VAL B 295 -63.64 -68.24 -30.85
CA VAL B 295 -63.11 -67.97 -32.19
C VAL B 295 -64.28 -68.09 -33.16
N HIS B 296 -64.54 -67.03 -33.92
CA HIS B 296 -65.62 -67.02 -34.87
C HIS B 296 -65.16 -66.32 -36.15
N GLN B 297 -65.60 -66.86 -37.29
CA GLN B 297 -65.32 -66.32 -38.62
C GLN B 297 -63.84 -66.10 -38.91
N SER C 128 -46.95 -118.20 48.00
CA SER C 128 -45.71 -118.20 47.22
C SER C 128 -45.53 -119.51 46.47
N SER C 129 -44.48 -119.58 45.65
CA SER C 129 -44.21 -120.80 44.89
C SER C 129 -43.72 -121.91 45.80
N GLY C 130 -42.86 -121.59 46.77
CA GLY C 130 -42.30 -122.58 47.66
C GLY C 130 -43.18 -122.99 48.81
N LEU C 131 -44.36 -122.38 48.95
CA LEU C 131 -45.26 -122.71 50.04
C LEU C 131 -45.94 -124.05 49.79
N ILE C 132 -45.94 -124.90 50.82
CA ILE C 132 -46.58 -126.21 50.71
C ILE C 132 -47.72 -126.28 51.71
N TYR C 133 -47.42 -126.04 52.98
CA TYR C 133 -48.39 -126.13 54.05
C TYR C 133 -48.72 -124.72 54.55
N THR C 134 -50.01 -124.45 54.71
CA THR C 134 -50.49 -123.13 55.12
C THR C 134 -51.66 -123.24 56.11
N THR C 135 -51.70 -124.31 56.89
CA THR C 135 -52.83 -124.56 57.78
C THR C 135 -52.86 -123.54 58.92
N LYS C 136 -54.04 -123.00 59.19
CA LYS C 136 -54.26 -121.99 60.21
C LYS C 136 -54.93 -122.61 61.41
N VAL C 137 -54.40 -122.33 62.61
CA VAL C 137 -54.97 -122.78 63.87
C VAL C 137 -55.43 -121.55 64.63
N ASP C 138 -56.71 -121.51 65.00
CA ASP C 138 -57.28 -120.34 65.65
C ASP C 138 -56.83 -120.18 67.09
N LYS C 139 -56.21 -121.20 67.68
CA LYS C 139 -55.75 -121.11 69.05
C LYS C 139 -54.49 -120.25 69.15
N GLU C 140 -54.17 -119.85 70.37
CA GLU C 140 -53.00 -119.01 70.61
C GLU C 140 -51.72 -119.81 70.43
N LEU C 141 -50.76 -119.21 69.73
CA LEU C 141 -49.47 -119.82 69.44
C LEU C 141 -48.36 -118.92 69.94
N SER C 142 -47.32 -119.51 70.53
CA SER C 142 -46.20 -118.73 71.01
C SER C 142 -44.86 -119.28 70.52
N SER C 143 -44.80 -120.57 70.25
CA SER C 143 -43.57 -121.18 69.75
C SER C 143 -43.90 -122.42 68.95
N ILE C 144 -42.96 -122.81 68.09
CA ILE C 144 -43.11 -123.96 67.21
C ILE C 144 -41.79 -124.71 67.16
N ASP C 145 -41.85 -126.04 67.31
CA ASP C 145 -40.68 -126.90 67.13
C ASP C 145 -41.14 -128.17 66.42
N LYS C 146 -40.23 -129.14 66.32
CA LYS C 146 -40.52 -130.39 65.63
C LYS C 146 -40.08 -131.56 66.50
N VAL C 147 -40.56 -132.74 66.12
CA VAL C 147 -40.19 -133.97 66.79
C VAL C 147 -38.96 -134.52 66.11
N ASN C 148 -37.88 -134.72 66.87
CA ASN C 148 -36.62 -135.19 66.31
C ASN C 148 -36.69 -136.70 66.13
N ASP C 149 -37.34 -137.09 65.04
CA ASP C 149 -37.54 -138.49 64.68
C ASP C 149 -37.76 -138.58 63.18
N PRO C 150 -37.00 -139.43 62.48
CA PRO C 150 -37.16 -139.48 61.02
C PRO C 150 -38.45 -140.13 60.57
N ASN C 151 -38.90 -141.17 61.27
CA ASN C 151 -40.10 -141.91 60.87
C ASN C 151 -41.37 -141.36 61.53
N ILE C 152 -41.56 -140.06 61.38
CA ILE C 152 -42.76 -139.38 61.87
C ILE C 152 -42.89 -138.11 61.05
N ASN C 153 -44.09 -137.56 60.98
CA ASN C 153 -44.34 -136.30 60.29
C ASN C 153 -45.15 -135.36 61.18
N GLY C 154 -44.70 -135.21 62.43
CA GLY C 154 -45.41 -134.40 63.39
C GLY C 154 -44.58 -133.22 63.85
N LEU C 155 -45.27 -132.11 64.13
CA LEU C 155 -44.66 -130.89 64.63
C LEU C 155 -45.44 -130.37 65.82
N VAL C 156 -44.74 -129.78 66.78
CA VAL C 156 -45.36 -129.32 68.01
C VAL C 156 -45.61 -127.82 67.94
N CYS C 157 -46.50 -127.35 68.79
CA CYS C 157 -46.83 -125.94 68.91
C CYS C 157 -46.86 -125.56 70.39
N ALA C 158 -47.00 -124.26 70.65
CA ALA C 158 -46.98 -123.77 72.03
C ALA C 158 -48.11 -122.75 72.20
N GLY C 159 -48.08 -122.07 73.34
CA GLY C 159 -49.09 -121.09 73.68
C GLY C 159 -49.16 -120.92 75.18
N LYS C 160 -50.03 -120.00 75.59
CA LYS C 160 -50.20 -119.74 77.02
C LYS C 160 -50.90 -120.90 77.71
N THR C 161 -52.02 -121.35 77.15
CA THR C 161 -52.80 -122.48 77.69
C THR C 161 -53.19 -123.42 76.57
N HIS C 162 -52.27 -123.71 75.66
CA HIS C 162 -52.55 -124.59 74.53
C HIS C 162 -51.24 -125.26 74.14
N LEU C 163 -51.13 -126.56 74.42
CA LEU C 163 -49.98 -127.36 74.02
C LEU C 163 -50.46 -128.57 73.25
N GLY C 164 -49.85 -128.84 72.10
CA GLY C 164 -50.26 -129.97 71.29
C GLY C 164 -49.27 -130.26 70.19
N LEU C 165 -49.51 -131.39 69.53
CA LEU C 165 -48.68 -131.87 68.43
C LEU C 165 -49.52 -131.90 67.16
N TYR C 166 -48.98 -131.36 66.07
CA TYR C 166 -49.67 -131.29 64.80
C TYR C 166 -48.93 -132.14 63.77
N LYS C 167 -49.67 -132.94 63.02
CA LYS C 167 -49.10 -133.82 62.01
C LYS C 167 -49.39 -133.28 60.62
N PHE C 168 -48.33 -133.15 59.81
CA PHE C 168 -48.48 -132.71 58.43
C PHE C 168 -48.41 -133.92 57.50
N SER C 169 -49.27 -133.91 56.48
CA SER C 169 -49.30 -134.98 55.49
C SER C 169 -48.84 -134.44 54.15
N PRO C 170 -47.75 -134.96 53.57
CA PRO C 170 -47.27 -134.43 52.29
C PRO C 170 -48.12 -134.83 51.09
N SER C 171 -49.09 -135.74 51.25
CA SER C 171 -49.93 -136.14 50.14
C SER C 171 -50.88 -135.01 49.74
N ASP C 172 -51.71 -134.57 50.67
CA ASP C 172 -52.64 -133.48 50.43
C ASP C 172 -52.07 -132.12 50.80
N ARG C 173 -50.82 -132.08 51.26
CA ARG C 173 -50.12 -130.86 51.68
C ARG C 173 -50.88 -130.13 52.79
N SER C 174 -51.33 -130.88 53.79
CA SER C 174 -52.11 -130.34 54.87
C SER C 174 -51.58 -130.81 56.22
N ILE C 175 -51.82 -130.01 57.25
CA ILE C 175 -51.41 -130.30 58.62
C ILE C 175 -52.66 -130.55 59.44
N LYS C 176 -52.68 -131.66 60.16
CA LYS C 176 -53.80 -132.03 61.03
C LYS C 176 -53.39 -131.85 62.49
N CYS C 177 -54.30 -132.23 63.38
CA CYS C 177 -54.06 -132.17 64.82
C CYS C 177 -54.10 -133.59 65.40
N VAL C 178 -53.28 -133.82 66.42
CA VAL C 178 -53.12 -135.15 67.01
C VAL C 178 -53.75 -135.22 68.41
N HIS C 179 -53.23 -134.43 69.35
CA HIS C 179 -53.70 -134.52 70.73
C HIS C 179 -53.45 -133.20 71.44
N ASP C 180 -54.52 -132.59 71.95
CA ASP C 180 -54.41 -131.34 72.70
C ASP C 180 -54.34 -131.67 74.18
N PHE C 181 -53.32 -131.13 74.86
CA PHE C 181 -53.16 -131.41 76.29
C PHE C 181 -54.00 -130.45 77.12
N ILE C 182 -53.85 -129.15 76.90
CA ILE C 182 -54.60 -128.14 77.64
C ILE C 182 -55.60 -127.45 76.72
N THR C 211 -43.72 -114.41 79.66
CA THR C 211 -43.05 -115.69 79.75
C THR C 211 -42.61 -116.19 78.37
N ILE C 212 -41.30 -116.22 78.16
CA ILE C 212 -40.73 -116.67 76.90
C ILE C 212 -39.84 -117.88 77.19
N ALA C 213 -40.03 -118.95 76.41
CA ALA C 213 -39.32 -120.20 76.60
C ALA C 213 -39.35 -120.97 75.29
N ASP C 214 -38.76 -122.17 75.31
CA ASP C 214 -38.73 -123.04 74.16
C ASP C 214 -39.79 -124.12 74.29
N VAL C 215 -40.04 -124.80 73.17
CA VAL C 215 -41.01 -125.90 73.11
C VAL C 215 -40.23 -127.07 72.52
N LYS C 216 -38.92 -127.05 72.75
CA LYS C 216 -38.00 -128.06 72.24
C LYS C 216 -38.27 -129.42 72.87
N THR C 217 -38.19 -130.46 72.06
CA THR C 217 -38.48 -131.81 72.53
C THR C 217 -37.19 -132.49 72.99
N GLY C 218 -37.31 -133.77 73.36
CA GLY C 218 -36.18 -134.55 73.81
C GLY C 218 -35.46 -135.23 72.67
N PHE C 219 -34.58 -136.16 73.05
CA PHE C 219 -33.77 -136.90 72.09
C PHE C 219 -33.64 -138.34 72.57
N ASN C 220 -33.22 -139.21 71.65
CA ASN C 220 -32.87 -140.62 71.90
C ASN C 220 -34.10 -141.35 72.44
N ASN C 221 -34.01 -142.02 73.58
CA ASN C 221 -35.17 -142.68 74.17
C ASN C 221 -36.14 -141.67 74.77
N TYR C 222 -35.67 -140.47 75.10
CA TYR C 222 -36.51 -139.41 75.62
C TYR C 222 -37.09 -138.54 74.51
N LYS C 223 -37.19 -139.07 73.29
CA LYS C 223 -37.76 -138.35 72.17
C LYS C 223 -39.27 -138.17 72.31
N ASN C 224 -39.90 -138.89 73.23
CA ASN C 224 -41.32 -138.77 73.51
C ASN C 224 -41.60 -137.76 74.61
N CYS C 225 -40.71 -136.79 74.83
CA CYS C 225 -40.88 -135.81 75.89
C CYS C 225 -40.67 -134.40 75.34
N ILE C 226 -41.40 -133.45 75.94
CA ILE C 226 -41.32 -132.04 75.61
C ILE C 226 -41.21 -131.24 76.91
N ALA C 227 -40.72 -130.00 76.80
CA ALA C 227 -40.57 -129.12 77.94
C ALA C 227 -41.26 -127.79 77.67
N VAL C 228 -42.19 -127.41 78.55
CA VAL C 228 -42.92 -126.16 78.44
C VAL C 228 -42.90 -125.46 79.80
N CYS C 229 -42.46 -124.20 79.80
CA CYS C 229 -42.47 -123.38 81.01
C CYS C 229 -43.91 -122.94 81.33
N ASN C 230 -44.43 -123.38 82.47
CA ASN C 230 -45.81 -123.07 82.83
C ASN C 230 -45.91 -121.76 83.61
N ASN C 231 -45.16 -121.62 84.70
CA ASN C 231 -45.24 -120.43 85.55
C ASN C 231 -43.83 -120.10 86.04
N SER C 232 -43.17 -119.19 85.34
CA SER C 232 -41.86 -118.64 85.70
C SER C 232 -40.80 -119.72 85.86
N THR C 233 -40.58 -120.15 87.11
CA THR C 233 -39.59 -121.18 87.40
C THR C 233 -40.20 -122.59 87.41
N ALA C 234 -40.94 -122.91 86.36
CA ALA C 234 -41.63 -124.19 86.23
C ALA C 234 -41.05 -124.96 85.05
N ILE C 235 -40.62 -126.20 85.31
CA ILE C 235 -40.16 -127.08 84.24
C ILE C 235 -41.13 -128.25 84.09
N SER C 236 -42.10 -128.11 83.20
CA SER C 236 -43.13 -129.13 82.99
C SER C 236 -42.67 -130.05 81.86
N ILE C 237 -42.29 -131.27 82.19
CA ILE C 237 -41.87 -132.26 81.21
C ILE C 237 -43.08 -133.11 80.86
N TYR C 238 -43.54 -133.02 79.61
CA TYR C 238 -44.71 -133.76 79.18
C TYR C 238 -44.30 -135.05 78.47
N ASP C 239 -45.30 -135.80 77.99
CA ASP C 239 -45.09 -137.06 77.31
C ASP C 239 -45.91 -137.11 76.03
N LEU C 240 -45.39 -137.84 75.04
CA LEU C 240 -46.05 -138.04 73.76
C LEU C 240 -46.76 -139.39 73.69
N ASN C 241 -46.17 -140.43 74.27
CA ASN C 241 -46.81 -141.74 74.26
C ASN C 241 -47.99 -141.79 75.23
N LYS C 242 -47.86 -141.12 76.37
CA LYS C 242 -48.94 -141.12 77.37
C LYS C 242 -49.87 -139.93 77.17
N SER C 243 -50.42 -139.78 75.97
CA SER C 243 -51.34 -138.67 75.68
C SER C 243 -52.78 -139.11 75.75
N SER C 244 -53.17 -140.08 74.94
CA SER C 244 -54.55 -140.60 74.94
C SER C 244 -54.62 -141.83 75.85
N SER C 245 -54.47 -141.56 77.14
CA SER C 245 -54.48 -142.64 78.13
C SER C 245 -54.93 -142.07 79.47
N ILE C 246 -55.11 -142.98 80.43
CA ILE C 246 -55.49 -142.59 81.78
C ILE C 246 -54.34 -141.85 82.47
N ASP C 247 -53.11 -142.28 82.19
CA ASP C 247 -51.94 -141.64 82.79
C ASP C 247 -51.77 -140.22 82.26
N ASN C 248 -51.34 -139.33 83.15
CA ASN C 248 -51.17 -137.93 82.80
C ASN C 248 -49.98 -137.76 81.85
N PRO C 249 -50.07 -136.81 80.91
CA PRO C 249 -48.92 -136.52 80.06
C PRO C 249 -47.72 -135.99 80.83
N LEU C 250 -47.95 -135.34 81.97
CA LEU C 250 -46.85 -134.80 82.77
C LEU C 250 -46.03 -135.94 83.38
N ILE C 251 -44.71 -135.77 83.38
CA ILE C 251 -43.78 -136.75 83.92
C ILE C 251 -43.20 -136.28 85.26
N THR C 252 -42.60 -135.10 85.28
CA THR C 252 -41.97 -134.58 86.48
C THR C 252 -42.00 -133.06 86.45
N SER C 253 -41.87 -132.46 87.64
CA SER C 253 -41.81 -131.01 87.77
C SER C 253 -40.57 -130.62 88.55
N LEU C 254 -39.84 -129.63 88.04
CA LEU C 254 -38.58 -129.18 88.62
C LEU C 254 -38.66 -127.68 88.86
N CYS C 255 -38.26 -127.24 90.05
CA CYS C 255 -38.28 -125.82 90.39
C CYS C 255 -37.10 -125.51 91.30
N GLU C 256 -36.13 -124.75 90.77
CA GLU C 256 -35.01 -124.30 91.61
C GLU C 256 -34.73 -122.81 91.43
N HIS C 257 -35.07 -122.26 90.27
CA HIS C 257 -34.70 -120.88 89.96
C HIS C 257 -35.49 -119.89 90.82
N THR C 258 -34.78 -118.88 91.35
CA THR C 258 -35.45 -117.83 92.09
C THR C 258 -36.27 -116.92 91.18
N ARG C 259 -35.74 -116.60 90.01
CA ARG C 259 -36.41 -115.79 89.01
C ARG C 259 -37.06 -116.70 87.97
N SER C 260 -37.57 -116.09 86.90
CA SER C 260 -38.18 -116.86 85.83
C SER C 260 -37.11 -117.55 85.00
N ILE C 261 -37.54 -118.55 84.23
CA ILE C 261 -36.66 -119.34 83.38
C ILE C 261 -36.76 -118.82 81.96
N ASN C 262 -35.62 -118.48 81.36
CA ASN C 262 -35.59 -117.88 80.03
C ASN C 262 -35.50 -118.94 78.93
N SER C 263 -34.44 -119.75 78.96
CA SER C 263 -34.21 -120.72 77.90
C SER C 263 -33.71 -122.03 78.49
N PHE C 264 -33.92 -123.10 77.72
CA PHE C 264 -33.47 -124.44 78.08
C PHE C 264 -33.24 -125.23 76.80
N ASP C 265 -32.49 -126.31 76.93
CA ASP C 265 -32.19 -127.16 75.78
C ASP C 265 -31.95 -128.59 76.23
N PHE C 266 -32.45 -129.53 75.44
CA PHE C 266 -32.18 -130.94 75.66
C PHE C 266 -30.86 -131.32 74.99
N ASN C 267 -30.08 -132.16 75.66
CA ASN C 267 -28.82 -132.63 75.10
C ASN C 267 -29.08 -133.67 74.03
N MET C 268 -28.31 -133.60 72.95
CA MET C 268 -28.47 -134.51 71.82
C MET C 268 -27.78 -135.86 72.02
N VAL C 269 -26.89 -135.99 73.00
CA VAL C 269 -26.17 -137.23 73.26
C VAL C 269 -26.68 -137.91 74.53
N GLU C 270 -26.58 -137.22 75.67
CA GLU C 270 -27.09 -137.73 76.96
C GLU C 270 -28.51 -137.20 77.14
N SER C 271 -29.50 -138.03 76.77
CA SER C 271 -30.88 -137.60 76.75
C SER C 271 -31.47 -137.33 78.13
N ASN C 272 -30.90 -137.91 79.19
CA ASN C 272 -31.42 -137.65 80.52
C ASN C 272 -31.04 -136.26 81.03
N LEU C 273 -29.92 -135.72 80.55
CA LEU C 273 -29.44 -134.43 81.04
C LEU C 273 -30.20 -133.30 80.38
N ILE C 274 -30.87 -132.48 81.18
CA ILE C 274 -31.62 -131.32 80.72
C ILE C 274 -31.00 -130.08 81.33
N ILE C 275 -30.68 -129.09 80.49
CA ILE C 275 -30.09 -127.85 80.96
C ILE C 275 -31.20 -126.83 81.23
N SER C 276 -30.88 -125.84 82.05
CA SER C 276 -31.82 -124.78 82.38
C SER C 276 -31.06 -123.50 82.68
N GLY C 277 -31.76 -122.37 82.56
CA GLY C 277 -31.16 -121.07 82.82
C GLY C 277 -32.16 -119.94 82.78
N GLY C 278 -31.99 -118.95 83.65
CA GLY C 278 -32.89 -117.81 83.72
C GLY C 278 -32.16 -116.57 84.17
N GLN C 279 -32.88 -115.73 84.92
CA GLN C 279 -32.33 -114.47 85.40
C GLN C 279 -31.54 -114.61 86.69
N ASP C 280 -31.43 -115.81 87.23
CA ASP C 280 -30.69 -116.06 88.46
C ASP C 280 -29.21 -116.30 88.22
N SER C 281 -28.77 -116.25 86.96
CA SER C 281 -27.38 -116.50 86.55
C SER C 281 -26.90 -117.87 87.02
N CYS C 282 -27.77 -118.87 86.92
CA CYS C 282 -27.48 -120.22 87.33
C CYS C 282 -27.74 -121.17 86.18
N VAL C 283 -26.77 -122.04 85.89
CA VAL C 283 -26.91 -123.06 84.86
C VAL C 283 -27.03 -124.40 85.57
N LYS C 284 -28.17 -125.06 85.40
CA LYS C 284 -28.48 -126.27 86.13
C LYS C 284 -28.66 -127.45 85.17
N ILE C 285 -28.08 -128.60 85.55
CA ILE C 285 -28.20 -129.83 84.80
C ILE C 285 -29.12 -130.77 85.57
N TRP C 286 -30.21 -131.20 84.93
CA TRP C 286 -31.18 -132.07 85.58
C TRP C 286 -31.04 -133.48 85.03
N ASP C 287 -30.86 -134.45 85.93
CA ASP C 287 -30.73 -135.85 85.53
C ASP C 287 -32.08 -136.54 85.64
N LEU C 288 -32.50 -137.20 84.56
CA LEU C 288 -33.79 -137.87 84.53
C LEU C 288 -33.75 -139.22 85.24
N ARG C 289 -32.80 -140.08 84.87
CA ARG C 289 -32.65 -141.40 85.47
C ARG C 289 -31.80 -141.30 86.74
N SER C 290 -32.41 -140.80 87.80
CA SER C 290 -31.74 -140.62 89.08
C SER C 290 -32.70 -140.86 90.24
N ARG C 298 -33.67 -132.29 92.26
CA ARG C 298 -32.48 -131.45 92.40
C ARG C 298 -31.60 -131.55 91.16
N SER C 299 -30.95 -130.43 90.82
CA SER C 299 -30.07 -130.39 89.66
C SER C 299 -28.73 -131.06 89.97
N ASP C 300 -28.01 -131.43 88.90
CA ASP C 300 -26.72 -132.09 89.07
C ASP C 300 -25.62 -131.08 89.40
N ILE C 301 -25.37 -130.14 88.49
CA ILE C 301 -24.33 -129.13 88.69
C ILE C 301 -24.95 -127.76 88.45
N SER C 302 -24.89 -126.89 89.45
CA SER C 302 -25.39 -125.53 89.34
C SER C 302 -24.21 -124.56 89.46
N ILE C 303 -23.91 -123.85 88.39
CA ILE C 303 -22.81 -122.90 88.36
C ILE C 303 -23.41 -121.50 88.44
N ASN C 304 -23.21 -120.83 89.57
CA ASN C 304 -23.71 -119.47 89.78
C ASN C 304 -22.61 -118.48 89.42
N THR C 305 -22.65 -117.96 88.19
CA THR C 305 -21.65 -117.02 87.73
C THR C 305 -21.85 -115.61 88.26
N ALA C 306 -23.00 -115.34 88.89
CA ALA C 306 -23.37 -114.03 89.46
C ALA C 306 -23.37 -112.92 88.41
N SER C 307 -23.67 -113.27 87.17
CA SER C 307 -23.74 -112.31 86.08
C SER C 307 -25.16 -111.78 85.95
N ASP C 308 -25.45 -111.13 84.82
CA ASP C 308 -26.77 -110.57 84.57
C ASP C 308 -27.72 -111.69 84.12
N SER C 309 -28.90 -111.31 83.66
CA SER C 309 -29.91 -112.29 83.26
C SER C 309 -29.50 -113.01 81.98
N ILE C 310 -29.57 -114.33 81.99
CA ILE C 310 -29.21 -115.14 80.84
C ILE C 310 -30.36 -115.08 79.85
N ARG C 311 -30.03 -114.87 78.57
CA ARG C 311 -31.04 -114.73 77.53
C ARG C 311 -31.29 -116.02 76.77
N ASP C 312 -30.26 -116.80 76.47
CA ASP C 312 -30.42 -118.02 75.69
C ASP C 312 -29.37 -119.04 76.11
N VAL C 313 -29.81 -120.29 76.28
CA VAL C 313 -28.93 -121.41 76.58
C VAL C 313 -29.17 -122.49 75.54
N LYS C 314 -28.09 -122.94 74.89
CA LYS C 314 -28.14 -123.99 73.88
C LYS C 314 -27.02 -124.99 74.11
N TRP C 315 -27.25 -126.22 73.70
CA TRP C 315 -26.25 -127.29 73.83
C TRP C 315 -25.37 -127.34 72.59
N MET C 316 -24.36 -128.20 72.66
CA MET C 316 -23.53 -128.48 71.48
C MET C 316 -24.24 -129.51 70.60
N PRO C 317 -24.45 -129.22 69.32
CA PRO C 317 -25.22 -130.14 68.47
C PRO C 317 -24.44 -131.41 68.11
N GLY C 318 -24.86 -132.53 68.69
CA GLY C 318 -24.25 -133.82 68.40
C GLY C 318 -24.94 -134.50 67.25
N TYR C 319 -24.73 -133.98 66.04
CA TYR C 319 -25.39 -134.50 64.85
C TYR C 319 -24.78 -135.85 64.46
N ASN C 320 -25.50 -136.54 63.57
CA ASN C 320 -25.15 -137.89 63.13
C ASN C 320 -24.24 -137.87 61.90
N PHE C 321 -23.50 -136.80 61.67
CA PHE C 321 -22.62 -136.72 60.51
C PHE C 321 -21.28 -137.34 60.81
N LEU C 335 -14.90 -135.92 70.81
CA LEU C 335 -15.31 -136.15 72.19
C LEU C 335 -16.31 -135.08 72.65
N LYS C 336 -16.19 -133.88 72.10
CA LYS C 336 -17.09 -132.78 72.41
C LYS C 336 -18.33 -132.86 71.53
N SER C 337 -19.20 -133.81 71.87
CA SER C 337 -20.42 -134.06 71.13
C SER C 337 -21.65 -133.51 71.85
N GLY C 338 -21.78 -133.75 73.14
CA GLY C 338 -22.90 -133.20 73.89
C GLY C 338 -22.52 -132.69 75.25
N TYR C 339 -21.23 -132.40 75.44
CA TYR C 339 -20.71 -131.94 76.72
C TYR C 339 -20.38 -130.45 76.75
N LYS C 340 -20.87 -129.68 75.78
CA LYS C 340 -20.59 -128.25 75.75
C LYS C 340 -21.86 -127.46 75.54
N PHE C 341 -21.89 -126.27 76.13
CA PHE C 341 -23.05 -125.38 76.05
C PHE C 341 -22.58 -123.94 76.15
N ALA C 342 -23.43 -123.02 75.71
CA ALA C 342 -23.11 -121.60 75.74
C ALA C 342 -24.30 -120.83 76.27
N SER C 343 -23.99 -119.64 76.81
CA SER C 343 -25.02 -118.76 77.33
C SER C 343 -24.60 -117.32 77.07
N ILE C 344 -25.59 -116.43 76.97
CA ILE C 344 -25.37 -115.02 76.74
C ILE C 344 -26.06 -114.25 77.85
N HIS C 345 -25.42 -113.19 78.32
CA HIS C 345 -25.93 -112.36 79.39
C HIS C 345 -26.36 -111.01 78.84
N ASP C 346 -26.88 -110.18 79.72
CA ASP C 346 -27.23 -108.82 79.36
C ASP C 346 -26.02 -107.90 79.27
N SER C 347 -24.85 -108.38 79.70
CA SER C 347 -23.61 -107.60 79.64
C SER C 347 -22.87 -107.79 78.32
N GLY C 348 -23.45 -108.53 77.38
CA GLY C 348 -22.78 -108.77 76.11
C GLY C 348 -21.53 -109.61 76.21
N TYR C 349 -21.57 -110.69 76.98
CA TYR C 349 -20.45 -111.60 77.14
C TYR C 349 -20.89 -113.02 76.78
N LEU C 350 -20.08 -113.68 75.95
CA LEU C 350 -20.35 -115.04 75.51
C LEU C 350 -19.50 -116.00 76.34
N LEU C 351 -20.17 -116.89 77.06
CA LEU C 351 -19.51 -117.82 77.97
C LEU C 351 -19.72 -119.25 77.46
N LYS C 352 -18.63 -119.98 77.30
CA LYS C 352 -18.67 -121.39 76.91
C LYS C 352 -18.09 -122.22 78.05
N PHE C 353 -18.83 -123.25 78.45
CA PHE C 353 -18.43 -124.13 79.54
C PHE C 353 -18.35 -125.57 79.06
N ASP C 354 -17.67 -126.40 79.84
CA ASP C 354 -17.52 -127.83 79.57
C ASP C 354 -18.24 -128.60 80.67
N LEU C 355 -19.09 -129.55 80.28
CA LEU C 355 -19.85 -130.32 81.26
C LEU C 355 -18.98 -131.30 82.03
N ARG C 356 -17.93 -131.84 81.40
CA ARG C 356 -17.08 -132.81 82.07
C ARG C 356 -16.27 -132.18 83.19
N GLN C 357 -15.70 -131.00 82.94
CA GLN C 357 -14.91 -130.28 83.94
C GLN C 357 -15.42 -128.86 84.06
N PRO C 358 -16.44 -128.63 84.88
CA PRO C 358 -16.91 -127.27 85.12
C PRO C 358 -15.89 -126.45 85.89
N ALA C 359 -15.86 -125.15 85.60
CA ALA C 359 -14.94 -124.23 86.24
C ALA C 359 -15.59 -122.86 86.29
N GLN C 360 -14.79 -121.84 86.58
CA GLN C 360 -15.29 -120.47 86.57
C GLN C 360 -15.66 -120.03 85.16
N TYR C 361 -14.75 -120.20 84.20
CA TYR C 361 -15.01 -119.89 82.81
C TYR C 361 -14.00 -120.64 81.95
N GLU C 362 -14.48 -121.46 81.02
CA GLU C 362 -13.57 -122.11 80.08
C GLU C 362 -13.11 -121.15 78.98
N LYS C 363 -14.00 -120.28 78.50
CA LYS C 363 -13.65 -119.32 77.46
C LYS C 363 -14.60 -118.14 77.56
N LYS C 364 -14.11 -117.02 78.09
CA LYS C 364 -14.92 -115.81 78.23
C LYS C 364 -14.67 -114.90 77.02
N LEU C 365 -15.67 -114.78 76.16
CA LEU C 365 -15.56 -113.99 74.94
C LEU C 365 -16.55 -112.82 74.97
N ASN C 366 -16.10 -111.68 74.46
CA ASN C 366 -16.97 -110.52 74.35
C ASN C 366 -18.01 -110.73 73.25
N ALA C 367 -19.10 -109.96 73.34
CA ALA C 367 -20.20 -110.07 72.39
C ALA C 367 -20.68 -108.65 72.08
N HIS C 368 -21.87 -108.55 71.50
CA HIS C 368 -22.43 -107.26 71.12
C HIS C 368 -22.70 -106.41 72.34
N THR C 369 -22.53 -105.09 72.18
CA THR C 369 -22.75 -104.16 73.26
C THR C 369 -24.22 -104.09 73.62
N GLY C 370 -24.50 -104.06 74.93
CA GLY C 370 -25.85 -104.10 75.42
C GLY C 370 -26.28 -105.53 75.68
N PRO C 371 -27.59 -105.77 75.69
CA PRO C 371 -28.09 -107.12 75.96
C PRO C 371 -28.04 -107.99 74.71
N GLY C 372 -27.14 -108.97 74.72
CA GLY C 372 -27.12 -109.95 73.65
C GLY C 372 -28.32 -110.87 73.77
N LEU C 373 -29.07 -111.01 72.68
CA LEU C 373 -30.38 -111.68 72.74
C LEU C 373 -30.32 -113.15 72.37
N CYS C 374 -29.50 -113.54 71.40
CA CYS C 374 -29.55 -114.92 70.91
C CYS C 374 -28.17 -115.35 70.44
N LEU C 375 -28.00 -116.67 70.38
CA LEU C 375 -26.78 -117.28 69.85
C LEU C 375 -27.15 -118.63 69.27
N ASN C 376 -26.23 -119.19 68.48
CA ASN C 376 -26.44 -120.51 67.91
C ASN C 376 -25.07 -121.13 67.62
N TRP C 377 -25.07 -122.44 67.43
CA TRP C 377 -23.84 -123.21 67.24
C TRP C 377 -23.79 -123.78 65.83
N HIS C 378 -22.59 -123.73 65.24
CA HIS C 378 -22.39 -124.39 63.96
C HIS C 378 -22.34 -125.90 64.15
N PRO C 379 -23.02 -126.68 63.30
CA PRO C 379 -23.10 -128.13 63.53
C PRO C 379 -21.80 -128.88 63.27
N ASN C 380 -20.85 -128.28 62.56
CA ASN C 380 -19.61 -128.97 62.20
C ASN C 380 -18.39 -128.37 62.86
N GLN C 381 -18.16 -127.08 62.69
CA GLN C 381 -16.97 -126.41 63.20
C GLN C 381 -17.30 -125.58 64.42
N GLU C 382 -16.26 -125.28 65.20
CA GLU C 382 -16.45 -124.52 66.43
C GLU C 382 -16.68 -123.06 66.10
N TYR C 383 -17.93 -122.69 65.87
CA TYR C 383 -18.30 -121.32 65.55
C TYR C 383 -19.64 -121.01 66.18
N ILE C 384 -19.73 -119.88 66.86
CA ILE C 384 -20.96 -119.42 67.49
C ILE C 384 -21.31 -118.07 66.91
N ALA C 385 -22.49 -117.98 66.31
CA ALA C 385 -23.00 -116.73 65.77
C ALA C 385 -23.98 -116.14 66.77
N THR C 386 -23.69 -114.93 67.24
CA THR C 386 -24.46 -114.30 68.29
C THR C 386 -25.25 -113.11 67.72
N GLY C 387 -26.54 -113.06 68.04
CA GLY C 387 -27.37 -111.92 67.71
C GLY C 387 -27.33 -110.88 68.80
N GLY C 388 -27.99 -109.75 68.52
CA GLY C 388 -28.02 -108.69 69.50
C GLY C 388 -29.13 -107.71 69.24
N ARG C 389 -29.40 -106.88 70.24
CA ARG C 389 -30.40 -105.83 70.14
C ARG C 389 -29.92 -104.65 69.31
N ASP C 390 -28.61 -104.56 69.06
CA ASP C 390 -28.03 -103.48 68.27
C ASP C 390 -28.24 -103.68 66.77
N GLY C 391 -28.73 -104.83 66.35
CA GLY C 391 -28.94 -105.10 64.94
C GLY C 391 -27.80 -105.81 64.25
N LYS C 392 -26.93 -106.49 64.99
CA LYS C 392 -25.78 -107.18 64.43
C LYS C 392 -25.85 -108.66 64.74
N CYS C 393 -25.35 -109.46 63.79
CA CYS C 393 -25.25 -110.91 63.95
C CYS C 393 -23.82 -111.27 63.53
N CYS C 394 -22.94 -111.40 64.51
CA CYS C 394 -21.53 -111.63 64.27
C CYS C 394 -21.20 -113.11 64.44
N LEU C 395 -20.46 -113.67 63.49
CA LEU C 395 -19.98 -115.04 63.59
C LEU C 395 -18.65 -115.02 64.30
N TRP C 396 -18.57 -115.73 65.42
CA TRP C 396 -17.39 -115.73 66.28
C TRP C 396 -16.69 -117.08 66.23
N PHE C 397 -15.36 -117.04 66.21
CA PHE C 397 -14.55 -118.25 66.26
C PHE C 397 -14.32 -118.61 67.72
N VAL C 398 -14.67 -119.85 68.09
CA VAL C 398 -14.55 -120.28 69.47
C VAL C 398 -13.66 -121.50 69.55
N GLY C 399 -12.74 -121.63 68.60
CA GLY C 399 -11.81 -122.74 68.59
C GLY C 399 -10.70 -122.56 69.60
N PHE C 433 -12.70 -111.04 68.33
CA PHE C 433 -12.43 -110.90 66.91
C PHE C 433 -13.30 -111.87 66.10
N PRO C 434 -14.47 -111.41 65.68
CA PRO C 434 -15.35 -112.28 64.90
C PRO C 434 -14.82 -112.52 63.50
N LYS C 435 -15.14 -113.70 62.96
CA LYS C 435 -14.80 -114.01 61.59
C LYS C 435 -15.76 -113.37 60.58
N LEU C 436 -16.97 -113.00 61.00
CA LEU C 436 -17.94 -112.39 60.12
C LEU C 436 -18.84 -111.48 60.92
N THR C 437 -19.49 -110.54 60.23
CA THR C 437 -20.40 -109.59 60.85
C THR C 437 -21.47 -109.19 59.86
N ILE C 438 -22.73 -109.42 60.23
CA ILE C 438 -23.87 -109.06 59.40
C ILE C 438 -24.64 -107.99 60.16
N ASN C 439 -24.51 -106.74 59.74
CA ASN C 439 -25.24 -105.64 60.33
C ASN C 439 -26.67 -105.70 59.82
N THR C 440 -27.51 -106.47 60.52
CA THR C 440 -28.90 -106.63 60.09
C THR C 440 -29.71 -105.36 60.30
N GLY C 441 -29.43 -104.61 61.36
CA GLY C 441 -30.14 -103.38 61.63
C GLY C 441 -31.40 -103.53 62.46
N TYR C 442 -31.81 -104.76 62.76
CA TYR C 442 -32.96 -105.00 63.60
C TYR C 442 -32.58 -105.95 64.71
N PRO C 443 -33.22 -105.85 65.90
CA PRO C 443 -32.86 -106.75 67.02
C PRO C 443 -33.17 -108.20 66.74
N VAL C 444 -32.11 -109.01 66.59
CA VAL C 444 -32.27 -110.42 66.24
C VAL C 444 -32.74 -111.18 67.47
N THR C 445 -33.83 -111.92 67.32
CA THR C 445 -34.42 -112.70 68.41
C THR C 445 -34.35 -114.20 68.20
N LYS C 446 -34.63 -114.69 67.00
CA LYS C 446 -34.69 -116.12 66.73
C LYS C 446 -33.83 -116.46 65.53
N LEU C 447 -33.12 -117.58 65.62
CA LEU C 447 -32.33 -118.10 64.51
C LEU C 447 -32.25 -119.61 64.63
N LYS C 448 -32.34 -120.28 63.49
CA LYS C 448 -32.34 -121.75 63.46
C LYS C 448 -31.42 -122.22 62.34
N PHE C 449 -30.49 -123.10 62.67
CA PHE C 449 -29.57 -123.63 61.69
C PHE C 449 -30.26 -124.66 60.80
N LYS C 450 -29.74 -124.81 59.59
CA LYS C 450 -30.20 -125.86 58.70
C LYS C 450 -29.51 -127.15 59.09
N PRO C 451 -30.24 -128.22 59.38
CA PRO C 451 -29.60 -129.45 59.91
C PRO C 451 -28.91 -130.26 58.81
N ALA C 452 -27.79 -129.74 58.33
CA ALA C 452 -27.07 -130.36 57.23
C ALA C 452 -25.57 -130.29 57.49
N TYR C 453 -24.84 -131.15 56.78
CA TYR C 453 -23.39 -131.15 56.85
C TYR C 453 -22.82 -129.93 56.13
N SER C 454 -21.74 -129.38 56.68
CA SER C 454 -21.06 -128.26 56.05
C SER C 454 -19.57 -128.39 56.34
N SER C 455 -18.81 -128.85 55.34
CA SER C 455 -17.36 -128.92 55.47
C SER C 455 -16.73 -127.53 55.50
N ASN C 456 -17.18 -126.66 54.59
CA ASN C 456 -16.72 -125.29 54.54
C ASN C 456 -17.60 -124.40 55.40
N ILE C 457 -16.97 -123.45 56.11
CA ILE C 457 -17.71 -122.55 56.98
C ILE C 457 -18.59 -121.62 56.16
N TYR C 458 -18.10 -121.15 55.01
CA TYR C 458 -18.89 -120.25 54.18
C TYR C 458 -20.03 -120.96 53.47
N ASN C 459 -19.96 -122.28 53.33
CA ASN C 459 -21.01 -123.05 52.66
C ASN C 459 -22.10 -123.46 53.64
N SER C 460 -22.75 -122.45 54.21
CA SER C 460 -23.76 -122.67 55.22
C SER C 460 -24.86 -121.63 55.07
N LEU C 461 -26.04 -121.95 55.58
CA LEU C 461 -27.19 -121.07 55.53
C LEU C 461 -27.59 -120.70 56.95
N LEU C 462 -27.81 -119.39 57.17
CA LEU C 462 -28.22 -118.89 58.47
C LEU C 462 -29.51 -118.11 58.31
N GLY C 463 -30.52 -118.45 59.12
CA GLY C 463 -31.80 -117.77 59.10
C GLY C 463 -31.87 -116.71 60.17
N ILE C 464 -32.08 -115.47 59.73
CA ILE C 464 -32.10 -114.31 60.62
C ILE C 464 -33.50 -113.74 60.66
N SER C 465 -34.02 -113.52 61.86
CA SER C 465 -35.34 -112.93 62.05
C SER C 465 -35.32 -112.10 63.32
N SER C 466 -36.24 -111.14 63.40
CA SER C 466 -36.32 -110.25 64.55
C SER C 466 -37.51 -110.59 65.44
N GLU C 470 -41.91 -106.42 63.58
CA GLU C 470 -41.96 -107.02 62.26
C GLU C 470 -40.80 -108.01 62.07
N ALA C 471 -41.13 -109.30 61.99
CA ALA C 471 -40.14 -110.35 61.83
C ALA C 471 -40.46 -111.19 60.60
N GLU C 472 -39.45 -111.40 59.76
CA GLU C 472 -39.58 -112.20 58.56
C GLU C 472 -38.50 -113.27 58.54
N VAL C 473 -38.80 -114.40 57.90
CA VAL C 473 -37.86 -115.52 57.83
C VAL C 473 -36.89 -115.22 56.70
N ARG C 474 -35.69 -114.77 57.04
CA ARG C 474 -34.67 -114.37 56.07
C ARG C 474 -33.54 -115.40 56.13
N ILE C 475 -33.57 -116.36 55.20
CA ILE C 475 -32.52 -117.38 55.13
C ILE C 475 -31.34 -116.77 54.37
N TYR C 476 -30.32 -116.33 55.12
CA TYR C 476 -29.12 -115.76 54.53
C TYR C 476 -28.18 -116.88 54.09
N SER C 477 -26.95 -116.51 53.76
CA SER C 477 -25.91 -117.48 53.47
C SER C 477 -24.61 -116.99 54.10
N LEU C 478 -23.74 -117.93 54.46
CA LEU C 478 -22.50 -117.60 55.12
C LEU C 478 -21.36 -117.27 54.17
N ALA C 479 -21.53 -117.48 52.87
CA ALA C 479 -20.55 -117.00 51.90
C ALA C 479 -20.91 -115.66 51.29
N ARG C 480 -22.18 -115.26 51.37
CA ARG C 480 -22.64 -113.96 50.88
C ARG C 480 -23.49 -113.37 52.00
N LYS C 481 -22.83 -112.63 52.88
CA LYS C 481 -23.47 -112.07 54.06
C LYS C 481 -24.23 -110.78 53.77
N TYR C 482 -24.11 -110.25 52.56
CA TYR C 482 -24.76 -108.99 52.20
C TYR C 482 -26.10 -109.19 51.52
N ILE C 483 -26.39 -110.40 51.04
CA ILE C 483 -27.63 -110.68 50.32
C ILE C 483 -28.32 -111.88 50.95
N PRO C 484 -29.58 -111.77 51.35
CA PRO C 484 -30.30 -112.95 51.84
C PRO C 484 -30.60 -113.89 50.69
N LYS C 485 -30.43 -115.19 50.94
CA LYS C 485 -30.70 -116.16 49.89
C LYS C 485 -32.19 -116.42 49.72
N HIS C 486 -32.90 -116.68 50.81
CA HIS C 486 -34.32 -116.98 50.75
C HIS C 486 -35.06 -116.16 51.80
N VAL C 487 -36.14 -115.51 51.38
CA VAL C 487 -36.97 -114.67 52.26
C VAL C 487 -38.37 -115.25 52.29
N LEU C 488 -38.89 -115.48 53.48
CA LEU C 488 -40.25 -115.98 53.69
C LEU C 488 -40.93 -114.97 54.62
N LEU C 489 -41.49 -113.91 54.04
CA LEU C 489 -42.03 -112.82 54.82
C LEU C 489 -43.49 -113.01 55.22
N SER C 490 -44.18 -113.99 54.65
CA SER C 490 -45.58 -114.38 54.97
C SER C 490 -46.48 -113.16 54.74
N GLU C 491 -47.40 -112.85 55.66
CA GLU C 491 -48.18 -111.63 55.59
C GLU C 491 -48.27 -110.90 56.93
N THR C 492 -47.87 -111.52 58.02
CA THR C 492 -47.88 -110.95 59.35
C THR C 492 -46.50 -111.14 59.96
N PRO C 493 -46.13 -110.31 60.94
CA PRO C 493 -44.84 -110.52 61.64
C PRO C 493 -44.79 -111.87 62.33
N SER C 494 -43.61 -112.48 62.29
CA SER C 494 -43.42 -113.84 62.78
C SER C 494 -43.04 -113.85 64.25
N LEU C 495 -43.37 -114.96 64.91
CA LEU C 495 -43.01 -115.17 66.31
C LEU C 495 -41.99 -116.26 66.52
N GLY C 496 -41.84 -117.17 65.55
CA GLY C 496 -40.85 -118.22 65.66
C GLY C 496 -40.79 -119.02 64.38
N LEU C 497 -39.68 -119.75 64.22
CA LEU C 497 -39.46 -120.56 63.04
C LEU C 497 -38.63 -121.77 63.43
N VAL C 498 -38.68 -122.81 62.60
CA VAL C 498 -37.99 -124.06 62.88
C VAL C 498 -37.68 -124.76 61.57
N TRP C 499 -36.59 -125.54 61.57
CA TRP C 499 -36.20 -126.39 60.45
C TRP C 499 -36.62 -127.83 60.73
N TRP C 500 -37.51 -128.36 59.90
CA TRP C 500 -37.89 -129.76 60.07
C TRP C 500 -36.82 -130.69 59.53
N ASP C 501 -36.19 -130.32 58.41
CA ASP C 501 -35.18 -131.14 57.78
C ASP C 501 -34.22 -130.21 57.04
N GLU C 502 -33.41 -130.77 56.13
CA GLU C 502 -32.52 -129.96 55.32
C GLU C 502 -33.27 -129.11 54.32
N ASN C 503 -34.48 -129.49 53.94
CA ASN C 503 -35.23 -128.78 52.92
C ASN C 503 -36.56 -128.23 53.41
N LEU C 504 -37.03 -128.64 54.58
CA LEU C 504 -38.31 -128.20 55.12
C LEU C 504 -38.07 -127.23 56.26
N ILE C 505 -38.81 -126.12 56.25
CA ILE C 505 -38.74 -125.11 57.30
C ILE C 505 -40.16 -124.74 57.69
N PHE C 506 -40.42 -124.68 58.99
CA PHE C 506 -41.75 -124.39 59.51
C PHE C 506 -41.69 -123.22 60.46
N ASN C 507 -42.81 -122.48 60.53
CA ASN C 507 -42.83 -121.26 61.31
C ASN C 507 -44.26 -120.93 61.70
N ILE C 508 -44.39 -120.01 62.66
CA ILE C 508 -45.66 -119.40 63.04
C ILE C 508 -45.49 -117.89 62.96
N ASP C 509 -46.62 -117.20 62.90
CA ASP C 509 -46.62 -115.75 62.72
C ASP C 509 -47.74 -115.14 63.55
N LYS C 510 -47.94 -113.84 63.38
CA LYS C 510 -49.01 -113.13 64.08
C LYS C 510 -50.39 -113.49 63.54
N GLY C 511 -50.45 -114.07 62.34
CA GLY C 511 -51.70 -114.53 61.77
C GLY C 511 -52.19 -115.86 62.26
N THR C 512 -51.45 -116.46 63.22
CA THR C 512 -51.76 -117.78 63.81
C THR C 512 -51.89 -118.87 62.76
N ARG C 513 -50.96 -118.88 61.80
CA ARG C 513 -50.94 -119.86 60.73
C ARG C 513 -49.65 -120.67 60.80
N ILE C 514 -49.79 -121.99 60.82
CA ILE C 514 -48.63 -122.87 60.72
C ILE C 514 -48.30 -123.00 59.25
N ASN C 515 -47.07 -122.61 58.88
CA ASN C 515 -46.67 -122.56 57.49
C ASN C 515 -45.42 -123.39 57.26
N GLY C 516 -45.39 -124.12 56.15
CA GLY C 516 -44.23 -124.91 55.79
C GLY C 516 -43.74 -124.62 54.38
N TRP C 517 -42.44 -124.37 54.24
CA TRP C 517 -41.84 -124.04 52.96
C TRP C 517 -40.79 -125.08 52.58
N ASP C 518 -40.56 -125.20 51.28
CA ASP C 518 -39.45 -125.97 50.74
C ASP C 518 -38.46 -124.99 50.12
N ILE C 519 -37.22 -125.00 50.62
CA ILE C 519 -36.24 -124.02 50.19
C ILE C 519 -35.72 -124.28 48.79
N ASN C 520 -35.86 -125.50 48.29
CA ASN C 520 -35.43 -125.82 46.94
C ASN C 520 -36.49 -125.48 45.89
N LYS C 521 -37.69 -125.09 46.30
CA LYS C 521 -38.71 -124.61 45.39
C LYS C 521 -38.94 -123.10 45.48
N GLU C 522 -38.44 -122.46 46.53
CA GLU C 522 -38.53 -121.03 46.74
C GLU C 522 -37.45 -120.32 45.94
N PRO C 523 -37.79 -119.20 45.29
CA PRO C 523 -36.78 -118.49 44.48
C PRO C 523 -35.79 -117.72 45.35
N THR C 524 -34.84 -117.02 44.73
CA THR C 524 -33.80 -116.32 45.45
C THR C 524 -33.82 -114.83 45.14
N VAL C 525 -33.21 -114.06 46.03
CA VAL C 525 -33.14 -112.61 45.86
C VAL C 525 -32.17 -112.25 44.74
N LEU C 526 -30.98 -112.89 44.73
CA LEU C 526 -29.88 -112.71 43.78
C LEU C 526 -30.34 -112.54 42.35
N GLU C 527 -31.33 -113.35 41.95
CA GLU C 527 -31.96 -113.30 40.63
C GLU C 527 -32.39 -111.88 40.31
N ASN C 528 -33.35 -111.36 41.07
CA ASN C 528 -33.93 -110.04 40.83
C ASN C 528 -33.01 -108.93 41.37
N LEU C 529 -31.74 -108.96 40.99
CA LEU C 529 -30.76 -107.95 41.37
C LEU C 529 -30.09 -107.47 40.10
N SER C 530 -30.37 -106.22 39.71
CA SER C 530 -29.82 -105.62 38.51
C SER C 530 -28.31 -105.75 38.43
N LYS C 531 -27.81 -106.15 37.27
CA LYS C 531 -26.40 -106.43 37.08
C LYS C 531 -25.68 -105.35 36.28
N ASN C 532 -26.41 -104.43 35.64
CA ASN C 532 -25.79 -103.36 34.90
C ASN C 532 -26.72 -102.17 34.81
N THR C 533 -26.14 -101.00 34.57
CA THR C 533 -26.90 -99.78 34.35
C THR C 533 -26.11 -98.89 33.40
N THR C 534 -26.84 -98.05 32.67
CA THR C 534 -26.25 -97.17 31.66
C THR C 534 -26.76 -95.76 31.86
N THR C 535 -25.85 -94.79 31.74
CA THR C 535 -26.19 -93.38 31.82
C THR C 535 -25.43 -92.61 30.77
N TRP C 536 -26.00 -91.49 30.34
CA TRP C 536 -25.39 -90.59 29.38
C TRP C 536 -25.03 -89.27 30.06
N ARG C 537 -23.86 -88.73 29.71
CA ARG C 537 -23.43 -87.45 30.24
C ARG C 537 -23.86 -86.30 29.36
N ASP C 538 -23.73 -86.45 28.05
CA ASP C 538 -24.07 -85.37 27.14
C ASP C 538 -24.63 -85.98 25.86
N LEU C 539 -24.67 -85.18 24.80
CA LEU C 539 -25.35 -85.59 23.57
C LEU C 539 -24.54 -86.63 22.82
N ASP C 540 -23.29 -86.29 22.47
CA ASP C 540 -22.51 -87.11 21.57
C ASP C 540 -22.05 -88.41 22.23
N GLY C 541 -21.83 -88.40 23.53
CA GLY C 541 -21.38 -89.60 24.20
C GLY C 541 -20.01 -89.48 24.82
N ASN C 542 -19.66 -88.28 25.30
CA ASN C 542 -18.38 -88.11 25.97
C ASN C 542 -18.31 -88.89 27.27
N GLY C 543 -19.44 -89.06 27.94
CA GLY C 543 -19.51 -89.87 29.13
C GLY C 543 -20.58 -90.94 29.04
N LEU C 544 -20.16 -92.20 29.09
CA LEU C 544 -21.09 -93.33 29.00
C LEU C 544 -20.62 -94.40 29.97
N LEU C 545 -21.37 -94.60 31.05
CA LEU C 545 -21.01 -95.60 32.04
C LEU C 545 -21.77 -96.90 31.83
N SER C 546 -21.14 -97.99 32.26
CA SER C 546 -21.75 -99.31 32.32
C SER C 546 -20.99 -100.11 33.35
N VAL C 547 -21.71 -100.71 34.30
CA VAL C 547 -21.07 -101.41 35.40
C VAL C 547 -20.58 -102.77 34.93
N ASP C 548 -19.27 -102.98 35.02
CA ASP C 548 -18.66 -104.26 34.66
C ASP C 548 -18.45 -105.07 35.92
N GLN C 549 -19.37 -106.00 36.18
CA GLN C 549 -19.28 -106.86 37.35
C GLN C 549 -19.60 -108.29 36.94
N GLU C 550 -19.09 -109.22 37.73
CA GLU C 550 -19.28 -110.65 37.50
C GLU C 550 -20.32 -111.17 38.48
N ILE C 551 -21.31 -111.89 37.96
CA ILE C 551 -22.37 -112.45 38.79
C ILE C 551 -21.83 -113.63 39.58
N GLY C 552 -21.60 -113.42 40.87
CA GLY C 552 -21.07 -114.48 41.71
C GLY C 552 -22.15 -115.44 42.16
N SER C 553 -21.71 -116.47 42.88
CA SER C 553 -22.57 -117.52 43.39
C SER C 553 -22.63 -117.48 44.91
N TYR C 554 -23.58 -118.24 45.46
CA TYR C 554 -23.74 -118.33 46.91
C TYR C 554 -22.68 -119.21 47.56
N GLU C 555 -21.90 -119.95 46.78
CA GLU C 555 -20.83 -120.80 47.28
C GLU C 555 -19.47 -120.23 46.88
N VAL C 556 -18.41 -120.90 47.31
CA VAL C 556 -17.06 -120.46 47.03
C VAL C 556 -16.11 -121.64 46.84
N ALA C 654 -14.19 -114.42 47.83
CA ALA C 654 -14.91 -113.16 47.88
C ALA C 654 -15.36 -112.74 46.48
N ILE C 655 -15.62 -111.44 46.31
CA ILE C 655 -16.06 -110.87 45.04
C ILE C 655 -15.06 -109.79 44.64
N GLU C 656 -14.54 -109.89 43.43
CA GLU C 656 -13.65 -108.86 42.90
C GLU C 656 -14.42 -107.56 42.71
N PRO C 657 -13.85 -106.43 43.09
CA PRO C 657 -14.53 -105.13 42.93
C PRO C 657 -14.79 -104.79 41.46
N PRO C 658 -16.00 -104.38 41.14
CA PRO C 658 -16.34 -104.08 39.74
C PRO C 658 -15.62 -102.83 39.23
N CYS C 659 -15.33 -102.83 37.93
CA CYS C 659 -14.70 -101.71 37.27
C CYS C 659 -15.76 -100.90 36.51
N ILE C 660 -15.91 -99.63 36.88
CA ILE C 660 -16.91 -98.77 36.26
C ILE C 660 -16.30 -98.20 34.99
N ILE C 661 -16.92 -98.47 33.86
CA ILE C 661 -16.33 -98.24 32.54
C ILE C 661 -16.92 -97.00 31.92
N THR C 662 -16.10 -95.96 31.74
CA THR C 662 -16.46 -94.79 30.96
C THR C 662 -15.72 -94.83 29.62
N LEU C 663 -16.37 -94.29 28.59
CA LEU C 663 -15.80 -94.29 27.27
C LEU C 663 -16.08 -92.96 26.59
N ASP C 664 -15.07 -92.44 25.89
CA ASP C 664 -15.25 -91.31 24.99
C ASP C 664 -15.74 -91.88 23.67
N ILE C 665 -17.07 -91.99 23.55
CA ILE C 665 -17.67 -92.62 22.37
C ILE C 665 -17.34 -91.90 21.07
N PRO C 666 -17.42 -90.56 20.97
CA PRO C 666 -16.98 -89.91 19.71
C PRO C 666 -15.51 -90.13 19.38
N GLN C 667 -14.63 -90.16 20.38
CA GLN C 667 -13.21 -90.34 20.09
C GLN C 667 -12.91 -91.74 19.58
N ILE C 668 -13.47 -92.76 20.24
CA ILE C 668 -13.28 -94.14 19.80
C ILE C 668 -13.95 -94.38 18.46
N PHE C 669 -15.12 -93.77 18.24
CA PHE C 669 -15.80 -93.90 16.95
C PHE C 669 -15.00 -93.27 15.82
N ASN C 670 -14.40 -92.10 16.08
CA ASN C 670 -13.57 -91.46 15.06
C ASN C 670 -12.32 -92.28 14.78
N ASN C 671 -11.72 -92.86 15.82
CA ASN C 671 -10.56 -93.73 15.62
C ASN C 671 -10.93 -94.96 14.81
N ILE C 672 -12.10 -95.56 15.09
CA ILE C 672 -12.57 -96.72 14.34
C ILE C 672 -12.83 -96.36 12.89
N ARG C 673 -13.43 -95.20 12.65
CA ARG C 673 -13.71 -94.76 11.29
C ARG C 673 -12.43 -94.50 10.51
N LEU C 674 -11.47 -93.81 11.14
CA LEU C 674 -10.21 -93.52 10.45
C LEU C 674 -9.38 -94.78 10.23
N THR C 675 -9.51 -95.77 11.11
CA THR C 675 -8.83 -97.04 10.87
C THR C 675 -9.49 -97.82 9.75
N LYS C 676 -10.82 -97.80 9.69
CA LYS C 676 -11.54 -98.60 8.69
C LYS C 676 -11.40 -98.01 7.29
N ILE C 677 -11.50 -96.69 7.15
CA ILE C 677 -11.41 -96.07 5.83
C ILE C 677 -9.99 -95.91 5.34
N ALA C 678 -8.99 -96.31 6.13
CA ALA C 678 -7.60 -96.24 5.70
C ALA C 678 -7.24 -97.34 4.71
N HIS C 679 -8.05 -98.39 4.63
CA HIS C 679 -7.85 -99.54 3.74
C HIS C 679 -6.49 -100.20 3.92
N SER C 695 -14.51 -83.34 17.82
CA SER C 695 -14.99 -82.89 19.12
C SER C 695 -16.32 -82.16 19.00
N PRO C 696 -17.43 -82.91 19.14
CA PRO C 696 -18.75 -82.28 19.07
C PRO C 696 -19.03 -81.29 20.19
N VAL C 697 -18.38 -81.42 21.34
CA VAL C 697 -18.63 -80.49 22.44
C VAL C 697 -18.09 -79.11 22.11
N GLU C 698 -16.89 -79.03 21.53
CA GLU C 698 -16.32 -77.75 21.13
C GLU C 698 -17.16 -77.11 20.03
N LYS C 699 -17.66 -77.91 19.09
CA LYS C 699 -18.54 -77.40 18.06
C LYS C 699 -19.84 -76.89 18.65
N PHE C 700 -20.38 -77.60 19.64
CA PHE C 700 -21.61 -77.16 20.29
C PHE C 700 -21.41 -75.84 21.02
N LYS C 701 -20.28 -75.68 21.71
CA LYS C 701 -19.97 -74.43 22.38
C LYS C 701 -19.82 -73.29 21.38
N TYR C 702 -19.15 -73.54 20.26
CA TYR C 702 -18.89 -72.50 19.28
C TYR C 702 -20.19 -72.05 18.61
N LEU C 703 -21.03 -73.01 18.23
CA LEU C 703 -22.31 -72.67 17.59
C LEU C 703 -23.29 -72.08 18.58
N ALA C 704 -23.16 -72.40 19.87
CA ALA C 704 -23.96 -71.69 20.86
C ALA C 704 -23.52 -70.24 20.97
N ARG C 705 -22.21 -69.98 21.00
CA ARG C 705 -21.76 -68.64 21.28
C ARG C 705 -21.88 -67.70 20.09
N GLN C 706 -21.74 -68.19 18.84
CA GLN C 706 -21.66 -67.26 17.73
C GLN C 706 -22.90 -67.16 16.86
N LEU C 707 -23.80 -68.12 16.87
CA LEU C 707 -25.06 -67.95 16.15
C LEU C 707 -25.94 -66.91 16.84
N LYS C 708 -26.70 -66.18 16.03
CA LYS C 708 -27.58 -65.11 16.51
C LYS C 708 -28.97 -65.69 16.72
N PHE C 709 -29.18 -66.29 17.90
CA PHE C 709 -30.49 -66.84 18.24
C PHE C 709 -31.54 -65.73 18.36
N SER C 710 -31.16 -64.60 18.93
CA SER C 710 -32.10 -63.53 19.22
C SER C 710 -32.48 -62.77 17.96
N TYR C 711 -33.68 -62.21 17.95
CA TYR C 711 -34.11 -61.37 16.85
C TYR C 711 -33.45 -59.99 16.92
N ILE C 712 -33.31 -59.44 18.11
CA ILE C 712 -32.67 -58.13 18.27
C ILE C 712 -31.19 -58.28 18.54
N VAL C 836 -53.12 -49.48 9.26
CA VAL C 836 -52.87 -50.85 8.85
C VAL C 836 -51.59 -50.93 8.03
N GLU C 837 -51.19 -49.79 7.47
CA GLU C 837 -49.95 -49.75 6.70
C GLU C 837 -48.72 -49.85 7.60
N ALA C 838 -48.84 -49.39 8.84
CA ALA C 838 -47.73 -49.48 9.79
C ALA C 838 -47.41 -50.91 10.14
N GLU C 839 -48.43 -51.76 10.29
CA GLU C 839 -48.20 -53.18 10.53
C GLU C 839 -47.50 -53.83 9.34
N LEU C 840 -47.89 -53.42 8.12
CA LEU C 840 -47.23 -53.93 6.92
C LEU C 840 -45.77 -53.50 6.87
N GLN C 841 -45.49 -52.25 7.24
CA GLN C 841 -44.11 -51.77 7.26
C GLN C 841 -43.28 -52.49 8.31
N GLU C 842 -43.88 -52.75 9.48
CA GLU C 842 -43.20 -53.49 10.53
C GLU C 842 -42.92 -54.92 10.09
N LYS C 843 -43.86 -55.55 9.39
CA LYS C 843 -43.64 -56.89 8.87
C LYS C 843 -42.56 -56.91 7.80
N ILE C 844 -42.50 -55.86 6.98
CA ILE C 844 -41.46 -55.75 5.96
C ILE C 844 -40.09 -55.62 6.59
N GLN C 845 -39.97 -54.77 7.61
CA GLN C 845 -38.69 -54.63 8.31
C GLN C 845 -38.31 -55.91 9.06
N THR C 846 -39.30 -56.62 9.59
CA THR C 846 -39.04 -57.91 10.24
C THR C 846 -38.50 -58.93 9.25
N LEU C 847 -39.08 -58.98 8.05
CA LEU C 847 -38.58 -59.88 7.03
C LEU C 847 -37.16 -59.48 6.59
N VAL C 848 -36.89 -58.18 6.52
CA VAL C 848 -35.58 -57.72 6.06
C VAL C 848 -34.49 -58.09 7.07
N ASP C 849 -34.70 -57.78 8.35
CA ASP C 849 -33.63 -58.13 9.27
C ASP C 849 -33.61 -59.61 9.64
N LEU C 850 -34.70 -60.34 9.41
CA LEU C 850 -34.60 -61.80 9.49
C LEU C 850 -33.79 -62.37 8.33
N ILE C 851 -33.89 -61.76 7.14
CA ILE C 851 -33.03 -62.14 6.03
C ILE C 851 -31.57 -61.88 6.39
N SER C 852 -31.30 -60.74 7.03
CA SER C 852 -29.93 -60.44 7.46
C SER C 852 -29.43 -61.43 8.51
N ILE C 853 -30.29 -61.81 9.46
CA ILE C 853 -29.92 -62.77 10.49
C ILE C 853 -29.64 -64.15 9.88
N ALA C 854 -30.47 -64.55 8.91
CA ALA C 854 -30.26 -65.83 8.23
C ALA C 854 -28.96 -65.81 7.43
N THR C 855 -28.64 -64.68 6.82
CA THR C 855 -27.38 -64.54 6.11
C THR C 855 -26.20 -64.65 7.05
N HIS C 856 -26.29 -64.04 8.23
CA HIS C 856 -25.21 -64.15 9.22
C HIS C 856 -25.04 -65.60 9.71
N ASN C 857 -26.15 -66.30 9.95
CA ASN C 857 -26.06 -67.69 10.42
C ASN C 857 -25.51 -68.61 9.32
N ALA C 858 -25.81 -68.30 8.06
CA ALA C 858 -25.19 -69.05 6.99
C ALA C 858 -23.72 -68.71 6.88
N SER C 859 -23.36 -67.46 7.14
CA SER C 859 -21.97 -67.07 7.03
C SER C 859 -21.13 -67.76 8.08
N VAL C 860 -21.65 -67.88 9.31
CA VAL C 860 -20.87 -68.54 10.36
C VAL C 860 -20.77 -70.05 10.10
N TYR C 861 -21.85 -70.66 9.57
CA TYR C 861 -21.75 -72.08 9.18
C TYR C 861 -20.75 -72.30 8.06
N LEU C 862 -20.74 -71.42 7.05
CA LEU C 862 -19.74 -71.53 5.99
C LEU C 862 -18.35 -71.24 6.52
N SER C 863 -18.24 -70.42 7.56
CA SER C 863 -16.96 -70.14 8.20
C SER C 863 -16.39 -71.37 8.87
N ILE C 864 -17.23 -72.16 9.54
CA ILE C 864 -16.70 -73.38 10.15
C ILE C 864 -16.72 -74.54 9.17
N ASP C 865 -17.05 -74.25 7.90
CA ASP C 865 -17.01 -75.19 6.79
C ASP C 865 -17.91 -76.39 7.07
N ASP C 866 -19.20 -76.10 7.23
CA ASP C 866 -20.24 -77.12 7.39
C ASP C 866 -21.31 -76.80 6.35
N LEU C 867 -21.34 -77.58 5.27
CA LEU C 867 -22.24 -77.24 4.16
C LEU C 867 -23.67 -77.70 4.43
N THR C 868 -23.84 -78.78 5.18
CA THR C 868 -25.16 -79.37 5.39
C THR C 868 -26.08 -78.49 6.19
N ASN C 869 -25.54 -77.57 6.99
CA ASN C 869 -26.33 -76.60 7.72
C ASN C 869 -26.23 -75.21 7.12
N PHE C 870 -25.22 -74.96 6.29
CA PHE C 870 -25.18 -73.74 5.50
C PHE C 870 -26.34 -73.72 4.50
N LYS C 871 -26.62 -74.87 3.88
CA LYS C 871 -27.70 -74.95 2.91
C LYS C 871 -29.06 -74.69 3.56
N ILE C 872 -29.21 -75.06 4.83
CA ILE C 872 -30.48 -74.86 5.53
C ILE C 872 -30.78 -73.36 5.64
N TRP C 873 -29.79 -72.58 6.03
CA TRP C 873 -30.02 -71.17 6.20
C TRP C 873 -30.08 -70.44 4.87
N ILE C 874 -29.43 -70.97 3.82
CA ILE C 874 -29.65 -70.41 2.49
C ILE C 874 -31.09 -70.65 2.03
N LEU C 875 -31.63 -71.84 2.29
CA LEU C 875 -33.03 -72.11 1.96
C LEU C 875 -33.97 -71.21 2.74
N ILE C 876 -33.67 -70.99 4.03
CA ILE C 876 -34.50 -70.13 4.86
C ILE C 876 -34.45 -68.69 4.36
N ARG C 877 -33.26 -68.21 4.00
CA ARG C 877 -33.13 -66.85 3.48
C ARG C 877 -33.87 -66.69 2.16
N ASP C 878 -33.81 -67.69 1.28
CA ASP C 878 -34.51 -67.59 0.01
C ASP C 878 -36.02 -67.66 0.20
N SER C 879 -36.49 -68.44 1.17
CA SER C 879 -37.92 -68.48 1.47
C SER C 879 -38.40 -67.15 2.04
N LEU C 880 -37.58 -66.52 2.89
CA LEU C 880 -37.94 -65.21 3.41
C LEU C 880 -37.90 -64.15 2.33
N LEU C 881 -37.01 -64.29 1.35
CA LEU C 881 -37.01 -63.38 0.20
C LEU C 881 -38.27 -63.55 -0.64
N TRP C 882 -38.72 -64.80 -0.80
CA TRP C 882 -39.98 -65.07 -1.49
C TRP C 882 -41.17 -64.43 -0.77
N ASP C 883 -41.21 -64.56 0.56
CA ASP C 883 -42.29 -63.94 1.31
C ASP C 883 -42.20 -62.41 1.27
N LEU C 884 -40.99 -61.86 1.25
CA LEU C 884 -40.82 -60.43 1.18
C LEU C 884 -41.30 -59.87 -0.15
N LYS C 885 -40.97 -60.53 -1.26
CA LYS C 885 -41.45 -60.04 -2.55
C LYS C 885 -42.95 -60.27 -2.70
N TRP C 886 -43.51 -61.31 -2.07
CA TRP C 886 -44.95 -61.50 -2.14
C TRP C 886 -45.70 -60.47 -1.30
N MET C 887 -45.10 -60.03 -0.19
CA MET C 887 -45.71 -58.96 0.59
C MET C 887 -45.55 -57.61 -0.11
N THR C 888 -44.42 -57.40 -0.77
CA THR C 888 -44.19 -56.14 -1.47
C THR C 888 -45.11 -55.99 -2.68
N SER C 889 -45.31 -57.08 -3.43
CA SER C 889 -46.17 -57.00 -4.62
C SER C 889 -47.64 -56.82 -4.27
N SER C 890 -48.05 -57.19 -3.06
CA SER C 890 -49.45 -57.05 -2.65
C SER C 890 -49.77 -55.60 -2.31
N ILE C 1154 -57.29 -78.18 -2.63
CA ILE C 1154 -56.06 -77.54 -3.04
C ILE C 1154 -55.00 -77.77 -1.96
N ALA C 1155 -53.73 -77.76 -2.35
CA ALA C 1155 -52.62 -77.96 -1.44
C ALA C 1155 -51.55 -76.90 -1.68
N ASP C 1156 -50.81 -76.59 -0.63
CA ASP C 1156 -49.75 -75.60 -0.73
C ASP C 1156 -48.56 -76.16 -1.50
N PRO C 1157 -47.83 -75.32 -2.22
CA PRO C 1157 -46.61 -75.79 -2.88
C PRO C 1157 -45.53 -76.10 -1.86
N PRO C 1158 -44.60 -77.01 -2.19
CA PRO C 1158 -43.52 -77.32 -1.25
C PRO C 1158 -42.55 -76.18 -1.01
N TRP C 1159 -42.41 -75.25 -1.94
CA TRP C 1159 -41.45 -74.17 -1.80
C TRP C 1159 -42.02 -72.95 -1.09
N ASP C 1160 -43.20 -73.08 -0.48
CA ASP C 1160 -43.77 -71.99 0.28
C ASP C 1160 -42.92 -71.70 1.51
N THR C 1161 -42.91 -70.42 1.91
CA THR C 1161 -42.03 -69.97 2.98
C THR C 1161 -42.39 -70.55 4.34
N LYS C 1162 -43.62 -71.04 4.51
CA LYS C 1162 -44.03 -71.63 5.77
C LYS C 1162 -43.79 -73.13 5.78
N LYS C 1163 -44.17 -73.81 4.70
CA LYS C 1163 -44.06 -75.26 4.64
C LYS C 1163 -42.61 -75.70 4.60
N LEU C 1164 -41.76 -74.96 3.90
CA LEU C 1164 -40.35 -75.33 3.83
C LEU C 1164 -39.66 -75.15 5.18
N ILE C 1165 -39.99 -74.07 5.89
CA ILE C 1165 -39.40 -73.84 7.21
C ILE C 1165 -39.88 -74.91 8.20
N LYS C 1166 -41.17 -75.24 8.16
CA LYS C 1166 -41.69 -76.28 9.05
C LYS C 1166 -41.09 -77.65 8.72
N GLN C 1167 -40.88 -77.94 7.45
CA GLN C 1167 -40.28 -79.22 7.06
C GLN C 1167 -38.82 -79.29 7.46
N LEU C 1168 -38.09 -78.18 7.32
CA LEU C 1168 -36.70 -78.13 7.77
C LEU C 1168 -36.60 -78.30 9.28
N TYR C 1169 -37.52 -77.68 10.02
CA TYR C 1169 -37.55 -77.85 11.47
C TYR C 1169 -37.85 -79.28 11.86
N ASN C 1170 -38.79 -79.93 11.15
CA ASN C 1170 -39.13 -81.31 11.46
C ASN C 1170 -37.96 -82.25 11.13
N GLN C 1171 -37.27 -82.01 10.02
CA GLN C 1171 -36.10 -82.80 9.69
C GLN C 1171 -34.98 -82.58 10.71
N ALA C 1172 -34.84 -81.35 11.22
CA ALA C 1172 -33.83 -81.07 12.22
C ALA C 1172 -34.15 -81.78 13.53
N THR C 1173 -35.41 -81.72 13.97
CA THR C 1173 -35.77 -82.37 15.22
C THR C 1173 -35.87 -83.88 15.10
N GLU C 1174 -35.92 -84.43 13.87
CA GLU C 1174 -35.74 -85.86 13.72
C GLU C 1174 -34.27 -86.24 13.65
N THR C 1175 -33.42 -85.36 13.12
CA THR C 1175 -32.00 -85.64 13.03
C THR C 1175 -31.32 -85.51 14.40
N GLY C 1176 -31.71 -84.50 15.17
CA GLY C 1176 -31.11 -84.25 16.46
C GLY C 1176 -30.26 -83.00 16.55
N ASN C 1177 -30.23 -82.18 15.50
CA ASN C 1177 -29.47 -80.93 15.53
C ASN C 1177 -30.19 -79.93 16.43
N VAL C 1178 -29.74 -79.84 17.69
CA VAL C 1178 -30.46 -79.05 18.68
C VAL C 1178 -30.35 -77.56 18.37
N VAL C 1179 -29.16 -77.11 17.94
CA VAL C 1179 -28.90 -75.69 17.73
C VAL C 1179 -29.83 -75.11 16.68
N LEU C 1180 -29.98 -75.82 15.56
CA LEU C 1180 -30.81 -75.30 14.47
C LEU C 1180 -32.28 -75.42 14.81
N THR C 1181 -32.69 -76.51 15.46
CA THR C 1181 -34.11 -76.70 15.76
C THR C 1181 -34.58 -75.79 16.89
N VAL C 1182 -33.66 -75.16 17.63
CA VAL C 1182 -34.04 -74.19 18.65
C VAL C 1182 -33.90 -72.78 18.07
N ASN C 1183 -32.94 -72.61 17.16
CA ASN C 1183 -32.76 -71.32 16.51
C ASN C 1183 -33.95 -70.96 15.63
N ILE C 1184 -34.50 -71.94 14.90
CA ILE C 1184 -35.68 -71.70 14.10
C ILE C 1184 -36.88 -71.38 15.00
N LEU C 1185 -36.94 -72.02 16.17
CA LEU C 1185 -38.03 -71.75 17.10
C LEU C 1185 -37.94 -70.35 17.71
N PHE C 1186 -36.74 -69.83 17.94
CA PHE C 1186 -36.64 -68.41 18.29
C PHE C 1186 -37.05 -67.51 17.14
N LEU C 1187 -36.46 -67.70 15.97
CA LEU C 1187 -36.53 -66.66 14.96
C LEU C 1187 -37.86 -66.63 14.20
N PHE C 1188 -38.58 -67.75 14.13
CA PHE C 1188 -39.74 -67.87 13.26
C PHE C 1188 -40.93 -68.49 13.99
N GLN C 1189 -41.25 -67.96 15.17
CA GLN C 1189 -42.38 -68.48 15.94
C GLN C 1189 -43.61 -67.57 15.87
N THR C 1190 -43.43 -66.28 16.10
CA THR C 1190 -44.58 -65.38 16.17
C THR C 1190 -45.19 -65.15 14.79
N ILE C 1191 -44.35 -64.90 13.78
CA ILE C 1191 -44.87 -64.61 12.44
C ILE C 1191 -45.39 -65.88 11.78
N TYR C 1192 -44.69 -66.99 11.93
CA TYR C 1192 -45.07 -68.27 11.34
C TYR C 1192 -45.32 -69.27 12.45
N GLN C 1193 -46.55 -69.76 12.56
CA GLN C 1193 -46.87 -70.75 13.58
C GLN C 1193 -46.29 -72.09 13.15
N ILE C 1194 -45.22 -72.52 13.83
CA ILE C 1194 -44.60 -73.79 13.49
C ILE C 1194 -45.30 -74.92 14.23
N THR C 1195 -45.22 -74.91 15.55
CA THR C 1195 -45.82 -75.98 16.36
C THR C 1195 -46.61 -75.41 17.52
N GLU C 1196 -46.98 -76.27 18.46
CA GLU C 1196 -47.69 -75.83 19.65
C GLU C 1196 -46.76 -74.97 20.51
N ILE C 1197 -47.38 -74.05 21.27
CA ILE C 1197 -46.63 -73.17 22.14
C ILE C 1197 -45.95 -73.98 23.25
N ASP C 1198 -46.62 -75.03 23.72
CA ASP C 1198 -46.05 -75.88 24.77
C ASP C 1198 -44.78 -76.58 24.30
N ILE C 1199 -44.80 -77.10 23.08
CA ILE C 1199 -43.63 -77.79 22.54
C ILE C 1199 -42.49 -76.82 22.31
N ALA C 1200 -42.80 -75.62 21.83
CA ALA C 1200 -41.75 -74.63 21.59
C ALA C 1200 -41.11 -74.16 22.89
N LYS C 1201 -41.92 -73.88 23.91
CA LYS C 1201 -41.38 -73.47 25.20
C LYS C 1201 -40.61 -74.60 25.86
N ASP C 1202 -41.07 -75.84 25.69
CA ASP C 1202 -40.32 -76.99 26.20
C ASP C 1202 -38.98 -77.14 25.51
N ALA C 1203 -38.94 -76.86 24.21
CA ALA C 1203 -37.68 -76.96 23.48
C ALA C 1203 -36.70 -75.87 23.89
N ILE C 1204 -37.21 -74.64 24.09
CA ILE C 1204 -36.36 -73.56 24.61
C ILE C 1204 -35.82 -73.91 25.98
N ALA C 1205 -36.68 -74.44 26.85
CA ALA C 1205 -36.26 -74.81 28.21
C ALA C 1205 -35.24 -75.94 28.20
N HIS C 1206 -35.42 -76.92 27.31
CA HIS C 1206 -34.49 -78.04 27.26
C HIS C 1206 -33.15 -77.60 26.69
N PHE C 1207 -33.15 -76.68 25.73
CA PHE C 1207 -31.89 -76.15 25.24
C PHE C 1207 -31.18 -75.32 26.31
N LEU C 1208 -31.95 -74.58 27.12
CA LEU C 1208 -31.33 -73.81 28.21
C LEU C 1208 -30.74 -74.73 29.26
N LEU C 1209 -31.45 -75.80 29.63
CA LEU C 1209 -30.92 -76.75 30.59
C LEU C 1209 -29.71 -77.49 30.03
N LEU C 1210 -29.70 -77.78 28.73
CA LEU C 1210 -28.54 -78.38 28.08
C LEU C 1210 -27.36 -77.43 28.10
N LEU C 1211 -27.59 -76.14 27.89
CA LEU C 1211 -26.53 -75.15 27.98
C LEU C 1211 -26.01 -75.04 29.40
N HIS C 1212 -26.90 -75.13 30.39
CA HIS C 1212 -26.49 -75.10 31.78
C HIS C 1212 -25.73 -76.35 32.19
N ARG C 1213 -25.96 -77.47 31.50
CA ARG C 1213 -25.23 -78.70 31.80
C ARG C 1213 -23.75 -78.55 31.50
N TYR C 1214 -23.42 -77.91 30.39
CA TYR C 1214 -22.05 -77.48 30.17
C TYR C 1214 -21.79 -76.19 30.96
N GLU C 1215 -20.53 -75.80 31.03
CA GLU C 1215 -20.15 -74.57 31.71
C GLU C 1215 -20.22 -73.36 30.78
N LEU C 1216 -21.39 -73.17 30.16
CA LEU C 1216 -21.66 -72.01 29.30
C LEU C 1216 -22.86 -71.28 29.89
N PHE C 1217 -22.59 -70.38 30.83
CA PHE C 1217 -23.65 -69.64 31.49
C PHE C 1217 -23.92 -68.29 30.86
N GLY C 1218 -22.88 -67.64 30.33
CA GLY C 1218 -23.10 -66.37 29.64
C GLY C 1218 -23.89 -66.53 28.37
N ILE C 1219 -23.67 -67.63 27.65
CA ILE C 1219 -24.46 -67.93 26.47
C ILE C 1219 -25.90 -68.21 26.85
N ALA C 1220 -26.12 -68.90 27.97
CA ALA C 1220 -27.47 -69.14 28.46
C ALA C 1220 -28.15 -67.83 28.86
N ALA C 1221 -27.39 -66.91 29.45
CA ALA C 1221 -27.95 -65.60 29.80
C ALA C 1221 -28.31 -64.80 28.55
N ASP C 1222 -27.46 -64.85 27.53
CA ASP C 1222 -27.76 -64.16 26.27
C ASP C 1222 -28.99 -64.74 25.60
N VAL C 1223 -29.13 -66.06 25.62
CA VAL C 1223 -30.31 -66.71 25.06
C VAL C 1223 -31.56 -66.32 25.84
N LEU C 1224 -31.48 -66.34 27.17
CA LEU C 1224 -32.65 -66.08 28.00
C LEU C 1224 -33.05 -64.62 28.05
N LYS C 1225 -32.12 -63.69 27.78
CA LYS C 1225 -32.43 -62.27 27.90
C LYS C 1225 -33.40 -61.81 26.82
N TYR C 1226 -33.22 -62.29 25.59
CA TYR C 1226 -34.02 -61.83 24.46
C TYR C 1226 -35.01 -62.88 23.98
N CYS C 1227 -35.39 -63.82 24.85
CA CYS C 1227 -36.36 -64.84 24.47
C CYS C 1227 -37.75 -64.23 24.36
N PRO C 1228 -38.45 -64.41 23.25
CA PRO C 1228 -39.79 -63.83 23.11
C PRO C 1228 -40.83 -64.46 24.03
N PHE C 1229 -40.56 -65.67 24.54
CA PHE C 1229 -41.45 -66.31 25.51
C PHE C 1229 -41.08 -65.85 26.91
N GLU C 1230 -42.07 -65.35 27.65
CA GLU C 1230 -41.82 -64.60 28.87
C GLU C 1230 -41.88 -65.44 30.14
N ASP C 1231 -42.08 -66.75 30.03
CA ASP C 1231 -42.25 -67.58 31.22
C ASP C 1231 -41.48 -68.89 31.08
N ILE C 1232 -40.26 -68.82 30.55
CA ILE C 1232 -39.51 -70.04 30.26
C ILE C 1232 -38.97 -70.66 31.55
N MET C 1233 -38.15 -69.92 32.29
CA MET C 1233 -37.52 -70.42 33.51
C MET C 1233 -38.10 -69.66 34.69
N GLY C 1234 -39.09 -70.25 35.35
CA GLY C 1234 -39.71 -69.66 36.51
C GLY C 1234 -40.88 -68.76 36.17
N SER C 1235 -41.75 -68.55 37.15
CA SER C 1235 -42.92 -67.70 37.00
C SER C 1235 -43.01 -66.60 38.05
N GLU C 1236 -42.02 -66.48 38.94
CA GLU C 1236 -42.04 -65.47 39.97
C GLU C 1236 -41.60 -64.10 39.48
N GLY C 1237 -41.08 -64.01 38.26
CA GLY C 1237 -40.63 -62.74 37.71
C GLY C 1237 -39.16 -62.48 37.95
N ASP C 1238 -38.84 -61.67 38.95
CA ASP C 1238 -37.47 -61.31 39.27
C ASP C 1238 -37.00 -62.14 40.45
N GLN C 1239 -36.00 -62.99 40.22
CA GLN C 1239 -35.41 -63.79 41.28
C GLN C 1239 -33.95 -63.44 41.52
N SER C 1240 -33.38 -62.51 40.75
CA SER C 1240 -32.08 -61.93 41.05
C SER C 1240 -32.21 -60.53 41.64
N SER C 1241 -33.43 -60.10 41.97
CA SER C 1241 -33.65 -58.77 42.50
C SER C 1241 -33.39 -58.77 44.00
N ILE C 1242 -32.66 -57.75 44.47
CA ILE C 1242 -32.23 -57.67 45.86
C ILE C 1242 -32.77 -56.37 46.44
N ARG C 1243 -33.50 -56.48 47.55
CA ARG C 1243 -34.05 -55.33 48.23
C ARG C 1243 -33.30 -55.11 49.55
N LEU C 1244 -32.99 -53.85 49.84
CA LEU C 1244 -32.19 -53.51 51.00
C LEU C 1244 -32.96 -52.59 51.93
N PHE C 1245 -32.70 -52.73 53.22
CA PHE C 1245 -33.12 -51.75 54.20
C PHE C 1245 -31.98 -50.77 54.43
N CYS C 1246 -32.31 -49.58 54.92
CA CYS C 1246 -31.30 -48.55 55.08
C CYS C 1246 -30.45 -48.83 56.31
N GLU C 1247 -29.23 -48.31 56.29
CA GLU C 1247 -28.28 -48.51 57.37
C GLU C 1247 -28.42 -47.48 58.48
N ARG C 1248 -29.29 -46.49 58.32
CA ARG C 1248 -29.44 -45.43 59.31
C ARG C 1248 -30.84 -45.32 59.88
N CYS C 1249 -31.89 -45.60 59.09
CA CYS C 1249 -33.25 -45.54 59.59
C CYS C 1249 -33.96 -46.88 59.62
N GLY C 1250 -33.54 -47.85 58.80
CA GLY C 1250 -34.14 -49.16 58.81
C GLY C 1250 -35.30 -49.36 57.85
N GLU C 1251 -35.73 -48.33 57.14
CA GLU C 1251 -36.79 -48.48 56.16
C GLU C 1251 -36.26 -49.11 54.88
N LEU C 1252 -37.17 -49.69 54.11
CA LEU C 1252 -36.80 -50.39 52.89
C LEU C 1252 -36.44 -49.39 51.79
N ILE C 1253 -35.35 -49.67 51.07
CA ILE C 1253 -34.91 -48.81 49.97
C ILE C 1253 -35.68 -49.20 48.72
N THR C 1254 -36.83 -48.55 48.51
CA THR C 1254 -37.56 -48.70 47.26
C THR C 1254 -37.48 -47.47 46.36
N ASN C 1255 -37.31 -46.29 46.96
CA ASN C 1255 -37.04 -45.03 46.25
C ASN C 1255 -38.12 -44.69 45.22
N GLU C 1256 -39.36 -44.64 45.70
CA GLU C 1256 -40.48 -44.34 44.82
C GLU C 1256 -40.49 -42.89 44.39
N SER C 1257 -40.13 -41.99 45.32
CA SER C 1257 -40.18 -40.55 45.03
C SER C 1257 -39.17 -40.15 43.98
N SER C 1258 -37.93 -40.65 44.11
CA SER C 1258 -36.89 -40.33 43.13
C SER C 1258 -37.21 -40.90 41.76
N LYS C 1259 -37.72 -42.13 41.72
CA LYS C 1259 -38.07 -42.75 40.45
C LYS C 1259 -39.23 -42.01 39.77
N GLU C 1260 -40.23 -41.59 40.56
CA GLU C 1260 -41.35 -40.85 40.00
C GLU C 1260 -40.91 -39.49 39.46
N LYS C 1261 -40.09 -38.77 40.23
CA LYS C 1261 -39.63 -37.45 39.79
C LYS C 1261 -38.74 -37.57 38.56
N LEU C 1262 -37.85 -38.56 38.51
CA LEU C 1262 -36.99 -38.72 37.35
C LEU C 1262 -37.76 -39.19 36.13
N ARG C 1263 -38.79 -40.02 36.32
CA ARG C 1263 -39.65 -40.41 35.19
C ARG C 1263 -40.40 -39.21 34.63
N ALA C 1264 -40.92 -38.34 35.50
CA ALA C 1264 -41.61 -37.14 35.03
C ALA C 1264 -40.66 -36.20 34.32
N GLU C 1265 -39.45 -36.02 34.86
CA GLU C 1265 -38.46 -35.15 34.23
C GLU C 1265 -38.03 -35.69 32.87
N ALA C 1266 -37.80 -37.01 32.77
CA ALA C 1266 -37.40 -37.60 31.50
C ALA C 1266 -38.55 -37.59 30.49
N GLN C 1267 -39.79 -37.66 30.96
CA GLN C 1267 -40.94 -37.48 30.07
C GLN C 1267 -40.99 -36.07 29.52
N GLN C 1268 -40.71 -35.07 30.36
CA GLN C 1268 -40.74 -33.69 29.89
C GLN C 1268 -39.57 -33.39 28.95
N THR C 1269 -38.35 -33.78 29.31
CA THR C 1269 -37.19 -33.40 28.54
C THR C 1269 -36.91 -34.31 27.36
N GLY C 1270 -37.63 -35.42 27.23
CA GLY C 1270 -37.41 -36.31 26.09
C GLY C 1270 -36.32 -37.33 26.24
N ASN C 1271 -35.10 -36.91 26.59
CA ASN C 1271 -34.00 -37.86 26.71
C ASN C 1271 -34.15 -38.70 27.96
N LYS C 1272 -33.77 -39.97 27.86
CA LYS C 1272 -33.94 -40.93 28.94
C LYS C 1272 -32.68 -41.14 29.77
N LYS C 1273 -31.63 -40.34 29.53
CA LYS C 1273 -30.43 -40.44 30.33
C LYS C 1273 -30.60 -39.85 31.73
N ILE C 1274 -31.68 -39.09 31.97
CA ILE C 1274 -31.95 -38.57 33.30
C ILE C 1274 -32.29 -39.71 34.26
N MET C 1275 -32.90 -40.77 33.75
CA MET C 1275 -33.25 -41.93 34.57
C MET C 1275 -32.04 -42.72 35.03
N ASP C 1276 -30.85 -42.44 34.49
CA ASP C 1276 -29.63 -43.05 35.01
C ASP C 1276 -29.25 -42.50 36.39
N LYS C 1277 -29.84 -41.39 36.81
CA LYS C 1277 -29.58 -40.86 38.14
C LYS C 1277 -30.30 -41.65 39.22
N PHE C 1278 -31.29 -42.46 38.86
CA PHE C 1278 -31.97 -43.31 39.82
C PHE C 1278 -31.06 -44.43 40.29
N GLY C 1279 -31.13 -44.75 41.57
CA GLY C 1279 -30.35 -45.84 42.12
C GLY C 1279 -30.81 -46.18 43.52
N TYR C 1280 -30.24 -47.26 44.05
CA TYR C 1280 -30.53 -47.71 45.40
C TYR C 1280 -29.37 -47.49 46.35
N TRP C 1281 -28.45 -46.58 46.01
CA TRP C 1281 -27.36 -46.21 46.89
C TRP C 1281 -27.69 -45.04 47.79
N TYR C 1282 -28.93 -44.55 47.76
CA TYR C 1282 -29.36 -43.45 48.59
C TYR C 1282 -30.74 -43.77 49.14
N CYS C 1283 -31.06 -43.16 50.29
CA CYS C 1283 -32.36 -43.34 50.94
C CYS C 1283 -33.11 -42.01 50.89
N ASP C 1284 -34.35 -42.06 50.40
CA ASP C 1284 -35.15 -40.85 50.27
C ASP C 1284 -35.86 -40.46 51.56
N SER C 1285 -35.92 -41.35 52.55
CA SER C 1285 -36.59 -41.01 53.80
C SER C 1285 -35.64 -40.35 54.79
N CYS C 1286 -34.46 -40.93 54.97
CA CYS C 1286 -33.47 -40.41 55.90
C CYS C 1286 -32.45 -39.48 55.24
N LYS C 1287 -32.60 -39.25 53.93
CA LYS C 1287 -31.72 -38.37 53.15
C LYS C 1287 -30.26 -38.81 53.22
N LYS C 1288 -30.02 -40.11 53.08
CA LYS C 1288 -28.67 -40.62 53.02
C LYS C 1288 -28.02 -40.23 51.71
N LYS C 1289 -26.78 -39.76 51.76
CA LYS C 1289 -26.13 -39.23 50.57
C LYS C 1289 -25.67 -40.34 49.64
N ASN C 1290 -24.75 -41.19 50.11
CA ASN C 1290 -24.19 -42.23 49.26
C ASN C 1290 -23.68 -43.37 50.13
N THR C 1291 -23.48 -44.51 49.48
CA THR C 1291 -22.83 -45.66 50.09
C THR C 1291 -21.37 -45.66 49.68
N SER C 1292 -20.48 -45.83 50.65
CA SER C 1292 -19.05 -45.68 50.43
C SER C 1292 -18.36 -47.04 50.37
N CYS C 1293 -17.26 -47.08 49.62
CA CYS C 1293 -16.42 -48.27 49.59
C CYS C 1293 -15.75 -48.46 50.94
N VAL C 1294 -15.55 -49.73 51.31
CA VAL C 1294 -14.97 -50.03 52.62
C VAL C 1294 -13.47 -49.77 52.66
N LEU C 1295 -12.80 -49.77 51.51
CA LEU C 1295 -11.36 -49.59 51.46
C LEU C 1295 -10.95 -48.15 51.13
N CYS C 1296 -11.59 -47.52 50.15
CA CYS C 1296 -11.15 -46.22 49.64
C CYS C 1296 -12.05 -45.07 50.03
N GLU C 1297 -13.24 -45.34 50.58
CA GLU C 1297 -14.20 -44.33 51.04
C GLU C 1297 -14.60 -43.36 49.94
N ARG C 1298 -14.87 -43.89 48.76
CA ARG C 1298 -15.36 -43.15 47.61
C ARG C 1298 -16.82 -43.50 47.34
N PRO C 1299 -17.57 -42.63 46.66
CA PRO C 1299 -18.96 -42.97 46.31
C PRO C 1299 -19.03 -44.17 45.39
N LEU C 1300 -20.08 -44.98 45.59
CA LEU C 1300 -20.23 -46.26 44.94
C LEU C 1300 -21.62 -46.34 44.33
N LYS C 1301 -21.70 -46.52 43.03
CA LYS C 1301 -22.98 -46.36 42.35
C LYS C 1301 -23.39 -47.54 41.47
N LYS C 1302 -22.43 -48.19 40.81
CA LYS C 1302 -22.77 -49.09 39.70
C LYS C 1302 -22.52 -50.56 40.00
N LEU C 1303 -21.38 -50.91 40.56
CA LEU C 1303 -21.11 -52.32 40.85
C LEU C 1303 -20.44 -52.45 42.21
N THR C 1304 -20.93 -53.40 43.02
CA THR C 1304 -20.42 -53.61 44.36
C THR C 1304 -19.94 -55.05 44.50
N MET C 1305 -19.17 -55.29 45.56
CA MET C 1305 -18.71 -56.63 45.94
C MET C 1305 -18.88 -56.72 47.45
N VAL C 1306 -19.95 -57.36 47.89
CA VAL C 1306 -20.33 -57.36 49.29
C VAL C 1306 -19.61 -58.48 50.02
N ILE C 1307 -18.90 -58.12 51.09
CA ILE C 1307 -18.36 -59.09 52.01
C ILE C 1307 -19.49 -59.63 52.87
N LEU C 1308 -19.59 -60.97 52.95
CA LEU C 1308 -20.84 -61.59 53.44
C LEU C 1308 -21.05 -61.45 54.94
N PRO C 1309 -20.17 -61.93 55.83
CA PRO C 1309 -20.58 -62.04 57.25
C PRO C 1309 -20.73 -60.71 57.96
N CYS C 1310 -20.13 -59.64 57.43
CA CYS C 1310 -20.20 -58.33 58.06
C CYS C 1310 -21.00 -57.30 57.28
N GLY C 1311 -21.25 -57.53 55.99
CA GLY C 1311 -22.09 -56.64 55.21
C GLY C 1311 -21.44 -55.31 54.87
N HIS C 1312 -20.32 -55.35 54.16
CA HIS C 1312 -19.61 -54.15 53.76
C HIS C 1312 -19.43 -54.14 52.26
N GLU C 1313 -19.40 -52.93 51.69
CA GLU C 1313 -19.42 -52.74 50.25
C GLU C 1313 -18.02 -52.98 49.68
N GLY C 1314 -17.82 -52.56 48.43
CA GLY C 1314 -16.51 -52.57 47.84
C GLY C 1314 -16.51 -52.50 46.33
N HIS C 1315 -15.59 -51.73 45.76
CA HIS C 1315 -15.32 -51.84 44.33
C HIS C 1315 -14.71 -53.21 44.04
N PHE C 1316 -14.80 -53.61 42.76
CA PHE C 1316 -14.15 -54.85 42.35
C PHE C 1316 -12.64 -54.75 42.49
N GLN C 1317 -12.06 -53.63 42.04
CA GLN C 1317 -10.62 -53.45 42.12
C GLN C 1317 -10.15 -53.33 43.56
N CYS C 1318 -10.91 -52.62 44.41
CA CYS C 1318 -10.49 -52.42 45.79
C CYS C 1318 -10.52 -53.72 46.59
N ILE C 1319 -11.62 -54.47 46.48
CA ILE C 1319 -11.77 -55.72 47.22
C ILE C 1319 -10.80 -56.77 46.70
N GLN C 1320 -10.63 -56.83 45.37
CA GLN C 1320 -9.66 -57.77 44.80
C GLN C 1320 -8.24 -57.41 45.19
N GLU C 1321 -7.92 -56.11 45.28
CA GLU C 1321 -6.60 -55.69 45.73
C GLU C 1321 -6.36 -56.11 47.18
N TRP C 1322 -7.33 -55.86 48.06
CA TRP C 1322 -7.13 -56.15 49.47
C TRP C 1322 -7.11 -57.66 49.75
N PHE C 1323 -7.90 -58.45 49.01
CA PHE C 1323 -7.98 -59.87 49.30
C PHE C 1323 -7.09 -60.74 48.44
N LEU C 1324 -6.43 -60.18 47.42
CA LEU C 1324 -5.49 -60.96 46.62
C LEU C 1324 -4.10 -60.35 46.62
N ASP C 1325 -3.97 -59.05 46.35
CA ASP C 1325 -2.66 -58.44 46.21
C ASP C 1325 -1.97 -58.29 47.55
N GLU C 1326 -2.71 -57.87 48.58
CA GLU C 1326 -2.13 -57.69 49.90
C GLU C 1326 -2.10 -58.98 50.71
N ASN C 1327 -2.79 -60.04 50.26
CA ASN C 1327 -2.85 -61.33 50.95
C ASN C 1327 -3.35 -61.19 52.38
N GLU C 1328 -4.34 -60.33 52.59
CA GLU C 1328 -4.90 -60.08 53.90
C GLU C 1328 -6.23 -60.82 54.02
N GLN C 1329 -6.41 -61.51 55.14
CA GLN C 1329 -7.58 -62.37 55.32
C GLN C 1329 -8.68 -61.70 56.14
N GLU C 1330 -8.51 -60.45 56.54
CA GLU C 1330 -9.52 -59.76 57.34
C GLU C 1330 -10.26 -58.73 56.49
N CYS C 1331 -11.45 -58.39 56.94
CA CYS C 1331 -12.25 -57.36 56.28
C CYS C 1331 -11.57 -56.00 56.43
N PRO C 1332 -11.48 -55.22 55.37
CA PRO C 1332 -10.78 -53.92 55.42
C PRO C 1332 -11.66 -52.78 55.96
N GLY C 1333 -12.37 -53.06 57.05
CA GLY C 1333 -13.22 -52.06 57.68
C GLY C 1333 -13.23 -52.23 59.19
N GLY C 1334 -12.30 -53.00 59.71
CA GLY C 1334 -12.25 -53.27 61.13
C GLY C 1334 -13.31 -54.25 61.58
N CYS C 1335 -13.24 -55.48 61.07
CA CYS C 1335 -14.19 -56.51 61.43
C CYS C 1335 -13.45 -57.73 61.97
N PRO C 1336 -13.83 -58.23 63.14
CA PRO C 1336 -13.11 -59.39 63.69
C PRO C 1336 -13.40 -60.69 62.97
N GLY C 1337 -14.56 -60.82 62.34
CA GLY C 1337 -14.89 -62.04 61.64
C GLY C 1337 -14.01 -62.22 60.42
N VAL C 1338 -13.25 -63.31 60.39
CA VAL C 1338 -12.28 -63.52 59.32
C VAL C 1338 -13.02 -64.01 58.08
N ALA C 1339 -13.36 -63.07 57.20
CA ALA C 1339 -13.94 -63.41 55.89
C ALA C 1339 -12.78 -63.52 54.91
N PHE C 1340 -12.08 -64.64 55.00
CA PHE C 1340 -10.83 -64.82 54.26
C PHE C 1340 -11.08 -65.05 52.78
N ILE C 1341 -9.99 -64.98 52.02
CA ILE C 1341 -9.95 -65.16 50.57
C ILE C 1341 -10.93 -64.24 49.84
N MET D 1 -11.06 -89.75 29.06
CA MET D 1 -11.69 -90.57 30.09
C MET D 1 -11.34 -92.04 29.94
N GLN D 2 -10.97 -92.67 31.05
CA GLN D 2 -10.61 -94.07 31.09
C GLN D 2 -11.40 -94.76 32.19
N PRO D 3 -11.71 -96.05 32.03
CA PRO D 3 -12.46 -96.78 33.06
C PRO D 3 -11.69 -96.87 34.37
N PHE D 4 -12.45 -96.89 35.47
CA PHE D 4 -11.87 -96.91 36.80
C PHE D 4 -12.59 -97.95 37.65
N ASP D 5 -11.91 -98.38 38.71
CA ASP D 5 -12.39 -99.43 39.59
C ASP D 5 -12.86 -98.82 40.91
N SER D 6 -14.08 -99.16 41.32
CA SER D 6 -14.59 -98.69 42.60
C SER D 6 -14.15 -99.65 43.71
N GLY D 7 -14.31 -99.19 44.94
CA GLY D 7 -13.98 -99.99 46.10
C GLY D 7 -15.14 -100.82 46.64
N HIS D 8 -16.23 -100.92 45.88
CA HIS D 8 -17.39 -101.69 46.33
C HIS D 8 -17.07 -103.18 46.37
N ASP D 9 -17.57 -103.84 47.41
CA ASP D 9 -17.32 -105.25 47.63
C ASP D 9 -18.43 -106.14 47.08
N ASP D 10 -19.43 -105.58 46.42
CA ASP D 10 -20.55 -106.37 45.92
C ASP D 10 -21.06 -105.72 44.64
N LEU D 11 -22.26 -106.13 44.21
CA LEU D 11 -22.80 -105.70 42.94
C LEU D 11 -23.35 -104.27 43.03
N VAL D 12 -22.98 -103.46 42.05
CA VAL D 12 -23.48 -102.09 41.94
C VAL D 12 -24.84 -102.13 41.27
N HIS D 13 -25.84 -101.50 41.91
CA HIS D 13 -27.21 -101.62 41.42
C HIS D 13 -27.68 -100.42 40.61
N ASP D 14 -27.24 -99.21 40.95
CA ASP D 14 -27.70 -98.03 40.22
C ASP D 14 -26.63 -96.95 40.27
N VAL D 15 -26.27 -96.44 39.11
CA VAL D 15 -25.30 -95.36 38.97
C VAL D 15 -26.01 -94.19 38.29
N VAL D 16 -25.96 -93.01 38.91
CA VAL D 16 -26.68 -91.84 38.41
C VAL D 16 -25.78 -90.61 38.51
N TYR D 17 -25.65 -89.89 37.41
CA TYR D 17 -24.89 -88.63 37.39
C TYR D 17 -25.62 -87.52 38.13
N ASP D 18 -24.87 -86.45 38.39
CA ASP D 18 -25.42 -85.17 38.83
C ASP D 18 -25.93 -84.40 37.62
N PHE D 19 -26.32 -83.15 37.84
CA PHE D 19 -26.77 -82.33 36.73
C PHE D 19 -25.63 -81.91 35.83
N TYR D 20 -24.51 -81.49 36.41
CA TYR D 20 -23.45 -80.84 35.64
C TYR D 20 -22.51 -81.82 34.96
N GLY D 21 -22.71 -83.13 35.16
CA GLY D 21 -21.87 -84.11 34.49
C GLY D 21 -20.45 -84.13 34.99
N ARG D 22 -20.23 -83.95 36.28
CA ARG D 22 -18.91 -84.11 36.88
C ARG D 22 -18.93 -84.89 38.18
N HIS D 23 -20.09 -85.16 38.76
CA HIS D 23 -20.21 -85.92 40.00
C HIS D 23 -21.01 -87.18 39.72
N VAL D 24 -20.45 -88.32 40.10
CA VAL D 24 -21.10 -89.61 39.91
C VAL D 24 -21.21 -90.31 41.26
N ALA D 25 -22.33 -91.00 41.47
CA ALA D 25 -22.61 -91.66 42.73
C ALA D 25 -23.07 -93.08 42.44
N THR D 26 -22.45 -94.06 43.08
CA THR D 26 -22.75 -95.47 42.88
C THR D 26 -23.24 -96.06 44.18
N CYS D 27 -24.40 -96.72 44.13
CA CYS D 27 -24.93 -97.45 45.25
C CYS D 27 -24.77 -98.94 44.99
N SER D 28 -24.33 -99.68 46.00
CA SER D 28 -23.95 -101.06 45.83
C SER D 28 -24.65 -101.93 46.87
N SER D 29 -24.44 -103.24 46.76
CA SER D 29 -25.08 -104.21 47.63
C SER D 29 -24.30 -104.46 48.91
N ASP D 30 -23.04 -104.02 49.00
CA ASP D 30 -22.26 -104.17 50.22
C ASP D 30 -22.45 -103.02 51.19
N GLN D 31 -23.58 -102.30 51.08
CA GLN D 31 -23.97 -101.20 51.96
C GLN D 31 -22.93 -100.08 51.96
N HIS D 32 -22.71 -99.52 50.76
CA HIS D 32 -21.80 -98.40 50.60
C HIS D 32 -22.24 -97.57 49.41
N ILE D 33 -22.17 -96.25 49.58
CA ILE D 33 -22.37 -95.29 48.50
C ILE D 33 -21.06 -94.56 48.30
N LYS D 34 -20.46 -94.72 47.13
CA LYS D 34 -19.21 -94.03 46.81
C LYS D 34 -19.48 -92.99 45.74
N VAL D 35 -19.12 -91.75 46.05
CA VAL D 35 -19.34 -90.62 45.15
C VAL D 35 -17.99 -90.17 44.62
N PHE D 36 -17.89 -90.05 43.30
CA PHE D 36 -16.66 -89.67 42.62
C PHE D 36 -16.87 -88.37 41.86
N LYS D 37 -15.83 -87.54 41.82
CA LYS D 37 -15.87 -86.28 41.10
C LYS D 37 -14.83 -86.31 39.98
N LEU D 38 -15.19 -85.74 38.84
CA LEU D 38 -14.30 -85.69 37.69
C LEU D 38 -13.35 -84.52 37.84
N ASP D 39 -12.07 -84.82 38.03
CA ASP D 39 -11.06 -83.79 38.15
C ASP D 39 -10.82 -83.10 36.82
N LYS D 40 -10.54 -81.79 36.88
CA LYS D 40 -10.17 -81.06 35.67
C LYS D 40 -8.82 -81.51 35.14
N ASP D 41 -7.88 -81.78 36.03
CA ASP D 41 -6.55 -82.21 35.61
C ASP D 41 -6.56 -83.69 35.25
N THR D 42 -6.01 -84.00 34.07
CA THR D 42 -5.80 -85.35 33.52
C THR D 42 -7.08 -86.15 33.29
N SER D 43 -8.25 -85.54 33.51
CA SER D 43 -9.56 -86.09 33.16
C SER D 43 -9.81 -87.45 33.79
N ASN D 44 -9.45 -87.61 35.06
CA ASN D 44 -9.61 -88.86 35.76
C ASN D 44 -10.60 -88.71 36.90
N TRP D 45 -11.31 -89.78 37.20
CA TRP D 45 -12.26 -89.79 38.30
C TRP D 45 -11.53 -89.95 39.63
N GLU D 46 -11.94 -89.15 40.60
CA GLU D 46 -11.36 -89.18 41.94
C GLU D 46 -12.47 -89.31 42.96
N LEU D 47 -12.16 -89.99 44.07
CA LEU D 47 -13.14 -90.25 45.10
C LEU D 47 -13.41 -89.01 45.92
N SER D 48 -14.68 -88.80 46.29
CA SER D 48 -15.06 -87.73 47.20
C SER D 48 -15.28 -88.26 48.62
N ASP D 49 -16.18 -89.22 48.79
CA ASP D 49 -16.45 -89.80 50.09
C ASP D 49 -17.09 -91.18 49.90
N SER D 50 -17.09 -91.96 50.97
CA SER D 50 -17.70 -93.29 50.96
C SER D 50 -18.30 -93.54 52.33
N TRP D 51 -19.62 -93.59 52.42
CA TRP D 51 -20.28 -93.84 53.69
C TRP D 51 -21.34 -94.92 53.54
N ARG D 52 -21.44 -95.77 54.56
CA ARG D 52 -22.53 -96.74 54.62
C ARG D 52 -23.85 -96.01 54.84
N ALA D 53 -24.88 -96.45 54.13
CA ALA D 53 -26.18 -95.78 54.20
C ALA D 53 -27.26 -96.65 54.84
N HIS D 54 -27.46 -97.86 54.35
CA HIS D 54 -28.58 -98.68 54.78
C HIS D 54 -28.06 -100.03 55.26
N ASP D 55 -28.98 -100.87 55.75
CA ASP D 55 -28.65 -102.18 56.29
C ASP D 55 -28.84 -103.31 55.29
N SER D 56 -29.20 -103.00 54.06
CA SER D 56 -29.41 -104.01 53.03
C SER D 56 -28.75 -103.52 51.75
N SER D 57 -29.05 -104.21 50.66
CA SER D 57 -28.58 -103.78 49.35
C SER D 57 -29.36 -102.55 48.90
N ILE D 58 -28.64 -101.54 48.42
CA ILE D 58 -29.26 -100.31 47.93
C ILE D 58 -29.45 -100.45 46.43
N VAL D 59 -30.69 -100.35 45.97
CA VAL D 59 -31.03 -100.64 44.57
C VAL D 59 -31.40 -99.41 43.75
N ALA D 60 -31.53 -98.24 44.37
CA ALA D 60 -31.88 -97.04 43.62
C ALA D 60 -31.15 -95.83 44.16
N ILE D 61 -30.96 -94.84 43.28
CA ILE D 61 -30.32 -93.59 43.64
C ILE D 61 -30.77 -92.55 42.61
N ASP D 62 -30.82 -91.29 43.03
CA ASP D 62 -31.16 -90.19 42.14
C ASP D 62 -30.70 -88.89 42.77
N TRP D 63 -29.89 -88.12 42.05
CA TRP D 63 -29.50 -86.80 42.50
C TRP D 63 -30.68 -85.85 42.41
N ALA D 64 -30.60 -84.77 43.18
CA ALA D 64 -31.55 -83.68 43.08
C ALA D 64 -30.97 -82.58 42.20
N SER D 65 -31.74 -81.52 41.99
CA SER D 65 -31.27 -80.39 41.24
C SER D 65 -30.16 -79.67 42.03
N PRO D 66 -29.16 -79.11 41.33
CA PRO D 66 -28.09 -78.40 42.04
C PRO D 66 -28.54 -77.10 42.67
N GLU D 67 -29.69 -76.55 42.26
CA GLU D 67 -30.24 -75.37 42.91
C GLU D 67 -30.74 -75.65 44.31
N TYR D 68 -31.07 -76.91 44.61
CA TYR D 68 -31.50 -77.31 45.94
C TYR D 68 -30.38 -77.94 46.74
N GLY D 69 -29.15 -77.88 46.26
CA GLY D 69 -28.01 -78.46 46.94
C GLY D 69 -27.70 -79.86 46.48
N ARG D 70 -26.59 -80.38 46.99
CA ARG D 70 -26.09 -81.71 46.62
C ARG D 70 -26.82 -82.76 47.46
N ILE D 71 -28.01 -83.13 47.01
CA ILE D 71 -28.87 -84.07 47.72
C ILE D 71 -28.87 -85.39 46.97
N ILE D 72 -28.60 -86.48 47.69
CA ILE D 72 -28.63 -87.83 47.15
C ILE D 72 -29.65 -88.63 47.95
N ALA D 73 -30.61 -89.23 47.24
CA ALA D 73 -31.61 -90.08 47.85
C ALA D 73 -31.36 -91.54 47.47
N SER D 74 -31.31 -92.42 48.47
CA SER D 74 -31.04 -93.83 48.24
C SER D 74 -32.18 -94.67 48.79
N ALA D 75 -32.54 -95.72 48.04
CA ALA D 75 -33.60 -96.65 48.42
C ALA D 75 -33.03 -98.05 48.52
N SER D 76 -33.35 -98.73 49.61
CA SER D 76 -32.83 -100.08 49.83
C SER D 76 -33.95 -101.02 50.24
N TYR D 77 -33.59 -102.22 50.68
CA TYR D 77 -34.56 -103.24 51.06
C TYR D 77 -35.05 -103.09 52.50
N ASP D 78 -34.62 -102.05 53.20
CA ASP D 78 -34.96 -101.86 54.60
C ASP D 78 -36.22 -101.02 54.78
N LYS D 79 -37.08 -100.94 53.76
CA LYS D 79 -38.35 -100.22 53.75
C LYS D 79 -38.20 -98.73 54.04
N THR D 80 -37.01 -98.16 53.81
CA THR D 80 -36.74 -96.76 54.12
C THR D 80 -36.02 -96.10 52.96
N VAL D 81 -36.22 -94.79 52.85
CA VAL D 81 -35.49 -93.95 51.91
C VAL D 81 -34.83 -92.83 52.70
N LYS D 82 -33.52 -92.70 52.55
CA LYS D 82 -32.75 -91.70 53.29
C LYS D 82 -32.12 -90.69 52.33
N LEU D 83 -32.19 -89.42 52.70
CA LEU D 83 -31.62 -88.33 51.92
C LEU D 83 -30.28 -87.94 52.52
N TRP D 84 -29.30 -87.69 51.66
CA TRP D 84 -27.94 -87.39 52.09
C TRP D 84 -27.43 -86.13 51.42
N GLU D 85 -26.76 -85.27 52.19
CA GLU D 85 -26.27 -83.98 51.72
C GLU D 85 -24.78 -83.87 51.97
N GLU D 86 -24.04 -83.41 50.96
CA GLU D 86 -22.60 -83.25 51.08
C GLU D 86 -22.25 -82.10 52.02
N ASP D 87 -21.12 -82.26 52.71
CA ASP D 87 -20.58 -81.23 53.60
C ASP D 87 -19.16 -80.90 53.18
N PRO D 88 -18.89 -79.68 52.69
CA PRO D 88 -17.50 -79.29 52.40
C PRO D 88 -16.67 -79.07 53.64
N ASP D 89 -17.28 -78.95 54.82
CA ASP D 89 -16.53 -78.74 56.06
C ASP D 89 -15.66 -79.95 56.38
N GLN D 90 -16.25 -81.14 56.36
CA GLN D 90 -15.48 -82.35 56.63
C GLN D 90 -14.55 -82.66 55.47
N GLU D 91 -13.46 -83.36 55.79
CA GLU D 91 -12.44 -83.67 54.79
C GLU D 91 -12.96 -84.71 53.81
N GLU D 92 -12.39 -84.70 52.61
CA GLU D 92 -12.78 -85.65 51.59
C GLU D 92 -12.31 -87.05 51.95
N CYS D 93 -13.14 -88.05 51.63
CA CYS D 93 -12.95 -89.47 51.90
C CYS D 93 -12.86 -89.79 53.39
N SER D 94 -13.26 -88.87 54.27
CA SER D 94 -13.23 -89.14 55.70
C SER D 94 -14.39 -90.03 56.12
N GLY D 95 -15.56 -89.86 55.49
CA GLY D 95 -16.75 -90.59 55.82
C GLY D 95 -17.79 -89.76 56.55
N ARG D 96 -17.40 -88.66 57.15
CA ARG D 96 -18.33 -87.72 57.77
C ARG D 96 -18.77 -86.62 56.82
N ARG D 97 -18.30 -86.65 55.57
CA ARG D 97 -18.59 -85.63 54.57
C ARG D 97 -20.07 -85.59 54.16
N TRP D 98 -20.86 -86.60 54.50
CA TRP D 98 -22.26 -86.63 54.14
C TRP D 98 -23.10 -86.80 55.40
N ASN D 99 -24.31 -86.25 55.36
CA ASN D 99 -25.19 -86.24 56.52
C ASN D 99 -26.61 -86.54 56.12
N LYS D 100 -27.31 -87.30 56.97
CA LYS D 100 -28.71 -87.62 56.72
C LYS D 100 -29.58 -86.39 56.92
N LEU D 101 -30.73 -86.38 56.26
CA LEU D 101 -31.71 -85.31 56.40
C LEU D 101 -33.05 -85.81 56.93
N CYS D 102 -33.58 -86.88 56.36
CA CYS D 102 -34.85 -87.44 56.80
C CYS D 102 -34.95 -88.88 56.32
N THR D 103 -35.43 -89.76 57.19
CA THR D 103 -35.61 -91.18 56.86
C THR D 103 -37.08 -91.43 56.59
N LEU D 104 -37.39 -91.85 55.37
CA LEU D 104 -38.78 -92.11 54.95
C LEU D 104 -39.18 -93.52 55.36
N ASN D 105 -39.43 -93.68 56.67
CA ASN D 105 -39.84 -94.97 57.22
C ASN D 105 -41.35 -95.11 57.25
N ASP D 106 -41.98 -94.88 56.10
CA ASP D 106 -43.43 -94.96 55.96
C ASP D 106 -43.82 -96.08 55.00
N SER D 107 -43.12 -97.20 55.07
CA SER D 107 -43.37 -98.32 54.18
C SER D 107 -43.45 -99.61 54.98
N LYS D 108 -44.29 -100.53 54.49
CA LYS D 108 -44.39 -101.87 55.07
C LYS D 108 -43.52 -102.88 54.36
N GLY D 109 -43.34 -102.75 53.05
CA GLY D 109 -42.49 -103.61 52.27
C GLY D 109 -41.23 -102.88 51.83
N SER D 110 -40.31 -103.65 51.25
CA SER D 110 -39.05 -103.11 50.79
C SER D 110 -39.26 -102.22 49.57
N LEU D 111 -38.68 -101.03 49.60
CA LEU D 111 -38.82 -100.06 48.51
C LEU D 111 -37.78 -100.34 47.43
N TYR D 112 -38.20 -100.19 46.18
CA TYR D 112 -37.32 -100.47 45.05
C TYR D 112 -36.81 -99.22 44.34
N SER D 113 -37.68 -98.26 44.01
CA SER D 113 -37.30 -97.16 43.15
C SER D 113 -37.51 -95.82 43.85
N VAL D 114 -36.50 -94.95 43.76
CA VAL D 114 -36.62 -93.57 44.21
C VAL D 114 -36.19 -92.66 43.05
N LYS D 115 -36.98 -91.63 42.79
CA LYS D 115 -36.73 -90.75 41.66
C LYS D 115 -37.12 -89.32 42.02
N PHE D 116 -36.34 -88.36 41.52
CA PHE D 116 -36.57 -86.94 41.78
C PHE D 116 -37.36 -86.30 40.65
N ALA D 117 -38.33 -85.47 41.02
CA ALA D 117 -39.23 -84.85 40.07
C ALA D 117 -38.52 -83.77 39.28
N PRO D 118 -39.10 -83.33 38.15
CA PRO D 118 -38.60 -82.12 37.48
C PRO D 118 -38.69 -80.89 38.36
N ALA D 119 -37.78 -79.95 38.14
CA ALA D 119 -37.59 -78.83 39.04
C ALA D 119 -38.75 -77.85 39.05
N HIS D 120 -39.62 -77.87 38.04
CA HIS D 120 -40.77 -76.97 38.06
C HIS D 120 -41.90 -77.50 38.93
N LEU D 121 -41.78 -78.71 39.46
CA LEU D 121 -42.69 -79.22 40.48
C LEU D 121 -42.18 -78.97 41.89
N GLY D 122 -41.04 -78.31 42.04
CA GLY D 122 -40.41 -78.19 43.33
C GLY D 122 -39.63 -79.44 43.67
N LEU D 123 -39.22 -79.52 44.93
CA LEU D 123 -38.50 -80.68 45.43
C LEU D 123 -39.51 -81.76 45.78
N LYS D 124 -39.74 -82.68 44.86
CA LYS D 124 -40.72 -83.75 45.03
C LYS D 124 -40.03 -85.10 44.80
N LEU D 125 -40.32 -86.06 45.68
CA LEU D 125 -39.69 -87.37 45.65
C LEU D 125 -40.74 -88.44 45.37
N ALA D 126 -40.43 -89.35 44.46
CA ALA D 126 -41.31 -90.47 44.10
C ALA D 126 -40.72 -91.77 44.64
N CYS D 127 -41.56 -92.55 45.32
CA CYS D 127 -41.13 -93.81 45.91
C CYS D 127 -42.10 -94.91 45.53
N LEU D 128 -41.56 -96.08 45.17
CA LEU D 128 -42.37 -97.23 44.80
C LEU D 128 -41.61 -98.49 45.12
N GLY D 129 -42.27 -99.41 45.84
CA GLY D 129 -41.64 -100.66 46.26
C GLY D 129 -42.62 -101.80 46.28
N ASN D 130 -42.46 -102.69 47.26
CA ASN D 130 -43.23 -103.92 47.31
C ASN D 130 -44.63 -103.73 47.85
N ASP D 131 -44.96 -102.56 48.39
CA ASP D 131 -46.28 -102.36 48.97
C ASP D 131 -47.36 -102.17 47.91
N GLY D 132 -46.99 -101.98 46.65
CA GLY D 132 -47.95 -101.78 45.58
C GLY D 132 -48.58 -100.41 45.54
N ILE D 133 -48.05 -99.46 46.29
CA ILE D 133 -48.58 -98.10 46.32
C ILE D 133 -47.45 -97.13 46.01
N LEU D 134 -47.73 -96.15 45.15
CA LEU D 134 -46.76 -95.14 44.79
C LEU D 134 -46.85 -94.00 45.80
N ARG D 135 -45.73 -93.71 46.46
CA ARG D 135 -45.68 -92.66 47.48
C ARG D 135 -44.95 -91.45 46.91
N LEU D 136 -45.62 -90.30 46.96
CA LEU D 136 -45.04 -89.03 46.55
C LEU D 136 -44.79 -88.17 47.78
N TYR D 137 -43.55 -87.74 47.96
CA TYR D 137 -43.16 -86.89 49.07
C TYR D 137 -42.79 -85.50 48.56
N ASP D 138 -43.41 -84.48 49.14
CA ASP D 138 -43.18 -83.10 48.74
C ASP D 138 -42.41 -82.35 49.82
N ALA D 139 -41.63 -81.38 49.39
CA ALA D 139 -41.03 -80.40 50.30
C ALA D 139 -41.91 -79.15 50.19
N LEU D 140 -42.90 -79.06 51.09
CA LEU D 140 -43.78 -77.90 51.09
C LEU D 140 -43.03 -76.63 51.45
N GLU D 141 -41.98 -76.74 52.25
CA GLU D 141 -40.99 -75.69 52.43
C GLU D 141 -39.65 -76.20 51.92
N PRO D 142 -39.21 -75.78 50.74
CA PRO D 142 -37.86 -76.16 50.27
C PRO D 142 -36.74 -75.45 51.01
N SER D 143 -37.05 -74.52 51.89
CA SER D 143 -36.03 -73.85 52.70
C SER D 143 -35.33 -74.83 53.62
N ASP D 144 -36.08 -75.70 54.29
CA ASP D 144 -35.52 -76.74 55.14
C ASP D 144 -35.62 -78.09 54.46
N LEU D 145 -34.52 -78.81 54.43
CA LEU D 145 -34.42 -80.07 53.70
C LEU D 145 -34.72 -81.29 54.55
N ARG D 146 -34.93 -81.12 55.85
CA ARG D 146 -35.25 -82.23 56.73
C ARG D 146 -36.75 -82.46 56.90
N SER D 147 -37.58 -81.64 56.27
CA SER D 147 -39.02 -81.79 56.35
C SER D 147 -39.55 -82.43 55.06
N TRP D 148 -40.29 -83.52 55.20
CA TRP D 148 -40.83 -84.25 54.06
C TRP D 148 -42.22 -84.76 54.39
N THR D 149 -43.20 -84.42 53.56
CA THR D 149 -44.59 -84.80 53.77
C THR D 149 -45.10 -85.61 52.59
N LEU D 150 -45.74 -86.74 52.88
CA LEU D 150 -46.39 -87.52 51.84
C LEU D 150 -47.64 -86.80 51.37
N THR D 151 -47.79 -86.67 50.05
CA THR D 151 -48.90 -85.92 49.48
C THR D 151 -49.80 -86.77 48.59
N SER D 152 -49.23 -87.68 47.80
CA SER D 152 -50.01 -88.51 46.90
C SER D 152 -49.68 -89.98 47.16
N GLU D 153 -50.72 -90.79 47.32
CA GLU D 153 -50.59 -92.22 47.62
C GLU D 153 -51.60 -92.96 46.75
N MET D 154 -51.15 -93.44 45.60
CA MET D 154 -52.01 -94.09 44.62
C MET D 154 -51.67 -95.57 44.55
N LYS D 155 -52.69 -96.42 44.59
CA LYS D 155 -52.54 -97.87 44.57
C LYS D 155 -52.37 -98.32 43.14
N VAL D 156 -51.11 -98.52 42.70
CA VAL D 156 -50.85 -98.90 41.32
C VAL D 156 -51.15 -100.36 41.03
N LEU D 157 -51.38 -101.18 42.05
CA LEU D 157 -51.72 -102.58 41.87
C LEU D 157 -53.08 -102.86 42.48
N SER D 158 -53.80 -103.81 41.89
CA SER D 158 -55.10 -104.20 42.43
C SER D 158 -54.93 -104.92 43.77
N ILE D 159 -54.00 -105.87 43.83
CA ILE D 159 -53.71 -106.59 45.07
C ILE D 159 -52.21 -106.68 45.26
N PRO D 160 -51.79 -106.80 46.52
CA PRO D 160 -50.39 -107.17 46.78
C PRO D 160 -50.07 -108.55 46.22
N PRO D 161 -48.87 -108.75 45.71
CA PRO D 161 -48.53 -110.04 45.10
C PRO D 161 -48.28 -111.10 46.15
N ALA D 162 -48.15 -112.34 45.69
CA ALA D 162 -47.77 -113.44 46.57
C ALA D 162 -46.26 -113.65 46.56
N ASN D 163 -45.67 -113.79 45.38
CA ASN D 163 -44.22 -113.92 45.23
C ASN D 163 -43.63 -112.51 45.25
N HIS D 164 -43.47 -111.99 46.46
CA HIS D 164 -42.94 -110.63 46.62
C HIS D 164 -41.47 -110.55 46.23
N LEU D 165 -40.73 -111.66 46.32
CA LEU D 165 -39.33 -111.66 45.93
C LEU D 165 -39.18 -111.51 44.41
N GLN D 166 -40.12 -112.04 43.64
CA GLN D 166 -40.06 -111.97 42.19
C GLN D 166 -40.85 -110.76 41.71
N SER D 167 -40.33 -109.59 42.06
CA SER D 167 -40.96 -108.32 41.72
C SER D 167 -39.88 -107.28 41.45
N ASP D 168 -40.23 -106.28 40.64
CA ASP D 168 -39.37 -105.14 40.41
C ASP D 168 -40.24 -103.94 40.04
N PHE D 169 -40.06 -102.84 40.78
CA PHE D 169 -40.85 -101.63 40.61
C PHE D 169 -39.91 -100.52 40.16
N CYS D 170 -40.22 -99.88 39.04
CA CYS D 170 -39.37 -98.85 38.48
C CYS D 170 -40.17 -97.58 38.22
N LEU D 171 -39.50 -96.44 38.33
CA LEU D 171 -40.12 -95.14 38.16
C LEU D 171 -39.31 -94.30 37.18
N SER D 172 -40.01 -93.41 36.48
CA SER D 172 -39.37 -92.46 35.58
C SER D 172 -40.27 -91.25 35.43
N TRP D 173 -39.69 -90.07 35.60
CA TRP D 173 -40.42 -88.81 35.50
C TRP D 173 -40.40 -88.29 34.08
N CYS D 174 -41.24 -87.30 33.80
CA CYS D 174 -41.34 -86.71 32.47
C CYS D 174 -40.71 -85.34 32.47
N PRO D 175 -39.63 -85.11 31.71
CA PRO D 175 -38.95 -83.81 31.72
C PRO D 175 -39.65 -82.70 30.94
N SER D 176 -40.90 -82.87 30.52
CA SER D 176 -41.60 -81.80 29.84
C SER D 176 -41.96 -80.71 30.84
N ARG D 177 -41.47 -79.50 30.61
CA ARG D 177 -41.65 -78.41 31.58
C ARG D 177 -43.05 -77.83 31.55
N PHE D 178 -43.69 -77.75 30.39
CA PHE D 178 -44.96 -77.06 30.26
C PHE D 178 -46.15 -77.97 30.09
N SER D 179 -45.93 -79.26 29.91
CA SER D 179 -47.01 -80.22 29.95
C SER D 179 -47.43 -80.45 31.40
N PRO D 180 -48.63 -80.98 31.63
CA PRO D 180 -48.99 -81.41 32.98
C PRO D 180 -48.10 -82.54 33.46
N GLU D 181 -48.09 -82.73 34.78
CA GLU D 181 -47.16 -83.67 35.41
C GLU D 181 -47.46 -85.11 34.99
N LYS D 182 -46.44 -85.79 34.48
CA LYS D 182 -46.57 -87.17 34.04
C LYS D 182 -45.54 -88.03 34.76
N LEU D 183 -45.98 -89.15 35.30
CA LEU D 183 -45.11 -90.06 36.02
C LEU D 183 -45.32 -91.46 35.48
N ALA D 184 -44.23 -92.21 35.29
CA ALA D 184 -44.28 -93.56 34.75
C ALA D 184 -44.11 -94.58 35.86
N VAL D 185 -45.01 -95.56 35.91
CA VAL D 185 -44.97 -96.65 36.88
C VAL D 185 -44.89 -97.96 36.12
N SER D 186 -43.90 -98.78 36.47
CA SER D 186 -43.83 -100.17 36.03
C SER D 186 -43.93 -101.03 37.29
N ALA D 187 -45.13 -101.51 37.60
CA ALA D 187 -45.37 -102.08 38.93
C ALA D 187 -44.86 -103.52 39.03
N LEU D 188 -45.51 -104.45 38.34
CA LEU D 188 -45.04 -105.83 38.27
C LEU D 188 -44.80 -106.26 36.83
N GLU D 189 -45.81 -106.17 35.98
CA GLU D 189 -45.68 -106.43 34.56
C GLU D 189 -46.48 -105.44 33.73
N GLN D 190 -47.21 -104.53 34.36
CA GLN D 190 -48.04 -103.55 33.67
C GLN D 190 -47.43 -102.16 33.87
N ALA D 191 -47.36 -101.40 32.77
CA ALA D 191 -46.79 -100.06 32.78
C ALA D 191 -47.92 -99.05 32.72
N ILE D 192 -47.97 -98.15 33.70
CA ILE D 192 -49.06 -97.19 33.84
C ILE D 192 -48.47 -95.78 33.77
N ILE D 193 -49.10 -94.92 32.98
CA ILE D 193 -48.75 -93.50 32.90
C ILE D 193 -49.75 -92.74 33.76
N TYR D 194 -49.24 -91.85 34.61
CA TYR D 194 -50.06 -91.11 35.57
C TYR D 194 -50.00 -89.62 35.26
N GLN D 195 -51.17 -89.00 35.11
CA GLN D 195 -51.28 -87.57 34.84
C GLN D 195 -52.04 -86.90 35.99
N ARG D 196 -51.71 -85.63 36.24
CA ARG D 196 -52.35 -84.86 37.30
C ARG D 196 -53.54 -84.10 36.73
N GLY D 197 -54.71 -84.32 37.31
CA GLY D 197 -55.94 -83.72 36.83
C GLY D 197 -56.26 -82.39 37.52
N LYS D 198 -57.44 -81.86 37.18
CA LYS D 198 -57.89 -80.61 37.76
C LYS D 198 -58.23 -80.74 39.24
N ASP D 199 -58.59 -81.94 39.69
CA ASP D 199 -58.90 -82.17 41.09
C ASP D 199 -57.66 -82.22 41.98
N GLY D 200 -56.47 -82.21 41.39
CA GLY D 200 -55.24 -82.27 42.16
C GLY D 200 -54.81 -83.66 42.55
N LYS D 201 -55.56 -84.69 42.17
CA LYS D 201 -55.22 -86.07 42.45
C LYS D 201 -54.74 -86.75 41.17
N LEU D 202 -53.81 -87.68 41.33
CA LEU D 202 -53.28 -88.42 40.19
C LEU D 202 -54.35 -89.34 39.61
N HIS D 203 -54.25 -89.58 38.30
CA HIS D 203 -55.15 -90.48 37.61
C HIS D 203 -54.37 -91.28 36.59
N VAL D 204 -54.93 -92.41 36.19
CA VAL D 204 -54.34 -93.23 35.14
C VAL D 204 -54.54 -92.51 33.81
N ALA D 205 -53.44 -92.20 33.13
CA ALA D 205 -53.50 -91.50 31.85
C ALA D 205 -53.60 -92.47 30.69
N ALA D 206 -52.61 -93.36 30.56
CA ALA D 206 -52.61 -94.36 29.50
C ALA D 206 -51.82 -95.57 29.97
N LYS D 207 -52.10 -96.70 29.32
CA LYS D 207 -51.49 -97.98 29.70
C LYS D 207 -50.67 -98.51 28.53
N LEU D 208 -49.41 -98.82 28.79
CA LEU D 208 -48.57 -99.41 27.76
C LEU D 208 -48.90 -100.89 27.60
N PRO D 209 -49.29 -101.34 26.42
CA PRO D 209 -49.61 -102.76 26.21
C PRO D 209 -48.34 -103.61 26.11
N GLY D 210 -48.54 -104.90 25.86
CA GLY D 210 -47.43 -105.82 25.78
C GLY D 210 -46.90 -106.20 27.14
N HIS D 211 -45.57 -106.23 27.27
CA HIS D 211 -44.85 -106.48 28.52
C HIS D 211 -45.22 -107.84 29.13
N LYS D 212 -44.84 -108.89 28.40
CA LYS D 212 -45.15 -110.25 28.80
C LYS D 212 -44.32 -110.73 29.99
N SER D 213 -43.32 -109.97 30.41
CA SER D 213 -42.52 -110.34 31.58
C SER D 213 -42.33 -109.13 32.50
N LEU D 214 -41.46 -109.26 33.49
CA LEU D 214 -41.26 -108.18 34.46
C LEU D 214 -40.49 -107.04 33.83
N ILE D 215 -40.99 -105.81 34.03
CA ILE D 215 -40.37 -104.61 33.48
C ILE D 215 -39.22 -104.22 34.39
N ARG D 216 -37.99 -104.40 33.93
CA ARG D 216 -36.82 -104.17 34.76
C ARG D 216 -36.33 -102.73 34.75
N SER D 217 -36.81 -101.90 33.82
CA SER D 217 -36.38 -100.51 33.75
C SER D 217 -37.40 -99.72 32.96
N ILE D 218 -37.32 -98.40 33.08
CA ILE D 218 -38.16 -97.49 32.33
C ILE D 218 -37.44 -96.15 32.25
N SER D 219 -37.58 -95.47 31.12
CA SER D 219 -36.93 -94.19 30.92
C SER D 219 -37.73 -93.36 29.94
N TRP D 220 -38.03 -92.12 30.33
CA TRP D 220 -38.79 -91.20 29.43
C TRP D 220 -37.79 -90.45 28.55
N ALA D 221 -38.22 -90.01 27.37
CA ALA D 221 -37.26 -89.36 26.44
C ALA D 221 -37.42 -87.84 26.47
N PRO D 222 -36.33 -87.06 26.69
CA PRO D 222 -36.40 -85.61 26.58
C PRO D 222 -36.72 -85.17 25.15
N SER D 223 -37.95 -84.70 24.93
CA SER D 223 -38.41 -84.33 23.59
C SER D 223 -38.02 -82.90 23.32
N ILE D 224 -36.92 -82.70 22.58
CA ILE D 224 -36.45 -81.37 22.22
C ILE D 224 -37.14 -81.02 20.90
N GLY D 225 -38.35 -80.47 21.00
CA GLY D 225 -39.04 -79.92 19.86
C GLY D 225 -39.92 -80.89 19.10
N ARG D 226 -39.88 -82.18 19.43
CA ARG D 226 -40.72 -83.14 18.74
C ARG D 226 -42.16 -83.02 19.21
N TRP D 227 -43.09 -83.27 18.29
CA TRP D 227 -44.51 -83.29 18.63
C TRP D 227 -44.94 -84.57 19.31
N TYR D 228 -44.05 -85.55 19.42
CA TYR D 228 -44.32 -86.82 20.08
C TYR D 228 -43.23 -87.11 21.10
N GLN D 229 -43.58 -87.90 22.11
CA GLN D 229 -42.67 -88.25 23.18
C GLN D 229 -42.45 -89.76 23.19
N LEU D 230 -41.30 -90.18 23.67
CA LEU D 230 -40.88 -91.58 23.59
C LEU D 230 -40.64 -92.14 24.99
N ILE D 231 -41.07 -93.38 25.20
CA ILE D 231 -40.82 -94.11 26.44
C ILE D 231 -40.03 -95.36 26.08
N ALA D 232 -38.93 -95.58 26.79
CA ALA D 232 -38.14 -96.80 26.65
C ALA D 232 -38.40 -97.69 27.86
N THR D 233 -38.85 -98.92 27.61
CA THR D 233 -39.08 -99.89 28.67
C THR D 233 -38.23 -101.12 28.43
N GLY D 234 -37.79 -101.75 29.53
CA GLY D 234 -36.99 -102.96 29.44
C GLY D 234 -37.58 -104.11 30.21
N CYS D 235 -37.83 -105.23 29.53
CA CYS D 235 -38.50 -106.37 30.12
C CYS D 235 -37.51 -107.47 30.49
N LYS D 236 -38.02 -108.47 31.21
CA LYS D 236 -37.20 -109.60 31.65
C LYS D 236 -36.80 -110.52 30.49
N ASP D 237 -37.59 -110.53 29.42
CA ASP D 237 -37.32 -111.40 28.28
C ASP D 237 -36.10 -110.97 27.49
N GLY D 238 -35.67 -109.72 27.65
CA GLY D 238 -34.65 -109.16 26.80
C GLY D 238 -35.17 -108.26 25.70
N ARG D 239 -36.46 -107.93 25.71
CA ARG D 239 -37.07 -107.10 24.68
C ARG D 239 -37.05 -105.64 25.10
N ILE D 240 -36.51 -104.78 24.24
CA ILE D 240 -36.48 -103.34 24.44
C ILE D 240 -37.64 -102.75 23.65
N ARG D 241 -38.58 -102.13 24.35
CA ARG D 241 -39.78 -101.59 23.71
C ARG D 241 -39.73 -100.07 23.78
N ILE D 242 -39.84 -99.43 22.63
CA ILE D 242 -39.88 -97.97 22.52
C ILE D 242 -41.30 -97.58 22.13
N PHE D 243 -41.99 -96.90 23.02
CA PHE D 243 -43.37 -96.50 22.80
C PHE D 243 -43.40 -95.05 22.32
N LYS D 244 -44.31 -94.76 21.40
CA LYS D 244 -44.51 -93.41 20.90
C LYS D 244 -45.74 -92.81 21.58
N ILE D 245 -45.55 -91.67 22.25
CA ILE D 245 -46.62 -91.03 23.00
C ILE D 245 -46.94 -89.69 22.35
N THR D 246 -48.19 -89.52 21.95
CA THR D 246 -48.69 -88.29 21.38
C THR D 246 -49.68 -87.67 22.36
N GLU D 247 -49.46 -86.41 22.72
CA GLU D 247 -50.28 -85.72 23.69
C GLU D 247 -51.05 -84.60 23.01
N LYS D 248 -52.37 -84.59 23.20
CA LYS D 248 -53.24 -83.54 22.68
C LYS D 248 -54.05 -82.96 23.83
N LEU D 249 -54.15 -81.63 23.86
CA LEU D 249 -54.86 -80.94 24.93
C LEU D 249 -56.37 -81.11 24.80
N GLU D 287 -60.49 -85.90 36.52
CA GLU D 287 -60.48 -85.92 35.07
C GLU D 287 -59.32 -85.09 34.53
N LEU D 288 -58.58 -85.67 33.59
CA LEU D 288 -57.41 -85.02 33.01
C LEU D 288 -57.83 -84.08 31.88
N GLN D 289 -56.98 -83.09 31.63
CA GLN D 289 -57.22 -82.10 30.58
C GLN D 289 -56.59 -82.49 29.24
N SER D 290 -55.96 -83.66 29.18
CA SER D 290 -55.31 -84.11 27.95
C SER D 290 -55.37 -85.63 27.88
N ASN D 291 -55.56 -86.15 26.69
CA ASN D 291 -55.60 -87.59 26.45
C ASN D 291 -54.30 -88.06 25.80
N LEU D 292 -53.90 -89.28 26.14
CA LEU D 292 -52.66 -89.86 25.65
C LEU D 292 -52.99 -91.06 24.77
N GLN D 293 -52.36 -91.11 23.59
CA GLN D 293 -52.51 -92.22 22.66
C GLN D 293 -51.19 -92.97 22.61
N VAL D 294 -51.17 -94.18 23.14
CA VAL D 294 -49.97 -95.01 23.16
C VAL D 294 -49.94 -95.86 21.91
N GLU D 295 -48.89 -95.71 21.12
CA GLU D 295 -48.68 -96.51 19.92
C GLU D 295 -47.29 -97.11 20.00
N LEU D 296 -47.21 -98.44 19.89
CA LEU D 296 -45.92 -99.11 19.94
C LEU D 296 -45.14 -98.83 18.66
N LEU D 297 -43.89 -98.39 18.82
CA LEU D 297 -43.07 -98.01 17.68
C LEU D 297 -42.01 -99.04 17.32
N SER D 298 -41.51 -99.80 18.30
CA SER D 298 -40.44 -100.75 18.03
C SER D 298 -40.45 -101.83 19.08
N GLU D 299 -39.74 -102.91 18.78
CA GLU D 299 -39.52 -103.99 19.73
C GLU D 299 -38.30 -104.77 19.25
N HIS D 300 -37.21 -104.69 19.99
CA HIS D 300 -35.95 -105.30 19.60
C HIS D 300 -35.52 -106.32 20.64
N ASP D 301 -34.96 -107.43 20.17
CA ASP D 301 -34.58 -108.55 21.03
C ASP D 301 -33.15 -108.97 20.76
N ASP D 302 -32.28 -107.99 20.47
CA ASP D 302 -30.88 -108.30 20.19
C ASP D 302 -30.13 -108.72 21.44
N HIS D 303 -30.64 -108.41 22.63
CA HIS D 303 -30.03 -108.86 23.87
C HIS D 303 -30.54 -110.25 24.19
N ASN D 304 -29.66 -111.25 24.07
CA ASN D 304 -30.01 -112.63 24.39
C ASN D 304 -29.89 -112.85 25.89
N GLY D 305 -30.84 -112.26 26.62
CA GLY D 305 -30.81 -112.28 28.06
C GLY D 305 -31.93 -111.48 28.68
N GLU D 306 -31.59 -110.62 29.65
CA GLU D 306 -32.56 -109.82 30.37
C GLU D 306 -32.07 -108.39 30.44
N VAL D 307 -32.84 -107.46 29.88
CA VAL D 307 -32.47 -106.05 29.82
C VAL D 307 -32.70 -105.46 31.21
N TRP D 308 -31.61 -105.26 31.96
CA TRP D 308 -31.75 -104.72 33.31
C TRP D 308 -32.05 -103.23 33.28
N SER D 309 -31.36 -102.48 32.42
CA SER D 309 -31.50 -101.03 32.41
C SER D 309 -31.56 -100.52 30.98
N VAL D 310 -32.30 -99.42 30.80
CA VAL D 310 -32.34 -98.67 29.56
C VAL D 310 -32.07 -97.21 29.90
N SER D 311 -31.65 -96.45 28.90
CA SER D 311 -31.37 -95.04 29.11
C SER D 311 -31.55 -94.28 27.81
N TRP D 312 -31.72 -92.97 27.94
CA TRP D 312 -31.72 -92.06 26.81
C TRP D 312 -30.55 -91.12 26.96
N ASN D 313 -30.04 -90.63 25.83
CA ASN D 313 -29.18 -89.45 25.89
C ASN D 313 -30.06 -88.20 25.94
N LEU D 314 -29.43 -87.04 26.09
CA LEU D 314 -30.19 -85.83 26.37
C LEU D 314 -30.97 -85.30 25.15
N THR D 315 -30.64 -85.75 23.94
CA THR D 315 -31.42 -85.35 22.78
C THR D 315 -32.70 -86.16 22.61
N GLY D 316 -32.83 -87.27 23.32
CA GLY D 316 -33.94 -88.16 23.04
C GLY D 316 -33.79 -88.93 21.74
N THR D 317 -32.56 -89.09 21.25
CA THR D 317 -32.31 -89.79 20.00
C THR D 317 -31.52 -91.08 20.22
N ILE D 318 -30.34 -90.99 20.84
CA ILE D 318 -29.47 -92.14 21.00
C ILE D 318 -29.87 -92.85 22.29
N LEU D 319 -30.28 -94.11 22.15
CA LEU D 319 -30.74 -94.92 23.27
C LEU D 319 -29.69 -95.99 23.56
N SER D 320 -29.40 -96.19 24.84
CA SER D 320 -28.49 -97.23 25.28
C SER D 320 -29.22 -98.17 26.24
N SER D 321 -28.94 -99.45 26.12
CA SER D 321 -29.59 -100.47 26.93
C SER D 321 -28.55 -101.39 27.55
N ALA D 322 -28.86 -101.85 28.75
CA ALA D 322 -28.05 -102.84 29.44
C ALA D 322 -28.63 -104.23 29.17
N GLY D 323 -28.02 -105.24 29.77
CA GLY D 323 -28.52 -106.59 29.57
C GLY D 323 -27.83 -107.57 30.49
N ASP D 324 -28.32 -108.80 30.46
CA ASP D 324 -27.76 -109.87 31.28
C ASP D 324 -26.46 -110.41 30.73
N ASP D 325 -26.13 -110.11 29.47
CA ASP D 325 -24.91 -110.60 28.84
C ASP D 325 -23.71 -109.70 29.08
N GLY D 326 -23.88 -108.60 29.80
CA GLY D 326 -22.80 -107.67 29.99
C GLY D 326 -22.52 -106.79 28.79
N LYS D 327 -23.41 -106.79 27.80
CA LYS D 327 -23.24 -106.03 26.57
C LYS D 327 -24.05 -104.75 26.64
N VAL D 328 -23.53 -103.70 26.00
CA VAL D 328 -24.16 -102.39 25.95
C VAL D 328 -24.46 -102.11 24.49
N ARG D 329 -25.73 -101.90 24.17
CA ARG D 329 -26.15 -101.69 22.78
C ARG D 329 -26.69 -100.29 22.61
N LEU D 330 -26.23 -99.62 21.56
CA LEU D 330 -26.69 -98.27 21.23
C LEU D 330 -27.71 -98.34 20.11
N TRP D 331 -28.82 -97.64 20.28
CA TRP D 331 -29.93 -97.69 19.34
C TRP D 331 -30.25 -96.28 18.86
N LYS D 332 -30.31 -96.11 17.54
CA LYS D 332 -30.58 -94.82 16.92
C LYS D 332 -31.70 -94.97 15.91
N ALA D 333 -32.52 -93.93 15.80
CA ALA D 333 -33.62 -93.94 14.84
C ALA D 333 -33.07 -93.87 13.42
N THR D 334 -33.65 -94.68 12.54
CA THR D 334 -33.25 -94.73 11.14
C THR D 334 -34.03 -93.71 10.33
N TYR D 335 -33.96 -93.85 9.00
CA TYR D 335 -34.74 -93.00 8.11
C TYR D 335 -36.24 -93.24 8.29
N SER D 336 -36.63 -94.45 8.64
CA SER D 336 -38.02 -94.77 8.91
C SER D 336 -38.36 -94.38 10.35
N ASN D 337 -39.53 -94.80 10.82
CA ASN D 337 -39.97 -94.53 12.17
C ASN D 337 -39.46 -95.55 13.19
N GLU D 338 -38.74 -96.57 12.74
CA GLU D 338 -38.24 -97.61 13.63
C GLU D 338 -36.80 -97.30 14.07
N PHE D 339 -36.33 -98.07 15.03
CA PHE D 339 -35.00 -97.93 15.59
C PHE D 339 -34.15 -99.13 15.23
N LYS D 340 -32.83 -98.91 15.17
CA LYS D 340 -31.90 -99.97 14.82
C LYS D 340 -30.65 -99.85 15.68
N CYS D 341 -29.97 -100.98 15.85
CA CYS D 341 -28.75 -101.00 16.65
C CYS D 341 -27.60 -100.33 15.89
N MET D 342 -26.81 -99.55 16.62
CA MET D 342 -25.66 -98.85 16.06
C MET D 342 -24.34 -99.46 16.48
N SER D 343 -24.20 -99.83 17.76
CA SER D 343 -23.00 -100.50 18.22
C SER D 343 -23.37 -101.42 19.37
N VAL D 344 -22.55 -102.45 19.56
CA VAL D 344 -22.70 -103.39 20.66
C VAL D 344 -21.41 -103.31 21.47
N ILE D 345 -21.45 -102.59 22.58
CA ILE D 345 -20.30 -102.44 23.45
C ILE D 345 -20.30 -103.61 24.43
N THR D 346 -19.39 -104.55 24.22
CA THR D 346 -19.26 -105.70 25.09
C THR D 346 -18.02 -105.57 25.95
N ALA D 347 -18.04 -106.22 27.10
CA ALA D 347 -16.96 -106.16 28.07
C ALA D 347 -16.28 -107.52 28.15
N GLN D 348 -14.95 -107.52 28.06
CA GLN D 348 -14.19 -108.75 28.12
C GLN D 348 -13.35 -108.79 29.39
N MET E 1 18.84 -71.54 -30.62
CA MET E 1 19.08 -72.69 -29.76
C MET E 1 18.34 -72.55 -28.45
N GLN E 2 17.02 -72.44 -28.53
CA GLN E 2 16.22 -72.30 -27.31
C GLN E 2 16.11 -73.64 -26.60
N PRO E 3 16.45 -73.70 -25.31
CA PRO E 3 16.32 -74.96 -24.57
C PRO E 3 15.01 -75.09 -23.80
N PHE E 4 14.62 -76.33 -23.54
CA PHE E 4 13.50 -76.63 -22.65
C PHE E 4 13.93 -77.72 -21.69
N ASP E 5 13.48 -77.62 -20.44
CA ASP E 5 13.89 -78.56 -19.41
C ASP E 5 13.04 -79.81 -19.47
N SER E 6 13.70 -80.97 -19.51
CA SER E 6 12.97 -82.23 -19.56
C SER E 6 12.34 -82.59 -18.22
N GLY E 7 12.81 -82.00 -17.13
CA GLY E 7 12.25 -82.27 -15.82
C GLY E 7 12.74 -83.53 -15.16
N HIS E 8 13.65 -84.27 -15.77
CA HIS E 8 14.19 -85.47 -15.16
C HIS E 8 15.10 -85.12 -14.00
N ASP E 9 15.18 -86.02 -13.02
CA ASP E 9 15.99 -85.80 -11.84
C ASP E 9 17.41 -86.30 -12.00
N ASP E 10 17.74 -86.93 -13.12
CA ASP E 10 19.09 -87.44 -13.33
C ASP E 10 19.36 -87.36 -14.83
N LEU E 11 20.37 -88.08 -15.31
CA LEU E 11 20.84 -87.91 -16.68
C LEU E 11 19.85 -88.46 -17.69
N VAL E 12 19.57 -87.66 -18.72
CA VAL E 12 18.73 -88.08 -19.83
C VAL E 12 19.55 -88.96 -20.76
N HIS E 13 19.18 -90.22 -20.88
CA HIS E 13 20.01 -91.19 -21.60
C HIS E 13 19.77 -91.19 -23.10
N ASP E 14 18.51 -91.20 -23.53
CA ASP E 14 18.21 -91.26 -24.95
C ASP E 14 16.92 -90.51 -25.25
N VAL E 15 16.92 -89.78 -26.38
CA VAL E 15 15.77 -89.04 -26.86
C VAL E 15 15.56 -89.40 -28.32
N VAL E 16 14.31 -89.68 -28.72
CA VAL E 16 13.97 -89.96 -30.10
C VAL E 16 12.72 -89.18 -30.49
N TYR E 17 12.57 -88.94 -31.80
CA TYR E 17 11.35 -88.40 -32.37
C TYR E 17 10.38 -89.49 -32.78
N ASP E 18 9.16 -89.08 -33.06
CA ASP E 18 8.15 -89.94 -33.66
C ASP E 18 8.22 -89.82 -35.18
N PHE E 19 7.24 -90.40 -35.86
CA PHE E 19 7.19 -90.31 -37.32
C PHE E 19 6.78 -88.92 -37.78
N TYR E 20 5.78 -88.32 -37.13
CA TYR E 20 5.27 -87.04 -37.57
C TYR E 20 6.15 -85.87 -37.18
N GLY E 21 7.11 -86.07 -36.29
CA GLY E 21 8.01 -85.00 -35.91
C GLY E 21 7.46 -84.02 -34.90
N ARG E 22 6.36 -84.35 -34.22
CA ARG E 22 5.79 -83.46 -33.23
C ARG E 22 5.80 -84.04 -31.83
N HIS E 23 6.35 -85.23 -31.63
CA HIS E 23 6.48 -85.84 -30.32
C HIS E 23 7.90 -86.29 -30.09
N VAL E 24 8.39 -86.11 -28.86
CA VAL E 24 9.64 -86.71 -28.42
C VAL E 24 9.37 -87.50 -27.15
N ALA E 25 10.22 -88.50 -26.92
CA ALA E 25 10.15 -89.31 -25.73
C ALA E 25 11.53 -89.32 -25.10
N THR E 26 11.59 -89.10 -23.79
CA THR E 26 12.85 -88.98 -23.08
C THR E 26 12.91 -90.05 -22.01
N CYS E 27 13.89 -90.93 -22.11
CA CYS E 27 14.19 -91.88 -21.05
C CYS E 27 15.41 -91.39 -20.30
N SER E 28 15.51 -91.78 -19.04
CA SER E 28 16.56 -91.27 -18.17
C SER E 28 16.87 -92.31 -17.11
N SER E 29 17.83 -91.99 -16.26
CA SER E 29 18.26 -92.90 -15.21
C SER E 29 17.51 -92.69 -13.91
N ASP E 30 16.52 -91.80 -13.88
CA ASP E 30 15.59 -91.71 -12.77
C ASP E 30 14.37 -92.61 -12.95
N GLN E 31 14.55 -93.71 -13.69
CA GLN E 31 13.53 -94.72 -14.03
C GLN E 31 12.20 -94.10 -14.46
N HIS E 32 12.28 -93.18 -15.41
CA HIS E 32 11.11 -92.45 -15.89
C HIS E 32 11.15 -92.37 -17.41
N ILE E 33 9.96 -92.21 -18.00
CA ILE E 33 9.79 -91.84 -19.40
C ILE E 33 8.82 -90.68 -19.44
N LYS E 34 9.23 -89.59 -20.10
CA LYS E 34 8.38 -88.43 -20.30
C LYS E 34 8.24 -88.18 -21.80
N VAL E 35 7.01 -88.05 -22.26
CA VAL E 35 6.72 -87.83 -23.67
C VAL E 35 6.19 -86.40 -23.83
N PHE E 36 6.87 -85.61 -24.65
CA PHE E 36 6.50 -84.23 -24.88
C PHE E 36 5.79 -84.10 -26.22
N LYS E 37 4.92 -83.10 -26.32
CA LYS E 37 4.21 -82.81 -27.55
C LYS E 37 4.53 -81.39 -28.00
N LEU E 38 4.65 -81.20 -29.31
CA LEU E 38 4.98 -79.91 -29.87
C LEU E 38 3.68 -79.13 -30.03
N ASP E 39 3.55 -78.05 -29.28
CA ASP E 39 2.33 -77.25 -29.33
C ASP E 39 2.23 -76.53 -30.67
N LYS E 40 1.04 -76.55 -31.25
CA LYS E 40 0.83 -75.88 -32.53
C LYS E 40 0.74 -74.38 -32.37
N ASP E 41 0.15 -73.91 -31.26
CA ASP E 41 -0.07 -72.48 -31.07
C ASP E 41 1.17 -71.78 -30.52
N THR E 42 1.62 -72.18 -29.34
CA THR E 42 2.72 -71.48 -28.68
C THR E 42 4.09 -71.90 -29.20
N SER E 43 4.16 -73.02 -29.93
CA SER E 43 5.40 -73.57 -30.49
C SER E 43 6.46 -73.82 -29.43
N ASN E 44 6.02 -74.17 -28.22
CA ASN E 44 6.90 -74.47 -27.11
C ASN E 44 6.58 -75.87 -26.61
N TRP E 45 7.62 -76.67 -26.38
CA TRP E 45 7.42 -78.07 -26.03
C TRP E 45 6.89 -78.18 -24.60
N GLU E 46 5.84 -78.99 -24.44
CA GLU E 46 5.19 -79.17 -23.15
C GLU E 46 4.95 -80.66 -22.93
N LEU E 47 4.86 -81.05 -21.65
CA LEU E 47 4.77 -82.44 -21.29
C LEU E 47 3.37 -82.99 -21.56
N SER E 48 3.31 -84.27 -21.93
CA SER E 48 2.05 -84.97 -22.11
C SER E 48 1.83 -86.04 -21.05
N ASP E 49 2.82 -86.88 -20.78
CA ASP E 49 2.74 -87.84 -19.69
C ASP E 49 4.12 -88.05 -19.09
N SER E 50 4.15 -88.31 -17.79
CA SER E 50 5.39 -88.50 -17.04
C SER E 50 5.18 -89.66 -16.08
N TRP E 51 5.52 -90.87 -16.51
CA TRP E 51 5.25 -92.07 -15.73
C TRP E 51 6.53 -92.86 -15.49
N ARG E 52 6.64 -93.41 -14.29
CA ARG E 52 7.75 -94.30 -13.97
C ARG E 52 7.58 -95.61 -14.73
N ALA E 53 8.64 -96.06 -15.39
CA ALA E 53 8.55 -97.20 -16.29
C ALA E 53 9.25 -98.45 -15.77
N HIS E 54 10.53 -98.36 -15.43
CA HIS E 54 11.31 -99.54 -15.09
C HIS E 54 11.80 -99.47 -13.65
N ASP E 55 12.47 -100.54 -13.23
CA ASP E 55 13.05 -100.64 -11.90
C ASP E 55 14.52 -100.21 -11.86
N SER E 56 15.10 -99.88 -13.01
CA SER E 56 16.48 -99.43 -13.09
C SER E 56 16.54 -98.30 -14.11
N SER E 57 17.73 -97.97 -14.55
CA SER E 57 17.92 -96.86 -15.48
C SER E 57 17.56 -97.28 -16.90
N ILE E 58 16.70 -96.50 -17.54
CA ILE E 58 16.30 -96.75 -18.92
C ILE E 58 17.31 -96.07 -19.84
N VAL E 59 17.79 -96.79 -20.85
CA VAL E 59 18.86 -96.28 -21.69
C VAL E 59 18.49 -96.17 -23.16
N ALA E 60 17.44 -96.84 -23.64
CA ALA E 60 17.11 -96.82 -25.05
C ALA E 60 15.62 -96.94 -25.23
N ILE E 61 15.04 -96.03 -26.00
CA ILE E 61 13.62 -96.08 -26.36
C ILE E 61 13.48 -95.83 -27.84
N ASP E 62 12.38 -96.34 -28.41
CA ASP E 62 12.14 -96.21 -29.84
C ASP E 62 10.65 -96.27 -30.11
N TRP E 63 10.16 -95.36 -30.93
CA TRP E 63 8.76 -95.32 -31.32
C TRP E 63 8.47 -96.36 -32.40
N ALA E 64 7.22 -96.83 -32.42
CA ALA E 64 6.73 -97.64 -33.51
C ALA E 64 6.10 -96.75 -34.58
N SER E 65 5.83 -97.36 -35.73
CA SER E 65 5.19 -96.63 -36.82
C SER E 65 3.75 -96.32 -36.46
N PRO E 66 3.23 -95.15 -36.85
CA PRO E 66 1.88 -94.76 -36.41
C PRO E 66 0.75 -95.62 -36.96
N GLU E 67 0.98 -96.33 -38.06
CA GLU E 67 -0.03 -97.25 -38.57
C GLU E 67 -0.26 -98.42 -37.62
N TYR E 68 0.73 -98.76 -36.79
CA TYR E 68 0.58 -99.76 -35.75
C TYR E 68 0.15 -99.15 -34.42
N GLY E 69 -0.17 -97.85 -34.40
CA GLY E 69 -0.50 -97.19 -33.17
C GLY E 69 0.72 -96.57 -32.50
N ARG E 70 0.48 -96.04 -31.32
CA ARG E 70 1.52 -95.35 -30.55
C ARG E 70 2.11 -96.36 -29.56
N ILE E 71 3.24 -96.95 -29.94
CA ILE E 71 3.92 -97.97 -29.14
C ILE E 71 5.37 -97.52 -28.93
N ILE E 72 5.81 -97.52 -27.67
CA ILE E 72 7.17 -97.13 -27.30
C ILE E 72 7.87 -98.34 -26.71
N ALA E 73 8.99 -98.73 -27.31
CA ALA E 73 9.77 -99.87 -26.86
C ALA E 73 10.90 -99.37 -25.98
N SER E 74 10.78 -99.56 -24.68
CA SER E 74 11.76 -99.08 -23.73
C SER E 74 12.62 -100.24 -23.24
N ALA E 75 13.94 -100.08 -23.39
CA ALA E 75 14.90 -101.04 -22.87
C ALA E 75 15.71 -100.39 -21.76
N SER E 76 15.95 -101.13 -20.68
CA SER E 76 16.65 -100.59 -19.53
C SER E 76 17.76 -101.52 -19.07
N TYR E 77 18.39 -101.18 -17.95
CA TYR E 77 19.48 -101.98 -17.42
C TYR E 77 19.00 -103.10 -16.50
N ASP E 78 17.69 -103.28 -16.36
CA ASP E 78 17.13 -104.32 -15.50
C ASP E 78 16.64 -105.53 -16.28
N LYS E 79 17.31 -105.83 -17.41
CA LYS E 79 17.04 -107.01 -18.24
C LYS E 79 15.59 -107.13 -18.67
N THR E 80 15.00 -106.02 -19.10
CA THR E 80 13.60 -105.99 -19.52
C THR E 80 13.43 -105.14 -20.77
N VAL E 81 12.37 -105.45 -21.52
CA VAL E 81 11.85 -104.59 -22.58
C VAL E 81 10.40 -104.33 -22.26
N LYS E 82 10.01 -103.06 -22.20
CA LYS E 82 8.65 -102.70 -21.88
C LYS E 82 8.01 -101.90 -23.01
N LEU E 83 6.77 -102.23 -23.32
CA LEU E 83 6.06 -101.71 -24.47
C LEU E 83 4.84 -100.94 -23.97
N TRP E 84 4.66 -99.72 -24.46
CA TRP E 84 3.68 -98.80 -23.87
C TRP E 84 2.76 -98.26 -24.95
N GLU E 85 1.45 -98.38 -24.73
CA GLU E 85 0.44 -97.96 -25.69
C GLU E 85 -0.40 -96.84 -25.08
N GLU E 86 -0.71 -95.83 -25.90
CA GLU E 86 -1.42 -94.66 -25.42
C GLU E 86 -2.93 -94.92 -25.41
N ASP E 87 -3.56 -94.63 -24.27
CA ASP E 87 -5.02 -94.74 -24.17
C ASP E 87 -5.60 -93.34 -24.16
N PRO E 88 -6.34 -92.93 -25.19
CA PRO E 88 -6.72 -91.51 -25.33
C PRO E 88 -7.77 -91.04 -24.34
N ASP E 89 -8.53 -91.94 -23.72
CA ASP E 89 -9.58 -91.53 -22.77
C ASP E 89 -9.02 -91.43 -21.36
N GLN E 90 -8.02 -90.56 -21.22
CA GLN E 90 -7.38 -90.30 -19.94
C GLN E 90 -6.82 -88.88 -19.99
N GLU E 91 -6.85 -88.20 -18.85
CA GLU E 91 -6.40 -86.82 -18.80
C GLU E 91 -4.89 -86.73 -18.96
N GLU E 92 -4.44 -85.59 -19.49
CA GLU E 92 -3.02 -85.37 -19.72
C GLU E 92 -2.27 -85.12 -18.42
N CYS E 93 -0.97 -85.46 -18.44
CA CYS E 93 -0.06 -85.32 -17.29
C CYS E 93 -0.57 -86.04 -16.06
N SER E 94 -1.04 -87.27 -16.26
CA SER E 94 -1.60 -88.07 -15.17
C SER E 94 -0.65 -89.15 -14.69
N GLY E 95 -0.16 -89.98 -15.60
CA GLY E 95 0.65 -91.14 -15.25
C GLY E 95 0.03 -92.46 -15.67
N ARG E 96 -1.21 -92.46 -16.16
CA ARG E 96 -1.84 -93.64 -16.70
C ARG E 96 -2.24 -93.47 -18.16
N ARG E 97 -1.69 -92.44 -18.83
CA ARG E 97 -1.99 -92.21 -20.24
C ARG E 97 -1.40 -93.30 -21.13
N TRP E 98 -0.25 -93.83 -20.76
CA TRP E 98 0.42 -94.84 -21.55
C TRP E 98 0.33 -96.17 -20.81
N ASN E 99 -0.67 -96.95 -21.16
CA ASN E 99 -0.87 -98.25 -20.51
C ASN E 99 0.17 -99.24 -20.99
N LYS E 100 0.66 -100.05 -20.06
CA LYS E 100 1.67 -101.05 -20.37
C LYS E 100 1.08 -102.16 -21.22
N LEU E 101 1.90 -102.70 -22.12
CA LEU E 101 1.48 -103.80 -22.98
C LEU E 101 2.15 -105.12 -22.59
N CYS E 102 3.47 -105.17 -22.54
CA CYS E 102 4.14 -106.43 -22.25
C CYS E 102 5.53 -106.17 -21.68
N THR E 103 6.03 -107.17 -20.98
CA THR E 103 7.43 -107.23 -20.57
C THR E 103 8.07 -108.44 -21.24
N LEU E 104 9.18 -108.21 -21.93
CA LEU E 104 9.92 -109.28 -22.59
C LEU E 104 11.02 -109.72 -21.64
N ASN E 105 10.70 -110.66 -20.77
CA ASN E 105 11.64 -111.18 -19.77
C ASN E 105 12.46 -112.34 -20.29
N ASP E 106 13.05 -112.17 -21.47
CA ASP E 106 13.89 -113.20 -22.08
C ASP E 106 15.35 -112.78 -22.12
N SER E 107 15.71 -111.72 -21.41
CA SER E 107 17.07 -111.21 -21.41
C SER E 107 17.79 -111.60 -20.14
N LYS E 108 19.02 -112.08 -20.28
CA LYS E 108 19.88 -112.41 -19.15
C LYS E 108 20.87 -111.30 -18.85
N GLY E 109 20.77 -110.16 -19.53
CA GLY E 109 21.69 -109.08 -19.30
C GLY E 109 21.04 -107.73 -19.53
N SER E 110 21.74 -106.68 -19.08
CA SER E 110 21.24 -105.32 -19.19
C SER E 110 21.28 -104.86 -20.64
N LEU E 111 20.19 -104.27 -21.11
CA LEU E 111 20.11 -103.87 -22.50
C LEU E 111 20.70 -102.48 -22.71
N TYR E 112 21.07 -102.22 -23.94
CA TYR E 112 21.69 -100.96 -24.33
C TYR E 112 20.99 -100.30 -25.50
N SER E 113 20.47 -101.08 -26.45
CA SER E 113 19.86 -100.52 -27.64
C SER E 113 18.63 -101.34 -28.02
N VAL E 114 17.53 -100.65 -28.31
CA VAL E 114 16.31 -101.26 -28.85
C VAL E 114 15.87 -100.42 -30.04
N LYS E 115 15.48 -101.09 -31.13
CA LYS E 115 15.09 -100.39 -32.34
C LYS E 115 13.94 -101.13 -33.01
N PHE E 116 12.88 -100.40 -33.34
CA PHE E 116 11.80 -100.98 -34.13
C PHE E 116 12.23 -101.14 -35.59
N ALA E 117 11.72 -102.19 -36.22
CA ALA E 117 11.97 -102.45 -37.62
C ALA E 117 11.17 -101.48 -38.49
N PRO E 118 11.47 -101.38 -39.78
CA PRO E 118 10.59 -100.63 -40.68
C PRO E 118 9.23 -101.27 -40.79
N ALA E 119 8.28 -100.49 -41.31
CA ALA E 119 6.88 -100.88 -41.30
C ALA E 119 6.60 -102.09 -42.18
N HIS E 120 7.34 -102.25 -43.28
CA HIS E 120 7.06 -103.34 -44.20
C HIS E 120 7.50 -104.71 -43.67
N LEU E 121 8.24 -104.76 -42.57
CA LEU E 121 8.51 -106.02 -41.90
C LEU E 121 7.42 -106.39 -40.91
N GLY E 122 6.45 -105.52 -40.68
CA GLY E 122 5.46 -105.76 -39.65
C GLY E 122 5.79 -104.98 -38.40
N LEU E 123 5.35 -105.48 -37.24
CA LEU E 123 5.73 -104.88 -35.96
C LEU E 123 6.85 -105.72 -35.33
N LYS E 124 8.04 -105.62 -35.93
CA LYS E 124 9.19 -106.38 -35.47
C LYS E 124 10.04 -105.51 -34.56
N LEU E 125 10.74 -106.15 -33.64
CA LEU E 125 11.55 -105.49 -32.63
C LEU E 125 12.94 -106.10 -32.59
N ALA E 126 13.93 -105.28 -32.26
CA ALA E 126 15.31 -105.73 -32.10
C ALA E 126 15.82 -105.29 -30.73
N CYS E 127 16.41 -106.22 -30.00
CA CYS E 127 16.88 -105.96 -28.64
C CYS E 127 18.29 -106.51 -28.49
N LEU E 128 19.19 -105.68 -28.00
CA LEU E 128 20.58 -106.10 -27.78
C LEU E 128 21.07 -105.56 -26.45
N GLY E 129 21.79 -106.40 -25.71
CA GLY E 129 22.37 -106.00 -24.44
C GLY E 129 23.77 -106.56 -24.28
N ASN E 130 24.23 -106.72 -23.03
CA ASN E 130 25.56 -107.28 -22.80
C ASN E 130 25.55 -108.78 -22.74
N ASP E 131 24.41 -109.42 -23.04
CA ASP E 131 24.38 -110.87 -23.15
C ASP E 131 25.02 -111.37 -24.44
N GLY E 132 25.23 -110.48 -25.42
CA GLY E 132 25.78 -110.90 -26.69
C GLY E 132 24.82 -111.64 -27.58
N ILE E 133 23.52 -111.62 -27.28
CA ILE E 133 22.51 -112.32 -28.05
C ILE E 133 21.51 -111.30 -28.57
N LEU E 134 21.25 -111.36 -29.87
CA LEU E 134 20.24 -110.52 -30.51
C LEU E 134 18.96 -111.33 -30.66
N ARG E 135 17.88 -110.86 -30.03
CA ARG E 135 16.59 -111.52 -30.08
C ARG E 135 15.58 -110.63 -30.78
N LEU E 136 14.94 -111.17 -31.81
CA LEU E 136 13.94 -110.46 -32.59
C LEU E 136 12.55 -110.82 -32.07
N TYR E 137 11.75 -109.79 -31.78
CA TYR E 137 10.40 -109.97 -31.25
C TYR E 137 9.38 -109.53 -32.28
N ASP E 138 8.39 -110.39 -32.53
CA ASP E 138 7.42 -110.18 -33.59
C ASP E 138 6.02 -110.08 -32.99
N ALA E 139 5.22 -109.15 -33.49
CA ALA E 139 3.82 -109.02 -33.10
C ALA E 139 2.98 -109.66 -34.20
N LEU E 140 2.77 -110.97 -34.08
CA LEU E 140 2.13 -111.72 -35.15
C LEU E 140 0.64 -111.46 -35.21
N GLU E 141 -0.03 -111.39 -34.06
CA GLU E 141 -1.48 -111.27 -34.04
C GLU E 141 -1.86 -109.80 -33.88
N PRO E 142 -2.48 -109.17 -34.88
CA PRO E 142 -2.86 -107.76 -34.73
C PRO E 142 -4.09 -107.53 -33.87
N SER E 143 -4.85 -108.58 -33.57
CA SER E 143 -6.04 -108.42 -32.74
C SER E 143 -5.68 -108.03 -31.32
N ASP E 144 -4.61 -108.60 -30.77
CA ASP E 144 -4.10 -108.23 -29.46
C ASP E 144 -2.63 -107.89 -29.57
N LEU E 145 -2.29 -106.64 -29.28
CA LEU E 145 -0.89 -106.23 -29.24
C LEU E 145 -0.29 -106.43 -27.85
N ARG E 146 -0.47 -107.64 -27.31
CA ARG E 146 0.11 -108.02 -26.03
C ARG E 146 0.82 -109.35 -26.08
N SER E 147 0.77 -110.06 -27.21
CA SER E 147 1.48 -111.31 -27.39
C SER E 147 2.61 -111.07 -28.39
N TRP E 148 3.84 -111.31 -27.96
CA TRP E 148 5.02 -111.09 -28.78
C TRP E 148 5.85 -112.36 -28.79
N THR E 149 6.26 -112.81 -29.97
CA THR E 149 6.96 -114.07 -30.12
C THR E 149 8.43 -113.82 -30.44
N LEU E 150 9.28 -114.71 -29.92
CA LEU E 150 10.72 -114.66 -30.16
C LEU E 150 11.05 -115.64 -31.26
N THR E 151 11.56 -115.15 -32.39
CA THR E 151 11.80 -115.97 -33.56
C THR E 151 13.26 -116.12 -33.91
N SER E 152 13.99 -115.02 -34.07
CA SER E 152 15.40 -115.06 -34.45
C SER E 152 16.27 -114.78 -33.23
N GLU E 153 17.22 -115.68 -32.97
CA GLU E 153 18.13 -115.59 -31.83
C GLU E 153 19.54 -115.85 -32.32
N MET E 154 20.26 -114.77 -32.65
CA MET E 154 21.62 -114.87 -33.16
C MET E 154 22.59 -114.30 -32.13
N LYS E 155 23.67 -115.03 -31.88
CA LYS E 155 24.68 -114.62 -30.92
C LYS E 155 25.73 -113.77 -31.61
N VAL E 156 25.92 -112.54 -31.12
CA VAL E 156 26.87 -111.61 -31.72
C VAL E 156 28.19 -111.55 -30.99
N LEU E 157 28.29 -112.14 -29.81
CA LEU E 157 29.51 -112.14 -29.01
C LEU E 157 29.82 -113.55 -28.53
N SER E 158 31.11 -113.88 -28.50
CA SER E 158 31.52 -115.19 -28.00
C SER E 158 31.26 -115.32 -26.50
N ILE E 159 31.68 -114.32 -25.73
CA ILE E 159 31.48 -114.29 -24.29
C ILE E 159 30.91 -112.93 -23.91
N PRO E 160 30.12 -112.83 -22.83
CA PRO E 160 29.69 -111.52 -22.37
C PRO E 160 30.86 -110.71 -21.86
N PRO E 161 30.79 -109.39 -21.91
CA PRO E 161 31.89 -108.55 -21.42
C PRO E 161 32.04 -108.65 -19.90
N ALA E 162 33.20 -108.21 -19.43
CA ALA E 162 33.52 -108.26 -18.02
C ALA E 162 32.66 -107.28 -17.23
N ASN E 163 32.62 -107.48 -15.91
CA ASN E 163 31.80 -106.64 -15.05
C ASN E 163 32.33 -105.21 -14.97
N HIS E 164 33.63 -105.01 -15.15
CA HIS E 164 34.26 -103.71 -15.00
C HIS E 164 34.53 -103.00 -16.31
N LEU E 165 34.91 -103.73 -17.36
CA LEU E 165 35.16 -103.10 -18.65
C LEU E 165 33.86 -102.56 -19.25
N GLN E 166 33.94 -101.40 -19.89
CA GLN E 166 32.76 -100.80 -20.48
C GLN E 166 32.48 -101.41 -21.85
N SER E 167 31.21 -101.35 -22.23
CA SER E 167 30.76 -101.85 -23.52
C SER E 167 29.58 -101.00 -23.97
N ASP E 168 29.47 -100.82 -25.29
CA ASP E 168 28.36 -100.07 -25.85
C ASP E 168 27.81 -100.76 -27.08
N PHE E 169 26.50 -100.69 -27.25
CA PHE E 169 25.79 -101.34 -28.34
C PHE E 169 24.83 -100.36 -28.98
N CYS E 170 24.72 -100.42 -30.30
CA CYS E 170 23.78 -99.59 -31.05
C CYS E 170 23.23 -100.40 -32.22
N LEU E 171 21.93 -100.26 -32.48
CA LEU E 171 21.25 -100.98 -33.55
C LEU E 171 20.68 -99.98 -34.56
N SER E 172 20.66 -100.40 -35.81
CA SER E 172 20.03 -99.61 -36.87
C SER E 172 19.51 -100.55 -37.93
N TRP E 173 18.23 -100.40 -38.27
CA TRP E 173 17.58 -101.26 -39.25
C TRP E 173 17.88 -100.78 -40.66
N CYS E 174 17.22 -101.36 -41.65
CA CYS E 174 17.43 -101.00 -43.06
C CYS E 174 16.15 -100.45 -43.65
N PRO E 175 16.04 -99.14 -43.85
CA PRO E 175 14.81 -98.55 -44.39
C PRO E 175 14.73 -98.63 -45.92
N SER E 176 14.83 -99.84 -46.45
CA SER E 176 14.69 -100.08 -47.88
C SER E 176 13.57 -101.09 -48.09
N ARG E 177 12.49 -100.64 -48.73
CA ARG E 177 11.30 -101.46 -48.91
C ARG E 177 11.44 -102.50 -50.01
N PHE E 178 12.48 -102.41 -50.83
CA PHE E 178 12.65 -103.32 -51.96
C PHE E 178 14.01 -103.98 -51.91
N SER E 179 14.46 -104.27 -50.69
CA SER E 179 15.67 -105.00 -50.39
C SER E 179 15.33 -105.99 -49.28
N PRO E 180 16.07 -107.10 -49.16
CA PRO E 180 15.81 -108.04 -48.07
C PRO E 180 16.10 -107.43 -46.71
N GLU E 181 15.70 -108.17 -45.67
CA GLU E 181 15.77 -107.66 -44.31
C GLU E 181 17.23 -107.57 -43.87
N LYS E 182 17.64 -106.37 -43.47
CA LYS E 182 19.01 -106.12 -43.04
C LYS E 182 19.01 -105.39 -41.71
N LEU E 183 20.02 -105.68 -40.89
CA LEU E 183 20.14 -105.10 -39.56
C LEU E 183 21.61 -104.85 -39.25
N ALA E 184 21.90 -103.66 -38.71
CA ALA E 184 23.26 -103.27 -38.35
C ALA E 184 23.45 -103.45 -36.86
N VAL E 185 24.50 -104.17 -36.48
CA VAL E 185 24.70 -104.58 -35.09
C VAL E 185 26.12 -104.17 -34.71
N SER E 186 26.24 -103.23 -33.77
CA SER E 186 27.52 -102.70 -33.33
C SER E 186 27.80 -103.24 -31.93
N ALA E 187 28.43 -104.42 -31.88
CA ALA E 187 28.73 -105.10 -30.62
C ALA E 187 30.20 -104.89 -30.30
N LEU E 188 30.49 -103.98 -29.36
CA LEU E 188 31.83 -103.70 -28.86
C LEU E 188 32.72 -103.14 -29.96
N GLU E 189 33.52 -104.01 -30.57
CA GLU E 189 34.37 -103.63 -31.69
C GLU E 189 34.09 -104.56 -32.86
N GLN E 190 32.82 -104.56 -33.29
CA GLN E 190 32.35 -105.30 -34.46
C GLN E 190 31.12 -104.60 -35.02
N ALA E 191 31.15 -104.25 -36.30
CA ALA E 191 29.97 -103.74 -36.99
C ALA E 191 29.50 -104.83 -37.95
N ILE E 192 28.37 -105.46 -37.62
CA ILE E 192 27.88 -106.64 -38.35
C ILE E 192 26.58 -106.29 -39.05
N ILE E 193 26.46 -106.66 -40.32
CA ILE E 193 25.22 -106.53 -41.07
C ILE E 193 24.60 -107.92 -41.18
N TYR E 194 23.39 -108.07 -40.64
CA TYR E 194 22.70 -109.35 -40.59
C TYR E 194 21.58 -109.36 -41.63
N GLN E 195 21.59 -110.37 -42.50
CA GLN E 195 20.64 -110.44 -43.60
C GLN E 195 19.77 -111.68 -43.50
N ARG E 196 18.51 -111.53 -43.90
CA ARG E 196 17.56 -112.63 -43.89
C ARG E 196 17.78 -113.53 -45.11
N GLY E 197 17.79 -114.83 -44.88
CA GLY E 197 18.02 -115.80 -45.94
C GLY E 197 16.74 -116.41 -46.48
N LYS E 198 16.93 -117.39 -47.38
CA LYS E 198 15.79 -118.12 -47.92
C LYS E 198 15.17 -119.04 -46.89
N ASP E 199 15.94 -119.49 -45.91
CA ASP E 199 15.42 -120.33 -44.85
C ASP E 199 14.74 -119.55 -43.73
N GLY E 200 14.82 -118.22 -43.76
CA GLY E 200 14.23 -117.39 -42.74
C GLY E 200 15.09 -117.13 -41.53
N LYS E 201 16.35 -117.54 -41.55
CA LYS E 201 17.27 -117.32 -40.44
C LYS E 201 18.37 -116.34 -40.86
N LEU E 202 18.69 -115.42 -39.96
CA LEU E 202 19.70 -114.41 -40.24
C LEU E 202 21.10 -115.02 -40.27
N HIS E 203 21.96 -114.43 -41.10
CA HIS E 203 23.34 -114.85 -41.22
C HIS E 203 24.24 -113.63 -41.26
N VAL E 204 25.53 -113.85 -41.01
CA VAL E 204 26.52 -112.78 -41.12
C VAL E 204 26.71 -112.50 -42.60
N ALA E 205 26.23 -111.34 -43.05
CA ALA E 205 26.31 -111.00 -44.46
C ALA E 205 27.64 -110.29 -44.79
N ALA E 206 27.91 -109.18 -44.12
CA ALA E 206 29.17 -108.47 -44.28
C ALA E 206 29.51 -107.74 -42.99
N LYS E 207 30.79 -107.44 -42.83
CA LYS E 207 31.29 -106.72 -41.66
C LYS E 207 31.95 -105.44 -42.13
N LEU E 208 31.62 -104.34 -41.49
CA LEU E 208 32.25 -103.06 -41.81
C LEU E 208 33.66 -103.03 -41.24
N PRO E 209 34.69 -102.84 -42.05
CA PRO E 209 36.06 -102.88 -41.56
C PRO E 209 36.44 -101.59 -40.82
N GLY E 210 37.69 -101.52 -40.40
CA GLY E 210 38.15 -100.40 -39.59
C GLY E 210 37.88 -100.66 -38.13
N HIS E 211 37.45 -99.62 -37.40
CA HIS E 211 36.92 -99.73 -36.04
C HIS E 211 37.97 -100.32 -35.08
N LYS E 212 39.02 -99.53 -34.85
CA LYS E 212 40.06 -99.95 -33.91
C LYS E 212 39.67 -99.79 -32.45
N SER E 213 38.52 -99.18 -32.15
CA SER E 213 38.14 -98.93 -30.77
C SER E 213 36.66 -99.28 -30.59
N LEU E 214 36.12 -98.85 -29.45
CA LEU E 214 34.76 -99.20 -29.05
C LEU E 214 33.76 -98.36 -29.84
N ILE E 215 32.72 -99.01 -30.36
CA ILE E 215 31.71 -98.37 -31.20
C ILE E 215 30.64 -97.76 -30.31
N ARG E 216 30.26 -96.52 -30.60
CA ARG E 216 29.32 -95.78 -29.77
C ARG E 216 27.95 -95.57 -30.41
N SER E 217 27.88 -95.36 -31.72
CA SER E 217 26.59 -95.16 -32.36
C SER E 217 26.69 -95.56 -33.82
N ILE E 218 25.63 -96.20 -34.32
CA ILE E 218 25.52 -96.57 -35.72
C ILE E 218 24.19 -96.05 -36.23
N SER E 219 24.14 -95.75 -37.53
CA SER E 219 22.95 -95.16 -38.12
C SER E 219 22.92 -95.47 -39.60
N TRP E 220 21.73 -95.81 -40.10
CA TRP E 220 21.53 -96.16 -41.49
C TRP E 220 20.81 -95.02 -42.19
N ALA E 221 21.37 -94.57 -43.31
CA ALA E 221 20.76 -93.48 -44.05
C ALA E 221 19.50 -93.97 -44.77
N PRO E 222 18.44 -93.15 -44.80
CA PRO E 222 17.19 -93.58 -45.44
C PRO E 222 17.37 -93.71 -46.95
N SER E 223 17.07 -94.90 -47.46
CA SER E 223 17.16 -95.13 -48.89
C SER E 223 16.03 -94.40 -49.59
N ILE E 224 16.37 -93.45 -50.45
CA ILE E 224 15.37 -92.66 -51.17
C ILE E 224 15.43 -92.97 -52.65
N GLY E 225 15.87 -94.17 -53.00
CA GLY E 225 15.90 -94.60 -54.39
C GLY E 225 17.29 -94.69 -55.00
N ARG E 226 18.33 -94.25 -54.29
CA ARG E 226 19.68 -94.34 -54.83
C ARG E 226 20.14 -95.79 -54.87
N TRP E 227 21.12 -96.05 -55.72
CA TRP E 227 21.59 -97.43 -55.89
C TRP E 227 22.62 -97.84 -54.85
N TYR E 228 22.99 -96.96 -53.93
CA TYR E 228 23.96 -97.28 -52.90
C TYR E 228 23.42 -96.85 -51.54
N GLN E 229 23.74 -97.63 -50.51
CA GLN E 229 23.31 -97.36 -49.15
C GLN E 229 24.44 -96.75 -48.34
N LEU E 230 24.07 -96.07 -47.25
CA LEU E 230 25.04 -95.38 -46.42
C LEU E 230 24.80 -95.73 -44.95
N ILE E 231 25.88 -96.08 -44.26
CA ILE E 231 25.86 -96.37 -42.83
C ILE E 231 26.89 -95.46 -42.17
N ALA E 232 26.45 -94.67 -41.19
CA ALA E 232 27.34 -93.77 -40.47
C ALA E 232 27.67 -94.34 -39.10
N THR E 233 28.94 -94.27 -38.73
CA THR E 233 29.42 -94.85 -37.48
C THR E 233 30.29 -93.85 -36.74
N GLY E 234 30.09 -93.75 -35.43
CA GLY E 234 30.94 -92.94 -34.58
C GLY E 234 31.60 -93.76 -33.51
N CYS E 235 32.92 -93.85 -33.56
CA CYS E 235 33.68 -94.72 -32.68
C CYS E 235 34.08 -94.01 -31.39
N LYS E 236 34.80 -94.70 -30.52
CA LYS E 236 35.47 -94.03 -29.42
C LYS E 236 36.66 -93.23 -29.90
N ASP E 237 37.22 -93.59 -31.05
CA ASP E 237 38.07 -92.69 -31.80
C ASP E 237 37.22 -91.59 -32.42
N GLY E 238 37.88 -90.53 -32.84
CA GLY E 238 37.16 -89.40 -33.42
C GLY E 238 36.80 -89.58 -34.87
N ARG E 239 36.52 -90.80 -35.29
CA ARG E 239 36.23 -91.13 -36.69
C ARG E 239 34.73 -91.21 -36.92
N ILE E 240 34.21 -90.30 -37.74
CA ILE E 240 32.88 -90.42 -38.30
C ILE E 240 33.05 -91.19 -39.60
N ARG E 241 32.73 -92.47 -39.57
CA ARG E 241 32.94 -93.36 -40.72
C ARG E 241 31.63 -93.53 -41.46
N ILE E 242 31.62 -93.18 -42.74
CA ILE E 242 30.45 -93.31 -43.60
C ILE E 242 30.75 -94.44 -44.58
N PHE E 243 30.03 -95.54 -44.45
CA PHE E 243 30.28 -96.73 -45.25
C PHE E 243 29.33 -96.76 -46.43
N LYS E 244 29.84 -97.16 -47.59
CA LYS E 244 29.06 -97.24 -48.81
C LYS E 244 28.84 -98.71 -49.16
N ILE E 245 27.59 -99.10 -49.37
CA ILE E 245 27.20 -100.48 -49.56
C ILE E 245 26.47 -100.60 -50.89
N THR E 246 26.94 -101.49 -51.75
CA THR E 246 26.30 -101.77 -53.03
C THR E 246 25.79 -103.21 -53.01
N GLU E 247 24.49 -103.36 -53.29
CA GLU E 247 23.83 -104.65 -53.23
C GLU E 247 23.28 -105.01 -54.61
N LYS E 248 23.52 -106.25 -55.03
CA LYS E 248 22.99 -106.71 -56.31
C LYS E 248 22.39 -108.11 -56.18
N LEU E 288 20.38 -116.07 -48.39
CA LEU E 288 21.18 -114.99 -48.96
C LEU E 288 20.97 -114.91 -50.47
N GLN E 289 19.88 -114.26 -50.88
CA GLN E 289 19.60 -114.14 -52.31
C GLN E 289 20.53 -113.12 -52.97
N SER E 290 20.88 -112.05 -52.26
CA SER E 290 21.67 -110.96 -52.81
C SER E 290 22.93 -110.76 -51.98
N ASN E 291 24.08 -110.62 -52.66
CA ASN E 291 25.33 -110.33 -51.99
C ASN E 291 25.61 -108.83 -52.03
N LEU E 292 26.29 -108.35 -50.99
CA LEU E 292 26.51 -106.93 -50.79
C LEU E 292 27.97 -106.69 -50.40
N GLN E 293 28.58 -105.66 -50.98
CA GLN E 293 29.98 -105.33 -50.77
C GLN E 293 30.08 -104.02 -50.01
N VAL E 294 31.05 -103.93 -49.11
CA VAL E 294 31.22 -102.80 -48.21
C VAL E 294 32.48 -102.05 -48.64
N GLU E 295 32.33 -100.76 -48.92
CA GLU E 295 33.43 -99.88 -49.26
C GLU E 295 33.35 -98.62 -48.42
N LEU E 296 34.45 -98.27 -47.76
CA LEU E 296 34.45 -97.07 -46.93
C LEU E 296 34.52 -95.83 -47.81
N LEU E 297 33.61 -94.90 -47.57
CA LEU E 297 33.56 -93.66 -48.34
C LEU E 297 34.38 -92.55 -47.73
N SER E 298 34.50 -92.51 -46.40
CA SER E 298 35.18 -91.41 -45.74
C SER E 298 35.62 -91.84 -44.36
N GLU E 299 36.56 -91.07 -43.80
CA GLU E 299 37.05 -91.28 -42.44
C GLU E 299 37.48 -89.91 -41.92
N HIS E 300 36.61 -89.28 -41.14
CA HIS E 300 36.76 -87.88 -40.76
C HIS E 300 37.19 -87.76 -39.30
N ASP E 301 38.21 -86.94 -39.05
CA ASP E 301 38.75 -86.76 -37.71
C ASP E 301 38.66 -85.32 -37.24
N ASP E 302 37.51 -84.67 -37.41
CA ASP E 302 37.37 -83.29 -36.97
C ASP E 302 36.96 -83.15 -35.52
N HIS E 303 36.75 -84.25 -34.80
CA HIS E 303 36.33 -84.16 -33.40
C HIS E 303 37.47 -84.34 -32.42
N ASN E 304 38.44 -85.21 -32.74
CA ASN E 304 39.60 -85.52 -31.91
C ASN E 304 39.18 -85.96 -30.51
N GLY E 305 38.26 -86.92 -30.47
CA GLY E 305 37.69 -87.39 -29.22
C GLY E 305 36.87 -88.64 -29.42
N GLU E 306 35.72 -88.74 -28.78
CA GLU E 306 34.82 -89.88 -28.93
C GLU E 306 33.51 -89.39 -29.54
N VAL E 307 33.16 -89.92 -30.70
CA VAL E 307 31.92 -89.55 -31.37
C VAL E 307 30.79 -90.33 -30.71
N TRP E 308 30.00 -89.65 -29.88
CA TRP E 308 28.99 -90.34 -29.09
C TRP E 308 27.77 -90.70 -29.93
N SER E 309 27.25 -89.76 -30.71
CA SER E 309 26.06 -90.00 -31.51
C SER E 309 26.27 -89.45 -32.91
N VAL E 310 25.99 -90.27 -33.92
CA VAL E 310 25.96 -89.85 -35.31
C VAL E 310 24.62 -90.29 -35.91
N SER E 311 23.97 -89.38 -36.64
CA SER E 311 22.62 -89.64 -37.10
C SER E 311 22.38 -88.93 -38.42
N TRP E 312 21.48 -89.49 -39.22
CA TRP E 312 21.16 -88.99 -40.55
C TRP E 312 19.91 -88.12 -40.50
N ASN E 313 19.57 -87.56 -41.65
CA ASN E 313 18.40 -86.73 -41.83
C ASN E 313 17.26 -87.58 -42.40
N LEU E 314 16.18 -86.91 -42.82
CA LEU E 314 15.08 -87.60 -43.49
C LEU E 314 15.50 -88.14 -44.84
N THR E 315 16.26 -87.35 -45.60
CA THR E 315 16.62 -87.71 -46.96
C THR E 315 18.05 -88.20 -47.09
N GLY E 316 18.76 -88.36 -45.98
CA GLY E 316 20.13 -88.83 -46.06
C GLY E 316 21.12 -87.81 -46.54
N THR E 317 20.79 -86.52 -46.47
CA THR E 317 21.71 -85.48 -46.94
C THR E 317 22.56 -84.92 -45.81
N ILE E 318 21.96 -84.55 -44.70
CA ILE E 318 22.66 -83.92 -43.58
C ILE E 318 22.99 -84.99 -42.55
N LEU E 319 24.28 -85.06 -42.18
CA LEU E 319 24.75 -85.96 -41.14
C LEU E 319 25.18 -85.13 -39.95
N SER E 320 24.60 -85.42 -38.78
CA SER E 320 24.87 -84.67 -37.56
C SER E 320 25.61 -85.57 -36.59
N SER E 321 26.75 -85.09 -36.09
CA SER E 321 27.61 -85.86 -35.20
C SER E 321 28.00 -85.01 -34.00
N ALA E 322 28.04 -85.63 -32.83
CA ALA E 322 28.49 -84.98 -31.60
C ALA E 322 29.69 -85.74 -31.06
N GLY E 323 30.71 -85.01 -30.62
CA GLY E 323 31.95 -85.59 -30.17
C GLY E 323 32.35 -85.10 -28.79
N ASP E 324 33.50 -85.58 -28.33
CA ASP E 324 34.01 -85.24 -27.01
C ASP E 324 34.56 -83.82 -26.94
N ASP E 325 34.71 -83.12 -28.05
CA ASP E 325 35.19 -81.75 -28.04
C ASP E 325 34.09 -80.74 -27.77
N GLY E 326 32.88 -81.19 -27.47
CA GLY E 326 31.79 -80.27 -27.18
C GLY E 326 31.19 -79.61 -28.38
N LYS E 327 31.39 -80.16 -29.58
CA LYS E 327 30.97 -79.54 -30.82
C LYS E 327 30.08 -80.48 -31.60
N VAL E 328 29.08 -79.93 -32.29
CA VAL E 328 28.18 -80.69 -33.15
C VAL E 328 28.43 -80.26 -34.59
N ARG E 329 28.79 -81.22 -35.44
CA ARG E 329 29.20 -80.95 -36.80
C ARG E 329 28.18 -81.51 -37.78
N LEU E 330 27.73 -80.67 -38.69
CA LEU E 330 26.82 -81.07 -39.76
C LEU E 330 27.63 -81.38 -41.01
N TRP E 331 27.20 -82.40 -41.74
CA TRP E 331 27.95 -82.90 -42.89
C TRP E 331 27.02 -83.04 -44.08
N LYS E 332 27.46 -82.54 -45.23
CA LYS E 332 26.73 -82.69 -46.48
C LYS E 332 27.71 -83.07 -47.57
N ALA E 333 27.22 -83.83 -48.55
CA ALA E 333 28.04 -84.22 -49.68
C ALA E 333 28.27 -83.04 -50.62
N THR E 334 29.41 -83.07 -51.30
CA THR E 334 29.78 -82.05 -52.26
C THR E 334 29.12 -82.33 -53.61
N TYR E 335 29.63 -81.68 -54.67
CA TYR E 335 29.25 -82.09 -56.02
C TYR E 335 29.66 -83.54 -56.29
N SER E 336 30.78 -83.98 -55.74
CA SER E 336 31.14 -85.39 -55.72
C SER E 336 30.43 -86.08 -54.55
N ASN E 337 30.72 -87.37 -54.37
CA ASN E 337 30.08 -88.12 -53.31
C ASN E 337 30.82 -88.06 -51.99
N GLU E 338 31.97 -87.38 -51.94
CA GLU E 338 32.73 -87.29 -50.71
C GLU E 338 32.13 -86.23 -49.78
N PHE E 339 32.08 -86.54 -48.48
CA PHE E 339 31.44 -85.69 -47.50
C PHE E 339 32.42 -84.65 -46.97
N LYS E 340 31.93 -83.41 -46.85
CA LYS E 340 32.73 -82.29 -46.40
C LYS E 340 32.01 -81.57 -45.28
N CYS E 341 32.76 -81.09 -44.31
CA CYS E 341 32.17 -80.49 -43.12
C CYS E 341 31.48 -79.18 -43.42
N MET E 342 30.39 -78.94 -42.71
CA MET E 342 29.56 -77.75 -42.84
C MET E 342 29.54 -77.04 -41.50
N SER E 343 28.59 -76.12 -41.31
CA SER E 343 28.44 -75.33 -40.08
C SER E 343 28.49 -76.20 -38.83
N VAL E 344 29.26 -75.73 -37.84
CA VAL E 344 29.56 -76.47 -36.63
C VAL E 344 28.92 -75.77 -35.45
N ILE E 345 28.14 -76.51 -34.65
CA ILE E 345 27.45 -75.97 -33.50
C ILE E 345 28.22 -76.40 -32.25
N THR E 346 28.64 -75.43 -31.44
CA THR E 346 29.40 -75.73 -30.23
C THR E 346 28.52 -75.62 -28.99
N GLY F 2 49.00 -85.24 -1.22
CA GLY F 2 48.04 -84.22 -0.84
C GLY F 2 46.72 -84.79 -0.40
N LEU F 3 45.87 -83.93 0.16
CA LEU F 3 44.56 -84.37 0.64
C LEU F 3 43.61 -83.18 0.57
N ILE F 4 42.61 -83.27 -0.31
CA ILE F 4 41.57 -82.26 -0.42
C ILE F 4 40.28 -82.90 0.08
N LYS F 5 39.66 -82.28 1.08
CA LYS F 5 38.44 -82.80 1.67
C LYS F 5 37.36 -81.73 1.62
N LYS F 6 36.25 -82.04 0.95
CA LYS F 6 35.12 -81.13 0.90
C LYS F 6 34.32 -81.26 2.18
N VAL F 7 34.03 -80.12 2.82
CA VAL F 7 33.35 -80.10 4.11
C VAL F 7 32.01 -79.42 3.92
N THR F 8 30.96 -80.04 4.46
CA THR F 8 29.60 -79.53 4.41
C THR F 8 29.14 -79.15 5.81
N HIS F 9 27.93 -78.58 5.87
CA HIS F 9 27.28 -78.12 7.10
C HIS F 9 28.09 -77.05 7.85
N TRP F 10 28.89 -76.27 7.12
CA TRP F 10 29.72 -75.25 7.76
C TRP F 10 29.44 -73.85 7.28
N SER F 11 28.81 -73.67 6.13
CA SER F 11 28.56 -72.35 5.57
C SER F 11 27.07 -72.12 5.45
N TYR F 12 26.60 -70.99 5.96
CA TYR F 12 25.19 -70.63 5.80
C TYR F 12 24.89 -70.14 4.39
N ASP F 13 25.88 -69.57 3.71
CA ASP F 13 25.70 -69.03 2.37
C ASP F 13 25.90 -70.15 1.35
N ASN F 14 25.89 -69.79 0.06
CA ASN F 14 26.04 -70.76 -1.00
C ASN F 14 27.48 -71.18 -1.25
N LEU F 15 28.45 -70.54 -0.59
CA LEU F 15 29.84 -70.90 -0.77
C LEU F 15 30.15 -72.23 -0.09
N ILE F 16 31.13 -72.93 -0.63
CA ILE F 16 31.50 -74.26 -0.17
C ILE F 16 32.93 -74.23 0.35
N ASP F 17 33.13 -74.77 1.55
CA ASP F 17 34.42 -74.71 2.22
C ASP F 17 35.24 -75.98 1.95
N TYR F 18 36.55 -75.80 1.80
CA TYR F 18 37.47 -76.89 1.52
C TYR F 18 38.65 -76.81 2.47
N LEU F 19 39.19 -77.99 2.81
CA LEU F 19 40.38 -78.10 3.63
C LEU F 19 41.45 -78.85 2.83
N SER F 20 42.70 -78.39 2.94
CA SER F 20 43.77 -78.90 2.09
C SER F 20 45.00 -79.20 2.92
N VAL F 21 45.76 -80.19 2.44
CA VAL F 21 47.06 -80.54 2.98
C VAL F 21 48.04 -80.58 1.82
N ASN F 22 49.16 -79.86 1.95
CA ASN F 22 50.15 -79.77 0.89
C ASN F 22 50.84 -81.13 0.69
N PRO F 23 51.38 -81.38 -0.51
CA PRO F 23 52.04 -82.68 -0.77
C PRO F 23 53.26 -82.94 0.09
N THR F 24 53.86 -81.92 0.68
CA THR F 24 54.96 -82.11 1.63
C THR F 24 54.48 -82.58 3.00
N ARG F 25 53.16 -82.62 3.23
CA ARG F 25 52.55 -83.05 4.49
C ARG F 25 53.01 -82.21 5.67
N ASP F 26 53.16 -80.91 5.45
CA ASP F 26 53.67 -80.00 6.48
C ASP F 26 52.77 -78.79 6.72
N GLU F 27 51.56 -78.77 6.16
CA GLU F 27 50.78 -77.54 6.19
C GLU F 27 49.30 -77.89 6.03
N VAL F 28 48.44 -77.06 6.63
CA VAL F 28 46.99 -77.23 6.55
C VAL F 28 46.37 -75.88 6.20
N THR F 29 45.56 -75.86 5.15
CA THR F 29 44.96 -74.64 4.63
C THR F 29 43.46 -74.79 4.50
N HIS F 30 42.71 -73.77 4.92
CA HIS F 30 41.26 -73.74 4.85
C HIS F 30 40.83 -72.83 3.71
N TYR F 31 40.00 -73.35 2.82
CA TYR F 31 39.59 -72.66 1.59
C TYR F 31 38.09 -72.43 1.58
N LYS F 32 37.69 -71.36 0.88
CA LYS F 32 36.28 -71.14 0.53
C LYS F 32 36.20 -70.95 -0.98
N VAL F 33 35.38 -71.77 -1.63
CA VAL F 33 35.26 -71.80 -3.09
C VAL F 33 33.85 -71.41 -3.47
N ASP F 34 33.71 -70.33 -4.25
CA ASP F 34 32.42 -69.94 -4.81
C ASP F 34 32.19 -70.71 -6.11
N PRO F 35 31.16 -71.56 -6.20
CA PRO F 35 30.99 -72.39 -7.40
C PRO F 35 30.39 -71.66 -8.58
N GLU F 36 29.65 -70.57 -8.37
CA GLU F 36 28.96 -69.92 -9.48
C GLU F 36 29.90 -69.13 -10.38
N ASN F 37 31.12 -68.86 -9.95
CA ASN F 37 32.12 -68.17 -10.77
C ASN F 37 33.29 -69.11 -10.99
N GLU F 38 33.60 -69.37 -12.27
CA GLU F 38 34.60 -70.37 -12.63
C GLU F 38 36.03 -69.87 -12.46
N SER F 39 36.24 -68.55 -12.40
CA SER F 39 37.59 -67.99 -12.37
C SER F 39 38.31 -68.34 -11.07
N ASP F 40 39.63 -68.26 -11.11
CA ASP F 40 40.47 -68.64 -9.97
C ASP F 40 40.39 -67.67 -8.81
N GLU F 41 39.76 -66.50 -8.99
CA GLU F 41 39.53 -65.60 -7.88
C GLU F 41 38.49 -66.14 -6.89
N SER F 42 37.70 -67.14 -7.30
CA SER F 42 36.72 -67.73 -6.39
C SER F 42 37.39 -68.61 -5.35
N ILE F 43 38.56 -69.17 -5.67
CA ILE F 43 39.30 -69.99 -4.72
C ILE F 43 39.97 -69.02 -3.73
N ILE F 44 39.35 -68.84 -2.57
CA ILE F 44 39.85 -67.92 -1.55
C ILE F 44 40.52 -68.72 -0.46
N LYS F 45 41.72 -68.28 -0.07
CA LYS F 45 42.46 -68.87 1.04
C LYS F 45 42.25 -67.99 2.27
N LEU F 46 41.67 -68.56 3.32
CA LEU F 46 41.34 -67.79 4.51
C LEU F 46 42.42 -67.84 5.57
N HIS F 47 42.72 -69.03 6.08
CA HIS F 47 43.66 -69.17 7.19
C HIS F 47 44.60 -70.34 6.90
N THR F 48 45.78 -70.28 7.51
CA THR F 48 46.80 -71.28 7.32
C THR F 48 47.49 -71.56 8.66
N VAL F 49 47.77 -72.83 8.93
CA VAL F 49 48.39 -73.25 10.17
C VAL F 49 49.70 -73.94 9.79
N LYS F 50 50.81 -73.23 9.95
CA LYS F 50 52.12 -73.67 9.43
C LYS F 50 52.91 -74.34 10.54
N ASP F 51 52.58 -75.58 10.85
CA ASP F 51 53.30 -76.37 11.84
C ASP F 51 53.18 -77.84 11.48
N PHE F 52 53.31 -78.71 12.50
CA PHE F 52 53.29 -80.17 12.47
C PHE F 52 54.54 -80.73 11.80
N GLY F 53 54.36 -81.37 10.65
CA GLY F 53 55.43 -82.13 10.03
C GLY F 53 55.07 -83.58 9.88
N SER F 54 55.02 -84.06 8.64
CA SER F 54 54.61 -85.42 8.27
C SER F 54 53.20 -85.75 8.77
N ILE F 55 52.23 -85.00 8.23
CA ILE F 55 50.83 -85.28 8.50
C ILE F 55 50.42 -86.58 7.79
N THR F 56 49.68 -87.43 8.50
CA THR F 56 49.24 -88.70 7.95
C THR F 56 47.72 -88.83 7.83
N CYS F 57 46.94 -88.00 8.53
CA CYS F 57 45.50 -88.09 8.45
C CYS F 57 44.89 -86.74 8.80
N LEU F 58 43.62 -86.58 8.47
CA LEU F 58 42.89 -85.33 8.67
C LEU F 58 41.40 -85.61 8.61
N ASP F 59 40.64 -84.98 9.51
CA ASP F 59 39.19 -85.05 9.46
C ASP F 59 38.60 -83.76 10.02
N TYR F 60 37.27 -83.73 10.10
CA TYR F 60 36.54 -82.54 10.48
C TYR F 60 35.29 -82.95 11.24
N SER F 61 34.70 -81.99 11.94
CA SER F 61 33.49 -82.21 12.72
C SER F 61 32.33 -81.49 12.06
N GLU F 62 31.29 -82.24 11.69
CA GLU F 62 30.15 -81.66 11.00
C GLU F 62 29.24 -80.88 11.93
N SER F 63 29.08 -81.35 13.17
CA SER F 63 28.15 -80.73 14.09
C SER F 63 28.67 -79.39 14.61
N GLU F 64 29.95 -79.32 14.95
CA GLU F 64 30.54 -78.12 15.51
C GLU F 64 31.45 -77.47 14.47
N ILE F 65 31.27 -76.16 14.28
CA ILE F 65 31.84 -75.46 13.14
C ILE F 65 33.30 -75.10 13.42
N GLY F 66 34.18 -75.51 12.51
CA GLY F 66 35.57 -75.12 12.57
C GLY F 66 36.49 -76.11 13.25
N MET F 67 35.94 -77.06 14.01
CA MET F 67 36.79 -78.00 14.74
C MET F 67 37.38 -79.03 13.78
N ILE F 68 38.70 -79.07 13.71
CA ILE F 68 39.43 -79.84 12.72
C ILE F 68 40.53 -80.62 13.42
N GLY F 69 40.54 -81.94 13.23
CA GLY F 69 41.56 -82.79 13.81
C GLY F 69 42.64 -83.10 12.80
N VAL F 70 43.89 -82.95 13.22
CA VAL F 70 45.05 -83.14 12.36
C VAL F 70 45.95 -84.18 13.00
N GLY F 71 46.20 -85.26 12.29
CA GLY F 71 47.12 -86.27 12.77
C GLY F 71 48.57 -85.94 12.45
N GLU F 72 49.47 -86.76 13.00
CA GLU F 72 50.90 -86.60 12.79
C GLU F 72 51.55 -87.96 12.74
N LYS F 73 52.73 -88.02 12.13
CA LYS F 73 53.47 -89.27 12.09
C LYS F 73 54.15 -89.58 13.41
N ASN F 74 54.51 -88.55 14.18
CA ASN F 74 55.15 -88.78 15.47
C ASN F 74 54.16 -89.36 16.49
N GLY F 75 52.90 -88.95 16.43
CA GLY F 75 51.90 -89.54 17.29
C GLY F 75 50.98 -88.57 18.00
N TYR F 76 51.00 -87.30 17.60
CA TYR F 76 50.20 -86.27 18.26
C TYR F 76 49.00 -85.91 17.39
N LEU F 77 47.82 -85.92 18.01
CA LEU F 77 46.57 -85.56 17.32
C LEU F 77 46.18 -84.15 17.75
N ARG F 78 46.58 -83.16 16.97
CA ARG F 78 46.30 -81.77 17.28
C ARG F 78 44.90 -81.43 16.80
N ILE F 79 43.99 -81.21 17.73
CA ILE F 79 42.59 -80.90 17.42
C ILE F 79 42.34 -79.45 17.78
N PHE F 80 41.95 -78.65 16.80
CA PHE F 80 41.85 -77.20 17.01
C PHE F 80 40.75 -76.63 16.13
N ASN F 81 40.69 -75.30 16.09
CA ASN F 81 39.67 -74.55 15.38
C ASN F 81 40.34 -73.56 14.44
N ILE F 82 39.77 -73.41 13.25
CA ILE F 82 40.22 -72.43 12.26
C ILE F 82 39.22 -71.30 12.08
N SER F 83 37.95 -71.63 11.85
CA SER F 83 36.92 -70.62 11.66
C SER F 83 36.58 -69.91 12.96
N TYR F 140 39.86 -72.88 20.19
CA TYR F 140 41.06 -73.11 20.98
C TYR F 140 42.04 -74.02 20.23
N ASP F 141 42.95 -74.65 20.99
CA ASP F 141 43.95 -75.52 20.39
C ASP F 141 44.39 -76.51 21.47
N ILE F 142 43.91 -77.74 21.40
CA ILE F 142 44.31 -78.79 22.33
C ILE F 142 45.06 -79.87 21.55
N ARG F 143 46.02 -80.49 22.22
CA ARG F 143 46.80 -81.58 21.65
C ARG F 143 46.67 -82.80 22.55
N VAL F 144 46.31 -83.94 21.96
CA VAL F 144 46.21 -85.20 22.67
C VAL F 144 47.20 -86.18 22.04
N ARG F 145 47.30 -87.35 22.66
CA ARG F 145 48.15 -88.43 22.15
C ARG F 145 47.64 -89.74 22.76
N ALA F 146 48.24 -90.84 22.33
CA ALA F 146 47.84 -92.12 22.87
C ALA F 146 48.51 -92.37 24.21
N LYS F 147 48.04 -93.41 24.91
CA LYS F 147 48.72 -93.85 26.12
C LYS F 147 50.12 -94.38 25.81
N LYS F 148 50.23 -95.17 24.75
CA LYS F 148 51.52 -95.57 24.20
C LYS F 148 51.67 -94.90 22.84
N GLN F 149 52.68 -94.04 22.71
CA GLN F 149 52.82 -93.20 21.53
C GLN F 149 53.46 -93.98 20.39
N ARG F 150 52.76 -94.04 19.26
CA ARG F 150 53.31 -94.60 18.02
C ARG F 150 52.72 -93.81 16.86
N CYS F 151 52.94 -94.30 15.64
CA CYS F 151 52.53 -93.58 14.45
C CYS F 151 51.03 -93.67 14.23
N ILE F 152 50.40 -92.52 14.03
CA ILE F 152 48.96 -92.45 13.77
C ILE F 152 48.74 -92.54 12.27
N ASN F 153 47.93 -93.53 11.84
CA ASN F 153 47.69 -93.75 10.42
C ASN F 153 46.29 -93.38 9.96
N SER F 154 45.37 -93.07 10.88
CA SER F 154 44.00 -92.79 10.50
C SER F 154 43.37 -91.88 11.54
N LEU F 155 42.13 -91.46 11.25
CA LEU F 155 41.39 -90.55 12.11
C LEU F 155 39.92 -90.71 11.78
N GLY F 156 39.08 -90.29 12.72
CA GLY F 156 37.64 -90.26 12.50
C GLY F 156 36.91 -89.47 13.55
N ILE F 157 36.06 -88.54 13.12
CA ILE F 157 35.28 -87.70 14.02
C ILE F 157 33.81 -87.98 13.74
N ASN F 158 33.08 -88.38 14.77
CA ASN F 158 31.66 -88.70 14.62
C ASN F 158 30.84 -87.42 14.73
N THR F 159 29.52 -87.56 14.73
CA THR F 159 28.65 -86.39 14.76
C THR F 159 28.45 -85.87 16.18
N ASN F 160 28.24 -86.77 17.14
CA ASN F 160 27.96 -86.35 18.51
C ASN F 160 29.20 -85.80 19.21
N GLY F 161 30.39 -86.26 18.81
CA GLY F 161 31.62 -85.76 19.39
C GLY F 161 32.67 -86.82 19.59
N LEU F 162 32.31 -88.07 19.31
CA LEU F 162 33.26 -89.17 19.43
C LEU F 162 34.37 -89.05 18.40
N ILE F 163 35.61 -89.18 18.85
CA ILE F 163 36.79 -89.06 18.00
C ILE F 163 37.58 -90.35 18.10
N ALA F 164 37.86 -90.96 16.95
CA ALA F 164 38.60 -92.22 16.90
C ALA F 164 40.05 -91.97 16.52
N MET F 165 40.81 -93.06 16.43
CA MET F 165 42.23 -93.00 16.16
C MET F 165 42.68 -94.38 15.73
N GLY F 166 43.60 -94.43 14.76
CA GLY F 166 44.31 -95.65 14.42
C GLY F 166 45.78 -95.51 14.72
N LEU F 167 46.41 -96.62 15.10
CA LEU F 167 47.84 -96.66 15.37
C LEU F 167 48.45 -97.84 14.63
N ASP F 168 49.77 -97.92 14.68
CA ASP F 168 50.50 -99.00 14.03
C ASP F 168 50.40 -100.28 14.86
N ARG F 169 51.13 -101.30 14.43
CA ARG F 169 51.06 -102.61 15.08
C ARG F 169 51.91 -102.61 16.34
N ASN F 170 51.27 -102.79 17.49
CA ASN F 170 51.94 -102.93 18.76
C ASN F 170 51.50 -104.23 19.42
N LYS F 171 52.46 -105.01 19.90
CA LYS F 171 52.15 -106.32 20.43
C LYS F 171 51.50 -106.28 21.81
N HIS F 172 51.48 -105.12 22.47
CA HIS F 172 50.94 -105.00 23.81
C HIS F 172 49.92 -103.87 23.94
N ASP F 173 49.31 -103.45 22.84
CA ASP F 173 48.34 -102.36 22.91
C ASP F 173 47.29 -102.52 21.83
N SER F 174 46.14 -101.90 22.07
CA SER F 174 45.05 -101.88 21.11
C SER F 174 45.22 -100.72 20.13
N SER F 175 44.81 -100.96 18.89
CA SER F 175 44.97 -99.96 17.83
C SER F 175 43.80 -98.98 17.78
N LEU F 176 42.59 -99.49 17.59
CA LEU F 176 41.40 -98.63 17.49
C LEU F 176 40.99 -98.19 18.88
N GLN F 177 41.31 -96.94 19.23
CA GLN F 177 40.95 -96.37 20.52
C GLN F 177 40.07 -95.14 20.30
N ILE F 178 38.84 -95.22 20.80
CA ILE F 178 37.83 -94.17 20.60
C ILE F 178 37.49 -93.56 21.94
N TRP F 179 37.34 -92.24 21.97
CA TRP F 179 37.00 -91.52 23.19
C TRP F 179 35.97 -90.44 22.85
N ASP F 180 35.77 -89.50 23.76
CA ASP F 180 34.86 -88.38 23.56
C ASP F 180 35.60 -87.07 23.82
N MET F 181 35.15 -86.02 23.13
CA MET F 181 35.74 -84.70 23.32
C MET F 181 35.41 -84.13 24.70
N ASN F 182 34.18 -84.29 25.15
CA ASN F 182 33.76 -83.71 26.43
C ASN F 182 34.07 -84.59 27.64
N TYR F 183 34.59 -85.79 27.42
CA TYR F 183 34.89 -86.73 28.51
C TYR F 183 36.37 -87.10 28.52
N HIS F 184 37.24 -86.10 28.37
CA HIS F 184 38.67 -86.29 28.46
C HIS F 184 39.26 -85.21 29.35
N ASP F 185 40.23 -85.59 30.17
CA ASP F 185 40.85 -84.64 31.09
C ASP F 185 41.74 -83.65 30.33
N ASP F 186 41.63 -82.38 30.69
CA ASP F 186 42.40 -81.34 30.03
C ASP F 186 43.84 -81.25 30.52
N SER F 187 44.17 -81.95 31.61
CA SER F 187 45.52 -81.94 32.17
C SER F 187 46.31 -83.20 31.84
N HIS F 188 45.83 -84.01 30.91
CA HIS F 188 46.49 -85.26 30.54
C HIS F 188 46.70 -85.32 29.05
N GLU F 189 47.92 -85.63 28.63
CA GLU F 189 48.23 -85.75 27.21
C GLU F 189 47.68 -87.04 26.61
N THR F 190 47.72 -88.14 27.37
CA THR F 190 47.22 -89.41 26.88
C THR F 190 45.69 -89.40 26.80
N ILE F 191 45.16 -90.22 25.91
CA ILE F 191 43.72 -90.34 25.73
C ILE F 191 43.17 -91.29 26.78
N ASN F 192 41.85 -91.29 26.95
CA ASN F 192 41.15 -92.21 27.85
C ASN F 192 40.11 -92.95 27.02
N PRO F 193 40.53 -94.02 26.34
CA PRO F 193 39.62 -94.69 25.38
C PRO F 193 38.50 -95.43 26.09
N MET F 194 37.27 -95.08 25.73
CA MET F 194 36.11 -95.81 26.21
C MET F 194 36.07 -97.23 25.66
N PHE F 195 36.45 -97.40 24.40
CA PHE F 195 36.43 -98.69 23.72
C PHE F 195 37.75 -98.90 23.00
N SER F 196 38.32 -100.10 23.15
CA SER F 196 39.60 -100.42 22.54
C SER F 196 39.47 -101.72 21.75
N TYR F 197 39.92 -101.71 20.51
CA TYR F 197 39.83 -102.86 19.64
C TYR F 197 41.14 -103.03 18.88
N CYS F 198 41.21 -104.10 18.08
CA CYS F 198 42.30 -104.38 17.15
C CYS F 198 43.65 -104.50 17.87
N THR F 199 43.74 -105.50 18.73
CA THR F 199 45.01 -105.83 19.35
C THR F 199 45.92 -106.52 18.34
N ASN F 200 47.20 -106.12 18.36
CA ASN F 200 48.24 -106.64 17.44
C ASN F 200 47.85 -106.43 15.98
N GLU F 201 47.41 -105.22 15.66
CA GLU F 201 47.03 -104.88 14.30
C GLU F 201 47.39 -103.43 14.03
N SER F 202 47.47 -103.10 12.74
CA SER F 202 47.81 -101.75 12.28
C SER F 202 46.63 -101.18 11.51
N ILE F 203 45.92 -100.24 12.13
CA ILE F 203 44.78 -99.61 11.47
C ILE F 203 45.29 -98.70 10.35
N VAL F 204 44.76 -98.89 9.14
CA VAL F 204 45.20 -98.12 7.99
C VAL F 204 44.19 -97.06 7.58
N SER F 205 42.89 -97.27 7.83
CA SER F 205 41.85 -96.31 7.47
C SER F 205 40.60 -96.64 8.26
N LEU F 206 39.81 -95.61 8.55
CA LEU F 206 38.55 -95.80 9.25
C LEU F 206 37.62 -94.66 8.93
N LYS F 207 36.32 -94.94 9.00
CA LYS F 207 35.29 -93.95 8.73
C LYS F 207 34.07 -94.28 9.59
N PHE F 208 33.39 -93.24 10.05
CA PHE F 208 32.22 -93.40 10.90
C PHE F 208 30.99 -93.58 10.02
N LEU F 209 30.26 -94.67 10.25
CA LEU F 209 29.06 -94.96 9.47
C LEU F 209 27.81 -94.38 10.11
N ASN F 210 27.64 -94.56 11.42
CA ASN F 210 26.46 -94.11 12.13
C ASN F 210 26.92 -93.45 13.43
N ASP F 211 25.97 -93.17 14.32
CA ASP F 211 26.31 -92.57 15.60
C ASP F 211 26.96 -93.57 16.55
N THR F 212 26.85 -94.87 16.27
CA THR F 212 27.45 -95.89 17.12
C THR F 212 28.53 -96.69 16.39
N SER F 213 28.22 -97.25 15.22
CA SER F 213 29.13 -98.15 14.54
C SER F 213 30.25 -97.38 13.85
N VAL F 214 31.39 -98.07 13.68
CA VAL F 214 32.52 -97.53 12.96
C VAL F 214 33.13 -98.64 12.11
N LEU F 215 33.52 -98.29 10.89
CA LEU F 215 34.17 -99.22 9.97
C LEU F 215 35.67 -98.96 10.00
N ALA F 216 36.45 -100.03 10.04
CA ALA F 216 37.89 -99.92 10.16
C ALA F 216 38.54 -100.90 9.19
N ALA F 217 39.86 -100.80 9.09
CA ALA F 217 40.61 -101.64 8.17
C ALA F 217 42.01 -101.84 8.71
N SER F 218 42.65 -102.93 8.30
CA SER F 218 43.96 -103.29 8.82
C SER F 218 44.79 -103.86 7.69
N THR F 219 45.96 -104.40 8.02
CA THR F 219 46.88 -104.89 7.00
C THR F 219 46.49 -106.24 6.44
N LYS F 220 45.58 -106.96 7.09
CA LYS F 220 45.13 -108.25 6.58
C LYS F 220 43.64 -108.48 6.75
N PHE F 221 42.88 -107.50 7.25
CA PHE F 221 41.47 -107.73 7.54
C PHE F 221 40.69 -106.43 7.39
N LEU F 222 39.39 -106.58 7.19
CA LEU F 222 38.43 -105.48 7.26
C LEU F 222 37.54 -105.69 8.47
N LYS F 223 37.22 -104.60 9.16
CA LYS F 223 36.45 -104.68 10.39
C LYS F 223 35.37 -103.62 10.41
N GLU F 224 34.14 -104.04 10.72
CA GLU F 224 33.03 -103.13 11.00
C GLU F 224 32.64 -103.39 12.45
N ILE F 225 33.09 -102.54 13.36
CA ILE F 225 32.97 -102.77 14.79
C ILE F 225 32.03 -101.73 15.38
N ASP F 226 31.04 -102.20 16.12
CA ASP F 226 30.10 -101.33 16.81
C ASP F 226 30.55 -101.11 18.25
N VAL F 227 30.18 -99.94 18.80
CA VAL F 227 30.55 -99.61 20.18
C VAL F 227 29.67 -100.28 21.22
N ARG F 228 28.54 -100.86 20.81
CA ARG F 228 27.64 -101.52 21.73
C ARG F 228 27.90 -103.00 21.88
N SER F 229 28.97 -103.51 21.26
CA SER F 229 29.33 -104.92 21.36
C SER F 229 30.82 -105.07 21.11
N PRO F 230 31.54 -105.79 21.97
CA PRO F 230 32.97 -105.99 21.72
C PRO F 230 33.26 -106.88 20.53
N ASN F 231 32.35 -107.79 20.19
CA ASN F 231 32.56 -108.65 19.04
C ASN F 231 32.28 -107.89 17.74
N PRO F 232 33.20 -107.93 16.78
CA PRO F 232 32.97 -107.24 15.51
C PRO F 232 31.88 -107.92 14.69
N ILE F 233 31.25 -107.13 13.82
CA ILE F 233 30.13 -107.65 13.03
C ILE F 233 30.62 -108.63 11.97
N TYR F 234 31.70 -108.30 11.26
CA TYR F 234 32.27 -109.23 10.31
C TYR F 234 33.75 -108.95 10.14
N GLN F 235 34.46 -109.94 9.60
CA GLN F 235 35.90 -109.85 9.37
C GLN F 235 36.18 -110.52 8.02
N HIS F 236 36.42 -109.71 6.99
CA HIS F 236 36.65 -110.23 5.66
C HIS F 236 38.12 -110.12 5.31
N PRO F 237 38.79 -111.21 4.97
CA PRO F 237 40.21 -111.13 4.60
C PRO F 237 40.37 -110.55 3.20
N THR F 238 41.22 -109.54 3.09
CA THR F 238 41.45 -108.87 1.81
C THR F 238 42.80 -108.19 1.84
N ARG F 239 43.29 -107.85 0.65
CA ARG F 239 44.52 -107.08 0.50
C ARG F 239 44.23 -105.62 0.12
N LEU F 240 42.96 -105.22 0.11
CA LEU F 240 42.54 -103.90 -0.34
C LEU F 240 41.84 -103.22 0.83
N THR F 241 42.59 -102.47 1.63
CA THR F 241 42.04 -101.85 2.83
C THR F 241 42.30 -100.36 2.98
N TYR F 242 43.11 -99.75 2.14
CA TYR F 242 43.52 -98.36 2.33
C TYR F 242 42.46 -97.40 1.85
N ASP F 243 42.29 -96.29 2.59
CA ASP F 243 41.51 -95.12 2.21
C ASP F 243 40.03 -95.48 1.95
N ILE F 244 39.37 -95.87 3.04
CA ILE F 244 37.94 -96.14 2.99
C ILE F 244 37.18 -94.84 2.77
N LYS F 245 36.44 -94.78 1.66
CA LYS F 245 35.61 -93.64 1.31
C LYS F 245 34.18 -94.11 1.06
N LEU F 246 33.21 -93.43 1.66
CA LEU F 246 31.81 -93.80 1.56
C LEU F 246 31.12 -92.99 0.47
N ASN F 247 30.10 -93.60 -0.13
CA ASN F 247 29.27 -92.91 -1.11
C ASN F 247 28.30 -91.97 -0.39
N PRO F 248 28.25 -90.68 -0.75
CA PRO F 248 27.33 -89.75 -0.08
C PRO F 248 25.85 -89.98 -0.38
N PHE F 249 25.50 -90.92 -1.26
CA PHE F 249 24.11 -91.25 -1.54
C PHE F 249 23.71 -92.61 -0.99
N ASN F 250 24.47 -93.66 -1.32
CA ASN F 250 24.20 -95.02 -0.89
C ASN F 250 25.21 -95.40 0.19
N ASP F 251 24.74 -95.47 1.43
CA ASP F 251 25.63 -95.69 2.56
C ASP F 251 26.13 -97.12 2.66
N TRP F 252 25.60 -98.04 1.86
CA TRP F 252 26.01 -99.43 1.93
C TRP F 252 27.16 -99.77 0.99
N GLN F 253 27.72 -98.78 0.30
CA GLN F 253 28.82 -98.99 -0.64
C GLN F 253 29.99 -98.10 -0.27
N PHE F 254 31.17 -98.68 -0.21
CA PHE F 254 32.41 -97.95 0.05
C PHE F 254 33.52 -98.50 -0.82
N SER F 255 34.52 -97.68 -1.09
CA SER F 255 35.60 -98.04 -1.99
C SER F 255 36.94 -97.87 -1.29
N THR F 256 37.77 -98.91 -1.36
CA THR F 256 39.08 -98.94 -0.74
C THR F 256 40.16 -99.02 -1.81
N TYR F 257 41.34 -98.52 -1.48
CA TYR F 257 42.48 -98.53 -2.39
C TYR F 257 43.14 -99.91 -2.36
N GLY F 258 44.35 -100.01 -2.90
CA GLY F 258 45.08 -101.25 -2.85
C GLY F 258 46.57 -100.97 -2.86
N ASP F 259 47.34 -102.02 -2.55
CA ASP F 259 48.79 -101.90 -2.57
C ASP F 259 49.30 -101.77 -4.00
N ASP F 260 48.72 -102.50 -4.93
CA ASP F 260 49.07 -102.41 -6.34
C ASP F 260 48.17 -101.47 -7.11
N GLY F 261 47.27 -100.77 -6.43
CA GLY F 261 46.35 -99.87 -7.09
C GLY F 261 45.04 -100.48 -7.50
N THR F 262 44.59 -101.54 -6.83
CA THR F 262 43.36 -102.24 -7.19
C THR F 262 42.21 -101.65 -6.39
N LEU F 263 41.57 -100.64 -6.97
CA LEU F 263 40.36 -100.08 -6.36
C LEU F 263 39.22 -101.09 -6.44
N ALA F 264 38.42 -101.16 -5.38
CA ALA F 264 37.30 -102.07 -5.32
C ALA F 264 36.15 -101.41 -4.57
N ILE F 265 35.01 -101.26 -5.23
CA ILE F 265 33.81 -100.73 -4.60
C ILE F 265 33.16 -101.86 -3.81
N TRP F 266 33.26 -101.80 -2.49
CA TRP F 266 32.74 -102.87 -1.65
C TRP F 266 31.27 -102.65 -1.33
N ASP F 267 30.64 -103.71 -0.85
CA ASP F 267 29.31 -103.64 -0.27
C ASP F 267 29.37 -104.16 1.16
N ARG F 268 28.76 -103.42 2.09
CA ARG F 268 28.68 -103.87 3.47
C ARG F 268 27.85 -105.14 3.59
N ARG F 269 26.75 -105.22 2.84
CA ARG F 269 25.82 -106.32 3.01
C ARG F 269 26.34 -107.62 2.41
N LYS F 270 27.16 -107.53 1.36
CA LYS F 270 27.71 -108.74 0.75
C LYS F 270 28.69 -109.43 1.68
N LEU F 271 29.48 -108.66 2.42
CA LEU F 271 30.35 -109.23 3.44
C LEU F 271 29.56 -109.61 4.69
N SER F 272 28.52 -108.86 5.01
CA SER F 272 27.73 -109.11 6.21
C SER F 272 26.98 -110.44 6.13
N ASP F 273 26.39 -110.73 4.97
CA ASP F 273 25.65 -111.97 4.69
C ASP F 273 24.52 -112.24 5.69
N ALA F 283 30.93 -111.45 0.38
CA ALA F 283 32.21 -112.11 0.19
C ALA F 283 32.98 -111.49 -0.97
N SER F 284 32.43 -111.62 -2.16
CA SER F 284 33.06 -111.06 -3.34
C SER F 284 32.93 -109.54 -3.34
N PRO F 285 33.89 -108.83 -3.92
CA PRO F 285 33.73 -107.39 -4.12
C PRO F 285 32.64 -107.11 -5.14
N LEU F 286 31.96 -105.97 -4.96
CA LEU F 286 30.90 -105.61 -5.89
C LEU F 286 31.46 -105.19 -7.24
N LEU F 287 32.56 -104.44 -7.23
CA LEU F 287 33.32 -104.12 -8.43
C LEU F 287 34.80 -104.20 -8.10
N THR F 288 35.61 -104.38 -9.14
CA THR F 288 37.06 -104.36 -9.00
C THR F 288 37.68 -103.72 -10.24
N PHE F 289 38.87 -103.17 -10.05
CA PHE F 289 39.56 -102.46 -11.13
C PHE F 289 41.05 -102.72 -10.94
N GLU F 290 41.64 -103.52 -11.82
CA GLU F 290 43.04 -103.89 -11.68
C GLU F 290 43.94 -102.75 -12.12
N LYS F 291 44.81 -102.30 -11.21
CA LYS F 291 45.80 -101.24 -11.45
C LYS F 291 45.14 -99.95 -11.92
N LEU F 292 44.13 -99.52 -11.18
CA LEU F 292 43.41 -98.30 -11.55
C LEU F 292 44.12 -97.05 -11.02
N VAL F 293 44.44 -97.04 -9.74
CA VAL F 293 45.05 -95.88 -9.11
C VAL F 293 46.53 -96.14 -8.91
N GLY F 294 47.25 -95.10 -8.47
CA GLY F 294 48.68 -95.24 -8.26
C GLY F 294 49.01 -96.14 -7.08
N SER F 295 50.15 -96.81 -7.20
CA SER F 295 50.60 -97.74 -6.17
C SER F 295 51.31 -96.98 -5.05
N GLY F 296 51.98 -97.71 -4.16
CA GLY F 296 52.67 -97.11 -3.05
C GLY F 296 51.83 -96.92 -1.80
N ALA F 297 50.80 -97.74 -1.62
CA ALA F 297 49.96 -97.61 -0.42
C ALA F 297 50.69 -98.12 0.82
N ALA F 298 51.34 -99.28 0.70
CA ALA F 298 52.02 -99.87 1.84
C ALA F 298 53.44 -99.31 2.05
N SER F 299 53.96 -98.53 1.11
CA SER F 299 55.29 -97.96 1.22
C SER F 299 55.28 -96.55 1.78
N ARG F 300 54.47 -95.67 1.21
CA ARG F 300 54.38 -94.28 1.63
C ARG F 300 53.08 -94.06 2.39
N LYS F 301 53.19 -93.54 3.61
CA LYS F 301 52.01 -93.18 4.38
C LYS F 301 51.35 -91.91 3.87
N TYR F 302 52.04 -91.15 3.03
CA TYR F 302 51.49 -89.92 2.45
C TYR F 302 50.92 -90.27 1.08
N MET F 303 49.70 -90.81 1.11
CA MET F 303 49.04 -91.23 -0.11
C MET F 303 48.39 -90.04 -0.82
N ASN F 304 47.98 -90.28 -2.05
CA ASN F 304 47.34 -89.27 -2.88
C ASN F 304 45.90 -89.66 -3.13
N SER F 305 44.97 -88.75 -2.84
CA SER F 305 43.55 -89.00 -3.02
C SER F 305 43.18 -88.73 -4.47
N CYS F 306 43.40 -89.75 -5.31
CA CYS F 306 43.13 -89.67 -6.73
C CYS F 306 41.82 -90.33 -7.12
N PHE F 307 40.95 -90.63 -6.15
CA PHE F 307 39.64 -91.19 -6.40
C PHE F 307 38.62 -90.43 -5.56
N ARG F 308 37.48 -90.10 -6.18
CA ARG F 308 36.43 -89.35 -5.50
C ARG F 308 35.07 -89.89 -5.89
N TRP F 309 34.25 -90.22 -4.91
CA TRP F 309 32.84 -90.45 -5.16
C TRP F 309 32.18 -89.12 -5.52
N SER F 310 31.29 -89.14 -6.50
CA SER F 310 30.65 -87.90 -6.93
C SER F 310 29.66 -87.41 -5.89
N CYS F 311 29.48 -86.10 -5.88
CA CYS F 311 28.51 -85.46 -4.99
C CYS F 311 27.47 -84.68 -5.79
N VAL F 312 27.33 -84.99 -7.08
CA VAL F 312 26.34 -84.34 -7.93
C VAL F 312 25.26 -85.33 -8.38
N ARG F 313 25.65 -86.59 -8.62
CA ARG F 313 24.70 -87.60 -9.07
C ARG F 313 25.18 -88.96 -8.59
N ASN F 314 24.25 -89.92 -8.58
CA ASN F 314 24.53 -91.24 -8.05
C ASN F 314 25.27 -92.10 -9.06
N ASN F 315 25.95 -93.12 -8.53
CA ASN F 315 26.65 -94.15 -9.30
C ASN F 315 27.69 -93.56 -10.25
N GLU F 316 28.37 -92.52 -9.81
CA GLU F 316 29.42 -91.85 -10.56
C GLU F 316 30.64 -91.62 -9.68
N PHE F 317 31.83 -91.79 -10.24
CA PHE F 317 33.04 -91.49 -9.50
C PHE F 317 34.14 -91.13 -10.49
N ALA F 318 35.15 -90.41 -9.99
CA ALA F 318 36.24 -89.90 -10.79
C ALA F 318 37.56 -90.48 -10.33
N THR F 319 38.41 -90.88 -11.28
CA THR F 319 39.75 -91.35 -11.01
C THR F 319 40.72 -90.58 -11.87
N LEU F 320 41.79 -90.08 -11.25
CA LEU F 320 42.82 -89.31 -11.93
C LEU F 320 43.99 -90.22 -12.25
N HIS F 321 44.30 -90.37 -13.53
CA HIS F 321 45.31 -91.32 -14.00
C HIS F 321 46.51 -90.55 -14.54
N ARG F 322 47.69 -90.89 -14.04
CA ARG F 322 48.98 -90.35 -14.48
C ARG F 322 49.08 -88.83 -14.34
N GLY F 323 48.25 -88.21 -13.51
CA GLY F 323 48.37 -86.82 -13.20
C GLY F 323 47.92 -85.85 -14.27
N ASP F 324 47.32 -86.33 -15.36
CA ASP F 324 46.93 -85.42 -16.43
C ASP F 324 45.49 -85.59 -16.87
N THR F 325 44.93 -86.79 -16.74
CA THR F 325 43.59 -87.07 -17.23
C THR F 325 42.68 -87.51 -16.09
N ILE F 326 41.42 -87.12 -16.18
CA ILE F 326 40.40 -87.43 -15.19
C ILE F 326 39.27 -88.16 -15.89
N LYS F 327 38.93 -89.35 -15.39
CA LYS F 327 37.90 -90.19 -15.99
C LYS F 327 36.68 -90.23 -15.06
N ARG F 328 35.54 -89.78 -15.56
CA ARG F 328 34.29 -89.81 -14.79
C ARG F 328 33.58 -91.12 -15.09
N TRP F 329 33.89 -92.15 -14.30
CA TRP F 329 33.27 -93.45 -14.50
C TRP F 329 31.81 -93.43 -14.05
N ARG F 330 30.94 -93.96 -14.89
CA ARG F 330 29.52 -94.05 -14.59
C ARG F 330 29.12 -95.52 -14.49
N LEU F 331 28.20 -95.81 -13.58
CA LEU F 331 27.87 -97.19 -13.23
C LEU F 331 26.43 -97.52 -13.57
N GLY F 332 26.20 -98.79 -13.89
CA GLY F 332 24.87 -99.32 -14.10
C GLY F 332 24.56 -100.36 -13.05
N TYR F 333 23.29 -100.44 -12.68
CA TYR F 333 22.86 -101.30 -11.59
C TYR F 333 21.58 -102.03 -11.96
N TYR F 334 21.45 -103.25 -11.42
CA TYR F 334 20.21 -104.00 -11.56
C TYR F 334 19.99 -104.79 -10.28
N CYS F 335 18.73 -105.13 -10.04
CA CYS F 335 18.32 -105.91 -8.86
C CYS F 335 17.97 -107.32 -9.29
N ASP F 336 18.61 -108.32 -8.67
CA ASP F 336 18.37 -109.72 -9.01
C ASP F 336 17.13 -110.19 -8.25
N SER F 337 15.98 -109.83 -8.78
CA SER F 337 14.70 -110.20 -8.18
C SER F 337 13.61 -110.32 -9.23
N ASN F 350 18.09 -106.62 -2.68
CA ASN F 350 18.44 -105.25 -2.31
C ASN F 350 19.84 -104.90 -2.79
N ILE F 351 20.68 -105.92 -2.94
CA ILE F 351 22.06 -105.71 -3.38
C ILE F 351 22.06 -105.49 -4.89
N GLU F 352 22.68 -104.41 -5.34
CA GLU F 352 22.71 -104.03 -6.75
C GLU F 352 24.05 -104.43 -7.34
N ASN F 353 24.03 -105.43 -8.21
CA ASN F 353 25.25 -105.90 -8.88
C ASN F 353 25.68 -104.85 -9.89
N LEU F 354 26.69 -104.06 -9.53
CA LEU F 354 27.07 -102.91 -10.34
C LEU F 354 27.92 -103.32 -11.53
N PHE F 355 27.88 -102.49 -12.57
CA PHE F 355 28.74 -102.63 -13.73
C PHE F 355 28.93 -101.25 -14.35
N VAL F 356 30.03 -101.09 -15.09
CA VAL F 356 30.41 -99.81 -15.66
C VAL F 356 29.75 -99.64 -17.03
N SER F 357 29.05 -98.53 -17.21
CA SER F 357 28.38 -98.27 -18.48
C SER F 357 29.24 -97.46 -19.43
N SER F 358 29.62 -96.25 -19.04
CA SER F 358 30.38 -95.35 -19.88
C SER F 358 31.49 -94.69 -19.08
N VAL F 359 32.59 -94.37 -19.77
CA VAL F 359 33.73 -93.68 -19.19
C VAL F 359 33.90 -92.36 -19.94
N HIS F 360 33.83 -91.25 -19.23
CA HIS F 360 33.99 -89.92 -19.80
C HIS F 360 35.35 -89.37 -19.40
N ASP F 361 36.17 -89.03 -20.39
CA ASP F 361 37.52 -88.56 -20.15
C ASP F 361 37.58 -87.04 -20.22
N THR F 362 38.45 -86.46 -19.40
CA THR F 362 38.69 -85.03 -19.39
C THR F 362 40.17 -84.79 -19.16
N ASN F 363 40.75 -83.85 -19.91
CA ASN F 363 42.15 -83.50 -19.79
C ASN F 363 42.29 -82.27 -18.90
N THR F 364 43.16 -82.37 -17.90
CA THR F 364 43.41 -81.28 -16.97
C THR F 364 44.12 -80.13 -17.68
N MET F 365 43.93 -78.92 -17.13
CA MET F 365 44.57 -77.74 -17.70
C MET F 365 46.09 -77.79 -17.56
N TYR F 366 46.57 -78.24 -16.41
CA TYR F 366 48.01 -78.34 -16.16
C TYR F 366 48.33 -79.76 -15.71
N ASP F 367 49.53 -80.21 -16.03
CA ASP F 367 49.95 -81.56 -15.70
C ASP F 367 50.42 -81.63 -14.24
N ARG F 368 50.87 -82.83 -13.86
CA ARG F 368 51.45 -83.13 -12.54
C ARG F 368 50.47 -82.81 -11.41
N VAL F 369 49.30 -83.43 -11.49
CA VAL F 369 48.24 -83.27 -10.49
C VAL F 369 48.22 -84.52 -9.62
N ALA F 370 48.20 -84.35 -8.31
CA ALA F 370 48.19 -85.47 -7.38
C ALA F 370 46.80 -85.75 -6.81
N THR F 371 46.11 -84.73 -6.31
CA THR F 371 44.80 -84.91 -5.71
C THR F 371 43.86 -83.83 -6.22
N PHE F 372 42.56 -84.16 -6.18
CA PHE F 372 41.52 -83.27 -6.69
C PHE F 372 40.25 -83.50 -5.88
N ASP F 373 39.24 -82.68 -6.18
CA ASP F 373 37.94 -82.79 -5.52
C ASP F 373 36.88 -82.14 -6.39
N TYR F 374 35.64 -82.57 -6.18
CA TYR F 374 34.51 -82.06 -6.95
C TYR F 374 34.11 -80.68 -6.45
N ILE F 375 33.36 -79.97 -7.28
CA ILE F 375 32.66 -78.77 -6.86
C ILE F 375 31.22 -78.87 -7.37
N PRO F 376 30.24 -79.01 -6.49
CA PRO F 376 28.85 -79.01 -6.95
C PRO F 376 28.44 -77.65 -7.48
N ARG F 377 27.93 -77.64 -8.71
CA ARG F 377 27.43 -76.43 -9.34
C ARG F 377 25.92 -76.52 -9.49
N SER F 378 25.31 -75.38 -9.82
CA SER F 378 23.88 -75.36 -10.06
C SER F 378 23.55 -76.03 -11.39
N ASN F 379 22.30 -76.52 -11.48
CA ASN F 379 21.76 -77.20 -12.66
C ASN F 379 22.62 -78.40 -13.06
N ASN F 380 22.97 -79.22 -12.05
CA ASN F 380 23.73 -80.45 -12.19
C ASN F 380 25.10 -80.24 -12.81
N GLY F 381 25.65 -79.04 -12.72
CA GLY F 381 26.96 -78.77 -13.28
C GLY F 381 28.08 -79.36 -12.45
N THR F 382 29.27 -79.35 -13.03
CA THR F 382 30.43 -79.92 -12.35
C THR F 382 31.67 -79.12 -12.72
N SER F 383 32.38 -78.65 -11.70
CA SER F 383 33.73 -78.12 -11.83
C SER F 383 34.65 -78.91 -10.93
N LEU F 384 35.93 -78.92 -11.26
CA LEU F 384 36.91 -79.68 -10.51
C LEU F 384 37.95 -78.75 -9.92
N ILE F 385 38.17 -78.85 -8.61
CA ILE F 385 39.28 -78.20 -7.95
C ILE F 385 40.38 -79.23 -7.76
N CYS F 386 41.60 -78.89 -8.19
CA CYS F 386 42.71 -79.83 -8.22
C CYS F 386 43.92 -79.22 -7.57
N MET F 387 44.71 -80.05 -6.90
CA MET F 387 45.93 -79.64 -6.24
C MET F 387 47.10 -80.32 -6.95
N ARG F 388 48.05 -79.51 -7.42
CA ARG F 388 49.17 -80.03 -8.17
C ARG F 388 50.23 -80.58 -7.22
N GLN F 389 51.29 -81.14 -7.79
CA GLN F 389 52.37 -81.67 -6.99
C GLN F 389 53.15 -80.55 -6.30
N SER F 390 53.20 -79.38 -6.92
CA SER F 390 53.80 -78.22 -6.28
C SER F 390 52.95 -77.65 -5.15
N GLY F 391 51.68 -78.00 -5.09
CA GLY F 391 50.79 -77.49 -4.07
C GLY F 391 49.90 -76.37 -4.53
N THR F 392 50.08 -75.90 -5.76
CA THR F 392 49.23 -74.86 -6.31
C THR F 392 47.86 -75.43 -6.67
N ILE F 393 46.81 -74.71 -6.27
CA ILE F 393 45.43 -75.18 -6.45
C ILE F 393 44.73 -74.27 -7.44
N TYR F 394 44.14 -74.87 -8.47
CA TYR F 394 43.41 -74.13 -9.50
C TYR F 394 42.00 -74.68 -9.66
N ARG F 395 41.26 -74.18 -10.65
CA ARG F 395 39.90 -74.61 -10.90
C ARG F 395 39.74 -74.99 -12.37
N MET F 396 39.15 -76.15 -12.62
CA MET F 396 38.96 -76.68 -13.96
C MET F 396 37.50 -77.04 -14.15
N PRO F 397 36.83 -76.54 -15.18
CA PRO F 397 35.44 -76.90 -15.43
C PRO F 397 35.30 -78.11 -16.33
N ILE F 398 34.11 -78.70 -16.30
CA ILE F 398 33.77 -79.84 -17.13
C ILE F 398 32.89 -79.36 -18.28
N SER F 399 33.30 -79.66 -19.51
CA SER F 399 32.60 -79.16 -20.68
C SER F 399 31.25 -79.87 -20.85
N GLU F 400 30.28 -79.12 -21.35
CA GLU F 400 28.92 -79.63 -21.57
C GLU F 400 28.89 -80.36 -22.91
N VAL F 401 29.26 -81.64 -22.88
CA VAL F 401 29.34 -82.44 -24.09
C VAL F 401 27.95 -82.84 -24.53
N CYS F 402 27.60 -82.56 -25.79
CA CYS F 402 26.35 -83.03 -26.37
C CYS F 402 26.37 -84.54 -26.52
N SER F 403 25.25 -85.19 -26.17
CA SER F 403 25.21 -86.64 -26.08
C SER F 403 24.37 -87.31 -27.16
N LYS F 404 23.47 -86.57 -27.82
CA LYS F 404 22.64 -87.13 -28.86
C LYS F 404 22.24 -86.03 -29.82
N ALA F 405 22.51 -86.25 -31.11
CA ALA F 405 22.18 -85.28 -32.15
C ALA F 405 21.33 -85.99 -33.20
N ILE F 406 20.02 -86.03 -32.97
CA ILE F 406 19.08 -86.65 -33.89
C ILE F 406 18.49 -85.56 -34.77
N LEU F 407 18.01 -85.97 -35.94
CA LEU F 407 17.46 -85.05 -36.93
C LEU F 407 15.99 -85.39 -37.17
N ASN F 408 15.15 -84.37 -37.17
CA ASN F 408 13.74 -84.51 -37.41
C ASN F 408 13.47 -84.66 -38.92
N ASN F 409 12.22 -84.96 -39.25
CA ASN F 409 11.80 -84.92 -40.65
C ASN F 409 11.58 -83.51 -41.16
N ARG F 410 11.43 -82.53 -40.25
CA ARG F 410 11.26 -81.14 -40.62
C ARG F 410 12.59 -80.38 -40.60
N ASN F 411 13.71 -81.10 -40.65
CA ASN F 411 15.06 -80.53 -40.55
C ASN F 411 15.25 -79.73 -39.27
N SER F 412 15.16 -80.44 -38.14
CA SER F 412 15.40 -79.86 -36.84
C SER F 412 16.37 -80.74 -36.08
N LEU F 413 17.18 -80.10 -35.23
CA LEU F 413 18.25 -80.77 -34.51
C LEU F 413 17.92 -80.77 -33.03
N LEU F 414 18.03 -81.93 -32.40
CA LEU F 414 17.81 -82.08 -30.97
C LEU F 414 19.13 -82.43 -30.29
N LEU F 415 19.38 -81.83 -29.14
CA LEU F 415 20.66 -81.94 -28.47
C LEU F 415 20.45 -82.24 -26.99
N SER F 416 20.92 -83.40 -26.54
CA SER F 416 20.93 -83.76 -25.13
C SER F 416 22.35 -83.70 -24.60
N ASN F 417 22.49 -83.30 -23.33
CA ASN F 417 23.79 -83.11 -22.71
C ASN F 417 24.10 -84.25 -21.75
N PHE F 418 25.39 -84.54 -21.60
CA PHE F 418 25.82 -85.53 -20.63
C PHE F 418 25.81 -85.02 -19.20
N GLU F 419 25.61 -83.72 -18.98
CA GLU F 419 25.64 -83.16 -17.64
C GLU F 419 24.25 -82.90 -17.07
N ASN F 420 23.45 -82.09 -17.75
CA ASN F 420 22.17 -81.64 -17.22
C ASN F 420 21.03 -82.13 -18.10
N THR F 421 19.82 -81.74 -17.71
CA THR F 421 18.61 -82.35 -18.24
C THR F 421 17.91 -81.55 -19.33
N GLU F 422 18.24 -80.26 -19.48
CA GLU F 422 17.58 -79.47 -20.51
C GLU F 422 18.05 -79.90 -21.91
N ILE F 423 17.14 -79.76 -22.88
CA ILE F 423 17.34 -80.26 -24.23
C ILE F 423 17.33 -79.08 -25.19
N ASP F 424 18.36 -78.99 -26.03
CA ASP F 424 18.52 -77.87 -26.95
C ASP F 424 17.81 -78.16 -28.26
N GLU F 425 17.17 -77.13 -28.82
CA GLU F 425 16.39 -77.24 -30.04
C GLU F 425 16.90 -76.27 -31.08
N ILE F 426 17.22 -76.78 -32.27
CA ILE F 426 17.50 -75.97 -33.44
C ILE F 426 16.36 -76.16 -34.43
N ARG F 427 15.68 -75.08 -34.78
CA ARG F 427 14.53 -75.12 -35.66
C ARG F 427 14.88 -74.61 -37.05
N VAL F 428 14.18 -75.14 -38.05
CA VAL F 428 14.32 -74.66 -39.41
C VAL F 428 13.62 -73.31 -39.58
N ASN F 429 12.64 -73.01 -38.72
CA ASN F 429 11.85 -71.78 -38.74
C ASN F 429 11.18 -71.53 -40.10
N PHE F 496 32.37 -70.94 -42.31
CA PHE F 496 31.30 -71.92 -42.22
C PHE F 496 29.93 -71.28 -42.41
N TRP F 497 28.91 -72.11 -42.54
CA TRP F 497 27.53 -71.66 -42.67
C TRP F 497 26.97 -71.32 -41.30
N LYS F 498 25.69 -71.05 -41.25
CA LYS F 498 24.92 -71.11 -40.02
C LYS F 498 24.06 -72.37 -40.05
N PRO F 499 23.78 -72.96 -38.88
CA PRO F 499 22.94 -74.17 -38.87
C PRO F 499 21.53 -73.94 -39.40
N GLU F 500 20.93 -72.79 -39.08
CA GLU F 500 19.61 -72.46 -39.60
C GLU F 500 19.63 -72.29 -41.11
N LYS F 501 20.68 -71.65 -41.64
CA LYS F 501 20.78 -71.47 -43.09
C LYS F 501 20.99 -72.79 -43.80
N LEU F 502 21.81 -73.68 -43.23
CA LEU F 502 22.00 -75.00 -43.84
C LEU F 502 20.71 -75.82 -43.82
N LEU F 503 19.99 -75.80 -42.70
CA LEU F 503 18.76 -76.58 -42.61
C LEU F 503 17.63 -75.97 -43.43
N GLU F 504 17.68 -74.67 -43.74
CA GLU F 504 16.73 -74.08 -44.68
C GLU F 504 17.13 -74.29 -46.13
N LYS F 505 18.41 -74.50 -46.41
CA LYS F 505 18.83 -74.77 -47.78
C LYS F 505 18.77 -76.25 -48.11
N ASP F 506 18.53 -77.11 -47.13
CA ASP F 506 18.46 -78.54 -47.39
C ASP F 506 17.24 -78.92 -48.24
N ILE F 507 17.40 -79.99 -49.01
CA ILE F 507 16.38 -80.39 -49.95
C ILE F 507 15.17 -81.01 -49.24
N SER F 508 15.31 -81.41 -47.98
CA SER F 508 14.16 -81.90 -47.23
C SER F 508 13.13 -80.79 -47.01
N VAL F 509 13.59 -79.63 -46.56
CA VAL F 509 12.64 -78.53 -46.38
C VAL F 509 12.27 -77.92 -47.73
N ILE F 510 13.15 -78.04 -48.74
CA ILE F 510 12.78 -77.60 -50.09
C ILE F 510 11.60 -78.44 -50.62
N MET F 511 11.70 -79.76 -50.49
CA MET F 511 10.64 -80.66 -50.92
C MET F 511 9.37 -80.46 -50.09
N ARG F 512 9.52 -80.18 -48.80
CA ARG F 512 8.34 -79.94 -47.97
C ARG F 512 7.60 -78.69 -48.40
N THR F 513 8.34 -77.61 -48.71
CA THR F 513 7.70 -76.39 -49.19
C THR F 513 7.04 -76.59 -50.55
N ARG F 514 7.70 -77.34 -51.44
CA ARG F 514 7.10 -77.61 -52.75
C ARG F 514 5.83 -78.45 -52.62
N ALA F 515 5.85 -79.48 -51.76
CA ALA F 515 4.67 -80.32 -51.57
C ALA F 515 3.54 -79.57 -50.89
N SER F 516 3.86 -78.62 -50.01
CA SER F 516 2.82 -77.78 -49.45
C SER F 516 2.24 -76.85 -50.50
N LEU F 517 3.08 -76.38 -51.44
CA LEU F 517 2.60 -75.51 -52.49
C LEU F 517 1.82 -76.24 -53.57
N GLY F 518 1.97 -77.56 -53.67
CA GLY F 518 1.23 -78.30 -54.68
C GLY F 518 2.04 -78.61 -55.92
N TYR F 519 3.24 -79.14 -55.70
CA TYR F 519 4.18 -79.45 -56.77
C TYR F 519 3.83 -80.78 -57.43
N GLY F 520 3.83 -80.80 -58.76
CA GLY F 520 3.81 -82.03 -59.53
C GLY F 520 2.45 -82.54 -59.95
N LEU F 521 1.35 -81.95 -59.46
CA LEU F 521 0.03 -82.50 -59.78
C LEU F 521 -0.41 -82.14 -61.18
N ASP F 522 -0.55 -80.85 -61.47
CA ASP F 522 -0.89 -80.37 -62.80
C ASP F 522 0.31 -79.65 -63.38
N PRO F 523 0.88 -80.12 -64.51
CA PRO F 523 2.14 -79.56 -65.00
C PRO F 523 2.10 -78.08 -65.35
N MET F 524 0.97 -77.59 -65.87
CA MET F 524 0.84 -76.15 -66.10
C MET F 524 0.85 -75.39 -64.78
N ASN F 525 0.26 -75.96 -63.74
CA ASN F 525 0.28 -75.34 -62.43
C ASN F 525 1.69 -75.35 -61.84
N THR F 526 2.47 -76.41 -62.09
CA THR F 526 3.86 -76.42 -61.65
C THR F 526 4.67 -75.34 -62.35
N VAL F 527 4.47 -75.19 -63.66
CA VAL F 527 5.22 -74.20 -64.42
C VAL F 527 4.84 -72.79 -63.97
N GLU F 528 3.55 -72.54 -63.74
CA GLU F 528 3.11 -71.25 -63.23
C GLU F 528 3.65 -70.97 -61.83
N MET F 529 3.69 -72.01 -60.97
CA MET F 529 4.21 -71.84 -59.62
C MET F 529 5.70 -71.53 -59.63
N ILE F 530 6.47 -72.18 -60.51
CA ILE F 530 7.89 -71.88 -60.61
C ILE F 530 8.11 -70.48 -61.17
N ASP F 531 7.32 -70.10 -62.17
CA ASP F 531 7.43 -68.76 -62.75
C ASP F 531 6.97 -67.67 -61.80
N SER F 532 6.16 -68.00 -60.80
CA SER F 532 5.70 -67.03 -59.82
C SER F 532 6.53 -67.05 -58.54
N SER F 533 7.73 -67.65 -58.58
CA SER F 533 8.58 -67.72 -57.40
C SER F 533 10.03 -67.76 -57.89
N LYS F 534 10.73 -66.63 -57.75
CA LYS F 534 12.13 -66.46 -58.12
C LYS F 534 12.43 -66.85 -59.56
N ASN F 538 16.35 -69.36 -59.79
CA ASN F 538 17.48 -70.24 -59.50
C ASN F 538 17.23 -71.64 -60.05
N ASN F 539 15.97 -71.95 -60.30
CA ASN F 539 15.57 -73.26 -60.83
C ASN F 539 14.75 -73.00 -62.09
N ALA F 540 15.35 -73.25 -63.25
CA ALA F 540 14.67 -73.08 -64.52
C ALA F 540 14.59 -74.34 -65.37
N TYR F 541 15.53 -75.26 -65.23
CA TYR F 541 15.46 -76.51 -65.98
C TYR F 541 14.35 -77.43 -65.47
N ILE F 542 13.93 -77.26 -64.21
CA ILE F 542 12.76 -77.96 -63.73
C ILE F 542 11.50 -77.38 -64.37
N ARG F 543 11.48 -76.06 -64.53
CA ARG F 543 10.36 -75.40 -65.21
C ARG F 543 10.29 -75.85 -66.67
N ASN F 544 11.44 -76.00 -67.32
CA ASN F 544 11.45 -76.41 -68.72
C ASN F 544 11.01 -77.87 -68.88
N THR F 545 11.43 -78.76 -67.98
CA THR F 545 11.01 -80.15 -68.14
C THR F 545 9.55 -80.34 -67.75
N TRP F 546 9.04 -79.52 -66.82
CA TRP F 546 7.61 -79.58 -66.55
C TRP F 546 6.79 -78.95 -67.67
N ARG F 547 7.34 -77.97 -68.38
CA ARG F 547 6.68 -77.43 -69.57
C ARG F 547 6.61 -78.47 -70.67
N TRP F 548 7.69 -79.23 -70.88
CA TRP F 548 7.63 -80.29 -71.88
C TRP F 548 6.66 -81.40 -71.46
N ILE F 549 6.60 -81.71 -70.17
CA ILE F 549 5.65 -82.70 -69.68
C ILE F 549 4.21 -82.22 -69.88
N ALA F 550 3.99 -80.91 -69.71
CA ALA F 550 2.67 -80.34 -70.01
C ALA F 550 2.33 -80.48 -71.49
N ILE F 551 3.32 -80.25 -72.36
CA ILE F 551 3.10 -80.37 -73.81
C ILE F 551 2.77 -81.81 -74.18
N ALA F 552 3.52 -82.76 -73.64
CA ALA F 552 3.30 -84.17 -73.96
C ALA F 552 1.98 -84.67 -73.37
N LYS F 553 1.61 -84.19 -72.19
CA LYS F 553 0.34 -84.57 -71.60
C LYS F 553 -0.83 -83.99 -72.38
N ALA F 554 -0.68 -82.77 -72.89
CA ALA F 554 -1.71 -82.21 -73.76
C ALA F 554 -1.82 -82.99 -75.05
N SER F 555 -0.68 -83.46 -75.58
CA SER F 555 -0.69 -84.29 -76.78
C SER F 555 -1.42 -85.61 -76.54
N VAL F 556 -1.15 -86.26 -75.41
CA VAL F 556 -1.78 -87.55 -75.12
C VAL F 556 -3.27 -87.36 -74.82
N ASP F 557 -3.62 -86.30 -74.09
CA ASP F 557 -5.02 -86.07 -73.75
C ASP F 557 -5.84 -85.55 -74.92
N ASP F 558 -5.21 -84.98 -75.94
CA ASP F 558 -5.92 -84.49 -77.11
C ASP F 558 -6.13 -85.56 -78.16
N GLY F 559 -5.77 -86.81 -77.88
CA GLY F 559 -5.91 -87.89 -78.83
C GLY F 559 -4.75 -88.02 -79.80
N THR F 560 -3.79 -87.11 -79.76
CA THR F 560 -2.65 -87.16 -80.66
C THR F 560 -1.66 -88.21 -80.16
N MET F 561 -1.18 -89.05 -81.09
CA MET F 561 -0.12 -90.03 -80.85
C MET F 561 -0.52 -91.05 -79.78
N VAL F 562 -1.79 -91.47 -79.78
CA VAL F 562 -2.22 -92.58 -78.95
C VAL F 562 -3.02 -93.55 -79.82
N SER F 563 -3.42 -93.09 -81.00
CA SER F 563 -4.27 -93.88 -81.87
C SER F 563 -3.44 -94.91 -82.65
N GLY F 564 -4.14 -95.83 -83.29
CA GLY F 564 -3.50 -96.86 -84.05
C GLY F 564 -3.05 -98.02 -83.17
N ASP F 565 -2.35 -98.96 -83.80
CA ASP F 565 -1.85 -100.13 -83.08
C ASP F 565 -0.65 -99.80 -82.20
N LEU F 566 0.06 -98.71 -82.48
CA LEU F 566 1.20 -98.30 -81.69
C LEU F 566 0.78 -97.22 -80.71
N ASP F 567 0.98 -97.50 -79.41
CA ASP F 567 0.55 -96.57 -78.36
C ASP F 567 1.33 -95.26 -78.42
N LEU F 568 2.67 -95.34 -78.43
CA LEU F 568 3.58 -94.19 -78.60
C LEU F 568 3.28 -93.07 -77.59
N GLY F 569 3.08 -93.46 -76.33
CA GLY F 569 2.79 -92.51 -75.29
C GLY F 569 4.04 -92.13 -74.53
N TYR F 570 4.33 -90.82 -74.51
CA TYR F 570 5.48 -90.23 -73.82
C TYR F 570 6.80 -90.83 -74.29
N GLU F 571 6.89 -91.12 -75.59
CA GLU F 571 8.10 -91.67 -76.16
C GLU F 571 9.14 -90.58 -76.36
N GLY F 572 10.40 -90.99 -76.49
CA GLY F 572 11.48 -90.04 -76.60
C GLY F 572 11.84 -89.68 -78.03
N VAL F 573 12.52 -88.54 -78.16
CA VAL F 573 13.02 -88.09 -79.45
C VAL F 573 14.08 -89.07 -79.96
N ILE F 574 14.94 -89.55 -79.06
CA ILE F 574 15.93 -90.56 -79.40
C ILE F 574 15.25 -91.85 -79.84
N GLY F 575 14.16 -92.22 -79.16
CA GLY F 575 13.44 -93.43 -79.53
C GLY F 575 12.77 -93.34 -80.89
N ILE F 576 12.17 -92.18 -81.19
CA ILE F 576 11.55 -91.98 -82.50
C ILE F 576 12.61 -91.96 -83.60
N TRP F 577 13.73 -91.27 -83.36
CA TRP F 577 14.77 -91.17 -84.37
C TRP F 577 15.45 -92.51 -84.62
N ASN F 578 15.61 -93.33 -83.57
CA ASN F 578 16.20 -94.65 -83.77
C ASN F 578 15.21 -95.62 -84.40
N GLY F 579 13.94 -95.52 -84.06
CA GLY F 579 12.94 -96.39 -84.66
C GLY F 579 12.74 -97.69 -83.93
N ILE F 580 13.35 -98.76 -84.45
CA ILE F 580 13.29 -100.13 -83.90
C ILE F 580 11.85 -100.62 -83.74
N LEU F 595 5.57 -104.87 -86.13
CA LEU F 595 6.95 -105.34 -86.20
C LEU F 595 7.55 -105.07 -87.58
N SER F 596 6.79 -104.35 -88.42
CA SER F 596 7.20 -104.06 -89.79
C SER F 596 7.61 -102.60 -89.92
N ASP F 597 8.69 -102.38 -90.66
CA ASP F 597 9.16 -101.02 -90.91
C ASP F 597 8.15 -100.24 -91.73
N LYS F 598 7.56 -100.87 -92.74
CA LYS F 598 6.53 -100.23 -93.55
C LYS F 598 5.29 -99.91 -92.71
N GLN F 599 4.93 -100.82 -91.80
CA GLN F 599 3.77 -100.58 -90.94
C GLN F 599 4.00 -99.43 -89.98
N LEU F 600 5.21 -99.34 -89.40
CA LEU F 600 5.47 -98.22 -88.48
C LEU F 600 5.58 -96.91 -89.25
N ASN F 601 6.14 -96.94 -90.47
CA ASN F 601 6.18 -95.74 -91.30
C ASN F 601 4.76 -95.29 -91.67
N LYS F 602 3.88 -96.22 -92.01
CA LYS F 602 2.54 -95.84 -92.41
C LYS F 602 1.70 -95.37 -91.22
N GLU F 603 1.95 -95.90 -90.01
CA GLU F 603 1.20 -95.38 -88.88
C GLU F 603 1.75 -94.04 -88.44
N MET F 604 3.06 -93.78 -88.62
CA MET F 604 3.58 -92.44 -88.39
C MET F 604 3.00 -91.45 -89.39
N GLU F 605 2.85 -91.88 -90.65
CA GLU F 605 2.21 -91.04 -91.66
C GLU F 605 0.74 -90.77 -91.31
N LYS F 606 0.06 -91.77 -90.74
CA LYS F 606 -1.31 -91.57 -90.28
C LYS F 606 -1.35 -90.57 -89.12
N ILE F 607 -0.37 -90.65 -88.22
CA ILE F 607 -0.29 -89.73 -87.09
C ILE F 607 -0.09 -88.30 -87.59
N ILE F 608 0.78 -88.13 -88.59
CA ILE F 608 0.96 -86.83 -89.23
C ILE F 608 -0.34 -86.37 -89.88
N LYS F 609 -1.04 -87.29 -90.56
CA LYS F 609 -2.30 -86.96 -91.22
C LYS F 609 -3.42 -86.65 -90.23
N LEU F 610 -3.27 -87.04 -88.97
CA LEU F 610 -4.24 -86.67 -87.96
C LEU F 610 -4.22 -85.16 -87.70
N ARG F 611 -3.03 -84.57 -87.67
CA ARG F 611 -2.91 -83.13 -87.46
C ARG F 611 -2.09 -82.49 -88.56
N GLY F 626 12.11 -84.17 -98.82
CA GLY F 626 13.48 -83.71 -98.84
C GLY F 626 14.46 -84.71 -98.25
N SER F 627 14.02 -85.41 -97.22
CA SER F 627 14.81 -86.42 -96.54
C SER F 627 14.00 -87.70 -96.41
N PRO F 628 14.66 -88.87 -96.46
CA PRO F 628 13.91 -90.13 -96.27
C PRO F 628 13.30 -90.28 -94.89
N LYS F 629 13.90 -89.66 -93.87
CA LYS F 629 13.36 -89.70 -92.52
C LYS F 629 12.56 -88.46 -92.18
N TYR F 630 11.84 -87.92 -93.16
CA TYR F 630 11.01 -86.73 -92.94
C TYR F 630 9.86 -87.02 -91.98
N VAL F 631 9.31 -88.24 -92.03
CA VAL F 631 8.24 -88.59 -91.09
C VAL F 631 8.76 -88.65 -89.67
N GLN F 632 9.97 -89.19 -89.47
CA GLN F 632 10.55 -89.22 -88.13
C GLN F 632 10.90 -87.83 -87.63
N ARG F 633 11.38 -86.97 -88.53
CA ARG F 633 11.66 -85.58 -88.14
C ARG F 633 10.38 -84.85 -87.77
N ARG F 634 9.29 -85.11 -88.49
CA ARG F 634 8.02 -84.46 -88.18
C ARG F 634 7.44 -84.99 -86.86
N LEU F 635 7.59 -86.29 -86.59
CA LEU F 635 7.21 -86.82 -85.28
C LEU F 635 8.05 -86.21 -84.16
N CYS F 636 9.34 -86.01 -84.40
CA CYS F 636 10.19 -85.38 -83.39
C CYS F 636 9.77 -83.94 -83.13
N LEU F 637 9.40 -83.21 -84.19
CA LEU F 637 8.96 -81.84 -84.01
C LEU F 637 7.58 -81.76 -83.37
N ILE F 638 6.73 -82.77 -83.59
CA ILE F 638 5.45 -82.85 -82.90
C ILE F 638 5.66 -83.12 -81.42
N ILE F 639 6.59 -84.03 -81.09
CA ILE F 639 6.90 -84.38 -79.71
C ILE F 639 7.47 -83.18 -78.96
N SER F 640 8.42 -82.48 -79.59
CA SER F 640 9.06 -81.35 -78.94
C SER F 640 8.20 -80.10 -78.92
N GLY F 641 7.04 -80.12 -79.57
CA GLY F 641 6.16 -78.96 -79.59
C GLY F 641 6.67 -77.78 -80.39
N TRP F 642 7.21 -78.02 -81.58
CA TRP F 642 7.71 -76.96 -82.44
C TRP F 642 7.00 -76.83 -83.77
N ASP F 643 6.17 -77.80 -84.18
CA ASP F 643 5.45 -77.67 -85.43
C ASP F 643 4.35 -76.63 -85.30
N LEU F 644 4.70 -75.37 -85.55
CA LEU F 644 3.78 -74.26 -85.37
C LEU F 644 3.92 -73.30 -86.56
N SER F 645 2.80 -72.67 -86.92
CA SER F 645 2.74 -71.86 -88.12
C SER F 645 3.47 -70.53 -87.92
N ARG F 646 3.64 -69.79 -89.02
CA ARG F 646 4.36 -68.51 -88.98
C ARG F 646 3.54 -67.43 -88.31
N SER F 647 2.22 -67.43 -88.52
CA SER F 647 1.35 -66.46 -87.85
C SER F 647 1.36 -66.68 -86.34
N ASP F 648 1.34 -67.94 -85.91
CA ASP F 648 1.46 -68.24 -84.50
C ASP F 648 2.86 -68.00 -83.98
N TYR F 649 3.87 -68.07 -84.84
CA TYR F 649 5.22 -67.65 -84.44
C TYR F 649 5.26 -66.17 -84.14
N GLU F 650 4.62 -65.36 -84.99
CA GLU F 650 4.52 -63.92 -84.72
C GLU F 650 3.71 -63.65 -83.45
N ASP F 651 2.66 -64.44 -83.22
CA ASP F 651 1.90 -64.33 -81.98
C ASP F 651 2.76 -64.68 -80.77
N LYS F 652 3.62 -65.69 -80.90
CA LYS F 652 4.53 -66.05 -79.83
C LYS F 652 5.56 -64.94 -79.59
N TYR F 653 6.02 -64.30 -80.68
CA TYR F 653 6.90 -63.15 -80.55
C TYR F 653 6.22 -62.04 -79.76
N ASN F 654 4.95 -61.76 -80.07
CA ASN F 654 4.20 -60.75 -79.33
C ASN F 654 4.01 -61.15 -77.88
N ILE F 655 3.81 -62.44 -77.62
CA ILE F 655 3.62 -62.93 -76.26
C ILE F 655 4.89 -62.74 -75.44
N ILE F 656 6.03 -63.10 -76.01
CA ILE F 656 7.31 -62.94 -75.30
C ILE F 656 7.65 -61.47 -75.15
N MET F 657 7.31 -60.63 -76.14
CA MET F 657 7.51 -59.19 -76.02
C MET F 657 6.65 -58.59 -74.91
N LYS F 658 5.42 -59.07 -74.77
CA LYS F 658 4.56 -58.61 -73.67
C LYS F 658 5.08 -59.12 -72.33
N ASN F 659 5.67 -60.31 -72.31
CA ASN F 659 6.28 -60.80 -71.08
C ASN F 659 7.48 -59.96 -70.68
N GLY F 660 8.29 -59.55 -71.66
CA GLY F 660 9.42 -58.68 -71.40
C GLY F 660 10.78 -59.28 -71.69
N HIS F 661 10.85 -60.55 -72.11
CA HIS F 661 12.12 -61.20 -72.39
C HIS F 661 12.48 -60.94 -73.85
N TYR F 662 12.97 -59.72 -74.11
CA TYR F 662 13.36 -59.34 -75.46
C TYR F 662 14.57 -60.14 -75.93
N GLU F 663 15.47 -60.49 -75.01
CA GLU F 663 16.59 -61.35 -75.36
C GLU F 663 16.12 -62.72 -75.80
N LYS F 664 15.13 -63.29 -75.11
CA LYS F 664 14.58 -64.59 -75.51
C LYS F 664 13.85 -64.48 -76.85
N ALA F 665 13.12 -63.39 -77.07
CA ALA F 665 12.42 -63.20 -78.33
C ALA F 665 13.40 -63.09 -79.50
N ALA F 666 14.48 -62.33 -79.31
CA ALA F 666 15.50 -62.21 -80.35
C ALA F 666 16.24 -63.53 -80.53
N ALA F 667 16.44 -64.28 -79.46
CA ALA F 667 17.06 -65.60 -79.57
C ALA F 667 16.20 -66.54 -80.40
N TRP F 668 14.89 -66.51 -80.18
CA TRP F 668 13.98 -67.34 -80.98
C TRP F 668 13.94 -66.88 -82.43
N ALA F 669 14.01 -65.57 -82.65
CA ALA F 669 14.02 -65.06 -84.02
C ALA F 669 15.28 -65.48 -84.76
N VAL F 670 16.44 -65.41 -84.09
CA VAL F 670 17.68 -65.87 -84.66
C VAL F 670 17.64 -67.38 -84.88
N PHE F 671 16.98 -68.11 -83.97
CA PHE F 671 16.83 -69.55 -84.10
C PHE F 671 16.01 -69.91 -85.34
N PHE F 672 14.94 -69.16 -85.61
CA PHE F 672 14.15 -69.43 -86.80
C PHE F 672 14.80 -68.89 -88.07
N GLY F 673 15.69 -67.92 -87.94
CA GLY F 673 16.45 -67.41 -89.08
C GLY F 673 16.00 -66.08 -89.62
N ASP F 674 14.98 -65.45 -89.03
CA ASP F 674 14.50 -64.15 -89.50
C ASP F 674 15.28 -63.06 -88.77
N ILE F 675 16.49 -62.81 -89.25
CA ILE F 675 17.40 -61.82 -88.69
C ILE F 675 16.86 -60.38 -88.82
N PRO F 676 16.29 -59.94 -89.97
CA PRO F 676 15.65 -58.61 -89.96
C PRO F 676 14.50 -58.50 -88.96
N LYS F 677 13.74 -59.57 -88.77
CA LYS F 677 12.71 -59.56 -87.75
C LYS F 677 13.31 -59.48 -86.35
N ALA F 678 14.49 -60.10 -86.14
CA ALA F 678 15.17 -59.98 -84.86
C ALA F 678 15.64 -58.55 -84.62
N VAL F 679 16.13 -57.89 -85.66
CA VAL F 679 16.54 -56.48 -85.54
C VAL F 679 15.33 -55.60 -85.25
N GLU F 680 14.20 -55.87 -85.92
CA GLU F 680 12.97 -55.14 -85.66
C GLU F 680 12.49 -55.34 -84.24
N ILE F 681 12.58 -56.57 -83.72
CA ILE F 681 12.12 -56.87 -82.38
C ILE F 681 13.00 -56.18 -81.34
N LEU F 682 14.32 -56.29 -81.49
CA LEU F 682 15.22 -55.70 -80.51
C LEU F 682 15.24 -54.16 -80.60
N GLY F 683 14.95 -53.61 -81.78
CA GLY F 683 14.90 -52.16 -81.90
C GLY F 683 13.68 -51.54 -81.23
N SER F 684 12.63 -52.32 -81.03
CA SER F 684 11.43 -51.83 -80.35
C SER F 684 11.50 -52.14 -78.85
N ALA F 685 12.59 -51.70 -78.21
CA ALA F 685 12.82 -51.99 -76.80
C ALA F 685 13.18 -50.70 -76.07
N LYS F 686 12.97 -50.72 -74.76
CA LYS F 686 13.22 -49.56 -73.91
C LYS F 686 14.63 -49.53 -73.36
N LYS F 687 15.45 -50.54 -73.62
CA LYS F 687 16.80 -50.61 -73.08
C LYS F 687 17.81 -50.17 -74.12
N GLU F 688 18.66 -49.21 -73.72
CA GLU F 688 19.70 -48.69 -74.61
C GLU F 688 20.73 -49.75 -74.96
N ARG F 689 21.01 -50.67 -74.03
CA ARG F 689 21.88 -51.79 -74.32
C ARG F 689 21.26 -52.69 -75.39
N LEU F 690 19.95 -52.93 -75.29
CA LEU F 690 19.26 -53.72 -76.30
C LEU F 690 19.27 -53.02 -77.65
N ARG F 691 19.17 -51.69 -77.66
CA ARG F 691 19.22 -50.95 -78.92
C ARG F 691 20.61 -51.04 -79.56
N LEU F 692 21.66 -50.98 -78.73
CA LEU F 692 23.03 -51.11 -79.24
C LEU F 692 23.27 -52.50 -79.80
N ILE F 693 22.72 -53.52 -79.14
CA ILE F 693 22.81 -54.89 -79.64
C ILE F 693 21.99 -55.05 -80.93
N ALA F 694 20.86 -54.35 -81.01
CA ALA F 694 20.06 -54.35 -82.24
C ALA F 694 20.83 -53.77 -83.41
N THR F 695 21.55 -52.68 -83.19
CA THR F 695 22.38 -52.11 -84.26
C THR F 695 23.51 -53.06 -84.66
N ALA F 696 24.14 -53.69 -83.66
CA ALA F 696 25.25 -54.61 -83.96
C ALA F 696 24.76 -55.82 -84.74
N ILE F 697 23.58 -56.34 -84.41
CA ILE F 697 22.99 -57.42 -85.20
C ILE F 697 22.52 -56.91 -86.56
N ALA F 698 22.10 -55.64 -86.63
CA ALA F 698 21.74 -55.05 -87.92
C ALA F 698 22.93 -54.91 -88.85
N GLY F 699 24.15 -54.93 -88.32
CA GLY F 699 25.32 -55.00 -89.17
C GLY F 699 25.64 -56.39 -89.72
N TYR F 700 24.62 -57.14 -90.15
CA TYR F 700 24.81 -58.50 -90.62
C TYR F 700 24.11 -58.82 -91.95
N LEU F 701 23.06 -58.08 -92.33
CA LEU F 701 22.24 -58.46 -93.47
C LEU F 701 23.02 -58.39 -94.78
N ALA F 702 23.74 -57.30 -94.99
CA ALA F 702 24.61 -57.13 -96.14
C ALA F 702 26.05 -57.50 -95.81
N TYR F 703 26.24 -58.45 -94.90
CA TYR F 703 27.57 -58.75 -94.39
C TYR F 703 27.82 -60.26 -94.30
N LYS F 704 26.90 -61.08 -94.80
CA LYS F 704 27.13 -62.52 -94.79
C LYS F 704 27.99 -62.95 -95.97
N ASP F 705 27.83 -62.30 -97.12
CA ASP F 705 28.65 -62.58 -98.30
C ASP F 705 29.98 -61.85 -98.18
N LEU F 706 30.80 -62.30 -97.23
CA LEU F 706 32.10 -61.73 -96.94
C LEU F 706 32.96 -62.81 -96.30
N PRO F 707 34.27 -62.71 -96.41
CA PRO F 707 35.15 -63.59 -95.64
C PRO F 707 35.32 -63.05 -94.22
N GLY F 708 36.18 -63.73 -93.46
CA GLY F 708 36.39 -63.38 -92.07
C GLY F 708 37.48 -62.34 -91.87
N ASN F 709 37.66 -61.96 -90.60
CA ASN F 709 38.70 -61.06 -90.13
C ASN F 709 38.60 -59.70 -90.81
N ASN F 710 37.47 -59.03 -90.54
CA ASN F 710 37.25 -57.65 -91.06
C ASN F 710 36.91 -56.77 -89.85
N ALA F 711 37.41 -57.13 -88.66
CA ALA F 711 37.21 -56.33 -87.41
C ALA F 711 35.81 -56.53 -86.81
N TRP F 712 34.75 -56.54 -87.63
CA TRP F 712 33.40 -56.62 -87.09
C TRP F 712 33.13 -58.00 -86.51
N ARG F 713 33.50 -59.05 -87.26
CA ARG F 713 33.39 -60.40 -86.74
C ARG F 713 34.31 -60.62 -85.55
N GLN F 714 35.45 -59.94 -85.51
CA GLN F 714 36.34 -60.03 -84.36
C GLN F 714 35.69 -59.45 -83.12
N GLN F 715 35.07 -58.26 -83.26
CA GLN F 715 34.38 -57.64 -82.15
C GLN F 715 33.18 -58.48 -81.71
N CYS F 716 32.48 -59.09 -82.66
CA CYS F 716 31.34 -59.93 -82.30
C CYS F 716 31.78 -61.20 -81.58
N ARG F 717 32.92 -61.77 -81.99
CA ARG F 717 33.46 -62.94 -81.29
C ARG F 717 33.89 -62.57 -79.88
N LYS F 718 34.52 -61.41 -79.71
CA LYS F 718 34.90 -60.96 -78.37
C LYS F 718 33.67 -60.72 -77.50
N MET F 719 32.62 -60.15 -78.10
CA MET F 719 31.38 -59.93 -77.35
C MET F 719 30.76 -61.25 -76.92
N SER F 720 30.65 -62.20 -77.84
CA SER F 720 30.07 -63.50 -77.52
C SER F 720 30.89 -64.23 -76.47
N SER F 721 32.19 -63.96 -76.41
CA SER F 721 33.03 -64.53 -75.37
C SER F 721 32.82 -63.84 -74.02
N GLU F 722 32.59 -62.52 -74.01
CA GLU F 722 32.62 -61.78 -72.76
C GLU F 722 31.26 -61.52 -72.14
N LEU F 723 30.17 -61.58 -72.91
CA LEU F 723 28.86 -61.18 -72.42
C LEU F 723 28.28 -62.23 -71.48
N ASP F 724 27.32 -61.80 -70.66
CA ASP F 724 26.76 -62.62 -69.59
C ASP F 724 25.48 -63.33 -69.98
N ASP F 725 24.63 -62.69 -70.78
CA ASP F 725 23.35 -63.31 -71.16
C ASP F 725 23.60 -64.38 -72.19
N PRO F 726 23.15 -65.62 -71.96
CA PRO F 726 23.44 -66.71 -72.91
C PRO F 726 22.69 -66.59 -74.22
N TYR F 727 21.51 -66.00 -74.22
CA TYR F 727 20.78 -65.77 -75.47
C TYR F 727 21.52 -64.78 -76.35
N LEU F 728 22.02 -63.69 -75.76
CA LEU F 728 22.81 -62.74 -76.51
C LEU F 728 24.16 -63.33 -76.91
N ARG F 729 24.69 -64.24 -76.10
CA ARG F 729 25.91 -64.95 -76.44
C ARG F 729 25.74 -65.77 -77.71
N VAL F 730 24.67 -66.57 -77.78
CA VAL F 730 24.47 -67.41 -78.95
C VAL F 730 24.03 -66.58 -80.15
N ILE F 731 23.34 -65.46 -79.92
CA ILE F 731 22.99 -64.56 -81.02
C ILE F 731 24.25 -63.99 -81.65
N PHE F 732 25.17 -63.47 -80.82
CA PHE F 732 26.44 -62.96 -81.34
C PHE F 732 27.27 -64.05 -81.99
N ALA F 733 27.26 -65.26 -81.42
CA ALA F 733 28.05 -66.36 -81.98
C ALA F 733 27.56 -66.74 -83.37
N PHE F 734 26.25 -66.90 -83.54
CA PHE F 734 25.73 -67.27 -84.86
C PHE F 734 25.86 -66.13 -85.85
N ILE F 735 25.64 -64.89 -85.41
CA ILE F 735 25.72 -63.76 -86.34
C ILE F 735 27.17 -63.53 -86.77
N ALA F 736 28.13 -63.78 -85.88
CA ALA F 736 29.53 -63.66 -86.25
C ALA F 736 29.96 -64.79 -87.18
N ASP F 737 29.58 -66.03 -86.87
CA ASP F 737 29.94 -67.17 -87.69
C ASP F 737 28.69 -67.99 -87.99
N ASN F 738 28.37 -68.13 -89.27
CA ASN F 738 27.15 -68.83 -89.69
C ASN F 738 27.37 -70.35 -89.65
N ASP F 739 27.56 -70.85 -88.43
CA ASP F 739 27.64 -72.28 -88.16
C ASP F 739 26.81 -72.57 -86.92
N TRP F 740 26.31 -73.80 -86.83
CA TRP F 740 25.41 -74.16 -85.74
C TRP F 740 26.06 -75.01 -84.66
N TRP F 741 27.31 -75.44 -84.85
CA TRP F 741 27.97 -76.22 -83.82
C TRP F 741 28.44 -75.37 -82.66
N ASP F 742 28.49 -74.06 -82.82
CA ASP F 742 28.74 -73.14 -81.72
C ASP F 742 27.45 -72.75 -81.00
N ILE F 743 26.30 -73.22 -81.47
CA ILE F 743 25.01 -72.92 -80.87
C ILE F 743 24.40 -74.15 -80.22
N LEU F 744 24.58 -75.32 -80.84
CA LEU F 744 23.97 -76.56 -80.36
C LEU F 744 24.56 -77.04 -79.03
N TYR F 745 25.75 -76.58 -78.67
CA TYR F 745 26.44 -77.10 -77.50
C TYR F 745 26.54 -76.10 -76.36
N GLU F 746 25.86 -74.97 -76.45
CA GLU F 746 25.86 -74.01 -75.35
C GLU F 746 25.02 -74.56 -74.22
N PRO F 747 25.57 -74.71 -73.01
CA PRO F 747 24.81 -75.36 -71.93
C PRO F 747 23.76 -74.47 -71.27
N ALA F 748 23.83 -73.16 -71.45
CA ALA F 748 22.96 -72.24 -70.73
C ALA F 748 21.75 -71.81 -71.55
N ILE F 749 21.29 -72.66 -72.47
CA ILE F 749 20.07 -72.41 -73.22
C ILE F 749 19.20 -73.66 -73.14
N SER F 750 17.93 -73.50 -73.50
CA SER F 750 16.97 -74.58 -73.37
C SER F 750 17.25 -75.70 -74.36
N LEU F 751 17.26 -76.94 -73.85
CA LEU F 751 17.54 -78.09 -74.70
C LEU F 751 16.39 -78.36 -75.66
N ARG F 752 15.17 -77.93 -75.32
CA ARG F 752 14.08 -77.99 -76.28
C ARG F 752 14.34 -77.10 -77.48
N GLU F 753 14.86 -75.89 -77.25
CA GLU F 753 15.22 -74.99 -78.35
C GLU F 753 16.39 -75.54 -79.15
N ARG F 754 17.37 -76.15 -78.48
CA ARG F 754 18.49 -76.76 -79.19
C ARG F 754 18.03 -77.93 -80.06
N LEU F 755 17.12 -78.75 -79.55
CA LEU F 755 16.54 -79.82 -80.37
C LEU F 755 15.74 -79.27 -81.52
N GLY F 756 15.04 -78.15 -81.31
CA GLY F 756 14.27 -77.55 -82.39
C GLY F 756 15.13 -77.05 -83.53
N VAL F 757 16.21 -76.33 -83.20
CA VAL F 757 17.07 -75.85 -84.26
C VAL F 757 17.84 -77.00 -84.91
N ALA F 758 18.19 -78.03 -84.16
CA ALA F 758 18.88 -79.17 -84.74
C ALA F 758 17.98 -79.96 -85.68
N LEU F 759 16.70 -80.09 -85.34
CA LEU F 759 15.77 -80.78 -86.21
C LEU F 759 15.39 -79.94 -87.42
N ARG F 760 15.31 -78.61 -87.24
CA ARG F 760 15.00 -77.74 -88.37
C ARG F 760 16.12 -77.71 -89.40
N PHE F 761 17.37 -77.49 -88.95
CA PHE F 761 18.41 -77.08 -89.88
C PHE F 761 19.42 -78.16 -90.21
N LEU F 762 19.84 -78.96 -89.24
CA LEU F 762 20.97 -79.86 -89.45
C LEU F 762 20.58 -81.04 -90.34
N ASN F 763 21.60 -81.64 -90.95
CA ASN F 763 21.40 -82.79 -91.83
C ASN F 763 21.19 -84.06 -91.01
N ASP F 764 21.07 -85.19 -91.72
CA ASP F 764 20.79 -86.45 -91.05
C ASP F 764 21.97 -86.92 -90.21
N THR F 765 23.18 -86.91 -90.80
CA THR F 765 24.36 -87.36 -90.07
C THR F 765 24.72 -86.41 -88.92
N ASP F 766 24.60 -85.11 -89.17
CA ASP F 766 24.89 -84.13 -88.13
C ASP F 766 23.87 -84.21 -86.99
N LEU F 767 22.60 -84.40 -87.33
CA LEU F 767 21.56 -84.57 -86.32
C LEU F 767 21.77 -85.85 -85.52
N THR F 768 22.19 -86.93 -86.19
CA THR F 768 22.46 -88.17 -85.48
C THR F 768 23.63 -88.03 -84.51
N THR F 769 24.70 -87.36 -84.95
CA THR F 769 25.84 -87.15 -84.06
C THR F 769 25.47 -86.25 -82.88
N PHE F 770 24.70 -85.18 -83.14
CA PHE F 770 24.28 -84.29 -82.07
C PHE F 770 23.37 -85.01 -81.08
N LEU F 771 22.44 -85.82 -81.57
CA LEU F 771 21.53 -86.55 -80.70
C LEU F 771 22.27 -87.57 -79.86
N ASP F 772 23.23 -88.28 -80.46
CA ASP F 772 24.02 -89.25 -79.71
C ASP F 772 24.85 -88.59 -78.62
N ARG F 773 25.51 -87.47 -78.96
CA ARG F 773 26.32 -86.75 -77.99
C ARG F 773 25.48 -86.20 -76.85
N THR F 774 24.34 -85.59 -77.18
CA THR F 774 23.50 -84.98 -76.16
C THR F 774 22.84 -86.03 -75.26
N SER F 775 22.37 -87.14 -75.84
CA SER F 775 21.75 -88.19 -75.04
C SER F 775 22.77 -88.89 -74.14
N SER F 776 23.97 -89.19 -74.68
CA SER F 776 25.00 -89.80 -73.86
C SER F 776 25.50 -88.84 -72.77
N THR F 777 25.43 -87.53 -73.01
CA THR F 777 25.78 -86.58 -71.96
C THR F 777 24.72 -86.55 -70.87
N VAL F 778 23.45 -86.43 -71.26
CA VAL F 778 22.41 -86.21 -70.25
C VAL F 778 22.14 -87.48 -69.43
N ILE F 779 22.30 -88.67 -70.03
CA ILE F 779 22.05 -89.91 -69.29
C ILE F 779 23.06 -90.06 -68.16
N GLU F 780 24.33 -89.80 -68.42
CA GLU F 780 25.32 -89.91 -67.36
C GLU F 780 25.29 -88.71 -66.41
N ASN F 781 24.88 -87.54 -66.89
CA ASN F 781 24.94 -86.36 -66.05
C ASN F 781 23.69 -86.13 -65.21
N GLY F 782 22.59 -86.81 -65.51
CA GLY F 782 21.39 -86.63 -64.71
C GLY F 782 20.73 -85.28 -64.86
N GLU F 783 20.62 -84.77 -66.08
CA GLU F 783 19.93 -83.52 -66.34
C GLU F 783 18.46 -83.82 -66.64
N LEU F 784 17.56 -83.09 -65.98
CA LEU F 784 16.13 -83.34 -66.14
C LEU F 784 15.63 -83.00 -67.54
N GLU F 785 16.36 -82.19 -68.30
CA GLU F 785 15.95 -81.85 -69.64
C GLU F 785 16.39 -82.87 -70.67
N GLY F 786 17.05 -83.95 -70.25
CA GLY F 786 17.24 -85.07 -71.16
C GLY F 786 16.03 -85.95 -71.33
N LEU F 787 14.99 -85.68 -70.54
CA LEU F 787 13.73 -86.40 -70.69
C LEU F 787 13.03 -86.04 -72.00
N ILE F 788 13.31 -84.87 -72.56
CA ILE F 788 12.80 -84.53 -73.89
C ILE F 788 13.39 -85.47 -74.93
N LEU F 789 14.69 -85.75 -74.83
CA LEU F 789 15.33 -86.65 -75.77
C LEU F 789 14.89 -88.09 -75.56
N THR F 790 14.87 -88.55 -74.31
CA THR F 790 14.78 -89.98 -74.05
C THR F 790 13.39 -90.44 -73.61
N GLY F 791 12.47 -89.54 -73.32
CA GLY F 791 11.12 -89.91 -72.96
C GLY F 791 11.03 -90.54 -71.59
N ILE F 792 9.81 -90.92 -71.23
CA ILE F 792 9.57 -91.71 -70.02
C ILE F 792 9.73 -93.17 -70.45
N THR F 793 10.97 -93.62 -70.43
CA THR F 793 11.36 -94.95 -70.88
C THR F 793 12.19 -95.59 -69.77
N PRO F 794 12.65 -96.84 -69.92
CA PRO F 794 13.72 -97.30 -69.01
C PRO F 794 14.96 -96.42 -69.03
N ASN F 795 15.31 -95.84 -70.17
CA ASN F 795 16.39 -94.87 -70.20
C ASN F 795 16.01 -93.58 -69.49
N GLY F 796 14.73 -93.19 -69.54
CA GLY F 796 14.29 -92.05 -68.76
C GLY F 796 14.36 -92.31 -67.27
N ILE F 797 14.05 -93.54 -66.86
CA ILE F 797 14.19 -93.92 -65.46
C ILE F 797 15.66 -93.97 -65.05
N ASP F 798 16.55 -94.37 -65.96
CA ASP F 798 17.98 -94.29 -65.68
C ASP F 798 18.42 -92.84 -65.50
N LEU F 799 17.90 -91.93 -66.33
CA LEU F 799 18.21 -90.51 -66.19
C LEU F 799 17.71 -89.97 -64.86
N LEU F 800 16.49 -90.34 -64.47
CA LEU F 800 15.96 -89.91 -63.19
C LEU F 800 16.71 -90.51 -62.02
N GLN F 801 17.22 -91.74 -62.19
CA GLN F 801 18.05 -92.36 -61.17
C GLN F 801 19.36 -91.60 -60.98
N SER F 802 19.98 -91.17 -62.09
CA SER F 802 21.18 -90.36 -61.98
C SER F 802 20.88 -89.00 -61.36
N TYR F 803 19.72 -88.43 -61.68
CA TYR F 803 19.31 -87.17 -61.07
C TYR F 803 19.09 -87.33 -59.57
N VAL F 804 18.53 -88.46 -59.15
CA VAL F 804 18.35 -88.74 -57.73
C VAL F 804 19.69 -88.89 -57.04
N ASN F 805 20.60 -89.67 -57.64
CA ASN F 805 21.94 -89.84 -57.09
C ASN F 805 22.70 -88.53 -57.01
N LYS F 806 22.38 -87.57 -57.88
CA LYS F 806 23.05 -86.28 -57.86
C LYS F 806 22.44 -85.30 -56.87
N THR F 807 21.11 -85.30 -56.71
CA THR F 807 20.47 -84.22 -55.97
C THR F 807 19.69 -84.63 -54.72
N SER F 808 19.41 -85.93 -54.52
CA SER F 808 18.51 -86.42 -53.47
C SER F 808 17.13 -85.77 -53.56
N ASP F 809 16.59 -85.72 -54.78
CA ASP F 809 15.25 -85.23 -55.03
C ASP F 809 14.42 -86.41 -55.53
N VAL F 810 13.72 -87.05 -54.60
CA VAL F 810 12.83 -88.14 -54.96
C VAL F 810 11.44 -87.63 -55.33
N GLN F 811 11.11 -86.39 -54.98
CA GLN F 811 9.77 -85.85 -55.24
C GLN F 811 9.52 -85.69 -56.73
N SER F 812 10.44 -85.06 -57.44
CA SER F 812 10.28 -84.88 -58.89
C SER F 812 10.40 -86.21 -59.62
N ALA F 813 11.26 -87.11 -59.13
CA ALA F 813 11.39 -88.42 -59.76
C ALA F 813 10.10 -89.21 -59.66
N ALA F 814 9.44 -89.19 -58.51
CA ALA F 814 8.16 -89.87 -58.37
C ALA F 814 7.09 -89.20 -59.22
N LEU F 815 6.96 -87.87 -59.11
CA LEU F 815 5.90 -87.15 -59.80
C LEU F 815 6.10 -87.12 -61.31
N ILE F 816 7.27 -87.47 -61.81
CA ILE F 816 7.48 -87.60 -63.24
C ILE F 816 7.32 -89.05 -63.69
N SER F 817 7.85 -90.01 -62.92
CA SER F 817 7.78 -91.41 -63.30
C SER F 817 6.37 -91.99 -63.18
N ILE F 818 5.47 -91.33 -62.45
CA ILE F 818 4.09 -91.82 -62.40
C ILE F 818 3.36 -91.67 -63.72
N PHE F 819 3.88 -90.85 -64.64
CA PHE F 819 3.20 -90.63 -65.92
C PHE F 819 3.26 -91.84 -66.83
N GLY F 820 4.31 -92.64 -66.75
CA GLY F 820 4.47 -93.71 -67.72
C GLY F 820 4.73 -95.11 -67.19
N SER F 821 5.11 -95.21 -65.90
CA SER F 821 5.62 -96.50 -65.42
C SER F 821 4.54 -97.57 -65.27
N PRO F 822 3.47 -97.40 -64.45
CA PRO F 822 2.49 -98.49 -64.37
C PRO F 822 1.73 -98.71 -65.66
N ARG F 823 1.71 -97.71 -66.54
CA ARG F 823 1.08 -97.84 -67.85
C ARG F 823 1.90 -98.68 -68.81
N TYR F 824 3.23 -98.55 -68.78
CA TYR F 824 4.03 -99.15 -69.85
C TYR F 824 5.09 -100.13 -69.38
N PHE F 825 5.78 -99.89 -68.27
CA PHE F 825 6.95 -100.69 -67.91
C PHE F 825 7.05 -100.84 -66.41
N ARG F 826 7.08 -102.08 -65.93
CA ARG F 826 7.19 -102.32 -64.49
C ARG F 826 8.66 -102.28 -64.09
N ASP F 827 9.01 -101.35 -63.20
CA ASP F 827 10.36 -101.25 -62.69
C ASP F 827 10.34 -100.87 -61.23
N GLN F 828 11.26 -101.44 -60.46
CA GLN F 828 11.24 -101.29 -59.01
C GLN F 828 11.71 -99.92 -58.55
N ARG F 829 12.47 -99.20 -59.38
CA ARG F 829 12.94 -97.89 -58.98
C ARG F 829 11.79 -96.89 -58.86
N VAL F 830 10.83 -96.97 -59.77
CA VAL F 830 9.65 -96.11 -59.69
C VAL F 830 8.84 -96.44 -58.45
N ASP F 831 8.71 -97.73 -58.13
CA ASP F 831 8.00 -98.14 -56.92
C ASP F 831 8.69 -97.62 -55.68
N GLU F 832 10.03 -97.66 -55.66
CA GLU F 832 10.78 -97.14 -54.52
C GLU F 832 10.58 -95.64 -54.37
N TRP F 833 10.59 -94.90 -55.49
CA TRP F 833 10.40 -93.46 -55.42
C TRP F 833 8.98 -93.11 -54.97
N ILE F 834 7.99 -93.86 -55.44
CA ILE F 834 6.60 -93.62 -55.06
C ILE F 834 6.39 -93.89 -53.57
N GLN F 835 6.94 -95.00 -53.08
CA GLN F 835 6.82 -95.34 -51.66
C GLN F 835 7.54 -94.32 -50.79
N THR F 836 8.73 -93.89 -51.22
CA THR F 836 9.48 -92.90 -50.45
C THR F 836 8.75 -91.56 -50.39
N TYR F 837 8.17 -91.13 -51.51
CA TYR F 837 7.45 -89.86 -51.52
C TYR F 837 6.17 -89.94 -50.70
N ARG F 838 5.49 -91.09 -50.74
CA ARG F 838 4.27 -91.23 -49.94
C ARG F 838 4.58 -91.29 -48.44
N ASP F 839 5.66 -91.97 -48.06
CA ASP F 839 6.07 -91.99 -46.66
C ASP F 839 6.50 -90.60 -46.19
N MET F 840 7.16 -89.84 -47.07
CA MET F 840 7.54 -88.48 -46.73
C MET F 840 6.32 -87.58 -46.58
N LEU F 841 5.31 -87.79 -47.41
CA LEU F 841 4.07 -87.03 -47.29
C LEU F 841 3.32 -87.37 -46.02
N LYS F 842 3.34 -88.65 -45.62
CA LYS F 842 2.76 -89.03 -44.33
C LYS F 842 3.54 -88.42 -43.17
N SER F 843 4.87 -88.38 -43.27
CA SER F 843 5.69 -87.81 -42.22
C SER F 843 5.49 -86.30 -42.10
N TRP F 844 5.19 -85.63 -43.21
CA TRP F 844 4.90 -84.21 -43.18
C TRP F 844 3.46 -83.91 -42.80
N GLU F 845 2.65 -84.95 -42.54
CA GLU F 845 1.20 -84.84 -42.29
C GLU F 845 0.48 -84.15 -43.44
N LEU F 846 0.91 -84.43 -44.66
CA LEU F 846 0.23 -83.93 -45.86
C LEU F 846 -0.67 -85.02 -46.44
N PHE F 847 -1.74 -85.32 -45.70
CA PHE F 847 -2.65 -86.37 -46.10
C PHE F 847 -3.46 -86.00 -47.33
N SER F 848 -3.81 -84.71 -47.45
CA SER F 848 -4.52 -84.25 -48.65
C SER F 848 -3.66 -84.39 -49.89
N MET F 849 -2.37 -84.06 -49.77
CA MET F 849 -1.46 -84.22 -50.89
C MET F 849 -1.20 -85.69 -51.19
N ARG F 850 -1.16 -86.54 -50.17
CA ARG F 850 -1.00 -87.98 -50.41
C ARG F 850 -2.21 -88.56 -51.14
N ALA F 851 -3.41 -88.16 -50.74
CA ALA F 851 -4.62 -88.61 -51.43
C ALA F 851 -4.69 -88.09 -52.86
N ARG F 852 -4.29 -86.83 -53.09
CA ARG F 852 -4.23 -86.30 -54.44
C ARG F 852 -3.21 -87.04 -55.29
N PHE F 853 -2.06 -87.39 -54.70
CA PHE F 853 -1.05 -88.16 -55.41
C PHE F 853 -1.57 -89.54 -55.77
N ASP F 854 -2.33 -90.18 -54.87
CA ASP F 854 -2.87 -91.50 -55.15
C ASP F 854 -3.92 -91.46 -56.25
N VAL F 855 -4.84 -90.48 -56.20
CA VAL F 855 -5.85 -90.41 -57.25
C VAL F 855 -5.23 -89.98 -58.57
N LEU F 856 -4.13 -89.22 -58.54
CA LEU F 856 -3.45 -88.86 -59.78
C LEU F 856 -2.74 -90.08 -60.38
N ARG F 857 -2.17 -90.93 -59.53
CA ARG F 857 -1.59 -92.19 -60.02
C ARG F 857 -2.67 -93.08 -60.62
N SER F 858 -3.84 -93.12 -60.01
CA SER F 858 -4.92 -93.94 -60.56
C SER F 858 -5.49 -93.34 -61.84
N LYS F 859 -5.48 -92.02 -61.98
CA LYS F 859 -5.89 -91.40 -63.23
C LYS F 859 -4.91 -91.69 -64.34
N LEU F 860 -3.61 -91.57 -64.07
CA LEU F 860 -2.58 -91.75 -65.09
C LEU F 860 -2.17 -93.19 -65.27
N SER F 861 -2.74 -94.12 -64.50
CA SER F 861 -2.43 -95.54 -64.66
C SER F 861 -3.33 -96.23 -65.67
N ARG F 862 -4.35 -95.56 -66.17
CA ARG F 862 -5.24 -96.16 -67.15
C ARG F 862 -4.55 -96.24 -68.51
N THR F 863 -4.66 -97.39 -69.16
CA THR F 863 -4.03 -97.60 -70.45
C THR F 863 -4.89 -96.97 -71.56
N LYS F 864 -4.56 -97.29 -72.81
CA LYS F 864 -5.37 -96.85 -73.93
C LYS F 864 -6.76 -97.47 -73.89
N THR F 865 -6.84 -98.75 -73.51
CA THR F 865 -8.13 -99.40 -73.37
C THR F 865 -8.92 -98.83 -72.20
N GLY F 866 -8.27 -98.59 -71.07
CA GLY F 866 -8.93 -98.12 -69.87
C GLY F 866 -8.78 -99.02 -68.67
N VAL F 867 -8.01 -100.10 -68.75
CA VAL F 867 -7.83 -101.01 -67.63
C VAL F 867 -6.86 -100.39 -66.63
N LEU F 868 -7.27 -100.35 -65.37
CA LEU F 868 -6.43 -99.79 -64.32
C LEU F 868 -5.34 -100.79 -63.97
N THR F 869 -4.08 -100.40 -64.13
CA THR F 869 -2.95 -101.28 -63.90
C THR F 869 -2.24 -101.05 -62.58
N ALA F 870 -2.54 -99.97 -61.86
CA ALA F 870 -1.91 -99.72 -60.58
C ALA F 870 -2.46 -100.66 -59.51
N ASP F 871 -1.60 -101.03 -58.58
CA ASP F 871 -2.00 -101.92 -57.49
C ASP F 871 -2.76 -101.13 -56.43
N ILE F 872 -3.94 -101.61 -56.08
CA ILE F 872 -4.81 -100.93 -55.13
C ILE F 872 -4.93 -101.77 -53.86
N LYS F 873 -5.33 -101.11 -52.78
CA LYS F 873 -5.55 -101.79 -51.52
C LYS F 873 -6.76 -102.70 -51.62
N PRO F 874 -6.70 -103.91 -51.07
CA PRO F 874 -7.86 -104.81 -51.12
C PRO F 874 -9.02 -104.28 -50.29
N ARG F 875 -10.20 -104.83 -50.60
CA ARG F 875 -11.42 -104.44 -49.91
C ARG F 875 -11.37 -104.87 -48.45
N GLN F 876 -11.98 -104.07 -47.58
CA GLN F 876 -11.76 -104.16 -46.15
C GLN F 876 -12.98 -104.62 -45.36
N ILE F 877 -14.13 -103.96 -45.52
CA ILE F 877 -15.27 -104.16 -44.63
C ILE F 877 -16.56 -104.09 -45.44
N TYR F 878 -17.60 -104.76 -44.95
CA TYR F 878 -18.91 -104.67 -45.58
C TYR F 878 -19.97 -104.76 -44.49
N ILE F 879 -21.18 -104.32 -44.84
CA ILE F 879 -22.25 -104.10 -43.88
C ILE F 879 -23.26 -105.23 -43.98
N GLN F 880 -23.58 -105.84 -42.84
CA GLN F 880 -24.54 -106.93 -42.77
C GLN F 880 -25.87 -106.40 -42.22
N CYS F 881 -26.85 -107.30 -42.07
CA CYS F 881 -28.14 -106.90 -41.51
C CYS F 881 -28.66 -107.89 -40.46
N GLN F 882 -27.86 -108.87 -40.05
CA GLN F 882 -28.05 -109.71 -38.86
C GLN F 882 -29.27 -110.63 -38.95
N ASN F 883 -30.07 -110.56 -40.01
CA ASN F 883 -31.22 -111.44 -40.17
C ASN F 883 -30.97 -112.50 -41.23
N CYS F 884 -30.62 -112.10 -42.45
CA CYS F 884 -30.19 -113.05 -43.46
C CYS F 884 -28.67 -113.13 -43.59
N LYS F 885 -27.94 -112.28 -42.87
CA LYS F 885 -26.48 -112.27 -42.80
C LYS F 885 -25.84 -112.13 -44.18
N GLN F 886 -26.21 -111.06 -44.87
CA GLN F 886 -25.69 -110.78 -46.20
C GLN F 886 -25.43 -109.28 -46.33
N ASN F 887 -24.78 -108.91 -47.42
CA ASN F 887 -24.50 -107.51 -47.70
C ASN F 887 -25.78 -106.78 -48.07
N ILE F 888 -25.95 -105.57 -47.52
CA ILE F 888 -27.18 -104.83 -47.78
C ILE F 888 -27.11 -103.98 -49.03
N ASN F 889 -25.94 -103.81 -49.62
CA ASN F 889 -25.78 -103.06 -50.86
C ASN F 889 -24.98 -103.87 -51.86
N THR F 890 -25.40 -103.83 -53.12
CA THR F 890 -24.79 -104.65 -54.15
C THR F 890 -23.67 -103.88 -54.85
N PRO F 891 -22.44 -104.41 -54.90
CA PRO F 891 -21.32 -103.77 -55.60
C PRO F 891 -21.52 -103.76 -57.12
N LYS F 940 -35.07 -97.09 -50.85
CA LYS F 940 -35.61 -98.41 -50.52
C LYS F 940 -36.04 -98.46 -49.06
N TYR F 941 -35.10 -98.13 -48.17
CA TYR F 941 -35.27 -98.13 -46.71
C TYR F 941 -35.64 -99.49 -46.16
N CYS F 942 -35.23 -100.56 -46.85
CA CYS F 942 -35.37 -101.92 -46.36
C CYS F 942 -34.18 -102.73 -46.85
N CYS F 943 -33.95 -103.87 -46.20
CA CYS F 943 -32.98 -104.81 -46.73
C CYS F 943 -33.55 -105.45 -48.00
N PRO F 944 -32.79 -105.49 -49.10
CA PRO F 944 -33.32 -106.05 -50.34
C PRO F 944 -33.42 -107.57 -50.38
N HIS F 945 -33.13 -108.26 -49.27
CA HIS F 945 -33.16 -109.71 -49.25
C HIS F 945 -34.20 -110.26 -48.27
N CYS F 946 -34.15 -109.83 -47.01
CA CYS F 946 -35.11 -110.28 -46.01
C CYS F 946 -36.17 -109.24 -45.69
N GLY F 947 -36.06 -108.04 -46.23
CA GLY F 947 -37.07 -107.02 -46.04
C GLY F 947 -37.11 -106.37 -44.68
N SER F 948 -36.09 -106.58 -43.85
CA SER F 948 -36.08 -106.00 -42.52
C SER F 948 -35.85 -104.50 -42.58
N SER F 949 -36.20 -103.83 -41.49
CA SER F 949 -36.11 -102.38 -41.41
C SER F 949 -34.70 -101.98 -40.98
N PHE F 950 -34.11 -101.06 -41.73
CA PHE F 950 -32.81 -100.52 -41.36
C PHE F 950 -32.96 -99.63 -40.12
N PRO F 951 -31.92 -99.57 -39.28
CA PRO F 951 -31.97 -98.65 -38.15
C PRO F 951 -31.92 -97.21 -38.62
N ARG F 952 -32.56 -96.34 -37.85
CA ARG F 952 -32.69 -94.94 -38.20
C ARG F 952 -31.65 -94.12 -37.46
N CYS F 953 -31.45 -92.90 -37.96
CA CYS F 953 -30.64 -91.93 -37.24
C CYS F 953 -31.33 -91.59 -35.93
N ALA F 954 -30.55 -91.54 -34.85
CA ALA F 954 -31.14 -91.28 -33.54
C ALA F 954 -31.59 -89.84 -33.36
N ILE F 955 -31.19 -88.94 -34.25
CA ILE F 955 -31.59 -87.54 -34.14
C ILE F 955 -32.92 -87.29 -34.86
N CYS F 956 -33.05 -87.74 -36.10
CA CYS F 956 -34.20 -87.38 -36.93
C CYS F 956 -35.09 -88.55 -37.31
N LEU F 957 -34.74 -89.77 -36.87
CA LEU F 957 -35.56 -90.99 -37.08
C LEU F 957 -35.82 -91.27 -38.55
N MET F 958 -34.80 -91.11 -39.39
CA MET F 958 -34.89 -91.41 -40.81
C MET F 958 -34.02 -92.61 -41.14
N PRO F 959 -34.54 -93.63 -41.80
CA PRO F 959 -33.80 -94.88 -41.97
C PRO F 959 -32.70 -94.76 -43.04
N LEU F 960 -31.86 -95.80 -43.08
CA LEU F 960 -30.80 -95.88 -44.07
C LEU F 960 -31.38 -96.11 -45.46
N GLY F 961 -30.74 -95.53 -46.47
CA GLY F 961 -31.17 -95.71 -47.84
C GLY F 961 -30.16 -96.46 -48.70
N THR F 962 -30.57 -97.58 -49.26
CA THR F 962 -29.74 -98.40 -50.14
C THR F 962 -30.44 -98.57 -51.49
N SER F 963 -29.77 -99.30 -52.38
CA SER F 963 -30.31 -99.52 -53.72
C SER F 963 -29.77 -100.82 -54.32
N LYS F 995 -18.28 -84.04 -54.83
CA LYS F 995 -18.81 -83.49 -53.59
C LYS F 995 -19.87 -84.40 -52.96
N LEU F 996 -19.59 -84.84 -51.74
CA LEU F 996 -20.54 -85.63 -50.96
C LEU F 996 -21.03 -84.77 -49.80
N LYS F 997 -22.34 -84.64 -49.69
CA LYS F 997 -22.89 -83.82 -48.61
C LYS F 997 -22.80 -84.55 -47.28
N LEU F 998 -22.94 -83.79 -46.20
CA LEU F 998 -22.88 -84.31 -44.85
C LEU F 998 -24.23 -84.82 -44.35
N ASN F 999 -25.18 -85.05 -45.24
CA ASN F 999 -26.48 -85.56 -44.85
C ASN F 999 -26.91 -86.72 -45.75
N GLU F 1000 -25.95 -87.51 -46.20
CA GLU F 1000 -26.23 -88.61 -47.13
C GLU F 1000 -25.75 -89.96 -46.60
N TRP F 1001 -24.59 -90.01 -45.96
CA TRP F 1001 -23.95 -91.25 -45.57
C TRP F 1001 -24.01 -91.42 -44.06
N PHE F 1002 -24.34 -92.64 -43.62
CA PHE F 1002 -24.26 -92.93 -42.20
C PHE F 1002 -22.81 -93.00 -41.73
N SER F 1003 -22.63 -92.81 -40.43
CA SER F 1003 -21.34 -92.96 -39.77
C SER F 1003 -21.48 -94.14 -38.80
N PHE F 1004 -21.27 -95.34 -39.32
CA PHE F 1004 -21.39 -96.56 -38.53
C PHE F 1004 -20.11 -96.75 -37.71
N CYS F 1005 -20.20 -96.46 -36.42
CA CYS F 1005 -19.10 -96.77 -35.52
C CYS F 1005 -18.91 -98.27 -35.40
N LEU F 1006 -17.67 -98.71 -35.43
CA LEU F 1006 -17.37 -100.13 -35.43
C LEU F 1006 -17.28 -100.72 -34.03
N SER F 1007 -17.47 -99.91 -32.99
CA SER F 1007 -17.48 -100.38 -31.62
C SER F 1007 -18.88 -100.66 -31.11
N CYS F 1008 -19.80 -99.70 -31.26
CA CYS F 1008 -21.16 -99.85 -30.77
C CYS F 1008 -22.19 -100.14 -31.86
N ASN F 1009 -21.79 -100.05 -33.14
CA ASN F 1009 -22.62 -100.42 -34.30
C ASN F 1009 -23.92 -99.62 -34.35
N HIS F 1010 -23.85 -98.34 -34.00
CA HIS F 1010 -25.01 -97.46 -33.99
C HIS F 1010 -24.75 -96.34 -34.98
N GLY F 1011 -25.67 -96.16 -35.93
CA GLY F 1011 -25.47 -95.30 -37.07
C GLY F 1011 -26.30 -94.04 -37.00
N MET F 1012 -25.66 -92.91 -37.25
CA MET F 1012 -26.32 -91.63 -37.46
C MET F 1012 -25.86 -91.07 -38.80
N HIS F 1013 -26.63 -90.11 -39.33
CA HIS F 1013 -26.18 -89.35 -40.48
C HIS F 1013 -24.94 -88.54 -40.12
N ALA F 1014 -24.21 -88.09 -41.14
CA ALA F 1014 -22.94 -87.41 -40.89
C ALA F 1014 -23.15 -86.07 -40.20
N GLY F 1015 -24.07 -85.25 -40.69
CA GLY F 1015 -24.31 -83.96 -40.06
C GLY F 1015 -24.95 -84.08 -38.70
N HIS F 1016 -25.89 -85.01 -38.54
CA HIS F 1016 -26.51 -85.23 -37.24
C HIS F 1016 -25.50 -85.74 -36.23
N ALA F 1017 -24.61 -86.64 -36.64
CA ALA F 1017 -23.58 -87.16 -35.75
C ALA F 1017 -22.58 -86.08 -35.38
N GLU F 1018 -22.20 -85.23 -36.33
CA GLU F 1018 -21.28 -84.14 -36.03
C GLU F 1018 -21.91 -83.14 -35.07
N GLU F 1019 -23.19 -82.83 -35.26
CA GLU F 1019 -23.87 -81.90 -34.37
C GLU F 1019 -24.08 -82.49 -32.98
N TRP F 1020 -24.31 -83.81 -32.90
CA TRP F 1020 -24.54 -84.44 -31.60
C TRP F 1020 -23.23 -84.62 -30.84
N PHE F 1021 -22.14 -84.93 -31.53
CA PHE F 1021 -20.84 -85.13 -30.90
C PHE F 1021 -20.06 -83.83 -30.77
N ASP F 1022 -20.55 -82.73 -31.31
CA ASP F 1022 -19.90 -81.45 -31.09
C ASP F 1022 -20.09 -80.95 -29.66
N ARG F 1023 -21.14 -81.41 -28.97
CA ARG F 1023 -21.41 -80.98 -27.60
C ARG F 1023 -21.57 -82.15 -26.64
N HIS F 1024 -21.30 -83.37 -27.08
CA HIS F 1024 -21.43 -84.55 -26.23
C HIS F 1024 -20.32 -85.52 -26.59
N ASN F 1025 -20.17 -86.55 -25.76
CA ASN F 1025 -19.20 -87.60 -26.04
C ASN F 1025 -19.78 -88.96 -25.70
N VAL F 1026 -21.05 -89.17 -26.03
CA VAL F 1026 -21.72 -90.43 -25.76
C VAL F 1026 -22.58 -90.81 -26.95
N CYS F 1027 -22.69 -92.12 -27.20
CA CYS F 1027 -23.51 -92.62 -28.29
C CYS F 1027 -24.99 -92.36 -27.98
N PRO F 1028 -25.77 -91.90 -28.96
CA PRO F 1028 -27.14 -91.48 -28.66
C PRO F 1028 -28.12 -92.62 -28.43
N THR F 1029 -27.84 -93.82 -28.91
CA THR F 1029 -28.77 -94.91 -28.74
C THR F 1029 -28.81 -95.36 -27.29
N PRO F 1030 -29.96 -95.77 -26.77
CA PRO F 1030 -30.02 -96.26 -25.39
C PRO F 1030 -29.28 -97.56 -25.21
N GLY F 1031 -28.71 -97.72 -24.02
CA GLY F 1031 -28.02 -98.95 -23.68
C GLY F 1031 -26.63 -99.09 -24.25
N CYS F 1032 -25.95 -97.98 -24.52
CA CYS F 1032 -24.60 -98.01 -25.05
C CYS F 1032 -23.72 -97.03 -24.28
N THR F 1033 -22.44 -97.36 -24.19
CA THR F 1033 -21.44 -96.49 -23.56
C THR F 1033 -20.20 -96.53 -24.44
N CYS F 1034 -20.13 -95.62 -25.41
CA CYS F 1034 -19.05 -95.62 -26.40
C CYS F 1034 -18.83 -94.19 -26.87
N GLN F 1035 -17.65 -93.65 -26.57
CA GLN F 1035 -17.29 -92.30 -27.01
C GLN F 1035 -16.76 -92.40 -28.44
N CYS F 1036 -17.68 -92.24 -29.40
CA CYS F 1036 -17.31 -92.41 -30.80
C CYS F 1036 -16.44 -91.26 -31.30
N ASN F 1037 -16.76 -90.04 -30.91
CA ASN F 1037 -16.07 -88.88 -31.45
C ASN F 1037 -15.86 -87.80 -30.39
N GLY G 2 7.45 16.87 29.19
CA GLY G 2 7.89 15.52 28.88
C GLY G 2 6.76 14.67 28.33
N LEU G 3 6.98 14.11 27.14
CA LEU G 3 5.99 13.25 26.49
C LEU G 3 6.71 12.05 25.90
N ILE G 4 6.42 10.87 26.43
CA ILE G 4 6.90 9.61 25.86
C ILE G 4 5.72 8.95 25.18
N LYS G 5 5.79 8.82 23.86
CA LYS G 5 4.71 8.24 23.07
C LYS G 5 5.22 6.98 22.40
N LYS G 6 4.51 5.87 22.61
CA LYS G 6 4.88 4.61 21.99
C LYS G 6 4.40 4.59 20.55
N VAL G 7 5.29 4.22 19.64
CA VAL G 7 5.01 4.24 18.21
C VAL G 7 5.16 2.82 17.68
N THR G 8 4.10 2.30 17.07
CA THR G 8 4.08 0.96 16.51
C THR G 8 4.01 1.05 14.99
N HIS G 9 3.90 -0.12 14.36
CA HIS G 9 3.76 -0.31 12.91
C HIS G 9 4.94 0.24 12.12
N TRP G 10 6.11 0.40 12.73
CA TRP G 10 7.28 0.91 12.03
C TRP G 10 8.38 -0.13 11.93
N SER G 11 8.84 -0.67 13.05
CA SER G 11 9.95 -1.61 13.04
C SER G 11 9.49 -2.99 12.64
N TYR G 12 10.33 -3.68 11.88
CA TYR G 12 10.07 -5.06 11.46
C TYR G 12 10.78 -6.07 12.36
N ASP G 13 11.74 -5.63 13.16
CA ASP G 13 12.43 -6.51 14.09
C ASP G 13 11.69 -6.46 15.43
N ASN G 14 12.27 -7.03 16.48
CA ASN G 14 11.64 -7.05 17.79
C ASN G 14 11.69 -5.71 18.51
N LEU G 15 12.41 -4.73 17.95
CA LEU G 15 12.57 -3.44 18.59
C LEU G 15 11.27 -2.64 18.54
N ILE G 16 11.04 -1.85 19.58
CA ILE G 16 9.86 -1.00 19.69
C ILE G 16 10.33 0.44 19.66
N ASP G 17 9.79 1.23 18.72
CA ASP G 17 10.18 2.61 18.58
C ASP G 17 9.51 3.47 19.63
N TYR G 18 10.15 4.60 19.96
CA TYR G 18 9.61 5.54 20.92
C TYR G 18 9.94 6.96 20.47
N LEU G 19 9.10 7.90 20.89
CA LEU G 19 9.33 9.31 20.64
C LEU G 19 9.30 10.04 21.96
N SER G 20 10.24 10.95 22.15
CA SER G 20 10.42 11.65 23.41
C SER G 20 10.52 13.15 23.16
N VAL G 21 10.02 13.91 24.12
CA VAL G 21 10.14 15.36 24.12
C VAL G 21 10.82 15.76 25.41
N ASN G 22 11.86 16.59 25.32
CA ASN G 22 12.61 17.01 26.48
C ASN G 22 11.74 17.85 27.41
N PRO G 23 12.05 17.87 28.71
CA PRO G 23 11.21 18.63 29.66
C PRO G 23 11.20 20.13 29.41
N THR G 24 12.20 20.65 28.71
CA THR G 24 12.17 22.06 28.32
C THR G 24 11.37 22.31 27.06
N ARG G 25 10.83 21.26 26.43
CA ARG G 25 9.95 21.32 25.26
C ARG G 25 10.65 22.00 24.08
N ASP G 26 11.76 21.41 23.65
CA ASP G 26 12.56 21.99 22.58
C ASP G 26 12.99 21.01 21.51
N GLU G 27 13.01 19.71 21.78
CA GLU G 27 13.48 18.75 20.80
C GLU G 27 12.62 17.50 20.82
N VAL G 28 12.63 16.78 19.71
CA VAL G 28 11.92 15.52 19.56
C VAL G 28 12.97 14.46 19.23
N THR G 29 13.03 13.42 20.06
CA THR G 29 14.06 12.39 19.97
C THR G 29 13.41 11.05 19.65
N HIS G 30 13.98 10.36 18.66
CA HIS G 30 13.50 9.05 18.24
C HIS G 30 14.41 7.98 18.84
N TYR G 31 13.82 7.04 19.55
CA TYR G 31 14.55 6.00 20.25
C TYR G 31 14.27 4.64 19.61
N LYS G 32 14.94 3.61 20.13
CA LYS G 32 14.73 2.25 19.69
C LYS G 32 15.11 1.34 20.84
N VAL G 33 14.14 0.58 21.35
CA VAL G 33 14.28 -0.17 22.59
C VAL G 33 14.15 -1.65 22.29
N ASP G 34 15.13 -2.43 22.73
CA ASP G 34 15.05 -3.88 22.64
C ASP G 34 14.42 -4.43 23.91
N PRO G 35 13.29 -5.11 23.82
CA PRO G 35 12.58 -5.51 25.05
C PRO G 35 13.22 -6.67 25.78
N GLU G 36 13.91 -7.56 25.05
CA GLU G 36 14.46 -8.76 25.67
C GLU G 36 15.69 -8.47 26.53
N ASN G 37 16.29 -7.29 26.38
CA ASN G 37 17.46 -6.90 27.16
C ASN G 37 17.03 -5.84 28.17
N GLU G 38 17.24 -6.13 29.45
CA GLU G 38 16.80 -5.26 30.53
C GLU G 38 17.85 -4.24 30.95
N SER G 39 18.99 -4.19 30.27
CA SER G 39 20.00 -3.20 30.59
C SER G 39 19.56 -1.82 30.13
N ASP G 40 20.14 -0.79 30.77
CA ASP G 40 19.85 0.59 30.39
C ASP G 40 20.51 0.98 29.07
N GLU G 41 21.41 0.17 28.55
CA GLU G 41 22.04 0.43 27.25
C GLU G 41 21.19 -0.05 26.09
N SER G 42 20.05 -0.68 26.35
CA SER G 42 19.17 -1.11 25.27
C SER G 42 18.46 0.05 24.60
N ILE G 43 18.36 1.20 25.25
CA ILE G 43 17.77 2.39 24.64
C ILE G 43 18.82 3.02 23.74
N ILE G 44 18.50 3.12 22.44
CA ILE G 44 19.42 3.65 21.44
C ILE G 44 18.86 4.97 20.93
N LYS G 45 19.58 6.05 21.16
CA LYS G 45 19.20 7.35 20.63
C LYS G 45 19.60 7.44 19.16
N LEU G 46 18.65 7.76 18.29
CA LEU G 46 18.87 7.74 16.86
C LEU G 46 18.97 9.13 16.24
N HIS G 47 17.95 9.97 16.44
CA HIS G 47 17.93 11.27 15.80
C HIS G 47 17.26 12.27 16.73
N THR G 48 17.55 13.55 16.50
CA THR G 48 16.99 14.61 17.32
C THR G 48 16.77 15.86 16.48
N VAL G 49 15.52 16.28 16.34
CA VAL G 49 15.17 17.50 15.65
C VAL G 49 15.02 18.60 16.70
N LYS G 50 15.83 19.66 16.58
CA LYS G 50 15.95 20.65 17.64
C LYS G 50 15.28 21.99 17.34
N ASP G 51 14.83 22.22 16.12
CA ASP G 51 14.26 23.52 15.74
C ASP G 51 12.79 23.56 16.12
N PHE G 52 12.54 23.75 17.42
CA PHE G 52 11.18 23.83 17.94
C PHE G 52 11.09 24.90 19.00
N GLY G 53 10.00 25.65 18.99
CA GLY G 53 9.79 26.69 19.98
C GLY G 53 9.28 26.17 21.31
N SER G 54 8.06 25.61 21.31
CA SER G 54 7.47 25.09 22.55
C SER G 54 6.42 24.05 22.15
N ILE G 55 6.79 22.77 22.27
CA ILE G 55 5.92 21.68 21.85
C ILE G 55 4.75 21.53 22.82
N THR G 56 3.54 21.47 22.28
CA THR G 56 2.35 21.22 23.08
C THR G 56 1.70 19.87 22.83
N CYS G 57 1.83 19.32 21.62
CA CYS G 57 1.25 18.01 21.31
C CYS G 57 2.09 17.35 20.24
N LEU G 58 1.97 16.02 20.17
CA LEU G 58 2.75 15.22 19.23
C LEU G 58 1.92 14.04 18.78
N ASP G 59 2.12 13.65 17.52
CA ASP G 59 1.42 12.51 16.95
C ASP G 59 2.28 11.91 15.85
N TYR G 60 1.98 10.66 15.50
CA TYR G 60 2.75 9.93 14.51
C TYR G 60 1.80 9.32 13.47
N SER G 61 2.38 8.84 12.39
CA SER G 61 1.64 8.24 11.29
C SER G 61 1.96 6.75 11.22
N GLU G 62 0.91 5.93 11.26
CA GLU G 62 1.11 4.48 11.28
C GLU G 62 1.45 3.92 9.91
N SER G 63 0.86 4.48 8.84
CA SER G 63 1.04 3.91 7.51
C SER G 63 2.43 4.16 6.96
N GLU G 64 2.92 5.39 7.07
CA GLU G 64 4.21 5.79 6.52
C GLU G 64 5.22 5.92 7.64
N ILE G 65 6.37 5.28 7.46
CA ILE G 65 7.37 5.22 8.52
C ILE G 65 8.11 6.55 8.60
N GLY G 66 8.12 7.13 9.80
CA GLY G 66 8.91 8.30 10.09
C GLY G 66 8.14 9.60 10.14
N MET G 67 6.92 9.64 9.61
CA MET G 67 6.17 10.89 9.51
C MET G 67 5.62 11.24 10.89
N ILE G 68 6.11 12.35 11.46
CA ILE G 68 5.78 12.75 12.82
C ILE G 68 5.32 14.20 12.78
N GLY G 69 4.12 14.45 13.30
CA GLY G 69 3.61 15.81 13.43
C GLY G 69 3.84 16.32 14.85
N VAL G 70 4.19 17.61 14.95
CA VAL G 70 4.47 18.24 16.23
C VAL G 70 3.76 19.59 16.26
N GLY G 71 2.91 19.79 17.27
CA GLY G 71 2.26 21.07 17.45
C GLY G 71 3.08 22.00 18.31
N GLU G 72 2.64 23.26 18.37
CA GLU G 72 3.37 24.29 19.10
C GLU G 72 2.38 25.30 19.67
N LYS G 73 2.83 26.02 20.69
CA LYS G 73 1.95 27.00 21.35
C LYS G 73 1.75 28.24 20.52
N ASN G 74 2.70 28.57 19.64
CA ASN G 74 2.52 29.74 18.78
C ASN G 74 1.50 29.47 17.69
N GLY G 75 1.46 28.24 17.18
CA GLY G 75 0.46 27.87 16.19
C GLY G 75 1.01 27.11 15.00
N TYR G 76 2.32 26.85 15.01
CA TYR G 76 2.98 26.22 13.88
C TYR G 76 2.99 24.71 14.08
N LEU G 77 2.23 24.01 13.25
CA LEU G 77 2.30 22.56 13.17
C LEU G 77 3.35 22.17 12.15
N ARG G 78 4.29 21.33 12.56
CA ARG G 78 5.38 20.89 11.70
C ARG G 78 5.24 19.40 11.43
N ILE G 79 5.11 19.04 10.16
CA ILE G 79 5.04 17.65 9.73
C ILE G 79 6.33 17.35 8.98
N PHE G 80 7.05 16.33 9.43
CA PHE G 80 8.38 16.05 8.90
C PHE G 80 8.65 14.56 9.01
N ASN G 81 9.90 14.18 8.74
CA ASN G 81 10.33 12.80 8.81
C ASN G 81 11.58 12.73 9.69
N ILE G 82 11.80 11.56 10.28
CA ILE G 82 12.97 11.31 11.11
C ILE G 82 13.75 10.10 10.62
N SER G 83 13.09 8.96 10.46
CA SER G 83 13.76 7.75 10.00
C SER G 83 14.05 7.82 8.51
N TYR G 140 10.47 14.75 4.37
CA TYR G 140 10.61 16.17 4.08
C TYR G 140 10.42 16.99 5.35
N ASP G 141 10.00 18.24 5.18
CA ASP G 141 9.77 19.12 6.32
C ASP G 141 8.84 20.24 5.87
N ILE G 142 7.63 20.27 6.42
CA ILE G 142 6.63 21.28 6.07
C ILE G 142 6.06 21.87 7.34
N ARG G 143 5.86 23.18 7.34
CA ARG G 143 5.25 23.90 8.44
C ARG G 143 3.89 24.42 8.00
N VAL G 144 2.85 24.14 8.78
CA VAL G 144 1.50 24.55 8.46
C VAL G 144 0.87 25.22 9.67
N ARG G 145 -0.20 25.96 9.41
CA ARG G 145 -0.92 26.69 10.46
C ARG G 145 -2.33 26.96 9.96
N ALA G 146 -3.19 27.36 10.88
CA ALA G 146 -4.57 27.68 10.52
C ALA G 146 -4.64 29.04 9.82
N LYS G 147 -5.81 29.33 9.27
CA LYS G 147 -6.04 30.63 8.64
C LYS G 147 -5.96 31.76 9.65
N LYS G 148 -6.52 31.55 10.85
CA LYS G 148 -6.35 32.45 11.97
C LYS G 148 -5.43 31.77 12.98
N GLN G 149 -4.27 32.37 13.22
CA GLN G 149 -3.25 31.70 14.01
C GLN G 149 -3.59 31.71 15.49
N ARG G 150 -3.53 30.54 16.11
CA ARG G 150 -3.79 30.37 17.53
C ARG G 150 -3.14 29.07 17.98
N CYS G 151 -3.12 28.86 19.29
CA CYS G 151 -2.38 27.75 19.89
C CYS G 151 -2.98 26.40 19.51
N ILE G 152 -2.11 25.42 19.30
CA ILE G 152 -2.50 24.06 18.95
C ILE G 152 -2.49 23.21 20.20
N ASN G 153 -3.63 22.57 20.50
CA ASN G 153 -3.77 21.74 21.69
C ASN G 153 -3.60 20.25 21.40
N SER G 154 -4.23 19.74 20.34
CA SER G 154 -4.19 18.33 20.02
C SER G 154 -3.82 18.14 18.56
N LEU G 155 -3.57 16.88 18.20
CA LEU G 155 -3.15 16.52 16.85
C LEU G 155 -3.44 15.05 16.61
N GLY G 156 -3.93 14.73 15.41
CA GLY G 156 -4.18 13.35 15.06
C GLY G 156 -3.86 13.06 13.60
N ILE G 157 -3.20 11.94 13.36
CA ILE G 157 -2.93 11.46 12.01
C ILE G 157 -3.61 10.12 11.85
N ASN G 158 -4.47 10.00 10.84
CA ASN G 158 -5.23 8.79 10.62
C ASN G 158 -4.39 7.75 9.88
N THR G 159 -4.97 6.58 9.68
CA THR G 159 -4.25 5.52 8.97
C THR G 159 -4.12 5.82 7.48
N ASN G 160 -5.16 6.42 6.88
CA ASN G 160 -5.14 6.78 5.47
C ASN G 160 -4.57 8.17 5.22
N GLY G 161 -3.77 8.69 6.14
CA GLY G 161 -3.07 9.94 5.95
C GLY G 161 -3.88 11.19 6.24
N LEU G 162 -5.13 11.07 6.66
CA LEU G 162 -5.93 12.22 7.04
C LEU G 162 -5.40 12.82 8.33
N ILE G 163 -5.26 14.15 8.36
CA ILE G 163 -4.67 14.85 9.50
C ILE G 163 -5.71 15.77 10.10
N ALA G 164 -5.96 15.60 11.39
CA ALA G 164 -6.82 16.50 12.15
C ALA G 164 -5.97 17.40 13.04
N MET G 165 -6.63 18.37 13.67
CA MET G 165 -5.92 19.36 14.47
C MET G 165 -6.89 20.00 15.44
N GLY G 166 -6.49 20.15 16.69
CA GLY G 166 -7.26 20.84 17.70
C GLY G 166 -6.62 22.17 18.05
N LEU G 167 -7.41 23.23 17.96
CA LEU G 167 -6.94 24.59 18.15
C LEU G 167 -7.61 25.20 19.38
N ASP G 168 -7.32 26.47 19.62
CA ASP G 168 -7.97 27.21 20.71
C ASP G 168 -9.30 27.76 20.21
N ARG G 169 -9.92 28.62 21.02
CA ARG G 169 -11.23 29.17 20.71
C ARG G 169 -11.07 30.45 19.89
N ASN G 170 -11.64 30.45 18.68
CA ASN G 170 -11.74 31.64 17.86
C ASN G 170 -13.15 31.76 17.31
N LYS G 171 -13.70 32.97 17.35
CA LYS G 171 -15.10 33.18 17.00
C LYS G 171 -15.36 33.20 15.50
N HIS G 172 -14.31 33.19 14.67
CA HIS G 172 -14.48 33.25 13.22
C HIS G 172 -13.79 32.08 12.53
N ASP G 173 -13.50 31.01 13.26
CA ASP G 173 -12.78 29.88 12.68
C ASP G 173 -13.16 28.60 13.40
N SER G 174 -12.91 27.49 12.73
CA SER G 174 -13.20 26.17 13.26
C SER G 174 -12.00 25.63 14.03
N SER G 175 -12.27 25.03 15.18
CA SER G 175 -11.22 24.47 16.03
C SER G 175 -10.92 23.00 15.74
N LEU G 176 -11.69 22.36 14.87
CA LEU G 176 -11.43 20.99 14.45
C LEU G 176 -11.27 21.02 12.94
N GLN G 177 -10.02 21.17 12.49
CA GLN G 177 -9.70 21.22 11.07
C GLN G 177 -9.14 19.87 10.65
N ILE G 178 -9.83 19.22 9.71
CA ILE G 178 -9.40 17.94 9.18
C ILE G 178 -9.07 18.14 7.71
N TRP G 179 -7.85 17.79 7.33
CA TRP G 179 -7.38 18.00 5.96
C TRP G 179 -6.36 16.92 5.62
N ASP G 180 -6.10 16.79 4.32
CA ASP G 180 -5.11 15.83 3.82
C ASP G 180 -3.93 16.59 3.24
N MET G 181 -2.73 16.08 3.47
CA MET G 181 -1.52 16.76 3.04
C MET G 181 -1.24 16.58 1.55
N ASN G 182 -1.82 15.57 0.91
CA ASN G 182 -1.58 15.38 -0.52
C ASN G 182 -2.33 16.40 -1.37
N TYR G 183 -3.44 16.93 -0.87
CA TYR G 183 -4.22 17.92 -1.58
C TYR G 183 -4.04 19.30 -0.95
N HIS G 184 -2.83 19.57 -0.48
CA HIS G 184 -2.49 20.82 0.19
C HIS G 184 -1.56 21.62 -0.70
N ASP G 185 -1.89 22.89 -0.92
CA ASP G 185 -1.05 23.76 -1.74
C ASP G 185 0.25 24.05 -1.01
N ASP G 186 1.37 23.74 -1.65
CA ASP G 186 2.67 23.86 -0.99
C ASP G 186 3.21 25.28 -0.98
N SER G 187 2.56 26.21 -1.67
CA SER G 187 3.02 27.59 -1.76
C SER G 187 2.51 28.46 -0.62
N HIS G 188 1.67 27.93 0.25
CA HIS G 188 1.09 28.70 1.34
C HIS G 188 1.26 27.95 2.66
N GLU G 189 1.46 28.72 3.73
CA GLU G 189 1.58 28.13 5.06
C GLU G 189 0.21 27.69 5.59
N THR G 190 -0.86 28.35 5.17
CA THR G 190 -2.18 28.03 5.68
C THR G 190 -2.67 26.72 5.11
N ILE G 191 -3.69 26.15 5.76
CA ILE G 191 -4.28 24.88 5.37
C ILE G 191 -5.72 25.13 4.94
N ASN G 192 -6.13 24.46 3.86
CA ASN G 192 -7.51 24.49 3.44
C ASN G 192 -8.16 23.19 3.91
N PRO G 193 -9.04 23.23 4.91
CA PRO G 193 -9.56 22.00 5.49
C PRO G 193 -10.64 21.36 4.63
N MET G 194 -10.58 20.03 4.52
CA MET G 194 -11.66 19.29 3.89
C MET G 194 -12.93 19.37 4.72
N PHE G 195 -12.81 19.22 6.04
CA PHE G 195 -13.94 19.22 6.95
C PHE G 195 -13.67 20.18 8.10
N SER G 196 -14.61 21.08 8.37
CA SER G 196 -14.50 22.06 9.44
C SER G 196 -15.61 21.81 10.45
N TYR G 197 -15.24 21.72 11.72
CA TYR G 197 -16.20 21.47 12.78
C TYR G 197 -15.83 22.34 13.98
N CYS G 198 -16.80 22.48 14.89
CA CYS G 198 -16.62 23.06 16.22
C CYS G 198 -16.19 24.53 16.15
N THR G 199 -17.01 25.32 15.49
CA THR G 199 -16.78 26.76 15.48
C THR G 199 -17.15 27.36 16.83
N ASN G 200 -16.41 28.41 17.21
CA ASN G 200 -16.54 29.09 18.50
C ASN G 200 -16.39 28.13 19.67
N GLU G 201 -15.41 27.24 19.58
CA GLU G 201 -15.14 26.26 20.63
C GLU G 201 -13.64 26.06 20.74
N SER G 202 -13.21 25.44 21.84
CA SER G 202 -11.80 25.21 22.13
C SER G 202 -11.57 23.72 22.33
N ILE G 203 -11.12 23.04 21.29
CA ILE G 203 -10.84 21.61 21.38
C ILE G 203 -9.49 21.40 22.07
N VAL G 204 -9.48 20.58 23.11
CA VAL G 204 -8.28 20.35 23.90
C VAL G 204 -7.65 18.99 23.65
N SER G 205 -8.43 17.98 23.25
CA SER G 205 -7.86 16.67 22.98
C SER G 205 -8.73 15.96 21.95
N LEU G 206 -8.08 15.21 21.05
CA LEU G 206 -8.79 14.46 20.02
C LEU G 206 -8.03 13.19 19.69
N LYS G 207 -8.75 12.23 19.11
CA LYS G 207 -8.17 10.96 18.72
C LYS G 207 -9.00 10.37 17.60
N PHE G 208 -8.34 9.85 16.56
CA PHE G 208 -9.02 9.23 15.44
C PHE G 208 -9.47 7.83 15.82
N LEU G 209 -10.78 7.61 15.83
CA LEU G 209 -11.31 6.28 16.14
C LEU G 209 -11.15 5.34 14.96
N ASN G 210 -11.76 5.70 13.84
CA ASN G 210 -11.78 4.90 12.62
C ASN G 210 -11.11 5.69 11.49
N ASP G 211 -11.23 5.17 10.27
CA ASP G 211 -10.75 5.89 9.10
C ASP G 211 -11.60 7.10 8.75
N THR G 212 -12.77 7.25 9.35
CA THR G 212 -13.64 8.38 9.08
C THR G 212 -14.12 9.13 10.32
N SER G 213 -14.15 8.50 11.49
CA SER G 213 -14.70 9.11 12.69
C SER G 213 -13.59 9.58 13.61
N VAL G 214 -13.81 10.72 14.27
CA VAL G 214 -12.87 11.29 15.20
C VAL G 214 -13.60 11.62 16.49
N LEU G 215 -12.93 11.39 17.63
CA LEU G 215 -13.49 11.64 18.96
C LEU G 215 -12.80 12.86 19.53
N ALA G 216 -13.51 13.99 19.57
CA ALA G 216 -12.94 15.27 19.97
C ALA G 216 -13.53 15.73 21.29
N ALA G 217 -12.70 16.35 22.11
CA ALA G 217 -13.11 16.87 23.41
C ALA G 217 -12.85 18.37 23.45
N SER G 218 -13.89 19.12 23.76
CA SER G 218 -13.78 20.56 23.95
C SER G 218 -13.64 20.88 25.43
N THR G 219 -13.75 22.16 25.78
CA THR G 219 -13.69 22.57 27.17
C THR G 219 -14.97 22.29 27.94
N LYS G 220 -16.09 22.06 27.25
CA LYS G 220 -17.35 21.82 27.92
C LYS G 220 -18.19 20.75 27.24
N PHE G 221 -17.62 19.96 26.33
CA PHE G 221 -18.37 18.94 25.62
C PHE G 221 -17.44 17.80 25.23
N LEU G 222 -18.04 16.68 24.86
CA LEU G 222 -17.29 15.52 24.39
C LEU G 222 -18.06 14.91 23.22
N LYS G 223 -17.46 14.95 22.04
CA LYS G 223 -18.16 14.67 20.80
C LYS G 223 -17.43 13.60 20.00
N GLU G 224 -18.20 12.86 19.20
CA GLU G 224 -17.68 11.95 18.19
C GLU G 224 -18.23 12.43 16.86
N ILE G 225 -17.35 12.98 16.02
CA ILE G 225 -17.75 13.62 14.77
C ILE G 225 -17.29 12.76 13.61
N ASP G 226 -18.24 12.35 12.77
CA ASP G 226 -17.95 11.64 11.55
C ASP G 226 -17.81 12.62 10.41
N VAL G 227 -16.82 12.39 9.54
CA VAL G 227 -16.59 13.28 8.41
C VAL G 227 -17.63 13.13 7.31
N ARG G 228 -18.44 12.07 7.36
CA ARG G 228 -19.45 11.82 6.35
C ARG G 228 -20.81 12.43 6.70
N SER G 229 -20.91 13.18 7.80
CA SER G 229 -22.15 13.83 8.16
C SER G 229 -21.84 15.15 8.87
N PRO G 230 -22.55 16.23 8.55
CA PRO G 230 -22.29 17.52 9.21
C PRO G 230 -22.89 17.63 10.61
N ASN G 231 -23.60 16.61 11.07
CA ASN G 231 -24.20 16.59 12.39
C ASN G 231 -23.42 15.59 13.25
N PRO G 232 -22.88 15.97 14.40
CA PRO G 232 -22.15 15.01 15.23
C PRO G 232 -23.04 13.91 15.77
N ILE G 233 -22.42 12.75 16.03
CA ILE G 233 -23.17 11.57 16.45
C ILE G 233 -23.74 11.76 17.85
N TYR G 234 -22.94 12.27 18.79
CA TYR G 234 -23.44 12.58 20.11
C TYR G 234 -22.63 13.70 20.74
N GLN G 235 -23.24 14.37 21.72
CA GLN G 235 -22.57 15.42 22.48
C GLN G 235 -22.96 15.25 23.94
N HIS G 236 -22.03 14.79 24.76
CA HIS G 236 -22.30 14.57 26.18
C HIS G 236 -21.61 15.64 26.99
N PRO G 237 -22.33 16.47 27.74
CA PRO G 237 -21.70 17.55 28.52
C PRO G 237 -21.00 17.01 29.75
N THR G 238 -19.67 17.08 29.74
CA THR G 238 -18.89 16.66 30.90
C THR G 238 -17.65 17.54 31.00
N ARG G 239 -17.15 17.68 32.21
CA ARG G 239 -15.99 18.52 32.48
C ARG G 239 -14.68 17.74 32.44
N LEU G 240 -14.74 16.41 32.38
CA LEU G 240 -13.55 15.58 32.33
C LEU G 240 -13.19 15.30 30.88
N THR G 241 -12.79 16.36 30.18
CA THR G 241 -12.50 16.31 28.76
C THR G 241 -11.06 16.75 28.53
N TYR G 242 -10.16 15.78 28.58
CA TYR G 242 -8.73 15.99 28.40
C TYR G 242 -8.18 14.74 27.73
N ASP G 243 -6.87 14.51 27.84
CA ASP G 243 -6.10 13.57 27.01
C ASP G 243 -6.73 12.20 26.84
N ILE G 244 -7.14 11.90 25.61
CA ILE G 244 -7.90 10.70 25.31
C ILE G 244 -6.92 9.59 24.92
N LYS G 245 -7.01 8.46 25.62
CA LYS G 245 -6.22 7.28 25.31
C LYS G 245 -7.19 6.14 25.07
N LEU G 246 -7.32 5.71 23.82
CA LEU G 246 -8.14 4.56 23.50
C LEU G 246 -7.51 3.30 24.07
N ASN G 247 -8.37 2.37 24.47
CA ASN G 247 -7.90 1.07 24.95
C ASN G 247 -7.42 0.27 23.75
N PRO G 248 -6.16 -0.20 23.74
CA PRO G 248 -5.67 -0.95 22.58
C PRO G 248 -6.35 -2.30 22.36
N PHE G 249 -7.06 -2.83 23.35
CA PHE G 249 -7.72 -4.13 23.21
C PHE G 249 -9.22 -4.01 23.01
N ASN G 250 -9.81 -2.85 23.24
CA ASN G 250 -11.25 -2.67 23.06
C ASN G 250 -11.48 -1.20 22.71
N ASP G 251 -11.77 -0.94 21.44
CA ASP G 251 -11.85 0.42 20.93
C ASP G 251 -13.05 1.19 21.47
N TRP G 252 -14.02 0.52 22.08
CA TRP G 252 -15.19 1.20 22.62
C TRP G 252 -14.92 1.90 23.94
N GLN G 253 -13.75 1.70 24.54
CA GLN G 253 -13.41 2.24 25.85
C GLN G 253 -12.29 3.25 25.71
N PHE G 254 -12.52 4.46 26.23
CA PHE G 254 -11.49 5.48 26.28
C PHE G 254 -11.54 6.13 27.65
N SER G 255 -10.43 6.77 28.04
CA SER G 255 -10.31 7.31 29.38
C SER G 255 -9.69 8.70 29.34
N THR G 256 -10.42 9.68 29.86
CA THR G 256 -9.96 11.05 29.99
C THR G 256 -9.95 11.45 31.46
N TYR G 257 -9.30 12.58 31.74
CA TYR G 257 -9.39 13.16 33.07
C TYR G 257 -9.78 14.63 33.00
N GLY G 258 -9.71 15.33 34.13
CA GLY G 258 -10.24 16.68 34.19
C GLY G 258 -9.33 17.70 34.84
N ASP G 259 -9.88 18.88 35.15
CA ASP G 259 -9.07 19.92 35.77
C ASP G 259 -8.77 19.62 37.23
N ASP G 260 -9.69 18.94 37.92
CA ASP G 260 -9.51 18.59 39.32
C ASP G 260 -8.75 17.28 39.51
N GLY G 261 -8.21 16.71 38.44
CA GLY G 261 -7.49 15.45 38.53
C GLY G 261 -8.36 14.21 38.53
N THR G 262 -9.66 14.36 38.28
CA THR G 262 -10.59 13.24 38.36
C THR G 262 -10.50 12.43 37.07
N LEU G 263 -10.00 11.20 37.18
CA LEU G 263 -9.93 10.32 36.02
C LEU G 263 -11.25 9.61 35.80
N ALA G 264 -11.57 9.35 34.54
CA ALA G 264 -12.83 8.70 34.19
C ALA G 264 -12.62 7.81 32.98
N ILE G 265 -13.05 6.56 33.10
CA ILE G 265 -13.03 5.60 31.99
C ILE G 265 -14.43 5.54 31.41
N TRP G 266 -14.54 5.76 30.10
CA TRP G 266 -15.83 5.89 29.43
C TRP G 266 -16.09 4.70 28.51
N ASP G 267 -17.35 4.59 28.11
CA ASP G 267 -17.75 3.71 27.02
C ASP G 267 -18.52 4.55 26.01
N ARG G 268 -18.20 4.40 24.73
CA ARG G 268 -18.85 5.19 23.69
C ARG G 268 -20.30 4.81 23.50
N ARG G 269 -20.65 3.54 23.75
CA ARG G 269 -22.02 3.10 23.54
C ARG G 269 -22.98 3.69 24.56
N LYS G 270 -22.53 3.87 25.80
CA LYS G 270 -23.35 4.52 26.81
C LYS G 270 -23.62 5.98 26.47
N LEU G 271 -22.60 6.66 25.92
CA LEU G 271 -22.79 8.04 25.47
C LEU G 271 -23.66 8.11 24.22
N SER G 272 -23.61 7.07 23.38
CA SER G 272 -24.42 7.05 22.17
C SER G 272 -25.90 6.87 22.51
N ASP G 273 -26.20 5.94 23.41
CA ASP G 273 -27.56 5.64 23.89
C ASP G 273 -28.55 5.31 22.76
N ALA G 283 -26.08 8.72 30.77
CA ALA G 283 -24.78 8.63 30.11
C ALA G 283 -23.66 8.87 31.11
N SER G 284 -23.67 8.10 32.19
CA SER G 284 -22.65 8.22 33.22
C SER G 284 -21.33 7.60 32.76
N PRO G 285 -20.21 8.08 33.29
CA PRO G 285 -18.93 7.40 33.04
C PRO G 285 -18.92 6.00 33.66
N LEU G 286 -18.17 5.10 33.02
CA LEU G 286 -18.10 3.73 33.50
C LEU G 286 -17.34 3.63 34.81
N LEU G 287 -16.34 4.48 35.01
CA LEU G 287 -15.60 4.57 36.25
C LEU G 287 -15.28 6.03 36.53
N THR G 288 -15.01 6.34 37.80
CA THR G 288 -14.64 7.70 38.20
C THR G 288 -13.74 7.61 39.43
N PHE G 289 -12.49 8.00 39.26
CA PHE G 289 -11.52 8.05 40.36
C PHE G 289 -11.32 9.50 40.76
N GLU G 290 -11.58 9.82 42.02
CA GLU G 290 -11.48 11.20 42.49
C GLU G 290 -10.02 11.53 42.81
N LYS G 291 -9.48 12.51 42.09
CA LYS G 291 -8.13 13.06 42.30
C LYS G 291 -7.06 11.97 42.16
N LEU G 292 -7.02 11.36 40.97
CA LEU G 292 -6.03 10.34 40.66
C LEU G 292 -4.81 10.89 39.94
N VAL G 293 -4.98 11.91 39.10
CA VAL G 293 -3.88 12.47 38.32
C VAL G 293 -3.66 13.91 38.73
N GLY G 294 -2.69 14.58 38.11
CA GLY G 294 -2.37 15.94 38.50
C GLY G 294 -3.47 16.91 38.12
N SER G 295 -3.67 17.90 38.97
CA SER G 295 -4.73 18.89 38.79
C SER G 295 -4.24 20.00 37.87
N GLY G 296 -5.03 21.06 37.76
CA GLY G 296 -4.66 22.22 36.95
C GLY G 296 -4.55 21.97 35.47
N ALA G 297 -5.52 21.26 34.89
CA ALA G 297 -5.43 20.90 33.48
C ALA G 297 -5.73 22.08 32.56
N ALA G 298 -6.59 23.01 32.98
CA ALA G 298 -6.87 24.18 32.15
C ALA G 298 -5.75 25.20 32.16
N SER G 299 -5.04 25.33 33.29
CA SER G 299 -4.04 26.39 33.39
C SER G 299 -2.78 26.06 32.60
N ARG G 300 -2.31 24.82 32.69
CA ARG G 300 -1.03 24.43 32.11
C ARG G 300 -1.25 23.64 30.83
N LYS G 301 -0.59 24.07 29.75
CA LYS G 301 -0.68 23.39 28.46
C LYS G 301 0.45 22.38 28.26
N TYR G 302 1.39 22.29 29.19
CA TYR G 302 2.47 21.31 29.12
C TYR G 302 2.31 20.36 30.30
N MET G 303 1.52 19.30 30.10
CA MET G 303 1.24 18.35 31.17
C MET G 303 1.82 16.99 30.83
N ASN G 304 2.50 16.39 31.79
CA ASN G 304 3.03 15.05 31.61
C ASN G 304 1.91 14.03 31.67
N SER G 305 2.14 12.90 31.00
CA SER G 305 1.17 11.81 30.97
C SER G 305 1.52 10.84 32.09
N CYS G 306 0.74 10.87 33.16
CA CYS G 306 0.94 9.97 34.30
C CYS G 306 -0.05 8.82 34.32
N PHE G 307 -0.90 8.70 33.29
CA PHE G 307 -1.85 7.60 33.19
C PHE G 307 -1.72 6.96 31.82
N ARG G 308 -1.55 5.64 31.80
CA ARG G 308 -1.38 4.89 30.56
C ARG G 308 -2.24 3.64 30.60
N TRP G 309 -2.85 3.31 29.46
CA TRP G 309 -3.51 2.03 29.31
C TRP G 309 -2.46 0.93 29.14
N SER G 310 -2.90 -0.31 29.25
CA SER G 310 -2.00 -1.45 29.21
C SER G 310 -1.99 -2.06 27.83
N CYS G 311 -0.81 -2.17 27.24
CA CYS G 311 -0.63 -2.80 25.95
C CYS G 311 -0.08 -4.21 26.06
N VAL G 312 -0.10 -4.78 27.26
CA VAL G 312 0.30 -6.16 27.46
C VAL G 312 -0.87 -7.09 27.78
N ARG G 313 -1.93 -6.57 28.39
CA ARG G 313 -3.12 -7.37 28.68
C ARG G 313 -4.30 -6.43 28.85
N ASN G 314 -5.50 -7.00 28.80
CA ASN G 314 -6.73 -6.21 28.83
C ASN G 314 -7.15 -5.89 30.27
N ASN G 315 -7.98 -4.85 30.38
CA ASN G 315 -8.57 -4.40 31.65
C ASN G 315 -7.50 -4.05 32.69
N GLU G 316 -6.58 -3.17 32.30
CA GLU G 316 -5.49 -2.77 33.16
C GLU G 316 -5.00 -1.39 32.76
N PHE G 317 -4.57 -0.61 33.75
CA PHE G 317 -3.93 0.66 33.48
C PHE G 317 -2.99 1.02 34.63
N ALA G 318 -1.93 1.75 34.30
CA ALA G 318 -0.92 2.18 35.24
C ALA G 318 -1.06 3.66 35.54
N THR G 319 -1.02 4.03 36.82
CA THR G 319 -1.03 5.42 37.24
C THR G 319 0.21 5.70 38.06
N LEU G 320 0.91 6.79 37.73
CA LEU G 320 2.14 7.17 38.41
C LEU G 320 1.82 8.26 39.43
N HIS G 321 2.19 8.02 40.68
CA HIS G 321 1.83 8.91 41.79
C HIS G 321 3.07 9.44 42.47
N ARG G 322 3.18 10.77 42.53
CA ARG G 322 4.24 11.51 43.23
C ARG G 322 5.64 11.17 42.72
N GLY G 323 5.75 10.68 41.49
CA GLY G 323 7.04 10.39 40.89
C GLY G 323 7.81 9.25 41.53
N ASP G 324 7.17 8.43 42.34
CA ASP G 324 7.86 7.36 43.05
C ASP G 324 7.26 5.99 42.81
N THR G 325 5.94 5.88 42.75
CA THR G 325 5.28 4.58 42.65
C THR G 325 4.32 4.57 41.46
N ILE G 326 4.17 3.38 40.88
CA ILE G 326 3.27 3.16 39.75
C ILE G 326 2.21 2.16 40.21
N LYS G 327 0.95 2.58 40.18
CA LYS G 327 -0.16 1.74 40.60
C LYS G 327 -0.76 1.06 39.38
N ARG G 328 -0.64 -0.26 39.32
CA ARG G 328 -1.18 -1.04 38.21
C ARG G 328 -2.57 -1.53 38.59
N TRP G 329 -3.57 -0.71 38.29
CA TRP G 329 -4.95 -1.08 38.60
C TRP G 329 -5.42 -2.13 37.61
N ARG G 330 -5.98 -3.22 38.12
CA ARG G 330 -6.58 -4.26 37.30
C ARG G 330 -8.08 -4.28 37.53
N LEU G 331 -8.84 -4.26 36.43
CA LEU G 331 -10.28 -4.10 36.50
C LEU G 331 -11.00 -5.43 36.29
N GLY G 332 -12.23 -5.49 36.78
CA GLY G 332 -13.09 -6.63 36.56
C GLY G 332 -14.39 -6.18 35.93
N TYR G 333 -14.97 -7.06 35.12
CA TYR G 333 -16.13 -6.72 34.31
C TYR G 333 -17.20 -7.78 34.47
N TYR G 334 -18.45 -7.33 34.39
CA TYR G 334 -19.60 -8.23 34.36
C TYR G 334 -20.66 -7.67 33.44
N CYS G 335 -21.31 -8.54 32.68
CA CYS G 335 -22.33 -8.14 31.72
C CYS G 335 -23.71 -8.31 32.36
N ASP G 336 -24.49 -7.23 32.37
CA ASP G 336 -25.82 -7.25 32.98
C ASP G 336 -26.81 -7.83 31.98
N SER G 337 -26.88 -9.16 31.96
CA SER G 337 -27.78 -9.87 31.06
C SER G 337 -28.43 -11.06 31.77
N ASN G 350 -24.47 -5.37 25.85
CA ASN G 350 -23.12 -5.93 25.79
C ASN G 350 -22.11 -4.98 26.43
N ILE G 351 -22.60 -3.94 27.09
CA ILE G 351 -21.73 -2.99 27.77
C ILE G 351 -21.29 -3.61 29.08
N GLU G 352 -19.98 -3.76 29.26
CA GLU G 352 -19.42 -4.38 30.45
C GLU G 352 -19.27 -3.33 31.54
N ASN G 353 -20.03 -3.48 32.62
CA ASN G 353 -19.86 -2.60 33.77
C ASN G 353 -18.56 -2.95 34.48
N LEU G 354 -17.83 -1.93 34.91
CA LEU G 354 -16.48 -2.10 35.41
C LEU G 354 -16.40 -1.76 36.90
N PHE G 355 -15.50 -2.44 37.58
CA PHE G 355 -15.16 -2.16 38.97
C PHE G 355 -13.72 -2.58 39.20
N VAL G 356 -13.11 -2.01 40.24
CA VAL G 356 -11.69 -2.23 40.50
C VAL G 356 -11.51 -3.53 41.27
N SER G 357 -10.62 -4.40 40.79
CA SER G 357 -10.35 -5.67 41.45
C SER G 357 -9.09 -5.62 42.31
N SER G 358 -7.95 -5.25 41.71
CA SER G 358 -6.70 -5.24 42.46
C SER G 358 -5.82 -4.11 41.97
N VAL G 359 -5.08 -3.50 42.90
CA VAL G 359 -4.11 -2.46 42.61
C VAL G 359 -2.74 -2.94 43.08
N HIS G 360 -1.74 -2.85 42.21
CA HIS G 360 -0.39 -3.30 42.50
C HIS G 360 0.55 -2.11 42.45
N ASP G 361 1.33 -1.92 43.50
CA ASP G 361 2.24 -0.78 43.61
C ASP G 361 3.66 -1.22 43.33
N THR G 362 4.33 -0.50 42.42
CA THR G 362 5.71 -0.76 42.05
C THR G 362 6.54 0.49 42.30
N ASN G 363 7.51 0.39 43.19
CA ASN G 363 8.40 1.51 43.48
C ASN G 363 9.41 1.68 42.34
N THR G 364 9.59 2.92 41.90
CA THR G 364 10.50 3.21 40.81
C THR G 364 11.96 3.11 41.27
N MET G 365 12.84 2.85 40.30
CA MET G 365 14.26 2.75 40.60
C MET G 365 14.84 4.09 41.03
N TYR G 366 14.48 5.17 40.34
CA TYR G 366 14.92 6.51 40.66
C TYR G 366 13.71 7.41 40.86
N ASP G 367 13.82 8.33 41.81
CA ASP G 367 12.73 9.22 42.15
C ASP G 367 12.58 10.33 41.11
N ARG G 368 11.55 11.15 41.30
CA ARG G 368 11.23 12.32 40.46
C ARG G 368 11.01 11.91 38.99
N VAL G 369 9.96 11.12 38.77
CA VAL G 369 9.55 10.70 37.44
C VAL G 369 8.30 11.49 37.05
N ALA G 370 8.35 12.14 35.89
CA ALA G 370 7.23 12.95 35.43
C ALA G 370 6.30 12.17 34.51
N THR G 371 6.85 11.45 33.54
CA THR G 371 6.04 10.70 32.60
C THR G 371 6.70 9.35 32.33
N PHE G 372 5.91 8.41 31.84
CA PHE G 372 6.33 7.03 31.71
C PHE G 372 5.52 6.36 30.61
N ASP G 373 5.98 5.17 30.21
CA ASP G 373 5.26 4.39 29.21
C ASP G 373 5.67 2.93 29.31
N TYR G 374 4.87 2.06 28.72
CA TYR G 374 5.06 0.62 28.80
C TYR G 374 6.13 0.14 27.83
N ILE G 375 6.64 -1.05 28.11
CA ILE G 375 7.48 -1.80 27.16
C ILE G 375 6.98 -3.24 27.14
N PRO G 376 6.33 -3.69 26.08
CA PRO G 376 5.88 -5.09 26.01
C PRO G 376 7.06 -6.02 25.72
N ARG G 377 7.17 -7.08 26.51
CA ARG G 377 8.21 -8.08 26.35
C ARG G 377 7.57 -9.44 26.07
N SER G 378 8.43 -10.46 25.97
CA SER G 378 7.95 -11.80 25.69
C SER G 378 7.42 -12.46 26.96
N ASN G 379 6.58 -13.47 26.77
CA ASN G 379 5.92 -14.22 27.84
C ASN G 379 5.14 -13.31 28.78
N ASN G 380 4.38 -12.38 28.20
CA ASN G 380 3.49 -11.45 28.91
C ASN G 380 4.24 -10.59 29.94
N GLY G 381 5.51 -10.32 29.68
CA GLY G 381 6.29 -9.52 30.60
C GLY G 381 5.94 -8.05 30.49
N THR G 382 6.34 -7.30 31.52
CA THR G 382 6.10 -5.87 31.57
C THR G 382 7.37 -5.16 32.01
N SER G 383 7.73 -4.11 31.27
CA SER G 383 8.79 -3.21 31.66
C SER G 383 8.33 -1.79 31.38
N LEU G 384 8.89 -0.83 32.10
CA LEU G 384 8.43 0.56 32.02
C LEU G 384 9.60 1.45 31.67
N ILE G 385 9.46 2.23 30.60
CA ILE G 385 10.39 3.28 30.25
C ILE G 385 9.86 4.59 30.83
N CYS G 386 10.69 5.29 31.58
CA CYS G 386 10.25 6.46 32.32
C CYS G 386 11.20 7.61 32.06
N MET G 387 10.65 8.81 32.01
CA MET G 387 11.43 10.03 31.82
C MET G 387 11.37 10.83 33.11
N ARG G 388 12.54 11.15 33.66
CA ARG G 388 12.61 11.88 34.91
C ARG G 388 12.39 13.37 34.65
N GLN G 389 12.32 14.13 35.75
CA GLN G 389 12.14 15.57 35.64
C GLN G 389 13.39 16.26 35.11
N SER G 390 14.55 15.59 35.19
CA SER G 390 15.77 16.09 34.61
C SER G 390 15.94 15.69 33.15
N GLY G 391 15.03 14.91 32.60
CA GLY G 391 15.10 14.50 31.21
C GLY G 391 15.83 13.20 30.97
N THR G 392 16.39 12.59 32.00
CA THR G 392 17.02 11.29 31.85
C THR G 392 15.98 10.21 31.64
N ILE G 393 16.19 9.36 30.64
CA ILE G 393 15.25 8.30 30.28
C ILE G 393 15.93 6.97 30.56
N TYR G 394 15.28 6.13 31.36
CA TYR G 394 15.82 4.84 31.75
C TYR G 394 14.74 3.77 31.59
N ARG G 395 15.13 2.54 31.86
CA ARG G 395 14.26 1.38 31.70
C ARG G 395 14.21 0.61 33.00
N MET G 396 12.99 0.26 33.43
CA MET G 396 12.78 -0.40 34.72
C MET G 396 11.89 -1.62 34.51
N PRO G 397 12.29 -2.78 35.01
CA PRO G 397 11.46 -3.98 34.88
C PRO G 397 10.41 -4.07 35.98
N ILE G 398 9.48 -5.01 35.78
CA ILE G 398 8.44 -5.32 36.76
C ILE G 398 8.75 -6.71 37.31
N SER G 399 8.88 -6.79 38.62
CA SER G 399 9.24 -8.05 39.26
C SER G 399 8.08 -9.03 39.23
N GLU G 400 8.42 -10.31 39.29
CA GLU G 400 7.44 -11.39 39.27
C GLU G 400 6.99 -11.65 40.71
N VAL G 401 5.86 -11.05 41.07
CA VAL G 401 5.31 -11.17 42.42
C VAL G 401 4.40 -12.39 42.47
N CYS G 402 4.65 -13.28 43.43
CA CYS G 402 3.85 -14.49 43.56
C CYS G 402 2.48 -14.17 44.13
N SER G 403 1.44 -14.68 43.47
CA SER G 403 0.05 -14.40 43.85
C SER G 403 -0.58 -15.50 44.68
N LYS G 404 0.00 -16.70 44.69
CA LYS G 404 -0.59 -17.84 45.39
C LYS G 404 0.50 -18.82 45.71
N ALA G 405 0.66 -19.16 46.99
CA ALA G 405 1.63 -20.17 47.42
C ALA G 405 0.86 -21.21 48.23
N ILE G 406 0.56 -22.34 47.61
CA ILE G 406 -0.24 -23.39 48.23
C ILE G 406 0.65 -24.58 48.51
N LEU G 407 0.33 -25.31 49.58
CA LEU G 407 1.08 -26.46 50.01
C LEU G 407 0.23 -27.72 49.87
N ASN G 408 0.86 -28.81 49.46
CA ASN G 408 0.19 -30.08 49.27
C ASN G 408 0.32 -30.95 50.52
N ASN G 409 -0.33 -32.11 50.49
CA ASN G 409 -0.11 -33.11 51.52
C ASN G 409 1.22 -33.83 51.35
N ARG G 410 1.81 -33.78 50.16
CA ARG G 410 3.12 -34.35 49.91
C ARG G 410 4.23 -33.31 50.07
N ASN G 411 3.92 -32.17 50.69
CA ASN G 411 4.84 -31.04 50.89
C ASN G 411 5.38 -30.52 49.56
N SER G 412 4.46 -30.07 48.72
CA SER G 412 4.76 -29.54 47.40
C SER G 412 4.23 -28.12 47.30
N LEU G 413 5.07 -27.21 46.82
CA LEU G 413 4.74 -25.79 46.74
C LEU G 413 4.43 -25.44 45.29
N LEU G 414 3.31 -24.74 45.09
CA LEU G 414 2.86 -24.34 43.76
C LEU G 414 2.71 -22.83 43.74
N LEU G 415 3.44 -22.17 42.85
CA LEU G 415 3.56 -20.72 42.84
C LEU G 415 2.91 -20.15 41.60
N SER G 416 2.01 -19.19 41.78
CA SER G 416 1.33 -18.51 40.69
C SER G 416 1.73 -17.04 40.69
N ASN G 417 2.00 -16.50 39.51
CA ASN G 417 2.49 -15.15 39.36
C ASN G 417 1.35 -14.19 39.02
N PHE G 418 1.62 -12.90 39.21
CA PHE G 418 0.69 -11.85 38.81
C PHE G 418 0.91 -11.36 37.39
N GLU G 419 1.97 -11.81 36.72
CA GLU G 419 2.34 -11.25 35.42
C GLU G 419 2.19 -12.25 34.29
N ASN G 420 2.86 -13.37 34.35
CA ASN G 420 2.82 -14.34 33.28
C ASN G 420 1.76 -15.39 33.58
N THR G 421 1.77 -16.47 32.81
CA THR G 421 0.78 -17.54 32.92
C THR G 421 1.32 -18.80 33.56
N GLU G 422 2.63 -19.03 33.46
CA GLU G 422 3.23 -20.28 33.92
C GLU G 422 3.19 -20.39 35.44
N ILE G 423 3.10 -21.64 35.91
CA ILE G 423 2.95 -21.96 37.33
C ILE G 423 4.19 -22.73 37.76
N ASP G 424 4.80 -22.29 38.86
CA ASP G 424 6.06 -22.84 39.32
C ASP G 424 5.83 -23.85 40.44
N GLU G 425 6.57 -24.95 40.40
CA GLU G 425 6.38 -26.07 41.32
C GLU G 425 7.71 -26.48 41.94
N ILE G 426 7.74 -26.60 43.26
CA ILE G 426 8.90 -27.10 43.99
C ILE G 426 8.52 -28.42 44.63
N ARG G 427 8.80 -29.53 43.96
CA ARG G 427 8.42 -30.83 44.48
C ARG G 427 9.35 -31.27 45.60
N VAL G 428 8.87 -32.21 46.41
CA VAL G 428 9.67 -32.76 47.49
C VAL G 428 10.67 -33.80 46.98
N ASN G 429 10.45 -34.34 45.78
CA ASN G 429 11.31 -35.36 45.14
C ASN G 429 11.54 -36.58 46.01
N PHE G 496 19.61 -19.62 56.49
CA PHE G 496 18.32 -20.01 55.92
C PHE G 496 18.39 -21.39 55.30
N TRP G 497 17.38 -22.20 55.55
CA TRP G 497 17.30 -23.52 54.94
C TRP G 497 17.01 -23.41 53.45
N LYS G 498 17.41 -24.44 52.71
CA LYS G 498 16.89 -24.60 51.37
C LYS G 498 15.43 -25.01 51.44
N PRO G 499 14.60 -24.55 50.51
CA PRO G 499 13.18 -24.93 50.55
C PRO G 499 12.95 -26.42 50.34
N GLU G 500 13.68 -27.03 49.41
CA GLU G 500 13.58 -28.48 49.22
C GLU G 500 14.03 -29.23 50.45
N LYS G 501 15.09 -28.75 51.12
CA LYS G 501 15.57 -29.40 52.34
C LYS G 501 14.55 -29.30 53.47
N LEU G 502 13.91 -28.13 53.61
CA LEU G 502 12.90 -27.97 54.65
C LEU G 502 11.67 -28.84 54.38
N LEU G 503 11.21 -28.88 53.14
CA LEU G 503 10.05 -29.70 52.82
C LEU G 503 10.38 -31.19 52.82
N GLU G 504 11.65 -31.57 52.67
CA GLU G 504 12.05 -32.97 52.81
C GLU G 504 12.29 -33.37 54.25
N LYS G 505 12.59 -32.43 55.13
CA LYS G 505 12.80 -32.74 56.54
C LYS G 505 11.58 -32.48 57.39
N ASP G 506 10.50 -31.98 56.81
CA ASP G 506 9.28 -31.76 57.57
C ASP G 506 8.63 -33.07 58.03
N ILE G 507 7.92 -32.98 59.15
CA ILE G 507 7.32 -34.16 59.76
C ILE G 507 6.17 -34.71 58.93
N SER G 508 5.57 -33.90 58.05
CA SER G 508 4.52 -34.41 57.19
C SER G 508 5.07 -35.44 56.19
N VAL G 509 6.19 -35.11 55.54
CA VAL G 509 6.77 -36.08 54.62
C VAL G 509 7.48 -37.19 55.40
N ILE G 510 7.93 -36.92 56.63
CA ILE G 510 8.47 -37.99 57.46
C ILE G 510 7.40 -39.02 57.79
N MET G 511 6.21 -38.55 58.19
CA MET G 511 5.10 -39.44 58.50
C MET G 511 4.60 -40.16 57.25
N ARG G 512 4.61 -39.48 56.11
CA ARG G 512 4.21 -40.13 54.86
C ARG G 512 5.17 -41.27 54.51
N THR G 513 6.47 -41.03 54.65
CA THR G 513 7.45 -42.08 54.36
C THR G 513 7.32 -43.24 55.34
N ARG G 514 7.11 -42.96 56.63
CA ARG G 514 6.95 -44.03 57.61
C ARG G 514 5.68 -44.83 57.36
N ALA G 515 4.58 -44.16 57.03
CA ALA G 515 3.33 -44.86 56.76
C ALA G 515 3.42 -45.70 55.50
N SER G 516 4.12 -45.21 54.47
CA SER G 516 4.35 -46.03 53.28
C SER G 516 5.26 -47.21 53.60
N LEU G 517 6.20 -47.04 54.53
CA LEU G 517 7.07 -48.14 54.93
C LEU G 517 6.40 -49.12 55.89
N GLY G 518 5.25 -48.76 56.46
CA GLY G 518 4.55 -49.68 57.34
C GLY G 518 4.83 -49.47 58.81
N TYR G 519 4.66 -48.24 59.29
CA TYR G 519 4.99 -47.87 60.65
C TYR G 519 3.84 -48.17 61.60
N GLY G 520 4.16 -48.76 62.74
CA GLY G 520 3.22 -48.91 63.83
C GLY G 520 2.44 -50.21 63.87
N LEU G 521 2.49 -51.02 62.81
CA LEU G 521 1.66 -52.21 62.78
C LEU G 521 2.18 -53.29 63.72
N ASP G 522 3.49 -53.52 63.71
CA ASP G 522 4.13 -54.46 64.63
C ASP G 522 5.33 -53.74 65.25
N PRO G 523 5.42 -53.66 66.58
CA PRO G 523 6.51 -52.90 67.20
C PRO G 523 7.91 -53.44 66.92
N MET G 524 8.05 -54.76 66.76
CA MET G 524 9.33 -55.31 66.34
C MET G 524 9.68 -54.86 64.92
N ASN G 525 8.68 -54.77 64.06
CA ASN G 525 8.90 -54.26 62.71
C ASN G 525 9.25 -52.78 62.72
N THR G 526 8.67 -51.99 63.65
CA THR G 526 9.08 -50.60 63.79
C THR G 526 10.53 -50.49 64.25
N VAL G 527 10.93 -51.35 65.17
CA VAL G 527 12.32 -51.35 65.65
C VAL G 527 13.28 -51.70 64.52
N GLU G 528 12.93 -52.72 63.73
CA GLU G 528 13.75 -53.08 62.57
C GLU G 528 13.78 -51.97 61.53
N MET G 529 12.66 -51.27 61.33
CA MET G 529 12.60 -50.17 60.38
C MET G 529 13.47 -49.00 60.81
N ILE G 530 13.45 -48.68 62.11
CA ILE G 530 14.29 -47.58 62.60
C ILE G 530 15.76 -47.96 62.52
N ASP G 531 16.09 -49.22 62.86
CA ASP G 531 17.48 -49.66 62.79
C ASP G 531 17.98 -49.74 61.35
N SER G 532 17.10 -50.00 60.39
CA SER G 532 17.52 -50.17 59.01
C SER G 532 17.79 -48.85 58.29
N SER G 533 17.41 -47.71 58.88
CA SER G 533 17.63 -46.43 58.22
C SER G 533 17.92 -45.32 59.23
N ASN G 539 14.98 -39.20 67.14
CA ASN G 539 15.28 -40.34 66.28
C ASN G 539 15.36 -41.65 67.05
N ALA G 540 16.42 -41.79 67.86
CA ALA G 540 16.62 -43.02 68.60
C ALA G 540 15.67 -43.17 69.77
N TYR G 541 15.13 -42.06 70.28
CA TYR G 541 14.17 -42.15 71.36
C TYR G 541 12.85 -42.76 70.89
N ILE G 542 12.53 -42.64 69.61
CA ILE G 542 11.38 -43.34 69.05
C ILE G 542 11.62 -44.84 69.06
N ARG G 543 12.84 -45.27 68.75
CA ARG G 543 13.19 -46.69 68.85
C ARG G 543 13.10 -47.17 70.30
N ASN G 544 13.58 -46.36 71.24
CA ASN G 544 13.54 -46.74 72.64
C ASN G 544 12.12 -46.80 73.18
N THR G 545 11.23 -45.91 72.73
CA THR G 545 9.85 -45.97 73.20
C THR G 545 9.01 -46.98 72.45
N TRP G 546 9.49 -47.50 71.32
CA TRP G 546 8.79 -48.61 70.69
C TRP G 546 9.30 -49.96 71.19
N ARG G 547 10.53 -50.01 71.72
CA ARG G 547 11.02 -51.22 72.36
C ARG G 547 10.19 -51.57 73.59
N TRP G 548 9.82 -50.57 74.38
CA TRP G 548 8.97 -50.82 75.54
C TRP G 548 7.57 -51.26 75.12
N ILE G 549 7.05 -50.69 74.04
CA ILE G 549 5.75 -51.10 73.52
C ILE G 549 5.80 -52.56 73.09
N ALA G 550 6.89 -52.96 72.42
CA ALA G 550 7.09 -54.35 72.06
C ALA G 550 7.15 -55.25 73.29
N ILE G 551 7.88 -54.82 74.33
CA ILE G 551 8.05 -55.62 75.53
C ILE G 551 6.71 -55.81 76.25
N ALA G 552 5.97 -54.73 76.44
CA ALA G 552 4.70 -54.81 77.14
C ALA G 552 3.66 -55.58 76.33
N LYS G 553 3.68 -55.43 75.00
CA LYS G 553 2.72 -56.16 74.18
C LYS G 553 3.02 -57.65 74.18
N ALA G 554 4.31 -58.02 74.13
CA ALA G 554 4.66 -59.43 74.22
C ALA G 554 4.30 -60.01 75.57
N SER G 555 4.46 -59.21 76.64
CA SER G 555 4.12 -59.68 77.97
C SER G 555 2.61 -59.85 78.14
N VAL G 556 1.82 -58.95 77.56
CA VAL G 556 0.36 -59.08 77.65
C VAL G 556 -0.13 -60.24 76.79
N ASP G 557 0.40 -60.37 75.57
CA ASP G 557 -0.02 -61.45 74.68
C ASP G 557 0.47 -62.81 75.15
N ASP G 558 1.52 -62.87 75.96
CA ASP G 558 1.97 -64.12 76.56
C ASP G 558 1.18 -64.49 77.80
N GLY G 559 0.26 -63.64 78.25
CA GLY G 559 -0.55 -63.94 79.41
C GLY G 559 0.14 -63.76 80.73
N THR G 560 1.36 -63.20 80.73
CA THR G 560 2.11 -63.06 81.98
C THR G 560 1.49 -62.01 82.88
N MET G 561 0.94 -60.94 82.31
CA MET G 561 0.38 -59.85 83.09
C MET G 561 -1.12 -59.96 83.29
N VAL G 562 -1.86 -60.51 82.31
CA VAL G 562 -3.31 -60.46 82.35
C VAL G 562 -3.94 -61.43 83.33
N SER G 563 -3.16 -62.27 84.00
CA SER G 563 -3.70 -63.20 84.96
C SER G 563 -4.16 -62.47 86.23
N GLY G 564 -4.97 -63.16 87.02
CA GLY G 564 -5.48 -62.60 88.25
C GLY G 564 -6.70 -61.74 88.03
N ASP G 565 -7.20 -61.18 89.13
CA ASP G 565 -8.37 -60.31 89.07
C ASP G 565 -8.06 -58.92 88.55
N LEU G 566 -6.79 -58.51 88.57
CA LEU G 566 -6.37 -57.22 88.04
C LEU G 566 -5.67 -57.41 86.70
N ASP G 567 -6.03 -56.56 85.74
CA ASP G 567 -5.49 -56.70 84.39
C ASP G 567 -4.02 -56.30 84.34
N LEU G 568 -3.72 -55.05 84.70
CA LEU G 568 -2.36 -54.51 84.80
C LEU G 568 -1.56 -54.66 83.51
N GLY G 569 -2.25 -54.52 82.37
CA GLY G 569 -1.58 -54.53 81.09
C GLY G 569 -1.18 -53.11 80.70
N TYR G 570 0.06 -52.99 80.21
CA TYR G 570 0.66 -51.73 79.77
C TYR G 570 0.64 -50.69 80.89
N GLU G 571 0.90 -51.12 82.12
CA GLU G 571 0.85 -50.23 83.27
C GLU G 571 2.21 -49.56 83.47
N GLY G 572 2.17 -48.38 84.04
CA GLY G 572 3.38 -47.61 84.25
C GLY G 572 4.08 -47.94 85.56
N VAL G 573 5.37 -47.64 85.57
CA VAL G 573 6.19 -47.88 86.75
C VAL G 573 5.76 -46.99 87.90
N ILE G 574 5.35 -45.75 87.59
CA ILE G 574 4.87 -44.83 88.61
C ILE G 574 3.62 -45.38 89.28
N GLY G 575 2.66 -45.86 88.48
CA GLY G 575 1.44 -46.41 89.04
C GLY G 575 1.66 -47.70 89.79
N ILE G 576 2.56 -48.55 89.30
CA ILE G 576 2.80 -49.84 89.96
C ILE G 576 3.53 -49.64 91.28
N TRP G 577 4.63 -48.88 91.26
CA TRP G 577 5.44 -48.69 92.46
C TRP G 577 4.75 -47.77 93.46
N ASN G 578 3.86 -46.89 93.00
CA ASN G 578 3.18 -45.97 93.90
C ASN G 578 1.86 -46.52 94.41
N GLY G 579 1.51 -47.76 94.08
CA GLY G 579 0.31 -48.37 94.61
C GLY G 579 -0.94 -48.08 93.78
N ILE G 580 -1.74 -47.14 94.24
CA ILE G 580 -2.97 -46.78 93.53
C ILE G 580 -2.86 -45.38 92.94
N LEU G 595 -8.62 -53.70 95.68
CA LEU G 595 -9.29 -52.68 96.48
C LEU G 595 -8.63 -52.53 97.84
N SER G 596 -7.65 -53.39 98.12
CA SER G 596 -6.95 -53.35 99.38
C SER G 596 -5.45 -53.53 99.13
N ASP G 597 -4.66 -53.06 100.08
CA ASP G 597 -3.20 -53.21 99.98
C ASP G 597 -2.78 -54.67 100.03
N LYS G 598 -3.39 -55.43 100.95
CA LYS G 598 -3.11 -56.87 101.02
C LYS G 598 -3.58 -57.59 99.76
N GLN G 599 -4.71 -57.16 99.20
CA GLN G 599 -5.21 -57.77 97.97
C GLN G 599 -4.28 -57.52 96.79
N LEU G 600 -3.80 -56.28 96.64
CA LEU G 600 -2.88 -56.00 95.55
C LEU G 600 -1.54 -56.67 95.76
N ASN G 601 -1.08 -56.77 97.02
CA ASN G 601 0.16 -57.47 97.31
C ASN G 601 0.05 -58.95 96.98
N LYS G 602 -1.07 -59.60 97.33
CA LYS G 602 -1.18 -61.02 97.07
C LYS G 602 -1.40 -61.31 95.58
N GLU G 603 -2.09 -60.43 94.85
CA GLU G 603 -2.22 -60.66 93.42
C GLU G 603 -0.90 -60.39 92.70
N MET G 604 -0.10 -59.44 93.20
CA MET G 604 1.22 -59.23 92.64
C MET G 604 2.13 -60.43 92.92
N GLU G 605 1.99 -61.02 94.11
CA GLU G 605 2.75 -62.23 94.43
C GLU G 605 2.37 -63.39 93.52
N LYS G 606 1.07 -63.54 93.23
CA LYS G 606 0.67 -64.61 92.33
C LYS G 606 1.04 -64.32 90.88
N ILE G 607 1.21 -63.05 90.51
CA ILE G 607 1.77 -62.74 89.19
C ILE G 607 3.25 -63.11 89.14
N ILE G 608 4.00 -62.79 90.20
CA ILE G 608 5.43 -63.06 90.22
C ILE G 608 5.72 -64.55 90.24
N LYS G 609 4.96 -65.31 91.04
CA LYS G 609 5.16 -66.75 91.11
C LYS G 609 4.64 -67.39 89.81
N LEU G 610 5.46 -67.29 88.78
CA LEU G 610 5.09 -67.75 87.45
C LEU G 610 6.32 -68.17 86.64
N ALA G 625 15.35 -60.59 99.66
CA ALA G 625 14.61 -59.36 99.38
C ALA G 625 15.40 -58.14 99.84
N GLY G 626 15.44 -57.94 101.16
CA GLY G 626 16.14 -56.82 101.74
C GLY G 626 15.38 -55.51 101.71
N SER G 627 14.16 -55.49 101.18
CA SER G 627 13.35 -54.30 101.07
C SER G 627 11.94 -54.60 101.56
N PRO G 628 11.24 -53.62 102.13
CA PRO G 628 9.83 -53.81 102.48
C PRO G 628 8.95 -54.12 101.27
N LYS G 629 9.26 -53.56 100.11
CA LYS G 629 8.49 -53.76 98.89
C LYS G 629 9.41 -54.43 97.87
N TYR G 630 9.44 -55.76 97.88
CA TYR G 630 10.24 -56.51 96.93
C TYR G 630 9.41 -56.94 95.72
N VAL G 631 8.14 -57.30 95.96
CA VAL G 631 7.27 -57.69 94.86
C VAL G 631 6.99 -56.51 93.92
N GLN G 632 6.92 -55.29 94.46
CA GLN G 632 6.78 -54.12 93.60
C GLN G 632 8.00 -53.92 92.72
N ARG G 633 9.20 -54.18 93.27
CA ARG G 633 10.41 -54.10 92.46
C ARG G 633 10.42 -55.18 91.38
N ARG G 634 9.90 -56.37 91.70
CA ARG G 634 9.84 -57.43 90.69
C ARG G 634 8.83 -57.09 89.59
N LEU G 635 7.69 -56.49 89.96
CA LEU G 635 6.75 -55.99 88.95
C LEU G 635 7.37 -54.91 88.08
N CYS G 636 8.14 -53.99 88.68
CA CYS G 636 8.77 -52.94 87.90
C CYS G 636 9.83 -53.51 86.96
N LEU G 637 10.56 -54.52 87.40
CA LEU G 637 11.52 -55.17 86.52
C LEU G 637 10.84 -55.97 85.42
N ILE G 638 9.66 -56.53 85.70
CA ILE G 638 8.89 -57.22 84.67
C ILE G 638 8.38 -56.23 83.63
N ILE G 639 7.84 -55.09 84.08
CA ILE G 639 7.33 -54.08 83.16
C ILE G 639 8.46 -53.50 82.32
N SER G 640 9.59 -53.19 82.94
CA SER G 640 10.71 -52.60 82.23
C SER G 640 11.46 -53.59 81.35
N GLY G 641 11.17 -54.89 81.47
CA GLY G 641 11.87 -55.89 80.68
C GLY G 641 13.27 -56.19 81.16
N TRP G 642 13.57 -55.90 82.43
CA TRP G 642 14.91 -56.11 82.98
C TRP G 642 14.98 -57.29 83.92
N ASP G 643 13.92 -58.10 84.01
CA ASP G 643 13.96 -59.30 84.85
C ASP G 643 14.77 -60.35 84.11
N LEU G 644 16.09 -60.32 84.34
CA LEU G 644 17.02 -61.19 83.63
C LEU G 644 17.97 -61.85 84.60
N SER G 645 18.49 -63.01 84.19
CA SER G 645 19.48 -63.76 84.96
C SER G 645 20.87 -63.51 84.37
N ARG G 646 21.86 -64.18 84.96
CA ARG G 646 23.25 -64.01 84.53
C ARG G 646 23.45 -64.55 83.12
N SER G 647 22.81 -65.69 82.81
CA SER G 647 22.87 -66.23 81.45
C SER G 647 22.18 -65.29 80.46
N ASP G 648 21.08 -64.67 80.88
CA ASP G 648 20.40 -63.72 80.02
C ASP G 648 21.26 -62.49 79.76
N TYR G 649 21.99 -62.01 80.78
CA TYR G 649 22.88 -60.87 80.59
C TYR G 649 24.05 -61.23 79.69
N GLU G 650 24.59 -62.44 79.83
CA GLU G 650 25.66 -62.88 78.93
C GLU G 650 25.15 -62.99 77.50
N ASP G 651 23.93 -63.47 77.32
CA ASP G 651 23.33 -63.54 75.99
C ASP G 651 23.11 -62.15 75.40
N LYS G 652 22.70 -61.20 76.23
CA LYS G 652 22.54 -59.82 75.77
C LYS G 652 23.88 -59.22 75.39
N TYR G 653 24.93 -59.52 76.16
CA TYR G 653 26.28 -59.05 75.81
C TYR G 653 26.71 -59.60 74.47
N ASN G 654 26.46 -60.89 74.23
CA ASN G 654 26.81 -61.50 72.96
C ASN G 654 26.02 -60.90 71.80
N ILE G 655 24.74 -60.62 72.03
CA ILE G 655 23.90 -60.05 70.99
C ILE G 655 24.36 -58.64 70.62
N ILE G 656 24.63 -57.82 71.64
CA ILE G 656 25.09 -56.45 71.38
C ILE G 656 26.48 -56.44 70.76
N MET G 657 27.34 -57.39 71.16
CA MET G 657 28.65 -57.52 70.51
C MET G 657 28.50 -57.90 69.05
N LYS G 658 27.55 -58.78 68.73
CA LYS G 658 27.32 -59.14 67.34
C LYS G 658 26.73 -57.98 66.54
N ASN G 659 25.92 -57.13 67.19
CA ASN G 659 25.34 -56.00 66.48
C ASN G 659 26.37 -54.91 66.20
N GLY G 660 27.48 -54.88 66.94
CA GLY G 660 28.56 -53.96 66.65
C GLY G 660 28.68 -52.76 67.57
N HIS G 661 27.77 -52.58 68.52
CA HIS G 661 27.86 -51.45 69.46
C HIS G 661 28.59 -51.91 70.72
N TYR G 662 29.92 -51.93 70.61
CA TYR G 662 30.76 -52.32 71.74
C TYR G 662 30.66 -51.35 72.90
N GLU G 663 30.49 -50.05 72.60
CA GLU G 663 30.31 -49.07 73.67
C GLU G 663 29.03 -49.32 74.44
N LYS G 664 27.94 -49.65 73.72
CA LYS G 664 26.69 -49.99 74.38
C LYS G 664 26.82 -51.29 75.18
N ALA G 665 27.58 -52.25 74.65
CA ALA G 665 27.81 -53.50 75.39
C ALA G 665 28.56 -53.24 76.69
N ALA G 666 29.60 -52.41 76.64
CA ALA G 666 30.34 -52.08 77.85
C ALA G 666 29.49 -51.29 78.82
N ALA G 667 28.64 -50.40 78.30
CA ALA G 667 27.74 -49.64 79.16
C ALA G 667 26.75 -50.54 79.87
N TRP G 668 26.21 -51.53 79.16
CA TRP G 668 25.29 -52.48 79.79
C TRP G 668 26.01 -53.35 80.81
N ALA G 669 27.26 -53.71 80.53
CA ALA G 669 28.03 -54.50 81.47
C ALA G 669 28.29 -53.73 82.76
N VAL G 670 28.54 -52.42 82.65
CA VAL G 670 28.69 -51.60 83.85
C VAL G 670 27.33 -51.38 84.53
N PHE G 671 26.26 -51.31 83.75
CA PHE G 671 24.91 -51.18 84.31
C PHE G 671 24.57 -52.38 85.18
N PHE G 672 24.96 -53.58 84.75
CA PHE G 672 24.80 -54.75 85.59
C PHE G 672 25.73 -54.73 86.79
N GLY G 673 26.86 -54.01 86.70
CA GLY G 673 27.81 -53.94 87.78
C GLY G 673 29.04 -54.79 87.65
N ASP G 674 29.29 -55.37 86.48
CA ASP G 674 30.42 -56.28 86.26
C ASP G 674 31.47 -55.57 85.42
N ILE G 675 32.34 -54.84 86.11
CA ILE G 675 33.39 -54.04 85.49
C ILE G 675 34.53 -54.88 84.92
N PRO G 676 34.99 -55.98 85.54
CA PRO G 676 35.90 -56.88 84.80
C PRO G 676 35.30 -57.44 83.54
N LYS G 677 33.99 -57.73 83.55
CA LYS G 677 33.32 -58.17 82.33
C LYS G 677 33.29 -57.05 81.30
N ALA G 678 33.09 -55.80 81.74
CA ALA G 678 33.12 -54.67 80.81
C ALA G 678 34.49 -54.49 80.19
N VAL G 679 35.55 -54.65 80.98
CA VAL G 679 36.92 -54.55 80.46
C VAL G 679 37.18 -55.66 79.46
N GLU G 680 36.76 -56.89 79.78
CA GLU G 680 36.96 -58.02 78.87
C GLU G 680 36.18 -57.83 77.58
N ILE G 681 34.96 -57.29 77.66
CA ILE G 681 34.15 -57.08 76.47
C ILE G 681 34.75 -55.99 75.59
N LEU G 682 35.12 -54.86 76.18
CA LEU G 682 35.59 -53.75 75.38
C LEU G 682 37.01 -53.97 74.86
N GLY G 683 37.83 -54.75 75.57
CA GLY G 683 39.17 -55.03 75.08
C GLY G 683 39.21 -56.00 73.92
N SER G 684 38.19 -56.84 73.79
CA SER G 684 38.12 -57.80 72.69
C SER G 684 37.34 -57.21 71.51
N ALA G 685 37.85 -56.09 71.01
CA ALA G 685 37.26 -55.35 69.91
C ALA G 685 38.29 -55.19 68.80
N LYS G 686 37.97 -54.35 67.82
CA LYS G 686 38.91 -54.11 66.73
C LYS G 686 39.62 -52.77 66.91
N LYS G 687 38.87 -51.68 66.80
CA LYS G 687 39.36 -50.30 66.89
C LYS G 687 40.30 -50.06 68.08
N GLU G 688 41.52 -49.65 67.75
CA GLU G 688 42.53 -49.32 68.75
C GLU G 688 42.04 -48.25 69.72
N ARG G 689 41.16 -47.35 69.26
CA ARG G 689 40.59 -46.36 70.15
C ARG G 689 39.80 -47.03 71.26
N LEU G 690 39.07 -48.10 70.90
CA LEU G 690 38.30 -48.83 71.90
C LEU G 690 39.22 -49.62 72.81
N ARG G 691 40.31 -50.14 72.26
CA ARG G 691 41.24 -50.90 73.09
C ARG G 691 41.89 -49.97 74.12
N LEU G 692 42.18 -48.73 73.72
CA LEU G 692 42.71 -47.74 74.66
C LEU G 692 41.68 -47.39 75.72
N ILE G 693 40.41 -47.28 75.32
CA ILE G 693 39.35 -46.97 76.28
C ILE G 693 39.25 -48.07 77.32
N ALA G 694 39.25 -49.33 76.87
CA ALA G 694 39.23 -50.47 77.77
C ALA G 694 40.44 -50.47 78.70
N THR G 695 41.61 -50.09 78.16
CA THR G 695 42.81 -50.01 78.97
C THR G 695 42.63 -48.97 80.09
N ALA G 696 42.02 -47.83 79.75
CA ALA G 696 41.75 -46.81 80.76
C ALA G 696 40.79 -47.33 81.83
N ILE G 697 39.72 -48.01 81.42
CA ILE G 697 38.72 -48.55 82.35
C ILE G 697 39.35 -49.59 83.26
N ALA G 698 40.34 -50.34 82.75
CA ALA G 698 40.99 -51.42 83.50
C ALA G 698 41.52 -50.94 84.85
N GLY G 699 41.99 -49.69 84.92
CA GLY G 699 42.52 -49.04 86.10
C GLY G 699 41.70 -49.25 87.37
N TYR G 700 40.38 -49.16 87.23
CA TYR G 700 39.45 -49.23 88.35
C TYR G 700 39.51 -50.56 89.10
N LEU G 701 39.93 -51.65 88.43
CA LEU G 701 39.95 -52.99 89.03
C LEU G 701 40.86 -53.10 90.27
N ALA G 702 41.57 -52.05 90.61
CA ALA G 702 42.41 -51.91 91.80
C ALA G 702 42.25 -50.53 92.44
N TYR G 703 41.95 -49.50 91.66
CA TYR G 703 41.72 -48.15 92.17
C TYR G 703 40.33 -48.05 92.78
N LYS G 704 40.11 -48.80 93.84
CA LYS G 704 38.82 -48.83 94.52
C LYS G 704 38.90 -48.40 95.97
N ASP G 705 40.02 -48.63 96.65
CA ASP G 705 40.15 -48.33 98.06
C ASP G 705 41.00 -47.08 98.30
N LEU G 706 41.08 -46.19 97.33
CA LEU G 706 41.95 -45.02 97.42
C LEU G 706 41.18 -43.74 97.15
N PRO G 707 40.32 -43.31 98.08
CA PRO G 707 39.53 -42.09 97.82
C PRO G 707 40.41 -40.85 97.90
N GLY G 708 40.89 -40.37 96.76
CA GLY G 708 41.65 -39.15 96.73
C GLY G 708 41.91 -38.68 95.32
N ASN G 709 41.85 -37.38 95.08
CA ASN G 709 42.35 -36.82 93.83
C ASN G 709 43.79 -37.23 93.59
N ASN G 710 44.02 -37.89 92.44
CA ASN G 710 45.38 -38.38 92.09
C ASN G 710 45.53 -38.35 90.57
N ALA G 711 44.92 -37.36 89.89
CA ALA G 711 45.07 -37.18 88.43
C ALA G 711 44.26 -38.21 87.63
N TRP G 712 44.33 -39.49 87.99
CA TRP G 712 43.65 -40.49 87.16
C TRP G 712 42.15 -40.23 87.15
N ARG G 713 41.57 -40.00 88.33
CA ARG G 713 40.18 -39.60 88.43
C ARG G 713 39.95 -38.26 87.75
N GLN G 714 40.89 -37.34 87.91
CA GLN G 714 40.78 -36.00 87.32
C GLN G 714 40.73 -36.08 85.80
N GLN G 715 41.76 -36.69 85.18
CA GLN G 715 41.77 -36.95 83.75
C GLN G 715 40.53 -37.71 83.29
N CYS G 716 40.02 -38.64 84.11
CA CYS G 716 38.82 -39.37 83.71
C CYS G 716 37.59 -38.47 83.72
N ARG G 717 37.49 -37.56 84.68
CA ARG G 717 36.38 -36.59 84.68
C ARG G 717 36.48 -35.67 83.48
N LYS G 718 37.69 -35.23 83.14
CA LYS G 718 37.89 -34.37 81.98
C LYS G 718 37.54 -35.11 80.69
N MET G 719 37.93 -36.37 80.60
CA MET G 719 37.62 -37.17 79.42
C MET G 719 36.14 -37.49 79.33
N SER G 720 35.47 -37.70 80.47
CA SER G 720 34.02 -37.86 80.44
C SER G 720 33.34 -36.57 79.98
N SER G 721 33.93 -35.42 80.29
CA SER G 721 33.40 -34.17 79.77
C SER G 721 33.60 -34.06 78.26
N GLU G 722 34.77 -34.50 77.76
CA GLU G 722 35.14 -34.18 76.39
C GLU G 722 34.80 -35.25 75.37
N LEU G 723 34.54 -36.49 75.78
CA LEU G 723 34.20 -37.52 74.80
C LEU G 723 32.82 -37.28 74.22
N ASP G 724 32.60 -37.84 73.03
CA ASP G 724 31.33 -37.66 72.31
C ASP G 724 30.35 -38.79 72.53
N ASP G 725 30.81 -40.02 72.73
CA ASP G 725 29.91 -41.15 72.88
C ASP G 725 29.24 -41.12 74.25
N PRO G 726 27.91 -41.13 74.30
CA PRO G 726 27.22 -41.06 75.61
C PRO G 726 27.47 -42.27 76.49
N TYR G 727 27.60 -43.46 75.92
CA TYR G 727 27.85 -44.65 76.73
C TYR G 727 29.24 -44.62 77.36
N LEU G 728 30.23 -44.14 76.60
CA LEU G 728 31.57 -43.98 77.15
C LEU G 728 31.62 -42.88 78.19
N ARG G 729 30.82 -41.83 77.99
CA ARG G 729 30.70 -40.78 79.01
C ARG G 729 30.13 -41.36 80.30
N VAL G 730 29.11 -42.21 80.18
CA VAL G 730 28.53 -42.90 81.32
C VAL G 730 29.57 -43.78 82.01
N ILE G 731 30.33 -44.54 81.21
CA ILE G 731 31.26 -45.51 81.78
C ILE G 731 32.39 -44.80 82.53
N PHE G 732 32.83 -43.64 82.02
CA PHE G 732 33.89 -42.93 82.74
C PHE G 732 33.35 -42.20 83.97
N ALA G 733 32.15 -41.62 83.87
CA ALA G 733 31.56 -40.95 85.02
C ALA G 733 31.19 -41.94 86.13
N PHE G 734 30.97 -43.21 85.80
CA PHE G 734 30.78 -44.19 86.86
C PHE G 734 32.09 -44.73 87.40
N ILE G 735 33.10 -44.88 86.54
CA ILE G 735 34.37 -45.42 87.01
C ILE G 735 35.06 -44.43 87.95
N ALA G 736 35.14 -43.17 87.55
CA ALA G 736 35.75 -42.15 88.39
C ALA G 736 34.68 -41.42 89.17
N ASP G 737 34.98 -41.15 90.45
CA ASP G 737 34.07 -40.49 91.40
C ASP G 737 32.75 -41.26 91.49
N ASN G 738 32.88 -42.47 92.04
CA ASN G 738 31.84 -43.50 92.00
C ASN G 738 30.52 -43.02 92.61
N ASP G 739 29.52 -42.83 91.77
CA ASP G 739 28.25 -42.24 92.16
C ASP G 739 27.22 -42.59 91.10
N TRP G 740 26.11 -43.20 91.51
CA TRP G 740 25.08 -43.60 90.55
C TRP G 740 24.30 -42.41 89.99
N TRP G 741 24.29 -41.28 90.70
CA TRP G 741 23.42 -40.18 90.30
C TRP G 741 23.91 -39.49 89.03
N ASP G 742 25.22 -39.54 88.75
CA ASP G 742 25.73 -38.97 87.52
C ASP G 742 25.42 -39.82 86.29
N ILE G 743 24.90 -41.02 86.48
CA ILE G 743 24.53 -41.90 85.38
C ILE G 743 23.09 -41.70 84.96
N LEU G 744 22.18 -41.53 85.92
CA LEU G 744 20.75 -41.58 85.68
C LEU G 744 20.08 -40.21 85.62
N TYR G 745 20.84 -39.14 85.38
CA TYR G 745 20.25 -37.83 85.18
C TYR G 745 20.46 -37.22 83.81
N GLU G 746 21.49 -37.65 83.07
CA GLU G 746 21.58 -37.05 81.75
C GLU G 746 20.62 -37.74 80.79
N PRO G 747 20.10 -37.02 79.80
CA PRO G 747 19.17 -37.63 78.84
C PRO G 747 19.84 -38.25 77.62
N ALA G 748 21.16 -38.43 77.62
CA ALA G 748 21.84 -38.94 76.46
C ALA G 748 21.69 -40.45 76.30
N ILE G 749 21.26 -41.16 77.35
CA ILE G 749 21.14 -42.61 77.28
C ILE G 749 19.68 -43.01 77.39
N SER G 750 19.40 -44.30 77.29
CA SER G 750 18.04 -44.80 77.32
C SER G 750 17.41 -44.63 78.70
N LEU G 751 16.16 -44.17 78.72
CA LEU G 751 15.41 -44.09 79.98
C LEU G 751 15.12 -45.47 80.53
N ARG G 752 15.00 -46.47 79.67
CA ARG G 752 14.87 -47.85 80.14
C ARG G 752 16.13 -48.30 80.86
N GLU G 753 17.30 -47.90 80.35
CA GLU G 753 18.55 -48.22 81.01
C GLU G 753 18.70 -47.46 82.33
N ARG G 754 18.26 -46.21 82.36
CA ARG G 754 18.28 -45.45 83.60
C ARG G 754 17.35 -46.06 84.65
N LEU G 755 16.21 -46.58 84.23
CA LEU G 755 15.35 -47.30 85.16
C LEU G 755 15.98 -48.62 85.57
N GLY G 756 16.72 -49.26 84.67
CA GLY G 756 17.40 -50.50 85.03
C GLY G 756 18.47 -50.31 86.07
N VAL G 757 19.18 -49.19 86.02
CA VAL G 757 20.18 -48.91 87.05
C VAL G 757 19.59 -48.26 88.29
N ALA G 758 18.39 -47.68 88.19
CA ALA G 758 17.73 -47.15 89.37
C ALA G 758 16.85 -48.18 90.06
N LEU G 759 16.65 -49.35 89.47
CA LEU G 759 15.88 -50.41 90.09
C LEU G 759 16.76 -51.50 90.67
N ARG G 760 17.98 -51.63 90.18
CA ARG G 760 18.88 -52.69 90.63
C ARG G 760 19.79 -52.24 91.77
N PHE G 761 20.30 -51.01 91.71
CA PHE G 761 21.19 -50.47 92.74
C PHE G 761 20.68 -49.11 93.16
N LEU G 762 19.70 -49.10 94.06
CA LEU G 762 19.16 -47.87 94.63
C LEU G 762 18.33 -48.21 95.85
N ASN G 763 18.25 -47.28 96.78
CA ASN G 763 17.40 -47.41 97.95
C ASN G 763 16.00 -46.94 97.62
N ASP G 764 15.02 -47.48 98.36
CA ASP G 764 13.63 -47.10 98.12
C ASP G 764 13.32 -45.68 98.56
N THR G 765 14.16 -45.10 99.43
CA THR G 765 13.93 -43.71 99.84
C THR G 765 14.24 -42.75 98.70
N ASP G 766 15.30 -43.01 97.95
CA ASP G 766 15.69 -42.14 96.84
C ASP G 766 15.08 -42.54 95.51
N LEU G 767 14.62 -43.79 95.39
CA LEU G 767 13.96 -44.22 94.16
C LEU G 767 12.66 -43.47 93.94
N THR G 768 11.92 -43.19 95.01
CA THR G 768 10.70 -42.41 94.92
C THR G 768 10.99 -40.99 94.44
N THR G 769 12.06 -40.38 94.96
CA THR G 769 12.44 -39.04 94.53
C THR G 769 12.86 -39.03 93.07
N PHE G 770 13.65 -40.02 92.65
CA PHE G 770 14.07 -40.09 91.25
C PHE G 770 12.89 -40.29 90.32
N LEU G 771 11.97 -41.17 90.69
CA LEU G 771 10.80 -41.44 89.86
C LEU G 771 9.89 -40.22 89.77
N ASP G 772 9.69 -39.52 90.89
CA ASP G 772 8.85 -38.33 90.88
C ASP G 772 9.47 -37.22 90.03
N ARG G 773 10.78 -36.99 90.18
CA ARG G 773 11.45 -35.96 89.40
C ARG G 773 11.43 -36.29 87.91
N THR G 774 11.71 -37.54 87.56
CA THR G 774 11.74 -37.91 86.15
C THR G 774 10.36 -37.89 85.52
N SER G 775 9.32 -38.32 86.27
CA SER G 775 7.96 -38.29 85.76
C SER G 775 7.48 -36.85 85.56
N SER G 776 7.73 -35.99 86.55
CA SER G 776 7.36 -34.58 86.42
C SER G 776 8.18 -33.88 85.35
N THR G 777 9.35 -34.41 85.01
CA THR G 777 10.10 -33.88 83.86
C THR G 777 9.44 -34.30 82.55
N VAL G 778 9.23 -35.62 82.37
CA VAL G 778 8.82 -36.13 81.06
C VAL G 778 7.38 -35.75 80.72
N ILE G 779 6.51 -35.60 81.73
CA ILE G 779 5.10 -35.26 81.44
C ILE G 779 5.00 -33.88 80.83
N GLU G 780 5.70 -32.90 81.39
CA GLU G 780 5.66 -31.56 80.82
C GLU G 780 6.60 -31.39 79.63
N ASN G 781 7.62 -32.26 79.48
CA ASN G 781 8.49 -32.12 78.33
C ASN G 781 7.93 -32.81 77.08
N GLY G 782 7.08 -33.82 77.24
CA GLY G 782 6.49 -34.46 76.08
C GLY G 782 7.36 -35.48 75.40
N GLU G 783 8.39 -35.99 76.06
CA GLU G 783 9.21 -37.04 75.48
C GLU G 783 8.45 -38.37 75.49
N LEU G 784 8.63 -39.15 74.43
CA LEU G 784 7.97 -40.45 74.35
C LEU G 784 8.60 -41.50 75.26
N GLU G 785 9.84 -41.28 75.71
CA GLU G 785 10.49 -42.27 76.57
C GLU G 785 9.86 -42.36 77.95
N GLY G 786 9.05 -41.39 78.34
CA GLY G 786 8.38 -41.40 79.62
C GLY G 786 7.26 -42.41 79.75
N LEU G 787 6.95 -43.13 78.67
CA LEU G 787 5.97 -44.21 78.74
C LEU G 787 6.45 -45.36 79.60
N ILE G 788 7.77 -45.46 79.83
CA ILE G 788 8.32 -46.37 80.84
C ILE G 788 7.67 -46.10 82.19
N LEU G 789 7.62 -44.83 82.58
CA LEU G 789 7.11 -44.49 83.91
C LEU G 789 5.60 -44.37 83.92
N THR G 790 4.99 -43.86 82.85
CA THR G 790 3.58 -43.54 82.89
C THR G 790 2.66 -44.62 82.31
N GLY G 791 3.17 -45.50 81.44
CA GLY G 791 2.33 -46.51 80.84
C GLY G 791 1.32 -45.93 79.86
N ILE G 792 0.42 -46.80 79.42
CA ILE G 792 -0.74 -46.37 78.62
C ILE G 792 -1.84 -46.07 79.63
N THR G 793 -1.80 -44.87 80.18
CA THR G 793 -2.69 -44.38 81.21
C THR G 793 -3.23 -43.04 80.77
N PRO G 794 -4.19 -42.47 81.49
CA PRO G 794 -4.54 -41.06 81.24
C PRO G 794 -3.38 -40.10 81.39
N ASN G 795 -2.46 -40.36 82.31
CA ASN G 795 -1.22 -39.58 82.36
C ASN G 795 -0.38 -39.81 81.11
N GLY G 796 -0.42 -41.02 80.55
CA GLY G 796 0.20 -41.27 79.27
C GLY G 796 -0.46 -40.50 78.13
N ILE G 797 -1.78 -40.32 78.20
CA ILE G 797 -2.48 -39.52 77.20
C ILE G 797 -2.07 -38.05 77.33
N ASP G 798 -1.86 -37.59 78.57
CA ASP G 798 -1.34 -36.23 78.77
C ASP G 798 0.07 -36.08 78.21
N LEU G 799 0.91 -37.11 78.41
CA LEU G 799 2.25 -37.10 77.84
C LEU G 799 2.22 -37.07 76.32
N LEU G 800 1.33 -37.87 75.72
CA LEU G 800 1.19 -37.88 74.26
C LEU G 800 0.60 -36.57 73.75
N GLN G 801 -0.25 -35.92 74.55
CA GLN G 801 -0.78 -34.61 74.18
C GLN G 801 0.32 -33.57 74.16
N SER G 802 1.21 -33.58 75.16
CA SER G 802 2.34 -32.67 75.14
C SER G 802 3.30 -33.00 73.99
N TYR G 803 3.44 -34.28 73.66
CA TYR G 803 4.26 -34.68 72.52
C TYR G 803 3.68 -34.16 71.21
N VAL G 804 2.36 -34.22 71.07
CA VAL G 804 1.70 -33.69 69.88
C VAL G 804 1.88 -32.18 69.82
N ASN G 805 1.67 -31.48 70.94
CA ASN G 805 1.86 -30.03 71.00
C ASN G 805 3.30 -29.64 70.69
N LYS G 806 4.25 -30.54 70.93
CA LYS G 806 5.64 -30.24 70.60
C LYS G 806 5.96 -30.51 69.14
N THR G 807 5.49 -31.63 68.58
CA THR G 807 6.03 -32.11 67.31
C THR G 807 5.03 -32.29 66.18
N SER G 808 3.73 -32.39 66.45
CA SER G 808 2.71 -32.82 65.49
C SER G 808 3.03 -34.18 64.88
N ASP G 809 3.43 -35.12 65.74
CA ASP G 809 3.61 -36.52 65.34
C ASP G 809 2.38 -37.32 65.77
N VAL G 810 1.25 -36.98 65.13
CA VAL G 810 -0.01 -37.63 65.41
C VAL G 810 0.01 -39.09 64.97
N GLN G 811 0.88 -39.46 64.04
CA GLN G 811 0.98 -40.86 63.63
C GLN G 811 1.49 -41.74 64.76
N SER G 812 2.62 -41.35 65.37
CA SER G 812 3.13 -42.09 66.51
C SER G 812 2.21 -41.97 67.71
N ALA G 813 1.57 -40.80 67.89
CA ALA G 813 0.62 -40.64 68.98
C ALA G 813 -0.56 -41.59 68.85
N ALA G 814 -1.11 -41.74 67.65
CA ALA G 814 -2.24 -42.65 67.46
C ALA G 814 -1.80 -44.10 67.55
N LEU G 815 -0.66 -44.45 66.94
CA LEU G 815 -0.21 -45.84 66.96
C LEU G 815 0.27 -46.28 68.34
N ILE G 816 0.57 -45.35 69.24
CA ILE G 816 0.80 -45.71 70.64
C ILE G 816 -0.51 -45.72 71.42
N SER G 817 -1.43 -44.79 71.11
CA SER G 817 -2.68 -44.67 71.85
C SER G 817 -3.59 -45.87 71.64
N ILE G 818 -3.61 -46.47 70.45
CA ILE G 818 -4.50 -47.60 70.20
C ILE G 818 -4.12 -48.85 70.98
N PHE G 819 -2.97 -48.88 71.65
CA PHE G 819 -2.59 -49.99 72.52
C PHE G 819 -3.22 -49.85 73.89
N GLY G 820 -4.53 -49.65 73.95
CA GLY G 820 -5.21 -49.66 75.23
C GLY G 820 -5.89 -48.37 75.62
N SER G 821 -6.18 -47.50 74.67
CA SER G 821 -7.02 -46.37 75.09
C SER G 821 -8.50 -46.75 75.13
N PRO G 822 -9.16 -47.24 74.07
CA PRO G 822 -10.57 -47.61 74.25
C PRO G 822 -10.77 -48.92 75.00
N ARG G 823 -9.72 -49.72 75.14
CA ARG G 823 -9.82 -50.96 75.89
C ARG G 823 -9.93 -50.71 77.38
N TYR G 824 -9.35 -49.62 77.88
CA TYR G 824 -9.30 -49.35 79.30
C TYR G 824 -10.04 -48.10 79.73
N PHE G 825 -10.16 -47.09 78.87
CA PHE G 825 -10.87 -45.86 79.21
C PHE G 825 -11.49 -45.30 77.93
N ARG G 826 -11.82 -44.01 77.96
CA ARG G 826 -12.36 -43.35 76.77
C ARG G 826 -12.11 -41.85 76.90
N ASP G 827 -11.24 -41.31 76.06
CA ASP G 827 -10.98 -39.88 76.03
C ASP G 827 -11.08 -39.39 74.59
N GLN G 828 -11.51 -38.14 74.44
CA GLN G 828 -11.79 -37.59 73.11
C GLN G 828 -10.51 -37.35 72.31
N ARG G 829 -9.38 -37.15 73.00
CA ARG G 829 -8.13 -36.81 72.31
C ARG G 829 -7.60 -37.99 71.49
N VAL G 830 -7.75 -39.21 72.03
CA VAL G 830 -7.30 -40.39 71.30
C VAL G 830 -8.13 -40.60 70.04
N ASP G 831 -9.44 -40.43 70.15
CA ASP G 831 -10.31 -40.53 68.97
C ASP G 831 -9.99 -39.45 67.95
N GLU G 832 -9.64 -38.25 68.42
CA GLU G 832 -9.25 -37.18 67.51
C GLU G 832 -7.96 -37.52 66.76
N TRP G 833 -6.98 -38.08 67.47
CA TRP G 833 -5.73 -38.47 66.83
C TRP G 833 -5.95 -39.61 65.84
N ILE G 834 -6.81 -40.56 66.19
CA ILE G 834 -7.10 -41.70 65.32
C ILE G 834 -7.78 -41.22 64.04
N GLN G 835 -8.77 -40.34 64.16
CA GLN G 835 -9.47 -39.82 62.99
C GLN G 835 -8.55 -38.96 62.14
N THR G 836 -7.67 -38.19 62.77
CA THR G 836 -6.73 -37.36 62.02
C THR G 836 -5.74 -38.21 61.24
N TYR G 837 -5.23 -39.28 61.86
CA TYR G 837 -4.30 -40.15 61.15
C TYR G 837 -5.01 -40.90 60.02
N ARG G 838 -6.27 -41.29 60.23
CA ARG G 838 -7.01 -41.95 59.15
C ARG G 838 -7.28 -41.01 57.99
N ASP G 839 -7.59 -39.74 58.28
CA ASP G 839 -7.78 -38.77 57.22
C ASP G 839 -6.49 -38.50 56.45
N MET G 840 -5.36 -38.43 57.16
CA MET G 840 -4.07 -38.24 56.49
C MET G 840 -3.72 -39.45 55.63
N LEU G 841 -4.01 -40.65 56.12
CA LEU G 841 -3.76 -41.85 55.34
C LEU G 841 -4.64 -41.91 54.10
N LYS G 842 -5.88 -41.41 54.19
CA LYS G 842 -6.70 -41.28 53.00
C LYS G 842 -6.13 -40.24 52.04
N SER G 843 -5.60 -39.14 52.58
CA SER G 843 -5.07 -38.08 51.73
C SER G 843 -3.80 -38.50 51.01
N TRP G 844 -3.01 -39.37 51.60
CA TRP G 844 -1.83 -39.91 50.92
C TRP G 844 -2.17 -41.12 50.05
N GLU G 845 -3.46 -41.46 49.92
CA GLU G 845 -3.95 -42.62 49.17
C GLU G 845 -3.34 -43.92 49.69
N LEU G 846 -3.15 -44.01 51.01
CA LEU G 846 -2.70 -45.23 51.65
C LEU G 846 -3.90 -45.97 52.25
N PHE G 847 -4.77 -46.43 51.35
CA PHE G 847 -5.99 -47.10 51.77
C PHE G 847 -5.69 -48.47 52.38
N SER G 848 -4.68 -49.16 51.86
CA SER G 848 -4.27 -50.44 52.44
C SER G 848 -3.75 -50.26 53.86
N MET G 849 -2.97 -49.21 54.08
CA MET G 849 -2.47 -48.93 55.43
C MET G 849 -3.59 -48.47 56.36
N ARG G 850 -4.58 -47.75 55.83
CA ARG G 850 -5.75 -47.40 56.62
C ARG G 850 -6.52 -48.65 57.05
N ALA G 851 -6.67 -49.61 56.14
CA ALA G 851 -7.34 -50.86 56.47
C ALA G 851 -6.56 -51.67 57.50
N ARG G 852 -5.23 -51.70 57.37
CA ARG G 852 -4.40 -52.38 58.36
C ARG G 852 -4.49 -51.71 59.72
N PHE G 853 -4.56 -50.37 59.74
CA PHE G 853 -4.76 -49.64 60.99
C PHE G 853 -6.11 -49.98 61.61
N ASP G 854 -7.14 -50.11 60.78
CA ASP G 854 -8.47 -50.45 61.30
C ASP G 854 -8.51 -51.86 61.89
N VAL G 855 -7.90 -52.84 61.20
CA VAL G 855 -7.92 -54.20 61.73
C VAL G 855 -7.02 -54.30 62.97
N LEU G 856 -5.95 -53.50 63.06
CA LEU G 856 -5.15 -53.49 64.28
C LEU G 856 -5.90 -52.87 65.44
N ARG G 857 -6.67 -51.81 65.17
CA ARG G 857 -7.51 -51.20 66.20
C ARG G 857 -8.57 -52.18 66.69
N SER G 858 -9.14 -52.97 65.78
CA SER G 858 -10.11 -53.98 66.18
C SER G 858 -9.46 -55.08 67.00
N LYS G 859 -8.24 -55.50 66.63
CA LYS G 859 -7.60 -56.60 67.33
C LYS G 859 -7.09 -56.19 68.71
N LEU G 860 -6.67 -54.94 68.88
CA LEU G 860 -6.12 -54.50 70.16
C LEU G 860 -7.18 -53.98 71.11
N SER G 861 -8.46 -54.05 70.75
CA SER G 861 -9.53 -53.60 71.60
C SER G 861 -10.24 -54.75 72.30
N ARG G 862 -9.63 -55.92 72.33
CA ARG G 862 -10.20 -57.08 73.02
C ARG G 862 -9.98 -56.93 74.52
N THR G 863 -11.07 -56.98 75.28
CA THR G 863 -10.98 -56.82 76.71
C THR G 863 -10.55 -58.12 77.38
N LYS G 864 -10.49 -58.09 78.71
CA LYS G 864 -10.15 -59.29 79.47
C LYS G 864 -11.26 -60.34 79.35
N THR G 865 -12.51 -59.91 79.37
CA THR G 865 -13.61 -60.84 79.13
C THR G 865 -13.65 -61.28 77.68
N GLY G 866 -13.46 -60.35 76.75
CA GLY G 866 -13.49 -60.67 75.34
C GLY G 866 -14.40 -59.76 74.56
N VAL G 867 -15.07 -58.84 75.25
CA VAL G 867 -16.00 -57.94 74.59
C VAL G 867 -15.21 -56.87 73.85
N LEU G 868 -15.50 -56.70 72.57
CA LEU G 868 -14.82 -55.68 71.78
C LEU G 868 -15.34 -54.29 72.14
N THR G 869 -14.43 -53.34 72.23
CA THR G 869 -14.77 -51.97 72.60
C THR G 869 -14.48 -50.96 71.50
N ALA G 870 -14.00 -51.39 70.34
CA ALA G 870 -13.68 -50.46 69.27
C ALA G 870 -14.95 -50.05 68.54
N ASP G 871 -15.01 -48.78 68.15
CA ASP G 871 -16.13 -48.25 67.38
C ASP G 871 -15.92 -48.67 65.93
N ILE G 872 -16.38 -49.88 65.61
CA ILE G 872 -16.19 -50.46 64.28
C ILE G 872 -17.16 -49.83 63.30
N LYS G 873 -16.92 -50.04 62.01
CA LYS G 873 -17.79 -49.50 60.98
C LYS G 873 -19.12 -50.23 60.99
N PRO G 874 -20.25 -49.52 60.92
CA PRO G 874 -21.55 -50.19 60.95
C PRO G 874 -21.85 -50.91 59.65
N ARG G 875 -22.90 -51.71 59.70
CA ARG G 875 -23.27 -52.53 58.55
C ARG G 875 -23.87 -51.69 57.44
N GLN G 876 -23.57 -52.05 56.19
CA GLN G 876 -24.07 -51.37 55.02
C GLN G 876 -25.09 -52.17 54.22
N ILE G 877 -25.24 -53.47 54.50
CA ILE G 877 -26.13 -54.35 53.77
C ILE G 877 -27.15 -54.93 54.73
N TYR G 878 -28.43 -54.75 54.42
CA TYR G 878 -29.53 -55.40 55.12
C TYR G 878 -30.41 -56.02 54.04
N ILE G 879 -30.12 -57.26 53.65
CA ILE G 879 -30.85 -57.91 52.57
C ILE G 879 -32.27 -58.23 53.03
N GLN G 880 -33.25 -57.90 52.19
CA GLN G 880 -34.62 -58.31 52.45
C GLN G 880 -34.84 -59.72 51.91
N CYS G 881 -35.54 -60.54 52.70
CA CYS G 881 -35.82 -61.91 52.29
C CYS G 881 -36.86 -61.95 51.18
N GLN G 882 -36.71 -62.93 50.30
CA GLN G 882 -37.63 -63.07 49.17
C GLN G 882 -38.98 -63.63 49.62
N ASN G 883 -38.99 -64.53 50.60
CA ASN G 883 -40.22 -65.19 51.01
C ASN G 883 -40.93 -64.45 52.14
N CYS G 884 -40.24 -64.28 53.28
CA CYS G 884 -40.89 -63.69 54.45
C CYS G 884 -41.03 -62.18 54.36
N LYS G 885 -40.25 -61.52 53.49
CA LYS G 885 -40.25 -60.07 53.30
C LYS G 885 -39.95 -59.32 54.61
N GLN G 886 -38.81 -59.67 55.21
CA GLN G 886 -38.33 -59.01 56.41
C GLN G 886 -36.81 -58.91 56.35
N ASN G 887 -36.23 -58.25 57.34
CA ASN G 887 -34.79 -58.04 57.38
C ASN G 887 -34.10 -59.32 57.82
N ILE G 888 -33.05 -59.72 57.09
CA ILE G 888 -32.30 -60.91 57.46
C ILE G 888 -31.28 -60.67 58.56
N ASN G 889 -31.02 -59.41 58.90
CA ASN G 889 -30.01 -59.06 59.92
C ASN G 889 -30.66 -58.12 60.93
N THR G 890 -31.25 -58.70 61.98
CA THR G 890 -31.88 -57.92 63.02
C THR G 890 -31.16 -58.09 64.36
N PRO G 937 -23.13 -70.27 60.00
CA PRO G 937 -23.43 -70.14 58.57
C PRO G 937 -22.25 -69.58 57.78
N ARG G 938 -21.10 -70.23 57.89
CA ARG G 938 -19.91 -69.77 57.17
C ARG G 938 -19.88 -70.21 55.72
N HIS G 939 -20.75 -71.14 55.31
CA HIS G 939 -20.78 -71.61 53.93
C HIS G 939 -22.18 -71.65 53.34
N LYS G 940 -23.21 -71.32 54.11
CA LYS G 940 -24.57 -71.30 53.60
C LYS G 940 -25.35 -70.27 54.40
N TYR G 941 -25.72 -69.16 53.76
CA TYR G 941 -26.46 -68.09 54.41
C TYR G 941 -27.93 -68.21 54.07
N CYS G 942 -28.78 -68.11 55.09
CA CYS G 942 -30.21 -68.21 54.91
C CYS G 942 -30.88 -67.16 55.77
N CYS G 943 -32.12 -66.83 55.42
CA CYS G 943 -32.91 -65.91 56.22
C CYS G 943 -33.22 -66.53 57.57
N PRO G 944 -33.07 -65.79 58.68
CA PRO G 944 -33.36 -66.37 59.98
C PRO G 944 -34.83 -66.49 60.30
N HIS G 945 -35.69 -65.69 59.67
CA HIS G 945 -37.12 -65.71 60.00
C HIS G 945 -37.83 -66.93 59.43
N CYS G 946 -37.49 -67.34 58.21
CA CYS G 946 -38.20 -68.44 57.57
C CYS G 946 -37.29 -69.44 56.87
N GLY G 947 -35.99 -69.22 56.79
CA GLY G 947 -35.07 -70.18 56.23
C GLY G 947 -34.85 -70.07 54.73
N SER G 948 -35.60 -69.21 54.04
CA SER G 948 -35.49 -69.11 52.59
C SER G 948 -34.16 -68.49 52.20
N SER G 949 -33.59 -68.98 51.10
CA SER G 949 -32.23 -68.60 50.72
C SER G 949 -32.22 -67.24 50.03
N PHE G 950 -31.04 -66.85 49.57
CA PHE G 950 -30.82 -65.56 48.94
C PHE G 950 -31.35 -65.56 47.51
N PRO G 951 -31.55 -64.37 46.93
CA PRO G 951 -31.87 -64.31 45.49
C PRO G 951 -30.77 -64.92 44.64
N ARG G 952 -31.18 -65.54 43.55
CA ARG G 952 -30.27 -66.32 42.70
C ARG G 952 -29.42 -65.41 41.82
N CYS G 953 -28.37 -66.00 41.27
CA CYS G 953 -27.54 -65.30 40.31
C CYS G 953 -28.30 -65.08 39.01
N ALA G 954 -27.95 -64.02 38.29
CA ALA G 954 -28.58 -63.70 37.03
C ALA G 954 -27.93 -64.39 35.84
N ILE G 955 -26.83 -65.11 36.07
CA ILE G 955 -26.10 -65.79 35.00
C ILE G 955 -26.30 -67.29 35.05
N CYS G 956 -26.38 -67.87 36.24
CA CYS G 956 -26.50 -69.31 36.41
C CYS G 956 -27.75 -69.76 37.14
N LEU G 957 -28.51 -68.83 37.73
CA LEU G 957 -29.73 -69.11 38.49
C LEU G 957 -29.50 -70.07 39.66
N MET G 958 -28.32 -69.95 40.29
CA MET G 958 -27.94 -70.65 41.50
C MET G 958 -28.02 -69.70 42.69
N PRO G 959 -28.33 -70.21 43.88
CA PRO G 959 -28.46 -69.32 45.05
C PRO G 959 -27.13 -68.67 45.43
N LEU G 960 -27.23 -67.45 45.96
CA LEU G 960 -26.07 -66.63 46.25
C LEU G 960 -25.67 -66.76 47.72
N GLY G 961 -24.38 -66.58 47.98
CA GLY G 961 -23.86 -66.62 49.33
C GLY G 961 -23.40 -67.97 49.80
N THR G 962 -23.45 -68.99 48.94
CA THR G 962 -23.00 -70.32 49.29
C THR G 962 -21.75 -70.66 48.50
N SER G 963 -20.77 -71.25 49.18
CA SER G 963 -19.53 -71.65 48.52
C SER G 963 -19.72 -73.07 47.98
N ASN G 964 -18.61 -73.79 47.78
CA ASN G 964 -18.53 -75.17 47.28
C ASN G 964 -19.51 -75.44 46.14
N LEU G 965 -19.55 -74.51 45.20
CA LEU G 965 -20.40 -74.63 44.03
C LEU G 965 -19.97 -75.82 43.18
N PRO G 966 -20.91 -76.58 42.60
CA PRO G 966 -20.56 -77.79 41.85
C PRO G 966 -19.77 -77.55 40.56
N PHE G 967 -19.37 -76.31 40.30
CA PHE G 967 -18.61 -75.92 39.13
C PHE G 967 -17.55 -74.93 39.56
N VAL G 968 -16.62 -74.66 38.65
CA VAL G 968 -15.54 -73.71 38.89
C VAL G 968 -15.81 -72.46 38.06
N ILE G 969 -15.96 -71.32 38.73
CA ILE G 969 -16.21 -70.05 38.05
C ILE G 969 -14.82 -69.48 37.71
N ASN G 970 -14.32 -69.85 36.54
CA ASN G 970 -13.01 -69.38 36.08
C ASN G 970 -13.16 -68.04 35.36
N GLY G 971 -13.40 -67.01 36.16
CA GLY G 971 -13.54 -65.68 35.60
C GLY G 971 -12.23 -65.13 35.10
N THR G 972 -12.33 -64.10 34.27
CA THR G 972 -11.15 -63.47 33.68
C THR G 972 -10.41 -62.62 34.71
N ASN G 988 2.57 -69.82 40.96
CA ASN G 988 1.78 -69.29 42.06
C ASN G 988 0.33 -69.76 41.96
N ARG G 989 0.11 -71.04 42.23
CA ARG G 989 -1.24 -71.60 42.17
C ARG G 989 -2.10 -71.21 43.37
N GLU G 990 -1.48 -70.77 44.47
CA GLU G 990 -2.25 -70.29 45.61
C GLU G 990 -3.04 -69.04 45.27
N LEU G 991 -2.43 -68.13 44.49
CA LEU G 991 -3.15 -66.95 44.04
C LEU G 991 -4.31 -67.32 43.12
N VAL G 992 -4.12 -68.34 42.27
CA VAL G 992 -5.18 -68.78 41.39
C VAL G 992 -6.32 -69.39 42.18
N SER G 993 -6.00 -70.17 43.22
CA SER G 993 -7.04 -70.75 44.07
C SER G 993 -7.79 -69.67 44.83
N ARG G 994 -7.07 -68.65 45.31
CA ARG G 994 -7.74 -67.53 45.99
C ARG G 994 -8.65 -66.78 45.04
N LYS G 995 -8.22 -66.58 43.79
CA LYS G 995 -9.07 -65.92 42.81
C LYS G 995 -10.30 -66.76 42.50
N LEU G 996 -10.14 -68.08 42.42
CA LEU G 996 -11.27 -68.96 42.12
C LEU G 996 -12.25 -69.01 43.28
N LYS G 997 -11.77 -68.84 44.51
CA LYS G 997 -12.66 -68.92 45.66
C LYS G 997 -13.24 -67.54 45.99
N LEU G 998 -12.60 -66.49 45.48
CA LEU G 998 -13.11 -65.13 45.63
C LEU G 998 -14.17 -64.83 44.59
N ASN G 999 -14.07 -65.45 43.41
CA ASN G 999 -14.99 -65.17 42.31
C ASN G 999 -16.41 -65.63 42.63
N GLU G 1000 -16.59 -66.55 43.58
CA GLU G 1000 -17.93 -66.97 43.97
C GLU G 1000 -18.46 -66.19 45.18
N TRP G 1001 -18.44 -64.86 45.11
CA TRP G 1001 -19.08 -64.06 46.15
C TRP G 1001 -20.25 -63.25 45.63
N PHE G 1002 -20.96 -62.69 46.60
CA PHE G 1002 -22.13 -61.87 46.35
C PHE G 1002 -21.73 -60.57 45.70
N SER G 1003 -22.52 -60.11 44.73
CA SER G 1003 -22.22 -58.88 44.00
C SER G 1003 -23.49 -58.40 43.33
N PHE G 1004 -23.84 -57.14 43.53
CA PHE G 1004 -25.07 -56.61 42.97
C PHE G 1004 -24.90 -55.16 42.57
N CYS G 1005 -25.55 -54.78 41.48
CA CYS G 1005 -25.57 -53.38 41.05
C CYS G 1005 -26.44 -52.56 41.98
N LEU G 1006 -26.00 -51.34 42.27
CA LEU G 1006 -26.73 -50.46 43.17
C LEU G 1006 -27.65 -49.49 42.44
N SER G 1007 -27.74 -49.57 41.11
CA SER G 1007 -28.65 -48.72 40.36
C SER G 1007 -29.87 -49.45 39.83
N CYS G 1008 -29.81 -50.77 39.65
CA CYS G 1008 -30.95 -51.56 39.22
C CYS G 1008 -31.29 -52.70 40.16
N ASN G 1009 -30.42 -52.99 41.14
CA ASN G 1009 -30.63 -54.03 42.16
C ASN G 1009 -30.80 -55.42 41.55
N HIS G 1010 -29.76 -55.88 40.86
CA HIS G 1010 -29.72 -57.22 40.29
C HIS G 1010 -28.39 -57.87 40.64
N GLY G 1011 -28.45 -59.06 41.22
CA GLY G 1011 -27.30 -59.72 41.78
C GLY G 1011 -26.63 -60.71 40.85
N MET G 1012 -25.32 -60.85 41.01
CA MET G 1012 -24.51 -61.74 40.21
C MET G 1012 -23.40 -62.31 41.09
N HIS G 1013 -22.84 -63.43 40.65
CA HIS G 1013 -21.56 -63.84 41.21
C HIS G 1013 -20.46 -62.90 40.69
N ALA G 1014 -19.37 -62.81 41.45
CA ALA G 1014 -18.27 -61.93 41.06
C ALA G 1014 -17.60 -62.43 39.79
N GLY G 1015 -17.31 -63.73 39.73
CA GLY G 1015 -16.76 -64.30 38.52
C GLY G 1015 -17.72 -64.28 37.35
N HIS G 1016 -19.03 -64.46 37.63
CA HIS G 1016 -20.04 -64.36 36.58
C HIS G 1016 -20.07 -62.97 35.98
N ALA G 1017 -20.03 -61.93 36.83
CA ALA G 1017 -20.02 -60.57 36.34
C ALA G 1017 -18.73 -60.25 35.60
N GLU G 1018 -17.59 -60.75 36.08
CA GLU G 1018 -16.32 -60.53 35.41
C GLU G 1018 -16.28 -61.18 34.03
N GLU G 1019 -16.84 -62.39 33.91
CA GLU G 1019 -16.86 -63.06 32.62
C GLU G 1019 -17.93 -62.51 31.69
N TRP G 1020 -19.02 -61.97 32.23
CA TRP G 1020 -20.14 -61.52 31.42
C TRP G 1020 -19.97 -60.10 30.92
N PHE G 1021 -19.36 -59.22 31.72
CA PHE G 1021 -19.20 -57.83 31.33
C PHE G 1021 -17.99 -57.61 30.44
N ASP G 1022 -17.21 -58.64 30.15
CA ASP G 1022 -16.14 -58.54 29.19
C ASP G 1022 -16.61 -58.68 27.74
N ARG G 1023 -17.89 -59.03 27.54
CA ARG G 1023 -18.43 -59.19 26.20
C ARG G 1023 -19.75 -58.46 25.99
N HIS G 1024 -20.43 -58.04 27.04
CA HIS G 1024 -21.70 -57.35 26.94
C HIS G 1024 -21.66 -56.10 27.81
N ASN G 1025 -22.66 -55.24 27.61
CA ASN G 1025 -22.71 -53.96 28.32
C ASN G 1025 -24.10 -53.67 28.89
N VAL G 1026 -24.94 -54.69 29.05
CA VAL G 1026 -26.28 -54.53 29.58
C VAL G 1026 -26.43 -55.52 30.73
N CYS G 1027 -27.30 -55.19 31.68
CA CYS G 1027 -27.63 -56.11 32.77
C CYS G 1027 -28.20 -57.41 32.20
N PRO G 1028 -27.76 -58.57 32.71
CA PRO G 1028 -28.20 -59.84 32.13
C PRO G 1028 -29.63 -60.22 32.42
N THR G 1029 -30.28 -59.61 33.40
CA THR G 1029 -31.68 -59.91 33.67
C THR G 1029 -32.56 -59.40 32.53
N PRO G 1030 -33.55 -60.18 32.10
CA PRO G 1030 -34.42 -59.71 31.02
C PRO G 1030 -35.33 -58.58 31.47
N GLY G 1031 -35.46 -57.58 30.60
CA GLY G 1031 -36.30 -56.44 30.89
C GLY G 1031 -35.65 -55.34 31.69
N CYS G 1032 -34.33 -55.38 31.87
CA CYS G 1032 -33.59 -54.35 32.59
C CYS G 1032 -32.65 -53.63 31.64
N THR G 1033 -32.71 -52.30 31.65
CA THR G 1033 -31.85 -51.45 30.82
C THR G 1033 -30.97 -50.64 31.76
N CYS G 1034 -29.80 -51.18 32.09
CA CYS G 1034 -28.89 -50.54 33.03
C CYS G 1034 -27.49 -51.02 32.71
N GLN G 1035 -26.64 -50.12 32.24
CA GLN G 1035 -25.24 -50.46 31.97
C GLN G 1035 -24.51 -50.48 33.30
N CYS G 1036 -24.40 -51.66 33.89
CA CYS G 1036 -23.80 -51.81 35.21
C CYS G 1036 -22.28 -51.68 35.18
N ASN G 1037 -21.65 -51.76 34.01
CA ASN G 1037 -20.20 -51.65 33.96
C ASN G 1037 -19.74 -50.24 34.25
N LYS G 1038 -20.35 -49.25 33.61
CA LYS G 1038 -19.99 -47.85 33.81
C LYS G 1038 -21.13 -46.93 33.41
N MET H 1 13.02 -26.19 40.90
CA MET H 1 11.83 -25.59 40.34
C MET H 1 11.64 -25.97 38.88
N GLN H 2 10.48 -26.53 38.56
CA GLN H 2 10.11 -26.86 37.19
C GLN H 2 8.84 -26.10 36.80
N PRO H 3 8.96 -25.03 36.00
CA PRO H 3 7.77 -24.30 35.58
C PRO H 3 7.06 -25.01 34.42
N PHE H 4 5.74 -25.12 34.53
CA PHE H 4 4.92 -25.67 33.46
C PHE H 4 3.88 -24.63 33.08
N ASP H 5 3.71 -24.41 31.77
CA ASP H 5 2.77 -23.42 31.29
C ASP H 5 1.34 -23.96 31.40
N SER H 6 0.48 -23.20 32.08
CA SER H 6 -0.90 -23.65 32.24
C SER H 6 -1.68 -23.49 30.95
N GLY H 7 -1.31 -22.54 30.10
CA GLY H 7 -1.92 -22.39 28.80
C GLY H 7 -3.01 -21.34 28.70
N HIS H 8 -3.25 -20.58 29.75
CA HIS H 8 -4.27 -19.54 29.68
C HIS H 8 -3.77 -18.38 28.84
N ASP H 9 -4.72 -17.61 28.31
CA ASP H 9 -4.43 -16.40 27.56
C ASP H 9 -4.45 -15.16 28.44
N ASP H 10 -4.67 -15.30 29.74
CA ASP H 10 -4.71 -14.16 30.64
C ASP H 10 -4.18 -14.60 31.99
N LEU H 11 -4.46 -13.81 33.03
CA LEU H 11 -3.85 -14.03 34.33
C LEU H 11 -4.51 -15.17 35.07
N VAL H 12 -3.69 -16.12 35.55
CA VAL H 12 -4.18 -17.23 36.36
C VAL H 12 -4.50 -16.71 37.75
N HIS H 13 -5.76 -16.84 38.16
CA HIS H 13 -6.24 -16.20 39.38
C HIS H 13 -6.07 -17.09 40.61
N ASP H 14 -6.68 -18.28 40.58
CA ASP H 14 -6.63 -19.18 41.72
C ASP H 14 -6.19 -20.57 41.29
N VAL H 15 -5.33 -21.18 42.10
CA VAL H 15 -4.89 -22.55 41.91
C VAL H 15 -5.16 -23.32 43.19
N VAL H 16 -5.85 -24.45 43.08
CA VAL H 16 -6.20 -25.28 44.24
C VAL H 16 -5.87 -26.73 43.94
N TYR H 17 -5.40 -27.44 44.96
CA TYR H 17 -5.15 -28.87 44.89
C TYR H 17 -6.43 -29.64 45.21
N ASP H 18 -6.43 -30.93 44.92
CA ASP H 18 -7.52 -31.78 45.34
C ASP H 18 -7.19 -32.36 46.72
N PHE H 19 -8.03 -33.28 47.19
CA PHE H 19 -7.79 -33.89 48.49
C PHE H 19 -6.60 -34.84 48.45
N TYR H 20 -6.40 -35.54 47.34
CA TYR H 20 -5.33 -36.51 47.22
C TYR H 20 -4.03 -35.90 46.73
N GLY H 21 -4.04 -34.64 46.34
CA GLY H 21 -2.81 -33.97 45.96
C GLY H 21 -2.25 -34.36 44.61
N ARG H 22 -3.06 -34.90 43.72
CA ARG H 22 -2.60 -35.26 42.38
C ARG H 22 -3.32 -34.50 41.27
N HIS H 23 -4.27 -33.64 41.60
CA HIS H 23 -4.99 -32.83 40.63
C HIS H 23 -4.94 -31.38 41.05
N VAL H 24 -4.71 -30.49 40.09
CA VAL H 24 -4.77 -29.05 40.34
C VAL H 24 -5.75 -28.43 39.37
N ALA H 25 -6.57 -27.51 39.86
CA ALA H 25 -7.51 -26.76 39.05
C ALA H 25 -7.08 -25.31 39.01
N THR H 26 -6.98 -24.76 37.80
CA THR H 26 -6.55 -23.38 37.60
C THR H 26 -7.68 -22.60 36.93
N CYS H 27 -8.06 -21.50 37.54
CA CYS H 27 -9.00 -20.56 36.94
C CYS H 27 -8.24 -19.32 36.50
N SER H 28 -8.84 -18.59 35.55
CA SER H 28 -8.16 -17.42 34.99
C SER H 28 -9.19 -16.43 34.49
N SER H 29 -8.70 -15.28 34.04
CA SER H 29 -9.55 -14.22 33.51
C SER H 29 -9.89 -14.41 32.04
N ASP H 30 -9.43 -15.49 31.41
CA ASP H 30 -9.81 -15.82 30.05
C ASP H 30 -11.09 -16.66 29.98
N GLN H 31 -11.85 -16.71 31.09
CA GLN H 31 -13.09 -17.47 31.21
C GLN H 31 -12.87 -18.95 30.92
N HIS H 32 -11.90 -19.55 31.61
CA HIS H 32 -11.57 -20.94 31.41
C HIS H 32 -11.22 -21.58 32.74
N ILE H 33 -11.51 -22.87 32.86
CA ILE H 33 -11.06 -23.71 33.96
C ILE H 33 -10.26 -24.85 33.37
N LYS H 34 -9.06 -25.07 33.90
CA LYS H 34 -8.20 -26.15 33.46
C LYS H 34 -7.87 -27.04 34.65
N VAL H 35 -7.95 -28.35 34.43
CA VAL H 35 -7.62 -29.33 35.44
C VAL H 35 -6.41 -30.11 34.94
N PHE H 36 -5.36 -30.14 35.75
CA PHE H 36 -4.11 -30.81 35.41
C PHE H 36 -3.91 -32.00 36.33
N LYS H 37 -3.60 -33.15 35.75
CA LYS H 37 -3.31 -34.34 36.53
C LYS H 37 -1.80 -34.56 36.58
N LEU H 38 -1.34 -35.14 37.69
CA LEU H 38 0.07 -35.43 37.85
C LEU H 38 0.29 -36.87 37.41
N ASP H 39 1.00 -37.03 36.30
CA ASP H 39 1.23 -38.36 35.76
C ASP H 39 2.19 -39.15 36.66
N LYS H 40 1.85 -40.42 36.89
CA LYS H 40 2.68 -41.26 37.73
C LYS H 40 3.96 -41.68 37.02
N ASP H 41 3.89 -41.89 35.71
CA ASP H 41 5.05 -42.38 34.97
C ASP H 41 6.01 -41.26 34.61
N THR H 42 5.53 -40.26 33.85
CA THR H 42 6.40 -39.20 33.37
C THR H 42 6.75 -38.18 34.45
N SER H 43 5.96 -38.13 35.54
CA SER H 43 6.14 -37.19 36.65
C SER H 43 6.17 -35.74 36.17
N ASN H 44 5.27 -35.41 35.24
CA ASN H 44 5.12 -34.05 34.73
C ASN H 44 3.63 -33.71 34.69
N TRP H 45 3.31 -32.45 34.96
CA TRP H 45 1.92 -32.01 34.93
C TRP H 45 1.40 -31.99 33.51
N GLU H 46 0.27 -32.66 33.28
CA GLU H 46 -0.36 -32.74 31.97
C GLU H 46 -1.83 -32.42 32.10
N LEU H 47 -2.38 -31.83 31.05
CA LEU H 47 -3.73 -31.30 31.09
C LEU H 47 -4.75 -32.41 30.94
N SER H 48 -5.81 -32.34 31.73
CA SER H 48 -6.91 -33.29 31.66
C SER H 48 -8.12 -32.74 30.90
N ASP H 49 -8.58 -31.54 31.25
CA ASP H 49 -9.63 -30.89 30.48
C ASP H 49 -9.47 -29.38 30.59
N SER H 50 -10.06 -28.68 29.63
CA SER H 50 -10.01 -27.23 29.58
C SER H 50 -11.28 -26.73 28.92
N TRP H 51 -12.20 -26.18 29.71
CA TRP H 51 -13.50 -25.79 29.20
C TRP H 51 -13.84 -24.37 29.64
N ARG H 52 -14.56 -23.67 28.78
CA ARG H 52 -15.07 -22.35 29.14
C ARG H 52 -16.18 -22.49 30.17
N ALA H 53 -16.10 -21.68 31.22
CA ALA H 53 -17.00 -21.82 32.36
C ALA H 53 -17.96 -20.66 32.53
N HIS H 54 -17.47 -19.43 32.58
CA HIS H 54 -18.27 -18.27 32.91
C HIS H 54 -18.21 -17.25 31.79
N ASP H 55 -18.99 -16.19 31.95
CA ASP H 55 -18.99 -15.06 31.03
C ASP H 55 -18.12 -13.92 31.52
N SER H 56 -17.43 -14.08 32.65
CA SER H 56 -16.52 -13.08 33.17
C SER H 56 -15.32 -13.80 33.74
N SER H 57 -14.50 -13.07 34.49
CA SER H 57 -13.25 -13.62 35.00
C SER H 57 -13.51 -14.46 36.24
N ILE H 58 -13.01 -15.70 36.22
CA ILE H 58 -13.12 -16.59 37.36
C ILE H 58 -12.01 -16.27 38.34
N VAL H 59 -12.37 -16.12 39.61
CA VAL H 59 -11.42 -15.69 40.62
C VAL H 59 -11.23 -16.70 41.76
N ALA H 60 -12.12 -17.66 41.94
CA ALA H 60 -11.97 -18.64 43.01
C ALA H 60 -12.63 -19.95 42.62
N ILE H 61 -11.91 -21.05 42.80
CA ILE H 61 -12.43 -22.38 42.58
C ILE H 61 -12.05 -23.26 43.77
N ASP H 62 -12.82 -24.31 43.99
CA ASP H 62 -12.57 -25.21 45.09
C ASP H 62 -12.98 -26.62 44.70
N TRP H 63 -12.19 -27.61 45.13
CA TRP H 63 -12.55 -29.00 44.96
C TRP H 63 -13.44 -29.45 46.11
N ALA H 64 -14.35 -30.36 45.81
CA ALA H 64 -15.21 -30.91 46.84
C ALA H 64 -14.52 -32.08 47.52
N SER H 65 -15.17 -32.60 48.56
CA SER H 65 -14.64 -33.76 49.26
C SER H 65 -14.70 -34.99 48.34
N PRO H 66 -13.69 -35.85 48.39
CA PRO H 66 -13.67 -37.01 47.48
C PRO H 66 -14.71 -38.08 47.82
N GLU H 67 -15.35 -38.00 48.99
CA GLU H 67 -16.40 -38.94 49.31
C GLU H 67 -17.75 -38.52 48.76
N TYR H 68 -17.85 -37.32 48.21
CA TYR H 68 -19.07 -36.86 47.54
C TYR H 68 -18.91 -36.86 46.02
N GLY H 69 -17.85 -37.46 45.50
CA GLY H 69 -17.55 -37.38 44.09
C GLY H 69 -16.59 -36.25 43.80
N ARG H 70 -16.38 -36.03 42.50
CA ARG H 70 -15.44 -35.01 42.03
C ARG H 70 -16.24 -33.81 41.55
N ILE H 71 -16.39 -32.81 42.40
CA ILE H 71 -17.14 -31.59 42.10
C ILE H 71 -16.21 -30.40 42.28
N ILE H 72 -16.19 -29.51 41.29
CA ILE H 72 -15.41 -28.28 41.35
C ILE H 72 -16.38 -27.11 41.33
N ALA H 73 -16.32 -26.27 42.36
CA ALA H 73 -17.05 -25.03 42.36
C ALA H 73 -16.27 -23.96 41.61
N SER H 74 -16.97 -22.93 41.14
CA SER H 74 -16.33 -21.87 40.37
C SER H 74 -17.08 -20.57 40.61
N ALA H 75 -16.46 -19.63 41.30
CA ALA H 75 -17.04 -18.33 41.57
C ALA H 75 -16.33 -17.29 40.72
N SER H 76 -17.09 -16.61 39.87
CA SER H 76 -16.56 -15.60 38.98
C SER H 76 -17.22 -14.25 39.26
N TYR H 77 -16.84 -13.25 38.48
CA TYR H 77 -17.31 -11.89 38.68
C TYR H 77 -18.66 -11.62 38.00
N ASP H 78 -19.23 -12.61 37.31
CA ASP H 78 -20.53 -12.45 36.67
C ASP H 78 -21.68 -12.86 37.59
N LYS H 79 -21.47 -12.79 38.91
CA LYS H 79 -22.48 -13.05 39.94
C LYS H 79 -23.04 -14.47 39.84
N THR H 80 -22.18 -15.44 39.55
CA THR H 80 -22.60 -16.83 39.44
C THR H 80 -21.61 -17.74 40.14
N VAL H 81 -22.13 -18.83 40.71
CA VAL H 81 -21.32 -19.95 41.17
C VAL H 81 -21.80 -21.18 40.43
N LYS H 82 -20.88 -21.83 39.71
CA LYS H 82 -21.20 -22.97 38.88
C LYS H 82 -20.49 -24.20 39.40
N LEU H 83 -21.22 -25.30 39.52
CA LEU H 83 -20.71 -26.54 40.09
C LEU H 83 -20.52 -27.56 38.98
N TRP H 84 -19.35 -28.17 38.92
CA TRP H 84 -18.92 -28.95 37.77
C TRP H 84 -18.61 -30.37 38.21
N GLU H 85 -19.29 -31.35 37.62
CA GLU H 85 -19.11 -32.76 37.95
C GLU H 85 -18.49 -33.49 36.77
N GLU H 86 -17.52 -34.36 37.07
CA GLU H 86 -16.80 -35.08 36.03
C GLU H 86 -17.57 -36.35 35.65
N ASP H 87 -17.89 -36.47 34.36
CA ASP H 87 -18.36 -37.73 33.82
C ASP H 87 -17.21 -38.38 33.07
N PRO H 88 -16.70 -39.53 33.53
CA PRO H 88 -15.48 -40.10 32.93
C PRO H 88 -15.69 -40.71 31.57
N ASP H 89 -16.92 -40.79 31.06
CA ASP H 89 -17.16 -41.33 29.72
C ASP H 89 -17.08 -40.24 28.65
N GLN H 90 -16.01 -39.46 28.68
CA GLN H 90 -15.71 -38.47 27.66
C GLN H 90 -14.20 -38.45 27.44
N GLU H 91 -13.80 -37.94 26.28
CA GLU H 91 -12.39 -37.87 25.94
C GLU H 91 -11.74 -36.69 26.66
N GLU H 92 -10.45 -36.85 26.97
CA GLU H 92 -9.70 -35.81 27.64
C GLU H 92 -9.37 -34.66 26.68
N CYS H 93 -9.16 -33.48 27.26
CA CYS H 93 -8.81 -32.25 26.54
C CYS H 93 -9.84 -31.91 25.47
N SER H 94 -11.12 -32.16 25.78
CA SER H 94 -12.20 -31.95 24.82
C SER H 94 -13.17 -30.86 25.22
N GLY H 95 -13.41 -30.66 26.52
CA GLY H 95 -14.38 -29.69 26.98
C GLY H 95 -15.65 -30.31 27.51
N ARG H 96 -15.87 -31.60 27.28
CA ARG H 96 -17.05 -32.30 27.78
C ARG H 96 -16.72 -33.23 28.94
N ARG H 97 -15.48 -33.24 29.43
CA ARG H 97 -15.10 -34.12 30.52
C ARG H 97 -15.69 -33.68 31.86
N TRP H 98 -16.05 -32.40 32.00
CA TRP H 98 -16.62 -31.88 33.24
C TRP H 98 -17.98 -31.30 32.93
N ASN H 99 -19.03 -31.93 33.44
CA ASN H 99 -20.40 -31.55 33.13
C ASN H 99 -20.91 -30.53 34.14
N LYS H 100 -21.69 -29.58 33.65
CA LYS H 100 -22.29 -28.55 34.49
C LYS H 100 -23.45 -29.13 35.29
N LEU H 101 -23.57 -28.70 36.55
CA LEU H 101 -24.62 -29.17 37.43
C LEU H 101 -25.65 -28.09 37.73
N CYS H 102 -25.22 -26.96 38.26
CA CYS H 102 -26.17 -25.97 38.75
C CYS H 102 -25.53 -24.59 38.73
N THR H 103 -26.33 -23.58 38.42
CA THR H 103 -25.92 -22.19 38.49
C THR H 103 -26.64 -21.54 39.66
N LEU H 104 -25.89 -20.86 40.52
CA LEU H 104 -26.44 -20.21 41.71
C LEU H 104 -26.62 -18.73 41.38
N ASN H 105 -27.77 -18.39 40.80
CA ASN H 105 -28.09 -17.01 40.42
C ASN H 105 -28.79 -16.27 41.55
N ASP H 106 -28.21 -16.30 42.75
CA ASP H 106 -28.74 -15.55 43.88
C ASP H 106 -27.87 -14.39 44.30
N SER H 107 -26.59 -14.41 43.96
CA SER H 107 -25.69 -13.34 44.34
C SER H 107 -25.93 -12.12 43.47
N LYS H 108 -26.14 -10.97 44.10
CA LYS H 108 -26.33 -9.72 43.40
C LYS H 108 -25.02 -8.98 43.14
N GLY H 109 -23.89 -9.57 43.53
CA GLY H 109 -22.61 -8.92 43.34
C GLY H 109 -21.57 -9.89 42.83
N SER H 110 -20.44 -9.32 42.42
CA SER H 110 -19.35 -10.11 41.84
C SER H 110 -18.70 -10.96 42.91
N LEU H 111 -18.79 -12.28 42.77
CA LEU H 111 -18.32 -13.18 43.81
C LEU H 111 -16.79 -13.24 43.83
N TYR H 112 -16.24 -13.32 45.04
CA TYR H 112 -14.81 -13.29 45.25
C TYR H 112 -14.23 -14.62 45.72
N SER H 113 -14.86 -15.28 46.68
CA SER H 113 -14.33 -16.53 47.23
C SER H 113 -15.43 -17.57 47.35
N VAL H 114 -15.09 -18.82 47.05
CA VAL H 114 -15.98 -19.95 47.23
C VAL H 114 -15.23 -21.05 47.97
N LYS H 115 -15.91 -21.71 48.91
CA LYS H 115 -15.27 -22.72 49.74
C LYS H 115 -16.27 -23.82 50.06
N PHE H 116 -15.77 -25.06 50.09
CA PHE H 116 -16.54 -26.20 50.56
C PHE H 116 -16.31 -26.42 52.05
N ALA H 117 -17.38 -26.75 52.76
CA ALA H 117 -17.28 -27.18 54.14
C ALA H 117 -16.64 -28.57 54.19
N PRO H 118 -16.07 -28.96 55.33
CA PRO H 118 -15.54 -30.32 55.46
C PRO H 118 -16.64 -31.37 55.35
N ALA H 119 -16.22 -32.59 55.02
CA ALA H 119 -17.14 -33.65 54.63
C ALA H 119 -18.08 -34.07 55.75
N HIS H 120 -17.74 -33.83 57.01
CA HIS H 120 -18.62 -34.18 58.11
C HIS H 120 -19.79 -33.22 58.27
N LEU H 121 -19.77 -32.08 57.60
CA LEU H 121 -20.87 -31.13 57.63
C LEU H 121 -21.84 -31.31 56.47
N GLY H 122 -21.59 -32.25 55.58
CA GLY H 122 -22.40 -32.41 54.39
C GLY H 122 -21.79 -31.70 53.20
N LEU H 123 -22.52 -31.76 52.08
CA LEU H 123 -22.08 -31.12 50.84
C LEU H 123 -22.54 -29.67 50.85
N LYS H 124 -21.78 -28.85 51.58
CA LYS H 124 -22.11 -27.44 51.77
C LYS H 124 -21.21 -26.57 50.90
N LEU H 125 -21.62 -25.31 50.76
CA LEU H 125 -20.87 -24.31 50.02
C LEU H 125 -20.82 -23.03 50.84
N ALA H 126 -19.93 -22.12 50.46
CA ALA H 126 -19.85 -20.81 51.10
C ALA H 126 -19.43 -19.81 50.05
N CYS H 127 -20.28 -18.82 49.78
CA CYS H 127 -20.02 -17.83 48.75
C CYS H 127 -19.91 -16.45 49.39
N LEU H 128 -19.09 -15.60 48.78
CA LEU H 128 -18.92 -14.23 49.25
C LEU H 128 -18.57 -13.34 48.07
N GLY H 129 -19.30 -12.23 47.96
CA GLY H 129 -19.02 -11.27 46.91
C GLY H 129 -18.91 -9.87 47.45
N ASN H 130 -18.93 -8.86 46.57
CA ASN H 130 -18.85 -7.49 47.04
C ASN H 130 -20.19 -6.96 47.53
N ASP H 131 -21.26 -7.76 47.46
CA ASP H 131 -22.49 -7.39 48.13
C ASP H 131 -22.41 -7.56 49.64
N GLY H 132 -21.35 -8.19 50.15
CA GLY H 132 -21.20 -8.37 51.58
C GLY H 132 -22.11 -9.38 52.20
N ILE H 133 -22.61 -10.34 51.43
CA ILE H 133 -23.57 -11.32 51.91
C ILE H 133 -22.93 -12.70 51.83
N LEU H 134 -22.85 -13.37 52.99
CA LEU H 134 -22.33 -14.72 53.07
C LEU H 134 -23.49 -15.70 52.89
N ARG H 135 -23.37 -16.58 51.89
CA ARG H 135 -24.42 -17.53 51.55
C ARG H 135 -23.89 -18.95 51.67
N LEU H 136 -24.68 -19.82 52.29
CA LEU H 136 -24.37 -21.23 52.43
C LEU H 136 -25.36 -22.04 51.61
N TYR H 137 -24.87 -22.84 50.68
CA TYR H 137 -25.70 -23.68 49.83
C TYR H 137 -25.46 -25.14 50.19
N ASP H 138 -26.52 -25.86 50.52
CA ASP H 138 -26.42 -27.27 50.83
C ASP H 138 -26.81 -28.10 49.62
N ALA H 139 -26.74 -29.42 49.77
CA ALA H 139 -27.18 -30.38 48.75
C ALA H 139 -28.10 -31.38 49.46
N LEU H 140 -29.39 -31.05 49.52
CA LEU H 140 -30.31 -31.82 50.35
C LEU H 140 -30.80 -33.07 49.64
N GLU H 141 -31.26 -32.94 48.41
CA GLU H 141 -31.74 -34.10 47.65
C GLU H 141 -30.56 -34.93 47.19
N PRO H 142 -30.45 -36.20 47.58
CA PRO H 142 -29.31 -37.02 47.17
C PRO H 142 -29.46 -37.67 45.81
N SER H 143 -30.66 -37.65 45.22
CA SER H 143 -30.87 -38.30 43.93
C SER H 143 -30.19 -37.53 42.81
N ASP H 144 -30.33 -36.21 42.79
CA ASP H 144 -29.71 -35.37 41.78
C ASP H 144 -28.89 -34.29 42.47
N LEU H 145 -27.65 -34.11 42.03
CA LEU H 145 -26.80 -33.04 42.53
C LEU H 145 -26.97 -31.77 41.68
N ARG H 146 -28.21 -31.38 41.48
CA ARG H 146 -28.54 -30.16 40.76
C ARG H 146 -29.53 -29.28 41.51
N SER H 147 -30.09 -29.74 42.62
CA SER H 147 -31.01 -28.97 43.44
C SER H 147 -30.23 -28.56 44.69
N TRP H 148 -29.56 -27.41 44.61
CA TRP H 148 -28.81 -26.86 45.73
C TRP H 148 -29.64 -25.76 46.37
N THR H 149 -29.85 -25.84 47.67
CA THR H 149 -30.76 -24.96 48.38
C THR H 149 -29.99 -24.01 49.27
N LEU H 150 -30.34 -22.73 49.19
CA LEU H 150 -29.75 -21.72 50.08
C LEU H 150 -30.34 -21.88 51.48
N THR H 151 -29.48 -21.95 52.48
CA THR H 151 -29.94 -22.16 53.85
C THR H 151 -29.55 -21.06 54.82
N SER H 152 -28.31 -20.57 54.77
CA SER H 152 -27.85 -19.52 55.66
C SER H 152 -27.46 -18.30 54.85
N GLU H 153 -27.95 -17.13 55.26
CA GLU H 153 -27.70 -15.87 54.57
C GLU H 153 -27.35 -14.81 55.61
N MET H 154 -26.07 -14.64 55.87
CA MET H 154 -25.57 -13.70 56.88
C MET H 154 -24.88 -12.53 56.20
N LYS H 155 -25.18 -11.33 56.68
CA LYS H 155 -24.63 -10.10 56.11
C LYS H 155 -23.33 -9.75 56.81
N VAL H 156 -22.25 -9.70 56.05
CA VAL H 156 -20.94 -9.35 56.60
C VAL H 156 -20.71 -7.84 56.56
N LEU H 157 -21.04 -7.20 55.44
CA LEU H 157 -20.85 -5.76 55.27
C LEU H 157 -22.21 -5.08 55.16
N SER H 158 -22.31 -3.89 55.77
CA SER H 158 -23.59 -3.19 55.82
C SER H 158 -24.00 -2.67 54.45
N ILE H 159 -23.07 -2.02 53.75
CA ILE H 159 -23.34 -1.51 52.41
C ILE H 159 -22.23 -2.01 51.48
N PRO H 160 -22.53 -2.29 50.21
CA PRO H 160 -21.47 -2.73 49.30
C PRO H 160 -20.54 -1.59 48.95
N PRO H 161 -19.27 -1.87 48.66
CA PRO H 161 -18.35 -0.81 48.27
C PRO H 161 -18.67 -0.28 46.88
N ALA H 162 -18.22 0.95 46.63
CA ALA H 162 -18.37 1.53 45.31
C ALA H 162 -17.43 0.84 44.32
N ASN H 163 -17.70 1.06 43.03
CA ASN H 163 -16.93 0.37 42.00
C ASN H 163 -15.49 0.87 41.91
N HIS H 164 -15.24 2.14 42.22
CA HIS H 164 -13.89 2.69 42.09
C HIS H 164 -12.98 2.28 43.23
N LEU H 165 -13.52 1.95 44.40
CA LEU H 165 -12.71 1.50 45.52
C LEU H 165 -12.49 0.00 45.41
N GLN H 166 -11.26 -0.45 45.62
CA GLN H 166 -11.03 -1.88 45.55
C GLN H 166 -11.53 -2.57 46.81
N SER H 167 -11.66 -3.89 46.71
CA SER H 167 -12.14 -4.71 47.80
C SER H 167 -11.52 -6.10 47.66
N ASP H 168 -11.49 -6.84 48.76
CA ASP H 168 -11.06 -8.23 48.71
C ASP H 168 -11.76 -9.01 49.80
N PHE H 169 -12.12 -10.25 49.47
CA PHE H 169 -12.84 -11.13 50.37
C PHE H 169 -12.18 -12.51 50.35
N CYS H 170 -12.26 -13.20 51.49
CA CYS H 170 -11.72 -14.55 51.56
C CYS H 170 -12.45 -15.33 52.65
N LEU H 171 -12.45 -16.66 52.50
CA LEU H 171 -13.15 -17.55 53.40
C LEU H 171 -12.24 -18.69 53.81
N SER H 172 -12.53 -19.26 54.97
CA SER H 172 -11.79 -20.42 55.47
C SER H 172 -12.68 -21.17 56.45
N TRP H 173 -12.91 -22.45 56.21
CA TRP H 173 -13.76 -23.26 57.07
C TRP H 173 -12.94 -23.77 58.25
N CYS H 174 -13.56 -24.60 59.08
CA CYS H 174 -12.87 -25.19 60.21
C CYS H 174 -12.62 -26.67 59.93
N PRO H 175 -11.39 -27.09 59.69
CA PRO H 175 -11.11 -28.50 59.37
C PRO H 175 -11.01 -29.38 60.62
N SER H 176 -12.09 -29.40 61.39
CA SER H 176 -12.14 -30.13 62.65
C SER H 176 -13.48 -30.83 62.74
N ARG H 177 -13.47 -32.16 62.75
CA ARG H 177 -14.70 -32.91 62.96
C ARG H 177 -15.10 -33.02 64.42
N PHE H 178 -14.22 -32.62 65.34
CA PHE H 178 -14.48 -32.74 66.77
C PHE H 178 -14.79 -31.40 67.41
N SER H 179 -15.01 -30.36 66.61
CA SER H 179 -15.40 -29.03 67.04
C SER H 179 -16.67 -28.64 66.32
N PRO H 180 -17.48 -27.76 66.90
CA PRO H 180 -18.68 -27.29 66.19
C PRO H 180 -18.33 -26.49 64.94
N GLU H 181 -19.34 -26.28 64.11
CA GLU H 181 -19.15 -25.70 62.79
C GLU H 181 -18.73 -24.23 62.90
N LYS H 182 -17.57 -23.91 62.34
CA LYS H 182 -17.02 -22.58 62.39
C LYS H 182 -16.67 -22.13 60.97
N LEU H 183 -16.61 -20.82 60.79
CA LEU H 183 -16.33 -20.23 59.48
C LEU H 183 -15.59 -18.92 59.67
N ALA H 184 -14.39 -18.83 59.12
CA ALA H 184 -13.61 -17.59 59.15
C ALA H 184 -13.93 -16.79 57.90
N VAL H 185 -14.55 -15.63 58.08
CA VAL H 185 -14.98 -14.78 56.97
C VAL H 185 -14.19 -13.49 57.04
N SER H 186 -13.51 -13.16 55.96
CA SER H 186 -12.70 -11.95 55.88
C SER H 186 -13.43 -10.92 55.04
N ALA H 187 -13.84 -9.82 55.67
CA ALA H 187 -14.39 -8.65 55.00
C ALA H 187 -13.25 -7.80 54.46
N LEU H 188 -13.54 -6.53 54.17
CA LEU H 188 -12.52 -5.59 53.71
C LEU H 188 -11.35 -5.50 54.68
N GLU H 189 -11.61 -4.99 55.88
CA GLU H 189 -10.59 -4.90 56.92
C GLU H 189 -10.93 -5.72 58.14
N GLN H 190 -11.99 -6.52 58.07
CA GLN H 190 -12.51 -7.27 59.21
C GLN H 190 -12.30 -8.76 59.01
N ALA H 191 -12.10 -9.47 60.12
CA ALA H 191 -12.05 -10.92 60.13
C ALA H 191 -13.00 -11.41 61.20
N ILE H 192 -14.04 -12.12 60.78
CA ILE H 192 -15.11 -12.57 61.66
C ILE H 192 -15.12 -14.09 61.67
N ILE H 193 -15.25 -14.68 62.84
CA ILE H 193 -15.48 -16.11 62.99
C ILE H 193 -16.96 -16.32 63.28
N TYR H 194 -17.61 -17.11 62.44
CA TYR H 194 -19.03 -17.41 62.56
C TYR H 194 -19.20 -18.83 63.05
N GLN H 195 -20.03 -19.02 64.06
CA GLN H 195 -20.26 -20.35 64.63
C GLN H 195 -21.73 -20.74 64.51
N ARG H 196 -21.97 -22.02 64.27
CA ARG H 196 -23.32 -22.54 64.17
C ARG H 196 -23.89 -22.74 65.56
N GLY H 197 -25.02 -22.09 65.83
CA GLY H 197 -25.63 -22.11 67.14
C GLY H 197 -26.59 -23.27 67.33
N LYS H 198 -27.28 -23.23 68.46
CA LYS H 198 -28.26 -24.28 68.77
C LYS H 198 -29.54 -24.14 67.96
N ASP H 199 -29.78 -22.96 67.38
CA ASP H 199 -30.98 -22.72 66.60
C ASP H 199 -30.80 -23.06 65.13
N GLY H 200 -29.62 -23.56 64.74
CA GLY H 200 -29.37 -23.87 63.35
C GLY H 200 -28.94 -22.70 62.50
N LYS H 201 -28.75 -21.52 63.08
CA LYS H 201 -28.37 -20.33 62.35
C LYS H 201 -26.98 -19.88 62.79
N LEU H 202 -26.25 -19.25 61.87
CA LEU H 202 -24.93 -18.73 62.18
C LEU H 202 -25.04 -17.49 63.06
N HIS H 203 -24.03 -17.31 63.91
CA HIS H 203 -23.97 -16.16 64.80
C HIS H 203 -22.54 -15.65 64.85
N VAL H 204 -22.39 -14.39 65.26
CA VAL H 204 -21.06 -13.81 65.40
C VAL H 204 -20.43 -14.37 66.67
N ALA H 205 -19.28 -15.01 66.53
CA ALA H 205 -18.62 -15.68 67.64
C ALA H 205 -17.40 -14.94 68.15
N ALA H 206 -16.45 -14.61 67.28
CA ALA H 206 -15.25 -13.91 67.68
C ALA H 206 -14.78 -13.03 66.53
N LYS H 207 -13.95 -12.05 66.86
CA LYS H 207 -13.39 -11.13 65.88
C LYS H 207 -11.88 -11.07 66.09
N LEU H 208 -11.12 -11.18 65.01
CA LEU H 208 -9.68 -11.06 65.10
C LEU H 208 -9.28 -9.59 65.10
N PRO H 209 -8.60 -9.11 66.13
CA PRO H 209 -8.23 -7.70 66.19
C PRO H 209 -7.04 -7.38 65.28
N GLY H 210 -6.82 -6.08 65.10
CA GLY H 210 -5.78 -5.60 64.22
C GLY H 210 -6.32 -5.21 62.86
N HIS H 211 -5.57 -5.52 61.80
CA HIS H 211 -6.00 -5.41 60.40
C HIS H 211 -6.43 -3.98 60.05
N LYS H 212 -5.43 -3.09 60.06
CA LYS H 212 -5.66 -1.70 59.69
C LYS H 212 -5.92 -1.53 58.19
N SER H 213 -5.62 -2.54 57.37
CA SER H 213 -5.79 -2.44 55.93
C SER H 213 -6.54 -3.64 55.38
N LEU H 214 -6.56 -3.79 54.06
CA LEU H 214 -7.32 -4.85 53.41
C LEU H 214 -6.72 -6.22 53.71
N ILE H 215 -7.58 -7.18 54.01
CA ILE H 215 -7.16 -8.57 54.24
C ILE H 215 -7.16 -9.29 52.91
N ARG H 216 -6.00 -9.83 52.53
CA ARG H 216 -5.84 -10.47 51.24
C ARG H 216 -5.99 -11.98 51.27
N SER H 217 -5.75 -12.62 52.41
CA SER H 217 -5.85 -14.06 52.50
C SER H 217 -6.12 -14.46 53.94
N ILE H 218 -6.98 -15.46 54.12
CA ILE H 218 -7.23 -16.06 55.42
C ILE H 218 -7.10 -17.56 55.27
N SER H 219 -6.66 -18.23 56.33
CA SER H 219 -6.39 -19.65 56.27
C SER H 219 -6.45 -20.25 57.66
N TRP H 220 -7.30 -21.24 57.85
CA TRP H 220 -7.42 -21.95 59.11
C TRP H 220 -6.52 -23.19 59.06
N ALA H 221 -5.64 -23.32 60.06
CA ALA H 221 -4.71 -24.42 60.08
C ALA H 221 -5.43 -25.72 60.41
N PRO H 222 -4.96 -26.86 59.88
CA PRO H 222 -5.57 -28.14 60.23
C PRO H 222 -5.30 -28.49 61.69
N SER H 223 -6.35 -28.96 62.36
CA SER H 223 -6.23 -29.37 63.75
C SER H 223 -5.65 -30.78 63.77
N ILE H 224 -4.33 -30.87 63.97
CA ILE H 224 -3.66 -32.16 63.96
C ILE H 224 -3.95 -32.94 65.23
N GLY H 225 -4.48 -32.28 66.26
CA GLY H 225 -4.75 -32.93 67.53
C GLY H 225 -4.43 -32.05 68.71
N ARG H 226 -3.92 -30.85 68.43
CA ARG H 226 -3.60 -29.89 69.48
C ARG H 226 -4.88 -29.28 70.05
N TRP H 227 -4.75 -28.64 71.21
CA TRP H 227 -5.89 -28.04 71.89
C TRP H 227 -6.14 -26.59 71.46
N TYR H 228 -5.31 -26.02 70.61
CA TYR H 228 -5.45 -24.64 70.17
C TYR H 228 -5.46 -24.60 68.64
N GLN H 229 -6.36 -23.80 68.08
CA GLN H 229 -6.45 -23.66 66.64
C GLN H 229 -5.64 -22.45 66.18
N LEU H 230 -5.33 -22.43 64.89
CA LEU H 230 -4.49 -21.39 64.31
C LEU H 230 -5.14 -20.81 63.06
N ILE H 231 -5.19 -19.49 62.99
CA ILE H 231 -5.65 -18.77 61.81
C ILE H 231 -4.52 -17.87 61.34
N ALA H 232 -4.15 -17.99 60.07
CA ALA H 232 -3.12 -17.15 59.47
C ALA H 232 -3.78 -16.16 58.53
N THR H 233 -3.32 -14.90 58.61
CA THR H 233 -3.92 -13.82 57.83
C THR H 233 -2.83 -13.00 57.16
N GLY H 234 -2.99 -12.75 55.87
CA GLY H 234 -2.10 -11.86 55.14
C GLY H 234 -2.80 -10.58 54.74
N CYS H 235 -2.37 -9.46 55.29
CA CYS H 235 -3.05 -8.19 55.12
C CYS H 235 -2.45 -7.40 53.95
N LYS H 236 -3.07 -6.26 53.63
CA LYS H 236 -2.48 -5.30 52.72
C LYS H 236 -1.23 -4.68 53.30
N ASP H 237 -1.09 -4.68 54.62
CA ASP H 237 0.15 -4.33 55.28
C ASP H 237 1.13 -5.49 55.16
N GLY H 238 2.31 -5.35 55.77
CA GLY H 238 3.28 -6.41 55.68
C GLY H 238 3.12 -7.52 56.69
N ARG H 239 1.99 -7.56 57.40
CA ARG H 239 1.85 -8.39 58.59
C ARG H 239 1.29 -9.76 58.23
N ILE H 240 2.01 -10.81 58.61
CA ILE H 240 1.50 -12.18 58.57
C ILE H 240 1.07 -12.50 59.99
N ARG H 241 -0.19 -12.19 60.31
CA ARG H 241 -0.68 -12.39 61.66
C ARG H 241 -1.15 -13.83 61.84
N ILE H 242 -0.68 -14.47 62.91
CA ILE H 242 -1.10 -15.81 63.28
C ILE H 242 -1.88 -15.71 64.58
N PHE H 243 -3.14 -16.14 64.56
CA PHE H 243 -4.01 -16.05 65.71
C PHE H 243 -4.17 -17.42 66.35
N LYS H 244 -3.98 -17.49 67.65
CA LYS H 244 -4.15 -18.72 68.42
C LYS H 244 -5.51 -18.70 69.09
N ILE H 245 -6.34 -19.70 68.79
CA ILE H 245 -7.72 -19.76 69.26
C ILE H 245 -7.85 -20.91 70.24
N THR H 246 -8.38 -20.63 71.42
CA THR H 246 -8.70 -21.64 72.42
C THR H 246 -10.20 -21.71 72.57
N GLU H 247 -10.75 -22.91 72.44
CA GLU H 247 -12.19 -23.13 72.48
C GLU H 247 -12.55 -23.90 73.74
N LYS H 248 -13.56 -23.41 74.45
CA LYS H 248 -13.99 -24.06 75.69
C LYS H 248 -15.50 -23.99 75.85
N ALA H 286 -24.29 -16.26 73.85
CA ALA H 286 -25.70 -16.65 73.87
C ALA H 286 -26.03 -17.52 72.67
N GLU H 287 -26.67 -18.66 72.96
CA GLU H 287 -27.09 -19.65 71.96
C GLU H 287 -25.91 -20.20 71.15
N LEU H 288 -24.74 -20.26 71.77
CA LEU H 288 -23.55 -20.85 71.18
C LEU H 288 -23.07 -22.00 72.05
N GLN H 289 -22.65 -23.09 71.42
CA GLN H 289 -22.28 -24.29 72.17
C GLN H 289 -20.95 -24.11 72.90
N SER H 290 -20.08 -23.22 72.41
CA SER H 290 -18.79 -23.01 73.05
C SER H 290 -18.31 -21.60 72.77
N ASN H 291 -17.95 -20.87 73.83
CA ASN H 291 -17.31 -19.59 73.67
C ASN H 291 -15.81 -19.78 73.44
N LEU H 292 -15.23 -18.89 72.65
CA LEU H 292 -13.86 -19.05 72.18
C LEU H 292 -13.10 -17.75 72.31
N GLN H 293 -11.83 -17.85 72.69
CA GLN H 293 -10.96 -16.70 72.93
C GLN H 293 -9.82 -16.71 71.93
N VAL H 294 -9.47 -15.52 71.44
CA VAL H 294 -8.48 -15.37 70.38
C VAL H 294 -7.34 -14.51 70.91
N GLU H 295 -6.11 -15.02 70.80
CA GLU H 295 -4.92 -14.31 71.23
C GLU H 295 -3.92 -14.31 70.09
N LEU H 296 -3.36 -13.14 69.79
CA LEU H 296 -2.39 -13.00 68.71
C LEU H 296 -1.08 -13.67 69.09
N LEU H 297 -0.67 -14.67 68.32
CA LEU H 297 0.52 -15.44 68.64
C LEU H 297 1.79 -14.79 68.09
N SER H 298 1.72 -14.20 66.90
CA SER H 298 2.89 -13.61 66.28
C SER H 298 2.44 -12.56 65.26
N GLU H 299 3.41 -11.77 64.81
CA GLU H 299 3.16 -10.71 63.84
C GLU H 299 4.49 -10.39 63.16
N HIS H 300 4.59 -10.70 61.86
CA HIS H 300 5.85 -10.64 61.14
C HIS H 300 5.77 -9.61 60.03
N ASP H 301 6.79 -8.76 59.93
CA ASP H 301 6.89 -7.73 58.90
C ASP H 301 8.02 -8.02 57.91
N ASP H 302 8.29 -9.29 57.64
CA ASP H 302 9.45 -9.64 56.84
C ASP H 302 9.25 -9.38 55.35
N HIS H 303 8.00 -9.28 54.89
CA HIS H 303 7.76 -9.16 53.45
C HIS H 303 8.01 -7.76 52.92
N ASN H 304 7.77 -6.73 53.74
CA ASN H 304 7.90 -5.32 53.37
C ASN H 304 7.05 -4.98 52.13
N GLY H 305 5.74 -5.22 52.27
CA GLY H 305 4.81 -4.99 51.19
C GLY H 305 3.41 -5.41 51.55
N GLU H 306 2.74 -6.12 50.64
CA GLU H 306 1.42 -6.67 50.90
C GLU H 306 1.49 -8.18 50.79
N VAL H 307 1.01 -8.88 51.83
CA VAL H 307 1.00 -10.33 51.85
C VAL H 307 -0.21 -10.79 51.04
N TRP H 308 0.03 -11.22 49.80
CA TRP H 308 -1.08 -11.55 48.91
C TRP H 308 -1.75 -12.85 49.31
N SER H 309 -0.96 -13.88 49.60
CA SER H 309 -1.51 -15.20 49.93
C SER H 309 -0.80 -15.77 51.15
N VAL H 310 -1.57 -16.48 51.97
CA VAL H 310 -1.03 -17.22 53.11
C VAL H 310 -1.72 -18.58 53.12
N SER H 311 -0.97 -19.62 53.48
CA SER H 311 -1.50 -20.97 53.43
C SER H 311 -0.85 -21.80 54.52
N TRP H 312 -1.30 -23.04 54.64
CA TRP H 312 -0.84 -23.97 55.67
C TRP H 312 -0.47 -25.29 55.02
N ASN H 313 0.17 -26.15 55.80
CA ASN H 313 0.49 -27.49 55.36
C ASN H 313 -0.63 -28.45 55.77
N LEU H 314 -0.39 -29.75 55.61
CA LEU H 314 -1.36 -30.74 56.07
C LEU H 314 -1.37 -30.83 57.58
N THR H 315 -0.22 -30.68 58.22
CA THR H 315 -0.10 -30.83 59.66
C THR H 315 0.02 -29.51 60.39
N GLY H 316 -0.05 -28.38 59.68
CA GLY H 316 0.05 -27.10 60.33
C GLY H 316 1.41 -26.74 60.85
N THR H 317 2.47 -27.33 60.29
CA THR H 317 3.83 -27.04 60.72
C THR H 317 4.54 -26.05 59.81
N ILE H 318 4.28 -26.07 58.51
CA ILE H 318 4.90 -25.17 57.55
C ILE H 318 3.83 -24.21 57.05
N LEU H 319 4.08 -22.92 57.22
CA LEU H 319 3.28 -21.87 56.60
C LEU H 319 4.00 -21.37 55.36
N SER H 320 3.23 -20.89 54.39
CA SER H 320 3.78 -20.30 53.18
C SER H 320 3.11 -18.96 52.95
N SER H 321 3.92 -17.92 52.73
CA SER H 321 3.41 -16.57 52.55
C SER H 321 4.10 -15.91 51.37
N ALA H 322 3.31 -15.34 50.47
CA ALA H 322 3.81 -14.61 49.31
C ALA H 322 3.56 -13.11 49.51
N GLY H 323 4.46 -12.30 48.99
CA GLY H 323 4.39 -10.87 49.19
C GLY H 323 5.00 -10.12 48.02
N ASP H 324 4.99 -8.78 48.13
CA ASP H 324 5.46 -7.92 47.06
C ASP H 324 6.98 -7.88 46.92
N ASP H 325 7.71 -8.49 47.85
CA ASP H 325 9.16 -8.55 47.69
C ASP H 325 9.60 -9.56 46.65
N GLY H 326 8.68 -10.31 46.05
CA GLY H 326 9.05 -11.31 45.07
C GLY H 326 9.52 -12.60 45.66
N LYS H 327 9.40 -12.78 46.98
CA LYS H 327 9.93 -13.93 47.68
C LYS H 327 8.83 -14.60 48.47
N VAL H 328 8.78 -15.93 48.41
CA VAL H 328 7.84 -16.73 49.16
C VAL H 328 8.56 -17.29 50.39
N ARG H 329 8.10 -16.93 51.57
CA ARG H 329 8.74 -17.31 52.81
C ARG H 329 8.03 -18.50 53.43
N LEU H 330 8.81 -19.39 54.03
CA LEU H 330 8.29 -20.58 54.70
C LEU H 330 8.53 -20.43 56.19
N TRP H 331 7.46 -20.56 56.97
CA TRP H 331 7.50 -20.32 58.41
C TRP H 331 7.20 -21.62 59.15
N LYS H 332 8.02 -21.90 60.16
CA LYS H 332 7.81 -23.05 61.03
C LYS H 332 7.90 -22.59 62.48
N ALA H 333 7.07 -23.18 63.32
CA ALA H 333 7.07 -22.84 64.74
C ALA H 333 8.31 -23.41 65.41
N THR H 334 8.84 -22.66 66.37
CA THR H 334 10.01 -23.09 67.13
C THR H 334 9.57 -23.93 68.33
N TYR H 335 10.52 -24.21 69.23
CA TYR H 335 10.17 -24.91 70.47
C TYR H 335 9.29 -24.04 71.37
N SER H 336 9.53 -22.72 71.39
CA SER H 336 8.82 -21.80 72.25
C SER H 336 7.56 -21.24 71.60
N ASN H 337 6.98 -21.96 70.63
CA ASN H 337 5.73 -21.59 69.97
C ASN H 337 5.80 -20.24 69.27
N GLU H 338 6.98 -19.90 68.73
CA GLU H 338 7.16 -18.67 67.97
C GLU H 338 7.58 -19.04 66.55
N PHE H 339 6.86 -18.50 65.57
CA PHE H 339 7.13 -18.87 64.18
C PHE H 339 8.32 -18.08 63.65
N LYS H 340 9.30 -18.79 63.10
CA LYS H 340 10.51 -18.19 62.56
C LYS H 340 10.72 -18.68 61.14
N CYS H 341 11.10 -17.75 60.25
CA CYS H 341 11.30 -18.09 58.85
C CYS H 341 12.50 -19.01 58.68
N MET H 342 12.37 -19.96 57.77
CA MET H 342 13.41 -20.95 57.52
C MET H 342 13.95 -20.92 56.10
N SER H 343 13.11 -20.64 55.11
CA SER H 343 13.54 -20.58 53.73
C SER H 343 12.90 -19.38 53.05
N VAL H 344 13.63 -18.80 52.10
CA VAL H 344 13.14 -17.69 51.28
C VAL H 344 13.39 -18.05 49.83
N ILE H 345 12.32 -18.07 49.04
CA ILE H 345 12.35 -18.55 47.67
C ILE H 345 12.11 -17.36 46.75
N THR H 346 13.18 -16.84 46.15
CA THR H 346 13.03 -15.73 45.23
C THR H 346 12.50 -16.21 43.89
N ALA H 347 11.87 -15.30 43.16
CA ALA H 347 11.28 -15.64 41.87
C ALA H 347 11.61 -14.59 40.81
N GLY I 8 22.73 25.20 82.42
CA GLY I 8 22.63 25.65 83.79
C GLY I 8 23.82 26.47 84.24
N PRO I 9 23.65 27.26 85.30
CA PRO I 9 24.76 28.07 85.81
C PRO I 9 25.89 27.25 86.41
N TYR I 10 25.63 26.03 86.86
CA TYR I 10 26.64 25.26 87.58
C TYR I 10 27.57 24.48 86.66
N ASN I 11 27.34 24.52 85.34
CA ASN I 11 28.27 23.96 84.37
C ASN I 11 29.07 25.03 83.66
N SER I 12 29.09 26.25 84.20
CA SER I 12 29.80 27.37 83.58
C SER I 12 31.30 27.23 83.80
N PRO I 13 32.11 27.25 82.73
CA PRO I 13 33.56 27.11 82.87
C PRO I 13 34.30 28.39 83.23
N THR I 14 33.61 29.53 83.34
CA THR I 14 34.25 30.80 83.66
C THR I 14 33.87 31.34 85.03
N PHE I 15 33.12 30.60 85.83
CA PHE I 15 32.80 31.01 87.20
C PHE I 15 33.90 30.53 88.15
N GLY I 16 34.36 31.44 89.01
CA GLY I 16 35.42 31.13 89.95
C GLY I 16 36.83 31.19 89.39
N LYS I 17 36.99 31.58 88.14
CA LYS I 17 38.31 31.71 87.53
C LYS I 17 38.49 33.11 86.98
N SER I 18 39.68 33.67 87.18
CA SER I 18 39.97 35.02 86.73
C SER I 18 40.13 35.04 85.21
N LEU I 19 39.27 35.81 84.54
CA LEU I 19 39.31 35.94 83.09
C LEU I 19 39.20 37.43 82.76
N SER I 20 39.87 37.83 81.68
CA SER I 20 39.93 39.23 81.27
C SER I 20 39.62 39.31 79.78
N LEU I 21 38.58 40.05 79.42
CA LEU I 21 38.23 40.25 78.02
C LEU I 21 39.04 41.40 77.44
N LYS I 22 38.74 41.74 76.18
CA LYS I 22 39.32 42.92 75.54
C LYS I 22 38.28 43.43 74.55
N VAL I 23 37.47 44.39 74.99
CA VAL I 23 36.36 44.92 74.20
C VAL I 23 36.72 46.33 73.77
N ASP I 24 37.27 46.49 72.57
CA ASP I 24 37.64 47.80 72.06
C ASP I 24 36.40 48.56 71.61
N GLY I 25 36.43 49.88 71.77
CA GLY I 25 35.34 50.71 71.28
C GLY I 25 34.92 51.85 72.17
N GLY I 26 35.49 51.94 73.37
CA GLY I 26 35.15 53.03 74.27
C GLY I 26 33.75 52.91 74.84
N PHE I 27 33.52 51.91 75.67
CA PHE I 27 32.20 51.64 76.24
C PHE I 27 32.13 52.24 77.64
N ASN I 28 31.16 53.12 77.85
CA ASN I 28 31.06 53.89 79.09
C ASN I 28 29.95 53.34 80.00
N ALA I 29 29.43 52.16 79.69
CA ALA I 29 28.40 51.55 80.52
C ALA I 29 28.52 50.04 80.43
N VAL I 30 28.02 49.37 81.46
CA VAL I 30 28.00 47.91 81.51
C VAL I 30 26.84 47.47 82.40
N SER I 31 26.24 46.33 82.06
CA SER I 31 25.21 45.72 82.88
C SER I 31 25.21 44.22 82.62
N ILE I 32 24.64 43.47 83.56
CA ILE I 32 24.71 42.03 83.58
C ILE I 32 23.31 41.43 83.60
N ASN I 33 23.12 40.36 82.84
CA ASN I 33 21.89 39.59 82.91
C ASN I 33 21.72 39.01 84.30
N PRO I 34 20.57 39.19 84.94
CA PRO I 34 20.35 38.58 86.28
C PRO I 34 20.44 37.06 86.28
N SER I 35 20.23 36.40 85.14
CA SER I 35 20.47 34.96 85.07
C SER I 35 21.95 34.62 85.29
N GLY I 36 22.84 35.51 84.86
CA GLY I 36 24.27 35.30 85.04
C GLY I 36 25.01 34.78 83.83
N ARG I 37 24.44 34.91 82.63
CA ARG I 37 25.09 34.42 81.42
C ARG I 37 25.48 35.53 80.45
N ASP I 38 24.70 36.60 80.36
CA ASP I 38 24.93 37.64 79.37
C ASP I 38 25.39 38.94 80.03
N ILE I 39 26.23 39.68 79.30
CA ILE I 39 26.68 41.00 79.72
C ILE I 39 26.51 41.97 78.57
N VAL I 40 25.81 43.09 78.81
CA VAL I 40 25.56 44.11 77.80
C VAL I 40 26.50 45.29 78.02
N LEU I 41 27.08 45.80 76.93
CA LEU I 41 27.97 46.95 76.94
C LEU I 41 27.46 48.02 75.98
N ALA I 42 27.35 49.26 76.45
CA ALA I 42 26.77 50.36 75.69
C ALA I 42 27.86 51.32 75.25
N SER I 43 27.80 51.73 73.98
CA SER I 43 28.69 52.75 73.43
C SER I 43 27.85 53.71 72.60
N ARG I 44 28.53 54.62 71.89
CA ARG I 44 27.85 55.56 71.01
C ARG I 44 27.33 54.88 69.74
N GLN I 45 27.82 53.69 69.40
CA GLN I 45 27.37 52.97 68.22
C GLN I 45 26.26 51.97 68.51
N GLY I 46 26.01 51.64 69.78
CA GLY I 46 24.97 50.70 70.12
C GLY I 46 25.30 49.78 71.27
N LEU I 47 24.90 48.52 71.18
CA LEU I 47 25.10 47.56 72.26
C LEU I 47 25.91 46.35 71.80
N TYR I 48 26.72 45.83 72.70
CA TYR I 48 27.40 44.55 72.56
C TYR I 48 26.89 43.60 73.62
N ILE I 49 26.45 42.42 73.20
CA ILE I 49 25.98 41.39 74.13
C ILE I 49 26.95 40.22 74.07
N ILE I 50 27.51 39.85 75.21
CA ILE I 50 28.59 38.86 75.30
C ILE I 50 28.13 37.73 76.19
N ASP I 51 28.23 36.50 75.68
CA ASP I 51 27.97 35.31 76.47
C ASP I 51 29.14 35.05 77.42
N LEU I 52 28.86 35.02 78.73
CA LEU I 52 29.92 34.77 79.69
C LEU I 52 30.41 33.33 79.64
N ASP I 53 29.50 32.39 79.37
CA ASP I 53 29.89 30.98 79.35
C ASP I 53 30.75 30.65 78.14
N ASP I 54 30.55 31.37 77.04
CA ASP I 54 31.36 31.23 75.83
C ASP I 54 31.83 32.61 75.41
N PRO I 55 32.88 33.14 76.06
CA PRO I 55 33.37 34.47 75.67
C PRO I 55 34.04 34.51 74.30
N PHE I 56 34.42 33.37 73.75
CA PHE I 56 35.13 33.34 72.48
C PHE I 56 34.24 33.69 71.30
N THR I 57 32.92 33.57 71.44
CA THR I 57 32.01 34.00 70.40
C THR I 57 32.01 35.53 70.31
N PRO I 58 32.06 36.10 69.11
CA PRO I 58 31.99 37.55 68.98
C PRO I 58 30.66 38.07 69.48
N PRO I 59 30.64 39.28 70.03
CA PRO I 59 29.41 39.83 70.60
C PRO I 59 28.39 40.19 69.54
N ARG I 60 27.12 40.06 69.91
CA ARG I 60 26.03 40.49 69.04
C ARG I 60 25.96 42.01 69.05
N TRP I 61 25.85 42.60 67.87
CA TRP I 61 25.90 44.05 67.71
C TRP I 61 24.52 44.57 67.30
N LEU I 62 24.00 45.50 68.09
CA LEU I 62 22.76 46.21 67.77
C LEU I 62 23.11 47.66 67.47
N HIS I 63 22.65 48.14 66.31
CA HIS I 63 23.13 49.41 65.75
C HIS I 63 22.24 50.56 66.20
N HIS I 64 22.86 51.57 66.84
CA HIS I 64 22.18 52.83 67.11
C HIS I 64 23.25 53.92 67.26
N ILE I 65 23.41 54.72 66.22
CA ILE I 65 24.47 55.72 66.17
C ILE I 65 23.96 57.04 66.75
N THR I 66 24.61 57.50 67.82
CA THR I 66 24.34 58.79 68.43
C THR I 66 25.66 59.52 68.65
N PRO I 67 25.66 60.86 68.54
CA PRO I 67 26.92 61.58 68.76
C PRO I 67 27.34 61.63 70.22
N TRP I 68 26.40 61.88 71.13
CA TRP I 68 26.73 62.02 72.54
C TRP I 68 27.01 60.66 73.16
N GLN I 69 27.87 60.67 74.19
CA GLN I 69 28.25 59.44 74.88
C GLN I 69 27.09 58.92 75.72
N VAL I 70 26.91 57.60 75.71
CA VAL I 70 25.86 56.97 76.51
C VAL I 70 26.24 57.03 77.98
N ALA I 71 25.22 57.11 78.84
CA ALA I 71 25.45 57.27 80.28
C ALA I 71 25.44 55.94 81.02
N ASP I 72 24.34 55.20 80.94
CA ASP I 72 24.22 53.97 81.70
C ASP I 72 23.32 52.99 80.95
N VAL I 73 23.49 51.71 81.27
CA VAL I 73 22.68 50.64 80.73
C VAL I 73 22.28 49.72 81.88
N GLN I 74 21.07 49.16 81.80
CA GLN I 74 20.53 48.33 82.88
C GLN I 74 19.69 47.23 82.29
N TRP I 75 20.06 45.98 82.59
CA TRP I 75 19.24 44.84 82.20
C TRP I 75 17.97 44.80 83.03
N SER I 76 16.88 44.39 82.40
CA SER I 76 15.60 44.30 83.09
C SER I 76 15.59 43.09 84.02
N PRO I 77 15.31 43.27 85.31
CA PRO I 77 15.26 42.13 86.24
C PRO I 77 13.92 41.43 86.28
N HIS I 78 12.99 41.79 85.41
CA HIS I 78 11.68 41.14 85.37
C HIS I 78 11.82 39.73 84.79
N PRO I 79 11.44 38.69 85.53
CA PRO I 79 11.69 37.32 85.05
C PRO I 79 10.87 36.92 83.84
N ALA I 80 9.67 37.49 83.66
CA ALA I 80 8.87 37.09 82.50
C ALA I 80 9.38 37.70 81.20
N LYS I 81 10.15 38.78 81.27
CA LYS I 81 10.70 39.44 80.08
C LYS I 81 12.20 39.63 80.27
N PRO I 82 12.99 38.60 80.02
CA PRO I 82 14.46 38.74 80.12
C PRO I 82 15.13 39.24 78.85
N TYR I 83 14.36 39.75 77.88
CA TYR I 83 14.88 40.24 76.61
C TYR I 83 14.75 41.75 76.48
N TRP I 84 14.63 42.47 77.59
CA TRP I 84 14.47 43.92 77.57
C TRP I 84 15.71 44.56 78.17
N ILE I 85 16.32 45.46 77.41
CA ILE I 85 17.49 46.21 77.85
C ILE I 85 17.22 47.69 77.66
N VAL I 86 17.39 48.47 78.73
CA VAL I 86 17.16 49.91 78.68
C VAL I 86 18.52 50.60 78.76
N SER I 87 18.81 51.40 77.74
CA SER I 87 20.06 52.16 77.65
C SER I 87 19.75 53.60 77.28
N THR I 88 20.51 54.53 77.84
CA THR I 88 20.29 55.93 77.52
C THR I 88 20.82 56.25 76.14
N SER I 89 20.07 57.05 75.39
CA SER I 89 20.50 57.59 74.10
C SER I 89 20.24 59.09 74.15
N ASN I 90 21.20 59.84 74.70
CA ASN I 90 21.09 61.28 74.95
C ASN I 90 19.83 61.59 75.75
N GLN I 91 18.84 62.21 75.11
CA GLN I 91 17.64 62.66 75.79
C GLN I 91 16.52 61.61 75.79
N LYS I 92 16.77 60.43 75.23
CA LYS I 92 15.74 59.39 75.17
C LYS I 92 16.31 58.07 75.65
N ALA I 93 15.42 57.24 76.21
CA ALA I 93 15.77 55.92 76.70
C ALA I 93 15.20 54.88 75.75
N ILE I 94 16.02 53.92 75.34
CA ILE I 94 15.64 52.92 74.35
C ILE I 94 15.50 51.57 75.04
N ILE I 95 14.30 50.98 74.95
CA ILE I 95 14.07 49.63 75.46
C ILE I 95 14.28 48.69 74.28
N TRP I 96 15.36 47.93 74.34
CA TRP I 96 15.73 47.01 73.28
C TRP I 96 14.98 45.68 73.42
N ASN I 97 15.03 44.88 72.36
CA ASN I 97 14.43 43.56 72.35
C ASN I 97 15.39 42.61 71.66
N LEU I 98 15.96 41.67 72.42
CA LEU I 98 16.93 40.75 71.87
C LEU I 98 16.30 39.63 71.05
N ALA I 99 15.00 39.43 71.16
CA ALA I 99 14.32 38.40 70.38
C ALA I 99 14.10 38.83 68.94
N LYS I 100 14.24 40.10 68.63
CA LYS I 100 14.06 40.62 67.28
C LYS I 100 15.38 40.50 66.52
N SER I 101 15.43 41.10 65.33
CA SER I 101 16.65 41.07 64.54
C SER I 101 17.69 42.03 65.12
N SER I 102 18.92 41.88 64.63
CA SER I 102 20.01 42.72 65.12
C SER I 102 19.84 44.17 64.66
N SER I 103 19.28 44.38 63.47
CA SER I 103 19.10 45.72 62.94
C SER I 103 17.76 46.33 63.31
N ASN I 104 16.86 45.57 63.92
CA ASN I 104 15.54 46.07 64.30
C ASN I 104 15.20 45.63 65.72
N ALA I 105 16.14 45.84 66.64
CA ALA I 105 15.99 45.41 68.02
C ALA I 105 15.34 46.46 68.90
N ILE I 106 15.05 47.66 68.38
CA ILE I 106 14.42 48.70 69.16
C ILE I 106 12.93 48.43 69.23
N GLU I 107 12.39 48.35 70.45
CA GLU I 107 10.97 48.09 70.63
C GLU I 107 10.17 49.39 70.78
N PHE I 108 10.49 50.18 71.82
CA PHE I 108 9.87 51.48 72.01
C PHE I 108 10.85 52.38 72.73
N VAL I 109 10.62 53.69 72.60
CA VAL I 109 11.53 54.71 73.10
C VAL I 109 10.76 55.66 74.01
N LEU I 110 11.26 55.85 75.24
CA LEU I 110 10.70 56.83 76.17
C LEU I 110 11.10 58.25 75.75
N HIS I 111 10.11 59.05 75.39
CA HIS I 111 10.35 60.40 74.85
C HIS I 111 10.15 61.48 75.90
N GLY I 112 10.49 61.20 77.15
CA GLY I 112 10.46 62.20 78.21
C GLY I 112 11.69 63.09 78.22
N HIS I 113 11.81 63.87 79.30
CA HIS I 113 12.95 64.74 79.59
C HIS I 113 13.15 65.83 78.53
N SER I 114 14.17 66.65 78.74
CA SER I 114 14.60 67.63 77.74
C SER I 114 16.09 67.63 77.50
N ARG I 115 16.90 67.10 78.43
CA ARG I 115 18.33 66.99 78.24
C ARG I 115 18.77 65.55 78.53
N ALA I 116 20.08 65.33 78.61
CA ALA I 116 20.65 63.98 78.60
C ALA I 116 20.22 63.19 79.83
N ILE I 117 19.83 61.93 79.61
CA ILE I 117 19.49 61.05 80.72
C ILE I 117 20.78 60.63 81.42
N THR I 118 20.76 60.67 82.76
CA THR I 118 21.96 60.47 83.55
C THR I 118 22.07 59.05 84.11
N ASP I 119 21.03 58.56 84.78
CA ASP I 119 21.10 57.23 85.38
C ASP I 119 19.75 56.54 85.24
N ILE I 120 19.79 55.21 85.29
CA ILE I 120 18.62 54.35 85.14
C ILE I 120 18.67 53.29 86.23
N ASN I 121 17.56 53.14 86.96
CA ASN I 121 17.45 52.09 87.96
C ASN I 121 16.06 51.48 87.90
N PHE I 122 15.98 50.18 88.14
CA PHE I 122 14.73 49.43 88.16
C PHE I 122 14.25 49.23 89.60
N ASN I 123 12.94 49.19 89.77
CA ASN I 123 12.36 48.92 91.08
C ASN I 123 12.56 47.45 91.42
N PRO I 124 13.18 47.13 92.57
CA PRO I 124 13.41 45.71 92.90
C PRO I 124 12.15 44.97 93.31
N GLN I 125 11.09 45.68 93.73
CA GLN I 125 9.85 45.03 94.12
C GLN I 125 8.83 44.95 92.98
N HIS I 126 8.70 46.01 92.18
CA HIS I 126 7.89 46.01 90.97
C HIS I 126 8.81 46.09 89.75
N PRO I 127 9.20 44.95 89.17
CA PRO I 127 10.26 44.97 88.13
C PRO I 127 9.85 45.55 86.79
N ASP I 128 8.66 46.12 86.68
CA ASP I 128 8.22 46.80 85.47
C ASP I 128 8.11 48.31 85.65
N VAL I 129 8.64 48.84 86.75
CA VAL I 129 8.65 50.28 87.03
C VAL I 129 10.09 50.78 86.90
N LEU I 130 10.27 51.82 86.10
CA LEU I 130 11.58 52.35 85.76
C LEU I 130 11.67 53.80 86.19
N ALA I 131 12.84 54.19 86.71
CA ALA I 131 13.11 55.56 87.10
C ALA I 131 14.35 56.06 86.38
N THR I 132 14.23 57.23 85.75
CA THR I 132 15.32 57.86 85.02
C THR I 132 15.57 59.26 85.57
N CYS I 133 16.85 59.60 85.77
CA CYS I 133 17.24 60.94 86.17
C CYS I 133 18.07 61.55 85.04
N SER I 134 18.01 62.87 84.93
CA SER I 134 18.58 63.55 83.76
C SER I 134 19.25 64.84 84.17
N VAL I 135 20.04 65.40 83.23
CA VAL I 135 20.80 66.62 83.47
C VAL I 135 19.90 67.85 83.65
N ASP I 136 18.66 67.81 83.13
CA ASP I 136 17.75 68.95 83.22
C ASP I 136 16.96 68.97 84.52
N THR I 137 17.52 68.40 85.59
CA THR I 137 17.03 68.36 86.96
C THR I 137 15.78 67.50 87.13
N TYR I 138 15.35 66.79 86.09
CA TYR I 138 14.13 66.02 86.14
C TYR I 138 14.44 64.57 86.48
N VAL I 139 13.69 64.03 87.44
CA VAL I 139 13.68 62.59 87.74
C VAL I 139 12.31 62.07 87.34
N HIS I 140 12.28 61.18 86.36
CA HIS I 140 11.03 60.68 85.82
C HIS I 140 10.89 59.20 86.17
N ALA I 141 9.68 58.81 86.52
CA ALA I 141 9.34 57.42 86.79
C ALA I 141 8.47 56.91 85.65
N TRP I 142 8.91 55.83 85.02
CA TRP I 142 8.22 55.29 83.86
C TRP I 142 7.52 53.98 84.20
N ASP I 143 6.61 53.59 83.32
CA ASP I 143 5.96 52.29 83.39
C ASP I 143 6.06 51.62 82.04
N MET I 144 6.50 50.36 82.03
CA MET I 144 6.70 49.66 80.77
C MET I 144 5.40 49.21 80.13
N ARG I 145 4.30 49.19 80.89
CA ARG I 145 3.02 48.79 80.32
C ARG I 145 2.43 49.87 79.43
N SER I 146 2.57 51.14 79.83
CA SER I 146 2.09 52.27 79.06
C SER I 146 3.21 53.29 78.89
N PRO I 147 4.15 53.04 77.97
CA PRO I 147 5.34 53.91 77.85
C PRO I 147 5.10 55.10 76.91
N HIS I 148 4.09 55.90 77.23
CA HIS I 148 3.80 57.13 76.50
C HIS I 148 4.11 58.40 77.27
N ARG I 149 3.75 58.44 78.54
CA ARG I 149 3.94 59.60 79.40
C ARG I 149 4.44 59.10 80.76
N PRO I 150 5.22 59.90 81.48
CA PRO I 150 5.63 59.49 82.83
C PRO I 150 4.52 59.73 83.84
N PHE I 151 4.33 58.74 84.71
CA PHE I 151 3.28 58.84 85.72
C PHE I 151 3.74 59.59 86.96
N TYR I 152 5.00 60.03 87.00
CA TYR I 152 5.51 60.79 88.13
C TYR I 152 6.64 61.69 87.63
N SER I 153 6.57 62.97 87.98
CA SER I 153 7.58 63.94 87.59
C SER I 153 7.99 64.77 88.81
N THR I 154 9.29 64.96 88.98
CA THR I 154 9.80 65.76 90.09
C THR I 154 11.13 66.39 89.70
N SER I 155 11.51 67.43 90.43
CA SER I 155 12.73 68.16 90.10
C SER I 155 13.34 68.79 91.34
N SER I 156 14.62 69.09 91.26
CA SER I 156 15.34 69.83 92.28
C SER I 156 15.56 71.30 91.93
N TRP I 157 15.37 71.68 90.66
CA TRP I 157 15.39 73.05 90.15
C TRP I 157 16.74 73.76 90.30
N ARG I 158 17.77 73.07 90.79
CA ARG I 158 19.05 73.75 90.95
C ARG I 158 20.21 73.07 90.25
N SER I 159 20.31 71.75 90.32
CA SER I 159 21.51 71.05 89.88
C SER I 159 21.14 69.82 89.07
N ALA I 160 22.05 69.44 88.18
CA ALA I 160 21.87 68.23 87.38
C ALA I 160 21.93 67.00 88.25
N ALA I 161 21.03 66.05 88.00
CA ALA I 161 21.01 64.82 88.75
C ALA I 161 22.21 63.95 88.38
N SER I 162 22.61 63.09 89.31
CA SER I 162 23.75 62.20 89.09
C SER I 162 23.38 60.73 89.21
N GLN I 163 22.52 60.36 90.15
CA GLN I 163 22.05 58.99 90.28
C GLN I 163 20.64 58.98 90.85
N VAL I 164 19.90 57.92 90.55
CA VAL I 164 18.57 57.69 91.09
C VAL I 164 18.48 56.22 91.53
N LYS I 165 17.92 55.99 92.72
CA LYS I 165 17.81 54.65 93.27
C LYS I 165 16.47 54.47 93.97
N TRP I 166 15.91 53.28 93.85
CA TRP I 166 14.67 52.92 94.53
C TRP I 166 14.99 52.39 95.92
N ASN I 167 13.96 52.38 96.78
CA ASN I 167 14.08 51.77 98.10
C ASN I 167 13.70 50.30 98.01
N TYR I 168 14.52 49.44 98.63
CA TYR I 168 14.29 48.01 98.53
C TYR I 168 13.07 47.58 99.34
N LYS I 169 12.82 48.23 100.47
CA LYS I 169 11.70 47.85 101.33
C LYS I 169 10.43 48.60 100.97
N ASP I 170 10.47 49.93 101.00
CA ASP I 170 9.29 50.72 100.71
C ASP I 170 9.17 50.89 99.19
N PRO I 171 8.12 50.37 98.55
CA PRO I 171 8.11 50.31 97.08
C PRO I 171 7.92 51.65 96.38
N ASN I 172 7.52 52.72 97.07
CA ASN I 172 7.27 53.99 96.41
C ASN I 172 8.12 55.11 97.01
N VAL I 173 9.35 54.78 97.39
CA VAL I 173 10.33 55.75 97.85
C VAL I 173 11.55 55.66 96.94
N LEU I 174 11.93 56.79 96.34
CA LEU I 174 13.12 56.86 95.51
C LEU I 174 13.95 58.06 95.93
N ALA I 175 15.26 57.92 95.82
CA ALA I 175 16.19 58.98 96.16
C ALA I 175 16.98 59.42 94.93
N SER I 176 17.36 60.69 94.93
CA SER I 176 18.10 61.28 93.82
C SER I 176 19.20 62.17 94.39
N SER I 177 20.32 62.21 93.68
CA SER I 177 21.45 63.06 94.06
C SER I 177 21.56 64.19 93.06
N HIS I 178 21.55 65.43 93.56
CA HIS I 178 21.59 66.63 92.72
C HIS I 178 22.71 67.52 93.26
N GLY I 179 23.92 67.33 92.74
CA GLY I 179 25.05 68.14 93.17
C GLY I 179 25.55 67.69 94.52
N ASN I 180 25.62 68.63 95.46
CA ASN I 180 26.06 68.34 96.82
C ASN I 180 24.93 68.01 97.77
N ASP I 181 23.68 68.04 97.31
CA ASP I 181 22.51 67.77 98.13
C ASP I 181 21.74 66.62 97.52
N ILE I 182 21.35 65.65 98.33
CA ILE I 182 20.60 64.48 97.89
C ILE I 182 19.17 64.57 98.41
N PHE I 183 18.21 64.24 97.56
CA PHE I 183 16.80 64.31 97.89
C PHE I 183 16.22 62.92 97.94
N VAL I 184 15.16 62.75 98.73
CA VAL I 184 14.43 61.49 98.86
C VAL I 184 12.97 61.76 98.56
N TRP I 185 12.50 61.33 97.40
CA TRP I 185 11.13 61.57 97.00
C TRP I 185 10.22 60.40 97.39
N ASP I 186 8.93 60.69 97.47
CA ASP I 186 7.89 59.70 97.72
C ASP I 186 6.83 59.81 96.64
N LEU I 187 6.44 58.68 96.06
CA LEU I 187 5.45 58.69 94.98
C LEU I 187 4.09 59.15 95.46
N ARG I 188 3.72 58.83 96.71
CA ARG I 188 2.43 59.28 97.23
C ARG I 188 2.38 60.79 97.39
N LYS I 189 3.48 61.39 97.86
CA LYS I 189 3.55 62.85 97.98
C LYS I 189 3.92 63.50 96.66
N GLY I 190 5.14 63.26 96.18
CA GLY I 190 5.56 63.79 94.90
C GLY I 190 6.02 65.23 94.93
N SER I 191 7.18 65.50 94.32
CA SER I 191 7.76 66.83 94.10
C SER I 191 8.14 67.59 95.38
N THR I 192 7.88 67.00 96.54
CA THR I 192 8.30 67.57 97.83
C THR I 192 8.96 66.44 98.61
N PRO I 193 10.27 66.53 98.87
CA PRO I 193 10.99 65.39 99.45
C PRO I 193 10.59 65.11 100.89
N LEU I 194 10.71 63.84 101.27
CA LEU I 194 10.58 63.47 102.67
C LEU I 194 11.71 64.07 103.49
N CYS I 195 12.92 64.09 102.93
CA CYS I 195 14.10 64.59 103.63
C CYS I 195 15.15 65.01 102.61
N SER I 196 15.82 66.12 102.89
CA SER I 196 16.89 66.63 102.04
C SER I 196 18.17 66.53 102.87
N LEU I 197 18.89 65.43 102.70
CA LEU I 197 20.08 65.17 103.50
C LEU I 197 21.22 66.06 102.99
N LYS I 198 21.68 66.97 103.84
CA LYS I 198 22.68 67.98 103.48
C LYS I 198 23.84 67.88 104.47
N GLY I 199 24.85 67.08 104.12
CA GLY I 199 26.01 66.94 104.96
C GLY I 199 27.30 66.93 104.16
N HIS I 200 27.17 67.01 102.85
CA HIS I 200 28.33 66.93 101.96
C HIS I 200 28.88 68.31 101.69
N VAL I 201 30.13 68.36 101.26
CA VAL I 201 30.79 69.60 100.85
C VAL I 201 30.95 69.67 99.34
N SER I 202 31.39 68.58 98.72
CA SER I 202 31.50 68.46 97.28
C SER I 202 30.27 67.75 96.72
N SER I 203 30.29 67.54 95.41
CA SER I 203 29.14 66.94 94.73
C SER I 203 29.04 65.45 95.04
N VAL I 204 27.83 64.92 94.93
CA VAL I 204 27.54 63.52 95.19
C VAL I 204 27.61 62.75 93.88
N ASN I 205 28.43 61.70 93.85
CA ASN I 205 28.63 60.91 92.65
C ASN I 205 27.69 59.71 92.58
N SER I 206 27.49 59.00 93.69
CA SER I 206 26.69 57.79 93.69
C SER I 206 25.73 57.81 94.87
N ILE I 207 24.64 57.05 94.73
CA ILE I 207 23.63 56.91 95.77
C ILE I 207 23.23 55.44 95.78
N ASP I 208 22.89 54.94 96.96
CA ASP I 208 22.54 53.53 97.09
C ASP I 208 21.64 53.32 98.30
N PHE I 209 21.01 52.15 98.34
CA PHE I 209 20.08 51.79 99.41
C PHE I 209 20.52 50.47 100.01
N ASN I 210 20.30 50.32 101.31
CA ASN I 210 20.53 49.03 101.95
C ASN I 210 19.46 48.02 101.56
N ARG I 211 19.89 46.78 101.36
CA ARG I 211 18.98 45.75 100.84
C ARG I 211 17.99 45.32 101.91
N PHE I 212 18.46 45.20 103.15
CA PHE I 212 17.61 44.74 104.25
C PHE I 212 17.13 45.85 105.17
N LYS I 213 17.84 46.96 105.26
CA LYS I 213 17.39 48.07 106.10
C LYS I 213 16.36 48.92 105.38
N TYR I 214 15.40 49.44 106.16
CA TYR I 214 14.28 50.17 105.57
C TYR I 214 14.71 51.56 105.10
N SER I 215 15.49 52.26 105.91
CA SER I 215 15.74 53.69 105.72
C SER I 215 17.22 53.99 105.91
N GLU I 216 18.09 53.22 105.28
CA GLU I 216 19.52 53.44 105.33
C GLU I 216 20.01 53.77 103.93
N ILE I 217 20.78 54.84 103.82
CA ILE I 217 21.20 55.39 102.54
C ILE I 217 22.70 55.65 102.59
N MET I 218 23.42 55.19 101.57
CA MET I 218 24.85 55.40 101.45
C MET I 218 25.11 56.19 100.18
N SER I 219 25.97 57.21 100.28
CA SER I 219 26.36 58.02 99.14
C SER I 219 27.87 58.21 99.11
N SER I 220 28.42 58.31 97.91
CA SER I 220 29.82 58.67 97.74
C SER I 220 29.91 60.17 97.46
N SER I 221 31.15 60.66 97.30
CA SER I 221 31.35 62.08 97.09
C SER I 221 32.70 62.32 96.43
N ASN I 222 32.87 63.54 95.89
CA ASN I 222 34.11 63.93 95.23
C ASN I 222 35.22 64.27 96.23
N ASP I 223 34.87 64.73 97.42
CA ASP I 223 35.88 65.11 98.41
C ASP I 223 36.32 63.95 99.29
N GLY I 224 36.12 62.71 98.85
CA GLY I 224 36.56 61.55 99.60
C GLY I 224 35.83 61.30 100.90
N THR I 225 34.52 61.53 100.94
CA THR I 225 33.72 61.33 102.15
C THR I 225 32.57 60.38 101.83
N VAL I 226 32.59 59.20 102.45
CA VAL I 226 31.49 58.26 102.34
C VAL I 226 30.65 58.41 103.60
N LYS I 227 29.43 58.91 103.44
CA LYS I 227 28.54 59.22 104.55
C LYS I 227 27.33 58.30 104.55
N PHE I 228 27.09 57.63 105.66
CA PHE I 228 25.95 56.73 105.81
C PHE I 228 24.83 57.48 106.53
N TRP I 229 23.61 57.39 106.00
CA TRP I 229 22.48 58.09 106.58
C TRP I 229 21.44 57.11 107.10
N ASP I 230 20.69 57.56 108.10
CA ASP I 230 19.46 56.90 108.56
C ASP I 230 18.43 58.01 108.72
N TYR I 231 17.70 58.30 107.64
CA TYR I 231 16.89 59.51 107.59
C TYR I 231 15.63 59.43 108.44
N SER I 232 15.30 58.25 108.99
CA SER I 232 14.16 58.17 109.90
C SER I 232 14.48 58.84 111.23
N LYS I 233 15.75 58.85 111.63
CA LYS I 233 16.14 59.47 112.90
C LYS I 233 16.31 60.97 112.74
N SER I 234 17.25 61.38 111.90
CA SER I 234 17.55 62.78 111.70
C SER I 234 17.96 63.00 110.24
N THR I 235 17.43 64.07 109.64
CA THR I 235 17.75 64.35 108.25
C THR I 235 19.18 64.84 108.10
N THR I 236 19.61 65.75 108.97
CA THR I 236 20.96 66.28 108.90
C THR I 236 21.96 65.29 109.48
N GLU I 237 23.24 65.66 109.41
CA GLU I 237 24.38 64.87 109.87
C GLU I 237 24.42 63.49 109.22
N SER I 238 25.04 62.52 109.88
CA SER I 238 25.17 61.18 109.34
C SER I 238 25.40 60.21 110.49
N LYS I 239 24.94 58.97 110.29
CA LYS I 239 25.21 57.93 111.29
C LYS I 239 26.67 57.53 111.27
N ARG I 240 27.31 57.59 110.11
CA ARG I 240 28.71 57.21 109.97
C ARG I 240 29.30 57.97 108.79
N THR I 241 30.58 58.30 108.91
CA THR I 241 31.32 58.99 107.86
C THR I 241 32.67 58.31 107.69
N VAL I 242 32.97 57.89 106.46
CA VAL I 242 34.23 57.24 106.13
C VAL I 242 34.98 58.14 105.17
N THR I 243 36.24 58.44 105.50
CA THR I 243 37.08 59.33 104.70
C THR I 243 38.20 58.53 104.04
N THR I 244 38.31 58.68 102.73
CA THR I 244 39.36 58.04 101.94
C THR I 244 40.32 59.09 101.43
N ASN I 245 41.33 58.65 100.68
CA ASN I 245 42.34 59.53 100.12
C ASN I 245 42.09 59.84 98.64
N PHE I 246 40.94 59.46 98.12
CA PHE I 246 40.61 59.62 96.71
C PHE I 246 39.13 59.93 96.57
N PRO I 247 38.74 60.64 95.50
CA PRO I 247 37.31 60.73 95.18
C PRO I 247 36.76 59.36 94.84
N ILE I 248 35.52 59.11 95.24
CA ILE I 248 34.86 57.83 95.00
C ILE I 248 33.80 58.04 93.92
N TRP I 249 33.87 57.22 92.87
CA TRP I 249 32.92 57.35 91.77
C TRP I 249 31.63 56.57 92.01
N ARG I 250 31.75 55.29 92.35
CA ARG I 250 30.58 54.46 92.62
C ARG I 250 30.80 53.70 93.93
N GLY I 251 29.88 53.90 94.86
CA GLY I 251 29.87 53.18 96.12
C GLY I 251 28.56 52.43 96.29
N ARG I 252 28.62 51.11 96.34
CA ARG I 252 27.42 50.30 96.36
C ARG I 252 27.47 49.31 97.52
N TYR I 253 26.29 48.96 98.02
CA TYR I 253 26.19 48.02 99.12
C TYR I 253 26.47 46.61 98.63
N LEU I 254 26.95 45.77 99.55
CA LEU I 254 27.14 44.37 99.24
C LEU I 254 25.79 43.68 99.12
N PRO I 255 25.63 42.74 98.17
CA PRO I 255 24.38 41.97 98.12
C PRO I 255 24.31 40.86 99.15
N PHE I 256 25.44 40.46 99.72
CA PHE I 256 25.50 39.37 100.69
C PHE I 256 26.17 39.89 101.95
N GLY I 257 25.61 39.54 103.11
CA GLY I 257 26.20 39.98 104.35
C GLY I 257 26.03 41.47 104.57
N GLU I 258 26.93 42.01 105.40
CA GLU I 258 26.97 43.43 105.73
C GLU I 258 28.29 44.01 105.23
N GLY I 259 28.21 44.90 104.24
CA GLY I 259 29.41 45.49 103.70
C GLY I 259 29.09 46.37 102.51
N TYR I 260 30.15 46.99 101.98
CA TYR I 260 30.02 47.88 100.85
C TYR I 260 31.36 47.94 100.12
N CYS I 261 31.28 48.08 98.79
CA CYS I 261 32.46 48.18 97.94
C CYS I 261 32.48 49.53 97.25
N ILE I 262 33.62 50.21 97.28
CA ILE I 262 33.78 51.49 96.60
C ILE I 262 35.00 51.45 95.68
N MET I 263 34.96 52.31 94.66
CA MET I 263 36.03 52.44 93.69
C MET I 263 36.22 53.92 93.33
N PRO I 264 37.43 54.31 92.95
CA PRO I 264 37.68 55.72 92.61
C PRO I 264 37.54 56.00 91.13
N MET I 265 37.16 57.25 90.83
CA MET I 265 37.23 57.72 89.44
C MET I 265 38.67 58.00 89.03
N VAL I 266 39.45 58.64 89.90
CA VAL I 266 40.89 58.83 89.70
C VAL I 266 41.56 58.59 91.04
N GLY I 267 42.87 58.38 90.99
CA GLY I 267 43.61 58.13 92.20
C GLY I 267 43.48 56.69 92.65
N GLY I 268 44.09 56.39 93.79
CA GLY I 268 44.17 55.02 94.23
C GLY I 268 45.04 54.18 93.30
N ASN I 269 44.74 52.88 93.25
CA ASN I 269 45.38 51.99 92.30
C ASN I 269 44.41 51.54 91.21
N ASN I 270 43.34 52.31 90.98
CA ASN I 270 42.24 51.96 90.09
C ASN I 270 41.65 50.59 90.42
N ALA I 271 41.43 50.36 91.71
CA ALA I 271 40.92 49.09 92.19
C ALA I 271 39.70 49.33 93.06
N VAL I 272 38.87 48.29 93.17
CA VAL I 272 37.67 48.34 94.00
C VAL I 272 38.04 47.85 95.39
N TYR I 273 37.72 48.66 96.39
CA TYR I 273 38.04 48.34 97.77
C TYR I 273 36.79 47.80 98.44
N LEU I 274 36.94 46.67 99.14
CA LEU I 274 35.83 46.04 99.84
C LEU I 274 36.00 46.21 101.34
N ILE I 275 34.97 46.77 101.99
CA ILE I 275 35.05 47.22 103.37
C ILE I 275 33.99 46.50 104.18
N ASN I 276 34.38 45.96 105.32
CA ASN I 276 33.43 45.35 106.24
C ASN I 276 32.59 46.43 106.91
N LEU I 277 31.37 46.06 107.27
CA LEU I 277 30.45 46.99 107.91
C LEU I 277 30.17 46.66 109.37
N CYS I 278 30.65 45.52 109.86
CA CYS I 278 30.44 45.11 111.25
C CYS I 278 31.18 46.03 112.23
N ASN I 286 27.51 59.21 114.33
CA ASN I 286 28.50 60.24 114.05
C ASN I 286 29.88 59.82 114.54
N LYS I 287 30.67 59.21 113.66
CA LYS I 287 32.02 58.74 114.01
C LYS I 287 32.87 58.81 112.75
N LYS I 288 33.64 59.89 112.62
CA LYS I 288 34.58 60.02 111.52
C LYS I 288 35.75 59.06 111.68
N THR I 289 36.13 58.41 110.59
CA THR I 289 37.19 57.40 110.62
C THR I 289 37.85 57.33 109.26
N LYS I 290 38.78 56.40 109.11
CA LYS I 290 39.51 56.18 107.88
C LYS I 290 39.09 54.86 107.24
N LEU I 291 39.32 54.76 105.93
CA LEU I 291 38.94 53.57 105.19
C LEU I 291 39.85 52.40 105.54
N GLN I 292 39.25 51.25 105.81
CA GLN I 292 39.97 50.02 106.14
C GLN I 292 39.41 48.90 105.27
N PRO I 293 39.90 48.78 104.05
CA PRO I 293 39.40 47.73 103.15
C PRO I 293 39.88 46.34 103.58
N ILE I 294 39.16 45.34 103.10
CA ILE I 294 39.51 43.94 103.33
C ILE I 294 40.22 43.34 102.12
N TYR I 295 39.64 43.51 100.93
CA TYR I 295 40.20 42.97 99.71
C TYR I 295 40.17 44.03 98.63
N ALA I 296 41.30 44.21 97.96
CA ALA I 296 41.42 45.15 96.85
C ALA I 296 41.69 44.35 95.58
N PHE I 297 40.89 44.60 94.54
CA PHE I 297 40.98 43.85 93.28
C PHE I 297 42.04 44.52 92.41
N LYS I 298 43.30 44.20 92.70
CA LYS I 298 44.43 44.83 92.04
C LYS I 298 44.50 44.42 90.57
N GLY I 299 44.89 45.36 89.72
CA GLY I 299 44.88 45.27 88.29
C GLY I 299 44.26 46.53 87.72
N HIS I 300 43.86 46.45 86.45
CA HIS I 300 43.08 47.50 85.77
C HIS I 300 43.86 48.82 85.76
N SER I 301 44.89 48.84 84.90
CA SER I 301 45.85 49.96 84.84
C SER I 301 45.18 51.32 84.64
N ASP I 302 44.09 51.39 83.90
CA ASP I 302 43.33 52.61 83.73
C ASP I 302 42.12 52.60 84.66
N ARG I 303 41.38 53.70 84.67
CA ARG I 303 40.29 53.87 85.62
C ARG I 303 39.14 52.92 85.28
N VAL I 304 38.32 52.63 86.30
CA VAL I 304 37.26 51.64 86.22
C VAL I 304 35.95 52.36 85.95
N ILE I 305 35.13 51.81 85.07
CA ILE I 305 33.87 52.44 84.69
C ILE I 305 32.74 52.00 85.61
N ASP I 306 32.58 50.70 85.80
CA ASP I 306 31.55 50.16 86.68
C ASP I 306 31.99 48.77 87.13
N PHE I 307 31.35 48.31 88.20
CA PHE I 307 31.51 46.96 88.70
C PHE I 307 30.14 46.29 88.80
N LEU I 308 30.09 44.99 88.49
CA LEU I 308 28.85 44.24 88.52
C LEU I 308 29.01 43.00 89.38
N TRP I 309 27.88 42.46 89.80
CA TRP I 309 27.85 41.25 90.62
C TRP I 309 27.11 40.15 89.87
N ARG I 310 27.73 38.97 89.83
CA ARG I 310 27.18 37.80 89.16
C ARG I 310 26.70 36.81 90.21
N SER I 311 25.46 36.34 90.05
CA SER I 311 24.83 35.47 91.03
C SER I 311 24.65 34.07 90.45
N ARG I 312 24.72 33.08 91.33
CA ARG I 312 24.60 31.69 90.91
C ARG I 312 24.14 30.88 92.12
N HIS I 313 22.89 30.41 92.08
CA HIS I 313 22.33 29.66 93.18
C HIS I 313 21.48 28.53 92.62
N THR I 314 21.11 27.60 93.50
CA THR I 314 20.33 26.45 93.11
C THR I 314 18.90 26.85 92.77
N CYS I 315 18.21 25.96 92.05
CA CYS I 315 16.94 26.30 91.44
C CYS I 315 15.82 26.35 92.49
N ASP I 316 15.52 25.22 93.11
CA ASP I 316 14.38 25.11 94.01
C ASP I 316 14.79 24.98 95.47
N GLY I 317 16.08 25.18 95.79
CA GLY I 317 16.52 25.05 97.15
C GLY I 317 16.03 26.18 98.04
N ASP I 318 15.98 25.90 99.35
CA ASP I 318 15.56 26.86 100.35
C ASP I 318 16.73 27.39 101.16
N TYR I 319 17.95 27.25 100.66
CA TYR I 319 19.16 27.60 101.40
C TYR I 319 19.94 28.65 100.63
N ASP I 320 20.60 29.55 101.37
CA ASP I 320 21.38 30.63 100.77
C ASP I 320 22.79 30.09 100.50
N ASP I 321 22.91 29.36 99.40
CA ASP I 321 24.17 28.73 99.00
C ASP I 321 24.79 29.38 97.77
N ARG I 322 24.42 30.63 97.48
CA ARG I 322 24.87 31.26 96.25
C ARG I 322 26.35 31.65 96.33
N GLU I 323 27.02 31.55 95.18
CA GLU I 323 28.39 32.03 95.03
C GLU I 323 28.39 33.29 94.17
N PHE I 324 29.37 34.16 94.42
CA PHE I 324 29.40 35.48 93.79
C PHE I 324 30.72 35.71 93.07
N GLN I 325 30.63 36.36 91.92
CA GLN I 325 31.78 36.75 91.12
C GLN I 325 31.61 38.22 90.77
N LEU I 326 32.71 38.95 90.74
CA LEU I 326 32.69 40.39 90.47
C LEU I 326 33.19 40.66 89.06
N VAL I 327 32.42 41.44 88.31
CA VAL I 327 32.75 41.81 86.94
C VAL I 327 33.03 43.30 86.90
N THR I 328 34.25 43.67 86.53
CA THR I 328 34.67 45.08 86.46
C THR I 328 34.95 45.46 85.01
N TRP I 329 34.41 46.60 84.60
CA TRP I 329 34.67 47.17 83.28
C TRP I 329 35.42 48.49 83.46
N SER I 330 36.53 48.64 82.74
CA SER I 330 37.44 49.76 82.95
C SER I 330 37.71 50.49 81.64
N LYS I 331 38.40 51.63 81.76
CA LYS I 331 38.69 52.51 80.63
C LYS I 331 39.72 51.90 79.68
N ASP I 332 40.54 50.95 80.15
CA ASP I 332 41.57 50.32 79.33
C ASP I 332 41.05 49.19 78.46
N CYS I 333 39.74 49.16 78.20
CA CYS I 333 39.08 48.16 77.35
C CYS I 333 39.32 46.74 77.87
N ASP I 334 39.29 46.59 79.19
CA ASP I 334 39.42 45.30 79.83
C ASP I 334 38.17 45.02 80.67
N LEU I 335 37.57 43.86 80.46
CA LEU I 335 36.40 43.42 81.22
C LEU I 335 36.86 42.21 82.03
N LYS I 336 37.24 42.45 83.27
CA LYS I 336 37.80 41.39 84.11
C LYS I 336 36.72 40.74 84.96
N LEU I 337 36.92 39.46 85.28
CA LEU I 337 36.03 38.71 86.16
C LEU I 337 36.80 38.39 87.43
N TRP I 338 36.24 38.79 88.56
CA TRP I 338 36.94 38.62 89.84
C TRP I 338 36.29 37.51 90.66
N PRO I 339 36.95 36.37 90.85
CA PRO I 339 36.41 35.35 91.75
C PRO I 339 36.47 35.81 93.20
N ILE I 340 35.54 35.30 94.00
CA ILE I 340 35.45 35.61 95.43
C ILE I 340 35.74 34.35 96.22
N SER I 341 36.80 34.39 97.03
CA SER I 341 37.20 33.23 97.83
C SER I 341 36.33 33.14 99.09
N ASP I 342 36.46 32.00 99.79
CA ASP I 342 35.69 31.77 101.00
C ASP I 342 36.16 32.65 102.16
N SER I 343 37.41 33.10 102.13
CA SER I 343 37.90 34.01 103.16
C SER I 343 37.17 35.34 103.14
N ILE I 344 36.78 35.79 101.95
CA ILE I 344 35.96 37.00 101.84
C ILE I 344 34.56 36.74 102.40
N TYR I 345 34.04 35.52 102.18
CA TYR I 345 32.75 35.13 102.73
C TYR I 345 32.80 35.02 104.25
N GLY I 346 33.98 34.80 104.83
CA GLY I 346 34.13 34.69 106.26
C GLY I 346 34.35 36.04 106.91
N LYS I 347 35.25 36.85 106.33
CA LYS I 347 35.56 38.15 106.91
C LYS I 347 34.36 39.09 106.87
N VAL I 348 33.63 39.10 105.76
CA VAL I 348 32.35 39.77 105.71
C VAL I 348 31.31 38.86 106.37
N ASN I 349 30.37 39.45 107.10
CA ASN I 349 29.41 38.67 107.87
C ASN I 349 28.38 38.00 106.96
N PHE I 350 28.83 37.05 106.15
CA PHE I 350 27.99 36.29 105.24
C PHE I 350 27.97 34.84 105.69
N ASP I 351 26.77 34.31 105.89
CA ASP I 351 26.60 32.92 106.29
C ASP I 351 25.53 32.28 105.43
N ARG I 352 25.65 30.97 105.24
CA ARG I 352 24.69 30.22 104.45
C ARG I 352 23.44 30.00 105.29
N GLY I 353 22.33 30.62 104.90
CA GLY I 353 21.13 30.61 105.71
C GLY I 353 20.52 29.22 105.77
N LYS I 354 20.28 28.73 106.98
CA LYS I 354 19.64 27.43 107.15
C LYS I 354 18.20 27.47 106.66
N ARG I 355 17.50 28.57 106.91
CA ARG I 355 16.15 28.77 106.41
C ARG I 355 16.05 30.13 105.73
N LEU I 356 15.26 30.19 104.67
CA LEU I 356 15.02 31.41 103.90
C LEU I 356 13.58 31.85 104.10
N GLU I 357 13.39 33.12 104.42
CA GLU I 357 12.04 33.67 104.55
C GLU I 357 11.31 33.65 103.22
N GLU I 358 12.00 33.95 102.13
CA GLU I 358 11.44 33.89 100.79
C GLU I 358 12.42 33.20 99.86
N LYS I 359 11.90 32.37 98.97
CA LYS I 359 12.73 31.71 97.98
C LYS I 359 13.25 32.72 96.96
N LEU I 360 14.50 32.54 96.55
CA LEU I 360 15.11 33.44 95.58
C LEU I 360 14.45 33.29 94.21
N PRO I 361 14.35 34.38 93.45
CA PRO I 361 13.77 34.29 92.10
C PRO I 361 14.63 33.46 91.17
N ASP I 362 13.97 32.77 90.24
CA ASP I 362 14.63 31.91 89.28
C ASP I 362 14.52 32.53 87.89
N TYR I 363 15.66 32.70 87.22
CA TYR I 363 15.72 33.35 85.92
C TYR I 363 16.01 32.32 84.85
N ASP I 364 15.49 32.57 83.65
CA ASP I 364 15.78 31.72 82.51
C ASP I 364 17.24 31.89 82.10
N TYR I 365 17.96 30.78 81.97
CA TYR I 365 19.39 30.80 81.67
C TYR I 365 19.62 30.64 80.18
N CYS I 366 19.14 31.63 79.43
CA CYS I 366 19.23 31.64 77.98
C CYS I 366 20.45 32.43 77.50
N SER I 367 20.76 32.27 76.22
CA SER I 367 21.91 32.91 75.58
C SER I 367 21.40 33.87 74.50
N TYR I 368 21.37 35.16 74.81
CA TYR I 368 20.93 36.16 73.84
C TYR I 368 22.09 36.71 73.03
N ASN I 369 22.89 35.82 72.45
CA ASN I 369 24.08 36.20 71.70
C ASN I 369 24.00 35.81 70.23
N LYS I 370 23.46 34.64 69.92
CA LYS I 370 23.30 34.22 68.54
C LYS I 370 22.15 34.96 67.88
N GLU I 371 22.29 35.21 66.58
CA GLU I 371 21.27 35.94 65.84
C GLU I 371 20.00 35.12 65.72
N PRO I 372 18.85 35.64 66.09
CA PRO I 372 17.60 34.87 65.99
C PRO I 372 17.20 34.65 64.55
N GLU I 373 16.47 33.55 64.31
CA GLU I 373 15.97 33.25 62.99
C GLU I 373 14.70 34.07 62.70
N ASN I 374 14.70 34.75 61.56
CA ASN I 374 13.57 35.59 61.18
C ASN I 374 13.23 35.41 59.71
N PHE I 383 2.10 39.67 47.56
CA PHE I 383 1.94 38.29 47.10
C PHE I 383 2.90 37.37 47.83
N ARG I 384 3.14 36.20 47.25
CA ARG I 384 4.02 35.20 47.84
C ARG I 384 5.29 35.08 47.00
N ARG I 385 6.44 35.15 47.67
CA ARG I 385 7.71 34.98 46.96
C ARG I 385 7.93 33.53 46.55
N LEU I 386 8.71 33.34 45.49
CA LEU I 386 9.06 32.02 45.01
C LEU I 386 10.41 31.61 45.59
N ARG I 387 10.50 30.35 46.02
CA ARG I 387 11.72 29.86 46.66
C ARG I 387 12.82 29.68 45.61
N GLU I 388 13.96 30.34 45.81
CA GLU I 388 15.09 30.17 44.93
C GLU I 388 16.37 30.60 45.66
N ASN I 389 17.50 30.25 45.06
CA ASN I 389 18.81 30.68 45.53
C ASN I 389 19.34 31.67 44.50
N PHE I 390 19.18 32.97 44.80
CA PHE I 390 19.55 34.02 43.84
C PHE I 390 21.06 34.09 43.66
N VAL I 391 21.80 34.12 44.76
CA VAL I 391 23.26 34.24 44.71
C VAL I 391 23.84 33.21 45.66
N THR I 392 25.05 32.76 45.35
CA THR I 392 25.74 31.78 46.18
C THR I 392 26.15 32.41 47.50
N THR I 393 25.90 31.69 48.60
CA THR I 393 26.28 32.19 49.92
C THR I 393 27.79 32.32 50.04
N SER I 394 28.54 31.34 49.55
CA SER I 394 30.00 31.46 49.52
C SER I 394 30.40 32.47 48.46
N GLY I 395 31.47 33.23 48.75
CA GLY I 395 31.85 34.37 47.95
C GLY I 395 31.20 35.65 48.42
N LEU I 396 29.90 35.59 48.71
CA LEU I 396 29.22 36.68 49.41
C LEU I 396 29.72 36.82 50.85
N LYS I 397 30.32 35.77 51.41
CA LYS I 397 30.81 35.77 52.78
C LYS I 397 31.91 36.80 52.98
N LYS I 398 31.92 37.41 54.16
CA LYS I 398 33.03 38.23 54.63
C LYS I 398 33.94 37.37 55.50
N ASN I 399 35.22 37.33 55.14
CA ASN I 399 36.18 36.50 55.87
C ASN I 399 36.38 37.04 57.27
N LYS I 400 36.26 36.16 58.27
CA LYS I 400 36.22 36.55 59.67
C LYS I 400 37.62 36.91 60.14
N THR I 401 37.97 38.19 60.00
CA THR I 401 39.22 38.69 60.58
C THR I 401 39.01 39.35 61.94
N ASN I 402 37.78 39.73 62.27
CA ASN I 402 37.47 40.23 63.61
C ASN I 402 37.43 39.11 64.63
N HIS I 403 37.18 37.87 64.19
CA HIS I 403 37.16 36.72 65.09
C HIS I 403 38.54 36.48 65.69
N ILE I 404 39.60 36.63 64.88
CA ILE I 404 40.96 36.41 65.38
C ILE I 404 41.34 37.51 66.37
N THR I 405 40.95 38.75 66.09
CA THR I 405 41.21 39.85 67.01
C THR I 405 40.47 39.67 68.32
N TRP I 406 39.23 39.18 68.26
CA TRP I 406 38.48 38.89 69.48
C TRP I 406 39.12 37.73 70.25
N LEU I 407 39.59 36.70 69.55
CA LEU I 407 40.22 35.57 70.21
C LEU I 407 41.57 35.93 70.81
N SER I 408 42.22 36.97 70.27
CA SER I 408 43.49 37.44 70.82
C SER I 408 43.33 38.20 72.12
N GLY I 409 42.11 38.54 72.52
CA GLY I 409 41.91 39.35 73.71
C GLY I 409 41.25 38.64 74.87
N ILE I 410 41.26 37.30 74.86
CA ILE I 410 40.68 36.50 75.93
C ILE I 410 41.82 35.76 76.64
N ARG I 411 41.90 35.93 77.95
CA ARG I 411 42.99 35.38 78.76
C ARG I 411 42.40 34.59 79.92
N MET I 412 42.19 33.29 79.71
CA MET I 412 41.68 32.42 80.77
C MET I 412 42.81 32.10 81.75
N ASN I 413 42.52 32.23 83.05
CA ASN I 413 43.47 32.00 84.15
C ASN I 413 44.75 32.81 84.02
N LYS I 426 52.97 30.31 77.55
CA LYS I 426 53.00 30.18 76.11
C LYS I 426 51.58 30.07 75.54
N ILE I 427 51.02 28.87 75.57
CA ILE I 427 49.67 28.62 75.09
C ILE I 427 48.82 28.02 76.20
N GLN I 428 47.58 28.47 76.30
CA GLN I 428 46.69 28.08 77.38
C GLN I 428 45.53 27.21 76.93
N ASN I 429 44.79 27.62 75.90
CA ASN I 429 43.59 26.92 75.47
C ASN I 429 43.55 26.92 73.94
N LEU I 430 42.42 26.43 73.41
CA LEU I 430 42.23 26.35 71.96
C LEU I 430 42.14 27.73 71.33
N GLY I 431 41.51 28.68 72.03
CA GLY I 431 41.29 29.99 71.46
C GLY I 431 42.57 30.77 71.22
N GLU I 432 43.51 30.70 72.17
CA GLU I 432 44.80 31.35 71.98
C GLU I 432 45.57 30.72 70.83
N GLU I 433 45.45 29.39 70.68
CA GLU I 433 46.08 28.71 69.55
C GLU I 433 45.50 29.18 68.21
N VAL I 434 44.18 29.33 68.15
CA VAL I 434 43.53 29.80 66.93
C VAL I 434 43.93 31.24 66.62
N SER I 435 43.99 32.08 67.67
CA SER I 435 44.46 33.45 67.48
C SER I 435 45.90 33.50 66.99
N ALA I 436 46.76 32.65 67.56
CA ALA I 436 48.17 32.62 67.15
C ALA I 436 48.34 32.19 65.71
N ILE I 437 47.63 31.15 65.29
CA ILE I 437 47.76 30.73 63.90
C ILE I 437 47.08 31.71 62.95
N GLY I 438 46.06 32.43 63.43
CA GLY I 438 45.46 33.46 62.60
C GLY I 438 46.37 34.65 62.38
N HIS I 439 47.08 35.06 63.43
CA HIS I 439 48.02 36.18 63.29
C HIS I 439 49.29 35.77 62.56
N LYS I 440 49.72 34.51 62.71
CA LYS I 440 50.97 34.08 62.12
C LYS I 440 50.85 33.90 60.61
N PHE I 441 49.66 33.57 60.12
CA PHE I 441 49.43 33.32 58.70
C PHE I 441 48.28 34.21 58.22
N PRO I 442 48.57 35.46 57.85
CA PRO I 442 47.49 36.35 57.38
C PRO I 442 46.89 35.95 56.04
N LYS I 443 47.54 35.07 55.27
CA LYS I 443 47.06 34.64 53.97
C LYS I 443 46.22 33.37 54.05
N VAL I 444 45.89 32.90 55.25
CA VAL I 444 44.99 31.77 55.44
C VAL I 444 43.63 32.32 55.86
N VAL I 445 42.63 32.10 55.01
CA VAL I 445 41.30 32.64 55.22
C VAL I 445 40.48 31.63 56.02
N PHE I 446 39.97 32.05 57.16
CA PHE I 446 39.16 31.19 58.03
C PHE I 446 37.71 31.26 57.60
N GLU I 447 37.12 30.11 57.27
CA GLU I 447 35.72 30.07 56.87
C GLU I 447 34.80 29.93 58.07
N LYS I 448 35.15 29.09 59.05
CA LYS I 448 34.33 28.90 60.24
C LYS I 448 35.23 28.68 61.44
N ILE I 449 35.07 29.53 62.45
CA ILE I 449 35.78 29.41 63.72
C ILE I 449 34.75 29.21 64.82
N SER I 450 34.92 28.13 65.59
CA SER I 450 34.01 27.86 66.70
C SER I 450 34.81 27.13 67.78
N VAL I 451 35.28 27.89 68.78
CA VAL I 451 36.08 27.30 69.85
C VAL I 451 35.20 26.44 70.75
N SER I 452 33.96 26.88 71.00
CA SER I 452 33.07 26.17 71.92
C SER I 452 32.67 24.79 71.38
N THR I 453 32.38 24.70 70.08
CA THR I 453 32.00 23.43 69.46
C THR I 453 33.18 22.72 68.82
N ARG I 454 34.39 23.27 68.94
CA ARG I 454 35.64 22.67 68.45
C ARG I 454 35.62 22.43 66.95
N GLU I 455 34.88 23.26 66.22
CA GLU I 455 34.78 23.18 64.76
C GLU I 455 35.59 24.31 64.13
N LEU I 456 36.46 23.96 63.20
CA LEU I 456 37.36 24.93 62.58
C LEU I 456 37.46 24.60 61.09
N CYS I 457 36.85 25.43 60.26
CA CYS I 457 36.89 25.29 58.81
C CYS I 457 37.70 26.47 58.25
N LEU I 458 38.76 26.16 57.50
CA LEU I 458 39.65 27.20 56.99
C LEU I 458 40.09 26.84 55.58
N THR I 459 40.49 27.86 54.82
CA THR I 459 40.91 27.71 53.45
C THR I 459 42.35 28.18 53.27
N LEU I 460 43.07 27.50 52.38
CA LEU I 460 44.44 27.88 52.05
C LEU I 460 44.77 27.38 50.65
N ASN I 461 45.87 27.90 50.11
CA ASN I 461 46.37 27.50 48.80
C ASN I 461 47.71 26.79 48.99
N GLY I 462 47.85 25.61 48.40
CA GLY I 462 49.05 24.84 48.57
C GLY I 462 49.48 24.10 47.33
N PRO I 463 50.79 23.83 47.21
CA PRO I 463 51.33 23.09 46.06
C PRO I 463 51.13 21.58 46.16
N TRP I 464 49.92 21.13 45.83
CA TRP I 464 49.54 19.73 45.98
C TRP I 464 48.84 19.23 44.73
N SER I 465 49.43 19.51 43.58
CA SER I 465 48.93 19.03 42.29
C SER I 465 49.89 18.02 41.70
N GLU I 466 49.38 16.85 41.34
CA GLU I 466 50.19 15.84 40.68
C GLU I 466 50.59 16.26 39.26
N GLU I 467 49.83 17.17 38.65
CA GLU I 467 50.15 17.60 37.29
C GLU I 467 51.28 18.62 37.29
N ASN I 468 51.10 19.72 38.01
CA ASN I 468 52.08 20.80 38.06
C ASN I 468 52.35 21.15 39.52
N PRO I 469 53.54 20.82 40.06
CA PRO I 469 53.82 21.12 41.47
C PRO I 469 53.92 22.60 41.80
N ASP I 470 54.16 23.46 40.80
CA ASP I 470 54.35 24.88 41.07
C ASP I 470 53.03 25.59 41.36
N ASP I 471 51.94 25.15 40.75
CA ASP I 471 50.65 25.81 40.93
C ASP I 471 50.05 25.44 42.28
N TYR I 472 49.04 26.22 42.69
CA TYR I 472 48.40 26.07 43.98
C TYR I 472 46.94 25.65 43.80
N ILE I 473 46.46 24.88 44.76
CA ILE I 473 45.11 24.31 44.72
C ILE I 473 44.34 24.86 45.90
N PHE I 474 43.16 25.42 45.63
CA PHE I 474 42.30 25.94 46.70
C PHE I 474 41.68 24.79 47.48
N LEU I 475 41.79 24.84 48.81
CA LEU I 475 41.27 23.80 49.68
C LEU I 475 40.32 24.41 50.69
N ARG I 476 39.51 23.54 51.31
CA ARG I 476 38.54 23.94 52.32
C ARG I 476 38.59 22.99 53.51
N ILE I 477 39.80 22.79 54.05
CA ILE I 477 40.04 21.83 55.13
C ILE I 477 39.23 22.20 56.36
N SER I 478 38.48 21.25 56.89
CA SER I 478 37.73 21.41 58.12
C SER I 478 38.40 20.60 59.23
N ILE I 479 38.39 21.14 60.45
CA ILE I 479 39.10 20.55 61.58
C ILE I 479 38.10 20.28 62.69
N ASN I 480 38.23 19.11 63.31
CA ASN I 480 37.46 18.74 64.50
C ASN I 480 38.43 18.37 65.62
N PHE I 481 38.21 18.96 66.79
CA PHE I 481 39.04 18.67 67.95
C PHE I 481 38.27 17.83 68.96
N PRO I 482 38.95 16.98 69.74
CA PRO I 482 38.25 16.22 70.79
C PRO I 482 38.03 17.06 72.05
N LEU I 483 37.52 16.42 73.10
CA LEU I 483 37.31 17.12 74.38
C LEU I 483 38.64 17.55 74.99
N ASN I 484 39.62 16.66 75.04
CA ASN I 484 40.95 16.99 75.53
C ASN I 484 41.92 17.00 74.34
N TYR I 485 41.98 18.16 73.66
CA TYR I 485 42.80 18.25 72.46
C TYR I 485 44.30 18.12 72.75
N PRO I 486 44.93 18.87 73.71
CA PRO I 486 46.36 18.63 73.95
C PRO I 486 46.68 17.72 75.13
N ASN I 487 45.66 17.33 75.92
CA ASN I 487 45.93 16.59 77.15
C ASN I 487 46.36 15.16 76.87
N LYS I 488 45.65 14.49 75.96
CA LYS I 488 45.90 13.09 75.65
C LYS I 488 46.60 12.97 74.30
N GLY I 489 46.82 11.73 73.88
CA GLY I 489 47.45 11.41 72.61
C GLY I 489 46.53 11.46 71.42
N ASP I 490 45.27 11.81 71.63
CA ASP I 490 44.29 11.88 70.55
C ASP I 490 44.53 13.11 69.67
N PRO I 491 44.73 12.93 68.36
CA PRO I 491 45.00 14.07 67.49
C PRO I 491 43.73 14.63 66.88
N PRO I 492 43.79 15.81 66.27
CA PRO I 492 42.62 16.28 65.49
C PRO I 492 42.35 15.40 64.27
N LYS I 493 41.08 15.30 63.93
CA LYS I 493 40.62 14.55 62.75
C LYS I 493 40.36 15.55 61.63
N PHE I 494 41.26 15.59 60.66
CA PHE I 494 41.14 16.53 59.55
C PHE I 494 40.26 15.95 58.46
N THR I 495 39.31 16.77 57.98
CA THR I 495 38.44 16.41 56.87
C THR I 495 38.57 17.45 55.77
N ILE I 496 38.84 17.00 54.55
CA ILE I 496 39.06 17.87 53.40
C ILE I 496 37.95 17.63 52.39
N GLU I 497 37.33 18.71 51.92
CA GLU I 497 36.27 18.60 50.93
C GLU I 497 36.86 18.14 49.59
N GLU I 498 36.07 17.37 48.85
CA GLU I 498 36.55 16.77 47.61
C GLU I 498 36.79 17.84 46.54
N ASN I 499 37.83 17.63 45.74
CA ASN I 499 38.15 18.50 44.61
C ASN I 499 38.53 17.63 43.41
N SER I 500 38.14 18.07 42.22
CA SER I 500 38.61 17.40 41.02
C SER I 500 40.10 17.64 40.78
N ASN I 501 40.63 18.75 41.30
CA ASN I 501 42.06 19.02 41.19
C ASN I 501 42.88 18.17 42.14
N LEU I 502 42.28 17.62 43.19
CA LEU I 502 42.99 16.83 44.19
C LEU I 502 42.68 15.35 43.95
N THR I 503 43.74 14.55 43.80
CA THR I 503 43.55 13.12 43.58
C THR I 503 43.31 12.40 44.90
N MET I 504 42.94 11.13 44.80
CA MET I 504 42.79 10.30 45.99
C MET I 504 44.12 10.03 46.66
N SER I 505 45.19 9.88 45.85
CA SER I 505 46.51 9.63 46.38
C SER I 505 47.02 10.83 47.20
N LYS I 506 46.85 12.04 46.67
CA LYS I 506 47.27 13.23 47.38
C LYS I 506 46.44 13.42 48.65
N ARG I 507 45.14 13.12 48.59
CA ARG I 507 44.28 13.23 49.77
C ARG I 507 44.74 12.26 50.86
N GLN I 508 45.03 11.01 50.48
CA GLN I 508 45.51 10.03 51.44
C GLN I 508 46.86 10.42 52.02
N GLU I 509 47.76 10.96 51.18
CA GLU I 509 49.07 11.40 51.66
C GLU I 509 48.94 12.54 52.67
N ILE I 510 48.10 13.53 52.35
CA ILE I 510 47.92 14.67 53.23
C ILE I 510 47.29 14.25 54.56
N LEU I 511 46.24 13.42 54.49
CA LEU I 511 45.58 12.98 55.71
C LEU I 511 46.49 12.11 56.57
N SER I 512 47.25 11.20 55.96
CA SER I 512 48.18 10.35 56.72
C SER I 512 49.29 11.17 57.35
N ASN I 513 49.81 12.16 56.63
CA ASN I 513 50.89 12.98 57.18
C ASN I 513 50.39 13.88 58.31
N LEU I 514 49.18 14.43 58.16
CA LEU I 514 48.59 15.24 59.22
C LEU I 514 48.28 14.40 60.46
N ALA I 515 47.79 13.17 60.24
CA ALA I 515 47.55 12.27 61.37
C ALA I 515 48.85 11.87 62.05
N THR I 516 49.91 11.66 61.28
CA THR I 516 51.22 11.36 61.86
C THR I 516 51.74 12.53 62.70
N ILE I 517 51.62 13.76 62.18
CA ILE I 517 52.08 14.95 62.89
C ILE I 517 51.29 15.12 64.19
N GLY I 518 49.96 14.98 64.12
CA GLY I 518 49.14 15.13 65.31
C GLY I 518 49.38 14.03 66.33
N GLN I 519 49.60 12.79 65.87
CA GLN I 519 49.85 11.68 66.78
C GLN I 519 51.21 11.82 67.47
N LYS I 520 52.23 12.21 66.72
CA LYS I 520 53.57 12.34 67.30
C LYS I 520 53.66 13.56 68.22
N TYR I 521 53.03 14.67 67.85
CA TYR I 521 53.31 15.94 68.49
C TYR I 521 52.44 16.17 69.72
N THR I 522 51.37 15.39 69.89
CA THR I 522 50.59 15.41 71.13
C THR I 522 51.16 14.49 72.20
N ASP I 523 52.21 13.71 71.88
CA ASP I 523 52.87 12.91 72.91
C ASP I 523 53.61 13.81 73.90
N SER I 524 54.05 14.99 73.46
CA SER I 524 54.62 15.99 74.33
C SER I 524 53.56 16.95 74.87
N ASN I 525 52.28 16.70 74.55
CA ASN I 525 51.13 17.46 75.04
C ASN I 525 51.18 18.93 74.63
N LEU I 526 51.79 19.22 73.48
CA LEU I 526 51.82 20.56 72.93
C LEU I 526 50.64 20.76 71.99
N TYR I 527 50.66 21.86 71.23
CA TYR I 527 49.52 22.29 70.43
C TYR I 527 49.87 22.15 68.95
N CYS I 528 49.20 21.21 68.27
CA CYS I 528 49.50 20.89 66.88
C CYS I 528 48.50 21.53 65.92
N LEU I 529 48.64 22.84 65.73
CA LEU I 529 47.87 23.47 64.66
C LEU I 529 48.75 24.40 63.83
N GLU I 530 49.81 24.94 64.45
CA GLU I 530 50.84 25.63 63.67
C GLU I 530 51.60 24.71 62.71
N PRO I 531 52.18 23.56 63.15
CA PRO I 531 52.94 22.76 62.18
C PRO I 531 52.08 22.09 61.12
N CYS I 532 50.84 21.71 61.47
CA CYS I 532 49.94 21.09 60.49
C CYS I 532 49.61 22.06 59.37
N ILE I 533 49.22 23.28 59.73
CA ILE I 533 48.87 24.30 58.73
C ILE I 533 50.10 24.71 57.93
N ARG I 534 51.25 24.79 58.60
CA ARG I 534 52.50 25.10 57.90
C ARG I 534 52.84 24.01 56.88
N PHE I 535 52.62 22.74 57.24
CA PHE I 535 52.92 21.64 56.33
C PHE I 535 51.95 21.61 55.16
N VAL I 536 50.66 21.84 55.41
CA VAL I 536 49.69 21.84 54.31
C VAL I 536 49.95 23.03 53.39
N LEU I 537 50.39 24.16 53.94
CA LEU I 537 50.85 25.28 53.11
C LEU I 537 52.14 24.95 52.37
N GLY I 538 52.86 23.91 52.79
CA GLY I 538 54.06 23.49 52.08
C GLY I 538 55.27 24.36 52.31
N GLU I 539 55.29 25.16 53.38
CA GLU I 539 56.41 26.05 53.62
C GLU I 539 57.65 25.29 54.08
N LYS I 540 57.47 24.26 54.91
CA LYS I 540 58.59 23.56 55.50
C LYS I 540 58.13 22.16 55.91
N VAL I 541 59.02 21.41 56.56
CA VAL I 541 58.72 20.09 57.09
C VAL I 541 59.23 20.04 58.53
N SER I 542 58.44 19.42 59.41
CA SER I 542 58.77 19.35 60.83
C SER I 542 58.74 17.91 61.30
N LEU I 543 59.59 17.60 62.28
CA LEU I 543 59.68 16.26 62.83
C LEU I 543 59.98 16.30 64.33
N ALA I 613 118.51 42.32 48.14
CA ALA I 613 118.40 43.54 47.34
C ALA I 613 118.99 43.33 45.96
N LEU I 614 119.12 42.07 45.56
CA LEU I 614 119.67 41.73 44.25
C LEU I 614 118.87 40.64 43.56
N ASP I 615 117.69 40.29 44.06
CA ASP I 615 116.86 39.21 43.52
C ASP I 615 115.83 39.77 42.55
N THR I 616 115.73 39.14 41.38
CA THR I 616 114.80 39.54 40.33
C THR I 616 113.48 38.79 40.56
N THR I 617 112.57 39.43 41.28
CA THR I 617 111.28 38.82 41.60
C THR I 617 110.16 39.67 41.01
N PRO I 618 109.32 39.12 40.14
CA PRO I 618 108.23 39.88 39.55
C PRO I 618 107.08 40.09 40.52
N VAL I 619 106.21 41.04 40.16
CA VAL I 619 104.99 41.31 40.91
C VAL I 619 104.07 40.10 40.84
N PRO I 620 103.48 39.66 41.96
CA PRO I 620 102.62 38.46 41.93
C PRO I 620 101.38 38.65 41.08
N ASN I 621 101.00 37.59 40.37
CA ASN I 621 99.81 37.61 39.54
C ASN I 621 98.55 37.54 40.41
N GLY I 622 97.51 38.24 39.98
CA GLY I 622 96.25 38.27 40.68
C GLY I 622 95.16 37.39 40.11
N CYS I 623 95.40 36.75 38.96
CA CYS I 623 94.39 35.91 38.33
C CYS I 623 95.10 34.91 37.43
N GLY I 624 94.31 34.02 36.84
CA GLY I 624 94.85 33.03 35.92
C GLY I 624 93.74 32.13 35.42
N SER I 625 94.12 31.17 34.58
CA SER I 625 93.16 30.26 33.99
C SER I 625 93.74 28.86 33.90
N CYS I 626 92.85 27.87 33.90
CA CYS I 626 93.24 26.47 33.72
C CYS I 626 92.27 25.81 32.76
N TRP I 627 92.81 25.02 31.83
CA TRP I 627 92.02 24.33 30.83
C TRP I 627 91.81 22.88 31.22
N THR I 628 90.59 22.38 31.01
CA THR I 628 90.26 20.98 31.21
C THR I 628 89.93 20.34 29.88
N ALA I 629 89.76 19.02 29.91
CA ALA I 629 89.49 18.27 28.69
C ALA I 629 88.08 18.49 28.15
N THR I 630 87.16 18.93 29.00
CA THR I 630 85.77 19.11 28.57
C THR I 630 85.47 20.54 28.14
N GLY I 631 86.48 21.40 28.05
CA GLY I 631 86.32 22.74 27.54
C GLY I 631 86.00 23.79 28.59
N GLU I 632 85.79 23.41 29.84
CA GLU I 632 85.51 24.37 30.89
C GLU I 632 86.78 25.10 31.29
N LEU I 633 86.73 26.43 31.26
CA LEU I 633 87.89 27.27 31.58
C LEU I 633 87.81 27.68 33.04
N PHE I 634 88.71 27.12 33.85
CA PHE I 634 88.71 27.36 35.30
C PHE I 634 89.49 28.63 35.58
N CYS I 635 88.79 29.69 35.96
CA CYS I 635 89.38 31.00 36.18
C CYS I 635 89.20 31.43 37.62
N PHE I 636 90.27 31.92 38.24
CA PHE I 636 90.21 32.50 39.58
C PHE I 636 90.51 33.99 39.51
N PHE I 637 89.76 34.76 40.28
CA PHE I 637 89.83 36.22 40.18
C PHE I 637 89.89 36.85 41.57
N ALA I 638 90.43 38.07 41.61
CA ALA I 638 90.55 38.85 42.83
C ALA I 638 89.31 39.72 43.00
N ASN I 639 89.38 40.71 43.89
CA ASN I 639 88.31 41.69 44.09
C ASN I 639 87.99 42.48 42.82
N LYS I 772 88.29 39.19 49.19
CA LYS I 772 87.99 37.80 48.90
C LYS I 772 88.39 37.43 47.47
N ASN I 773 88.47 36.14 47.20
CA ASN I 773 88.81 35.61 45.89
C ASN I 773 87.62 34.87 45.30
N LEU I 774 87.45 34.98 43.98
CA LEU I 774 86.36 34.34 43.26
C LEU I 774 86.97 33.40 42.22
N VAL I 775 86.58 32.13 42.27
CA VAL I 775 87.02 31.12 41.31
C VAL I 775 85.80 30.65 40.54
N ILE I 776 85.83 30.82 39.22
CA ILE I 776 84.69 30.49 38.37
C ILE I 776 85.13 29.63 37.20
N SER I 777 84.17 28.95 36.61
CA SER I 777 84.39 28.14 35.42
C SER I 777 83.22 28.37 34.46
N LYS I 778 83.52 28.63 33.20
CA LYS I 778 82.51 28.90 32.18
C LYS I 778 82.60 27.86 31.08
N ASN I 779 81.44 27.46 30.56
CA ASN I 779 81.37 26.44 29.52
C ASN I 779 81.79 27.05 28.18
N PHE I 780 82.82 26.47 27.58
CA PHE I 780 83.35 26.90 26.30
C PHE I 780 83.57 25.71 25.38
N SER I 781 82.64 24.74 25.41
CA SER I 781 82.78 23.57 24.57
C SER I 781 82.58 23.87 23.09
N SER I 782 81.93 24.99 22.77
CA SER I 782 81.72 25.33 21.36
C SER I 782 83.00 25.76 20.68
N LEU I 783 84.01 26.17 21.43
CA LEU I 783 85.28 26.62 20.86
C LEU I 783 86.29 25.49 20.70
N LEU I 784 85.94 24.26 21.07
CA LEU I 784 86.84 23.13 20.98
C LEU I 784 86.34 22.18 19.91
N SER I 785 87.24 21.78 19.01
CA SER I 785 86.86 20.92 17.91
C SER I 785 86.63 19.48 18.37
N ASP I 786 87.52 18.96 19.21
CA ASP I 786 87.41 17.59 19.69
C ASP I 786 86.41 17.51 20.83
N ARG I 787 85.41 16.66 20.69
CA ARG I 787 84.34 16.54 21.68
C ARG I 787 84.37 15.17 22.30
N LYS I 788 84.24 15.12 23.63
CA LYS I 788 84.20 13.85 24.35
C LYS I 788 82.93 13.06 24.08
N GLU I 789 81.85 13.75 23.70
CA GLU I 789 80.58 13.07 23.45
C GLU I 789 80.65 12.18 22.21
N LEU I 790 81.46 12.57 21.22
CA LEU I 790 81.59 11.75 20.01
C LEU I 790 82.40 10.49 20.28
N ALA I 791 83.35 10.56 21.21
CA ALA I 791 84.23 9.42 21.46
C ALA I 791 83.52 8.30 22.20
N LEU I 792 82.45 8.60 22.93
CA LEU I 792 81.74 7.56 23.68
C LEU I 792 80.89 6.67 22.77
N GLU I 793 80.54 7.15 21.58
CA GLU I 793 79.63 6.42 20.71
C GLU I 793 80.29 5.86 19.46
N TYR I 794 81.53 6.21 19.18
CA TYR I 794 82.24 5.66 18.04
C TYR I 794 82.54 4.18 18.25
N LEU I 795 82.39 3.40 17.18
CA LEU I 795 82.79 2.00 17.18
C LEU I 795 83.53 1.75 15.88
N PHE I 796 84.85 1.67 15.95
CA PHE I 796 85.68 1.57 14.76
C PHE I 796 86.34 0.20 14.58
N MET I 797 86.08 -0.77 15.46
CA MET I 797 86.70 -2.08 15.28
C MET I 797 85.72 -3.24 15.40
N ASP I 798 84.63 -3.07 16.15
CA ASP I 798 83.72 -4.17 16.44
C ASP I 798 82.53 -4.22 15.48
N ALA I 799 82.79 -4.20 14.18
CA ALA I 799 81.75 -4.23 13.15
C ALA I 799 82.41 -4.57 11.81
N THR I 800 81.66 -4.42 10.73
CA THR I 800 82.20 -4.48 9.39
C THR I 800 82.95 -3.19 9.06
N PRO I 801 83.85 -3.22 8.07
CA PRO I 801 84.52 -1.97 7.66
C PRO I 801 83.57 -0.88 7.18
N GLU I 802 82.46 -1.25 6.54
CA GLU I 802 81.43 -0.26 6.24
C GLU I 802 80.63 0.11 7.48
N GLY I 803 80.56 -0.81 8.44
CA GLY I 803 79.78 -0.56 9.65
C GLY I 803 80.37 0.53 10.52
N PHE I 804 81.71 0.62 10.58
CA PHE I 804 82.35 1.68 11.36
C PHE I 804 81.95 3.04 10.84
N ALA I 805 82.06 3.22 9.52
CA ALA I 805 81.79 4.52 8.94
C ALA I 805 80.30 4.83 8.95
N ARG I 806 79.43 3.82 8.84
CA ARG I 806 78.00 4.11 8.92
C ARG I 806 77.59 4.47 10.35
N ASN I 807 78.15 3.78 11.35
CA ASN I 807 77.87 4.13 12.74
C ASN I 807 78.39 5.52 13.07
N ASN I 808 79.60 5.85 12.59
CA ASN I 808 80.14 7.18 12.81
C ASN I 808 79.32 8.25 12.08
N ALA I 809 78.77 7.91 10.91
CA ALA I 809 77.92 8.86 10.20
C ALA I 809 76.64 9.13 10.98
N LEU I 810 76.02 8.08 11.52
CA LEU I 810 74.82 8.28 12.34
C LEU I 810 75.13 9.05 13.62
N VAL I 811 76.29 8.80 14.22
CA VAL I 811 76.69 9.49 15.44
C VAL I 811 76.94 10.97 15.17
N ALA I 812 77.64 11.28 14.08
CA ALA I 812 77.90 12.67 13.72
C ALA I 812 76.62 13.38 13.30
N GLU I 813 75.67 12.64 12.71
CA GLU I 813 74.39 13.25 12.35
C GLU I 813 73.55 13.54 13.59
N LYS I 814 73.64 12.69 14.62
CA LYS I 814 72.81 12.91 15.80
C LYS I 814 73.32 14.04 16.68
N PHE I 815 74.56 14.50 16.47
CA PHE I 815 75.12 15.62 17.23
C PHE I 815 75.25 16.89 16.39
N ASP I 816 74.48 16.99 15.30
CA ASP I 816 74.38 18.18 14.46
C ASP I 816 75.73 18.56 13.84
N LEU I 817 76.57 17.57 13.54
CA LEU I 817 77.76 17.76 12.74
C LEU I 817 77.44 17.37 11.30
N ASP I 818 77.78 18.25 10.36
CA ASP I 818 77.37 18.06 8.96
C ASP I 818 78.52 17.54 8.10
N GLU I 819 79.64 18.28 8.07
CA GLU I 819 80.75 17.92 7.20
C GLU I 819 81.37 16.59 7.60
N ILE I 820 81.51 16.36 8.91
CA ILE I 820 82.04 15.10 9.42
C ILE I 820 81.08 13.95 9.10
N SER I 821 79.78 14.21 9.19
CA SER I 821 78.78 13.19 8.87
C SER I 821 78.83 12.81 7.40
N HIS I 822 78.96 13.80 6.51
CA HIS I 822 79.07 13.47 5.10
C HIS I 822 80.39 12.79 4.77
N CYS I 823 81.47 13.14 5.47
CA CYS I 823 82.74 12.46 5.26
C CYS I 823 82.63 10.99 5.65
N TRP I 824 81.98 10.71 6.78
CA TRP I 824 81.79 9.32 7.18
C TRP I 824 80.84 8.59 6.25
N GLN I 825 79.84 9.28 5.69
CA GLN I 825 78.93 8.64 4.76
C GLN I 825 79.63 8.27 3.46
N ILE I 826 80.45 9.18 2.93
CA ILE I 826 81.20 8.92 1.71
C ILE I 826 82.22 7.81 1.93
N LEU I 827 82.89 7.82 3.08
CA LEU I 827 83.84 6.76 3.38
C LEU I 827 83.13 5.42 3.60
N SER I 828 81.88 5.46 4.06
CA SER I 828 81.07 4.25 4.11
C SER I 828 80.77 3.73 2.72
N ASP I 829 80.44 4.63 1.79
CA ASP I 829 80.15 4.21 0.42
C ASP I 829 81.38 3.67 -0.29
N MET I 830 82.57 4.18 0.06
CA MET I 830 83.79 3.70 -0.58
C MET I 830 84.32 2.42 0.02
N LEU I 831 83.71 1.90 1.07
CA LEU I 831 84.23 0.72 1.75
C LEU I 831 83.19 -0.40 1.82
N ILE I 832 82.51 -0.66 0.72
CA ILE I 832 81.46 -1.68 0.67
C ILE I 832 82.03 -2.95 0.05
N ASP I 833 81.81 -4.08 0.71
CA ASP I 833 82.20 -5.39 0.21
C ASP I 833 80.99 -6.31 0.15
N GLN I 834 81.23 -7.54 -0.27
CA GLN I 834 80.17 -8.54 -0.38
C GLN I 834 80.76 -9.91 -0.09
N SER I 835 79.87 -10.90 0.04
CA SER I 835 80.31 -12.26 0.30
C SER I 835 81.07 -12.83 -0.89
N ASP I 836 80.58 -12.60 -2.10
CA ASP I 836 81.30 -13.02 -3.30
C ASP I 836 82.52 -12.13 -3.52
N TYR I 837 83.52 -12.69 -4.17
CA TYR I 837 84.76 -11.97 -4.45
C TYR I 837 84.77 -11.48 -5.89
N ASP I 838 84.86 -10.17 -6.07
CA ASP I 838 85.06 -9.56 -7.36
C ASP I 838 86.44 -8.90 -7.37
N PRO I 839 87.36 -9.34 -8.23
CA PRO I 839 88.70 -8.74 -8.24
C PRO I 839 88.72 -7.28 -8.66
N TYR I 840 87.73 -6.83 -9.43
CA TYR I 840 87.69 -5.43 -9.84
C TYR I 840 87.40 -4.51 -8.67
N THR I 841 86.71 -5.01 -7.63
CA THR I 841 86.52 -4.22 -6.42
C THR I 841 87.84 -3.95 -5.71
N THR I 842 88.68 -4.97 -5.60
CA THR I 842 90.00 -4.79 -5.01
C THR I 842 90.89 -3.90 -5.88
N ILE I 843 90.76 -4.04 -7.20
CA ILE I 843 91.51 -3.19 -8.13
C ILE I 843 91.12 -1.73 -7.95
N TRP I 844 89.82 -1.45 -7.82
CA TRP I 844 89.37 -0.09 -7.63
C TRP I 844 89.73 0.45 -6.25
N ASN I 845 89.71 -0.42 -5.23
CA ASN I 845 90.11 0.01 -3.89
C ASN I 845 91.59 0.38 -3.85
N ASN I 846 92.42 -0.36 -4.58
CA ASN I 846 93.87 -0.15 -4.51
C ASN I 846 94.35 0.97 -5.43
N HIS I 847 93.48 1.62 -6.17
CA HIS I 847 93.93 2.64 -7.10
C HIS I 847 94.36 3.89 -6.33
N PRO I 848 95.41 4.58 -6.78
CA PRO I 848 95.81 5.83 -6.11
C PRO I 848 94.80 6.95 -6.21
N MET I 849 93.88 6.92 -7.17
CA MET I 849 92.92 8.00 -7.32
C MET I 849 91.64 7.76 -6.52
N GLY I 850 91.52 6.62 -5.87
CA GLY I 850 90.34 6.31 -5.08
C GLY I 850 90.74 5.88 -3.68
N ILE I 851 89.85 6.19 -2.72
CA ILE I 851 89.99 5.89 -1.29
C ILE I 851 91.22 6.56 -0.69
N LYS I 852 92.42 6.21 -1.16
CA LYS I 852 93.65 6.80 -0.66
C LYS I 852 93.70 8.30 -0.90
N TRP I 853 93.22 8.74 -2.06
CA TRP I 853 93.14 10.17 -2.35
C TRP I 853 92.18 10.86 -1.39
N PHE I 854 91.06 10.20 -1.07
CA PHE I 854 90.10 10.77 -0.14
C PHE I 854 90.70 10.90 1.25
N ILE I 855 91.45 9.89 1.69
CA ILE I 855 92.08 9.93 3.01
C ILE I 855 93.12 11.04 3.07
N LYS I 856 93.94 11.17 2.02
CA LYS I 856 94.95 12.22 1.98
C LYS I 856 94.31 13.61 2.02
N GLU I 857 93.25 13.82 1.23
CA GLU I 857 92.66 15.14 1.16
C GLU I 857 91.86 15.46 2.42
N ALA I 858 91.26 14.44 3.05
CA ALA I 858 90.57 14.68 4.31
C ALA I 858 91.56 14.99 5.43
N ILE I 859 92.73 14.35 5.41
CA ILE I 859 93.78 14.67 6.38
C ILE I 859 94.26 16.11 6.17
N VAL I 860 94.46 16.50 4.91
CA VAL I 860 94.91 17.87 4.61
C VAL I 860 93.86 18.90 5.03
N TYR I 861 92.57 18.60 4.79
CA TYR I 861 91.52 19.53 5.17
C TYR I 861 91.36 19.63 6.68
N PHE I 862 91.37 18.50 7.39
CA PHE I 862 91.17 18.53 8.83
C PHE I 862 92.40 18.94 9.62
N GLU I 863 93.58 18.98 8.98
CA GLU I 863 94.72 19.60 9.64
C GLU I 863 94.50 21.09 9.82
N ARG I 864 93.91 21.75 8.82
CA ARG I 864 93.66 23.18 8.91
C ARG I 864 92.51 23.50 9.86
N GLN I 865 91.65 22.54 10.17
CA GLN I 865 90.61 22.73 11.16
C GLN I 865 91.06 22.35 12.57
N GLN I 866 92.27 21.81 12.72
CA GLN I 866 92.85 21.37 13.99
C GLN I 866 91.94 20.37 14.69
N ASN I 867 91.46 19.39 13.94
CA ASN I 867 90.59 18.35 14.47
C ASN I 867 91.43 17.09 14.59
N LEU I 868 92.09 16.94 15.75
CA LEU I 868 92.91 15.76 16.00
C LEU I 868 92.07 14.50 16.13
N GLN I 869 90.87 14.64 16.69
CA GLN I 869 89.97 13.51 16.87
C GLN I 869 89.60 12.88 15.53
N MET I 870 89.24 13.72 14.55
CA MET I 870 88.87 13.19 13.24
C MET I 870 90.06 12.62 12.51
N LEU I 871 91.24 13.21 12.68
CA LEU I 871 92.45 12.68 12.05
C LEU I 871 92.76 11.28 12.57
N ALA I 872 92.73 11.09 13.88
CA ALA I 872 93.04 9.77 14.43
C ALA I 872 91.92 8.78 14.16
N MET I 873 90.67 9.22 14.15
CA MET I 873 89.59 8.31 13.81
C MET I 873 89.67 7.87 12.36
N LEU I 874 90.00 8.79 11.45
CA LEU I 874 90.18 8.41 10.04
C LEU I 874 91.34 7.45 9.88
N CYS I 875 92.44 7.69 10.61
CA CYS I 875 93.58 6.79 10.53
C CYS I 875 93.25 5.40 11.06
N CYS I 876 92.52 5.33 12.18
CA CYS I 876 92.23 4.00 12.73
C CYS I 876 91.16 3.28 11.93
N VAL I 877 90.24 4.00 11.29
CA VAL I 877 89.28 3.34 10.41
C VAL I 877 89.97 2.83 9.14
N ILE I 878 90.82 3.66 8.53
CA ILE I 878 91.48 3.24 7.30
C ILE I 878 92.57 2.20 7.58
N LEU I 879 93.01 2.05 8.82
CA LEU I 879 93.96 1.00 9.15
C LEU I 879 93.30 -0.25 9.70
N SER I 880 92.11 -0.15 10.27
CA SER I 880 91.40 -1.35 10.73
C SER I 880 90.74 -2.09 9.58
N ALA I 881 90.33 -1.37 8.55
CA ALA I 881 89.75 -1.98 7.36
C ALA I 881 90.80 -2.55 6.43
N ARG I 882 92.09 -2.32 6.72
CA ARG I 882 93.17 -2.91 5.97
C ARG I 882 93.17 -4.44 6.09
N ARG I 883 92.89 -4.95 7.29
CA ARG I 883 92.88 -6.38 7.63
C ARG I 883 94.17 -7.09 7.27
N MET I 994 99.45 -23.53 -39.76
CA MET I 994 99.04 -23.09 -38.43
C MET I 994 100.08 -23.43 -37.35
N PRO I 995 100.82 -22.40 -36.91
CA PRO I 995 101.84 -22.63 -35.89
C PRO I 995 101.29 -22.50 -34.47
N ASP I 996 102.16 -22.66 -33.47
CA ASP I 996 101.79 -22.55 -32.08
C ASP I 996 102.09 -21.14 -31.56
N ILE I 997 101.17 -20.63 -30.73
CA ILE I 997 101.25 -19.29 -30.20
C ILE I 997 101.36 -19.41 -28.67
N LYS I 998 102.40 -18.79 -28.11
CA LYS I 998 102.62 -18.80 -26.67
C LYS I 998 102.38 -17.40 -26.11
N VAL I 999 101.49 -17.32 -25.11
CA VAL I 999 101.15 -16.08 -24.44
C VAL I 999 101.48 -16.22 -22.96
N GLU I 1000 102.18 -15.24 -22.41
CA GLU I 1000 102.57 -15.23 -21.00
C GLU I 1000 102.08 -13.95 -20.36
N LEU I 1001 101.12 -14.06 -19.45
CA LEU I 1001 100.62 -12.90 -18.72
C LEU I 1001 101.65 -12.41 -17.72
N LEU I 1002 101.87 -11.10 -17.70
CA LEU I 1002 102.79 -10.47 -16.76
C LEU I 1002 102.07 -9.35 -16.04
N HIS I 1003 102.10 -9.40 -14.70
CA HIS I 1003 101.50 -8.38 -13.82
C HIS I 1003 100.00 -8.22 -14.09
N ASP I 1004 99.29 -9.35 -14.10
CA ASP I 1004 97.84 -9.31 -14.26
C ASP I 1004 97.20 -8.77 -12.99
N ASP I 1005 96.27 -7.83 -13.14
CA ASP I 1005 95.64 -7.23 -11.96
C ASP I 1005 94.67 -8.19 -11.30
N ILE I 1006 94.05 -9.08 -12.06
CA ILE I 1006 93.11 -10.05 -11.50
C ILE I 1006 93.87 -11.08 -10.67
N ILE I 1007 95.03 -11.54 -11.17
CA ILE I 1007 95.85 -12.49 -10.43
C ILE I 1007 96.38 -11.87 -9.14
N GLU I 1008 96.83 -10.62 -9.22
CA GLU I 1008 97.32 -9.93 -8.02
C GLU I 1008 96.19 -9.66 -7.04
N ALA I 1009 94.98 -9.44 -7.53
CA ALA I 1009 93.83 -9.31 -6.63
C ALA I 1009 93.48 -10.64 -5.99
N TYR I 1010 93.71 -11.75 -6.71
CA TYR I 1010 93.52 -13.06 -6.12
C TYR I 1010 94.65 -13.45 -5.17
N GLU I 1011 95.77 -12.74 -5.22
CA GLU I 1011 96.96 -13.11 -4.45
C GLU I 1011 97.14 -12.27 -3.20
N GLN I 1012 96.07 -11.69 -2.67
CA GLN I 1012 96.16 -10.97 -1.41
C GLN I 1012 94.82 -11.04 -0.69
N GLU I 1013 94.87 -10.85 0.62
CA GLU I 1013 93.68 -10.87 1.46
C GLU I 1013 93.33 -9.50 2.04
N ASP I 1014 94.26 -8.56 2.02
CA ASP I 1014 93.98 -7.23 2.53
C ASP I 1014 93.06 -6.47 1.58
N LEU I 1015 92.15 -5.68 2.15
CA LEU I 1015 91.26 -4.85 1.35
C LEU I 1015 92.05 -3.79 0.58
N LEU I 1016 93.05 -3.20 1.22
CA LEU I 1016 93.88 -2.18 0.61
C LEU I 1016 95.34 -2.55 0.79
N HIS I 1017 96.18 -2.12 -0.14
CA HIS I 1017 97.62 -2.24 0.03
C HIS I 1017 98.19 -0.90 0.47
N LEU I 1018 97.95 -0.59 1.75
CA LEU I 1018 98.44 0.65 2.32
C LEU I 1018 99.92 0.55 2.65
N GLU I 1019 100.58 1.70 2.65
CA GLU I 1019 101.99 1.79 2.99
C GLU I 1019 102.21 2.97 3.93
N VAL I 1020 103.48 3.22 4.26
CA VAL I 1020 103.82 4.32 5.16
C VAL I 1020 103.56 5.66 4.49
N SER I 1021 103.87 5.76 3.19
CA SER I 1021 103.65 7.02 2.49
C SER I 1021 102.18 7.31 2.24
N ASP I 1022 101.33 6.27 2.27
CA ASP I 1022 99.91 6.49 2.05
C ASP I 1022 99.28 7.20 3.24
N ILE I 1023 99.60 6.78 4.44
CA ILE I 1023 99.18 7.46 5.67
C ILE I 1023 100.44 7.97 6.36
N PRO I 1024 100.79 9.24 6.17
CA PRO I 1024 102.13 9.70 6.54
C PRO I 1024 102.33 9.94 8.03
N LYS I 1025 101.29 10.38 8.74
CA LYS I 1025 101.43 10.79 10.13
C LYS I 1025 100.32 10.19 10.99
N PHE I 1026 100.09 8.88 10.82
CA PHE I 1026 99.10 8.21 11.65
C PHE I 1026 99.57 8.05 13.09
N GLN I 1027 100.88 7.90 13.30
CA GLN I 1027 101.42 7.56 14.62
C GLN I 1027 101.22 8.70 15.61
N THR I 1028 101.59 9.93 15.22
CA THR I 1028 101.48 11.06 16.12
C THR I 1028 100.03 11.40 16.42
N TYR I 1029 99.15 11.30 15.42
CA TYR I 1029 97.74 11.61 15.62
C TYR I 1029 97.09 10.59 16.55
N ILE I 1030 97.40 9.30 16.34
CA ILE I 1030 96.85 8.27 17.20
C ILE I 1030 97.37 8.39 18.63
N TYR I 1031 98.66 8.71 18.78
CA TYR I 1031 99.26 8.87 20.11
C TYR I 1031 98.64 10.03 20.87
N GLN I 1032 98.47 11.17 20.19
CA GLN I 1032 97.91 12.34 20.86
C GLN I 1032 96.42 12.15 21.17
N TYR I 1033 95.70 11.45 20.30
CA TYR I 1033 94.30 11.19 20.63
C TYR I 1033 94.17 10.15 21.73
N SER I 1034 95.12 9.23 21.84
CA SER I 1034 95.10 8.29 22.95
C SER I 1034 95.38 9.01 24.28
N LYS I 1035 96.31 9.97 24.26
CA LYS I 1035 96.55 10.76 25.45
C LYS I 1035 95.32 11.58 25.82
N LEU I 1036 94.65 12.17 24.83
CA LEU I 1036 93.41 12.90 25.10
C LEU I 1036 92.29 11.96 25.56
N LEU I 1037 92.32 10.70 25.12
CA LEU I 1037 91.35 9.73 25.60
C LEU I 1037 91.60 9.39 27.06
N PHE I 1038 92.87 9.26 27.45
CA PHE I 1038 93.19 9.03 28.86
C PHE I 1038 92.92 10.26 29.72
N ARG I 1039 92.90 11.46 29.12
CA ARG I 1039 92.40 12.63 29.83
C ARG I 1039 90.91 12.45 30.16
N TRP I 1040 90.17 11.84 29.24
CA TRP I 1040 88.78 11.50 29.50
C TRP I 1040 88.69 10.20 30.28
N GLY I 1041 87.47 9.78 30.58
CA GLY I 1041 87.26 8.53 31.30
C GLY I 1041 87.03 7.35 30.39
N LEU I 1042 87.88 7.20 29.38
CA LEU I 1042 87.75 6.13 28.38
C LEU I 1042 89.13 5.48 28.21
N PRO I 1043 89.51 4.59 29.13
CA PRO I 1043 90.84 3.98 29.05
C PRO I 1043 90.91 2.77 28.12
N LEU I 1044 89.76 2.18 27.79
CA LEU I 1044 89.75 1.05 26.87
C LEU I 1044 89.98 1.50 25.43
N GLU I 1045 89.41 2.64 25.06
CA GLU I 1045 89.48 3.10 23.67
C GLU I 1045 90.89 3.50 23.28
N ARG I 1046 91.68 4.02 24.23
CA ARG I 1046 93.06 4.34 23.90
C ARG I 1046 93.87 3.07 23.68
N VAL I 1047 93.55 1.99 24.40
CA VAL I 1047 94.19 0.71 24.16
C VAL I 1047 93.81 0.17 22.79
N LYS I 1048 92.54 0.32 22.40
CA LYS I 1048 92.09 -0.11 21.08
C LYS I 1048 92.81 0.64 19.97
N ILE I 1049 92.89 1.97 20.07
CA ILE I 1049 93.50 2.75 19.01
C ILE I 1049 95.01 2.54 18.97
N LEU I 1050 95.66 2.36 20.12
CA LEU I 1050 97.09 2.07 20.12
C LEU I 1050 97.36 0.67 19.60
N LYS I 1051 96.43 -0.26 19.80
CA LYS I 1051 96.58 -1.60 19.25
C LYS I 1051 96.47 -1.58 17.73
N VAL I 1052 95.56 -0.77 17.18
CA VAL I 1052 95.48 -0.60 15.73
C VAL I 1052 96.76 -0.01 15.17
N SER I 1053 97.27 1.03 15.83
CA SER I 1053 98.52 1.68 15.41
C SER I 1053 99.69 0.71 15.44
N THR I 1054 99.84 -0.05 16.53
CA THR I 1054 100.98 -0.95 16.63
C THR I 1054 100.82 -2.18 15.75
N ASP I 1055 99.58 -2.58 15.43
CA ASP I 1055 99.39 -3.66 14.47
C ASP I 1055 99.86 -3.25 13.09
N PHE I 1056 99.51 -2.03 12.65
CA PHE I 1056 100.02 -1.57 11.36
C PHE I 1056 101.53 -1.37 11.39
N ARG I 1057 102.06 -0.87 12.50
CA ARG I 1057 103.50 -0.62 12.62
C ARG I 1057 104.29 -1.92 12.56
N SER I 1058 103.81 -2.96 13.23
CA SER I 1058 104.45 -4.27 13.10
C SER I 1058 104.18 -4.91 11.75
N SER I 1059 103.11 -4.51 11.06
CA SER I 1059 102.83 -5.03 9.73
C SER I 1059 103.85 -4.53 8.71
N TYR I 1060 104.13 -3.23 8.68
CA TYR I 1060 105.06 -2.77 7.64
C TYR I 1060 106.53 -2.97 8.01
N SER I 1061 106.83 -3.37 9.24
CA SER I 1061 108.23 -3.57 9.62
C SER I 1061 108.45 -4.92 10.29
N SER I 1073 110.69 -1.42 27.15
CA SER I 1073 109.25 -1.62 27.19
C SER I 1073 108.75 -1.63 28.63
N PRO I 1074 107.84 -0.71 28.96
CA PRO I 1074 107.31 -0.66 30.33
C PRO I 1074 106.30 -1.74 30.65
N TYR I 1075 105.79 -2.46 29.65
CA TYR I 1075 104.80 -3.49 29.88
C TYR I 1075 105.41 -4.86 30.11
N ASN I 1076 106.74 -4.95 30.13
CA ASN I 1076 107.45 -6.20 30.35
C ASN I 1076 108.28 -6.09 31.62
N GLY I 1077 109.14 -7.08 31.84
CA GLY I 1077 110.03 -7.09 32.97
C GLY I 1077 109.61 -8.00 34.10
N VAL I 1078 108.50 -8.72 33.96
CA VAL I 1078 108.07 -9.71 34.93
C VAL I 1078 107.62 -10.95 34.16
N LEU I 1079 108.21 -12.10 34.48
CA LEU I 1079 107.84 -13.36 33.85
C LEU I 1079 107.68 -14.42 34.92
N THR I 1080 106.71 -15.31 34.71
CA THR I 1080 106.41 -16.38 35.65
C THR I 1080 107.31 -17.58 35.38
N HIS I 1081 107.72 -18.26 36.44
CA HIS I 1081 108.59 -19.43 36.33
C HIS I 1081 108.02 -20.56 37.17
N TRP I 1082 107.81 -21.71 36.55
CA TRP I 1082 107.29 -22.88 37.26
C TRP I 1082 108.35 -23.46 38.18
N ILE I 1083 107.89 -23.98 39.32
CA ILE I 1083 108.80 -24.65 40.23
C ILE I 1083 109.18 -26.00 39.64
N GLU I 1084 110.49 -26.24 39.49
CA GLU I 1084 110.97 -27.46 38.88
C GLU I 1084 111.12 -28.54 39.94
N ASN I 1085 110.39 -29.64 39.78
CA ASN I 1085 110.46 -30.78 40.68
C ASN I 1085 110.56 -32.06 39.86
N ASN I 1086 111.34 -33.01 40.36
CA ASN I 1086 111.55 -34.28 39.66
C ASN I 1086 110.41 -35.23 40.03
N GLU I 1087 109.39 -35.27 39.17
CA GLU I 1087 108.22 -36.11 39.37
C GLU I 1087 108.10 -37.12 38.24
N PHE I 1088 107.31 -38.16 38.47
CA PHE I 1088 107.28 -39.28 37.53
C PHE I 1088 105.88 -39.66 37.05
N GLY I 1089 104.86 -39.37 37.84
CA GLY I 1089 103.54 -39.89 37.52
C GLY I 1089 102.44 -38.86 37.36
N GLU I 1090 101.39 -38.98 38.19
CA GLU I 1090 100.26 -38.07 38.13
C GLU I 1090 100.65 -36.66 38.56
N GLU I 1091 101.56 -36.54 39.54
CA GLU I 1091 101.85 -35.25 40.12
C GLU I 1091 102.67 -34.35 39.20
N LYS I 1092 103.35 -34.92 38.19
CA LYS I 1092 103.99 -34.07 37.20
C LYS I 1092 102.98 -33.39 36.31
N PHE I 1093 101.87 -34.07 36.02
CA PHE I 1093 100.78 -33.45 35.27
C PHE I 1093 99.97 -32.51 36.15
N LEU I 1094 99.80 -32.86 37.42
CA LEU I 1094 98.99 -32.08 38.34
C LEU I 1094 99.75 -30.94 38.99
N ALA I 1095 101.06 -30.81 38.73
CA ALA I 1095 101.81 -29.68 39.26
C ALA I 1095 101.43 -28.38 38.57
N ARG I 1096 101.05 -28.44 37.30
CA ARG I 1096 100.70 -27.26 36.52
C ARG I 1096 99.21 -27.15 36.28
N ASN I 1097 98.41 -27.58 37.24
CA ASN I 1097 96.96 -27.58 37.09
C ASN I 1097 96.32 -26.60 38.05
N CYS I 1098 95.13 -26.11 37.69
CA CYS I 1098 94.37 -25.21 38.54
C CYS I 1098 93.93 -25.93 39.81
N ASN I 1099 93.77 -25.16 40.88
CA ASN I 1099 93.46 -25.72 42.18
C ASN I 1099 91.99 -25.55 42.55
N TYR I 1100 91.15 -25.14 41.61
CA TYR I 1100 89.71 -25.08 41.81
C TYR I 1100 88.95 -25.98 40.85
N CYS I 1101 89.27 -25.91 39.56
CA CYS I 1101 88.62 -26.74 38.55
C CYS I 1101 89.45 -27.94 38.13
N ASP I 1102 90.68 -28.05 38.62
CA ASP I 1102 91.60 -29.17 38.34
C ASP I 1102 91.81 -29.39 36.85
N LEU I 1103 92.03 -28.30 36.11
CA LEU I 1103 92.39 -28.36 34.71
C LEU I 1103 93.72 -27.64 34.51
N ARG I 1104 94.31 -27.84 33.34
CA ARG I 1104 95.59 -27.22 33.03
C ARG I 1104 95.44 -25.72 32.89
N VAL I 1105 96.42 -24.98 33.42
CA VAL I 1105 96.45 -23.53 33.32
C VAL I 1105 97.50 -23.14 32.31
N THR I 1106 97.10 -22.45 31.25
CA THR I 1106 98.02 -21.93 30.27
C THR I 1106 97.79 -20.47 29.90
N ARG I 1107 96.61 -19.90 30.22
CA ARG I 1107 96.32 -18.52 29.90
C ARG I 1107 95.50 -17.90 31.03
N SER I 1108 95.78 -16.63 31.32
CA SER I 1108 95.01 -15.80 32.25
C SER I 1108 94.97 -16.41 33.66
N SER I 1109 96.14 -16.48 34.27
CA SER I 1109 96.31 -17.16 35.54
C SER I 1109 96.15 -16.18 36.71
N PHE I 1110 96.29 -16.72 37.93
CA PHE I 1110 96.39 -15.93 39.14
C PHE I 1110 97.33 -16.65 40.09
N ILE I 1111 98.33 -15.93 40.59
CA ILE I 1111 99.41 -16.50 41.39
C ILE I 1111 99.42 -15.82 42.75
N CYS I 1112 99.41 -16.62 43.81
CA CYS I 1112 99.56 -16.12 45.17
C CYS I 1112 101.02 -16.21 45.59
N GLY I 1113 101.38 -15.41 46.58
CA GLY I 1113 102.77 -15.34 47.00
C GLY I 1113 103.11 -16.10 48.26
N ASN I 1114 102.20 -16.11 49.23
CA ASN I 1114 102.44 -16.87 50.46
C ASN I 1114 102.45 -18.36 50.17
N CYS I 1115 101.43 -18.86 49.49
CA CYS I 1115 101.45 -20.19 48.91
C CYS I 1115 101.52 -20.05 47.40
N GLN I 1116 102.28 -20.91 46.76
CA GLN I 1116 102.55 -20.77 45.34
C GLN I 1116 101.63 -21.69 44.54
N HIS I 1117 100.35 -21.30 44.49
CA HIS I 1117 99.30 -22.07 43.85
C HIS I 1117 98.60 -21.22 42.79
N VAL I 1118 98.34 -21.84 41.64
CA VAL I 1118 97.76 -21.13 40.50
C VAL I 1118 96.24 -21.19 40.60
N LEU I 1119 95.59 -20.32 39.82
CA LEU I 1119 94.15 -20.34 39.63
C LEU I 1119 93.84 -19.73 38.27
N HIS I 1120 92.70 -20.10 37.71
CA HIS I 1120 92.23 -19.46 36.50
C HIS I 1120 91.60 -18.11 36.83
N SER I 1121 91.37 -17.30 35.80
CA SER I 1121 90.71 -16.01 36.02
C SER I 1121 89.25 -16.21 36.41
N SER I 1122 88.53 -17.03 35.64
CA SER I 1122 87.14 -17.32 35.97
C SER I 1122 87.03 -18.12 37.26
N CYS I 1123 87.97 -19.04 37.49
CA CYS I 1123 87.96 -19.83 38.72
C CYS I 1123 88.18 -18.95 39.94
N ALA I 1124 89.11 -17.99 39.87
CA ALA I 1124 89.33 -17.09 40.99
C ALA I 1124 88.13 -16.17 41.19
N ARG I 1125 87.60 -15.60 40.11
CA ARG I 1125 86.47 -14.69 40.25
C ARG I 1125 85.18 -15.40 40.66
N ILE I 1126 85.14 -16.73 40.53
CA ILE I 1126 84.03 -17.50 41.09
C ILE I 1126 84.30 -17.88 42.53
N TRP I 1127 85.52 -18.30 42.85
CA TRP I 1127 85.81 -18.86 44.16
C TRP I 1127 85.91 -17.79 45.25
N TRP I 1128 86.40 -16.60 44.94
CA TRP I 1128 86.60 -15.63 46.02
C TRP I 1128 85.31 -14.94 46.45
N GLU I 1129 84.21 -15.14 45.73
CA GLU I 1129 82.92 -14.68 46.23
C GLU I 1129 82.35 -15.60 47.30
N ILE I 1130 82.76 -16.86 47.33
CA ILE I 1130 82.23 -17.82 48.29
C ILE I 1130 83.37 -18.54 49.01
N GLY I 1131 84.49 -17.84 49.21
CA GLY I 1131 85.67 -18.48 49.76
C GLY I 1131 86.43 -17.54 50.67
N ASP I 1132 87.28 -18.13 51.51
CA ASP I 1132 88.14 -17.36 52.37
C ASP I 1132 89.58 -17.87 52.36
N GLU I 1133 89.76 -19.17 52.12
CA GLU I 1133 91.07 -19.79 52.14
C GLU I 1133 91.47 -20.25 50.73
N CYS I 1134 92.65 -20.85 50.65
CA CYS I 1134 93.11 -21.42 49.40
C CYS I 1134 92.29 -22.67 49.06
N PRO I 1135 91.86 -22.82 47.81
CA PRO I 1135 91.07 -24.00 47.44
C PRO I 1135 91.84 -25.31 47.52
N SER I 1136 93.16 -25.27 47.52
CA SER I 1136 93.95 -26.48 47.73
C SER I 1136 94.03 -26.88 49.19
N GLY I 1137 93.54 -26.04 50.09
CA GLY I 1137 93.55 -26.33 51.51
C GLY I 1137 94.91 -26.39 52.16
N CYS I 1138 95.78 -25.42 51.87
CA CYS I 1138 97.07 -25.32 52.52
C CYS I 1138 97.05 -24.35 53.70
N GLY I 1139 95.91 -23.76 54.00
CA GLY I 1139 95.81 -22.90 55.17
C GLY I 1139 96.25 -21.47 54.97
N CYS I 1140 96.33 -21.00 53.73
CA CYS I 1140 96.74 -19.64 53.43
C CYS I 1140 95.54 -18.79 53.08
N ASN I 1141 95.36 -17.69 53.80
CA ASN I 1141 94.32 -16.71 53.48
C ASN I 1141 94.81 -15.87 52.31
N CYS I 1142 94.57 -16.39 51.10
CA CYS I 1142 95.07 -15.73 49.90
C CYS I 1142 94.51 -14.34 49.60
N PRO I 1143 93.28 -13.95 49.99
CA PRO I 1143 92.91 -12.52 49.84
C PRO I 1143 93.79 -11.56 50.61
N GLU I 1144 94.38 -11.97 51.72
CA GLU I 1144 95.23 -11.09 52.50
C GLU I 1144 96.71 -11.42 52.42
N MET I 1145 97.10 -12.44 51.65
CA MET I 1145 98.51 -12.83 51.67
C MET I 1145 99.09 -13.16 50.30
N PHE I 1146 98.48 -12.69 49.20
CA PHE I 1146 99.09 -12.95 47.91
C PHE I 1146 100.28 -12.04 47.62
N ASP I 1147 100.52 -11.03 48.44
CA ASP I 1147 101.63 -10.11 48.25
C ASP I 1147 102.95 -10.76 48.64
N VAL J 2 80.57 26.31 38.74
CA VAL J 2 81.40 26.21 39.93
C VAL J 2 81.90 27.59 40.34
N VAL J 3 81.30 28.14 41.40
CA VAL J 3 81.67 29.44 41.93
C VAL J 3 82.24 29.23 43.33
N ILE J 4 83.51 29.56 43.51
CA ILE J 4 84.18 29.43 44.79
C ILE J 4 84.55 30.83 45.25
N ALA J 5 83.89 31.30 46.31
CA ALA J 5 84.09 32.64 46.85
C ALA J 5 84.86 32.59 48.16
N ASN J 6 85.84 33.48 48.29
CA ASN J 6 86.67 33.63 49.49
C ASN J 6 87.40 32.34 49.85
N ALA J 7 88.07 31.75 48.86
CA ALA J 7 88.83 30.52 49.11
C ALA J 7 90.06 30.79 49.96
N HIS J 8 90.68 31.97 49.80
CA HIS J 8 91.83 32.36 50.58
C HIS J 8 91.59 33.75 51.16
N ASN J 9 92.26 34.03 52.28
CA ASN J 9 92.13 35.33 52.93
C ASN J 9 92.98 36.41 52.28
N GLU J 10 93.88 36.04 51.38
CA GLU J 10 94.76 37.01 50.73
C GLU J 10 94.67 36.78 49.22
N LEU J 11 95.57 37.39 48.44
CA LEU J 11 95.55 37.24 47.00
C LEU J 11 95.91 35.82 46.60
N ILE J 12 95.09 35.24 45.72
CA ILE J 12 95.31 33.90 45.19
C ILE J 12 96.21 34.00 43.96
N HIS J 13 97.14 33.04 43.83
CA HIS J 13 98.18 33.11 42.81
C HIS J 13 98.03 32.08 41.70
N ASP J 14 97.67 30.84 42.01
CA ASP J 14 97.59 29.79 40.99
C ASP J 14 96.59 28.73 41.41
N ALA J 15 95.69 28.37 40.48
CA ALA J 15 94.75 27.27 40.68
C ALA J 15 94.84 26.35 39.48
N VAL J 16 95.33 25.13 39.71
CA VAL J 16 95.60 24.17 38.65
C VAL J 16 94.72 22.94 38.87
N LEU J 17 93.99 22.54 37.83
CA LEU J 17 93.19 21.33 37.88
C LEU J 17 94.09 20.09 37.77
N ASP J 18 93.53 18.95 38.13
CA ASP J 18 94.27 17.69 38.09
C ASP J 18 94.23 17.12 36.67
N TYR J 19 94.67 15.87 36.53
CA TYR J 19 94.71 15.24 35.22
C TYR J 19 93.31 14.90 34.72
N TYR J 20 92.42 14.51 35.61
CA TYR J 20 91.06 14.15 35.23
C TYR J 20 90.07 15.30 35.38
N GLY J 21 90.55 16.47 35.81
CA GLY J 21 89.66 17.60 35.99
C GLY J 21 88.64 17.42 37.10
N LYS J 22 89.01 16.70 38.15
CA LYS J 22 88.12 16.46 39.28
C LYS J 22 88.57 17.12 40.57
N ARG J 23 89.84 17.50 40.66
CA ARG J 23 90.39 18.14 41.86
C ARG J 23 91.08 19.44 41.48
N LEU J 24 90.85 20.48 42.29
CA LEU J 24 91.43 21.80 42.05
C LEU J 24 92.35 22.15 43.20
N ALA J 25 93.58 22.54 42.87
CA ALA J 25 94.60 22.89 43.86
C ALA J 25 94.91 24.38 43.73
N THR J 26 94.45 25.16 44.70
CA THR J 26 94.62 26.61 44.70
C THR J 26 95.68 26.98 45.73
N CYS J 27 96.74 27.64 45.27
CA CYS J 27 97.80 28.13 46.14
C CYS J 27 97.82 29.65 46.12
N SER J 28 98.26 30.24 47.22
CA SER J 28 98.18 31.68 47.38
C SER J 28 99.40 32.16 48.18
N SER J 29 99.37 33.44 48.55
CA SER J 29 100.42 34.06 49.34
C SER J 29 100.27 33.79 50.83
N ASP J 30 99.21 33.10 51.25
CA ASP J 30 98.94 32.80 52.64
C ASP J 30 99.73 31.60 53.16
N LYS J 31 100.72 31.13 52.39
CA LYS J 31 101.46 29.89 52.66
C LYS J 31 100.53 28.68 52.79
N THR J 32 99.39 28.72 52.10
CA THR J 32 98.38 27.68 52.18
C THR J 32 98.02 27.21 50.78
N ILE J 33 97.93 25.89 50.62
CA ILE J 33 97.42 25.28 49.40
C ILE J 33 96.20 24.47 49.78
N LYS J 34 95.06 24.82 49.20
CA LYS J 34 93.79 24.17 49.51
C LYS J 34 93.37 23.29 48.34
N ILE J 35 93.01 22.06 48.64
CA ILE J 35 92.58 21.08 47.64
C ILE J 35 91.07 20.95 47.73
N PHE J 36 90.39 21.01 46.59
CA PHE J 36 88.95 20.88 46.52
C PHE J 36 88.59 19.77 45.55
N GLU J 37 87.58 18.98 45.90
CA GLU J 37 86.98 18.04 44.96
C GLU J 37 85.94 18.78 44.15
N VAL J 38 86.25 19.06 42.88
CA VAL J 38 85.40 19.92 42.07
C VAL J 38 84.65 19.06 41.06
N GLU J 39 84.39 17.81 41.43
CA GLU J 39 83.58 16.93 40.61
C GLU J 39 82.14 17.43 40.55
N GLY J 40 81.59 17.48 39.34
CA GLY J 40 80.28 18.06 39.13
C GLY J 40 80.28 19.56 39.42
N GLU J 41 79.39 19.98 40.31
CA GLU J 41 79.34 21.38 40.72
C GLU J 41 79.81 21.61 42.15
N THR J 42 79.78 20.59 43.00
CA THR J 42 80.24 20.72 44.37
C THR J 42 81.75 20.89 44.41
N HIS J 43 82.23 21.77 45.29
CA HIS J 43 83.65 22.07 45.45
C HIS J 43 84.06 21.94 46.91
N LYS J 44 83.70 20.83 47.53
CA LYS J 44 83.99 20.59 48.93
C LYS J 44 85.50 20.43 49.15
N LEU J 45 86.01 21.13 50.17
CA LEU J 45 87.42 21.07 50.50
C LEU J 45 87.78 19.72 51.10
N ILE J 46 89.05 19.35 50.96
CA ILE J 46 89.59 18.13 51.52
C ILE J 46 90.63 18.42 52.59
N ASP J 47 91.69 19.16 52.24
CA ASP J 47 92.76 19.45 53.17
C ASP J 47 93.17 20.91 53.04
N THR J 48 93.82 21.40 54.08
CA THR J 48 94.28 22.78 54.21
C THR J 48 95.77 22.78 54.50
N LEU J 49 96.51 22.05 53.66
CA LEU J 49 97.91 21.75 53.88
C LEU J 49 98.77 23.01 53.98
N THR J 50 99.58 23.08 55.04
CA THR J 50 100.45 24.22 55.32
C THR J 50 101.86 23.70 55.56
N GLY J 51 102.75 23.90 54.58
CA GLY J 51 104.12 23.45 54.75
C GLY J 51 105.15 24.47 54.31
N HIS J 52 104.70 25.54 53.67
CA HIS J 52 105.59 26.53 53.08
C HIS J 52 105.80 27.70 54.03
N GLU J 53 107.02 28.22 54.05
CA GLU J 53 107.34 29.38 54.87
C GLU J 53 107.09 30.70 54.16
N GLY J 54 106.78 30.68 52.87
CA GLY J 54 106.54 31.89 52.11
C GLY J 54 105.40 31.76 51.14
N PRO J 55 105.18 32.79 50.33
CA PRO J 55 104.13 32.74 49.31
C PRO J 55 104.40 31.68 48.26
N VAL J 56 103.35 30.99 47.84
CA VAL J 56 103.45 29.86 46.93
C VAL J 56 103.07 30.34 45.53
N TRP J 57 103.95 30.08 44.56
CA TRP J 57 103.83 30.66 43.24
C TRP J 57 103.11 29.73 42.26
N ARG J 58 103.64 28.52 42.06
CA ARG J 58 103.11 27.62 41.04
C ARG J 58 102.92 26.23 41.63
N VAL J 59 101.88 25.54 41.14
CA VAL J 59 101.62 24.15 41.47
C VAL J 59 101.37 23.40 40.17
N ASP J 60 101.55 22.08 40.23
CA ASP J 60 101.34 21.22 39.06
C ASP J 60 101.07 19.80 39.54
N TRP J 61 100.02 19.19 38.99
CA TRP J 61 99.69 17.82 39.34
C TRP J 61 100.55 16.85 38.55
N ALA J 62 101.03 15.81 39.22
CA ALA J 62 101.75 14.76 38.51
C ALA J 62 100.76 13.80 37.86
N HIS J 63 101.28 12.98 36.95
CA HIS J 63 100.45 12.04 36.24
C HIS J 63 99.95 10.95 37.18
N PRO J 64 98.69 10.50 37.03
CA PRO J 64 98.18 9.42 37.88
C PRO J 64 98.86 8.08 37.64
N LYS J 65 99.57 7.92 36.52
CA LYS J 65 100.45 6.76 36.34
C LYS J 65 101.52 6.72 37.41
N PHE J 66 102.02 7.89 37.83
CA PHE J 66 102.97 8.01 38.92
C PHE J 66 102.30 8.18 40.27
N GLY J 67 100.97 8.12 40.33
CA GLY J 67 100.25 8.26 41.57
C GLY J 67 99.78 9.69 41.80
N THR J 68 99.16 9.89 42.96
CA THR J 68 98.61 11.21 43.30
C THR J 68 99.70 12.04 43.97
N ILE J 69 100.50 12.69 43.14
CA ILE J 69 101.58 13.56 43.58
C ILE J 69 101.30 14.97 43.07
N LEU J 70 101.58 15.98 43.90
CA LEU J 70 101.43 17.37 43.51
C LEU J 70 102.71 18.12 43.86
N ALA J 71 103.18 18.95 42.94
CA ALA J 71 104.38 19.75 43.16
C ALA J 71 104.00 21.15 43.63
N SER J 72 104.93 21.79 44.33
CA SER J 72 104.70 23.14 44.86
C SER J 72 106.03 23.82 45.10
N CYS J 73 106.23 24.99 44.50
CA CYS J 73 107.40 25.80 44.73
C CYS J 73 106.96 27.11 45.36
N SER J 74 107.84 27.72 46.15
CA SER J 74 107.49 28.92 46.90
C SER J 74 108.66 29.89 46.86
N TYR J 75 108.53 30.96 47.65
CA TYR J 75 109.52 32.04 47.66
C TYR J 75 110.82 31.62 48.33
N ASP J 76 110.79 30.60 49.20
CA ASP J 76 111.94 30.27 50.02
C ASP J 76 113.07 29.60 49.24
N GLY J 77 112.84 29.22 47.98
CA GLY J 77 113.85 28.54 47.20
C GLY J 77 113.87 27.04 47.34
N LYS J 78 112.99 26.47 48.15
CA LYS J 78 112.92 25.04 48.37
C LYS J 78 111.67 24.47 47.71
N VAL J 79 111.83 23.39 46.96
CA VAL J 79 110.73 22.75 46.27
C VAL J 79 110.15 21.68 47.18
N LEU J 80 108.87 21.79 47.50
CA LEU J 80 108.18 20.83 48.35
C LEU J 80 107.24 19.98 47.51
N ILE J 81 107.26 18.66 47.78
CA ILE J 81 106.57 17.67 46.98
C ILE J 81 105.64 16.89 47.90
N TRP J 82 104.38 16.79 47.52
CA TRP J 82 103.37 16.21 48.38
C TRP J 82 102.75 14.99 47.71
N LYS J 83 102.50 13.95 48.50
CA LYS J 83 101.85 12.74 48.04
C LYS J 83 100.65 12.46 48.94
N GLU J 84 99.49 12.21 48.34
CA GLU J 84 98.26 11.95 49.09
C GLU J 84 98.11 10.44 49.29
N GLU J 85 98.24 10.00 50.53
CA GLU J 85 98.09 8.59 50.89
C GLU J 85 96.94 8.45 51.85
N ASN J 86 95.96 7.60 51.49
CA ASN J 86 94.80 7.26 52.32
C ASN J 86 94.00 8.51 52.72
N GLY J 87 93.94 9.48 51.81
CA GLY J 87 93.26 10.73 52.10
C GLY J 87 94.03 11.70 52.96
N ARG J 88 95.30 11.42 53.26
CA ARG J 88 96.11 12.27 54.13
C ARG J 88 97.24 12.87 53.29
N TRP J 89 97.18 14.18 53.06
CA TRP J 89 98.24 14.87 52.34
C TRP J 89 99.48 14.99 53.21
N SER J 90 100.63 14.61 52.66
CA SER J 90 101.85 14.52 53.43
C SER J 90 103.05 14.87 52.55
N GLN J 91 104.04 15.51 53.15
CA GLN J 91 105.27 15.84 52.46
C GLN J 91 106.12 14.59 52.26
N ILE J 92 106.86 14.55 51.16
CA ILE J 92 107.74 13.42 50.87
C ILE J 92 109.18 13.87 50.71
N ALA J 93 109.43 14.80 49.80
CA ALA J 93 110.79 15.19 49.46
C ALA J 93 110.92 16.70 49.41
N VAL J 94 112.14 17.17 49.66
CA VAL J 94 112.50 18.58 49.61
C VAL J 94 113.62 18.74 48.60
N HIS J 95 113.48 19.71 47.70
CA HIS J 95 114.48 20.04 46.70
C HIS J 95 114.87 21.50 46.87
N ALA J 96 116.03 21.75 47.48
CA ALA J 96 116.51 23.11 47.76
C ALA J 96 117.95 23.22 47.29
N VAL J 97 118.14 23.59 46.04
CA VAL J 97 119.46 23.80 45.47
C VAL J 97 119.67 25.26 45.09
N HIS J 98 118.66 25.91 44.53
CA HIS J 98 118.78 27.30 44.13
C HIS J 98 118.80 28.21 45.35
N SER J 99 119.58 29.29 45.25
CA SER J 99 119.76 30.23 46.34
C SER J 99 118.67 31.27 46.41
N ALA J 100 118.15 31.70 45.26
CA ALA J 100 117.13 32.73 45.20
C ALA J 100 115.74 32.09 45.21
N SER J 101 114.71 32.90 45.01
CA SER J 101 113.35 32.39 44.98
C SER J 101 113.08 31.58 43.72
N VAL J 102 112.26 30.55 43.86
CA VAL J 102 111.87 29.68 42.77
C VAL J 102 110.48 30.10 42.30
N ASN J 103 110.35 30.42 41.02
CA ASN J 103 109.12 30.99 40.48
C ASN J 103 108.21 29.95 39.84
N SER J 104 108.74 29.12 38.94
CA SER J 104 107.92 28.22 38.14
C SER J 104 108.33 26.78 38.36
N VAL J 105 107.32 25.91 38.45
CA VAL J 105 107.52 24.47 38.59
C VAL J 105 106.47 23.76 37.73
N GLN J 106 106.89 22.71 37.02
CA GLN J 106 105.97 22.00 36.13
C GLN J 106 106.44 20.57 35.94
N TRP J 107 105.51 19.62 36.09
CA TRP J 107 105.83 18.22 35.83
C TRP J 107 106.01 17.98 34.34
N ALA J 108 106.92 17.07 34.02
CA ALA J 108 107.05 16.61 32.65
C ALA J 108 105.88 15.70 32.30
N PRO J 109 105.54 15.58 31.01
CA PRO J 109 104.58 14.56 30.59
C PRO J 109 105.11 13.16 30.86
N HIS J 110 104.17 12.21 31.02
CA HIS J 110 104.47 10.91 31.60
C HIS J 110 105.42 10.06 30.76
N GLU J 111 105.62 10.42 29.49
CA GLU J 111 106.59 9.68 28.69
C GLU J 111 108.03 9.96 29.12
N TYR J 112 108.27 11.09 29.75
CA TYR J 112 109.62 11.45 30.17
C TYR J 112 110.00 10.86 31.52
N GLY J 113 109.05 10.27 32.22
CA GLY J 113 109.28 9.79 33.56
C GLY J 113 108.78 10.78 34.58
N PRO J 114 109.08 10.55 35.86
CA PRO J 114 108.64 11.47 36.92
C PRO J 114 109.61 12.64 37.10
N LEU J 115 109.84 13.38 36.03
CA LEU J 115 110.76 14.51 36.04
C LEU J 115 110.04 15.78 36.43
N LEU J 116 110.68 16.57 37.29
CA LEU J 116 110.14 17.86 37.72
C LEU J 116 111.06 18.96 37.22
N LEU J 117 110.47 20.01 36.66
CA LEU J 117 111.21 21.13 36.10
C LEU J 117 111.20 22.27 37.09
N VAL J 118 112.38 22.72 37.49
CA VAL J 118 112.53 23.78 38.48
C VAL J 118 113.27 24.94 37.83
N ALA J 119 112.62 26.10 37.79
CA ALA J 119 113.21 27.34 37.30
C ALA J 119 113.10 28.38 38.39
N SER J 120 114.23 28.96 38.78
CA SER J 120 114.30 29.92 39.86
C SER J 120 114.69 31.30 39.35
N SER J 121 114.77 32.26 40.26
CA SER J 121 115.12 33.63 39.94
C SER J 121 116.61 33.90 40.08
N ASP J 122 117.44 32.85 40.10
CA ASP J 122 118.89 33.00 40.13
C ASP J 122 119.51 32.91 38.75
N GLY J 123 118.70 32.88 37.69
CA GLY J 123 119.22 32.71 36.36
C GLY J 123 119.67 31.30 36.05
N LYS J 124 119.24 30.32 36.85
CA LYS J 124 119.63 28.93 36.67
C LYS J 124 118.39 28.06 36.70
N VAL J 125 118.46 26.94 35.98
CA VAL J 125 117.39 25.95 35.97
C VAL J 125 117.97 24.59 36.31
N SER J 126 117.13 23.76 36.93
CA SER J 126 117.54 22.44 37.38
C SER J 126 116.48 21.41 36.99
N VAL J 127 116.94 20.21 36.63
CA VAL J 127 116.08 19.11 36.27
C VAL J 127 116.30 17.98 37.27
N VAL J 128 115.23 17.52 37.90
CA VAL J 128 115.31 16.55 38.98
C VAL J 128 114.42 15.36 38.66
N GLU J 129 114.83 14.18 39.16
CA GLU J 129 114.07 12.95 39.05
C GLU J 129 113.67 12.52 40.45
N PHE J 130 112.36 12.44 40.71
CA PHE J 130 111.86 12.14 42.05
C PHE J 130 111.32 10.71 42.08
N LYS J 131 112.22 9.76 42.30
CA LYS J 131 111.89 8.37 42.44
C LYS J 131 111.89 7.98 43.91
N GLU J 132 111.49 6.73 44.18
CA GLU J 132 111.42 6.13 45.51
C GLU J 132 110.60 6.96 46.51
N SER J 137 120.79 12.83 41.33
CA SER J 137 121.79 13.69 40.70
C SER J 137 121.14 14.65 39.71
N PRO J 138 120.73 15.82 40.20
CA PRO J 138 120.11 16.81 39.31
C PRO J 138 121.13 17.46 38.38
N ILE J 139 120.61 17.96 37.26
CA ILE J 139 121.41 18.64 36.25
C ILE J 139 121.13 20.13 36.37
N ILE J 140 122.19 20.92 36.59
CA ILE J 140 122.07 22.36 36.80
C ILE J 140 122.53 23.07 35.53
N ILE J 141 121.66 23.93 35.00
CA ILE J 141 121.91 24.67 33.76
C ILE J 141 121.69 26.15 34.03
N ASP J 142 122.65 26.98 33.63
CA ASP J 142 122.54 28.43 33.73
C ASP J 142 121.70 28.93 32.56
N ALA J 143 120.42 29.20 32.82
CA ALA J 143 119.49 29.53 31.74
C ALA J 143 119.68 30.96 31.25
N HIS J 144 119.50 31.95 32.12
CA HIS J 144 119.53 33.34 31.72
C HIS J 144 120.42 34.14 32.67
N ALA J 145 120.61 35.41 32.32
CA ALA J 145 121.54 36.27 33.06
C ALA J 145 120.88 36.88 34.30
N ILE J 146 119.83 37.68 34.10
CA ILE J 146 119.28 38.46 35.21
C ILE J 146 118.13 37.75 35.93
N GLY J 147 117.45 36.80 35.27
CA GLY J 147 116.37 36.08 35.92
C GLY J 147 115.57 35.20 34.98
N VAL J 148 114.85 34.24 35.54
CA VAL J 148 114.00 33.33 34.77
C VAL J 148 112.64 33.29 35.45
N ASN J 149 111.58 33.58 34.70
CA ASN J 149 110.24 33.65 35.27
C ASN J 149 109.37 32.44 34.96
N SER J 150 109.69 31.69 33.91
CA SER J 150 108.86 30.55 33.53
C SER J 150 109.71 29.52 32.79
N ALA J 151 109.22 28.29 32.80
CA ALA J 151 109.84 27.18 32.07
C ALA J 151 108.75 26.15 31.78
N SER J 152 108.70 25.66 30.55
CA SER J 152 107.62 24.79 30.13
C SER J 152 108.15 23.64 29.29
N TRP J 153 107.37 22.58 29.23
CA TRP J 153 107.75 21.33 28.58
C TRP J 153 107.13 21.22 27.19
N ALA J 154 107.87 20.58 26.29
CA ALA J 154 107.27 20.26 25.01
C ALA J 154 106.51 18.95 25.10
N PRO J 155 105.31 18.86 24.53
CA PRO J 155 104.55 17.62 24.59
C PRO J 155 105.21 16.52 23.77
N ALA J 156 105.00 15.28 24.21
CA ALA J 156 105.60 14.12 23.56
C ALA J 156 104.64 13.62 22.49
N THR J 157 105.04 13.78 21.23
CA THR J 157 104.20 13.34 20.12
C THR J 157 104.35 11.84 19.85
N ILE J 158 105.50 11.27 20.15
CA ILE J 158 105.80 9.88 19.83
C ILE J 158 106.02 9.12 21.13
N GLU J 159 106.11 7.80 21.00
CA GLU J 159 106.26 6.91 22.15
C GLU J 159 107.65 7.04 22.78
N SER J 170 115.28 13.82 22.19
CA SER J 170 114.32 14.71 21.57
C SER J 170 113.52 15.45 22.64
N ARG J 171 113.92 15.28 23.89
CA ARG J 171 113.24 15.91 25.02
C ARG J 171 113.55 17.41 25.03
N LYS J 172 112.56 18.22 24.66
CA LYS J 172 112.72 19.65 24.54
C LYS J 172 111.93 20.37 25.62
N PHE J 173 112.48 21.47 26.13
CA PHE J 173 111.75 22.30 27.08
C PHE J 173 112.15 23.75 26.85
N VAL J 174 111.17 24.64 26.98
CA VAL J 174 111.37 26.07 26.70
C VAL J 174 111.52 26.80 28.02
N THR J 175 112.38 27.82 28.03
CA THR J 175 112.68 28.60 29.23
C THR J 175 112.29 30.06 28.98
N GLY J 176 111.49 30.61 29.88
CA GLY J 176 111.13 32.01 29.82
C GLY J 176 111.93 32.86 30.79
N GLY J 177 112.92 33.59 30.28
CA GLY J 177 113.81 34.36 31.12
C GLY J 177 113.45 35.84 31.16
N ALA J 178 114.10 36.54 32.09
CA ALA J 178 113.94 37.98 32.24
C ALA J 178 114.98 38.79 31.46
N ASP J 179 115.74 38.12 30.58
CA ASP J 179 116.75 38.78 29.75
C ASP J 179 116.19 39.19 28.39
N ASN J 180 114.88 39.49 28.33
CA ASN J 180 114.16 39.85 27.10
C ASN J 180 114.28 38.77 26.02
N LEU J 181 114.38 37.51 26.43
CA LEU J 181 114.64 36.42 25.51
C LEU J 181 113.69 35.26 25.78
N VAL J 182 113.38 34.53 24.71
CA VAL J 182 112.68 33.25 24.79
C VAL J 182 113.64 32.22 24.22
N LYS J 183 114.11 31.31 25.06
CA LYS J 183 115.14 30.34 24.69
C LYS J 183 114.54 28.95 24.56
N ILE J 184 115.04 28.19 23.59
CA ILE J 184 114.61 26.81 23.35
C ILE J 184 115.76 25.89 23.71
N TRP J 185 115.48 24.85 24.48
CA TRP J 185 116.48 23.92 24.96
C TRP J 185 116.14 22.50 24.55
N LYS J 186 117.17 21.75 24.16
CA LYS J 186 117.03 20.37 23.68
C LYS J 186 118.03 19.48 24.40
N TYR J 187 117.64 18.23 24.62
CA TYR J 187 118.53 17.26 25.24
C TYR J 187 119.65 16.87 24.29
N ASN J 188 120.86 16.76 24.82
CA ASN J 188 122.01 16.28 24.07
C ASN J 188 122.63 15.13 24.82
N SER J 189 122.80 13.99 24.14
CA SER J 189 123.42 12.83 24.75
C SER J 189 124.94 12.91 24.78
N ASP J 190 125.53 13.87 24.05
CA ASP J 190 126.98 14.01 24.06
C ASP J 190 127.46 14.55 25.41
N ALA J 191 126.79 15.59 25.91
CA ALA J 191 127.16 16.21 27.16
C ALA J 191 126.24 15.82 28.31
N GLN J 192 125.17 15.07 28.03
CA GLN J 192 124.18 14.63 29.02
C GLN J 192 123.54 15.80 29.77
N THR J 193 123.39 16.93 29.08
CA THR J 193 122.77 18.12 29.63
C THR J 193 121.81 18.69 28.60
N TYR J 194 120.81 19.43 29.10
CA TYR J 194 119.85 20.10 28.22
C TYR J 194 120.54 21.34 27.65
N VAL J 195 120.93 21.27 26.38
CA VAL J 195 121.73 22.32 25.77
C VAL J 195 120.82 23.29 25.04
N LEU J 196 121.37 24.48 24.74
CA LEU J 196 120.62 25.52 24.06
C LEU J 196 120.50 25.17 22.58
N GLU J 197 119.29 25.32 22.03
CA GLU J 197 119.02 25.05 20.63
C GLU J 197 118.68 26.28 19.83
N SER J 198 117.86 27.18 20.37
CA SER J 198 117.48 28.39 19.66
C SER J 198 117.15 29.49 20.65
N THR J 199 117.29 30.73 20.20
CA THR J 199 116.98 31.91 21.00
C THR J 199 116.05 32.82 20.21
N LEU J 200 115.03 33.35 20.88
CA LEU J 200 114.04 34.21 20.26
C LEU J 200 113.94 35.50 21.05
N GLU J 201 113.94 36.64 20.35
CA GLU J 201 113.76 37.95 20.96
C GLU J 201 112.52 38.62 20.39
N GLY J 202 111.53 38.84 21.25
CA GLY J 202 110.30 39.48 20.80
C GLY J 202 109.65 40.37 21.83
N HIS J 203 110.33 40.59 22.95
CA HIS J 203 109.77 41.35 24.05
C HIS J 203 110.74 42.44 24.49
N SER J 204 110.16 43.55 24.94
CA SER J 204 110.94 44.67 25.47
C SER J 204 111.02 44.65 26.99
N ASP J 205 110.47 43.63 27.64
CA ASP J 205 110.47 43.56 29.10
C ASP J 205 110.63 42.10 29.51
N TRP J 206 110.47 41.83 30.81
CA TRP J 206 110.56 40.47 31.31
C TRP J 206 109.38 39.64 30.82
N VAL J 207 109.67 38.44 30.35
CA VAL J 207 108.62 37.53 29.87
C VAL J 207 107.92 36.95 31.09
N ARG J 208 106.62 37.20 31.21
CA ARG J 208 105.90 36.73 32.39
C ARG J 208 105.67 35.23 32.35
N ASP J 209 105.27 34.69 31.21
CA ASP J 209 104.93 33.28 31.12
C ASP J 209 105.23 32.77 29.72
N VAL J 210 105.54 31.49 29.63
CA VAL J 210 105.70 30.79 28.36
C VAL J 210 104.84 29.54 28.39
N ALA J 211 104.18 29.25 27.27
CA ALA J 211 103.32 28.08 27.17
C ALA J 211 103.54 27.41 25.83
N TRP J 212 103.73 26.09 25.85
CA TRP J 212 103.86 25.29 24.65
C TRP J 212 102.55 24.55 24.46
N SER J 213 102.04 24.55 23.23
CA SER J 213 100.75 23.93 22.96
C SER J 213 100.87 22.42 23.04
N PRO J 214 99.89 21.73 23.64
CA PRO J 214 100.00 20.28 23.81
C PRO J 214 99.77 19.47 22.54
N THR J 215 99.17 20.05 21.51
CA THR J 215 98.85 19.35 20.28
C THR J 215 99.74 19.86 19.16
N VAL J 216 100.47 18.96 18.52
CA VAL J 216 101.35 19.33 17.41
C VAL J 216 100.79 18.78 16.11
N LEU J 217 100.03 19.60 15.39
CA LEU J 217 99.54 19.27 14.05
C LEU J 217 100.11 20.30 13.08
N LEU J 218 100.67 19.81 11.98
CA LEU J 218 101.27 20.60 10.91
C LEU J 218 102.46 21.43 11.41
N ARG J 219 102.21 22.41 12.28
CA ARG J 219 103.27 23.26 12.81
C ARG J 219 103.19 23.33 14.32
N SER J 220 104.34 23.58 14.94
CA SER J 220 104.43 23.71 16.39
C SER J 220 103.93 25.09 16.82
N TYR J 221 103.68 25.22 18.12
CA TYR J 221 103.10 26.45 18.66
C TYR J 221 103.77 26.82 19.97
N LEU J 222 103.78 28.12 20.27
CA LEU J 222 104.28 28.64 21.53
C LEU J 222 103.48 29.89 21.88
N ALA J 223 103.61 30.33 23.13
CA ALA J 223 102.87 31.50 23.60
C ALA J 223 103.65 32.14 24.74
N SER J 224 104.29 33.27 24.47
CA SER J 224 105.05 34.01 25.47
C SER J 224 104.35 35.34 25.72
N VAL J 225 103.80 35.50 26.92
CA VAL J 225 103.20 36.76 27.34
C VAL J 225 104.15 37.45 28.30
N SER J 226 104.13 38.78 28.29
CA SER J 226 105.03 39.57 29.11
C SER J 226 104.29 40.75 29.71
N GLN J 227 104.99 41.50 30.57
CA GLN J 227 104.39 42.60 31.29
C GLN J 227 104.35 43.90 30.50
N ASP J 228 104.98 43.96 29.33
CA ASP J 228 104.91 45.15 28.49
C ASP J 228 103.73 45.12 27.53
N ARG J 229 102.67 44.38 27.88
CA ARG J 229 101.39 44.38 27.18
C ARG J 229 101.51 43.92 25.72
N THR J 230 102.31 42.88 25.50
CA THR J 230 102.45 42.29 24.17
C THR J 230 102.45 40.76 24.31
N CYS J 231 102.10 40.09 23.21
CA CYS J 231 102.01 38.64 23.19
C CYS J 231 102.44 38.12 21.83
N ILE J 232 103.41 37.20 21.81
CA ILE J 232 103.92 36.63 20.58
C ILE J 232 103.56 35.15 20.54
N ILE J 233 102.90 34.74 19.46
CA ILE J 233 102.57 33.34 19.23
C ILE J 233 103.59 32.81 18.24
N TRP J 234 104.69 32.28 18.77
CA TRP J 234 105.74 31.72 17.92
C TRP J 234 105.29 30.40 17.33
N THR J 235 105.48 30.25 16.02
CA THR J 235 105.11 29.03 15.31
C THR J 235 106.33 28.46 14.59
N GLN J 236 106.44 27.14 14.55
CA GLN J 236 107.51 26.46 13.85
C GLN J 236 106.91 25.42 12.91
N ASP J 237 107.08 25.64 11.61
CA ASP J 237 106.54 24.70 10.62
C ASP J 237 107.37 23.43 10.56
N ASN J 238 108.65 23.56 10.22
CA ASN J 238 109.52 22.41 10.05
C ASN J 238 109.99 21.88 11.41
N GLU J 239 110.71 20.76 11.38
CA GLU J 239 111.22 20.18 12.61
C GLU J 239 112.41 20.95 13.16
N GLN J 240 113.18 21.62 12.30
CA GLN J 240 114.32 22.42 12.74
C GLN J 240 114.34 23.79 12.07
N GLY J 241 113.22 24.24 11.55
CA GLY J 241 113.17 25.50 10.86
C GLY J 241 113.12 26.66 11.84
N PRO J 242 113.21 27.88 11.29
CA PRO J 242 113.13 29.07 12.14
C PRO J 242 111.73 29.29 12.67
N TRP J 243 111.66 29.76 13.91
CA TRP J 243 110.38 29.99 14.58
C TRP J 243 109.81 31.31 14.07
N LYS J 244 108.70 31.23 13.35
CA LYS J 244 108.06 32.43 12.80
C LYS J 244 107.40 33.23 13.92
N LYS J 245 107.62 34.54 13.91
CA LYS J 245 107.10 35.43 14.93
C LYS J 245 105.92 36.22 14.37
N THR J 246 104.81 36.22 15.11
CA THR J 246 103.65 37.00 14.75
C THR J 246 103.02 37.58 16.01
N LEU J 247 102.29 38.68 15.84
CA LEU J 247 101.63 39.36 16.94
C LEU J 247 100.23 38.79 17.13
N LEU J 248 99.85 38.59 18.40
CA LEU J 248 98.48 38.18 18.69
C LEU J 248 97.49 39.30 18.39
N LYS J 249 97.86 40.54 18.70
CA LYS J 249 97.03 41.69 18.42
C LYS J 249 97.91 42.84 17.93
N GLU J 250 97.32 43.69 17.08
CA GLU J 250 98.07 44.83 16.55
C GLU J 250 98.26 45.91 17.61
N GLU J 251 97.25 46.11 18.46
CA GLU J 251 97.30 47.18 19.46
C GLU J 251 98.05 46.69 20.69
N LYS J 252 98.07 47.52 21.73
CA LYS J 252 98.69 47.19 23.00
C LYS J 252 97.63 46.74 23.99
N PHE J 253 98.01 45.86 24.89
CA PHE J 253 97.05 45.30 25.82
C PHE J 253 96.70 46.33 26.89
N PRO J 254 95.44 46.33 27.35
CA PRO J 254 94.99 47.38 28.30
C PRO J 254 95.68 47.33 29.64
N ASP J 255 96.21 46.18 30.06
CA ASP J 255 96.83 46.08 31.37
C ASP J 255 97.96 45.05 31.29
N VAL J 256 98.59 44.80 32.43
CA VAL J 256 99.73 43.89 32.49
C VAL J 256 99.26 42.46 32.29
N LEU J 257 99.95 41.71 31.43
CA LEU J 257 99.67 40.31 31.19
C LEU J 257 100.46 39.45 32.15
N TRP J 258 99.82 38.40 32.69
CA TRP J 258 100.42 37.53 33.68
C TRP J 258 100.71 36.14 33.14
N ARG J 259 99.69 35.43 32.66
CA ARG J 259 99.83 34.04 32.28
C ARG J 259 99.16 33.79 30.94
N ALA J 260 99.60 32.73 30.26
CA ALA J 260 98.96 32.22 29.06
C ALA J 260 98.81 30.71 29.20
N SER J 261 97.59 30.22 29.02
CA SER J 261 97.29 28.80 29.20
C SER J 261 96.61 28.30 27.93
N TRP J 262 97.28 27.40 27.21
CA TRP J 262 96.72 26.86 25.99
C TRP J 262 95.58 25.90 26.29
N SER J 263 94.68 25.76 25.33
CA SER J 263 93.67 24.71 25.42
C SER J 263 94.29 23.34 25.18
N LEU J 264 93.65 22.33 25.75
CA LEU J 264 94.11 20.95 25.54
C LEU J 264 93.87 20.50 24.11
N SER J 265 92.75 20.88 23.53
CA SER J 265 92.39 20.51 22.17
C SER J 265 92.37 21.75 21.28
N GLY J 266 92.92 21.61 20.08
CA GLY J 266 93.01 22.76 19.20
C GLY J 266 94.04 23.75 19.72
N ASN J 267 93.88 25.00 19.28
CA ASN J 267 94.72 26.10 19.71
C ASN J 267 93.79 27.23 20.13
N VAL J 268 93.33 27.18 21.38
CA VAL J 268 92.55 28.25 21.97
C VAL J 268 93.34 28.77 23.16
N LEU J 269 93.62 30.06 23.15
CA LEU J 269 94.48 30.67 24.16
C LEU J 269 93.64 31.49 25.11
N ALA J 270 93.84 31.25 26.41
CA ALA J 270 93.19 32.02 27.46
C ALA J 270 94.25 32.89 28.14
N LEU J 271 94.02 34.19 28.16
CA LEU J 271 94.97 35.14 28.70
C LEU J 271 94.58 35.53 30.13
N SER J 272 95.51 36.22 30.79
CA SER J 272 95.31 36.65 32.18
C SER J 272 95.89 38.06 32.30
N GLY J 273 95.04 39.06 32.08
CA GLY J 273 95.46 40.43 32.21
C GLY J 273 95.45 40.91 33.65
N GLY J 274 95.99 42.11 33.85
CA GLY J 274 96.01 42.67 35.19
C GLY J 274 94.68 43.22 35.66
N ASP J 275 93.69 43.31 34.78
CA ASP J 275 92.39 43.87 35.10
C ASP J 275 91.33 42.81 35.39
N ASN J 276 91.77 41.63 35.86
CA ASN J 276 90.90 40.49 36.20
C ASN J 276 90.01 40.07 35.03
N LYS J 277 90.59 40.09 33.82
CA LYS J 277 89.85 39.77 32.61
C LYS J 277 90.60 38.69 31.86
N VAL J 278 89.88 37.64 31.45
CA VAL J 278 90.43 36.53 30.69
C VAL J 278 89.86 36.61 29.29
N THR J 279 90.73 36.71 28.29
CA THR J 279 90.32 36.93 26.91
C THR J 279 90.70 35.72 26.08
N LEU J 280 89.74 35.23 25.29
CA LEU J 280 89.91 34.00 24.53
C LEU J 280 90.31 34.33 23.09
N TRP J 281 91.27 33.57 22.57
CA TRP J 281 91.82 33.81 21.24
C TRP J 281 91.85 32.52 20.43
N LYS J 282 91.31 32.58 19.23
CA LYS J 282 91.24 31.43 18.33
C LYS J 282 91.76 31.85 16.96
N GLU J 283 92.50 30.94 16.32
CA GLU J 283 93.10 31.23 15.02
C GLU J 283 92.12 30.96 13.89
N ASN J 284 92.16 31.80 12.86
CA ASN J 284 91.36 31.61 11.67
C ASN J 284 92.11 30.70 10.69
N LEU J 285 91.58 30.56 9.48
CA LEU J 285 92.27 29.79 8.46
C LEU J 285 93.52 30.50 7.96
N GLU J 286 93.46 31.83 7.81
CA GLU J 286 94.60 32.58 7.31
C GLU J 286 95.71 32.68 8.36
N GLY J 287 95.34 32.98 9.60
CA GLY J 287 96.33 33.10 10.65
C GLY J 287 96.12 34.28 11.59
N LYS J 288 95.13 35.11 11.29
CA LYS J 288 94.83 36.26 12.13
C LYS J 288 94.09 35.80 13.38
N TRP J 289 94.65 36.08 14.55
CA TRP J 289 94.09 35.59 15.81
C TRP J 289 92.92 36.47 16.22
N GLU J 290 91.74 36.10 15.76
CA GLU J 290 90.53 36.82 16.15
C GLU J 290 90.17 36.49 17.59
N PRO J 291 89.86 37.49 18.42
CA PRO J 291 89.40 37.19 19.78
C PRO J 291 88.08 36.44 19.79
N ALA J 292 87.92 35.58 20.78
CA ALA J 292 86.78 34.67 20.84
C ALA J 292 85.82 34.96 21.96
N GLY J 293 86.30 35.38 23.13
CA GLY J 293 85.41 35.61 24.25
C GLY J 293 86.15 36.32 25.37
N GLU J 294 85.38 36.72 26.38
CA GLU J 294 85.90 37.48 27.49
C GLU J 294 85.33 36.94 28.79
N VAL J 295 86.21 36.65 29.75
CA VAL J 295 85.83 36.20 31.07
C VAL J 295 86.36 37.21 32.09
N HIS J 296 85.45 37.76 32.90
CA HIS J 296 85.84 38.74 33.89
C HIS J 296 85.06 38.48 35.18
N GLN J 297 85.76 38.66 36.31
CA GLN J 297 85.19 38.52 37.65
C GLN J 297 84.51 37.17 37.91
N SER K 128 125.38 8.22 -51.83
CA SER K 128 125.01 7.00 -51.10
C SER K 128 126.22 6.38 -50.42
N SER K 129 125.97 5.32 -49.65
CA SER K 129 127.06 4.65 -48.95
C SER K 129 127.94 3.86 -49.92
N GLY K 130 127.33 3.21 -50.91
CA GLY K 130 128.07 2.41 -51.87
C GLY K 130 128.70 3.17 -53.00
N LEU K 131 128.50 4.48 -53.07
CA LEU K 131 129.05 5.29 -54.13
C LEU K 131 130.55 5.49 -53.93
N ILE K 132 131.33 5.27 -54.99
CA ILE K 132 132.77 5.45 -54.92
C ILE K 132 133.17 6.56 -55.89
N TYR K 133 132.79 6.42 -57.16
CA TYR K 133 133.16 7.36 -58.20
C TYR K 133 131.93 8.15 -58.61
N THR K 134 132.08 9.47 -58.72
CA THR K 134 130.99 10.37 -59.05
C THR K 134 131.43 11.48 -60.01
N THR K 135 132.43 11.21 -60.84
CA THR K 135 133.00 12.23 -61.70
C THR K 135 132.01 12.66 -62.78
N LYS K 136 131.88 13.96 -62.98
CA LYS K 136 130.96 14.54 -63.95
C LYS K 136 131.73 15.03 -65.16
N VAL K 137 131.24 14.68 -66.35
CA VAL K 137 131.81 15.13 -67.62
C VAL K 137 130.76 16.00 -68.29
N ASP K 138 131.14 17.24 -68.61
CA ASP K 138 130.20 18.20 -69.17
C ASP K 138 129.84 17.91 -70.63
N LYS K 139 130.57 17.01 -71.29
CA LYS K 139 130.29 16.68 -72.67
C LYS K 139 129.05 15.77 -72.76
N GLU K 140 128.52 15.67 -73.98
CA GLU K 140 127.34 14.85 -74.21
C GLU K 140 127.68 13.37 -74.10
N LEU K 141 126.82 12.62 -73.39
CA LEU K 141 127.01 11.20 -73.17
C LEU K 141 125.78 10.44 -73.65
N SER K 142 126.00 9.31 -74.30
CA SER K 142 124.88 8.50 -74.77
C SER K 142 125.01 7.04 -74.34
N SER K 143 126.23 6.55 -74.16
CA SER K 143 126.42 5.17 -73.72
C SER K 143 127.74 5.05 -72.99
N ILE K 144 127.84 4.00 -72.18
CA ILE K 144 129.02 3.72 -71.37
C ILE K 144 129.30 2.22 -71.39
N ASP K 145 130.56 1.85 -71.61
CA ASP K 145 130.99 0.46 -71.51
C ASP K 145 132.37 0.44 -70.87
N LYS K 146 132.99 -0.73 -70.85
CA LYS K 146 134.28 -0.92 -70.21
C LYS K 146 135.22 -1.67 -71.15
N VAL K 147 136.51 -1.61 -70.82
CA VAL K 147 137.53 -2.34 -71.57
C VAL K 147 137.66 -3.73 -70.93
N ASN K 148 137.48 -4.78 -71.73
CA ASN K 148 137.52 -6.15 -71.22
C ASN K 148 138.98 -6.56 -71.12
N ASP K 149 139.60 -6.13 -70.03
CA ASP K 149 141.00 -6.41 -69.73
C ASP K 149 141.22 -6.29 -68.22
N PRO K 150 141.79 -7.31 -67.58
CA PRO K 150 141.94 -7.24 -66.12
C PRO K 150 143.01 -6.25 -65.67
N ASN K 151 144.10 -6.13 -66.40
CA ASN K 151 145.20 -5.25 -66.00
C ASN K 151 145.07 -3.85 -66.60
N ILE K 152 143.89 -3.24 -66.39
CA ILE K 152 143.62 -1.87 -66.81
C ILE K 152 142.49 -1.38 -65.92
N ASN K 153 142.36 -0.07 -65.79
CA ASN K 153 141.28 0.55 -65.04
C ASN K 153 140.61 1.65 -65.86
N GLY K 154 140.29 1.34 -67.11
CA GLY K 154 139.71 2.31 -68.01
C GLY K 154 138.31 1.94 -68.43
N LEU K 155 137.47 2.95 -68.64
CA LEU K 155 136.11 2.79 -69.09
C LEU K 155 135.83 3.77 -70.22
N VAL K 156 135.01 3.34 -71.18
CA VAL K 156 134.74 4.13 -72.36
C VAL K 156 133.40 4.84 -72.20
N CYS K 157 133.21 5.89 -73.00
CA CYS K 157 131.98 6.66 -73.04
C CYS K 157 131.58 6.88 -74.49
N ALA K 158 130.39 7.44 -74.70
CA ALA K 158 129.87 7.66 -76.04
C ALA K 158 129.28 9.06 -76.14
N GLY K 159 128.59 9.29 -77.24
CA GLY K 159 127.98 10.59 -77.51
C GLY K 159 127.79 10.76 -79.01
N LYS K 160 127.19 11.91 -79.35
CA LYS K 160 126.97 12.20 -80.76
C LYS K 160 128.27 12.52 -81.48
N THR K 161 129.08 13.40 -80.91
CA THR K 161 130.36 13.79 -81.47
C THR K 161 131.44 13.81 -80.39
N HIS K 162 131.43 12.80 -79.52
CA HIS K 162 132.39 12.72 -78.42
C HIS K 162 132.61 11.26 -78.10
N LEU K 163 133.79 10.74 -78.45
CA LEU K 163 134.19 9.38 -78.13
C LEU K 163 135.52 9.41 -77.40
N GLY K 164 135.60 8.68 -76.29
CA GLY K 164 136.84 8.67 -75.52
C GLY K 164 136.83 7.58 -74.47
N LEU K 165 138.00 7.41 -73.86
CA LEU K 165 138.22 6.43 -72.80
C LEU K 165 138.57 7.16 -71.52
N TYR K 166 137.93 6.77 -70.42
CA TYR K 166 138.13 7.39 -69.13
C TYR K 166 138.72 6.38 -68.16
N LYS K 167 139.75 6.78 -67.43
CA LYS K 167 140.43 5.90 -66.48
C LYS K 167 140.05 6.28 -65.06
N PHE K 168 139.60 5.31 -64.28
CA PHE K 168 139.29 5.51 -62.88
C PHE K 168 140.42 5.00 -62.00
N SER K 169 140.73 5.77 -60.95
CA SER K 169 141.77 5.39 -60.01
C SER K 169 141.14 5.07 -58.66
N PRO K 170 141.27 3.84 -58.16
CA PRO K 170 140.64 3.49 -56.88
C PRO K 170 141.33 4.10 -55.66
N SER K 171 142.49 4.72 -55.82
CA SER K 171 143.18 5.33 -54.69
C SER K 171 142.45 6.59 -54.22
N ASP K 172 142.28 7.55 -55.10
CA ASP K 172 141.57 8.79 -54.78
C ASP K 172 140.09 8.72 -55.11
N ARG K 173 139.62 7.57 -55.61
CA ARG K 173 138.22 7.33 -56.00
C ARG K 173 137.76 8.34 -57.05
N SER K 174 138.59 8.57 -58.06
CA SER K 174 138.29 9.53 -59.10
C SER K 174 138.54 8.93 -60.48
N ILE K 175 137.83 9.48 -61.46
CA ILE K 175 137.94 9.06 -62.85
C ILE K 175 138.56 10.20 -63.64
N LYS K 176 139.59 9.89 -64.41
CA LYS K 176 140.28 10.87 -65.25
C LYS K 176 139.94 10.61 -66.71
N CYS K 177 140.56 11.38 -67.60
CA CYS K 177 140.38 11.24 -69.03
C CYS K 177 141.71 10.85 -69.67
N VAL K 178 141.64 10.05 -70.73
CA VAL K 178 142.83 9.51 -71.39
C VAL K 178 143.04 10.14 -72.76
N HIS K 179 142.10 9.96 -73.69
CA HIS K 179 142.29 10.43 -75.05
C HIS K 179 140.93 10.65 -75.71
N ASP K 180 140.67 11.88 -76.15
CA ASP K 180 139.44 12.21 -76.84
C ASP K 180 139.67 12.12 -78.34
N PHE K 181 138.82 11.36 -79.03
CA PHE K 181 138.96 11.18 -80.47
C PHE K 181 138.31 12.32 -81.23
N ILE K 182 137.04 12.59 -80.97
CA ILE K 182 136.32 13.66 -81.64
C ILE K 182 136.02 14.79 -80.67
N THR K 211 119.78 7.94 -83.25
CA THR K 211 120.77 6.90 -83.44
C THR K 211 121.13 6.24 -82.12
N ILE K 212 120.74 4.97 -81.97
CA ILE K 212 121.02 4.20 -80.76
C ILE K 212 121.87 2.99 -81.16
N ALA K 213 122.95 2.77 -80.43
CA ALA K 213 123.90 1.71 -80.71
C ALA K 213 124.67 1.41 -79.43
N ASP K 214 125.60 0.48 -79.53
CA ASP K 214 126.46 0.11 -78.41
C ASP K 214 127.82 0.76 -78.55
N VAL K 215 128.57 0.74 -77.45
CA VAL K 215 129.92 1.30 -77.43
C VAL K 215 130.79 0.17 -76.89
N LYS K 216 130.34 -1.05 -77.16
CA LYS K 216 131.02 -2.27 -76.72
C LYS K 216 132.36 -2.43 -77.40
N THR K 217 133.36 -2.87 -76.64
CA THR K 217 134.71 -3.02 -77.18
C THR K 217 134.92 -4.44 -77.71
N GLY K 218 136.14 -4.71 -78.14
CA GLY K 218 136.50 -6.02 -78.67
C GLY K 218 136.95 -6.96 -77.57
N PHE K 219 137.53 -8.08 -78.02
CA PHE K 219 138.00 -9.13 -77.13
C PHE K 219 139.31 -9.69 -77.67
N ASN K 220 140.02 -10.40 -76.79
CA ASN K 220 141.24 -11.18 -77.10
C ASN K 220 142.30 -10.22 -77.65
N ASN K 221 142.88 -10.48 -78.82
CA ASN K 221 143.84 -9.56 -79.41
C ASN K 221 143.19 -8.30 -79.95
N TYR K 222 141.89 -8.34 -80.22
CA TYR K 222 141.14 -7.17 -80.67
C TYR K 222 140.55 -6.39 -79.50
N LYS K 223 141.11 -6.54 -78.30
CA LYS K 223 140.66 -5.79 -77.13
C LYS K 223 140.96 -4.32 -77.23
N ASN K 224 141.83 -3.92 -78.16
CA ASN K 224 142.17 -2.53 -78.39
C ASN K 224 141.28 -1.88 -79.44
N CYS K 225 140.07 -2.40 -79.65
CA CYS K 225 139.15 -1.88 -80.66
C CYS K 225 137.78 -1.62 -80.06
N ILE K 226 137.10 -0.61 -80.60
CA ILE K 226 135.75 -0.23 -80.21
C ILE K 226 134.93 -0.01 -81.48
N ALA K 227 133.60 -0.07 -81.33
CA ALA K 227 132.68 0.11 -82.44
C ALA K 227 131.66 1.20 -82.10
N VAL K 228 131.59 2.23 -82.93
CA VAL K 228 130.65 3.34 -82.75
C VAL K 228 129.94 3.60 -84.07
N CYS K 229 128.61 3.59 -84.04
CA CYS K 229 127.80 3.93 -85.21
C CYS K 229 127.86 5.43 -85.47
N ASN K 230 128.41 5.83 -86.62
CA ASN K 230 128.56 7.23 -86.94
C ASN K 230 127.33 7.81 -87.66
N ASN K 231 126.92 7.19 -88.76
CA ASN K 231 125.79 7.68 -89.56
C ASN K 231 125.00 6.49 -90.06
N SER K 232 123.93 6.14 -89.34
CA SER K 232 122.97 5.10 -89.70
C SER K 232 123.63 3.75 -89.94
N THR K 233 123.93 3.44 -91.19
CA THR K 233 124.57 2.18 -91.56
C THR K 233 126.09 2.29 -91.62
N ALA K 234 126.68 2.85 -90.57
CA ALA K 234 128.12 3.06 -90.48
C ALA K 234 128.69 2.23 -89.35
N ILE K 235 129.71 1.43 -89.67
CA ILE K 235 130.42 0.66 -88.65
C ILE K 235 131.85 1.17 -88.53
N SER K 236 132.07 2.11 -87.61
CA SER K 236 133.38 2.73 -87.42
C SER K 236 134.13 1.96 -86.33
N ILE K 237 135.14 1.20 -86.74
CA ILE K 237 135.97 0.44 -85.80
C ILE K 237 137.19 1.30 -85.45
N TYR K 238 137.29 1.71 -84.19
CA TYR K 238 138.39 2.55 -83.75
C TYR K 238 139.49 1.72 -83.11
N ASP K 239 140.54 2.40 -82.65
CA ASP K 239 141.69 1.76 -82.02
C ASP K 239 142.04 2.48 -80.73
N LEU K 240 142.58 1.72 -79.78
CA LEU K 240 143.03 2.24 -78.50
C LEU K 240 144.53 2.48 -78.45
N ASN K 241 145.32 1.61 -79.09
CA ASN K 241 146.76 1.80 -79.13
C ASN K 241 147.16 2.94 -80.06
N LYS K 242 146.45 3.09 -81.18
CA LYS K 242 146.76 4.15 -82.14
C LYS K 242 145.96 5.42 -81.87
N SER K 243 146.03 5.94 -80.65
CA SER K 243 145.30 7.14 -80.28
C SER K 243 146.19 8.39 -80.33
N SER K 244 147.27 8.39 -79.55
CA SER K 244 148.20 9.52 -79.53
C SER K 244 149.35 9.23 -80.50
N SER K 245 149.01 9.22 -81.78
CA SER K 245 149.99 8.92 -82.82
C SER K 245 149.56 9.58 -84.12
N ILE K 246 150.44 9.50 -85.10
CA ILE K 246 150.15 10.04 -86.43
C ILE K 246 149.06 9.23 -87.11
N ASP K 247 149.07 7.91 -86.90
CA ASP K 247 148.07 7.04 -87.50
C ASP K 247 146.69 7.31 -86.92
N ASN K 248 145.67 7.23 -87.77
CA ASN K 248 144.32 7.51 -87.35
C ASN K 248 143.80 6.40 -86.43
N PRO K 249 142.96 6.75 -85.46
CA PRO K 249 142.35 5.72 -84.62
C PRO K 249 141.42 4.79 -85.39
N LEU K 250 140.85 5.25 -86.50
CA LEU K 250 139.96 4.42 -87.29
C LEU K 250 140.74 3.30 -87.98
N ILE K 251 140.14 2.11 -87.99
CA ILE K 251 140.74 0.92 -88.60
C ILE K 251 140.05 0.57 -89.91
N THR K 252 138.74 0.40 -89.90
CA THR K 252 138.00 0.03 -91.10
C THR K 252 136.59 0.55 -91.01
N SER K 253 135.94 0.67 -92.17
CA SER K 253 134.54 1.10 -92.24
C SER K 253 133.75 0.08 -93.05
N LEU K 254 132.59 -0.31 -92.54
CA LEU K 254 131.74 -1.33 -93.14
C LEU K 254 130.34 -0.76 -93.32
N CYS K 255 129.76 -0.93 -94.50
CA CYS K 255 128.41 -0.42 -94.78
C CYS K 255 127.71 -1.39 -95.72
N GLU K 256 126.69 -2.09 -95.21
CA GLU K 256 125.89 -2.96 -96.05
C GLU K 256 124.39 -2.76 -95.83
N HIS K 257 124.02 -2.31 -94.62
CA HIS K 257 122.60 -2.22 -94.26
C HIS K 257 121.88 -1.12 -95.04
N THR K 258 120.69 -1.44 -95.53
CA THR K 258 119.88 -0.44 -96.21
C THR K 258 119.32 0.59 -95.22
N ARG K 259 118.88 0.13 -94.05
CA ARG K 259 118.37 0.97 -92.99
C ARG K 259 119.47 1.26 -91.98
N SER K 260 119.09 1.88 -90.87
CA SER K 260 120.05 2.16 -89.81
C SER K 260 120.38 0.88 -89.04
N ILE K 261 121.49 0.93 -88.30
CA ILE K 261 121.97 -0.19 -87.51
C ILE K 261 121.57 0.03 -86.06
N ASN K 262 120.88 -0.98 -85.48
CA ASN K 262 120.36 -0.86 -84.13
C ASN K 262 121.37 -1.34 -83.08
N SER K 263 121.78 -2.60 -83.17
CA SER K 263 122.65 -3.20 -82.16
C SER K 263 123.70 -4.07 -82.84
N PHE K 264 124.80 -4.25 -82.11
CA PHE K 264 125.90 -5.10 -82.54
C PHE K 264 126.63 -5.62 -81.32
N ASP K 265 127.39 -6.69 -81.50
CA ASP K 265 128.12 -7.29 -80.40
C ASP K 265 129.39 -7.95 -80.93
N PHE K 266 130.47 -7.83 -80.16
CA PHE K 266 131.71 -8.54 -80.46
C PHE K 266 131.66 -9.93 -79.84
N ASN K 267 132.18 -10.91 -80.58
CA ASN K 267 132.23 -12.28 -80.08
C ASN K 267 133.33 -12.42 -79.06
N MET K 268 133.06 -13.18 -77.99
CA MET K 268 134.02 -13.37 -76.92
C MET K 268 135.04 -14.45 -77.19
N VAL K 269 134.84 -15.28 -78.22
CA VAL K 269 135.78 -16.35 -78.56
C VAL K 269 136.55 -16.03 -79.84
N GLU K 270 135.83 -15.86 -80.95
CA GLU K 270 136.43 -15.48 -82.23
C GLU K 270 136.38 -13.96 -82.36
N SER K 271 137.49 -13.32 -82.00
CA SER K 271 137.55 -11.87 -81.90
C SER K 271 137.44 -11.17 -83.25
N ASN K 272 137.78 -11.85 -84.35
CA ASN K 272 137.66 -11.21 -85.66
C ASN K 272 136.21 -11.10 -86.12
N LEU K 273 135.35 -12.01 -85.67
CA LEU K 273 133.96 -12.02 -86.12
C LEU K 273 133.15 -10.95 -85.38
N ILE K 274 132.58 -10.02 -86.13
CA ILE K 274 131.74 -8.95 -85.60
C ILE K 274 130.34 -9.11 -86.18
N ILE K 275 129.35 -9.12 -85.31
CA ILE K 275 127.96 -9.26 -85.75
C ILE K 275 127.35 -7.87 -85.93
N SER K 276 126.28 -7.81 -86.71
CA SER K 276 125.57 -6.56 -86.97
C SER K 276 124.11 -6.87 -87.23
N GLY K 277 123.27 -5.85 -87.05
CA GLY K 277 121.85 -5.99 -87.27
C GLY K 277 121.09 -4.68 -87.14
N GLY K 278 120.07 -4.48 -87.97
CA GLY K 278 119.29 -3.27 -87.96
C GLY K 278 117.86 -3.52 -88.37
N GLN K 279 117.27 -2.55 -89.06
CA GLN K 279 115.88 -2.63 -89.49
C GLN K 279 115.72 -3.37 -90.81
N ASP K 280 116.80 -3.84 -91.41
CA ASP K 280 116.74 -4.57 -92.67
C ASP K 280 116.51 -6.06 -92.48
N SER K 281 116.37 -6.52 -91.23
CA SER K 281 116.17 -7.93 -90.87
C SER K 281 117.29 -8.80 -91.42
N CYS K 282 118.52 -8.30 -91.34
CA CYS K 282 119.68 -9.00 -91.83
C CYS K 282 120.71 -9.10 -90.72
N VAL K 283 121.24 -10.30 -90.50
CA VAL K 283 122.28 -10.55 -89.51
C VAL K 283 123.56 -10.83 -90.27
N LYS K 284 124.56 -9.98 -90.10
CA LYS K 284 125.79 -10.05 -90.87
C LYS K 284 126.98 -10.30 -89.97
N ILE K 285 127.86 -11.20 -90.40
CA ILE K 285 129.10 -11.52 -89.70
C ILE K 285 130.25 -10.92 -90.49
N TRP K 286 131.03 -10.06 -89.83
CA TRP K 286 132.15 -9.40 -90.48
C TRP K 286 133.46 -10.01 -89.99
N ASP K 287 134.29 -10.45 -90.93
CA ASP K 287 135.58 -11.04 -90.60
C ASP K 287 136.67 -9.98 -90.69
N LEU K 288 137.45 -9.85 -89.62
CA LEU K 288 138.50 -8.84 -89.58
C LEU K 288 139.75 -9.28 -90.35
N ARG K 289 140.26 -10.47 -90.06
CA ARG K 289 141.45 -11.00 -90.73
C ARG K 289 141.02 -11.71 -92.02
N SER K 290 140.72 -10.91 -93.03
CA SER K 290 140.29 -11.45 -94.31
C SER K 290 140.76 -10.56 -95.45
N ARG K 298 132.93 -6.78 -97.12
CA ARG K 298 131.75 -7.63 -97.23
C ARG K 298 131.61 -8.56 -96.04
N SER K 299 130.36 -8.84 -95.65
CA SER K 299 130.09 -9.71 -94.53
C SER K 299 130.27 -11.18 -94.91
N ASP K 300 130.42 -12.03 -93.89
CA ASP K 300 130.62 -13.45 -94.13
C ASP K 300 129.30 -14.15 -94.45
N ILE K 301 128.35 -14.13 -93.52
CA ILE K 301 127.06 -14.78 -93.70
C ILE K 301 125.98 -13.76 -93.37
N SER K 302 125.10 -13.50 -94.33
CA SER K 302 123.97 -12.59 -94.14
C SER K 302 122.68 -13.39 -94.23
N ILE K 303 121.96 -13.49 -93.12
CA ILE K 303 120.70 -14.22 -93.06
C ILE K 303 119.57 -13.20 -93.05
N ASN K 304 118.82 -13.14 -94.15
CA ASN K 304 117.67 -12.23 -94.28
C ASN K 304 116.40 -12.98 -93.88
N THR K 305 115.99 -12.80 -92.62
CA THR K 305 114.81 -13.49 -92.12
C THR K 305 113.50 -12.83 -92.57
N ALA K 306 113.58 -11.64 -93.18
CA ALA K 306 112.43 -10.87 -93.67
C ALA K 306 111.42 -10.57 -92.58
N SER K 307 111.89 -10.41 -91.35
CA SER K 307 111.04 -10.09 -90.22
C SER K 307 111.01 -8.57 -90.03
N ASP K 308 110.52 -8.13 -88.87
CA ASP K 308 110.43 -6.71 -88.58
C ASP K 308 111.81 -6.18 -88.17
N SER K 309 111.85 -4.95 -87.67
CA SER K 309 113.11 -4.32 -87.31
C SER K 309 113.69 -4.98 -86.06
N ILE K 310 114.97 -5.35 -86.14
CA ILE K 310 115.66 -5.98 -85.03
C ILE K 310 116.01 -4.92 -84.01
N ARG K 311 115.75 -5.20 -82.74
CA ARG K 311 115.99 -4.25 -81.67
C ARG K 311 117.31 -4.46 -80.94
N ASP K 312 117.72 -5.70 -80.72
CA ASP K 312 118.95 -5.98 -79.99
C ASP K 312 119.56 -7.28 -80.48
N VAL K 313 120.87 -7.27 -80.69
CA VAL K 313 121.63 -8.46 -81.06
C VAL K 313 122.76 -8.63 -80.06
N LYS K 314 122.84 -9.83 -79.47
CA LYS K 314 123.89 -10.16 -78.51
C LYS K 314 124.45 -11.54 -78.82
N TRP K 315 125.71 -11.75 -78.45
CA TRP K 315 126.38 -13.02 -78.67
C TRP K 315 126.19 -13.94 -77.46
N MET K 316 126.67 -15.16 -77.60
CA MET K 316 126.71 -16.08 -76.47
C MET K 316 127.95 -15.79 -75.62
N PRO K 317 127.80 -15.57 -74.31
CA PRO K 317 128.94 -15.17 -73.49
C PRO K 317 129.91 -16.32 -73.23
N GLY K 318 131.07 -16.27 -73.85
CA GLY K 318 132.11 -17.26 -73.64
C GLY K 318 133.02 -16.87 -72.49
N TYR K 319 132.50 -16.96 -71.27
CA TYR K 319 133.24 -16.56 -70.09
C TYR K 319 134.34 -17.58 -69.78
N ASN K 320 135.25 -17.16 -68.90
CA ASN K 320 136.42 -17.94 -68.53
C ASN K 320 136.18 -18.85 -67.34
N PHE K 321 134.93 -19.22 -67.08
CA PHE K 321 134.62 -20.08 -65.94
C PHE K 321 134.77 -21.55 -66.32
N LEU K 335 130.95 -26.69 -76.46
CA LEU K 335 131.26 -26.29 -77.83
C LEU K 335 130.57 -24.99 -78.20
N LYS K 336 129.41 -24.75 -77.60
CA LYS K 336 128.65 -23.53 -77.84
C LYS K 336 129.17 -22.43 -76.90
N SER K 337 130.33 -21.89 -77.26
CA SER K 337 130.99 -20.86 -76.49
C SER K 337 130.85 -19.48 -77.12
N GLY K 338 131.07 -19.38 -78.44
CA GLY K 338 130.90 -18.11 -79.11
C GLY K 338 130.25 -18.25 -80.46
N TYR K 339 129.54 -19.35 -80.68
CA TYR K 339 128.91 -19.63 -81.97
C TYR K 339 127.39 -19.46 -81.96
N LYS K 340 126.85 -18.81 -80.93
CA LYS K 340 125.41 -18.62 -80.84
C LYS K 340 125.07 -17.16 -80.54
N PHE K 341 123.95 -16.72 -81.08
CA PHE K 341 123.49 -15.34 -80.91
C PHE K 341 121.97 -15.32 -80.97
N ALA K 342 121.39 -14.24 -80.46
CA ALA K 342 119.94 -14.08 -80.43
C ALA K 342 119.58 -12.68 -80.88
N SER K 343 118.35 -12.55 -81.38
CA SER K 343 117.81 -11.28 -81.82
C SER K 343 116.32 -11.22 -81.51
N ILE K 344 115.82 -10.01 -81.35
CA ILE K 344 114.41 -9.76 -81.06
C ILE K 344 113.85 -8.82 -82.11
N HIS K 345 112.64 -9.07 -82.54
CA HIS K 345 111.99 -8.28 -83.57
C HIS K 345 110.87 -7.45 -82.94
N ASP K 346 110.21 -6.65 -83.77
CA ASP K 346 109.04 -5.90 -83.32
C ASP K 346 107.80 -6.76 -83.23
N SER K 347 107.85 -8.00 -83.71
CA SER K 347 106.72 -8.92 -83.64
C SER K 347 106.72 -9.74 -82.35
N GLY K 348 107.63 -9.47 -81.43
CA GLY K 348 107.69 -10.23 -80.19
C GLY K 348 108.08 -11.67 -80.38
N TYR K 349 109.09 -11.93 -81.20
CA TYR K 349 109.58 -13.28 -81.44
C TYR K 349 111.08 -13.34 -81.16
N LEU K 350 111.48 -14.35 -80.40
CA LEU K 350 112.87 -14.56 -80.03
C LEU K 350 113.46 -15.63 -80.93
N LEU K 351 114.50 -15.26 -81.67
CA LEU K 351 115.13 -16.12 -82.64
C LEU K 351 116.56 -16.41 -82.20
N LYS K 352 116.90 -17.69 -82.12
CA LYS K 352 118.25 -18.13 -81.80
C LYS K 352 118.82 -18.90 -82.99
N PHE K 353 120.02 -18.52 -83.43
CA PHE K 353 120.68 -19.14 -84.57
C PHE K 353 122.02 -19.70 -84.15
N ASP K 354 122.55 -20.59 -84.99
CA ASP K 354 123.86 -21.20 -84.78
C ASP K 354 124.79 -20.72 -85.90
N LEU K 355 125.97 -20.24 -85.51
CA LEU K 355 126.92 -19.72 -86.50
C LEU K 355 127.55 -20.83 -87.33
N ARG K 356 127.74 -22.02 -86.75
CA ARG K 356 128.36 -23.11 -87.48
C ARG K 356 127.45 -23.63 -88.59
N GLN K 357 126.17 -23.78 -88.31
CA GLN K 357 125.19 -24.27 -89.28
C GLN K 357 124.01 -23.31 -89.32
N PRO K 358 124.11 -22.24 -90.10
CA PRO K 358 122.96 -21.33 -90.25
C PRO K 358 121.83 -22.01 -91.01
N ALA K 359 120.61 -21.63 -90.66
CA ALA K 359 119.42 -22.18 -91.31
C ALA K 359 118.33 -21.11 -91.26
N GLN K 360 117.09 -21.53 -91.53
CA GLN K 360 115.96 -20.61 -91.45
C GLN K 360 115.72 -20.17 -90.00
N TYR K 361 115.62 -21.13 -89.09
CA TYR K 361 115.48 -20.84 -87.66
C TYR K 361 115.88 -22.08 -86.88
N GLU K 362 116.85 -21.93 -85.98
CA GLU K 362 117.21 -23.04 -85.10
C GLU K 362 116.20 -23.22 -83.97
N LYS K 363 115.69 -22.11 -83.42
CA LYS K 363 114.70 -22.18 -82.34
C LYS K 363 113.88 -20.88 -82.35
N LYS K 364 112.65 -20.96 -82.85
CA LYS K 364 111.76 -19.81 -82.89
C LYS K 364 110.87 -19.80 -81.66
N LEU K 365 111.11 -18.87 -80.75
CA LEU K 365 110.36 -18.77 -79.50
C LEU K 365 109.58 -17.46 -79.44
N ASN K 366 108.36 -17.55 -78.90
CA ASN K 366 107.54 -16.36 -78.70
C ASN K 366 108.11 -15.50 -77.58
N ALA K 367 107.73 -14.22 -77.59
CA ALA K 367 108.23 -13.25 -76.62
C ALA K 367 107.04 -12.37 -76.22
N HIS K 368 107.35 -11.23 -75.60
CA HIS K 368 106.33 -10.31 -75.14
C HIS K 368 105.56 -9.71 -76.31
N THR K 369 104.27 -9.46 -76.09
CA THR K 369 103.42 -8.91 -77.13
C THR K 369 103.83 -7.48 -77.45
N GLY K 370 103.84 -7.16 -78.74
CA GLY K 370 104.31 -5.89 -79.21
C GLY K 370 105.79 -5.92 -79.51
N PRO K 371 106.44 -4.76 -79.51
CA PRO K 371 107.87 -4.71 -79.84
C PRO K 371 108.72 -5.08 -78.64
N GLY K 372 109.36 -6.24 -78.72
CA GLY K 372 110.33 -6.62 -77.70
C GLY K 372 111.58 -5.78 -77.83
N LEU K 373 112.00 -5.15 -76.73
CA LEU K 373 113.04 -4.14 -76.77
C LEU K 373 114.43 -4.68 -76.48
N CYS K 374 114.57 -5.62 -75.54
CA CYS K 374 115.90 -6.05 -75.12
C CYS K 374 115.88 -7.51 -74.71
N LEU K 375 117.06 -8.11 -74.71
CA LEU K 375 117.25 -9.48 -74.26
C LEU K 375 118.68 -9.60 -73.72
N ASN K 376 118.92 -10.68 -72.99
CA ASN K 376 120.26 -10.95 -72.47
C ASN K 376 120.41 -12.45 -72.26
N TRP K 377 121.66 -12.89 -72.13
CA TRP K 377 121.98 -14.29 -72.01
C TRP K 377 122.54 -14.60 -70.62
N HIS K 378 122.13 -15.74 -70.08
CA HIS K 378 122.72 -16.20 -68.83
C HIS K 378 124.14 -16.73 -69.08
N PRO K 379 125.11 -16.37 -68.24
CA PRO K 379 126.50 -16.76 -68.53
C PRO K 379 126.79 -18.23 -68.35
N ASN K 380 125.95 -18.98 -67.64
CA ASN K 380 126.21 -20.38 -67.34
C ASN K 380 125.21 -21.32 -68.02
N GLN K 381 123.92 -21.12 -67.80
CA GLN K 381 122.90 -22.01 -68.32
C GLN K 381 122.18 -21.37 -69.50
N GLU K 382 121.54 -22.22 -70.31
CA GLU K 382 120.84 -21.74 -71.50
C GLU K 382 119.55 -21.07 -71.09
N TYR K 383 119.62 -19.77 -70.81
CA TYR K 383 118.45 -19.00 -70.41
C TYR K 383 118.57 -17.60 -70.99
N ILE K 384 117.50 -17.12 -71.62
CA ILE K 384 117.46 -15.80 -72.18
C ILE K 384 116.32 -15.04 -71.52
N ALA K 385 116.64 -13.92 -70.89
CA ALA K 385 115.65 -13.05 -70.26
C ALA K 385 115.37 -11.90 -71.21
N THR K 386 114.12 -11.76 -71.63
CA THR K 386 113.72 -10.78 -72.63
C THR K 386 112.89 -9.68 -71.99
N GLY K 387 113.26 -8.43 -72.26
CA GLY K 387 112.46 -7.29 -71.86
C GLY K 387 111.42 -6.94 -72.91
N GLY K 388 110.58 -5.97 -72.56
CA GLY K 388 109.55 -5.54 -73.49
C GLY K 388 109.01 -4.18 -73.15
N ARG K 389 108.26 -3.62 -74.11
CA ARG K 389 107.62 -2.33 -73.92
C ARG K 389 106.38 -2.44 -73.05
N ASP K 390 105.86 -3.65 -72.84
CA ASP K 390 104.69 -3.87 -72.00
C ASP K 390 105.00 -3.81 -70.51
N GLY K 391 106.27 -3.73 -70.14
CA GLY K 391 106.64 -3.69 -68.74
C GLY K 391 106.97 -5.03 -68.12
N LYS K 392 107.30 -6.04 -68.92
CA LYS K 392 107.60 -7.37 -68.41
C LYS K 392 109.00 -7.78 -68.80
N CYS K 393 109.63 -8.54 -67.91
CA CYS K 393 110.95 -9.11 -68.14
C CYS K 393 110.85 -10.59 -67.77
N CYS K 394 110.65 -11.43 -68.78
CA CYS K 394 110.41 -12.85 -68.58
C CYS K 394 111.69 -13.63 -68.83
N LEU K 395 112.01 -14.55 -67.94
CA LEU K 395 113.16 -15.43 -68.11
C LEU K 395 112.68 -16.67 -68.87
N TRP K 396 113.28 -16.92 -70.03
CA TRP K 396 112.87 -17.99 -70.92
C TRP K 396 113.92 -19.09 -70.96
N PHE K 397 113.45 -20.33 -70.99
CA PHE K 397 114.33 -21.49 -71.11
C PHE K 397 114.56 -21.75 -72.59
N VAL K 398 115.83 -21.80 -73.01
CA VAL K 398 116.16 -21.98 -74.41
C VAL K 398 117.02 -23.21 -74.58
N GLY K 399 116.87 -24.17 -73.67
CA GLY K 399 117.62 -25.41 -73.75
C GLY K 399 117.04 -26.34 -74.78
N PHE K 433 106.88 -20.79 -72.91
CA PHE K 433 106.71 -21.08 -71.49
C PHE K 433 107.92 -20.61 -70.69
N PRO K 434 107.86 -19.37 -70.20
CA PRO K 434 109.00 -18.86 -69.43
C PRO K 434 109.10 -19.50 -68.06
N LYS K 435 110.34 -19.60 -67.57
CA LYS K 435 110.56 -20.10 -66.22
C LYS K 435 110.30 -19.04 -65.15
N LEU K 436 110.33 -17.76 -65.52
CA LEU K 436 110.10 -16.68 -64.58
C LEU K 436 109.50 -15.49 -65.31
N THR K 437 108.86 -14.61 -64.55
CA THR K 437 108.23 -13.42 -65.10
C THR K 437 108.24 -12.32 -64.06
N ILE K 438 108.86 -11.18 -64.40
CA ILE K 438 108.92 -10.01 -63.52
C ILE K 438 108.13 -8.90 -64.20
N ASN K 439 106.92 -8.66 -63.74
CA ASN K 439 106.09 -7.57 -64.26
C ASN K 439 106.64 -6.27 -63.71
N THR K 440 107.62 -5.69 -64.42
CA THR K 440 108.23 -4.45 -63.97
C THR K 440 107.28 -3.26 -64.10
N GLY K 441 106.44 -3.24 -65.13
CA GLY K 441 105.51 -2.17 -65.33
C GLY K 441 106.03 -1.00 -66.12
N TYR K 442 107.31 -0.98 -66.47
CA TYR K 442 107.89 0.08 -67.29
C TYR K 442 108.64 -0.55 -68.44
N PRO K 443 108.71 0.14 -69.61
CA PRO K 443 109.40 -0.44 -70.77
C PRO K 443 110.89 -0.63 -70.54
N VAL K 444 111.32 -1.89 -70.46
CA VAL K 444 112.71 -2.21 -70.18
C VAL K 444 113.55 -1.96 -71.42
N THR K 445 114.61 -1.17 -71.26
CA THR K 445 115.51 -0.81 -72.36
C THR K 445 116.91 -1.38 -72.22
N LYS K 446 117.50 -1.32 -71.03
CA LYS K 446 118.87 -1.74 -70.81
C LYS K 446 118.94 -2.73 -69.65
N LEU K 447 119.77 -3.77 -69.82
CA LEU K 447 120.02 -4.73 -68.77
C LEU K 447 121.43 -5.28 -68.95
N LYS K 448 122.13 -5.47 -67.83
CA LYS K 448 123.51 -5.96 -67.87
C LYS K 448 123.68 -7.03 -66.81
N PHE K 449 124.21 -8.18 -67.21
CA PHE K 449 124.44 -9.26 -66.27
C PHE K 449 125.66 -9.00 -65.41
N LYS K 450 125.66 -9.58 -64.22
CA LYS K 450 126.83 -9.52 -63.36
C LYS K 450 127.82 -10.58 -63.83
N PRO K 451 129.05 -10.23 -64.14
CA PRO K 451 130.00 -11.20 -64.74
C PRO K 451 130.58 -12.16 -63.70
N ALA K 452 129.74 -13.08 -63.22
CA ALA K 452 130.14 -14.01 -62.19
C ALA K 452 129.58 -15.39 -62.49
N TYR K 453 130.18 -16.39 -61.84
CA TYR K 453 129.72 -17.76 -61.95
C TYR K 453 128.41 -17.94 -61.20
N SER K 454 127.52 -18.76 -61.75
CA SER K 454 126.26 -19.07 -61.09
C SER K 454 125.90 -20.52 -61.43
N SER K 455 126.12 -21.41 -60.47
CA SER K 455 125.72 -22.81 -60.65
C SER K 455 124.20 -22.95 -60.64
N ASN K 456 123.55 -22.30 -59.68
CA ASN K 456 122.10 -22.28 -59.59
C ASN K 456 121.53 -21.12 -60.39
N ILE K 457 120.41 -21.38 -61.08
CA ILE K 457 119.79 -20.33 -61.88
C ILE K 457 119.21 -19.24 -61.00
N TYR K 458 118.65 -19.59 -59.84
CA TYR K 458 118.07 -18.60 -58.94
C TYR K 458 119.14 -17.78 -58.23
N ASN K 459 120.37 -18.29 -58.14
CA ASN K 459 121.46 -17.58 -57.48
C ASN K 459 122.17 -16.65 -58.46
N SER K 460 121.40 -15.68 -58.96
CA SER K 460 121.91 -14.75 -59.96
C SER K 460 121.28 -13.39 -59.72
N LEU K 461 121.96 -12.36 -60.22
CA LEU K 461 121.50 -10.98 -60.11
C LEU K 461 121.22 -10.42 -61.49
N LEU K 462 120.07 -9.79 -61.64
CA LEU K 462 119.66 -9.18 -62.90
C LEU K 462 119.35 -7.70 -62.67
N GLY K 463 119.96 -6.84 -63.46
CA GLY K 463 119.74 -5.41 -63.37
C GLY K 463 118.71 -4.94 -64.38
N ILE K 464 117.63 -4.36 -63.87
CA ILE K 464 116.50 -3.94 -64.70
C ILE K 464 116.42 -2.42 -64.67
N SER K 465 116.34 -1.81 -65.85
CA SER K 465 116.20 -0.36 -65.97
C SER K 465 115.36 -0.06 -67.20
N SER K 466 114.76 1.13 -67.20
CA SER K 466 113.90 1.54 -68.30
C SER K 466 114.57 2.59 -69.17
N GLU K 470 112.11 8.06 -66.96
CA GLU K 470 112.76 7.85 -65.67
C GLU K 470 113.31 6.43 -65.57
N ALA K 471 114.64 6.31 -65.55
CA ALA K 471 115.31 5.03 -65.48
C ALA K 471 116.26 5.01 -64.29
N GLU K 472 116.17 3.94 -63.49
CA GLU K 472 117.02 3.76 -62.32
C GLU K 472 117.69 2.39 -62.40
N VAL K 473 118.87 2.28 -61.80
CA VAL K 473 119.62 1.03 -61.82
C VAL K 473 119.06 0.15 -60.70
N ARG K 474 118.23 -0.82 -61.06
CA ARG K 474 117.57 -1.69 -60.10
C ARG K 474 118.16 -3.09 -60.24
N ILE K 475 119.11 -3.43 -59.37
CA ILE K 475 119.74 -4.74 -59.38
C ILE K 475 118.80 -5.70 -58.63
N TYR K 476 118.04 -6.49 -59.37
CA TYR K 476 117.12 -7.45 -58.80
C TYR K 476 117.88 -8.72 -58.43
N SER K 477 117.15 -9.78 -58.12
CA SER K 477 117.73 -11.10 -57.91
C SER K 477 116.81 -12.13 -58.55
N LEU K 478 117.42 -13.25 -58.99
CA LEU K 478 116.67 -14.28 -59.68
C LEU K 478 116.01 -15.29 -58.75
N ALA K 479 116.31 -15.25 -57.45
CA ALA K 479 115.56 -16.07 -56.51
C ALA K 479 114.43 -15.33 -55.83
N ARG K 480 114.46 -14.00 -55.83
CA ARG K 480 113.40 -13.16 -55.27
C ARG K 480 113.09 -12.12 -56.34
N LYS K 481 112.15 -12.45 -57.21
CA LYS K 481 111.79 -11.61 -58.34
C LYS K 481 110.83 -10.49 -57.98
N TYR K 482 110.32 -10.49 -56.75
CA TYR K 482 109.36 -9.48 -56.32
C TYR K 482 110.00 -8.30 -55.60
N ILE K 483 111.25 -8.45 -55.16
CA ILE K 483 111.94 -7.40 -54.42
C ILE K 483 113.28 -7.12 -55.08
N PRO K 484 113.58 -5.86 -55.44
CA PRO K 484 114.91 -5.56 -55.96
C PRO K 484 115.94 -5.63 -54.84
N LYS K 485 117.10 -6.21 -55.16
CA LYS K 485 118.15 -6.33 -54.15
C LYS K 485 118.88 -5.02 -53.94
N HIS K 486 119.33 -4.38 -55.02
CA HIS K 486 120.07 -3.12 -54.93
C HIS K 486 119.49 -2.11 -55.91
N VAL K 487 119.25 -0.90 -55.42
CA VAL K 487 118.70 0.18 -56.23
C VAL K 487 119.70 1.33 -56.24
N LEU K 488 120.04 1.80 -57.43
CA LEU K 488 120.94 2.93 -57.62
C LEU K 488 120.18 3.95 -58.48
N LEU K 489 119.38 4.78 -57.82
CA LEU K 489 118.50 5.70 -58.53
C LEU K 489 119.13 7.03 -58.89
N SER K 490 120.30 7.34 -58.34
CA SER K 490 121.11 8.54 -58.64
C SER K 490 120.26 9.78 -58.31
N GLU K 491 120.25 10.78 -59.18
CA GLU K 491 119.36 11.93 -59.03
C GLU K 491 118.65 12.31 -60.32
N THR K 492 119.07 11.78 -61.46
CA THR K 492 118.49 12.04 -62.77
C THR K 492 118.20 10.71 -63.43
N PRO K 493 117.26 10.68 -64.39
CA PRO K 493 117.02 9.43 -65.14
C PRO K 493 118.25 8.96 -65.89
N SER K 494 118.44 7.65 -65.92
CA SER K 494 119.65 7.06 -66.48
C SER K 494 119.49 6.76 -67.96
N LEU K 495 120.63 6.75 -68.66
CA LEU K 495 120.65 6.40 -70.08
C LEU K 495 121.36 5.09 -70.36
N GLY K 496 122.19 4.60 -69.45
CA GLY K 496 122.86 3.34 -69.63
C GLY K 496 123.64 2.96 -68.40
N LEU K 497 123.96 1.67 -68.31
CA LEU K 497 124.69 1.14 -67.17
C LEU K 497 125.55 -0.02 -67.64
N VAL K 498 126.58 -0.35 -66.85
CA VAL K 498 127.52 -1.40 -67.22
C VAL K 498 128.13 -1.98 -65.95
N TRP K 499 128.52 -3.25 -66.02
CA TRP K 499 129.23 -3.94 -64.95
C TRP K 499 130.71 -4.01 -65.29
N TRP K 500 131.53 -3.37 -64.45
CA TRP K 500 132.98 -3.46 -64.68
C TRP K 500 133.52 -4.81 -64.22
N ASP K 501 133.01 -5.33 -63.11
CA ASP K 501 133.46 -6.59 -62.54
C ASP K 501 132.30 -7.21 -61.79
N GLU K 502 132.59 -8.19 -60.94
CA GLU K 502 131.55 -8.79 -60.11
C GLU K 502 131.03 -7.85 -59.03
N ASN K 503 131.82 -6.86 -58.65
CA ASN K 503 131.43 -5.96 -57.58
C ASN K 503 131.34 -4.50 -58.01
N LEU K 504 131.84 -4.15 -59.19
CA LEU K 504 131.82 -2.77 -59.66
C LEU K 504 130.78 -2.64 -60.76
N ILE K 505 129.98 -1.58 -60.69
CA ILE K 505 128.96 -1.27 -61.68
C ILE K 505 129.07 0.22 -62.01
N PHE K 506 129.04 0.53 -63.30
CA PHE K 506 129.19 1.91 -63.76
C PHE K 506 128.02 2.28 -64.65
N ASN K 507 127.68 3.57 -64.65
CA ASN K 507 126.50 4.03 -65.38
C ASN K 507 126.65 5.51 -65.69
N ILE K 508 125.78 5.97 -66.61
CA ILE K 508 125.62 7.38 -66.92
C ILE K 508 124.14 7.70 -66.78
N ASP K 509 123.85 8.99 -66.65
CA ASP K 509 122.49 9.45 -66.40
C ASP K 509 122.26 10.76 -67.17
N LYS K 510 121.10 11.36 -66.93
CA LYS K 510 120.76 12.63 -67.56
C LYS K 510 121.58 13.79 -67.01
N GLY K 511 122.18 13.62 -65.84
CA GLY K 511 123.04 14.63 -65.25
C GLY K 511 124.44 14.66 -65.80
N THR K 512 124.74 13.81 -66.80
CA THR K 512 126.06 13.70 -67.46
C THR K 512 127.16 13.43 -66.44
N ARG K 513 126.91 12.50 -65.52
CA ARG K 513 127.86 12.12 -64.49
C ARG K 513 128.20 10.64 -64.63
N ILE K 514 129.49 10.35 -64.71
CA ILE K 514 129.95 8.96 -64.68
C ILE K 514 130.00 8.54 -63.22
N ASN K 515 129.26 7.49 -62.89
CA ASN K 515 129.12 7.06 -61.51
C ASN K 515 129.51 5.60 -61.35
N GLY K 516 130.21 5.29 -60.27
CA GLY K 516 130.60 3.92 -59.98
C GLY K 516 130.22 3.49 -58.57
N TRP K 517 129.57 2.33 -58.47
CA TRP K 517 129.11 1.81 -57.19
C TRP K 517 129.76 0.47 -56.90
N ASP K 518 129.84 0.15 -55.60
CA ASP K 518 130.24 -1.16 -55.14
C ASP K 518 129.02 -1.81 -54.51
N ILE K 519 128.61 -2.97 -55.04
CA ILE K 519 127.38 -3.61 -54.61
C ILE K 519 127.51 -4.25 -53.23
N ASN K 520 128.73 -4.51 -52.78
CA ASN K 520 128.93 -5.08 -51.46
C ASN K 520 128.98 -4.03 -50.36
N LYS K 521 128.97 -2.74 -50.72
CA LYS K 521 128.87 -1.65 -49.76
C LYS K 521 127.52 -0.96 -49.79
N GLU K 522 126.73 -1.18 -50.82
CA GLU K 522 125.39 -0.65 -50.97
C GLU K 522 124.38 -1.48 -50.17
N PRO K 523 123.46 -0.84 -49.46
CA PRO K 523 122.48 -1.59 -48.66
C PRO K 523 121.42 -2.24 -49.56
N THR K 524 120.48 -2.92 -48.92
CA THR K 524 119.44 -3.65 -49.64
C THR K 524 118.05 -3.14 -49.26
N VAL K 525 117.09 -3.43 -50.13
CA VAL K 525 115.71 -3.03 -49.90
C VAL K 525 115.09 -3.88 -48.80
N LEU K 526 115.30 -5.21 -48.86
CA LEU K 526 114.81 -6.23 -47.93
C LEU K 526 114.85 -5.80 -46.47
N GLU K 527 115.94 -5.14 -46.08
CA GLU K 527 116.14 -4.58 -44.75
C GLU K 527 114.95 -3.73 -44.34
N ASN K 528 114.74 -2.62 -45.05
CA ASN K 528 113.68 -1.67 -44.73
C ASN K 528 112.33 -2.15 -45.24
N LEU K 529 111.95 -3.37 -44.90
CA LEU K 529 110.66 -3.96 -45.27
C LEU K 529 110.03 -4.50 -44.00
N SER K 530 108.96 -3.84 -43.55
CA SER K 530 108.24 -4.23 -42.33
C SER K 530 107.88 -5.71 -42.32
N LYS K 531 108.15 -6.36 -41.20
CA LYS K 531 107.93 -7.80 -41.08
C LYS K 531 106.71 -8.17 -40.26
N ASN K 532 106.11 -7.21 -39.54
CA ASN K 532 104.91 -7.49 -38.78
C ASN K 532 104.10 -6.22 -38.61
N THR K 533 102.81 -6.41 -38.33
CA THR K 533 101.92 -5.30 -38.03
C THR K 533 100.86 -5.79 -37.06
N THR K 534 100.32 -4.86 -36.27
CA THR K 534 99.33 -5.17 -35.25
C THR K 534 98.16 -4.22 -35.36
N THR K 535 96.95 -4.77 -35.23
CA THR K 535 95.73 -3.98 -35.23
C THR K 535 94.78 -4.51 -34.16
N TRP K 536 93.92 -3.62 -33.66
CA TRP K 536 92.91 -3.95 -32.69
C TRP K 536 91.52 -3.84 -33.32
N ARG K 537 90.66 -4.78 -32.98
CA ARG K 537 89.28 -4.76 -33.46
C ARG K 537 88.36 -4.03 -32.52
N ASP K 538 88.51 -4.25 -31.21
CA ASP K 538 87.63 -3.64 -30.25
C ASP K 538 88.43 -3.37 -28.97
N LEU K 539 87.72 -3.12 -27.87
CA LEU K 539 88.36 -2.67 -26.65
C LEU K 539 89.12 -3.80 -25.97
N ASP K 540 88.40 -4.88 -25.65
CA ASP K 540 88.97 -5.93 -24.82
C ASP K 540 90.01 -6.76 -25.54
N GLY K 541 89.90 -6.89 -26.86
CA GLY K 541 90.87 -7.67 -27.60
C GLY K 541 90.29 -8.90 -28.26
N ASN K 542 89.02 -8.83 -28.68
CA ASN K 542 88.42 -9.95 -29.39
C ASN K 542 89.09 -10.20 -30.73
N GLY K 543 89.60 -9.15 -31.36
CA GLY K 543 90.35 -9.29 -32.59
C GLY K 543 91.71 -8.63 -32.52
N LEU K 544 92.77 -9.43 -32.64
CA LEU K 544 94.14 -8.93 -32.57
C LEU K 544 94.95 -9.67 -33.61
N LEU K 545 95.35 -8.97 -34.68
CA LEU K 545 96.15 -9.62 -35.72
C LEU K 545 97.63 -9.32 -35.56
N SER K 546 98.43 -10.25 -36.05
CA SER K 546 99.88 -10.11 -36.15
C SER K 546 100.35 -11.05 -37.24
N VAL K 547 101.11 -10.52 -38.20
CA VAL K 547 101.52 -11.32 -39.35
C VAL K 547 102.65 -12.25 -38.94
N ASP K 548 102.43 -13.54 -39.07
CA ASP K 548 103.46 -14.55 -38.78
C ASP K 548 104.11 -14.96 -40.09
N GLN K 549 105.28 -14.39 -40.36
CA GLN K 549 106.03 -14.70 -41.56
C GLN K 549 107.50 -14.87 -41.21
N GLU K 550 108.20 -15.62 -42.05
CA GLU K 550 109.61 -15.91 -41.87
C GLU K 550 110.42 -15.04 -42.84
N ILE K 551 111.42 -14.35 -42.32
CA ILE K 551 112.26 -13.49 -43.13
C ILE K 551 113.18 -14.34 -44.00
N GLY K 552 112.88 -14.43 -45.29
CA GLY K 552 113.68 -15.22 -46.19
C GLY K 552 114.93 -14.50 -46.65
N SER K 553 115.73 -15.21 -47.42
CA SER K 553 116.99 -14.71 -47.96
C SER K 553 116.92 -14.58 -49.47
N TYR K 554 117.92 -13.90 -50.03
CA TYR K 554 118.02 -13.72 -51.47
C TYR K 554 118.48 -14.99 -52.19
N GLU K 555 118.93 -15.99 -51.46
CA GLU K 555 119.38 -17.26 -52.02
C GLU K 555 118.41 -18.37 -51.63
N VAL K 556 118.69 -19.58 -52.12
CA VAL K 556 117.83 -20.72 -51.85
C VAL K 556 118.65 -22.01 -51.73
N ALA K 654 111.23 -21.36 -52.52
CA ALA K 654 110.27 -20.26 -52.48
C ALA K 654 110.05 -19.78 -51.05
N ILE K 655 108.91 -19.13 -50.81
CA ILE K 655 108.55 -18.60 -49.50
C ILE K 655 107.21 -19.22 -49.09
N GLU K 656 107.18 -19.81 -47.91
CA GLU K 656 105.94 -20.35 -47.37
C GLU K 656 104.95 -19.21 -47.10
N PRO K 657 103.68 -19.38 -47.44
CA PRO K 657 102.69 -18.32 -47.21
C PRO K 657 102.49 -18.04 -45.72
N PRO K 658 102.51 -16.78 -45.34
CA PRO K 658 102.37 -16.42 -43.92
C PRO K 658 100.98 -16.73 -43.38
N CYS K 659 100.93 -17.06 -42.09
CA CYS K 659 99.68 -17.32 -41.39
C CYS K 659 99.28 -16.10 -40.58
N ILE K 660 98.13 -15.52 -40.89
CA ILE K 660 97.65 -14.33 -40.20
C ILE K 660 96.95 -14.77 -38.92
N ILE K 661 97.46 -14.31 -37.77
CA ILE K 661 97.09 -14.87 -36.48
C ILE K 661 96.11 -13.93 -35.78
N THR K 662 94.88 -14.37 -35.59
CA THR K 662 93.92 -13.69 -34.74
C THR K 662 93.76 -14.46 -33.43
N LEU K 663 93.50 -13.72 -32.37
CA LEU K 663 93.36 -14.32 -31.04
C LEU K 663 92.21 -13.66 -30.30
N ASP K 664 91.42 -14.49 -29.62
CA ASP K 664 90.43 -14.00 -28.65
C ASP K 664 91.19 -13.77 -27.35
N ILE K 665 91.73 -12.56 -27.19
CA ILE K 665 92.57 -12.25 -26.03
C ILE K 665 91.82 -12.39 -24.70
N PRO K 666 90.57 -11.89 -24.54
CA PRO K 666 89.86 -12.17 -23.27
C PRO K 666 89.60 -13.64 -23.00
N GLN K 667 89.31 -14.44 -24.02
CA GLN K 667 89.03 -15.85 -23.80
C GLN K 667 90.28 -16.61 -23.36
N ILE K 668 91.41 -16.37 -24.05
CA ILE K 668 92.66 -17.03 -23.69
C ILE K 668 93.14 -16.53 -22.33
N PHE K 669 92.96 -15.25 -22.03
CA PHE K 669 93.34 -14.70 -20.74
C PHE K 669 92.52 -15.30 -19.61
N ASN K 670 91.21 -15.48 -19.83
CA ASN K 670 90.37 -16.10 -18.81
C ASN K 670 90.74 -17.57 -18.61
N ASN K 671 91.06 -18.27 -19.70
CA ASN K 671 91.51 -19.65 -19.59
C ASN K 671 92.82 -19.75 -18.81
N ILE K 672 93.75 -18.82 -19.07
CA ILE K 672 95.03 -18.79 -18.36
C ILE K 672 94.81 -18.51 -16.88
N ARG K 673 93.92 -17.56 -16.58
CA ARG K 673 93.64 -17.21 -15.19
C ARG K 673 92.99 -18.38 -14.44
N LEU K 674 92.02 -19.04 -15.07
CA LEU K 674 91.35 -20.16 -14.42
C LEU K 674 92.27 -21.36 -14.27
N THR K 675 93.22 -21.53 -15.18
CA THR K 675 94.21 -22.60 -15.03
C THR K 675 95.20 -22.28 -13.92
N LYS K 676 95.62 -21.01 -13.82
CA LYS K 676 96.64 -20.64 -12.84
C LYS K 676 96.09 -20.63 -11.42
N ILE K 677 94.88 -20.11 -11.22
CA ILE K 677 94.32 -20.04 -9.87
C ILE K 677 93.72 -21.35 -9.39
N ALA K 678 93.74 -22.39 -10.22
CA ALA K 678 93.23 -23.69 -9.80
C ALA K 678 94.18 -24.42 -8.86
N HIS K 679 95.45 -24.01 -8.81
CA HIS K 679 96.50 -24.60 -7.98
C HIS K 679 96.67 -26.10 -8.21
N SER K 695 82.88 -12.42 -21.15
CA SER K 695 82.56 -11.78 -22.42
C SER K 695 82.33 -10.28 -22.22
N PRO K 696 83.40 -9.49 -22.37
CA PRO K 696 83.25 -8.03 -22.24
C PRO K 696 82.37 -7.39 -23.30
N VAL K 697 82.24 -8.01 -24.47
CA VAL K 697 81.40 -7.42 -25.53
C VAL K 697 79.93 -7.49 -25.15
N GLU K 698 79.49 -8.62 -24.60
CA GLU K 698 78.11 -8.76 -24.16
C GLU K 698 77.81 -7.80 -23.01
N LYS K 699 78.77 -7.64 -22.09
CA LYS K 699 78.61 -6.69 -21.00
C LYS K 699 78.53 -5.26 -21.53
N PHE K 700 79.34 -4.94 -22.54
CA PHE K 700 79.31 -3.61 -23.14
C PHE K 700 77.96 -3.34 -23.80
N LYS K 701 77.44 -4.33 -24.52
CA LYS K 701 76.11 -4.18 -25.14
C LYS K 701 75.03 -3.99 -24.09
N TYR K 702 75.10 -4.77 -23.01
CA TYR K 702 74.06 -4.71 -21.98
C TYR K 702 74.07 -3.38 -21.26
N LEU K 703 75.27 -2.90 -20.89
CA LEU K 703 75.38 -1.62 -20.20
C LEU K 703 75.11 -0.45 -21.12
N ALA K 704 75.32 -0.61 -22.43
CA ALA K 704 74.87 0.41 -23.36
C ALA K 704 73.36 0.48 -23.41
N ARG K 705 72.70 -0.68 -23.48
CA ARG K 705 71.26 -0.68 -23.72
C ARG K 705 70.45 -0.31 -22.47
N GLN K 706 70.91 -0.67 -21.26
CA GLN K 706 70.04 -0.49 -20.10
C GLN K 706 70.36 0.67 -19.19
N LEU K 707 71.58 1.21 -19.22
CA LEU K 707 71.84 2.43 -18.45
C LEU K 707 71.12 3.62 -19.05
N LYS K 708 70.70 4.55 -18.19
CA LYS K 708 69.97 5.73 -18.59
C LYS K 708 70.96 6.87 -18.78
N PHE K 709 71.56 6.93 -19.97
CA PHE K 709 72.49 8.01 -20.29
C PHE K 709 71.78 9.36 -20.33
N SER K 710 70.57 9.40 -20.86
CA SER K 710 69.87 10.65 -21.07
C SER K 710 69.31 11.19 -19.76
N TYR K 711 69.17 12.51 -19.71
CA TYR K 711 68.54 13.14 -18.55
C TYR K 711 67.03 12.96 -18.58
N ILE K 712 66.41 13.04 -19.75
CA ILE K 712 64.98 12.88 -19.86
C ILE K 712 64.63 11.44 -20.18
N VAL K 836 63.67 34.59 -9.89
CA VAL K 836 64.91 33.90 -9.55
C VAL K 836 64.60 32.63 -8.75
N GLU K 837 63.40 32.59 -8.16
CA GLU K 837 62.99 31.41 -7.41
C GLU K 837 62.67 30.25 -8.35
N ALA K 838 62.24 30.56 -9.58
CA ALA K 838 61.94 29.52 -10.55
C ALA K 838 63.20 28.77 -10.96
N GLU K 839 64.32 29.48 -11.10
CA GLU K 839 65.59 28.82 -11.41
C GLU K 839 66.02 27.91 -10.26
N LEU K 840 65.78 28.35 -9.02
CA LEU K 840 66.09 27.51 -7.86
C LEU K 840 65.21 26.25 -7.84
N GLN K 841 63.93 26.40 -8.17
CA GLN K 841 63.04 25.25 -8.21
C GLN K 841 63.42 24.29 -9.33
N GLU K 842 63.82 24.84 -10.49
CA GLU K 842 64.28 24.00 -11.58
C GLU K 842 65.55 23.24 -11.22
N LYS K 843 66.46 23.91 -10.52
CA LYS K 843 67.69 23.25 -10.07
C LYS K 843 67.39 22.17 -9.04
N ILE K 844 66.41 22.42 -8.17
CA ILE K 844 66.01 21.43 -7.16
C ILE K 844 65.42 20.19 -7.84
N GLN K 845 64.54 20.40 -8.83
CA GLN K 845 63.98 19.27 -9.55
C GLN K 845 65.03 18.53 -10.38
N THR K 846 66.01 19.26 -10.92
CA THR K 846 67.12 18.62 -11.63
C THR K 846 67.94 17.74 -10.70
N LEU K 847 68.22 18.23 -9.49
CA LEU K 847 68.94 17.40 -8.52
C LEU K 847 68.11 16.19 -8.11
N VAL K 848 66.79 16.34 -7.99
CA VAL K 848 65.94 15.24 -7.56
C VAL K 848 65.90 14.12 -8.62
N ASP K 849 65.66 14.48 -9.87
CA ASP K 849 65.59 13.40 -10.85
C ASP K 849 66.97 12.92 -11.28
N LEU K 850 68.03 13.70 -11.05
CA LEU K 850 69.37 13.14 -11.19
C LEU K 850 69.68 12.14 -10.09
N ILE K 851 69.16 12.37 -8.88
CA ILE K 851 69.28 11.38 -7.82
C ILE K 851 68.56 10.10 -8.21
N SER K 852 67.37 10.25 -8.80
CA SER K 852 66.62 9.08 -9.27
C SER K 852 67.36 8.33 -10.37
N ILE K 853 67.96 9.06 -11.31
CA ILE K 853 68.73 8.43 -12.40
C ILE K 853 69.96 7.70 -11.85
N ALA K 854 70.63 8.31 -10.87
CA ALA K 854 71.79 7.66 -10.24
C ALA K 854 71.37 6.40 -9.50
N THR K 855 70.20 6.44 -8.85
CA THR K 855 69.67 5.27 -8.17
C THR K 855 69.37 4.16 -9.16
N HIS K 856 68.80 4.50 -10.32
CA HIS K 856 68.53 3.50 -11.35
C HIS K 856 69.82 2.89 -11.90
N ASN K 857 70.85 3.71 -12.13
CA ASN K 857 72.11 3.20 -12.64
C ASN K 857 72.83 2.33 -11.62
N ALA K 858 72.67 2.65 -10.33
CA ALA K 858 73.20 1.77 -9.31
C ALA K 858 72.40 0.48 -9.24
N SER K 859 71.10 0.56 -9.48
CA SER K 859 70.27 -0.63 -9.40
C SER K 859 70.62 -1.61 -10.51
N VAL K 860 70.87 -1.09 -11.72
CA VAL K 860 71.22 -1.99 -12.82
C VAL K 860 72.63 -2.58 -12.62
N TYR K 861 73.57 -1.79 -12.08
CA TYR K 861 74.88 -2.36 -11.76
C TYR K 861 74.80 -3.43 -10.68
N LEU K 862 74.00 -3.19 -9.65
CA LEU K 862 73.80 -4.22 -8.62
C LEU K 862 73.05 -5.43 -9.18
N SER K 863 72.21 -5.21 -10.20
CA SER K 863 71.52 -6.30 -10.86
C SER K 863 72.48 -7.21 -11.61
N ILE K 864 73.48 -6.64 -12.28
CA ILE K 864 74.44 -7.51 -12.97
C ILE K 864 75.57 -7.90 -12.05
N ASP K 865 75.45 -7.55 -10.75
CA ASP K 865 76.37 -7.94 -9.69
C ASP K 865 77.79 -7.47 -10.00
N ASP K 866 77.93 -6.15 -10.11
CA ASP K 866 79.22 -5.49 -10.27
C ASP K 866 79.31 -4.42 -9.19
N LEU K 867 80.09 -4.69 -8.14
CA LEU K 867 80.10 -3.79 -7.00
C LEU K 867 80.98 -2.57 -7.23
N THR K 868 82.05 -2.73 -8.03
CA THR K 868 83.02 -1.67 -8.21
C THR K 868 82.46 -0.46 -8.95
N ASN K 869 81.39 -0.64 -9.73
CA ASN K 869 80.70 0.46 -10.37
C ASN K 869 79.38 0.79 -9.71
N PHE K 870 78.84 -0.13 -8.91
CA PHE K 870 77.71 0.19 -8.06
C PHE K 870 78.08 1.24 -7.02
N LYS K 871 79.28 1.10 -6.44
CA LYS K 871 79.75 2.06 -5.44
C LYS K 871 79.92 3.45 -6.02
N ILE K 872 80.28 3.55 -7.30
CA ILE K 872 80.49 4.84 -7.95
C ILE K 872 79.17 5.62 -7.99
N TRP K 873 78.10 4.94 -8.38
CA TRP K 873 76.82 5.62 -8.47
C TRP K 873 76.19 5.85 -7.10
N ILE K 874 76.52 5.02 -6.11
CA ILE K 874 76.10 5.34 -4.75
C ILE K 874 76.80 6.61 -4.25
N LEU K 875 78.10 6.75 -4.54
CA LEU K 875 78.82 7.96 -4.19
C LEU K 875 78.25 9.18 -4.90
N ILE K 876 77.91 9.03 -6.17
CA ILE K 876 77.34 10.14 -6.95
C ILE K 876 75.98 10.53 -6.39
N ARG K 877 75.15 9.55 -6.04
CA ARG K 877 73.83 9.84 -5.46
C ARG K 877 73.96 10.54 -4.10
N ASP K 878 74.92 10.10 -3.29
CA ASP K 878 75.10 10.73 -1.98
C ASP K 878 75.65 12.15 -2.12
N SER K 879 76.51 12.39 -3.11
CA SER K 879 77.00 13.74 -3.35
C SER K 879 75.89 14.65 -3.85
N LEU K 880 75.00 14.13 -4.69
CA LEU K 880 73.86 14.92 -5.14
C LEU K 880 72.88 15.18 -4.01
N LEU K 881 72.74 14.24 -3.08
CA LEU K 881 71.93 14.48 -1.89
C LEU K 881 72.53 15.58 -1.02
N TRP K 882 73.85 15.59 -0.90
CA TRP K 882 74.54 16.64 -0.18
C TRP K 882 74.30 18.01 -0.82
N ASP K 883 74.40 18.07 -2.15
CA ASP K 883 74.15 19.33 -2.85
C ASP K 883 72.69 19.75 -2.74
N LEU K 884 71.77 18.77 -2.74
CA LEU K 884 70.35 19.08 -2.61
C LEU K 884 70.03 19.66 -1.25
N LYS K 885 70.58 19.08 -0.17
CA LYS K 885 70.32 19.63 1.15
C LYS K 885 71.03 20.97 1.34
N TRP K 886 72.18 21.18 0.68
CA TRP K 886 72.83 22.48 0.78
C TRP K 886 72.07 23.55 0.02
N MET K 887 71.43 23.19 -1.08
CA MET K 887 70.58 24.15 -1.80
C MET K 887 69.28 24.41 -1.03
N THR K 888 68.74 23.38 -0.39
CA THR K 888 67.50 23.53 0.37
C THR K 888 67.70 24.39 1.61
N SER K 889 68.83 24.21 2.31
CA SER K 889 69.08 25.01 3.51
C SER K 889 69.37 26.47 3.21
N SER K 890 69.79 26.80 1.99
CA SER K 890 70.08 28.18 1.63
C SER K 890 68.79 28.97 1.38
N ILE K 1154 92.59 28.70 0.91
CA ILE K 1154 91.60 27.72 1.30
C ILE K 1154 91.45 26.70 0.17
N ALA K 1155 91.02 25.47 0.52
CA ALA K 1155 90.82 24.42 -0.44
C ALA K 1155 89.49 23.74 -0.19
N ASP K 1156 88.91 23.18 -1.25
CA ASP K 1156 87.64 22.50 -1.15
C ASP K 1156 87.81 21.16 -0.44
N PRO K 1157 86.79 20.70 0.30
CA PRO K 1157 86.87 19.38 0.90
C PRO K 1157 86.78 18.30 -0.17
N PRO K 1158 87.34 17.12 0.09
CA PRO K 1158 87.25 16.03 -0.90
C PRO K 1158 85.85 15.49 -1.11
N TRP K 1159 84.96 15.63 -0.13
CA TRP K 1159 83.62 15.08 -0.25
C TRP K 1159 82.64 16.05 -0.89
N ASP K 1160 83.13 17.14 -1.46
CA ASP K 1160 82.27 18.08 -2.15
C ASP K 1160 81.67 17.43 -3.40
N THR K 1161 80.46 17.86 -3.76
CA THR K 1161 79.71 17.22 -4.83
C THR K 1161 80.34 17.45 -6.20
N LYS K 1162 81.19 18.46 -6.34
CA LYS K 1162 81.85 18.71 -7.62
C LYS K 1162 83.18 18.00 -7.70
N LYS K 1163 83.99 18.09 -6.64
CA LYS K 1163 85.32 17.51 -6.66
C LYS K 1163 85.28 15.99 -6.69
N LEU K 1164 84.32 15.39 -5.98
CA LEU K 1164 84.21 13.95 -5.97
C LEU K 1164 83.77 13.42 -7.33
N ILE K 1165 82.83 14.09 -7.98
CA ILE K 1165 82.38 13.68 -9.32
C ILE K 1165 83.51 13.84 -10.33
N LYS K 1166 84.25 14.95 -10.26
CA LYS K 1166 85.37 15.15 -11.18
C LYS K 1166 86.47 14.12 -10.95
N GLN K 1167 86.73 13.76 -9.68
CA GLN K 1167 87.74 12.77 -9.38
C GLN K 1167 87.32 11.38 -9.83
N LEU K 1168 86.04 11.06 -9.67
CA LEU K 1168 85.53 9.77 -10.16
C LEU K 1168 85.60 9.69 -11.67
N TYR K 1169 85.30 10.79 -12.36
CA TYR K 1169 85.41 10.83 -13.81
C TYR K 1169 86.86 10.66 -14.25
N ASN K 1170 87.80 11.32 -13.54
CA ASN K 1170 89.20 11.19 -13.90
C ASN K 1170 89.72 9.78 -13.66
N GLN K 1171 89.30 9.15 -12.56
CA GLN K 1171 89.68 7.76 -12.31
C GLN K 1171 89.08 6.83 -13.34
N ALA K 1172 87.85 7.12 -13.79
CA ALA K 1172 87.22 6.31 -14.82
C ALA K 1172 87.95 6.43 -16.16
N THR K 1173 88.29 7.66 -16.54
CA THR K 1173 88.98 7.85 -17.81
C THR K 1173 90.45 7.46 -17.76
N GLU K 1174 91.01 7.27 -16.56
CA GLU K 1174 92.32 6.62 -16.48
C GLU K 1174 92.20 5.10 -16.48
N THR K 1175 91.11 4.57 -15.92
CA THR K 1175 90.93 3.13 -15.91
C THR K 1175 90.53 2.60 -17.28
N GLY K 1176 89.69 3.33 -18.00
CA GLY K 1176 89.21 2.91 -19.29
C GLY K 1176 87.74 2.52 -19.36
N ASN K 1177 87.00 2.70 -18.28
CA ASN K 1177 85.57 2.39 -18.26
C ASN K 1177 84.84 3.44 -19.09
N VAL K 1178 84.55 3.10 -20.35
CA VAL K 1178 84.00 4.08 -21.29
C VAL K 1178 82.57 4.44 -20.92
N VAL K 1179 81.78 3.44 -20.51
CA VAL K 1179 80.35 3.64 -20.24
C VAL K 1179 80.15 4.66 -19.13
N LEU K 1180 80.89 4.52 -18.04
CA LEU K 1180 80.72 5.41 -16.90
C LEU K 1180 81.30 6.79 -17.19
N THR K 1181 82.43 6.85 -17.90
CA THR K 1181 83.05 8.15 -18.16
C THR K 1181 82.31 8.94 -19.23
N VAL K 1182 81.40 8.31 -19.96
CA VAL K 1182 80.57 9.02 -20.92
C VAL K 1182 79.21 9.32 -20.28
N ASN K 1183 78.77 8.43 -19.39
CA ASN K 1183 77.51 8.65 -18.67
C ASN K 1183 77.59 9.86 -17.76
N ILE K 1184 78.72 10.01 -17.06
CA ILE K 1184 78.91 11.18 -16.21
C ILE K 1184 78.97 12.45 -17.06
N LEU K 1185 79.56 12.36 -18.25
CA LEU K 1185 79.62 13.52 -19.13
C LEU K 1185 78.26 13.92 -19.68
N PHE K 1186 77.36 12.95 -19.92
CA PHE K 1186 75.97 13.33 -20.21
C PHE K 1186 75.31 13.97 -19.01
N LEU K 1187 75.34 13.30 -17.85
CA LEU K 1187 74.41 13.66 -16.80
C LEU K 1187 74.85 14.88 -15.99
N PHE K 1188 76.14 15.20 -15.96
CA PHE K 1188 76.67 16.21 -15.06
C PHE K 1188 77.60 17.17 -15.78
N GLN K 1189 77.17 17.70 -16.92
CA GLN K 1189 78.01 18.63 -17.67
C GLN K 1189 77.56 20.08 -17.54
N THR K 1190 76.26 20.35 -17.69
CA THR K 1190 75.79 21.73 -17.68
C THR K 1190 75.82 22.31 -16.27
N ILE K 1191 75.35 21.55 -15.28
CA ILE K 1191 75.29 22.07 -13.92
C ILE K 1191 76.68 22.11 -13.29
N TYR K 1192 77.50 21.10 -13.52
CA TYR K 1192 78.85 21.02 -12.97
C TYR K 1192 79.84 20.99 -14.12
N GLN K 1193 80.70 21.99 -14.20
CA GLN K 1193 81.71 22.03 -15.24
C GLN K 1193 82.80 21.03 -14.91
N ILE K 1194 82.83 19.91 -15.64
CA ILE K 1194 83.85 18.89 -15.40
C ILE K 1194 85.12 19.22 -16.16
N THR K 1195 85.03 19.22 -17.49
CA THR K 1195 86.20 19.48 -18.34
C THR K 1195 85.86 20.47 -19.44
N GLU K 1196 86.76 20.58 -20.43
CA GLU K 1196 86.52 21.43 -21.58
C GLU K 1196 85.38 20.88 -22.41
N ILE K 1197 84.68 21.78 -23.10
CA ILE K 1197 83.57 21.38 -23.96
C ILE K 1197 84.07 20.54 -25.12
N ASP K 1198 85.27 20.85 -25.63
CA ASP K 1198 85.85 20.10 -26.74
C ASP K 1198 86.13 18.65 -26.33
N ILE K 1199 86.67 18.44 -25.14
CA ILE K 1199 86.97 17.09 -24.68
C ILE K 1199 85.69 16.30 -24.43
N ALA K 1200 84.67 16.97 -23.89
CA ALA K 1200 83.40 16.28 -23.63
C ALA K 1200 82.71 15.89 -24.93
N LYS K 1201 82.67 16.79 -25.90
CA LYS K 1201 82.06 16.47 -27.19
C LYS K 1201 82.86 15.41 -27.93
N ASP K 1202 84.19 15.43 -27.80
CA ASP K 1202 85.01 14.39 -28.40
C ASP K 1202 84.75 13.04 -27.75
N ALA K 1203 84.51 13.02 -26.44
CA ALA K 1203 84.22 11.77 -25.76
C ALA K 1203 82.85 11.22 -26.16
N ILE K 1204 81.85 12.10 -26.29
CA ILE K 1204 80.54 11.68 -26.77
C ILE K 1204 80.65 11.11 -28.19
N ALA K 1205 81.41 11.80 -29.06
CA ALA K 1205 81.57 11.34 -30.43
C ALA K 1205 82.30 10.01 -30.50
N HIS K 1206 83.32 9.82 -29.66
CA HIS K 1206 84.07 8.58 -29.68
C HIS K 1206 83.24 7.43 -29.15
N PHE K 1207 82.40 7.68 -28.14
CA PHE K 1207 81.50 6.64 -27.67
C PHE K 1207 80.46 6.29 -28.73
N LEU K 1208 79.98 7.30 -29.47
CA LEU K 1208 79.03 7.02 -30.55
C LEU K 1208 79.66 6.20 -31.67
N LEU K 1209 80.90 6.55 -32.06
CA LEU K 1209 81.59 5.77 -33.07
C LEU K 1209 81.91 4.36 -32.59
N LEU K 1210 82.22 4.22 -31.30
CA LEU K 1210 82.43 2.90 -30.73
C LEU K 1210 81.16 2.07 -30.74
N LEU K 1211 80.02 2.71 -30.46
CA LEU K 1211 78.74 2.02 -30.54
C LEU K 1211 78.41 1.63 -31.97
N HIS K 1212 78.76 2.49 -32.93
CA HIS K 1212 78.55 2.18 -34.33
C HIS K 1212 79.47 1.07 -34.82
N ARG K 1213 80.63 0.91 -34.17
CA ARG K 1213 81.54 -0.17 -34.56
C ARG K 1213 80.93 -1.54 -34.29
N TYR K 1214 80.25 -1.69 -33.16
CA TYR K 1214 79.41 -2.85 -32.98
C TYR K 1214 78.08 -2.65 -33.70
N GLU K 1215 77.31 -3.71 -33.80
CA GLU K 1215 75.99 -3.65 -34.44
C GLU K 1215 74.91 -3.22 -33.45
N LEU K 1216 75.12 -2.09 -32.79
CA LEU K 1216 74.15 -1.50 -31.88
C LEU K 1216 73.83 -0.10 -32.39
N PHE K 1217 72.86 -0.02 -33.30
CA PHE K 1217 72.49 1.26 -33.89
C PHE K 1217 71.30 1.92 -33.19
N GLY K 1218 70.37 1.13 -32.65
CA GLY K 1218 69.27 1.71 -31.91
C GLY K 1218 69.72 2.36 -30.62
N ILE K 1219 70.71 1.76 -29.97
CA ILE K 1219 71.30 2.35 -28.77
C ILE K 1219 72.01 3.65 -29.11
N ALA K 1220 72.69 3.68 -30.26
CA ALA K 1220 73.33 4.91 -30.72
C ALA K 1220 72.31 5.98 -31.02
N ALA K 1221 71.17 5.60 -31.61
CA ALA K 1221 70.11 6.57 -31.87
C ALA K 1221 69.51 7.10 -30.58
N ASP K 1222 69.31 6.24 -29.58
CA ASP K 1222 68.80 6.68 -28.29
C ASP K 1222 69.76 7.62 -27.59
N VAL K 1223 71.06 7.33 -27.68
CA VAL K 1223 72.08 8.22 -27.11
C VAL K 1223 72.08 9.56 -27.83
N LEU K 1224 72.03 9.54 -29.16
CA LEU K 1224 72.15 10.76 -29.94
C LEU K 1224 70.89 11.61 -29.90
N LYS K 1225 69.72 11.03 -29.62
CA LYS K 1225 68.48 11.80 -29.66
C LYS K 1225 68.40 12.82 -28.53
N TYR K 1226 68.85 12.44 -27.33
CA TYR K 1226 68.71 13.28 -26.16
C TYR K 1226 70.04 13.85 -25.69
N CYS K 1227 71.02 13.95 -26.58
CA CYS K 1227 72.30 14.51 -26.22
C CYS K 1227 72.19 16.02 -26.04
N PRO K 1228 72.62 16.57 -24.91
CA PRO K 1228 72.52 18.04 -24.71
C PRO K 1228 73.44 18.85 -25.62
N PHE K 1229 74.47 18.23 -26.19
CA PHE K 1229 75.34 18.90 -27.16
C PHE K 1229 74.75 18.76 -28.55
N GLU K 1230 74.58 19.89 -29.23
CA GLU K 1230 73.75 19.97 -30.42
C GLU K 1230 74.52 19.81 -31.72
N ASP K 1231 75.83 19.56 -31.67
CA ASP K 1231 76.62 19.50 -32.88
C ASP K 1231 77.61 18.34 -32.83
N ILE K 1232 77.16 17.19 -32.34
CA ILE K 1232 78.08 16.07 -32.13
C ILE K 1232 78.44 15.41 -33.45
N MET K 1233 77.45 14.91 -34.18
CA MET K 1233 77.67 14.20 -35.44
C MET K 1233 77.09 15.05 -36.57
N GLY K 1234 77.95 15.82 -37.22
CA GLY K 1234 77.54 16.65 -38.34
C GLY K 1234 77.10 18.04 -37.90
N SER K 1235 77.15 18.96 -38.86
CA SER K 1235 76.73 20.33 -38.62
C SER K 1235 75.69 20.83 -39.61
N GLU K 1236 75.23 19.99 -40.53
CA GLU K 1236 74.23 20.39 -41.52
C GLU K 1236 72.81 20.39 -40.97
N GLY K 1237 72.60 19.87 -39.77
CA GLY K 1237 71.27 19.84 -39.19
C GLY K 1237 70.54 18.54 -39.46
N ASP K 1238 69.64 18.56 -40.45
CA ASP K 1238 68.85 17.39 -40.81
C ASP K 1238 69.45 16.74 -42.04
N GLN K 1239 69.94 15.51 -41.89
CA GLN K 1239 70.46 14.74 -43.00
C GLN K 1239 69.65 13.48 -43.28
N SER K 1240 68.62 13.21 -42.48
CA SER K 1240 67.63 12.19 -42.80
C SER K 1240 66.33 12.79 -43.32
N SER K 1241 66.30 14.09 -43.58
CA SER K 1241 65.09 14.74 -44.05
C SER K 1241 64.96 14.57 -45.55
N ILE K 1242 63.76 14.22 -46.00
CA ILE K 1242 63.48 13.90 -47.40
C ILE K 1242 62.41 14.87 -47.89
N ARG K 1243 62.71 15.56 -48.99
CA ARG K 1243 61.77 16.49 -49.60
C ARG K 1243 61.29 15.91 -50.92
N LEU K 1244 59.98 16.04 -51.17
CA LEU K 1244 59.36 15.44 -52.34
C LEU K 1244 58.71 16.51 -53.20
N PHE K 1245 58.72 16.27 -54.50
CA PHE K 1245 57.89 17.03 -55.43
C PHE K 1245 56.59 16.27 -55.65
N CYS K 1246 55.57 17.00 -56.07
CA CYS K 1246 54.26 16.39 -56.23
C CYS K 1246 54.20 15.55 -57.48
N GLU K 1247 53.32 14.56 -57.48
CA GLU K 1247 53.17 13.65 -58.61
C GLU K 1247 52.20 14.17 -59.66
N ARG K 1248 51.55 15.31 -59.43
CA ARG K 1248 50.57 15.84 -60.36
C ARG K 1248 50.90 17.23 -60.88
N CYS K 1249 51.53 18.08 -60.07
CA CYS K 1249 51.90 19.42 -60.51
C CYS K 1249 53.40 19.66 -60.59
N GLY K 1250 54.21 18.91 -59.82
CA GLY K 1250 55.64 19.05 -59.86
C GLY K 1250 56.24 20.04 -58.89
N GLU K 1251 55.43 20.75 -58.12
CA GLU K 1251 55.95 21.66 -57.11
C GLU K 1251 56.40 20.90 -55.87
N LEU K 1252 57.28 21.53 -55.09
CA LEU K 1252 57.86 20.90 -53.92
C LEU K 1252 56.83 20.83 -52.80
N ILE K 1253 56.75 19.67 -52.14
CA ILE K 1253 55.84 19.48 -51.03
C ILE K 1253 56.48 20.02 -49.75
N THR K 1254 56.25 21.29 -49.47
CA THR K 1254 56.66 21.87 -48.21
C THR K 1254 55.49 22.16 -47.26
N ASN K 1255 54.30 22.41 -47.82
CA ASN K 1255 53.04 22.54 -47.07
C ASN K 1255 53.12 23.62 -45.99
N GLU K 1256 53.47 24.83 -46.43
CA GLU K 1256 53.61 25.94 -45.49
C GLU K 1256 52.24 26.42 -45.00
N SER K 1257 51.25 26.42 -45.89
CA SER K 1257 49.92 26.94 -45.54
C SER K 1257 49.24 26.06 -44.49
N SER K 1258 49.29 24.73 -44.68
CA SER K 1258 48.68 23.81 -43.73
C SER K 1258 49.38 23.87 -42.38
N LYS K 1259 50.72 23.94 -42.38
CA LYS K 1259 51.46 24.02 -41.13
C LYS K 1259 51.17 25.32 -40.40
N GLU K 1260 51.07 26.44 -41.12
CA GLU K 1260 50.76 27.72 -40.49
C GLU K 1260 49.37 27.72 -39.90
N LYS K 1261 48.38 27.22 -40.65
CA LYS K 1261 47.01 27.19 -40.16
C LYS K 1261 46.86 26.26 -38.96
N LEU K 1262 47.52 25.10 -38.99
CA LEU K 1262 47.41 24.19 -37.87
C LEU K 1262 48.16 24.69 -36.65
N ARG K 1263 49.28 25.40 -36.85
CA ARG K 1263 49.98 26.02 -35.73
C ARG K 1263 49.14 27.11 -35.07
N ALA K 1264 48.47 27.93 -35.89
CA ALA K 1264 47.58 28.96 -35.33
C ALA K 1264 46.41 28.34 -34.58
N GLU K 1265 45.81 27.29 -35.15
CA GLU K 1265 44.68 26.63 -34.51
C GLU K 1265 45.09 25.97 -33.20
N ALA K 1266 46.26 25.30 -33.18
CA ALA K 1266 46.74 24.67 -31.96
C ALA K 1266 47.16 25.69 -30.92
N GLN K 1267 47.63 26.87 -31.35
CA GLN K 1267 47.91 27.95 -30.41
C GLN K 1267 46.63 28.47 -29.77
N GLN K 1268 45.56 28.59 -30.57
CA GLN K 1268 44.30 29.08 -30.01
C GLN K 1268 43.65 28.04 -29.09
N THR K 1269 43.59 26.79 -29.51
CA THR K 1269 42.85 25.78 -28.76
C THR K 1269 43.67 25.15 -27.64
N GLY K 1270 44.94 25.43 -27.55
CA GLY K 1270 45.76 24.88 -26.48
C GLY K 1270 46.36 23.50 -26.71
N ASN K 1271 45.53 22.53 -27.07
CA ASN K 1271 46.03 21.17 -27.28
C ASN K 1271 46.81 21.08 -28.57
N LYS K 1272 47.87 20.28 -28.55
CA LYS K 1272 48.79 20.16 -29.67
C LYS K 1272 48.52 18.94 -30.54
N LYS K 1273 47.43 18.21 -30.30
CA LYS K 1273 47.08 17.08 -31.14
C LYS K 1273 46.54 17.49 -32.50
N ILE K 1274 46.17 18.77 -32.67
CA ILE K 1274 45.73 19.26 -33.98
C ILE K 1274 46.88 19.26 -34.97
N MET K 1275 48.11 19.45 -34.49
CA MET K 1275 49.29 19.43 -35.37
C MET K 1275 49.61 18.05 -35.89
N ASP K 1276 48.97 16.99 -35.40
CA ASP K 1276 49.12 15.67 -35.99
C ASP K 1276 48.45 15.56 -37.35
N LYS K 1277 47.57 16.50 -37.70
CA LYS K 1277 46.95 16.50 -39.02
C LYS K 1277 47.91 16.96 -40.10
N PHE K 1278 49.01 17.62 -39.74
CA PHE K 1278 49.99 18.03 -40.72
C PHE K 1278 50.76 16.82 -41.27
N GLY K 1279 51.04 16.85 -42.56
CA GLY K 1279 51.80 15.78 -43.18
C GLY K 1279 52.24 16.17 -44.57
N TYR K 1280 53.05 15.30 -45.16
CA TYR K 1280 53.54 15.50 -46.52
C TYR K 1280 52.92 14.52 -47.50
N TRP K 1281 51.77 13.93 -47.16
CA TRP K 1281 51.03 13.05 -48.04
C TRP K 1281 50.01 13.79 -48.89
N TYR K 1282 49.95 15.12 -48.79
CA TYR K 1282 49.03 15.93 -49.56
C TYR K 1282 49.76 17.16 -50.08
N CYS K 1283 49.26 17.70 -51.19
CA CYS K 1283 49.82 18.89 -51.80
C CYS K 1283 48.83 20.04 -51.68
N ASP K 1284 49.29 21.17 -51.15
CA ASP K 1284 48.41 22.31 -50.95
C ASP K 1284 48.22 23.17 -52.19
N SER K 1285 49.05 22.98 -53.21
CA SER K 1285 48.90 23.78 -54.42
C SER K 1285 47.94 23.14 -55.42
N CYS K 1286 48.09 21.83 -55.66
CA CYS K 1286 47.24 21.12 -56.60
C CYS K 1286 46.07 20.43 -55.92
N LYS K 1287 45.93 20.59 -54.59
CA LYS K 1287 44.84 20.02 -53.79
C LYS K 1287 44.77 18.49 -53.93
N LYS K 1288 45.93 17.85 -53.86
CA LYS K 1288 45.98 16.38 -53.86
C LYS K 1288 45.44 15.84 -52.54
N LYS K 1289 44.58 14.83 -52.63
CA LYS K 1289 43.91 14.33 -51.43
C LYS K 1289 44.84 13.48 -50.58
N ASN K 1290 45.33 12.37 -51.12
CA ASN K 1290 46.16 11.46 -50.34
C ASN K 1290 47.05 10.66 -51.27
N THR K 1291 48.08 10.06 -50.68
CA THR K 1291 48.94 9.10 -51.37
C THR K 1291 48.47 7.70 -51.02
N SER K 1292 48.32 6.86 -52.03
CA SER K 1292 47.72 5.55 -51.85
C SER K 1292 48.78 4.46 -51.88
N CYS K 1293 48.49 3.37 -51.18
CA CYS K 1293 49.34 2.18 -51.22
C CYS K 1293 49.26 1.55 -52.60
N VAL K 1294 50.38 0.96 -53.03
CA VAL K 1294 50.44 0.39 -54.37
C VAL K 1294 49.71 -0.94 -54.44
N LEU K 1295 49.53 -1.63 -53.31
CA LEU K 1295 48.88 -2.93 -53.30
C LEU K 1295 47.41 -2.86 -52.91
N CYS K 1296 47.05 -2.10 -51.89
CA CYS K 1296 45.70 -2.12 -51.34
C CYS K 1296 44.89 -0.87 -51.64
N GLU K 1297 45.53 0.19 -52.16
CA GLU K 1297 44.87 1.44 -52.56
C GLU K 1297 44.12 2.10 -51.39
N ARG K 1298 44.74 2.12 -50.24
CA ARG K 1298 44.23 2.77 -49.04
C ARG K 1298 45.04 4.02 -48.73
N PRO K 1299 44.50 4.98 -47.99
CA PRO K 1299 45.27 6.16 -47.61
C PRO K 1299 46.48 5.80 -46.74
N LEU K 1300 47.56 6.54 -46.93
CA LEU K 1300 48.85 6.23 -46.33
C LEU K 1300 49.40 7.49 -45.68
N LYS K 1301 49.64 7.44 -44.38
CA LYS K 1301 49.92 8.68 -43.66
C LYS K 1301 51.20 8.62 -42.83
N LYS K 1302 51.52 7.48 -42.22
CA LYS K 1302 52.52 7.46 -41.15
C LYS K 1302 53.81 6.76 -41.52
N LEU K 1303 53.77 5.58 -42.14
CA LEU K 1303 55.00 4.90 -42.51
C LEU K 1303 54.86 4.30 -43.89
N THR K 1304 55.88 4.49 -44.71
CA THR K 1304 55.89 4.00 -46.09
C THR K 1304 57.08 3.09 -46.31
N MET K 1305 57.02 2.34 -47.41
CA MET K 1305 58.12 1.48 -47.87
C MET K 1305 58.22 1.68 -49.38
N VAL K 1306 59.16 2.52 -49.81
CA VAL K 1306 59.24 2.94 -51.20
C VAL K 1306 60.03 1.91 -52.00
N ILE K 1307 59.43 1.42 -53.08
CA ILE K 1307 60.14 0.63 -54.06
C ILE K 1307 60.99 1.56 -54.91
N LEU K 1308 62.28 1.23 -55.04
CA LEU K 1308 63.25 2.22 -55.52
C LEU K 1308 63.14 2.54 -57.01
N PRO K 1309 63.29 1.58 -57.95
CA PRO K 1309 63.46 1.99 -59.36
C PRO K 1309 62.23 2.60 -60.00
N CYS K 1310 61.04 2.36 -59.44
CA CYS K 1310 59.81 2.88 -60.00
C CYS K 1310 59.12 3.94 -59.15
N GLY K 1311 59.47 4.04 -57.87
CA GLY K 1311 58.92 5.08 -57.02
C GLY K 1311 57.47 4.88 -56.65
N HIS K 1312 57.16 3.79 -55.97
CA HIS K 1312 55.81 3.49 -55.54
C HIS K 1312 55.78 3.27 -54.03
N GLU K 1313 54.66 3.60 -53.43
CA GLU K 1313 54.53 3.61 -51.96
C GLU K 1313 54.32 2.19 -51.45
N GLY K 1314 53.90 2.08 -50.19
CA GLY K 1314 53.49 0.81 -49.65
C GLY K 1314 53.48 0.77 -48.14
N HIS K 1315 52.48 0.12 -47.56
CA HIS K 1315 52.54 -0.25 -46.15
C HIS K 1315 53.64 -1.28 -45.93
N PHE K 1316 54.08 -1.38 -44.68
CA PHE K 1316 55.06 -2.42 -44.35
C PHE K 1316 54.47 -3.81 -44.54
N GLN K 1317 53.23 -4.01 -44.06
CA GLN K 1317 52.58 -5.30 -44.18
C GLN K 1317 52.27 -5.64 -45.63
N CYS K 1318 51.83 -4.66 -46.43
CA CYS K 1318 51.45 -4.91 -47.82
C CYS K 1318 52.67 -5.28 -48.65
N ILE K 1319 53.74 -4.47 -48.55
CA ILE K 1319 54.94 -4.72 -49.35
C ILE K 1319 55.64 -5.99 -48.90
N GLN K 1320 55.69 -6.23 -47.59
CA GLN K 1320 56.26 -7.47 -47.10
C GLN K 1320 55.45 -8.69 -47.52
N GLU K 1321 54.12 -8.57 -47.55
CA GLU K 1321 53.28 -9.66 -48.02
C GLU K 1321 53.55 -9.96 -49.49
N TRP K 1322 53.60 -8.92 -50.33
CA TRP K 1322 53.76 -9.14 -51.76
C TRP K 1322 55.16 -9.62 -52.11
N PHE K 1323 56.19 -9.18 -51.40
CA PHE K 1323 57.56 -9.54 -51.74
C PHE K 1323 58.11 -10.71 -50.96
N LEU K 1324 57.43 -11.19 -49.93
CA LEU K 1324 57.88 -12.37 -49.20
C LEU K 1324 56.85 -13.49 -49.21
N ASP K 1325 55.58 -13.19 -48.88
CA ASP K 1325 54.59 -14.26 -48.75
C ASP K 1325 54.18 -14.81 -50.11
N GLU K 1326 54.00 -13.93 -51.09
CA GLU K 1326 53.60 -14.36 -52.42
C GLU K 1326 54.78 -14.77 -53.29
N ASN K 1327 56.01 -14.47 -52.87
CA ASN K 1327 57.24 -14.79 -53.60
C ASN K 1327 57.22 -14.22 -55.02
N GLU K 1328 56.73 -13.00 -55.15
CA GLU K 1328 56.62 -12.32 -56.43
C GLU K 1328 57.75 -11.30 -56.55
N GLN K 1329 58.43 -11.30 -57.69
CA GLN K 1329 59.60 -10.47 -57.88
C GLN K 1329 59.30 -9.18 -58.62
N GLU K 1330 58.05 -8.91 -58.97
CA GLU K 1330 57.70 -7.70 -59.70
C GLU K 1330 57.00 -6.71 -58.78
N CYS K 1331 57.05 -5.45 -59.19
CA CYS K 1331 56.36 -4.39 -58.45
C CYS K 1331 54.86 -4.59 -58.56
N PRO K 1332 54.11 -4.47 -57.47
CA PRO K 1332 52.66 -4.69 -57.49
C PRO K 1332 51.86 -3.48 -57.94
N GLY K 1333 52.31 -2.85 -59.02
CA GLY K 1333 51.63 -1.69 -59.58
C GLY K 1333 51.75 -1.66 -61.08
N GLY K 1334 52.15 -2.78 -61.67
CA GLY K 1334 52.34 -2.85 -63.10
C GLY K 1334 53.60 -2.14 -63.56
N CYS K 1335 54.76 -2.63 -63.12
CA CYS K 1335 56.03 -2.05 -63.50
C CYS K 1335 56.92 -3.12 -64.11
N PRO K 1336 57.49 -2.88 -65.29
CA PRO K 1336 58.32 -3.91 -65.92
C PRO K 1336 59.67 -4.09 -65.25
N GLY K 1337 60.19 -3.06 -64.59
CA GLY K 1337 61.47 -3.17 -63.92
C GLY K 1337 61.39 -4.13 -62.75
N VAL K 1338 62.18 -5.20 -62.79
CA VAL K 1338 62.10 -6.22 -61.76
C VAL K 1338 62.82 -5.74 -60.51
N ALA K 1339 62.08 -5.16 -59.58
CA ALA K 1339 62.62 -4.78 -58.28
C ALA K 1339 62.38 -5.96 -57.34
N PHE K 1340 63.21 -6.98 -57.49
CA PHE K 1340 63.00 -8.25 -56.82
C PHE K 1340 63.35 -8.15 -55.33
N ILE K 1341 62.94 -9.19 -54.61
CA ILE K 1341 63.16 -9.36 -53.18
C ILE K 1341 62.62 -8.18 -52.37
N MET L 1 87.44 -17.28 -32.78
CA MET L 1 88.39 -16.90 -33.83
C MET L 1 89.67 -17.71 -33.74
N GLN L 2 90.12 -18.21 -34.90
CA GLN L 2 91.33 -18.99 -35.01
C GLN L 2 92.20 -18.42 -36.11
N PRO L 3 93.53 -18.55 -35.99
CA PRO L 3 94.43 -18.03 -37.03
C PRO L 3 94.22 -18.72 -38.37
N PHE L 4 94.45 -17.98 -39.44
CA PHE L 4 94.24 -18.46 -40.79
C PHE L 4 95.44 -18.09 -41.66
N ASP L 5 95.59 -18.83 -42.76
CA ASP L 5 96.70 -18.67 -43.68
C ASP L 5 96.24 -17.97 -44.95
N SER L 6 96.93 -16.91 -45.34
CA SER L 6 96.62 -16.21 -46.57
C SER L 6 97.34 -16.89 -47.73
N GLY L 7 96.92 -16.54 -48.94
CA GLY L 7 97.52 -17.04 -50.15
C GLY L 7 98.67 -16.21 -50.68
N HIS L 8 99.15 -15.24 -49.90
CA HIS L 8 100.24 -14.37 -50.35
C HIS L 8 101.53 -15.15 -50.47
N ASP L 9 102.28 -14.86 -51.53
CA ASP L 9 103.54 -15.54 -51.81
C ASP L 9 104.75 -14.81 -51.28
N ASP L 10 104.56 -13.70 -50.56
CA ASP L 10 105.69 -12.93 -50.07
C ASP L 10 105.28 -12.29 -48.74
N LEU L 11 106.08 -11.32 -48.29
CA LEU L 11 105.89 -10.71 -46.99
C LEU L 11 104.72 -9.74 -46.99
N VAL L 12 103.86 -9.85 -45.99
CA VAL L 12 102.74 -8.94 -45.81
C VAL L 12 103.25 -7.69 -45.11
N HIS L 13 102.96 -6.52 -45.68
CA HIS L 13 103.54 -5.28 -45.16
C HIS L 13 102.59 -4.49 -44.28
N ASP L 14 101.29 -4.49 -44.57
CA ASP L 14 100.35 -3.70 -43.79
C ASP L 14 98.98 -4.37 -43.81
N VAL L 15 98.42 -4.59 -42.63
CA VAL L 15 97.08 -5.15 -42.47
C VAL L 15 96.23 -4.13 -41.72
N VAL L 16 95.08 -3.78 -42.29
CA VAL L 16 94.23 -2.74 -41.71
C VAL L 16 92.77 -3.18 -41.78
N TYR L 17 92.07 -3.12 -40.64
CA TYR L 17 90.65 -3.43 -40.59
C TYR L 17 89.79 -2.36 -41.26
N ASP L 18 88.54 -2.71 -41.49
CA ASP L 18 87.50 -1.77 -41.86
C ASP L 18 86.98 -1.08 -40.61
N PHE L 19 85.91 -0.30 -40.75
CA PHE L 19 85.32 0.35 -39.59
C PHE L 19 84.58 -0.65 -38.71
N TYR L 20 83.80 -1.54 -39.31
CA TYR L 20 82.88 -2.36 -38.55
C TYR L 20 83.52 -3.61 -37.94
N GLY L 21 84.81 -3.82 -38.17
CA GLY L 21 85.49 -4.96 -37.60
C GLY L 21 85.03 -6.30 -38.14
N ARG L 22 84.74 -6.37 -39.44
CA ARG L 22 84.45 -7.64 -40.08
C ARG L 22 85.15 -7.82 -41.42
N HIS L 23 85.77 -6.78 -41.97
CA HIS L 23 86.48 -6.86 -43.24
C HIS L 23 87.94 -6.52 -42.99
N VAL L 24 88.83 -7.39 -43.44
CA VAL L 24 90.26 -7.21 -43.28
C VAL L 24 90.91 -7.28 -44.66
N ALA L 25 91.93 -6.44 -44.86
CA ALA L 25 92.61 -6.33 -46.14
C ALA L 25 94.10 -6.36 -45.91
N THR L 26 94.79 -7.24 -46.61
CA THR L 26 96.23 -7.43 -46.47
C THR L 26 96.91 -7.09 -47.77
N CYS L 27 97.91 -6.22 -47.72
CA CYS L 27 98.74 -5.90 -48.87
C CYS L 27 100.10 -6.55 -48.67
N SER L 28 100.62 -7.16 -49.74
CA SER L 28 101.83 -7.98 -49.64
C SER L 28 102.83 -7.56 -50.71
N SER L 29 104.00 -8.19 -50.65
CA SER L 29 105.09 -7.84 -51.55
C SER L 29 105.03 -8.60 -52.88
N ASP L 30 104.20 -9.64 -52.98
CA ASP L 30 104.05 -10.38 -54.21
C ASP L 30 102.99 -9.78 -55.13
N GLN L 31 102.69 -8.49 -54.94
CA GLN L 31 101.74 -7.72 -55.77
C GLN L 31 100.34 -8.34 -55.74
N HIS L 32 99.79 -8.42 -54.53
CA HIS L 32 98.43 -8.93 -54.34
C HIS L 32 97.83 -8.30 -53.10
N ILE L 33 96.56 -7.93 -53.21
CA ILE L 33 95.75 -7.48 -52.08
C ILE L 33 94.64 -8.50 -51.89
N LYS L 34 94.63 -9.17 -50.75
CA LYS L 34 93.60 -10.14 -50.43
C LYS L 34 92.72 -9.60 -49.31
N VAL L 35 91.43 -9.52 -49.56
CA VAL L 35 90.46 -8.99 -48.61
C VAL L 35 89.61 -10.14 -48.10
N PHE L 36 89.52 -10.25 -46.78
CA PHE L 36 88.79 -11.33 -46.12
C PHE L 36 87.65 -10.74 -45.29
N LYS L 37 86.53 -11.45 -45.25
CA LYS L 37 85.37 -11.04 -44.47
C LYS L 37 85.09 -12.08 -43.39
N LEU L 38 84.71 -11.61 -42.22
CA LEU L 38 84.41 -12.49 -41.08
C LEU L 38 82.99 -13.01 -41.22
N ASP L 39 82.85 -14.30 -41.47
CA ASP L 39 81.54 -14.91 -41.58
C ASP L 39 80.86 -14.98 -40.22
N LYS L 40 79.53 -14.83 -40.23
CA LYS L 40 78.76 -14.99 -39.01
C LYS L 40 78.76 -16.44 -38.53
N ASP L 41 78.68 -17.38 -39.47
CA ASP L 41 78.68 -18.79 -39.11
C ASP L 41 80.08 -19.27 -38.82
N THR L 42 80.25 -19.95 -37.67
CA THR L 42 81.47 -20.60 -37.19
C THR L 42 82.65 -19.67 -36.96
N SER L 43 82.44 -18.35 -37.12
CA SER L 43 83.40 -17.30 -36.74
C SER L 43 84.75 -17.47 -37.43
N ASN L 44 84.73 -17.80 -38.73
CA ASN L 44 85.95 -18.03 -39.48
C ASN L 44 86.08 -17.00 -40.59
N TRP L 45 87.33 -16.67 -40.90
CA TRP L 45 87.62 -15.72 -41.97
C TRP L 45 87.47 -16.40 -43.33
N GLU L 46 86.81 -15.71 -44.26
CA GLU L 46 86.61 -16.20 -45.61
C GLU L 46 87.06 -15.15 -46.60
N LEU L 47 87.57 -15.61 -47.74
CA LEU L 47 88.10 -14.71 -48.76
C LEU L 47 86.98 -14.02 -49.52
N SER L 48 87.19 -12.74 -49.83
CA SER L 48 86.28 -11.99 -50.68
C SER L 48 86.81 -11.89 -52.11
N ASP L 49 88.01 -11.35 -52.29
CA ASP L 49 88.61 -11.22 -53.61
C ASP L 49 90.11 -11.06 -53.46
N SER L 50 90.82 -11.26 -54.57
CA SER L 50 92.27 -11.11 -54.60
C SER L 50 92.66 -10.58 -55.96
N TRP L 51 93.13 -9.34 -56.01
CA TRP L 51 93.54 -8.75 -57.28
C TRP L 51 94.92 -8.10 -57.14
N ARG L 52 95.72 -8.23 -58.20
CA ARG L 52 96.98 -7.51 -58.27
C ARG L 52 96.72 -6.02 -58.42
N ALA L 53 97.49 -5.21 -57.70
CA ALA L 53 97.29 -3.77 -57.71
C ALA L 53 98.43 -3.01 -58.35
N HIS L 54 99.66 -3.23 -57.91
CA HIS L 54 100.79 -2.42 -58.36
C HIS L 54 101.89 -3.35 -58.89
N ASP L 55 102.96 -2.73 -59.39
CA ASP L 55 104.07 -3.46 -59.99
C ASP L 55 105.23 -3.69 -59.01
N SER L 56 105.09 -3.29 -57.76
CA SER L 56 106.15 -3.46 -56.78
C SER L 56 105.52 -3.97 -55.49
N SER L 57 106.29 -3.96 -54.41
CA SER L 57 105.76 -4.33 -53.11
C SER L 57 104.87 -3.21 -52.59
N ILE L 58 103.69 -3.58 -52.08
CA ILE L 58 102.76 -2.61 -51.52
C ILE L 58 103.00 -2.55 -50.02
N VAL L 59 103.32 -1.36 -49.52
CA VAL L 59 103.76 -1.21 -48.13
C VAL L 59 102.74 -0.50 -47.25
N ALA L 60 101.65 0.03 -47.80
CA ALA L 60 100.66 0.72 -46.98
C ALA L 60 99.26 0.45 -47.50
N ILE L 61 98.30 0.55 -46.58
CA ILE L 61 96.89 0.37 -46.90
C ILE L 61 96.09 1.07 -45.81
N ASP L 62 94.89 1.56 -46.18
CA ASP L 62 94.00 2.20 -45.22
C ASP L 62 92.60 2.21 -45.81
N TRP L 63 91.64 1.65 -45.08
CA TRP L 63 90.25 1.73 -45.48
C TRP L 63 89.73 3.16 -45.30
N ALA L 64 88.66 3.47 -46.02
CA ALA L 64 87.94 4.71 -45.84
C ALA L 64 86.74 4.47 -44.93
N SER L 65 86.00 5.53 -44.66
CA SER L 65 84.79 5.41 -43.87
C SER L 65 83.73 4.64 -44.65
N PRO L 66 82.90 3.84 -43.97
CA PRO L 66 81.86 3.09 -44.69
C PRO L 66 80.76 3.97 -45.25
N GLU L 67 80.63 5.21 -44.77
CA GLU L 67 79.67 6.14 -45.34
C GLU L 67 80.06 6.59 -46.73
N TYR L 68 81.35 6.52 -47.09
CA TYR L 68 81.82 6.85 -48.42
C TYR L 68 82.03 5.63 -49.29
N GLY L 69 81.57 4.46 -48.84
CA GLY L 69 81.73 3.24 -49.59
C GLY L 69 82.97 2.46 -49.21
N ARG L 70 83.08 1.27 -49.77
CA ARG L 70 84.18 0.35 -49.48
C ARG L 70 85.39 0.74 -50.34
N ILE L 71 86.14 1.73 -49.86
CA ILE L 71 87.28 2.27 -50.57
C ILE L 71 88.56 1.81 -49.89
N ILE L 72 89.48 1.24 -50.67
CA ILE L 72 90.78 0.80 -50.19
C ILE L 72 91.85 1.55 -50.99
N ALA L 73 92.74 2.22 -50.28
CA ALA L 73 93.86 2.92 -50.90
C ALA L 73 95.16 2.19 -50.59
N SER L 74 95.95 1.91 -51.63
CA SER L 74 97.20 1.18 -51.48
C SER L 74 98.35 2.02 -52.02
N ALA L 75 99.48 1.98 -51.31
CA ALA L 75 100.68 2.70 -51.70
C ALA L 75 101.83 1.70 -51.88
N SER L 76 102.55 1.83 -53.00
CA SER L 76 103.63 0.92 -53.29
C SER L 76 104.88 1.68 -53.71
N TYR L 77 105.88 0.98 -54.22
CA TYR L 77 107.15 1.59 -54.61
C TYR L 77 107.11 2.16 -56.03
N ASP L 78 105.97 2.12 -56.70
CA ASP L 78 105.84 2.57 -58.08
C ASP L 78 105.45 4.04 -58.18
N LYS L 79 105.69 4.83 -57.12
CA LYS L 79 105.41 6.27 -57.04
C LYS L 79 103.93 6.61 -57.25
N THR L 80 103.03 5.66 -57.04
CA THR L 80 101.61 5.88 -57.29
C THR L 80 100.78 5.36 -56.13
N VAL L 81 99.62 5.97 -55.94
CA VAL L 81 98.61 5.51 -54.99
C VAL L 81 97.32 5.30 -55.75
N LYS L 82 96.77 4.09 -55.64
CA LYS L 82 95.55 3.72 -56.35
C LYS L 82 94.44 3.42 -55.37
N LEU L 83 93.24 3.90 -55.68
CA LEU L 83 92.05 3.69 -54.87
C LEU L 83 91.23 2.57 -55.49
N TRP L 84 90.71 1.69 -54.66
CA TRP L 84 89.97 0.53 -55.13
C TRP L 84 88.63 0.41 -54.41
N GLU L 85 87.59 0.09 -55.17
CA GLU L 85 86.22 0.01 -54.65
C GLU L 85 85.62 -1.35 -54.95
N GLU L 86 84.99 -1.94 -53.94
CA GLU L 86 84.37 -3.25 -54.10
C GLU L 86 83.14 -3.18 -54.99
N ASP L 87 82.90 -4.26 -55.73
CA ASP L 87 81.72 -4.39 -56.58
C ASP L 87 80.95 -5.66 -56.20
N PRO L 88 79.74 -5.53 -55.66
CA PRO L 88 78.93 -6.74 -55.40
C PRO L 88 78.42 -7.41 -56.66
N ASP L 89 78.46 -6.73 -57.80
CA ASP L 89 77.98 -7.32 -59.06
C ASP L 89 78.83 -8.52 -59.45
N GLN L 90 80.14 -8.36 -59.47
CA GLN L 90 81.04 -9.44 -59.81
C GLN L 90 81.06 -10.48 -58.71
N GLU L 91 81.35 -11.72 -59.09
CA GLU L 91 81.35 -12.82 -58.15
C GLU L 91 82.54 -12.72 -57.20
N GLU L 92 82.38 -13.31 -56.02
CA GLU L 92 83.44 -13.30 -55.02
C GLU L 92 84.60 -14.18 -55.47
N CYS L 93 85.82 -13.72 -55.16
CA CYS L 93 87.09 -14.36 -55.51
C CYS L 93 87.32 -14.48 -57.01
N SER L 94 86.55 -13.76 -57.83
CA SER L 94 86.76 -13.80 -59.27
C SER L 94 87.97 -12.98 -59.69
N GLY L 95 88.20 -11.84 -59.02
CA GLY L 95 89.27 -10.94 -59.35
C GLY L 95 88.81 -9.65 -60.00
N ARG L 96 87.61 -9.64 -60.56
CA ARG L 96 87.01 -8.43 -61.11
C ARG L 96 86.14 -7.70 -60.11
N ARG L 97 86.04 -8.21 -58.88
CA ARG L 97 85.21 -7.66 -57.82
C ARG L 97 85.65 -6.26 -57.36
N TRP L 98 86.87 -5.83 -57.71
CA TRP L 98 87.34 -4.52 -57.31
C TRP L 98 87.73 -3.72 -58.54
N ASN L 99 87.60 -2.39 -58.44
CA ASN L 99 87.83 -1.50 -59.57
C ASN L 99 88.59 -0.27 -59.12
N LYS L 100 89.49 0.18 -59.98
CA LYS L 100 90.26 1.39 -59.71
C LYS L 100 89.38 2.63 -59.82
N LEU L 101 89.76 3.68 -59.12
CA LEU L 101 89.06 4.96 -59.18
C LEU L 101 89.96 6.09 -59.69
N CYS L 102 91.17 6.22 -59.15
CA CYS L 102 92.10 7.25 -59.59
C CYS L 102 93.50 6.85 -59.16
N THR L 103 94.46 7.06 -60.06
CA THR L 103 95.87 6.76 -59.80
C THR L 103 96.62 8.04 -59.49
N LEU L 104 97.16 8.15 -58.29
CA LEU L 104 97.88 9.34 -57.83
C LEU L 104 99.34 9.27 -58.30
N ASN L 105 99.53 9.51 -59.60
CA ASN L 105 100.86 9.50 -60.21
C ASN L 105 101.48 10.88 -60.19
N ASP L 106 101.52 11.50 -59.01
CA ASP L 106 102.08 12.83 -58.82
C ASP L 106 103.30 12.80 -57.92
N SER L 107 104.13 11.77 -58.06
CA SER L 107 105.31 11.61 -57.22
C SER L 107 106.52 11.31 -58.08
N LYS L 108 107.68 11.76 -57.61
CA LYS L 108 108.96 11.45 -58.25
C LYS L 108 109.65 10.27 -57.61
N GLY L 109 109.51 10.10 -56.29
CA GLY L 109 110.07 8.97 -55.59
C GLY L 109 108.98 8.01 -55.14
N SER L 110 109.42 6.86 -54.62
CA SER L 110 108.51 5.83 -54.18
C SER L 110 107.77 6.27 -52.92
N LEU L 111 106.45 6.10 -52.91
CA LEU L 111 105.63 6.52 -51.79
C LEU L 111 105.58 5.40 -50.75
N TYR L 112 105.61 5.78 -49.48
CA TYR L 112 105.62 4.82 -48.38
C TYR L 112 104.30 4.72 -47.64
N SER L 113 103.69 5.83 -47.25
CA SER L 113 102.55 5.80 -46.34
C SER L 113 101.34 6.46 -46.98
N VAL L 114 100.19 5.79 -46.88
CA VAL L 114 98.90 6.36 -47.25
C VAL L 114 97.95 6.21 -46.06
N LYS L 115 97.23 7.28 -45.73
CA LYS L 115 96.36 7.28 -44.56
C LYS L 115 95.13 8.12 -44.85
N PHE L 116 93.99 7.67 -44.33
CA PHE L 116 92.71 8.35 -44.52
C PHE L 116 92.40 9.25 -43.33
N ALA L 117 91.92 10.45 -43.64
CA ALA L 117 91.66 11.46 -42.63
C ALA L 117 90.41 11.10 -41.80
N PRO L 118 90.23 11.75 -40.64
CA PRO L 118 88.95 11.62 -39.93
C PRO L 118 87.79 12.16 -40.76
N ALA L 119 86.60 11.59 -40.51
CA ALA L 119 85.46 11.81 -41.38
C ALA L 119 84.90 13.23 -41.31
N HIS L 120 85.23 14.00 -40.26
CA HIS L 120 84.76 15.37 -40.22
C HIS L 120 85.60 16.31 -41.08
N LEU L 121 86.69 15.83 -41.66
CA LEU L 121 87.42 16.58 -42.67
C LEU L 121 86.98 16.24 -44.09
N GLY L 122 85.98 15.37 -44.24
CA GLY L 122 85.62 14.88 -45.55
C GLY L 122 86.54 13.75 -45.97
N LEU L 123 86.44 13.39 -47.25
CA LEU L 123 87.29 12.35 -47.81
C LEU L 123 88.62 12.98 -48.20
N LYS L 124 89.61 12.86 -47.31
CA LYS L 124 90.93 13.45 -47.49
C LYS L 124 91.98 12.36 -47.35
N LEU L 125 92.95 12.36 -48.26
CA LEU L 125 94.00 11.34 -48.31
C LEU L 125 95.35 11.98 -48.05
N ALA L 126 96.15 11.35 -47.19
CA ALA L 126 97.49 11.80 -46.86
C ALA L 126 98.50 10.85 -47.48
N CYS L 127 99.49 11.41 -48.16
CA CYS L 127 100.53 10.63 -48.82
C CYS L 127 101.90 11.18 -48.45
N LEU L 128 102.84 10.26 -48.17
CA LEU L 128 104.20 10.63 -47.83
C LEU L 128 105.14 9.51 -48.23
N GLY L 129 106.19 9.87 -48.96
CA GLY L 129 107.15 8.89 -49.45
C GLY L 129 108.55 9.44 -49.51
N ASN L 130 109.30 9.04 -50.53
CA ASN L 130 110.72 9.37 -50.62
C ASN L 130 110.98 10.79 -51.10
N ASP L 131 109.96 11.50 -51.58
CA ASP L 131 110.17 12.84 -52.11
C ASP L 131 110.38 13.88 -51.02
N GLY L 132 110.13 13.53 -49.75
CA GLY L 132 110.31 14.46 -48.66
C GLY L 132 109.22 15.49 -48.52
N ILE L 133 108.11 15.34 -49.24
CA ILE L 133 107.01 16.29 -49.18
C ILE L 133 105.73 15.52 -48.86
N LEU L 134 104.93 16.06 -47.95
CA LEU L 134 103.67 15.46 -47.57
C LEU L 134 102.59 15.96 -48.52
N ARG L 135 101.93 15.03 -49.20
CA ARG L 135 100.88 15.36 -50.17
C ARG L 135 99.52 15.05 -49.57
N LEU L 136 98.65 16.06 -49.55
CA LEU L 136 97.27 15.90 -49.10
C LEU L 136 96.34 16.00 -50.30
N TYR L 137 95.52 14.98 -50.50
CA TYR L 137 94.56 14.93 -51.59
C TYR L 137 93.15 15.01 -51.03
N ASP L 138 92.35 15.95 -51.53
CA ASP L 138 90.99 16.16 -51.08
C ASP L 138 90.00 15.72 -52.14
N ALA L 139 88.84 15.26 -51.71
CA ALA L 139 87.68 15.07 -52.58
C ALA L 139 86.80 16.29 -52.38
N LEU L 140 87.01 17.30 -53.24
CA LEU L 140 86.21 18.51 -53.17
C LEU L 140 84.74 18.23 -53.47
N GLU L 141 84.48 17.23 -54.32
CA GLU L 141 83.16 16.65 -54.48
C GLU L 141 83.22 15.20 -54.03
N PRO L 142 82.72 14.85 -52.85
CA PRO L 142 82.66 13.44 -52.45
C PRO L 142 81.60 12.64 -53.18
N SER L 143 80.80 13.29 -54.03
CA SER L 143 79.80 12.58 -54.83
C SER L 143 80.47 11.64 -55.84
N ASP L 144 81.52 12.10 -56.51
CA ASP L 144 82.29 11.28 -57.43
C ASP L 144 83.62 10.90 -56.80
N LEU L 145 83.93 9.61 -56.85
CA LEU L 145 85.11 9.08 -56.17
C LEU L 145 86.33 9.00 -57.08
N ARG L 146 86.20 9.33 -58.36
CA ARG L 146 87.32 9.30 -59.28
C ARG L 146 88.02 10.64 -59.42
N SER L 147 87.54 11.68 -58.72
CA SER L 147 88.15 13.00 -58.77
C SER L 147 88.96 13.23 -57.50
N TRP L 148 90.24 13.58 -57.67
CA TRP L 148 91.14 13.81 -56.54
C TRP L 148 92.06 14.98 -56.86
N THR L 149 92.09 15.97 -55.98
CA THR L 149 92.89 17.18 -56.17
C THR L 149 93.85 17.35 -55.01
N LEU L 150 95.12 17.59 -55.32
CA LEU L 150 96.11 17.90 -54.29
C LEU L 150 95.86 19.30 -53.75
N THR L 151 95.82 19.42 -52.43
CA THR L 151 95.50 20.69 -51.78
C THR L 151 96.61 21.22 -50.90
N SER L 152 97.30 20.36 -50.17
CA SER L 152 98.38 20.77 -49.29
C SER L 152 99.65 19.99 -49.62
N GLU L 153 100.75 20.73 -49.77
CA GLU L 153 102.05 20.14 -50.14
C GLU L 153 103.10 20.82 -49.28
N MET L 154 103.44 20.18 -48.17
CA MET L 154 104.37 20.73 -47.19
C MET L 154 105.65 19.92 -47.19
N LYS L 155 106.79 20.62 -47.23
CA LYS L 155 108.12 20.00 -47.28
C LYS L 155 108.53 19.63 -45.87
N VAL L 156 108.33 18.36 -45.49
CA VAL L 156 108.64 17.91 -44.15
C VAL L 156 110.13 17.71 -43.90
N LEU L 157 110.95 17.71 -44.95
CA LEU L 157 112.39 17.58 -44.82
C LEU L 157 113.08 18.81 -45.40
N SER L 158 114.22 19.16 -44.81
CA SER L 158 115.00 20.28 -45.34
C SER L 158 115.58 19.96 -46.70
N ILE L 159 116.17 18.77 -46.83
CA ILE L 159 116.74 18.33 -48.11
C ILE L 159 116.33 16.89 -48.36
N PRO L 160 116.27 16.50 -49.63
CA PRO L 160 116.15 15.07 -49.96
C PRO L 160 117.37 14.32 -49.47
N PRO L 161 117.20 13.08 -49.00
CA PRO L 161 118.32 12.31 -48.46
C PRO L 161 119.22 11.79 -49.58
N ALA L 162 120.36 11.25 -49.16
CA ALA L 162 121.24 10.58 -50.10
C ALA L 162 120.96 9.07 -50.16
N ASN L 163 120.93 8.42 -49.00
CA ASN L 163 120.58 7.00 -48.91
C ASN L 163 119.06 6.89 -48.89
N HIS L 164 118.48 6.97 -50.10
CA HIS L 164 117.03 6.91 -50.21
C HIS L 164 116.49 5.53 -49.87
N LEU L 165 117.30 4.48 -50.03
CA LEU L 165 116.84 3.14 -49.68
C LEU L 165 116.68 2.97 -48.18
N GLN L 166 117.53 3.65 -47.40
CA GLN L 166 117.48 3.55 -45.95
C GLN L 166 116.59 4.66 -45.39
N SER L 167 115.30 4.57 -45.71
CA SER L 167 114.33 5.55 -45.29
C SER L 167 112.99 4.86 -45.02
N ASP L 168 112.19 5.48 -44.16
CA ASP L 168 110.83 5.03 -43.89
C ASP L 168 110.01 6.22 -43.45
N PHE L 169 108.88 6.43 -44.14
CA PHE L 169 108.00 7.56 -43.88
C PHE L 169 106.66 7.01 -43.42
N CYS L 170 106.20 7.46 -42.26
CA CYS L 170 104.96 6.97 -41.69
C CYS L 170 104.03 8.12 -41.34
N LEU L 171 102.73 7.86 -41.43
CA LEU L 171 101.71 8.86 -41.17
C LEU L 171 100.69 8.32 -40.18
N SER L 172 100.10 9.24 -39.42
CA SER L 172 99.01 8.91 -38.50
C SER L 172 98.17 10.16 -38.27
N TRP L 173 96.85 10.00 -38.40
CA TRP L 173 95.92 11.09 -38.22
C TRP L 173 95.47 11.17 -36.76
N CYS L 174 94.83 12.28 -36.42
CA CYS L 174 94.34 12.51 -35.07
C CYS L 174 92.83 12.36 -35.01
N PRO L 175 92.29 11.39 -34.28
CA PRO L 175 90.85 11.17 -34.26
C PRO L 175 90.06 12.15 -33.40
N SER L 176 90.64 13.25 -32.95
CA SER L 176 89.87 14.24 -32.20
C SER L 176 88.93 14.98 -33.15
N ARG L 177 87.63 14.90 -32.87
CA ARG L 177 86.64 15.45 -33.78
C ARG L 177 86.54 16.97 -33.70
N PHE L 178 86.72 17.55 -32.51
CA PHE L 178 86.46 18.97 -32.32
C PHE L 178 87.72 19.80 -32.15
N SER L 179 88.88 19.18 -32.03
CA SER L 179 90.14 19.88 -32.08
C SER L 179 90.44 20.27 -33.53
N PRO L 180 91.32 21.24 -33.75
CA PRO L 180 91.80 21.49 -35.11
C PRO L 180 92.56 20.30 -35.66
N GLU L 181 92.70 20.28 -36.99
CA GLU L 181 93.26 19.12 -37.68
C GLU L 181 94.73 18.93 -37.32
N LYS L 182 95.06 17.73 -36.87
CA LYS L 182 96.41 17.37 -36.48
C LYS L 182 96.87 16.15 -37.27
N LEU L 183 98.06 16.22 -37.85
CA LEU L 183 98.61 15.13 -38.63
C LEU L 183 100.02 14.86 -38.15
N ALA L 184 100.37 13.58 -38.04
CA ALA L 184 101.67 13.16 -37.54
C ALA L 184 102.55 12.70 -38.71
N VAL L 185 103.77 13.24 -38.77
CA VAL L 185 104.75 12.90 -39.80
C VAL L 185 105.99 12.37 -39.10
N SER L 186 106.44 11.19 -39.52
CA SER L 186 107.74 10.65 -39.15
C SER L 186 108.54 10.52 -40.44
N ALA L 187 109.38 11.52 -40.74
CA ALA L 187 109.94 11.61 -42.08
C ALA L 187 111.14 10.68 -42.27
N LEU L 188 112.25 10.96 -41.60
CA LEU L 188 113.40 10.07 -41.61
C LEU L 188 113.78 9.62 -40.21
N GLU L 189 114.06 10.57 -39.33
CA GLU L 189 114.32 10.30 -37.92
C GLU L 189 113.67 11.34 -37.02
N GLN L 190 113.03 12.35 -37.59
CA GLN L 190 112.39 13.42 -36.84
C GLN L 190 110.88 13.30 -36.98
N ALA L 191 110.18 13.43 -35.85
CA ALA L 191 108.73 13.32 -35.82
C ALA L 191 108.14 14.71 -35.67
N ILE L 192 107.27 15.10 -36.61
CA ILE L 192 106.71 16.43 -36.68
C ILE L 192 105.19 16.34 -36.55
N ILE L 193 104.61 17.18 -35.70
CA ILE L 193 103.16 17.31 -35.57
C ILE L 193 102.74 18.54 -36.36
N TYR L 194 101.70 18.38 -37.19
CA TYR L 194 101.24 19.44 -38.08
C TYR L 194 99.82 19.85 -37.70
N GLN L 195 99.62 21.15 -37.49
CA GLN L 195 98.32 21.71 -37.15
C GLN L 195 97.89 22.71 -38.23
N ARG L 196 96.59 22.81 -38.42
CA ARG L 196 96.02 23.72 -39.43
C ARG L 196 95.71 25.06 -38.79
N GLY L 197 96.27 26.14 -39.34
CA GLY L 197 96.13 27.46 -38.79
C GLY L 197 94.95 28.22 -39.41
N LYS L 198 94.84 29.49 -39.01
CA LYS L 198 93.78 30.35 -39.51
C LYS L 198 93.95 30.70 -40.98
N ASP L 199 95.18 30.66 -41.49
CA ASP L 199 95.44 30.94 -42.89
C ASP L 199 95.07 29.80 -43.81
N GLY L 200 94.68 28.64 -43.27
CA GLY L 200 94.31 27.50 -44.08
C GLY L 200 95.47 26.66 -44.54
N LYS L 201 96.69 27.02 -44.18
CA LYS L 201 97.89 26.27 -44.54
C LYS L 201 98.41 25.54 -43.32
N LEU L 202 98.99 24.36 -43.55
CA LEU L 202 99.55 23.57 -42.48
C LEU L 202 100.79 24.25 -41.90
N HIS L 203 101.04 24.02 -40.62
CA HIS L 203 102.20 24.55 -39.93
C HIS L 203 102.75 23.51 -38.98
N VAL L 204 104.02 23.67 -38.63
CA VAL L 204 104.64 22.80 -37.64
C VAL L 204 104.07 23.14 -36.27
N ALA L 205 103.45 22.17 -35.61
CA ALA L 205 102.86 22.40 -34.31
C ALA L 205 103.84 22.12 -33.18
N ALA L 206 104.36 20.91 -33.12
CA ALA L 206 105.34 20.53 -32.11
C ALA L 206 106.22 19.42 -32.66
N LYS L 207 107.40 19.29 -32.05
CA LYS L 207 108.39 18.31 -32.50
C LYS L 207 108.66 17.32 -31.39
N LEU L 208 108.54 16.03 -31.70
CA LEU L 208 108.86 14.99 -30.72
C LEU L 208 110.36 14.84 -30.62
N PRO L 209 110.96 14.99 -29.44
CA PRO L 209 112.40 14.82 -29.29
C PRO L 209 112.79 13.34 -29.26
N GLY L 210 114.08 13.10 -29.06
CA GLY L 210 114.60 11.75 -29.06
C GLY L 210 114.73 11.18 -30.46
N HIS L 211 114.32 9.92 -30.63
CA HIS L 211 114.27 9.22 -31.92
C HIS L 211 115.67 9.16 -32.57
N LYS L 212 116.55 8.42 -31.90
CA LYS L 212 117.93 8.29 -32.37
C LYS L 212 118.07 7.42 -33.60
N SER L 213 117.01 6.73 -34.02
CA SER L 213 117.06 5.93 -35.24
C SER L 213 115.84 6.18 -36.10
N LEU L 214 115.64 5.36 -37.13
CA LEU L 214 114.53 5.57 -38.05
C LEU L 214 113.21 5.18 -37.40
N ILE L 215 112.21 6.06 -37.53
CA ILE L 215 110.90 5.82 -36.95
C ILE L 215 110.12 4.91 -37.87
N ARG L 216 109.89 3.67 -37.45
CA ARG L 216 109.28 2.68 -38.31
C ARG L 216 107.76 2.67 -38.24
N SER L 217 107.15 3.35 -37.27
CA SER L 217 105.71 3.39 -37.14
C SER L 217 105.31 4.58 -36.28
N ILE L 218 104.02 4.92 -36.33
CA ILE L 218 103.46 5.97 -35.51
C ILE L 218 101.96 5.72 -35.40
N SER L 219 101.41 6.02 -34.23
CA SER L 219 99.99 5.80 -33.99
C SER L 219 99.51 6.78 -32.95
N TRP L 220 98.43 7.50 -33.26
CA TRP L 220 97.83 8.48 -32.31
C TRP L 220 96.83 7.73 -31.42
N ALA L 221 96.59 8.23 -30.21
CA ALA L 221 95.70 7.50 -29.28
C ALA L 221 94.31 8.15 -29.24
N PRO L 222 93.22 7.38 -29.46
CA PRO L 222 91.87 7.91 -29.28
C PRO L 222 91.61 8.31 -27.83
N SER L 223 91.56 9.60 -27.56
CA SER L 223 91.41 10.10 -26.19
C SER L 223 89.94 10.18 -25.86
N ILE L 224 89.43 9.18 -25.15
CA ILE L 224 88.03 9.15 -24.74
C ILE L 224 87.97 9.84 -23.39
N GLY L 225 87.83 11.17 -23.42
CA GLY L 225 87.58 11.95 -22.24
C GLY L 225 88.80 12.45 -21.50
N ARG L 226 90.00 12.00 -21.88
CA ARG L 226 91.21 12.45 -21.21
C ARG L 226 91.55 13.86 -21.63
N TRP L 227 92.12 14.62 -20.69
CA TRP L 227 92.58 15.98 -20.99
C TRP L 227 93.91 16.00 -21.71
N TYR L 228 94.54 14.84 -21.89
CA TYR L 228 95.81 14.71 -22.60
C TYR L 228 95.70 13.64 -23.66
N GLN L 229 96.53 13.75 -24.69
CA GLN L 229 96.54 12.82 -25.81
C GLN L 229 97.90 12.14 -25.89
N LEU L 230 97.91 10.92 -26.42
CA LEU L 230 99.10 10.09 -26.42
C LEU L 230 99.49 9.73 -27.85
N ILE L 231 100.80 9.75 -28.12
CA ILE L 231 101.36 9.33 -29.39
C ILE L 231 102.31 8.16 -29.11
N ALA L 232 102.14 7.08 -29.86
CA ALA L 232 103.04 5.94 -29.81
C ALA L 232 103.92 5.95 -31.05
N THR L 233 105.24 5.96 -30.84
CA THR L 233 106.20 5.91 -31.93
C THR L 233 107.10 4.69 -31.79
N GLY L 234 107.50 4.13 -32.92
CA GLY L 234 108.38 2.98 -32.93
C GLY L 234 109.64 3.20 -33.75
N CYS L 235 110.80 3.04 -33.12
CA CYS L 235 112.08 3.34 -33.74
C CYS L 235 112.78 2.06 -34.19
N LYS L 236 113.87 2.25 -34.95
CA LYS L 236 114.64 1.13 -35.47
C LYS L 236 115.43 0.42 -34.38
N ASP L 237 115.74 1.09 -33.28
CA ASP L 237 116.51 0.50 -32.19
C ASP L 237 115.73 -0.55 -31.42
N GLY L 238 114.40 -0.55 -31.54
CA GLY L 238 113.56 -1.36 -30.70
C GLY L 238 112.94 -0.63 -29.53
N ARG L 239 113.05 0.69 -29.49
CA ARG L 239 112.50 1.48 -28.40
C ARG L 239 111.10 1.97 -28.74
N ILE L 240 110.15 1.70 -27.85
CA ILE L 240 108.77 2.15 -27.98
C ILE L 240 108.62 3.40 -27.13
N ARG L 241 108.32 4.52 -27.76
CA ARG L 241 108.21 5.80 -27.06
C ARG L 241 106.76 6.25 -27.07
N ILE L 242 106.23 6.51 -25.87
CA ILE L 242 104.87 7.01 -25.71
C ILE L 242 104.97 8.45 -25.24
N PHE L 243 104.52 9.38 -26.09
CA PHE L 243 104.58 10.80 -25.81
C PHE L 243 103.25 11.28 -25.28
N LYS L 244 103.29 12.19 -24.31
CA LYS L 244 102.10 12.80 -23.74
C LYS L 244 101.91 14.18 -24.36
N ILE L 245 100.75 14.41 -24.98
CA ILE L 245 100.47 15.65 -25.67
C ILE L 245 99.32 16.36 -24.95
N THR L 246 99.59 17.58 -24.49
CA THR L 246 98.60 18.43 -23.86
C THR L 246 98.31 19.61 -24.77
N GLU L 247 97.03 19.83 -25.07
CA GLU L 247 96.62 20.88 -25.99
C GLU L 247 95.82 21.93 -25.23
N LYS L 248 96.24 23.19 -25.37
CA LYS L 248 95.54 24.32 -24.76
C LYS L 248 95.21 25.34 -25.83
N LEU L 249 93.99 25.85 -25.81
CA LEU L 249 93.53 26.80 -26.81
C LEU L 249 94.17 28.17 -26.63
N GLU L 287 99.65 30.98 -38.51
CA GLU L 287 99.73 30.90 -37.06
C GLU L 287 98.59 30.06 -36.49
N LEU L 288 98.93 29.15 -35.60
CA LEU L 288 97.96 28.25 -35.00
C LEU L 288 97.25 28.91 -33.82
N GLN L 289 96.05 28.42 -33.54
CA GLN L 289 95.23 28.93 -32.45
C GLN L 289 95.43 28.14 -31.15
N SER L 290 96.34 27.17 -31.14
CA SER L 290 96.60 26.35 -29.97
C SER L 290 98.04 25.91 -29.97
N ASN L 291 98.64 25.86 -28.78
CA ASN L 291 100.01 25.42 -28.61
C ASN L 291 100.05 24.02 -28.03
N LEU L 292 101.07 23.26 -28.43
CA LEU L 292 101.23 21.87 -28.02
C LEU L 292 102.50 21.75 -27.17
N GLN L 293 102.37 21.08 -26.03
CA GLN L 293 103.50 20.81 -25.14
C GLN L 293 103.78 19.32 -25.17
N VAL L 294 104.91 18.95 -25.76
CA VAL L 294 105.30 17.55 -25.87
C VAL L 294 106.15 17.19 -24.67
N GLU L 295 105.69 16.20 -23.90
CA GLU L 295 106.42 15.69 -22.75
C GLU L 295 106.54 14.19 -22.89
N LEU L 296 107.77 13.68 -22.87
CA LEU L 296 107.98 12.24 -22.98
C LEU L 296 107.52 11.54 -21.73
N LEU L 297 106.69 10.51 -21.90
CA LEU L 297 106.11 9.81 -20.76
C LEU L 297 106.74 8.46 -20.49
N SER L 298 107.25 7.79 -21.52
CA SER L 298 107.81 6.46 -21.33
C SER L 298 108.80 6.16 -22.44
N GLU L 299 109.60 5.12 -22.22
CA GLU L 299 110.52 4.61 -23.24
C GLU L 299 110.86 3.18 -22.82
N HIS L 300 110.41 2.21 -23.61
CA HIS L 300 110.59 0.80 -23.28
C HIS L 300 111.38 0.11 -24.38
N ASP L 301 112.27 -0.79 -23.99
CA ASP L 301 113.17 -1.47 -24.90
C ASP L 301 113.10 -2.97 -24.70
N ASP L 302 111.92 -3.49 -24.38
CA ASP L 302 111.75 -4.92 -24.16
C ASP L 302 111.85 -5.72 -25.45
N HIS L 303 111.68 -5.09 -26.60
CA HIS L 303 111.86 -5.75 -27.88
C HIS L 303 113.34 -5.72 -28.24
N ASN L 304 113.99 -6.89 -28.20
CA ASN L 304 115.40 -7.00 -28.56
C ASN L 304 115.51 -7.11 -30.07
N GLY L 305 115.25 -6.00 -30.74
CA GLY L 305 115.21 -5.96 -32.19
C GLY L 305 114.80 -4.61 -32.74
N GLU L 306 113.85 -4.60 -33.67
CA GLU L 306 113.39 -3.39 -34.33
C GLU L 306 111.87 -3.39 -34.33
N VAL L 307 111.27 -2.38 -33.71
CA VAL L 307 109.82 -2.28 -33.59
C VAL L 307 109.29 -1.81 -34.94
N TRP L 308 108.72 -2.74 -35.72
CA TRP L 308 108.21 -2.37 -37.03
C TRP L 308 106.89 -1.61 -36.92
N SER L 309 105.99 -2.05 -36.05
CA SER L 309 104.67 -1.46 -35.97
C SER L 309 104.26 -1.29 -34.51
N VAL L 310 103.47 -0.24 -34.27
CA VAL L 310 102.81 -0.01 -32.99
C VAL L 310 101.34 0.23 -33.28
N SER L 311 100.51 0.03 -32.26
CA SER L 311 99.08 0.24 -32.41
C SER L 311 98.47 0.60 -31.07
N TRP L 312 97.28 1.20 -31.15
CA TRP L 312 96.45 1.45 -29.99
C TRP L 312 95.17 0.65 -30.13
N ASN L 313 94.58 0.28 -29.00
CA ASN L 313 93.19 -0.15 -29.03
C ASN L 313 92.29 1.08 -28.99
N LEU L 314 90.98 0.87 -29.10
CA LEU L 314 90.07 1.99 -29.29
C LEU L 314 89.87 2.83 -28.03
N THR L 315 90.23 2.32 -26.85
CA THR L 315 90.13 3.13 -25.65
C THR L 315 91.31 4.07 -25.47
N GLY L 316 92.40 3.88 -26.22
CA GLY L 316 93.60 4.62 -25.95
C GLY L 316 94.33 4.17 -24.70
N THR L 317 94.10 2.94 -24.26
CA THR L 317 94.72 2.41 -23.06
C THR L 317 95.68 1.27 -23.37
N ILE L 318 95.20 0.21 -24.01
CA ILE L 318 96.00 -0.98 -24.26
C ILE L 318 96.76 -0.77 -25.57
N LEU L 319 98.08 -0.80 -25.47
CA LEU L 319 98.96 -0.57 -26.62
C LEU L 319 99.61 -1.89 -27.00
N SER L 320 99.67 -2.17 -28.30
CA SER L 320 100.34 -3.35 -28.83
C SER L 320 101.44 -2.91 -29.79
N SER L 321 102.56 -3.61 -29.74
CA SER L 321 103.71 -3.29 -30.57
C SER L 321 104.21 -4.54 -31.27
N ALA L 322 104.72 -4.36 -32.47
CA ALA L 322 105.36 -5.42 -33.22
C ALA L 322 106.87 -5.34 -32.99
N GLY L 323 107.61 -6.22 -33.65
CA GLY L 323 109.05 -6.21 -33.49
C GLY L 323 109.72 -7.15 -34.46
N ASP L 324 111.05 -7.10 -34.46
CA ASP L 324 111.85 -7.93 -35.34
C ASP L 324 111.94 -9.37 -34.85
N ASP L 325 111.59 -9.64 -33.60
CA ASP L 325 111.67 -10.98 -33.03
C ASP L 325 110.42 -11.80 -33.28
N GLY L 326 109.42 -11.24 -33.96
CA GLY L 326 108.18 -11.96 -34.14
C GLY L 326 107.30 -11.98 -32.92
N LYS L 327 107.62 -11.20 -31.90
CA LYS L 327 106.87 -11.16 -30.65
C LYS L 327 105.93 -9.96 -30.62
N VAL L 328 104.79 -10.15 -29.97
CA VAL L 328 103.77 -9.12 -29.84
C VAL L 328 103.63 -8.81 -28.35
N ARG L 329 103.88 -7.56 -27.98
CA ARG L 329 103.86 -7.16 -26.58
C ARG L 329 102.72 -6.19 -26.33
N LEU L 330 101.97 -6.44 -25.27
CA LEU L 330 100.86 -5.60 -24.87
C LEU L 330 101.30 -4.71 -23.71
N TRP L 331 101.00 -3.41 -23.81
CA TRP L 331 101.44 -2.43 -22.84
C TRP L 331 100.22 -1.69 -22.28
N LYS L 332 100.13 -1.65 -20.96
CA LYS L 332 99.01 -1.00 -20.27
C LYS L 332 99.55 -0.04 -19.23
N ALA L 333 98.84 1.08 -19.05
CA ALA L 333 99.23 2.06 -18.05
C ALA L 333 99.03 1.50 -16.65
N THR L 334 100.01 1.74 -15.79
CA THR L 334 99.97 1.28 -14.41
C THR L 334 99.27 2.31 -13.52
N TYR L 335 99.41 2.15 -12.21
CA TYR L 335 98.90 3.13 -11.26
C TYR L 335 99.61 4.47 -11.40
N SER L 336 100.87 4.45 -11.78
CA SER L 336 101.62 5.68 -12.02
C SER L 336 101.33 6.20 -13.42
N ASN L 337 102.10 7.19 -13.86
CA ASN L 337 101.95 7.75 -15.20
C ASN L 337 102.70 6.98 -16.27
N GLU L 338 103.45 5.95 -15.89
CA GLU L 338 104.24 5.19 -16.85
C GLU L 338 103.46 3.95 -17.32
N PHE L 339 104.02 3.30 -18.34
CA PHE L 339 103.42 2.12 -18.94
C PHE L 339 104.29 0.90 -18.67
N LYS L 340 103.66 -0.27 -18.64
CA LYS L 340 104.36 -1.51 -18.37
C LYS L 340 103.81 -2.61 -19.26
N CYS L 341 104.65 -3.62 -19.51
CA CYS L 341 104.25 -4.75 -20.33
C CYS L 341 103.27 -5.64 -19.59
N MET L 342 102.24 -6.10 -20.30
CA MET L 342 101.23 -6.99 -19.74
C MET L 342 101.37 -8.42 -20.23
N SER L 343 101.63 -8.62 -21.51
CA SER L 343 101.86 -9.95 -22.05
C SER L 343 102.81 -9.85 -23.23
N VAL L 344 103.51 -10.94 -23.49
CA VAL L 344 104.41 -11.06 -24.63
C VAL L 344 103.89 -12.22 -25.47
N ILE L 345 103.18 -11.89 -26.55
CA ILE L 345 102.63 -12.90 -27.45
C ILE L 345 103.72 -13.23 -28.47
N THR L 346 104.32 -14.40 -28.33
CA THR L 346 105.33 -14.86 -29.26
C THR L 346 104.77 -15.96 -30.16
N ALA L 347 105.36 -16.08 -31.34
CA ALA L 347 104.92 -17.04 -32.35
C ALA L 347 105.97 -18.13 -32.51
N GLN L 348 105.54 -19.38 -32.45
CA GLN L 348 106.46 -20.51 -32.61
C GLN L 348 106.18 -21.25 -33.91
N MET M 1 62.50 -42.35 26.66
CA MET M 1 63.48 -42.91 25.74
C MET M 1 63.56 -42.09 24.46
N GLN M 2 63.88 -40.81 24.60
CA GLN M 2 63.96 -39.95 23.42
C GLN M 2 65.24 -40.25 22.65
N PRO M 3 65.16 -40.52 21.35
CA PRO M 3 66.36 -40.78 20.55
C PRO M 3 66.89 -39.55 19.82
N PHE M 4 68.18 -39.56 19.51
CA PHE M 4 68.79 -38.56 18.65
C PHE M 4 69.64 -39.28 17.62
N ASP M 5 69.65 -38.77 16.38
CA ASP M 5 70.37 -39.41 15.30
C ASP M 5 71.83 -39.01 15.31
N SER M 6 72.72 -40.01 15.29
CA SER M 6 74.15 -39.74 15.30
C SER M 6 74.64 -39.20 13.97
N GLY M 7 73.90 -39.41 12.88
CA GLY M 7 74.29 -38.91 11.58
C GLY M 7 75.30 -39.75 10.84
N HIS M 8 75.72 -40.87 11.41
CA HIS M 8 76.66 -41.75 10.73
C HIS M 8 76.00 -42.45 9.55
N ASP M 9 76.80 -42.75 8.54
CA ASP M 9 76.30 -43.40 7.33
C ASP M 9 76.32 -44.91 7.42
N ASP M 10 76.82 -45.49 8.50
CA ASP M 10 76.88 -46.94 8.64
C ASP M 10 76.77 -47.23 10.14
N LEU M 11 77.13 -48.44 10.56
CA LEU M 11 76.86 -48.90 11.91
C LEU M 11 77.74 -48.17 12.93
N VAL M 12 77.10 -47.70 14.00
CA VAL M 12 77.81 -47.09 15.12
C VAL M 12 78.41 -48.19 15.99
N HIS M 13 79.72 -48.25 16.05
CA HIS M 13 80.39 -49.39 16.69
C HIS M 13 80.52 -49.22 18.20
N ASP M 14 80.96 -48.05 18.67
CA ASP M 14 81.16 -47.85 20.09
C ASP M 14 80.87 -46.41 20.49
N VAL M 15 80.22 -46.23 21.63
CA VAL M 15 79.91 -44.92 22.19
C VAL M 15 80.36 -44.91 23.64
N VAL M 16 81.05 -43.84 24.07
CA VAL M 16 81.47 -43.67 25.45
C VAL M 16 81.15 -42.25 25.92
N TYR M 17 81.03 -42.10 27.24
CA TYR M 17 80.91 -40.80 27.88
C TYR M 17 82.29 -40.25 28.26
N ASP M 18 82.29 -38.97 28.61
CA ASP M 18 83.45 -38.32 29.20
C ASP M 18 83.37 -38.43 30.71
N PHE M 19 84.26 -37.71 31.40
CA PHE M 19 84.24 -37.71 32.86
C PHE M 19 83.09 -36.88 33.40
N TYR M 20 82.83 -35.72 32.81
CA TYR M 20 81.80 -34.84 33.33
C TYR M 20 80.39 -35.27 32.97
N GLY M 21 80.23 -36.20 32.03
CA GLY M 21 78.92 -36.68 31.68
C GLY M 21 78.14 -35.81 30.74
N ARG M 22 78.79 -34.85 30.09
CA ARG M 22 78.09 -33.97 29.15
C ARG M 22 78.60 -34.11 27.72
N HIS M 23 79.53 -35.01 27.46
CA HIS M 23 80.02 -35.26 26.11
C HIS M 23 79.97 -36.75 25.81
N VAL M 24 79.60 -37.10 24.58
CA VAL M 24 79.75 -38.45 24.08
C VAL M 24 80.54 -38.39 22.79
N ALA M 25 81.19 -39.50 22.48
CA ALA M 25 81.95 -39.64 21.25
C ALA M 25 81.50 -40.92 20.57
N THR M 26 81.23 -40.84 19.27
CA THR M 26 80.68 -41.96 18.52
C THR M 26 81.65 -42.32 17.40
N CYS M 27 82.16 -43.54 17.43
CA CYS M 27 82.92 -44.07 16.32
C CYS M 27 82.04 -45.03 15.55
N SER M 28 82.33 -45.20 14.27
CA SER M 28 81.48 -45.99 13.41
C SER M 28 82.32 -46.57 12.28
N SER M 29 81.67 -47.34 11.43
CA SER M 29 82.35 -48.00 10.32
C SER M 29 82.36 -47.17 9.05
N ASP M 30 81.84 -45.94 9.09
CA ASP M 30 82.03 -44.99 8.01
C ASP M 30 83.28 -44.14 8.19
N GLN M 31 84.28 -44.69 8.89
CA GLN M 31 85.58 -44.08 9.21
C GLN M 31 85.44 -42.63 9.70
N HIS M 32 84.57 -42.45 10.70
CA HIS M 32 84.29 -41.14 11.24
C HIS M 32 84.25 -41.21 12.77
N ILE M 33 84.52 -40.06 13.39
CA ILE M 33 84.27 -39.85 14.81
C ILE M 33 83.46 -38.56 14.95
N LYS M 34 82.34 -38.62 15.63
CA LYS M 34 81.53 -37.45 15.92
C LYS M 34 81.39 -37.31 17.43
N VAL M 35 81.68 -36.13 17.95
CA VAL M 35 81.61 -35.86 19.38
C VAL M 35 80.45 -34.90 19.60
N PHE M 36 79.51 -35.32 20.43
CA PHE M 36 78.33 -34.53 20.75
C PHE M 36 78.48 -33.89 22.10
N LYS M 37 77.81 -32.75 22.28
CA LYS M 37 77.82 -32.04 23.55
C LYS M 37 76.39 -31.90 24.05
N LEU M 38 76.21 -32.01 25.37
CA LEU M 38 74.89 -31.91 25.98
C LEU M 38 74.59 -30.44 26.21
N ASP M 39 73.58 -29.93 25.51
CA ASP M 39 73.22 -28.53 25.64
C ASP M 39 72.61 -28.27 27.01
N LYS M 40 73.04 -27.17 27.62
CA LYS M 40 72.53 -26.82 28.95
C LYS M 40 71.12 -26.24 28.86
N ASP M 41 70.84 -25.48 27.79
CA ASP M 41 69.55 -24.80 27.68
C ASP M 41 68.47 -25.73 27.13
N THR M 42 68.66 -26.22 25.90
CA THR M 42 67.62 -27.01 25.25
C THR M 42 67.59 -28.46 25.70
N SER M 43 68.65 -28.93 26.37
CA SER M 43 68.79 -30.30 26.86
C SER M 43 68.65 -31.33 25.75
N ASN M 44 69.08 -30.97 24.55
CA ASN M 44 69.04 -31.86 23.39
C ASN M 44 70.45 -31.99 22.84
N TRP M 45 70.87 -33.22 22.54
CA TRP M 45 72.24 -33.45 22.13
C TRP M 45 72.48 -32.93 20.72
N GLU M 46 73.57 -32.19 20.56
CA GLU M 46 73.92 -31.59 19.28
C GLU M 46 75.39 -31.82 19.00
N LEU M 47 75.74 -31.81 17.72
CA LEU M 47 77.08 -32.15 17.28
C LEU M 47 78.06 -31.02 17.57
N SER M 48 79.30 -31.40 17.88
CA SER M 48 80.38 -30.44 18.07
C SER M 48 81.43 -30.52 16.98
N ASP M 49 81.88 -31.73 16.63
CA ASP M 49 82.79 -31.91 15.51
C ASP M 49 82.51 -33.25 14.86
N SER M 50 82.71 -33.30 13.54
CA SER M 50 82.46 -34.51 12.74
C SER M 50 83.59 -34.63 11.72
N TRP M 51 84.64 -35.36 12.10
CA TRP M 51 85.83 -35.46 11.27
C TRP M 51 86.16 -36.91 10.97
N ARG M 52 86.60 -37.16 9.74
CA ARG M 52 87.08 -38.47 9.35
C ARG M 52 88.40 -38.76 10.05
N ALA M 53 88.50 -39.94 10.66
CA ALA M 53 89.64 -40.26 11.52
C ALA M 53 90.57 -41.31 10.91
N HIS M 54 90.05 -42.48 10.55
CA HIS M 54 90.90 -43.59 10.13
C HIS M 54 90.64 -43.96 8.69
N ASP M 55 91.42 -44.93 8.19
CA ASP M 55 91.28 -45.46 6.85
C ASP M 55 90.39 -46.69 6.79
N SER M 56 89.93 -47.19 7.93
CA SER M 56 89.05 -48.34 7.97
C SER M 56 87.99 -48.07 9.05
N SER M 57 87.30 -49.12 9.46
CA SER M 57 86.22 -48.98 10.42
C SER M 57 86.78 -48.85 11.83
N ILE M 58 86.35 -47.80 12.53
CA ILE M 58 86.76 -47.57 13.92
C ILE M 58 85.81 -48.34 14.83
N VAL M 59 86.38 -49.07 15.78
CA VAL M 59 85.57 -49.96 16.61
C VAL M 59 85.64 -49.65 18.10
N ALA M 60 86.62 -48.90 18.57
CA ALA M 60 86.76 -48.64 20.00
C ALA M 60 87.38 -47.27 20.22
N ILE M 61 86.74 -46.46 21.05
CA ILE M 61 87.25 -45.15 21.44
C ILE M 61 87.13 -45.01 22.94
N ASP M 62 87.98 -44.17 23.52
CA ASP M 62 87.98 -43.96 24.96
C ASP M 62 88.54 -42.58 25.27
N TRP M 63 87.86 -41.86 26.16
CA TRP M 63 88.30 -40.54 26.59
C TRP M 63 89.40 -40.64 27.63
N ALA M 64 90.25 -39.62 27.65
CA ALA M 64 91.22 -39.47 28.74
C ALA M 64 90.62 -38.64 29.85
N SER M 65 91.31 -38.64 30.99
CA SER M 65 90.87 -37.85 32.13
C SER M 65 91.03 -36.37 31.83
N PRO M 66 90.11 -35.52 32.29
CA PRO M 66 90.15 -34.09 31.91
C PRO M 66 91.35 -33.33 32.46
N GLU M 67 91.99 -33.82 33.52
CA GLU M 67 93.21 -33.20 34.02
C GLU M 67 94.36 -33.32 33.02
N TYR M 68 94.33 -34.32 32.15
CA TYR M 68 95.29 -34.44 31.07
C TYR M 68 94.81 -33.78 29.79
N GLY M 69 93.69 -33.07 29.84
CA GLY M 69 93.12 -32.47 28.66
C GLY M 69 92.13 -33.40 27.98
N ARG M 70 91.66 -32.95 26.83
CA ARG M 70 90.65 -33.68 26.06
C ARG M 70 91.37 -34.52 25.01
N ILE M 71 91.58 -35.80 25.33
CA ILE M 71 92.30 -36.73 24.45
C ILE M 71 91.40 -37.94 24.22
N ILE M 72 91.21 -38.30 22.95
CA ILE M 72 90.39 -39.44 22.55
C ILE M 72 91.28 -40.47 21.89
N ALA M 73 91.30 -41.68 22.44
CA ALA M 73 92.11 -42.77 21.91
C ALA M 73 91.23 -43.64 21.02
N SER M 74 91.41 -43.52 19.70
CA SER M 74 90.60 -44.24 18.74
C SER M 74 91.40 -45.41 18.18
N ALA M 75 90.84 -46.61 18.29
CA ALA M 75 91.42 -47.81 17.70
C ALA M 75 90.50 -48.31 16.59
N SER M 76 91.09 -48.72 15.48
CA SER M 76 90.30 -49.16 14.34
C SER M 76 90.81 -50.48 13.79
N TYR M 77 90.25 -50.92 12.67
CA TYR M 77 90.63 -52.18 12.05
C TYR M 77 91.80 -52.04 11.10
N ASP M 78 92.41 -50.85 11.00
CA ASP M 78 93.54 -50.62 10.12
C ASP M 78 94.87 -50.60 10.84
N LYS M 79 94.98 -51.37 11.92
CA LYS M 79 96.20 -51.56 12.71
C LYS M 79 96.81 -50.24 13.19
N THR M 80 95.96 -49.35 13.70
CA THR M 80 96.40 -48.04 14.16
C THR M 80 95.69 -47.67 15.46
N VAL M 81 96.35 -46.80 16.23
CA VAL M 81 95.75 -46.08 17.34
C VAL M 81 95.96 -44.61 17.09
N LYS M 82 94.88 -43.83 17.11
CA LYS M 82 94.99 -42.41 16.84
C LYS M 82 94.45 -41.61 18.03
N LEU M 83 95.19 -40.56 18.37
CA LEU M 83 94.97 -39.76 19.56
C LEU M 83 94.62 -38.34 19.14
N TRP M 84 93.54 -37.80 19.69
CA TRP M 84 92.98 -36.56 19.17
C TRP M 84 92.80 -35.55 20.31
N GLU M 85 93.33 -34.35 20.11
CA GLU M 85 93.28 -33.29 21.12
C GLU M 85 92.48 -32.11 20.59
N GLU M 86 91.66 -31.53 21.47
CA GLU M 86 90.77 -30.46 21.06
C GLU M 86 91.49 -29.12 21.08
N ASP M 87 91.39 -28.37 20.00
CA ASP M 87 91.96 -27.03 19.92
C ASP M 87 90.83 -26.03 20.00
N PRO M 88 90.74 -25.23 21.07
CA PRO M 88 89.52 -24.43 21.29
C PRO M 88 89.39 -23.24 20.36
N ASP M 89 90.45 -22.78 19.72
CA ASP M 89 90.38 -21.61 18.84
C ASP M 89 90.05 -22.05 17.40
N GLN M 90 88.90 -22.70 17.28
CA GLN M 90 88.39 -23.17 16.00
C GLN M 90 86.88 -23.24 16.08
N GLU M 91 86.21 -22.94 14.98
CA GLU M 91 84.75 -22.92 14.98
C GLU M 91 84.18 -24.32 15.09
N GLU M 92 82.98 -24.40 15.66
CA GLU M 92 82.31 -25.68 15.85
C GLU M 92 81.80 -26.25 14.54
N CYS M 93 81.69 -27.59 14.49
CA CYS M 93 81.22 -28.35 13.33
C CYS M 93 82.03 -28.04 12.07
N SER M 94 83.35 -28.01 12.24
CA SER M 94 84.25 -27.70 11.14
C SER M 94 84.95 -28.93 10.58
N GLY M 95 85.60 -29.70 11.43
CA GLY M 95 86.43 -30.81 11.01
C GLY M 95 87.88 -30.68 11.39
N ARG M 96 88.30 -29.53 11.92
CA ARG M 96 89.65 -29.33 12.43
C ARG M 96 89.65 -28.97 13.91
N ARG M 97 88.52 -29.18 14.60
CA ARG M 97 88.46 -28.89 16.03
C ARG M 97 89.33 -29.83 16.84
N TRP M 98 89.44 -31.07 16.42
CA TRP M 98 90.20 -32.08 17.15
C TRP M 98 91.46 -32.38 16.34
N ASN M 99 92.55 -31.70 16.68
CA ASN M 99 93.81 -31.91 15.97
C ASN M 99 94.43 -33.24 16.38
N LYS M 100 95.00 -33.92 15.40
CA LYS M 100 95.63 -35.21 15.62
C LYS M 100 96.89 -35.05 16.44
N LEU M 101 97.18 -36.04 17.29
CA LEU M 101 98.38 -36.04 18.10
C LEU M 101 99.39 -37.08 17.63
N CYS M 102 99.01 -38.34 17.53
CA CYS M 102 99.97 -39.36 17.16
C CYS M 102 99.25 -40.57 16.56
N THR M 103 100.01 -41.34 15.80
CA THR M 103 99.61 -42.65 15.33
C THR M 103 100.56 -43.68 15.93
N LEU M 104 100.01 -44.69 16.59
CA LEU M 104 100.81 -45.76 17.18
C LEU M 104 100.82 -46.91 16.17
N ASN M 105 101.80 -46.87 15.27
CA ASN M 105 101.94 -47.88 14.22
C ASN M 105 102.80 -49.06 14.67
N ASP M 106 102.48 -49.61 15.83
CA ASP M 106 103.20 -50.76 16.37
C ASP M 106 102.33 -52.01 16.38
N SER M 107 101.19 -51.98 15.71
CA SER M 107 100.26 -53.09 15.69
C SER M 107 100.35 -53.84 14.38
N LYS M 108 100.42 -55.15 14.46
CA LYS M 108 100.40 -56.02 13.30
C LYS M 108 99.03 -56.59 13.00
N GLY M 109 98.00 -56.15 13.74
CA GLY M 109 96.66 -56.66 13.53
C GLY M 109 95.61 -55.62 13.85
N SER M 110 94.39 -55.92 13.41
CA SER M 110 93.27 -55.02 13.60
C SER M 110 92.87 -54.97 15.08
N LEU M 111 92.69 -53.77 15.60
CA LEU M 111 92.38 -53.63 17.02
C LEU M 111 90.88 -53.75 17.27
N TYR M 112 90.55 -54.08 18.50
CA TYR M 112 89.18 -54.27 18.94
C TYR M 112 88.83 -53.45 20.16
N SER M 113 89.75 -53.25 21.09
CA SER M 113 89.48 -52.54 22.33
C SER M 113 90.65 -51.67 22.70
N VAL M 114 90.37 -50.42 23.06
CA VAL M 114 91.35 -49.49 23.61
C VAL M 114 90.75 -48.85 24.86
N LYS M 115 91.55 -48.74 25.92
CA LYS M 115 91.05 -48.21 27.18
C LYS M 115 92.15 -47.39 27.85
N PHE M 116 91.81 -46.17 28.24
CA PHE M 116 92.73 -45.36 29.04
C PHE M 116 92.79 -45.89 30.47
N ALA M 117 93.96 -45.77 31.08
CA ALA M 117 94.18 -46.16 32.46
C ALA M 117 93.54 -45.12 33.39
N PRO M 118 93.39 -45.45 34.68
CA PRO M 118 92.99 -44.41 35.64
C PRO M 118 94.05 -43.33 35.77
N ALA M 119 93.64 -42.20 36.36
CA ALA M 119 94.48 -41.01 36.36
C ALA M 119 95.74 -41.18 37.20
N HIS M 120 95.68 -41.98 38.27
CA HIS M 120 96.84 -42.11 39.15
C HIS M 120 97.96 -42.95 38.54
N LEU M 121 97.73 -43.61 37.41
CA LEU M 121 98.81 -44.25 36.67
C LEU M 121 99.48 -43.30 35.70
N GLY M 122 98.97 -42.08 35.55
CA GLY M 122 99.48 -41.18 34.54
C GLY M 122 98.60 -41.18 33.32
N LEU M 123 99.17 -40.88 32.16
CA LEU M 123 98.45 -41.00 30.89
C LEU M 123 98.85 -42.29 30.19
N LYS M 124 98.40 -43.41 30.75
CA LYS M 124 98.72 -44.72 30.23
C LYS M 124 97.60 -45.20 29.32
N LEU M 125 97.94 -46.03 28.35
CA LEU M 125 97.02 -46.54 27.35
C LEU M 125 97.14 -48.04 27.24
N ALA M 126 96.03 -48.70 26.91
CA ALA M 126 96.01 -50.14 26.69
C ALA M 126 95.38 -50.42 25.33
N CYS M 127 96.05 -51.24 24.52
CA CYS M 127 95.59 -51.54 23.17
C CYS M 127 95.65 -53.04 22.94
N LEU M 128 94.55 -53.61 22.46
CA LEU M 128 94.49 -55.03 22.18
C LEU M 128 93.78 -55.26 20.86
N GLY M 129 94.32 -56.18 20.06
CA GLY M 129 93.71 -56.55 18.79
C GLY M 129 93.77 -58.05 18.56
N ASN M 130 93.75 -58.48 17.30
CA ASN M 130 93.84 -59.89 16.99
C ASN M 130 95.27 -60.39 16.87
N ASP M 131 96.24 -59.53 17.17
CA ASP M 131 97.63 -59.98 17.22
C ASP M 131 97.92 -60.80 18.47
N GLY M 132 97.06 -60.75 19.48
CA GLY M 132 97.31 -61.46 20.71
C GLY M 132 98.35 -60.84 21.60
N ILE M 133 98.74 -59.59 21.34
CA ILE M 133 99.76 -58.89 22.10
C ILE M 133 99.13 -57.64 22.70
N LEU M 134 99.32 -57.47 24.01
CA LEU M 134 98.88 -56.27 24.72
C LEU M 134 100.06 -55.33 24.86
N ARG M 135 99.94 -54.13 24.29
CA ARG M 135 101.00 -53.13 24.35
C ARG M 135 100.49 -51.92 25.12
N LEU M 136 101.26 -51.53 26.14
CA LEU M 136 100.93 -50.38 26.98
C LEU M 136 101.70 -49.16 26.49
N TYR M 137 100.99 -48.06 26.28
CA TYR M 137 101.58 -46.83 25.78
C TYR M 137 101.53 -45.76 26.88
N ASP M 138 102.66 -45.12 27.12
CA ASP M 138 102.82 -44.17 28.22
C ASP M 138 103.17 -42.79 27.67
N ALA M 139 102.57 -41.76 28.25
CA ALA M 139 102.89 -40.37 27.90
C ALA M 139 103.80 -39.84 29.00
N LEU M 140 105.11 -40.07 28.84
CA LEU M 140 106.06 -39.76 29.89
C LEU M 140 106.29 -38.27 30.03
N GLU M 141 106.41 -37.56 28.91
CA GLU M 141 106.77 -36.15 28.94
C GLU M 141 105.51 -35.30 28.85
N PRO M 142 105.14 -34.56 29.90
CA PRO M 142 103.93 -33.73 29.82
C PRO M 142 104.08 -32.47 29.01
N SER M 143 105.32 -32.08 28.68
CA SER M 143 105.53 -30.86 27.89
C SER M 143 105.00 -31.01 26.48
N ASP M 144 105.17 -32.19 25.88
CA ASP M 144 104.62 -32.49 24.56
C ASP M 144 103.82 -33.78 24.65
N LEU M 145 102.52 -33.68 24.40
CA LEU M 145 101.67 -34.86 24.33
C LEU M 145 101.62 -35.42 22.92
N ARG M 146 102.81 -35.63 22.33
CA ARG M 146 102.93 -36.22 21.01
C ARG M 146 103.96 -37.34 20.96
N SER M 147 104.69 -37.57 22.05
CA SER M 147 105.63 -38.67 22.15
C SER M 147 105.07 -39.69 23.13
N TRP M 148 104.88 -40.92 22.64
CA TRP M 148 104.32 -41.99 23.44
C TRP M 148 105.24 -43.19 23.36
N THR M 149 105.57 -43.78 24.50
CA THR M 149 106.53 -44.86 24.58
C THR M 149 105.83 -46.18 24.86
N LEU M 150 106.36 -47.25 24.27
CA LEU M 150 105.86 -48.59 24.47
C LEU M 150 106.72 -49.29 25.51
N THR M 151 106.12 -49.65 26.64
CA THR M 151 106.87 -50.19 27.77
C THR M 151 106.55 -51.64 28.06
N SER M 152 105.27 -51.98 28.25
CA SER M 152 104.87 -53.34 28.59
C SER M 152 104.28 -54.01 27.36
N GLU M 153 104.81 -55.20 27.02
CA GLU M 153 104.39 -55.96 25.86
C GLU M 153 104.19 -57.41 26.30
N MET M 154 102.96 -57.76 26.64
CA MET M 154 102.62 -59.11 27.10
C MET M 154 101.74 -59.79 26.07
N LYS M 155 102.07 -61.03 25.75
CA LYS M 155 101.33 -61.81 24.77
C LYS M 155 100.19 -62.56 25.47
N VAL M 156 98.96 -62.31 25.01
CA VAL M 156 97.79 -62.94 25.63
C VAL M 156 97.29 -64.14 24.86
N LEU M 157 97.77 -64.37 23.64
CA LEU M 157 97.35 -65.49 22.82
C LEU M 157 98.56 -66.21 22.27
N SER M 158 98.46 -67.54 22.18
CA SER M 158 99.55 -68.32 21.61
C SER M 158 99.70 -68.07 20.12
N ILE M 159 98.60 -68.12 19.38
CA ILE M 159 98.60 -67.84 17.94
C ILE M 159 97.48 -66.85 17.64
N PRO M 160 97.61 -66.03 16.60
CA PRO M 160 96.50 -65.18 16.21
C PRO M 160 95.34 -66.00 15.70
N PRO M 161 94.11 -65.51 15.81
CA PRO M 161 92.95 -66.26 15.32
C PRO M 161 92.95 -66.35 13.80
N ALA M 162 92.13 -67.28 13.31
CA ALA M 162 92.02 -67.52 11.88
C ALA M 162 91.35 -66.36 11.18
N ASN M 163 91.52 -66.32 9.86
CA ASN M 163 90.95 -65.23 9.07
C ASN M 163 89.43 -65.26 9.04
N HIS M 164 88.82 -66.43 9.18
CA HIS M 164 87.38 -66.60 9.06
C HIS M 164 86.66 -66.69 10.39
N LEU M 165 87.26 -67.32 11.40
CA LEU M 165 86.64 -67.42 12.72
C LEU M 165 86.57 -66.05 13.36
N GLN M 166 85.47 -65.78 14.05
CA GLN M 166 85.30 -64.50 14.72
C GLN M 166 86.01 -64.49 16.07
N SER M 167 86.39 -63.29 16.50
CA SER M 167 87.06 -63.09 17.78
C SER M 167 86.65 -61.72 18.31
N ASP M 168 86.56 -61.62 19.63
CA ASP M 168 86.21 -60.35 20.26
C ASP M 168 87.09 -60.12 21.47
N PHE M 169 87.45 -58.86 21.70
CA PHE M 169 88.34 -58.45 22.78
C PHE M 169 87.74 -57.24 23.49
N CYS M 170 87.87 -57.22 24.82
CA CYS M 170 87.43 -56.10 25.63
C CYS M 170 88.40 -55.90 26.77
N LEU M 171 88.71 -54.64 27.08
CA LEU M 171 89.62 -54.28 28.14
C LEU M 171 88.91 -53.46 29.21
N SER M 172 89.35 -53.62 30.45
CA SER M 172 88.84 -52.83 31.56
C SER M 172 89.94 -52.69 32.60
N TRP M 173 90.23 -51.45 32.99
CA TRP M 173 91.29 -51.16 33.94
C TRP M 173 90.77 -51.35 35.37
N CYS M 174 91.57 -50.97 36.35
CA CYS M 174 91.20 -51.11 37.77
C CYS M 174 91.12 -49.76 38.43
N PRO M 175 89.93 -49.23 38.68
CA PRO M 175 89.80 -47.89 39.30
C PRO M 175 89.94 -47.92 40.81
N SER M 176 91.07 -48.43 41.28
CA SER M 176 91.40 -48.45 42.71
C SER M 176 92.72 -47.73 42.91
N ARG M 177 92.67 -46.59 43.60
CA ARG M 177 93.84 -45.74 43.78
C ARG M 177 94.81 -46.28 44.82
N PHE M 178 94.41 -47.25 45.63
CA PHE M 178 95.23 -47.76 46.70
C PHE M 178 95.42 -49.27 46.57
N SER M 179 95.52 -49.72 45.33
CA SER M 179 95.81 -51.09 44.96
C SER M 179 96.80 -51.04 43.81
N PRO M 180 97.61 -52.09 43.62
CA PRO M 180 98.56 -52.10 42.50
C PRO M 180 97.84 -52.11 41.16
N GLU M 181 98.63 -51.94 40.11
CA GLU M 181 98.09 -51.77 38.77
C GLU M 181 97.51 -53.10 38.28
N LYS M 182 96.23 -53.09 37.93
CA LYS M 182 95.53 -54.28 37.46
C LYS M 182 94.81 -53.97 36.16
N LEU M 183 94.72 -54.98 35.30
CA LEU M 183 94.09 -54.84 33.99
C LEU M 183 93.36 -56.13 33.65
N ALA M 184 92.13 -56.00 33.15
CA ALA M 184 91.31 -57.15 32.77
C ALA M 184 91.36 -57.31 31.27
N VAL M 185 91.68 -58.52 30.81
CA VAL M 185 91.95 -58.79 29.41
C VAL M 185 91.10 -59.98 29.00
N SER M 186 90.15 -59.73 28.10
CA SER M 186 89.20 -60.76 27.65
C SER M 186 89.58 -61.14 26.22
N ALA M 187 90.48 -62.11 26.09
CA ALA M 187 90.99 -62.55 24.78
C ALA M 187 90.31 -63.87 24.43
N LEU M 188 89.32 -63.80 23.52
CA LEU M 188 88.61 -64.95 22.99
C LEU M 188 87.83 -65.66 24.08
N GLU M 189 88.40 -66.73 24.61
CA GLU M 189 87.80 -67.47 25.71
C GLU M 189 88.82 -67.56 26.86
N GLN M 190 89.24 -66.39 27.33
CA GLN M 190 90.13 -66.23 28.47
C GLN M 190 89.88 -64.87 29.10
N ALA M 191 89.58 -64.85 30.40
CA ALA M 191 89.52 -63.59 31.15
C ALA M 191 90.73 -63.54 32.08
N ILE M 192 91.69 -62.68 31.76
CA ILE M 192 92.97 -62.62 32.45
C ILE M 192 93.10 -61.30 33.20
N ILE M 193 93.53 -61.37 34.46
CA ILE M 193 93.84 -60.19 35.25
C ILE M 193 95.35 -60.06 35.32
N TYR M 194 95.87 -58.94 34.82
CA TYR M 194 97.30 -58.69 34.72
C TYR M 194 97.70 -57.69 35.79
N GLN M 195 98.67 -58.06 36.61
CA GLN M 195 99.08 -57.23 37.74
C GLN M 195 100.54 -56.81 37.61
N ARG M 196 100.83 -55.59 38.05
CA ARG M 196 102.18 -55.05 38.03
C ARG M 196 102.98 -55.61 39.19
N GLY M 197 104.22 -56.03 38.90
CA GLY M 197 105.08 -56.62 39.91
C GLY M 197 106.10 -55.63 40.46
N LYS M 198 106.98 -56.16 41.30
CA LYS M 198 108.07 -55.34 41.84
C LYS M 198 109.11 -55.01 40.77
N ASP M 199 109.25 -55.86 39.75
CA ASP M 199 110.19 -55.60 38.67
C ASP M 199 109.63 -54.65 37.62
N GLY M 200 108.35 -54.30 37.70
CA GLY M 200 107.73 -53.43 36.73
C GLY M 200 107.17 -54.10 35.50
N LYS M 201 107.13 -55.43 35.47
CA LYS M 201 106.59 -56.18 34.36
C LYS M 201 105.32 -56.92 34.78
N LEU M 202 104.32 -56.87 33.92
CA LEU M 202 103.04 -57.51 34.21
C LEU M 202 103.16 -59.02 34.17
N HIS M 203 102.35 -59.68 35.00
CA HIS M 203 102.30 -61.14 35.06
C HIS M 203 100.86 -61.58 35.14
N VAL M 204 100.63 -62.85 34.83
CA VAL M 204 99.31 -63.45 34.96
C VAL M 204 99.02 -63.61 36.45
N ALA M 205 98.10 -62.79 36.97
CA ALA M 205 97.79 -62.82 38.39
C ALA M 205 96.71 -63.85 38.71
N ALA M 206 95.55 -63.72 38.08
CA ALA M 206 94.48 -64.67 38.25
C ALA M 206 93.64 -64.71 36.98
N LYS M 207 92.93 -65.82 36.79
CA LYS M 207 92.06 -66.01 35.64
C LYS M 207 90.64 -66.25 36.15
N LEU M 208 89.68 -65.53 35.57
CA LEU M 208 88.29 -65.74 35.93
C LEU M 208 87.79 -67.04 35.31
N PRO M 209 87.30 -67.98 36.10
CA PRO M 209 86.88 -69.28 35.56
C PRO M 209 85.52 -69.18 34.87
N GLY M 210 85.03 -70.33 34.40
CA GLY M 210 83.80 -70.37 33.64
C GLY M 210 84.08 -70.12 32.17
N HIS M 211 83.22 -69.33 31.52
CA HIS M 211 83.45 -68.81 30.17
C HIS M 211 83.63 -69.94 29.15
N LYS M 212 82.55 -70.67 28.91
CA LYS M 212 82.58 -71.74 27.93
C LYS M 212 82.50 -71.25 26.49
N SER M 213 82.28 -69.97 26.25
CA SER M 213 82.13 -69.45 24.90
C SER M 213 82.94 -68.17 24.75
N LEU M 214 82.66 -67.45 23.66
CA LEU M 214 83.41 -66.27 23.28
C LEU M 214 82.97 -65.09 24.14
N ILE M 215 83.94 -64.33 24.67
CA ILE M 215 83.68 -63.23 25.58
C ILE M 215 83.43 -61.96 24.76
N ARG M 216 82.39 -61.21 25.12
CA ARG M 216 81.97 -60.04 24.35
C ARG M 216 82.23 -58.72 25.04
N SER M 217 82.11 -58.64 26.36
CA SER M 217 82.34 -57.39 27.06
C SER M 217 82.75 -57.67 28.49
N ILE M 218 83.71 -56.90 29.00
CA ILE M 218 84.14 -56.97 30.38
C ILE M 218 84.08 -55.56 30.96
N SER M 219 83.86 -55.48 32.27
CA SER M 219 83.70 -54.19 32.92
C SER M 219 84.05 -54.33 34.39
N TRP M 220 84.78 -53.34 34.91
CA TRP M 220 85.22 -53.33 36.29
C TRP M 220 84.40 -52.31 37.06
N ALA M 221 83.83 -52.74 38.18
CA ALA M 221 83.03 -51.85 39.00
C ALA M 221 83.92 -50.85 39.73
N PRO M 222 83.50 -49.59 39.82
CA PRO M 222 84.33 -48.57 40.49
C PRO M 222 84.45 -48.86 41.99
N SER M 223 85.68 -48.99 42.45
CA SER M 223 85.92 -49.21 43.87
C SER M 223 85.63 -47.94 44.65
N ILE M 224 84.65 -47.99 45.54
CA ILE M 224 84.25 -46.82 46.31
C ILE M 224 84.58 -47.05 47.78
N GLY M 225 85.58 -47.87 48.05
CA GLY M 225 86.03 -48.11 49.42
C GLY M 225 85.68 -49.47 49.97
N ARG M 226 84.91 -50.28 49.25
CA ARG M 226 84.57 -51.61 49.75
C ARG M 226 85.79 -52.52 49.70
N TRP M 227 85.75 -53.58 50.51
CA TRP M 227 86.89 -54.47 50.60
C TRP M 227 86.92 -55.53 49.50
N TYR M 228 85.93 -55.55 48.61
CA TYR M 228 85.88 -56.52 47.53
C TYR M 228 85.60 -55.80 46.22
N GLN M 229 86.21 -56.32 45.16
CA GLN M 229 86.05 -55.76 43.82
C GLN M 229 85.08 -56.60 43.00
N LEU M 230 84.52 -55.98 41.97
CA LEU M 230 83.52 -56.63 41.13
C LEU M 230 83.89 -56.46 39.66
N ILE M 231 83.86 -57.57 38.92
CA ILE M 231 84.08 -57.58 37.49
C ILE M 231 82.86 -58.23 36.84
N ALA M 232 82.23 -57.52 35.91
CA ALA M 232 81.06 -58.03 35.21
C ALA M 232 81.45 -58.47 33.81
N THR M 233 80.97 -59.64 33.39
CA THR M 233 81.31 -60.21 32.10
C THR M 233 80.06 -60.67 31.38
N GLY M 234 79.99 -60.39 30.08
CA GLY M 234 78.91 -60.90 29.25
C GLY M 234 79.45 -61.73 28.11
N CYS M 235 79.10 -63.01 28.10
CA CYS M 235 79.65 -63.97 27.16
C CYS M 235 78.79 -64.04 25.90
N LYS M 236 79.19 -64.91 24.97
CA LYS M 236 78.30 -65.28 23.87
C LYS M 236 77.16 -66.16 24.35
N ASP M 237 77.36 -66.86 25.46
CA ASP M 237 76.26 -67.42 26.22
C ASP M 237 75.53 -66.29 26.94
N GLY M 238 74.32 -66.58 27.39
CA GLY M 238 73.52 -65.57 28.03
C GLY M 238 73.84 -65.35 29.49
N ARG M 239 75.11 -65.50 29.86
CA ARG M 239 75.55 -65.40 31.25
C ARG M 239 76.13 -64.02 31.52
N ILE M 240 75.45 -63.27 32.39
CA ILE M 240 76.03 -62.08 33.00
C ILE M 240 76.74 -62.55 34.26
N ARG M 241 78.06 -62.66 34.19
CA ARG M 241 78.85 -63.19 35.29
C ARG M 241 79.48 -62.05 36.06
N ILE M 242 79.19 -61.98 37.35
CA ILE M 242 79.72 -60.96 38.23
C ILE M 242 80.72 -61.65 39.15
N PHE M 243 81.99 -61.33 38.99
CA PHE M 243 83.07 -61.98 39.73
C PHE M 243 83.45 -61.14 40.94
N LYS M 244 83.69 -61.81 42.05
CA LYS M 244 84.07 -61.15 43.30
C LYS M 244 85.53 -61.44 43.59
N ILE M 245 86.31 -60.39 43.81
CA ILE M 245 87.76 -60.49 43.95
C ILE M 245 88.15 -59.89 45.30
N THR M 246 88.87 -60.66 46.10
CA THR M 246 89.39 -60.21 47.39
C THR M 246 90.91 -60.18 47.32
N GLU M 247 91.49 -59.02 47.63
CA GLU M 247 92.93 -58.81 47.53
C GLU M 247 93.49 -58.49 48.90
N LYS M 248 94.60 -59.13 49.26
CA LYS M 248 95.26 -58.85 50.52
C LYS M 248 96.78 -58.73 50.35
N LEU M 288 104.65 -59.03 42.30
CA LEU M 288 103.39 -59.46 42.90
C LEU M 288 103.43 -59.32 44.42
N GLN M 289 103.19 -58.10 44.91
CA GLN M 289 103.20 -57.89 46.35
C GLN M 289 101.98 -58.47 47.02
N SER M 290 100.82 -58.41 46.34
CA SER M 290 99.55 -58.84 46.92
C SER M 290 98.93 -59.93 46.06
N ASN M 291 98.45 -60.99 46.70
CA ASN M 291 97.74 -62.05 46.00
C ASN M 291 96.24 -61.82 46.09
N LEU M 292 95.53 -62.28 45.05
CA LEU M 292 94.11 -62.01 44.92
C LEU M 292 93.40 -63.29 44.50
N GLN M 293 92.25 -63.54 45.10
CA GLN M 293 91.47 -64.75 44.86
C GLN M 293 90.16 -64.40 44.15
N VAL M 294 89.74 -65.25 43.23
CA VAL M 294 88.58 -65.00 42.38
C VAL M 294 87.48 -65.96 42.79
N GLU M 295 86.32 -65.42 43.14
CA GLU M 295 85.14 -66.20 43.49
C GLU M 295 83.95 -65.67 42.72
N LEU M 296 83.24 -66.55 42.02
CA LEU M 296 82.08 -66.12 41.25
C LEU M 296 80.92 -65.83 42.19
N LEU M 297 80.33 -64.65 42.03
CA LEU M 297 79.20 -64.24 42.85
C LEU M 297 77.86 -64.61 42.27
N SER M 298 77.74 -64.65 40.94
CA SER M 298 76.44 -64.92 40.33
C SER M 298 76.66 -65.41 38.90
N GLU M 299 75.60 -66.01 38.35
CA GLU M 299 75.60 -66.48 36.97
C GLU M 299 74.15 -66.43 36.49
N HIS M 300 73.82 -65.37 35.77
CA HIS M 300 72.43 -65.03 35.44
C HIS M 300 72.14 -65.33 33.98
N ASP M 301 71.02 -66.02 33.73
CA ASP M 301 70.63 -66.42 32.38
C ASP M 301 69.28 -65.84 31.98
N ASP M 302 69.05 -64.56 32.23
CA ASP M 302 67.78 -63.96 31.87
C ASP M 302 67.73 -63.47 30.43
N HIS M 303 68.81 -63.59 29.66
CA HIS M 303 68.81 -63.10 28.30
C HIS M 303 68.58 -64.19 27.26
N ASN M 304 69.10 -65.39 27.51
CA ASN M 304 68.99 -66.55 26.62
C ASN M 304 69.50 -66.24 25.23
N GLY M 305 70.70 -65.67 25.17
CA GLY M 305 71.28 -65.24 23.92
C GLY M 305 72.74 -64.88 24.10
N GLU M 306 73.18 -63.78 23.49
CA GLU M 306 74.56 -63.30 23.61
C GLU M 306 74.54 -61.94 24.28
N VAL M 307 75.21 -61.83 25.42
CA VAL M 307 75.27 -60.57 26.16
C VAL M 307 76.36 -59.72 25.50
N TRP M 308 75.95 -58.73 24.72
CA TRP M 308 76.90 -57.95 23.94
C TRP M 308 77.68 -56.97 24.80
N SER M 309 76.97 -56.20 25.63
CA SER M 309 77.61 -55.19 26.47
C SER M 309 77.08 -55.28 27.88
N VAL M 310 77.99 -55.31 28.85
CA VAL M 310 77.65 -55.21 30.26
C VAL M 310 78.50 -54.12 30.88
N SER M 311 77.89 -53.24 31.67
CA SER M 311 78.59 -52.07 32.16
C SER M 311 78.04 -51.66 33.52
N TRP M 312 78.90 -51.03 34.32
CA TRP M 312 78.57 -50.62 35.67
C TRP M 312 78.15 -49.15 35.71
N ASN M 313 77.77 -48.70 36.89
CA ASN M 313 77.37 -47.33 37.14
C ASN M 313 78.56 -46.56 37.73
N LEU M 314 78.29 -45.34 38.20
CA LEU M 314 79.32 -44.56 38.88
C LEU M 314 79.73 -45.19 40.20
N THR M 315 78.78 -45.69 40.97
CA THR M 315 79.04 -46.22 42.30
C THR M 315 79.04 -47.73 42.37
N GLY M 316 78.92 -48.41 41.22
CA GLY M 316 78.93 -49.85 41.24
C GLY M 316 77.66 -50.49 41.74
N THR M 317 76.54 -49.76 41.73
CA THR M 317 75.28 -50.31 42.21
C THR M 317 74.44 -50.90 41.09
N ILE M 318 74.24 -50.15 40.01
CA ILE M 318 73.38 -50.55 38.91
C ILE M 318 74.25 -51.17 37.82
N LEU M 319 73.89 -52.39 37.40
CA LEU M 319 74.54 -53.08 36.31
C LEU M 319 73.59 -53.16 35.14
N SER M 320 74.01 -52.65 33.98
CA SER M 320 73.18 -52.61 32.79
C SER M 320 73.76 -53.56 31.75
N SER M 321 72.93 -54.45 31.24
CA SER M 321 73.34 -55.47 30.28
C SER M 321 72.36 -55.50 29.12
N ALA M 322 72.89 -55.69 27.91
CA ALA M 322 72.09 -55.86 26.71
C ALA M 322 72.40 -57.21 26.09
N GLY M 323 71.35 -57.91 25.64
CA GLY M 323 71.50 -59.25 25.13
C GLY M 323 70.85 -59.40 23.76
N ASP M 324 70.91 -60.62 23.25
CA ASP M 324 70.38 -60.92 21.92
C ASP M 324 68.86 -61.00 21.89
N ASP M 325 68.19 -60.96 23.04
CA ASP M 325 66.74 -60.98 23.09
C ASP M 325 66.13 -59.60 22.90
N GLY M 326 66.94 -58.58 22.62
CA GLY M 326 66.41 -57.24 22.41
C GLY M 326 66.03 -56.52 23.67
N LYS M 327 66.51 -56.95 24.83
CA LYS M 327 66.12 -56.40 26.12
C LYS M 327 67.33 -55.91 26.88
N VAL M 328 67.16 -54.81 27.62
CA VAL M 328 68.20 -54.25 28.47
C VAL M 328 67.76 -54.42 29.92
N ARG M 329 68.58 -55.11 30.71
CA ARG M 329 68.23 -55.47 32.07
C ARG M 329 69.13 -54.74 33.05
N LEU M 330 68.51 -54.09 34.03
CA LEU M 330 69.22 -53.41 35.09
C LEU M 330 69.29 -54.32 36.31
N TRP M 331 70.42 -54.28 37.01
CA TRP M 331 70.69 -55.20 38.11
C TRP M 331 71.16 -54.43 39.32
N LYS M 332 70.58 -54.72 40.48
CA LYS M 332 71.00 -54.14 41.74
C LYS M 332 71.07 -55.24 42.79
N ALA M 333 72.00 -55.07 43.74
CA ALA M 333 72.13 -56.02 44.81
C ALA M 333 70.97 -55.90 45.81
N THR M 334 70.65 -57.01 46.45
CA THR M 334 69.59 -57.07 47.44
C THR M 334 70.11 -56.62 48.79
N TYR M 335 69.38 -56.93 49.87
CA TYR M 335 69.93 -56.77 51.20
C TYR M 335 71.17 -57.64 51.39
N SER M 336 71.20 -58.81 50.78
CA SER M 336 72.41 -59.60 50.69
C SER M 336 73.26 -59.11 49.52
N ASN M 337 74.37 -59.78 49.26
CA ASN M 337 75.27 -59.38 48.20
C ASN M 337 74.92 -60.01 46.85
N GLU M 338 73.91 -60.86 46.79
CA GLU M 338 73.52 -61.50 45.54
C GLU M 338 72.70 -60.55 44.68
N PHE M 339 72.97 -60.56 43.39
CA PHE M 339 72.34 -59.62 42.46
C PHE M 339 71.01 -60.18 41.94
N LYS M 340 70.01 -59.32 41.90
CA LYS M 340 68.67 -59.70 41.47
C LYS M 340 68.19 -58.71 40.41
N CYS M 341 67.45 -59.23 39.43
CA CYS M 341 67.05 -58.42 38.29
C CYS M 341 66.04 -57.36 38.68
N MET M 342 66.16 -56.21 38.03
CA MET M 342 65.31 -55.05 38.23
C MET M 342 64.61 -54.74 36.93
N SER M 343 64.04 -53.54 36.82
CA SER M 343 63.31 -53.07 35.63
C SER M 343 64.06 -53.34 34.33
N VAL M 344 63.33 -53.86 33.36
CA VAL M 344 63.90 -54.33 32.09
C VAL M 344 63.39 -53.44 30.97
N ILE M 345 64.32 -52.92 30.17
CA ILE M 345 64.01 -52.03 29.05
C ILE M 345 64.11 -52.85 27.77
N THR M 346 63.03 -52.88 27.00
CA THR M 346 63.02 -53.65 25.76
C THR M 346 63.16 -52.73 24.54
N GLY N 2 64.69 -73.94 -4.36
CA GLY N 2 64.02 -72.69 -4.65
C GLY N 2 64.98 -71.59 -5.06
N LEU N 3 64.42 -70.48 -5.56
CA LEU N 3 65.23 -69.36 -6.01
C LEU N 3 64.42 -68.09 -5.84
N ILE N 4 64.86 -67.22 -4.95
CA ILE N 4 64.25 -65.91 -4.74
C ILE N 4 65.25 -64.88 -5.23
N LYS N 5 64.84 -64.04 -6.18
CA LYS N 5 65.70 -63.03 -6.74
C LYS N 5 65.06 -61.66 -6.62
N LYS N 6 65.73 -60.75 -5.93
CA LYS N 6 65.25 -59.39 -5.80
C LYS N 6 65.60 -58.62 -7.06
N VAL N 7 64.59 -57.95 -7.63
CA VAL N 7 64.76 -57.25 -8.90
C VAL N 7 64.56 -55.76 -8.66
N THR N 8 65.47 -54.95 -9.20
CA THR N 8 65.44 -53.51 -9.08
C THR N 8 65.16 -52.88 -10.45
N HIS N 9 65.03 -51.55 -10.44
CA HIS N 9 64.75 -50.74 -11.64
C HIS N 9 63.45 -51.13 -12.34
N TRP N 10 62.47 -51.66 -11.60
CA TRP N 10 61.22 -52.09 -12.20
C TRP N 10 59.99 -51.40 -11.64
N SER N 11 60.09 -50.78 -10.47
CA SER N 11 58.93 -50.15 -9.83
C SER N 11 59.21 -48.67 -9.64
N TYR N 12 58.28 -47.83 -10.09
CA TYR N 12 58.39 -46.39 -9.87
C TYR N 12 58.07 -46.02 -8.43
N ASP N 13 57.23 -46.80 -7.76
CA ASP N 13 56.83 -46.52 -6.39
C ASP N 13 57.85 -47.12 -5.43
N ASN N 14 57.56 -47.04 -4.12
CA ASN N 14 58.46 -47.55 -3.11
C ASN N 14 58.39 -49.06 -2.93
N LEU N 15 57.45 -49.73 -3.59
CA LEU N 15 57.33 -51.17 -3.46
C LEU N 15 58.46 -51.86 -4.22
N ILE N 16 58.83 -53.06 -3.75
CA ILE N 16 59.95 -53.81 -4.29
C ILE N 16 59.43 -55.12 -4.86
N ASP N 17 59.83 -55.44 -6.08
CA ASP N 17 59.34 -56.61 -6.79
C ASP N 17 60.27 -57.79 -6.61
N TYR N 18 59.69 -58.98 -6.50
CA TYR N 18 60.44 -60.21 -6.30
C TYR N 18 59.96 -61.27 -7.29
N LEU N 19 60.88 -62.13 -7.70
CA LEU N 19 60.58 -63.27 -8.56
C LEU N 19 60.96 -64.55 -7.83
N SER N 20 60.11 -65.57 -7.95
CA SER N 20 60.27 -66.78 -7.17
C SER N 20 60.13 -68.02 -8.04
N VAL N 21 60.83 -69.07 -7.64
CA VAL N 21 60.72 -70.39 -8.24
C VAL N 21 60.48 -71.39 -7.11
N ASN N 22 59.44 -72.21 -7.24
CA ASN N 22 59.07 -73.16 -6.21
C ASN N 22 60.13 -74.26 -6.10
N PRO N 23 60.23 -74.90 -4.93
CA PRO N 23 61.26 -75.96 -4.76
C PRO N 23 61.08 -77.16 -5.66
N THR N 24 59.90 -77.37 -6.22
CA THR N 24 59.69 -78.42 -7.21
C THR N 24 60.24 -78.06 -8.58
N ARG N 25 60.70 -76.82 -8.77
CA ARG N 25 61.27 -76.32 -10.03
C ARG N 25 60.28 -76.43 -11.19
N ASP N 26 59.01 -76.15 -10.91
CA ASP N 26 57.96 -76.30 -11.91
C ASP N 26 57.10 -75.06 -12.06
N GLU N 27 57.48 -73.93 -11.47
CA GLU N 27 56.58 -72.79 -11.42
C GLU N 27 57.38 -71.52 -11.22
N VAL N 28 56.87 -70.40 -11.75
CA VAL N 28 57.50 -69.10 -11.62
C VAL N 28 56.43 -68.09 -11.20
N THR N 29 56.70 -67.36 -10.12
CA THR N 29 55.75 -66.43 -9.52
C THR N 29 56.40 -65.07 -9.36
N HIS N 30 55.65 -64.02 -9.70
CA HIS N 30 56.10 -62.64 -9.59
C HIS N 30 55.42 -61.99 -8.39
N TYR N 31 56.22 -61.40 -7.50
CA TYR N 31 55.74 -60.85 -6.24
C TYR N 31 56.00 -59.36 -6.16
N LYS N 32 55.16 -58.67 -5.39
CA LYS N 32 55.42 -57.29 -4.99
C LYS N 32 55.32 -57.22 -3.47
N VAL N 33 56.38 -56.73 -2.84
CA VAL N 33 56.49 -56.70 -1.38
C VAL N 33 56.60 -55.25 -0.93
N ASP N 34 55.66 -54.82 -0.09
CA ASP N 34 55.72 -53.50 0.52
C ASP N 34 56.57 -53.58 1.79
N PRO N 35 57.70 -52.89 1.86
CA PRO N 35 58.59 -53.05 3.03
C PRO N 35 58.12 -52.32 4.27
N GLU N 36 57.34 -51.25 4.14
CA GLU N 36 56.97 -50.43 5.29
C GLU N 36 55.96 -51.11 6.21
N ASN N 37 55.29 -52.16 5.74
CA ASN N 37 54.35 -52.92 6.57
C ASN N 37 54.86 -54.35 6.70
N GLU N 38 55.05 -54.78 7.95
CA GLU N 38 55.68 -56.07 8.22
C GLU N 38 54.74 -57.25 8.03
N SER N 39 53.42 -57.02 8.04
CA SER N 39 52.45 -58.11 7.98
C SER N 39 52.50 -58.82 6.64
N ASP N 40 51.98 -60.07 6.64
CA ASP N 40 52.03 -60.92 5.46
C ASP N 40 51.11 -60.47 4.34
N GLU N 41 50.22 -59.51 4.60
CA GLU N 41 49.41 -58.94 3.53
C GLU N 41 50.23 -58.09 2.56
N SER N 42 51.44 -57.68 2.96
CA SER N 42 52.30 -56.91 2.06
C SER N 42 52.88 -57.79 0.95
N ILE N 43 53.04 -59.08 1.21
CA ILE N 43 53.53 -60.01 0.19
C ILE N 43 52.37 -60.28 -0.76
N ILE N 44 52.36 -59.59 -1.90
CA ILE N 44 51.29 -59.70 -2.88
C ILE N 44 51.79 -60.55 -4.04
N LYS N 45 50.99 -61.52 -4.44
CA LYS N 45 51.26 -62.36 -5.60
C LYS N 45 50.46 -61.83 -6.78
N LEU N 46 51.15 -61.42 -7.85
CA LEU N 46 50.49 -60.80 -8.98
C LEU N 46 50.14 -61.79 -10.08
N HIS N 47 51.16 -62.43 -10.66
CA HIS N 47 50.96 -63.32 -11.79
C HIS N 47 51.77 -64.59 -11.59
N THR N 48 51.31 -65.66 -12.23
CA THR N 48 51.94 -66.96 -12.12
C THR N 48 51.93 -67.62 -13.50
N VAL N 49 53.02 -68.29 -13.84
CA VAL N 49 53.18 -68.96 -15.13
C VAL N 49 53.43 -70.43 -14.81
N LYS N 50 52.39 -71.25 -14.99
CA LYS N 50 52.39 -72.64 -14.53
C LYS N 50 52.72 -73.56 -15.71
N ASP N 51 54.00 -73.63 -16.04
CA ASP N 51 54.47 -74.52 -17.10
C ASP N 51 55.92 -74.90 -16.81
N PHE N 52 56.65 -75.26 -17.86
CA PHE N 52 58.04 -75.73 -17.90
C PHE N 52 58.18 -77.11 -17.30
N GLY N 53 58.88 -77.20 -16.17
CA GLY N 53 59.27 -78.49 -15.62
C GLY N 53 60.77 -78.62 -15.53
N SER N 54 61.28 -78.80 -14.30
CA SER N 54 62.71 -78.87 -13.98
C SER N 54 63.45 -77.62 -14.45
N ILE N 55 63.08 -76.48 -13.84
CA ILE N 55 63.80 -75.23 -14.08
C ILE N 55 65.18 -75.30 -13.43
N THR N 56 66.20 -74.85 -14.15
CA THR N 56 67.57 -74.87 -13.64
C THR N 56 68.18 -73.49 -13.49
N CYS N 57 67.62 -72.45 -14.11
CA CYS N 57 68.18 -71.11 -14.00
C CYS N 57 67.09 -70.09 -14.26
N LEU N 58 67.37 -68.85 -13.87
CA LEU N 58 66.42 -67.75 -13.99
C LEU N 58 67.17 -66.44 -13.90
N ASP N 59 66.79 -65.48 -14.74
CA ASP N 59 67.33 -64.13 -14.65
C ASP N 59 66.28 -63.13 -15.11
N TYR N 60 66.69 -61.86 -15.16
CA TYR N 60 65.78 -60.76 -15.46
C TYR N 60 66.55 -59.68 -16.20
N SER N 61 65.81 -58.78 -16.83
CA SER N 61 66.38 -57.68 -17.59
C SER N 61 66.11 -56.38 -16.84
N GLU N 62 67.17 -55.65 -16.49
CA GLU N 62 67.00 -54.42 -15.73
C GLU N 62 66.54 -53.27 -16.61
N SER N 63 67.02 -53.22 -17.86
CA SER N 63 66.69 -52.08 -18.72
C SER N 63 65.24 -52.12 -19.19
N GLU N 64 64.74 -53.29 -19.58
CA GLU N 64 63.40 -53.44 -20.10
C GLU N 64 62.53 -54.13 -19.05
N ILE N 65 61.35 -53.56 -18.80
CA ILE N 65 60.54 -53.92 -17.65
C ILE N 65 59.73 -55.16 -17.96
N GLY N 66 59.85 -56.18 -17.10
CA GLY N 66 59.03 -57.36 -17.18
C GLY N 66 59.64 -58.52 -17.95
N MET N 67 60.69 -58.27 -18.73
CA MET N 67 61.28 -59.34 -19.53
C MET N 67 62.09 -60.26 -18.64
N ILE N 68 61.69 -61.53 -18.61
CA ILE N 68 62.23 -62.52 -17.68
C ILE N 68 62.58 -63.78 -18.46
N GLY N 69 63.83 -64.22 -18.32
CA GLY N 69 64.28 -65.44 -18.98
C GLY N 69 64.25 -66.60 -18.01
N VAL N 70 63.68 -67.71 -18.46
CA VAL N 70 63.52 -68.90 -17.65
C VAL N 70 64.19 -70.07 -18.36
N GLY N 71 65.15 -70.70 -17.70
CA GLY N 71 65.78 -71.87 -18.26
C GLY N 71 65.02 -73.14 -17.99
N GLU N 72 65.48 -74.23 -18.59
CA GLU N 72 64.87 -75.53 -18.42
C GLU N 72 65.96 -76.60 -18.45
N LYS N 73 65.64 -77.76 -17.88
CA LYS N 73 66.59 -78.87 -17.92
C LYS N 73 66.63 -79.55 -19.28
N ASN N 74 65.51 -79.52 -20.00
CA ASN N 74 65.47 -80.14 -21.33
C ASN N 74 66.30 -79.35 -22.33
N GLY N 75 66.33 -78.02 -22.22
CA GLY N 75 67.18 -77.23 -23.08
C GLY N 75 66.54 -76.02 -23.71
N TYR N 76 65.36 -75.64 -23.26
CA TYR N 76 64.63 -74.52 -23.85
C TYR N 76 64.70 -73.31 -22.93
N LEU N 77 65.08 -72.17 -23.50
CA LEU N 77 65.18 -70.91 -22.77
C LEU N 77 63.96 -70.06 -23.14
N ARG N 78 62.91 -70.16 -22.32
CA ARG N 78 61.69 -69.41 -22.55
C ARG N 78 61.83 -68.00 -22.00
N ILE N 79 61.90 -67.03 -22.90
CA ILE N 79 62.07 -65.62 -22.54
C ILE N 79 60.76 -64.90 -22.82
N PHE N 80 60.16 -64.31 -21.79
CA PHE N 80 58.82 -63.76 -21.93
C PHE N 80 58.67 -62.56 -20.99
N ASN N 81 57.43 -62.09 -20.88
CA ASN N 81 57.06 -60.91 -20.11
C ASN N 81 55.95 -61.27 -19.14
N ILE N 82 56.03 -60.74 -17.92
CA ILE N 82 54.99 -60.91 -16.91
C ILE N 82 54.25 -59.60 -16.64
N SER N 83 54.99 -58.53 -16.37
CA SER N 83 54.36 -57.24 -16.10
C SER N 83 53.75 -56.63 -17.36
N TYR N 140 55.30 -60.30 -24.85
CA TYR N 140 55.10 -61.48 -25.68
C TYR N 140 55.67 -62.73 -25.02
N ASP N 141 55.94 -63.75 -25.84
CA ASP N 141 56.47 -65.02 -25.31
C ASP N 141 57.22 -65.70 -26.46
N ILE N 142 58.54 -65.65 -26.42
CA ILE N 142 59.38 -66.32 -27.40
C ILE N 142 60.18 -67.41 -26.70
N ARG N 143 60.43 -68.49 -27.43
CA ARG N 143 61.23 -69.60 -26.94
C ARG N 143 62.40 -69.83 -27.88
N VAL N 144 63.60 -69.88 -27.32
CA VAL N 144 64.80 -70.17 -28.09
C VAL N 144 65.43 -71.45 -27.56
N ARG N 145 66.48 -71.93 -28.22
CA ARG N 145 67.22 -73.10 -27.78
C ARG N 145 68.61 -73.03 -28.42
N ALA N 146 69.45 -73.98 -28.06
CA ALA N 146 70.79 -74.00 -28.63
C ALA N 146 70.76 -74.66 -30.01
N LYS N 147 71.87 -74.51 -30.73
CA LYS N 147 72.03 -75.24 -31.99
C LYS N 147 72.08 -76.75 -31.74
N LYS N 148 72.82 -77.17 -30.73
CA LYS N 148 72.80 -78.54 -30.23
C LYS N 148 72.15 -78.52 -28.86
N GLN N 149 71.01 -79.21 -28.73
CA GLN N 149 70.21 -79.11 -27.52
C GLN N 149 70.77 -80.02 -26.43
N ARG N 150 71.08 -79.44 -25.28
CA ARG N 150 71.49 -80.19 -24.09
C ARG N 150 70.97 -79.42 -22.88
N CYS N 151 71.40 -79.84 -21.68
CA CYS N 151 70.89 -79.28 -20.45
C CYS N 151 71.48 -77.89 -20.19
N ILE N 152 70.60 -76.93 -19.92
CA ILE N 152 71.02 -75.56 -19.62
C ILE N 152 71.23 -75.45 -18.12
N ASN N 153 72.41 -75.03 -17.71
CA ASN N 153 72.76 -74.92 -16.30
C ASN N 153 72.88 -73.50 -15.79
N SER N 154 72.86 -72.50 -16.66
CA SER N 154 73.06 -71.13 -16.23
C SER N 154 72.36 -70.18 -17.21
N LEU N 155 72.38 -68.90 -16.85
CA LEU N 155 71.72 -67.86 -17.63
C LEU N 155 72.37 -66.53 -17.26
N GLY N 156 72.22 -65.55 -18.14
CA GLY N 156 72.66 -64.21 -17.87
C GLY N 156 72.11 -63.20 -18.85
N ILE N 157 71.53 -62.12 -18.35
CA ILE N 157 70.95 -61.07 -19.19
C ILE N 157 71.70 -59.79 -18.88
N ASN N 158 72.28 -59.18 -19.91
CA ASN N 158 73.05 -57.95 -19.74
C ASN N 158 72.11 -56.75 -19.77
N THR N 159 72.68 -55.55 -19.74
CA THR N 159 71.85 -54.35 -19.69
C THR N 159 71.39 -53.93 -21.08
N ASN N 160 72.28 -53.98 -22.07
CA ASN N 160 71.93 -53.53 -23.40
C ASN N 160 70.99 -54.49 -24.11
N GLY N 161 71.04 -55.77 -23.76
CA GLY N 161 70.14 -56.75 -24.36
C GLY N 161 70.81 -58.08 -24.64
N LEU N 162 72.12 -58.16 -24.40
CA LEU N 162 72.84 -59.41 -24.61
C LEU N 162 72.39 -60.46 -23.61
N ILE N 163 72.10 -61.67 -24.10
CA ILE N 163 71.62 -62.77 -23.29
C ILE N 163 72.59 -63.93 -23.47
N ALA N 164 73.10 -64.45 -22.36
CA ALA N 164 74.05 -65.55 -22.39
C ALA N 164 73.35 -66.87 -22.05
N MET N 165 74.14 -67.94 -22.04
CA MET N 165 73.63 -69.28 -21.81
C MET N 165 74.81 -70.17 -21.45
N GLY N 166 74.58 -71.11 -20.53
CA GLY N 166 75.52 -72.17 -20.26
C GLY N 166 74.89 -73.50 -20.59
N LEU N 167 75.72 -74.44 -21.04
CA LEU N 167 75.27 -75.78 -21.35
C LEU N 167 76.21 -76.79 -20.69
N ASP N 168 75.86 -78.07 -20.79
CA ASP N 168 76.66 -79.12 -20.19
C ASP N 168 77.87 -79.42 -21.08
N ARG N 169 78.62 -80.45 -20.72
CA ARG N 169 79.85 -80.77 -21.42
C ARG N 169 79.54 -81.53 -22.70
N ASN N 170 79.88 -80.92 -23.84
CA ASN N 170 79.75 -81.55 -25.15
C ASN N 170 81.10 -81.52 -25.84
N LYS N 171 81.51 -82.66 -26.39
CA LYS N 171 82.84 -82.78 -26.98
C LYS N 171 82.97 -82.08 -28.33
N HIS N 172 81.85 -81.66 -28.93
CA HIS N 172 81.89 -81.05 -30.26
C HIS N 172 81.14 -79.72 -30.30
N ASP N 173 80.98 -79.05 -29.17
CA ASP N 173 80.26 -77.78 -29.16
C ASP N 173 80.79 -76.89 -28.05
N SER N 174 80.58 -75.59 -28.22
CA SER N 174 80.96 -74.59 -27.23
C SER N 174 79.83 -74.42 -26.21
N SER N 175 80.23 -74.17 -24.96
CA SER N 175 79.28 -74.04 -23.86
C SER N 175 78.73 -72.61 -23.73
N LEU N 176 79.61 -71.65 -23.53
CA LEU N 176 79.20 -70.26 -23.35
C LEU N 176 78.86 -69.66 -24.71
N GLN N 177 77.56 -69.55 -25.00
CA GLN N 177 77.09 -68.97 -26.26
C GLN N 177 76.24 -67.74 -25.95
N ILE N 178 76.68 -66.59 -26.41
CA ILE N 178 76.02 -65.31 -26.15
C ILE N 178 75.51 -64.73 -27.45
N TRP N 179 74.32 -64.15 -27.41
CA TRP N 179 73.71 -63.54 -28.59
C TRP N 179 73.05 -62.24 -28.17
N ASP N 180 72.19 -61.70 -29.03
CA ASP N 180 71.45 -60.48 -28.77
C ASP N 180 69.96 -60.72 -28.99
N MET N 181 69.13 -59.99 -28.24
CA MET N 181 67.69 -60.10 -28.39
C MET N 181 67.22 -59.55 -29.73
N ASN N 182 67.77 -58.42 -30.16
CA ASN N 182 67.33 -57.78 -31.39
C ASN N 182 68.00 -58.30 -32.64
N TYR N 183 68.99 -59.19 -32.51
CA TYR N 183 69.73 -59.73 -33.64
C TYR N 183 69.60 -61.24 -33.71
N HIS N 184 68.38 -61.75 -33.54
CA HIS N 184 68.09 -63.16 -33.69
C HIS N 184 66.84 -63.33 -34.54
N ASP N 185 66.86 -64.34 -35.41
CA ASP N 185 65.73 -64.57 -36.29
C ASP N 185 64.54 -65.14 -35.52
N ASP N 186 63.36 -64.61 -35.82
CA ASP N 186 62.14 -65.04 -35.14
C ASP N 186 61.58 -66.34 -35.67
N SER N 187 62.09 -66.83 -36.80
CA SER N 187 61.63 -68.07 -37.40
C SER N 187 62.58 -69.24 -37.15
N HIS N 188 63.53 -69.10 -36.24
CA HIS N 188 64.50 -70.14 -35.96
C HIS N 188 64.53 -70.43 -34.47
N GLU N 189 64.44 -71.71 -34.11
CA GLU N 189 64.49 -72.10 -32.71
C GLU N 189 65.90 -72.03 -32.15
N THR N 190 66.90 -72.38 -32.94
CA THR N 190 68.28 -72.35 -32.50
C THR N 190 68.77 -70.90 -32.37
N ILE N 191 69.74 -70.71 -31.49
CA ILE N 191 70.33 -69.39 -31.27
C ILE N 191 71.37 -69.13 -32.34
N ASN N 192 71.79 -67.87 -32.47
CA ASN N 192 72.85 -67.46 -33.38
C ASN N 192 73.92 -66.77 -32.55
N PRO N 193 74.83 -67.53 -31.95
CA PRO N 193 75.80 -66.95 -31.00
C PRO N 193 76.83 -66.09 -31.72
N MET N 194 76.92 -64.82 -31.30
CA MET N 194 77.97 -63.95 -31.80
C MET N 194 79.35 -64.40 -31.31
N PHE N 195 79.43 -64.86 -30.07
CA PHE N 195 80.68 -65.28 -29.46
C PHE N 195 80.46 -66.63 -28.77
N SER N 196 81.40 -67.55 -28.98
CA SER N 196 81.30 -68.89 -28.43
C SER N 196 82.60 -69.22 -27.70
N TYR N 197 82.48 -69.70 -26.47
CA TYR N 197 83.64 -70.03 -25.64
C TYR N 197 83.38 -71.35 -24.93
N CYS N 198 84.41 -71.79 -24.19
CA CYS N 198 84.35 -72.96 -23.30
C CYS N 198 84.01 -74.25 -24.07
N THR N 199 84.89 -74.61 -24.98
CA THR N 199 84.77 -75.90 -25.65
C THR N 199 85.16 -77.02 -24.69
N ASN N 200 84.38 -78.11 -24.73
CA ASN N 200 84.57 -79.29 -23.87
C ASN N 200 84.54 -78.92 -22.39
N GLU N 201 83.55 -78.12 -22.01
CA GLU N 201 83.39 -77.71 -20.62
C GLU N 201 81.92 -77.60 -20.29
N SER N 202 81.61 -77.62 -18.98
CA SER N 202 80.25 -77.54 -18.48
C SER N 202 80.11 -76.27 -17.65
N ILE N 203 79.43 -75.27 -18.21
CA ILE N 203 79.22 -74.02 -17.48
C ILE N 203 78.23 -74.26 -16.35
N VAL N 204 78.62 -73.87 -15.14
CA VAL N 204 77.80 -74.08 -13.96
C VAL N 204 77.13 -72.80 -13.47
N SER N 205 77.74 -71.63 -13.70
CA SER N 205 77.18 -70.36 -13.27
C SER N 205 77.86 -69.25 -14.04
N LEU N 206 77.14 -68.16 -14.25
CA LEU N 206 77.71 -67.00 -14.92
C LEU N 206 76.94 -65.76 -14.52
N LYS N 207 77.63 -64.61 -14.56
CA LYS N 207 77.04 -63.33 -14.20
C LYS N 207 77.71 -62.25 -15.04
N PHE N 208 76.95 -61.25 -15.43
CA PHE N 208 77.45 -60.16 -16.25
C PHE N 208 78.04 -59.09 -15.35
N LEU N 209 79.30 -58.73 -15.58
CA LEU N 209 80.00 -57.74 -14.78
C LEU N 209 79.82 -56.33 -15.35
N ASN N 210 80.02 -56.18 -16.66
CA ASN N 210 79.95 -54.88 -17.32
C ASN N 210 79.14 -55.06 -18.60
N ASP N 211 79.16 -54.02 -19.44
CA ASP N 211 78.44 -54.09 -20.71
C ASP N 211 79.15 -54.98 -21.72
N THR N 212 80.42 -55.31 -21.49
CA THR N 212 81.16 -56.18 -22.40
C THR N 212 81.59 -57.48 -21.75
N SER N 213 82.25 -57.42 -20.59
CA SER N 213 82.82 -58.60 -19.98
C SER N 213 81.76 -59.45 -19.29
N VAL N 214 82.03 -60.74 -19.19
CA VAL N 214 81.18 -61.68 -18.48
C VAL N 214 82.06 -62.65 -17.69
N LEU N 215 81.64 -62.95 -16.47
CA LEU N 215 82.33 -63.91 -15.63
C LEU N 215 81.60 -65.24 -15.70
N ALA N 216 82.36 -66.33 -15.82
CA ALA N 216 81.78 -67.66 -15.97
C ALA N 216 82.53 -68.63 -15.08
N ALA N 217 82.01 -69.85 -15.02
CA ALA N 217 82.59 -70.87 -14.16
C ALA N 217 82.30 -72.24 -14.76
N SER N 218 83.14 -73.21 -14.43
CA SER N 218 83.05 -74.53 -15.00
C SER N 218 83.35 -75.56 -13.93
N THR N 219 83.47 -76.82 -14.33
CA THR N 219 83.66 -77.90 -13.38
C THR N 219 85.08 -78.00 -12.85
N LYS N 220 86.04 -77.35 -13.51
CA LYS N 220 87.42 -77.37 -13.03
C LYS N 220 88.11 -76.02 -13.15
N PHE N 221 87.43 -74.97 -13.57
CA PHE N 221 88.10 -73.70 -13.83
C PHE N 221 87.12 -72.54 -13.59
N LEU N 222 87.69 -71.37 -13.35
CA LEU N 222 86.95 -70.12 -13.34
C LEU N 222 87.40 -69.28 -14.54
N LYS N 223 86.45 -68.60 -15.16
CA LYS N 223 86.75 -67.83 -16.37
C LYS N 223 86.09 -66.46 -16.31
N GLU N 224 86.88 -65.43 -16.60
CA GLU N 224 86.39 -64.07 -16.80
C GLU N 224 86.71 -63.73 -18.24
N ILE N 225 85.72 -63.85 -19.13
CA ILE N 225 85.92 -63.74 -20.56
C ILE N 225 85.24 -62.49 -21.07
N ASP N 226 85.97 -61.67 -21.81
CA ASP N 226 85.44 -60.47 -22.43
C ASP N 226 85.02 -60.77 -23.87
N VAL N 227 84.03 -60.02 -24.35
CA VAL N 227 83.54 -60.21 -25.72
C VAL N 227 84.43 -59.56 -26.76
N ARG N 228 85.36 -58.70 -26.34
CA ARG N 228 86.25 -58.01 -27.26
C ARG N 228 87.56 -58.76 -27.47
N SER N 229 87.70 -59.96 -26.91
CA SER N 229 88.90 -60.75 -27.08
C SER N 229 88.57 -62.22 -26.89
N PRO N 230 88.98 -63.10 -27.81
CA PRO N 230 88.71 -64.53 -27.62
C PRO N 230 89.50 -65.14 -26.47
N ASN N 231 90.66 -64.59 -26.14
CA ASN N 231 91.45 -65.12 -25.05
C ASN N 231 90.88 -64.67 -23.72
N PRO N 232 90.63 -65.59 -22.78
CA PRO N 232 90.11 -65.18 -21.46
C PRO N 232 91.14 -64.41 -20.67
N ILE N 233 90.65 -63.60 -19.73
CA ILE N 233 91.52 -62.74 -18.95
C ILE N 233 92.34 -63.56 -17.96
N TYR N 234 91.69 -64.50 -17.26
CA TYR N 234 92.43 -65.39 -16.38
C TYR N 234 91.67 -66.71 -16.23
N GLN N 235 92.41 -67.71 -15.78
CA GLN N 235 91.85 -69.05 -15.56
C GLN N 235 92.45 -69.60 -14.27
N HIS N 236 91.64 -69.62 -13.21
CA HIS N 236 92.09 -70.06 -11.92
C HIS N 236 91.52 -71.43 -11.62
N PRO N 237 92.34 -72.45 -11.36
CA PRO N 237 91.81 -73.77 -11.02
C PRO N 237 91.26 -73.80 -9.61
N THR N 238 90.03 -74.27 -9.47
CA THR N 238 89.36 -74.32 -8.18
C THR N 238 88.27 -75.37 -8.22
N ARG N 239 87.82 -75.78 -7.03
CA ARG N 239 86.70 -76.68 -6.87
C ARG N 239 85.44 -75.95 -6.43
N LEU N 240 85.47 -74.63 -6.36
CA LEU N 240 84.38 -73.82 -5.85
C LEU N 240 83.93 -72.88 -6.95
N THR N 241 82.94 -73.31 -7.74
CA THR N 241 82.51 -72.55 -8.90
C THR N 241 81.01 -72.30 -8.99
N TYR N 242 80.19 -72.91 -8.14
CA TYR N 242 78.75 -72.84 -8.29
C TYR N 242 78.19 -71.54 -7.72
N ASP N 243 77.18 -71.00 -8.41
CA ASP N 243 76.33 -69.90 -7.96
C ASP N 243 77.15 -68.63 -7.67
N ILE N 244 77.71 -68.08 -8.75
CA ILE N 244 78.43 -66.81 -8.67
C ILE N 244 77.46 -65.69 -8.35
N LYS N 245 77.68 -65.02 -7.22
CA LYS N 245 76.88 -63.87 -6.79
C LYS N 245 77.80 -62.69 -6.51
N LEU N 246 77.45 -61.53 -7.05
CA LEU N 246 78.26 -60.33 -6.91
C LEU N 246 77.76 -59.47 -5.76
N ASN N 247 78.67 -58.73 -5.15
CA ASN N 247 78.31 -57.76 -4.12
C ASN N 247 77.73 -56.51 -4.76
N PRO N 248 76.54 -56.07 -4.34
CA PRO N 248 75.94 -54.87 -4.94
C PRO N 248 76.64 -53.57 -4.60
N PHE N 249 77.67 -53.57 -3.75
CA PHE N 249 78.44 -52.37 -3.46
C PHE N 249 79.84 -52.42 -4.04
N ASN N 250 80.60 -53.49 -3.78
CA ASN N 250 81.96 -53.65 -4.27
C ASN N 250 81.95 -54.68 -5.39
N ASP N 251 82.12 -54.21 -6.63
CA ASP N 251 82.00 -55.07 -7.79
C ASP N 251 83.19 -55.99 -7.98
N TRP N 252 84.26 -55.83 -7.21
CA TRP N 252 85.45 -56.65 -7.35
C TRP N 252 85.42 -57.90 -6.47
N GLN N 253 84.32 -58.14 -5.76
CA GLN N 253 84.20 -59.29 -4.87
C GLN N 253 82.96 -60.10 -5.23
N PHE N 254 83.13 -61.41 -5.37
CA PHE N 254 82.02 -62.32 -5.64
C PHE N 254 82.22 -63.59 -4.83
N SER N 255 81.12 -64.28 -4.56
CA SER N 255 81.15 -65.47 -3.72
C SER N 255 80.54 -66.65 -4.46
N THR N 256 81.26 -67.77 -4.44
CA THR N 256 80.84 -68.99 -5.11
C THR N 256 80.60 -70.08 -4.07
N TYR N 257 79.73 -71.02 -4.43
CA TYR N 257 79.40 -72.14 -3.55
C TYR N 257 80.49 -73.20 -3.66
N GLY N 258 80.21 -74.40 -3.17
CA GLY N 258 81.14 -75.50 -3.29
C GLY N 258 80.40 -76.82 -3.30
N ASP N 259 81.12 -77.87 -3.70
CA ASP N 259 80.54 -79.20 -3.71
C ASP N 259 80.28 -79.71 -2.29
N ASP N 260 81.20 -79.44 -1.38
CA ASP N 260 81.05 -79.81 0.02
C ASP N 260 80.48 -78.68 0.86
N GLY N 261 80.08 -77.57 0.24
CA GLY N 261 79.55 -76.44 0.97
C GLY N 261 80.57 -75.41 1.40
N THR N 262 81.69 -75.31 0.70
CA THR N 262 82.76 -74.39 1.06
C THR N 262 82.54 -73.07 0.33
N LEU N 263 81.82 -72.16 0.97
CA LEU N 263 81.65 -70.82 0.43
C LEU N 263 82.97 -70.07 0.50
N ALA N 264 83.26 -69.29 -0.54
CA ALA N 264 84.50 -68.51 -0.60
C ALA N 264 84.22 -67.18 -1.28
N ILE N 265 84.48 -66.09 -0.57
CA ILE N 265 84.35 -64.76 -1.15
C ILE N 265 85.60 -64.47 -1.96
N TRP N 266 85.47 -64.48 -3.29
CA TRP N 266 86.63 -64.31 -4.15
C TRP N 266 86.89 -62.84 -4.41
N ASP N 267 88.08 -62.56 -4.93
CA ASP N 267 88.43 -61.25 -5.46
C ASP N 267 88.84 -61.42 -6.92
N ARG N 268 88.31 -60.55 -7.79
CA ARG N 268 88.71 -60.57 -9.19
C ARG N 268 90.19 -60.20 -9.34
N ARG N 269 90.64 -59.22 -8.57
CA ARG N 269 91.98 -58.68 -8.78
C ARG N 269 93.06 -59.62 -8.24
N LYS N 270 92.75 -60.42 -7.21
CA LYS N 270 93.72 -61.35 -6.68
C LYS N 270 94.03 -62.46 -7.67
N LEU N 271 93.01 -62.93 -8.40
CA LEU N 271 93.24 -63.88 -9.48
C LEU N 271 93.81 -63.21 -10.72
N SER N 272 93.43 -61.95 -10.96
CA SER N 272 93.88 -61.24 -12.15
C SER N 272 95.39 -60.97 -12.10
N ASP N 273 95.89 -60.55 -10.94
CA ASP N 273 97.31 -60.27 -10.70
C ASP N 273 97.90 -59.25 -11.66
N ALA N 283 95.28 -65.30 -6.53
CA ALA N 283 95.48 -66.74 -6.41
C ALA N 283 94.67 -67.30 -5.25
N SER N 284 95.01 -66.87 -4.04
CA SER N 284 94.31 -67.35 -2.86
C SER N 284 92.92 -66.72 -2.79
N PRO N 285 91.95 -67.42 -2.21
CA PRO N 285 90.65 -66.78 -1.95
C PRO N 285 90.78 -65.71 -0.89
N LEU N 286 89.92 -64.70 -0.99
CA LEU N 286 89.95 -63.61 -0.01
C LEU N 286 89.41 -64.08 1.33
N LEU N 287 88.34 -64.87 1.32
CA LEU N 287 87.84 -65.54 2.50
C LEU N 287 87.42 -66.96 2.13
N THR N 288 87.36 -67.82 3.13
CA THR N 288 86.87 -69.17 2.94
C THR N 288 86.11 -69.61 4.19
N PHE N 289 85.18 -70.55 4.00
CA PHE N 289 84.33 -71.03 5.08
C PHE N 289 84.09 -72.51 4.84
N GLU N 290 84.69 -73.36 5.67
CA GLU N 290 84.59 -74.80 5.47
C GLU N 290 83.23 -75.29 5.94
N LYS N 291 82.49 -75.94 5.02
CA LYS N 291 81.18 -76.55 5.29
C LYS N 291 80.18 -75.53 5.83
N LEU N 292 80.07 -74.40 5.14
CA LEU N 292 79.17 -73.35 5.59
C LEU N 292 77.75 -73.59 5.10
N VAL N 293 77.58 -73.83 3.81
CA VAL N 293 76.27 -74.00 3.21
C VAL N 293 76.03 -75.47 2.96
N GLY N 294 74.81 -75.81 2.55
CA GLY N 294 74.46 -77.19 2.29
C GLY N 294 75.17 -77.74 1.07
N SER N 295 75.43 -79.04 1.10
CA SER N 295 76.14 -79.72 0.03
C SER N 295 75.15 -80.09 -1.08
N GLY N 296 75.59 -80.93 -2.02
CA GLY N 296 74.76 -81.32 -3.13
C GLY N 296 74.81 -80.42 -4.33
N ALA N 297 75.91 -79.70 -4.52
CA ALA N 297 76.02 -78.82 -5.69
C ALA N 297 76.22 -79.62 -6.97
N ALA N 298 77.11 -80.62 -6.93
CA ALA N 298 77.39 -81.42 -8.12
C ALA N 298 76.40 -82.55 -8.33
N SER N 299 75.52 -82.82 -7.36
CA SER N 299 74.55 -83.89 -7.48
C SER N 299 73.20 -83.40 -7.97
N ARG N 300 72.65 -82.36 -7.34
CA ARG N 300 71.36 -81.82 -7.70
C ARG N 300 71.55 -80.49 -8.41
N LYS N 301 70.98 -80.37 -9.61
CA LYS N 301 71.02 -79.11 -10.33
C LYS N 301 70.04 -78.09 -9.74
N TYR N 302 69.11 -78.54 -8.89
CA TYR N 302 68.15 -77.65 -8.24
C TYR N 302 68.72 -77.28 -6.88
N MET N 303 69.61 -76.30 -6.89
CA MET N 303 70.27 -75.87 -5.67
C MET N 303 69.38 -74.90 -4.90
N ASN N 304 69.77 -74.63 -3.66
CA ASN N 304 69.06 -73.74 -2.77
C ASN N 304 69.91 -72.51 -2.50
N SER N 305 69.34 -71.32 -2.72
CA SER N 305 70.05 -70.06 -2.51
C SER N 305 69.97 -69.71 -1.04
N CYS N 306 70.88 -70.27 -0.26
CA CYS N 306 70.94 -70.06 1.18
C CYS N 306 72.01 -69.06 1.58
N PHE N 307 72.54 -68.30 0.63
CA PHE N 307 73.51 -67.24 0.89
C PHE N 307 73.09 -66.00 0.13
N ARG N 308 73.18 -64.84 0.79
CA ARG N 308 72.79 -63.58 0.18
C ARG N 308 73.76 -62.48 0.60
N TRP N 309 74.31 -61.78 -0.38
CA TRP N 309 74.99 -60.53 -0.10
C TRP N 309 73.97 -59.50 0.34
N SER N 310 74.31 -58.70 1.35
CA SER N 310 73.36 -57.72 1.85
C SER N 310 73.18 -56.58 0.86
N CYS N 311 72.00 -55.98 0.91
CA CYS N 311 71.68 -54.82 0.10
C CYS N 311 71.30 -53.63 0.96
N VAL N 312 71.68 -53.65 2.23
CA VAL N 312 71.42 -52.56 3.15
C VAL N 312 72.72 -51.88 3.59
N ARG N 313 73.78 -52.65 3.76
CA ARG N 313 75.06 -52.10 4.19
C ARG N 313 76.19 -52.97 3.64
N ASN N 314 77.39 -52.40 3.62
CA ASN N 314 78.52 -53.07 3.01
C ASN N 314 79.13 -54.09 3.97
N ASN N 315 79.86 -55.04 3.37
CA ASN N 315 80.64 -56.07 4.07
C ASN N 315 79.77 -56.91 5.02
N GLU N 316 78.54 -57.19 4.59
CA GLU N 316 77.60 -58.00 5.35
C GLU N 316 76.96 -59.03 4.44
N PHE N 317 76.75 -60.24 4.95
CA PHE N 317 76.05 -61.26 4.20
C PHE N 317 75.37 -62.23 5.16
N ALA N 318 74.36 -62.92 4.65
CA ALA N 318 73.55 -63.82 5.45
C ALA N 318 73.66 -65.24 4.91
N THR N 319 73.79 -66.20 5.83
CA THR N 319 73.79 -67.62 5.49
C THR N 319 72.76 -68.32 6.34
N LEU N 320 71.93 -69.14 5.71
CA LEU N 320 70.89 -69.90 6.39
C LEU N 320 71.38 -71.31 6.62
N HIS N 321 71.46 -71.72 7.89
CA HIS N 321 72.04 -72.99 8.28
C HIS N 321 70.95 -73.90 8.81
N ARG N 322 70.86 -75.12 8.26
CA ARG N 322 69.95 -76.18 8.68
C ARG N 322 68.48 -75.78 8.60
N GLY N 323 68.14 -74.75 7.83
CA GLY N 323 66.77 -74.40 7.59
C GLY N 323 66.04 -73.71 8.72
N ASP N 324 66.73 -73.35 9.80
CA ASP N 324 66.03 -72.74 10.92
C ASP N 324 66.67 -71.44 11.39
N THR N 325 67.99 -71.30 11.24
CA THR N 325 68.70 -70.15 11.76
C THR N 325 69.38 -69.38 10.63
N ILE N 326 69.42 -68.06 10.78
CA ILE N 326 70.02 -67.15 9.80
C ILE N 326 71.10 -66.35 10.52
N LYS N 327 72.31 -66.39 9.97
CA LYS N 327 73.46 -65.71 10.56
C LYS N 327 73.86 -64.55 9.67
N ARG N 328 73.83 -63.34 10.24
CA ARG N 328 74.23 -62.13 9.50
C ARG N 328 75.71 -61.89 9.76
N TRP N 329 76.56 -62.47 8.91
CA TRP N 329 78.00 -62.32 9.07
C TRP N 329 78.43 -60.91 8.68
N ARG N 330 79.24 -60.29 9.53
CA ARG N 330 79.79 -58.96 9.27
C ARG N 330 81.30 -59.06 9.12
N LEU N 331 81.85 -58.24 8.22
CA LEU N 331 83.24 -58.36 7.82
C LEU N 331 84.03 -57.12 8.19
N GLY N 332 85.32 -57.33 8.45
CA GLY N 332 86.25 -56.24 8.68
C GLY N 332 87.31 -56.24 7.60
N TYR N 333 87.77 -55.04 7.25
CA TYR N 333 88.70 -54.87 6.13
C TYR N 333 89.81 -53.91 6.51
N TYR N 334 90.98 -54.14 5.92
CA TYR N 334 92.10 -53.23 6.04
C TYR N 334 92.88 -53.21 4.74
N CYS N 335 93.60 -52.12 4.52
CA CYS N 335 94.43 -51.94 3.32
C CYS N 335 95.89 -52.07 3.70
N ASP N 336 96.60 -52.97 3.01
CA ASP N 336 98.02 -53.21 3.29
C ASP N 336 98.85 -52.15 2.56
N SER N 337 98.89 -50.96 3.17
CA SER N 337 99.63 -49.84 2.60
C SER N 337 100.14 -48.92 3.71
N ASN N 350 94.95 -51.70 -2.84
CA ASN N 350 93.53 -51.55 -3.16
C ASN N 350 92.74 -52.78 -2.71
N ILE N 351 93.43 -53.92 -2.63
CA ILE N 351 92.80 -55.17 -2.22
C ILE N 351 92.66 -55.16 -0.71
N GLU N 352 91.44 -55.41 -0.23
CA GLU N 352 91.12 -55.39 1.19
C GLU N 352 91.10 -56.82 1.72
N ASN N 353 92.08 -57.16 2.55
CA ASN N 353 92.15 -58.49 3.14
C ASN N 353 91.05 -58.61 4.20
N LEU N 354 89.96 -59.29 3.84
CA LEU N 354 88.79 -59.31 4.69
C LEU N 354 88.94 -60.32 5.83
N PHE N 355 88.20 -60.06 6.92
CA PHE N 355 88.10 -60.97 8.04
C PHE N 355 86.75 -60.73 8.73
N VAL N 356 86.27 -61.75 9.42
CA VAL N 356 84.95 -61.73 10.04
C VAL N 356 85.06 -61.11 11.44
N SER N 357 84.23 -60.10 11.71
CA SER N 357 84.27 -59.43 13.01
C SER N 357 83.24 -60.04 13.97
N SER N 358 81.97 -59.98 13.61
CA SER N 358 80.90 -60.45 14.48
C SER N 358 79.90 -61.25 13.68
N VAL N 359 79.26 -62.21 14.34
CA VAL N 359 78.21 -63.03 13.75
C VAL N 359 76.94 -62.82 14.56
N HIS N 360 75.89 -62.36 13.90
CA HIS N 360 74.59 -62.11 14.53
C HIS N 360 73.62 -63.20 14.11
N ASP N 361 73.07 -63.91 15.08
CA ASP N 361 72.17 -65.03 14.82
C ASP N 361 70.71 -64.59 14.96
N THR N 362 69.87 -65.19 14.14
CA THR N 362 68.42 -64.96 14.18
C THR N 362 67.71 -66.27 13.91
N ASN N 363 66.66 -66.54 14.68
CA ASN N 363 65.87 -67.76 14.53
C ASN N 363 64.64 -67.45 13.69
N THR N 364 64.41 -68.25 12.65
CA THR N 364 63.27 -68.09 11.78
C THR N 364 61.97 -68.42 12.50
N MET N 365 60.87 -67.83 12.01
CA MET N 365 59.57 -68.08 12.62
C MET N 365 59.13 -69.52 12.43
N TYR N 366 59.35 -70.08 11.24
CA TYR N 366 58.99 -71.45 10.94
C TYR N 366 60.22 -72.19 10.42
N ASP N 367 60.26 -73.50 10.67
CA ASP N 367 61.40 -74.30 10.26
C ASP N 367 61.26 -74.72 8.80
N ARG N 368 62.23 -75.52 8.34
CA ARG N 368 62.29 -76.10 7.00
C ARG N 368 62.25 -75.02 5.91
N VAL N 369 63.22 -74.11 6.00
CA VAL N 369 63.37 -73.02 5.04
C VAL N 369 64.54 -73.36 4.12
N ALA N 370 64.33 -73.23 2.82
CA ALA N 370 65.36 -73.54 1.83
C ALA N 370 66.07 -72.29 1.30
N THR N 371 65.31 -71.29 0.87
CA THR N 371 65.88 -70.08 0.31
C THR N 371 65.19 -68.86 0.90
N PHE N 372 65.91 -67.74 0.89
CA PHE N 372 65.42 -66.50 1.47
C PHE N 372 66.03 -65.33 0.70
N ASP N 373 65.59 -64.12 1.06
CA ASP N 373 66.11 -62.90 0.44
C ASP N 373 65.86 -61.73 1.38
N TYR N 374 66.66 -60.69 1.20
CA TYR N 374 66.57 -59.49 2.02
C TYR N 374 65.38 -58.64 1.60
N ILE N 375 65.00 -57.73 2.49
CA ILE N 375 64.07 -56.66 2.15
C ILE N 375 64.66 -55.37 2.69
N PRO N 376 65.07 -54.43 1.84
CA PRO N 376 65.55 -53.14 2.34
C PRO N 376 64.41 -52.34 2.95
N ARG N 377 64.60 -51.91 4.19
CA ARG N 377 63.65 -51.07 4.89
C ARG N 377 64.22 -49.68 5.09
N SER N 378 63.36 -48.75 5.49
CA SER N 378 63.81 -47.41 5.77
C SER N 378 64.59 -47.37 7.08
N ASN N 379 65.46 -46.35 7.19
CA ASN N 379 66.32 -46.11 8.35
C ASN N 379 67.19 -47.33 8.67
N ASN N 380 67.82 -47.88 7.61
CA ASN N 380 68.75 -49.01 7.67
C ASN N 380 68.11 -50.26 8.27
N GLY N 381 66.79 -50.39 8.20
CA GLY N 381 66.13 -51.56 8.73
C GLY N 381 66.30 -52.77 7.84
N THR N 382 65.91 -53.92 8.37
CA THR N 382 66.05 -55.18 7.64
C THR N 382 64.91 -56.10 8.00
N SER N 383 64.20 -56.59 6.98
CA SER N 383 63.27 -57.68 7.10
C SER N 383 63.70 -58.78 6.13
N LEU N 384 63.29 -60.00 6.41
CA LEU N 384 63.67 -61.15 5.61
C LEU N 384 62.43 -61.80 5.04
N ILE N 385 62.42 -61.98 3.71
CA ILE N 385 61.41 -62.79 3.04
C ILE N 385 62.02 -64.15 2.78
N CYS N 386 61.31 -65.20 3.18
CA CYS N 386 61.85 -66.56 3.14
C CYS N 386 60.84 -67.48 2.47
N MET N 387 61.37 -68.46 1.74
CA MET N 387 60.56 -69.46 1.07
C MET N 387 60.84 -70.80 1.71
N ARG N 388 59.78 -71.47 2.17
CA ARG N 388 59.93 -72.73 2.87
C ARG N 388 60.07 -73.87 1.86
N GLN N 389 60.27 -75.08 2.37
CA GLN N 389 60.40 -76.24 1.50
C GLN N 389 59.07 -76.58 0.85
N SER N 390 57.96 -76.27 1.51
CA SER N 390 56.65 -76.45 0.91
C SER N 390 56.35 -75.41 -0.16
N GLY N 391 57.09 -74.31 -0.20
CA GLY N 391 56.87 -73.27 -1.18
C GLY N 391 56.10 -72.09 -0.65
N THR N 392 55.65 -72.14 0.60
CA THR N 392 54.96 -71.03 1.23
C THR N 392 55.95 -69.94 1.61
N ILE N 393 55.62 -68.69 1.28
CA ILE N 393 56.50 -67.56 1.47
C ILE N 393 55.91 -66.64 2.53
N TYR N 394 56.71 -66.33 3.55
CA TYR N 394 56.28 -65.44 4.64
C TYR N 394 57.26 -64.29 4.82
N ARG N 395 57.06 -63.49 5.85
CA ARG N 395 57.92 -62.34 6.13
C ARG N 395 58.37 -62.38 7.59
N MET N 396 59.67 -62.22 7.80
CA MET N 396 60.28 -62.26 9.12
C MET N 396 61.10 -61.01 9.34
N PRO N 397 60.87 -60.27 10.43
CA PRO N 397 61.66 -59.07 10.70
C PRO N 397 62.89 -59.38 11.55
N ILE N 398 63.83 -58.44 11.53
CA ILE N 398 65.05 -58.53 12.32
C ILE N 398 64.92 -57.59 13.51
N SER N 399 65.11 -58.14 14.72
CA SER N 399 64.91 -57.36 15.93
C SER N 399 66.02 -56.33 16.11
N GLU N 400 65.65 -55.19 16.68
CA GLU N 400 66.57 -54.10 16.93
C GLU N 400 67.32 -54.36 18.22
N VAL N 401 68.41 -55.12 18.13
CA VAL N 401 69.18 -55.51 19.30
C VAL N 401 70.03 -54.34 19.76
N CYS N 402 69.92 -53.99 21.05
CA CYS N 402 70.78 -52.97 21.64
C CYS N 402 72.22 -53.49 21.74
N SER N 403 73.17 -52.63 21.38
CA SER N 403 74.55 -53.04 21.24
C SER N 403 75.49 -52.51 22.31
N LYS N 404 75.11 -51.46 23.02
CA LYS N 404 75.95 -50.90 24.07
C LYS N 404 75.07 -50.21 25.10
N ALA N 405 75.22 -50.60 26.36
CA ALA N 405 74.44 -50.02 27.46
C ALA N 405 75.42 -49.49 28.50
N ILE N 406 75.87 -48.26 28.29
CA ILE N 406 76.79 -47.61 29.22
C ILE N 406 75.99 -46.74 30.17
N LEU N 407 76.57 -46.47 31.33
CA LEU N 407 75.92 -45.69 32.37
C LEU N 407 76.73 -44.43 32.65
N ASN N 408 76.03 -43.30 32.72
CA ASN N 408 76.64 -42.01 33.01
C ASN N 408 76.92 -41.89 34.51
N ASN N 409 77.62 -40.80 34.88
CA ASN N 409 77.77 -40.47 36.29
C ASN N 409 76.51 -39.83 36.86
N ARG N 410 75.62 -39.33 36.01
CA ARG N 410 74.37 -38.73 36.45
C ARG N 410 73.23 -39.74 36.41
N ASN N 411 73.54 -41.03 36.39
CA ASN N 411 72.56 -42.12 36.28
C ASN N 411 71.70 -41.98 35.03
N SER N 412 72.36 -42.07 33.88
CA SER N 412 71.69 -42.05 32.59
C SER N 412 72.17 -43.23 31.76
N LEU N 413 71.28 -43.75 30.93
CA LEU N 413 71.53 -44.94 30.14
C LEU N 413 71.59 -44.55 28.66
N LEU N 414 72.63 -45.01 27.98
CA LEU N 414 72.80 -44.80 26.55
C LEU N 414 72.68 -46.12 25.82
N LEU N 415 71.99 -46.11 24.69
CA LEU N 415 71.65 -47.33 23.97
C LEU N 415 71.96 -47.16 22.49
N SER N 416 72.88 -47.96 21.97
CA SER N 416 73.18 -48.03 20.55
C SER N 416 72.66 -49.33 19.98
N ASN N 417 72.20 -49.27 18.73
CA ASN N 417 71.58 -50.40 18.06
C ASN N 417 72.53 -51.03 17.05
N PHE N 418 72.38 -52.33 16.84
CA PHE N 418 73.15 -53.02 15.81
C PHE N 418 72.63 -52.78 14.41
N GLU N 419 71.45 -52.17 14.25
CA GLU N 419 70.87 -51.96 12.93
C GLU N 419 71.06 -50.54 12.43
N ASN N 420 70.56 -49.56 13.17
CA ASN N 420 70.53 -48.17 12.70
C ASN N 420 71.40 -47.29 13.60
N THR N 421 71.42 -46.00 13.27
CA THR N 421 72.40 -45.08 13.81
C THR N 421 71.89 -44.21 14.96
N GLU N 422 70.58 -44.11 15.16
CA GLU N 422 70.08 -43.29 16.24
C GLU N 422 70.37 -43.92 17.60
N ILE N 423 70.57 -43.06 18.60
CA ILE N 423 71.02 -43.48 19.93
C ILE N 423 69.93 -43.12 20.93
N ASP N 424 69.54 -44.10 21.75
CA ASP N 424 68.46 -43.93 22.71
C ASP N 424 69.00 -43.42 24.03
N GLU N 425 68.26 -42.51 24.65
CA GLU N 425 68.66 -41.86 25.89
C GLU N 425 67.60 -42.07 26.96
N ILE N 426 68.02 -42.60 28.11
CA ILE N 426 67.20 -42.66 29.31
C ILE N 426 67.79 -41.70 30.32
N ARG N 427 67.00 -40.71 30.75
CA ARG N 427 67.45 -39.69 31.66
C ARG N 427 66.90 -39.91 33.06
N VAL N 428 67.67 -39.45 34.06
CA VAL N 428 67.20 -39.50 35.43
C VAL N 428 66.17 -38.41 35.68
N ASN N 429 66.17 -37.34 34.86
CA ASN N 429 65.27 -36.19 34.97
C ASN N 429 65.29 -35.54 36.36
N PHE N 496 57.91 -55.51 37.89
CA PHE N 496 59.19 -54.80 37.79
C PHE N 496 59.03 -53.31 38.05
N TRP N 497 60.16 -52.63 38.20
CA TRP N 497 60.18 -51.19 38.40
C TRP N 497 60.00 -50.48 37.07
N LYS N 498 60.17 -49.18 37.08
CA LYS N 498 60.43 -48.41 35.88
C LYS N 498 61.91 -48.01 35.86
N PRO N 499 62.51 -47.88 34.68
CA PRO N 499 63.93 -47.47 34.63
C PRO N 499 64.17 -46.10 35.22
N GLU N 500 63.27 -45.15 34.98
CA GLU N 500 63.41 -43.82 35.56
C GLU N 500 63.29 -43.85 37.07
N LYS N 501 62.36 -44.67 37.59
CA LYS N 501 62.20 -44.76 39.04
C LYS N 501 63.41 -45.42 39.70
N LEU N 502 63.98 -46.44 39.06
CA LEU N 502 65.18 -47.07 39.60
C LEU N 502 66.37 -46.12 39.58
N LEU N 503 66.55 -45.39 38.48
CA LEU N 503 67.67 -44.46 38.39
C LEU N 503 67.49 -43.23 39.28
N GLU N 504 66.25 -42.88 39.64
CA GLU N 504 66.04 -41.83 40.63
C GLU N 504 66.16 -42.34 42.06
N LYS N 505 65.94 -43.63 42.29
CA LYS N 505 66.12 -44.18 43.63
C LYS N 505 67.55 -44.62 43.90
N ASP N 506 68.41 -44.62 42.88
CA ASP N 506 69.79 -45.01 43.09
C ASP N 506 70.57 -44.02 43.95
N ILE N 507 71.56 -44.56 44.66
CA ILE N 507 72.31 -43.76 45.61
C ILE N 507 73.26 -42.80 44.92
N SER N 508 73.55 -42.99 43.63
CA SER N 508 74.37 -42.02 42.90
C SER N 508 73.63 -40.69 42.76
N VAL N 509 72.37 -40.72 42.34
CA VAL N 509 71.63 -39.47 42.25
C VAL N 509 71.23 -38.98 43.64
N ILE N 510 71.08 -39.89 44.62
CA ILE N 510 70.84 -39.46 46.00
C ILE N 510 72.02 -38.65 46.52
N MET N 511 73.24 -39.16 46.34
CA MET N 511 74.45 -38.47 46.76
C MET N 511 74.65 -37.18 45.98
N ARG N 512 74.31 -37.16 44.70
CA ARG N 512 74.43 -35.94 43.91
C ARG N 512 73.49 -34.86 44.43
N THR N 513 72.25 -35.22 44.76
CA THR N 513 71.32 -34.23 45.31
C THR N 513 71.76 -33.74 46.68
N ARG N 514 72.28 -34.64 47.53
CA ARG N 514 72.77 -34.22 48.84
C ARG N 514 73.98 -33.29 48.72
N ALA N 515 74.91 -33.61 47.81
CA ALA N 515 76.09 -32.77 47.63
C ALA N 515 75.73 -31.42 47.02
N SER N 516 74.70 -31.37 46.17
CA SER N 516 74.23 -30.09 45.68
C SER N 516 73.57 -29.29 46.80
N LEU N 517 72.88 -29.98 47.71
CA LEU N 517 72.24 -29.28 48.82
C LEU N 517 73.23 -28.83 49.89
N GLY N 518 74.42 -29.41 49.93
CA GLY N 518 75.40 -29.00 50.92
C GLY N 518 75.47 -29.93 52.12
N TYR N 519 75.58 -31.22 51.85
CA TYR N 519 75.61 -32.25 52.87
C TYR N 519 77.00 -32.39 53.48
N GLY N 520 77.06 -32.44 54.80
CA GLY N 520 78.25 -32.84 55.51
C GLY N 520 79.19 -31.74 55.96
N LEU N 521 78.98 -30.51 55.53
CA LEU N 521 79.93 -29.44 55.85
C LEU N 521 79.77 -28.97 57.30
N ASP N 522 78.61 -28.43 57.64
CA ASP N 522 78.30 -28.01 59.00
C ASP N 522 77.25 -28.94 59.59
N PRO N 523 77.55 -29.68 60.66
CA PRO N 523 76.63 -30.72 61.15
C PRO N 523 75.25 -30.21 61.56
N MET N 524 75.18 -29.01 62.13
CA MET N 524 73.87 -28.43 62.43
C MET N 524 73.10 -28.15 61.16
N ASN N 525 73.80 -27.72 60.10
CA ASN N 525 73.15 -27.49 58.82
C ASN N 525 72.68 -28.80 58.20
N THR N 526 73.44 -29.89 58.37
CA THR N 526 72.99 -31.20 57.89
C THR N 526 71.73 -31.65 58.62
N VAL N 527 71.70 -31.47 59.94
CA VAL N 527 70.53 -31.89 60.72
C VAL N 527 69.31 -31.05 60.36
N GLU N 528 69.50 -29.74 60.17
CA GLU N 528 68.40 -28.88 59.75
C GLU N 528 67.92 -29.23 58.33
N MET N 529 68.85 -29.57 57.43
CA MET N 529 68.48 -29.96 56.08
C MET N 529 67.68 -31.26 56.06
N ILE N 530 68.09 -32.23 56.87
CA ILE N 530 67.35 -33.49 56.94
C ILE N 530 65.97 -33.26 57.57
N ASP N 531 65.90 -32.44 58.62
CA ASP N 531 64.63 -32.14 59.25
C ASP N 531 63.71 -31.31 58.37
N SER N 532 64.25 -30.60 57.38
CA SER N 532 63.45 -29.81 56.46
C SER N 532 63.15 -30.54 55.15
N SER N 533 63.34 -31.86 55.13
CA SER N 533 63.09 -32.64 53.91
C SER N 533 62.68 -34.05 54.34
N LYS N 534 61.38 -34.34 54.24
CA LYS N 534 60.78 -35.63 54.56
C LYS N 534 61.10 -36.11 55.97
N ASN N 538 62.19 -40.66 55.97
CA ASN N 538 62.65 -42.00 55.61
C ASN N 538 64.07 -42.24 56.10
N ASN N 539 64.79 -41.16 56.37
CA ASN N 539 66.16 -41.23 56.86
C ASN N 539 66.23 -40.42 58.15
N ALA N 540 66.30 -41.12 59.28
CA ALA N 540 66.41 -40.47 60.58
C ALA N 540 67.66 -40.83 61.36
N TYR N 541 68.22 -42.03 61.15
CA TYR N 541 69.45 -42.39 61.85
C TYR N 541 70.66 -41.61 61.32
N ILE N 542 70.59 -41.10 60.09
CA ILE N 542 71.63 -40.20 59.62
C ILE N 542 71.50 -38.85 60.33
N ARG N 543 70.26 -38.41 60.55
CA ARG N 543 70.03 -37.18 61.30
C ARG N 543 70.53 -37.32 62.73
N ASN N 544 70.31 -38.48 63.34
CA ASN N 544 70.74 -38.68 64.72
C ASN N 544 72.27 -38.76 64.83
N THR N 545 72.94 -39.41 63.88
CA THR N 545 74.40 -39.45 63.99
C THR N 545 75.03 -38.12 63.64
N TRP N 546 74.40 -37.33 62.76
CA TRP N 546 74.92 -35.99 62.53
C TRP N 546 74.63 -35.06 63.71
N ARG N 547 73.54 -35.29 64.44
CA ARG N 547 73.29 -34.54 65.66
C ARG N 547 74.33 -34.87 66.73
N TRP N 548 74.70 -36.14 66.86
CA TRP N 548 75.76 -36.48 67.81
C TRP N 548 77.09 -35.90 67.38
N ILE N 549 77.36 -35.89 66.08
CA ILE N 549 78.60 -35.29 65.58
C ILE N 549 78.61 -33.79 65.84
N ALA N 550 77.46 -33.14 65.74
CA ALA N 550 77.35 -31.73 66.12
C ALA N 550 77.65 -31.52 67.60
N ILE N 551 77.13 -32.42 68.44
CA ILE N 551 77.37 -32.31 69.89
C ILE N 551 78.85 -32.48 70.20
N ALA N 552 79.49 -33.48 69.58
CA ALA N 552 80.91 -33.73 69.85
C ALA N 552 81.79 -32.63 69.29
N LYS N 553 81.40 -32.06 68.13
CA LYS N 553 82.16 -30.95 67.57
C LYS N 553 82.02 -29.69 68.43
N ALA N 554 80.83 -29.47 68.99
CA ALA N 554 80.65 -28.36 69.93
C ALA N 554 81.49 -28.57 71.19
N SER N 555 81.58 -29.82 71.64
CA SER N 555 82.41 -30.14 72.80
C SER N 555 83.88 -29.88 72.53
N VAL N 556 84.37 -30.28 71.35
CA VAL N 556 85.78 -30.08 71.02
C VAL N 556 86.08 -28.60 70.79
N ASP N 557 85.17 -27.89 70.11
CA ASP N 557 85.39 -26.48 69.83
C ASP N 557 85.20 -25.58 71.05
N ASP N 558 84.49 -26.05 72.08
CA ASP N 558 84.29 -25.28 73.29
C ASP N 558 85.41 -25.46 74.31
N GLY N 559 86.46 -26.20 73.95
CA GLY N 559 87.55 -26.46 74.87
C GLY N 559 87.34 -27.63 75.79
N THR N 560 86.16 -28.24 75.75
CA THR N 560 85.86 -29.38 76.62
C THR N 560 86.53 -30.64 76.05
N MET N 561 87.19 -31.38 76.93
CA MET N 561 87.77 -32.69 76.62
C MET N 561 88.82 -32.61 75.51
N VAL N 562 89.63 -31.55 75.54
CA VAL N 562 90.81 -31.45 74.67
C VAL N 562 92.00 -31.05 75.52
N SER N 563 91.74 -30.58 76.74
CA SER N 563 92.80 -30.07 77.60
C SER N 563 93.53 -31.22 78.29
N GLY N 564 94.65 -30.88 78.91
CA GLY N 564 95.45 -31.87 79.59
C GLY N 564 96.36 -32.61 78.64
N ASP N 565 97.06 -33.61 79.20
CA ASP N 565 97.96 -34.43 78.41
C ASP N 565 97.24 -35.42 77.52
N LEU N 566 95.98 -35.73 77.82
CA LEU N 566 95.19 -36.66 77.01
C LEU N 566 94.29 -35.86 76.09
N ASP N 567 94.44 -36.08 74.78
CA ASP N 567 93.66 -35.34 73.79
C ASP N 567 92.17 -35.65 73.88
N LEU N 568 91.81 -36.94 73.84
CA LEU N 568 90.44 -37.44 74.03
C LEU N 568 89.44 -36.77 73.08
N GLY N 569 89.83 -36.63 71.83
CA GLY N 569 89.00 -36.01 70.83
C GLY N 569 88.21 -37.03 70.04
N TYR N 570 86.87 -36.88 70.08
CA TYR N 570 85.92 -37.75 69.37
C TYR N 570 86.09 -39.21 69.78
N GLU N 571 86.37 -39.45 71.05
CA GLU N 571 86.51 -40.81 71.55
C GLU N 571 85.15 -41.44 71.76
N GLY N 572 85.13 -42.77 71.83
CA GLY N 572 83.89 -43.49 71.95
C GLY N 572 83.47 -43.78 73.39
N VAL N 573 82.18 -44.05 73.55
CA VAL N 573 81.64 -44.46 74.85
C VAL N 573 82.23 -45.79 75.27
N ILE N 574 82.37 -46.72 74.31
CA ILE N 574 83.02 -48.00 74.59
C ILE N 574 84.47 -47.79 74.98
N GLY N 575 85.16 -46.85 74.32
CA GLY N 575 86.55 -46.58 74.65
C GLY N 575 86.72 -45.97 76.04
N ILE N 576 85.83 -45.05 76.41
CA ILE N 576 85.89 -44.45 77.75
C ILE N 576 85.56 -45.50 78.81
N TRP N 577 84.54 -46.33 78.57
CA TRP N 577 84.14 -47.33 79.55
C TRP N 577 85.20 -48.41 79.72
N ASN N 578 85.89 -48.77 78.64
CA ASN N 578 86.94 -49.77 78.75
C ASN N 578 88.21 -49.18 79.36
N GLY N 579 88.51 -47.91 79.07
CA GLY N 579 89.67 -47.27 79.65
C GLY N 579 90.94 -47.47 78.85
N ILE N 580 91.77 -48.42 79.28
CA ILE N 580 93.06 -48.78 78.66
C ILE N 580 93.98 -47.57 78.52
N LEU N 595 100.12 -43.13 81.00
CA LEU N 595 100.10 -44.59 81.00
C LEU N 595 99.72 -45.13 82.37
N SER N 596 99.32 -44.23 83.26
CA SER N 596 98.96 -44.57 84.63
C SER N 596 97.46 -44.50 84.83
N ASP N 597 96.92 -45.49 85.54
CA ASP N 597 95.49 -45.52 85.85
C ASP N 597 95.11 -44.34 86.74
N LYS N 598 95.94 -44.04 87.73
CA LYS N 598 95.69 -42.90 88.61
C LYS N 598 95.76 -41.59 87.83
N GLN N 599 96.69 -41.49 86.88
CA GLN N 599 96.82 -40.28 86.08
C GLN N 599 95.61 -40.09 85.16
N LEU N 600 95.13 -41.16 84.54
CA LEU N 600 93.95 -41.02 83.69
C LEU N 600 92.70 -40.73 84.50
N ASN N 601 92.60 -41.33 85.70
CA ASN N 601 91.48 -41.01 86.58
C ASN N 601 91.51 -39.55 87.03
N LYS N 602 92.70 -39.04 87.35
CA LYS N 602 92.78 -37.66 87.81
C LYS N 602 92.58 -36.67 86.67
N GLU N 603 92.96 -37.01 85.44
CA GLU N 603 92.68 -36.08 84.35
C GLU N 603 91.20 -36.14 83.95
N MET N 604 90.55 -37.30 84.11
CA MET N 604 89.10 -37.34 83.92
C MET N 604 88.39 -36.52 84.99
N GLU N 605 88.89 -36.58 86.23
CA GLU N 605 88.33 -35.74 87.29
C GLU N 605 88.55 -34.25 87.00
N LYS N 606 89.71 -33.91 86.40
CA LYS N 606 89.95 -32.53 86.00
C LYS N 606 89.00 -32.11 84.89
N ILE N 607 88.71 -33.02 83.96
CA ILE N 607 87.77 -32.74 82.87
C ILE N 607 86.38 -32.49 83.43
N ILE N 608 85.97 -33.30 84.42
CA ILE N 608 84.71 -33.06 85.11
C ILE N 608 84.72 -31.72 85.82
N LYS N 609 85.84 -31.39 86.47
CA LYS N 609 85.95 -30.12 87.17
C LYS N 609 86.00 -28.92 86.24
N LEU N 610 86.27 -29.14 84.95
CA LEU N 610 86.19 -28.04 84.00
C LEU N 610 84.76 -27.57 83.82
N ARG N 611 83.81 -28.50 83.78
CA ARG N 611 82.40 -28.14 83.64
C ARG N 611 81.58 -28.76 84.76
N GLY N 626 78.59 -43.45 94.41
CA GLY N 626 77.74 -44.63 94.33
C GLY N 626 78.41 -45.80 93.62
N SER N 627 79.20 -45.50 92.60
CA SER N 627 79.92 -46.52 91.85
C SER N 627 81.38 -46.13 91.71
N PRO N 628 82.29 -47.11 91.69
CA PRO N 628 83.71 -46.79 91.50
C PRO N 628 84.03 -46.17 90.15
N LYS N 629 83.24 -46.47 89.12
CA LYS N 629 83.43 -45.91 87.78
C LYS N 629 82.51 -44.72 87.53
N TYR N 630 82.24 -43.93 88.56
CA TYR N 630 81.39 -42.75 88.41
C TYR N 630 82.01 -41.71 87.50
N VAL N 631 83.34 -41.57 87.52
CA VAL N 631 84.00 -40.63 86.63
C VAL N 631 83.85 -41.08 85.17
N GLN N 632 83.96 -42.38 84.90
CA GLN N 632 83.78 -42.86 83.54
C GLN N 632 82.34 -42.72 83.09
N ARG N 633 81.38 -42.93 84.00
CA ARG N 633 79.98 -42.73 83.67
C ARG N 633 79.69 -41.27 83.38
N ARG N 634 80.31 -40.36 84.12
CA ARG N 634 80.11 -38.94 83.88
C ARG N 634 80.74 -38.50 82.57
N LEU N 635 81.92 -39.04 82.23
CA LEU N 635 82.51 -38.79 80.92
C LEU N 635 81.63 -39.34 79.80
N CYS N 636 81.03 -40.50 80.00
CA CYS N 636 80.13 -41.06 78.98
C CYS N 636 78.90 -40.19 78.80
N LEU N 637 78.36 -39.65 79.90
CA LEU N 637 77.19 -38.78 79.81
C LEU N 637 77.56 -37.42 79.22
N ILE N 638 78.79 -36.96 79.42
CA ILE N 638 79.25 -35.74 78.76
C ILE N 638 79.40 -35.98 77.26
N ILE N 639 79.94 -37.14 76.88
CA ILE N 639 80.13 -37.47 75.47
C ILE N 639 78.78 -37.59 74.77
N SER N 640 77.84 -38.29 75.39
CA SER N 640 76.53 -38.50 74.77
C SER N 640 75.63 -37.28 74.84
N GLY N 641 76.04 -36.22 75.52
CA GLY N 641 75.24 -35.01 75.61
C GLY N 641 73.99 -35.15 76.46
N TRP N 642 74.09 -35.79 77.62
CA TRP N 642 72.94 -35.96 78.51
C TRP N 642 73.09 -35.30 79.87
N ASP N 643 74.29 -34.86 80.25
CA ASP N 643 74.45 -34.19 81.54
C ASP N 643 73.82 -32.80 81.48
N LEU N 644 72.53 -32.74 81.79
CA LEU N 644 71.77 -31.51 81.69
C LEU N 644 70.86 -31.38 82.90
N SER N 645 70.63 -30.15 83.33
CA SER N 645 69.92 -29.88 84.58
C SER N 645 68.42 -30.13 84.41
N ARG N 646 67.72 -30.10 85.55
CA ARG N 646 66.28 -30.37 85.53
C ARG N 646 65.49 -29.21 84.94
N SER N 647 65.93 -27.97 85.20
CA SER N 647 65.26 -26.82 84.60
C SER N 647 65.42 -26.83 83.08
N ASP N 648 66.60 -27.19 82.60
CA ASP N 648 66.79 -27.33 81.17
C ASP N 648 66.10 -28.57 80.61
N TYR N 649 65.86 -29.59 81.43
CA TYR N 649 65.02 -30.70 81.02
C TYR N 649 63.58 -30.26 80.78
N GLU N 650 63.06 -29.42 81.68
CA GLU N 650 61.73 -28.85 81.49
C GLU N 650 61.69 -27.94 80.26
N ASP N 651 62.78 -27.19 80.02
CA ASP N 651 62.88 -26.38 78.82
C ASP N 651 62.88 -27.25 77.56
N LYS N 652 63.57 -28.39 77.62
CA LYS N 652 63.57 -29.33 76.50
C LYS N 652 62.19 -29.94 76.29
N TYR N 653 61.47 -30.20 77.38
CA TYR N 653 60.08 -30.65 77.29
C TYR N 653 59.22 -29.62 76.57
N ASN N 654 59.40 -28.34 76.93
CA ASN N 654 58.66 -27.27 76.27
C ASN N 654 59.05 -27.15 74.80
N ILE N 655 60.33 -27.38 74.50
CA ILE N 655 60.81 -27.30 73.10
C ILE N 655 60.18 -28.39 72.26
N ILE N 656 60.17 -29.62 72.78
CA ILE N 656 59.58 -30.73 72.04
C ILE N 656 58.06 -30.58 71.94
N MET N 657 57.43 -30.03 72.98
CA MET N 657 55.99 -29.75 72.92
C MET N 657 55.67 -28.69 71.87
N LYS N 658 56.52 -27.67 71.74
CA LYS N 658 56.33 -26.67 70.70
C LYS N 658 56.59 -27.25 69.32
N ASN N 659 57.53 -28.20 69.22
CA ASN N 659 57.76 -28.89 67.96
C ASN N 659 56.56 -29.74 67.56
N GLY N 660 55.94 -30.41 68.52
CA GLY N 660 54.73 -31.19 68.28
C GLY N 660 54.88 -32.68 68.49
N HIS N 661 56.07 -33.17 68.85
CA HIS N 661 56.28 -34.60 69.06
C HIS N 661 55.96 -34.92 70.51
N TYR N 662 54.66 -35.00 70.81
CA TYR N 662 54.22 -35.31 72.16
C TYR N 662 54.60 -36.72 72.56
N GLU N 663 54.61 -37.65 71.59
CA GLU N 663 55.07 -39.00 71.88
C GLU N 663 56.53 -39.03 72.27
N LYS N 664 57.37 -38.23 71.59
CA LYS N 664 58.78 -38.15 71.96
C LYS N 664 58.96 -37.48 73.31
N ALA N 665 58.16 -36.45 73.60
CA ALA N 665 58.26 -35.78 74.89
C ALA N 665 57.87 -36.72 76.03
N ALA N 666 56.79 -37.48 75.84
CA ALA N 666 56.39 -38.45 76.86
C ALA N 666 57.38 -39.59 76.96
N ALA N 667 58.01 -39.98 75.84
CA ALA N 667 59.06 -40.99 75.88
C ALA N 667 60.25 -40.52 76.70
N TRP N 668 60.65 -39.26 76.51
CA TRP N 668 61.75 -38.71 77.30
C TRP N 668 61.38 -38.60 78.77
N ALA N 669 60.12 -38.24 79.06
CA ALA N 669 59.69 -38.14 80.45
C ALA N 669 59.68 -39.51 81.13
N VAL N 670 59.22 -40.54 80.41
CA VAL N 670 59.27 -41.90 80.92
C VAL N 670 60.71 -42.36 81.08
N PHE N 671 61.58 -41.93 80.16
CA PHE N 671 63.00 -42.26 80.25
C PHE N 671 63.64 -41.66 81.49
N PHE N 672 63.29 -40.42 81.82
CA PHE N 672 63.84 -39.81 83.03
C PHE N 672 63.16 -40.32 84.29
N GLY N 673 61.95 -40.84 84.18
CA GLY N 673 61.26 -41.43 85.32
C GLY N 673 60.16 -40.59 85.94
N ASP N 674 59.89 -39.40 85.41
CA ASP N 674 58.84 -38.54 85.95
C ASP N 674 57.52 -38.88 85.26
N ILE N 675 56.92 -39.97 85.72
CA ILE N 675 55.66 -40.48 85.16
C ILE N 675 54.49 -39.52 85.39
N PRO N 676 54.29 -38.88 86.57
CA PRO N 676 53.25 -37.84 86.63
C PRO N 676 53.48 -36.68 85.67
N LYS N 677 54.74 -36.31 85.44
CA LYS N 677 55.02 -35.28 84.45
C LYS N 677 54.71 -35.77 83.05
N ALA N 678 54.91 -37.06 82.78
CA ALA N 678 54.52 -37.63 81.49
C ALA N 678 53.01 -37.59 81.30
N VAL N 679 52.26 -37.90 82.34
CA VAL N 679 50.80 -37.84 82.28
C VAL N 679 50.34 -36.40 82.07
N GLU N 680 50.98 -35.45 82.76
CA GLU N 680 50.67 -34.03 82.57
C GLU N 680 50.97 -33.58 81.15
N ILE N 681 52.09 -34.05 80.58
CA ILE N 681 52.48 -33.64 79.24
C ILE N 681 51.51 -34.21 78.20
N LEU N 682 51.19 -35.51 78.32
CA LEU N 682 50.30 -36.12 77.33
C LEU N 682 48.86 -35.65 77.49
N GLY N 683 48.46 -35.26 78.69
CA GLY N 683 47.11 -34.74 78.88
C GLY N 683 46.90 -33.37 78.28
N SER N 684 47.97 -32.60 78.11
CA SER N 684 47.89 -31.28 77.47
C SER N 684 48.12 -31.37 75.97
N ALA N 685 47.33 -32.22 75.32
CA ALA N 685 47.48 -32.47 73.89
C ALA N 685 46.14 -32.35 73.20
N LYS N 686 46.19 -32.07 71.90
CA LYS N 686 44.98 -31.89 71.10
C LYS N 686 44.46 -33.19 70.49
N LYS N 687 45.16 -34.31 70.69
CA LYS N 687 44.75 -35.57 70.09
C LYS N 687 44.04 -36.44 71.13
N GLU N 688 42.84 -36.91 70.74
CA GLU N 688 42.04 -37.76 71.62
C GLU N 688 42.71 -39.10 71.88
N ARG N 689 43.46 -39.62 70.90
CA ARG N 689 44.24 -40.82 71.10
C ARG N 689 45.33 -40.58 72.15
N LEU N 690 45.97 -39.42 72.09
CA LEU N 690 46.99 -39.07 73.08
C LEU N 690 46.37 -38.92 74.46
N ARG N 691 45.15 -38.39 74.54
CA ARG N 691 44.47 -38.26 75.82
C ARG N 691 44.12 -39.64 76.41
N LEU N 692 43.70 -40.56 75.54
CA LEU N 692 43.40 -41.92 76.00
C LEU N 692 44.65 -42.63 76.50
N ILE N 693 45.76 -42.42 75.81
CA ILE N 693 47.05 -42.96 76.24
C ILE N 693 47.51 -42.30 77.54
N ALA N 694 47.22 -41.00 77.70
CA ALA N 694 47.52 -40.31 78.95
C ALA N 694 46.76 -40.91 80.12
N THR N 695 45.48 -41.23 79.93
CA THR N 695 44.72 -41.87 81.00
C THR N 695 45.26 -43.26 81.31
N ALA N 696 45.60 -44.03 80.26
CA ALA N 696 46.12 -45.37 80.48
C ALA N 696 47.45 -45.36 81.22
N ILE N 697 48.31 -44.39 80.91
CA ILE N 697 49.56 -44.22 81.65
C ILE N 697 49.28 -43.67 83.05
N ALA N 698 48.22 -42.87 83.20
CA ALA N 698 47.82 -42.39 84.52
C ALA N 698 47.33 -43.51 85.42
N GLY N 699 46.95 -44.65 84.86
CA GLY N 699 46.67 -45.81 85.69
C GLY N 699 47.89 -46.58 86.15
N TYR N 700 48.95 -45.88 86.57
CA TYR N 700 50.19 -46.51 86.98
C TYR N 700 50.77 -46.01 88.30
N LEU N 701 50.43 -44.79 88.74
CA LEU N 701 51.11 -44.18 89.88
C LEU N 701 50.82 -44.95 91.17
N ALA N 702 49.55 -45.27 91.41
CA ALA N 702 49.15 -46.08 92.56
C ALA N 702 48.99 -47.54 92.17
N TYR N 703 49.78 -48.00 91.21
CA TYR N 703 49.62 -49.34 90.66
C TYR N 703 50.95 -50.05 90.49
N LYS N 704 52.06 -49.48 90.98
CA LYS N 704 53.34 -50.17 90.89
C LYS N 704 53.50 -51.20 92.00
N ASP N 705 52.99 -50.90 93.19
CA ASP N 705 53.06 -51.84 94.33
C ASP N 705 51.94 -52.88 94.22
N LEU N 706 52.07 -53.74 93.21
CA LEU N 706 51.10 -54.76 92.93
C LEU N 706 51.80 -55.89 92.18
N PRO N 707 51.30 -57.12 92.26
CA PRO N 707 51.82 -58.17 91.39
C PRO N 707 51.15 -58.09 90.02
N GLY N 708 51.43 -59.05 89.14
CA GLY N 708 50.88 -59.04 87.82
C GLY N 708 49.52 -59.72 87.77
N ASN N 709 49.13 -60.10 86.55
CA ASN N 709 47.87 -60.81 86.26
C ASN N 709 46.66 -60.08 86.84
N ASN N 710 46.57 -58.79 86.53
CA ASN N 710 45.49 -57.94 87.01
C ASN N 710 44.74 -57.26 85.86
N ALA N 711 44.78 -57.88 84.68
CA ALA N 711 44.11 -57.48 83.43
C ALA N 711 44.67 -56.18 82.86
N TRP N 712 44.95 -55.19 83.70
CA TRP N 712 45.44 -53.91 83.21
C TRP N 712 46.82 -54.05 82.59
N ARG N 713 47.72 -54.78 83.28
CA ARG N 713 49.03 -55.07 82.70
C ARG N 713 48.92 -55.96 81.47
N GLN N 714 47.92 -56.83 81.42
CA GLN N 714 47.70 -57.65 80.23
C GLN N 714 47.31 -56.79 79.03
N GLN N 715 46.39 -55.84 79.25
CA GLN N 715 45.99 -54.93 78.18
C GLN N 715 47.15 -54.05 77.75
N CYS N 716 47.98 -53.63 78.70
CA CYS N 716 49.12 -52.79 78.35
C CYS N 716 50.17 -53.59 77.56
N ARG N 717 50.37 -54.86 77.91
CA ARG N 717 51.26 -55.71 77.13
C ARG N 717 50.74 -55.93 75.73
N LYS N 718 49.43 -56.15 75.58
CA LYS N 718 48.86 -56.30 74.25
C LYS N 718 49.00 -55.02 73.45
N MET N 719 48.82 -53.87 74.10
CA MET N 719 48.98 -52.59 73.42
C MET N 719 50.41 -52.41 72.94
N SER N 720 51.38 -52.65 73.84
CA SER N 720 52.79 -52.51 73.48
C SER N 720 53.18 -53.46 72.36
N SER N 721 52.50 -54.61 72.28
CA SER N 721 52.74 -55.53 71.17
C SER N 721 52.11 -55.04 69.86
N GLU N 722 50.94 -54.40 69.92
CA GLU N 722 50.19 -54.14 68.70
C GLU N 722 50.36 -52.73 68.14
N LEU N 723 50.79 -51.76 68.95
CA LEU N 723 50.82 -50.37 68.52
C LEU N 723 51.98 -50.11 67.55
N ASP N 724 51.84 -49.02 66.79
CA ASP N 724 52.77 -48.70 65.71
C ASP N 724 53.87 -47.73 66.11
N ASP N 725 53.57 -46.76 66.97
CA ASP N 725 54.57 -45.78 67.36
C ASP N 725 55.54 -46.41 68.35
N PRO N 726 56.85 -46.37 68.06
CA PRO N 726 57.80 -47.05 68.96
C PRO N 726 57.97 -46.38 70.30
N TYR N 727 57.81 -45.06 70.37
CA TYR N 727 57.86 -44.36 71.64
C TYR N 727 56.70 -44.78 72.54
N LEU N 728 55.49 -44.87 71.98
CA LEU N 728 54.36 -45.35 72.76
C LEU N 728 54.50 -46.84 73.08
N ARG N 729 55.17 -47.60 72.20
CA ARG N 729 55.45 -49.00 72.47
C ARG N 729 56.33 -49.16 73.71
N VAL N 730 57.43 -48.40 73.77
CA VAL N 730 58.33 -48.55 74.92
C VAL N 730 57.72 -47.92 76.16
N ILE N 731 56.88 -46.89 76.01
CA ILE N 731 56.17 -46.33 77.16
C ILE N 731 55.24 -47.37 77.77
N PHE N 732 54.43 -48.04 76.93
CA PHE N 732 53.55 -49.09 77.42
C PHE N 732 54.33 -50.25 78.01
N ALA N 733 55.47 -50.60 77.38
CA ALA N 733 56.26 -51.74 77.87
C ALA N 733 56.83 -51.47 79.26
N PHE N 734 57.40 -50.28 79.46
CA PHE N 734 57.96 -49.97 80.78
C PHE N 734 56.87 -49.77 81.82
N ILE N 735 55.75 -49.15 81.44
CA ILE N 735 54.69 -48.91 82.42
C ILE N 735 54.02 -50.22 82.81
N ALA N 736 53.93 -51.17 81.88
CA ALA N 736 53.38 -52.48 82.21
C ALA N 736 54.34 -53.29 83.07
N ASP N 737 55.62 -53.30 82.72
CA ASP N 737 56.61 -54.05 83.47
C ASP N 737 57.79 -53.14 83.77
N ASN N 738 58.09 -52.94 85.06
CA ASN N 738 59.15 -52.04 85.49
C ASN N 738 60.51 -52.73 85.36
N ASP N 739 60.88 -53.01 84.11
CA ASP N 739 62.20 -53.52 83.78
C ASP N 739 62.69 -52.78 82.55
N TRP N 740 64.02 -52.70 82.41
CA TRP N 740 64.62 -51.91 81.35
C TRP N 740 65.19 -52.76 80.21
N TRP N 741 65.19 -54.08 80.34
CA TRP N 741 65.68 -54.92 79.26
C TRP N 741 64.68 -55.03 78.11
N ASP N 742 63.43 -54.66 78.33
CA ASP N 742 62.45 -54.54 77.26
C ASP N 742 62.49 -53.17 76.59
N ILE N 743 63.32 -52.26 77.08
CA ILE N 743 63.43 -50.92 76.53
C ILE N 743 64.79 -50.71 75.86
N LEU N 744 65.85 -51.29 76.42
CA LEU N 744 67.20 -51.10 75.91
C LEU N 744 67.42 -51.75 74.54
N TYR N 745 66.59 -52.71 74.16
CA TYR N 745 66.82 -53.49 72.95
C TYR N 745 65.80 -53.21 71.86
N GLU N 746 64.95 -52.19 72.02
CA GLU N 746 64.00 -51.84 70.98
C GLU N 746 64.76 -51.16 69.84
N PRO N 747 64.68 -51.68 68.61
CA PRO N 747 65.50 -51.12 67.52
C PRO N 747 64.99 -49.82 66.96
N ALA N 748 63.73 -49.46 67.18
CA ALA N 748 63.13 -48.29 66.54
C ALA N 748 63.13 -47.06 67.43
N ILE N 749 64.12 -46.94 68.32
CA ILE N 749 64.32 -45.74 69.13
C ILE N 749 65.78 -45.33 69.01
N SER N 750 66.05 -44.09 69.43
CA SER N 750 67.39 -43.52 69.27
C SER N 750 68.39 -44.21 70.20
N LEU N 751 69.53 -44.60 69.63
CA LEU N 751 70.55 -45.28 70.42
C LEU N 751 71.23 -44.33 71.40
N ARG N 752 71.20 -43.02 71.11
CA ARG N 752 71.65 -42.04 72.10
C ARG N 752 70.76 -42.07 73.34
N GLU N 753 69.44 -42.14 73.15
CA GLU N 753 68.52 -42.24 74.27
C GLU N 753 68.68 -43.56 75.02
N ARG N 754 68.91 -44.66 74.29
CA ARG N 754 69.14 -45.94 74.94
C ARG N 754 70.42 -45.93 75.76
N LEU N 755 71.48 -45.30 75.24
CA LEU N 755 72.71 -45.15 76.02
C LEU N 755 72.48 -44.26 77.24
N GLY N 756 71.65 -43.22 77.09
CA GLY N 756 71.38 -42.35 78.22
C GLY N 756 70.66 -43.05 79.35
N VAL N 757 69.62 -43.82 79.02
CA VAL N 757 68.91 -44.53 80.09
C VAL N 757 69.77 -45.65 80.66
N ALA N 758 70.61 -46.29 79.84
CA ALA N 758 71.48 -47.33 80.35
C ALA N 758 72.54 -46.78 81.28
N LEU N 759 73.06 -45.60 80.97
CA LEU N 759 74.06 -44.98 81.84
C LEU N 759 73.42 -44.41 83.10
N ARG N 760 72.19 -43.91 82.99
CA ARG N 760 71.50 -43.38 84.17
C ARG N 760 71.14 -44.48 85.16
N PHE N 761 70.52 -45.56 84.69
CA PHE N 761 69.82 -46.46 85.59
C PHE N 761 70.53 -47.78 85.84
N LEU N 762 71.12 -48.39 84.82
CA LEU N 762 71.61 -49.76 84.95
C LEU N 762 72.88 -49.81 85.80
N ASN N 763 73.17 -50.99 86.34
CA ASN N 763 74.34 -51.18 87.17
C ASN N 763 75.58 -51.36 86.30
N ASP N 764 76.72 -51.64 86.94
CA ASP N 764 77.98 -51.75 86.22
C ASP N 764 78.01 -52.99 85.32
N THR N 765 77.64 -54.14 85.88
CA THR N 765 77.66 -55.38 85.10
C THR N 765 76.60 -55.36 84.01
N ASP N 766 75.40 -54.85 84.32
CA ASP N 766 74.34 -54.77 83.32
C ASP N 766 74.70 -53.79 82.21
N LEU N 767 75.30 -52.66 82.57
CA LEU N 767 75.76 -51.69 81.57
C LEU N 767 76.87 -52.27 80.70
N THR N 768 77.79 -53.05 81.31
CA THR N 768 78.85 -53.68 80.54
C THR N 768 78.30 -54.69 79.55
N THR N 769 77.33 -55.51 79.98
CA THR N 769 76.72 -56.48 79.07
C THR N 769 75.96 -55.79 77.95
N PHE N 770 75.21 -54.73 78.28
CA PHE N 770 74.46 -53.99 77.28
C PHE N 770 75.39 -53.32 76.27
N LEU N 771 76.49 -52.73 76.76
CA LEU N 771 77.43 -52.06 75.87
C LEU N 771 78.13 -53.06 74.96
N ASP N 772 78.51 -54.23 75.50
CA ASP N 772 79.15 -55.25 74.69
C ASP N 772 78.21 -55.77 73.61
N ARG N 773 76.95 -56.04 73.98
CA ARG N 773 75.97 -56.53 73.01
C ARG N 773 75.69 -55.50 71.93
N THR N 774 75.50 -54.24 72.32
CA THR N 774 75.16 -53.19 71.35
C THR N 774 76.33 -52.89 70.43
N SER N 775 77.55 -52.82 70.97
CA SER N 775 78.73 -52.55 70.14
C SER N 775 79.01 -53.69 69.18
N SER N 776 78.94 -54.94 69.66
CA SER N 776 79.14 -56.08 68.78
C SER N 776 78.05 -56.19 67.74
N THR N 777 76.84 -55.71 68.04
CA THR N 777 75.79 -55.69 67.02
C THR N 777 76.08 -54.63 65.96
N VAL N 778 76.38 -53.40 66.39
CA VAL N 778 76.48 -52.30 65.43
C VAL N 778 77.74 -52.42 64.57
N ILE N 779 78.82 -52.98 65.11
CA ILE N 779 80.06 -53.11 64.33
C ILE N 779 79.85 -54.06 63.15
N GLU N 780 79.20 -55.20 63.37
CA GLU N 780 78.95 -56.12 62.28
C GLU N 780 77.79 -55.66 61.39
N ASN N 781 76.83 -54.91 61.94
CA ASN N 781 75.66 -54.55 61.15
C ASN N 781 75.83 -53.26 60.36
N GLY N 782 76.84 -52.45 60.66
CA GLY N 782 77.03 -51.21 59.92
C GLY N 782 75.97 -50.16 60.15
N GLU N 783 75.57 -49.96 61.40
CA GLU N 783 74.63 -48.90 61.74
C GLU N 783 75.40 -47.63 62.07
N LEU N 784 74.97 -46.51 61.47
CA LEU N 784 75.68 -45.25 61.67
C LEU N 784 75.58 -44.72 63.09
N GLU N 785 74.60 -45.18 63.86
CA GLU N 785 74.46 -44.74 65.24
C GLU N 785 75.32 -45.54 66.21
N GLY N 786 76.12 -46.49 65.72
CA GLY N 786 77.13 -47.08 66.56
C GLY N 786 78.36 -46.22 66.74
N LEU N 787 78.44 -45.12 65.98
CA LEU N 787 79.52 -44.17 66.15
C LEU N 787 79.46 -43.46 67.49
N ILE N 788 78.27 -43.37 68.11
CA ILE N 788 78.17 -42.84 69.46
C ILE N 788 78.90 -43.74 70.44
N LEU N 789 78.73 -45.06 70.28
CA LEU N 789 79.40 -46.00 71.16
C LEU N 789 80.90 -46.04 70.89
N THR N 790 81.30 -46.12 69.62
CA THR N 790 82.67 -46.48 69.30
C THR N 790 83.55 -45.31 68.88
N GLY N 791 82.99 -44.13 68.67
CA GLY N 791 83.78 -42.95 68.34
C GLY N 791 84.35 -43.01 66.94
N ILE N 792 85.10 -41.96 66.61
CA ILE N 792 85.88 -41.93 65.38
C ILE N 792 87.22 -42.59 65.73
N THR N 793 87.24 -43.91 65.64
CA THR N 793 88.38 -44.73 66.02
C THR N 793 88.67 -45.67 64.85
N PRO N 794 89.71 -46.51 64.92
CA PRO N 794 89.77 -47.63 63.96
C PRO N 794 88.53 -48.52 63.98
N ASN N 795 87.91 -48.72 65.14
CA ASN N 795 86.64 -49.43 65.18
C ASN N 795 85.52 -48.61 64.53
N GLY N 796 85.57 -47.28 64.65
CA GLY N 796 84.62 -46.45 63.95
C GLY N 796 84.78 -46.53 62.44
N ILE N 797 86.03 -46.63 61.98
CA ILE N 797 86.30 -46.82 60.56
C ILE N 797 85.85 -48.19 60.10
N ASP N 798 85.98 -49.21 60.95
CA ASP N 798 85.40 -50.52 60.64
C ASP N 798 83.89 -50.46 60.51
N LEU N 799 83.24 -49.71 61.40
CA LEU N 799 81.80 -49.53 61.32
C LEU N 799 81.40 -48.81 60.03
N LEU N 800 82.14 -47.77 59.66
CA LEU N 800 81.86 -47.06 58.42
C LEU N 800 82.15 -47.92 57.20
N GLN N 801 83.13 -48.82 57.30
CA GLN N 801 83.41 -49.75 56.21
C GLN N 801 82.26 -50.72 56.03
N SER N 802 81.69 -51.22 57.13
CA SER N 802 80.53 -52.09 57.02
C SER N 802 79.32 -51.34 56.48
N TYR N 803 79.17 -50.07 56.86
CA TYR N 803 78.10 -49.24 56.32
C TYR N 803 78.27 -49.02 54.82
N VAL N 804 79.52 -48.83 54.37
CA VAL N 804 79.79 -48.68 52.95
C VAL N 804 79.47 -49.98 52.22
N ASN N 805 79.93 -51.12 52.75
CA ASN N 805 79.63 -52.42 52.15
C ASN N 805 78.13 -52.70 52.11
N LYS N 806 77.36 -52.13 53.04
CA LYS N 806 75.93 -52.35 53.06
C LYS N 806 75.17 -51.41 52.12
N THR N 807 75.60 -50.15 51.99
CA THR N 807 74.78 -49.17 51.31
C THR N 807 75.38 -48.50 50.09
N SER N 808 76.69 -48.64 49.84
CA SER N 808 77.41 -47.90 48.80
C SER N 808 77.25 -46.39 48.97
N ASP N 809 77.42 -45.93 50.19
CA ASP N 809 77.40 -44.50 50.52
C ASP N 809 78.80 -44.12 50.98
N VAL N 810 79.61 -43.62 50.05
CA VAL N 810 80.94 -43.15 50.39
C VAL N 810 80.92 -41.69 50.84
N GLN N 811 79.84 -40.96 50.56
CA GLN N 811 79.77 -39.54 50.89
C GLN N 811 79.76 -39.32 52.39
N SER N 812 78.89 -40.02 53.10
CA SER N 812 78.82 -39.87 54.55
C SER N 812 80.06 -40.45 55.22
N ALA N 813 80.63 -41.53 54.66
CA ALA N 813 81.84 -42.11 55.22
C ALA N 813 83.01 -41.14 55.14
N ALA N 814 83.16 -40.46 53.99
CA ALA N 814 84.21 -39.45 53.86
C ALA N 814 83.94 -38.27 54.78
N LEU N 815 82.73 -37.71 54.74
CA LEU N 815 82.42 -36.51 55.50
C LEU N 815 82.38 -36.74 57.01
N ILE N 816 82.34 -37.99 57.45
CA ILE N 816 82.45 -38.31 58.87
C ILE N 816 83.89 -38.63 59.24
N SER N 817 84.59 -39.41 58.41
CA SER N 817 85.95 -39.81 58.73
C SER N 817 86.96 -38.67 58.63
N ILE N 818 86.60 -37.57 57.97
CA ILE N 818 87.51 -36.42 57.93
C ILE N 818 87.65 -35.75 59.30
N PHE N 819 86.74 -36.02 60.23
CA PHE N 819 86.79 -35.37 61.54
C PHE N 819 87.95 -35.87 62.39
N GLY N 820 88.36 -37.11 62.23
CA GLY N 820 89.35 -37.66 63.14
C GLY N 820 90.57 -38.33 62.53
N SER N 821 90.52 -38.65 61.23
CA SER N 821 91.55 -39.52 60.65
C SER N 821 92.91 -38.84 60.51
N PRO N 822 93.06 -37.73 59.75
CA PRO N 822 94.41 -37.13 59.64
C PRO N 822 94.90 -36.55 60.96
N ARG N 823 93.98 -36.26 61.89
CA ARG N 823 94.35 -35.76 63.21
C ARG N 823 94.91 -36.87 64.09
N TYR N 824 94.36 -38.08 64.02
CA TYR N 824 94.70 -39.08 65.03
C TYR N 824 95.27 -40.37 64.48
N PHE N 825 94.76 -40.90 63.37
CA PHE N 825 95.14 -42.24 62.93
C PHE N 825 95.19 -42.32 61.41
N ARG N 826 96.34 -42.72 60.87
CA ARG N 826 96.48 -42.84 59.43
C ARG N 826 95.95 -44.20 58.98
N ASP N 827 94.94 -44.19 58.13
CA ASP N 827 94.38 -45.42 57.59
C ASP N 827 93.97 -45.20 56.14
N GLN N 828 94.19 -46.24 55.32
CA GLN N 828 94.00 -46.10 53.88
C GLN N 828 92.55 -46.07 53.46
N ARG N 829 91.64 -46.59 54.29
CA ARG N 829 90.23 -46.60 53.94
C ARG N 829 89.67 -45.18 53.91
N VAL N 830 90.09 -44.33 54.84
CA VAL N 830 89.65 -42.93 54.84
C VAL N 830 90.18 -42.21 53.61
N ASP N 831 91.43 -42.50 53.24
CA ASP N 831 92.02 -41.91 52.04
C ASP N 831 91.26 -42.34 50.80
N GLU N 832 90.87 -43.62 50.73
CA GLU N 832 90.09 -44.10 49.59
C GLU N 832 88.73 -43.42 49.52
N TRP N 833 88.07 -43.25 50.68
CA TRP N 833 86.76 -42.59 50.68
C TRP N 833 86.88 -41.12 50.29
N ILE N 834 87.93 -40.44 50.77
CA ILE N 834 88.13 -39.03 50.44
C ILE N 834 88.41 -38.86 48.95
N GLN N 835 89.28 -39.71 48.39
CA GLN N 835 89.59 -39.63 46.96
C GLN N 835 88.36 -39.95 46.12
N THR N 836 87.58 -40.95 46.52
CA THR N 836 86.38 -41.32 45.77
C THR N 836 85.35 -40.19 45.80
N TYR N 837 85.16 -39.56 46.97
CA TYR N 837 84.18 -38.48 47.05
C TYR N 837 84.66 -37.25 46.28
N ARG N 838 85.96 -36.96 46.28
CA ARG N 838 86.46 -35.83 45.53
C ARG N 838 86.37 -36.06 44.02
N ASP N 839 86.66 -37.29 43.58
CA ASP N 839 86.49 -37.61 42.16
C ASP N 839 85.03 -37.55 41.75
N MET N 840 84.12 -37.97 42.63
CA MET N 840 82.70 -37.88 42.34
C MET N 840 82.24 -36.43 42.27
N LEU N 841 82.79 -35.57 43.14
CA LEU N 841 82.46 -34.15 43.10
C LEU N 841 82.99 -33.49 41.83
N LYS N 842 84.17 -33.91 41.37
CA LYS N 842 84.69 -33.43 40.09
C LYS N 842 83.83 -33.91 38.93
N SER N 843 83.36 -35.16 38.99
CA SER N 843 82.51 -35.70 37.93
C SER N 843 81.15 -35.03 37.89
N TRP N 844 80.65 -34.58 39.03
CA TRP N 844 79.39 -33.84 39.08
C TRP N 844 79.57 -32.36 38.76
N GLU N 845 80.81 -31.92 38.50
CA GLU N 845 81.16 -30.52 38.29
C GLU N 845 80.79 -29.66 39.49
N LEU N 846 80.97 -30.21 40.69
CA LEU N 846 80.76 -29.47 41.92
C LEU N 846 82.10 -29.00 42.48
N PHE N 847 82.70 -28.05 41.76
CA PHE N 847 84.03 -27.56 42.14
C PHE N 847 83.97 -26.73 43.41
N SER N 848 82.88 -25.99 43.61
CA SER N 848 82.71 -25.22 44.84
C SER N 848 82.61 -26.15 46.05
N MET N 849 81.87 -27.25 45.90
CA MET N 849 81.75 -28.21 46.99
C MET N 849 83.08 -28.95 47.21
N ARG N 850 83.84 -29.21 46.16
CA ARG N 850 85.15 -29.83 46.33
C ARG N 850 86.11 -28.91 47.07
N ALA N 851 86.11 -27.62 46.73
CA ALA N 851 86.95 -26.67 47.44
C ALA N 851 86.53 -26.50 48.89
N ARG N 852 85.22 -26.48 49.15
CA ARG N 852 84.74 -26.41 50.53
C ARG N 852 85.12 -27.67 51.31
N PHE N 853 85.06 -28.83 50.67
CA PHE N 853 85.49 -30.07 51.31
C PHE N 853 86.98 -30.04 51.63
N ASP N 854 87.79 -29.49 50.72
CA ASP N 854 89.22 -29.42 50.95
C ASP N 854 89.56 -28.46 52.09
N VAL N 855 88.93 -27.28 52.12
CA VAL N 855 89.23 -26.35 53.21
C VAL N 855 88.66 -26.85 54.53
N LEU N 856 87.58 -27.64 54.50
CA LEU N 856 87.07 -28.24 55.73
C LEU N 856 88.00 -29.32 56.25
N ARG N 857 88.60 -30.11 55.34
CA ARG N 857 89.60 -31.07 55.75
C ARG N 857 90.82 -30.38 56.34
N SER N 858 91.22 -29.25 55.77
CA SER N 858 92.37 -28.52 56.32
C SER N 858 92.03 -27.85 57.65
N LYS N 859 90.77 -27.44 57.84
CA LYS N 859 90.36 -26.90 59.14
C LYS N 859 90.36 -27.99 60.21
N LEU N 860 89.82 -29.16 59.89
CA LEU N 860 89.69 -30.23 60.86
C LEU N 860 90.93 -31.10 60.96
N SER N 861 91.97 -30.82 60.17
CA SER N 861 93.20 -31.58 60.24
C SER N 861 94.19 -31.00 61.24
N ARG N 862 93.89 -29.83 61.81
CA ARG N 862 94.79 -29.24 62.80
C ARG N 862 94.69 -29.99 64.12
N THR N 863 95.84 -30.27 64.72
CA THR N 863 95.89 -30.99 65.98
C THR N 863 95.60 -30.04 67.14
N LYS N 864 95.85 -30.51 68.36
CA LYS N 864 95.73 -29.65 69.53
C LYS N 864 96.76 -28.53 69.51
N THR N 865 97.99 -28.86 69.06
CA THR N 865 99.03 -27.84 68.93
C THR N 865 98.69 -26.85 67.82
N GLY N 866 98.21 -27.34 66.68
CA GLY N 866 97.93 -26.50 65.52
C GLY N 866 98.69 -26.87 64.28
N VAL N 867 99.46 -27.96 64.28
CA VAL N 867 100.23 -28.38 63.11
C VAL N 867 99.28 -29.05 62.12
N LEU N 868 99.33 -28.59 60.87
CA LEU N 868 98.49 -29.15 59.81
C LEU N 868 99.07 -30.49 59.38
N THR N 869 98.28 -31.55 59.51
CA THR N 869 98.74 -32.90 59.22
C THR N 869 98.25 -33.43 57.87
N ALA N 870 97.32 -32.76 57.22
CA ALA N 870 96.82 -33.22 55.93
C ALA N 870 97.86 -32.95 54.84
N ASP N 871 97.91 -33.85 53.86
CA ASP N 871 98.84 -33.72 52.76
C ASP N 871 98.31 -32.69 51.76
N ILE N 872 99.14 -31.71 51.43
CA ILE N 872 98.76 -30.62 50.54
C ILE N 872 99.55 -30.72 49.24
N LYS N 873 99.02 -30.09 48.21
CA LYS N 873 99.70 -30.05 46.92
C LYS N 873 100.97 -29.19 47.03
N PRO N 874 102.06 -29.62 46.41
CA PRO N 874 103.30 -28.83 46.46
C PRO N 874 103.16 -27.51 45.70
N ARG N 875 104.07 -26.59 46.02
CA ARG N 875 104.07 -25.28 45.39
C ARG N 875 104.42 -25.40 43.90
N GLN N 876 103.82 -24.53 43.10
CA GLN N 876 103.79 -24.69 41.66
C GLN N 876 104.58 -23.65 40.89
N ILE N 877 104.33 -22.36 41.11
CA ILE N 877 104.88 -21.31 40.26
C ILE N 877 105.24 -20.10 41.11
N TYR N 878 106.20 -19.32 40.62
CA TYR N 878 106.56 -18.08 41.30
C TYR N 878 106.97 -17.05 40.25
N ILE N 879 106.96 -15.78 40.66
CA ILE N 879 107.06 -14.66 39.75
C ILE N 879 108.48 -14.08 39.83
N GLN N 880 109.12 -13.93 38.68
CA GLN N 880 110.45 -13.36 38.57
C GLN N 880 110.36 -11.92 38.10
N CYS N 881 111.53 -11.27 37.95
CA CYS N 881 111.56 -9.90 37.44
C CYS N 881 112.62 -9.68 36.37
N GLN N 882 113.28 -10.73 35.88
CA GLN N 882 114.08 -10.78 34.66
C GLN N 882 115.37 -9.94 34.75
N ASN N 883 115.59 -9.19 35.83
CA ASN N 883 116.80 -8.40 35.99
C ASN N 883 117.76 -9.04 36.99
N CYS N 884 117.31 -9.28 38.22
CA CYS N 884 118.10 -10.04 39.18
C CYS N 884 117.69 -11.50 39.25
N LYS N 885 116.61 -11.89 38.55
CA LYS N 885 116.14 -13.27 38.43
C LYS N 885 115.84 -13.88 39.81
N GLN N 886 114.97 -13.22 40.55
CA GLN N 886 114.57 -13.67 41.88
C GLN N 886 113.08 -13.44 42.06
N ASN N 887 112.55 -13.99 43.15
CA ASN N 887 111.15 -13.82 43.48
C ASN N 887 110.89 -12.39 43.93
N ILE N 888 109.78 -11.81 43.44
CA ILE N 888 109.48 -10.41 43.77
C ILE N 888 108.71 -10.26 45.06
N ASN N 889 108.18 -11.36 45.63
CA ASN N 889 107.47 -11.31 46.89
C ASN N 889 108.01 -12.38 47.82
N THR N 890 108.16 -12.04 49.10
CA THR N 890 108.78 -12.93 50.06
C THR N 890 107.71 -13.77 50.76
N PRO N 891 107.82 -15.12 50.73
CA PRO N 891 106.87 -15.99 51.43
C PRO N 891 106.98 -15.88 52.95
N LYS N 940 104.81 -0.63 47.47
CA LYS N 940 106.22 -0.54 47.09
C LYS N 940 106.38 -0.06 45.64
N TYR N 941 105.72 -0.79 44.74
CA TYR N 941 105.72 -0.55 43.29
C TYR N 941 107.13 -0.61 42.69
N CYS N 942 108.02 -1.39 43.30
CA CYS N 942 109.33 -1.67 42.75
C CYS N 942 109.72 -3.08 43.16
N CYS N 943 110.69 -3.64 42.45
CA CYS N 943 111.29 -4.89 42.89
C CYS N 943 112.11 -4.64 44.15
N PRO N 944 111.94 -5.43 45.20
CA PRO N 944 112.69 -5.18 46.45
C PRO N 944 114.14 -5.60 46.40
N HIS N 945 114.66 -6.06 45.26
CA HIS N 945 116.04 -6.51 45.15
C HIS N 945 116.86 -5.66 44.19
N CYS N 946 116.40 -5.49 42.95
CA CYS N 946 117.12 -4.69 41.97
C CYS N 946 116.50 -3.32 41.75
N GLY N 947 115.33 -3.06 42.34
CA GLY N 947 114.72 -1.74 42.24
C GLY N 947 114.07 -1.43 40.92
N SER N 948 113.91 -2.41 40.04
CA SER N 948 113.32 -2.16 38.73
C SER N 948 111.82 -1.88 38.86
N SER N 949 111.28 -1.28 37.82
CA SER N 949 109.87 -0.89 37.81
C SER N 949 109.02 -2.06 37.35
N PHE N 950 107.98 -2.37 38.11
CA PHE N 950 107.03 -3.39 37.73
C PHE N 950 106.20 -2.92 36.53
N PRO N 951 105.78 -3.83 35.66
CA PRO N 951 104.89 -3.44 34.58
C PRO N 951 103.52 -3.04 35.11
N ARG N 952 102.89 -2.12 34.40
CA ARG N 952 101.62 -1.57 34.83
C ARG N 952 100.47 -2.24 34.09
N CYS N 953 99.28 -2.06 34.64
CA CYS N 953 98.07 -2.47 33.94
C CYS N 953 97.93 -1.65 32.67
N ALA N 954 97.60 -2.33 31.57
CA ALA N 954 97.51 -1.64 30.29
C ALA N 954 96.29 -0.72 30.20
N ILE N 955 95.34 -0.85 31.11
CA ILE N 955 94.15 -0.01 31.08
C ILE N 955 94.36 1.29 31.85
N CYS N 956 94.88 1.22 33.08
CA CYS N 956 94.95 2.38 33.95
C CYS N 956 96.36 2.82 34.31
N LEU N 957 97.38 2.12 33.81
CA LEU N 957 98.80 2.47 33.99
C LEU N 957 99.20 2.57 35.46
N MET N 958 98.74 1.61 36.26
CA MET N 958 99.11 1.54 37.66
C MET N 958 99.97 0.32 37.91
N PRO N 959 101.12 0.45 38.54
CA PRO N 959 102.06 -0.68 38.63
C PRO N 959 101.62 -1.71 39.68
N LEU N 960 102.32 -2.84 39.65
CA LEU N 960 102.09 -3.92 40.60
C LEU N 960 102.54 -3.51 41.99
N GLY N 961 101.80 -3.96 43.00
CA GLY N 961 102.17 -3.70 44.38
C GLY N 961 102.56 -4.92 45.17
N THR N 962 103.77 -4.93 45.69
CA THR N 962 104.30 -6.02 46.50
C THR N 962 104.74 -5.49 47.86
N SER N 963 105.24 -6.40 48.70
CA SER N 963 105.69 -6.03 50.03
C SER N 963 106.74 -6.99 50.55
N LYS N 995 87.18 -12.43 51.44
CA LYS N 995 86.79 -11.68 50.26
C LYS N 995 87.97 -10.97 49.62
N LEU N 996 88.26 -11.30 48.37
CA LEU N 996 89.28 -10.63 47.57
C LEU N 996 88.60 -9.84 46.48
N LYS N 997 88.90 -8.55 46.41
CA LYS N 997 88.27 -7.70 45.40
C LYS N 997 88.88 -7.97 44.03
N LEU N 998 88.17 -7.54 43.00
CA LEU N 998 88.60 -7.70 41.62
C LEU N 998 89.50 -6.57 41.14
N ASN N 999 90.06 -5.78 42.06
CA ASN N 999 90.95 -4.70 41.69
C ASN N 999 92.21 -4.72 42.54
N GLU N 1000 92.67 -5.91 42.93
CA GLU N 1000 93.82 -6.05 43.81
C GLU N 1000 94.92 -6.90 43.21
N TRP N 1001 94.57 -7.99 42.53
CA TRP N 1001 95.53 -8.97 42.06
C TRP N 1001 95.68 -8.90 40.55
N PHE N 1002 96.91 -8.96 40.07
CA PHE N 1002 97.11 -9.06 38.63
C PHE N 1002 96.70 -10.44 38.12
N SER N 1003 96.43 -10.48 36.82
CA SER N 1003 96.12 -11.72 36.10
C SER N 1003 97.25 -11.92 35.10
N PHE N 1004 98.33 -12.53 35.56
CA PHE N 1004 99.49 -12.79 34.72
C PHE N 1004 99.23 -14.02 33.85
N CYS N 1005 98.95 -13.78 32.57
CA CYS N 1005 98.85 -14.88 31.63
C CYS N 1005 100.20 -15.53 31.45
N LEU N 1006 100.22 -16.86 31.39
CA LEU N 1006 101.47 -17.60 31.33
C LEU N 1006 101.95 -17.81 29.91
N SER N 1007 101.21 -17.31 28.92
CA SER N 1007 101.62 -17.39 27.52
C SER N 1007 102.33 -16.13 27.05
N CYS N 1008 101.73 -14.97 27.27
CA CYS N 1008 102.29 -13.70 26.82
C CYS N 1008 102.92 -12.88 27.93
N ASN N 1009 102.75 -13.28 29.20
CA ASN N 1009 103.40 -12.67 30.37
C ASN N 1009 103.06 -11.18 30.50
N HIS N 1010 101.81 -10.83 30.21
CA HIS N 1010 101.35 -9.46 30.28
C HIS N 1010 100.24 -9.37 31.30
N GLY N 1011 100.40 -8.48 32.29
CA GLY N 1011 99.55 -8.46 33.46
C GLY N 1011 98.64 -7.25 33.47
N MET N 1012 97.36 -7.51 33.76
CA MET N 1012 96.37 -6.48 34.04
C MET N 1012 95.74 -6.79 35.39
N HIS N 1013 95.09 -5.79 35.98
CA HIS N 1013 94.27 -6.03 37.16
C HIS N 1013 93.09 -6.92 36.79
N ALA N 1014 92.45 -7.49 37.80
CA ALA N 1014 91.38 -8.46 37.55
C ALA N 1014 90.17 -7.80 36.91
N GLY N 1015 89.71 -6.68 37.48
CA GLY N 1015 88.56 -6.00 36.91
C GLY N 1015 88.82 -5.38 35.56
N HIS N 1016 90.01 -4.80 35.39
CA HIS N 1016 90.39 -4.22 34.10
C HIS N 1016 90.50 -5.30 33.03
N ALA N 1017 91.07 -6.45 33.39
CA ALA N 1017 91.19 -7.56 32.44
C ALA N 1017 89.83 -8.13 32.09
N GLU N 1018 88.94 -8.26 33.06
CA GLU N 1018 87.59 -8.75 32.79
C GLU N 1018 86.83 -7.79 31.89
N GLU N 1019 86.96 -6.48 32.14
CA GLU N 1019 86.28 -5.50 31.30
C GLU N 1019 86.87 -5.44 29.90
N TRP N 1020 88.18 -5.64 29.76
CA TRP N 1020 88.81 -5.59 28.45
C TRP N 1020 88.53 -6.84 27.64
N PHE N 1021 88.48 -8.00 28.29
CA PHE N 1021 88.24 -9.26 27.61
C PHE N 1021 86.76 -9.59 27.50
N ASP N 1022 85.89 -8.78 28.11
CA ASP N 1022 84.46 -8.97 27.93
C ASP N 1022 84.00 -8.57 26.53
N ARG N 1023 84.75 -7.71 25.85
CA ARG N 1023 84.39 -7.24 24.52
C ARG N 1023 85.51 -7.42 23.50
N HIS N 1024 86.60 -8.10 23.88
CA HIS N 1024 87.72 -8.31 22.99
C HIS N 1024 88.30 -9.69 23.28
N ASN N 1025 89.19 -10.14 22.39
CA ASN N 1025 89.88 -11.40 22.59
C ASN N 1025 91.35 -11.28 22.22
N VAL N 1026 91.97 -10.16 22.58
CA VAL N 1026 93.37 -9.92 22.26
C VAL N 1026 94.05 -9.27 23.46
N CYS N 1027 95.32 -9.61 23.66
CA CYS N 1027 96.10 -9.04 24.74
C CYS N 1027 96.33 -7.55 24.50
N PRO N 1028 96.17 -6.71 25.52
CA PRO N 1028 96.21 -5.26 25.29
C PRO N 1028 97.59 -4.68 25.05
N THR N 1029 98.65 -5.36 25.47
CA THR N 1029 99.99 -4.82 25.28
C THR N 1029 100.37 -4.87 23.81
N PRO N 1030 101.11 -3.88 23.31
CA PRO N 1030 101.55 -3.90 21.92
C PRO N 1030 102.55 -5.02 21.66
N GLY N 1031 102.48 -5.56 20.45
CA GLY N 1031 103.41 -6.59 20.03
C GLY N 1031 103.11 -7.98 20.55
N CYS N 1032 101.85 -8.28 20.83
CA CYS N 1032 101.45 -9.59 21.32
C CYS N 1032 100.23 -10.07 20.55
N THR N 1033 100.11 -11.38 20.40
CA THR N 1033 98.95 -12.02 19.77
C THR N 1033 98.62 -13.24 20.60
N CYS N 1034 97.76 -13.06 21.61
CA CYS N 1034 97.45 -14.12 22.55
C CYS N 1034 96.05 -13.90 23.09
N GLN N 1035 95.14 -14.82 22.77
CA GLN N 1035 93.76 -14.75 23.26
C GLN N 1035 93.74 -15.35 24.66
N CYS N 1036 93.91 -14.48 25.66
CA CYS N 1036 94.01 -14.94 27.04
C CYS N 1036 92.66 -15.42 27.57
N ASN N 1037 91.59 -14.71 27.24
CA ASN N 1037 90.28 -15.01 27.81
C ASN N 1037 89.16 -14.81 26.80
N GLY O 2 -19.28 -0.15 -28.61
CA GLY O 2 -18.15 -1.02 -28.38
C GLY O 2 -16.95 -0.29 -27.83
N LEU O 3 -16.46 -0.75 -26.67
CA LEU O 3 -15.30 -0.14 -26.02
C LEU O 3 -14.40 -1.25 -25.52
N ILE O 4 -13.21 -1.34 -26.09
CA ILE O 4 -12.17 -2.24 -25.60
C ILE O 4 -11.13 -1.38 -24.91
N LYS O 5 -10.99 -1.53 -23.61
CA LYS O 5 -10.07 -0.74 -22.80
C LYS O 5 -9.01 -1.67 -22.21
N LYS O 6 -7.75 -1.34 -22.45
CA LYS O 6 -6.65 -2.13 -21.90
C LYS O 6 -6.44 -1.74 -20.44
N VAL O 7 -6.35 -2.74 -19.58
CA VAL O 7 -6.22 -2.54 -18.15
C VAL O 7 -4.91 -3.16 -17.69
N THR O 8 -4.05 -2.35 -17.07
CA THR O 8 -2.76 -2.78 -16.57
C THR O 8 -2.77 -2.75 -15.05
N HIS O 9 -1.60 -3.06 -14.48
CA HIS O 9 -1.32 -3.05 -13.03
C HIS O 9 -2.20 -4.02 -12.25
N TRP O 10 -2.75 -5.05 -12.90
CA TRP O 10 -3.58 -6.02 -12.21
C TRP O 10 -2.95 -7.41 -12.19
N SER O 11 -2.63 -7.96 -13.37
CA SER O 11 -2.11 -9.31 -13.44
C SER O 11 -0.63 -9.35 -13.09
N TYR O 12 -0.22 -10.40 -12.39
CA TYR O 12 1.17 -10.62 -12.05
C TYR O 12 1.87 -11.57 -13.00
N ASP O 13 1.12 -12.30 -13.81
CA ASP O 13 1.68 -13.22 -14.80
C ASP O 13 1.83 -12.43 -16.11
N ASN O 14 2.15 -13.12 -17.21
CA ASN O 14 2.32 -12.46 -18.50
C ASN O 14 1.00 -12.05 -19.15
N LEU O 15 -0.13 -12.45 -18.57
CA LEU O 15 -1.43 -12.14 -19.15
C LEU O 15 -1.75 -10.66 -19.02
N ILE O 16 -2.47 -10.14 -20.01
CA ILE O 16 -2.88 -8.73 -20.03
C ILE O 16 -4.40 -8.72 -19.95
N ASP O 17 -4.93 -8.00 -18.95
CA ASP O 17 -6.36 -7.92 -18.75
C ASP O 17 -6.99 -6.96 -19.76
N TYR O 18 -8.27 -7.19 -20.05
CA TYR O 18 -9.02 -6.34 -20.94
C TYR O 18 -10.45 -6.21 -20.44
N LEU O 19 -11.07 -5.09 -20.79
CA LEU O 19 -12.47 -4.86 -20.47
C LEU O 19 -13.20 -4.55 -21.77
N SER O 20 -14.38 -5.14 -21.93
CA SER O 20 -15.14 -5.01 -23.15
C SER O 20 -16.57 -4.64 -22.83
N VAL O 21 -17.18 -3.89 -23.74
CA VAL O 21 -18.57 -3.51 -23.67
C VAL O 21 -19.22 -3.97 -24.96
N ASN O 22 -20.35 -4.68 -24.84
CA ASN O 22 -21.04 -5.22 -26.01
C ASN O 22 -21.57 -4.07 -26.86
N PRO O 23 -21.72 -4.29 -28.17
CA PRO O 23 -22.18 -3.20 -29.05
C PRO O 23 -23.56 -2.67 -28.74
N THR O 24 -24.40 -3.43 -28.04
CA THR O 24 -25.68 -2.91 -27.59
C THR O 24 -25.59 -2.14 -26.27
N ARG O 25 -24.40 -2.06 -25.68
CA ARG O 25 -24.12 -1.28 -24.46
C ARG O 25 -24.96 -1.77 -23.28
N ASP O 26 -24.79 -3.05 -22.95
CA ASP O 26 -25.58 -3.66 -21.90
C ASP O 26 -24.77 -4.47 -20.90
N GLU O 27 -23.57 -4.90 -21.24
CA GLU O 27 -22.80 -5.72 -20.32
C GLU O 27 -21.33 -5.31 -20.39
N VAL O 28 -20.61 -5.63 -19.31
CA VAL O 28 -19.19 -5.37 -19.21
C VAL O 28 -18.51 -6.72 -18.99
N THR O 29 -17.57 -7.06 -19.87
CA THR O 29 -16.94 -8.37 -19.86
C THR O 29 -15.46 -8.22 -19.58
N HIS O 30 -14.96 -9.02 -18.66
CA HIS O 30 -13.56 -9.02 -18.27
C HIS O 30 -12.86 -10.20 -18.95
N TYR O 31 -11.79 -9.91 -19.68
CA TYR O 31 -11.06 -10.90 -20.46
C TYR O 31 -9.67 -11.10 -19.86
N LYS O 32 -8.94 -12.04 -20.46
CA LYS O 32 -7.57 -12.31 -20.07
C LYS O 32 -6.86 -12.91 -21.28
N VAL O 33 -5.84 -12.21 -21.78
CA VAL O 33 -5.22 -12.52 -23.06
C VAL O 33 -3.77 -12.90 -22.81
N ASP O 34 -3.37 -14.06 -23.33
CA ASP O 34 -1.98 -14.47 -23.29
C ASP O 34 -1.29 -13.98 -24.56
N PRO O 35 -0.26 -13.13 -24.47
CA PRO O 35 0.31 -12.53 -25.68
C PRO O 35 1.18 -13.49 -26.49
N GLU O 36 1.82 -14.45 -25.82
CA GLU O 36 2.74 -15.34 -26.51
C GLU O 36 2.04 -16.36 -27.39
N ASN O 37 0.73 -16.56 -27.21
CA ASN O 37 -0.04 -17.49 -28.02
C ASN O 37 -0.94 -16.70 -28.96
N GLU O 38 -0.78 -16.92 -30.26
CA GLU O 38 -1.49 -16.17 -31.27
C GLU O 38 -2.81 -16.81 -31.69
N SER O 39 -3.21 -17.90 -31.04
CA SER O 39 -4.49 -18.52 -31.36
C SER O 39 -5.63 -17.68 -30.82
N ASP O 40 -6.81 -17.85 -31.43
CA ASP O 40 -8.00 -17.16 -30.98
C ASP O 40 -8.55 -17.71 -29.66
N GLU O 41 -8.06 -18.86 -29.21
CA GLU O 41 -8.48 -19.42 -27.93
C GLU O 41 -7.71 -18.84 -26.76
N SER O 42 -6.75 -17.95 -27.00
CA SER O 42 -6.01 -17.31 -25.92
C SER O 42 -6.86 -16.29 -25.17
N ILE O 43 -7.94 -15.80 -25.77
CA ILE O 43 -8.85 -14.90 -25.08
C ILE O 43 -9.76 -15.71 -24.17
N ILE O 44 -9.69 -15.44 -22.87
CA ILE O 44 -10.45 -16.18 -21.87
C ILE O 44 -11.49 -15.25 -21.27
N LYS O 45 -12.77 -15.59 -21.47
CA LYS O 45 -13.86 -14.83 -20.87
C LYS O 45 -14.01 -15.24 -19.40
N LEU O 46 -13.97 -14.26 -18.51
CA LEU O 46 -13.97 -14.54 -17.07
C LEU O 46 -15.30 -14.20 -16.40
N HIS O 47 -15.77 -12.97 -16.53
CA HIS O 47 -16.98 -12.55 -15.82
C HIS O 47 -17.74 -11.57 -16.69
N THR O 48 -19.04 -11.44 -16.42
CA THR O 48 -19.89 -10.53 -17.18
C THR O 48 -20.97 -9.97 -16.28
N VAL O 49 -20.95 -8.65 -16.08
CA VAL O 49 -21.99 -7.95 -15.32
C VAL O 49 -23.00 -7.41 -16.31
N LYS O 50 -24.26 -7.84 -16.17
CA LYS O 50 -25.27 -7.58 -17.19
C LYS O 50 -26.30 -6.53 -16.82
N ASP O 51 -26.33 -6.07 -15.57
CA ASP O 51 -27.36 -5.13 -15.12
C ASP O 51 -26.93 -3.70 -15.45
N PHE O 52 -27.07 -3.35 -16.73
CA PHE O 52 -26.72 -2.02 -17.20
C PHE O 52 -27.74 -1.53 -18.21
N GLY O 53 -28.08 -0.25 -18.13
CA GLY O 53 -29.02 0.34 -19.06
C GLY O 53 -28.40 0.70 -20.39
N SER O 54 -27.48 1.67 -20.37
CA SER O 54 -26.84 2.13 -21.60
C SER O 54 -25.50 2.75 -21.22
N ILE O 55 -24.41 2.00 -21.43
CA ILE O 55 -23.09 2.45 -21.02
C ILE O 55 -22.61 3.55 -21.96
N THR O 56 -22.13 4.66 -21.38
CA THR O 56 -21.54 5.74 -22.16
C THR O 56 -20.05 5.89 -21.95
N CYS O 57 -19.54 5.55 -20.77
CA CYS O 57 -18.11 5.65 -20.49
C CYS O 57 -17.71 4.59 -19.49
N LEU O 58 -16.42 4.27 -19.47
CA LEU O 58 -15.90 3.22 -18.60
C LEU O 58 -14.48 3.60 -18.17
N ASP O 59 -14.14 3.24 -16.94
CA ASP O 59 -12.81 3.51 -16.41
C ASP O 59 -12.49 2.44 -15.36
N TYR O 60 -11.21 2.31 -15.06
CA TYR O 60 -10.73 1.29 -14.13
C TYR O 60 -9.83 1.94 -13.09
N SER O 61 -9.52 1.18 -12.05
CA SER O 61 -8.67 1.64 -10.95
C SER O 61 -7.38 0.85 -10.96
N GLU O 62 -6.26 1.57 -11.00
CA GLU O 62 -4.96 0.92 -11.09
C GLU O 62 -4.50 0.34 -9.74
N SER O 63 -4.81 1.03 -8.65
CA SER O 63 -4.28 0.63 -7.34
C SER O 63 -4.97 -0.63 -6.81
N GLU O 64 -6.29 -0.68 -6.89
CA GLU O 64 -7.07 -1.79 -6.36
C GLU O 64 -7.56 -2.67 -7.51
N ILE O 65 -7.33 -3.97 -7.38
CA ILE O 65 -7.62 -4.90 -8.46
C ILE O 65 -9.12 -5.15 -8.52
N GLY O 66 -9.70 -4.93 -9.70
CA GLY O 66 -11.08 -5.29 -9.96
C GLY O 66 -12.06 -4.13 -9.94
N MET O 67 -11.67 -2.98 -9.37
CA MET O 67 -12.61 -1.88 -9.21
C MET O 67 -12.80 -1.18 -10.54
N ILE O 68 -14.01 -1.25 -11.08
CA ILE O 68 -14.34 -0.76 -12.42
C ILE O 68 -15.55 0.14 -12.31
N GLY O 69 -15.42 1.38 -12.77
CA GLY O 69 -16.53 2.31 -12.82
C GLY O 69 -17.14 2.33 -14.21
N VAL O 70 -18.46 2.43 -14.27
CA VAL O 70 -19.20 2.44 -15.53
C VAL O 70 -20.24 3.56 -15.47
N GLY O 71 -20.18 4.48 -16.43
CA GLY O 71 -21.17 5.52 -16.53
C GLY O 71 -22.36 5.09 -17.37
N GLU O 72 -23.41 5.92 -17.34
CA GLU O 72 -24.64 5.61 -18.06
C GLU O 72 -25.29 6.89 -18.54
N LYS O 73 -26.16 6.75 -19.55
CA LYS O 73 -26.81 7.92 -20.14
C LYS O 73 -27.90 8.47 -19.24
N ASN O 74 -28.49 7.65 -18.39
CA ASN O 74 -29.51 8.14 -17.47
C ASN O 74 -28.89 8.98 -16.35
N GLY O 75 -27.70 8.59 -15.89
CA GLY O 75 -27.00 9.37 -14.88
C GLY O 75 -26.43 8.54 -13.75
N TYR O 76 -26.61 7.23 -13.83
CA TYR O 76 -26.20 6.33 -12.76
C TYR O 76 -24.78 5.84 -13.02
N LEU O 77 -23.84 6.29 -12.19
CA LEU O 77 -22.49 5.76 -12.20
C LEU O 77 -22.43 4.59 -11.23
N ARG O 78 -21.96 3.45 -11.71
CA ARG O 78 -21.88 2.24 -10.90
C ARG O 78 -20.42 1.87 -10.70
N ILE O 79 -19.99 1.81 -9.44
CA ILE O 79 -18.65 1.40 -9.08
C ILE O 79 -18.76 0.05 -8.39
N PHE O 80 -18.03 -0.95 -8.89
CA PHE O 80 -18.20 -2.31 -8.43
C PHE O 80 -16.87 -3.05 -8.62
N ASN O 81 -16.91 -4.36 -8.40
CA ASN O 81 -15.74 -5.22 -8.54
C ASN O 81 -16.10 -6.36 -9.46
N ILE O 82 -15.09 -6.92 -10.13
CA ILE O 82 -15.25 -8.07 -11.01
C ILE O 82 -14.35 -9.23 -10.59
N SER O 83 -13.05 -8.96 -10.47
CA SER O 83 -12.11 -10.01 -10.10
C SER O 83 -12.21 -10.34 -8.61
N TYR O 140 -17.53 -4.92 -4.05
CA TYR O 140 -18.91 -4.60 -3.72
C TYR O 140 -19.66 -4.09 -4.94
N ASP O 141 -20.70 -3.29 -4.71
CA ASP O 141 -21.49 -2.74 -5.79
C ASP O 141 -22.22 -1.52 -5.26
N ILE O 142 -21.87 -0.33 -5.76
CA ILE O 142 -22.48 0.92 -5.32
C ILE O 142 -22.89 1.71 -6.56
N ARG O 143 -24.07 2.33 -6.48
CA ARG O 143 -24.57 3.20 -7.53
C ARG O 143 -24.62 4.62 -7.01
N VAL O 144 -24.03 5.54 -7.77
CA VAL O 144 -23.97 6.95 -7.38
C VAL O 144 -24.44 7.81 -8.54
N ARG O 145 -24.77 9.05 -8.22
CA ARG O 145 -25.27 10.01 -9.20
C ARG O 145 -25.05 11.41 -8.65
N ALA O 146 -25.18 12.40 -9.53
CA ALA O 146 -25.03 13.78 -9.12
C ALA O 146 -26.26 14.25 -8.35
N LYS O 147 -26.14 15.44 -7.76
CA LYS O 147 -27.27 16.04 -7.07
C LYS O 147 -28.40 16.39 -8.04
N LYS O 148 -28.05 16.89 -9.21
CA LYS O 148 -28.99 17.08 -10.31
C LYS O 148 -28.69 16.04 -11.37
N GLN O 149 -29.65 15.14 -11.61
CA GLN O 149 -29.38 13.99 -12.46
C GLN O 149 -29.32 14.38 -13.93
N ARG O 150 -28.25 13.97 -14.60
CA ARG O 150 -28.05 14.22 -16.02
C ARG O 150 -27.05 13.21 -16.54
N CYS O 151 -26.88 13.19 -17.87
CA CYS O 151 -26.09 12.15 -18.53
C CYS O 151 -24.61 12.27 -18.19
N ILE O 152 -23.96 11.11 -18.06
CA ILE O 152 -22.55 11.04 -17.74
C ILE O 152 -21.78 10.81 -19.03
N ASN O 153 -20.82 11.68 -19.32
CA ASN O 153 -20.02 11.61 -20.54
C ASN O 153 -18.66 10.95 -20.32
N SER O 154 -17.94 11.33 -19.27
CA SER O 154 -16.61 10.82 -19.01
C SER O 154 -16.50 10.34 -17.57
N LEU O 155 -15.39 9.68 -17.29
CA LEU O 155 -15.14 9.11 -15.96
C LEU O 155 -13.64 8.89 -15.80
N GLY O 156 -13.14 9.20 -14.60
CA GLY O 156 -11.74 8.96 -14.31
C GLY O 156 -11.51 8.51 -12.88
N ILE O 157 -10.66 7.51 -12.71
CA ILE O 157 -10.25 7.03 -11.39
C ILE O 157 -8.75 7.25 -11.27
N ASN O 158 -8.34 7.97 -10.24
CA ASN O 158 -6.94 8.30 -10.04
C ASN O 158 -6.21 7.14 -9.36
N THR O 159 -4.91 7.30 -9.18
CA THR O 159 -4.11 6.25 -8.54
C THR O 159 -4.42 6.16 -7.05
N ASN O 160 -4.70 7.29 -6.40
CA ASN O 160 -4.98 7.32 -4.97
C ASN O 160 -6.45 7.12 -4.64
N GLY O 161 -7.24 6.64 -5.60
CA GLY O 161 -8.65 6.38 -5.37
C GLY O 161 -9.56 7.56 -5.58
N LEU O 162 -9.04 8.73 -5.95
CA LEU O 162 -9.88 9.87 -6.26
C LEU O 162 -10.64 9.61 -7.55
N ILE O 163 -11.93 9.92 -7.54
CA ILE O 163 -12.82 9.65 -8.67
C ILE O 163 -13.36 10.96 -9.20
N ALA O 164 -13.17 11.21 -10.49
CA ALA O 164 -13.77 12.35 -11.17
C ALA O 164 -14.92 11.89 -12.04
N MET O 165 -15.63 12.85 -12.61
CA MET O 165 -16.83 12.55 -13.38
C MET O 165 -17.15 13.72 -14.28
N GLY O 166 -17.46 13.43 -15.55
CA GLY O 166 -17.89 14.44 -16.49
C GLY O 166 -19.38 14.27 -16.80
N LEU O 167 -20.12 15.36 -16.64
CA LEU O 167 -21.56 15.37 -16.79
C LEU O 167 -21.96 16.25 -17.96
N ASP O 168 -23.27 16.41 -18.16
CA ASP O 168 -23.78 17.30 -19.18
C ASP O 168 -23.86 18.72 -18.63
N ARG O 169 -24.51 19.61 -19.37
CA ARG O 169 -24.59 21.01 -18.99
C ARG O 169 -25.83 21.24 -18.12
N ASN O 170 -25.59 21.73 -16.90
CA ASN O 170 -26.66 22.17 -16.01
C ASN O 170 -26.29 23.53 -15.42
N LYS O 171 -27.25 24.43 -15.38
CA LYS O 171 -26.97 25.81 -14.98
C LYS O 171 -26.86 26.00 -13.47
N HIS O 172 -27.17 24.98 -12.67
CA HIS O 172 -27.10 25.08 -11.22
C HIS O 172 -26.21 24.02 -10.61
N ASP O 173 -25.31 23.42 -11.39
CA ASP O 173 -24.48 22.35 -10.88
C ASP O 173 -23.17 22.31 -11.65
N SER O 174 -22.18 21.68 -11.04
CA SER O 174 -20.85 21.55 -11.63
C SER O 174 -20.77 20.27 -12.45
N SER O 175 -20.15 20.37 -13.62
CA SER O 175 -20.00 19.23 -14.51
C SER O 175 -18.70 18.47 -14.30
N LEU O 176 -17.80 18.95 -13.45
CA LEU O 176 -16.57 18.24 -13.10
C LEU O 176 -16.61 18.03 -11.59
N GLN O 177 -17.15 16.89 -11.18
CA GLN O 177 -17.26 16.55 -9.77
C GLN O 177 -16.15 15.56 -9.42
N ILE O 178 -15.28 15.95 -8.50
CA ILE O 178 -14.18 15.11 -8.03
C ILE O 178 -14.44 14.79 -6.56
N TRP O 179 -14.50 13.50 -6.24
CA TRP O 179 -14.80 13.07 -4.89
C TRP O 179 -14.11 11.74 -4.62
N ASP O 180 -14.03 11.38 -3.35
CA ASP O 180 -13.44 10.12 -2.92
C ASP O 180 -14.53 9.23 -2.34
N MET O 181 -14.43 7.93 -2.63
CA MET O 181 -15.45 7.00 -2.19
C MET O 181 -15.33 6.61 -0.73
N ASN O 182 -14.16 6.81 -0.11
CA ASN O 182 -14.00 6.45 1.29
C ASN O 182 -14.69 7.46 2.20
N TYR O 183 -14.85 8.69 1.76
CA TYR O 183 -15.52 9.74 2.53
C TYR O 183 -16.90 10.03 1.96
N HIS O 184 -17.55 8.99 1.46
CA HIS O 184 -18.87 9.10 0.84
C HIS O 184 -19.90 8.44 1.74
N ASP O 185 -20.98 9.16 2.02
CA ASP O 185 -22.05 8.62 2.85
C ASP O 185 -22.78 7.51 2.09
N ASP O 186 -22.85 6.32 2.69
CA ASP O 186 -23.40 5.17 2.01
C ASP O 186 -24.92 5.11 2.05
N SER O 187 -25.56 6.01 2.80
CA SER O 187 -27.01 6.01 2.92
C SER O 187 -27.70 6.83 1.84
N HIS O 188 -26.95 7.49 0.97
CA HIS O 188 -27.53 8.33 -0.07
C HIS O 188 -26.91 7.99 -1.42
N GLU O 189 -27.73 8.09 -2.46
CA GLU O 189 -27.25 7.86 -3.82
C GLU O 189 -26.41 9.02 -4.32
N THR O 190 -26.68 10.23 -3.84
CA THR O 190 -25.97 11.41 -4.31
C THR O 190 -24.53 11.42 -3.79
N ILE O 191 -23.70 12.23 -4.44
CA ILE O 191 -22.29 12.36 -4.09
C ILE O 191 -22.04 13.78 -3.60
N ASN O 192 -21.25 13.90 -2.54
CA ASN O 192 -20.80 15.20 -2.08
C ASN O 192 -19.39 15.42 -2.58
N PRO O 193 -19.16 16.31 -3.54
CA PRO O 193 -17.84 16.42 -4.16
C PRO O 193 -16.87 17.20 -3.30
N MET O 194 -15.62 16.70 -3.25
CA MET O 194 -14.56 17.47 -2.62
C MET O 194 -14.23 18.72 -3.42
N PHE O 195 -14.18 18.61 -4.75
CA PHE O 195 -13.84 19.72 -5.62
C PHE O 195 -14.88 19.81 -6.73
N SER O 196 -15.42 21.02 -6.92
CA SER O 196 -16.41 21.27 -7.96
C SER O 196 -15.86 22.29 -8.94
N TYR O 197 -15.92 21.96 -10.23
CA TYR O 197 -15.42 22.83 -11.27
C TYR O 197 -16.40 22.83 -12.44
N CYS O 198 -16.23 23.82 -13.31
CA CYS O 198 -16.89 23.89 -14.62
C CYS O 198 -18.41 23.97 -14.50
N THR O 199 -18.87 24.98 -13.77
CA THR O 199 -20.30 25.22 -13.70
C THR O 199 -20.80 25.82 -15.00
N ASN O 200 -22.05 25.48 -15.36
CA ASN O 200 -22.69 25.88 -16.61
C ASN O 200 -21.87 25.47 -17.83
N GLU O 201 -21.35 24.24 -17.81
CA GLU O 201 -20.56 23.73 -18.91
C GLU O 201 -20.87 22.25 -19.08
N SER O 202 -20.46 21.70 -20.22
CA SER O 202 -20.72 20.29 -20.56
C SER O 202 -19.39 19.60 -20.85
N ILE O 203 -18.86 18.90 -19.85
CA ILE O 203 -17.60 18.18 -20.01
C ILE O 203 -17.86 16.88 -20.75
N VAL O 204 -17.11 16.66 -21.82
CA VAL O 204 -17.31 15.49 -22.67
C VAL O 204 -16.21 14.45 -22.51
N SER O 205 -14.99 14.84 -22.11
CA SER O 205 -13.93 13.87 -21.92
C SER O 205 -12.94 14.40 -20.90
N LEU O 206 -12.43 13.51 -20.05
CA LEU O 206 -11.46 13.90 -19.04
C LEU O 206 -10.49 12.75 -18.80
N LYS O 207 -9.33 13.09 -18.23
CA LYS O 207 -8.30 12.11 -17.92
C LYS O 207 -7.43 12.66 -16.80
N PHE O 208 -7.14 11.83 -15.81
CA PHE O 208 -6.29 12.22 -14.69
C PHE O 208 -4.83 12.21 -15.13
N LEU O 209 -4.19 13.38 -15.10
CA LEU O 209 -2.78 13.47 -15.46
C LEU O 209 -1.89 12.96 -14.32
N ASN O 210 -2.00 13.60 -13.17
CA ASN O 210 -1.21 13.30 -11.99
C ASN O 210 -2.13 12.87 -10.85
N ASP O 211 -1.57 12.75 -9.65
CA ASP O 211 -2.37 12.47 -8.46
C ASP O 211 -3.22 13.65 -8.03
N THR O 212 -3.01 14.84 -8.59
CA THR O 212 -3.80 16.01 -8.23
C THR O 212 -4.38 16.76 -9.42
N SER O 213 -3.81 16.64 -10.62
CA SER O 213 -4.25 17.42 -11.76
C SER O 213 -5.09 16.57 -12.70
N VAL O 214 -6.11 17.17 -13.30
CA VAL O 214 -6.98 16.51 -14.25
C VAL O 214 -7.10 17.38 -15.50
N LEU O 215 -7.13 16.73 -16.67
CA LEU O 215 -7.23 17.40 -17.95
C LEU O 215 -8.64 17.17 -18.49
N ALA O 216 -9.46 18.20 -18.46
CA ALA O 216 -10.87 18.10 -18.81
C ALA O 216 -11.16 18.86 -20.09
N ALA O 217 -12.05 18.32 -20.91
CA ALA O 217 -12.45 18.93 -22.17
C ALA O 217 -13.96 19.18 -22.15
N SER O 218 -14.34 20.42 -22.40
CA SER O 218 -15.75 20.79 -22.51
C SER O 218 -16.13 20.82 -23.99
N THR O 219 -17.31 21.37 -24.28
CA THR O 219 -17.77 21.50 -25.66
C THR O 219 -17.10 22.65 -26.39
N LYS O 220 -16.51 23.61 -25.68
CA LYS O 220 -15.88 24.75 -26.33
C LYS O 220 -14.57 25.17 -25.66
N PHE O 221 -13.99 24.33 -24.80
CA PHE O 221 -12.75 24.68 -24.12
C PHE O 221 -11.97 23.41 -23.82
N LEU O 222 -10.70 23.59 -23.47
CA LEU O 222 -9.83 22.49 -23.08
C LEU O 222 -8.97 22.97 -21.92
N LYS O 223 -9.16 22.36 -20.75
CA LYS O 223 -8.63 22.87 -19.50
C LYS O 223 -7.83 21.80 -18.77
N GLU O 224 -6.86 22.25 -17.98
CA GLU O 224 -6.14 21.42 -17.03
C GLU O 224 -6.37 22.02 -15.66
N ILE O 225 -7.14 21.33 -14.83
CA ILE O 225 -7.58 21.86 -13.55
C ILE O 225 -6.87 21.08 -12.44
N ASP O 226 -6.17 21.82 -11.59
CA ASP O 226 -5.55 21.24 -10.41
C ASP O 226 -6.48 21.38 -9.22
N VAL O 227 -6.57 20.32 -8.41
CA VAL O 227 -7.44 20.35 -7.24
C VAL O 227 -6.91 21.23 -6.13
N ARG O 228 -5.65 21.64 -6.20
CA ARG O 228 -5.04 22.47 -5.18
C ARG O 228 -5.17 23.96 -5.45
N SER O 229 -5.88 24.35 -6.51
CA SER O 229 -6.10 25.76 -6.80
C SER O 229 -7.46 25.94 -7.45
N PRO O 230 -8.24 26.95 -7.05
CA PRO O 230 -9.56 27.16 -7.65
C PRO O 230 -9.52 27.84 -9.01
N ASN O 231 -8.35 28.18 -9.51
CA ASN O 231 -8.18 28.80 -10.82
C ASN O 231 -7.51 27.78 -11.74
N PRO O 232 -8.11 27.45 -12.89
CA PRO O 232 -7.47 26.48 -13.79
C PRO O 232 -6.15 26.98 -14.35
N ILE O 233 -5.28 26.03 -14.69
CA ILE O 233 -3.92 26.37 -15.13
C ILE O 233 -3.97 27.04 -16.51
N TYR O 234 -4.75 26.50 -17.44
CA TYR O 234 -4.91 27.13 -18.74
C TYR O 234 -6.26 26.76 -19.33
N GLN O 235 -6.72 27.59 -20.26
CA GLN O 235 -7.96 27.34 -21.00
C GLN O 235 -7.71 27.73 -22.45
N HIS O 236 -7.61 26.73 -23.33
CA HIS O 236 -7.35 26.99 -24.74
C HIS O 236 -8.62 26.72 -25.53
N PRO O 237 -9.18 27.71 -26.22
CA PRO O 237 -10.43 27.51 -26.97
C PRO O 237 -10.19 26.73 -28.24
N THR O 238 -10.69 25.50 -28.28
CA THR O 238 -10.60 24.67 -29.47
C THR O 238 -11.84 23.80 -29.57
N ARG O 239 -12.18 23.43 -30.80
CA ARG O 239 -13.36 22.61 -31.06
C ARG O 239 -13.05 21.12 -31.09
N LEU O 240 -11.77 20.74 -31.10
CA LEU O 240 -11.38 19.34 -31.12
C LEU O 240 -11.17 18.85 -29.70
N THR O 241 -12.28 18.79 -28.97
CA THR O 241 -12.30 18.45 -27.55
C THR O 241 -13.17 17.21 -27.35
N TYR O 242 -12.55 16.04 -27.47
CA TYR O 242 -13.21 14.76 -27.33
C TYR O 242 -12.18 13.81 -26.72
N ASP O 243 -12.39 12.50 -26.89
CA ASP O 243 -11.73 11.43 -26.12
C ASP O 243 -10.22 11.57 -26.00
N ILE O 244 -9.76 11.81 -24.78
CA ILE O 244 -8.36 12.13 -24.50
C ILE O 244 -7.62 10.83 -24.21
N LYS O 245 -6.57 10.58 -24.96
CA LYS O 245 -5.70 9.42 -24.73
C LYS O 245 -4.28 9.95 -24.52
N LEU O 246 -3.80 9.87 -23.28
CA LEU O 246 -2.44 10.26 -23.00
C LEU O 246 -1.46 9.28 -23.63
N ASN O 247 -0.32 9.80 -24.06
CA ASN O 247 0.73 8.96 -24.59
C ASN O 247 1.37 8.19 -23.46
N PRO O 248 1.41 6.85 -23.51
CA PRO O 248 2.00 6.10 -22.40
C PRO O 248 3.50 6.28 -22.23
N PHE O 249 4.19 6.83 -23.22
CA PHE O 249 5.64 7.03 -23.13
C PHE O 249 6.04 8.48 -22.88
N ASN O 250 5.12 9.42 -23.03
CA ASN O 250 5.41 10.83 -22.80
C ASN O 250 4.12 11.51 -22.36
N ASP O 251 4.02 11.80 -21.06
CA ASP O 251 2.77 12.30 -20.48
C ASP O 251 2.41 13.70 -20.94
N TRP O 252 3.34 14.44 -21.55
CA TRP O 252 3.06 15.78 -22.03
C TRP O 252 2.26 15.81 -23.32
N GLN O 253 2.05 14.67 -23.97
CA GLN O 253 1.38 14.59 -25.26
C GLN O 253 0.06 13.84 -25.12
N PHE O 254 -1.01 14.48 -25.57
CA PHE O 254 -2.32 13.85 -25.62
C PHE O 254 -2.95 14.16 -26.95
N SER O 255 -3.93 13.35 -27.35
CA SER O 255 -4.54 13.47 -28.68
C SER O 255 -6.04 13.34 -28.57
N THR O 256 -6.76 14.37 -29.02
CA THR O 256 -8.20 14.38 -29.11
C THR O 256 -8.63 14.56 -30.56
N TYR O 257 -9.92 14.33 -30.81
CA TYR O 257 -10.48 14.66 -32.11
C TYR O 257 -11.74 15.51 -31.98
N GLY O 258 -12.45 15.72 -33.08
CA GLY O 258 -13.56 16.65 -33.07
C GLY O 258 -14.83 16.14 -33.71
N ASP O 259 -15.78 17.06 -33.95
CA ASP O 259 -17.05 16.66 -34.55
C ASP O 259 -16.90 16.34 -36.03
N ASP O 260 -15.99 17.01 -36.72
CA ASP O 260 -15.76 16.79 -38.14
C ASP O 260 -14.78 15.66 -38.40
N GLY O 261 -14.37 14.91 -37.38
CA GLY O 261 -13.42 13.84 -37.54
C GLY O 261 -11.97 14.26 -37.56
N THR O 262 -11.68 15.53 -37.26
CA THR O 262 -10.33 16.06 -37.35
C THR O 262 -9.54 15.65 -36.12
N LEU O 263 -8.55 14.78 -36.28
CA LEU O 263 -7.70 14.37 -35.18
C LEU O 263 -6.60 15.40 -34.95
N ALA O 264 -6.22 15.55 -33.69
CA ALA O 264 -5.19 16.53 -33.33
C ALA O 264 -4.37 15.98 -32.16
N ILE O 265 -3.05 15.98 -32.32
CA ILE O 265 -2.13 15.60 -31.26
C ILE O 265 -1.59 16.88 -30.62
N TRP O 266 -1.73 17.00 -29.30
CA TRP O 266 -1.40 18.22 -28.59
C TRP O 266 -0.16 18.04 -27.72
N ASP O 267 0.37 19.18 -27.28
CA ASP O 267 1.36 19.22 -26.22
C ASP O 267 0.86 20.18 -25.14
N ARG O 268 0.95 19.74 -23.88
CA ARG O 268 0.45 20.57 -22.79
C ARG O 268 1.31 21.81 -22.57
N ARG O 269 2.61 21.74 -22.87
CA ARG O 269 3.49 22.86 -22.63
C ARG O 269 3.22 24.02 -23.59
N LYS O 270 2.84 23.71 -24.84
CA LYS O 270 2.49 24.75 -25.79
C LYS O 270 1.20 25.46 -25.37
N LEU O 271 0.24 24.70 -24.81
CA LEU O 271 -0.97 25.32 -24.30
C LEU O 271 -0.71 26.10 -23.02
N SER O 272 0.28 25.67 -22.23
CA SER O 272 0.62 26.39 -21.00
C SER O 272 1.27 27.73 -21.30
N ASP O 273 2.22 27.73 -22.24
CA ASP O 273 2.94 28.94 -22.69
C ASP O 273 3.62 29.71 -21.56
N ALA O 283 -0.75 28.86 -29.49
CA ALA O 283 -1.07 27.58 -28.88
C ALA O 283 -1.70 26.64 -29.89
N SER O 284 -1.00 26.45 -31.00
CA SER O 284 -1.49 25.58 -32.05
C SER O 284 -1.31 24.10 -31.66
N PRO O 285 -2.14 23.22 -32.21
CA PRO O 285 -1.91 21.78 -32.03
C PRO O 285 -0.61 21.36 -32.70
N LEU O 286 0.01 20.33 -32.12
CA LEU O 286 1.28 19.84 -32.66
C LEU O 286 1.08 19.14 -34.01
N LEU O 287 -0.06 18.48 -34.20
CA LEU O 287 -0.42 17.88 -35.47
C LEU O 287 -1.92 18.05 -35.69
N THR O 288 -2.33 17.97 -36.95
CA THR O 288 -3.75 18.09 -37.29
C THR O 288 -3.99 17.27 -38.55
N PHE O 289 -4.77 16.20 -38.42
CA PHE O 289 -5.16 15.36 -39.55
C PHE O 289 -6.62 15.65 -39.88
N GLU O 290 -6.88 16.06 -41.12
CA GLU O 290 -8.22 16.43 -41.54
C GLU O 290 -9.02 15.18 -41.88
N LYS O 291 -10.11 14.96 -41.15
CA LYS O 291 -11.06 13.86 -41.36
C LYS O 291 -10.38 12.51 -41.30
N LEU O 292 -9.78 12.21 -40.15
CA LEU O 292 -9.13 10.93 -39.93
C LEU O 292 -10.02 9.92 -39.21
N VAL O 293 -10.90 10.38 -38.32
CA VAL O 293 -11.74 9.48 -37.56
C VAL O 293 -13.19 9.76 -37.90
N GLY O 294 -14.12 9.02 -37.29
CA GLY O 294 -15.53 9.17 -37.62
C GLY O 294 -16.08 10.51 -37.17
N SER O 295 -16.99 11.05 -37.97
CA SER O 295 -17.57 12.36 -37.72
C SER O 295 -18.76 12.22 -36.77
N GLY O 296 -19.51 13.31 -36.59
CA GLY O 296 -20.70 13.28 -35.75
C GLY O 296 -20.44 13.04 -34.28
N ALA O 297 -19.44 13.71 -33.71
CA ALA O 297 -19.08 13.46 -32.32
C ALA O 297 -20.06 14.08 -31.34
N ALA O 298 -20.69 15.19 -31.70
CA ALA O 298 -21.66 15.81 -30.81
C ALA O 298 -23.00 15.08 -30.80
N SER O 299 -23.40 14.50 -31.93
CA SER O 299 -24.71 13.89 -32.03
C SER O 299 -24.78 12.56 -31.28
N ARG O 300 -23.77 11.72 -31.44
CA ARG O 300 -23.80 10.37 -30.92
C ARG O 300 -22.93 10.25 -29.67
N LYS O 301 -23.52 9.74 -28.59
CA LYS O 301 -22.80 9.53 -27.34
C LYS O 301 -22.21 8.14 -27.21
N TYR O 302 -22.46 7.26 -28.17
CA TYR O 302 -21.89 5.91 -28.19
C TYR O 302 -20.97 5.81 -29.41
N MET O 303 -19.71 6.20 -29.23
CA MET O 303 -18.76 6.22 -30.31
C MET O 303 -17.65 5.21 -30.06
N ASN O 304 -17.34 4.43 -31.08
CA ASN O 304 -16.24 3.48 -30.98
C ASN O 304 -14.90 4.21 -31.03
N SER O 305 -13.90 3.59 -30.42
CA SER O 305 -12.55 4.16 -30.41
C SER O 305 -11.78 3.57 -31.58
N CYS O 306 -11.59 4.38 -32.62
CA CYS O 306 -10.85 3.95 -33.80
C CYS O 306 -9.45 4.53 -33.85
N PHE O 307 -9.02 5.23 -32.80
CA PHE O 307 -7.67 5.77 -32.72
C PHE O 307 -7.06 5.36 -31.38
N ARG O 308 -5.87 4.79 -31.44
CA ARG O 308 -5.17 4.32 -30.24
C ARG O 308 -3.71 4.72 -30.32
N TRP O 309 -3.16 5.13 -29.17
CA TRP O 309 -1.73 5.33 -29.07
C TRP O 309 -1.03 3.98 -28.99
N SER O 310 0.29 4.00 -29.14
CA SER O 310 1.08 2.77 -29.20
C SER O 310 1.69 2.51 -27.83
N CYS O 311 1.43 1.32 -27.29
CA CYS O 311 2.01 0.88 -26.04
C CYS O 311 3.17 -0.08 -26.24
N VAL O 312 3.68 -0.19 -27.46
CA VAL O 312 4.84 -1.01 -27.75
C VAL O 312 6.08 -0.17 -28.06
N ARG O 313 5.92 1.02 -28.63
CA ARG O 313 7.05 1.91 -28.90
C ARG O 313 6.53 3.33 -28.99
N ASN O 314 7.46 4.28 -28.93
CA ASN O 314 7.12 5.69 -28.88
C ASN O 314 6.91 6.26 -30.28
N ASN O 315 6.18 7.39 -30.32
CA ASN O 315 5.90 8.15 -31.55
C ASN O 315 5.18 7.30 -32.59
N GLU O 316 4.07 6.70 -32.19
CA GLU O 316 3.31 5.83 -33.07
C GLU O 316 1.86 5.80 -32.62
N PHE O 317 0.95 5.68 -33.59
CA PHE O 317 -0.46 5.48 -33.28
C PHE O 317 -1.14 4.76 -34.44
N ALA O 318 -2.16 3.99 -34.10
CA ALA O 318 -2.92 3.21 -35.07
C ALA O 318 -4.29 3.82 -35.28
N THR O 319 -4.69 3.97 -36.54
CA THR O 319 -6.01 4.45 -36.89
C THR O 319 -6.71 3.40 -37.76
N LEU O 320 -7.95 3.07 -37.40
CA LEU O 320 -8.73 2.06 -38.10
C LEU O 320 -9.69 2.76 -39.05
N HIS O 321 -9.63 2.41 -40.33
CA HIS O 321 -10.39 3.08 -41.38
C HIS O 321 -11.32 2.10 -42.06
N ARG O 322 -12.62 2.41 -42.07
CA ARG O 322 -13.68 1.68 -42.76
C ARG O 322 -13.79 0.22 -42.32
N GLY O 323 -13.31 -0.10 -41.12
CA GLY O 323 -13.43 -1.44 -40.58
C GLY O 323 -12.63 -2.50 -41.30
N ASP O 324 -11.67 -2.11 -42.13
CA ASP O 324 -10.92 -3.07 -42.92
C ASP O 324 -9.41 -2.96 -42.72
N THR O 325 -8.87 -1.74 -42.62
CA THR O 325 -7.44 -1.54 -42.55
C THR O 325 -7.08 -0.70 -41.34
N ILE O 326 -5.89 -0.96 -40.81
CA ILE O 326 -5.35 -0.24 -39.67
C ILE O 326 -4.08 0.46 -40.13
N LYS O 327 -4.07 1.79 -40.04
CA LYS O 327 -2.93 2.59 -40.47
C LYS O 327 -2.04 2.89 -39.26
N ARG O 328 -0.83 2.34 -39.26
CA ARG O 328 0.11 2.54 -38.16
C ARG O 328 1.01 3.71 -38.51
N TRP O 329 0.57 4.92 -38.16
CA TRP O 329 1.36 6.11 -38.43
C TRP O 329 2.54 6.18 -37.47
N ARG O 330 3.73 6.38 -38.01
CA ARG O 330 4.94 6.58 -37.23
C ARG O 330 5.42 8.00 -37.40
N LEU O 331 5.70 8.67 -36.29
CA LEU O 331 6.02 10.09 -36.30
C LEU O 331 7.51 10.33 -36.15
N GLY O 332 7.93 11.50 -36.59
CA GLY O 332 9.31 11.94 -36.41
C GLY O 332 9.33 13.28 -35.70
N TYR O 333 10.38 13.51 -34.92
CA TYR O 333 10.46 14.67 -34.05
C TYR O 333 11.81 15.36 -34.23
N TYR O 334 11.79 16.68 -34.10
CA TYR O 334 13.02 17.47 -34.08
C TYR O 334 12.85 18.62 -33.10
N CYS O 335 13.93 18.92 -32.38
CA CYS O 335 13.93 19.97 -31.37
C CYS O 335 14.51 21.24 -31.97
N ASP O 336 13.76 22.33 -31.89
CA ASP O 336 14.19 23.62 -32.45
C ASP O 336 15.10 24.30 -31.44
N SER O 337 16.38 23.93 -31.51
CA SER O 337 17.39 24.49 -30.62
C SER O 337 18.69 24.74 -31.36
N ASN O 350 12.16 22.62 -25.26
CA ASN O 350 12.24 21.17 -25.26
C ASN O 350 11.01 20.54 -25.89
N ILE O 351 10.16 21.38 -26.49
CA ILE O 351 8.96 20.90 -27.16
C ILE O 351 9.35 20.34 -28.52
N GLU O 352 9.08 19.06 -28.74
CA GLU O 352 9.45 18.39 -29.98
C GLU O 352 8.36 18.62 -31.03
N ASN O 353 8.72 19.34 -32.09
CA ASN O 353 7.80 19.51 -33.20
C ASN O 353 7.69 18.21 -33.97
N LEU O 354 6.47 17.86 -34.37
CA LEU O 354 6.18 16.55 -34.93
C LEU O 354 5.79 16.65 -36.39
N PHE O 355 6.12 15.60 -37.14
CA PHE O 355 5.70 15.43 -38.51
C PHE O 355 5.63 13.94 -38.80
N VAL O 356 4.86 13.60 -39.84
CA VAL O 356 4.60 12.20 -40.15
C VAL O 356 5.75 11.65 -40.99
N SER O 357 6.30 10.51 -40.58
CA SER O 357 7.40 9.87 -41.31
C SER O 357 6.91 8.74 -42.20
N SER O 358 6.22 7.75 -41.64
CA SER O 358 5.78 6.60 -42.41
C SER O 358 4.42 6.12 -41.90
N VAL O 359 3.59 5.65 -42.83
CA VAL O 359 2.29 5.06 -42.53
C VAL O 359 2.29 3.64 -43.07
N HIS O 360 1.91 2.70 -42.21
CA HIS O 360 1.87 1.28 -42.56
C HIS O 360 0.44 0.78 -42.49
N ASP O 361 -0.02 0.15 -43.56
CA ASP O 361 -1.39 -0.33 -43.64
C ASP O 361 -1.44 -1.84 -43.43
N THR O 362 -2.31 -2.27 -42.52
CA THR O 362 -2.50 -3.68 -42.21
C THR O 362 -3.96 -4.04 -42.43
N ASN O 363 -4.21 -4.95 -43.36
CA ASN O 363 -5.57 -5.42 -43.63
C ASN O 363 -6.02 -6.37 -42.53
N THR O 364 -7.23 -6.17 -42.04
CA THR O 364 -7.76 -6.99 -40.96
C THR O 364 -8.15 -8.37 -41.48
N MET O 365 -8.16 -9.34 -40.56
CA MET O 365 -8.54 -10.71 -40.92
C MET O 365 -10.01 -10.80 -41.30
N TYR O 366 -10.88 -10.15 -40.54
CA TYR O 366 -12.31 -10.12 -40.80
C TYR O 366 -12.79 -8.69 -40.92
N ASP O 367 -13.72 -8.45 -41.83
CA ASP O 367 -14.23 -7.11 -42.08
C ASP O 367 -15.19 -6.66 -40.99
N ARG O 368 -15.64 -5.41 -41.10
CA ARG O 368 -16.60 -4.77 -40.19
C ARG O 368 -16.11 -4.77 -38.75
N VAL O 369 -15.01 -4.04 -38.53
CA VAL O 369 -14.44 -3.85 -37.20
C VAL O 369 -14.77 -2.43 -36.74
N ALA O 370 -15.36 -2.32 -35.55
CA ALA O 370 -15.75 -1.01 -35.02
C ALA O 370 -14.68 -0.43 -34.10
N THR O 371 -14.14 -1.22 -33.18
CA THR O 371 -13.13 -0.74 -32.25
C THR O 371 -12.07 -1.81 -32.06
N PHE O 372 -10.91 -1.38 -31.59
CA PHE O 372 -9.73 -2.23 -31.55
C PHE O 372 -8.80 -1.74 -30.46
N ASP O 373 -7.82 -2.56 -30.10
CA ASP O 373 -6.81 -2.19 -29.13
C ASP O 373 -5.58 -3.04 -29.33
N TYR O 374 -4.46 -2.60 -28.74
CA TYR O 374 -3.17 -3.24 -28.90
C TYR O 374 -3.04 -4.46 -28.00
N ILE O 375 -2.09 -5.32 -28.33
CA ILE O 375 -1.63 -6.40 -27.46
C ILE O 375 -0.10 -6.40 -27.49
N PRO O 376 0.57 -5.97 -26.42
CA PRO O 376 2.05 -6.01 -26.42
C PRO O 376 2.55 -7.43 -26.21
N ARG O 377 3.48 -7.84 -27.06
CA ARG O 377 4.10 -9.16 -26.98
C ARG O 377 5.61 -9.02 -26.74
N SER O 378 6.29 -10.15 -26.72
CA SER O 378 7.73 -10.15 -26.50
C SER O 378 8.47 -9.80 -27.78
N ASN O 379 9.71 -9.34 -27.60
CA ASN O 379 10.60 -8.91 -28.69
C ASN O 379 9.96 -7.83 -29.56
N ASN O 380 9.34 -6.84 -28.90
CA ASN O 380 8.73 -5.67 -29.54
C ASN O 380 7.65 -6.05 -30.55
N GLY O 381 6.98 -7.18 -30.33
CA GLY O 381 5.94 -7.62 -31.23
C GLY O 381 4.66 -6.81 -31.05
N THR O 382 3.79 -6.91 -32.04
CA THR O 382 2.52 -6.22 -32.01
C THR O 382 1.41 -7.16 -32.45
N SER O 383 0.33 -7.20 -31.68
CA SER O 383 -0.88 -7.90 -32.05
C SER O 383 -2.06 -7.01 -31.68
N LEU O 384 -3.18 -7.20 -32.37
CA LEU O 384 -4.33 -6.32 -32.21
C LEU O 384 -5.55 -7.16 -31.86
N ILE O 385 -6.19 -6.80 -30.74
CA ILE O 385 -7.48 -7.36 -30.36
C ILE O 385 -8.57 -6.40 -30.86
N CYS O 386 -9.53 -6.94 -31.62
CA CYS O 386 -10.51 -6.12 -32.30
C CYS O 386 -11.90 -6.66 -32.01
N MET O 387 -12.86 -5.75 -31.89
CA MET O 387 -14.25 -6.10 -31.68
C MET O 387 -15.03 -5.73 -32.94
N ARG O 388 -15.72 -6.71 -33.50
CA ARG O 388 -16.47 -6.48 -34.72
C ARG O 388 -17.80 -5.81 -34.39
N GLN O 389 -18.53 -5.45 -35.45
CA GLN O 389 -19.83 -4.82 -35.27
C GLN O 389 -20.87 -5.81 -34.76
N SER O 390 -20.61 -7.11 -34.91
CA SER O 390 -21.46 -8.14 -34.35
C SER O 390 -21.09 -8.50 -32.93
N GLY O 391 -20.03 -7.90 -32.38
CA GLY O 391 -19.63 -8.17 -31.01
C GLY O 391 -18.63 -9.28 -30.86
N THR O 392 -18.26 -9.97 -31.93
CA THR O 392 -17.23 -11.00 -31.85
C THR O 392 -15.87 -10.36 -31.65
N ILE O 393 -15.11 -10.87 -30.69
CA ILE O 393 -13.79 -10.35 -30.36
C ILE O 393 -12.76 -11.41 -30.72
N TYR O 394 -11.78 -11.03 -31.53
CA TYR O 394 -10.74 -11.94 -32.00
C TYR O 394 -9.38 -11.27 -31.86
N ARG O 395 -8.34 -12.02 -32.19
CA ARG O 395 -6.96 -11.59 -32.05
C ARG O 395 -6.26 -11.73 -33.39
N MET O 396 -5.55 -10.68 -33.79
CA MET O 396 -4.91 -10.61 -35.10
C MET O 396 -3.45 -10.18 -34.92
N PRO O 397 -2.50 -10.91 -35.49
CA PRO O 397 -1.09 -10.52 -35.38
C PRO O 397 -0.71 -9.51 -36.46
N ILE O 398 0.49 -8.95 -36.28
CA ILE O 398 1.08 -8.01 -37.24
C ILE O 398 2.27 -8.73 -37.87
N SER O 399 2.26 -8.82 -39.19
CA SER O 399 3.30 -9.55 -39.89
C SER O 399 4.61 -8.76 -39.87
N GLU O 400 5.71 -9.50 -40.01
CA GLU O 400 7.05 -8.91 -40.00
C GLU O 400 7.39 -8.49 -41.44
N VAL O 401 7.19 -7.22 -41.74
CA VAL O 401 7.44 -6.68 -43.06
C VAL O 401 8.88 -6.20 -43.13
N CYS O 402 9.62 -6.68 -44.14
CA CYS O 402 11.02 -6.31 -44.28
C CYS O 402 11.16 -4.88 -44.79
N SER O 403 12.00 -4.09 -44.12
CA SER O 403 12.18 -2.69 -44.44
C SER O 403 13.39 -2.40 -45.30
N LYS O 404 14.33 -3.34 -45.39
CA LYS O 404 15.58 -3.11 -46.11
C LYS O 404 16.14 -4.45 -46.51
N ALA O 405 16.37 -4.65 -47.82
CA ALA O 405 17.00 -5.86 -48.33
C ALA O 405 18.21 -5.44 -49.16
N ILE O 406 19.40 -5.55 -48.58
CA ILE O 406 20.62 -5.11 -49.23
C ILE O 406 21.44 -6.33 -49.61
N LEU O 407 22.19 -6.20 -50.70
CA LEU O 407 23.03 -7.28 -51.20
C LEU O 407 24.50 -6.87 -51.09
N ASN O 408 25.33 -7.85 -50.76
CA ASN O 408 26.75 -7.64 -50.60
C ASN O 408 27.50 -7.98 -51.89
N ASN O 409 28.81 -7.75 -51.89
CA ASN O 409 29.65 -8.24 -52.97
C ASN O 409 29.90 -9.74 -52.88
N ARG O 410 29.70 -10.32 -51.71
CA ARG O 410 29.81 -11.77 -51.52
C ARG O 410 28.46 -12.47 -51.68
N ASN O 411 27.46 -11.77 -52.23
CA ASN O 411 26.09 -12.27 -52.42
C ASN O 411 25.47 -12.67 -51.08
N SER O 412 25.37 -11.69 -50.19
CA SER O 412 24.81 -11.86 -48.85
C SER O 412 23.66 -10.90 -48.66
N LEU O 413 22.53 -11.42 -48.18
CA LEU O 413 21.31 -10.64 -48.02
C LEU O 413 21.12 -10.30 -46.55
N LEU O 414 20.84 -9.03 -46.27
CA LEU O 414 20.66 -8.54 -44.91
C LEU O 414 19.29 -7.90 -44.81
N LEU O 415 18.45 -8.42 -43.92
CA LEU O 415 17.04 -8.07 -43.85
C LEU O 415 16.75 -7.33 -42.55
N SER O 416 16.13 -6.16 -42.67
CA SER O 416 15.74 -5.34 -41.52
C SER O 416 14.23 -5.25 -41.48
N ASN O 417 13.67 -5.38 -40.28
CA ASN O 417 12.23 -5.42 -40.08
C ASN O 417 11.70 -4.05 -39.67
N PHE O 418 10.39 -3.88 -39.80
CA PHE O 418 9.72 -2.68 -39.33
C PHE O 418 9.23 -2.79 -37.89
N GLU O 419 9.33 -3.96 -37.28
CA GLU O 419 8.72 -4.20 -35.97
C GLU O 419 9.76 -4.43 -34.88
N ASN O 420 10.60 -5.43 -35.02
CA ASN O 420 11.56 -5.75 -33.98
C ASN O 420 12.89 -5.09 -34.30
N THR O 421 13.93 -5.49 -33.59
CA THR O 421 15.25 -4.90 -33.71
C THR O 421 16.25 -5.79 -34.42
N GLU O 422 16.04 -7.11 -34.39
CA GLU O 422 17.00 -8.06 -34.92
C GLU O 422 17.09 -7.98 -36.44
N ILE O 423 18.27 -8.28 -36.96
CA ILE O 423 18.59 -8.18 -38.38
C ILE O 423 18.89 -9.57 -38.90
N ASP O 424 18.24 -9.96 -39.99
CA ASP O 424 18.34 -11.31 -40.52
C ASP O 424 19.33 -11.36 -41.68
N GLU O 425 20.13 -12.42 -41.72
CA GLU O 425 21.21 -12.56 -42.68
C GLU O 425 21.15 -13.92 -43.36
N ILE O 426 21.22 -13.91 -44.69
CA ILE O 426 21.29 -15.14 -45.48
C ILE O 426 22.65 -15.17 -46.17
N ARG O 427 23.62 -15.84 -45.56
CA ARG O 427 24.96 -15.88 -46.12
C ARG O 427 25.03 -16.85 -47.30
N VAL O 428 26.05 -16.66 -48.13
CA VAL O 428 26.27 -17.56 -49.27
C VAL O 428 26.94 -18.86 -48.84
N ASN O 429 27.58 -18.88 -47.66
CA ASN O 429 28.27 -20.04 -47.09
C ASN O 429 29.32 -20.62 -48.04
N PHE O 496 10.32 -22.27 -57.98
CA PHE O 496 11.13 -21.21 -57.39
C PHE O 496 12.43 -21.75 -56.82
N TRP O 497 13.52 -21.04 -57.07
CA TRP O 497 14.82 -21.43 -56.54
C TRP O 497 14.86 -21.18 -55.03
N LYS O 498 15.72 -21.93 -54.36
CA LYS O 498 16.08 -21.56 -53.01
C LYS O 498 16.94 -20.30 -53.05
N PRO O 499 16.81 -19.41 -52.06
CA PRO O 499 17.64 -18.19 -52.07
C PRO O 499 19.11 -18.47 -51.92
N GLU O 500 19.49 -19.40 -51.05
CA GLU O 500 20.89 -19.78 -50.91
C GLU O 500 21.42 -20.39 -52.20
N LYS O 501 20.60 -21.21 -52.88
CA LYS O 501 21.03 -21.81 -54.14
C LYS O 501 21.22 -20.76 -55.23
N LEU O 502 20.32 -19.78 -55.30
CA LEU O 502 20.47 -18.73 -56.31
C LEU O 502 21.69 -17.86 -56.04
N LEU O 503 21.91 -17.49 -54.78
CA LEU O 503 23.08 -16.68 -54.45
C LEU O 503 24.39 -17.46 -54.54
N GLU O 504 24.34 -18.79 -54.44
CA GLU O 504 25.51 -19.62 -54.65
C GLU O 504 25.78 -19.90 -56.12
N LYS O 505 24.76 -19.85 -56.97
CA LYS O 505 24.94 -20.08 -58.39
C LYS O 505 25.08 -18.80 -59.19
N ASP O 506 24.96 -17.64 -58.55
CA ASP O 506 25.13 -16.39 -59.27
C ASP O 506 26.56 -16.19 -59.77
N ILE O 507 26.67 -15.43 -60.85
CA ILE O 507 27.96 -15.22 -61.50
C ILE O 507 28.88 -14.35 -60.66
N SER O 508 28.35 -13.56 -59.72
CA SER O 508 29.20 -12.77 -58.84
C SER O 508 30.02 -13.67 -57.92
N VAL O 509 29.37 -14.65 -57.30
CA VAL O 509 30.13 -15.55 -56.45
C VAL O 509 30.93 -16.55 -57.30
N ILE O 510 30.48 -16.83 -58.53
CA ILE O 510 31.28 -17.65 -59.44
C ILE O 510 32.60 -16.95 -59.76
N MET O 511 32.52 -15.66 -60.10
CA MET O 511 33.71 -14.89 -60.42
C MET O 511 34.60 -14.71 -59.20
N ARG O 512 33.99 -14.54 -58.01
CA ARG O 512 34.78 -14.44 -56.80
C ARG O 512 35.55 -15.72 -56.51
N THR O 513 34.91 -16.87 -56.69
CA THR O 513 35.59 -18.15 -56.48
C THR O 513 36.70 -18.36 -57.50
N ARG O 514 36.45 -18.01 -58.77
CA ARG O 514 37.48 -18.16 -59.80
C ARG O 514 38.66 -17.23 -59.55
N ALA O 515 38.39 -15.98 -59.14
CA ALA O 515 39.47 -15.04 -58.88
C ALA O 515 40.28 -15.45 -57.66
N SER O 516 39.62 -16.00 -56.63
CA SER O 516 40.36 -16.53 -55.50
C SER O 516 41.17 -17.76 -55.88
N LEU O 517 40.69 -18.55 -56.84
CA LEU O 517 41.43 -19.71 -57.31
C LEU O 517 42.53 -19.35 -58.29
N GLY O 518 42.55 -18.12 -58.81
CA GLY O 518 43.61 -17.72 -59.71
C GLY O 518 43.27 -17.85 -61.18
N TYR O 519 42.15 -17.27 -61.59
CA TYR O 519 41.64 -17.40 -62.94
C TYR O 519 42.27 -16.37 -63.86
N GLY O 520 42.69 -16.81 -65.05
CA GLY O 520 43.10 -15.94 -66.12
C GLY O 520 44.58 -15.62 -66.19
N LEU O 521 45.36 -15.97 -65.16
CA LEU O 521 46.77 -15.58 -65.16
C LEU O 521 47.58 -16.38 -66.16
N ASP O 522 47.37 -17.69 -66.21
CA ASP O 522 48.01 -18.55 -67.19
C ASP O 522 46.92 -19.42 -67.81
N PRO O 523 46.77 -19.42 -69.14
CA PRO O 523 45.67 -20.18 -69.76
C PRO O 523 45.73 -21.68 -69.54
N MET O 524 46.93 -22.26 -69.45
CA MET O 524 47.05 -23.66 -69.09
C MET O 524 46.57 -23.91 -67.68
N ASN O 525 46.83 -22.96 -66.77
CA ASN O 525 46.33 -23.08 -65.41
C ASN O 525 44.81 -22.93 -65.37
N THR O 526 44.23 -22.10 -66.24
CA THR O 526 42.78 -22.03 -66.33
C THR O 526 42.19 -23.33 -66.82
N VAL O 527 42.84 -23.96 -67.80
CA VAL O 527 42.39 -25.25 -68.33
C VAL O 527 42.43 -26.31 -67.23
N GLU O 528 43.53 -26.35 -66.47
CA GLU O 528 43.65 -27.29 -65.37
C GLU O 528 42.62 -27.01 -64.28
N MET O 529 42.32 -25.73 -64.02
CA MET O 529 41.34 -25.36 -63.00
C MET O 529 39.94 -25.79 -63.42
N ILE O 530 39.58 -25.61 -64.69
CA ILE O 530 38.27 -26.02 -65.18
C ILE O 530 38.16 -27.54 -65.16
N ASP O 531 39.22 -28.25 -65.56
CA ASP O 531 39.19 -29.70 -65.56
C ASP O 531 39.16 -30.28 -64.15
N SER O 532 39.73 -29.56 -63.17
CA SER O 532 39.79 -30.09 -61.81
C SER O 532 38.48 -29.95 -61.04
N SER O 533 37.51 -29.20 -61.55
CA SER O 533 36.26 -29.01 -60.85
C SER O 533 35.07 -28.88 -61.81
N ASN O 539 29.97 -23.74 -69.36
CA ASN O 539 30.97 -24.42 -68.55
C ASN O 539 32.15 -24.90 -69.39
N ALA O 540 31.92 -25.91 -70.22
CA ALA O 540 33.00 -26.47 -71.03
C ALA O 540 33.40 -25.57 -72.18
N TYR O 541 32.52 -24.67 -72.61
CA TYR O 541 32.89 -23.74 -73.67
C TYR O 541 33.91 -22.72 -73.19
N ILE O 542 33.94 -22.44 -71.90
CA ILE O 542 34.99 -21.60 -71.33
C ILE O 542 36.34 -22.32 -71.42
N ARG O 543 36.35 -23.63 -71.17
CA ARG O 543 37.57 -24.42 -71.34
C ARG O 543 38.01 -24.42 -72.80
N ASN O 544 37.05 -24.57 -73.73
CA ASN O 544 37.39 -24.58 -75.14
C ASN O 544 37.89 -23.24 -75.63
N THR O 545 37.36 -22.12 -75.10
CA THR O 545 37.85 -20.82 -75.53
C THR O 545 39.11 -20.39 -74.79
N TRP O 546 39.48 -21.07 -73.71
CA TRP O 546 40.78 -20.81 -73.11
C TRP O 546 41.86 -21.70 -73.68
N ARG O 547 41.49 -22.84 -74.26
CA ARG O 547 42.46 -23.67 -74.96
C ARG O 547 43.02 -22.95 -76.19
N TRP O 548 42.17 -22.23 -76.91
CA TRP O 548 42.65 -21.45 -78.05
C TRP O 548 43.53 -20.30 -77.61
N ILE O 549 43.20 -19.67 -76.47
CA ILE O 549 44.04 -18.60 -75.93
C ILE O 549 45.41 -19.15 -75.57
N ALA O 550 45.45 -20.33 -74.97
CA ALA O 550 46.71 -20.99 -74.67
C ALA O 550 47.50 -21.29 -75.95
N ILE O 551 46.82 -21.78 -76.98
CA ILE O 551 47.48 -22.15 -78.24
C ILE O 551 48.08 -20.92 -78.91
N ALA O 552 47.28 -19.85 -79.02
CA ALA O 552 47.75 -18.66 -79.69
C ALA O 552 48.84 -17.96 -78.89
N LYS O 553 48.75 -17.98 -77.55
CA LYS O 553 49.77 -17.34 -76.73
C LYS O 553 51.09 -18.11 -76.81
N ALA O 554 51.01 -19.45 -76.82
CA ALA O 554 52.22 -20.25 -76.98
C ALA O 554 52.84 -20.02 -78.36
N SER O 555 52.00 -19.85 -79.38
CA SER O 555 52.51 -19.63 -80.72
C SER O 555 53.16 -18.25 -80.85
N VAL O 556 52.59 -17.23 -80.21
CA VAL O 556 53.18 -15.90 -80.25
C VAL O 556 54.47 -15.85 -79.44
N ASP O 557 54.46 -16.45 -78.24
CA ASP O 557 55.64 -16.45 -77.40
C ASP O 557 56.76 -17.33 -77.95
N ASP O 558 56.44 -18.30 -78.80
CA ASP O 558 57.45 -19.11 -79.46
C ASP O 558 58.02 -18.42 -80.70
N GLY O 559 57.50 -17.26 -81.07
CA GLY O 559 58.00 -16.53 -82.21
C GLY O 559 57.57 -17.06 -83.55
N THR O 560 56.65 -18.03 -83.57
CA THR O 560 56.23 -18.63 -84.82
C THR O 560 55.40 -17.67 -85.66
N MET O 561 54.59 -16.84 -85.02
CA MET O 561 53.72 -15.91 -85.73
C MET O 561 54.30 -14.52 -85.88
N VAL O 562 55.08 -14.04 -84.91
CA VAL O 562 55.52 -12.65 -84.89
C VAL O 562 56.60 -12.32 -85.90
N SER O 563 57.12 -13.31 -86.62
CA SER O 563 58.15 -13.05 -87.61
C SER O 563 57.57 -12.34 -88.83
N GLY O 564 58.46 -11.75 -89.63
CA GLY O 564 58.04 -11.05 -90.81
C GLY O 564 57.64 -9.61 -90.51
N ASP O 565 57.24 -8.92 -91.57
CA ASP O 565 56.81 -7.53 -91.43
C ASP O 565 55.40 -7.40 -90.85
N LEU O 566 54.60 -8.46 -90.89
CA LEU O 566 53.27 -8.46 -90.33
C LEU O 566 53.26 -9.24 -89.02
N ASP O 567 52.61 -8.67 -88.00
CA ASP O 567 52.60 -9.29 -86.69
C ASP O 567 51.75 -10.55 -86.67
N LEU O 568 50.46 -10.40 -86.97
CA LEU O 568 49.51 -11.52 -87.09
C LEU O 568 49.44 -12.37 -85.84
N GLY O 569 49.55 -11.73 -84.67
CA GLY O 569 49.39 -12.42 -83.41
C GLY O 569 47.94 -12.37 -82.96
N TYR O 570 47.43 -13.52 -82.52
CA TYR O 570 46.05 -13.69 -82.05
C TYR O 570 45.04 -13.29 -83.12
N GLU O 571 45.33 -13.62 -84.36
CA GLU O 571 44.46 -13.23 -85.46
C GLU O 571 43.39 -14.29 -85.68
N GLY O 572 42.25 -13.84 -86.20
CA GLY O 572 41.13 -14.72 -86.42
C GLY O 572 41.18 -15.43 -87.76
N VAL O 573 40.47 -16.57 -87.79
CA VAL O 573 40.41 -17.37 -89.01
C VAL O 573 39.66 -16.62 -90.11
N ILE O 574 38.64 -15.84 -89.73
CA ILE O 574 37.89 -15.03 -90.70
C ILE O 574 38.81 -14.01 -91.36
N GLY O 575 39.59 -13.29 -90.55
CA GLY O 575 40.48 -12.29 -91.09
C GLY O 575 41.62 -12.89 -91.91
N ILE O 576 42.13 -14.04 -91.48
CA ILE O 576 43.25 -14.67 -92.20
C ILE O 576 42.78 -15.24 -93.52
N TRP O 577 41.71 -16.02 -93.51
CA TRP O 577 41.23 -16.68 -94.72
C TRP O 577 40.56 -15.69 -95.66
N ASN O 578 40.03 -14.59 -95.15
CA ASN O 578 39.36 -13.60 -95.99
C ASN O 578 40.30 -12.52 -96.49
N GLY O 579 41.59 -12.61 -96.20
CA GLY O 579 42.54 -11.66 -96.71
C GLY O 579 42.70 -10.42 -95.85
N ILE O 580 42.06 -9.32 -96.24
CA ILE O 580 42.15 -8.08 -95.49
C ILE O 580 40.81 -7.75 -94.86
N LEU O 595 50.60 -4.76 -97.88
CA LEU O 595 49.81 -3.77 -98.61
C LEU O 595 49.38 -4.31 -99.97
N SER O 596 49.85 -5.52 -100.30
CA SER O 596 49.52 -6.15 -101.57
C SER O 596 49.21 -7.62 -101.34
N ASP O 597 48.44 -8.18 -102.27
CA ASP O 597 48.11 -9.61 -102.21
C ASP O 597 49.34 -10.48 -102.34
N LYS O 598 50.23 -10.14 -103.27
CA LYS O 598 51.48 -10.88 -103.41
C LYS O 598 52.37 -10.72 -102.18
N GLN O 599 52.36 -9.53 -101.58
CA GLN O 599 53.15 -9.29 -100.38
C GLN O 599 52.65 -10.13 -99.21
N LEU O 600 51.32 -10.17 -99.01
CA LEU O 600 50.79 -10.99 -97.92
C LEU O 600 50.97 -12.47 -98.21
N ASN O 601 50.88 -12.89 -99.47
CA ASN O 601 51.11 -14.28 -99.82
C ASN O 601 52.56 -14.68 -99.55
N LYS O 602 53.51 -13.83 -99.90
CA LYS O 602 54.91 -14.20 -99.70
C LYS O 602 55.31 -14.14 -98.23
N GLU O 603 54.73 -13.23 -97.44
CA GLU O 603 55.04 -13.25 -96.02
C GLU O 603 54.37 -14.43 -95.33
N MET O 604 53.20 -14.86 -95.81
CA MET O 604 52.59 -16.06 -95.27
C MET O 604 53.40 -17.29 -95.64
N GLU O 605 53.98 -17.32 -96.85
CA GLU O 605 54.85 -18.41 -97.25
C GLU O 605 56.10 -18.48 -96.38
N LYS O 606 56.68 -17.32 -96.06
CA LYS O 606 57.85 -17.32 -95.20
C LYS O 606 57.51 -17.63 -93.75
N ILE O 607 56.26 -17.39 -93.32
CA ILE O 607 55.83 -17.88 -92.01
C ILE O 607 55.68 -19.40 -92.02
N ILE O 608 55.10 -19.95 -93.10
CA ILE O 608 54.87 -21.39 -93.17
C ILE O 608 56.19 -22.16 -93.26
N LYS O 609 57.14 -21.66 -94.06
CA LYS O 609 58.44 -22.32 -94.20
C LYS O 609 59.23 -22.10 -92.91
N LEU O 610 58.90 -22.89 -91.90
CA LEU O 610 59.50 -22.74 -90.58
C LEU O 610 59.50 -24.08 -89.84
N ALA O 625 49.05 -29.51 -102.77
CA ALA O 625 48.12 -28.44 -102.41
C ALA O 625 46.71 -28.77 -102.85
N GLY O 626 46.47 -28.68 -104.16
CA GLY O 626 45.16 -28.97 -104.71
C GLY O 626 44.16 -27.83 -104.61
N SER O 627 44.55 -26.70 -104.03
CA SER O 627 43.69 -25.55 -103.85
C SER O 627 44.42 -24.29 -104.30
N PRO O 628 43.68 -23.29 -104.80
CA PRO O 628 44.32 -22.00 -105.12
C PRO O 628 44.93 -21.32 -103.91
N LYS O 629 44.33 -21.49 -102.72
CA LYS O 629 44.82 -20.88 -101.49
C LYS O 629 45.17 -22.01 -100.54
N TYR O 630 46.42 -22.47 -100.62
CA TYR O 630 46.91 -23.50 -99.72
C TYR O 630 47.63 -22.92 -98.51
N VAL O 631 48.36 -21.83 -98.71
CA VAL O 631 49.05 -21.18 -97.60
C VAL O 631 48.06 -20.58 -96.61
N GLN O 632 46.91 -20.11 -97.08
CA GLN O 632 45.88 -19.62 -96.18
C GLN O 632 45.31 -20.77 -95.33
N ARG O 633 45.16 -21.95 -95.92
CA ARG O 633 44.74 -23.11 -95.16
C ARG O 633 45.77 -23.52 -94.13
N ARG O 634 47.06 -23.38 -94.48
CA ARG O 634 48.11 -23.71 -93.52
C ARG O 634 48.16 -22.71 -92.38
N LEU O 635 47.95 -21.41 -92.68
CA LEU O 635 47.81 -20.42 -91.62
C LEU O 635 46.61 -20.69 -90.72
N CYS O 636 45.49 -21.09 -91.30
CA CYS O 636 44.31 -21.38 -90.50
C CYS O 636 44.53 -22.61 -89.62
N LEU O 637 45.24 -23.62 -90.13
CA LEU O 637 45.57 -24.78 -89.32
C LEU O 637 46.58 -24.44 -88.23
N ILE O 638 47.48 -23.49 -88.49
CA ILE O 638 48.42 -23.03 -87.47
C ILE O 638 47.68 -22.27 -86.37
N ILE O 639 46.77 -21.38 -86.75
CA ILE O 639 46.00 -20.61 -85.77
C ILE O 639 45.11 -21.53 -84.94
N SER O 640 44.44 -22.47 -85.59
CA SER O 640 43.53 -23.37 -84.88
C SER O 640 44.26 -24.44 -84.08
N GLY O 641 45.58 -24.58 -84.25
CA GLY O 641 46.32 -25.60 -83.54
C GLY O 641 46.14 -27.00 -84.08
N TRP O 642 45.72 -27.13 -85.33
CA TRP O 642 45.46 -28.44 -85.93
C TRP O 642 46.53 -28.84 -86.94
N ASP O 643 47.64 -28.10 -87.03
CA ASP O 643 48.73 -28.48 -87.91
C ASP O 643 49.47 -29.63 -87.25
N LEU O 644 49.02 -30.85 -87.52
CA LEU O 644 49.56 -32.05 -86.87
C LEU O 644 49.85 -33.11 -87.91
N SER O 645 50.79 -34.00 -87.56
CA SER O 645 51.15 -35.13 -88.39
C SER O 645 50.49 -36.40 -87.84
N ARG O 646 50.78 -37.53 -88.51
CA ARG O 646 50.19 -38.80 -88.11
C ARG O 646 50.68 -39.24 -86.74
N SER O 647 51.95 -39.01 -86.45
CA SER O 647 52.50 -39.30 -85.13
C SER O 647 51.87 -38.41 -84.07
N ASP O 648 51.62 -37.14 -84.42
CA ASP O 648 50.96 -36.23 -83.49
C ASP O 648 49.53 -36.67 -83.21
N TYR O 649 48.82 -37.15 -84.23
CA TYR O 649 47.46 -37.64 -84.02
C TYR O 649 47.44 -38.91 -83.18
N GLU O 650 48.41 -39.80 -83.39
CA GLU O 650 48.50 -40.99 -82.55
C GLU O 650 48.81 -40.61 -81.11
N ASP O 651 49.68 -39.61 -80.91
CA ASP O 651 49.98 -39.14 -79.56
C ASP O 651 48.75 -38.52 -78.91
N LYS O 652 47.95 -37.78 -79.68
CA LYS O 652 46.72 -37.21 -79.16
C LYS O 652 45.72 -38.30 -78.79
N TYR O 653 45.64 -39.36 -79.61
CA TYR O 653 44.78 -40.49 -79.28
C TYR O 653 45.20 -41.14 -77.99
N ASN O 654 46.52 -41.33 -77.80
CA ASN O 654 47.02 -41.92 -76.57
C ASN O 654 46.74 -41.02 -75.36
N ILE O 655 46.88 -39.71 -75.53
CA ILE O 655 46.66 -38.78 -74.44
C ILE O 655 45.18 -38.77 -74.02
N ILE O 656 44.28 -38.72 -75.00
CA ILE O 656 42.86 -38.72 -74.70
C ILE O 656 42.41 -40.06 -74.13
N MET O 657 43.02 -41.16 -74.58
CA MET O 657 42.73 -42.47 -74.00
C MET O 657 43.19 -42.52 -72.54
N LYS O 658 44.34 -41.92 -72.25
CA LYS O 658 44.81 -41.88 -70.86
C LYS O 658 43.93 -40.99 -70.00
N ASN O 659 43.38 -39.92 -70.57
CA ASN O 659 42.52 -39.03 -69.80
C ASN O 659 41.16 -39.66 -69.50
N GLY O 660 40.74 -40.67 -70.27
CA GLY O 660 39.53 -41.40 -69.98
C GLY O 660 38.33 -41.09 -70.84
N HIS O 661 38.43 -40.13 -71.75
CA HIS O 661 37.31 -39.80 -72.64
C HIS O 661 37.45 -40.58 -73.95
N TYR O 662 37.04 -41.86 -73.88
CA TYR O 662 37.10 -42.73 -75.05
C TYR O 662 36.18 -42.26 -76.16
N GLU O 663 35.02 -41.69 -75.80
CA GLU O 663 34.12 -41.16 -76.81
C GLU O 663 34.74 -39.99 -77.55
N LYS O 664 35.43 -39.11 -76.82
CA LYS O 664 36.14 -38.00 -77.46
C LYS O 664 37.29 -38.51 -78.31
N ALA O 665 37.97 -39.56 -77.87
CA ALA O 665 39.05 -40.14 -78.66
C ALA O 665 38.53 -40.71 -79.97
N ALA O 666 37.41 -41.43 -79.91
CA ALA O 666 36.81 -41.98 -81.13
C ALA O 666 36.30 -40.87 -82.04
N ALA O 667 35.76 -39.80 -81.45
CA ALA O 667 35.28 -38.68 -82.24
C ALA O 667 36.44 -37.98 -82.96
N TRP O 668 37.58 -37.82 -82.28
CA TRP O 668 38.75 -37.22 -82.91
C TRP O 668 39.31 -38.13 -83.99
N ALA O 669 39.25 -39.45 -83.77
CA ALA O 669 39.72 -40.40 -84.79
C ALA O 669 38.87 -40.32 -86.04
N VAL O 670 37.55 -40.16 -85.88
CA VAL O 670 36.69 -39.96 -87.04
C VAL O 670 36.89 -38.59 -87.66
N PHE O 671 37.21 -37.58 -86.84
CA PHE O 671 37.51 -36.24 -87.36
C PHE O 671 38.73 -36.26 -88.27
N PHE O 672 39.75 -37.03 -87.90
CA PHE O 672 40.89 -37.24 -88.79
C PHE O 672 40.52 -38.05 -90.02
N GLY O 673 39.48 -38.89 -89.93
CA GLY O 673 39.06 -39.70 -91.05
C GLY O 673 39.48 -41.15 -90.99
N ASP O 674 39.98 -41.63 -89.85
CA ASP O 674 40.48 -43.00 -89.72
C ASP O 674 39.47 -43.81 -88.89
N ILE O 675 38.49 -44.36 -89.58
CA ILE O 675 37.41 -45.12 -88.95
C ILE O 675 37.84 -46.50 -88.46
N PRO O 676 38.71 -47.27 -89.15
CA PRO O 676 39.28 -48.45 -88.48
C PRO O 676 40.05 -48.13 -87.22
N LYS O 677 40.75 -46.99 -87.20
CA LYS O 677 41.42 -46.55 -85.98
C LYS O 677 40.42 -46.20 -84.89
N ALA O 678 39.29 -45.59 -85.29
CA ALA O 678 38.24 -45.29 -84.31
C ALA O 678 37.63 -46.56 -83.71
N VAL O 679 37.41 -47.57 -84.56
CA VAL O 679 36.89 -48.85 -84.08
C VAL O 679 37.88 -49.52 -83.14
N GLU O 680 39.17 -49.50 -83.50
CA GLU O 680 40.21 -50.09 -82.66
C GLU O 680 40.33 -49.35 -81.31
N ILE O 681 40.21 -48.03 -81.33
CA ILE O 681 40.32 -47.25 -80.11
C ILE O 681 39.12 -47.50 -79.20
N LEU O 682 37.91 -47.45 -79.76
CA LEU O 682 36.73 -47.58 -78.92
C LEU O 682 36.50 -49.01 -78.46
N GLY O 683 36.95 -50.01 -79.23
CA GLY O 683 36.80 -51.38 -78.80
C GLY O 683 37.74 -51.78 -77.68
N SER O 684 38.87 -51.09 -77.56
CA SER O 684 39.84 -51.39 -76.51
C SER O 684 39.58 -50.52 -75.28
N ALA O 685 38.37 -50.66 -74.74
CA ALA O 685 37.91 -49.91 -73.58
C ALA O 685 37.47 -50.89 -72.50
N LYS O 686 36.80 -50.36 -71.48
CA LYS O 686 36.30 -51.22 -70.41
C LYS O 686 34.81 -51.46 -70.55
N LYS O 687 34.02 -50.39 -70.37
CA LYS O 687 32.56 -50.41 -70.41
C LYS O 687 31.98 -51.15 -71.61
N GLU O 688 31.20 -52.20 -71.29
CA GLU O 688 30.53 -53.00 -72.31
C GLU O 688 29.65 -52.15 -73.22
N ARG O 689 29.10 -51.05 -72.68
CA ARG O 689 28.31 -50.14 -73.52
C ARG O 689 29.17 -49.56 -74.63
N LEU O 690 30.43 -49.23 -74.31
CA LEU O 690 31.33 -48.70 -75.31
C LEU O 690 31.74 -49.79 -76.28
N ARG O 691 31.91 -51.02 -75.79
CA ARG O 691 32.29 -52.11 -76.69
C ARG O 691 31.17 -52.36 -77.69
N LEU O 692 29.91 -52.25 -77.25
CA LEU O 692 28.77 -52.40 -78.14
C LEU O 692 28.74 -51.26 -79.16
N ILE O 693 29.06 -50.04 -78.71
CA ILE O 693 29.08 -48.89 -79.62
C ILE O 693 30.12 -49.11 -80.71
N ALA O 694 31.32 -49.54 -80.31
CA ALA O 694 32.39 -49.85 -81.27
C ALA O 694 31.96 -50.94 -82.23
N THR O 695 31.23 -51.95 -81.72
CA THR O 695 30.74 -53.02 -82.58
C THR O 695 29.78 -52.48 -83.63
N ALA O 696 28.91 -51.54 -83.23
CA ALA O 696 28.00 -50.90 -84.17
C ALA O 696 28.78 -50.13 -85.24
N ILE O 697 29.78 -49.34 -84.80
CA ILE O 697 30.59 -48.53 -85.72
C ILE O 697 31.33 -49.42 -86.71
N ALA O 698 31.73 -50.62 -86.27
CA ALA O 698 32.51 -51.55 -87.09
C ALA O 698 31.85 -51.83 -88.44
N GLY O 699 30.52 -51.88 -88.46
CA GLY O 699 29.69 -52.10 -89.64
C GLY O 699 30.12 -51.33 -90.88
N TYR O 700 30.48 -50.06 -90.69
CA TYR O 700 30.81 -49.16 -91.79
C TYR O 700 32.02 -49.62 -92.59
N LEU O 701 32.94 -50.39 -91.97
CA LEU O 701 34.18 -50.82 -92.63
C LEU O 701 33.96 -51.64 -93.90
N ALA O 702 32.71 -51.98 -94.21
CA ALA O 702 32.27 -52.66 -95.42
C ALA O 702 31.01 -52.04 -95.99
N TYR O 703 30.15 -51.45 -95.15
CA TYR O 703 28.94 -50.76 -95.59
C TYR O 703 29.29 -49.38 -96.16
N LYS O 704 30.04 -49.38 -97.24
CA LYS O 704 30.46 -48.14 -97.87
C LYS O 704 30.00 -48.00 -99.31
N ASP O 705 29.83 -49.11 -100.04
CA ASP O 705 29.45 -49.08 -101.44
C ASP O 705 28.00 -49.46 -101.67
N LEU O 706 27.14 -49.30 -100.66
CA LEU O 706 25.75 -49.74 -100.74
C LEU O 706 24.79 -48.61 -100.38
N PRO O 707 24.64 -47.60 -101.27
CA PRO O 707 23.76 -46.47 -100.92
C PRO O 707 22.30 -46.90 -100.99
N GLY O 708 21.72 -47.25 -99.85
CA GLY O 708 20.32 -47.58 -99.79
C GLY O 708 19.83 -47.73 -98.37
N ASN O 709 18.62 -47.27 -98.07
CA ASN O 709 17.96 -47.61 -96.82
C ASN O 709 17.89 -49.13 -96.64
N ASN O 710 18.47 -49.60 -95.54
CA ASN O 710 18.51 -51.06 -95.24
C ASN O 710 18.48 -51.27 -93.73
N ALA O 711 17.75 -50.40 -93.00
CA ALA O 711 17.57 -50.55 -91.53
C ALA O 711 18.84 -50.17 -90.75
N TRP O 712 20.02 -50.63 -91.16
CA TRP O 712 21.21 -50.36 -90.36
C TRP O 712 21.47 -48.86 -90.28
N ARG O 713 21.39 -48.18 -91.43
CA ARG O 713 21.48 -46.73 -91.45
C ARG O 713 20.30 -46.10 -90.71
N GLN O 714 19.11 -46.69 -90.86
CA GLN O 714 17.92 -46.18 -90.20
C GLN O 714 18.05 -46.23 -88.68
N GLN O 715 18.32 -47.44 -88.14
CA GLN O 715 18.59 -47.60 -86.71
C GLN O 715 19.73 -46.70 -86.24
N CYS O 716 20.76 -46.50 -87.08
CA CYS O 716 21.84 -45.61 -86.68
C CYS O 716 21.41 -44.15 -86.59
N ARG O 717 20.56 -43.71 -87.52
CA ARG O 717 20.02 -42.35 -87.44
C ARG O 717 19.14 -42.18 -86.20
N LYS O 718 18.33 -43.21 -85.89
CA LYS O 718 17.49 -43.15 -84.70
C LYS O 718 18.34 -43.13 -83.43
N MET O 719 19.41 -43.94 -83.40
CA MET O 719 20.27 -43.96 -82.24
C MET O 719 21.07 -42.68 -82.11
N SER O 720 21.46 -42.07 -83.23
CA SER O 720 22.11 -40.76 -83.17
C SER O 720 21.14 -39.71 -82.64
N SER O 721 19.85 -39.87 -82.92
CA SER O 721 18.87 -38.96 -82.34
C SER O 721 18.73 -39.19 -80.84
N GLU O 722 18.77 -40.45 -80.39
CA GLU O 722 18.37 -40.75 -79.01
C GLU O 722 19.54 -40.82 -78.03
N LEU O 723 20.78 -40.95 -78.48
CA LEU O 723 21.89 -41.02 -77.53
C LEU O 723 22.14 -39.66 -76.90
N ASP O 724 22.77 -39.68 -75.73
CA ASP O 724 23.03 -38.46 -74.97
C ASP O 724 24.41 -37.88 -75.19
N ASP O 725 25.41 -38.71 -75.47
CA ASP O 725 26.78 -38.23 -75.64
C ASP O 725 26.93 -37.52 -76.98
N PRO O 726 27.37 -36.26 -76.99
CA PRO O 726 27.49 -35.54 -78.27
C PRO O 726 28.52 -36.13 -79.22
N TYR O 727 29.62 -36.66 -78.71
CA TYR O 727 30.63 -37.25 -79.58
C TYR O 727 30.12 -38.52 -80.24
N LEU O 728 29.38 -39.35 -79.50
CA LEU O 728 28.77 -40.53 -80.08
C LEU O 728 27.66 -40.16 -81.07
N ARG O 729 26.94 -39.08 -80.80
CA ARG O 729 25.97 -38.57 -81.76
C ARG O 729 26.66 -38.16 -83.06
N VAL O 730 27.80 -37.48 -82.95
CA VAL O 730 28.61 -37.11 -84.10
C VAL O 730 29.08 -38.35 -84.85
N ILE O 731 29.57 -39.35 -84.12
CA ILE O 731 30.16 -40.51 -84.78
C ILE O 731 29.09 -41.31 -85.52
N PHE O 732 27.87 -41.39 -84.98
CA PHE O 732 26.83 -42.11 -85.68
C PHE O 732 26.28 -41.30 -86.86
N ALA O 733 26.12 -39.99 -86.70
CA ALA O 733 25.65 -39.17 -87.80
C ALA O 733 26.66 -39.08 -88.94
N PHE O 734 27.94 -39.31 -88.66
CA PHE O 734 28.89 -39.40 -89.76
C PHE O 734 28.95 -40.79 -90.37
N ILE O 735 28.79 -41.84 -89.55
CA ILE O 735 28.86 -43.19 -90.09
C ILE O 735 27.67 -43.46 -91.00
N ALA O 736 26.47 -43.14 -90.55
CA ALA O 736 25.28 -43.35 -91.35
C ALA O 736 24.90 -42.06 -92.06
N ASP O 737 24.51 -42.19 -93.34
CA ASP O 737 24.16 -41.08 -94.23
C ASP O 737 25.32 -40.08 -94.32
N ASN O 738 26.41 -40.57 -94.93
CA ASN O 738 27.72 -39.92 -94.91
C ASN O 738 27.68 -38.51 -95.45
N ASP O 739 27.86 -37.53 -94.56
CA ASP O 739 27.72 -36.13 -94.90
C ASP O 739 28.41 -35.31 -93.81
N TRP O 740 29.35 -34.45 -94.21
CA TRP O 740 30.09 -33.66 -93.25
C TRP O 740 29.25 -32.57 -92.60
N TRP O 741 28.17 -32.14 -93.26
CA TRP O 741 27.42 -30.98 -92.78
C TRP O 741 26.64 -31.27 -91.51
N ASP O 742 26.28 -32.53 -91.27
CA ASP O 742 25.60 -32.90 -90.03
C ASP O 742 26.55 -32.93 -88.84
N ILE O 743 27.85 -32.82 -89.07
CA ILE O 743 28.83 -32.82 -87.99
C ILE O 743 29.13 -31.40 -87.52
N LEU O 744 29.23 -30.45 -88.44
CA LEU O 744 29.76 -29.12 -88.16
C LEU O 744 28.68 -28.06 -88.02
N TYR O 745 27.43 -28.44 -87.76
CA TYR O 745 26.39 -27.46 -87.49
C TYR O 745 25.78 -27.54 -86.10
N GLU O 746 25.88 -28.67 -85.41
CA GLU O 746 25.32 -28.64 -84.07
C GLU O 746 26.31 -27.99 -83.11
N PRO O 747 25.83 -27.31 -82.07
CA PRO O 747 26.74 -26.68 -81.10
C PRO O 747 27.14 -27.57 -79.93
N ALA O 748 26.88 -28.87 -80.00
CA ALA O 748 27.18 -29.74 -78.87
C ALA O 748 28.66 -30.07 -78.77
N ILE O 749 29.44 -29.87 -79.83
CA ILE O 749 30.86 -30.21 -79.82
C ILE O 749 31.70 -28.95 -79.89
N SER O 750 33.02 -29.12 -79.84
CA SER O 750 33.93 -27.98 -79.85
C SER O 750 33.93 -27.27 -81.20
N LEU O 751 33.91 -25.94 -81.17
CA LEU O 751 34.03 -25.16 -82.39
C LEU O 751 35.41 -25.31 -83.00
N ARG O 752 36.43 -25.55 -82.17
CA ARG O 752 37.75 -25.86 -82.70
C ARG O 752 37.74 -27.17 -83.47
N GLU O 753 37.00 -28.17 -82.98
CA GLU O 753 36.88 -29.42 -83.71
C GLU O 753 36.07 -29.25 -84.99
N ARG O 754 35.03 -28.41 -84.96
CA ARG O 754 34.26 -28.14 -86.17
C ARG O 754 35.11 -27.41 -87.21
N LEU O 755 35.99 -26.52 -86.77
CA LEU O 755 36.92 -25.91 -87.70
C LEU O 755 37.96 -26.91 -88.20
N GLY O 756 38.34 -27.86 -87.35
CA GLY O 756 39.29 -28.87 -87.79
C GLY O 756 38.73 -29.79 -88.85
N VAL O 757 37.42 -30.10 -88.77
CA VAL O 757 36.81 -30.90 -89.82
C VAL O 757 36.35 -30.07 -91.01
N ALA O 758 36.19 -28.76 -90.85
CA ALA O 758 35.88 -27.90 -91.99
C ALA O 758 37.11 -27.38 -92.69
N LEU O 759 38.30 -27.60 -92.14
CA LEU O 759 39.54 -27.19 -92.78
C LEU O 759 40.26 -28.35 -93.45
N ARG O 760 40.00 -29.57 -93.01
CA ARG O 760 40.69 -30.74 -93.53
C ARG O 760 39.95 -31.39 -94.68
N PHE O 761 38.61 -31.49 -94.58
CA PHE O 761 37.78 -32.11 -95.61
C PHE O 761 36.65 -31.16 -95.96
N LEU O 762 36.94 -30.19 -96.82
CA LEU O 762 35.93 -29.27 -97.32
C LEU O 762 36.49 -28.53 -98.52
N ASN O 763 35.60 -28.10 -99.41
CA ASN O 763 35.97 -27.30 -100.55
C ASN O 763 35.99 -25.83 -100.15
N ASP O 764 36.80 -25.04 -100.88
CA ASP O 764 36.91 -23.62 -100.57
C ASP O 764 35.65 -22.85 -100.94
N THR O 765 34.80 -23.40 -101.81
CA THR O 765 33.56 -22.73 -102.15
C THR O 765 32.58 -22.76 -100.98
N ASP O 766 32.51 -23.89 -100.27
CA ASP O 766 31.58 -24.02 -99.15
C ASP O 766 32.21 -23.63 -97.82
N LEU O 767 33.54 -23.61 -97.73
CA LEU O 767 34.19 -23.19 -96.49
C LEU O 767 33.92 -21.72 -96.20
N THR O 768 33.86 -20.89 -97.25
CA THR O 768 33.52 -19.48 -97.06
C THR O 768 32.10 -19.32 -96.54
N THR O 769 31.16 -20.11 -97.07
CA THR O 769 29.78 -20.06 -96.60
C THR O 769 29.68 -20.51 -95.15
N PHE O 770 30.37 -21.60 -94.80
CA PHE O 770 30.35 -22.09 -93.42
C PHE O 770 30.95 -21.07 -92.46
N LEU O 771 32.07 -20.46 -92.84
CA LEU O 771 32.73 -19.48 -91.98
C LEU O 771 31.87 -18.24 -91.81
N ASP O 772 31.24 -17.76 -92.90
CA ASP O 772 30.37 -16.60 -92.80
C ASP O 772 29.16 -16.87 -91.93
N ARG O 773 28.51 -18.03 -92.12
CA ARG O 773 27.34 -18.36 -91.31
C ARG O 773 27.70 -18.52 -89.84
N THR O 774 28.81 -19.19 -89.55
CA THR O 774 29.19 -19.41 -88.15
C THR O 774 29.64 -18.12 -87.48
N SER O 775 30.34 -17.25 -88.22
CA SER O 775 30.76 -15.97 -87.65
C SER O 775 29.57 -15.07 -87.39
N SER O 776 28.64 -14.98 -88.34
CA SER O 776 27.43 -14.19 -88.13
C SER O 776 26.54 -14.80 -87.07
N THR O 777 26.67 -16.09 -86.78
CA THR O 777 25.98 -16.67 -85.63
C THR O 777 26.64 -16.24 -84.32
N VAL O 778 27.95 -16.47 -84.20
CA VAL O 778 28.61 -16.31 -82.90
C VAL O 778 28.73 -14.84 -82.50
N ILE O 779 28.84 -13.91 -83.47
CA ILE O 779 28.98 -12.50 -83.12
C ILE O 779 27.73 -11.98 -82.43
N GLU O 780 26.56 -12.30 -82.98
CA GLU O 780 25.32 -11.87 -82.34
C GLU O 780 24.90 -12.75 -81.18
N ASN O 781 25.40 -13.99 -81.10
CA ASN O 781 25.04 -14.83 -79.97
C ASN O 781 25.90 -14.58 -78.74
N GLY O 782 27.13 -14.09 -78.91
CA GLY O 782 27.96 -13.79 -77.77
C GLY O 782 28.68 -14.97 -77.16
N GLU O 783 28.80 -16.08 -77.88
CA GLU O 783 29.55 -17.21 -77.37
C GLU O 783 31.05 -16.92 -77.42
N LEU O 784 31.76 -17.40 -76.40
CA LEU O 784 33.22 -17.20 -76.37
C LEU O 784 33.97 -18.10 -77.33
N GLU O 785 33.34 -19.17 -77.82
CA GLU O 785 34.04 -20.07 -78.73
C GLU O 785 34.28 -19.45 -80.10
N GLY O 786 33.61 -18.35 -80.42
CA GLY O 786 33.80 -17.65 -81.67
C GLY O 786 35.11 -16.92 -81.81
N LEU O 787 35.92 -16.90 -80.76
CA LEU O 787 37.26 -16.33 -80.84
C LEU O 787 38.16 -17.12 -81.77
N ILE O 788 37.81 -18.39 -82.04
CA ILE O 788 38.46 -19.15 -83.11
C ILE O 788 38.38 -18.40 -84.42
N LEU O 789 37.18 -17.92 -84.76
CA LEU O 789 36.98 -17.28 -86.05
C LEU O 789 37.37 -15.81 -86.02
N THR O 790 37.11 -15.13 -84.91
CA THR O 790 37.28 -13.67 -84.89
C THR O 790 38.61 -13.19 -84.34
N GLY O 791 39.31 -13.99 -83.52
CA GLY O 791 40.55 -13.55 -82.94
C GLY O 791 40.37 -12.45 -81.91
N ILE O 792 41.49 -11.89 -81.48
CA ILE O 792 41.48 -10.70 -80.62
C ILE O 792 41.53 -9.52 -81.57
N THR O 793 40.36 -9.15 -82.07
CA THR O 793 40.16 -8.10 -83.06
C THR O 793 39.08 -7.17 -82.54
N PRO O 794 38.83 -6.05 -83.21
CA PRO O 794 37.62 -5.27 -82.88
C PRO O 794 36.33 -6.05 -83.02
N ASN O 795 36.25 -6.97 -83.98
CA ASN O 795 35.11 -7.88 -84.03
C ASN O 795 35.10 -8.80 -82.81
N GLY O 796 36.27 -9.17 -82.31
CA GLY O 796 36.34 -9.91 -81.06
C GLY O 796 35.87 -9.08 -79.88
N ILE O 797 36.13 -7.78 -79.89
CA ILE O 797 35.63 -6.89 -78.84
C ILE O 797 34.11 -6.81 -78.92
N ASP O 798 33.56 -6.80 -80.14
CA ASP O 798 32.10 -6.84 -80.29
C ASP O 798 31.52 -8.15 -79.77
N LEU O 799 32.20 -9.26 -80.04
CA LEU O 799 31.78 -10.56 -79.51
C LEU O 799 31.81 -10.58 -77.99
N LEU O 800 32.88 -10.02 -77.40
CA LEU O 800 32.98 -9.97 -75.95
C LEU O 800 31.95 -9.01 -75.36
N GLN O 801 31.59 -7.96 -76.09
CA GLN O 801 30.54 -7.06 -75.64
C GLN O 801 29.19 -7.76 -75.61
N SER O 802 28.88 -8.55 -76.64
CA SER O 802 27.65 -9.34 -76.63
C SER O 802 27.70 -10.40 -75.52
N TYR O 803 28.88 -10.97 -75.27
CA TYR O 803 29.03 -11.92 -74.17
C TYR O 803 28.76 -11.27 -72.82
N VAL O 804 29.26 -10.05 -72.63
CA VAL O 804 29.00 -9.31 -71.40
C VAL O 804 27.52 -9.00 -71.26
N ASN O 805 26.89 -8.53 -72.35
CA ASN O 805 25.46 -8.25 -72.34
C ASN O 805 24.63 -9.49 -72.07
N LYS O 806 25.17 -10.67 -72.38
CA LYS O 806 24.44 -11.89 -72.09
C LYS O 806 24.65 -12.36 -70.65
N THR O 807 25.88 -12.30 -70.14
CA THR O 807 26.21 -13.03 -68.91
C THR O 807 26.73 -12.20 -67.75
N SER O 808 27.23 -10.98 -67.98
CA SER O 808 28.00 -10.20 -67.00
C SER O 808 29.20 -10.97 -66.47
N ASP O 809 29.94 -11.60 -67.38
CA ASP O 809 31.22 -12.22 -67.05
C ASP O 809 32.36 -11.30 -67.48
N VAL O 810 32.41 -10.16 -66.78
CA VAL O 810 33.43 -9.16 -67.05
C VAL O 810 34.82 -9.67 -66.67
N GLN O 811 34.92 -10.67 -65.81
CA GLN O 811 36.23 -11.22 -65.46
C GLN O 811 36.85 -11.94 -66.64
N SER O 812 36.10 -12.84 -67.28
CA SER O 812 36.60 -13.51 -68.48
C SER O 812 36.74 -12.54 -69.63
N ALA O 813 35.84 -11.55 -69.72
CA ALA O 813 35.95 -10.54 -70.77
C ALA O 813 37.26 -9.75 -70.65
N ALA O 814 37.60 -9.34 -69.43
CA ALA O 814 38.83 -8.58 -69.24
C ALA O 814 40.07 -9.46 -69.43
N LEU O 815 40.05 -10.67 -68.88
CA LEU O 815 41.21 -11.55 -68.99
C LEU O 815 41.42 -12.09 -70.40
N ILE O 816 40.41 -12.02 -71.26
CA ILE O 816 40.63 -12.27 -72.68
C ILE O 816 41.04 -11.00 -73.41
N SER O 817 40.47 -9.85 -73.03
CA SER O 817 40.75 -8.59 -73.72
C SER O 817 42.19 -8.13 -73.54
N ILE O 818 42.79 -8.38 -72.38
CA ILE O 818 44.16 -7.92 -72.14
C ILE O 818 45.19 -8.64 -72.99
N PHE O 819 44.81 -9.70 -73.71
CA PHE O 819 45.70 -10.38 -74.63
C PHE O 819 45.75 -9.67 -75.98
N GLY O 820 45.98 -8.38 -75.99
CA GLY O 820 46.17 -7.68 -77.24
C GLY O 820 45.17 -6.60 -77.57
N SER O 821 44.47 -6.08 -76.57
CA SER O 821 43.66 -4.91 -76.91
C SER O 821 44.50 -3.62 -76.93
N PRO O 822 45.21 -3.21 -75.86
CA PRO O 822 46.01 -1.99 -76.00
C PRO O 822 47.29 -2.19 -76.78
N ARG O 823 47.71 -3.43 -77.01
CA ARG O 823 48.89 -3.70 -77.81
C ARG O 823 48.65 -3.43 -79.28
N TYR O 824 47.42 -3.60 -79.75
CA TYR O 824 47.11 -3.48 -81.17
C TYR O 824 46.15 -2.35 -81.51
N PHE O 825 45.26 -1.97 -80.61
CA PHE O 825 44.31 -0.89 -80.87
C PHE O 825 44.02 -0.19 -79.55
N ARG O 826 42.90 0.54 -79.49
CA ARG O 826 42.48 1.20 -78.26
C ARG O 826 40.98 1.45 -78.33
N ASP O 827 40.22 0.75 -77.49
CA ASP O 827 38.78 0.97 -77.41
C ASP O 827 38.40 1.15 -75.95
N GLN O 828 37.35 1.95 -75.72
CA GLN O 828 36.97 2.32 -74.36
C GLN O 828 36.36 1.14 -73.60
N ARG O 829 35.78 0.17 -74.31
CA ARG O 829 35.08 -0.92 -73.64
C ARG O 829 36.05 -1.84 -72.90
N VAL O 830 37.24 -2.07 -73.48
CA VAL O 830 38.23 -2.92 -72.83
C VAL O 830 38.74 -2.26 -71.55
N ASP O 831 39.00 -0.95 -71.60
CA ASP O 831 39.41 -0.22 -70.41
C ASP O 831 38.31 -0.22 -69.35
N GLU O 832 37.06 -0.13 -69.78
CA GLU O 832 35.96 -0.19 -68.83
C GLU O 832 35.88 -1.54 -68.14
N TRP O 833 36.06 -2.63 -68.90
CA TRP O 833 36.04 -3.97 -68.31
C TRP O 833 37.22 -4.17 -67.37
N ILE O 834 38.39 -3.64 -67.74
CA ILE O 834 39.58 -3.77 -66.90
C ILE O 834 39.39 -3.03 -65.58
N GLN O 835 38.88 -1.80 -65.64
CA GLN O 835 38.65 -1.03 -64.42
C GLN O 835 37.56 -1.66 -63.57
N THR O 836 36.52 -2.22 -64.19
CA THR O 836 35.46 -2.86 -63.44
C THR O 836 35.97 -4.10 -62.72
N TYR O 837 36.78 -4.91 -63.40
CA TYR O 837 37.35 -6.10 -62.76
C TYR O 837 38.30 -5.73 -61.64
N ARG O 838 39.07 -4.66 -61.83
CA ARG O 838 39.98 -4.22 -60.77
C ARG O 838 39.21 -3.71 -59.55
N ASP O 839 38.10 -3.00 -59.78
CA ASP O 839 37.28 -2.54 -58.66
C ASP O 839 36.64 -3.72 -57.93
N MET O 840 36.18 -4.73 -58.67
CA MET O 840 35.61 -5.91 -58.04
C MET O 840 36.66 -6.67 -57.24
N LEU O 841 37.88 -6.77 -57.77
CA LEU O 841 38.96 -7.42 -57.06
C LEU O 841 39.34 -6.67 -55.81
N LYS O 842 39.26 -5.33 -55.82
CA LYS O 842 39.45 -4.56 -54.61
C LYS O 842 38.32 -4.82 -53.62
N SER O 843 37.09 -4.94 -54.12
CA SER O 843 35.94 -5.13 -53.24
C SER O 843 35.95 -6.51 -52.58
N TRP O 844 36.50 -7.52 -53.25
CA TRP O 844 36.66 -8.83 -52.63
C TRP O 844 37.93 -8.94 -51.80
N GLU O 845 38.67 -7.84 -51.66
CA GLU O 845 39.96 -7.80 -50.95
C GLU O 845 40.98 -8.76 -51.54
N LEU O 846 40.95 -8.90 -52.86
CA LEU O 846 41.94 -9.71 -53.57
C LEU O 846 43.01 -8.79 -54.16
N PHE O 847 43.76 -8.15 -53.26
CA PHE O 847 44.79 -7.20 -53.68
C PHE O 847 45.96 -7.90 -54.35
N SER O 848 46.30 -9.10 -53.89
CA SER O 848 47.35 -9.88 -54.54
C SER O 848 46.96 -10.25 -55.98
N MET O 849 45.70 -10.64 -56.18
CA MET O 849 45.24 -10.96 -57.52
C MET O 849 45.14 -9.71 -58.39
N ARG O 850 44.80 -8.56 -57.79
CA ARG O 850 44.82 -7.32 -58.54
C ARG O 850 46.24 -6.98 -58.99
N ALA O 851 47.22 -7.18 -58.12
CA ALA O 851 48.61 -6.93 -58.49
C ALA O 851 49.09 -7.88 -59.58
N ARG O 852 48.68 -9.16 -59.50
CA ARG O 852 49.04 -10.11 -60.54
C ARG O 852 48.39 -9.75 -61.86
N PHE O 853 47.15 -9.26 -61.82
CA PHE O 853 46.47 -8.77 -63.02
C PHE O 853 47.21 -7.57 -63.62
N ASP O 854 47.70 -6.68 -62.76
CA ASP O 854 48.43 -5.51 -63.26
C ASP O 854 49.76 -5.90 -63.91
N VAL O 855 50.50 -6.82 -63.28
CA VAL O 855 51.77 -7.22 -63.88
C VAL O 855 51.55 -8.05 -65.15
N LEU O 856 50.45 -8.79 -65.23
CA LEU O 856 50.14 -9.50 -66.47
C LEU O 856 49.74 -8.53 -67.58
N ARG O 857 49.00 -7.47 -67.24
CA ARG O 857 48.67 -6.44 -68.22
C ARG O 857 49.92 -5.73 -68.71
N SER O 858 50.87 -5.49 -67.82
CA SER O 858 52.13 -4.87 -68.24
C SER O 858 52.94 -5.81 -69.13
N LYS O 859 52.94 -7.11 -68.81
CA LYS O 859 53.75 -8.05 -69.58
C LYS O 859 53.17 -8.32 -70.96
N LEU O 860 51.84 -8.31 -71.09
CA LEU O 860 51.21 -8.63 -72.37
C LEU O 860 51.03 -7.41 -73.26
N SER O 861 51.53 -6.25 -72.86
CA SER O 861 51.43 -5.03 -73.66
C SER O 861 52.73 -4.71 -74.39
N ARG O 862 53.64 -5.68 -74.48
CA ARG O 862 54.89 -5.48 -75.20
C ARG O 862 54.63 -5.56 -76.70
N THR O 863 55.01 -4.52 -77.42
CA THR O 863 54.78 -4.49 -78.86
C THR O 863 55.84 -5.29 -79.59
N LYS O 864 55.75 -5.29 -80.92
CA LYS O 864 56.76 -5.95 -81.75
C LYS O 864 58.10 -5.26 -81.64
N THR O 865 58.10 -3.92 -81.60
CA THR O 865 59.34 -3.19 -81.38
C THR O 865 59.83 -3.36 -79.95
N GLY O 866 58.91 -3.29 -78.99
CA GLY O 866 59.27 -3.43 -77.59
C GLY O 866 58.73 -2.30 -76.73
N VAL O 867 58.06 -1.34 -77.35
CA VAL O 867 57.53 -0.19 -76.63
C VAL O 867 56.29 -0.64 -75.87
N LEU O 868 56.27 -0.37 -74.57
CA LEU O 868 55.10 -0.71 -73.77
C LEU O 868 53.96 0.25 -74.04
N THR O 869 52.75 -0.30 -74.11
CA THR O 869 51.56 0.48 -74.41
C THR O 869 50.55 0.49 -73.28
N ALA O 870 50.82 -0.16 -72.16
CA ALA O 870 49.88 -0.21 -71.06
C ALA O 870 49.93 1.09 -70.26
N ASP O 871 48.75 1.55 -69.82
CA ASP O 871 48.65 2.74 -68.99
C ASP O 871 49.03 2.34 -67.56
N ILE O 872 50.33 2.37 -67.27
CA ILE O 872 50.86 1.94 -66.00
C ILE O 872 50.60 3.01 -64.94
N LYS O 873 50.76 2.65 -63.68
CA LYS O 873 50.56 3.59 -62.59
C LYS O 873 51.69 4.62 -62.59
N PRO O 874 51.38 5.91 -62.44
CA PRO O 874 52.44 6.93 -62.46
C PRO O 874 53.27 6.91 -61.19
N ARG O 875 54.37 7.65 -61.23
CA ARG O 875 55.30 7.69 -60.12
C ARG O 875 54.74 8.47 -58.94
N GLN O 876 55.03 8.00 -57.74
CA GLN O 876 54.59 8.65 -56.51
C GLN O 876 55.70 9.30 -55.72
N ILE O 877 56.96 9.05 -56.06
CA ILE O 877 58.12 9.56 -55.33
C ILE O 877 58.95 10.39 -56.29
N TYR O 878 59.22 11.65 -55.92
CA TYR O 878 60.16 12.52 -56.62
C TYR O 878 61.07 13.10 -55.53
N ILE O 879 62.16 12.40 -55.22
CA ILE O 879 63.05 12.82 -54.15
C ILE O 879 63.79 14.08 -54.57
N GLN O 880 63.83 15.07 -53.69
CA GLN O 880 64.65 16.25 -53.92
C GLN O 880 66.07 15.99 -53.44
N CYS O 881 67.04 16.42 -54.24
CA CYS O 881 68.44 16.22 -53.88
C CYS O 881 68.85 17.14 -52.74
N GLN O 882 69.77 16.64 -51.91
CA GLN O 882 70.23 17.43 -50.78
C GLN O 882 71.18 18.54 -51.19
N ASN O 883 72.00 18.30 -52.22
CA ASN O 883 73.02 19.28 -52.62
C ASN O 883 72.51 20.23 -53.70
N CYS O 884 72.09 19.70 -54.84
CA CYS O 884 71.73 20.55 -55.96
C CYS O 884 70.34 21.17 -55.81
N LYS O 885 69.49 20.61 -54.94
CA LYS O 885 68.13 21.07 -54.68
C LYS O 885 67.28 21.09 -55.97
N GLN O 886 67.21 19.93 -56.61
CA GLN O 886 66.40 19.74 -57.81
C GLN O 886 65.81 18.34 -57.78
N ASN O 887 64.96 18.05 -58.76
CA ASN O 887 64.29 16.76 -58.84
C ASN O 887 65.25 15.71 -59.37
N ILE O 888 65.32 14.56 -58.69
CA ILE O 888 66.20 13.49 -59.15
C ILE O 888 65.59 12.65 -60.26
N ASN O 889 64.31 12.82 -60.55
CA ASN O 889 63.62 12.03 -61.58
C ASN O 889 62.92 12.99 -62.54
N THR O 890 63.62 13.40 -63.59
CA THR O 890 63.05 14.29 -64.59
C THR O 890 62.94 13.60 -65.95
N PRO O 937 72.00 1.84 -62.40
CA PRO O 937 72.01 2.12 -60.96
C PRO O 937 71.12 1.15 -60.18
N ARG O 938 71.37 -0.15 -60.34
CA ARG O 938 70.57 -1.16 -59.66
C ARG O 938 71.01 -1.38 -58.22
N HIS O 939 72.18 -0.88 -57.83
CA HIS O 939 72.68 -1.06 -56.47
C HIS O 939 73.18 0.23 -55.84
N LYS O 940 73.17 1.34 -56.55
CA LYS O 940 73.62 2.61 -56.00
C LYS O 940 72.87 3.73 -56.73
N TYR O 941 71.96 4.39 -56.03
CA TYR O 941 71.16 5.47 -56.60
C TYR O 941 71.76 6.80 -56.22
N CYS O 942 71.92 7.69 -57.20
CA CYS O 942 72.49 9.00 -56.96
C CYS O 942 71.69 10.02 -57.76
N CYS O 943 71.79 11.27 -57.34
CA CYS O 943 71.15 12.35 -58.07
C CYS O 943 71.81 12.53 -59.43
N PRO O 944 71.03 12.68 -60.52
CA PRO O 944 71.63 12.83 -61.84
C PRO O 944 72.21 14.21 -62.10
N HIS O 945 71.76 15.24 -61.39
CA HIS O 945 72.22 16.59 -61.67
C HIS O 945 73.62 16.85 -61.12
N CYS O 946 73.94 16.34 -59.93
CA CYS O 946 75.22 16.62 -59.33
C CYS O 946 75.90 15.41 -58.70
N GLY O 947 75.26 14.24 -58.67
CA GLY O 947 75.90 13.04 -58.17
C GLY O 947 75.77 12.80 -56.68
N SER O 948 75.22 13.75 -55.93
CA SER O 948 75.13 13.61 -54.49
C SER O 948 74.12 12.53 -54.11
N SER O 949 74.44 11.77 -53.06
CA SER O 949 73.65 10.60 -52.72
C SER O 949 72.38 10.99 -51.97
N PHE O 950 71.64 9.98 -51.54
CA PHE O 950 70.37 10.15 -50.86
C PHE O 950 70.59 10.61 -49.43
N PRO O 951 69.56 11.15 -48.77
CA PRO O 951 69.64 11.40 -47.33
C PRO O 951 69.89 10.13 -46.54
N ARG O 952 70.65 10.27 -45.47
CA ARG O 952 71.12 9.12 -44.69
C ARG O 952 70.01 8.57 -43.80
N CYS O 953 70.24 7.35 -43.31
CA CYS O 953 69.34 6.74 -42.35
C CYS O 953 69.43 7.48 -41.01
N ALA O 954 68.33 7.46 -40.26
CA ALA O 954 68.28 8.10 -38.96
C ALA O 954 68.78 7.20 -37.83
N ILE O 955 69.09 5.95 -38.13
CA ILE O 955 69.52 4.99 -37.12
C ILE O 955 71.02 4.70 -37.24
N CYS O 956 71.54 4.64 -38.47
CA CYS O 956 72.95 4.29 -38.69
C CYS O 956 73.74 5.37 -39.41
N LEU O 957 73.10 6.41 -39.93
CA LEU O 957 73.73 7.52 -40.65
C LEU O 957 74.53 7.03 -41.86
N MET O 958 74.01 6.00 -42.53
CA MET O 958 74.51 5.47 -43.79
C MET O 958 73.59 5.91 -44.92
N PRO O 959 74.13 6.09 -46.13
CA PRO O 959 73.29 6.55 -47.25
C PRO O 959 72.24 5.52 -47.64
N LEU O 960 71.10 6.02 -48.12
CA LEU O 960 69.93 5.21 -48.41
C LEU O 960 69.88 4.85 -49.89
N GLY O 961 69.29 3.71 -50.18
CA GLY O 961 69.11 3.27 -51.55
C GLY O 961 70.22 2.42 -52.10
N THR O 962 71.23 2.09 -51.29
CA THR O 962 72.34 1.26 -51.72
C THR O 962 72.27 -0.07 -50.98
N SER O 963 72.49 -1.15 -51.71
CA SER O 963 72.48 -2.48 -51.13
C SER O 963 73.89 -2.79 -50.63
N ASN O 964 74.22 -4.09 -50.52
CA ASN O 964 75.52 -4.64 -50.07
C ASN O 964 76.13 -3.86 -48.90
N LEU O 965 75.28 -3.55 -47.93
CA LEU O 965 75.71 -2.84 -46.74
C LEU O 965 76.73 -3.68 -45.96
N PRO O 966 77.77 -3.06 -45.38
CA PRO O 966 78.83 -3.82 -44.71
C PRO O 966 78.38 -4.55 -43.44
N PHE O 967 77.09 -4.54 -43.14
CA PHE O 967 76.52 -5.19 -41.97
C PHE O 967 75.22 -5.86 -42.40
N VAL O 968 74.68 -6.69 -41.51
CA VAL O 968 73.43 -7.39 -41.74
C VAL O 968 72.37 -6.77 -40.84
N ILE O 969 71.32 -6.22 -41.44
CA ILE O 969 70.23 -5.60 -40.69
C ILE O 969 69.25 -6.73 -40.37
N ASN O 970 69.47 -7.39 -39.24
CA ASN O 970 68.62 -8.49 -38.79
C ASN O 970 67.43 -7.94 -38.00
N GLY O 971 66.50 -7.34 -38.74
CA GLY O 971 65.33 -6.78 -38.12
C GLY O 971 64.38 -7.86 -37.62
N THR O 972 63.48 -7.47 -36.73
CA THR O 972 62.51 -8.39 -36.17
C THR O 972 61.43 -8.78 -37.16
N ASN O 988 63.79 -23.13 -44.25
CA ASN O 988 63.51 -22.15 -45.29
C ASN O 988 64.43 -20.95 -45.16
N ARG O 989 65.72 -21.15 -45.47
CA ARG O 989 66.67 -20.06 -45.39
C ARG O 989 66.54 -19.06 -46.53
N GLU O 990 65.89 -19.45 -47.62
CA GLU O 990 65.65 -18.52 -48.73
C GLU O 990 64.73 -17.39 -48.30
N LEU O 991 63.71 -17.70 -47.51
CA LEU O 991 62.83 -16.67 -46.98
C LEU O 991 63.59 -15.73 -46.04
N VAL O 992 64.51 -16.28 -45.24
CA VAL O 992 65.30 -15.46 -44.34
C VAL O 992 66.24 -14.54 -45.12
N SER O 993 66.84 -15.05 -46.21
CA SER O 993 67.69 -14.21 -47.04
C SER O 993 66.88 -13.12 -47.74
N ARG O 994 65.67 -13.44 -48.19
CA ARG O 994 64.82 -12.43 -48.79
C ARG O 994 64.43 -11.37 -47.78
N LYS O 995 64.15 -11.77 -46.54
CA LYS O 995 63.83 -10.79 -45.50
C LYS O 995 65.04 -9.91 -45.19
N LEU O 996 66.25 -10.50 -45.18
CA LEU O 996 67.45 -9.74 -44.89
C LEU O 996 67.78 -8.77 -46.01
N LYS O 997 67.42 -9.10 -47.25
CA LYS O 997 67.75 -8.23 -48.36
C LYS O 997 66.62 -7.23 -48.61
N LEU O 998 65.44 -7.51 -48.07
CA LEU O 998 64.32 -6.58 -48.14
C LEU O 998 64.42 -5.54 -47.05
N ASN O 999 65.01 -5.89 -45.91
CA ASN O 999 65.10 -4.98 -44.77
C ASN O 999 65.97 -3.77 -45.05
N GLU O 1000 66.86 -3.85 -46.04
CA GLU O 1000 67.70 -2.71 -46.42
C GLU O 1000 67.08 -1.91 -47.56
N TRP O 1001 65.84 -1.49 -47.44
CA TRP O 1001 65.24 -0.59 -48.42
C TRP O 1001 64.88 0.77 -47.83
N PHE O 1002 64.56 1.66 -48.74
CA PHE O 1002 64.18 3.03 -48.42
C PHE O 1002 62.82 3.04 -47.72
N SER O 1003 62.69 3.89 -46.70
CA SER O 1003 61.46 3.97 -45.92
C SER O 1003 61.44 5.30 -45.18
N PHE O 1004 60.35 6.04 -45.32
CA PHE O 1004 60.27 7.35 -44.69
C PHE O 1004 58.85 7.63 -44.23
N CYS O 1005 58.73 8.33 -43.10
CA CYS O 1005 57.43 8.77 -42.61
C CYS O 1005 56.92 9.90 -43.48
N LEU O 1006 55.61 9.90 -43.72
CA LEU O 1006 54.99 10.92 -44.56
C LEU O 1006 54.39 12.07 -43.75
N SER O 1007 54.54 12.05 -42.43
CA SER O 1007 54.06 13.15 -41.61
C SER O 1007 55.17 14.05 -41.07
N CYS O 1008 56.39 13.55 -40.96
CA CYS O 1008 57.52 14.35 -40.52
C CYS O 1008 58.69 14.35 -41.51
N ASN O 1009 58.65 13.48 -42.53
CA ASN O 1009 59.66 13.39 -43.59
C ASN O 1009 61.05 13.08 -43.03
N HIS O 1010 61.17 11.92 -42.40
CA HIS O 1010 62.44 11.42 -41.90
C HIS O 1010 62.61 9.97 -42.32
N GLY O 1011 63.74 9.67 -42.95
CA GLY O 1011 63.97 8.39 -43.58
C GLY O 1011 64.72 7.40 -42.71
N MET O 1012 64.41 6.12 -42.93
CA MET O 1012 65.03 5.02 -42.21
C MET O 1012 65.18 3.84 -43.14
N HIS O 1013 66.05 2.92 -42.77
CA HIS O 1013 66.01 1.61 -43.39
C HIS O 1013 64.78 0.86 -42.88
N ALA O 1014 64.32 -0.12 -43.66
CA ALA O 1014 63.14 -0.89 -43.27
C ALA O 1014 63.43 -1.74 -42.05
N GLY O 1015 64.57 -2.44 -42.04
CA GLY O 1015 64.96 -3.20 -40.88
C GLY O 1015 65.30 -2.32 -39.68
N HIS O 1016 65.89 -1.16 -39.92
CA HIS O 1016 66.15 -0.21 -38.84
C HIS O 1016 64.86 0.25 -38.18
N ALA O 1017 63.85 0.59 -38.99
CA ALA O 1017 62.56 1.00 -38.43
C ALA O 1017 61.87 -0.15 -37.71
N GLU O 1018 61.96 -1.37 -38.26
CA GLU O 1018 61.35 -2.53 -37.63
C GLU O 1018 61.99 -2.84 -36.28
N GLU O 1019 63.32 -2.72 -36.20
CA GLU O 1019 64.01 -2.98 -34.94
C GLU O 1019 63.87 -1.82 -33.95
N TRP O 1020 63.70 -0.60 -34.44
CA TRP O 1020 63.67 0.56 -33.56
C TRP O 1020 62.28 0.85 -33.00
N PHE O 1021 61.23 0.61 -33.79
CA PHE O 1021 59.88 0.90 -33.33
C PHE O 1021 59.30 -0.22 -32.48
N ASP O 1022 60.04 -1.30 -32.27
CA ASP O 1022 59.61 -2.34 -31.34
C ASP O 1022 59.95 -2.01 -29.89
N ARG O 1023 60.71 -0.94 -29.65
CA ARG O 1023 61.08 -0.54 -28.30
C ARG O 1023 60.83 0.94 -28.01
N HIS O 1024 60.61 1.76 -29.02
CA HIS O 1024 60.38 3.19 -28.84
C HIS O 1024 59.16 3.60 -29.64
N ASN O 1025 58.68 4.81 -29.39
CA ASN O 1025 57.46 5.30 -30.03
C ASN O 1025 57.62 6.73 -30.54
N VAL O 1026 58.85 7.20 -30.71
CA VAL O 1026 59.12 8.55 -31.20
C VAL O 1026 60.06 8.42 -32.39
N CYS O 1027 60.02 9.40 -33.29
CA CYS O 1027 60.96 9.46 -34.40
C CYS O 1027 62.39 9.55 -33.88
N PRO O 1028 63.32 8.79 -34.46
CA PRO O 1028 64.69 8.77 -33.93
C PRO O 1028 65.50 10.02 -34.19
N THR O 1029 65.10 10.87 -35.13
CA THR O 1029 65.83 12.10 -35.35
C THR O 1029 65.66 13.05 -34.17
N PRO O 1030 66.73 13.72 -33.75
CA PRO O 1030 66.61 14.64 -32.62
C PRO O 1030 65.82 15.89 -32.98
N GLY O 1031 64.94 16.29 -32.07
CA GLY O 1031 64.13 17.47 -32.28
C GLY O 1031 62.85 17.25 -33.05
N CYS O 1032 62.45 16.00 -33.27
CA CYS O 1032 61.22 15.67 -33.98
C CYS O 1032 60.27 14.97 -33.03
N THR O 1033 59.03 15.45 -32.97
CA THR O 1033 57.98 14.89 -32.14
C THR O 1033 56.89 14.37 -33.07
N CYS O 1034 57.01 13.10 -33.45
CA CYS O 1034 56.08 12.48 -34.40
C CYS O 1034 56.09 10.98 -34.15
N GLN O 1035 54.97 10.45 -33.66
CA GLN O 1035 54.84 9.01 -33.43
C GLN O 1035 54.58 8.35 -34.78
N CYS O 1036 55.65 7.89 -35.41
CA CYS O 1036 55.55 7.32 -36.75
C CYS O 1036 54.95 5.92 -36.75
N ASN O 1037 54.86 5.26 -35.59
CA ASN O 1037 54.29 3.92 -35.57
C ASN O 1037 52.78 3.94 -35.81
N LYS O 1038 52.07 4.82 -35.11
CA LYS O 1038 50.62 4.94 -35.25
C LYS O 1038 50.14 6.30 -34.79
N MET P 1 19.19 -18.90 -42.48
CA MET P 1 19.02 -17.59 -41.86
C MET P 1 19.49 -17.61 -40.41
N GLN P 2 20.41 -16.72 -40.09
CA GLN P 2 20.87 -16.53 -38.71
C GLN P 2 20.58 -15.11 -38.25
N PRO P 3 19.56 -14.90 -37.41
CA PRO P 3 19.27 -13.56 -36.91
C PRO P 3 20.20 -13.18 -35.77
N PHE P 4 20.73 -11.96 -35.83
CA PHE P 4 21.56 -11.41 -34.77
C PHE P 4 20.92 -10.11 -34.30
N ASP P 5 20.81 -9.94 -32.99
CA ASP P 5 20.20 -8.74 -32.43
C ASP P 5 21.17 -7.57 -32.52
N SER P 6 20.72 -6.47 -33.12
CA SER P 6 21.59 -5.32 -33.26
C SER P 6 21.75 -4.57 -31.94
N GLY P 7 20.75 -4.66 -31.06
CA GLY P 7 20.86 -4.09 -29.74
C GLY P 7 20.22 -2.74 -29.55
N HIS P 8 19.54 -2.21 -30.56
CA HIS P 8 18.90 -0.92 -30.42
C HIS P 8 17.66 -1.05 -29.54
N ASP P 9 17.27 0.08 -28.94
CA ASP P 9 16.05 0.15 -28.15
C ASP P 9 14.85 0.63 -28.95
N ASP P 10 15.01 0.83 -30.25
CA ASP P 10 13.92 1.30 -31.09
C ASP P 10 14.13 0.71 -32.49
N LEU P 11 13.43 1.27 -33.48
CA LEU P 11 13.39 0.69 -34.81
C LEU P 11 14.67 0.96 -35.58
N VAL P 12 15.28 -0.09 -36.13
CA VAL P 12 16.46 0.05 -36.96
C VAL P 12 16.03 0.59 -38.32
N HIS P 13 16.56 1.77 -38.68
CA HIS P 13 16.07 2.48 -39.85
C HIS P 13 16.83 2.08 -41.12
N ASP P 14 18.15 2.27 -41.13
CA ASP P 14 18.95 2.00 -42.32
C ASP P 14 20.12 1.11 -41.96
N VAL P 15 20.40 0.14 -42.83
CA VAL P 15 21.56 -0.74 -42.72
C VAL P 15 22.32 -0.67 -44.03
N VAL P 16 23.62 -0.39 -43.96
CA VAL P 16 24.47 -0.27 -45.14
C VAL P 16 25.76 -1.06 -44.92
N TYR P 17 26.22 -1.70 -45.98
CA TYR P 17 27.50 -2.40 -46.00
C TYR P 17 28.62 -1.41 -46.31
N ASP P 18 29.86 -1.85 -46.08
CA ASP P 18 31.01 -1.08 -46.51
C ASP P 18 31.41 -1.51 -47.91
N PHE P 19 32.53 -0.99 -48.40
CA PHE P 19 32.98 -1.36 -49.74
C PHE P 19 33.49 -2.80 -49.78
N TYR P 20 34.12 -3.25 -48.70
CA TYR P 20 34.69 -4.59 -48.66
C TYR P 20 33.71 -5.65 -48.18
N GLY P 21 32.53 -5.25 -47.72
CA GLY P 21 31.52 -6.22 -47.35
C GLY P 21 31.74 -6.94 -46.04
N ARG P 22 32.56 -6.39 -45.15
CA ARG P 22 32.79 -6.99 -43.85
C ARG P 22 32.35 -6.12 -42.69
N HIS P 23 31.84 -4.91 -42.96
CA HIS P 23 31.35 -4.02 -41.92
C HIS P 23 29.94 -3.58 -42.27
N VAL P 24 29.05 -3.56 -41.29
CA VAL P 24 27.70 -3.02 -41.46
C VAL P 24 27.46 -1.93 -40.44
N ALA P 25 26.83 -0.85 -40.86
CA ALA P 25 26.47 0.26 -39.99
C ALA P 25 24.95 0.30 -39.90
N THR P 26 24.43 0.33 -38.68
CA THR P 26 23.01 0.38 -38.43
C THR P 26 22.67 1.65 -37.69
N CYS P 27 21.71 2.41 -38.22
CA CYS P 27 21.15 3.57 -37.55
C CYS P 27 19.75 3.24 -37.08
N SER P 28 19.28 3.98 -36.07
CA SER P 28 17.98 3.69 -35.49
C SER P 28 17.41 4.97 -34.89
N SER P 29 16.17 4.86 -34.40
CA SER P 29 15.47 5.97 -33.80
C SER P 29 15.81 6.16 -32.33
N ASP P 30 16.69 5.34 -31.78
CA ASP P 30 17.18 5.53 -30.42
C ASP P 30 18.38 6.45 -30.35
N GLN P 31 18.65 7.21 -31.41
CA GLN P 31 19.76 8.15 -31.53
C GLN P 31 21.10 7.45 -31.31
N HIS P 32 21.33 6.38 -32.06
CA HIS P 32 22.55 5.60 -31.94
C HIS P 32 22.99 5.13 -33.31
N ILE P 33 24.31 4.99 -33.47
CA ILE P 33 24.91 4.34 -34.64
C ILE P 33 25.75 3.19 -34.13
N LYS P 34 25.55 2.01 -34.71
CA LYS P 34 26.31 0.82 -34.35
C LYS P 34 26.99 0.27 -35.58
N VAL P 35 28.27 -0.08 -35.43
CA VAL P 35 29.06 -0.67 -36.50
C VAL P 35 29.42 -2.09 -36.08
N PHE P 36 29.07 -3.05 -36.92
CA PHE P 36 29.31 -4.46 -36.65
C PHE P 36 30.35 -5.00 -37.63
N LYS P 37 31.35 -5.69 -37.13
CA LYS P 37 32.36 -6.31 -37.97
C LYS P 37 32.08 -7.80 -38.07
N LEU P 38 32.43 -8.38 -39.21
CA LEU P 38 32.25 -9.81 -39.45
C LEU P 38 33.54 -10.50 -39.08
N ASP P 39 33.51 -11.28 -38.00
CA ASP P 39 34.70 -11.97 -37.53
C ASP P 39 35.10 -13.08 -38.50
N LYS P 40 36.40 -13.17 -38.78
CA LYS P 40 36.90 -14.19 -39.69
C LYS P 40 36.89 -15.56 -39.05
N ASP P 41 37.15 -15.64 -37.74
CA ASP P 41 37.25 -16.93 -37.07
C ASP P 41 35.88 -17.48 -36.69
N THR P 42 35.13 -16.75 -35.87
CA THR P 42 33.85 -17.25 -35.37
C THR P 42 32.74 -17.17 -36.41
N SER P 43 32.90 -16.35 -37.45
CA SER P 43 31.92 -16.16 -38.52
C SER P 43 30.57 -15.73 -37.96
N ASN P 44 30.59 -14.83 -36.99
CA ASN P 44 29.37 -14.28 -36.41
C ASN P 44 29.53 -12.77 -36.29
N TRP P 45 28.43 -12.05 -36.48
CA TRP P 45 28.46 -10.59 -36.38
C TRP P 45 28.65 -10.16 -34.94
N GLU P 46 29.65 -9.32 -34.70
CA GLU P 46 29.98 -8.81 -33.38
C GLU P 46 30.14 -7.32 -33.44
N LEU P 47 29.80 -6.64 -32.34
CA LEU P 47 29.74 -5.19 -32.34
C LEU P 47 31.14 -4.60 -32.19
N SER P 48 31.40 -3.54 -32.94
CA SER P 48 32.66 -2.82 -32.89
C SER P 48 32.57 -1.54 -32.08
N ASP P 49 31.57 -0.69 -32.35
CA ASP P 49 31.33 0.49 -31.53
C ASP P 49 29.85 0.83 -31.57
N SER P 50 29.42 1.58 -30.56
CA SER P 50 28.03 2.00 -30.44
C SER P 50 28.01 3.34 -29.73
N TRP P 51 27.76 4.41 -30.46
CA TRP P 51 27.82 5.75 -29.90
C TRP P 51 26.58 6.54 -30.27
N ARG P 52 26.18 7.43 -29.35
CA ARG P 52 25.09 8.34 -29.62
C ARG P 52 25.54 9.39 -30.62
N ALA P 53 24.72 9.65 -31.64
CA ALA P 53 25.10 10.49 -32.75
C ALA P 53 24.31 11.78 -32.82
N HIS P 54 22.98 11.72 -32.84
CA HIS P 54 22.14 12.87 -33.10
C HIS P 54 21.18 13.09 -31.92
N ASP P 55 20.43 14.18 -32.01
CA ASP P 55 19.39 14.51 -31.05
C ASP P 55 18.01 14.08 -31.50
N SER P 56 17.91 13.44 -32.66
CA SER P 56 16.64 12.92 -33.17
C SER P 56 16.92 11.56 -33.82
N SER P 57 15.93 11.06 -34.56
CA SER P 57 16.03 9.73 -35.12
C SER P 57 16.87 9.75 -36.39
N ILE P 58 17.88 8.89 -36.45
CA ILE P 58 18.73 8.76 -37.63
C ILE P 58 18.03 7.86 -38.64
N VAL P 59 17.97 8.31 -39.90
CA VAL P 59 17.22 7.59 -40.92
C VAL P 59 18.07 7.13 -42.09
N ALA P 60 19.27 7.68 -42.28
CA ALA P 60 20.10 7.27 -43.41
C ALA P 60 21.56 7.45 -43.05
N ILE P 61 22.37 6.42 -43.32
CA ILE P 61 23.81 6.46 -43.14
C ILE P 61 24.46 5.87 -44.38
N ASP P 62 25.71 6.27 -44.62
CA ASP P 62 26.44 5.79 -45.78
C ASP P 62 27.92 5.71 -45.45
N TRP P 63 28.57 4.66 -45.93
CA TRP P 63 30.02 4.55 -45.83
C TRP P 63 30.69 5.30 -46.97
N ALA P 64 31.86 5.86 -46.68
CA ALA P 64 32.62 6.54 -47.71
C ALA P 64 33.49 5.54 -48.46
N SER P 65 34.15 6.03 -49.49
CA SER P 65 35.06 5.19 -50.27
C SER P 65 36.26 4.81 -49.39
N PRO P 66 36.75 3.57 -49.51
CA PRO P 66 37.88 3.15 -48.66
C PRO P 66 39.20 3.79 -49.02
N GLU P 67 39.31 4.47 -50.16
CA GLU P 67 40.53 5.18 -50.50
C GLU P 67 40.58 6.56 -49.88
N TYR P 68 39.51 7.03 -49.27
CA TYR P 68 39.49 8.29 -48.55
C TYR P 68 39.49 8.09 -47.04
N GLY P 69 39.73 6.87 -46.58
CA GLY P 69 39.60 6.55 -45.17
C GLY P 69 38.24 5.99 -44.85
N ARG P 70 37.99 5.81 -43.56
CA ARG P 70 36.74 5.23 -43.07
C ARG P 70 35.88 6.36 -42.50
N ILE P 71 34.95 6.85 -43.31
CA ILE P 71 34.06 7.94 -42.94
C ILE P 71 32.62 7.45 -43.09
N ILE P 72 31.81 7.66 -42.05
CA ILE P 72 30.40 7.33 -42.08
C ILE P 72 29.60 8.62 -41.97
N ALA P 73 28.75 8.88 -42.96
CA ALA P 73 27.80 9.98 -42.88
C ALA P 73 26.57 9.54 -42.10
N SER P 74 25.84 10.51 -41.57
CA SER P 74 24.65 10.21 -40.77
C SER P 74 23.67 11.36 -40.92
N ALA P 75 22.56 11.10 -41.59
CA ALA P 75 21.51 12.10 -41.78
C ALA P 75 20.32 11.73 -40.91
N SER P 76 19.96 12.62 -40.00
CA SER P 76 18.86 12.41 -39.09
C SER P 76 17.79 13.47 -39.30
N TYR P 77 16.74 13.41 -38.49
CA TYR P 77 15.60 14.31 -38.60
C TYR P 77 15.82 15.63 -37.88
N ASP P 78 16.96 15.82 -37.21
CA ASP P 78 17.25 17.07 -36.53
C ASP P 78 17.98 18.07 -37.43
N LYS P 79 17.80 17.95 -38.75
CA LYS P 79 18.35 18.86 -39.75
C LYS P 79 19.87 18.93 -39.70
N THR P 80 20.52 17.79 -39.49
CA THR P 80 21.98 17.74 -39.42
C THR P 80 22.49 16.53 -40.19
N VAL P 81 23.66 16.70 -40.79
CA VAL P 81 24.45 15.59 -41.33
C VAL P 81 25.80 15.61 -40.61
N LYS P 82 26.13 14.50 -39.97
CA LYS P 82 27.34 14.40 -39.18
C LYS P 82 28.25 13.34 -39.78
N LEU P 83 29.53 13.68 -39.92
CA LEU P 83 30.52 12.83 -40.57
C LEU P 83 31.45 12.27 -39.50
N TRP P 84 31.65 10.96 -39.51
CA TRP P 84 32.30 10.25 -38.41
C TRP P 84 33.52 9.52 -38.93
N GLU P 85 34.68 9.81 -38.36
CA GLU P 85 35.94 9.20 -38.76
C GLU P 85 36.47 8.32 -37.63
N GLU P 86 36.96 7.14 -38.00
CA GLU P 86 37.45 6.18 -37.02
C GLU P 86 38.91 6.48 -36.68
N ASP P 87 39.17 6.68 -35.39
CA ASP P 87 40.53 6.70 -34.89
C ASP P 87 40.81 5.37 -34.22
N PRO P 88 41.71 4.53 -34.75
CA PRO P 88 41.87 3.18 -34.22
C PRO P 88 42.57 3.10 -32.87
N ASP P 89 43.04 4.21 -32.32
CA ASP P 89 43.67 4.20 -31.01
C ASP P 89 42.65 4.43 -29.89
N GLN P 90 41.57 3.66 -29.92
CA GLN P 90 40.57 3.65 -28.87
C GLN P 90 40.05 2.23 -28.70
N GLU P 91 39.49 1.96 -27.53
CA GLU P 91 38.96 0.63 -27.25
C GLU P 91 37.61 0.43 -27.92
N GLU P 92 37.33 -0.81 -28.28
CA GLU P 92 36.07 -1.15 -28.92
C GLU P 92 34.92 -1.13 -27.92
N CYS P 93 33.72 -0.92 -28.46
CA CYS P 93 32.46 -0.87 -27.69
C CYS P 93 32.52 0.16 -26.57
N SER P 94 33.15 1.30 -26.85
CA SER P 94 33.36 2.34 -25.86
C SER P 94 32.62 3.63 -26.17
N GLY P 95 32.48 3.98 -27.44
CA GLY P 95 31.87 5.23 -27.84
C GLY P 95 32.85 6.25 -28.35
N ARG P 96 34.15 6.03 -28.18
CA ARG P 96 35.18 6.93 -28.67
C ARG P 96 35.92 6.39 -29.88
N ARG P 97 35.50 5.23 -30.41
CA ARG P 97 36.18 4.64 -31.55
C ARG P 97 35.91 5.40 -32.85
N TRP P 98 34.82 6.15 -32.92
CA TRP P 98 34.48 6.93 -34.11
C TRP P 98 34.38 8.39 -33.73
N ASN P 99 35.31 9.21 -34.23
CA ASN P 99 35.40 10.60 -33.86
C ASN P 99 34.57 11.47 -34.80
N LYS P 100 33.94 12.49 -34.24
CA LYS P 100 33.13 13.42 -35.00
C LYS P 100 34.01 14.38 -35.79
N LEU P 101 33.61 14.67 -37.03
CA LEU P 101 34.36 15.56 -37.89
C LEU P 101 33.67 16.90 -38.11
N CYS P 102 32.43 16.88 -38.60
CA CYS P 102 31.80 18.12 -39.02
C CYS P 102 30.28 17.96 -38.95
N THR P 103 29.60 19.03 -38.57
CA THR P 103 28.14 19.09 -38.60
C THR P 103 27.73 20.04 -39.72
N LEU P 104 26.82 19.59 -40.57
CA LEU P 104 26.35 20.37 -41.71
C LEU P 104 25.01 21.00 -41.32
N ASN P 105 25.09 22.18 -40.70
CA ASN P 105 23.91 22.90 -40.26
C ASN P 105 23.40 23.87 -41.33
N ASP P 106 23.21 23.35 -42.54
CA ASP P 106 22.64 24.15 -43.61
C ASP P 106 21.24 23.72 -44.01
N SER P 107 20.85 22.49 -43.70
CA SER P 107 19.53 22.00 -44.06
C SER P 107 18.49 22.59 -43.13
N LYS P 108 17.45 23.18 -43.72
CA LYS P 108 16.35 23.73 -42.95
C LYS P 108 15.23 22.73 -42.70
N GLY P 109 15.40 21.49 -43.15
CA GLY P 109 14.37 20.48 -42.97
C GLY P 109 14.97 19.16 -42.53
N SER P 110 14.07 18.25 -42.13
CA SER P 110 14.48 16.96 -41.62
C SER P 110 15.04 16.10 -42.76
N LEU P 111 16.31 15.75 -42.66
CA LEU P 111 16.99 15.06 -43.75
C LEU P 111 16.54 13.60 -43.83
N TYR P 112 16.39 13.10 -45.05
CA TYR P 112 15.90 11.76 -45.31
C TYR P 112 16.94 10.81 -45.86
N SER P 113 17.75 11.23 -46.83
CA SER P 113 18.72 10.35 -47.46
C SER P 113 20.06 11.07 -47.59
N VAL P 114 21.15 10.32 -47.36
CA VAL P 114 22.51 10.81 -47.55
C VAL P 114 23.27 9.77 -48.38
N LYS P 115 24.08 10.25 -49.33
CA LYS P 115 24.81 9.37 -50.22
C LYS P 115 26.17 9.96 -50.55
N PHE P 116 27.18 9.10 -50.65
CA PHE P 116 28.49 9.49 -51.15
C PHE P 116 28.57 9.26 -52.66
N ALA P 117 29.21 10.21 -53.35
CA ALA P 117 29.55 10.03 -54.74
C ALA P 117 30.65 8.99 -54.88
N PRO P 118 30.79 8.37 -56.06
CA PRO P 118 31.91 7.44 -56.27
C PRO P 118 33.25 8.14 -56.18
N ALA P 119 34.29 7.33 -55.91
CA ALA P 119 35.61 7.83 -55.55
C ALA P 119 36.27 8.64 -56.65
N HIS P 120 35.87 8.45 -57.91
CA HIS P 120 36.47 9.22 -58.99
C HIS P 120 35.94 10.65 -59.07
N LEU P 121 34.87 10.97 -58.34
CA LEU P 121 34.33 12.31 -58.29
C LEU P 121 34.85 13.12 -57.11
N GLY P 122 35.70 12.53 -56.27
CA GLY P 122 36.15 13.19 -55.07
C GLY P 122 35.31 12.79 -53.87
N LEU P 123 35.64 13.40 -52.73
CA LEU P 123 34.93 13.13 -51.48
C LEU P 123 33.70 14.04 -51.41
N LYS P 124 32.66 13.63 -52.12
CA LYS P 124 31.43 14.38 -52.24
C LYS P 124 30.34 13.78 -51.36
N LEU P 125 29.29 14.56 -51.15
CA LEU P 125 28.12 14.16 -50.39
C LEU P 125 26.87 14.56 -51.15
N ALA P 126 25.74 13.99 -50.75
CA ALA P 126 24.45 14.37 -51.33
C ALA P 126 23.41 14.25 -50.23
N CYS P 127 22.76 15.37 -49.90
CA CYS P 127 21.77 15.40 -48.83
C CYS P 127 20.42 15.78 -49.40
N LEU P 128 19.36 15.25 -48.79
CA LEU P 128 18.01 15.55 -49.21
C LEU P 128 17.08 15.46 -48.00
N GLY P 129 16.27 16.50 -47.81
CA GLY P 129 15.31 16.51 -46.73
C GLY P 129 13.93 16.87 -47.21
N ASN P 130 13.02 17.18 -46.30
CA ASN P 130 11.68 17.58 -46.71
C ASN P 130 11.60 19.04 -47.13
N ASP P 131 12.71 19.78 -47.06
CA ASP P 131 12.75 21.11 -47.66
C ASP P 131 12.84 21.05 -49.18
N GLY P 132 13.08 19.86 -49.75
CA GLY P 132 13.14 19.72 -51.19
C GLY P 132 14.38 20.29 -51.83
N ILE P 133 15.47 20.41 -51.08
CA ILE P 133 16.69 21.03 -51.57
C ILE P 133 17.79 19.97 -51.58
N LEU P 134 18.35 19.74 -52.77
CA LEU P 134 19.47 18.81 -52.93
C LEU P 134 20.77 19.57 -52.74
N ARG P 135 21.59 19.12 -51.80
CA ARG P 135 22.85 19.78 -51.47
C ARG P 135 24.01 18.84 -51.68
N LEU P 136 25.07 19.33 -52.31
CA LEU P 136 26.29 18.58 -52.52
C LEU P 136 27.40 19.22 -51.71
N TYR P 137 28.03 18.44 -50.84
CA TYR P 137 29.12 18.91 -50.01
C TYR P 137 30.41 18.23 -50.44
N ASP P 138 31.42 19.01 -50.77
CA ASP P 138 32.72 18.46 -51.15
C ASP P 138 33.67 18.51 -49.97
N ALA P 139 34.89 18.02 -50.19
CA ALA P 139 35.98 18.08 -49.21
C ALA P 139 37.19 18.66 -49.93
N LEU P 140 37.29 19.99 -49.93
CA LEU P 140 38.29 20.65 -50.77
C LEU P 140 39.66 20.68 -50.10
N GLU P 141 39.72 21.10 -48.84
CA GLU P 141 40.99 21.14 -48.14
C GLU P 141 41.41 19.73 -47.74
N PRO P 142 42.57 19.25 -48.19
CA PRO P 142 42.97 17.87 -47.84
C PRO P 142 43.68 17.76 -46.51
N SER P 143 44.07 18.88 -45.89
CA SER P 143 44.79 18.80 -44.62
C SER P 143 43.89 18.37 -43.49
N ASP P 144 42.68 18.92 -43.41
CA ASP P 144 41.71 18.57 -42.38
C ASP P 144 40.41 18.16 -43.05
N LEU P 145 39.86 17.03 -42.62
CA LEU P 145 38.55 16.59 -43.09
C LEU P 145 37.43 17.11 -42.20
N ARG P 146 37.47 18.42 -41.94
CA ARG P 146 36.44 19.09 -41.17
C ARG P 146 35.89 20.33 -41.85
N SER P 147 36.47 20.74 -42.98
CA SER P 147 35.99 21.89 -43.74
C SER P 147 35.31 21.35 -44.98
N TRP P 148 34.01 21.07 -44.88
CA TRP P 148 33.21 20.59 -45.99
C TRP P 148 32.42 21.75 -46.54
N THR P 149 32.52 21.98 -47.85
CA THR P 149 31.97 23.17 -48.49
C THR P 149 30.78 22.80 -49.36
N LEU P 150 29.69 23.54 -49.20
CA LEU P 150 28.53 23.38 -50.06
C LEU P 150 28.83 23.96 -51.44
N THR P 151 28.59 23.17 -52.48
CA THR P 151 28.90 23.58 -53.83
C THR P 151 27.70 23.62 -54.76
N SER P 152 26.83 22.62 -54.74
CA SER P 152 25.66 22.57 -55.59
C SER P 152 24.41 22.56 -54.74
N GLU P 153 23.45 23.42 -55.07
CA GLU P 153 22.20 23.58 -54.32
C GLU P 153 21.06 23.63 -55.33
N MET P 154 20.47 22.48 -55.62
CA MET P 154 19.40 22.37 -56.60
C MET P 154 18.09 22.06 -55.91
N LYS P 155 17.03 22.76 -56.32
CA LYS P 155 15.71 22.61 -55.71
C LYS P 155 14.93 21.52 -56.44
N VAL P 156 14.57 20.47 -55.71
CA VAL P 156 13.79 19.37 -56.28
C VAL P 156 12.29 19.65 -56.19
N LEU P 157 11.83 20.11 -55.04
CA LEU P 157 10.42 20.39 -54.80
C LEU P 157 10.22 21.89 -54.63
N SER P 158 9.11 22.40 -55.17
CA SER P 158 8.87 23.84 -55.15
C SER P 158 8.55 24.33 -53.75
N ILE P 159 7.66 23.64 -53.04
CA ILE P 159 7.31 23.99 -51.67
C ILE P 159 7.45 22.74 -50.81
N PRO P 160 7.86 22.88 -49.54
CA PRO P 160 7.95 21.70 -48.68
C PRO P 160 6.59 21.17 -48.32
N PRO P 161 6.46 19.86 -48.08
CA PRO P 161 5.17 19.31 -47.68
C PRO P 161 4.81 19.72 -46.26
N ALA P 162 3.51 19.67 -45.97
CA ALA P 162 3.05 19.94 -44.62
C ALA P 162 3.45 18.79 -43.69
N ASN P 163 3.37 19.06 -42.39
CA ASN P 163 3.80 18.08 -41.41
C ASN P 163 2.88 16.87 -41.32
N HIS P 164 1.59 17.05 -41.58
CA HIS P 164 0.64 15.95 -41.46
C HIS P 164 0.68 14.99 -42.64
N LEU P 165 1.12 15.45 -43.81
CA LEU P 165 1.26 14.59 -44.98
C LEU P 165 2.61 13.90 -44.94
N GLN P 166 2.62 12.60 -45.22
CA GLN P 166 3.91 11.92 -45.22
C GLN P 166 4.69 12.22 -46.50
N SER P 167 5.98 11.93 -46.45
CA SER P 167 6.88 12.15 -47.56
C SER P 167 7.99 11.12 -47.50
N ASP P 168 8.64 10.89 -48.63
CA ASP P 168 9.82 10.04 -48.65
C ASP P 168 10.75 10.50 -49.76
N PHE P 169 12.05 10.42 -49.47
CA PHE P 169 13.09 10.86 -50.38
C PHE P 169 14.17 9.79 -50.45
N CYS P 170 14.82 9.69 -51.61
CA CYS P 170 15.92 8.75 -51.78
C CYS P 170 16.84 9.25 -52.86
N LEU P 171 18.10 8.81 -52.79
CA LEU P 171 19.15 9.23 -53.71
C LEU P 171 19.91 8.01 -54.21
N SER P 172 20.50 8.15 -55.39
CA SER P 172 21.34 7.11 -55.96
C SER P 172 22.30 7.75 -56.95
N TRP P 173 23.59 7.54 -56.76
CA TRP P 173 24.60 8.12 -57.63
C TRP P 173 24.79 7.23 -58.86
N CYS P 174 25.74 7.59 -59.71
CA CYS P 174 26.05 6.80 -60.88
C CYS P 174 27.37 6.08 -60.67
N PRO P 175 27.38 4.76 -60.49
CA PRO P 175 28.63 4.02 -60.24
C PRO P 175 29.39 3.71 -61.53
N SER P 176 29.74 4.76 -62.27
CA SER P 176 30.41 4.63 -63.55
C SER P 176 31.50 5.68 -63.63
N ARG P 177 32.75 5.24 -63.70
CA ARG P 177 33.85 6.17 -63.90
C ARG P 177 34.02 6.57 -65.36
N PHE P 178 33.33 5.91 -66.28
CA PHE P 178 33.46 6.18 -67.71
C PHE P 178 32.27 6.93 -68.26
N SER P 179 31.40 7.44 -67.40
CA SER P 179 30.25 8.25 -67.74
C SER P 179 30.31 9.55 -66.97
N PRO P 180 29.72 10.63 -67.48
CA PRO P 180 29.69 11.89 -66.73
C PRO P 180 28.87 11.75 -65.44
N GLU P 181 29.04 12.75 -64.57
CA GLU P 181 28.47 12.69 -63.23
C GLU P 181 26.95 12.76 -63.29
N LYS P 182 26.29 11.74 -62.76
CA LYS P 182 24.84 11.66 -62.75
C LYS P 182 24.35 11.41 -61.34
N LEU P 183 23.09 11.77 -61.10
CA LEU P 183 22.49 11.63 -59.78
C LEU P 183 21.00 11.37 -59.93
N ALA P 184 20.54 10.24 -59.41
CA ALA P 184 19.12 9.90 -59.41
C ALA P 184 18.52 10.41 -58.11
N VAL P 185 17.61 11.38 -58.21
CA VAL P 185 16.99 12.01 -57.07
C VAL P 185 15.51 11.69 -57.10
N SER P 186 15.01 11.10 -56.01
CA SER P 186 13.61 10.72 -55.91
C SER P 186 12.90 11.72 -54.99
N ALA P 187 11.97 12.48 -55.57
CA ALA P 187 11.07 13.34 -54.84
C ALA P 187 9.91 12.52 -54.30
N LEU P 188 8.80 13.17 -53.95
CA LEU P 188 7.60 12.49 -53.48
C LEU P 188 7.12 11.47 -54.48
N GLU P 189 6.68 11.92 -55.67
CA GLU P 189 6.24 11.04 -56.72
C GLU P 189 7.10 11.16 -57.97
N GLN P 190 8.20 11.90 -57.90
CA GLN P 190 9.03 12.20 -59.04
C GLN P 190 10.39 11.51 -58.93
N ALA P 191 10.95 11.14 -60.08
CA ALA P 191 12.30 10.61 -60.16
C ALA P 191 13.05 11.42 -61.21
N ILE P 192 14.08 12.15 -60.80
CA ILE P 192 14.81 13.06 -61.67
C ILE P 192 16.26 12.59 -61.74
N ILE P 193 16.82 12.57 -62.95
CA ILE P 193 18.24 12.34 -63.15
C ILE P 193 18.90 13.68 -63.41
N TYR P 194 19.89 14.00 -62.58
CA TYR P 194 20.62 15.26 -62.66
C TYR P 194 22.01 14.98 -63.23
N GLN P 195 22.43 15.76 -64.21
CA GLN P 195 23.73 15.57 -64.84
C GLN P 195 24.58 16.82 -64.69
N ARG P 196 25.88 16.62 -64.50
CA ARG P 196 26.82 17.73 -64.38
C ARG P 196 27.14 18.27 -65.77
N GLY P 197 26.89 19.56 -65.97
CA GLY P 197 27.07 20.20 -67.25
C GLY P 197 28.47 20.73 -67.46
N LYS P 198 28.63 21.46 -68.57
CA LYS P 198 29.92 22.05 -68.88
C LYS P 198 30.23 23.27 -68.03
N ASP P 199 29.22 23.86 -67.40
CA ASP P 199 29.41 25.03 -66.56
C ASP P 199 29.70 24.67 -65.12
N GLY P 200 29.81 23.40 -64.78
CA GLY P 200 30.06 22.97 -63.42
C GLY P 200 28.84 22.91 -62.53
N LYS P 201 27.64 23.14 -63.07
CA LYS P 201 26.41 23.12 -62.30
C LYS P 201 25.52 21.97 -62.77
N LEU P 202 24.73 21.44 -61.84
CA LEU P 202 23.81 20.37 -62.18
C LEU P 202 22.63 20.91 -62.97
N HIS P 203 22.10 20.06 -63.85
CA HIS P 203 20.96 20.42 -64.68
C HIS P 203 20.02 19.22 -64.77
N VAL P 204 18.76 19.50 -65.10
CA VAL P 204 17.78 18.44 -65.27
C VAL P 204 18.07 17.73 -66.59
N ALA P 205 18.29 16.43 -66.52
CA ALA P 205 18.68 15.64 -67.69
C ALA P 205 17.56 14.76 -68.21
N ALA P 206 16.98 13.92 -67.35
CA ALA P 206 15.91 13.02 -67.76
C ALA P 206 14.98 12.81 -66.58
N LYS P 207 13.77 12.36 -66.89
CA LYS P 207 12.75 12.07 -65.88
C LYS P 207 12.20 10.68 -66.14
N LEU P 208 12.09 9.88 -65.08
CA LEU P 208 11.52 8.55 -65.20
C LEU P 208 10.00 8.64 -65.15
N PRO P 209 9.28 8.20 -66.17
CA PRO P 209 7.83 8.31 -66.18
C PRO P 209 7.17 7.26 -65.29
N GLY P 210 5.87 7.46 -65.06
CA GLY P 210 5.11 6.59 -64.19
C GLY P 210 4.96 7.17 -62.81
N HIS P 211 5.02 6.32 -61.77
CA HIS P 211 5.09 6.70 -60.36
C HIS P 211 3.89 7.55 -59.95
N LYS P 212 2.73 6.90 -59.94
CA LYS P 212 1.51 7.55 -59.51
C LYS P 212 1.47 7.79 -58.01
N SER P 213 2.35 7.15 -57.24
CA SER P 213 2.35 7.27 -55.79
C SER P 213 3.74 7.56 -55.26
N LEU P 214 3.93 7.47 -53.96
CA LEU P 214 5.21 7.82 -53.34
C LEU P 214 6.30 6.81 -53.71
N ILE P 215 7.48 7.33 -54.02
CA ILE P 215 8.65 6.51 -54.34
C ILE P 215 9.37 6.21 -53.03
N ARG P 216 9.51 4.92 -52.72
CA ARG P 216 10.11 4.50 -51.46
C ARG P 216 11.58 4.17 -51.56
N SER P 217 12.06 3.78 -52.73
CA SER P 217 13.47 3.41 -52.89
C SER P 217 13.88 3.60 -54.34
N ILE P 218 15.10 4.09 -54.54
CA ILE P 218 15.70 4.20 -55.85
C ILE P 218 17.09 3.59 -55.77
N SER P 219 17.54 3.00 -56.86
CA SER P 219 18.82 2.28 -56.87
C SER P 219 19.35 2.20 -58.28
N TRP P 220 20.55 2.70 -58.49
CA TRP P 220 21.23 2.64 -59.79
C TRP P 220 22.10 1.40 -59.83
N ALA P 221 21.91 0.57 -60.85
CA ALA P 221 22.65 -0.67 -60.94
C ALA P 221 24.10 -0.40 -61.32
N PRO P 222 25.04 -1.23 -60.86
CA PRO P 222 26.44 -1.06 -61.26
C PRO P 222 26.64 -1.36 -62.73
N SER P 223 27.40 -0.50 -63.39
CA SER P 223 27.70 -0.67 -64.80
C SER P 223 28.84 -1.69 -64.90
N ILE P 224 28.48 -2.95 -65.16
CA ILE P 224 29.48 -4.00 -65.23
C ILE P 224 30.27 -3.92 -66.53
N GLY P 225 29.79 -3.16 -67.51
CA GLY P 225 30.45 -3.05 -68.79
C GLY P 225 29.47 -3.02 -69.95
N ARG P 226 28.18 -3.13 -69.64
CA ARG P 226 27.14 -3.07 -70.65
C ARG P 226 26.96 -1.63 -71.15
N TRP P 227 26.27 -1.51 -72.28
CA TRP P 227 26.04 -0.20 -72.88
C TRP P 227 24.78 0.49 -72.39
N TYR P 228 23.99 -0.16 -71.54
CA TYR P 228 22.76 0.41 -71.03
C TYR P 228 22.78 0.35 -69.50
N GLN P 229 22.34 1.44 -68.88
CA GLN P 229 22.28 1.51 -67.42
C GLN P 229 20.89 1.11 -66.92
N LEU P 230 20.81 0.76 -65.65
CA LEU P 230 19.57 0.28 -65.05
C LEU P 230 19.28 1.02 -63.76
N ILE P 231 18.05 1.52 -63.62
CA ILE P 231 17.56 2.13 -62.39
C ILE P 231 16.36 1.34 -61.92
N ALA P 232 16.39 0.89 -60.67
CA ALA P 232 15.29 0.16 -60.06
C ALA P 232 14.58 1.05 -59.05
N THR P 233 13.26 1.04 -59.09
CA THR P 233 12.44 1.92 -58.25
C THR P 233 11.33 1.13 -57.58
N GLY P 234 11.20 1.31 -56.27
CA GLY P 234 10.09 0.71 -55.54
C GLY P 234 9.13 1.77 -55.06
N CYS P 235 7.90 1.75 -55.58
CA CYS P 235 6.93 2.79 -55.32
C CYS P 235 6.03 2.43 -54.14
N LYS P 236 5.15 3.37 -53.76
CA LYS P 236 4.09 3.06 -52.82
C LYS P 236 3.07 2.10 -53.40
N ASP P 237 2.99 2.03 -54.73
CA ASP P 237 2.23 0.98 -55.40
C ASP P 237 3.03 -0.32 -55.36
N GLY P 238 2.50 -1.35 -55.99
CA GLY P 238 3.20 -2.61 -55.99
C GLY P 238 4.26 -2.77 -57.05
N ARG P 239 4.65 -1.69 -57.72
CA ARG P 239 5.44 -1.77 -58.93
C ARG P 239 6.93 -1.70 -58.62
N ILE P 240 7.67 -2.70 -59.08
CA ILE P 240 9.13 -2.67 -59.08
C ILE P 240 9.52 -2.30 -60.50
N ARG P 241 9.63 -1.00 -60.76
CA ARG P 241 9.94 -0.54 -62.11
C ARG P 241 11.43 -0.55 -62.34
N ILE P 242 11.85 -1.14 -63.45
CA ILE P 242 13.24 -1.17 -63.88
C ILE P 242 13.35 -0.34 -65.15
N PHE P 243 14.17 0.71 -65.11
CA PHE P 243 14.33 1.62 -66.23
C PHE P 243 15.65 1.35 -66.92
N LYS P 244 15.61 1.21 -68.24
CA LYS P 244 16.81 1.00 -69.05
C LYS P 244 17.21 2.33 -69.67
N ILE P 245 18.42 2.78 -69.39
CA ILE P 245 18.91 4.08 -69.83
C ILE P 245 20.02 3.87 -70.85
N THR P 246 19.87 4.52 -72.00
CA THR P 246 20.90 4.52 -73.03
C THR P 246 21.46 5.93 -73.14
N GLU P 247 22.78 6.05 -73.06
CA GLU P 247 23.46 7.34 -73.06
C GLU P 247 24.27 7.48 -74.34
N LYS P 248 24.11 8.62 -75.02
CA LYS P 248 24.82 8.87 -76.26
C LYS P 248 25.26 10.33 -76.37
N ALA P 286 20.82 21.12 -73.70
CA ALA P 286 21.65 22.32 -73.69
C ALA P 286 22.63 22.29 -72.53
N GLU P 287 23.90 22.53 -72.85
CA GLU P 287 25.01 22.56 -71.89
C GLU P 287 25.16 21.23 -71.14
N LEU P 288 24.83 20.12 -71.81
CA LEU P 288 25.01 18.79 -71.28
C LEU P 288 25.92 18.00 -72.22
N GLN P 289 26.82 17.22 -71.65
CA GLN P 289 27.81 16.51 -72.47
C GLN P 289 27.19 15.36 -73.24
N SER P 290 26.09 14.80 -72.75
CA SER P 290 25.46 13.67 -73.42
C SER P 290 23.97 13.66 -73.10
N ASN P 291 23.13 13.60 -74.13
CA ASN P 291 21.71 13.40 -73.94
C ASN P 291 21.42 11.92 -73.77
N LEU P 292 20.42 11.62 -72.94
CA LEU P 292 20.14 10.25 -72.53
C LEU P 292 18.65 9.96 -72.62
N GLN P 293 18.32 8.74 -73.04
CA GLN P 293 16.95 8.31 -73.24
C GLN P 293 16.62 7.18 -72.27
N VAL P 294 15.40 7.22 -71.74
CA VAL P 294 14.96 6.29 -70.70
C VAL P 294 13.76 5.51 -71.23
N GLU P 295 13.86 4.19 -71.18
CA GLU P 295 12.79 3.31 -71.62
C GLU P 295 12.49 2.30 -70.51
N LEU P 296 11.22 2.13 -70.18
CA LEU P 296 10.82 1.22 -69.12
C LEU P 296 11.01 -0.22 -69.58
N LEU P 297 11.85 -0.96 -68.87
CA LEU P 297 12.18 -2.32 -69.26
C LEU P 297 11.18 -3.34 -68.73
N SER P 298 10.68 -3.14 -67.51
CA SER P 298 9.76 -4.10 -66.90
C SER P 298 8.95 -3.38 -65.82
N GLU P 299 7.91 -4.06 -65.36
CA GLU P 299 7.02 -3.52 -64.34
C GLU P 299 6.31 -4.70 -63.68
N HIS P 300 6.62 -4.96 -62.41
CA HIS P 300 6.17 -6.16 -61.73
C HIS P 300 5.26 -5.81 -60.57
N ASP P 301 4.13 -6.50 -60.47
CA ASP P 301 3.16 -6.31 -59.39
C ASP P 301 3.10 -7.51 -58.45
N ASP P 302 4.23 -8.19 -58.25
CA ASP P 302 4.20 -9.43 -57.49
C ASP P 302 4.07 -9.23 -56.00
N HIS P 303 4.39 -8.03 -55.49
CA HIS P 303 4.40 -7.83 -54.04
C HIS P 303 3.01 -7.63 -53.46
N ASN P 304 2.10 -7.02 -54.23
CA ASN P 304 0.73 -6.70 -53.81
C ASN P 304 0.74 -5.85 -52.54
N GLY P 305 1.37 -4.70 -52.63
CA GLY P 305 1.49 -3.79 -51.51
C GLY P 305 2.34 -2.58 -51.83
N GLU P 306 3.26 -2.23 -50.94
CA GLU P 306 4.20 -1.14 -51.18
C GLU P 306 5.61 -1.71 -51.14
N VAL P 307 6.38 -1.43 -52.19
CA VAL P 307 7.76 -1.90 -52.28
C VAL P 307 8.61 -0.94 -51.44
N TRP P 308 8.97 -1.36 -50.23
CA TRP P 308 9.68 -0.47 -49.32
C TRP P 308 11.12 -0.23 -49.77
N SER P 309 11.83 -1.30 -50.13
CA SER P 309 13.23 -1.20 -50.50
C SER P 309 13.50 -1.98 -51.77
N VAL P 310 14.39 -1.46 -52.60
CA VAL P 310 14.88 -2.15 -53.79
C VAL P 310 16.38 -1.94 -53.85
N SER P 311 17.11 -2.96 -54.27
CA SER P 311 18.57 -2.90 -54.28
C SER P 311 19.10 -3.73 -55.44
N TRP P 312 20.41 -3.70 -55.60
CA TRP P 312 21.09 -4.40 -56.68
C TRP P 312 22.26 -5.20 -56.11
N ASN P 313 22.83 -6.05 -56.95
CA ASN P 313 24.01 -6.81 -56.57
C ASN P 313 25.27 -6.04 -56.99
N LEU P 314 26.43 -6.69 -56.89
CA LEU P 314 27.66 -6.08 -57.37
C LEU P 314 27.71 -6.03 -58.89
N THR P 315 27.16 -7.05 -59.55
CA THR P 315 27.22 -7.14 -61.00
C THR P 315 25.90 -6.78 -61.68
N GLY P 316 24.89 -6.39 -60.91
CA GLY P 316 23.62 -6.03 -61.51
C GLY P 316 22.82 -7.18 -62.05
N THR P 317 23.06 -8.40 -61.56
CA THR P 317 22.32 -9.57 -62.02
C THR P 317 21.17 -9.95 -61.08
N ILE P 318 21.34 -9.78 -59.78
CA ILE P 318 20.32 -10.12 -58.79
C ILE P 318 19.77 -8.82 -58.20
N LEU P 319 18.47 -8.63 -58.33
CA LEU P 319 17.76 -7.57 -57.63
C LEU P 319 17.10 -8.15 -56.38
N SER P 320 16.94 -7.30 -55.36
CA SER P 320 16.23 -7.69 -54.15
C SER P 320 15.18 -6.63 -53.84
N SER P 321 13.95 -7.06 -53.59
CA SER P 321 12.85 -6.16 -53.34
C SER P 321 12.04 -6.65 -52.16
N ALA P 322 11.79 -5.75 -51.20
CA ALA P 322 10.97 -6.04 -50.03
C ALA P 322 9.65 -5.31 -50.15
N GLY P 323 8.59 -5.93 -49.62
CA GLY P 323 7.25 -5.39 -49.75
C GLY P 323 6.38 -5.77 -48.58
N ASP P 324 5.12 -5.33 -48.62
CA ASP P 324 4.19 -5.54 -47.53
C ASP P 324 3.67 -6.98 -47.43
N ASP P 325 3.97 -7.82 -48.41
CA ASP P 325 3.56 -9.22 -48.32
C ASP P 325 4.39 -10.01 -47.32
N GLY P 326 5.43 -9.41 -46.73
CA GLY P 326 6.29 -10.12 -45.82
C GLY P 326 7.36 -10.96 -46.48
N LYS P 327 7.50 -10.85 -47.79
CA LYS P 327 8.39 -11.70 -48.56
C LYS P 327 9.37 -10.83 -49.36
N VAL P 328 10.64 -11.22 -49.36
CA VAL P 328 11.67 -10.54 -50.13
C VAL P 328 11.93 -11.35 -51.38
N ARG P 329 11.69 -10.75 -52.54
CA ARG P 329 11.79 -11.44 -53.82
C ARG P 329 13.14 -11.13 -54.46
N LEU P 330 13.71 -12.12 -55.13
CA LEU P 330 14.97 -11.99 -55.83
C LEU P 330 14.72 -12.09 -57.32
N TRP P 331 15.15 -11.09 -58.07
CA TRP P 331 14.87 -10.98 -59.50
C TRP P 331 16.16 -11.09 -60.30
N LYS P 332 16.14 -11.92 -61.35
CA LYS P 332 17.26 -12.04 -62.27
C LYS P 332 16.75 -11.92 -63.69
N ALA P 333 17.55 -11.28 -64.54
CA ALA P 333 17.17 -11.11 -65.93
C ALA P 333 17.28 -12.43 -66.68
N THR P 334 16.37 -12.64 -67.63
CA THR P 334 16.37 -13.85 -68.44
C THR P 334 17.26 -13.65 -69.65
N TYR P 335 17.20 -14.59 -70.60
CA TYR P 335 17.91 -14.44 -71.86
C TYR P 335 17.35 -13.29 -72.68
N SER P 336 16.04 -13.08 -72.65
CA SER P 336 15.37 -12.07 -73.45
C SER P 336 15.27 -10.73 -72.73
N ASN P 337 16.17 -10.45 -71.78
CA ASN P 337 16.26 -9.18 -71.05
C ASN P 337 14.97 -8.85 -70.30
N GLU P 338 14.28 -9.86 -69.79
CA GLU P 338 13.09 -9.68 -68.97
C GLU P 338 13.34 -10.27 -67.59
N PHE P 339 13.10 -9.47 -66.55
CA PHE P 339 13.40 -9.89 -65.20
C PHE P 339 12.29 -10.79 -64.67
N LYS P 340 12.66 -11.97 -64.20
CA LYS P 340 11.72 -12.95 -63.67
C LYS P 340 12.16 -13.36 -62.28
N CYS P 341 11.19 -13.46 -61.36
CA CYS P 341 11.49 -13.82 -59.98
C CYS P 341 11.98 -15.25 -59.89
N MET P 342 12.96 -15.48 -59.03
CA MET P 342 13.55 -16.80 -58.85
C MET P 342 13.40 -17.36 -57.45
N SER P 343 13.45 -16.52 -56.43
CA SER P 343 13.30 -16.97 -55.05
C SER P 343 12.40 -16.00 -54.29
N VAL P 344 11.64 -16.55 -53.35
CA VAL P 344 10.78 -15.77 -52.47
C VAL P 344 11.10 -16.19 -51.04
N ILE P 345 11.48 -15.23 -50.21
CA ILE P 345 11.97 -15.47 -48.86
C ILE P 345 10.95 -14.91 -47.89
N THR P 346 10.14 -15.78 -47.30
CA THR P 346 9.16 -15.34 -46.33
C THR P 346 9.84 -15.07 -44.98
N ALA P 347 9.20 -14.22 -44.18
CA ALA P 347 9.76 -13.83 -42.90
C ALA P 347 8.70 -13.88 -41.80
N ASN Q 5 -119.40 -37.88 -62.20
CA ASN Q 5 -119.96 -37.83 -63.55
C ASN Q 5 -119.31 -36.72 -64.37
N ARG Q 6 -118.05 -36.93 -64.76
CA ARG Q 6 -117.32 -35.97 -65.57
C ARG Q 6 -117.21 -36.48 -67.00
N LYS Q 7 -117.64 -35.66 -67.96
CA LYS Q 7 -117.64 -35.99 -69.38
C LYS Q 7 -116.66 -35.07 -70.10
N LYS Q 8 -115.73 -35.67 -70.83
CA LYS Q 8 -114.68 -34.93 -71.53
C LYS Q 8 -115.07 -34.81 -72.99
N LEU Q 9 -115.35 -33.58 -73.42
CA LEU Q 9 -115.73 -33.27 -74.79
C LEU Q 9 -114.60 -32.52 -75.47
N LEU Q 10 -114.34 -32.89 -76.72
CA LEU Q 10 -113.28 -32.28 -77.52
C LEU Q 10 -113.91 -31.53 -78.69
N LEU Q 11 -113.52 -30.26 -78.84
CA LEU Q 11 -114.07 -29.34 -79.84
C LEU Q 11 -112.93 -28.90 -80.76
N MET Q 12 -112.76 -29.60 -81.87
CA MET Q 12 -111.65 -29.35 -82.78
C MET Q 12 -112.16 -28.80 -84.11
N GLY Q 13 -111.22 -28.30 -84.90
CA GLY Q 13 -111.54 -27.70 -86.18
C GLY Q 13 -110.31 -27.00 -86.74
N ARG Q 14 -110.54 -26.21 -87.79
CA ARG Q 14 -109.48 -25.39 -88.35
C ARG Q 14 -109.64 -23.97 -87.78
N SER Q 15 -108.69 -23.09 -88.12
CA SER Q 15 -108.73 -21.70 -87.67
C SER Q 15 -109.98 -20.99 -88.18
N GLY Q 16 -110.65 -20.27 -87.29
CA GLY Q 16 -111.82 -19.52 -87.68
C GLY Q 16 -113.06 -20.35 -87.97
N SER Q 17 -113.10 -21.60 -87.49
CA SER Q 17 -114.23 -22.48 -87.77
C SER Q 17 -115.46 -22.14 -86.95
N GLY Q 18 -115.34 -21.31 -85.93
CA GLY Q 18 -116.47 -20.93 -85.11
C GLY Q 18 -116.73 -21.82 -83.92
N LYS Q 19 -115.72 -22.51 -83.40
CA LYS Q 19 -115.88 -23.35 -82.22
C LYS Q 19 -116.20 -22.50 -81.00
N SER Q 20 -115.43 -21.44 -80.79
CA SER Q 20 -115.66 -20.55 -79.65
C SER Q 20 -116.98 -19.81 -79.79
N SER Q 21 -117.44 -19.58 -81.02
CA SER Q 21 -118.76 -18.96 -81.21
C SER Q 21 -119.86 -19.90 -80.72
N MET Q 22 -119.75 -21.20 -81.04
CA MET Q 22 -120.68 -22.20 -80.54
C MET Q 22 -120.64 -22.27 -79.02
N ARG Q 23 -119.43 -22.31 -78.44
CA ARG Q 23 -119.28 -22.39 -77.00
C ARG Q 23 -119.84 -21.16 -76.31
N SER Q 24 -119.67 -19.98 -76.92
CA SER Q 24 -120.15 -18.75 -76.31
C SER Q 24 -121.67 -18.65 -76.38
N ILE Q 25 -122.25 -18.96 -77.54
CA ILE Q 25 -123.70 -18.81 -77.71
C ILE Q 25 -124.44 -19.88 -76.91
N ILE Q 26 -123.98 -21.13 -76.99
CA ILE Q 26 -124.69 -22.23 -76.35
C ILE Q 26 -124.57 -22.15 -74.82
N PHE Q 27 -123.36 -21.90 -74.33
CA PHE Q 27 -123.09 -22.02 -72.91
C PHE Q 27 -122.82 -20.71 -72.20
N SER Q 28 -122.06 -19.79 -72.81
CA SER Q 28 -121.64 -18.58 -72.12
C SER Q 28 -122.64 -17.43 -72.27
N ASN Q 29 -123.75 -17.67 -72.96
CA ASN Q 29 -124.86 -16.71 -73.13
C ASN Q 29 -124.38 -15.41 -73.79
N TYR Q 30 -123.86 -15.57 -75.01
CA TYR Q 30 -123.55 -14.44 -75.88
C TYR Q 30 -124.46 -14.48 -77.11
N SER Q 31 -124.79 -13.29 -77.61
CA SER Q 31 -125.62 -13.19 -78.80
C SER Q 31 -124.81 -13.55 -80.04
N ALA Q 32 -125.53 -13.67 -81.17
CA ALA Q 32 -124.88 -13.97 -82.44
C ALA Q 32 -124.03 -12.81 -82.93
N PHE Q 33 -124.46 -11.57 -82.64
CA PHE Q 33 -123.68 -10.40 -83.04
C PHE Q 33 -122.44 -10.21 -82.18
N ASP Q 34 -122.39 -10.83 -81.00
CA ASP Q 34 -121.29 -10.64 -80.06
C ASP Q 34 -120.17 -11.66 -80.25
N THR Q 35 -120.26 -12.52 -81.26
CA THR Q 35 -119.18 -13.46 -81.53
C THR Q 35 -118.09 -12.87 -82.42
N ARG Q 36 -118.33 -11.69 -83.01
CA ARG Q 36 -117.30 -11.07 -83.85
C ARG Q 36 -116.14 -10.55 -83.03
N ARG Q 37 -116.40 -10.13 -81.78
CA ARG Q 37 -115.36 -9.59 -80.92
C ARG Q 37 -114.49 -10.66 -80.28
N LEU Q 38 -114.83 -11.94 -80.48
CA LEU Q 38 -114.05 -13.03 -79.90
C LEU Q 38 -112.66 -13.09 -80.53
N GLY Q 39 -111.65 -13.31 -79.69
CA GLY Q 39 -110.29 -13.47 -80.14
C GLY Q 39 -109.98 -14.89 -80.56
N ALA Q 40 -108.71 -15.10 -80.90
CA ALA Q 40 -108.24 -16.41 -81.33
C ALA Q 40 -107.88 -17.27 -80.12
N THR Q 41 -108.45 -18.46 -80.05
CA THR Q 41 -108.19 -19.38 -78.95
C THR Q 41 -106.79 -19.93 -79.04
N ILE Q 42 -105.97 -19.64 -78.04
CA ILE Q 42 -104.57 -20.08 -78.01
C ILE Q 42 -104.50 -21.38 -77.23
N ASP Q 43 -103.95 -22.42 -77.87
CA ASP Q 43 -103.80 -23.79 -77.34
C ASP Q 43 -105.19 -24.32 -77.01
N VAL Q 44 -105.43 -24.87 -75.82
CA VAL Q 44 -106.71 -25.47 -75.45
C VAL Q 44 -107.31 -24.64 -74.33
N GLU Q 45 -108.56 -24.23 -74.50
CA GLU Q 45 -109.28 -23.45 -73.50
C GLU Q 45 -110.30 -24.37 -72.85
N HIS Q 46 -110.04 -24.76 -71.61
CA HIS Q 46 -110.93 -25.64 -70.87
C HIS Q 46 -112.12 -24.86 -70.33
N SER Q 47 -113.28 -25.52 -70.31
CA SER Q 47 -114.51 -24.91 -69.82
C SER Q 47 -115.31 -25.95 -69.05
N HIS Q 48 -115.30 -25.85 -67.72
CA HIS Q 48 -116.05 -26.77 -66.88
C HIS Q 48 -117.47 -26.24 -66.74
N LEU Q 49 -118.42 -26.92 -67.36
CA LEU Q 49 -119.81 -26.48 -67.38
C LEU Q 49 -120.68 -27.53 -66.71
N ARG Q 50 -121.55 -27.09 -65.81
CA ARG Q 50 -122.42 -27.99 -65.06
C ARG Q 50 -123.75 -28.13 -65.79
N PHE Q 51 -124.05 -29.34 -66.25
CA PHE Q 51 -125.31 -29.63 -66.92
C PHE Q 51 -126.24 -30.34 -65.94
N LEU Q 52 -127.51 -29.95 -65.96
CA LEU Q 52 -128.55 -30.40 -65.00
C LEU Q 52 -128.05 -30.09 -63.60
N GLY Q 53 -127.98 -31.07 -62.69
CA GLY Q 53 -127.45 -30.83 -61.36
C GLY Q 53 -126.38 -31.81 -60.95
N ASN Q 54 -126.11 -32.79 -61.81
CA ASN Q 54 -125.14 -33.83 -61.47
C ASN Q 54 -124.04 -33.95 -62.53
N MET Q 55 -124.41 -33.72 -63.79
CA MET Q 55 -123.44 -33.79 -64.87
C MET Q 55 -122.56 -32.55 -64.89
N THR Q 56 -121.28 -32.75 -65.19
CA THR Q 56 -120.37 -31.66 -65.49
C THR Q 56 -119.71 -31.93 -66.84
N LEU Q 57 -119.57 -30.88 -67.66
CA LEU Q 57 -119.09 -31.01 -69.02
C LEU Q 57 -117.72 -30.36 -69.12
N ASN Q 58 -116.71 -31.17 -69.41
CA ASN Q 58 -115.34 -30.67 -69.61
C ASN Q 58 -115.11 -30.46 -71.11
N LEU Q 59 -115.54 -29.31 -71.59
CA LEU Q 59 -115.40 -28.98 -73.01
C LEU Q 59 -114.02 -28.40 -73.26
N TRP Q 60 -113.32 -28.95 -74.24
CA TRP Q 60 -111.94 -28.57 -74.55
C TRP Q 60 -111.98 -27.83 -75.88
N ASP Q 61 -111.94 -26.50 -75.81
CA ASP Q 61 -111.94 -25.66 -76.99
C ASP Q 61 -110.51 -25.57 -77.52
N CYS Q 62 -110.18 -26.48 -78.42
CA CYS Q 62 -108.84 -26.55 -78.97
C CYS Q 62 -108.59 -25.39 -79.92
N GLY Q 63 -107.32 -25.17 -80.23
CA GLY Q 63 -106.89 -24.02 -81.01
C GLY Q 63 -107.38 -24.04 -82.45
N GLY Q 64 -106.87 -24.99 -83.23
CA GLY Q 64 -107.29 -25.12 -84.61
C GLY Q 64 -106.37 -24.46 -85.59
N GLN Q 65 -105.29 -23.84 -85.11
CA GLN Q 65 -104.29 -23.22 -85.97
C GLN Q 65 -103.16 -24.20 -86.17
N ASP Q 66 -102.38 -23.97 -87.24
CA ASP Q 66 -101.47 -24.98 -87.78
C ASP Q 66 -100.44 -25.46 -86.76
N VAL Q 67 -99.89 -24.53 -85.99
CA VAL Q 67 -98.92 -24.90 -84.95
C VAL Q 67 -99.59 -25.71 -83.86
N PHE Q 68 -100.77 -25.28 -83.40
CA PHE Q 68 -101.52 -26.02 -82.39
C PHE Q 68 -101.93 -27.39 -82.90
N MET Q 69 -102.39 -27.46 -84.15
CA MET Q 69 -102.84 -28.73 -84.72
C MET Q 69 -101.68 -29.70 -84.89
N GLU Q 70 -100.52 -29.21 -85.30
CA GLU Q 70 -99.35 -30.08 -85.39
C GLU Q 70 -98.84 -30.48 -84.00
N ASN Q 71 -99.03 -29.62 -83.00
CA ASN Q 71 -98.61 -29.95 -81.64
C ASN Q 71 -99.52 -30.98 -80.99
N TYR Q 72 -100.80 -31.02 -81.38
CA TYR Q 72 -101.76 -31.94 -80.76
C TYR Q 72 -101.42 -33.40 -81.04
N PHE Q 73 -101.01 -33.71 -82.27
CA PHE Q 73 -100.82 -35.10 -82.70
C PHE Q 73 -99.38 -35.59 -82.56
N THR Q 74 -98.48 -34.78 -82.00
CA THR Q 74 -97.08 -35.18 -81.85
C THR Q 74 -96.68 -35.31 -80.39
N LYS Q 75 -96.87 -34.27 -79.59
CA LYS Q 75 -96.44 -34.25 -78.20
C LYS Q 75 -97.58 -34.43 -77.20
N GLN Q 76 -98.72 -33.78 -77.43
CA GLN Q 76 -99.85 -33.87 -76.52
C GLN Q 76 -100.83 -34.97 -76.90
N LYS Q 77 -100.39 -35.94 -77.72
CA LYS Q 77 -101.29 -37.01 -78.15
C LYS Q 77 -101.69 -37.91 -76.99
N ASP Q 78 -100.83 -38.03 -75.98
CA ASP Q 78 -101.11 -38.87 -74.83
C ASP Q 78 -101.89 -38.16 -73.74
N HIS Q 79 -102.29 -36.91 -73.97
CA HIS Q 79 -103.05 -36.13 -73.01
C HIS Q 79 -104.39 -35.66 -73.54
N ILE Q 80 -104.43 -35.19 -74.80
CA ILE Q 80 -105.68 -34.64 -75.34
C ILE Q 80 -106.69 -35.75 -75.60
N PHE Q 81 -106.23 -36.90 -76.08
CA PHE Q 81 -107.12 -37.90 -76.67
C PHE Q 81 -107.36 -39.11 -75.77
N GLN Q 82 -107.08 -39.00 -74.47
CA GLN Q 82 -107.36 -40.07 -73.53
C GLN Q 82 -108.55 -39.71 -72.65
N MET Q 83 -109.37 -40.73 -72.35
CA MET Q 83 -110.61 -40.60 -71.57
C MET Q 83 -111.56 -39.57 -72.20
N VAL Q 84 -111.76 -39.69 -73.51
CA VAL Q 84 -112.59 -38.77 -74.28
C VAL Q 84 -113.90 -39.47 -74.61
N GLN Q 85 -115.02 -38.81 -74.34
CA GLN Q 85 -116.34 -39.35 -74.64
C GLN Q 85 -116.92 -38.87 -75.97
N VAL Q 86 -116.81 -37.58 -76.30
CA VAL Q 86 -117.41 -37.02 -77.50
C VAL Q 86 -116.40 -36.10 -78.19
N LEU Q 87 -116.16 -36.35 -79.47
CA LEU Q 87 -115.43 -35.43 -80.34
C LEU Q 87 -116.41 -34.62 -81.17
N ILE Q 88 -116.25 -33.31 -81.18
CA ILE Q 88 -117.07 -32.41 -81.99
C ILE Q 88 -116.13 -31.71 -82.96
N HIS Q 89 -115.95 -32.29 -84.15
CA HIS Q 89 -115.13 -31.66 -85.17
C HIS Q 89 -115.97 -30.66 -85.96
N VAL Q 90 -115.47 -29.45 -86.11
CA VAL Q 90 -116.20 -28.36 -86.78
C VAL Q 90 -115.53 -28.09 -88.12
N PHE Q 91 -116.31 -28.20 -89.19
CA PHE Q 91 -115.82 -27.97 -90.55
C PHE Q 91 -116.40 -26.67 -91.09
N ASP Q 92 -115.55 -25.88 -91.76
CA ASP Q 92 -115.96 -24.63 -92.36
C ASP Q 92 -116.13 -24.82 -93.86
N VAL Q 93 -117.31 -24.45 -94.38
CA VAL Q 93 -117.56 -24.54 -95.82
C VAL Q 93 -116.96 -23.38 -96.60
N GLU Q 94 -116.49 -22.33 -95.92
CA GLU Q 94 -115.78 -21.25 -96.57
C GLU Q 94 -114.31 -21.59 -96.82
N SER Q 95 -113.82 -22.67 -96.21
CA SER Q 95 -112.43 -23.05 -96.33
C SER Q 95 -112.12 -23.54 -97.75
N THR Q 96 -110.94 -23.18 -98.23
CA THR Q 96 -110.45 -23.61 -99.55
C THR Q 96 -109.48 -24.78 -99.44
N GLU Q 97 -109.28 -25.32 -98.23
CA GLU Q 97 -108.34 -26.40 -98.01
C GLU Q 97 -109.07 -27.62 -97.43
N VAL Q 98 -110.16 -28.02 -98.09
CA VAL Q 98 -111.08 -29.04 -97.57
C VAL Q 98 -110.36 -30.37 -97.39
N LEU Q 99 -109.44 -30.69 -98.31
CA LEU Q 99 -108.66 -31.93 -98.20
C LEU Q 99 -107.78 -31.93 -96.96
N LYS Q 100 -107.23 -30.77 -96.61
CA LYS Q 100 -106.44 -30.66 -95.38
C LYS Q 100 -107.32 -30.85 -94.15
N ASP Q 101 -108.56 -30.36 -94.21
CA ASP Q 101 -109.52 -30.59 -93.13
C ASP Q 101 -109.85 -32.06 -92.97
N ILE Q 102 -110.04 -32.77 -94.09
CA ILE Q 102 -110.34 -34.20 -94.03
C ILE Q 102 -109.13 -34.98 -93.51
N GLU Q 103 -107.92 -34.56 -93.89
CA GLU Q 103 -106.72 -35.23 -93.38
C GLU Q 103 -106.52 -34.99 -91.89
N ILE Q 104 -106.81 -33.77 -91.42
CA ILE Q 104 -106.73 -33.46 -90.00
C ILE Q 104 -107.75 -34.27 -89.22
N PHE Q 105 -108.97 -34.39 -89.77
CA PHE Q 105 -110.00 -35.21 -89.14
C PHE Q 105 -109.59 -36.68 -89.12
N ALA Q 106 -108.92 -37.16 -90.17
CA ALA Q 106 -108.43 -38.53 -90.19
C ALA Q 106 -107.37 -38.76 -89.12
N LYS Q 107 -106.48 -37.79 -88.93
CA LYS Q 107 -105.47 -37.89 -87.88
C LYS Q 107 -106.11 -37.90 -86.49
N ALA Q 108 -107.12 -37.05 -86.29
CA ALA Q 108 -107.84 -37.02 -85.01
C ALA Q 108 -108.56 -38.34 -84.75
N LEU Q 109 -109.19 -38.90 -85.79
CA LEU Q 109 -109.86 -40.20 -85.65
C LEU Q 109 -108.86 -41.30 -85.34
N LYS Q 110 -107.68 -41.25 -85.98
CA LYS Q 110 -106.64 -42.25 -85.72
C LYS Q 110 -106.16 -42.17 -84.28
N GLN Q 111 -105.93 -40.96 -83.77
CA GLN Q 111 -105.49 -40.81 -82.38
C GLN Q 111 -106.56 -41.27 -81.40
N LEU Q 112 -107.83 -40.93 -81.68
CA LEU Q 112 -108.92 -41.33 -80.79
C LEU Q 112 -109.13 -42.83 -80.83
N ARG Q 113 -108.97 -43.45 -82.00
CA ARG Q 113 -109.06 -44.91 -82.10
C ARG Q 113 -107.91 -45.57 -81.35
N LYS Q 114 -106.72 -44.96 -81.41
CA LYS Q 114 -105.56 -45.50 -80.71
C LYS Q 114 -105.74 -45.44 -79.20
N TYR Q 115 -106.31 -44.36 -78.68
CA TYR Q 115 -106.32 -44.16 -77.23
C TYR Q 115 -107.65 -44.48 -76.57
N SER Q 116 -108.74 -43.86 -77.00
CA SER Q 116 -110.06 -44.07 -76.38
C SER Q 116 -111.07 -44.37 -77.48
N PRO Q 117 -111.11 -45.61 -77.96
CA PRO Q 117 -111.93 -45.94 -79.15
C PRO Q 117 -113.42 -46.10 -78.87
N ASP Q 118 -113.90 -45.79 -77.67
CA ASP Q 118 -115.32 -45.91 -77.34
C ASP Q 118 -116.04 -44.58 -77.44
N ALA Q 119 -115.44 -43.58 -78.08
CA ALA Q 119 -115.99 -42.24 -78.14
C ALA Q 119 -117.11 -42.17 -79.17
N LYS Q 120 -117.70 -40.99 -79.30
CA LYS Q 120 -118.77 -40.74 -80.25
C LYS Q 120 -118.38 -39.51 -81.06
N ILE Q 121 -118.18 -39.70 -82.37
CA ILE Q 121 -117.73 -38.63 -83.25
C ILE Q 121 -118.92 -37.92 -83.85
N PHE Q 122 -118.92 -36.59 -83.75
CA PHE Q 122 -119.93 -35.73 -84.35
C PHE Q 122 -119.23 -34.66 -85.18
N VAL Q 123 -119.79 -34.38 -86.36
CA VAL Q 123 -119.22 -33.39 -87.27
C VAL Q 123 -120.28 -32.32 -87.54
N LEU Q 124 -119.86 -31.06 -87.48
CA LEU Q 124 -120.74 -29.93 -87.74
C LEU Q 124 -120.18 -29.12 -88.89
N LEU Q 125 -120.98 -28.99 -89.95
CA LEU Q 125 -120.61 -28.17 -91.12
C LEU Q 125 -121.07 -26.74 -90.84
N HIS Q 126 -120.22 -26.02 -90.10
CA HIS Q 126 -120.58 -24.67 -89.67
C HIS Q 126 -120.50 -23.68 -90.82
N LYS Q 127 -120.97 -22.45 -90.54
CA LYS Q 127 -120.99 -21.32 -91.49
C LYS Q 127 -121.76 -21.64 -92.75
N MET Q 128 -122.82 -22.45 -92.65
CA MET Q 128 -123.67 -22.76 -93.79
C MET Q 128 -124.84 -21.76 -93.85
N ASP Q 129 -124.46 -20.48 -93.91
CA ASP Q 129 -125.38 -19.40 -94.25
C ASP Q 129 -124.85 -18.47 -95.32
N LEU Q 130 -123.55 -18.47 -95.60
CA LEU Q 130 -123.02 -17.69 -96.70
C LEU Q 130 -123.37 -18.33 -98.04
N VAL Q 131 -123.46 -19.65 -98.09
CA VAL Q 131 -123.84 -20.35 -99.31
C VAL Q 131 -125.32 -20.13 -99.60
N GLN Q 132 -125.68 -20.26 -100.87
CA GLN Q 132 -127.05 -20.05 -101.30
C GLN Q 132 -127.95 -21.20 -100.80
N LEU Q 133 -129.24 -20.90 -100.70
CA LEU Q 133 -130.20 -21.82 -100.09
C LEU Q 133 -130.38 -23.10 -100.92
N ASP Q 134 -130.19 -23.02 -102.24
CA ASP Q 134 -130.47 -24.17 -103.09
C ASP Q 134 -129.42 -25.27 -102.94
N LYS Q 135 -128.17 -24.92 -102.60
CA LYS Q 135 -127.07 -25.88 -102.62
C LYS Q 135 -126.62 -26.31 -101.23
N ARG Q 136 -127.35 -25.94 -100.18
CA ARG Q 136 -126.95 -26.27 -98.81
C ARG Q 136 -127.03 -27.78 -98.57
N GLU Q 137 -128.17 -28.38 -98.90
CA GLU Q 137 -128.35 -29.82 -98.66
C GLU Q 137 -127.43 -30.64 -99.54
N GLU Q 138 -127.26 -30.23 -100.80
CA GLU Q 138 -126.38 -30.94 -101.72
C GLU Q 138 -124.92 -30.88 -101.26
N LEU Q 139 -124.46 -29.70 -100.83
CA LEU Q 139 -123.09 -29.58 -100.33
C LEU Q 139 -122.90 -30.38 -99.05
N PHE Q 140 -123.90 -30.36 -98.15
CA PHE Q 140 -123.83 -31.13 -96.92
C PHE Q 140 -123.75 -32.63 -97.20
N GLN Q 141 -124.56 -33.12 -98.14
CA GLN Q 141 -124.53 -34.54 -98.49
C GLN Q 141 -123.20 -34.92 -99.15
N ILE Q 142 -122.69 -34.04 -100.02
CA ILE Q 142 -121.43 -34.33 -100.74
C ILE Q 142 -120.28 -34.42 -99.74
N MET Q 143 -120.21 -33.49 -98.79
CA MET Q 143 -119.15 -33.55 -97.80
C MET Q 143 -119.38 -34.67 -96.79
N MET Q 144 -120.64 -34.98 -96.48
CA MET Q 144 -120.96 -36.02 -95.51
C MET Q 144 -120.66 -37.42 -96.03
N LYS Q 145 -120.78 -37.63 -97.35
CA LYS Q 145 -120.40 -38.92 -97.93
C LYS Q 145 -118.92 -39.17 -97.76
N ASN Q 146 -118.08 -38.16 -98.06
CA ASN Q 146 -116.64 -38.28 -97.88
C ASN Q 146 -116.27 -38.43 -96.41
N LEU Q 147 -116.96 -37.68 -95.53
CA LEU Q 147 -116.65 -37.78 -94.11
C LEU Q 147 -117.06 -39.13 -93.53
N SER Q 148 -118.13 -39.74 -94.05
CA SER Q 148 -118.54 -41.05 -93.57
C SER Q 148 -117.62 -42.15 -94.10
N GLU Q 149 -117.14 -41.99 -95.35
CA GLU Q 149 -116.16 -42.91 -95.90
C GLU Q 149 -114.85 -42.84 -95.14
N THR Q 150 -114.43 -41.62 -94.78
CA THR Q 150 -113.20 -41.46 -94.00
C THR Q 150 -113.39 -41.99 -92.58
N SER Q 151 -114.55 -41.73 -91.97
CA SER Q 151 -114.80 -42.13 -90.59
C SER Q 151 -114.84 -43.64 -90.45
N SER Q 152 -115.46 -44.33 -91.41
CA SER Q 152 -115.56 -45.79 -91.35
C SER Q 152 -114.21 -46.48 -91.53
N GLU Q 153 -113.22 -45.79 -92.11
CA GLU Q 153 -111.90 -46.39 -92.29
C GLU Q 153 -111.16 -46.55 -90.96
N PHE Q 154 -111.21 -45.54 -90.10
CA PHE Q 154 -110.50 -45.57 -88.82
C PHE Q 154 -111.45 -45.99 -87.70
N GLY Q 155 -111.90 -47.25 -87.79
CA GLY Q 155 -112.90 -47.71 -86.85
C GLY Q 155 -114.20 -46.97 -87.07
N PHE Q 156 -114.91 -46.67 -85.96
CA PHE Q 156 -116.04 -45.75 -85.84
C PHE Q 156 -117.08 -45.91 -86.94
N PRO Q 157 -117.90 -46.97 -86.90
CA PRO Q 157 -118.88 -47.20 -87.98
C PRO Q 157 -119.91 -46.09 -88.14
N ASN Q 158 -120.27 -45.38 -87.08
CA ASN Q 158 -121.30 -44.35 -87.17
C ASN Q 158 -120.70 -42.96 -87.01
N LEU Q 159 -121.27 -42.00 -87.74
CA LEU Q 159 -120.86 -40.61 -87.69
C LEU Q 159 -122.07 -39.76 -88.05
N ILE Q 160 -122.54 -38.95 -87.10
CA ILE Q 160 -123.73 -38.13 -87.26
C ILE Q 160 -123.33 -36.70 -87.57
N GLY Q 161 -123.92 -36.12 -88.61
CA GLY Q 161 -123.56 -34.76 -89.00
C GLY Q 161 -124.76 -33.83 -89.00
N PHE Q 162 -124.50 -32.53 -88.85
CA PHE Q 162 -125.54 -31.51 -88.79
C PHE Q 162 -125.10 -30.27 -89.54
N PRO Q 163 -125.91 -29.74 -90.45
CA PRO Q 163 -125.63 -28.42 -91.01
C PRO Q 163 -125.91 -27.33 -89.99
N THR Q 164 -124.88 -26.65 -89.51
CA THR Q 164 -125.01 -25.72 -88.39
C THR Q 164 -124.61 -24.31 -88.81
N SER Q 165 -125.18 -23.33 -88.12
CA SER Q 165 -124.80 -21.94 -88.24
C SER Q 165 -125.24 -21.20 -86.99
N ILE Q 166 -124.66 -20.02 -86.77
CA ILE Q 166 -125.03 -19.21 -85.61
C ILE Q 166 -126.16 -18.25 -85.91
N TRP Q 167 -126.56 -18.12 -87.19
CA TRP Q 167 -127.64 -17.21 -87.58
C TRP Q 167 -128.96 -17.95 -87.78
N ASP Q 168 -129.06 -19.16 -87.27
CA ASP Q 168 -130.32 -19.90 -87.28
C ASP Q 168 -130.37 -20.75 -86.01
N GLU Q 169 -131.27 -21.73 -85.99
CA GLU Q 169 -131.52 -22.53 -84.80
C GLU Q 169 -130.96 -23.94 -84.88
N SER Q 170 -130.22 -24.28 -85.95
CA SER Q 170 -129.71 -25.64 -86.07
C SER Q 170 -128.62 -25.96 -85.06
N LEU Q 171 -127.95 -24.93 -84.56
CA LEU Q 171 -126.90 -25.11 -83.55
C LEU Q 171 -127.48 -25.73 -82.28
N TYR Q 172 -128.67 -25.27 -81.88
CA TYR Q 172 -129.31 -25.79 -80.67
C TYR Q 172 -129.66 -27.26 -80.82
N LYS Q 173 -130.17 -27.66 -81.98
CA LYS Q 173 -130.50 -29.07 -82.23
C LYS Q 173 -129.24 -29.92 -82.24
N ALA Q 174 -128.17 -29.45 -82.91
CA ALA Q 174 -126.93 -30.20 -82.99
C ALA Q 174 -126.30 -30.40 -81.62
N TRP Q 175 -126.27 -29.33 -80.81
CA TRP Q 175 -125.68 -29.43 -79.48
C TRP Q 175 -126.56 -30.24 -78.54
N SER Q 176 -127.89 -30.19 -78.73
CA SER Q 176 -128.79 -31.01 -77.93
C SER Q 176 -128.58 -32.48 -78.20
N GLN Q 177 -128.47 -32.86 -79.47
CA GLN Q 177 -128.23 -34.27 -79.80
C GLN Q 177 -126.81 -34.70 -79.46
N ILE Q 178 -125.85 -33.78 -79.42
CA ILE Q 178 -124.51 -34.12 -78.95
C ILE Q 178 -124.53 -34.39 -77.44
N VAL Q 179 -125.21 -33.54 -76.68
CA VAL Q 179 -125.23 -33.65 -75.22
C VAL Q 179 -126.04 -34.86 -74.78
N CYS Q 180 -127.17 -35.13 -75.44
CA CYS Q 180 -128.07 -36.20 -75.02
C CYS Q 180 -127.46 -37.59 -75.15
N SER Q 181 -126.38 -37.76 -75.92
CA SER Q 181 -125.70 -39.04 -75.97
C SER Q 181 -124.90 -39.33 -74.71
N LEU Q 182 -124.74 -38.36 -73.80
CA LEU Q 182 -124.02 -38.54 -72.56
C LEU Q 182 -124.91 -38.52 -71.32
N ILE Q 183 -126.17 -38.13 -71.45
CA ILE Q 183 -127.06 -38.00 -70.30
C ILE Q 183 -127.46 -39.39 -69.80
N PRO Q 184 -127.20 -39.71 -68.54
CA PRO Q 184 -127.60 -41.02 -68.00
C PRO Q 184 -129.09 -41.06 -67.67
N ASN Q 185 -129.59 -42.29 -67.57
CA ASN Q 185 -130.99 -42.59 -67.22
C ASN Q 185 -131.98 -41.92 -68.19
N MET Q 186 -131.66 -41.99 -69.49
CA MET Q 186 -132.56 -41.42 -70.49
C MET Q 186 -133.84 -42.23 -70.63
N SER Q 187 -133.74 -43.56 -70.48
CA SER Q 187 -134.92 -44.42 -70.58
C SER Q 187 -135.92 -44.14 -69.46
N ASN Q 188 -135.42 -43.91 -68.24
CA ASN Q 188 -136.30 -43.58 -67.12
C ASN Q 188 -136.99 -42.24 -67.34
N HIS Q 189 -136.25 -41.26 -67.88
CA HIS Q 189 -136.85 -39.97 -68.21
C HIS Q 189 -137.91 -40.11 -69.29
N GLN Q 190 -137.65 -40.95 -70.29
CA GLN Q 190 -138.63 -41.17 -71.35
C GLN Q 190 -139.89 -41.85 -70.81
N SER Q 191 -139.71 -42.85 -69.94
CA SER Q 191 -140.86 -43.55 -69.37
C SER Q 191 -141.68 -42.65 -68.47
N ASN Q 192 -141.03 -41.84 -67.63
CA ASN Q 192 -141.75 -40.91 -66.76
C ASN Q 192 -142.46 -39.83 -67.58
N LEU Q 193 -141.82 -39.35 -68.66
CA LEU Q 193 -142.44 -38.35 -69.51
C LEU Q 193 -143.65 -38.93 -70.25
N LYS Q 194 -143.56 -40.19 -70.68
CA LYS Q 194 -144.70 -40.86 -71.31
C LYS Q 194 -145.84 -41.05 -70.31
N LYS Q 195 -145.51 -41.41 -69.07
CA LYS Q 195 -146.52 -41.56 -68.03
C LYS Q 195 -147.21 -40.23 -67.74
N PHE Q 196 -146.44 -39.14 -67.66
CA PHE Q 196 -147.03 -37.82 -67.42
C PHE Q 196 -147.88 -37.37 -68.60
N LYS Q 197 -147.46 -37.71 -69.83
CA LYS Q 197 -148.25 -37.40 -71.02
C LYS Q 197 -149.57 -38.15 -71.01
N GLU Q 198 -149.55 -39.42 -70.61
CA GLU Q 198 -150.78 -40.20 -70.51
C GLU Q 198 -151.69 -39.67 -69.39
N ILE Q 199 -151.09 -39.26 -68.27
CA ILE Q 199 -151.88 -38.79 -67.13
C ILE Q 199 -152.54 -37.45 -67.45
N MET Q 200 -151.78 -36.52 -68.01
CA MET Q 200 -152.29 -35.18 -68.30
C MET Q 200 -153.06 -35.11 -69.61
N ASN Q 201 -153.01 -36.17 -70.43
CA ASN Q 201 -153.64 -36.24 -71.75
C ASN Q 201 -153.19 -35.08 -72.64
N ALA Q 202 -151.89 -35.05 -72.90
CA ALA Q 202 -151.25 -34.00 -73.67
C ALA Q 202 -150.82 -34.50 -75.04
N LEU Q 203 -150.80 -33.58 -76.01
CA LEU Q 203 -150.41 -33.94 -77.37
C LEU Q 203 -148.93 -34.30 -77.45
N GLU Q 204 -148.08 -33.45 -76.85
CA GLU Q 204 -146.64 -33.69 -76.84
C GLU Q 204 -146.03 -32.87 -75.72
N ILE Q 205 -145.22 -33.53 -74.88
CA ILE Q 205 -144.54 -32.90 -73.77
C ILE Q 205 -143.04 -33.01 -74.00
N ILE Q 206 -142.35 -31.88 -73.98
CA ILE Q 206 -140.91 -31.81 -74.21
C ILE Q 206 -140.23 -31.32 -72.94
N LEU Q 207 -139.10 -31.94 -72.61
CA LEU Q 207 -138.35 -31.62 -71.40
C LEU Q 207 -137.03 -30.95 -71.79
N PHE Q 208 -136.77 -29.79 -71.21
CA PHE Q 208 -135.58 -29.00 -71.52
C PHE Q 208 -134.64 -28.98 -70.32
N GLU Q 209 -133.57 -28.21 -70.47
CA GLU Q 209 -132.70 -27.81 -69.37
C GLU Q 209 -132.92 -26.34 -69.10
N ARG Q 210 -132.76 -25.94 -67.83
CA ARG Q 210 -133.15 -24.59 -67.44
C ARG Q 210 -132.14 -23.56 -67.94
N THR Q 211 -130.84 -23.86 -67.88
CA THR Q 211 -129.82 -22.87 -68.20
C THR Q 211 -129.54 -22.80 -69.70
N THR Q 212 -129.11 -23.91 -70.29
CA THR Q 212 -128.73 -23.90 -71.70
C THR Q 212 -129.92 -23.97 -72.65
N PHE Q 213 -131.09 -24.35 -72.14
CA PHE Q 213 -132.33 -24.50 -72.93
C PHE Q 213 -132.13 -25.45 -74.12
N LEU Q 214 -131.44 -26.56 -73.86
CA LEU Q 214 -131.31 -27.63 -74.84
C LEU Q 214 -132.35 -28.70 -74.59
N VAL Q 215 -132.82 -29.33 -75.67
CA VAL Q 215 -133.80 -30.39 -75.57
C VAL Q 215 -133.17 -31.62 -74.95
N ILE Q 216 -133.87 -32.22 -73.99
CA ILE Q 216 -133.41 -33.42 -73.31
C ILE Q 216 -134.14 -34.66 -73.80
N CYS Q 217 -135.47 -34.62 -73.78
CA CYS Q 217 -136.29 -35.73 -74.27
C CYS Q 217 -137.65 -35.19 -74.66
N SER Q 218 -138.39 -35.99 -75.43
CA SER Q 218 -139.73 -35.65 -75.89
C SER Q 218 -140.65 -36.84 -75.66
N SER Q 219 -141.95 -36.54 -75.53
CA SER Q 219 -142.93 -37.60 -75.29
C SER Q 219 -143.06 -38.52 -76.50
N ASN Q 220 -143.04 -37.95 -77.71
CA ASN Q 220 -143.19 -38.72 -78.93
C ASN Q 220 -141.85 -39.19 -79.50
N GLY Q 221 -140.73 -38.83 -78.87
CA GLY Q 221 -139.43 -39.22 -79.33
C GLY Q 221 -138.76 -38.16 -80.18
N VAL Q 236 -152.72 -34.60 -87.91
CA VAL Q 236 -152.09 -33.31 -87.67
C VAL Q 236 -150.57 -33.45 -87.77
N LEU Q 237 -150.02 -33.03 -88.91
CA LEU Q 237 -148.58 -33.07 -89.14
C LEU Q 237 -147.93 -31.83 -88.56
N LEU Q 238 -146.85 -32.02 -87.81
CA LEU Q 238 -146.14 -30.93 -87.15
C LEU Q 238 -144.78 -30.74 -87.79
N ASP Q 239 -144.15 -29.61 -87.45
CA ASP Q 239 -142.84 -29.30 -87.98
C ASP Q 239 -141.79 -30.23 -87.36
N PRO Q 240 -140.98 -30.91 -88.16
CA PRO Q 240 -139.92 -31.76 -87.59
C PRO Q 240 -138.82 -30.97 -86.89
N LYS Q 241 -138.66 -29.70 -87.20
CA LYS Q 241 -137.66 -28.84 -86.59
C LYS Q 241 -138.25 -27.93 -85.51
N ARG Q 242 -139.27 -28.42 -84.80
CA ARG Q 242 -139.91 -27.59 -83.78
C ARG Q 242 -139.09 -27.47 -82.50
N PHE Q 243 -138.30 -28.49 -82.16
CA PHE Q 243 -137.53 -28.48 -80.91
C PHE Q 243 -136.49 -27.37 -80.91
N GLU Q 244 -135.72 -27.26 -82.00
CA GLU Q 244 -134.69 -26.24 -82.09
C GLU Q 244 -135.30 -24.84 -82.15
N LYS Q 245 -136.45 -24.69 -82.81
CA LYS Q 245 -137.12 -23.40 -82.86
C LYS Q 245 -137.65 -22.98 -81.50
N ILE Q 246 -138.19 -23.93 -80.72
CA ILE Q 246 -138.63 -23.61 -79.36
C ILE Q 246 -137.43 -23.25 -78.49
N SER Q 247 -136.29 -23.94 -78.69
CA SER Q 247 -135.08 -23.60 -77.94
C SER Q 247 -134.60 -22.18 -78.25
N ASN Q 248 -134.61 -21.80 -79.53
CA ASN Q 248 -134.20 -20.44 -79.91
C ASN Q 248 -135.16 -19.39 -79.37
N ILE Q 249 -136.47 -19.67 -79.44
CA ILE Q 249 -137.47 -18.73 -78.92
C ILE Q 249 -137.34 -18.58 -77.41
N MET Q 250 -137.08 -19.67 -76.70
CA MET Q 250 -136.91 -19.59 -75.25
C MET Q 250 -135.62 -18.86 -74.87
N LYS Q 251 -134.55 -19.04 -75.65
CA LYS Q 251 -133.33 -18.27 -75.40
C LYS Q 251 -133.55 -16.79 -75.62
N ASN Q 252 -134.25 -16.43 -76.71
CA ASN Q 252 -134.57 -15.03 -76.97
C ASN Q 252 -135.47 -14.45 -75.88
N PHE Q 253 -136.44 -15.24 -75.41
CA PHE Q 253 -137.34 -14.76 -74.37
C PHE Q 253 -136.63 -14.60 -73.03
N LYS Q 254 -135.68 -15.50 -72.73
CA LYS Q 254 -134.88 -15.34 -71.52
C LYS Q 254 -134.02 -14.09 -71.59
N GLN Q 255 -133.39 -13.84 -72.75
CA GLN Q 255 -132.60 -12.63 -72.92
C GLN Q 255 -133.47 -11.37 -72.91
N SER Q 256 -134.75 -11.49 -73.28
CA SER Q 256 -135.66 -10.35 -73.16
C SER Q 256 -136.09 -10.13 -71.72
N CYS Q 257 -136.35 -11.22 -70.97
CA CYS Q 257 -136.79 -11.09 -69.59
C CYS Q 257 -135.65 -10.70 -68.64
N THR Q 258 -134.40 -10.85 -69.06
CA THR Q 258 -133.29 -10.29 -68.29
C THR Q 258 -133.33 -8.76 -68.22
N LYS Q 259 -134.02 -8.11 -69.16
CA LYS Q 259 -134.12 -6.65 -69.14
C LYS Q 259 -135.01 -6.16 -68.01
N LEU Q 260 -135.97 -6.96 -67.57
CA LEU Q 260 -136.89 -6.59 -66.50
C LEU Q 260 -136.35 -6.89 -65.12
N LYS Q 261 -135.04 -7.16 -64.99
CA LYS Q 261 -134.35 -7.41 -63.72
C LYS Q 261 -134.98 -8.57 -62.96
N SER Q 262 -135.31 -9.64 -63.69
CA SER Q 262 -135.94 -10.82 -63.10
C SER Q 262 -135.62 -12.01 -64.00
N GLY Q 263 -136.14 -13.17 -63.61
CA GLY Q 263 -135.92 -14.40 -64.34
C GLY Q 263 -137.24 -14.99 -64.80
N PHE Q 264 -137.21 -15.62 -65.98
CA PHE Q 264 -138.40 -16.24 -66.53
C PHE Q 264 -138.83 -17.44 -65.70
N LYS Q 265 -140.12 -17.49 -65.35
CA LYS Q 265 -140.65 -18.57 -64.52
C LYS Q 265 -141.71 -19.40 -65.25
N THR Q 266 -142.77 -18.78 -65.74
CA THR Q 266 -143.88 -19.49 -66.36
C THR Q 266 -144.35 -18.78 -67.62
N LEU Q 267 -144.98 -19.53 -68.51
CA LEU Q 267 -145.56 -18.98 -69.73
C LEU Q 267 -146.70 -19.90 -70.18
N ILE Q 268 -147.89 -19.33 -70.34
CA ILE Q 268 -149.07 -20.07 -70.79
C ILE Q 268 -149.58 -19.41 -72.05
N LEU Q 269 -149.78 -20.20 -73.10
CA LEU Q 269 -150.24 -19.70 -74.40
C LEU Q 269 -151.58 -20.34 -74.73
N ASN Q 270 -152.62 -19.51 -74.82
CA ASN Q 270 -153.99 -19.89 -75.20
C ASN Q 270 -154.59 -20.95 -74.29
N ASN Q 271 -154.05 -21.09 -73.06
CA ASN Q 271 -154.37 -22.17 -72.11
C ASN Q 271 -154.21 -23.55 -72.75
N ASN Q 272 -153.27 -23.67 -73.69
CA ASN Q 272 -153.07 -24.92 -74.42
C ASN Q 272 -151.60 -25.30 -74.43
N ILE Q 273 -150.72 -24.31 -74.41
CA ILE Q 273 -149.28 -24.52 -74.41
C ILE Q 273 -148.75 -23.99 -73.09
N TYR Q 274 -148.24 -24.90 -72.26
CA TYR Q 274 -147.78 -24.57 -70.91
C TYR Q 274 -146.26 -24.65 -70.87
N VAL Q 275 -145.62 -23.56 -70.50
CA VAL Q 275 -144.18 -23.50 -70.28
C VAL Q 275 -143.96 -23.11 -68.82
N SER Q 276 -143.38 -24.02 -68.05
CA SER Q 276 -143.20 -23.79 -66.63
C SER Q 276 -141.89 -24.40 -66.16
N GLU Q 277 -141.36 -23.86 -65.06
CA GLU Q 277 -140.12 -24.35 -64.47
C GLU Q 277 -140.46 -25.61 -63.67
N LEU Q 278 -140.15 -26.78 -64.26
CA LEU Q 278 -140.46 -28.05 -63.62
C LEU Q 278 -139.63 -28.25 -62.36
N SER Q 279 -138.36 -27.89 -62.41
CA SER Q 279 -137.45 -28.05 -61.27
C SER Q 279 -136.44 -26.92 -61.31
N SER Q 280 -135.35 -27.07 -60.56
CA SER Q 280 -134.26 -26.11 -60.59
C SER Q 280 -133.29 -26.35 -61.74
N ASN Q 281 -133.49 -27.42 -62.53
CA ASN Q 281 -132.60 -27.75 -63.62
C ASN Q 281 -133.30 -28.09 -64.91
N MET Q 282 -134.63 -28.17 -64.93
CA MET Q 282 -135.38 -28.51 -66.14
C MET Q 282 -136.55 -27.56 -66.31
N VAL Q 283 -136.96 -27.38 -67.56
CA VAL Q 283 -138.10 -26.56 -67.93
C VAL Q 283 -139.01 -27.40 -68.80
N CYS Q 284 -140.27 -27.53 -68.41
CA CYS Q 284 -141.22 -28.36 -69.14
C CYS Q 284 -141.95 -27.56 -70.20
N PHE Q 285 -142.27 -28.24 -71.31
CA PHE Q 285 -143.02 -27.65 -72.41
C PHE Q 285 -144.17 -28.59 -72.72
N ILE Q 286 -145.36 -28.25 -72.23
CA ILE Q 286 -146.54 -29.12 -72.31
C ILE Q 286 -147.54 -28.50 -73.27
N VAL Q 287 -147.98 -29.28 -74.26
CA VAL Q 287 -149.05 -28.89 -75.17
C VAL Q 287 -150.19 -29.87 -74.96
N LEU Q 288 -151.30 -29.38 -74.42
CA LEU Q 288 -152.44 -30.23 -74.10
C LEU Q 288 -153.35 -30.37 -75.32
N LYS Q 289 -154.50 -31.01 -75.13
CA LYS Q 289 -155.48 -31.21 -76.20
C LYS Q 289 -156.76 -30.43 -76.01
N ASP Q 290 -157.21 -30.26 -74.77
CA ASP Q 290 -158.47 -29.58 -74.48
C ASP Q 290 -158.19 -28.17 -73.99
N MET Q 291 -158.85 -27.18 -74.59
CA MET Q 291 -158.65 -25.78 -74.24
C MET Q 291 -159.45 -25.34 -73.03
N ASN Q 292 -160.32 -26.19 -72.50
CA ASN Q 292 -161.22 -25.82 -71.42
C ASN Q 292 -160.68 -26.16 -70.03
N ILE Q 293 -159.46 -26.70 -69.96
CA ILE Q 293 -158.88 -27.03 -68.64
C ILE Q 293 -158.47 -25.74 -67.94
N PRO Q 294 -158.86 -25.52 -66.69
CA PRO Q 294 -158.40 -24.35 -65.96
C PRO Q 294 -156.91 -24.40 -65.67
N GLN Q 295 -156.32 -23.21 -65.52
CA GLN Q 295 -154.87 -23.09 -65.36
C GLN Q 295 -154.39 -23.71 -64.05
N GLU Q 296 -155.21 -23.61 -62.99
CA GLU Q 296 -154.77 -24.03 -61.66
C GLU Q 296 -154.59 -25.54 -61.58
N LEU Q 297 -155.43 -26.30 -62.30
CA LEU Q 297 -155.30 -27.75 -62.30
C LEU Q 297 -154.01 -28.19 -62.99
N VAL Q 298 -153.69 -27.56 -64.13
CA VAL Q 298 -152.45 -27.87 -64.84
C VAL Q 298 -151.24 -27.48 -64.00
N LEU Q 299 -151.31 -26.32 -63.33
CA LEU Q 299 -150.20 -25.89 -62.47
C LEU Q 299 -150.02 -26.81 -61.28
N GLU Q 300 -151.13 -27.28 -60.69
CA GLU Q 300 -151.05 -28.21 -59.57
C GLU Q 300 -150.48 -29.55 -59.99
N ASN Q 301 -150.89 -30.05 -61.17
CA ASN Q 301 -150.33 -31.31 -61.66
C ASN Q 301 -148.85 -31.16 -62.02
N ILE Q 302 -148.45 -29.99 -62.49
CA ILE Q 302 -147.02 -29.71 -62.72
C ILE Q 302 -146.26 -29.72 -61.40
N LYS Q 303 -146.83 -29.09 -60.37
CA LYS Q 303 -146.18 -29.05 -59.05
C LYS Q 303 -146.11 -30.43 -58.40
N LYS Q 304 -147.08 -31.31 -58.68
CA LYS Q 304 -147.02 -32.67 -58.14
C LYS Q 304 -145.85 -33.45 -58.75
N ALA Q 305 -145.59 -33.25 -60.04
CA ALA Q 305 -144.51 -33.95 -60.74
C ALA Q 305 -143.17 -33.28 -60.56
N LYS Q 306 -143.10 -32.16 -59.83
CA LYS Q 306 -141.83 -31.46 -59.62
C LYS Q 306 -140.84 -32.31 -58.84
N GLU Q 307 -141.31 -33.00 -57.80
CA GLU Q 307 -140.46 -33.89 -57.02
C GLU Q 307 -140.30 -35.26 -57.67
N PHE Q 308 -141.11 -35.60 -58.67
CA PHE Q 308 -141.02 -36.91 -59.29
C PHE Q 308 -139.79 -37.03 -60.18
N PHE Q 309 -139.51 -35.99 -60.98
CA PHE Q 309 -138.38 -36.02 -61.89
C PHE Q 309 -137.04 -35.74 -61.20
N GLN Q 310 -137.05 -35.37 -59.94
CA GLN Q 310 -135.83 -35.09 -59.21
C GLN Q 310 -135.09 -36.38 -58.84
N ALA R 10 -155.68 6.19 -94.38
CA ALA R 10 -154.43 6.83 -93.97
C ALA R 10 -153.22 6.13 -94.58
N MET R 11 -153.03 6.31 -95.88
CA MET R 11 -151.93 5.71 -96.61
C MET R 11 -150.74 6.66 -96.57
N VAL R 12 -149.65 6.23 -95.94
CA VAL R 12 -148.45 7.05 -95.86
C VAL R 12 -147.55 6.76 -97.06
N LEU R 13 -146.90 7.81 -97.56
CA LEU R 13 -146.03 7.73 -98.73
C LEU R 13 -144.59 7.89 -98.28
N LEU R 14 -143.73 6.97 -98.71
CA LEU R 14 -142.32 6.99 -98.37
C LEU R 14 -141.51 7.56 -99.54
N MET R 15 -140.81 8.65 -99.30
CA MET R 15 -140.06 9.35 -100.34
C MET R 15 -138.60 9.50 -99.90
N GLY R 16 -137.70 9.45 -100.88
CA GLY R 16 -136.29 9.62 -100.59
C GLY R 16 -135.46 9.37 -101.82
N VAL R 17 -134.16 9.69 -101.68
CA VAL R 17 -133.20 9.44 -102.76
C VAL R 17 -132.93 7.94 -102.85
N ARG R 18 -132.35 7.52 -103.97
CA ARG R 18 -131.93 6.14 -104.15
C ARG R 18 -130.87 5.76 -103.12
N ARG R 19 -130.93 4.50 -102.66
CA ARG R 19 -130.02 3.92 -101.66
C ARG R 19 -130.04 4.68 -100.33
N CYS R 20 -131.20 5.22 -99.95
CA CYS R 20 -131.32 5.83 -98.63
C CYS R 20 -131.83 4.85 -97.58
N GLY R 21 -132.56 3.83 -98.01
CA GLY R 21 -133.00 2.78 -97.11
C GLY R 21 -134.49 2.61 -96.99
N LYS R 22 -135.26 3.08 -97.98
CA LYS R 22 -136.71 2.96 -97.92
C LYS R 22 -137.16 1.51 -98.03
N SER R 23 -136.59 0.76 -98.98
CA SER R 23 -136.98 -0.62 -99.17
C SER R 23 -136.58 -1.49 -97.97
N SER R 24 -135.40 -1.23 -97.40
CA SER R 24 -134.96 -1.97 -96.23
C SER R 24 -135.83 -1.66 -95.01
N ILE R 25 -136.22 -0.38 -94.86
CA ILE R 25 -137.14 0.00 -93.79
C ILE R 25 -138.49 -0.70 -93.96
N CYS R 26 -139.01 -0.73 -95.20
CA CYS R 26 -140.28 -1.38 -95.48
C CYS R 26 -140.21 -2.88 -95.17
N LYS R 27 -139.12 -3.52 -95.58
CA LYS R 27 -138.94 -4.95 -95.31
C LYS R 27 -138.87 -5.22 -93.81
N VAL R 28 -138.01 -4.49 -93.10
CA VAL R 28 -137.79 -4.73 -91.68
C VAL R 28 -139.07 -4.47 -90.87
N VAL R 29 -139.78 -3.38 -91.17
CA VAL R 29 -140.98 -3.05 -90.42
C VAL R 29 -142.15 -3.94 -90.84
N PHE R 30 -142.57 -3.84 -92.10
CA PHE R 30 -143.85 -4.40 -92.51
C PHE R 30 -143.75 -5.82 -93.04
N HIS R 31 -142.56 -6.44 -93.01
CA HIS R 31 -142.43 -7.83 -93.44
C HIS R 31 -141.59 -8.69 -92.52
N ASN R 32 -140.95 -8.12 -91.50
CA ASN R 32 -140.11 -8.82 -90.52
C ASN R 32 -139.00 -9.66 -91.15
N SER R 53 -156.91 1.81 -95.87
CA SER R 53 -157.35 1.70 -94.49
C SER R 53 -156.88 2.89 -93.66
N THR R 54 -157.09 2.83 -92.35
CA THR R 54 -156.75 3.92 -91.45
C THR R 54 -155.63 3.55 -90.48
N LEU R 55 -155.80 2.47 -89.71
CA LEU R 55 -154.87 2.15 -88.64
C LEU R 55 -154.00 0.93 -88.92
N ILE R 56 -154.47 -0.01 -89.75
CA ILE R 56 -153.68 -1.22 -90.01
C ILE R 56 -152.46 -0.87 -90.86
N ASP R 57 -151.46 -1.73 -90.80
CA ASP R 57 -150.22 -1.54 -91.57
C ASP R 57 -150.49 -1.88 -93.02
N LEU R 58 -150.96 -0.90 -93.78
CA LEU R 58 -151.28 -1.12 -95.18
C LEU R 58 -150.00 -1.19 -96.01
N ALA R 59 -150.17 -1.58 -97.28
CA ALA R 59 -149.06 -1.61 -98.22
C ALA R 59 -148.68 -0.19 -98.57
N VAL R 60 -147.60 0.30 -97.95
CA VAL R 60 -147.15 1.69 -98.19
C VAL R 60 -146.53 1.81 -99.57
N MET R 61 -146.36 3.05 -100.02
CA MET R 61 -145.88 3.35 -101.37
C MET R 61 -144.48 3.94 -101.28
N GLU R 62 -143.50 3.22 -101.80
CA GLU R 62 -142.17 3.79 -101.98
C GLU R 62 -142.16 4.69 -103.22
N LEU R 63 -141.21 5.62 -103.25
CA LEU R 63 -141.13 6.61 -104.32
C LEU R 63 -139.68 7.05 -104.46
N PRO R 64 -138.95 6.51 -105.45
CA PRO R 64 -137.57 6.96 -105.68
C PRO R 64 -137.51 8.35 -106.28
N GLY R 65 -137.13 9.33 -105.46
CA GLY R 65 -137.05 10.70 -105.93
C GLY R 65 -135.62 11.16 -106.18
N GLN R 66 -135.22 11.22 -107.44
CA GLN R 66 -133.90 11.71 -107.81
C GLN R 66 -133.94 13.20 -108.10
N LEU R 67 -132.76 13.81 -108.14
CA LEU R 67 -132.66 15.24 -108.41
C LEU R 67 -133.01 15.54 -109.86
N ASN R 68 -133.98 16.43 -110.06
CA ASN R 68 -134.50 16.78 -111.39
C ASN R 68 -135.39 18.01 -111.23
N TYR R 69 -136.00 18.42 -112.33
CA TYR R 69 -136.98 19.50 -112.33
C TYR R 69 -138.38 18.89 -112.30
N PHE R 70 -139.18 19.30 -111.31
CA PHE R 70 -140.51 18.72 -111.16
C PHE R 70 -141.46 19.26 -112.21
N GLU R 71 -142.19 18.36 -112.86
CA GLU R 71 -143.18 18.75 -113.84
C GLU R 71 -144.38 19.38 -113.15
N PRO R 72 -144.89 20.53 -113.63
CA PRO R 72 -146.01 21.17 -112.95
C PRO R 72 -147.34 20.47 -113.16
N SER R 73 -147.84 19.84 -112.08
CA SER R 73 -149.15 19.19 -112.03
C SER R 73 -149.28 18.08 -113.09
N TYR R 74 -148.43 17.06 -112.95
CA TYR R 74 -148.44 15.92 -113.85
C TYR R 74 -149.33 14.80 -113.29
N ASP R 75 -150.58 15.16 -113.04
CA ASP R 75 -151.63 14.27 -112.52
C ASP R 75 -151.26 13.66 -111.17
N SER R 76 -150.45 14.40 -110.39
CA SER R 76 -150.03 13.96 -109.06
C SER R 76 -150.89 14.54 -107.95
N GLU R 77 -151.89 15.36 -108.28
CA GLU R 77 -152.73 15.98 -107.26
C GLU R 77 -153.59 14.94 -106.55
N ARG R 78 -154.15 13.98 -107.29
CA ARG R 78 -154.95 12.92 -106.66
C ARG R 78 -154.09 12.01 -105.80
N LEU R 79 -152.83 11.81 -106.19
CA LEU R 79 -151.92 10.97 -105.40
C LEU R 79 -151.61 11.64 -104.08
N PHE R 80 -151.23 12.92 -104.10
CA PHE R 80 -150.88 13.57 -102.86
C PHE R 80 -152.11 13.90 -102.03
N LYS R 81 -153.28 14.01 -102.67
CA LYS R 81 -154.52 14.16 -101.93
C LYS R 81 -154.95 12.85 -101.28
N SER R 82 -154.40 11.72 -101.73
CA SER R 82 -154.77 10.43 -101.15
C SER R 82 -153.78 9.97 -100.09
N VAL R 83 -152.77 10.78 -99.76
CA VAL R 83 -151.75 10.44 -98.78
C VAL R 83 -152.16 11.02 -97.44
N GLY R 84 -152.27 10.16 -96.43
CA GLY R 84 -152.59 10.63 -95.09
C GLY R 84 -151.48 11.45 -94.47
N ALA R 85 -150.23 11.01 -94.63
CA ALA R 85 -149.07 11.72 -94.09
C ALA R 85 -147.85 11.36 -94.90
N LEU R 86 -147.08 12.37 -95.29
CA LEU R 86 -145.89 12.18 -96.12
C LEU R 86 -144.67 11.98 -95.24
N VAL R 87 -143.89 10.93 -95.54
CA VAL R 87 -142.69 10.58 -94.79
C VAL R 87 -141.49 10.72 -95.73
N TYR R 88 -140.47 11.45 -95.29
CA TYR R 88 -139.25 11.65 -96.05
C TYR R 88 -138.07 11.02 -95.31
N VAL R 89 -137.16 10.41 -96.07
CA VAL R 89 -136.02 9.69 -95.52
C VAL R 89 -134.74 10.41 -95.95
N ILE R 90 -133.91 10.77 -94.98
CA ILE R 90 -132.63 11.45 -95.22
C ILE R 90 -131.52 10.58 -94.68
N ASP R 91 -130.55 10.24 -95.54
CA ASP R 91 -129.40 9.45 -95.13
C ASP R 91 -128.39 10.37 -94.45
N SER R 92 -128.08 10.09 -93.17
CA SER R 92 -127.13 10.90 -92.43
C SER R 92 -125.69 10.65 -92.83
N GLN R 93 -125.40 9.50 -93.45
CA GLN R 93 -124.03 9.20 -93.85
C GLN R 93 -123.58 10.04 -95.04
N ASP R 94 -124.44 10.17 -96.04
CA ASP R 94 -124.12 10.95 -97.23
C ASP R 94 -124.44 12.43 -97.02
N GLU R 95 -123.99 13.25 -97.96
CA GLU R 95 -124.33 14.67 -97.96
C GLU R 95 -125.82 14.84 -98.19
N TYR R 96 -126.42 15.77 -97.45
CA TYR R 96 -127.88 15.88 -97.40
C TYR R 96 -128.41 17.28 -97.69
N ILE R 97 -127.55 18.23 -98.08
CA ILE R 97 -128.03 19.58 -98.39
C ILE R 97 -128.92 19.56 -99.63
N ASN R 98 -128.50 18.84 -100.67
CA ASN R 98 -129.35 18.66 -101.85
C ASN R 98 -130.61 17.85 -101.51
N ALA R 99 -130.50 16.91 -100.57
CA ALA R 99 -131.67 16.17 -100.11
C ALA R 99 -132.67 17.09 -99.43
N ILE R 100 -132.19 18.02 -98.60
CA ILE R 100 -133.08 18.98 -97.95
C ILE R 100 -133.67 19.94 -98.99
N THR R 101 -132.89 20.30 -100.01
CA THR R 101 -133.42 21.16 -101.08
C THR R 101 -134.54 20.46 -101.86
N ASN R 102 -134.34 19.17 -102.19
CA ASN R 102 -135.39 18.40 -102.86
C ASN R 102 -136.60 18.22 -101.97
N LEU R 103 -136.38 18.01 -100.66
CA LEU R 103 -137.47 17.93 -99.70
C LEU R 103 -138.28 19.21 -99.66
N ALA R 104 -137.60 20.36 -99.67
CA ALA R 104 -138.28 21.65 -99.69
C ALA R 104 -139.09 21.83 -100.97
N MET R 105 -138.53 21.38 -102.11
CA MET R 105 -139.27 21.43 -103.37
C MET R 105 -140.51 20.55 -103.32
N ILE R 106 -140.42 19.39 -102.66
CA ILE R 106 -141.57 18.50 -102.53
C ILE R 106 -142.64 19.14 -101.65
N ILE R 107 -142.22 19.69 -100.51
CA ILE R 107 -143.17 20.33 -99.57
C ILE R 107 -143.83 21.55 -100.21
N GLU R 108 -143.12 22.23 -101.13
CA GLU R 108 -143.61 23.46 -101.75
C GLU R 108 -144.93 23.24 -102.50
N TYR R 109 -145.13 22.08 -103.10
CA TYR R 109 -146.42 21.76 -103.69
C TYR R 109 -147.26 20.83 -102.81
N ALA R 110 -146.63 20.05 -101.93
CA ALA R 110 -147.38 19.16 -101.05
C ALA R 110 -148.29 19.96 -100.10
N TYR R 111 -147.78 21.05 -99.54
CA TYR R 111 -148.61 21.88 -98.67
C TYR R 111 -149.60 22.71 -99.47
N LYS R 112 -149.29 23.02 -100.74
CA LYS R 112 -150.19 23.80 -101.56
C LYS R 112 -151.41 22.98 -101.98
N VAL R 113 -151.19 21.71 -102.35
CA VAL R 113 -152.30 20.86 -102.79
C VAL R 113 -153.27 20.59 -101.65
N ASN R 114 -152.74 20.19 -100.49
CA ASN R 114 -153.58 19.88 -99.34
C ASN R 114 -152.95 20.46 -98.08
N PRO R 115 -153.60 21.39 -97.40
CA PRO R 115 -153.02 22.00 -96.19
C PRO R 115 -153.26 21.22 -94.91
N SER R 116 -153.69 19.96 -94.99
CA SER R 116 -153.94 19.13 -93.82
C SER R 116 -153.01 17.93 -93.75
N ILE R 117 -151.98 17.89 -94.58
CA ILE R 117 -151.05 16.78 -94.61
C ILE R 117 -149.99 16.97 -93.53
N ASN R 118 -149.82 15.97 -92.68
CA ASN R 118 -148.72 15.95 -91.73
C ASN R 118 -147.46 15.48 -92.43
N ILE R 119 -146.38 16.24 -92.26
CA ILE R 119 -145.12 15.99 -92.95
C ILE R 119 -144.11 15.48 -91.94
N GLU R 120 -143.52 14.32 -92.21
CA GLU R 120 -142.56 13.69 -91.33
C GLU R 120 -141.24 13.49 -92.06
N VAL R 121 -140.14 13.66 -91.34
CA VAL R 121 -138.80 13.50 -91.90
C VAL R 121 -138.02 12.58 -90.98
N LEU R 122 -137.44 11.53 -91.56
CA LEU R 122 -136.66 10.54 -90.80
C LEU R 122 -135.19 10.70 -91.15
N ILE R 123 -134.35 10.78 -90.12
CA ILE R 123 -132.90 10.88 -90.29
C ILE R 123 -132.36 9.47 -90.09
N HIS R 124 -132.23 8.73 -91.19
CA HIS R 124 -131.88 7.32 -91.12
C HIS R 124 -130.37 7.14 -91.05
N LYS R 125 -129.97 5.92 -90.67
CA LYS R 125 -128.57 5.48 -90.58
C LYS R 125 -127.76 6.36 -89.62
N VAL R 126 -128.16 6.34 -88.36
CA VAL R 126 -127.48 7.07 -87.30
C VAL R 126 -126.96 6.13 -86.22
N ASP R 127 -126.71 4.87 -86.57
CA ASP R 127 -126.26 3.89 -85.58
C ASP R 127 -124.81 4.15 -85.15
N GLY R 128 -123.96 4.57 -86.08
CA GLY R 128 -122.56 4.77 -85.78
C GLY R 128 -122.19 6.22 -85.51
N LEU R 129 -123.04 6.93 -84.79
CA LEU R 129 -122.81 8.33 -84.45
C LEU R 129 -122.97 8.54 -82.96
N SER R 130 -122.24 9.51 -82.44
CA SER R 130 -122.34 9.86 -81.02
C SER R 130 -123.63 10.64 -80.76
N GLU R 131 -123.97 10.77 -79.48
CA GLU R 131 -125.16 11.51 -79.09
C GLU R 131 -125.05 13.00 -79.44
N ASP R 132 -123.88 13.59 -79.15
CA ASP R 132 -123.66 15.00 -79.47
C ASP R 132 -123.69 15.24 -80.99
N PHE R 133 -123.06 14.34 -81.75
CA PHE R 133 -123.09 14.44 -83.20
C PHE R 133 -124.50 14.29 -83.74
N LYS R 134 -125.28 13.37 -83.16
CA LYS R 134 -126.67 13.16 -83.58
C LYS R 134 -127.51 14.41 -83.32
N VAL R 135 -127.36 15.00 -82.13
CA VAL R 135 -128.14 16.19 -81.79
C VAL R 135 -127.73 17.38 -82.68
N ASP R 136 -126.42 17.53 -82.92
CA ASP R 136 -125.96 18.62 -83.79
C ASP R 136 -126.44 18.43 -85.22
N ALA R 137 -126.42 17.19 -85.72
CA ALA R 137 -126.91 16.92 -87.07
C ALA R 137 -128.41 17.18 -87.18
N GLN R 138 -129.18 16.80 -86.16
CA GLN R 138 -130.62 17.05 -86.18
C GLN R 138 -130.91 18.55 -86.13
N ARG R 139 -130.14 19.30 -85.31
CA ARG R 139 -130.33 20.74 -85.23
C ARG R 139 -129.97 21.42 -86.56
N ASP R 140 -128.89 20.96 -87.20
CA ASP R 140 -128.50 21.53 -88.49
C ASP R 140 -129.54 21.24 -89.57
N ILE R 141 -130.08 20.01 -89.58
CA ILE R 141 -131.12 19.66 -90.56
C ILE R 141 -132.38 20.48 -90.31
N MET R 142 -132.75 20.66 -89.04
CA MET R 142 -133.92 21.45 -88.70
C MET R 142 -133.76 22.91 -89.13
N GLN R 143 -132.58 23.48 -88.85
CA GLN R 143 -132.32 24.88 -89.22
C GLN R 143 -132.31 25.06 -90.73
N ARG R 144 -131.70 24.11 -91.46
CA ARG R 144 -131.66 24.20 -92.92
C ARG R 144 -133.05 24.09 -93.52
N THR R 145 -133.86 23.14 -93.01
CA THR R 145 -135.23 22.99 -93.52
C THR R 145 -136.08 24.22 -93.20
N GLY R 146 -135.92 24.78 -92.00
CA GLY R 146 -136.66 25.98 -91.64
C GLY R 146 -136.27 27.18 -92.49
N GLU R 147 -134.97 27.34 -92.74
CA GLU R 147 -134.52 28.45 -93.58
C GLU R 147 -134.97 28.28 -95.02
N GLU R 148 -134.96 27.06 -95.54
CA GLU R 148 -135.39 26.82 -96.92
C GLU R 148 -136.90 27.04 -97.07
N LEU R 149 -137.67 26.65 -96.05
CA LEU R 149 -139.11 26.93 -96.09
C LEU R 149 -139.39 28.42 -95.91
N LEU R 150 -138.52 29.12 -95.18
CA LEU R 150 -138.67 30.58 -95.07
C LEU R 150 -138.37 31.24 -96.40
N GLU R 151 -137.40 30.71 -97.14
CA GLU R 151 -137.08 31.24 -98.47
C GLU R 151 -138.21 30.99 -99.45
N LEU R 152 -138.84 29.82 -99.37
CA LEU R 152 -139.91 29.50 -100.31
C LEU R 152 -141.24 30.15 -99.92
N GLY R 153 -141.32 30.79 -98.77
CA GLY R 153 -142.51 31.52 -98.37
C GLY R 153 -143.60 30.68 -97.75
N LEU R 154 -143.32 29.41 -97.45
CA LEU R 154 -144.32 28.57 -96.81
C LEU R 154 -144.44 28.93 -95.33
N ASP R 155 -145.68 29.11 -94.87
CA ASP R 155 -145.95 29.46 -93.48
C ASP R 155 -147.07 28.57 -92.94
N GLY R 156 -147.08 28.40 -91.63
CA GLY R 156 -148.06 27.55 -90.98
C GLY R 156 -147.83 26.06 -91.13
N VAL R 157 -146.65 25.65 -91.61
CA VAL R 157 -146.31 24.24 -91.80
C VAL R 157 -145.35 23.82 -90.70
N GLN R 158 -145.64 22.67 -90.08
CA GLN R 158 -144.79 22.10 -89.05
C GLN R 158 -144.31 20.73 -89.51
N VAL R 159 -143.00 20.53 -89.47
CA VAL R 159 -142.38 19.29 -89.93
C VAL R 159 -141.69 18.63 -88.75
N SER R 160 -142.06 17.38 -88.48
CA SER R 160 -141.46 16.61 -87.40
C SER R 160 -140.22 15.88 -87.88
N PHE R 161 -139.26 15.70 -86.97
CA PHE R 161 -137.99 15.05 -87.28
C PHE R 161 -137.75 13.92 -86.30
N TYR R 162 -137.29 12.78 -86.82
CA TYR R 162 -137.02 11.61 -86.00
C TYR R 162 -135.69 11.00 -86.40
N LEU R 163 -134.88 10.66 -85.40
CA LEU R 163 -133.61 9.96 -85.63
C LEU R 163 -133.88 8.47 -85.65
N THR R 164 -133.84 7.87 -86.84
CA THR R 164 -134.24 6.49 -87.04
C THR R 164 -133.05 5.63 -87.46
N SER R 165 -133.12 4.35 -87.09
CA SER R 165 -132.16 3.36 -87.54
C SER R 165 -132.83 1.99 -87.49
N ILE R 166 -132.45 1.13 -88.44
CA ILE R 166 -133.08 -0.18 -88.54
C ILE R 166 -132.67 -1.09 -87.38
N PHE R 167 -131.40 -1.03 -86.98
CA PHE R 167 -130.85 -1.97 -86.01
C PHE R 167 -131.39 -1.79 -84.60
N ASP R 168 -132.12 -0.71 -84.32
CA ASP R 168 -132.67 -0.51 -82.98
C ASP R 168 -134.15 -0.19 -83.03
N HIS R 169 -134.71 0.24 -81.90
CA HIS R 169 -136.13 0.51 -81.74
C HIS R 169 -136.59 1.83 -82.35
N SER R 170 -135.66 2.65 -82.87
CA SER R 170 -135.97 4.02 -83.24
C SER R 170 -136.97 4.10 -84.39
N ILE R 171 -136.82 3.23 -85.39
CA ILE R 171 -137.74 3.26 -86.54
C ILE R 171 -139.15 2.85 -86.12
N TYR R 172 -139.24 1.91 -85.17
CA TYR R 172 -140.54 1.50 -84.64
C TYR R 172 -141.23 2.65 -83.92
N GLU R 173 -140.49 3.40 -83.11
CA GLU R 173 -141.08 4.53 -82.38
C GLU R 173 -141.47 5.65 -83.33
N ALA R 174 -140.65 5.90 -84.36
CA ALA R 174 -140.97 6.92 -85.35
C ALA R 174 -142.24 6.57 -86.11
N PHE R 175 -142.36 5.32 -86.56
CA PHE R 175 -143.58 4.89 -87.23
C PHE R 175 -144.77 4.88 -86.27
N SER R 176 -144.53 4.62 -84.98
CA SER R 176 -145.60 4.71 -83.99
C SER R 176 -146.14 6.13 -83.88
N ARG R 177 -145.24 7.11 -83.84
CA ARG R 177 -145.68 8.51 -83.80
C ARG R 177 -146.40 8.91 -85.07
N ILE R 178 -145.90 8.44 -86.23
CA ILE R 178 -146.54 8.76 -87.51
C ILE R 178 -147.94 8.17 -87.58
N VAL R 179 -148.11 6.93 -87.13
CA VAL R 179 -149.43 6.29 -87.11
C VAL R 179 -150.35 6.98 -86.11
N GLN R 180 -149.81 7.34 -84.93
CA GLN R 180 -150.60 8.02 -83.91
C GLN R 180 -151.09 9.38 -84.36
N LYS R 181 -150.33 10.05 -85.25
CA LYS R 181 -150.80 11.31 -85.80
C LYS R 181 -151.98 11.16 -86.75
N LEU R 182 -152.33 9.94 -87.16
CA LEU R 182 -153.41 9.71 -88.11
C LEU R 182 -154.58 8.95 -87.52
N ILE R 183 -154.68 8.89 -86.19
CA ILE R 183 -155.84 8.31 -85.52
C ILE R 183 -156.56 9.42 -84.77
N PRO R 184 -157.77 9.81 -85.19
CA PRO R 184 -158.46 10.93 -84.54
C PRO R 184 -158.98 10.60 -83.14
N GLU R 185 -159.02 9.33 -82.75
CA GLU R 185 -159.54 8.90 -81.45
C GLU R 185 -158.42 8.64 -80.45
N LEU R 186 -157.35 9.42 -80.50
CA LEU R 186 -156.17 9.15 -79.69
C LEU R 186 -156.43 9.39 -78.20
N SER R 187 -157.04 10.54 -77.86
CA SER R 187 -157.23 10.91 -76.47
C SER R 187 -158.21 9.98 -75.75
N PHE R 188 -159.23 9.50 -76.46
CA PHE R 188 -160.18 8.58 -75.84
C PHE R 188 -159.52 7.23 -75.54
N LEU R 189 -158.66 6.76 -76.45
CA LEU R 189 -157.89 5.54 -76.18
C LEU R 189 -156.91 5.75 -75.04
N GLU R 190 -156.31 6.95 -74.95
CA GLU R 190 -155.44 7.27 -73.82
C GLU R 190 -156.19 7.22 -72.50
N ASN R 191 -157.40 7.79 -72.47
CA ASN R 191 -158.22 7.77 -71.26
C ASN R 191 -158.64 6.34 -70.90
N MET R 192 -159.01 5.54 -71.91
CA MET R 192 -159.43 4.17 -71.66
C MET R 192 -158.28 3.34 -71.10
N LEU R 193 -157.08 3.47 -71.69
CA LEU R 193 -155.93 2.74 -71.19
C LEU R 193 -155.50 3.23 -69.81
N ASP R 194 -155.64 4.54 -69.55
CA ASP R 194 -155.32 5.07 -68.24
C ASP R 194 -156.26 4.51 -67.17
N ASN R 195 -157.55 4.42 -67.48
CA ASN R 195 -158.51 3.82 -66.56
C ASN R 195 -158.24 2.33 -66.36
N LEU R 196 -157.91 1.61 -67.44
CA LEU R 196 -157.59 0.19 -67.34
C LEU R 196 -156.36 -0.05 -66.47
N ILE R 197 -155.32 0.76 -66.62
CA ILE R 197 -154.12 0.64 -65.80
C ILE R 197 -154.37 1.04 -64.36
N GLN R 198 -155.18 2.08 -64.14
CA GLN R 198 -155.48 2.53 -62.78
C GLN R 198 -156.33 1.54 -61.99
N HIS R 199 -157.09 0.67 -62.67
CA HIS R 199 -157.97 -0.28 -61.98
C HIS R 199 -157.53 -1.73 -62.15
N SER R 200 -156.27 -1.97 -62.51
CA SER R 200 -155.79 -3.35 -62.61
C SER R 200 -154.36 -3.54 -62.10
N LYS R 201 -153.77 -2.52 -61.47
CA LYS R 201 -152.39 -2.55 -60.96
C LYS R 201 -151.37 -2.86 -62.07
N ILE R 202 -151.61 -2.28 -63.24
CA ILE R 202 -150.74 -2.45 -64.41
C ILE R 202 -149.61 -1.44 -64.32
N GLU R 203 -148.39 -1.88 -64.62
CA GLU R 203 -147.28 -0.93 -64.70
C GLU R 203 -147.31 -0.15 -66.02
N LYS R 204 -147.47 -0.85 -67.14
CA LYS R 204 -147.46 -0.22 -68.45
C LYS R 204 -148.19 -1.12 -69.44
N ALA R 205 -149.24 -0.61 -70.06
CA ALA R 205 -150.04 -1.37 -71.01
C ALA R 205 -149.91 -0.75 -72.40
N PHE R 206 -149.57 -1.58 -73.38
CA PHE R 206 -149.42 -1.17 -74.78
C PHE R 206 -150.50 -1.82 -75.64
N LEU R 207 -151.08 -1.03 -76.54
CA LEU R 207 -152.03 -1.54 -77.52
C LEU R 207 -151.29 -1.74 -78.84
N PHE R 208 -150.63 -2.89 -78.96
CA PHE R 208 -149.83 -3.20 -80.15
C PHE R 208 -150.72 -3.55 -81.33
N ASP R 209 -150.08 -3.80 -82.46
CA ASP R 209 -150.67 -4.48 -83.61
C ASP R 209 -149.88 -5.73 -83.91
N VAL R 210 -150.55 -6.72 -84.51
CA VAL R 210 -149.97 -8.06 -84.65
C VAL R 210 -148.74 -8.05 -85.57
N ASN R 211 -148.74 -7.20 -86.59
CA ASN R 211 -147.59 -7.08 -87.48
C ASN R 211 -146.90 -5.74 -87.23
N SER R 212 -145.59 -5.72 -87.52
CA SER R 212 -144.70 -4.55 -87.52
C SER R 212 -144.38 -4.01 -86.12
N LYS R 213 -145.04 -4.55 -85.08
CA LYS R 213 -144.78 -4.21 -83.67
C LYS R 213 -144.92 -2.71 -83.40
N ILE R 214 -145.87 -2.08 -84.07
CA ILE R 214 -146.09 -0.64 -83.97
C ILE R 214 -147.19 -0.41 -82.93
N TYR R 215 -146.80 0.02 -81.74
CA TYR R 215 -147.78 0.24 -80.66
C TYR R 215 -148.64 1.45 -80.98
N VAL R 216 -149.95 1.29 -80.81
CA VAL R 216 -150.92 2.27 -81.28
C VAL R 216 -151.30 3.26 -80.18
N SER R 217 -151.49 2.78 -78.96
CA SER R 217 -151.87 3.69 -77.87
C SER R 217 -151.25 3.19 -76.57
N THR R 218 -151.11 4.11 -75.62
CA THR R 218 -150.54 3.82 -74.31
C THR R 218 -151.18 4.77 -73.30
N ASP R 219 -150.57 4.85 -72.11
CA ASP R 219 -151.05 5.71 -71.06
C ASP R 219 -150.33 7.06 -71.09
N SER R 220 -150.52 7.87 -70.05
CA SER R 220 -149.77 9.11 -69.88
C SER R 220 -148.37 8.88 -69.35
N ASN R 221 -148.06 7.68 -68.88
CA ASN R 221 -146.71 7.36 -68.44
C ASN R 221 -145.75 7.34 -69.62
N PRO R 222 -144.49 7.76 -69.41
CA PRO R 222 -143.53 7.78 -70.53
C PRO R 222 -143.23 6.39 -71.05
N VAL R 223 -143.04 6.31 -72.36
CA VAL R 223 -142.78 5.04 -73.05
C VAL R 223 -141.33 4.65 -72.75
N ASP R 224 -141.15 3.72 -71.81
CA ASP R 224 -139.81 3.22 -71.51
C ASP R 224 -139.33 2.34 -72.64
N ILE R 225 -138.08 2.56 -73.06
CA ILE R 225 -137.51 1.83 -74.19
C ILE R 225 -137.30 0.36 -73.85
N GLN R 226 -136.80 0.09 -72.64
CA GLN R 226 -136.55 -1.29 -72.20
C GLN R 226 -137.84 -2.09 -72.10
N MET R 227 -138.88 -1.50 -71.51
CA MET R 227 -140.18 -2.17 -71.41
C MET R 227 -140.80 -2.36 -72.78
N TYR R 228 -140.61 -1.40 -73.69
CA TYR R 228 -141.11 -1.54 -75.06
C TYR R 228 -140.43 -2.69 -75.78
N GLU R 229 -139.11 -2.82 -75.62
CA GLU R 229 -138.39 -3.95 -76.22
C GLU R 229 -138.83 -5.27 -75.62
N VAL R 230 -139.09 -5.30 -74.30
CA VAL R 230 -139.59 -6.50 -73.65
C VAL R 230 -140.93 -6.91 -74.23
N CYS R 231 -141.84 -5.95 -74.39
CA CYS R 231 -143.16 -6.24 -74.93
C CYS R 231 -143.09 -6.66 -76.40
N SER R 232 -142.18 -6.04 -77.17
CA SER R 232 -142.02 -6.41 -78.58
C SER R 232 -141.49 -7.83 -78.73
N GLU R 233 -140.49 -8.20 -77.92
CA GLU R 233 -140.01 -9.57 -77.97
C GLU R 233 -141.03 -10.56 -77.43
N PHE R 234 -141.89 -10.11 -76.50
CA PHE R 234 -143.01 -10.94 -76.06
C PHE R 234 -143.99 -11.18 -77.20
N ILE R 235 -144.28 -10.15 -77.99
CA ILE R 235 -145.12 -10.29 -79.18
C ILE R 235 -144.49 -11.30 -80.15
N ASP R 236 -143.18 -11.17 -80.38
CA ASP R 236 -142.49 -12.08 -81.30
C ASP R 236 -142.54 -13.52 -80.80
N VAL R 237 -142.31 -13.73 -79.50
CA VAL R 237 -142.33 -15.06 -78.90
C VAL R 237 -143.73 -15.66 -78.99
N THR R 238 -144.75 -14.86 -78.70
CA THR R 238 -146.15 -15.31 -78.79
C THR R 238 -146.49 -15.75 -80.20
N ILE R 239 -146.19 -14.90 -81.20
CA ILE R 239 -146.56 -15.21 -82.58
C ILE R 239 -145.80 -16.43 -83.08
N ASP R 240 -144.50 -16.52 -82.77
CA ASP R 240 -143.70 -17.65 -83.23
C ASP R 240 -144.15 -18.95 -82.58
N LEU R 241 -144.43 -18.94 -81.26
CA LEU R 241 -144.87 -20.14 -80.57
C LEU R 241 -146.25 -20.58 -81.03
N PHE R 242 -147.13 -19.62 -81.35
CA PHE R 242 -148.43 -19.98 -81.92
C PHE R 242 -148.25 -20.59 -83.31
N ASP R 243 -147.36 -20.03 -84.13
CA ASP R 243 -147.14 -20.55 -85.47
C ASP R 243 -146.45 -21.92 -85.48
N LEU R 244 -145.72 -22.27 -84.41
CA LEU R 244 -145.09 -23.59 -84.36
C LEU R 244 -146.11 -24.72 -84.27
N TYR R 245 -147.20 -24.50 -83.53
CA TYR R 245 -148.25 -25.50 -83.36
C TYR R 245 -149.55 -24.93 -83.91
N LYS R 246 -149.88 -25.30 -85.15
CA LYS R 246 -151.12 -24.85 -85.79
C LYS R 246 -151.92 -26.03 -86.31
N ALA R 247 -152.97 -25.74 -87.09
CA ALA R 247 -153.89 -26.70 -87.71
C ALA R 247 -154.50 -27.64 -86.68
N PRO R 248 -155.43 -27.16 -85.83
CA PRO R 248 -156.02 -28.03 -84.80
C PRO R 248 -157.03 -29.01 -85.37
N GLU R 268 -158.11 -15.47 -81.40
CA GLU R 268 -158.06 -15.14 -79.98
C GLU R 268 -156.75 -15.64 -79.35
N LEU R 269 -155.77 -14.74 -79.27
CA LEU R 269 -154.47 -15.04 -78.71
C LEU R 269 -154.40 -14.51 -77.28
N GLN R 270 -154.08 -15.38 -76.34
CA GLN R 270 -153.92 -15.01 -74.93
C GLN R 270 -152.63 -15.58 -74.40
N ASN R 271 -151.91 -14.78 -73.61
CA ASN R 271 -150.63 -15.22 -73.07
C ASN R 271 -150.35 -14.56 -71.73
N VAL R 272 -149.95 -15.38 -70.76
CA VAL R 272 -149.55 -14.93 -69.43
C VAL R 272 -148.13 -15.41 -69.18
N SER R 273 -147.20 -14.49 -68.98
CA SER R 273 -145.80 -14.80 -68.69
C SER R 273 -145.42 -14.15 -67.37
N GLN R 274 -145.22 -14.97 -66.35
CA GLN R 274 -144.89 -14.50 -65.00
C GLN R 274 -143.40 -14.70 -64.74
N LEU R 275 -142.76 -13.67 -64.19
CA LEU R 275 -141.34 -13.73 -63.91
C LEU R 275 -141.10 -14.19 -62.47
N ALA R 276 -139.84 -14.15 -62.03
CA ALA R 276 -139.50 -14.65 -60.70
C ALA R 276 -139.98 -13.70 -59.60
N ASN R 277 -139.96 -12.40 -59.86
CA ASN R 277 -140.36 -11.40 -58.87
C ASN R 277 -141.87 -11.15 -58.85
N GLY R 278 -142.67 -12.03 -59.46
CA GLY R 278 -144.09 -11.90 -59.50
C GLY R 278 -144.63 -11.01 -60.61
N VAL R 279 -143.76 -10.33 -61.35
CA VAL R 279 -144.19 -9.46 -62.43
C VAL R 279 -144.69 -10.31 -63.60
N ILE R 280 -145.92 -10.07 -64.03
CA ILE R 280 -146.52 -10.84 -65.11
C ILE R 280 -146.62 -9.96 -66.36
N ILE R 281 -146.58 -10.61 -67.52
CA ILE R 281 -146.75 -9.96 -68.80
C ILE R 281 -147.96 -10.60 -69.48
N TYR R 282 -148.97 -9.79 -69.79
CA TYR R 282 -150.25 -10.27 -70.28
C TYR R 282 -150.41 -9.93 -71.77
N LEU R 283 -151.12 -10.80 -72.48
CA LEU R 283 -151.44 -10.58 -73.88
C LEU R 283 -152.88 -10.97 -74.14
N ARG R 284 -153.58 -10.18 -74.96
CA ARG R 284 -154.92 -10.50 -75.41
C ARG R 284 -155.17 -9.79 -76.74
N GLN R 285 -155.55 -10.57 -77.75
CA GLN R 285 -155.78 -10.01 -79.08
C GLN R 285 -157.04 -9.16 -79.08
N MET R 286 -156.94 -7.94 -79.60
CA MET R 286 -158.09 -7.05 -79.71
C MET R 286 -158.74 -7.22 -81.08
N ILE R 287 -159.63 -6.30 -81.43
CA ILE R 287 -160.36 -6.38 -82.69
C ILE R 287 -159.42 -6.11 -83.85
N ARG R 288 -159.56 -6.90 -84.91
CA ARG R 288 -158.72 -6.89 -86.12
C ARG R 288 -157.28 -7.20 -85.69
N GLY R 289 -156.28 -6.52 -86.24
CA GLY R 289 -154.90 -6.84 -85.95
C GLY R 289 -154.35 -6.29 -84.66
N LEU R 290 -155.16 -5.54 -83.90
CA LEU R 290 -154.68 -4.94 -82.66
C LEU R 290 -154.51 -6.00 -81.58
N ALA R 291 -153.47 -5.84 -80.76
CA ALA R 291 -153.21 -6.73 -79.64
C ALA R 291 -152.85 -5.88 -78.42
N LEU R 292 -153.33 -6.29 -77.25
CA LEU R 292 -153.08 -5.57 -76.01
C LEU R 292 -152.00 -6.30 -75.22
N VAL R 293 -150.93 -5.60 -74.88
CA VAL R 293 -149.85 -6.13 -74.05
C VAL R 293 -149.70 -5.24 -72.83
N ALA R 294 -149.76 -5.85 -71.64
CA ALA R 294 -149.67 -5.11 -70.39
C ALA R 294 -148.69 -5.80 -69.45
N ILE R 295 -147.98 -4.99 -68.67
CA ILE R 295 -147.10 -5.45 -67.61
C ILE R 295 -147.78 -5.13 -66.29
N ILE R 296 -148.18 -6.17 -65.56
CA ILE R 296 -148.96 -6.03 -64.33
C ILE R 296 -148.09 -6.46 -63.16
N ARG R 297 -148.00 -5.60 -62.14
CA ARG R 297 -147.24 -5.94 -60.96
C ARG R 297 -148.15 -6.45 -59.85
N PRO R 298 -147.74 -7.49 -59.13
CA PRO R 298 -148.65 -8.10 -58.15
C PRO R 298 -148.82 -7.26 -56.88
N ASN R 299 -147.79 -6.52 -56.47
CA ASN R 299 -147.77 -5.70 -55.26
C ASN R 299 -148.12 -6.53 -54.01
N GLY R 300 -147.55 -7.72 -53.94
CA GLY R 300 -147.77 -8.61 -52.81
C GLY R 300 -149.18 -9.15 -52.67
N THR R 301 -149.81 -9.52 -53.78
CA THR R 301 -151.16 -10.06 -53.77
C THR R 301 -151.15 -11.47 -54.38
N ASP R 302 -152.32 -12.10 -54.38
CA ASP R 302 -152.47 -13.41 -54.98
C ASP R 302 -152.33 -13.32 -56.50
N MET R 303 -151.61 -14.28 -57.08
CA MET R 303 -151.41 -14.31 -58.52
C MET R 303 -152.71 -14.60 -59.26
N GLU R 304 -153.47 -15.60 -58.79
CA GLU R 304 -154.69 -16.00 -59.49
C GLU R 304 -155.79 -14.94 -59.37
N SER R 305 -155.88 -14.28 -58.22
CA SER R 305 -156.85 -13.20 -58.04
C SER R 305 -156.53 -12.03 -58.97
N CYS R 306 -155.24 -11.69 -59.07
CA CYS R 306 -154.82 -10.63 -59.99
C CYS R 306 -155.10 -11.01 -61.44
N LEU R 307 -154.84 -12.28 -61.81
CA LEU R 307 -155.16 -12.74 -63.15
C LEU R 307 -156.65 -12.68 -63.44
N THR R 308 -157.49 -13.04 -62.46
CA THR R 308 -158.93 -13.02 -62.65
C THR R 308 -159.45 -11.58 -62.82
N VAL R 309 -159.01 -10.67 -61.96
CA VAL R 309 -159.48 -9.28 -62.07
C VAL R 309 -158.93 -8.62 -63.33
N ALA R 310 -157.69 -8.96 -63.73
CA ALA R 310 -157.14 -8.41 -64.97
C ALA R 310 -157.88 -8.96 -66.19
N ASP R 311 -158.23 -10.24 -66.17
CA ASP R 311 -158.98 -10.84 -67.27
C ASP R 311 -160.36 -10.19 -67.40
N TYR R 312 -161.05 -10.00 -66.28
CA TYR R 312 -162.38 -9.39 -66.32
C TYR R 312 -162.30 -7.94 -66.78
N ASN R 313 -161.33 -7.18 -66.26
CA ASN R 313 -161.17 -5.77 -66.66
C ASN R 313 -160.80 -5.64 -68.13
N ILE R 314 -159.91 -6.50 -68.62
CA ILE R 314 -159.48 -6.44 -70.01
C ILE R 314 -160.60 -6.90 -70.95
N ASP R 315 -161.42 -7.86 -70.51
CA ASP R 315 -162.61 -8.23 -71.29
C ASP R 315 -163.61 -7.08 -71.37
N ILE R 316 -163.79 -6.35 -70.26
CA ILE R 316 -164.63 -5.16 -70.27
C ILE R 316 -164.07 -4.10 -71.22
N PHE R 317 -162.75 -3.92 -71.20
CA PHE R 317 -162.10 -2.96 -72.09
C PHE R 317 -162.26 -3.37 -73.55
N LYS R 318 -162.19 -4.67 -73.84
CA LYS R 318 -162.40 -5.15 -75.21
C LYS R 318 -163.85 -4.95 -75.64
N LYS R 319 -164.80 -5.17 -74.73
CA LYS R 319 -166.21 -4.90 -75.04
C LYS R 319 -166.44 -3.42 -75.31
N GLY R 320 -165.75 -2.55 -74.58
CA GLY R 320 -165.82 -1.12 -74.88
C GLY R 320 -165.18 -0.77 -76.20
N LEU R 321 -164.05 -1.41 -76.51
CA LEU R 321 -163.37 -1.21 -77.79
C LEU R 321 -164.18 -1.75 -78.98
N GLU R 322 -165.10 -2.67 -78.72
CA GLU R 322 -165.98 -3.14 -79.79
C GLU R 322 -166.90 -2.04 -80.30
N ASP R 323 -167.33 -1.13 -79.41
CA ASP R 323 -168.24 -0.06 -79.81
C ASP R 323 -167.55 0.94 -80.73
N ILE R 324 -166.35 1.38 -80.36
CA ILE R 324 -165.59 2.32 -81.18
C ILE R 324 -164.97 1.59 -82.36
N TRP R 325 -165.02 2.21 -83.54
CA TRP R 325 -164.51 1.57 -84.74
C TRP R 325 -163.04 1.93 -84.99
N ALA R 326 -162.21 1.72 -83.97
CA ALA R 326 -160.78 1.98 -84.09
C ALA R 326 -160.05 0.89 -84.85
N ASN R 327 -160.65 -0.30 -84.96
CA ASN R 327 -160.02 -1.40 -85.67
C ASN R 327 -160.01 -1.14 -87.17
N ALA R 328 -158.96 -1.63 -87.83
CA ALA R 328 -158.73 -1.53 -89.27
C ALA R 328 -158.78 -0.09 -89.77
N GLY S 7 -70.17 -7.69 -64.65
CA GLY S 7 -70.17 -7.63 -66.09
C GLY S 7 -71.55 -7.85 -66.70
N PHE S 8 -71.67 -7.62 -68.00
CA PHE S 8 -72.92 -7.79 -68.71
C PHE S 8 -72.87 -9.07 -69.51
N VAL S 9 -73.93 -9.87 -69.42
CA VAL S 9 -73.98 -11.13 -70.18
C VAL S 9 -74.22 -10.84 -71.66
N PRO S 10 -73.48 -11.49 -72.57
CA PRO S 10 -73.79 -11.33 -73.99
C PRO S 10 -75.06 -12.07 -74.36
N ILE S 11 -75.79 -11.51 -75.33
CA ILE S 11 -77.00 -12.14 -75.82
C ILE S 11 -76.62 -13.40 -76.62
N HIS S 12 -77.43 -14.45 -76.48
CA HIS S 12 -77.18 -15.69 -77.19
C HIS S 12 -77.93 -15.74 -78.52
N THR S 13 -79.22 -15.43 -78.50
CA THR S 13 -80.05 -15.48 -79.70
C THR S 13 -81.23 -14.54 -79.52
N ILE S 14 -81.44 -13.65 -80.49
CA ILE S 14 -82.60 -12.77 -80.51
C ILE S 14 -83.50 -13.21 -81.67
N PHE S 15 -84.80 -13.29 -81.39
CA PHE S 15 -85.74 -13.61 -82.45
C PHE S 15 -87.06 -12.90 -82.18
N TYR S 16 -87.84 -12.72 -83.25
CA TYR S 16 -89.04 -11.91 -83.25
C TYR S 16 -90.22 -12.78 -83.61
N SER S 17 -91.06 -13.07 -82.62
CA SER S 17 -92.23 -13.92 -82.83
C SER S 17 -93.43 -13.04 -83.23
N VAL S 18 -94.41 -13.68 -83.86
CA VAL S 18 -95.59 -12.98 -84.34
C VAL S 18 -96.74 -13.98 -84.41
N PHE S 19 -97.97 -13.49 -84.23
CA PHE S 19 -99.16 -14.33 -84.22
C PHE S 19 -99.85 -14.23 -85.58
N HIS S 20 -99.55 -15.19 -86.44
CA HIS S 20 -100.25 -15.30 -87.71
C HIS S 20 -101.65 -15.87 -87.49
N PRO S 21 -102.69 -15.23 -88.03
CA PRO S 21 -104.06 -15.69 -87.74
C PRO S 21 -104.43 -17.01 -88.41
N THR S 22 -103.61 -17.52 -89.32
CA THR S 22 -103.87 -18.80 -89.97
C THR S 22 -102.92 -19.90 -89.51
N GLU S 23 -101.61 -19.66 -89.54
CA GLU S 23 -100.62 -20.67 -89.18
C GLU S 23 -100.06 -20.49 -87.78
N GLY S 24 -100.71 -19.68 -86.95
CA GLY S 24 -100.38 -19.61 -85.55
C GLY S 24 -99.11 -18.85 -85.24
N SER S 25 -98.67 -19.00 -83.99
CA SER S 25 -97.44 -18.37 -83.53
C SER S 25 -96.22 -19.02 -84.18
N LYS S 26 -95.29 -18.19 -84.64
CA LYS S 26 -94.12 -18.69 -85.34
C LYS S 26 -93.01 -17.65 -85.21
N ILE S 27 -91.79 -18.09 -85.52
CA ILE S 27 -90.62 -17.21 -85.48
C ILE S 27 -90.49 -16.54 -86.83
N LYS S 28 -90.84 -15.25 -86.89
CA LYS S 28 -90.78 -14.51 -88.15
C LYS S 28 -89.34 -14.26 -88.59
N TYR S 29 -88.51 -13.79 -87.65
CA TYR S 29 -87.11 -13.51 -87.90
C TYR S 29 -86.30 -13.93 -86.68
N GLU S 30 -85.03 -14.27 -86.91
CA GLU S 30 -84.17 -14.79 -85.85
C GLU S 30 -82.72 -14.52 -86.20
N PHE S 31 -81.97 -13.93 -85.27
CA PHE S 31 -80.54 -13.76 -85.47
C PHE S 31 -79.82 -14.30 -84.25
N PRO S 32 -78.82 -15.18 -84.41
CA PRO S 32 -78.27 -15.73 -85.67
C PRO S 32 -79.23 -16.71 -86.36
N PRO S 33 -79.13 -16.90 -87.68
CA PRO S 33 -80.10 -17.75 -88.36
C PRO S 33 -79.92 -19.22 -87.99
N ASN S 34 -81.05 -19.87 -87.72
CA ASN S 34 -81.13 -21.29 -87.35
C ASN S 34 -80.30 -21.58 -86.10
N ASN S 35 -80.24 -20.61 -85.18
CA ASN S 35 -79.51 -20.80 -83.94
C ASN S 35 -80.30 -21.67 -82.96
N LEU S 36 -81.63 -21.48 -82.89
CA LEU S 36 -82.45 -22.24 -81.95
C LEU S 36 -82.46 -23.73 -82.28
N LYS S 37 -82.59 -24.07 -83.56
CA LYS S 37 -82.60 -25.46 -83.97
C LYS S 37 -81.24 -26.10 -83.78
N ASN S 38 -80.17 -25.33 -84.02
CA ASN S 38 -78.83 -25.87 -83.85
C ASN S 38 -78.51 -26.07 -82.38
N HIS S 39 -78.99 -25.18 -81.51
CA HIS S 39 -78.70 -25.24 -80.09
C HIS S 39 -79.72 -26.05 -79.32
N GLY S 40 -80.78 -26.54 -79.98
CA GLY S 40 -81.76 -27.40 -79.36
C GLY S 40 -83.02 -26.71 -78.89
N ILE S 41 -83.11 -25.38 -78.97
CA ILE S 41 -84.30 -24.68 -78.54
C ILE S 41 -85.42 -24.89 -79.55
N ASN S 42 -86.58 -25.33 -79.06
CA ASN S 42 -87.73 -25.67 -79.89
C ASN S 42 -88.87 -24.71 -79.58
N PHE S 43 -89.42 -24.08 -80.62
CA PHE S 43 -90.59 -23.21 -80.46
C PHE S 43 -91.89 -23.99 -80.58
N ASN S 44 -92.00 -25.06 -79.79
CA ASN S 44 -93.26 -25.78 -79.66
C ASN S 44 -93.57 -26.14 -78.21
N THR S 45 -92.67 -25.83 -77.27
CA THR S 45 -92.88 -26.10 -75.86
C THR S 45 -93.28 -24.85 -75.08
N PHE S 46 -92.60 -23.73 -75.30
CA PHE S 46 -92.89 -22.49 -74.60
C PHE S 46 -93.60 -21.48 -75.49
N LYS S 47 -94.27 -21.95 -76.53
CA LYS S 47 -95.00 -21.09 -77.43
C LYS S 47 -96.23 -20.47 -76.77
N ASN S 48 -96.72 -21.06 -75.68
CA ASN S 48 -97.86 -20.51 -74.96
C ASN S 48 -97.48 -19.38 -74.00
N TYR S 49 -96.18 -19.19 -73.73
CA TYR S 49 -95.72 -18.07 -72.94
C TYR S 49 -95.25 -16.90 -73.79
N ILE S 50 -94.73 -17.18 -74.98
CA ILE S 50 -94.30 -16.10 -75.89
C ILE S 50 -95.51 -15.36 -76.43
N ILE S 51 -96.54 -16.09 -76.86
CA ILE S 51 -97.79 -15.48 -77.29
C ILE S 51 -98.88 -16.01 -76.37
N PRO S 52 -99.12 -15.38 -75.24
CA PRO S 52 -100.03 -15.95 -74.24
C PRO S 52 -101.45 -15.42 -74.37
N LYS S 53 -102.36 -15.95 -73.57
CA LYS S 53 -103.68 -15.36 -73.45
C LYS S 53 -103.59 -13.96 -72.84
N PRO S 54 -104.52 -13.04 -73.19
CA PRO S 54 -104.36 -11.64 -72.77
C PRO S 54 -104.57 -11.35 -71.29
N ILE S 55 -103.90 -12.09 -70.42
CA ILE S 55 -103.85 -11.80 -69.00
C ILE S 55 -102.37 -11.70 -68.63
N LEU S 56 -101.54 -12.44 -69.38
CA LEU S 56 -100.09 -12.39 -69.23
C LEU S 56 -99.44 -11.38 -70.15
N CYS S 57 -100.21 -10.73 -71.02
CA CYS S 57 -99.68 -9.75 -71.96
C CYS S 57 -99.31 -8.46 -71.23
N HIS S 58 -98.45 -7.68 -71.88
CA HIS S 58 -97.90 -6.42 -71.33
C HIS S 58 -97.20 -6.66 -70.00
N LYS S 59 -96.48 -7.78 -69.90
CA LYS S 59 -95.73 -8.14 -68.70
C LYS S 59 -94.40 -8.76 -69.11
N LEU S 60 -93.44 -8.73 -68.17
CA LEU S 60 -92.07 -9.16 -68.44
C LEU S 60 -91.93 -10.65 -68.11
N ILE S 61 -92.37 -11.48 -69.05
CA ILE S 61 -92.31 -12.92 -68.88
C ILE S 61 -90.87 -13.40 -68.98
N THR S 62 -90.42 -14.15 -67.97
CA THR S 62 -89.06 -14.67 -67.94
C THR S 62 -89.10 -16.06 -67.35
N PHE S 63 -88.63 -17.04 -68.11
CA PHE S 63 -88.64 -18.43 -67.66
C PHE S 63 -87.30 -19.07 -68.00
N LYS S 64 -87.17 -20.33 -67.60
CA LYS S 64 -85.95 -21.10 -67.80
C LYS S 64 -86.25 -22.28 -68.71
N TYR S 65 -85.44 -22.43 -69.76
CA TYR S 65 -85.57 -23.52 -70.71
C TYR S 65 -84.24 -24.25 -70.77
N GLY S 66 -84.15 -25.39 -70.10
CA GLY S 66 -82.94 -26.19 -70.08
C GLY S 66 -81.78 -25.51 -69.38
N THR S 67 -80.77 -25.10 -70.16
CA THR S 67 -79.65 -24.33 -69.65
C THR S 67 -79.71 -22.88 -70.13
N TYR S 68 -80.79 -22.48 -70.78
CA TYR S 68 -80.96 -21.14 -71.31
C TYR S 68 -82.10 -20.45 -70.58
N ARG S 69 -81.86 -19.22 -70.14
CA ARG S 69 -82.88 -18.38 -69.54
C ARG S 69 -83.45 -17.45 -70.59
N ILE S 70 -84.77 -17.47 -70.74
CA ILE S 70 -85.46 -16.75 -71.82
C ILE S 70 -86.21 -15.58 -71.22
N VAL S 71 -85.93 -14.38 -71.72
CA VAL S 71 -86.58 -13.14 -71.26
C VAL S 71 -87.35 -12.55 -72.42
N CYS S 72 -88.62 -12.20 -72.18
CA CYS S 72 -89.47 -11.67 -73.24
C CYS S 72 -90.51 -10.74 -72.65
N TYR S 73 -91.03 -9.86 -73.50
CA TYR S 73 -92.12 -8.94 -73.15
C TYR S 73 -93.21 -9.03 -74.22
N PRO S 74 -94.16 -9.95 -74.08
CA PRO S 74 -95.23 -10.07 -75.08
C PRO S 74 -96.14 -8.85 -75.09
N VAL S 75 -96.60 -8.51 -76.29
CA VAL S 75 -97.44 -7.34 -76.52
C VAL S 75 -98.60 -7.76 -77.42
N THR S 76 -99.82 -7.41 -77.01
CA THR S 76 -101.03 -7.69 -77.78
C THR S 76 -101.82 -6.40 -77.97
N ILE S 77 -102.15 -6.09 -79.22
CA ILE S 77 -102.91 -4.88 -79.57
C ILE S 77 -104.31 -5.30 -79.96
N ASN S 78 -105.31 -4.60 -79.42
CA ASN S 78 -106.72 -4.90 -79.66
C ASN S 78 -107.35 -3.78 -80.50
N SER S 79 -107.67 -4.09 -81.76
CA SER S 79 -108.34 -3.13 -82.64
C SER S 79 -109.03 -3.93 -83.73
N PRO S 80 -110.15 -3.42 -84.27
CA PRO S 80 -110.84 -4.15 -85.35
C PRO S 80 -110.11 -4.12 -86.69
N ILE S 81 -109.07 -3.29 -86.84
CA ILE S 81 -108.35 -3.21 -88.10
C ILE S 81 -107.63 -4.53 -88.39
N TYR S 82 -106.98 -5.09 -87.38
CA TYR S 82 -106.28 -6.35 -87.53
C TYR S 82 -107.26 -7.51 -87.63
N ALA S 83 -106.83 -8.58 -88.29
CA ALA S 83 -107.64 -9.79 -88.35
C ALA S 83 -107.75 -10.42 -86.97
N ARG S 84 -108.94 -10.97 -86.69
CA ARG S 84 -109.31 -11.59 -85.41
C ARG S 84 -109.19 -10.62 -84.23
N ASN S 85 -109.28 -9.31 -84.52
CA ASN S 85 -109.34 -8.23 -83.52
C ASN S 85 -108.10 -8.18 -82.64
N PHE S 86 -107.01 -8.85 -83.03
CA PHE S 86 -105.81 -8.90 -82.23
C PHE S 86 -104.60 -9.03 -83.15
N PHE S 87 -103.45 -8.58 -82.64
CA PHE S 87 -102.18 -8.73 -83.35
C PHE S 87 -101.09 -8.84 -82.30
N SER S 88 -100.53 -10.03 -82.12
CA SER S 88 -99.59 -10.31 -81.04
C SER S 88 -98.21 -10.59 -81.59
N PHE S 89 -97.19 -9.98 -80.98
CA PHE S 89 -95.79 -10.21 -81.32
C PHE S 89 -95.01 -10.24 -80.01
N ASN S 90 -93.72 -10.56 -80.13
CA ASN S 90 -92.86 -10.65 -78.95
C ASN S 90 -91.40 -10.55 -79.38
N PHE S 91 -90.69 -9.57 -78.84
CA PHE S 91 -89.24 -9.46 -79.03
C PHE S 91 -88.59 -10.24 -77.91
N VAL S 92 -88.10 -11.44 -78.22
CA VAL S 92 -87.64 -12.40 -77.22
C VAL S 92 -86.12 -12.35 -77.15
N PHE S 93 -85.59 -12.26 -75.93
CA PHE S 93 -84.16 -12.31 -75.69
C PHE S 93 -83.82 -13.59 -74.95
N VAL S 94 -82.77 -14.28 -75.41
CA VAL S 94 -82.36 -15.54 -74.82
C VAL S 94 -80.95 -15.38 -74.25
N PHE S 95 -80.80 -15.77 -73.00
CA PHE S 95 -79.54 -15.70 -72.28
C PHE S 95 -79.19 -17.08 -71.73
N PRO S 96 -77.90 -17.38 -71.51
CA PRO S 96 -77.55 -18.56 -70.72
C PRO S 96 -78.04 -18.40 -69.29
N TYR S 97 -78.35 -19.53 -68.65
CA TYR S 97 -79.00 -19.48 -67.34
C TYR S 97 -78.05 -18.96 -66.27
N ASP S 98 -76.79 -19.37 -66.31
CA ASP S 98 -75.82 -19.02 -65.26
C ASP S 98 -75.28 -17.60 -65.50
N CYS S 99 -76.15 -16.63 -65.27
CA CYS S 99 -75.79 -15.21 -65.38
C CYS S 99 -76.79 -14.40 -64.56
N GLU S 100 -76.79 -13.09 -64.76
CA GLU S 100 -77.77 -12.19 -64.16
C GLU S 100 -78.43 -11.37 -65.25
N THR S 101 -79.68 -11.69 -65.56
CA THR S 101 -80.44 -10.97 -66.56
C THR S 101 -81.11 -9.70 -66.03
N SER S 102 -80.70 -9.25 -64.83
CA SER S 102 -81.28 -8.03 -64.25
C SER S 102 -81.07 -6.76 -65.07
N PRO S 103 -79.87 -6.42 -65.59
CA PRO S 103 -79.73 -5.12 -66.27
C PRO S 103 -80.49 -5.03 -67.60
N TYR S 104 -80.71 -6.14 -68.29
CA TYR S 104 -81.36 -6.11 -69.59
C TYR S 104 -82.87 -6.02 -69.49
N GLU S 105 -83.45 -6.30 -68.32
CA GLU S 105 -84.90 -6.34 -68.17
C GLU S 105 -85.58 -4.99 -68.42
N PRO S 106 -85.14 -3.85 -67.86
CA PRO S 106 -85.78 -2.58 -68.25
C PRO S 106 -85.63 -2.23 -69.71
N ALA S 107 -84.49 -2.60 -70.33
CA ALA S 107 -84.29 -2.34 -71.75
C ALA S 107 -85.27 -3.15 -72.60
N ILE S 108 -85.47 -4.43 -72.27
CA ILE S 108 -86.42 -5.25 -73.01
C ILE S 108 -87.85 -4.74 -72.81
N THR S 109 -88.19 -4.35 -71.57
CA THR S 109 -89.52 -3.81 -71.30
C THR S 109 -89.77 -2.51 -72.07
N ARG S 110 -88.77 -1.62 -72.10
CA ARG S 110 -88.93 -0.36 -72.82
C ARG S 110 -88.96 -0.57 -74.32
N LEU S 111 -88.19 -1.53 -74.85
CA LEU S 111 -88.25 -1.83 -76.28
C LEU S 111 -89.63 -2.35 -76.67
N GLY S 112 -90.19 -3.26 -75.85
CA GLY S 112 -91.53 -3.75 -76.11
C GLY S 112 -92.58 -2.66 -76.02
N LYS S 113 -92.45 -1.79 -75.02
CA LYS S 113 -93.39 -0.69 -74.85
C LYS S 113 -93.31 0.30 -76.01
N MET S 114 -92.08 0.61 -76.47
CA MET S 114 -91.89 1.54 -77.58
C MET S 114 -92.47 0.97 -78.87
N PHE S 115 -92.25 -0.33 -79.12
CA PHE S 115 -92.80 -0.91 -80.34
C PHE S 115 -94.31 -1.07 -80.25
N LYS S 116 -94.85 -1.26 -79.04
CA LYS S 116 -96.30 -1.25 -78.85
C LYS S 116 -96.86 0.13 -79.17
N VAL S 117 -96.18 1.20 -78.73
CA VAL S 117 -96.60 2.56 -79.01
C VAL S 117 -96.58 2.84 -80.51
N LEU S 118 -95.51 2.41 -81.18
CA LEU S 118 -95.40 2.65 -82.63
C LEU S 118 -96.45 1.84 -83.41
N GLU S 119 -96.72 0.60 -82.98
CA GLU S 119 -97.75 -0.21 -83.63
C GLU S 119 -99.14 0.39 -83.43
N GLU S 120 -99.41 0.92 -82.24
CA GLU S 120 -100.69 1.61 -82.01
C GLU S 120 -100.77 2.92 -82.79
N GLN S 121 -99.62 3.55 -83.04
CA GLN S 121 -99.63 4.84 -83.72
C GLN S 121 -99.82 4.69 -85.23
N ASN S 122 -98.90 4.00 -85.90
CA ASN S 122 -98.90 3.99 -87.35
C ASN S 122 -98.71 2.60 -87.95
N GLN S 123 -98.87 1.54 -87.14
CA GLN S 123 -98.79 0.14 -87.58
C GLN S 123 -97.46 -0.17 -88.25
N LEU S 124 -96.37 0.19 -87.55
CA LEU S 124 -95.03 -0.01 -88.10
C LEU S 124 -94.66 -1.48 -88.20
N LEU S 125 -95.14 -2.31 -87.27
CA LEU S 125 -94.76 -3.72 -87.24
C LEU S 125 -95.74 -4.63 -87.97
N SER S 126 -97.00 -4.22 -88.14
CA SER S 126 -97.96 -5.08 -88.80
C SER S 126 -97.89 -4.96 -90.32
N LYS S 127 -97.69 -3.74 -90.83
CA LYS S 127 -97.57 -3.55 -92.27
C LYS S 127 -96.22 -4.00 -92.81
N SER S 128 -95.23 -4.23 -91.94
CA SER S 128 -93.91 -4.69 -92.39
C SER S 128 -93.94 -6.13 -92.86
N GLU S 129 -94.98 -6.90 -92.52
CA GLU S 129 -95.09 -8.29 -92.96
C GLU S 129 -95.44 -8.39 -94.43
N ARG S 130 -96.00 -7.33 -95.02
CA ARG S 130 -96.45 -7.28 -96.42
C ARG S 130 -97.44 -8.41 -96.73
N ASP S 131 -98.35 -8.66 -95.78
CA ASP S 131 -99.35 -9.72 -95.91
C ASP S 131 -100.69 -9.13 -95.48
N PRO S 132 -101.71 -9.12 -96.36
CA PRO S 132 -103.02 -8.58 -95.96
C PRO S 132 -103.84 -9.52 -95.09
N VAL S 133 -103.34 -10.71 -94.77
CA VAL S 133 -104.06 -11.64 -93.90
C VAL S 133 -104.04 -11.18 -92.44
N PHE S 134 -103.13 -10.25 -92.09
CA PHE S 134 -103.10 -9.69 -90.74
C PHE S 134 -104.17 -8.65 -90.50
N PHE S 135 -104.89 -8.23 -91.54
CA PHE S 135 -105.83 -7.12 -91.48
C PHE S 135 -107.25 -7.63 -91.76
N ASP S 136 -108.22 -6.76 -91.49
CA ASP S 136 -109.62 -7.13 -91.67
C ASP S 136 -109.97 -7.28 -93.15
N LEU S 137 -109.40 -6.41 -94.00
CA LEU S 137 -109.66 -6.35 -95.44
C LEU S 137 -111.14 -6.12 -95.76
N LYS S 138 -111.85 -5.42 -94.87
CA LYS S 138 -113.24 -5.03 -95.12
C LYS S 138 -113.54 -3.59 -94.75
N VAL S 139 -112.68 -2.91 -94.01
CA VAL S 139 -112.91 -1.52 -93.63
C VAL S 139 -111.71 -0.66 -94.04
N PHE S 195 -87.93 -0.27 -93.97
CA PHE S 195 -87.63 -0.84 -92.65
C PHE S 195 -87.61 -2.37 -92.72
N SER S 196 -86.52 -2.97 -92.25
CA SER S 196 -86.34 -4.41 -92.25
C SER S 196 -86.15 -4.88 -90.81
N ILE S 197 -86.96 -5.86 -90.40
CA ILE S 197 -86.88 -6.36 -89.03
C ILE S 197 -85.59 -7.16 -88.83
N GLN S 198 -85.18 -7.92 -89.84
CA GLN S 198 -83.98 -8.77 -89.73
C GLN S 198 -82.72 -7.93 -89.53
N ASP S 199 -82.58 -6.84 -90.29
CA ASP S 199 -81.43 -5.95 -90.13
C ASP S 199 -81.45 -5.27 -88.77
N LEU S 200 -82.64 -4.92 -88.29
CA LEU S 200 -82.78 -4.33 -86.95
C LEU S 200 -82.35 -5.31 -85.87
N LEU S 201 -82.74 -6.59 -86.01
CA LEU S 201 -82.34 -7.62 -85.06
C LEU S 201 -80.83 -7.84 -85.10
N MET S 202 -80.24 -7.84 -86.31
CA MET S 202 -78.80 -7.98 -86.46
C MET S 202 -78.07 -6.84 -85.75
N ARG S 203 -78.55 -5.61 -85.97
CA ARG S 203 -77.91 -4.45 -85.35
C ARG S 203 -78.08 -4.44 -83.84
N ILE S 204 -79.26 -4.82 -83.35
CA ILE S 204 -79.50 -4.88 -81.90
C ILE S 204 -78.58 -5.89 -81.25
N PHE S 205 -78.52 -7.11 -81.83
CA PHE S 205 -77.68 -8.18 -81.28
C PHE S 205 -76.21 -7.78 -81.28
N GLN S 206 -75.73 -7.25 -82.41
CA GLN S 206 -74.31 -6.97 -82.53
C GLN S 206 -73.91 -5.77 -81.67
N ASP S 207 -74.73 -4.72 -81.63
CA ASP S 207 -74.39 -3.54 -80.83
C ASP S 207 -74.51 -3.80 -79.35
N LEU S 208 -75.48 -4.62 -78.92
CA LEU S 208 -75.54 -4.97 -77.50
C LEU S 208 -74.47 -5.98 -77.10
N ASN S 209 -73.95 -6.77 -78.05
CA ASN S 209 -72.82 -7.63 -77.74
C ASN S 209 -71.50 -6.86 -77.69
N ASN S 210 -71.32 -5.87 -78.56
CA ASN S 210 -70.04 -5.18 -78.62
C ASN S 210 -69.96 -3.95 -77.72
N TYR S 211 -70.93 -3.04 -77.82
CA TYR S 211 -70.79 -1.73 -77.21
C TYR S 211 -71.69 -1.54 -76.00
N SER S 212 -72.63 -2.45 -75.76
CA SER S 212 -73.70 -2.31 -74.76
C SER S 212 -74.54 -1.05 -74.96
N GLU S 213 -74.58 -0.54 -76.19
CA GLU S 213 -75.31 0.67 -76.52
C GLU S 213 -75.70 0.59 -77.99
N CYS S 214 -76.73 1.35 -78.36
CA CYS S 214 -77.16 1.43 -79.74
C CYS S 214 -77.95 2.70 -79.99
N LEU S 215 -77.85 3.21 -81.21
CA LEU S 215 -78.60 4.36 -81.70
C LEU S 215 -79.19 4.01 -83.06
N ILE S 216 -79.86 2.87 -83.10
CA ILE S 216 -80.29 2.22 -84.33
C ILE S 216 -81.50 2.93 -84.92
N PRO S 217 -81.42 3.47 -86.13
CA PRO S 217 -82.59 4.12 -86.73
C PRO S 217 -83.50 3.14 -87.44
N ILE S 218 -84.79 3.29 -87.21
CA ILE S 218 -85.81 2.46 -87.83
C ILE S 218 -86.75 3.25 -88.74
N ASP S 219 -86.78 4.58 -88.62
CA ASP S 219 -87.68 5.41 -89.42
C ASP S 219 -87.07 6.82 -89.46
N GLU S 220 -87.87 7.79 -89.91
CA GLU S 220 -87.41 9.16 -89.97
C GLU S 220 -87.46 9.88 -88.63
N GLY S 221 -88.13 9.32 -87.63
CA GLY S 221 -88.27 9.98 -86.35
C GLY S 221 -88.19 9.05 -85.16
N ASN S 222 -87.95 7.77 -85.40
CA ASN S 222 -87.88 6.77 -84.36
C ASN S 222 -86.53 6.06 -84.40
N ALA S 223 -85.97 5.82 -83.22
CA ALA S 223 -84.68 5.15 -83.11
C ALA S 223 -84.67 4.31 -81.85
N VAL S 224 -84.04 3.14 -81.93
CA VAL S 224 -83.91 2.24 -80.80
C VAL S 224 -82.68 2.68 -80.01
N ASP S 225 -82.92 3.31 -78.86
CA ASP S 225 -81.86 3.86 -78.02
C ASP S 225 -81.83 3.05 -76.73
N ILE S 226 -80.87 2.13 -76.63
CA ILE S 226 -80.74 1.23 -75.50
C ILE S 226 -79.36 1.44 -74.88
N LYS S 227 -79.32 1.69 -73.58
CA LYS S 227 -78.08 1.69 -72.81
C LYS S 227 -78.26 0.79 -71.60
N ILE S 228 -77.26 -0.05 -71.33
CA ILE S 228 -77.32 -1.05 -70.27
C ILE S 228 -76.47 -0.57 -69.11
N PHE S 229 -77.11 -0.34 -67.96
CA PHE S 229 -76.50 0.11 -66.72
C PHE S 229 -76.38 -1.04 -65.73
N PRO S 230 -75.33 -1.06 -64.92
CA PRO S 230 -75.23 -2.07 -63.86
C PRO S 230 -76.22 -1.78 -62.73
N LEU S 231 -76.51 -2.82 -61.96
CA LEU S 231 -77.44 -2.73 -60.84
C LEU S 231 -76.66 -2.58 -59.54
N LEU S 232 -77.03 -1.57 -58.74
CA LEU S 232 -76.32 -1.23 -57.53
C LEU S 232 -77.19 -1.52 -56.32
N ARG S 233 -76.57 -1.99 -55.24
CA ARG S 233 -77.30 -2.29 -54.02
C ARG S 233 -77.77 -1.00 -53.35
N PRO S 234 -78.97 -1.00 -52.77
CA PRO S 234 -79.43 0.17 -52.01
C PRO S 234 -78.58 0.36 -50.77
N PRO S 235 -78.41 1.59 -50.30
CA PRO S 235 -77.55 1.85 -49.15
C PRO S 235 -78.21 1.45 -47.84
N THR S 236 -77.43 1.55 -46.77
CA THR S 236 -77.90 1.20 -45.44
C THR S 236 -78.91 2.22 -44.93
N THR S 237 -79.69 1.79 -43.95
CA THR S 237 -80.58 2.68 -43.21
C THR S 237 -80.11 2.94 -41.79
N CYS S 238 -79.09 2.22 -41.31
CA CYS S 238 -78.58 2.40 -39.95
C CYS S 238 -77.43 3.40 -39.93
N VAL S 239 -77.66 4.59 -40.47
CA VAL S 239 -76.71 5.70 -40.39
C VAL S 239 -77.26 6.75 -39.43
N SER S 240 -76.41 7.17 -38.49
CA SER S 240 -76.87 8.04 -37.40
C SER S 240 -76.02 9.29 -37.27
N LEU S 241 -76.27 10.08 -36.23
CA LEU S 241 -75.62 11.39 -36.06
C LEU S 241 -74.23 11.31 -35.46
N GLU S 242 -73.80 10.13 -35.00
CA GLU S 242 -72.49 9.99 -34.39
C GLU S 242 -71.47 9.34 -35.31
N ASP S 243 -71.84 9.07 -36.56
CA ASP S 243 -70.95 8.42 -37.51
C ASP S 243 -70.32 9.48 -38.40
N VAL S 244 -69.00 9.45 -38.51
CA VAL S 244 -68.32 10.41 -39.38
C VAL S 244 -68.22 9.82 -40.78
N PRO S 245 -68.55 10.58 -41.82
CA PRO S 245 -68.42 10.06 -43.18
C PRO S 245 -67.05 10.35 -43.76
N LEU S 246 -66.42 9.34 -44.34
CA LEU S 246 -65.19 9.52 -45.09
C LEU S 246 -65.54 9.79 -46.56
N SER S 247 -64.52 9.84 -47.40
CA SER S 247 -64.73 10.02 -48.85
C SER S 247 -63.52 9.38 -49.51
N SER S 248 -63.73 8.18 -50.06
CA SER S 248 -62.67 7.47 -50.78
C SER S 248 -62.38 8.08 -52.15
N VAL S 249 -63.23 8.99 -52.63
CA VAL S 249 -63.04 9.67 -53.90
C VAL S 249 -62.96 11.16 -53.64
N ASN S 250 -62.35 11.86 -54.59
CA ASN S 250 -62.25 13.32 -54.49
C ASN S 250 -63.58 13.90 -54.95
N LEU S 251 -64.35 14.42 -54.00
CA LEU S 251 -65.68 14.94 -54.26
C LEU S 251 -65.66 16.35 -54.82
N LYS S 252 -64.49 16.97 -54.93
CA LYS S 252 -64.43 18.34 -55.45
C LYS S 252 -64.64 18.36 -56.96
N LYS S 253 -64.06 17.40 -57.67
CA LYS S 253 -64.13 17.37 -59.12
C LYS S 253 -65.38 16.67 -59.66
N ILE S 254 -66.15 16.01 -58.78
CA ILE S 254 -67.37 15.34 -59.22
C ILE S 254 -68.56 16.28 -59.27
N ILE S 255 -68.50 17.41 -58.56
CA ILE S 255 -69.63 18.33 -58.48
C ILE S 255 -69.85 18.99 -59.83
N ASP S 256 -71.08 18.87 -60.35
CA ASP S 256 -71.50 19.62 -61.51
C ASP S 256 -72.80 20.35 -61.21
N VAL S 257 -73.42 20.92 -62.24
CA VAL S 257 -74.57 21.80 -62.05
C VAL S 257 -75.82 21.04 -61.61
N ASN S 258 -75.86 19.72 -61.79
CA ASN S 258 -77.08 18.96 -61.56
C ASN S 258 -77.20 18.41 -60.14
N TRP S 259 -76.27 18.71 -59.24
CA TRP S 259 -76.32 18.14 -57.89
C TRP S 259 -77.43 18.77 -57.06
N ASP S 260 -77.79 18.04 -55.99
CA ASP S 260 -78.71 18.57 -55.00
C ASP S 260 -78.05 19.71 -54.22
N PRO S 261 -78.82 20.75 -53.85
CA PRO S 261 -78.24 21.87 -53.09
C PRO S 261 -77.66 21.46 -51.74
N THR S 262 -78.24 20.45 -51.08
CA THR S 262 -77.69 19.99 -49.82
C THR S 262 -76.36 19.29 -50.04
N MET S 263 -76.32 18.39 -51.03
CA MET S 263 -75.12 17.61 -51.33
C MET S 263 -73.98 18.48 -51.83
N MET S 264 -74.28 19.68 -52.33
CA MET S 264 -73.23 20.66 -52.61
C MET S 264 -72.59 21.13 -51.31
N SER S 265 -73.41 21.37 -50.27
CA SER S 265 -72.91 21.90 -49.01
C SER S 265 -72.23 20.83 -48.15
N ILE S 266 -72.63 19.57 -48.29
CA ILE S 266 -72.02 18.52 -47.46
C ILE S 266 -70.58 18.25 -47.89
N VAL S 267 -70.25 18.46 -49.18
CA VAL S 267 -68.94 18.05 -49.70
C VAL S 267 -67.74 18.75 -49.05
N PRO S 268 -67.71 20.09 -48.87
CA PRO S 268 -66.53 20.70 -48.21
C PRO S 268 -66.29 20.22 -46.79
N TYR S 269 -67.34 19.91 -46.04
CA TYR S 269 -67.21 19.47 -44.65
C TYR S 269 -67.19 17.94 -44.56
N ILE S 270 -66.33 17.29 -45.33
CA ILE S 270 -66.10 15.85 -45.23
C ILE S 270 -64.59 15.65 -45.23
N ASP S 271 -64.03 15.36 -44.06
CA ASP S 271 -62.59 15.15 -43.94
C ASP S 271 -62.26 13.99 -43.00
N GLY S 272 -63.22 13.15 -42.64
CA GLY S 272 -62.95 12.04 -41.77
C GLY S 272 -63.00 12.36 -40.29
N LEU S 273 -63.38 13.59 -39.92
CA LEU S 273 -63.46 13.95 -38.50
C LEU S 273 -64.68 14.78 -38.16
N ASN S 274 -65.61 15.00 -39.10
CA ASN S 274 -66.82 15.75 -38.83
C ASN S 274 -68.00 14.81 -38.70
N SER S 275 -68.72 14.92 -37.59
CA SER S 275 -69.91 14.09 -37.39
C SER S 275 -71.03 14.62 -38.27
N ILE S 276 -72.05 13.79 -38.48
CA ILE S 276 -73.14 14.15 -39.39
C ILE S 276 -73.94 15.33 -38.83
N ALA S 277 -74.14 15.36 -37.52
CA ALA S 277 -74.78 16.53 -36.91
C ALA S 277 -73.88 17.77 -37.00
N LYS S 278 -72.57 17.58 -36.89
CA LYS S 278 -71.63 18.70 -37.08
C LYS S 278 -71.67 19.21 -38.51
N ILE S 279 -71.77 18.32 -39.49
CA ILE S 279 -71.91 18.71 -40.89
C ILE S 279 -73.22 19.46 -41.10
N SER S 280 -74.29 18.97 -40.47
CA SER S 280 -75.60 19.60 -40.58
C SER S 280 -75.61 21.00 -39.98
N LYS S 281 -74.95 21.17 -38.83
CA LYS S 281 -74.90 22.48 -38.20
C LYS S 281 -73.95 23.42 -38.94
N LEU S 282 -72.87 22.89 -39.48
CA LEU S 282 -71.91 23.72 -40.20
C LEU S 282 -72.50 24.22 -41.52
N SER S 283 -73.19 23.36 -42.25
CA SER S 283 -73.76 23.69 -43.54
C SER S 283 -75.19 24.18 -43.44
N ASN S 284 -75.71 24.36 -42.21
CA ASN S 284 -77.07 24.83 -41.94
C ASN S 284 -78.11 23.92 -42.60
N SER S 285 -77.96 22.61 -42.38
CA SER S 285 -78.82 21.62 -43.01
C SER S 285 -79.56 20.81 -41.95
N ASP S 286 -80.75 20.36 -42.32
CA ASP S 286 -81.48 19.42 -41.50
C ASP S 286 -80.78 18.06 -41.54
N PRO S 287 -80.70 17.36 -40.39
CA PRO S 287 -80.01 16.06 -40.38
C PRO S 287 -80.63 15.01 -41.28
N GLY S 288 -81.93 15.07 -41.55
CA GLY S 288 -82.56 14.09 -42.40
C GLY S 288 -82.08 14.14 -43.84
N LEU S 289 -81.95 15.34 -44.39
CA LEU S 289 -81.47 15.46 -45.76
C LEU S 289 -79.98 15.13 -45.86
N VAL S 290 -79.22 15.41 -44.79
CA VAL S 290 -77.82 14.96 -44.74
C VAL S 290 -77.75 13.44 -44.73
N ILE S 291 -78.66 12.79 -43.99
CA ILE S 291 -78.73 11.34 -43.97
C ILE S 291 -79.03 10.79 -45.37
N GLU S 292 -79.98 11.42 -46.06
CA GLU S 292 -80.33 10.98 -47.41
C GLU S 292 -79.18 11.19 -48.39
N CYS S 293 -78.48 12.33 -48.29
CA CYS S 293 -77.35 12.59 -49.18
C CYS S 293 -76.20 11.64 -48.92
N ILE S 294 -75.92 11.33 -47.65
CA ILE S 294 -74.88 10.37 -47.32
C ILE S 294 -75.27 8.98 -47.82
N ARG S 295 -76.56 8.63 -47.74
CA ARG S 295 -77.02 7.36 -48.29
C ARG S 295 -76.84 7.31 -49.80
N HIS S 296 -77.11 8.42 -50.49
CA HIS S 296 -76.88 8.49 -51.93
C HIS S 296 -75.40 8.31 -52.26
N LEU S 297 -74.52 8.91 -51.46
CA LEU S 297 -73.09 8.75 -51.71
C LEU S 297 -72.61 7.32 -51.40
N ILE S 298 -73.20 6.67 -50.41
CA ILE S 298 -72.93 5.25 -50.16
C ILE S 298 -73.43 4.39 -51.31
N TYR S 299 -74.55 4.80 -51.91
CA TYR S 299 -75.18 4.05 -53.00
C TYR S 299 -74.25 3.91 -54.21
N TYR S 300 -73.40 4.91 -54.44
CA TYR S 300 -72.45 4.88 -55.55
C TYR S 300 -71.09 4.32 -55.14
N LYS S 301 -70.97 3.81 -53.91
CA LYS S 301 -69.73 3.24 -53.36
C LYS S 301 -68.59 4.24 -53.36
N CYS S 302 -68.82 5.36 -52.68
CA CYS S 302 -67.85 6.44 -52.56
C CYS S 302 -67.58 6.87 -51.13
N VAL S 303 -68.58 6.83 -50.26
CA VAL S 303 -68.47 7.32 -48.89
C VAL S 303 -68.71 6.15 -47.94
N THR S 304 -67.80 5.96 -46.99
CA THR S 304 -67.92 4.94 -45.96
C THR S 304 -67.90 5.59 -44.59
N LEU S 305 -68.81 5.15 -43.71
CA LEU S 305 -68.93 5.74 -42.39
C LEU S 305 -67.78 5.29 -41.49
N SER S 306 -67.56 6.05 -40.43
CA SER S 306 -66.53 5.72 -39.46
C SER S 306 -66.98 6.22 -38.09
N ASP S 307 -66.04 6.32 -37.15
CA ASP S 307 -66.33 6.64 -35.76
C ASP S 307 -65.66 7.95 -35.36
N ILE S 308 -66.29 8.66 -34.43
CA ILE S 308 -65.72 9.90 -33.90
C ILE S 308 -64.46 9.58 -33.10
N PHE S 309 -63.36 10.24 -33.46
CA PHE S 309 -62.08 9.99 -32.81
C PHE S 309 -61.98 10.82 -31.54
N GLN S 310 -61.75 10.15 -30.41
CA GLN S 310 -61.51 10.79 -29.12
C GLN S 310 -60.17 10.30 -28.58
N PHE S 311 -59.82 10.79 -27.39
CA PHE S 311 -58.70 10.24 -26.63
C PHE S 311 -59.20 9.38 -25.48
N SER S 312 -60.50 9.08 -25.45
CA SER S 312 -61.09 8.20 -24.45
C SER S 312 -61.67 6.94 -25.10
N ASN S 313 -61.18 6.58 -26.28
CA ASN S 313 -61.73 5.45 -27.00
C ASN S 313 -60.97 4.18 -26.66
N ILE S 314 -61.58 3.04 -27.02
CA ILE S 314 -61.17 1.73 -26.53
C ILE S 314 -60.71 0.91 -27.74
N TYR S 315 -60.01 1.58 -28.67
CA TYR S 315 -59.57 0.96 -29.92
C TYR S 315 -58.78 -0.31 -29.68
N ALA S 316 -59.08 -1.33 -30.48
CA ALA S 316 -58.55 -2.67 -30.28
C ALA S 316 -58.20 -3.27 -31.64
N PRO S 317 -57.22 -4.17 -31.70
CA PRO S 317 -56.90 -4.82 -32.98
C PRO S 317 -58.02 -5.74 -33.43
N SER S 318 -58.16 -5.84 -34.74
CA SER S 318 -59.18 -6.67 -35.37
C SER S 318 -58.55 -7.97 -35.83
N SER S 319 -59.31 -8.76 -36.57
CA SER S 319 -58.81 -10.02 -37.12
C SER S 319 -58.03 -9.81 -38.42
N LEU S 320 -57.95 -8.58 -38.93
CA LEU S 320 -57.23 -8.28 -40.15
C LEU S 320 -55.91 -7.57 -39.87
N ILE S 321 -55.34 -7.76 -38.67
CA ILE S 321 -54.07 -7.12 -38.35
C ILE S 321 -52.90 -7.77 -39.09
N ARG S 322 -53.09 -8.97 -39.62
CA ARG S 322 -52.08 -9.61 -40.46
C ARG S 322 -52.03 -8.99 -41.85
N ASN S 323 -53.02 -8.19 -42.22
CA ASN S 323 -52.97 -7.46 -43.49
C ASN S 323 -51.87 -6.41 -43.51
N PHE S 324 -51.41 -5.95 -42.34
CA PHE S 324 -50.27 -5.03 -42.31
C PHE S 324 -48.96 -5.72 -42.69
N LEU S 325 -48.94 -7.04 -42.75
CA LEU S 325 -47.79 -7.77 -43.23
C LEU S 325 -48.04 -8.42 -44.60
N THR S 326 -49.26 -8.87 -44.86
CA THR S 326 -49.55 -9.56 -46.11
C THR S 326 -49.88 -8.61 -47.27
N ASP S 327 -50.07 -7.32 -47.00
CA ASP S 327 -50.29 -6.36 -48.08
C ASP S 327 -49.00 -5.62 -48.39
N PRO S 328 -48.46 -5.75 -49.60
CA PRO S 328 -47.17 -5.10 -49.90
C PRO S 328 -47.23 -3.59 -49.97
N LEU S 329 -48.43 -2.99 -50.06
CA LEU S 329 -48.55 -1.55 -50.24
C LEU S 329 -49.27 -0.87 -49.07
N MET S 330 -49.37 -1.54 -47.92
CA MET S 330 -50.07 -0.96 -46.78
C MET S 330 -49.10 -0.27 -45.82
N ALA S 331 -47.99 -0.94 -45.48
CA ALA S 331 -47.05 -0.37 -44.53
C ALA S 331 -46.25 0.78 -45.16
N SER S 332 -45.97 0.68 -46.46
CA SER S 332 -45.20 1.71 -47.14
C SER S 332 -45.94 3.03 -47.16
N ASP S 333 -47.26 2.99 -47.39
CA ASP S 333 -48.08 4.18 -47.26
C ASP S 333 -48.28 4.55 -45.80
N CYS S 334 -48.19 3.57 -44.89
CA CYS S 334 -48.37 3.87 -43.47
C CYS S 334 -47.21 4.70 -42.92
N GLN S 335 -46.00 4.50 -43.45
CA GLN S 335 -44.87 5.32 -43.01
C GLN S 335 -45.07 6.78 -43.37
N SER S 336 -45.49 7.05 -44.61
CA SER S 336 -45.66 8.43 -45.06
C SER S 336 -46.93 9.06 -44.53
N TYR S 337 -47.96 8.26 -44.26
CA TYR S 337 -49.26 8.80 -43.88
C TYR S 337 -49.25 9.35 -42.46
N VAL S 338 -48.66 8.62 -41.51
CA VAL S 338 -48.81 8.94 -40.09
C VAL S 338 -47.81 9.98 -39.61
N THR S 339 -46.94 10.50 -40.48
CA THR S 339 -45.86 11.38 -40.07
C THR S 339 -46.24 12.82 -40.29
N PHE S 340 -45.86 13.68 -39.35
CA PHE S 340 -46.01 15.11 -39.51
C PHE S 340 -45.13 15.61 -40.65
N PRO S 341 -45.56 16.64 -41.39
CA PRO S 341 -44.72 17.17 -42.48
C PRO S 341 -43.40 17.74 -41.99
N GLU S 342 -43.37 18.34 -40.80
CA GLU S 342 -42.14 18.86 -40.20
C GLU S 342 -41.98 18.29 -38.80
N VAL S 343 -41.01 18.81 -38.06
CA VAL S 343 -40.86 18.43 -36.65
C VAL S 343 -41.86 19.24 -35.84
N SER S 344 -43.05 18.69 -35.66
CA SER S 344 -44.13 19.42 -35.01
C SER S 344 -43.86 19.55 -33.51
N LYS S 345 -44.41 20.61 -32.91
CA LYS S 345 -44.21 20.85 -31.49
C LYS S 345 -44.96 19.85 -30.62
N ILE S 346 -46.04 19.24 -31.13
CA ILE S 346 -46.80 18.25 -30.37
C ILE S 346 -45.96 17.02 -30.07
N SER S 347 -44.96 16.73 -30.90
CA SER S 347 -43.97 15.71 -30.63
C SER S 347 -42.83 16.19 -29.72
N ASN S 348 -43.04 17.30 -29.01
CA ASN S 348 -42.05 17.81 -28.08
C ASN S 348 -42.61 18.17 -26.70
N LEU S 349 -43.93 18.14 -26.50
CA LEU S 349 -44.47 18.33 -25.17
C LEU S 349 -44.11 17.16 -24.26
N PRO S 350 -43.83 17.41 -22.99
CA PRO S 350 -43.59 16.32 -22.05
C PRO S 350 -44.89 15.62 -21.67
N LEU S 351 -44.75 14.45 -21.08
CA LEU S 351 -45.92 13.71 -20.61
C LEU S 351 -46.64 14.45 -19.47
N ASN S 352 -45.88 15.04 -18.56
CA ASN S 352 -46.45 15.77 -17.44
C ASN S 352 -45.51 16.89 -17.04
N LYS S 353 -46.07 18.07 -16.81
CA LYS S 353 -45.28 19.23 -16.38
C LYS S 353 -46.17 20.25 -15.67
N PHE S 431 -35.66 8.95 -41.47
CA PHE S 431 -36.30 9.85 -40.52
C PHE S 431 -37.77 9.49 -40.32
N LEU S 432 -38.37 8.88 -41.35
CA LEU S 432 -39.72 8.37 -41.22
C LEU S 432 -39.74 7.16 -40.28
N PRO S 433 -40.89 6.89 -39.64
CA PRO S 433 -40.97 5.79 -38.69
C PRO S 433 -40.73 4.42 -39.31
N THR S 434 -40.12 3.54 -38.51
CA THR S 434 -39.90 2.16 -38.91
C THR S 434 -41.23 1.42 -39.01
N ARG S 435 -41.34 0.54 -40.01
CA ARG S 435 -42.56 -0.26 -40.17
C ARG S 435 -42.75 -1.24 -39.01
N SER S 436 -41.66 -1.74 -38.45
CA SER S 436 -41.75 -2.61 -37.28
C SER S 436 -42.30 -1.85 -36.08
N CYS S 437 -41.92 -0.58 -35.94
CA CYS S 437 -42.46 0.27 -34.89
C CYS S 437 -43.97 0.45 -35.06
N LEU S 438 -44.42 0.68 -36.29
CA LEU S 438 -45.84 0.86 -36.55
C LEU S 438 -46.62 -0.43 -36.29
N PHE S 439 -46.06 -1.58 -36.67
CA PHE S 439 -46.72 -2.86 -36.41
C PHE S 439 -46.77 -3.17 -34.91
N ASP S 440 -45.73 -2.79 -34.17
CA ASP S 440 -45.76 -2.99 -32.72
C ASP S 440 -46.75 -2.05 -32.04
N LEU S 441 -46.93 -0.86 -32.61
CA LEU S 441 -47.87 0.10 -32.04
C LEU S 441 -49.32 -0.27 -32.34
N TYR S 442 -49.57 -0.84 -33.52
CA TYR S 442 -50.92 -1.34 -33.84
C TYR S 442 -51.35 -2.45 -32.89
N ARG S 443 -50.45 -3.39 -32.61
CA ARG S 443 -50.81 -4.54 -31.78
C ARG S 443 -50.74 -4.22 -30.29
N SER S 444 -50.31 -3.02 -29.91
CA SER S 444 -50.24 -2.65 -28.51
C SER S 444 -51.60 -2.29 -27.92
N LEU S 445 -52.61 -2.06 -28.76
CA LEU S 445 -53.95 -1.74 -28.27
C LEU S 445 -54.61 -2.99 -27.69
N SER S 446 -55.60 -2.76 -26.82
CA SER S 446 -56.28 -3.86 -26.16
C SER S 446 -57.69 -3.44 -25.76
N GLN S 447 -58.51 -4.45 -25.44
CA GLN S 447 -59.94 -4.25 -25.14
C GLN S 447 -60.09 -3.85 -23.68
N GLY S 448 -59.89 -2.56 -23.41
CA GLY S 448 -60.02 -2.07 -22.06
C GLY S 448 -59.00 -0.99 -21.76
N GLN S 449 -57.93 -0.95 -22.55
CA GLN S 449 -56.94 0.10 -22.45
C GLN S 449 -57.41 1.28 -23.29
N THR S 450 -57.84 2.35 -22.62
CA THR S 450 -58.29 3.53 -23.34
C THR S 450 -57.12 4.23 -24.01
N LEU S 451 -57.44 5.11 -24.96
CA LEU S 451 -56.41 5.78 -25.74
C LEU S 451 -55.54 6.70 -24.89
N LYS S 452 -56.11 7.28 -23.83
CA LYS S 452 -55.34 8.09 -22.91
C LYS S 452 -54.28 7.25 -22.19
N THR S 453 -54.67 6.08 -21.70
CA THR S 453 -53.74 5.19 -20.99
C THR S 453 -52.68 4.65 -21.94
N TRP S 454 -53.06 4.30 -23.17
CA TRP S 454 -52.08 3.79 -24.13
C TRP S 454 -51.11 4.87 -24.55
N TYR S 455 -51.60 6.11 -24.72
CA TYR S 455 -50.72 7.19 -25.13
C TYR S 455 -49.78 7.61 -24.01
N GLU S 456 -50.27 7.64 -22.76
CA GLU S 456 -49.39 7.96 -21.65
C GLU S 456 -48.52 6.78 -21.22
N SER S 457 -48.81 5.57 -21.71
CA SER S 457 -47.93 4.44 -21.50
C SER S 457 -46.92 4.26 -22.62
N LYS S 458 -47.23 4.77 -23.82
CA LYS S 458 -46.31 4.77 -24.96
C LYS S 458 -46.30 6.17 -25.54
N TYR S 459 -45.45 7.04 -25.00
CA TYR S 459 -45.31 8.40 -25.49
C TYR S 459 -43.93 8.74 -25.99
N MET S 460 -42.89 8.04 -25.53
CA MET S 460 -41.55 8.23 -26.09
C MET S 460 -41.45 7.71 -27.51
N ILE S 461 -42.16 6.62 -27.81
CA ILE S 461 -42.11 6.04 -29.15
C ILE S 461 -42.83 6.94 -30.15
N LEU S 462 -43.96 7.52 -29.75
CA LEU S 462 -44.72 8.40 -30.64
C LEU S 462 -44.16 9.81 -30.70
N LYS S 463 -43.12 10.10 -29.90
CA LYS S 463 -42.44 11.39 -29.93
C LYS S 463 -41.17 11.34 -30.75
N GLU S 464 -40.36 10.30 -30.59
CA GLU S 464 -39.13 10.17 -31.36
C GLU S 464 -39.43 9.91 -32.83
N ASN S 465 -40.43 9.08 -33.11
CA ASN S 465 -40.76 8.76 -34.50
C ASN S 465 -41.62 9.83 -35.17
N ASN S 466 -42.10 10.83 -34.42
CA ASN S 466 -42.90 11.95 -34.93
C ASN S 466 -44.16 11.44 -35.64
N ILE S 467 -45.02 10.80 -34.86
CA ILE S 467 -46.23 10.15 -35.36
C ILE S 467 -47.44 10.93 -34.87
N ASP S 468 -48.31 11.31 -35.81
CA ASP S 468 -49.59 11.91 -35.46
C ASP S 468 -50.56 10.80 -35.05
N ILE S 469 -51.02 10.85 -33.80
CA ILE S 469 -51.78 9.74 -33.22
C ILE S 469 -53.15 9.62 -33.89
N ARG S 470 -53.77 10.75 -34.25
CA ARG S 470 -55.07 10.71 -34.91
C ARG S 470 -54.96 10.08 -36.30
N ARG S 471 -53.94 10.46 -37.06
CA ARG S 471 -53.70 9.84 -38.36
C ARG S 471 -53.30 8.37 -38.20
N PHE S 472 -52.56 8.06 -37.13
CA PHE S 472 -52.16 6.69 -36.82
C PHE S 472 -53.37 5.79 -36.60
N ILE S 473 -54.36 6.29 -35.85
CA ILE S 473 -55.59 5.54 -35.61
C ILE S 473 -56.44 5.48 -36.87
N THR S 474 -56.51 6.60 -37.62
CA THR S 474 -57.39 6.69 -38.78
C THR S 474 -56.93 5.79 -39.91
N PHE S 475 -55.61 5.62 -40.10
CA PHE S 475 -55.15 4.67 -41.10
C PHE S 475 -55.52 3.24 -40.74
N GLY S 476 -55.42 2.89 -39.45
CA GLY S 476 -55.82 1.56 -39.03
C GLY S 476 -57.30 1.31 -39.16
N LEU S 477 -58.11 2.33 -38.89
CA LEU S 477 -59.55 2.19 -39.03
C LEU S 477 -59.96 2.12 -40.51
N GLU S 478 -59.27 2.86 -41.37
CA GLU S 478 -59.60 2.87 -42.79
C GLU S 478 -59.26 1.54 -43.45
N LYS S 479 -58.18 0.90 -43.00
CA LYS S 479 -57.78 -0.38 -43.55
C LYS S 479 -58.42 -1.55 -42.84
N ARG S 480 -59.29 -1.28 -41.85
CA ARG S 480 -60.07 -2.30 -41.12
C ARG S 480 -59.15 -3.31 -40.45
N ILE S 481 -58.01 -2.85 -39.94
CA ILE S 481 -57.12 -3.70 -39.18
C ILE S 481 -57.30 -3.53 -37.68
N ILE S 482 -57.88 -2.41 -37.23
CA ILE S 482 -58.28 -2.21 -35.85
C ILE S 482 -59.71 -1.68 -35.84
N TYR S 483 -60.40 -1.93 -34.73
CA TYR S 483 -61.78 -1.47 -34.57
C TYR S 483 -61.89 -0.68 -33.29
N ARG S 484 -63.11 -0.26 -32.97
CA ARG S 484 -63.42 0.50 -31.77
C ARG S 484 -64.39 -0.27 -30.89
N CYS S 485 -64.09 -0.39 -29.60
CA CYS S 485 -65.02 -0.93 -28.63
C CYS S 485 -65.89 0.21 -28.12
N TYR S 486 -67.17 0.20 -28.48
CA TYR S 486 -68.09 1.26 -28.10
C TYR S 486 -68.42 1.16 -26.62
N SER S 487 -68.82 2.29 -26.04
CA SER S 487 -69.18 2.37 -24.64
C SER S 487 -70.69 2.52 -24.47
N PHE S 488 -71.27 1.67 -23.64
CA PHE S 488 -72.72 1.62 -23.41
C PHE S 488 -73.07 1.90 -21.95
N PRO S 489 -73.73 3.01 -21.65
CA PRO S 489 -74.18 3.33 -20.27
C PRO S 489 -75.50 2.65 -19.89
N VAL S 490 -75.40 1.41 -19.46
CA VAL S 490 -76.58 0.64 -19.04
C VAL S 490 -76.86 0.91 -17.57
N MET S 491 -78.14 1.11 -17.24
CA MET S 491 -78.56 1.41 -15.88
C MET S 491 -78.80 0.12 -15.11
N ILE S 492 -78.84 0.25 -13.78
CA ILE S 492 -79.16 -0.87 -12.91
C ILE S 492 -79.83 -0.37 -11.64
N MET S 565 -73.71 19.73 -10.62
CA MET S 565 -73.95 19.90 -12.05
C MET S 565 -74.92 21.05 -12.30
N PRO S 566 -74.79 21.70 -13.46
CA PRO S 566 -75.78 22.71 -13.85
C PRO S 566 -77.13 22.08 -14.14
N LYS S 567 -78.18 22.88 -13.95
CA LYS S 567 -79.54 22.39 -14.16
C LYS S 567 -79.86 22.39 -15.65
N LEU S 568 -79.89 21.18 -16.24
CA LEU S 568 -80.17 21.05 -17.65
C LEU S 568 -81.64 21.27 -17.95
N SER S 569 -81.92 21.59 -19.21
CA SER S 569 -83.27 21.92 -19.64
C SER S 569 -84.15 20.67 -19.72
N ASP S 570 -85.45 20.90 -19.87
CA ASP S 570 -86.42 19.81 -19.89
C ASP S 570 -86.26 18.95 -21.14
N GLU S 571 -85.98 19.59 -22.28
CA GLU S 571 -85.75 18.84 -23.52
C GLU S 571 -84.48 17.98 -23.41
N GLU S 572 -83.44 18.52 -22.78
CA GLU S 572 -82.20 17.77 -22.61
C GLU S 572 -82.41 16.54 -21.73
N GLU S 573 -83.14 16.68 -20.63
CA GLU S 573 -83.39 15.51 -19.79
C GLU S 573 -84.37 14.54 -20.43
N GLY S 574 -85.31 15.04 -21.25
CA GLY S 574 -86.20 14.15 -21.98
C GLY S 574 -85.47 13.29 -23.00
N ILE S 575 -84.61 13.91 -23.80
CA ILE S 575 -83.84 13.13 -24.77
C ILE S 575 -82.78 12.27 -24.07
N LEU S 576 -82.33 12.68 -22.88
CA LEU S 576 -81.44 11.84 -22.10
C LEU S 576 -82.14 10.56 -21.64
N GLU S 577 -83.37 10.70 -21.14
CA GLU S 577 -84.14 9.53 -20.72
C GLU S 577 -84.48 8.63 -21.91
N GLU S 578 -84.84 9.25 -23.06
CA GLU S 578 -85.16 8.47 -24.25
C GLU S 578 -83.93 7.71 -24.76
N SER S 579 -82.75 8.34 -24.69
CA SER S 579 -81.53 7.66 -25.11
C SER S 579 -81.14 6.55 -24.14
N ILE S 580 -81.39 6.76 -22.85
CA ILE S 580 -81.06 5.73 -21.85
C ILE S 580 -81.98 4.52 -22.01
N ARG S 581 -83.26 4.77 -22.28
CA ARG S 581 -84.22 3.68 -22.41
C ARG S 581 -83.96 2.81 -23.64
N ASN S 582 -83.35 3.37 -24.67
CA ASN S 582 -83.02 2.64 -25.89
C ASN S 582 -81.61 2.06 -25.87
N ALA S 583 -80.90 2.20 -24.75
CA ALA S 583 -79.53 1.69 -24.55
C ALA S 583 -78.55 2.24 -25.60
N GLU S 584 -78.67 3.52 -25.90
CA GLU S 584 -77.77 4.17 -26.85
C GLU S 584 -76.38 4.37 -26.25
N THR S 585 -75.38 4.49 -27.13
CA THR S 585 -73.99 4.62 -26.72
C THR S 585 -73.73 5.98 -26.10
N PHE S 586 -72.54 6.13 -25.52
CA PHE S 586 -72.11 7.44 -25.02
C PHE S 586 -71.92 8.44 -26.16
N ASP S 587 -71.57 7.94 -27.35
CA ASP S 587 -71.35 8.81 -28.50
C ASP S 587 -72.62 9.54 -28.92
N LYS S 588 -73.72 8.80 -29.01
CA LYS S 588 -74.97 9.40 -29.45
C LYS S 588 -75.51 10.38 -28.41
N ILE S 589 -75.34 10.06 -27.13
CA ILE S 589 -75.75 10.97 -26.06
C ILE S 589 -74.91 12.25 -26.10
N CYS S 590 -73.60 12.10 -26.32
CA CYS S 590 -72.73 13.27 -26.41
C CYS S 590 -73.05 14.13 -27.62
N VAL S 591 -73.39 13.51 -28.76
CA VAL S 591 -73.79 14.26 -29.94
C VAL S 591 -75.09 15.01 -29.68
N LEU S 592 -76.08 14.33 -29.10
CA LEU S 592 -77.39 14.95 -28.91
C LEU S 592 -77.36 16.04 -27.84
N LEU S 593 -76.54 15.88 -26.80
CA LEU S 593 -76.48 16.90 -25.75
C LEU S 593 -75.43 17.96 -26.02
N SER S 594 -74.57 17.76 -27.04
CA SER S 594 -73.45 18.67 -27.36
C SER S 594 -72.55 18.90 -26.16
N LYS S 595 -72.27 17.83 -25.42
CA LYS S 595 -71.46 17.87 -24.22
C LYS S 595 -70.47 16.72 -24.25
N PRO S 596 -69.31 16.87 -23.59
CA PRO S 596 -68.32 15.79 -23.60
C PRO S 596 -68.70 14.60 -22.72
N LYS S 597 -67.79 13.63 -22.62
CA LYS S 597 -68.09 12.37 -21.96
C LYS S 597 -68.22 12.55 -20.45
N LEU S 598 -67.37 13.40 -19.85
CA LEU S 598 -67.36 13.56 -18.40
C LEU S 598 -68.65 14.18 -17.90
N GLU S 599 -69.16 15.21 -18.60
CA GLU S 599 -70.41 15.85 -18.21
C GLU S 599 -71.59 14.89 -18.34
N VAL S 600 -71.59 14.08 -19.40
CA VAL S 600 -72.65 13.09 -19.60
C VAL S 600 -72.61 12.04 -18.50
N GLU S 601 -71.41 11.60 -18.12
CA GLU S 601 -71.25 10.62 -17.04
C GLU S 601 -71.71 11.21 -15.71
N SER S 602 -71.38 12.47 -15.44
CA SER S 602 -71.83 13.12 -14.21
C SER S 602 -73.34 13.29 -14.18
N TYR S 603 -73.95 13.67 -15.31
CA TYR S 603 -75.40 13.80 -15.38
C TYR S 603 -76.08 12.46 -15.15
N LEU S 604 -75.55 11.40 -15.75
CA LEU S 604 -76.13 10.07 -15.58
C LEU S 604 -75.97 9.57 -14.16
N ASN S 605 -74.81 9.81 -13.54
CA ASN S 605 -74.58 9.43 -12.15
C ASN S 605 -75.50 10.20 -11.20
N GLU S 606 -75.81 11.46 -11.53
CA GLU S 606 -76.80 12.20 -10.76
C GLU S 606 -78.19 11.62 -10.98
N LEU S 607 -78.48 11.11 -12.18
CA LEU S 607 -79.79 10.55 -12.46
C LEU S 607 -79.97 9.16 -11.84
N GLY S 608 -78.91 8.35 -11.81
CA GLY S 608 -79.01 7.02 -11.24
C GLY S 608 -77.73 6.25 -11.42
N GLU S 609 -77.64 5.12 -10.72
CA GLU S 609 -76.46 4.28 -10.85
C GLU S 609 -76.44 3.59 -12.21
N PHE S 610 -75.25 3.43 -12.77
CA PHE S 610 -75.10 2.85 -14.11
C PHE S 610 -73.69 2.32 -14.28
N LYS S 611 -73.52 1.47 -15.29
CA LYS S 611 -72.25 0.87 -15.65
C LYS S 611 -71.98 1.04 -17.13
N VAL S 612 -70.70 0.90 -17.50
CA VAL S 612 -70.24 1.08 -18.87
C VAL S 612 -69.82 -0.27 -19.43
N ILE S 613 -70.36 -0.62 -20.59
CA ILE S 613 -69.99 -1.85 -21.30
C ILE S 613 -69.15 -1.47 -22.51
N ASN S 614 -67.95 -2.02 -22.61
CA ASN S 614 -67.04 -1.70 -23.70
C ASN S 614 -67.11 -2.83 -24.74
N SER S 615 -68.11 -2.74 -25.61
CA SER S 615 -68.32 -3.75 -26.64
C SER S 615 -67.86 -3.24 -28.02
N GLU T 3 -76.18 -9.12 -48.48
CA GLU T 3 -76.98 -9.01 -47.27
C GLU T 3 -76.98 -10.31 -46.47
N CYS T 4 -76.41 -10.24 -45.26
CA CYS T 4 -76.31 -11.37 -44.37
C CYS T 4 -77.58 -11.58 -43.54
N LEU T 5 -78.52 -10.66 -43.59
CA LEU T 5 -79.78 -10.83 -42.87
C LEU T 5 -80.62 -11.91 -43.55
N PRO T 6 -81.07 -12.93 -42.80
CA PRO T 6 -81.86 -14.00 -43.41
C PRO T 6 -83.28 -13.53 -43.74
N ASN T 7 -83.69 -13.76 -44.99
CA ASN T 7 -85.03 -13.37 -45.41
C ASN T 7 -85.43 -14.28 -46.57
N SER T 8 -86.25 -15.28 -46.27
CA SER T 8 -86.81 -16.17 -47.29
C SER T 8 -88.08 -15.53 -47.81
N CYS T 9 -87.99 -14.87 -48.97
CA CYS T 9 -89.09 -14.10 -49.53
C CYS T 9 -90.12 -15.06 -50.12
N LEU T 10 -90.99 -15.58 -49.26
CA LEU T 10 -92.02 -16.51 -49.67
C LEU T 10 -93.39 -15.87 -49.50
N LEU T 11 -94.31 -16.18 -50.42
CA LEU T 11 -95.66 -15.66 -50.39
C LEU T 11 -96.73 -16.74 -50.33
N GLY T 12 -96.48 -17.91 -50.89
CA GLY T 12 -97.49 -18.95 -50.86
C GLY T 12 -96.98 -20.22 -51.53
N VAL T 13 -97.86 -21.22 -51.53
CA VAL T 13 -97.59 -22.51 -52.16
C VAL T 13 -98.84 -22.92 -52.93
N HIS T 14 -98.64 -23.74 -53.98
CA HIS T 14 -99.73 -24.29 -54.75
C HIS T 14 -99.59 -25.80 -54.79
N LEU T 15 -100.72 -26.49 -54.98
CA LEU T 15 -100.73 -27.93 -55.25
C LEU T 15 -101.51 -28.07 -56.55
N VAL T 16 -100.81 -27.95 -57.68
CA VAL T 16 -101.40 -28.01 -59.00
C VAL T 16 -101.19 -29.41 -59.56
N ILE T 17 -102.27 -30.11 -59.82
CA ILE T 17 -102.20 -31.43 -60.45
C ILE T 17 -102.83 -31.34 -61.84
N SER T 18 -102.43 -32.28 -62.70
CA SER T 18 -102.91 -32.32 -64.07
C SER T 18 -103.59 -33.67 -64.30
N THR T 19 -104.91 -33.70 -64.19
CA THR T 19 -105.68 -34.88 -64.55
C THR T 19 -105.92 -34.90 -66.05
N HIS T 20 -106.60 -35.95 -66.52
CA HIS T 20 -106.92 -36.04 -67.94
C HIS T 20 -108.07 -35.12 -68.34
N SER T 21 -108.76 -34.51 -67.37
CA SER T 21 -109.81 -33.54 -67.65
C SER T 21 -109.30 -32.11 -67.59
N GLY T 22 -107.99 -31.91 -67.49
CA GLY T 22 -107.42 -30.58 -67.47
C GLY T 22 -106.73 -30.27 -66.15
N PRO T 23 -105.80 -29.33 -66.17
CA PRO T 23 -105.14 -28.93 -64.92
C PRO T 23 -106.08 -28.17 -64.01
N GLN T 24 -105.83 -28.30 -62.70
CA GLN T 24 -106.68 -27.67 -61.70
C GLN T 24 -105.84 -27.39 -60.46
N ILE T 25 -106.32 -26.44 -59.66
CA ILE T 25 -105.67 -26.10 -58.40
C ILE T 25 -106.43 -26.82 -57.29
N VAL T 26 -105.69 -27.60 -56.49
CA VAL T 26 -106.30 -28.36 -55.41
C VAL T 26 -106.25 -27.60 -54.09
N TYR T 27 -105.10 -27.00 -53.78
CA TYR T 27 -104.93 -26.38 -52.47
C TYR T 27 -103.81 -25.35 -52.52
N HIS T 28 -104.13 -24.11 -52.19
CA HIS T 28 -103.15 -23.06 -51.93
C HIS T 28 -103.41 -22.51 -50.55
N TYR T 29 -102.37 -22.40 -49.73
CA TYR T 29 -102.62 -22.14 -48.32
C TYR T 29 -102.96 -20.66 -48.04
N PRO T 30 -102.16 -19.66 -48.41
CA PRO T 30 -102.51 -18.29 -48.02
C PRO T 30 -103.52 -17.69 -48.98
N PRO T 31 -104.74 -17.39 -48.51
CA PRO T 31 -105.76 -16.78 -49.36
C PRO T 31 -105.75 -15.26 -49.35
N SER T 32 -104.70 -14.62 -48.84
CA SER T 32 -104.67 -13.18 -48.78
C SER T 32 -104.41 -12.58 -50.15
N ASN T 33 -104.74 -11.30 -50.29
CA ASN T 33 -104.60 -10.58 -51.55
C ASN T 33 -103.15 -10.14 -51.75
N THR T 34 -102.92 -9.46 -52.88
CA THR T 34 -101.57 -9.00 -53.22
C THR T 34 -101.12 -7.86 -52.32
N ALA T 35 -102.05 -6.99 -51.89
CA ALA T 35 -101.70 -5.80 -51.13
C ALA T 35 -101.09 -6.14 -49.78
N PHE T 36 -101.66 -7.11 -49.06
CA PHE T 36 -101.10 -7.50 -47.77
C PHE T 36 -99.83 -8.32 -47.94
N LEU T 37 -99.77 -9.17 -48.96
CA LEU T 37 -98.64 -10.08 -49.11
C LEU T 37 -97.37 -9.34 -49.55
N THR T 38 -97.49 -8.45 -50.54
CA THR T 38 -96.30 -7.77 -51.05
C THR T 38 -95.78 -6.72 -50.06
N ASN T 39 -96.68 -5.92 -49.50
CA ASN T 39 -96.28 -4.88 -48.55
C ASN T 39 -95.92 -5.47 -47.19
N GLU T 365 -122.38 -34.28 -35.75
CA GLU T 365 -120.93 -34.13 -35.91
C GLU T 365 -120.63 -33.02 -36.92
N GLU T 366 -120.33 -31.82 -36.40
CA GLU T 366 -119.95 -30.69 -37.24
C GLU T 366 -118.52 -30.23 -36.99
N ASP T 367 -118.17 -29.91 -35.74
CA ASP T 367 -116.85 -29.37 -35.41
C ASP T 367 -116.20 -30.17 -34.29
N MET T 368 -116.43 -31.48 -34.26
CA MET T 368 -115.82 -32.30 -33.21
C MET T 368 -114.33 -32.50 -33.45
N GLU T 369 -113.98 -33.12 -34.59
CA GLU T 369 -112.59 -33.39 -34.89
C GLU T 369 -111.79 -32.11 -35.14
N VAL T 370 -112.42 -31.09 -35.73
CA VAL T 370 -111.73 -29.84 -36.00
C VAL T 370 -111.31 -29.16 -34.71
N SER T 371 -112.25 -29.03 -33.75
CA SER T 371 -111.92 -28.40 -32.48
C SER T 371 -110.98 -29.27 -31.66
N ALA T 372 -111.14 -30.60 -31.74
CA ALA T 372 -110.24 -31.51 -31.02
C ALA T 372 -108.81 -31.39 -31.52
N MET T 373 -108.62 -31.32 -32.84
CA MET T 373 -107.28 -31.16 -33.40
C MET T 373 -106.74 -29.76 -33.17
N LEU T 374 -107.60 -28.75 -33.14
CA LEU T 374 -107.15 -27.39 -32.88
C LEU T 374 -106.67 -27.22 -31.44
N GLN T 375 -107.41 -27.81 -30.48
CA GLN T 375 -106.97 -27.76 -29.09
C GLN T 375 -105.77 -28.67 -28.85
N ASP T 376 -105.70 -29.81 -29.54
CA ASP T 376 -104.54 -30.69 -29.41
C ASP T 376 -103.29 -30.10 -30.05
N GLY T 377 -103.44 -29.19 -31.00
CA GLY T 377 -102.31 -28.53 -31.63
C GLY T 377 -101.88 -29.10 -32.95
N LYS T 378 -102.66 -30.01 -33.53
CA LYS T 378 -102.31 -30.59 -34.83
C LYS T 378 -102.68 -29.68 -35.99
N ILE T 379 -103.50 -28.67 -35.75
CA ILE T 379 -103.84 -27.72 -36.81
C ILE T 379 -103.13 -26.40 -36.52
N SER T 380 -101.94 -26.22 -37.09
CA SER T 380 -101.19 -24.98 -36.96
C SER T 380 -101.43 -24.16 -38.22
N MET T 381 -102.05 -23.00 -38.07
CA MET T 381 -102.42 -22.20 -39.23
C MET T 381 -102.54 -20.75 -38.80
N ASN T 382 -101.89 -19.86 -39.54
CA ASN T 382 -101.89 -18.43 -39.21
C ASN T 382 -103.28 -17.85 -39.39
N GLU T 383 -103.55 -16.78 -38.62
CA GLU T 383 -104.86 -16.14 -38.60
C GLU T 383 -104.90 -14.79 -39.28
N ILE T 384 -103.75 -14.16 -39.52
CA ILE T 384 -103.73 -12.89 -40.22
C ILE T 384 -104.06 -13.06 -41.70
N PHE T 385 -103.91 -14.27 -42.24
CA PHE T 385 -104.27 -14.53 -43.63
C PHE T 385 -105.78 -14.58 -43.84
N PHE T 386 -106.57 -14.66 -42.78
CA PHE T 386 -108.02 -14.79 -42.90
C PHE T 386 -108.76 -13.60 -42.33
N GLU T 387 -108.07 -12.50 -42.05
CA GLU T 387 -108.74 -11.28 -41.63
C GLU T 387 -109.48 -10.65 -42.81
N GLU T 388 -110.44 -9.77 -42.49
CA GLU T 388 -111.29 -9.19 -43.52
C GLU T 388 -110.50 -8.28 -44.46
N GLU T 389 -109.49 -7.58 -43.94
CA GLU T 389 -108.67 -6.69 -44.75
C GLU T 389 -107.58 -7.44 -45.52
N ASN T 390 -107.37 -8.73 -45.25
CA ASN T 390 -106.29 -9.51 -45.84
C ASN T 390 -106.82 -10.84 -46.37
N PHE T 391 -107.93 -10.81 -47.10
CA PHE T 391 -108.51 -12.03 -47.62
C PHE T 391 -108.89 -11.82 -49.09
N GLN T 392 -108.74 -12.87 -49.88
CA GLN T 392 -109.16 -12.91 -51.27
C GLN T 392 -109.95 -14.18 -51.50
N ASP T 393 -110.67 -14.24 -52.61
CA ASP T 393 -111.43 -15.44 -52.92
C ASP T 393 -110.50 -16.61 -53.24
N ILE T 394 -111.02 -17.82 -53.04
CA ILE T 394 -110.22 -19.02 -53.28
C ILE T 394 -109.91 -19.18 -54.77
N ASN T 395 -110.80 -18.71 -55.65
CA ASN T 395 -110.62 -18.89 -57.08
C ASN T 395 -109.65 -17.89 -57.68
N LYS T 396 -109.23 -16.88 -56.93
CA LYS T 396 -108.34 -15.84 -57.42
C LYS T 396 -107.03 -15.88 -56.65
N ILE T 397 -105.91 -15.91 -57.36
CA ILE T 397 -104.58 -15.92 -56.77
C ILE T 397 -103.82 -14.78 -57.43
N LEU T 398 -103.66 -13.67 -56.70
CA LEU T 398 -102.86 -12.50 -57.08
C LEU T 398 -103.32 -11.93 -58.42
N GLU T 399 -104.59 -11.52 -58.45
CA GLU T 399 -105.28 -10.93 -59.61
C GLU T 399 -105.35 -11.88 -60.80
N PHE T 400 -105.15 -13.17 -60.59
CA PHE T 400 -105.26 -14.19 -61.62
C PHE T 400 -106.25 -15.24 -61.16
N ASP T 401 -106.97 -15.82 -62.12
CA ASP T 401 -107.91 -16.88 -61.79
C ASP T 401 -107.18 -18.19 -61.47
N ASN T 402 -107.92 -19.11 -60.82
CA ASN T 402 -107.34 -20.40 -60.46
C ASN T 402 -107.06 -21.25 -61.70
N ASP T 403 -107.98 -21.22 -62.67
CA ASP T 403 -107.82 -22.02 -63.89
C ASP T 403 -106.62 -21.54 -64.70
N PHE T 404 -106.43 -20.23 -64.80
CA PHE T 404 -105.31 -19.69 -65.57
C PHE T 404 -103.98 -19.99 -64.90
N VAL T 405 -103.93 -19.89 -63.56
CA VAL T 405 -102.71 -20.22 -62.82
C VAL T 405 -102.40 -21.71 -62.95
N ALA T 406 -103.43 -22.56 -62.84
CA ALA T 406 -103.24 -23.99 -63.07
C ALA T 406 -102.83 -24.28 -64.50
N GLU T 407 -103.20 -23.42 -65.44
CA GLU T 407 -102.81 -23.61 -66.83
C GLU T 407 -101.33 -23.31 -67.03
N PHE T 408 -100.90 -22.09 -66.69
CA PHE T 408 -99.53 -21.72 -67.04
C PHE T 408 -98.50 -22.26 -66.06
N CYS T 409 -98.93 -22.82 -64.93
CA CYS T 409 -98.02 -23.55 -64.04
C CYS T 409 -97.98 -25.05 -64.33
N SER T 410 -98.69 -25.50 -65.38
CA SER T 410 -98.63 -26.90 -65.79
C SER T 410 -97.97 -26.97 -67.16
N PRO T 411 -96.67 -27.22 -67.23
CA PRO T 411 -95.94 -27.16 -68.49
C PRO T 411 -96.16 -28.42 -69.31
N GLU T 412 -95.45 -28.48 -70.44
CA GLU T 412 -95.43 -29.66 -71.29
C GLU T 412 -94.45 -30.68 -70.73
N ARG T 413 -94.25 -31.78 -71.47
CA ARG T 413 -93.34 -32.82 -70.99
C ARG T 413 -91.88 -32.37 -71.03
N GLU T 414 -91.53 -31.51 -72.01
CA GLU T 414 -90.15 -31.07 -72.15
C GLU T 414 -89.74 -30.09 -71.06
N MET T 415 -90.69 -29.38 -70.45
CA MET T 415 -90.40 -28.44 -69.38
C MET T 415 -90.72 -28.99 -68.01
N CYS T 416 -90.97 -30.29 -67.90
CA CYS T 416 -91.23 -30.95 -66.64
C CYS T 416 -90.04 -31.80 -66.24
N ASN T 417 -90.10 -32.33 -65.02
CA ASN T 417 -89.02 -33.09 -64.38
C ASN T 417 -87.72 -32.29 -64.30
N THR T 418 -87.85 -30.97 -64.17
CA THR T 418 -86.72 -30.05 -64.02
C THR T 418 -87.25 -28.78 -63.37
N ARG T 419 -86.39 -27.77 -63.27
CA ARG T 419 -86.78 -26.51 -62.64
C ARG T 419 -87.78 -25.76 -63.52
N PHE T 420 -88.66 -25.00 -62.86
CA PHE T 420 -89.71 -24.23 -63.52
C PHE T 420 -89.69 -22.80 -63.02
N GLU T 421 -88.52 -22.18 -63.10
CA GLU T 421 -88.35 -20.80 -62.64
C GLU T 421 -89.06 -19.83 -63.57
N PHE T 422 -90.34 -19.56 -63.30
CA PHE T 422 -91.17 -18.71 -64.14
C PHE T 422 -91.40 -17.38 -63.44
N THR T 423 -91.19 -16.28 -64.16
CA THR T 423 -91.34 -14.94 -63.61
C THR T 423 -92.31 -14.15 -64.48
N VAL T 424 -93.31 -13.53 -63.86
CA VAL T 424 -94.28 -12.74 -64.61
C VAL T 424 -93.97 -11.26 -64.46
N ASP T 425 -94.12 -10.73 -63.25
CA ASP T 425 -93.70 -9.36 -62.96
C ASP T 425 -93.52 -9.26 -61.44
N ASN T 426 -92.27 -9.34 -60.99
CA ASN T 426 -91.91 -9.38 -59.57
C ASN T 426 -92.63 -10.51 -58.84
N PHE T 427 -92.80 -11.64 -59.54
CA PHE T 427 -93.49 -12.80 -58.99
C PHE T 427 -92.87 -14.04 -59.62
N CYS T 428 -91.94 -14.66 -58.91
CA CYS T 428 -91.22 -15.83 -59.43
C CYS T 428 -91.98 -17.09 -59.05
N PHE T 429 -92.82 -17.57 -59.96
CA PHE T 429 -93.47 -18.86 -59.80
C PHE T 429 -92.40 -19.94 -59.93
N LEU T 430 -92.05 -20.56 -58.81
CA LEU T 430 -90.96 -21.53 -58.76
C LEU T 430 -91.46 -22.86 -58.22
N GLY T 431 -91.01 -23.94 -58.86
CA GLY T 431 -91.36 -25.27 -58.41
C GLY T 431 -90.64 -26.30 -59.25
N LEU T 432 -90.78 -27.56 -58.82
CA LEU T 432 -90.22 -28.72 -59.51
C LEU T 432 -91.38 -29.62 -59.90
N PRO T 433 -91.92 -29.48 -61.11
CA PRO T 433 -92.99 -30.38 -61.55
C PRO T 433 -92.49 -31.81 -61.72
N ILE T 434 -93.35 -32.76 -61.36
CA ILE T 434 -93.07 -34.18 -61.51
C ILE T 434 -94.11 -34.74 -62.47
N HIS T 435 -93.63 -35.24 -63.61
CA HIS T 435 -94.49 -35.72 -64.68
C HIS T 435 -94.26 -37.21 -64.87
N VAL T 436 -95.33 -37.94 -65.19
CA VAL T 436 -95.22 -39.36 -65.45
C VAL T 436 -94.42 -39.58 -66.73
N ASP T 437 -93.75 -40.72 -66.82
CA ASP T 437 -92.93 -41.05 -67.98
C ASP T 437 -93.82 -41.52 -69.13
N SER T 438 -93.20 -42.14 -70.14
CA SER T 438 -93.97 -42.67 -71.28
C SER T 438 -94.94 -43.75 -70.82
N GLN T 439 -94.51 -44.58 -69.88
CA GLN T 439 -95.38 -45.56 -69.23
C GLN T 439 -96.16 -44.89 -68.11
N GLY T 440 -96.79 -45.68 -67.25
CA GLY T 440 -97.50 -45.17 -66.09
C GLY T 440 -96.65 -44.99 -64.85
N ARG T 441 -95.34 -45.15 -64.98
CA ARG T 441 -94.43 -45.11 -63.83
C ARG T 441 -94.19 -43.67 -63.39
N TRP T 442 -94.34 -43.42 -62.09
CA TRP T 442 -94.02 -42.09 -61.58
C TRP T 442 -92.51 -41.89 -61.47
N ARG T 443 -91.78 -42.95 -61.17
CA ARG T 443 -90.32 -42.92 -61.12
C ARG T 443 -89.80 -44.31 -61.43
N LYS T 444 -88.54 -44.38 -61.85
CA LYS T 444 -87.90 -45.64 -62.21
C LYS T 444 -86.96 -46.10 -61.10
N SER T 445 -87.10 -47.37 -60.72
CA SER T 445 -86.27 -47.98 -59.68
C SER T 445 -84.82 -48.12 -60.15
N GLU T 520 -114.15 -45.78 -51.32
CA GLU T 520 -114.20 -44.82 -52.41
C GLU T 520 -113.37 -45.29 -53.60
N ARG T 521 -113.94 -45.25 -54.79
CA ARG T 521 -113.25 -45.62 -56.01
C ARG T 521 -112.86 -44.43 -56.88
N GLU T 522 -113.23 -43.20 -56.46
CA GLU T 522 -112.72 -42.03 -57.14
C GLU T 522 -111.23 -41.83 -56.87
N LYS T 523 -110.75 -42.34 -55.72
CA LYS T 523 -109.34 -42.25 -55.37
C LYS T 523 -108.47 -43.03 -56.34
N GLU T 524 -108.84 -44.28 -56.62
CA GLU T 524 -108.09 -45.08 -57.58
C GLU T 524 -108.22 -44.54 -59.00
N ASP T 525 -109.39 -44.00 -59.34
CA ASP T 525 -109.58 -43.41 -60.66
C ASP T 525 -108.68 -42.19 -60.85
N LEU T 526 -108.59 -41.34 -59.83
CA LEU T 526 -107.72 -40.18 -59.91
C LEU T 526 -106.25 -40.58 -59.86
N GLY T 527 -105.92 -41.66 -59.14
CA GLY T 527 -104.55 -42.15 -59.14
C GLY T 527 -104.12 -42.70 -60.48
N LYS T 528 -105.03 -43.38 -61.19
CA LYS T 528 -104.72 -43.90 -62.51
C LYS T 528 -104.88 -42.85 -63.61
N ASN T 529 -105.53 -41.73 -63.32
CA ASN T 529 -105.78 -40.71 -64.32
C ASN T 529 -104.83 -39.52 -64.22
N MET T 530 -104.25 -39.27 -63.05
CA MET T 530 -103.35 -38.13 -62.90
C MET T 530 -102.01 -38.42 -63.58
N ASN T 531 -101.51 -37.42 -64.30
CA ASN T 531 -100.24 -37.55 -65.01
C ASN T 531 -99.18 -36.56 -64.58
N MET T 532 -99.55 -35.50 -63.86
CA MET T 532 -98.56 -34.53 -63.41
C MET T 532 -99.12 -33.84 -62.17
N PHE T 533 -98.26 -33.63 -61.18
CA PHE T 533 -98.56 -32.81 -60.01
C PHE T 533 -97.41 -31.85 -59.80
N HIS T 534 -97.73 -30.66 -59.33
CA HIS T 534 -96.74 -29.59 -59.23
C HIS T 534 -96.93 -28.86 -57.90
N VAL T 535 -95.82 -28.60 -57.22
CA VAL T 535 -95.79 -27.83 -55.99
C VAL T 535 -95.10 -26.51 -56.34
N CYS T 536 -95.89 -25.47 -56.54
CA CYS T 536 -95.39 -24.19 -57.03
C CYS T 536 -95.28 -23.22 -55.86
N PHE T 537 -94.09 -22.65 -55.68
CA PHE T 537 -93.83 -21.67 -54.63
C PHE T 537 -93.77 -20.28 -55.26
N VAL T 538 -94.55 -19.36 -54.72
CA VAL T 538 -94.57 -17.97 -55.20
C VAL T 538 -93.61 -17.17 -54.36
N MET T 539 -92.64 -16.53 -55.02
CA MET T 539 -91.62 -15.74 -54.36
C MET T 539 -91.57 -14.36 -54.98
N ASN T 540 -91.21 -13.36 -54.17
CA ASN T 540 -91.00 -11.99 -54.64
C ASN T 540 -89.69 -11.44 -54.10
N PRO T 541 -88.55 -11.97 -54.56
CA PRO T 541 -87.26 -11.44 -54.12
C PRO T 541 -86.92 -10.13 -54.82
N HIS T 542 -86.01 -9.39 -54.21
CA HIS T 542 -85.52 -8.17 -54.83
C HIS T 542 -84.66 -8.50 -56.05
N LEU T 543 -84.55 -7.52 -56.95
CA LEU T 543 -83.87 -7.74 -58.23
C LEU T 543 -82.36 -7.99 -58.05
N ILE T 544 -81.79 -7.56 -56.93
CA ILE T 544 -80.36 -7.75 -56.71
C ILE T 544 -80.06 -9.09 -56.05
N GLU T 545 -81.07 -9.75 -55.45
CA GLU T 545 -80.86 -11.02 -54.76
C GLU T 545 -81.72 -12.14 -55.34
N TYR T 546 -82.17 -11.98 -56.59
CA TYR T 546 -83.01 -13.00 -57.23
C TYR T 546 -82.26 -14.32 -57.36
N ASN T 547 -81.05 -14.27 -57.94
CA ASN T 547 -80.24 -15.46 -58.17
C ASN T 547 -79.75 -16.08 -56.88
N LYS T 548 -79.87 -15.40 -55.75
CA LYS T 548 -79.56 -15.98 -54.46
C LYS T 548 -80.79 -16.60 -53.81
N ARG T 549 -81.89 -15.83 -53.72
CA ARG T 549 -83.09 -16.30 -53.02
C ARG T 549 -83.71 -17.50 -53.72
N ILE T 550 -83.89 -17.40 -55.04
CA ILE T 550 -84.52 -18.49 -55.79
C ILE T 550 -83.66 -19.74 -55.74
N ASP T 551 -82.34 -19.57 -55.88
CA ASP T 551 -81.42 -20.69 -55.87
C ASP T 551 -81.40 -21.38 -54.51
N ASP T 552 -81.35 -20.61 -53.41
CA ASP T 552 -81.31 -21.25 -52.10
C ASP T 552 -82.64 -21.93 -51.76
N MET T 553 -83.76 -21.31 -52.14
CA MET T 553 -85.05 -21.94 -51.89
C MET T 553 -85.18 -23.25 -52.64
N TYR T 554 -84.83 -23.25 -53.93
CA TYR T 554 -84.91 -24.48 -54.72
C TYR T 554 -83.90 -25.52 -54.25
N GLN T 555 -82.73 -25.07 -53.75
CA GLN T 555 -81.73 -26.03 -53.31
C GLN T 555 -82.09 -26.66 -51.97
N PHE T 556 -82.75 -25.94 -51.08
CA PHE T 556 -82.93 -26.43 -49.73
C PHE T 556 -84.34 -26.93 -49.40
N VAL T 557 -85.38 -26.49 -50.11
CA VAL T 557 -86.73 -26.87 -49.75
C VAL T 557 -87.40 -27.66 -50.88
N VAL T 558 -87.51 -27.01 -52.05
CA VAL T 558 -88.37 -27.46 -53.13
C VAL T 558 -87.90 -28.80 -53.69
N THR T 559 -86.60 -28.96 -53.90
CA THR T 559 -86.05 -30.17 -54.50
C THR T 559 -86.32 -31.38 -53.63
N ARG T 560 -85.98 -31.29 -52.34
CA ARG T 560 -86.17 -32.39 -51.42
C ARG T 560 -87.65 -32.70 -51.22
N LEU T 561 -88.49 -31.66 -51.13
CA LEU T 561 -89.92 -31.86 -50.93
C LEU T 561 -90.55 -32.58 -52.12
N SER T 562 -90.21 -32.12 -53.34
CA SER T 562 -90.78 -32.73 -54.53
C SER T 562 -90.22 -34.13 -54.77
N LEU T 563 -88.96 -34.39 -54.43
CA LEU T 563 -88.41 -35.73 -54.58
C LEU T 563 -89.07 -36.72 -53.61
N LEU T 564 -89.29 -36.29 -52.35
CA LEU T 564 -90.00 -37.15 -51.41
C LEU T 564 -91.45 -37.38 -51.84
N LEU T 565 -92.10 -36.34 -52.38
CA LEU T 565 -93.46 -36.50 -52.86
C LEU T 565 -93.54 -37.46 -54.04
N ARG T 566 -92.58 -37.36 -54.99
CA ARG T 566 -92.55 -38.28 -56.12
C ARG T 566 -92.31 -39.71 -55.67
N TYR T 567 -91.40 -39.91 -54.71
CA TYR T 567 -91.12 -41.25 -54.18
C TYR T 567 -92.34 -41.86 -53.51
N VAL T 568 -92.99 -41.10 -52.63
CA VAL T 568 -94.14 -41.63 -51.90
C VAL T 568 -95.33 -41.82 -52.84
N GLN T 569 -95.42 -41.01 -53.91
CA GLN T 569 -96.46 -41.24 -54.92
C GLN T 569 -96.17 -42.50 -55.71
N SER T 570 -94.88 -42.78 -55.95
CA SER T 570 -94.49 -43.95 -56.72
C SER T 570 -94.80 -45.23 -55.98
N LYS T 571 -94.51 -45.29 -54.67
CA LYS T 571 -94.78 -46.55 -53.97
C LYS T 571 -96.26 -46.71 -53.63
N THR T 572 -96.81 -45.80 -52.83
CA THR T 572 -98.18 -45.90 -52.36
C THR T 572 -98.87 -44.56 -52.54
N SER T 573 -99.79 -44.47 -53.50
CA SER T 573 -100.37 -43.24 -54.02
C SER T 573 -100.92 -42.33 -52.93
N TYR T 574 -100.28 -41.18 -52.74
CA TYR T 574 -100.56 -40.28 -51.63
C TYR T 574 -101.06 -38.92 -52.07
N ILE T 575 -100.40 -38.29 -53.04
CA ILE T 575 -100.85 -37.00 -53.55
C ILE T 575 -102.18 -37.14 -54.27
N SER T 576 -102.41 -38.25 -54.96
CA SER T 576 -103.72 -38.55 -55.53
C SER T 576 -104.80 -38.64 -54.44
N SER T 577 -104.50 -39.40 -53.38
CA SER T 577 -105.47 -39.57 -52.29
C SER T 577 -105.68 -38.28 -51.53
N GLU T 578 -104.60 -37.53 -51.27
CA GLU T 578 -104.73 -36.27 -50.54
C GLU T 578 -105.51 -35.23 -51.35
N CYS T 579 -105.25 -35.16 -52.66
CA CYS T 579 -106.01 -34.26 -53.52
C CYS T 579 -107.48 -34.66 -53.59
N HIS T 580 -107.74 -35.98 -53.64
CA HIS T 580 -109.12 -36.46 -53.67
C HIS T 580 -109.86 -36.11 -52.38
N ILE T 581 -109.22 -36.28 -51.23
CA ILE T 581 -109.91 -35.97 -49.98
C ILE T 581 -110.04 -34.46 -49.78
N ILE T 582 -109.09 -33.67 -50.30
CA ILE T 582 -109.22 -32.20 -50.24
C ILE T 582 -110.42 -31.75 -51.07
N LEU T 583 -110.54 -32.29 -52.30
CA LEU T 583 -111.67 -31.92 -53.15
C LEU T 583 -113.00 -32.42 -52.56
N LYS T 584 -113.00 -33.61 -51.97
CA LYS T 584 -114.21 -34.13 -51.34
C LYS T 584 -114.63 -33.28 -50.13
N GLU T 585 -113.64 -32.84 -49.33
CA GLU T 585 -113.96 -31.99 -48.19
C GLU T 585 -114.44 -30.61 -48.63
N LYS T 586 -113.86 -30.08 -49.72
CA LYS T 586 -114.35 -28.83 -50.28
C LYS T 586 -115.78 -28.96 -50.78
N GLU T 587 -116.11 -30.08 -51.43
CA GLU T 587 -117.47 -30.33 -51.88
C GLU T 587 -118.42 -30.46 -50.69
N ARG T 588 -117.98 -31.15 -49.63
CA ARG T 588 -118.83 -31.34 -48.46
C ARG T 588 -118.99 -30.07 -47.63
N VAL T 589 -118.07 -29.12 -47.76
CA VAL T 589 -118.20 -27.85 -47.03
C VAL T 589 -119.01 -26.85 -47.82
N LEU T 590 -118.79 -26.75 -49.13
CA LEU T 590 -119.47 -25.72 -49.93
C LEU T 590 -120.94 -26.05 -50.14
N LYS T 591 -121.28 -27.33 -50.31
CA LYS T 591 -122.65 -27.71 -50.60
C LYS T 591 -123.38 -28.31 -49.41
N HIS T 592 -122.66 -28.83 -48.43
CA HIS T 592 -123.27 -29.42 -47.23
C HIS T 592 -122.63 -28.82 -46.00
N SER T 593 -122.86 -29.44 -44.83
CA SER T 593 -122.29 -29.03 -43.55
C SER T 593 -122.70 -27.59 -43.19
N LYS T 594 -123.99 -27.47 -42.88
CA LYS T 594 -124.71 -26.22 -42.66
C LYS T 594 -124.10 -25.26 -41.64
N THR T 595 -123.13 -25.74 -40.84
CA THR T 595 -122.36 -24.84 -39.98
C THR T 595 -121.60 -23.80 -40.79
N TYR T 596 -121.16 -24.17 -42.00
CA TYR T 596 -120.44 -23.23 -42.87
C TYR T 596 -121.33 -22.08 -43.31
N GLN T 597 -122.60 -22.36 -43.62
CA GLN T 597 -123.51 -21.32 -44.11
C GLN T 597 -123.85 -20.32 -43.01
N SER T 598 -123.95 -20.75 -41.76
CA SER T 598 -124.32 -19.86 -40.67
C SER T 598 -123.20 -18.88 -40.29
N ILE T 599 -121.97 -19.13 -40.74
CA ILE T 599 -120.86 -18.26 -40.38
C ILE T 599 -120.95 -16.97 -41.17
N ARG T 600 -120.87 -15.83 -40.47
CA ARG T 600 -120.94 -14.53 -41.10
C ARG T 600 -119.53 -14.01 -41.35
N GLY T 601 -119.27 -13.58 -42.59
CA GLY T 601 -117.96 -13.09 -42.98
C GLY T 601 -117.23 -14.01 -43.93
N ALA T 602 -116.67 -13.44 -45.00
CA ALA T 602 -115.93 -14.25 -45.97
C ALA T 602 -114.63 -14.78 -45.38
N GLY T 603 -113.94 -13.95 -44.58
CA GLY T 603 -112.68 -14.38 -43.98
C GLY T 603 -112.86 -15.54 -43.01
N ASN T 604 -113.88 -15.46 -42.16
CA ASN T 604 -114.16 -16.55 -41.23
C ASN T 604 -114.64 -17.80 -41.96
N LYS T 605 -115.39 -17.63 -43.06
CA LYS T 605 -115.79 -18.76 -43.89
C LYS T 605 -114.56 -19.46 -44.47
N GLY T 606 -113.61 -18.68 -44.99
CA GLY T 606 -112.38 -19.27 -45.50
C GLY T 606 -111.57 -19.93 -44.40
N LYS T 607 -111.56 -19.32 -43.21
CA LYS T 607 -110.85 -19.91 -42.08
C LYS T 607 -111.45 -21.25 -41.68
N TYR T 608 -112.78 -21.33 -41.65
CA TYR T 608 -113.45 -22.59 -41.34
C TYR T 608 -113.21 -23.64 -42.42
N LEU T 609 -113.23 -23.23 -43.69
CA LEU T 609 -112.96 -24.17 -44.79
C LEU T 609 -111.54 -24.72 -44.70
N TYR T 610 -110.56 -23.84 -44.46
CA TYR T 610 -109.17 -24.28 -44.35
C TYR T 610 -108.95 -25.11 -43.10
N GLN T 611 -109.67 -24.82 -42.01
CA GLN T 611 -109.58 -25.64 -40.80
C GLN T 611 -110.11 -27.04 -41.05
N ARG T 612 -111.23 -27.16 -41.77
CA ARG T 612 -111.78 -28.47 -42.12
C ARG T 612 -110.85 -29.22 -43.06
N ILE T 613 -110.25 -28.51 -44.01
CA ILE T 613 -109.30 -29.13 -44.95
C ILE T 613 -108.08 -29.66 -44.20
N LEU T 614 -107.51 -28.85 -43.30
CA LEU T 614 -106.34 -29.27 -42.55
C LEU T 614 -106.66 -30.38 -41.55
N ALA T 615 -107.90 -30.42 -41.05
CA ALA T 615 -108.29 -31.50 -40.16
C ALA T 615 -108.47 -32.81 -40.92
N LYS T 616 -108.96 -32.74 -42.16
CA LYS T 616 -109.14 -33.97 -42.92
C LYS T 616 -107.90 -34.39 -43.69
N SER T 617 -107.17 -33.46 -44.28
CA SER T 617 -106.03 -33.80 -45.12
C SER T 617 -104.73 -33.87 -44.31
N SER T 618 -103.71 -34.45 -44.93
CA SER T 618 -102.37 -34.51 -44.34
C SER T 618 -101.33 -33.75 -45.14
N LEU T 619 -101.45 -33.70 -46.47
CA LEU T 619 -100.53 -32.91 -47.29
C LEU T 619 -100.78 -31.42 -47.11
N ALA T 620 -102.05 -31.03 -46.90
CA ALA T 620 -102.40 -29.62 -46.70
C ALA T 620 -101.74 -29.07 -45.45
N ARG T 621 -101.71 -29.87 -44.38
CA ARG T 621 -101.02 -29.46 -43.15
C ARG T 621 -99.54 -29.28 -43.39
N ALA T 622 -98.95 -30.16 -44.21
CA ALA T 622 -97.52 -30.08 -44.53
C ALA T 622 -97.21 -28.80 -45.29
N LEU T 623 -98.02 -28.48 -46.31
CA LEU T 623 -97.81 -27.25 -47.07
C LEU T 623 -98.03 -26.02 -46.21
N THR T 624 -99.04 -26.06 -45.34
CA THR T 624 -99.32 -24.93 -44.44
C THR T 624 -98.16 -24.71 -43.47
N GLU T 625 -97.64 -25.79 -42.89
CA GLU T 625 -96.51 -25.68 -41.97
C GLU T 625 -95.25 -25.20 -42.68
N CYS T 626 -95.02 -25.67 -43.91
CA CYS T 626 -93.86 -25.23 -44.69
C CYS T 626 -93.93 -23.74 -44.98
N VAL T 627 -95.10 -23.25 -45.40
CA VAL T 627 -95.25 -21.83 -45.68
C VAL T 627 -95.10 -21.00 -44.40
N ASP T 628 -95.73 -21.44 -43.31
CA ASP T 628 -95.71 -20.64 -42.09
C ASP T 628 -94.36 -20.68 -41.38
N LYS T 629 -93.54 -21.70 -41.62
CA LYS T 629 -92.25 -21.79 -40.94
C LYS T 629 -91.06 -21.34 -41.79
N ILE T 630 -91.13 -21.49 -43.12
CA ILE T 630 -90.08 -20.92 -43.96
C ILE T 630 -90.16 -19.41 -43.95
N GLN T 631 -91.38 -18.85 -43.93
CA GLN T 631 -91.56 -17.41 -43.81
C GLN T 631 -91.03 -16.90 -42.47
N ARG T 632 -91.15 -17.70 -41.41
CA ARG T 632 -90.67 -17.33 -40.08
C ARG T 632 -89.20 -17.66 -39.89
N ASN T 633 -88.52 -18.18 -40.92
CA ASN T 633 -87.11 -18.59 -40.86
C ASN T 633 -86.85 -19.63 -39.78
N GLU T 634 -87.77 -20.58 -39.63
CA GLU T 634 -87.68 -21.63 -38.64
C GLU T 634 -87.54 -22.99 -39.33
N ILE T 635 -87.21 -24.01 -38.55
CA ILE T 635 -87.10 -25.36 -39.07
C ILE T 635 -88.50 -25.94 -39.23
N ALA T 636 -88.85 -26.35 -40.43
CA ALA T 636 -90.17 -26.89 -40.74
C ALA T 636 -90.11 -28.41 -40.74
N CYS T 637 -90.88 -29.02 -39.85
CA CYS T 637 -91.02 -30.48 -39.79
C CYS T 637 -92.38 -30.85 -40.36
N LEU T 638 -92.38 -31.66 -41.42
CA LEU T 638 -93.60 -32.00 -42.14
C LEU T 638 -93.87 -33.49 -42.02
N GLU T 639 -95.09 -33.84 -41.64
CA GLU T 639 -95.52 -35.24 -41.55
C GLU T 639 -96.15 -35.66 -42.86
N ILE T 640 -95.50 -36.57 -43.58
CA ILE T 640 -95.96 -37.02 -44.89
C ILE T 640 -96.18 -38.53 -44.83
N ASN T 641 -97.39 -38.97 -45.19
CA ASN T 641 -97.81 -40.37 -45.28
C ASN T 641 -97.76 -41.10 -43.92
N ASP T 642 -97.69 -40.35 -42.81
CA ASP T 642 -97.69 -40.84 -41.44
C ASP T 642 -96.57 -41.82 -41.11
N ASP T 643 -95.53 -41.91 -41.94
CA ASP T 643 -94.40 -42.80 -41.69
C ASP T 643 -93.04 -42.14 -41.89
N LYS T 644 -92.95 -41.07 -42.67
CA LYS T 644 -91.70 -40.37 -42.92
C LYS T 644 -91.90 -38.89 -42.62
N VAL T 645 -90.85 -38.26 -42.10
CA VAL T 645 -90.85 -36.82 -41.83
C VAL T 645 -89.62 -36.19 -42.46
N ILE T 646 -89.82 -34.99 -43.02
CA ILE T 646 -88.74 -34.24 -43.68
C ILE T 646 -88.59 -32.90 -42.96
N SER T 647 -87.35 -32.55 -42.63
CA SER T 647 -87.03 -31.29 -41.98
C SER T 647 -86.47 -30.34 -43.02
N LEU T 648 -87.12 -29.19 -43.19
CA LEU T 648 -86.76 -28.22 -44.21
C LEU T 648 -86.37 -26.89 -43.55
N GLN T 649 -85.22 -26.35 -43.95
CA GLN T 649 -84.77 -25.06 -43.47
C GLN T 649 -83.98 -24.36 -44.57
N ILE T 650 -83.81 -23.06 -44.41
CA ILE T 650 -82.85 -22.28 -45.18
C ILE T 650 -81.78 -21.81 -44.20
N PRO T 651 -80.50 -22.09 -44.45
CA PRO T 651 -79.45 -21.80 -43.45
C PRO T 651 -79.30 -20.31 -43.19
N ILE T 652 -78.94 -20.00 -41.93
CA ILE T 652 -78.81 -18.63 -41.46
C ILE T 652 -77.33 -18.35 -41.24
N GLN T 653 -76.84 -17.26 -41.84
CA GLN T 653 -75.44 -16.86 -41.68
C GLN T 653 -75.32 -16.00 -40.42
N ASN T 654 -75.10 -16.67 -39.29
CA ASN T 654 -74.89 -16.01 -38.01
C ASN T 654 -73.48 -16.26 -37.47
N GLU T 655 -72.57 -16.76 -38.29
CA GLU T 655 -71.19 -16.99 -37.88
C GLU T 655 -70.30 -16.10 -38.75
N PHE T 656 -69.37 -15.40 -38.12
CA PHE T 656 -68.50 -14.48 -38.85
C PHE T 656 -67.10 -14.51 -38.27
N GLU T 657 -66.14 -14.14 -39.10
CA GLU T 657 -64.72 -14.17 -38.76
C GLU T 657 -64.04 -12.84 -38.99
N LYS T 658 -64.43 -12.10 -40.03
CA LYS T 658 -63.73 -10.90 -40.45
C LYS T 658 -64.36 -9.61 -39.94
N MET T 659 -65.35 -9.71 -39.03
CA MET T 659 -66.04 -8.57 -38.42
C MET T 659 -66.68 -7.70 -39.49
N PRO T 660 -67.79 -8.13 -40.09
CA PRO T 660 -68.42 -7.36 -41.17
C PRO T 660 -68.87 -5.98 -40.70
N ASN T 661 -68.77 -5.01 -41.60
CA ASN T 661 -69.10 -3.62 -41.29
C ASN T 661 -70.61 -3.49 -41.12
N PHE T 662 -71.06 -3.57 -39.87
CA PHE T 662 -72.48 -3.51 -39.55
C PHE T 662 -73.06 -2.12 -39.79
N LYS T 663 -72.21 -1.10 -39.94
CA LYS T 663 -72.71 0.23 -40.28
C LYS T 663 -73.23 0.28 -41.71
N LEU T 664 -72.66 -0.50 -42.61
CA LEU T 664 -73.03 -0.50 -44.02
C LEU T 664 -73.85 -1.72 -44.39
N GLN T 665 -73.32 -2.93 -44.14
CA GLN T 665 -74.08 -4.15 -44.34
C GLN T 665 -74.54 -4.69 -43.00
N PRO T 666 -75.85 -4.71 -42.72
CA PRO T 666 -76.32 -5.13 -41.39
C PRO T 666 -76.04 -6.59 -41.11
N VAL T 667 -75.85 -6.89 -39.82
CA VAL T 667 -75.52 -8.22 -39.34
C VAL T 667 -76.46 -8.53 -38.19
N LEU T 668 -76.92 -9.78 -38.13
CA LEU T 668 -77.73 -10.24 -37.00
C LEU T 668 -77.01 -10.01 -35.67
N ARG T 669 -77.71 -9.38 -34.74
CA ARG T 669 -77.16 -9.11 -33.42
C ARG T 669 -76.99 -10.42 -32.66
N GLY T 670 -75.86 -10.56 -31.97
CA GLY T 670 -75.52 -11.81 -31.34
C GLY T 670 -74.95 -12.85 -32.27
N SER T 671 -74.47 -12.44 -33.44
CA SER T 671 -73.79 -13.36 -34.33
C SER T 671 -72.47 -13.81 -33.71
N TYR T 672 -72.14 -15.09 -33.88
CA TYR T 672 -70.96 -15.67 -33.25
C TYR T 672 -69.72 -15.20 -34.03
N LEU T 673 -69.08 -14.15 -33.53
CA LEU T 673 -67.89 -13.58 -34.17
C LEU T 673 -66.64 -14.27 -33.62
N THR T 674 -66.38 -15.47 -34.16
CA THR T 674 -65.23 -16.27 -33.76
C THR T 674 -64.49 -16.76 -35.00
N SER T 675 -63.20 -17.01 -34.83
CA SER T 675 -62.39 -17.61 -35.89
C SER T 675 -62.54 -19.12 -35.95
N ILE T 676 -63.30 -19.71 -35.04
CA ILE T 676 -63.66 -21.13 -35.09
C ILE T 676 -65.10 -21.19 -35.55
N LEU T 677 -65.30 -21.76 -36.74
CA LEU T 677 -66.60 -21.74 -37.40
C LEU T 677 -67.12 -23.17 -37.58
N ASN T 678 -68.45 -23.32 -37.47
CA ASN T 678 -69.09 -24.59 -37.79
C ASN T 678 -68.93 -24.91 -39.27
N MET T 679 -69.09 -23.88 -40.13
CA MET T 679 -69.17 -24.07 -41.57
C MET T 679 -67.87 -24.55 -42.19
N LYS T 680 -66.75 -24.45 -41.46
CA LYS T 680 -65.50 -25.03 -41.93
C LYS T 680 -65.44 -26.52 -41.70
N PHE T 681 -66.42 -27.08 -41.00
CA PHE T 681 -66.49 -28.52 -40.77
C PHE T 681 -67.54 -29.17 -41.65
N LEU T 682 -68.59 -28.45 -42.03
CA LEU T 682 -69.57 -28.99 -42.96
C LEU T 682 -68.98 -29.11 -44.36
N GLU T 683 -68.23 -28.10 -44.80
CA GLU T 683 -67.65 -28.14 -46.14
C GLU T 683 -66.52 -29.15 -46.21
N LYS T 684 -65.87 -29.43 -45.07
CA LYS T 684 -64.84 -30.46 -45.02
C LYS T 684 -65.41 -31.87 -45.07
N SER T 685 -66.72 -32.03 -44.94
CA SER T 685 -67.37 -33.34 -45.01
C SER T 685 -67.78 -33.71 -46.43
N SER T 686 -67.46 -32.89 -47.41
CA SER T 686 -67.81 -33.16 -48.80
C SER T 686 -66.97 -34.31 -49.36
N ASN T 741 -55.35 -33.13 -40.70
CA ASN T 741 -55.81 -31.76 -40.54
C ASN T 741 -56.35 -31.55 -39.13
N ASP T 742 -57.54 -30.96 -39.02
CA ASP T 742 -58.17 -30.69 -37.74
C ASP T 742 -59.31 -31.69 -37.52
N ASP T 743 -59.36 -32.25 -36.31
CA ASP T 743 -60.42 -33.17 -35.94
C ASP T 743 -61.49 -32.46 -35.11
N LEU T 744 -62.75 -32.76 -35.41
CA LEU T 744 -63.88 -32.12 -34.74
C LEU T 744 -64.03 -32.63 -33.31
N LEU T 745 -63.42 -33.77 -32.99
CA LEU T 745 -63.52 -34.34 -31.65
C LEU T 745 -62.84 -33.48 -30.60
N ASN T 746 -61.83 -32.71 -31.00
CA ASN T 746 -61.08 -31.88 -30.06
C ASN T 746 -61.91 -30.73 -29.51
N TYR T 747 -62.92 -30.31 -30.25
CA TYR T 747 -63.78 -29.20 -29.85
C TYR T 747 -64.98 -29.71 -29.06
N ALA T 748 -65.63 -28.80 -28.35
CA ALA T 748 -66.73 -29.14 -27.46
C ALA T 748 -68.02 -28.48 -27.95
N LEU T 749 -69.13 -29.20 -27.80
CA LEU T 749 -70.42 -28.71 -28.28
C LEU T 749 -71.12 -27.91 -27.19
N LEU T 750 -71.50 -26.68 -27.53
CA LEU T 750 -72.23 -25.80 -26.63
C LEU T 750 -73.68 -25.72 -27.11
N LEU T 751 -74.61 -26.21 -26.29
CA LEU T 751 -76.01 -26.25 -26.67
C LEU T 751 -76.60 -24.85 -26.77
N LEU T 752 -77.36 -24.61 -27.84
CA LEU T 752 -77.98 -23.32 -28.09
C LEU T 752 -79.34 -23.17 -27.43
N ASP T 753 -79.77 -24.19 -26.67
CA ASP T 753 -81.02 -24.12 -25.93
C ASP T 753 -80.89 -25.05 -24.72
N GLU T 754 -81.93 -25.06 -23.88
CA GLU T 754 -81.97 -25.99 -22.77
C GLU T 754 -82.12 -27.42 -23.32
N PRO T 755 -81.51 -28.40 -22.64
CA PRO T 755 -81.54 -29.79 -23.17
C PRO T 755 -82.93 -30.40 -23.29
N ASN T 756 -83.87 -30.06 -22.39
CA ASN T 756 -85.21 -30.61 -22.49
C ASN T 756 -85.95 -30.06 -23.72
N ASN T 757 -85.76 -28.77 -24.03
CA ASN T 757 -86.35 -28.22 -25.24
C ASN T 757 -85.71 -28.78 -26.50
N ILE T 758 -84.40 -29.08 -26.44
CA ILE T 758 -83.72 -29.73 -27.57
C ILE T 758 -84.27 -31.13 -27.78
N ILE T 759 -84.55 -31.86 -26.69
CA ILE T 759 -85.15 -33.20 -26.81
C ILE T 759 -86.56 -33.10 -27.39
N SER T 760 -87.33 -32.10 -26.93
CA SER T 760 -88.69 -31.90 -27.43
C SER T 760 -88.68 -31.56 -28.92
N SER T 761 -87.74 -30.74 -29.36
CA SER T 761 -87.62 -30.46 -30.79
C SER T 761 -87.10 -31.67 -31.55
N LEU T 762 -86.31 -32.53 -30.89
CA LEU T 762 -85.81 -33.75 -31.51
C LEU T 762 -86.86 -34.84 -31.56
N GLU T 763 -88.00 -34.65 -30.89
CA GLU T 763 -89.09 -35.61 -30.97
C GLU T 763 -89.96 -35.39 -32.21
N THR T 764 -89.67 -34.38 -33.02
CA THR T 764 -90.39 -34.12 -34.25
C THR T 764 -89.58 -34.47 -35.49
N PHE T 765 -88.33 -34.87 -35.34
CA PHE T 765 -87.47 -35.26 -36.45
C PHE T 765 -87.63 -36.71 -36.86
N SER T 766 -88.39 -37.51 -36.10
CA SER T 766 -88.63 -38.91 -36.44
C SER T 766 -90.00 -39.30 -35.91
N TYR T 767 -90.79 -39.97 -36.76
CA TYR T 767 -92.13 -40.39 -36.36
C TYR T 767 -92.08 -41.42 -35.24
N GLN T 768 -91.14 -42.36 -35.31
CA GLN T 768 -90.90 -43.34 -34.26
C GLN T 768 -89.43 -43.27 -33.84
N ASP T 769 -89.17 -43.73 -32.62
CA ASP T 769 -87.83 -43.64 -32.04
C ASP T 769 -86.89 -44.64 -32.69
N ASP T 770 -86.16 -44.20 -33.71
CA ASP T 770 -85.12 -45.02 -34.33
C ASP T 770 -83.83 -44.95 -33.51
N ILE T 771 -82.77 -45.58 -34.01
CA ILE T 771 -81.50 -45.58 -33.30
C ILE T 771 -80.83 -44.20 -33.36
N GLY T 772 -81.13 -43.39 -34.37
CA GLY T 772 -80.56 -42.05 -34.43
C GLY T 772 -81.07 -41.13 -33.33
N THR T 773 -82.38 -41.15 -33.10
CA THR T 773 -82.99 -40.31 -32.07
C THR T 773 -82.92 -40.92 -30.67
N ILE T 774 -82.25 -42.06 -30.52
CA ILE T 774 -81.89 -42.58 -29.19
C ILE T 774 -80.51 -42.10 -28.79
N ILE T 775 -79.52 -42.33 -29.67
CA ILE T 775 -78.16 -41.86 -29.43
C ILE T 775 -78.12 -40.34 -29.37
N LEU T 776 -78.83 -39.68 -30.29
CA LEU T 776 -78.81 -38.22 -30.31
C LEU T 776 -79.55 -37.61 -29.13
N LYS T 777 -80.52 -38.33 -28.57
CA LYS T 777 -81.18 -37.88 -27.36
C LYS T 777 -80.29 -38.09 -26.13
N HIS T 778 -79.61 -39.23 -26.08
CA HIS T 778 -78.76 -39.54 -24.93
C HIS T 778 -77.55 -38.63 -24.89
N LEU T 779 -76.98 -38.32 -26.06
CA LEU T 779 -75.83 -37.43 -26.11
C LEU T 779 -76.19 -36.02 -25.64
N VAL T 780 -77.36 -35.53 -26.04
CA VAL T 780 -77.85 -34.22 -25.61
C VAL T 780 -78.08 -34.20 -24.10
N ARG T 781 -78.66 -35.28 -23.56
CA ARG T 781 -78.88 -35.35 -22.12
C ARG T 781 -77.59 -35.48 -21.32
N ASN T 782 -76.50 -35.94 -21.94
CA ASN T 782 -75.23 -36.13 -21.24
C ASN T 782 -74.09 -35.39 -21.94
N ILE T 783 -74.29 -34.10 -22.21
CA ILE T 783 -73.24 -33.25 -22.79
C ILE T 783 -73.05 -32.02 -21.92
N GLN T 784 -71.84 -31.47 -21.94
CA GLN T 784 -71.48 -30.28 -21.21
C GLN T 784 -70.44 -29.53 -22.05
N PRO T 785 -70.52 -28.20 -22.12
CA PRO T 785 -69.58 -27.41 -22.92
C PRO T 785 -68.27 -27.07 -22.19
N ASN T 786 -67.66 -28.08 -21.57
CA ASN T 786 -66.36 -27.90 -20.93
C ASN T 786 -65.46 -29.12 -21.07
N ILE T 787 -65.85 -30.12 -21.84
CA ILE T 787 -65.07 -31.34 -22.01
C ILE T 787 -64.99 -31.64 -23.50
N PRO T 788 -63.87 -32.12 -24.02
CA PRO T 788 -63.79 -32.47 -25.44
C PRO T 788 -64.68 -33.65 -25.78
N LEU T 789 -65.04 -33.73 -27.07
CA LEU T 789 -65.91 -34.78 -27.56
C LEU T 789 -65.24 -36.15 -27.56
N ARG T 790 -63.91 -36.21 -27.49
CA ARG T 790 -63.21 -37.48 -27.36
C ARG T 790 -63.60 -38.23 -26.08
N SER T 791 -63.89 -37.49 -25.00
CA SER T 791 -64.28 -38.09 -23.73
C SER T 791 -65.72 -38.59 -23.71
N TYR T 792 -66.51 -38.33 -24.75
CA TYR T 792 -67.89 -38.79 -24.82
C TYR T 792 -68.07 -40.03 -25.69
N ARG T 793 -67.02 -40.83 -25.88
CA ARG T 793 -67.16 -42.10 -26.57
C ARG T 793 -67.87 -43.15 -25.72
N TYR T 794 -67.87 -42.99 -24.40
CA TYR T 794 -68.45 -44.01 -23.53
C TYR T 794 -69.98 -44.04 -23.62
N LEU T 795 -70.60 -42.90 -23.94
CA LEU T 795 -72.05 -42.86 -24.14
C LEU T 795 -72.47 -43.71 -25.34
N ILE T 796 -71.73 -43.62 -26.44
CA ILE T 796 -71.99 -44.47 -27.59
C ILE T 796 -71.63 -45.92 -27.26
N THR T 797 -70.54 -46.12 -26.52
CA THR T 797 -70.05 -47.45 -26.19
C THR T 797 -71.07 -48.23 -25.36
N ASP T 798 -71.71 -47.58 -24.38
CA ASP T 798 -72.69 -48.27 -23.56
C ASP T 798 -74.00 -48.53 -24.31
N LEU T 799 -74.36 -47.66 -25.25
CA LEU T 799 -75.62 -47.79 -25.96
C LEU T 799 -75.51 -48.55 -27.28
N LEU T 800 -74.36 -49.16 -27.57
CA LEU T 800 -74.24 -49.97 -28.76
C LEU T 800 -73.31 -51.15 -28.50
N ASP T 801 -73.57 -52.27 -29.16
CA ASP T 801 -72.84 -53.50 -28.91
C ASP T 801 -72.17 -54.01 -30.18
N THR T 813 -60.02 -43.23 -32.28
CA THR T 813 -59.31 -43.75 -33.43
C THR T 813 -60.16 -43.63 -34.70
N ASN T 814 -60.39 -44.76 -35.37
CA ASN T 814 -61.24 -44.80 -36.56
C ASN T 814 -62.42 -45.73 -36.35
N SER T 815 -62.87 -45.86 -35.10
CA SER T 815 -63.98 -46.74 -34.76
C SER T 815 -65.29 -46.16 -35.27
N LEU T 816 -66.28 -47.04 -35.40
CA LEU T 816 -67.62 -46.63 -35.83
C LEU T 816 -68.30 -45.74 -34.79
N GLU T 817 -67.89 -45.84 -33.52
CA GLU T 817 -68.40 -44.93 -32.50
C GLU T 817 -68.00 -43.50 -32.78
N SER T 818 -66.75 -43.30 -33.21
CA SER T 818 -66.28 -41.96 -33.55
C SER T 818 -67.02 -41.40 -34.75
N SER T 819 -67.29 -42.23 -35.77
CA SER T 819 -68.05 -41.77 -36.93
C SER T 819 -69.48 -41.44 -36.57
N ILE T 820 -70.09 -42.25 -35.70
CA ILE T 820 -71.44 -41.98 -35.21
C ILE T 820 -71.48 -40.67 -34.44
N LEU T 821 -70.48 -40.43 -33.59
CA LEU T 821 -70.43 -39.19 -32.83
C LEU T 821 -70.18 -37.98 -33.73
N ARG T 822 -69.37 -38.14 -34.77
CA ARG T 822 -69.18 -37.09 -35.75
C ARG T 822 -70.48 -36.75 -36.47
N SER T 823 -71.22 -37.78 -36.88
CA SER T 823 -72.49 -37.57 -37.56
C SER T 823 -73.50 -36.89 -36.65
N CYS T 824 -73.55 -37.30 -35.37
CA CYS T 824 -74.45 -36.68 -34.41
C CYS T 824 -74.09 -35.23 -34.14
N ALA T 825 -72.78 -34.93 -34.07
CA ALA T 825 -72.36 -33.55 -33.88
C ALA T 825 -72.70 -32.68 -35.09
N LEU T 826 -72.52 -33.21 -36.30
CA LEU T 826 -72.91 -32.49 -37.51
C LEU T 826 -74.42 -32.25 -37.54
N HIS T 827 -75.20 -33.25 -37.15
CA HIS T 827 -76.65 -33.11 -37.11
C HIS T 827 -77.06 -32.08 -36.07
N LEU T 828 -76.39 -32.05 -34.92
CA LEU T 828 -76.73 -31.09 -33.88
C LEU T 828 -76.37 -29.67 -34.29
N MET T 829 -75.21 -29.49 -34.90
CA MET T 829 -74.76 -28.15 -35.25
C MET T 829 -75.27 -27.68 -36.60
N TYR T 830 -75.97 -28.54 -37.35
CA TYR T 830 -76.61 -28.07 -38.59
C TYR T 830 -78.03 -27.60 -38.34
N TRP T 831 -78.75 -28.27 -37.45
CA TRP T 831 -80.16 -27.97 -37.25
C TRP T 831 -80.40 -26.96 -36.13
N ARG T 832 -79.43 -26.06 -35.90
CA ARG T 832 -79.51 -24.97 -34.91
C ARG T 832 -79.78 -25.52 -33.51
N HIS T 833 -78.92 -26.42 -33.06
CA HIS T 833 -79.12 -26.96 -31.72
C HIS T 833 -77.91 -26.83 -30.82
N ALA T 834 -76.69 -27.00 -31.35
CA ALA T 834 -75.51 -26.99 -30.50
C ALA T 834 -74.31 -26.54 -31.34
N ARG T 835 -73.95 -25.26 -31.21
CA ARG T 835 -72.75 -24.74 -31.87
C ARG T 835 -71.51 -25.29 -31.17
N ILE T 836 -70.54 -25.77 -31.97
CA ILE T 836 -69.34 -26.33 -31.38
C ILE T 836 -68.37 -25.20 -31.05
N VAL T 837 -67.62 -25.36 -29.96
CA VAL T 837 -66.67 -24.38 -29.46
C VAL T 837 -65.44 -25.11 -28.94
N ILE T 838 -64.45 -24.33 -28.50
CA ILE T 838 -63.27 -24.84 -27.83
C ILE T 838 -63.71 -25.32 -26.45
N PRO T 839 -63.06 -26.32 -25.83
CA PRO T 839 -63.48 -26.75 -24.49
C PRO T 839 -63.22 -25.71 -23.43
N LEU T 840 -64.21 -24.84 -23.23
CA LEU T 840 -64.14 -23.67 -22.34
C LEU T 840 -63.68 -24.03 -20.93
N SER T 841 -62.74 -23.24 -20.42
CA SER T 841 -62.24 -23.37 -19.06
C SER T 841 -62.12 -21.97 -18.47
N SER T 842 -61.63 -21.90 -17.23
CA SER T 842 -61.41 -20.64 -16.56
C SER T 842 -60.04 -20.05 -16.85
N LYS T 843 -59.20 -20.75 -17.61
CA LYS T 843 -57.85 -20.33 -17.89
C LYS T 843 -57.73 -19.58 -19.21
N TYR T 844 -58.82 -19.39 -19.93
CA TYR T 844 -58.80 -18.71 -21.21
C TYR T 844 -59.16 -17.24 -21.01
N THR T 845 -58.96 -16.46 -22.07
CA THR T 845 -59.25 -15.03 -22.05
C THR T 845 -60.54 -14.79 -22.82
N TYR T 846 -61.48 -14.11 -22.18
CA TYR T 846 -62.80 -13.88 -22.77
C TYR T 846 -63.10 -12.39 -22.76
N ILE T 847 -63.52 -11.86 -23.90
CA ILE T 847 -63.85 -10.46 -24.06
C ILE T 847 -65.27 -10.34 -24.58
N VAL T 848 -65.80 -9.12 -24.52
CA VAL T 848 -67.12 -8.83 -25.07
C VAL T 848 -66.99 -8.62 -26.57
N SER T 849 -67.76 -9.37 -27.34
CA SER T 849 -67.69 -9.29 -28.79
C SER T 849 -68.26 -7.95 -29.26
N PRO T 850 -67.72 -7.39 -30.36
CA PRO T 850 -68.32 -6.16 -30.91
C PRO T 850 -69.76 -6.32 -31.35
N LEU T 851 -70.14 -7.50 -31.84
CA LEU T 851 -71.52 -7.78 -32.21
C LEU T 851 -72.28 -8.39 -31.03
N ALA T 852 -72.21 -7.73 -29.88
CA ALA T 852 -72.94 -8.18 -28.70
C ALA T 852 -74.40 -7.75 -28.80
N PRO T 853 -75.36 -8.64 -28.51
CA PRO T 853 -76.77 -8.23 -28.58
C PRO T 853 -77.15 -7.26 -27.47
N ILE T 854 -76.76 -6.01 -27.62
CA ILE T 854 -77.03 -4.97 -26.64
C ILE T 854 -78.19 -4.09 -27.08
N GLN T 855 -78.03 -3.45 -28.24
CA GLN T 855 -79.05 -2.56 -28.78
C GLN T 855 -80.10 -3.36 -29.56
N GLY T 856 -81.17 -2.66 -29.93
CA GLY T 856 -82.22 -3.25 -30.73
C GLY T 856 -83.31 -3.88 -29.90
N TYR T 857 -84.57 -3.71 -30.32
CA TYR T 857 -85.68 -4.29 -29.57
C TYR T 857 -85.84 -5.77 -29.84
N THR T 858 -85.21 -6.29 -30.90
CA THR T 858 -85.23 -7.71 -31.23
C THR T 858 -83.93 -8.05 -31.95
N ILE T 859 -83.88 -9.26 -32.51
CA ILE T 859 -82.68 -9.76 -33.17
C ILE T 859 -82.42 -8.99 -34.46
N ASP T 860 -83.48 -8.64 -35.19
CA ASP T 860 -83.37 -8.02 -36.50
C ASP T 860 -84.23 -6.76 -36.60
N ASP T 861 -84.11 -5.87 -35.60
CA ASP T 861 -84.92 -4.67 -35.59
C ASP T 861 -84.46 -3.68 -36.66
N TYR T 862 -83.25 -3.15 -36.51
CA TYR T 862 -82.63 -2.17 -37.42
C TYR T 862 -83.54 -1.00 -37.83
N ARG T 887 -91.41 -2.52 -25.86
CA ARG T 887 -90.23 -2.00 -26.56
C ARG T 887 -89.05 -1.84 -25.60
N VAL T 888 -88.37 -2.95 -25.34
CA VAL T 888 -87.26 -3.02 -24.40
C VAL T 888 -86.07 -3.57 -25.18
N PRO T 889 -84.88 -2.97 -25.06
CA PRO T 889 -83.71 -3.50 -25.78
C PRO T 889 -83.30 -4.87 -25.27
N LEU T 890 -82.50 -5.55 -26.10
CA LEU T 890 -82.12 -6.94 -25.83
C LEU T 890 -81.26 -7.08 -24.58
N ILE T 891 -80.54 -6.02 -24.19
CA ILE T 891 -79.68 -6.09 -23.02
C ILE T 891 -80.49 -6.28 -21.75
N TYR T 892 -81.61 -5.56 -21.60
CA TYR T 892 -82.42 -5.70 -20.40
C TYR T 892 -83.23 -6.99 -20.38
N GLN T 893 -83.67 -7.44 -21.56
CA GLN T 893 -84.36 -8.74 -21.67
C GLN T 893 -83.43 -9.87 -21.28
N ASN T 894 -82.20 -9.85 -21.81
CA ASN T 894 -81.23 -10.89 -21.47
C ASN T 894 -80.74 -10.75 -20.04
N SER T 895 -80.76 -9.54 -19.47
CA SER T 895 -80.45 -9.38 -18.05
C SER T 895 -81.55 -10.00 -17.19
N MET T 896 -82.81 -9.84 -17.60
CA MET T 896 -83.92 -10.50 -16.91
C MET T 896 -83.80 -12.02 -16.99
N LEU T 897 -83.46 -12.53 -18.17
CA LEU T 897 -83.26 -13.98 -18.32
C LEU T 897 -82.06 -14.47 -17.49
N PHE T 898 -81.01 -13.66 -17.42
CA PHE T 898 -79.83 -14.02 -16.62
C PHE T 898 -80.17 -14.06 -15.14
N ARG T 899 -80.94 -13.08 -14.67
CA ARG T 899 -81.35 -13.05 -13.27
C ARG T 899 -82.28 -14.21 -12.94
N SER T 900 -83.16 -14.56 -13.89
CA SER T 900 -84.06 -15.70 -13.67
C SER T 900 -83.30 -17.01 -13.64
N LYS T 901 -82.36 -17.20 -14.57
CA LYS T 901 -81.62 -18.46 -14.64
C LYS T 901 -80.53 -18.53 -13.57
N PHE T 902 -79.85 -17.42 -13.29
CA PHE T 902 -78.74 -17.40 -12.34
C PHE T 902 -78.98 -16.30 -11.31
N PRO T 903 -79.67 -16.62 -10.21
CA PRO T 903 -79.97 -15.60 -9.19
C PRO T 903 -78.98 -15.54 -8.03
N SER T 904 -77.85 -16.26 -8.09
CA SER T 904 -76.88 -16.26 -7.02
C SER T 904 -75.55 -15.62 -7.44
N LEU T 905 -75.63 -14.65 -8.34
CA LEU T 905 -74.45 -14.02 -8.92
C LEU T 905 -74.87 -12.65 -9.47
N PRO T 906 -73.91 -11.72 -9.64
CA PRO T 906 -74.29 -10.36 -10.07
C PRO T 906 -74.91 -10.33 -11.46
N SER T 907 -75.68 -9.27 -11.71
CA SER T 907 -76.48 -9.15 -12.91
C SER T 907 -75.61 -8.99 -14.16
N LEU T 908 -76.27 -9.06 -15.31
CA LEU T 908 -75.58 -8.98 -16.60
C LEU T 908 -74.85 -7.66 -16.83
N PRO T 909 -75.38 -6.45 -16.52
CA PRO T 909 -74.54 -5.26 -16.68
C PRO T 909 -73.26 -5.26 -15.84
N ILE T 910 -73.34 -5.68 -14.58
CA ILE T 910 -72.15 -5.77 -13.74
C ILE T 910 -71.17 -6.80 -14.29
N PHE T 911 -71.69 -7.95 -14.69
CA PHE T 911 -70.85 -9.06 -15.13
C PHE T 911 -70.18 -8.74 -16.46
N LEU T 912 -70.86 -8.00 -17.32
CA LEU T 912 -70.28 -7.56 -18.59
C LEU T 912 -69.30 -6.40 -18.39
N SER T 913 -69.58 -5.50 -17.45
CA SER T 913 -68.65 -4.40 -17.18
C SER T 913 -67.37 -4.90 -16.52
N LEU T 914 -67.44 -6.00 -15.76
CA LEU T 914 -66.22 -6.56 -15.17
C LEU T 914 -65.31 -7.20 -16.21
N LEU T 915 -65.81 -7.48 -17.41
CA LEU T 915 -65.06 -8.19 -18.44
C LEU T 915 -64.58 -7.26 -19.55
N SER T 916 -64.91 -5.98 -19.52
CA SER T 916 -64.63 -5.12 -20.66
C SER T 916 -63.92 -3.83 -20.26
N THR T 917 -64.12 -3.38 -19.01
CA THR T 917 -63.54 -2.11 -18.60
C THR T 917 -62.03 -2.22 -18.40
N ASP T 918 -61.58 -3.28 -17.74
CA ASP T 918 -60.16 -3.49 -17.50
C ASP T 918 -59.53 -4.24 -18.67
N LYS T 919 -58.23 -4.51 -18.55
CA LYS T 919 -57.51 -5.26 -19.57
C LYS T 919 -57.99 -6.70 -19.60
N PRO T 920 -58.09 -7.32 -20.79
CA PRO T 920 -58.54 -8.72 -20.87
C PRO T 920 -57.57 -9.70 -20.25
N GLN T 921 -57.97 -10.33 -19.15
CA GLN T 921 -57.18 -11.37 -18.51
C GLN T 921 -57.98 -12.68 -18.51
N ALA T 922 -57.45 -13.65 -17.77
CA ALA T 922 -58.08 -14.97 -17.69
C ALA T 922 -59.44 -14.86 -17.00
N TYR T 923 -60.36 -15.77 -17.38
CA TYR T 923 -61.70 -15.75 -16.83
C TYR T 923 -61.72 -16.10 -15.34
N SER T 924 -60.70 -16.79 -14.84
CA SER T 924 -60.69 -17.22 -13.45
C SER T 924 -60.51 -16.06 -12.48
N ASN T 925 -60.06 -14.90 -12.96
CA ASN T 925 -59.86 -13.75 -12.09
C ASN T 925 -61.18 -13.08 -11.68
N ILE T 926 -62.30 -13.44 -12.30
CA ILE T 926 -63.59 -12.95 -11.85
C ILE T 926 -64.17 -13.84 -10.76
N ILE T 927 -63.78 -15.12 -10.72
CA ILE T 927 -64.27 -16.08 -9.74
C ILE T 927 -63.68 -15.75 -8.36
N PRO T 928 -64.50 -15.48 -7.35
CA PRO T 928 -63.96 -15.12 -6.03
C PRO T 928 -63.55 -16.35 -5.21
N SER T 929 -64.23 -17.47 -5.41
CA SER T 929 -63.99 -18.65 -4.60
C SER T 929 -64.30 -19.89 -5.41
N ARG T 930 -63.70 -21.01 -5.00
CA ARG T 930 -63.92 -22.30 -5.65
C ARG T 930 -65.34 -22.83 -5.46
N GLU T 931 -66.12 -22.25 -4.56
CA GLU T 931 -67.52 -22.61 -4.40
C GLU T 931 -68.41 -22.03 -5.50
N HIS T 932 -67.88 -21.18 -6.37
CA HIS T 932 -68.67 -20.57 -7.42
C HIS T 932 -68.13 -20.89 -8.81
N LYS T 933 -67.35 -21.96 -8.95
CA LYS T 933 -66.76 -22.27 -10.24
C LYS T 933 -67.73 -22.90 -11.25
N PRO T 934 -68.49 -23.97 -10.95
CA PRO T 934 -69.38 -24.53 -11.98
C PRO T 934 -70.52 -23.61 -12.37
N VAL T 935 -71.06 -22.83 -11.44
CA VAL T 935 -72.13 -21.90 -11.76
C VAL T 935 -71.62 -20.79 -12.68
N TYR T 936 -70.38 -20.34 -12.47
CA TYR T 936 -69.81 -19.34 -13.37
C TYR T 936 -69.43 -19.94 -14.71
N LEU T 937 -69.08 -21.24 -14.74
CA LEU T 937 -68.87 -21.91 -16.02
C LEU T 937 -70.17 -22.02 -16.80
N ASN T 938 -71.27 -22.30 -16.10
CA ASN T 938 -72.58 -22.31 -16.75
C ASN T 938 -72.96 -20.91 -17.25
N ALA T 939 -72.65 -19.87 -16.47
CA ALA T 939 -72.91 -18.51 -16.91
C ALA T 939 -72.09 -18.14 -18.14
N LEU T 940 -70.81 -18.55 -18.17
CA LEU T 940 -69.97 -18.29 -19.33
C LEU T 940 -70.46 -19.04 -20.55
N ALA T 941 -70.91 -20.30 -20.37
CA ALA T 941 -71.47 -21.06 -21.47
C ALA T 941 -72.75 -20.40 -21.99
N TRP T 942 -73.57 -19.85 -21.09
CA TRP T 942 -74.76 -19.11 -21.50
C TRP T 942 -74.40 -17.86 -22.28
N LEU T 943 -73.35 -17.16 -21.85
CA LEU T 943 -72.96 -15.93 -22.54
C LEU T 943 -72.42 -16.22 -23.93
N ILE T 944 -71.62 -17.27 -24.06
CA ILE T 944 -71.13 -17.67 -25.38
C ILE T 944 -72.28 -18.20 -26.23
N GLN T 945 -73.27 -18.84 -25.59
CA GLN T 945 -74.47 -19.29 -26.26
C GLN T 945 -75.22 -18.11 -26.89
N TYR T 946 -75.35 -17.01 -26.15
CA TYR T 946 -76.05 -15.85 -26.67
C TYR T 946 -75.17 -14.95 -27.51
N GLY T 947 -73.89 -15.27 -27.64
CA GLY T 947 -73.01 -14.48 -28.47
C GLY T 947 -72.55 -13.19 -27.83
N TYR T 948 -72.76 -13.04 -26.52
CA TYR T 948 -72.32 -11.84 -25.81
C TYR T 948 -70.80 -11.79 -25.69
N VAL T 949 -70.19 -12.94 -25.41
CA VAL T 949 -68.79 -13.01 -25.02
C VAL T 949 -68.08 -14.00 -25.92
N THR T 950 -67.00 -13.58 -26.56
CA THR T 950 -66.17 -14.44 -27.37
C THR T 950 -64.87 -14.75 -26.63
N GLN T 951 -63.98 -15.47 -27.30
CA GLN T 951 -62.70 -15.90 -26.73
C GLN T 951 -61.57 -15.16 -27.43
N LEU T 952 -60.67 -14.59 -26.64
CA LEU T 952 -59.50 -13.88 -27.17
C LEU T 952 -58.36 -14.89 -27.28
N LEU T 953 -58.09 -15.34 -28.52
CA LEU T 953 -57.06 -16.32 -28.77
C LEU T 953 -55.70 -15.66 -28.96
N THR T 954 -54.65 -16.46 -28.83
CA THR T 954 -53.28 -15.99 -28.88
C THR T 954 -52.62 -16.47 -30.16
N PHE T 955 -52.12 -15.54 -30.96
CA PHE T 955 -51.41 -15.82 -32.19
C PHE T 955 -49.97 -15.34 -32.03
N ILE T 956 -49.01 -16.23 -32.24
CA ILE T 956 -47.60 -15.95 -32.00
C ILE T 956 -46.89 -15.81 -33.33
N ASN T 957 -46.18 -14.70 -33.51
CA ASN T 957 -45.41 -14.43 -34.72
C ASN T 957 -43.95 -14.24 -34.33
N ILE T 958 -43.06 -14.80 -35.16
CA ILE T 958 -41.63 -14.85 -34.84
C ILE T 958 -40.96 -13.59 -35.40
N ARG T 959 -39.88 -13.17 -34.74
CA ARG T 959 -39.14 -11.97 -35.13
C ARG T 959 -37.65 -12.24 -35.00
N VAL T 960 -36.88 -11.61 -35.89
CA VAL T 960 -35.43 -11.74 -35.90
C VAL T 960 -34.83 -10.35 -35.96
N ASP T 961 -33.92 -10.05 -35.03
CA ASP T 961 -33.27 -8.76 -34.93
C ASP T 961 -31.94 -8.79 -35.68
N LYS T 962 -31.21 -7.68 -35.62
CA LYS T 962 -29.97 -7.57 -36.38
C LYS T 962 -28.83 -8.39 -35.77
N HIS T 963 -28.89 -8.69 -34.47
CA HIS T 963 -27.83 -9.50 -33.85
C HIS T 963 -27.81 -10.91 -34.41
N ILE T 964 -28.99 -11.51 -34.62
CA ILE T 964 -29.05 -12.84 -35.21
C ILE T 964 -28.59 -12.82 -36.67
N LYS T 965 -28.89 -11.73 -37.39
CA LYS T 965 -28.42 -11.59 -38.76
C LYS T 965 -26.90 -11.52 -38.82
N MET T 966 -26.30 -10.74 -37.92
CA MET T 966 -24.85 -10.65 -37.87
C MET T 966 -24.23 -11.97 -37.42
N ALA T 967 -24.89 -12.68 -36.51
CA ALA T 967 -24.37 -13.97 -36.05
C ALA T 967 -24.37 -15.00 -37.17
N VAL T 968 -25.44 -15.05 -37.96
CA VAL T 968 -25.47 -16.02 -39.06
C VAL T 968 -24.56 -15.56 -40.19
N ASP T 969 -24.30 -14.25 -40.29
CA ASP T 969 -23.28 -13.77 -41.22
C ASP T 969 -21.90 -14.26 -40.80
N GLU T 970 -21.61 -14.22 -39.50
CA GLU T 970 -20.35 -14.75 -39.00
C GLU T 970 -20.24 -16.26 -39.24
N ASP T 971 -21.35 -16.98 -39.04
CA ASP T 971 -21.34 -18.42 -39.32
C ASP T 971 -21.12 -18.70 -40.81
N LEU T 972 -21.72 -17.89 -41.69
CA LEU T 972 -21.45 -18.05 -43.11
C LEU T 972 -20.03 -17.65 -43.47
N GLU T 973 -19.41 -16.79 -42.66
CA GLU T 973 -18.00 -16.46 -42.81
C GLU T 973 -17.11 -17.58 -42.28
N LYS T 974 -17.66 -18.48 -41.48
CA LYS T 974 -16.91 -19.61 -40.96
C LYS T 974 -16.90 -20.80 -41.91
N GLU T 975 -17.58 -20.69 -43.05
CA GLU T 975 -17.64 -21.78 -44.02
C GLU T 975 -17.77 -21.25 -45.44
N PHE T 1059 -23.76 3.79 -39.34
CA PHE T 1059 -22.50 3.51 -40.00
C PHE T 1059 -21.58 2.72 -39.07
N GLU T 1060 -20.27 2.99 -39.15
CA GLU T 1060 -19.30 2.28 -38.33
C GLU T 1060 -18.79 3.09 -37.16
N TYR T 1061 -18.89 4.42 -37.21
CA TYR T 1061 -18.35 5.26 -36.15
C TYR T 1061 -19.23 5.25 -34.90
N ASP T 1062 -20.53 5.05 -35.06
CA ASP T 1062 -21.49 5.18 -33.97
C ASP T 1062 -22.28 3.89 -33.80
N ASP T 1063 -22.90 3.77 -32.62
CA ASP T 1063 -23.79 2.64 -32.30
C ASP T 1063 -25.11 3.20 -31.77
N PRO T 1064 -26.01 3.64 -32.66
CA PRO T 1064 -27.34 4.07 -32.19
C PRO T 1064 -28.13 2.88 -31.68
N GLU T 1065 -28.45 2.90 -30.39
CA GLU T 1065 -29.13 1.77 -29.76
C GLU T 1065 -30.63 1.75 -29.97
N MET T 1066 -31.18 2.69 -30.72
CA MET T 1066 -32.62 2.73 -30.92
C MET T 1066 -33.01 2.15 -32.27
N GLN T 1067 -32.03 1.64 -33.02
CA GLN T 1067 -32.23 1.09 -34.35
C GLN T 1067 -32.04 -0.41 -34.29
N HIS T 1068 -33.03 -1.16 -34.76
CA HIS T 1068 -32.99 -2.61 -34.78
C HIS T 1068 -33.53 -3.08 -36.12
N ASP T 1069 -32.68 -3.71 -36.93
CA ASP T 1069 -33.10 -4.18 -38.25
C ASP T 1069 -34.02 -5.40 -38.09
N TYR T 1070 -35.25 -5.11 -37.68
CA TYR T 1070 -36.23 -6.15 -37.39
C TYR T 1070 -36.78 -6.76 -38.66
N THR T 1071 -36.69 -8.08 -38.79
CA THR T 1071 -37.23 -8.78 -39.95
C THR T 1071 -38.17 -9.87 -39.45
N ILE T 1072 -39.41 -9.83 -39.94
CA ILE T 1072 -40.44 -10.77 -39.51
C ILE T 1072 -40.51 -11.91 -40.51
N ILE T 1073 -40.32 -13.14 -40.03
CA ILE T 1073 -40.48 -14.33 -40.86
C ILE T 1073 -41.97 -14.66 -40.89
N LEU T 1074 -42.60 -14.45 -42.04
CA LEU T 1074 -44.04 -14.63 -42.13
C LEU T 1074 -44.44 -16.10 -42.05
N GLU T 1075 -43.75 -16.95 -42.82
CA GLU T 1075 -43.99 -18.39 -42.79
C GLU T 1075 -42.71 -19.10 -42.38
N PRO T 1076 -42.57 -19.50 -41.12
CA PRO T 1076 -41.35 -20.22 -40.70
C PRO T 1076 -41.15 -21.54 -41.41
N GLU T 1077 -42.22 -22.24 -41.78
CA GLU T 1077 -42.07 -23.48 -42.53
C GLU T 1077 -41.60 -23.22 -43.96
N ARG T 1078 -42.10 -22.15 -44.57
CA ARG T 1078 -41.73 -21.80 -45.94
C ARG T 1078 -40.68 -20.68 -45.89
N ALA T 1079 -39.42 -21.09 -45.72
CA ALA T 1079 -38.33 -20.14 -45.59
C ALA T 1079 -37.11 -20.68 -46.31
N THR T 1080 -36.17 -19.77 -46.61
CA THR T 1080 -34.94 -20.12 -47.29
C THR T 1080 -33.94 -20.67 -46.28
N ALA T 1081 -32.69 -20.86 -46.73
CA ALA T 1081 -31.66 -21.39 -45.84
C ALA T 1081 -31.22 -20.37 -44.81
N ILE T 1082 -31.01 -19.12 -45.25
CA ILE T 1082 -30.55 -18.08 -44.34
C ILE T 1082 -31.65 -17.74 -43.33
N GLU T 1083 -32.91 -17.83 -43.73
CA GLU T 1083 -34.01 -17.52 -42.83
C GLU T 1083 -34.21 -18.62 -41.79
N LYS T 1084 -34.07 -19.88 -42.19
CA LYS T 1084 -34.06 -20.96 -41.22
C LYS T 1084 -32.84 -20.89 -40.31
N ARG T 1085 -31.71 -20.39 -40.84
CA ARG T 1085 -30.54 -20.13 -40.01
C ARG T 1085 -30.83 -19.05 -38.97
N TRP T 1086 -31.57 -18.01 -39.37
CA TRP T 1086 -32.02 -16.98 -38.42
C TRP T 1086 -32.84 -17.59 -37.31
N LEU T 1087 -33.84 -18.40 -37.68
CA LEU T 1087 -34.74 -18.97 -36.69
C LEU T 1087 -34.04 -19.96 -35.78
N TYR T 1088 -33.07 -20.72 -36.30
CA TYR T 1088 -32.35 -21.66 -35.47
C TYR T 1088 -31.29 -21.00 -34.60
N ARG T 1089 -30.70 -19.89 -35.06
CA ARG T 1089 -29.80 -19.11 -34.23
C ARG T 1089 -30.54 -18.33 -33.16
N CYS T 1090 -31.86 -18.12 -33.34
CA CYS T 1090 -32.66 -17.48 -32.31
C CYS T 1090 -32.74 -18.28 -31.01
N ILE T 1091 -32.40 -19.57 -31.05
CA ILE T 1091 -32.56 -20.46 -29.91
C ILE T 1091 -31.20 -20.88 -29.33
N TYR T 1092 -30.11 -20.38 -29.91
CA TYR T 1092 -28.75 -20.77 -29.52
C TYR T 1092 -28.44 -20.24 -28.13
N GLY T 1093 -28.65 -21.08 -27.12
CA GLY T 1093 -28.38 -20.70 -25.75
C GLY T 1093 -29.41 -21.20 -24.75
N GLN T 1094 -30.61 -21.54 -25.24
CA GLN T 1094 -31.66 -22.05 -24.39
C GLN T 1094 -31.48 -23.56 -24.16
N PRO T 1095 -32.01 -24.10 -23.04
CA PRO T 1095 -31.81 -25.53 -22.73
C PRO T 1095 -32.54 -26.47 -23.68
N SER T 1096 -32.45 -27.78 -23.40
CA SER T 1096 -32.89 -28.79 -24.34
C SER T 1096 -34.41 -28.81 -24.48
N ASP T 1097 -35.13 -28.60 -23.38
CA ASP T 1097 -36.59 -28.62 -23.42
C ASP T 1097 -37.13 -27.47 -24.27
N ILE T 1098 -36.52 -26.29 -24.15
CA ILE T 1098 -36.93 -25.14 -24.94
C ILE T 1098 -36.62 -25.38 -26.41
N GLN T 1099 -35.49 -26.02 -26.70
CA GLN T 1099 -35.13 -26.33 -28.09
C GLN T 1099 -36.11 -27.33 -28.71
N ILE T 1100 -36.50 -28.36 -27.95
CA ILE T 1100 -37.45 -29.34 -28.45
C ILE T 1100 -38.82 -28.70 -28.66
N LEU T 1101 -39.26 -27.88 -27.70
CA LEU T 1101 -40.56 -27.21 -27.81
C LEU T 1101 -40.58 -26.21 -28.96
N PHE T 1102 -39.45 -25.58 -29.26
CA PHE T 1102 -39.39 -24.66 -30.39
C PHE T 1102 -39.37 -25.43 -31.70
N ASN T 1103 -38.61 -26.54 -31.77
CA ASN T 1103 -38.51 -27.32 -32.99
C ASN T 1103 -39.80 -28.06 -33.32
N LYS T 1104 -40.63 -28.34 -32.31
CA LYS T 1104 -41.91 -28.99 -32.58
C LYS T 1104 -43.02 -27.99 -32.87
N LEU T 1105 -42.83 -26.71 -32.52
CA LEU T 1105 -43.87 -25.70 -32.71
C LEU T 1105 -43.37 -24.49 -33.51
N LEU T 1106 -42.34 -24.66 -34.33
CA LEU T 1106 -41.89 -23.55 -35.17
C LEU T 1106 -42.83 -23.33 -36.35
N LYS T 1107 -43.36 -24.41 -36.93
CA LYS T 1107 -44.21 -24.31 -38.11
C LYS T 1107 -45.57 -23.70 -37.80
N TYR T 1108 -45.94 -23.56 -36.54
CA TYR T 1108 -47.22 -22.97 -36.15
C TYR T 1108 -47.12 -21.48 -35.86
N PHE T 1109 -45.92 -20.89 -35.96
CA PHE T 1109 -45.75 -19.47 -35.68
C PHE T 1109 -45.91 -18.63 -36.95
N ASN T 1110 -47.03 -18.83 -37.65
CA ASN T 1110 -47.30 -18.13 -38.90
C ASN T 1110 -48.29 -17.00 -38.74
N GLY T 1111 -48.69 -16.67 -37.51
CA GLY T 1111 -49.62 -15.59 -37.29
C GLY T 1111 -51.06 -15.89 -37.60
N LYS T 1112 -51.41 -17.16 -37.86
CA LYS T 1112 -52.77 -17.54 -38.22
C LYS T 1112 -53.32 -18.70 -37.42
N VAL T 1113 -52.49 -19.49 -36.75
CA VAL T 1113 -52.93 -20.63 -35.96
C VAL T 1113 -52.99 -20.20 -34.50
N PRO T 1114 -54.16 -20.25 -33.85
CA PRO T 1114 -54.23 -19.92 -32.42
C PRO T 1114 -53.46 -20.92 -31.58
N MET T 1115 -52.85 -20.44 -30.51
CA MET T 1115 -52.00 -21.28 -29.68
C MET T 1115 -52.80 -22.24 -28.80
N GLU T 1116 -54.07 -21.93 -28.53
CA GLU T 1116 -54.91 -22.85 -27.78
C GLU T 1116 -55.15 -24.14 -28.56
N LEU T 1117 -55.40 -24.00 -29.87
CA LEU T 1117 -55.53 -25.17 -30.73
C LEU T 1117 -54.22 -25.94 -30.84
N VAL T 1118 -53.09 -25.22 -30.81
CA VAL T 1118 -51.79 -25.88 -30.81
C VAL T 1118 -51.60 -26.71 -29.55
N ILE T 1119 -51.98 -26.15 -28.39
CA ILE T 1119 -51.89 -26.88 -27.12
C ILE T 1119 -52.77 -28.11 -27.15
N ILE T 1120 -54.00 -27.96 -27.66
CA ILE T 1120 -54.94 -29.08 -27.72
C ILE T 1120 -54.44 -30.17 -28.67
N LYS T 1121 -53.95 -29.78 -29.84
CA LYS T 1121 -53.59 -30.75 -30.86
C LYS T 1121 -52.27 -31.46 -30.53
N GLU T 1122 -51.27 -30.71 -30.09
CA GLU T 1122 -49.94 -31.26 -29.92
C GLU T 1122 -49.70 -31.87 -28.55
N GLU T 1123 -50.68 -31.76 -27.65
CA GLU T 1123 -50.64 -32.32 -26.29
C GLU T 1123 -49.43 -31.79 -25.51
N ILE T 1124 -49.44 -30.49 -25.29
CA ILE T 1124 -48.38 -29.82 -24.55
C ILE T 1124 -49.00 -29.06 -23.39
N SER T 1125 -48.17 -28.80 -22.38
CA SER T 1125 -48.63 -28.07 -21.20
C SER T 1125 -48.73 -26.59 -21.49
N ARG T 1126 -49.70 -25.94 -20.84
CA ARG T 1126 -49.85 -24.49 -20.97
C ARG T 1126 -48.68 -23.76 -20.33
N HIS T 1127 -48.19 -24.28 -19.20
CA HIS T 1127 -47.01 -23.70 -18.57
C HIS T 1127 -45.77 -23.86 -19.44
N ASP T 1128 -45.72 -24.92 -20.26
CA ASP T 1128 -44.63 -25.06 -21.22
C ASP T 1128 -44.68 -23.95 -22.27
N LEU T 1129 -45.89 -23.62 -22.75
CA LEU T 1129 -46.04 -22.49 -23.66
C LEU T 1129 -45.66 -21.17 -23.00
N LYS T 1130 -46.01 -21.01 -21.72
CA LYS T 1130 -45.63 -19.81 -20.98
C LYS T 1130 -44.12 -19.70 -20.85
N LYS T 1131 -43.45 -20.83 -20.59
CA LYS T 1131 -41.98 -20.86 -20.53
C LYS T 1131 -41.36 -20.50 -21.87
N LEU T 1132 -41.90 -21.07 -22.96
CA LEU T 1132 -41.38 -20.80 -24.29
C LEU T 1132 -41.58 -19.35 -24.70
N LEU T 1133 -42.69 -18.75 -24.28
CA LEU T 1133 -42.94 -17.34 -24.59
C LEU T 1133 -42.07 -16.42 -23.75
N ASN T 1134 -41.92 -16.72 -22.46
CA ASN T 1134 -41.17 -15.83 -21.57
C ASN T 1134 -39.67 -15.93 -21.80
N ALA T 1135 -39.16 -17.10 -22.16
CA ALA T 1135 -37.72 -17.22 -22.47
C ALA T 1135 -37.35 -16.42 -23.71
N LEU T 1136 -38.17 -16.49 -24.75
CA LEU T 1136 -37.91 -15.76 -25.99
C LEU T 1136 -38.76 -14.48 -26.02
N ASP T 1137 -38.47 -13.59 -25.06
CA ASP T 1137 -39.32 -12.43 -24.84
C ASP T 1137 -39.20 -11.39 -25.95
N LYS T 1138 -37.99 -11.21 -26.49
CA LYS T 1138 -37.73 -10.13 -27.44
C LYS T 1138 -37.68 -10.61 -28.88
N TYR T 1139 -38.28 -11.77 -29.16
CA TYR T 1139 -38.35 -12.26 -30.53
C TYR T 1139 -39.72 -12.81 -30.91
N LEU T 1140 -40.68 -12.83 -30.00
CA LEU T 1140 -42.01 -13.38 -30.26
C LEU T 1140 -43.03 -12.26 -30.23
N ILE T 1141 -43.82 -12.15 -31.29
CA ILE T 1141 -44.87 -11.15 -31.40
C ILE T 1141 -46.19 -11.80 -31.00
N GLU T 1142 -46.88 -11.19 -30.05
CA GLU T 1142 -48.17 -11.67 -29.60
C GLU T 1142 -49.28 -10.94 -30.35
N ILE T 1143 -50.20 -11.70 -30.94
CA ILE T 1143 -51.36 -11.13 -31.62
C ILE T 1143 -52.60 -11.70 -30.96
N HIS T 1144 -53.47 -10.81 -30.47
CA HIS T 1144 -54.65 -11.20 -29.70
C HIS T 1144 -55.90 -10.73 -30.42
N HIS T 1145 -56.61 -11.67 -31.05
CA HIS T 1145 -57.90 -11.38 -31.66
C HIS T 1145 -58.72 -12.66 -31.68
N TRP T 1146 -60.01 -12.51 -31.95
CA TRP T 1146 -60.95 -13.63 -31.88
C TRP T 1146 -60.69 -14.69 -32.93
N ALA U 101 -140.00 12.29 -40.75
CA ALA U 101 -140.02 11.97 -42.17
C ALA U 101 -141.45 11.67 -42.64
N TYR U 102 -141.65 11.73 -43.95
CA TYR U 102 -142.95 11.49 -44.56
C TYR U 102 -142.87 10.28 -45.50
N GLN U 103 -144.01 9.96 -46.10
CA GLN U 103 -144.11 8.85 -47.05
C GLN U 103 -144.84 9.33 -48.30
N ALA U 104 -144.40 8.86 -49.46
CA ALA U 104 -145.01 9.27 -50.73
C ALA U 104 -144.88 8.15 -51.74
N GLU U 105 -145.72 8.22 -52.77
CA GLU U 105 -145.71 7.26 -53.86
C GLU U 105 -145.00 7.85 -55.07
N LEU U 106 -144.05 7.11 -55.62
CA LEU U 106 -143.25 7.60 -56.75
C LEU U 106 -144.08 7.60 -58.04
N GLY U 107 -143.78 8.57 -58.90
CA GLY U 107 -144.46 8.67 -60.18
C GLY U 107 -143.51 9.17 -61.25
N TYR U 108 -143.93 8.98 -62.50
CA TYR U 108 -143.18 9.43 -63.67
C TYR U 108 -144.12 10.18 -64.60
N HIS U 109 -143.56 11.19 -65.29
CA HIS U 109 -144.34 11.97 -66.23
C HIS U 109 -143.45 12.38 -67.39
N GLU U 110 -144.07 12.58 -68.55
CA GLU U 110 -143.35 12.99 -69.75
C GLU U 110 -143.15 14.50 -69.76
N SER U 111 -142.33 14.96 -70.71
CA SER U 111 -142.02 16.38 -70.84
C SER U 111 -143.18 17.19 -71.42
N ARG U 112 -144.22 16.53 -71.94
CA ARG U 112 -145.38 17.24 -72.46
C ARG U 112 -146.13 17.97 -71.35
N PHE U 113 -146.30 17.32 -70.20
CA PHE U 113 -147.03 17.95 -69.09
C PHE U 113 -146.21 19.05 -68.44
N SER U 114 -145.06 18.70 -67.87
CA SER U 114 -144.25 19.64 -67.13
C SER U 114 -142.79 19.48 -67.49
N GLU U 115 -142.06 20.59 -67.45
CA GLU U 115 -140.63 20.61 -67.75
C GLU U 115 -139.77 20.45 -66.50
N ASN U 116 -140.34 20.55 -65.31
CA ASN U 116 -139.56 20.43 -64.08
C ASN U 116 -139.14 18.97 -63.87
N LEU U 117 -138.04 18.79 -63.13
CA LEU U 117 -137.50 17.46 -62.91
C LEU U 117 -138.31 16.68 -61.88
N VAL U 118 -138.47 17.23 -60.68
CA VAL U 118 -139.19 16.58 -59.60
C VAL U 118 -140.39 17.44 -59.22
N MET U 119 -141.57 16.83 -59.19
CA MET U 119 -142.80 17.49 -58.77
C MET U 119 -143.45 16.67 -57.67
N LEU U 120 -144.01 17.36 -56.68
CA LEU U 120 -144.70 16.72 -55.58
C LEU U 120 -146.07 17.34 -55.39
N ASN U 121 -146.97 16.58 -54.77
CA ASN U 121 -148.33 17.05 -54.50
C ASN U 121 -148.28 17.99 -53.29
N LEU U 122 -148.57 19.26 -53.52
CA LEU U 122 -148.55 20.24 -52.43
C LEU U 122 -149.77 20.11 -51.52
N VAL U 123 -150.89 19.63 -52.05
CA VAL U 123 -152.10 19.49 -51.23
C VAL U 123 -151.92 18.39 -50.17
N GLU U 124 -151.25 17.30 -50.53
CA GLU U 124 -150.86 16.31 -49.55
C GLU U 124 -149.63 16.80 -48.80
N PHE U 125 -149.48 16.33 -47.54
CA PHE U 125 -148.46 16.70 -46.55
C PHE U 125 -148.16 18.20 -46.57
N PRO U 126 -149.08 19.04 -46.08
CA PRO U 126 -148.96 20.49 -46.29
C PRO U 126 -147.94 21.20 -45.42
N ASP U 127 -147.04 20.46 -44.75
CA ASP U 127 -145.95 21.08 -44.01
C ASP U 127 -144.98 21.79 -44.95
N ILE U 128 -144.90 21.36 -46.20
CA ILE U 128 -143.94 21.87 -47.17
C ILE U 128 -144.60 23.01 -47.95
N LYS U 129 -144.03 24.21 -47.83
CA LYS U 129 -144.46 25.36 -48.62
C LYS U 129 -143.96 25.23 -50.05
N PRO U 130 -144.53 26.00 -51.00
CA PRO U 130 -144.10 25.86 -52.42
C PRO U 130 -142.61 26.03 -52.67
N GLY U 131 -141.94 26.93 -51.95
CA GLY U 131 -140.51 27.07 -52.12
C GLY U 131 -139.70 26.49 -50.98
N ASP U 132 -139.16 25.29 -51.18
CA ASP U 132 -138.39 24.57 -50.16
C ASP U 132 -137.32 23.71 -50.83
N LEU U 133 -136.41 23.22 -50.00
CA LEU U 133 -135.46 22.19 -50.38
C LEU U 133 -135.90 20.89 -49.72
N VAL U 134 -136.12 19.85 -50.53
CA VAL U 134 -136.76 18.62 -50.07
C VAL U 134 -135.88 17.44 -50.49
N GLU U 135 -135.49 16.63 -49.51
CA GLU U 135 -134.80 15.37 -49.80
C GLU U 135 -135.77 14.32 -50.34
N LEU U 136 -135.25 13.43 -51.17
CA LEU U 136 -136.02 12.35 -51.79
C LEU U 136 -135.35 11.01 -51.50
N LYS U 137 -135.00 10.78 -50.25
CA LYS U 137 -134.37 9.53 -49.87
C LYS U 137 -135.34 8.36 -49.98
N THR U 138 -134.83 7.22 -50.49
CA THR U 138 -135.62 6.02 -50.64
C THR U 138 -135.41 5.02 -49.51
N TYR U 139 -134.68 5.41 -48.46
CA TYR U 139 -134.35 4.52 -47.35
C TYR U 139 -134.86 5.10 -46.03
N HIS U 140 -135.43 4.22 -45.20
CA HIS U 140 -135.82 4.55 -43.83
C HIS U 140 -135.01 3.69 -42.89
N LYS U 141 -133.89 4.25 -42.40
CA LYS U 141 -132.92 3.64 -41.47
C LYS U 141 -132.13 2.49 -42.11
N ASN U 142 -130.88 2.30 -41.67
CA ASN U 142 -129.95 1.27 -42.15
C ASN U 142 -129.77 1.39 -43.66
N PRO U 143 -129.04 2.40 -44.16
CA PRO U 143 -128.87 2.56 -45.61
C PRO U 143 -128.12 1.38 -46.23
N SER U 144 -128.54 1.03 -47.44
CA SER U 144 -128.02 -0.14 -48.16
C SER U 144 -127.36 0.30 -49.45
N ALA U 145 -126.14 -0.17 -49.68
CA ALA U 145 -125.41 0.13 -50.90
C ALA U 145 -125.61 -0.95 -51.97
N SER U 146 -125.60 -2.22 -51.57
CA SER U 146 -125.82 -3.31 -52.52
C SER U 146 -127.24 -3.30 -53.08
N ASN U 147 -128.23 -3.05 -52.21
CA ASN U 147 -129.61 -2.97 -52.68
C ASN U 147 -129.83 -1.76 -53.57
N GLY U 148 -129.21 -0.63 -53.22
CA GLY U 148 -129.33 0.58 -54.01
C GLY U 148 -130.30 1.59 -53.43
N ASP U 149 -129.76 2.60 -52.76
CA ASP U 149 -130.57 3.65 -52.17
C ASP U 149 -129.82 4.98 -52.30
N LYS U 150 -130.55 6.02 -52.69
CA LYS U 150 -129.94 7.31 -53.00
C LYS U 150 -130.72 8.43 -52.31
N LYS U 151 -130.01 9.54 -52.07
CA LYS U 151 -130.59 10.76 -51.50
C LYS U 151 -130.45 11.85 -52.55
N ILE U 152 -131.53 12.15 -53.25
CA ILE U 152 -131.52 13.12 -54.35
C ILE U 152 -132.20 14.39 -53.86
N TYR U 153 -131.43 15.47 -53.75
CA TYR U 153 -132.00 16.76 -53.40
C TYR U 153 -132.73 17.35 -54.60
N PHE U 154 -133.77 18.13 -54.31
CA PHE U 154 -134.48 18.89 -55.33
C PHE U 154 -135.19 20.06 -54.66
N ILE U 155 -135.80 20.91 -55.49
CA ILE U 155 -136.59 22.05 -55.04
C ILE U 155 -138.06 21.73 -55.28
N ALA U 156 -138.88 22.04 -54.28
CA ALA U 156 -140.30 21.69 -54.34
C ALA U 156 -141.03 22.52 -55.39
N LYS U 157 -141.89 21.86 -56.15
CA LYS U 157 -142.78 22.52 -57.10
C LYS U 157 -144.08 21.75 -57.17
N ASP U 158 -145.17 22.46 -57.48
CA ASP U 158 -146.49 21.86 -57.49
C ASP U 158 -146.73 21.08 -58.78
N PHE U 159 -147.76 20.25 -58.76
CA PHE U 159 -148.15 19.47 -59.92
C PHE U 159 -148.74 20.38 -61.00
N ASP U 160 -148.70 19.88 -62.24
CA ASP U 160 -149.37 20.55 -63.33
C ASP U 160 -150.88 20.41 -63.18
N GLY U 161 -151.61 21.36 -63.79
CA GLY U 161 -153.06 21.34 -63.69
C GLY U 161 -153.68 20.13 -64.35
N GLU U 162 -153.16 19.74 -65.52
CA GLU U 162 -153.66 18.55 -66.21
C GLU U 162 -153.35 17.28 -65.43
N THR U 163 -152.15 17.21 -64.82
CA THR U 163 -151.78 16.04 -64.05
C THR U 163 -152.54 15.97 -62.73
N LYS U 164 -152.75 17.11 -62.07
CA LYS U 164 -153.50 17.13 -60.82
C LYS U 164 -154.97 16.82 -61.06
N ARG U 165 -155.53 17.30 -62.18
CA ARG U 165 -156.93 17.02 -62.49
C ARG U 165 -157.13 15.54 -62.81
N ARG U 166 -156.46 15.04 -63.85
CA ARG U 166 -156.51 13.62 -64.21
C ARG U 166 -155.40 12.89 -63.47
N ALA U 167 -155.62 12.67 -62.18
CA ALA U 167 -154.59 12.15 -61.29
C ALA U 167 -154.77 10.66 -61.04
N LYS U 168 -153.65 9.99 -60.74
CA LYS U 168 -153.63 8.57 -60.42
C LYS U 168 -152.48 8.36 -59.44
N THR U 169 -152.81 8.40 -58.13
CA THR U 169 -151.89 8.41 -56.98
C THR U 169 -150.60 9.19 -57.25
N SER U 170 -149.43 8.63 -56.93
CA SER U 170 -148.12 9.17 -57.31
C SER U 170 -147.91 10.57 -56.74
N ASN U 171 -147.78 10.60 -55.41
CA ASN U 171 -147.59 11.86 -54.68
C ASN U 171 -146.37 12.64 -55.15
N VAL U 172 -145.34 11.96 -55.64
CA VAL U 172 -144.13 12.59 -56.14
C VAL U 172 -143.88 12.08 -57.55
N SER U 173 -143.72 12.99 -58.50
CA SER U 173 -143.49 12.64 -59.89
C SER U 173 -142.11 13.13 -60.31
N ILE U 174 -141.34 12.23 -60.94
CA ILE U 174 -140.00 12.52 -61.43
C ILE U 174 -140.04 12.48 -62.96
N LEU U 175 -139.50 13.53 -63.58
CA LEU U 175 -139.41 13.58 -65.04
C LEU U 175 -138.49 12.48 -65.55
N SER U 176 -138.90 11.86 -66.66
CA SER U 176 -138.13 10.76 -67.24
C SER U 176 -136.87 11.27 -67.92
N GLY U 177 -136.02 10.33 -68.31
CA GLY U 177 -134.76 10.67 -68.96
C GLY U 177 -133.53 10.26 -68.17
N GLN U 178 -132.80 11.23 -67.64
CA GLN U 178 -131.57 10.95 -66.91
C GLN U 178 -131.80 10.75 -65.42
N LEU U 179 -132.71 11.51 -64.82
CA LEU U 179 -132.97 11.39 -63.39
C LEU U 179 -133.62 10.04 -63.06
N GLN U 180 -134.52 9.57 -63.92
CA GLN U 180 -135.14 8.26 -63.73
C GLN U 180 -134.10 7.14 -63.83
N THR U 181 -133.21 7.24 -64.82
CA THR U 181 -132.15 6.24 -64.97
C THR U 181 -131.17 6.28 -63.80
N LEU U 182 -130.92 7.46 -63.24
CA LEU U 182 -130.06 7.57 -62.06
C LEU U 182 -130.73 6.93 -60.85
N LEU U 183 -132.01 7.21 -60.63
CA LEU U 183 -132.69 6.69 -59.45
C LEU U 183 -132.92 5.19 -59.56
N ASP U 184 -133.34 4.73 -60.75
CA ASP U 184 -133.55 3.31 -61.07
C ASP U 184 -134.58 2.67 -60.13
N LEU U 185 -135.81 3.18 -60.21
CA LEU U 185 -136.91 2.67 -59.41
C LEU U 185 -138.11 2.40 -60.30
N PRO U 186 -138.97 1.43 -59.92
CA PRO U 186 -140.18 1.16 -60.71
C PRO U 186 -141.20 2.28 -60.67
N SER U 187 -142.29 2.13 -61.44
CA SER U 187 -143.24 3.22 -61.63
C SER U 187 -144.05 3.53 -60.37
N ARG U 188 -144.12 2.61 -59.41
CA ARG U 188 -144.85 2.84 -58.16
C ARG U 188 -144.08 2.18 -57.02
N SER U 189 -143.28 2.97 -56.31
CA SER U 189 -142.46 2.48 -55.21
C SER U 189 -142.61 3.40 -54.01
N ARG U 190 -142.02 2.98 -52.90
CA ARG U 190 -142.09 3.73 -51.64
C ARG U 190 -140.86 4.60 -51.48
N ILE U 191 -141.08 5.90 -51.26
CA ILE U 191 -140.01 6.87 -51.03
C ILE U 191 -140.33 7.65 -49.77
N TRP U 192 -139.38 8.51 -49.37
CA TRP U 192 -139.49 9.31 -48.16
C TRP U 192 -139.12 10.76 -48.46
N ILE U 193 -139.59 11.66 -47.61
CA ILE U 193 -139.45 13.09 -47.81
C ILE U 193 -139.08 13.74 -46.48
N LYS U 194 -138.09 14.62 -46.51
CA LYS U 194 -137.76 15.48 -45.38
C LYS U 194 -137.97 16.94 -45.77
N LEU U 195 -137.80 17.83 -44.80
CA LEU U 195 -137.97 19.27 -45.00
C LEU U 195 -136.81 20.03 -44.36
N LYS U 196 -135.57 19.66 -44.76
CA LYS U 196 -134.35 20.36 -44.39
C LYS U 196 -134.48 21.86 -44.67
N PRO U 197 -134.56 22.69 -43.63
CA PRO U 197 -134.86 24.12 -43.82
C PRO U 197 -133.65 25.05 -43.89
N ASN U 198 -132.43 24.53 -43.80
CA ASN U 198 -131.23 25.36 -43.82
C ASN U 198 -130.67 25.36 -45.24
N LYS U 199 -131.22 26.25 -46.07
CA LYS U 199 -130.73 26.42 -47.43
C LYS U 199 -129.30 26.96 -47.44
N PHE U 200 -129.00 27.89 -46.54
CA PHE U 200 -127.65 28.46 -46.46
C PHE U 200 -126.64 27.42 -45.99
N ASP U 201 -127.01 26.57 -45.04
CA ASP U 201 -126.07 25.60 -44.48
C ASP U 201 -125.90 24.37 -45.35
N LEU U 202 -126.77 24.15 -46.33
CA LEU U 202 -126.69 22.98 -47.20
C LEU U 202 -126.15 23.32 -48.59
N GLN U 203 -125.47 24.46 -48.73
CA GLN U 203 -124.87 24.83 -50.00
C GLN U 203 -123.68 23.93 -50.31
N ALA U 204 -123.64 23.43 -51.54
CA ALA U 204 -122.46 22.73 -52.02
C ALA U 204 -121.29 23.70 -52.17
N ASP U 205 -120.08 23.20 -51.91
CA ASP U 205 -118.92 24.07 -51.97
C ASP U 205 -118.43 24.25 -53.41
N VAL U 206 -118.23 23.15 -54.13
CA VAL U 206 -117.72 23.17 -55.49
C VAL U 206 -118.67 22.39 -56.37
N VAL U 207 -119.18 23.02 -57.42
CA VAL U 207 -120.00 22.37 -58.43
C VAL U 207 -119.26 22.46 -59.76
N GLU U 208 -118.95 21.31 -60.35
CA GLU U 208 -118.20 21.31 -61.60
C GLU U 208 -119.13 21.56 -62.78
N PHE U 209 -118.52 21.75 -63.95
CA PHE U 209 -119.25 22.06 -65.17
C PHE U 209 -118.34 21.78 -66.36
N ASN U 210 -118.95 21.43 -67.48
CA ASN U 210 -118.22 21.16 -68.72
C ASN U 210 -118.83 21.97 -69.85
N ILE U 211 -117.98 22.61 -70.65
CA ILE U 211 -118.42 23.54 -71.68
C ILE U 211 -117.90 23.09 -73.04
N LYS U 212 -117.86 21.77 -73.25
CA LYS U 212 -117.26 21.17 -74.44
C LYS U 212 -117.87 21.69 -75.73
N ASP U 213 -117.00 21.99 -76.71
CA ASP U 213 -117.36 22.29 -78.10
C ASP U 213 -118.21 23.54 -78.22
N CYS U 214 -118.03 24.50 -77.31
CA CYS U 214 -118.75 25.76 -77.37
C CYS U 214 -117.96 26.81 -76.60
N LEU U 215 -117.96 28.04 -77.12
CA LEU U 215 -117.19 29.14 -76.54
C LEU U 215 -118.08 29.91 -75.57
N LEU U 216 -117.75 29.85 -74.29
CA LEU U 216 -118.40 30.67 -73.27
C LEU U 216 -117.45 31.78 -72.83
N ASN U 217 -117.93 33.01 -72.85
CA ASN U 217 -117.19 34.11 -72.26
C ASN U 217 -117.16 33.98 -70.73
N ARG U 218 -116.26 34.74 -70.11
CA ARG U 218 -116.21 34.80 -68.65
C ARG U 218 -117.51 35.37 -68.09
N GLY U 219 -118.02 36.43 -68.70
CA GLY U 219 -119.33 36.95 -68.32
C GLY U 219 -120.44 35.98 -68.61
N ASP U 220 -120.31 35.17 -69.67
CA ASP U 220 -121.28 34.12 -69.93
C ASP U 220 -121.28 33.07 -68.82
N MET U 221 -120.09 32.72 -68.32
CA MET U 221 -120.00 31.82 -67.17
C MET U 221 -120.63 32.45 -65.93
N TRP U 222 -120.42 33.75 -65.73
CA TRP U 222 -121.02 34.45 -64.60
C TRP U 222 -122.54 34.44 -64.70
N VAL U 223 -123.08 34.69 -65.89
CA VAL U 223 -124.54 34.70 -66.09
C VAL U 223 -125.12 33.30 -65.90
N LEU U 224 -124.44 32.27 -66.44
CA LEU U 224 -124.91 30.90 -66.29
C LEU U 224 -124.88 30.47 -64.83
N SER U 225 -123.87 30.88 -64.08
CA SER U 225 -123.84 30.61 -62.65
C SER U 225 -124.91 31.39 -61.90
N SER U 226 -125.22 32.61 -62.36
CA SER U 226 -126.28 33.39 -61.74
C SER U 226 -127.64 32.76 -61.95
N LYS U 227 -127.85 32.15 -63.12
CA LYS U 227 -129.09 31.42 -63.37
C LYS U 227 -129.16 30.11 -62.60
N LEU U 228 -128.02 29.55 -62.22
CA LEU U 228 -127.96 28.32 -61.42
C LEU U 228 -127.90 28.62 -59.93
N VAL U 229 -128.84 29.42 -59.43
CA VAL U 229 -128.94 29.70 -58.00
C VAL U 229 -130.33 29.30 -57.53
N ASP U 230 -130.38 28.80 -56.29
CA ASP U 230 -131.59 28.23 -55.66
C ASP U 230 -132.17 27.09 -56.50
N THR U 231 -131.29 26.30 -57.11
CA THR U 231 -131.69 25.17 -57.94
C THR U 231 -130.75 24.01 -57.67
N CYS U 232 -131.31 22.84 -57.39
CA CYS U 232 -130.53 21.66 -57.06
C CYS U 232 -130.17 20.88 -58.31
N VAL U 233 -128.93 20.39 -58.36
CA VAL U 233 -128.43 19.62 -59.49
C VAL U 233 -127.91 18.29 -58.97
N PHE U 234 -127.56 17.40 -59.90
CA PHE U 234 -127.03 16.09 -59.59
C PHE U 234 -125.95 15.74 -60.60
N MET U 235 -125.39 14.53 -60.47
CA MET U 235 -124.28 14.13 -61.31
C MET U 235 -124.73 13.80 -62.72
N ASP U 236 -123.92 14.23 -63.70
CA ASP U 236 -124.15 13.98 -65.13
C ASP U 236 -125.48 14.51 -65.61
N GLN U 237 -125.86 15.69 -65.12
CA GLN U 237 -127.07 16.38 -65.57
C GLN U 237 -126.72 17.34 -66.68
N ARG U 238 -127.37 17.19 -67.84
CA ARG U 238 -127.08 18.01 -69.02
C ARG U 238 -127.87 19.30 -68.91
N LEU U 239 -127.26 20.32 -68.34
CA LEU U 239 -127.85 21.65 -68.33
C LEU U 239 -127.75 22.27 -69.72
N ALA U 240 -128.60 23.26 -69.97
CA ALA U 240 -128.64 23.94 -71.26
C ALA U 240 -128.62 25.45 -71.06
N PHE U 241 -127.81 26.13 -71.88
CA PHE U 241 -127.74 27.59 -71.89
C PHE U 241 -127.98 28.06 -73.32
N LEU U 242 -129.00 28.92 -73.49
CA LEU U 242 -129.39 29.47 -74.79
C LEU U 242 -129.76 28.39 -75.81
N ASP U 243 -130.24 27.24 -75.31
CA ASP U 243 -130.74 26.10 -76.08
C ASP U 243 -129.70 25.45 -76.98
N SER U 244 -128.43 25.85 -76.89
CA SER U 244 -127.37 25.24 -77.69
C SER U 244 -126.17 24.80 -76.86
N ILE U 245 -125.82 25.56 -75.82
CA ILE U 245 -124.68 25.21 -74.98
C ILE U 245 -125.07 24.04 -74.08
N ARG U 246 -124.23 23.01 -74.05
CA ARG U 246 -124.47 21.81 -73.27
C ARG U 246 -123.50 21.76 -72.10
N GLY U 247 -124.03 21.41 -70.92
CA GLY U 247 -123.23 21.27 -69.73
C GLY U 247 -123.24 19.85 -69.20
N THR U 248 -122.38 19.60 -68.21
CA THR U 248 -122.30 18.32 -67.54
C THR U 248 -121.78 18.55 -66.13
N ILE U 249 -122.58 18.19 -65.12
CA ILE U 249 -122.23 18.41 -63.73
C ILE U 249 -121.44 17.17 -63.29
N LYS U 250 -120.14 17.19 -63.55
CA LYS U 250 -119.26 16.07 -63.18
C LYS U 250 -118.56 16.37 -61.86
N GLY U 251 -119.35 16.42 -60.81
CA GLY U 251 -118.82 16.56 -59.47
C GLY U 251 -119.51 17.61 -58.62
N ILE U 252 -120.03 17.20 -57.47
CA ILE U 252 -120.63 18.09 -56.48
C ILE U 252 -119.99 17.78 -55.14
N TYR U 253 -119.40 18.79 -54.51
CA TYR U 253 -118.62 18.59 -53.30
C TYR U 253 -119.26 19.34 -52.14
N ARG U 254 -119.21 18.73 -50.96
CA ARG U 254 -119.73 19.35 -49.74
C ARG U 254 -119.05 18.69 -48.55
N ASN U 255 -118.28 19.48 -47.79
CA ASN U 255 -117.56 19.03 -46.59
C ASN U 255 -116.64 17.85 -46.87
N GLY U 256 -115.98 17.88 -48.03
CA GLY U 256 -115.03 16.85 -48.39
C GLY U 256 -115.64 15.58 -48.92
N LYS U 257 -116.95 15.54 -49.14
CA LYS U 257 -117.62 14.36 -49.67
C LYS U 257 -118.17 14.67 -51.06
N LYS U 258 -118.02 13.72 -51.98
CA LYS U 258 -118.54 13.85 -53.33
C LYS U 258 -119.98 13.33 -53.35
N ILE U 259 -120.91 14.23 -52.97
CA ILE U 259 -122.32 13.87 -52.92
C ILE U 259 -122.86 13.69 -54.34
N VAL U 260 -123.86 12.81 -54.47
CA VAL U 260 -124.48 12.56 -55.77
C VAL U 260 -125.25 13.80 -56.23
N SER U 261 -126.03 14.40 -55.33
CA SER U 261 -126.77 15.62 -55.63
C SER U 261 -126.54 16.65 -54.52
N GLY U 262 -126.57 17.92 -54.90
CA GLY U 262 -126.36 18.99 -53.95
C GLY U 262 -127.19 20.20 -54.30
N TYR U 263 -127.20 21.16 -53.37
CA TYR U 263 -127.93 22.41 -53.53
C TYR U 263 -126.94 23.53 -53.80
N ILE U 264 -127.18 24.31 -54.84
CA ILE U 264 -126.32 25.43 -55.22
C ILE U 264 -126.92 26.70 -54.64
N GLY U 265 -126.15 27.38 -53.78
CA GLY U 265 -126.59 28.58 -53.12
C GLY U 265 -125.83 29.81 -53.59
N GLU U 266 -125.94 30.88 -52.80
CA GLU U 266 -125.28 32.14 -53.14
C GLU U 266 -123.77 32.05 -52.96
N GLN U 267 -123.30 31.26 -52.02
CA GLN U 267 -121.87 31.15 -51.68
C GLN U 267 -121.29 29.83 -52.16
N THR U 268 -121.72 29.36 -53.33
CA THR U 268 -121.21 28.13 -53.92
C THR U 268 -120.15 28.48 -54.96
N ARG U 269 -118.95 27.93 -54.79
CA ARG U 269 -117.84 28.19 -55.70
C ARG U 269 -117.98 27.22 -56.88
N ILE U 270 -118.80 27.61 -57.84
CA ILE U 270 -119.02 26.81 -59.04
C ILE U 270 -117.89 27.09 -60.03
N ILE U 271 -117.30 26.02 -60.56
CA ILE U 271 -116.20 26.14 -61.51
C ILE U 271 -116.67 25.66 -62.88
N PHE U 272 -115.99 26.14 -63.91
CA PHE U 272 -116.32 25.83 -65.30
C PHE U 272 -115.09 25.26 -65.97
N ARG U 273 -114.89 23.95 -65.87
CA ARG U 273 -113.80 23.30 -66.59
C ARG U 273 -114.17 23.10 -68.05
N SER U 274 -113.16 23.19 -68.92
CA SER U 274 -113.37 23.11 -70.36
C SER U 274 -112.85 21.78 -70.88
N GLU U 275 -113.72 21.06 -71.60
CA GLU U 275 -113.36 19.80 -72.24
C GLU U 275 -112.91 19.98 -73.68
N SER U 276 -112.85 21.22 -74.17
CA SER U 276 -112.35 21.51 -75.52
C SER U 276 -111.66 22.87 -75.43
N ALA U 277 -110.34 22.86 -75.26
CA ALA U 277 -109.59 24.06 -74.96
C ALA U 277 -108.31 24.12 -75.77
N ARG U 278 -107.77 25.32 -75.90
CA ARG U 278 -106.49 25.53 -76.57
C ARG U 278 -105.37 25.21 -75.61
N LEU U 279 -104.39 24.44 -76.07
CA LEU U 279 -103.26 24.03 -75.24
C LEU U 279 -101.95 24.40 -75.92
N ILE U 280 -100.99 24.85 -75.10
CA ILE U 280 -99.65 25.19 -75.56
C ILE U 280 -98.65 24.32 -74.82
N PHE U 281 -97.81 23.63 -75.57
CA PHE U 281 -96.72 22.84 -75.02
C PHE U 281 -95.39 23.54 -75.27
N LEU U 282 -94.53 23.56 -74.26
CA LEU U 282 -93.22 24.21 -74.33
C LEU U 282 -92.17 23.20 -73.89
N ILE U 283 -91.67 22.42 -74.84
CA ILE U 283 -90.67 21.41 -74.55
C ILE U 283 -89.30 22.07 -74.48
N GLN U 284 -88.57 21.81 -73.40
CA GLN U 284 -87.20 22.29 -73.28
C GLN U 284 -86.27 21.26 -73.91
N ILE U 285 -85.58 21.65 -74.98
CA ILE U 285 -84.52 20.83 -75.55
C ILE U 285 -83.21 21.35 -74.95
N THR U 286 -82.66 20.59 -74.01
CA THR U 286 -81.46 21.01 -73.29
C THR U 286 -80.42 19.91 -73.35
N ASP U 287 -79.32 20.07 -72.60
CA ASP U 287 -78.30 19.03 -72.53
C ASP U 287 -78.78 17.82 -71.76
N GLU U 288 -79.79 17.97 -70.91
CA GLU U 288 -80.28 16.88 -70.08
C GLU U 288 -81.27 15.97 -70.80
N MET U 289 -81.72 16.35 -72.00
CA MET U 289 -82.71 15.53 -72.70
C MET U 289 -82.12 14.21 -73.16
N TRP U 290 -80.82 14.19 -73.47
CA TRP U 290 -80.13 12.98 -73.88
C TRP U 290 -79.43 12.30 -72.71
N ASN U 291 -79.60 12.82 -71.50
CA ASN U 291 -79.08 12.14 -70.32
C ASN U 291 -79.91 10.89 -70.02
N PHE U 292 -79.34 10.01 -69.21
CA PHE U 292 -79.96 8.74 -68.86
C PHE U 292 -80.40 8.75 -67.40
N GLU U 293 -81.62 8.27 -67.17
CA GLU U 293 -82.16 8.10 -65.82
C GLU U 293 -81.57 6.81 -65.22
N GLU U 294 -81.76 6.65 -63.90
CA GLU U 294 -81.14 5.54 -63.17
C GLU U 294 -81.61 4.19 -63.67
N THR U 295 -82.85 4.09 -64.17
CA THR U 295 -83.35 2.83 -64.69
C THR U 295 -82.69 2.47 -66.01
N GLY U 296 -82.33 3.46 -66.82
CA GLY U 296 -81.69 3.21 -68.09
C GLY U 296 -82.41 3.79 -69.29
N GLU U 297 -83.20 4.83 -69.07
CA GLU U 297 -83.96 5.45 -70.14
C GLU U 297 -83.57 6.91 -70.30
N GLN U 298 -83.48 7.36 -71.55
CA GLN U 298 -83.30 8.77 -71.82
C GLN U 298 -84.60 9.52 -71.52
N LEU U 299 -84.46 10.80 -71.17
CA LEU U 299 -85.62 11.59 -70.78
C LEU U 299 -86.50 11.94 -71.98
N PHE U 300 -85.89 12.24 -73.14
CA PHE U 300 -86.68 12.48 -74.34
C PHE U 300 -87.33 11.19 -74.83
N GLN U 301 -86.67 10.06 -74.60
CA GLN U 301 -87.27 8.76 -74.90
C GLN U 301 -88.52 8.54 -74.04
N LYS U 302 -88.44 8.92 -72.77
CA LYS U 302 -89.62 8.91 -71.90
C LYS U 302 -90.71 9.82 -72.44
N MET U 303 -90.32 11.02 -72.89
CA MET U 303 -91.29 12.01 -73.37
C MET U 303 -92.03 11.50 -74.61
N VAL U 304 -91.31 10.80 -75.51
CA VAL U 304 -91.93 10.35 -76.74
C VAL U 304 -92.47 8.93 -76.65
N ASN U 305 -92.26 8.23 -75.52
CA ASN U 305 -92.75 6.87 -75.40
C ASN U 305 -93.76 6.65 -74.27
N SER U 306 -93.83 7.52 -73.27
CA SER U 306 -94.72 7.30 -72.14
C SER U 306 -95.55 8.50 -71.73
N PHE U 307 -95.16 9.73 -72.06
CA PHE U 307 -95.97 10.88 -71.67
C PHE U 307 -97.01 11.22 -72.74
N PHE U 308 -96.54 11.51 -73.96
CA PHE U 308 -97.45 11.90 -75.04
C PHE U 308 -98.44 10.80 -75.46
N PRO U 309 -98.03 9.53 -75.69
CA PRO U 309 -99.06 8.51 -76.03
C PRO U 309 -100.08 8.30 -74.91
N LYS U 310 -99.65 8.36 -73.65
CA LYS U 310 -100.59 8.18 -72.55
C LYS U 310 -101.56 9.35 -72.46
N ILE U 311 -101.07 10.58 -72.66
CA ILE U 311 -101.95 11.73 -72.58
C ILE U 311 -102.90 11.77 -73.78
N PHE U 312 -102.47 11.28 -74.95
CA PHE U 312 -103.40 11.25 -76.09
C PHE U 312 -104.44 10.15 -75.93
N LYS U 313 -104.03 8.99 -75.37
CA LYS U 313 -104.99 7.94 -75.06
C LYS U 313 -106.01 8.40 -74.02
N LYS U 314 -105.54 9.11 -73.00
CA LYS U 314 -106.44 9.65 -71.97
C LYS U 314 -107.39 10.69 -72.57
N TRP U 315 -106.86 11.56 -73.44
CA TRP U 315 -107.69 12.58 -74.08
C TRP U 315 -108.76 11.96 -74.98
N LYS U 316 -108.41 10.87 -75.66
CA LYS U 316 -109.38 10.16 -76.49
C LYS U 316 -110.41 9.40 -75.66
N ASP U 317 -110.00 8.87 -74.50
CA ASP U 317 -110.92 8.12 -73.65
C ASP U 317 -112.01 9.02 -73.06
N VAL U 318 -111.63 10.23 -72.62
CA VAL U 318 -112.63 11.19 -72.16
C VAL U 318 -113.35 11.86 -73.33
N ASP U 319 -112.86 11.64 -74.56
CA ASP U 319 -113.42 12.20 -75.79
C ASP U 319 -113.42 13.73 -75.76
N THR U 320 -112.22 14.29 -75.66
CA THR U 320 -112.03 15.73 -75.68
C THR U 320 -111.67 16.20 -77.08
N HIS U 321 -111.80 17.51 -77.29
CA HIS U 321 -111.54 18.15 -78.58
C HIS U 321 -110.56 19.31 -78.40
N HIS U 322 -109.45 19.03 -77.72
CA HIS U 322 -108.45 20.05 -77.46
C HIS U 322 -107.74 20.46 -78.74
N THR U 323 -107.07 21.61 -78.68
CA THR U 323 -106.32 22.15 -79.82
C THR U 323 -104.88 22.32 -79.36
N ILE U 324 -104.05 21.32 -79.66
CA ILE U 324 -102.69 21.29 -79.15
C ILE U 324 -101.81 22.21 -80.00
N THR U 325 -100.73 22.70 -79.39
CA THR U 325 -99.73 23.49 -80.10
C THR U 325 -98.39 23.22 -79.43
N ILE U 326 -97.65 22.27 -79.98
CA ILE U 326 -96.36 21.85 -79.44
C ILE U 326 -95.27 22.70 -80.07
N ALA U 327 -94.42 23.29 -79.23
CA ALA U 327 -93.33 24.13 -79.69
C ALA U 327 -92.10 23.84 -78.87
N PHE U 328 -90.96 23.76 -79.54
CA PHE U 328 -89.69 23.65 -78.83
C PHE U 328 -89.26 25.02 -78.32
N ALA U 329 -88.27 25.00 -77.43
CA ALA U 329 -87.66 26.25 -76.95
C ALA U 329 -86.26 25.90 -76.47
N ILE U 330 -85.26 26.30 -77.25
CA ILE U 330 -83.89 25.86 -77.08
C ILE U 330 -83.02 27.06 -76.78
N SER U 331 -82.15 26.92 -75.78
CA SER U 331 -81.17 27.94 -75.43
C SER U 331 -79.77 27.36 -75.62
N MET U 332 -78.93 28.07 -76.34
CA MET U 332 -77.59 27.62 -76.67
C MET U 332 -76.56 28.42 -75.90
N ASP U 333 -75.58 27.72 -75.34
CA ASP U 333 -74.49 28.35 -74.60
C ASP U 333 -73.31 28.57 -75.55
N LEU U 334 -73.04 29.83 -75.89
CA LEU U 334 -71.97 30.14 -76.83
C LEU U 334 -70.58 30.04 -76.20
N SER U 335 -70.49 30.27 -74.89
CA SER U 335 -69.18 30.29 -74.23
C SER U 335 -68.59 28.89 -74.14
N ASP U 336 -67.27 28.84 -74.03
CA ASP U 336 -66.50 27.61 -73.99
C ASP U 336 -66.17 27.14 -72.58
N THR U 337 -66.65 27.86 -71.56
CA THR U 337 -66.39 27.45 -70.18
C THR U 337 -67.16 26.19 -69.83
N SER U 338 -66.54 25.33 -69.03
CA SER U 338 -67.16 24.07 -68.65
C SER U 338 -68.32 24.32 -67.68
N PHE U 339 -69.23 23.35 -67.64
CA PHE U 339 -70.43 23.48 -66.82
C PHE U 339 -70.14 23.34 -65.33
N LYS U 340 -69.02 22.71 -64.97
CA LYS U 340 -68.66 22.58 -63.56
C LYS U 340 -68.23 23.91 -62.94
N ASP U 341 -67.82 24.88 -63.76
CA ASP U 341 -67.33 26.18 -63.30
C ASP U 341 -68.41 27.24 -63.25
N LEU U 342 -69.66 26.86 -63.02
CA LEU U 342 -70.78 27.81 -63.01
C LEU U 342 -71.23 28.04 -61.57
N THR U 343 -71.33 29.31 -61.19
CA THR U 343 -71.82 29.66 -59.86
C THR U 343 -73.33 29.45 -59.77
N PRO U 344 -73.82 28.80 -58.72
CA PRO U 344 -75.28 28.64 -58.57
C PRO U 344 -75.98 29.98 -58.35
N GLY U 345 -77.20 30.09 -58.89
CA GLY U 345 -77.98 31.30 -58.77
C GLY U 345 -77.70 32.35 -59.81
N GLU U 346 -76.76 32.11 -60.72
CA GLU U 346 -76.38 33.07 -61.75
C GLU U 346 -76.76 32.54 -63.12
N SER U 347 -77.46 33.37 -63.90
CA SER U 347 -77.89 32.99 -65.23
C SER U 347 -76.69 32.98 -66.18
N LEU U 348 -76.86 32.32 -67.32
CA LEU U 348 -75.81 32.29 -68.33
C LEU U 348 -75.62 33.68 -68.94
N LYS U 349 -74.35 34.06 -69.12
CA LYS U 349 -74.03 35.41 -69.59
C LYS U 349 -74.23 35.50 -71.10
N ASN U 350 -73.45 34.73 -71.85
CA ASN U 350 -73.49 34.72 -73.31
C ASN U 350 -74.33 33.52 -73.73
N SER U 351 -75.57 33.78 -74.16
CA SER U 351 -76.46 32.71 -74.54
C SER U 351 -77.31 33.15 -75.73
N GLN U 352 -77.70 32.18 -76.56
CA GLN U 352 -78.57 32.42 -77.69
C GLN U 352 -79.80 31.52 -77.57
N ASP U 353 -80.97 32.10 -77.83
CA ASP U 353 -82.25 31.42 -77.66
C ASP U 353 -82.89 31.13 -79.01
N TYR U 354 -83.29 29.88 -79.21
CA TYR U 354 -84.01 29.47 -80.41
C TYR U 354 -85.40 28.98 -80.03
N PHE U 355 -86.34 29.14 -80.96
CA PHE U 355 -87.71 28.66 -80.78
C PHE U 355 -88.13 27.97 -82.06
N ARG U 356 -88.50 26.69 -81.96
CA ARG U 356 -88.94 25.89 -83.09
C ARG U 356 -90.35 25.39 -82.82
N ILE U 357 -91.31 25.86 -83.62
CA ILE U 357 -92.69 25.44 -83.48
C ILE U 357 -92.89 24.17 -84.31
N VAL U 358 -93.23 23.08 -83.64
CA VAL U 358 -93.40 21.80 -84.33
C VAL U 358 -94.75 21.74 -85.02
N VAL U 359 -95.83 22.01 -84.30
CA VAL U 359 -97.18 21.96 -84.83
C VAL U 359 -97.94 23.19 -84.34
N ASP U 360 -98.68 23.81 -85.26
CA ASP U 360 -99.55 24.94 -84.92
C ASP U 360 -100.87 24.45 -84.33
N GLN U 361 -101.88 25.32 -84.29
CA GLN U 361 -103.17 24.95 -83.71
C GLN U 361 -103.82 23.85 -84.54
N VAL U 362 -103.76 22.62 -84.03
CA VAL U 362 -104.25 21.43 -84.72
C VAL U 362 -105.03 20.58 -83.71
N SER U 363 -106.23 20.17 -84.09
CA SER U 363 -107.08 19.37 -83.20
C SER U 363 -106.45 18.01 -82.94
N ILE U 364 -106.77 17.44 -81.78
CA ILE U 364 -106.11 16.21 -81.31
C ILE U 364 -106.60 14.95 -82.00
N ILE U 365 -107.55 15.06 -82.93
CA ILE U 365 -107.96 13.88 -83.69
C ILE U 365 -106.94 13.47 -84.75
N HIS U 366 -105.96 14.33 -85.02
CA HIS U 366 -104.81 14.00 -85.87
C HIS U 366 -103.58 13.70 -85.04
N TRP U 367 -103.77 13.02 -83.89
CA TRP U 367 -102.69 12.81 -82.94
C TRP U 367 -101.58 11.91 -83.49
N VAL U 368 -101.92 11.01 -84.42
CA VAL U 368 -100.90 10.18 -85.06
C VAL U 368 -99.95 11.05 -85.87
N ASP U 369 -100.49 11.96 -86.68
CA ASP U 369 -99.67 12.89 -87.44
C ASP U 369 -98.92 13.84 -86.54
N ILE U 370 -99.55 14.25 -85.43
CA ILE U 370 -98.89 15.14 -84.47
C ILE U 370 -97.67 14.47 -83.87
N MET U 371 -97.79 13.21 -83.45
CA MET U 371 -96.66 12.52 -82.86
C MET U 371 -95.61 12.17 -83.91
N GLU U 372 -96.02 11.88 -85.16
CA GLU U 372 -95.05 11.67 -86.22
C GLU U 372 -94.23 12.91 -86.50
N THR U 373 -94.90 14.07 -86.58
CA THR U 373 -94.20 15.34 -86.79
C THR U 373 -93.28 15.66 -85.61
N LEU U 374 -93.75 15.40 -84.39
CA LEU U 374 -92.93 15.66 -83.20
C LEU U 374 -91.68 14.78 -83.19
N ARG U 375 -91.84 13.49 -83.52
CA ARG U 375 -90.71 12.58 -83.55
C ARG U 375 -89.71 12.97 -84.63
N GLU U 376 -90.20 13.31 -85.83
CA GLU U 376 -89.31 13.71 -86.92
C GLU U 376 -88.58 15.00 -86.58
N GLU U 377 -89.29 15.98 -86.01
CA GLU U 377 -88.67 17.26 -85.68
C GLU U 377 -87.69 17.13 -84.53
N PHE U 378 -87.96 16.24 -83.56
CA PHE U 378 -87.03 16.04 -82.47
C PHE U 378 -85.79 15.30 -82.93
N MET U 379 -85.96 14.33 -83.84
CA MET U 379 -84.79 13.61 -84.35
C MET U 379 -83.99 14.46 -85.33
N GLU U 380 -84.57 15.53 -85.87
CA GLU U 380 -83.87 16.43 -86.78
C GLU U 380 -83.63 17.79 -86.12
N ILE U 381 -83.34 17.80 -84.82
CA ILE U 381 -83.06 19.05 -84.12
C ILE U 381 -81.58 19.23 -83.79
N ARG U 382 -80.77 18.16 -83.81
CA ARG U 382 -79.34 18.34 -83.59
C ARG U 382 -78.65 18.90 -84.83
N LYS U 383 -79.10 18.50 -86.02
CA LYS U 383 -78.48 18.98 -87.24
C LYS U 383 -78.82 20.45 -87.49
N ASP U 384 -80.00 20.89 -87.06
CA ASP U 384 -80.45 22.26 -87.33
C ASP U 384 -79.74 23.29 -86.47
N LEU U 385 -79.15 22.88 -85.34
CA LEU U 385 -78.57 23.83 -84.41
C LEU U 385 -77.08 23.61 -84.18
N LEU U 386 -76.65 22.35 -84.03
CA LEU U 386 -75.24 22.09 -83.77
C LEU U 386 -74.38 22.38 -84.99
N ASN U 387 -74.96 22.26 -86.18
CA ASN U 387 -74.30 22.76 -87.39
C ASN U 387 -74.61 24.23 -87.58
N LYS U 388 -73.59 25.00 -87.94
CA LYS U 388 -73.75 26.42 -88.22
C LYS U 388 -73.17 26.73 -89.60
N GLN U 389 -73.75 27.72 -90.26
CA GLN U 389 -73.31 28.11 -91.59
C GLN U 389 -72.07 28.98 -91.48
N THR U 390 -71.03 28.63 -92.23
CA THR U 390 -69.78 29.39 -92.26
C THR U 390 -69.64 30.07 -93.61
N ASP U 391 -69.13 31.31 -93.60
CA ASP U 391 -68.98 32.08 -94.83
C ASP U 391 -67.91 31.52 -95.76
N LYS U 392 -67.03 30.65 -95.26
CA LYS U 392 -65.98 30.09 -96.11
C LYS U 392 -66.55 29.13 -97.14
N GLY U 393 -67.59 28.37 -96.78
CA GLY U 393 -68.19 27.45 -97.72
C GLY U 393 -68.53 26.10 -97.11
N TYR U 394 -68.34 25.98 -95.80
CA TYR U 394 -68.63 24.72 -95.11
C TYR U 394 -69.48 24.94 -93.87
N SER U 395 -69.63 23.90 -93.07
CA SER U 395 -70.35 23.95 -91.81
C SER U 395 -69.43 23.51 -90.67
N VAL U 396 -69.72 23.97 -89.46
CA VAL U 396 -68.94 23.65 -88.28
C VAL U 396 -69.86 23.03 -87.25
N ALA U 397 -69.45 21.90 -86.69
CA ALA U 397 -70.22 21.23 -85.63
C ALA U 397 -69.82 21.82 -84.28
N ASN U 398 -70.22 23.08 -84.09
CA ASN U 398 -69.90 23.85 -82.90
C ASN U 398 -71.17 24.33 -82.22
N GLY U 399 -71.18 24.25 -80.89
CA GLY U 399 -72.32 24.67 -80.10
C GLY U 399 -72.74 23.60 -79.11
N ARG U 400 -73.25 24.05 -77.96
CA ARG U 400 -73.68 23.16 -76.89
C ARG U 400 -74.99 23.64 -76.31
N PHE U 401 -75.86 22.68 -75.97
CA PHE U 401 -77.13 22.99 -75.32
C PHE U 401 -76.88 23.45 -73.89
N SER U 402 -77.64 24.47 -73.46
CA SER U 402 -77.52 24.93 -72.09
C SER U 402 -78.22 23.95 -71.15
N PRO U 403 -77.72 23.82 -69.92
CA PRO U 403 -78.37 22.92 -68.95
C PRO U 403 -79.70 23.49 -68.46
N VAL U 404 -80.45 22.63 -67.77
CA VAL U 404 -81.79 22.97 -67.32
C VAL U 404 -81.74 24.04 -66.23
N ILE U 405 -80.76 23.93 -65.32
CA ILE U 405 -80.65 24.87 -64.20
C ILE U 405 -80.35 26.27 -64.72
N LYS U 406 -79.48 26.37 -65.73
CA LYS U 406 -79.13 27.63 -66.37
C LYS U 406 -80.02 27.95 -67.56
N SER U 407 -81.07 27.16 -67.80
CA SER U 407 -81.92 27.37 -68.96
C SER U 407 -82.78 28.62 -68.77
N ASN U 408 -83.47 28.99 -69.84
CA ASN U 408 -84.22 30.24 -69.89
C ASN U 408 -85.68 30.02 -69.55
N PHE U 409 -85.92 29.47 -68.34
CA PHE U 409 -87.27 29.07 -67.94
C PHE U 409 -88.23 30.27 -67.91
N LEU U 410 -87.78 31.39 -67.34
CA LEU U 410 -88.61 32.59 -67.33
C LEU U 410 -88.86 33.11 -68.74
N GLU U 411 -87.91 32.89 -69.67
CA GLU U 411 -88.11 33.30 -71.04
C GLU U 411 -89.18 32.45 -71.73
N LEU U 412 -89.23 31.15 -71.44
CA LEU U 412 -90.37 30.33 -71.89
C LEU U 412 -91.68 30.81 -71.30
N VAL U 413 -91.68 31.11 -69.99
CA VAL U 413 -92.90 31.57 -69.32
C VAL U 413 -93.41 32.86 -69.93
N ASN U 414 -92.52 33.79 -70.24
CA ASN U 414 -92.94 35.07 -70.79
C ASN U 414 -93.11 35.01 -72.32
N PHE U 415 -92.60 33.97 -72.97
CA PHE U 415 -92.90 33.73 -74.38
C PHE U 415 -94.27 33.12 -74.55
N ALA U 416 -94.72 32.31 -73.58
CA ALA U 416 -96.07 31.77 -73.63
C ALA U 416 -97.12 32.85 -73.43
N THR U 417 -96.82 33.86 -72.62
CA THR U 417 -97.76 34.97 -72.38
C THR U 417 -97.65 36.05 -73.44
N THR U 418 -97.71 35.65 -74.72
CA THR U 418 -97.80 36.59 -75.83
C THR U 418 -99.06 36.40 -76.67
N ILE U 419 -99.68 35.23 -76.58
CA ILE U 419 -100.89 34.93 -77.38
C ILE U 419 -102.14 35.34 -76.59
N LEU U 420 -101.96 35.76 -75.32
CA LEU U 420 -103.11 36.12 -74.46
C LEU U 420 -102.98 37.58 -74.03
N THR U 421 -101.80 38.18 -74.24
CA THR U 421 -101.54 39.58 -73.82
C THR U 421 -102.76 40.46 -74.10
N ASP U 422 -103.19 40.54 -75.37
CA ASP U 422 -104.30 41.42 -75.73
C ASP U 422 -105.60 40.72 -75.38
N PRO U 423 -106.46 41.32 -74.56
CA PRO U 423 -107.78 40.70 -74.29
C PRO U 423 -108.66 40.65 -75.51
N PHE U 424 -108.56 41.64 -76.40
CA PHE U 424 -109.37 41.68 -77.62
C PHE U 424 -108.64 41.07 -78.80
N LYS U 425 -108.17 39.84 -78.62
CA LYS U 425 -107.57 39.07 -79.69
C LYS U 425 -108.67 38.46 -80.56
N GLN U 426 -108.26 37.79 -81.63
CA GLN U 426 -109.23 37.09 -82.47
C GLN U 426 -109.80 35.89 -81.72
N LEU U 427 -111.11 35.74 -81.79
CA LEU U 427 -111.82 34.81 -80.93
C LEU U 427 -111.76 33.40 -81.49
N ASP U 428 -111.39 32.44 -80.65
CA ASP U 428 -111.53 31.02 -80.98
C ASP U 428 -112.96 30.62 -80.65
N LEU U 429 -113.76 30.34 -81.68
CA LEU U 429 -115.20 30.18 -81.51
C LEU U 429 -115.60 28.78 -81.04
N ARG U 430 -114.64 27.87 -80.83
CA ARG U 430 -114.96 26.55 -80.33
C ARG U 430 -114.08 26.13 -79.15
N HIS U 431 -113.16 26.98 -78.71
CA HIS U 431 -112.27 26.67 -77.60
C HIS U 431 -112.16 27.89 -76.70
N THR U 432 -111.99 27.65 -75.40
CA THR U 432 -112.10 28.70 -74.40
C THR U 432 -110.82 28.93 -73.62
N THR U 433 -110.25 27.88 -73.04
CA THR U 433 -109.13 28.01 -72.12
C THR U 433 -107.82 27.95 -72.91
N THR U 434 -106.78 28.57 -72.35
CA THR U 434 -105.47 28.66 -72.99
C THR U 434 -104.43 28.09 -72.02
N HIS U 435 -104.69 26.88 -71.52
CA HIS U 435 -103.77 26.20 -70.62
C HIS U 435 -102.41 25.96 -71.30
N VAL U 436 -101.35 26.18 -70.54
CA VAL U 436 -99.98 26.08 -71.04
C VAL U 436 -99.23 25.08 -70.18
N MET U 437 -98.55 24.13 -70.83
CA MET U 437 -97.73 23.14 -70.14
C MET U 437 -96.28 23.27 -70.60
N ILE U 438 -95.36 23.05 -69.66
CA ILE U 438 -93.92 23.08 -69.94
C ILE U 438 -93.34 21.74 -69.54
N ILE U 439 -92.69 21.06 -70.47
CA ILE U 439 -92.01 19.81 -70.22
C ILE U 439 -90.52 20.09 -70.07
N SER U 440 -89.96 19.73 -68.92
CA SER U 440 -88.55 19.96 -68.64
C SER U 440 -87.88 18.68 -68.18
N PRO U 441 -86.64 18.43 -68.58
CA PRO U 441 -85.90 17.26 -68.09
C PRO U 441 -85.16 17.47 -66.78
N GLY U 442 -85.46 18.53 -66.04
CA GLY U 442 -84.85 18.78 -64.76
C GLY U 442 -85.68 18.27 -63.60
N SER U 443 -85.42 18.82 -62.42
CA SER U 443 -86.12 18.42 -61.21
C SER U 443 -86.67 19.64 -60.47
N GLY U 444 -87.17 20.62 -61.23
CA GLY U 444 -87.76 21.79 -60.62
C GLY U 444 -86.77 22.77 -60.02
N LEU U 445 -85.50 22.68 -60.38
CA LEU U 445 -84.46 23.57 -59.89
C LEU U 445 -84.00 24.45 -61.04
N PHE U 446 -84.07 25.77 -60.84
CA PHE U 446 -83.74 26.73 -61.88
C PHE U 446 -82.96 27.89 -61.28
N ASP U 447 -82.12 28.51 -62.11
CA ASP U 447 -81.44 29.74 -61.76
C ASP U 447 -82.02 30.88 -62.58
N VAL U 448 -82.48 31.93 -61.90
CA VAL U 448 -83.26 32.98 -62.51
C VAL U 448 -82.68 34.34 -62.15
N ASP U 449 -83.05 35.34 -62.93
CA ASP U 449 -82.74 36.74 -62.63
C ASP U 449 -83.84 37.37 -61.80
N TYR U 450 -83.46 38.31 -60.93
CA TYR U 450 -84.40 38.90 -59.98
C TYR U 450 -85.44 39.78 -60.67
N SER U 451 -84.99 40.68 -61.55
CA SER U 451 -85.90 41.61 -62.22
C SER U 451 -86.82 40.86 -63.18
N LEU U 452 -86.28 39.84 -63.87
CA LEU U 452 -87.10 39.02 -64.75
C LEU U 452 -88.15 38.26 -63.97
N LEU U 453 -87.79 37.78 -62.76
CA LEU U 453 -88.76 37.10 -61.91
C LEU U 453 -89.87 38.03 -61.45
N ARG U 454 -89.51 39.26 -61.06
CA ARG U 454 -90.51 40.23 -60.63
C ARG U 454 -91.46 40.58 -61.78
N LEU U 455 -90.91 40.81 -62.98
CA LEU U 455 -91.74 41.15 -64.13
C LEU U 455 -92.61 39.98 -64.54
N THR U 456 -92.07 38.76 -64.47
CA THR U 456 -92.83 37.56 -64.79
C THR U 456 -94.00 37.36 -63.83
N GLY U 457 -93.76 37.58 -62.53
CA GLY U 457 -94.84 37.47 -61.56
C GLY U 457 -95.90 38.54 -61.76
N LYS U 458 -95.49 39.79 -61.98
CA LYS U 458 -96.46 40.86 -62.18
C LYS U 458 -97.27 40.67 -63.46
N LYS U 459 -96.68 40.04 -64.48
CA LYS U 459 -97.43 39.74 -65.68
C LYS U 459 -98.36 38.54 -65.48
N LEU U 460 -97.90 37.49 -64.78
CA LEU U 460 -98.69 36.28 -64.63
C LEU U 460 -99.84 36.44 -63.66
N LEU U 461 -99.79 37.45 -62.77
CA LEU U 461 -100.97 37.78 -61.97
C LEU U 461 -101.90 38.78 -62.67
N SER U 462 -101.86 38.84 -64.01
CA SER U 462 -102.77 39.73 -64.73
C SER U 462 -103.34 39.08 -66.00
N LEU U 463 -103.26 37.76 -66.13
CA LEU U 463 -103.77 37.08 -67.33
C LEU U 463 -104.17 35.66 -66.98
N GLU U 464 -105.04 35.09 -67.81
CA GLU U 464 -105.76 33.85 -67.48
C GLU U 464 -105.00 32.63 -67.99
N MET U 465 -103.88 32.33 -67.34
CA MET U 465 -103.11 31.14 -67.70
C MET U 465 -102.73 30.36 -66.46
N THR U 466 -102.88 29.05 -66.54
CA THR U 466 -102.36 28.13 -65.52
C THR U 466 -101.23 27.33 -66.16
N MET U 467 -100.05 27.40 -65.55
CA MET U 467 -98.86 26.74 -66.08
C MET U 467 -98.52 25.55 -65.19
N ASP U 468 -98.55 24.36 -65.77
CA ASP U 468 -98.30 23.12 -65.05
C ASP U 468 -96.99 22.53 -65.59
N LEU U 469 -95.89 22.93 -64.97
CA LEU U 469 -94.59 22.37 -65.33
C LEU U 469 -94.52 20.89 -64.95
N ILE U 470 -94.18 20.05 -65.91
CA ILE U 470 -94.02 18.62 -65.69
C ILE U 470 -92.56 18.24 -65.92
N CYS U 471 -91.98 17.54 -64.96
CA CYS U 471 -90.58 17.16 -64.99
C CYS U 471 -90.47 15.68 -65.30
N LEU U 472 -89.50 15.33 -66.15
CA LEU U 472 -89.28 13.96 -66.54
C LEU U 472 -88.30 13.23 -65.63
N SER U 473 -87.83 13.89 -64.58
CA SER U 473 -86.92 13.29 -63.61
C SER U 473 -87.67 13.06 -62.30
N LYS U 474 -87.00 12.33 -61.40
CA LYS U 474 -87.61 12.00 -60.12
C LYS U 474 -87.71 13.23 -59.23
N ALA U 475 -88.66 13.19 -58.30
CA ALA U 475 -88.87 14.31 -57.41
C ALA U 475 -87.69 14.45 -56.45
N PRO U 476 -87.08 15.62 -56.36
CA PRO U 476 -85.90 15.78 -55.51
C PRO U 476 -86.29 15.98 -54.05
N LEU U 477 -85.25 15.99 -53.20
CA LEU U 477 -85.46 16.11 -51.76
C LEU U 477 -85.96 17.48 -51.37
N HIS U 478 -85.53 18.52 -52.07
CA HIS U 478 -85.95 19.89 -51.75
C HIS U 478 -87.36 20.15 -52.27
N ILE U 479 -87.91 21.29 -51.86
CA ILE U 479 -89.24 21.70 -52.29
C ILE U 479 -89.18 22.19 -53.73
N VAL U 480 -90.23 21.92 -54.50
CA VAL U 480 -90.29 22.31 -55.90
C VAL U 480 -91.50 23.19 -56.14
N PRO U 481 -91.43 24.18 -57.04
CA PRO U 481 -90.26 24.61 -57.83
C PRO U 481 -89.32 25.47 -56.99
N LEU U 482 -88.01 25.38 -57.25
CA LEU U 482 -87.00 26.10 -56.49
C LEU U 482 -86.21 27.01 -57.41
N PHE U 483 -86.15 28.29 -57.06
CA PHE U 483 -85.41 29.28 -57.83
C PHE U 483 -84.26 29.81 -56.99
N ARG U 484 -83.04 29.73 -57.53
CA ARG U 484 -81.86 30.26 -56.89
C ARG U 484 -81.44 31.51 -57.63
N TYR U 485 -81.25 32.61 -56.90
CA TYR U 485 -80.92 33.89 -57.52
C TYR U 485 -80.04 34.68 -56.58
N ARG U 486 -79.35 35.68 -57.15
CA ARG U 486 -78.47 36.56 -56.41
C ARG U 486 -79.09 37.94 -56.37
N ASP U 487 -78.95 38.62 -55.22
CA ASP U 487 -79.46 39.97 -55.07
C ASP U 487 -78.46 40.97 -55.63
N PHE U 488 -78.76 42.27 -55.45
CA PHE U 488 -77.84 43.30 -55.93
C PHE U 488 -76.55 43.34 -55.12
N GLU U 489 -76.57 42.79 -53.90
CA GLU U 489 -75.38 42.71 -53.07
C GLU U 489 -74.69 41.35 -53.16
N ASN U 490 -75.10 40.53 -54.14
CA ASN U 490 -74.51 39.23 -54.44
C ASN U 490 -74.60 38.26 -53.26
N LYS U 491 -75.84 37.98 -52.85
CA LYS U 491 -76.12 36.98 -51.83
C LYS U 491 -77.09 35.95 -52.40
N LEU U 492 -76.82 34.67 -52.12
CA LEU U 492 -77.66 33.61 -52.66
C LEU U 492 -79.00 33.57 -51.93
N HIS U 493 -80.09 33.50 -52.70
CA HIS U 493 -81.43 33.47 -52.16
C HIS U 493 -82.22 32.36 -52.84
N HIS U 494 -83.11 31.73 -52.07
CA HIS U 494 -83.99 30.69 -52.57
C HIS U 494 -85.44 31.12 -52.38
N CYS U 495 -86.23 30.98 -53.44
CA CYS U 495 -87.64 31.34 -53.40
C CYS U 495 -88.44 30.33 -54.20
N VAL U 496 -89.67 30.11 -53.77
CA VAL U 496 -90.61 29.21 -54.45
C VAL U 496 -91.73 30.06 -55.04
N PRO U 497 -91.88 30.11 -56.36
CA PRO U 497 -92.93 30.95 -56.96
C PRO U 497 -94.31 30.39 -56.70
N LEU U 498 -95.29 31.30 -56.68
CA LEU U 498 -96.68 30.97 -56.41
C LEU U 498 -97.53 30.92 -57.68
N TRP U 499 -96.91 30.93 -58.85
CA TRP U 499 -97.64 30.84 -60.11
C TRP U 499 -97.35 29.56 -60.88
N LEU U 500 -96.52 28.67 -60.33
CA LEU U 500 -96.11 27.45 -61.01
C LEU U 500 -96.50 26.23 -60.19
N SER U 501 -97.11 25.24 -60.85
CA SER U 501 -97.45 23.97 -60.23
C SER U 501 -96.64 22.88 -60.90
N VAL U 502 -96.01 22.03 -60.09
CA VAL U 502 -95.04 21.04 -60.56
C VAL U 502 -95.64 19.65 -60.44
N PHE U 503 -95.67 18.91 -61.55
CA PHE U 503 -96.01 17.50 -61.57
C PHE U 503 -94.79 16.69 -62.00
N PHE U 504 -94.74 15.44 -61.55
CA PHE U 504 -93.66 14.51 -61.88
C PHE U 504 -94.22 13.30 -62.61
N TRP U 505 -93.56 12.94 -63.71
CA TRP U 505 -93.98 11.81 -64.54
C TRP U 505 -93.21 10.55 -64.17
N ASN U 506 -93.94 9.47 -63.98
CA ASN U 506 -93.36 8.20 -63.56
C ASN U 506 -93.54 7.13 -64.64
N GLU U 515 -88.90 -0.10 -51.03
CA GLU U 515 -87.55 -0.12 -51.57
C GLU U 515 -86.85 1.23 -51.36
N TRP U 516 -86.09 1.65 -52.37
CA TRP U 516 -85.35 2.90 -52.32
C TRP U 516 -85.14 3.40 -53.74
N THR U 517 -85.33 4.70 -53.95
CA THR U 517 -85.18 5.29 -55.27
C THR U 517 -84.25 6.49 -55.17
N PRO U 518 -83.19 6.56 -55.99
CA PRO U 518 -82.26 7.69 -55.92
C PRO U 518 -82.88 8.98 -56.45
N ARG U 519 -83.13 9.93 -55.57
CA ARG U 519 -83.72 11.20 -55.93
C ARG U 519 -82.68 12.27 -56.21
N CYS U 520 -81.40 11.95 -56.11
CA CYS U 520 -80.31 12.88 -56.40
C CYS U 520 -79.50 12.40 -57.58
N LYS U 521 -79.13 13.33 -58.45
CA LYS U 521 -78.45 13.02 -59.71
C LYS U 521 -76.96 13.33 -59.55
N ILE U 522 -76.14 12.29 -59.59
CA ILE U 522 -74.69 12.42 -59.65
C ILE U 522 -74.25 11.85 -61.00
N TYR U 523 -74.10 12.74 -61.99
CA TYR U 523 -73.90 12.30 -63.37
C TYR U 523 -72.50 11.72 -63.57
N ASP U 524 -71.49 12.30 -62.92
CA ASP U 524 -70.13 11.83 -63.13
C ASP U 524 -69.87 10.46 -62.54
N LEU U 525 -70.67 10.03 -61.56
CA LEU U 525 -70.52 8.72 -60.97
C LEU U 525 -71.52 7.70 -61.47
N GLN U 526 -72.68 8.15 -61.95
CA GLN U 526 -73.65 7.23 -62.54
C GLN U 526 -73.13 6.64 -63.84
N MET U 527 -72.53 7.48 -64.69
CA MET U 527 -72.05 7.04 -66.00
C MET U 527 -70.57 6.68 -65.98
N MET U 528 -69.93 6.73 -64.80
CA MET U 528 -68.50 6.43 -64.62
C MET U 528 -67.63 7.29 -65.53
N GLY U 529 -67.94 8.60 -65.58
CA GLY U 529 -67.24 9.50 -66.46
C GLY U 529 -65.87 9.94 -65.98
N ILE U 530 -65.48 9.57 -64.76
CA ILE U 530 -64.17 9.89 -64.21
C ILE U 530 -63.43 8.58 -63.95
N THR U 531 -62.23 8.46 -64.51
CA THR U 531 -61.48 7.21 -64.45
C THR U 531 -60.87 7.00 -63.06
N GLU U 532 -60.14 5.89 -62.92
CA GLU U 532 -59.72 5.41 -61.59
C GLU U 532 -58.60 6.25 -61.00
N ASN U 533 -57.58 6.58 -61.79
CA ASN U 533 -56.36 7.16 -61.22
C ASN U 533 -56.55 8.62 -60.81
N GLU U 534 -57.43 9.35 -61.47
CA GLU U 534 -57.68 10.75 -61.15
C GLU U 534 -58.84 10.93 -60.17
N LEU U 535 -59.42 9.84 -59.66
CA LEU U 535 -60.50 9.90 -58.68
C LEU U 535 -60.00 9.68 -57.25
N ILE U 536 -58.69 9.51 -57.06
CA ILE U 536 -58.15 9.26 -55.73
C ILE U 536 -58.25 10.51 -54.87
N ARG U 537 -58.29 10.29 -53.56
CA ARG U 537 -58.43 11.38 -52.61
C ARG U 537 -57.15 12.20 -52.53
N GLU U 538 -57.30 13.53 -52.50
CA GLU U 538 -56.17 14.44 -52.39
C GLU U 538 -56.08 15.16 -51.06
N VAL U 539 -57.19 15.31 -50.34
CA VAL U 539 -57.21 15.97 -49.04
C VAL U 539 -57.54 14.92 -47.99
N ASP U 540 -56.57 14.59 -47.15
CA ASP U 540 -56.74 13.56 -46.14
C ASP U 540 -57.20 14.20 -44.82
N VAL U 541 -57.15 13.43 -43.74
CA VAL U 541 -57.48 13.93 -42.41
C VAL U 541 -56.45 14.97 -41.99
N GLU U 542 -56.93 16.11 -41.49
CA GLU U 542 -56.05 17.19 -41.09
C GLU U 542 -55.24 16.81 -39.85
N TYR U 543 -54.00 17.30 -39.80
CA TYR U 543 -53.11 17.02 -38.68
C TYR U 543 -53.58 17.73 -37.42
N LEU U 544 -53.17 17.19 -36.27
CA LEU U 544 -53.49 17.79 -34.99
C LEU U 544 -52.74 19.11 -34.82
N GLN U 545 -53.33 20.01 -34.04
CA GLN U 545 -52.77 21.35 -33.85
C GLN U 545 -52.71 21.71 -32.37
N LEU U 546 -51.75 22.54 -32.03
CA LEU U 546 -51.58 23.05 -30.69
C LEU U 546 -52.43 24.30 -30.49
N ASN U 547 -52.83 24.52 -29.24
CA ASN U 547 -53.65 25.67 -28.88
C ASN U 547 -52.86 26.83 -28.32
N LYS U 548 -51.52 26.72 -28.27
CA LYS U 548 -50.59 27.72 -27.71
C LYS U 548 -50.87 28.02 -26.24
N LYS U 549 -51.58 27.11 -25.55
CA LYS U 549 -51.83 27.23 -24.13
C LYS U 549 -51.64 25.89 -23.42
N VAL U 550 -51.15 24.87 -24.12
CA VAL U 550 -51.05 23.51 -23.61
C VAL U 550 -49.59 23.21 -23.36
N LYS U 551 -49.27 22.69 -22.17
CA LYS U 551 -47.90 22.39 -21.78
C LYS U 551 -47.53 20.92 -21.82
N SER U 552 -48.50 20.01 -21.66
CA SER U 552 -48.21 18.59 -21.57
C SER U 552 -49.21 17.82 -22.42
N LEU U 553 -48.84 16.58 -22.75
CA LEU U 553 -49.69 15.73 -23.59
C LEU U 553 -50.98 15.36 -22.90
N SER U 554 -50.98 15.25 -21.56
CA SER U 554 -52.21 15.01 -20.83
C SER U 554 -53.19 16.17 -20.99
N GLU U 555 -52.67 17.40 -20.92
CA GLU U 555 -53.51 18.58 -21.12
C GLU U 555 -54.06 18.63 -22.53
N PHE U 556 -53.24 18.26 -23.52
CA PHE U 556 -53.69 18.24 -24.91
C PHE U 556 -54.78 17.20 -25.13
N MET U 557 -54.61 16.01 -24.54
CA MET U 557 -55.63 14.97 -24.66
C MET U 557 -56.93 15.39 -23.99
N ASN U 558 -56.84 16.02 -22.81
CA ASN U 558 -58.03 16.49 -22.13
C ASN U 558 -58.72 17.59 -22.92
N ASP U 559 -57.95 18.47 -23.56
CA ASP U 559 -58.53 19.53 -24.36
C ASP U 559 -59.14 19.01 -25.65
N TYR U 560 -58.54 17.98 -26.25
CA TYR U 560 -59.10 17.41 -27.46
C TYR U 560 -60.38 16.64 -27.17
N ASP U 561 -60.42 15.92 -26.05
CA ASP U 561 -61.65 15.25 -25.65
C ASP U 561 -62.71 16.22 -25.15
N LYS U 562 -62.28 17.39 -24.64
CA LYS U 562 -63.22 18.40 -24.17
C LYS U 562 -63.87 19.17 -25.32
N ASN U 563 -63.20 19.27 -26.47
CA ASN U 563 -63.73 20.01 -27.60
C ASN U 563 -64.01 19.11 -28.80
N ALA U 564 -64.27 17.82 -28.54
CA ALA U 564 -64.52 16.88 -29.64
C ALA U 564 -65.93 17.00 -30.20
N PHE U 565 -66.83 17.71 -29.51
CA PHE U 565 -68.22 17.84 -29.92
C PHE U 565 -68.67 19.28 -30.05
N GLU U 566 -67.80 20.26 -29.78
CA GLU U 566 -68.17 21.65 -29.93
C GLU U 566 -68.22 22.06 -31.39
N VAL U 567 -69.19 22.90 -31.73
CA VAL U 567 -69.37 23.43 -33.08
C VAL U 567 -69.03 24.91 -33.06
N LYS U 568 -68.12 25.32 -33.93
CA LYS U 568 -67.67 26.71 -33.98
C LYS U 568 -68.75 27.65 -34.49
N ARG U 843 -98.16 40.57 -49.05
CA ARG U 843 -99.02 39.41 -48.76
C ARG U 843 -99.75 38.96 -50.03
N ILE U 844 -100.04 39.92 -50.91
CA ILE U 844 -100.75 39.65 -52.14
C ILE U 844 -99.92 39.99 -53.37
N SER U 845 -99.27 41.16 -53.36
CA SER U 845 -98.41 41.56 -54.48
C SER U 845 -97.19 40.65 -54.62
N GLU U 846 -96.81 39.95 -53.56
CA GLU U 846 -95.71 39.01 -53.63
C GLU U 846 -96.10 37.81 -54.50
N THR U 847 -95.16 37.38 -55.34
CA THR U 847 -95.39 36.24 -56.22
C THR U 847 -94.54 35.04 -55.83
N TRP U 848 -93.74 35.15 -54.77
CA TRP U 848 -92.93 34.06 -54.27
C TRP U 848 -92.86 34.14 -52.75
N VAL U 849 -92.55 33.01 -52.13
CA VAL U 849 -92.27 32.94 -50.70
C VAL U 849 -90.79 32.69 -50.53
N ASP U 850 -90.18 33.39 -49.58
CA ASP U 850 -88.73 33.35 -49.38
C ASP U 850 -88.37 32.16 -48.51
N ILE U 851 -87.82 31.12 -49.13
CA ILE U 851 -87.32 29.97 -48.39
C ILE U 851 -85.93 30.30 -47.87
N LYS U 852 -85.74 30.12 -46.56
CA LYS U 852 -84.46 30.47 -45.93
C LYS U 852 -83.33 29.60 -46.46
N SER U 853 -83.57 28.29 -46.60
CA SER U 853 -82.59 27.38 -47.15
C SER U 853 -83.31 26.15 -47.68
N PRO U 854 -82.88 25.58 -48.81
CA PRO U 854 -83.48 24.33 -49.29
C PRO U 854 -83.17 23.14 -48.39
N SER U 855 -82.15 23.23 -47.55
CA SER U 855 -81.75 22.13 -46.68
C SER U 855 -82.60 22.01 -45.43
N ILE U 856 -83.31 23.07 -45.02
CA ILE U 856 -84.25 22.95 -43.92
C ILE U 856 -85.52 22.27 -44.46
N PRO U 857 -86.25 21.51 -43.63
CA PRO U 857 -87.42 20.80 -44.15
C PRO U 857 -88.67 21.67 -44.16
N VAL U 858 -89.81 21.07 -44.50
CA VAL U 858 -91.06 21.81 -44.47
C VAL U 858 -91.51 22.01 -43.03
N SER U 859 -91.92 23.24 -42.71
CA SER U 859 -92.42 23.58 -41.38
C SER U 859 -93.92 23.30 -41.35
N SER U 860 -94.31 22.27 -40.58
CA SER U 860 -95.69 21.78 -40.48
C SER U 860 -96.16 21.40 -41.88
N GLU U 861 -97.23 22.00 -42.40
CA GLU U 861 -97.79 21.65 -43.71
C GLU U 861 -98.08 22.92 -44.51
N PHE U 862 -97.09 23.82 -44.61
CA PHE U 862 -97.30 25.06 -45.35
C PHE U 862 -97.27 24.87 -46.86
N ALA U 863 -96.92 23.67 -47.34
CA ALA U 863 -96.89 23.42 -48.77
C ALA U 863 -98.27 23.50 -49.39
N ASN U 864 -99.30 23.07 -48.66
CA ASN U 864 -100.67 23.21 -49.14
C ASN U 864 -101.12 24.67 -49.19
N GLU U 865 -100.48 25.54 -48.40
CA GLU U 865 -100.75 26.97 -48.47
C GLU U 865 -100.06 27.64 -49.64
N LEU U 866 -99.10 26.96 -50.27
CA LEU U 866 -98.37 27.49 -51.42
C LEU U 866 -99.23 27.25 -52.65
N LEU U 867 -100.26 28.07 -52.79
CA LEU U 867 -101.21 28.00 -53.90
C LEU U 867 -101.43 29.39 -54.47
N PRO U 868 -101.71 29.50 -55.77
CA PRO U 868 -102.04 30.81 -56.34
C PRO U 868 -103.35 31.32 -55.73
N ILE U 869 -103.39 32.63 -55.47
CA ILE U 869 -104.57 33.22 -54.85
C ILE U 869 -105.75 33.26 -55.82
N ARG U 870 -105.48 33.56 -57.09
CA ARG U 870 -106.56 33.70 -58.06
C ARG U 870 -107.19 32.35 -58.42
N TRP U 871 -106.40 31.28 -58.40
CA TRP U 871 -106.89 29.95 -58.71
C TRP U 871 -107.16 29.10 -57.48
N LYS U 872 -107.18 29.72 -56.29
CA LYS U 872 -107.35 28.95 -55.06
C LYS U 872 -108.74 28.35 -54.95
N ASP U 873 -109.75 28.98 -55.55
CA ASP U 873 -111.13 28.57 -55.38
C ASP U 873 -111.54 27.38 -56.24
N VAL U 874 -110.66 26.89 -57.13
CA VAL U 874 -111.08 25.75 -57.95
C VAL U 874 -111.00 24.44 -57.16
N TRP U 875 -110.12 24.37 -56.15
CA TRP U 875 -110.03 23.17 -55.34
C TRP U 875 -111.13 23.13 -54.30
N PRO U 876 -111.58 21.92 -53.89
CA PRO U 876 -112.61 21.84 -52.85
C PRO U 876 -112.09 22.20 -51.47
N LYS U 877 -112.98 22.19 -50.48
CA LYS U 877 -112.62 22.63 -49.13
C LYS U 877 -111.73 21.63 -48.41
N TYR U 878 -112.01 20.33 -48.56
CA TYR U 878 -111.30 19.33 -47.79
C TYR U 878 -110.80 18.15 -48.62
N VAL U 879 -111.11 18.10 -49.91
CA VAL U 879 -110.63 17.00 -50.75
C VAL U 879 -109.14 17.17 -50.99
N ALA U 880 -108.39 16.09 -50.84
CA ALA U 880 -106.94 16.11 -51.00
C ALA U 880 -106.55 16.39 -52.45
N ARG U 881 -105.32 16.86 -52.63
CA ARG U 881 -104.82 17.22 -53.95
C ARG U 881 -104.31 16.03 -54.74
N LYS U 882 -104.32 14.83 -54.15
CA LYS U 882 -103.86 13.63 -54.85
C LYS U 882 -104.82 13.20 -55.96
N TYR U 883 -106.05 13.71 -55.95
CA TYR U 883 -107.03 13.33 -56.96
C TYR U 883 -106.99 14.26 -58.17
N SER U 884 -106.72 15.54 -57.95
CA SER U 884 -106.73 16.52 -59.05
C SER U 884 -105.37 16.62 -59.72
N LYS U 885 -104.83 15.49 -60.18
CA LYS U 885 -103.60 15.46 -60.95
C LYS U 885 -103.90 15.31 -62.45
N TRP U 886 -104.62 14.25 -62.82
CA TRP U 886 -104.98 14.05 -64.22
C TRP U 886 -106.06 15.02 -64.68
N ARG U 887 -106.85 15.57 -63.76
CA ARG U 887 -107.92 16.48 -64.15
C ARG U 887 -107.36 17.81 -64.67
N SER U 888 -106.21 18.24 -64.15
CA SER U 888 -105.57 19.45 -64.66
C SER U 888 -105.06 19.24 -66.09
N PHE U 889 -104.59 18.03 -66.40
CA PHE U 889 -104.11 17.75 -67.74
C PHE U 889 -105.26 17.58 -68.73
N THR U 890 -106.21 16.70 -68.41
CA THR U 890 -107.24 16.35 -69.39
C THR U 890 -108.28 17.46 -69.54
N THR U 891 -108.74 18.05 -68.45
CA THR U 891 -109.83 19.02 -68.47
C THR U 891 -109.42 20.29 -67.74
N PRO U 892 -108.70 21.19 -68.42
CA PRO U 892 -108.21 22.41 -67.75
C PRO U 892 -109.35 23.30 -67.28
N ALA U 893 -109.13 23.95 -66.14
CA ALA U 893 -110.15 24.74 -65.46
C ALA U 893 -110.01 26.21 -65.79
N GLU U 894 -111.14 26.90 -65.97
CA GLU U 894 -111.14 28.33 -66.19
C GLU U 894 -110.77 29.08 -64.92
N LEU U 895 -110.44 30.35 -65.09
CA LEU U 895 -110.20 31.22 -63.95
C LEU U 895 -111.53 31.54 -63.26
N PRO U 896 -111.67 31.27 -61.97
CA PRO U 896 -112.98 31.38 -61.31
C PRO U 896 -113.48 32.81 -61.24
N ILE U 897 -114.81 32.94 -61.19
CA ILE U 897 -115.44 34.25 -61.09
C ILE U 897 -115.14 34.87 -59.73
N THR U 898 -115.11 34.06 -58.68
CA THR U 898 -114.96 34.53 -57.33
C THR U 898 -113.51 34.50 -56.87
N ILE U 899 -113.17 35.44 -55.99
CA ILE U 899 -111.86 35.53 -55.38
C ILE U 899 -112.06 35.68 -53.87
N SER U 900 -111.28 34.93 -53.09
CA SER U 900 -111.46 34.86 -51.64
C SER U 900 -110.38 35.63 -50.89
N ASP U 901 -109.59 36.44 -51.57
CA ASP U 901 -108.54 37.22 -50.94
C ASP U 901 -108.74 38.69 -51.24
N PHE U 902 -108.23 39.55 -50.35
CA PHE U 902 -108.40 40.98 -50.48
C PHE U 902 -107.36 41.66 -49.60
N PRO U 903 -106.82 42.81 -50.02
CA PRO U 903 -105.80 43.48 -49.20
C PRO U 903 -106.37 44.02 -47.89
N SER U 904 -105.49 44.09 -46.89
CA SER U 904 -105.86 44.56 -45.57
C SER U 904 -105.93 46.08 -45.54
N LYS U 905 -106.18 46.62 -44.34
CA LYS U 905 -106.35 48.07 -44.19
C LYS U 905 -105.05 48.83 -44.43
N ASP U 906 -103.92 48.24 -44.01
CA ASP U 906 -102.63 48.92 -44.16
C ASP U 906 -102.18 48.96 -45.61
N ASP U 907 -102.59 47.98 -46.41
CA ASP U 907 -102.17 47.94 -47.81
C ASP U 907 -102.80 49.05 -48.64
N PHE U 908 -104.03 49.45 -48.30
CA PHE U 908 -104.67 50.55 -49.01
C PHE U 908 -104.08 51.90 -48.65
N ASP U 909 -103.36 51.99 -47.53
CA ASP U 909 -102.74 53.24 -47.10
C ASP U 909 -101.23 53.27 -47.35
N ARG U 910 -100.70 52.32 -48.10
CA ARG U 910 -99.27 52.26 -48.39
C ARG U 910 -98.95 52.53 -49.85
N ASN U 911 -99.50 51.75 -50.77
CA ASN U 911 -99.21 51.90 -52.20
C ASN U 911 -100.50 51.69 -53.01
N PHE U 912 -101.25 52.78 -53.16
CA PHE U 912 -102.48 52.79 -53.94
C PHE U 912 -102.84 54.24 -54.23
N ILE U 913 -103.71 54.43 -55.23
CA ILE U 913 -104.26 55.74 -55.56
C ILE U 913 -105.77 55.60 -55.71
N PHE U 914 -106.43 56.71 -56.03
CA PHE U 914 -107.88 56.78 -56.01
C PHE U 914 -108.38 57.56 -57.23
N ARG U 915 -109.48 57.09 -57.80
CA ARG U 915 -110.16 57.77 -58.90
C ARG U 915 -111.65 57.73 -58.62
N ASN U 916 -112.45 58.17 -59.59
CA ASN U 916 -113.90 58.19 -59.42
C ASN U 916 -114.56 58.17 -60.79
N HIS U 917 -115.68 57.45 -60.88
CA HIS U 917 -116.50 57.44 -62.08
C HIS U 917 -117.94 57.80 -61.71
N SER U 918 -118.70 58.23 -62.72
CA SER U 918 -120.12 58.51 -62.54
C SER U 918 -120.78 58.33 -63.91
N VAL U 919 -121.45 57.21 -64.10
CA VAL U 919 -122.03 56.85 -65.38
C VAL U 919 -123.54 56.67 -65.23
N THR U 920 -124.28 57.13 -66.24
CA THR U 920 -125.74 56.99 -66.28
C THR U 920 -126.16 57.08 -67.73
N LEU U 921 -126.92 56.10 -68.20
CA LEU U 921 -127.29 56.01 -69.61
C LEU U 921 -128.19 57.16 -70.02
N ASN U 922 -127.99 57.66 -71.24
CA ASN U 922 -128.73 58.79 -71.76
C ASN U 922 -130.15 58.38 -72.14
N THR U 923 -130.95 59.38 -72.52
CA THR U 923 -132.33 59.14 -72.94
C THR U 923 -132.42 58.43 -74.28
N ASP U 924 -131.33 58.37 -75.05
CA ASP U 924 -131.37 57.66 -76.33
C ASP U 924 -131.45 56.16 -76.13
N GLN U 925 -130.72 55.63 -75.12
CA GLN U 925 -130.69 54.20 -74.91
C GLN U 925 -131.96 53.66 -74.25
N GLU U 926 -132.67 54.49 -73.48
CA GLU U 926 -133.90 54.02 -72.86
C GLU U 926 -135.09 54.00 -73.82
N GLN U 927 -134.90 54.44 -75.07
CA GLN U 927 -135.84 54.10 -76.14
C GLN U 927 -135.93 52.59 -76.32
N TYR U 928 -134.80 51.89 -76.15
CA TYR U 928 -134.78 50.44 -76.06
C TYR U 928 -135.04 50.02 -74.62
N ASN U 929 -135.30 48.72 -74.44
CA ASN U 929 -135.58 48.17 -73.11
C ASN U 929 -134.25 47.99 -72.37
N GLN U 930 -133.69 49.12 -71.92
CA GLN U 930 -132.43 49.15 -71.21
C GLN U 930 -132.56 50.12 -70.04
N THR U 931 -132.57 49.59 -68.82
CA THR U 931 -132.62 50.41 -67.63
C THR U 931 -131.23 50.39 -66.96
N TYR U 932 -131.15 51.01 -65.77
CA TYR U 932 -129.87 51.09 -65.06
C TYR U 932 -129.37 49.72 -64.64
N LYS U 933 -130.28 48.77 -64.40
CA LYS U 933 -129.88 47.41 -64.06
C LYS U 933 -129.18 46.73 -65.24
N ASP U 934 -129.69 46.94 -66.45
CA ASP U 934 -129.05 46.40 -67.64
C ASP U 934 -127.68 47.03 -67.86
N LEU U 935 -127.56 48.33 -67.62
CA LEU U 935 -126.27 49.00 -67.73
C LEU U 935 -125.28 48.46 -66.70
N LEU U 936 -125.76 48.19 -65.48
CA LEU U 936 -124.89 47.62 -64.45
C LEU U 936 -124.45 46.21 -64.83
N ARG U 937 -125.37 45.41 -65.37
CA ARG U 937 -125.01 44.06 -65.83
C ARG U 937 -123.99 44.11 -66.96
N ASP U 938 -124.18 45.02 -67.91
CA ASP U 938 -123.23 45.15 -69.01
C ASP U 938 -121.88 45.66 -68.52
N MET U 939 -121.89 46.53 -67.52
CA MET U 939 -120.64 47.05 -66.98
C MET U 939 -119.86 45.97 -66.22
N ILE U 940 -120.55 45.12 -65.46
CA ILE U 940 -119.88 44.00 -64.81
C ILE U 940 -119.41 42.98 -65.85
N TYR U 941 -120.17 42.80 -66.93
CA TYR U 941 -119.76 41.93 -68.03
C TYR U 941 -118.47 42.43 -68.68
N MET U 942 -118.38 43.74 -68.93
CA MET U 942 -117.19 44.31 -69.56
C MET U 942 -116.02 44.45 -68.59
N ARG U 943 -116.29 44.53 -67.29
CA ARG U 943 -115.21 44.44 -66.30
C ARG U 943 -114.54 43.08 -66.35
N LEU U 944 -115.29 42.03 -66.64
CA LEU U 944 -114.71 40.72 -66.91
C LEU U 944 -114.13 40.71 -68.32
N LEU U 945 -113.76 39.52 -68.80
CA LEU U 945 -113.12 39.26 -70.11
C LEU U 945 -111.71 39.85 -70.19
N THR U 946 -111.18 40.38 -69.09
CA THR U 946 -109.84 40.96 -69.05
C THR U 946 -109.02 40.28 -67.95
N GLY U 947 -109.70 39.75 -66.94
CA GLY U 947 -109.02 39.06 -65.86
C GLY U 947 -109.59 39.34 -64.49
N PHE U 948 -110.59 40.22 -64.43
CA PHE U 948 -111.17 40.64 -63.16
C PHE U 948 -111.91 39.49 -62.49
N GLN U 949 -111.97 39.52 -61.16
CA GLN U 949 -112.62 38.49 -60.37
C GLN U 949 -113.50 39.14 -59.31
N ILE U 950 -114.74 38.66 -59.19
CA ILE U 950 -115.69 39.24 -58.25
C ILE U 950 -115.29 38.86 -56.82
N CYS U 951 -115.22 39.86 -55.94
CA CYS U 951 -114.75 39.65 -54.58
C CYS U 951 -115.92 39.39 -53.64
N VAL U 952 -115.83 38.28 -52.90
CA VAL U 952 -116.79 37.96 -51.85
C VAL U 952 -116.07 37.11 -50.81
N GLY U 953 -116.36 37.38 -49.55
CA GLY U 953 -115.73 36.66 -48.45
C GLY U 953 -115.73 37.52 -47.20
N ARG U 954 -114.72 37.26 -46.36
CA ARG U 954 -114.59 37.89 -45.05
C ARG U 954 -113.77 39.18 -45.08
N GLN U 955 -112.65 39.18 -45.81
CA GLN U 955 -111.78 40.35 -45.87
C GLN U 955 -112.47 41.52 -46.56
N VAL U 956 -113.24 41.24 -47.61
CA VAL U 956 -113.97 42.29 -48.33
C VAL U 956 -115.03 42.91 -47.41
N GLU U 957 -115.71 42.08 -46.62
CA GLU U 957 -116.67 42.59 -45.65
C GLU U 957 -115.98 43.42 -44.58
N LYS U 958 -114.79 43.00 -44.16
CA LYS U 958 -114.04 43.76 -43.16
C LYS U 958 -113.63 45.13 -43.69
N ILE U 959 -113.21 45.19 -44.96
CA ILE U 959 -112.86 46.48 -45.57
C ILE U 959 -114.11 47.34 -45.75
N GLU U 960 -115.24 46.72 -46.12
CA GLU U 960 -116.47 47.47 -46.33
C GLU U 960 -116.99 48.06 -45.02
N LEU U 961 -116.93 47.30 -43.93
CA LEU U 961 -117.35 47.80 -42.63
C LEU U 961 -116.46 48.94 -42.15
N SER U 962 -115.15 48.82 -42.36
CA SER U 962 -114.18 49.84 -41.95
C SER U 962 -114.12 50.93 -43.02
N ARG U 963 -115.21 51.68 -43.13
CA ARG U 963 -115.29 52.77 -44.08
C ARG U 963 -116.02 53.97 -43.50
N THR U 970 -122.62 47.55 -46.82
CA THR U 970 -123.29 46.68 -45.86
C THR U 970 -123.24 45.23 -46.30
N VAL U 971 -123.91 44.93 -47.42
CA VAL U 971 -123.98 43.59 -47.97
C VAL U 971 -123.28 43.57 -49.32
N VAL U 972 -122.33 42.65 -49.48
CA VAL U 972 -121.61 42.48 -50.73
C VAL U 972 -122.25 41.32 -51.50
N ASN U 973 -122.28 41.43 -52.83
CA ASN U 973 -122.98 40.49 -53.68
C ASN U 973 -121.98 39.77 -54.58
N LYS U 974 -122.32 38.54 -54.95
CA LYS U 974 -121.56 37.77 -55.93
C LYS U 974 -122.27 37.67 -57.26
N TYR U 975 -123.52 37.20 -57.27
CA TYR U 975 -124.34 37.16 -58.48
C TYR U 975 -125.14 38.46 -58.58
N LEU U 976 -126.11 38.50 -59.48
CA LEU U 976 -126.89 39.71 -59.70
C LEU U 976 -128.32 39.31 -60.04
N ASP U 977 -129.25 39.59 -59.13
CA ASP U 977 -130.68 39.36 -59.34
C ASP U 977 -131.41 40.70 -59.34
N PHE U 978 -132.14 40.96 -60.42
CA PHE U 978 -132.82 42.24 -60.61
C PHE U 978 -134.24 42.27 -60.05
N ASN U 979 -134.78 41.13 -59.62
CA ASN U 979 -136.16 41.11 -59.15
C ASN U 979 -136.29 41.55 -57.70
N GLN U 980 -135.62 40.85 -56.79
CA GLN U 980 -135.76 41.15 -55.37
C GLN U 980 -134.95 42.38 -54.96
N ASN U 981 -133.64 42.33 -55.13
CA ASN U 981 -132.77 43.41 -54.72
C ASN U 981 -132.84 44.58 -55.70
N ASP U 982 -132.58 45.78 -55.20
CA ASP U 982 -132.61 46.99 -56.01
C ASP U 982 -131.40 47.89 -55.77
N ALA U 983 -130.38 47.40 -55.08
CA ALA U 983 -129.16 48.17 -54.83
C ALA U 983 -128.03 47.20 -54.58
N PHE U 984 -127.02 47.20 -55.44
CA PHE U 984 -125.97 46.19 -55.43
C PHE U 984 -124.62 46.83 -55.18
N LYS U 985 -123.78 46.12 -54.42
CA LYS U 985 -122.41 46.55 -54.15
C LYS U 985 -121.53 45.31 -54.20
N LEU U 986 -120.49 45.35 -55.03
CA LEU U 986 -119.67 44.18 -55.29
C LEU U 986 -118.32 44.64 -55.82
N TYR U 987 -117.26 43.99 -55.36
CA TYR U 987 -115.88 44.39 -55.60
C TYR U 987 -115.23 43.47 -56.61
N LEU U 988 -114.33 44.04 -57.43
CA LEU U 988 -113.55 43.25 -58.36
C LEU U 988 -112.08 43.60 -58.19
N MET U 989 -111.21 42.60 -58.32
CA MET U 989 -109.79 42.78 -58.03
C MET U 989 -108.92 42.06 -59.05
N ILE U 990 -107.94 42.78 -59.60
CA ILE U 990 -106.81 42.22 -60.33
C ILE U 990 -105.57 42.85 -59.72
N ASP U 991 -104.40 42.26 -60.02
CA ASP U 991 -103.14 42.77 -59.48
C ASP U 991 -102.85 44.19 -59.97
N SER U 992 -103.36 44.56 -61.14
CA SER U 992 -103.15 45.91 -61.65
C SER U 992 -104.00 46.93 -60.90
N GLU U 993 -105.27 46.60 -60.63
CA GLU U 993 -106.19 47.56 -60.05
C GLU U 993 -107.34 46.83 -59.36
N ILE U 994 -107.99 47.53 -58.44
CA ILE U 994 -109.10 46.98 -57.68
C ILE U 994 -110.30 47.90 -57.88
N HIS U 995 -111.44 47.33 -58.28
CA HIS U 995 -112.64 48.10 -58.53
C HIS U 995 -113.69 47.82 -57.46
N ARG U 996 -114.56 48.81 -57.24
CA ARG U 996 -115.78 48.62 -56.49
C ARG U 996 -116.91 49.37 -57.20
N ILE U 997 -118.04 48.69 -57.40
CA ILE U 997 -119.18 49.26 -58.09
C ILE U 997 -120.37 49.28 -57.14
N THR U 998 -120.97 50.45 -56.96
CA THR U 998 -122.14 50.62 -56.11
C THR U 998 -123.27 51.22 -56.92
N CYS U 999 -124.50 50.84 -56.57
CA CYS U 999 -125.68 51.32 -57.28
C CYS U 999 -126.81 51.53 -56.29
N SER U 1000 -127.79 52.32 -56.71
CA SER U 1000 -128.97 52.62 -55.91
C SER U 1000 -130.17 52.71 -56.85
N SER U 1001 -131.31 53.13 -56.30
CA SER U 1001 -132.50 53.33 -57.12
C SER U 1001 -132.41 54.58 -57.99
N SER U 1002 -131.49 55.50 -57.68
CA SER U 1002 -131.34 56.72 -58.45
C SER U 1002 -130.71 56.51 -59.81
N GLY U 1003 -130.09 55.34 -60.05
CA GLY U 1003 -129.46 55.07 -61.32
C GLY U 1003 -128.07 55.63 -61.49
N ILE U 1004 -127.53 56.30 -60.47
CA ILE U 1004 -126.20 56.89 -60.55
C ILE U 1004 -125.22 55.80 -60.09
N ILE U 1005 -124.51 55.21 -61.05
CA ILE U 1005 -123.57 54.14 -60.76
C ILE U 1005 -122.23 54.77 -60.39
N ASP U 1006 -121.73 54.46 -59.20
CA ASP U 1006 -120.47 54.98 -58.71
C ASP U 1006 -119.41 53.88 -58.77
N VAL U 1007 -118.30 54.17 -59.43
CA VAL U 1007 -117.20 53.23 -59.59
C VAL U 1007 -115.93 53.88 -59.06
N GLU U 1008 -115.30 53.25 -58.08
CA GLU U 1008 -114.02 53.70 -57.54
C GLU U 1008 -112.97 52.63 -57.81
N ARG U 1009 -111.87 53.03 -58.43
CA ARG U 1009 -110.82 52.12 -58.83
C ARG U 1009 -109.54 52.46 -58.07
N TYR U 1010 -108.92 51.44 -57.47
CA TYR U 1010 -107.68 51.59 -56.72
C TYR U 1010 -106.57 50.96 -57.56
N LEU U 1011 -105.88 51.79 -58.32
CA LEU U 1011 -104.80 51.30 -59.18
C LEU U 1011 -103.56 51.02 -58.34
N ARG U 1012 -102.99 49.84 -58.51
CA ARG U 1012 -101.74 49.49 -57.85
C ARG U 1012 -100.58 50.14 -58.58
N LYS U 1013 -99.82 50.96 -57.86
CA LYS U 1013 -98.74 51.73 -58.49
C LYS U 1013 -97.56 50.81 -58.82
N ASP U 1014 -96.94 51.07 -59.97
CA ASP U 1014 -95.81 50.28 -60.41
C ASP U 1014 -94.59 50.55 -59.53
N GLU U 1015 -93.75 49.52 -59.37
CA GLU U 1015 -92.59 49.57 -58.49
C GLU U 1015 -91.31 49.79 -59.32
N ALA U 1016 -91.00 51.09 -59.51
CA ALA U 1016 -89.74 51.56 -60.09
C ALA U 1016 -89.51 51.05 -61.52
N ASN U 1017 -90.60 50.86 -62.27
CA ASN U 1017 -90.58 50.56 -63.71
C ASN U 1017 -89.79 49.28 -63.99
N LEU U 1018 -90.37 48.16 -63.54
CA LEU U 1018 -89.75 46.85 -63.77
C LEU U 1018 -89.59 46.52 -65.25
N PHE U 1019 -90.46 47.06 -66.11
CA PHE U 1019 -90.34 46.83 -67.54
C PHE U 1019 -89.25 47.68 -68.19
N ASP U 1020 -88.62 48.59 -67.45
CA ASP U 1020 -87.49 49.35 -67.94
C ASP U 1020 -86.15 48.85 -67.40
N GLN U 1021 -86.17 48.04 -66.34
CA GLN U 1021 -84.96 47.53 -65.71
C GLN U 1021 -84.50 46.20 -66.30
N VAL U 1022 -85.17 45.71 -67.34
CA VAL U 1022 -84.83 44.42 -67.94
C VAL U 1022 -84.16 44.67 -69.29
N PRO U 1023 -83.09 43.95 -69.62
CA PRO U 1023 -82.46 44.14 -70.93
C PRO U 1023 -83.34 43.63 -72.05
N SER U 1024 -83.10 44.19 -73.24
CA SER U 1024 -83.81 43.73 -74.44
C SER U 1024 -83.42 42.31 -74.80
N TYR U 1025 -84.41 41.54 -75.25
CA TYR U 1025 -84.25 40.10 -75.49
C TYR U 1025 -85.07 39.75 -76.74
N ILE U 1026 -84.40 39.58 -77.86
CA ILE U 1026 -85.04 39.26 -79.13
C ILE U 1026 -84.54 37.91 -79.59
N PRO U 1027 -85.34 36.85 -79.43
CA PRO U 1027 -84.88 35.50 -79.77
C PRO U 1027 -85.05 35.24 -81.27
N LEU U 1028 -84.75 34.01 -81.66
CA LEU U 1028 -84.92 33.54 -83.04
C LEU U 1028 -86.04 32.52 -83.08
N VAL U 1029 -87.05 32.77 -83.91
CA VAL U 1029 -88.25 31.95 -83.99
C VAL U 1029 -88.31 31.33 -85.37
N LYS U 1030 -88.40 30.00 -85.42
CA LYS U 1030 -88.55 29.26 -86.67
C LYS U 1030 -89.91 28.58 -86.66
N THR U 1031 -90.79 28.99 -87.57
CA THR U 1031 -92.13 28.43 -87.63
C THR U 1031 -92.11 27.13 -88.45
N ARG U 1032 -93.29 26.57 -88.70
CA ARG U 1032 -93.37 25.26 -89.35
C ARG U 1032 -93.07 25.34 -90.84
N TYR U 1033 -93.52 26.39 -91.52
CA TYR U 1033 -93.33 26.50 -92.96
C TYR U 1033 -92.00 27.11 -93.34
N GLU U 1034 -91.22 27.58 -92.38
CA GLU U 1034 -89.92 28.17 -92.64
C GLU U 1034 -88.84 27.08 -92.69
N SER U 1035 -87.67 27.47 -93.16
CA SER U 1035 -86.52 26.57 -93.21
C SER U 1035 -85.27 27.16 -92.59
N SER U 1036 -85.27 28.43 -92.22
CA SER U 1036 -84.14 29.07 -91.57
C SER U 1036 -84.63 29.83 -90.35
N PHE U 1037 -83.78 29.90 -89.33
CA PHE U 1037 -84.13 30.56 -88.07
C PHE U 1037 -84.11 32.06 -88.29
N ARG U 1038 -85.29 32.64 -88.54
CA ARG U 1038 -85.38 34.09 -88.75
C ARG U 1038 -85.36 34.80 -87.40
N ASP U 1039 -85.65 36.10 -87.42
CA ASP U 1039 -85.61 36.92 -86.22
C ASP U 1039 -87.02 37.27 -85.79
N ALA U 1040 -87.29 37.15 -84.49
CA ALA U 1040 -88.61 37.44 -83.95
C ALA U 1040 -88.92 38.93 -84.01
N MET U 1041 -90.19 39.25 -84.26
CA MET U 1041 -90.63 40.62 -84.47
C MET U 1041 -91.19 41.27 -83.21
N ILE U 1042 -91.25 40.56 -82.09
CA ILE U 1042 -91.74 41.10 -80.83
C ILE U 1042 -90.78 40.69 -79.71
N ASP U 1043 -90.53 41.62 -78.79
CA ASP U 1043 -89.83 41.29 -77.56
C ASP U 1043 -90.77 40.58 -76.61
N PRO U 1044 -90.50 39.32 -76.23
CA PRO U 1044 -91.40 38.64 -75.30
C PRO U 1044 -91.41 39.25 -73.91
N LEU U 1045 -90.30 39.85 -73.48
CA LEU U 1045 -90.21 40.37 -72.13
C LEU U 1045 -90.95 41.69 -71.96
N HIS U 1046 -90.95 42.54 -72.98
CA HIS U 1046 -91.45 43.90 -72.87
C HIS U 1046 -92.88 44.06 -73.38
N VAL U 1047 -93.59 42.97 -73.64
CA VAL U 1047 -95.00 43.01 -74.03
C VAL U 1047 -95.84 42.62 -72.82
N LYS U 1048 -96.87 43.41 -72.54
CA LYS U 1048 -97.62 43.24 -71.30
C LYS U 1048 -99.07 43.62 -71.51
N ARG U 1049 -99.92 43.11 -70.63
CA ARG U 1049 -101.33 43.48 -70.61
C ARG U 1049 -101.46 44.89 -70.04
N GLU U 1050 -101.83 45.84 -70.90
CA GLU U 1050 -101.87 47.23 -70.49
C GLU U 1050 -103.13 47.52 -69.68
N SER U 1051 -103.04 48.56 -68.85
CA SER U 1051 -104.19 48.98 -68.07
C SER U 1051 -105.17 49.72 -68.97
N LEU U 1052 -106.37 49.17 -69.10
CA LEU U 1052 -107.37 49.72 -70.01
C LEU U 1052 -107.98 50.99 -69.43
N ASN U 1053 -108.41 51.89 -70.33
CA ASN U 1053 -109.05 53.14 -69.94
C ASN U 1053 -110.53 52.85 -69.72
N TRP U 1054 -110.88 52.51 -68.48
CA TRP U 1054 -112.23 52.02 -68.19
C TRP U 1054 -113.27 53.13 -68.25
N ASN U 1055 -112.85 54.40 -68.15
CA ASN U 1055 -113.79 55.52 -68.21
C ASN U 1055 -114.46 55.60 -69.57
N GLN U 1056 -113.66 55.56 -70.64
CA GLN U 1056 -114.23 55.59 -71.99
C GLN U 1056 -115.00 54.32 -72.31
N ILE U 1057 -114.58 53.19 -71.74
CA ILE U 1057 -115.29 51.92 -71.92
C ILE U 1057 -116.70 52.02 -71.33
N ASP U 1058 -116.79 52.52 -70.09
CA ASP U 1058 -118.09 52.70 -69.45
C ASP U 1058 -118.91 53.77 -70.16
N GLN U 1059 -118.25 54.81 -70.69
CA GLN U 1059 -118.96 55.87 -71.40
C GLN U 1059 -119.60 55.36 -72.68
N VAL U 1060 -118.86 54.59 -73.48
CA VAL U 1060 -119.42 54.05 -74.72
C VAL U 1060 -120.37 52.89 -74.44
N LEU U 1061 -120.25 52.23 -73.30
CA LEU U 1061 -121.19 51.17 -72.93
C LEU U 1061 -122.49 51.73 -72.36
N ALA U 1062 -122.49 53.00 -71.93
CA ALA U 1062 -123.69 53.66 -71.46
C ALA U 1062 -124.47 54.37 -72.56
N GLY U 1063 -124.05 54.24 -73.81
CA GLY U 1063 -124.74 54.89 -74.91
C GLY U 1063 -124.21 56.26 -75.29
N TYR U 1064 -123.03 56.63 -74.81
CA TYR U 1064 -122.40 57.91 -75.13
C TYR U 1064 -121.28 57.75 -76.13
N GLY U 1065 -121.45 56.86 -77.11
CA GLY U 1065 -120.44 56.60 -78.11
C GLY U 1065 -120.37 57.59 -79.24
N ASP U 1066 -121.16 58.67 -79.17
CA ASP U 1066 -121.18 59.67 -80.23
C ASP U 1066 -120.13 60.77 -80.01
N ASN U 1067 -119.12 60.48 -79.20
CA ASN U 1067 -118.07 61.48 -78.93
C ASN U 1067 -117.24 61.81 -80.17
N LEU U 1068 -117.21 60.90 -81.16
CA LEU U 1068 -116.54 61.11 -82.45
C LEU U 1068 -115.05 61.40 -82.29
N ILE U 1069 -114.40 60.68 -81.39
CA ILE U 1069 -112.97 60.81 -81.14
C ILE U 1069 -112.32 59.45 -81.39
N ASP U 1070 -111.19 59.46 -82.11
CA ASP U 1070 -110.50 58.22 -82.42
C ASP U 1070 -109.83 57.64 -81.17
N ARG U 1071 -110.53 56.73 -80.51
CA ARG U 1071 -110.03 56.12 -79.28
C ARG U 1071 -108.87 55.18 -79.59
N LYS U 1072 -107.91 55.13 -78.66
CA LYS U 1072 -106.73 54.28 -78.81
C LYS U 1072 -107.03 52.80 -78.58
N TRP U 1073 -108.22 52.47 -78.07
CA TRP U 1073 -108.59 51.09 -77.81
C TRP U 1073 -109.70 50.67 -78.76
N HIS U 1074 -109.69 49.39 -79.14
CA HIS U 1074 -110.69 48.82 -80.03
C HIS U 1074 -111.45 47.73 -79.30
N GLY U 1075 -112.71 47.53 -79.68
CA GLY U 1075 -113.50 46.44 -79.17
C GLY U 1075 -113.18 45.14 -79.86
N PHE U 1076 -113.97 44.12 -79.55
CA PHE U 1076 -113.86 42.84 -80.25
C PHE U 1076 -114.23 43.03 -81.72
N ARG U 1077 -113.41 42.49 -82.60
CA ARG U 1077 -113.59 42.67 -84.04
C ARG U 1077 -113.49 41.33 -84.76
N ALA U 1078 -114.25 41.20 -85.84
CA ALA U 1078 -114.19 40.03 -86.70
C ALA U 1078 -114.52 40.45 -88.12
N LYS U 1079 -113.65 40.09 -89.06
CA LYS U 1079 -113.81 40.44 -90.46
C LYS U 1079 -114.09 39.17 -91.25
N TYR U 1080 -115.13 39.22 -92.09
CA TYR U 1080 -115.56 38.06 -92.85
C TYR U 1080 -115.45 38.37 -94.35
N VAL U 1081 -114.98 37.38 -95.10
CA VAL U 1081 -114.67 37.55 -96.52
C VAL U 1081 -115.50 36.57 -97.34
N VAL U 1082 -116.21 37.10 -98.33
CA VAL U 1082 -117.01 36.28 -99.25
C VAL U 1082 -116.16 35.98 -100.48
N LEU U 1083 -116.02 34.70 -100.80
CA LEU U 1083 -115.18 34.26 -101.91
C LEU U 1083 -115.99 33.42 -102.87
N PRO U 1084 -116.12 33.81 -104.15
CA PRO U 1084 -116.83 32.96 -105.13
C PRO U 1084 -116.05 31.69 -105.40
N THR U 1085 -116.65 30.54 -105.07
CA THR U 1085 -115.98 29.26 -105.21
C THR U 1085 -116.63 28.33 -106.23
N ASP U 1086 -117.92 28.01 -106.07
CA ASP U 1086 -118.53 26.95 -106.86
C ASP U 1086 -120.04 27.09 -106.81
N ILE U 1087 -120.69 26.83 -107.94
CA ILE U 1087 -122.15 26.77 -108.03
C ILE U 1087 -122.63 25.46 -107.43
N PRO U 1088 -123.70 25.46 -106.64
CA PRO U 1088 -124.31 24.19 -106.19
C PRO U 1088 -125.10 23.56 -107.31
N PRO U 1089 -125.33 22.25 -107.26
CA PRO U 1089 -126.21 21.62 -108.26
C PRO U 1089 -127.64 22.10 -108.15
N ASN U 1090 -128.33 22.09 -109.28
CA ASN U 1090 -129.70 22.61 -109.47
C ASN U 1090 -129.69 24.09 -109.08
N THR U 1091 -130.75 24.56 -108.39
CA THR U 1091 -130.91 25.97 -107.98
C THR U 1091 -130.77 26.92 -109.17
N TYR U 1092 -131.36 26.54 -110.30
CA TYR U 1092 -131.27 27.37 -111.51
C TYR U 1092 -132.12 28.63 -111.37
N SER U 1093 -133.21 28.57 -110.62
CA SER U 1093 -134.09 29.71 -110.30
C SER U 1093 -134.64 30.41 -111.54
N ASN U 1104 -126.91 31.20 -115.20
CA ASN U 1104 -125.52 31.61 -115.44
C ASN U 1104 -124.74 31.67 -114.14
N PRO U 1105 -123.49 31.21 -114.15
CA PRO U 1105 -122.66 31.23 -112.95
C PRO U 1105 -121.99 32.56 -112.63
N GLU U 1106 -122.32 33.63 -113.37
CA GLU U 1106 -121.73 34.94 -113.13
C GLU U 1106 -122.74 35.96 -112.62
N GLU U 1107 -124.04 35.69 -112.72
CA GLU U 1107 -125.06 36.60 -112.22
C GLU U 1107 -125.80 36.08 -111.00
N ILE U 1108 -125.73 34.78 -110.71
CA ILE U 1108 -126.35 34.23 -109.52
C ILE U 1108 -125.60 34.68 -108.26
N ARG U 1109 -124.28 34.92 -108.36
CA ARG U 1109 -123.53 35.42 -107.21
C ARG U 1109 -123.88 36.86 -106.91
N VAL U 1110 -124.27 37.63 -107.93
CA VAL U 1110 -124.81 38.97 -107.72
C VAL U 1110 -126.08 38.91 -106.88
N GLU U 1111 -126.98 37.97 -107.22
CA GLU U 1111 -128.19 37.75 -106.43
C GLU U 1111 -127.87 37.25 -105.03
N GLY U 1112 -126.80 36.45 -104.88
CA GLY U 1112 -126.39 36.01 -103.55
C GLY U 1112 -125.92 37.15 -102.67
N LEU U 1113 -125.12 38.06 -103.23
CA LEU U 1113 -124.71 39.25 -102.49
C LEU U 1113 -125.92 40.14 -102.18
N ARG U 1114 -126.86 40.23 -103.13
CA ARG U 1114 -128.08 41.02 -102.89
C ARG U 1114 -128.89 40.44 -101.74
N ARG U 1115 -129.02 39.11 -101.69
CA ARG U 1115 -129.75 38.48 -100.60
C ARG U 1115 -129.02 38.63 -99.27
N LEU U 1116 -127.68 38.57 -99.30
CA LEU U 1116 -126.90 38.80 -98.07
C LEU U 1116 -127.10 40.21 -97.54
N ILE U 1117 -127.04 41.22 -98.42
CA ILE U 1117 -127.26 42.60 -98.02
C ILE U 1117 -128.68 42.81 -97.53
N GLY U 1118 -129.65 42.17 -98.19
CA GLY U 1118 -131.03 42.27 -97.76
C GLY U 1118 -131.27 41.66 -96.39
N SER U 1119 -130.64 40.50 -96.12
CA SER U 1119 -130.77 39.87 -94.81
C SER U 1119 -130.09 40.71 -93.73
N ILE U 1120 -128.95 41.33 -94.06
CA ILE U 1120 -128.24 42.16 -93.09
C ILE U 1120 -129.07 43.40 -92.75
N THR U 1121 -129.61 44.06 -93.77
CA THR U 1121 -130.41 45.25 -93.51
C THR U 1121 -131.76 44.89 -92.88
N ARG U 1122 -132.25 43.67 -93.14
CA ARG U 1122 -133.47 43.22 -92.50
C ARG U 1122 -133.26 42.84 -91.04
N SER U 1123 -132.00 42.58 -90.65
CA SER U 1123 -131.68 42.26 -89.27
C SER U 1123 -131.34 43.50 -88.44
N ARG U 1124 -131.87 44.67 -88.84
CA ARG U 1124 -131.55 45.92 -88.17
C ARG U 1124 -132.21 45.99 -86.79
N LEU U 1125 -131.45 46.45 -85.80
CA LEU U 1125 -132.00 46.64 -84.47
C LEU U 1125 -132.95 47.82 -84.44
N ARG U 1126 -134.15 47.61 -83.90
CA ARG U 1126 -135.21 48.60 -83.94
C ARG U 1126 -135.83 48.77 -82.56
N THR U 1127 -136.31 49.97 -82.29
CA THR U 1127 -136.91 50.28 -80.99
C THR U 1127 -138.29 49.65 -80.89
N GLU U 1128 -138.85 49.67 -79.67
CA GLU U 1128 -140.13 49.03 -79.40
C GLU U 1128 -141.27 49.71 -80.16
N LYS U 1129 -141.20 51.03 -80.33
CA LYS U 1129 -142.22 51.75 -81.10
C LYS U 1129 -142.24 51.29 -82.54
N GLU U 1130 -141.07 51.07 -83.13
CA GLU U 1130 -141.00 50.48 -84.47
C GLU U 1130 -141.13 48.96 -84.45
N LYS U 1131 -140.96 48.33 -83.28
CA LYS U 1131 -141.13 46.88 -83.21
C LYS U 1131 -142.61 46.50 -83.25
N LYS U 1132 -143.46 47.26 -82.56
CA LYS U 1132 -144.89 46.95 -82.57
C LYS U 1132 -145.51 47.28 -83.92
N GLY U 1133 -145.04 48.34 -84.58
CA GLY U 1133 -145.62 48.75 -85.84
C GLY U 1133 -145.26 47.82 -86.98
N ARG U 1134 -145.96 48.02 -88.09
CA ARG U 1134 -145.73 47.20 -89.28
C ARG U 1134 -145.17 48.03 -90.42
N ARG U 1138 -143.87 49.06 -95.00
CA ARG U 1138 -142.83 48.54 -95.88
C ARG U 1138 -141.51 49.26 -95.61
N GLU U 1139 -140.47 48.49 -95.33
CA GLU U 1139 -139.15 49.05 -95.08
C GLU U 1139 -138.53 49.55 -96.38
N GLU U 1140 -137.51 50.40 -96.24
CA GLU U 1140 -136.80 50.92 -97.39
C GLU U 1140 -136.00 49.82 -98.08
N ILE U 1141 -135.74 50.01 -99.38
CA ILE U 1141 -134.96 49.05 -100.14
C ILE U 1141 -133.51 49.07 -99.69
N GLN U 1142 -132.82 47.97 -99.95
CA GLN U 1142 -131.41 47.85 -99.60
C GLN U 1142 -130.57 48.79 -100.46
N PRO U 1143 -129.44 49.29 -99.92
CA PRO U 1143 -128.53 50.09 -100.75
C PRO U 1143 -127.91 49.24 -101.86
N GLU U 1144 -127.66 49.88 -102.99
CA GLU U 1144 -127.14 49.19 -104.16
C GLU U 1144 -125.66 48.89 -104.00
N VAL U 1145 -125.27 47.68 -104.38
CA VAL U 1145 -123.86 47.32 -104.56
C VAL U 1145 -123.53 47.41 -106.04
N MET U 1146 -122.42 48.08 -106.36
CA MET U 1146 -122.08 48.43 -107.72
C MET U 1146 -120.89 47.62 -108.21
N PHE U 1147 -120.94 47.19 -109.47
CA PHE U 1147 -119.96 46.26 -110.01
C PHE U 1147 -119.16 46.92 -111.13
N TYR U 1148 -117.92 46.46 -111.28
CA TYR U 1148 -116.99 46.98 -112.27
C TYR U 1148 -115.91 45.92 -112.48
N THR U 1149 -115.03 46.18 -113.44
CA THR U 1149 -113.93 45.28 -113.73
C THR U 1149 -112.62 46.06 -113.65
N GLY U 1150 -111.57 45.40 -113.17
CA GLY U 1150 -110.28 46.03 -113.01
C GLY U 1150 -110.10 46.66 -111.65
N PRO U 1151 -109.08 47.52 -111.53
CA PRO U 1151 -108.82 48.19 -110.26
C PRO U 1151 -109.92 49.16 -109.86
N LEU U 1152 -110.04 49.39 -108.55
CA LEU U 1152 -111.05 50.30 -108.01
C LEU U 1152 -110.79 51.73 -108.44
N TYR U 1153 -109.52 52.13 -108.53
CA TYR U 1153 -109.18 53.49 -108.93
C TYR U 1153 -109.63 53.80 -110.35
N ASN U 1154 -109.69 52.78 -111.21
CA ASN U 1154 -110.26 52.96 -112.54
C ASN U 1154 -111.73 53.34 -112.47
N PHE U 1155 -112.49 52.71 -111.58
CA PHE U 1155 -113.90 53.06 -111.40
C PHE U 1155 -114.04 54.45 -110.78
N ILE U 1156 -113.17 54.80 -109.83
CA ILE U 1156 -113.19 56.12 -109.21
C ILE U 1156 -112.92 57.21 -110.24
N ASN U 1157 -111.95 56.98 -111.12
CA ASN U 1157 -111.70 57.92 -112.22
C ASN U 1157 -112.85 57.93 -113.22
N GLU U 1158 -113.46 56.77 -113.47
CA GLU U 1158 -114.59 56.67 -114.40
C GLU U 1158 -115.84 57.37 -113.88
N GLN U 1159 -115.91 57.64 -112.58
CA GLN U 1159 -117.05 58.39 -112.02
C GLN U 1159 -117.09 59.89 -112.44
N GLN U 1160 -116.30 60.40 -113.40
CA GLN U 1160 -116.35 61.83 -113.74
C GLN U 1160 -117.54 62.19 -114.61
N THR U 1161 -118.28 61.20 -115.13
CA THR U 1161 -119.30 61.44 -116.14
C THR U 1161 -120.44 62.29 -115.60
N SER U 1162 -120.98 63.15 -116.48
CA SER U 1162 -122.01 64.12 -116.11
C SER U 1162 -123.40 63.50 -116.29
N LEU U 1163 -123.67 62.50 -115.45
CA LEU U 1163 -124.97 61.84 -115.45
C LEU U 1163 -125.20 61.20 -114.08
N GLU U 1164 -126.44 61.28 -113.61
CA GLU U 1164 -126.93 60.66 -112.38
C GLU U 1164 -126.24 61.18 -111.12
N SER U 1165 -126.68 60.70 -109.96
CA SER U 1165 -125.99 61.00 -108.71
C SER U 1165 -125.90 59.80 -107.77
N SER U 1166 -126.49 58.67 -108.12
CA SER U 1166 -126.45 57.47 -107.29
C SER U 1166 -125.35 56.52 -107.78
N ALA U 1167 -124.12 57.01 -107.70
CA ALA U 1167 -122.95 56.22 -108.14
C ALA U 1167 -121.76 56.62 -107.26
N ILE U 1168 -121.53 55.84 -106.21
CA ILE U 1168 -120.47 56.04 -105.20
C ILE U 1168 -120.54 57.46 -104.64
N ASN U 1169 -121.65 57.78 -103.98
CA ASN U 1169 -121.86 59.11 -103.40
C ASN U 1169 -122.67 59.00 -102.11
N PRO U 1339 -113.40 65.80 -98.80
CA PRO U 1339 -113.79 64.95 -99.92
C PRO U 1339 -113.34 63.50 -99.74
N ILE U 1340 -113.77 62.88 -98.64
CA ILE U 1340 -113.46 61.48 -98.37
C ILE U 1340 -114.58 60.61 -98.92
N LEU U 1341 -114.21 59.46 -99.46
CA LEU U 1341 -115.15 58.55 -100.10
C LEU U 1341 -115.40 57.36 -99.17
N MET U 1342 -116.62 57.28 -98.64
CA MET U 1342 -117.01 56.19 -97.75
C MET U 1342 -117.33 54.96 -98.60
N LEU U 1343 -116.41 53.99 -98.60
CA LEU U 1343 -116.60 52.77 -99.37
C LEU U 1343 -117.59 51.81 -98.72
N SER U 1344 -117.97 52.03 -97.47
CA SER U 1344 -118.91 51.16 -96.79
C SER U 1344 -119.87 52.01 -95.96
N ASN U 1345 -120.86 51.34 -95.38
CA ASN U 1345 -121.86 51.98 -94.52
C ASN U 1345 -122.11 51.09 -93.31
N SER U 1346 -122.53 51.71 -92.22
CA SER U 1346 -122.63 51.03 -90.93
C SER U 1346 -124.04 51.10 -90.39
N LEU U 1347 -124.46 50.03 -89.72
CA LEU U 1347 -125.74 49.96 -89.04
C LEU U 1347 -125.65 48.96 -87.89
N VAL U 1348 -126.58 49.09 -86.95
CA VAL U 1348 -126.62 48.26 -85.75
C VAL U 1348 -127.62 47.13 -85.98
N ILE U 1349 -127.24 45.91 -85.59
CA ILE U 1349 -128.07 44.74 -85.85
C ILE U 1349 -128.67 44.19 -84.56
N ASP U 1350 -129.52 43.17 -84.69
CA ASP U 1350 -130.35 42.64 -83.62
C ASP U 1350 -130.13 41.14 -83.47
N VAL U 1351 -128.86 40.76 -83.29
CA VAL U 1351 -128.30 39.41 -83.37
C VAL U 1351 -129.16 38.31 -82.74
N ASP U 1352 -129.82 38.63 -81.63
CA ASP U 1352 -130.72 37.68 -80.98
C ASP U 1352 -132.16 38.12 -81.18
N PRO U 1353 -132.88 37.58 -82.17
CA PRO U 1353 -134.26 38.03 -82.41
C PRO U 1353 -135.30 37.29 -81.57
N ALA U 1354 -134.99 36.06 -81.17
CA ALA U 1354 -135.96 35.18 -80.52
C ALA U 1354 -136.06 35.40 -79.02
N GLY U 1355 -135.31 36.34 -78.45
CA GLY U 1355 -135.31 36.50 -77.01
C GLY U 1355 -134.60 35.39 -76.26
N LYS U 1356 -133.62 34.74 -76.90
CA LYS U 1356 -132.88 33.67 -76.23
C LYS U 1356 -132.07 34.20 -75.05
N SER U 1357 -131.45 35.37 -75.20
CA SER U 1357 -130.61 35.95 -74.18
C SER U 1357 -131.39 36.96 -73.36
N SER U 1358 -131.09 37.03 -72.06
CA SER U 1358 -131.77 37.96 -71.18
C SER U 1358 -131.32 39.40 -71.38
N LYS U 1359 -130.15 39.60 -71.99
CA LYS U 1359 -129.64 40.93 -72.26
C LYS U 1359 -130.19 41.44 -73.59
N GLN U 1360 -129.66 42.57 -74.06
CA GLN U 1360 -129.93 43.05 -75.41
C GLN U 1360 -128.67 42.89 -76.24
N GLU U 1361 -128.81 42.23 -77.39
CA GLU U 1361 -127.68 41.90 -78.24
C GLU U 1361 -127.64 42.86 -79.42
N SER U 1362 -126.46 43.44 -79.66
CA SER U 1362 -126.32 44.45 -80.71
C SER U 1362 -124.87 44.51 -81.15
N CYS U 1363 -124.60 44.08 -82.39
CA CYS U 1363 -123.31 44.25 -83.02
C CYS U 1363 -123.37 45.41 -84.01
N THR U 1364 -122.27 45.62 -84.72
CA THR U 1364 -122.21 46.63 -85.78
C THR U 1364 -121.62 45.99 -87.03
N VAL U 1365 -122.28 46.18 -88.17
CA VAL U 1365 -121.85 45.61 -89.43
C VAL U 1365 -121.40 46.72 -90.36
N HIS U 1366 -120.49 46.39 -91.26
CA HIS U 1366 -120.07 47.28 -92.34
C HIS U 1366 -119.98 46.45 -93.61
N TYR U 1367 -120.67 46.89 -94.66
CA TYR U 1367 -120.64 46.20 -95.93
C TYR U 1367 -120.26 47.17 -97.04
N ASP U 1368 -119.40 46.72 -97.94
CA ASP U 1368 -118.88 47.56 -99.00
C ASP U 1368 -119.95 47.88 -100.04
N ARG U 1369 -119.76 48.98 -100.73
CA ARG U 1369 -120.65 49.43 -101.79
C ARG U 1369 -120.12 49.08 -103.18
N VAL U 1370 -118.99 48.36 -103.25
CA VAL U 1370 -118.42 47.93 -104.52
C VAL U 1370 -118.11 46.44 -104.42
N HIS U 1371 -118.05 45.80 -105.59
CA HIS U 1371 -117.81 44.36 -105.67
C HIS U 1371 -117.34 44.02 -107.07
N ASN U 1372 -116.37 43.10 -107.15
CA ASN U 1372 -115.92 42.53 -108.41
C ASN U 1372 -115.88 41.00 -108.30
N PRO U 1373 -116.03 40.28 -109.41
CA PRO U 1373 -115.76 38.84 -109.39
C PRO U 1373 -114.32 38.49 -109.05
N ASP U 1374 -113.38 39.38 -109.34
CA ASP U 1374 -111.96 39.16 -109.05
C ASP U 1374 -111.52 39.81 -107.75
N HIS U 1375 -112.42 40.44 -107.00
CA HIS U 1375 -112.09 41.10 -105.75
C HIS U 1375 -112.98 40.58 -104.65
N CYS U 1376 -112.37 40.24 -103.51
CA CYS U 1376 -113.13 39.65 -102.40
C CYS U 1376 -114.04 40.69 -101.76
N PHE U 1377 -115.13 40.20 -101.17
CA PHE U 1377 -116.12 41.05 -100.53
C PHE U 1377 -115.91 41.05 -99.01
N HIS U 1378 -116.01 42.24 -98.41
CA HIS U 1378 -115.68 42.42 -97.00
C HIS U 1378 -116.95 42.67 -96.19
N ILE U 1379 -117.19 41.83 -95.19
CA ILE U 1379 -118.21 42.03 -94.18
C ILE U 1379 -117.52 42.02 -92.82
N ARG U 1380 -117.77 43.05 -92.02
CA ARG U 1380 -117.09 43.22 -90.75
C ARG U 1380 -118.10 43.23 -89.61
N LEU U 1381 -117.62 42.89 -88.41
CA LEU U 1381 -118.47 42.76 -87.23
C LEU U 1381 -117.73 43.32 -86.02
N GLU U 1382 -118.21 44.43 -85.48
CA GLU U 1382 -117.62 45.08 -84.32
C GLU U 1382 -118.60 44.97 -83.17
N TRP U 1383 -118.13 44.42 -82.05
CA TRP U 1383 -118.97 44.25 -80.87
C TRP U 1383 -118.12 44.44 -79.62
N LEU U 1384 -118.79 44.71 -78.51
CA LEU U 1384 -118.11 45.03 -77.27
C LEU U 1384 -118.55 44.16 -76.11
N THR U 1385 -119.84 43.80 -76.05
CA THR U 1385 -120.34 43.04 -74.91
C THR U 1385 -121.33 41.95 -75.32
N THR U 1386 -121.34 41.54 -76.59
CA THR U 1386 -122.31 40.56 -77.03
C THR U 1386 -121.85 39.15 -76.69
N THR U 1387 -122.81 38.23 -76.68
CA THR U 1387 -122.52 36.82 -76.44
C THR U 1387 -121.85 36.21 -77.66
N PRO U 1388 -120.69 35.56 -77.52
CA PRO U 1388 -120.02 34.99 -78.69
C PRO U 1388 -120.52 33.60 -79.06
N LYS U 1389 -121.82 33.39 -78.99
CA LYS U 1389 -122.47 32.22 -79.59
C LYS U 1389 -123.63 32.60 -80.48
N LEU U 1390 -124.39 33.65 -80.13
CA LEU U 1390 -125.46 34.12 -81.00
C LEU U 1390 -124.89 34.72 -82.28
N ILE U 1391 -123.76 35.41 -82.17
CA ILE U 1391 -123.08 35.91 -83.36
C ILE U 1391 -122.54 34.75 -84.19
N ASP U 1392 -122.17 33.63 -83.55
CA ASP U 1392 -121.70 32.47 -84.28
C ASP U 1392 -122.81 31.84 -85.13
N ASP U 1393 -124.01 31.69 -84.57
CA ASP U 1393 -125.10 31.15 -85.38
C ASP U 1393 -125.63 32.17 -86.38
N LEU U 1394 -125.49 33.48 -86.11
CA LEU U 1394 -125.78 34.48 -87.14
C LEU U 1394 -124.82 34.34 -88.33
N VAL U 1395 -123.53 34.15 -88.05
CA VAL U 1395 -122.55 33.91 -89.10
C VAL U 1395 -122.86 32.61 -89.84
N GLY U 1396 -123.31 31.59 -89.10
CA GLY U 1396 -123.70 30.34 -89.73
C GLY U 1396 -124.90 30.48 -90.64
N ASN U 1397 -125.89 31.28 -90.21
CA ASN U 1397 -127.05 31.58 -91.06
C ASN U 1397 -126.63 32.33 -92.32
N TRP U 1398 -125.73 33.31 -92.18
CA TRP U 1398 -125.21 34.03 -93.35
C TRP U 1398 -124.47 33.08 -94.28
N SER U 1399 -123.68 32.16 -93.73
CA SER U 1399 -122.93 31.21 -94.53
C SER U 1399 -123.86 30.25 -95.27
N ARG U 1400 -124.92 29.79 -94.60
CA ARG U 1400 -125.91 28.93 -95.26
C ARG U 1400 -126.64 29.67 -96.37
N LEU U 1401 -127.04 30.93 -96.11
CA LEU U 1401 -127.70 31.73 -97.13
C LEU U 1401 -126.79 31.97 -98.33
N CYS U 1402 -125.48 32.11 -98.07
CA CYS U 1402 -124.51 32.14 -99.16
C CYS U 1402 -124.50 30.82 -99.92
N GLU U 1403 -124.36 29.70 -99.20
CA GLU U 1403 -124.15 28.40 -99.81
C GLU U 1403 -125.38 27.87 -100.55
N ARG U 1404 -126.57 28.43 -100.31
CA ARG U 1404 -127.70 28.12 -101.19
C ARG U 1404 -127.42 28.58 -102.62
N TYR U 1405 -126.87 29.79 -102.77
CA TYR U 1405 -126.29 30.27 -104.00
C TYR U 1405 -124.83 29.82 -104.06
N GLY U 1406 -124.01 30.45 -104.90
CA GLY U 1406 -122.59 30.12 -104.94
C GLY U 1406 -121.82 30.67 -103.75
N LEU U 1407 -120.61 31.21 -104.00
CA LEU U 1407 -119.76 31.85 -103.00
C LEU U 1407 -119.34 30.93 -101.84
N LYS U 1408 -118.55 31.48 -100.92
CA LYS U 1408 -118.17 30.78 -99.69
C LYS U 1408 -117.68 31.83 -98.70
N MET U 1409 -118.44 32.03 -97.63
CA MET U 1409 -118.05 33.01 -96.62
C MET U 1409 -116.90 32.48 -95.78
N ILE U 1410 -115.86 33.29 -95.64
CA ILE U 1410 -114.67 32.89 -94.88
C ILE U 1410 -114.30 34.04 -93.96
N GLU U 1411 -113.52 33.72 -92.93
CA GLU U 1411 -113.04 34.70 -91.96
C GLU U 1411 -111.52 34.76 -91.99
N ILE U 1412 -110.98 35.97 -91.92
CA ILE U 1412 -109.54 36.19 -91.86
C ILE U 1412 -109.26 37.14 -90.69
N PRO U 1413 -108.03 37.12 -90.16
CA PRO U 1413 -107.69 38.07 -89.08
C PRO U 1413 -107.83 39.52 -89.50
N TRP U 1414 -108.30 40.34 -88.56
CA TRP U 1414 -108.55 41.76 -88.83
C TRP U 1414 -107.24 42.49 -89.11
N GLU U 1415 -106.17 42.16 -88.37
CA GLU U 1415 -104.89 42.81 -88.56
C GLU U 1415 -104.22 42.31 -89.82
N GLU U 1416 -103.14 42.99 -90.22
CA GLU U 1416 -102.42 42.63 -91.42
C GLU U 1416 -101.70 41.30 -91.24
N LEU U 1417 -101.42 40.64 -92.37
CA LEU U 1417 -100.70 39.38 -92.33
C LEU U 1417 -99.26 39.57 -91.85
N CYS U 1418 -98.66 40.73 -92.13
CA CYS U 1418 -97.27 40.98 -91.76
C CYS U 1418 -97.09 41.19 -90.26
N THR U 1419 -98.18 41.32 -89.50
CA THR U 1419 -98.09 41.62 -88.07
C THR U 1419 -98.34 40.42 -87.17
N ILE U 1420 -98.73 39.28 -87.76
CA ILE U 1420 -99.08 38.07 -86.94
C ILE U 1420 -97.87 37.60 -86.10
N PRO U 1421 -96.59 37.64 -86.57
CA PRO U 1421 -95.47 37.25 -85.71
C PRO U 1421 -95.42 38.19 -84.50
N SER U 1422 -95.74 39.46 -84.71
CA SER U 1422 -95.71 40.44 -83.62
C SER U 1422 -96.94 40.37 -82.73
N VAL U 1423 -97.81 39.39 -82.94
CA VAL U 1423 -98.97 39.18 -82.08
C VAL U 1423 -98.97 37.73 -81.60
N ASN U 1424 -98.87 36.80 -82.55
CA ASN U 1424 -98.98 35.37 -82.27
C ASN U 1424 -97.69 34.70 -82.73
N PRO U 1425 -96.69 34.59 -81.85
CA PRO U 1425 -95.41 33.99 -82.27
C PRO U 1425 -95.49 32.52 -82.66
N PHE U 1426 -96.53 31.80 -82.23
CA PHE U 1426 -96.70 30.40 -82.59
C PHE U 1426 -97.28 30.23 -83.99
N HIS U 1427 -97.76 31.31 -84.60
CA HIS U 1427 -98.41 31.22 -85.91
C HIS U 1427 -97.39 30.90 -87.00
N SER U 1428 -97.78 30.03 -87.93
CA SER U 1428 -96.95 29.72 -89.07
C SER U 1428 -96.91 30.93 -90.01
N PHE U 1429 -95.71 31.31 -90.43
CA PHE U 1429 -95.53 32.51 -91.24
C PHE U 1429 -94.19 32.38 -91.94
N VAL U 1430 -94.20 32.32 -93.27
CA VAL U 1430 -93.00 32.17 -94.07
C VAL U 1430 -92.95 33.27 -95.11
N GLU U 1431 -91.78 33.90 -95.26
CA GLU U 1431 -91.57 34.86 -96.33
C GLU U 1431 -90.96 34.15 -97.54
N ILE U 1432 -91.44 34.52 -98.72
CA ILE U 1432 -91.07 33.84 -99.97
C ILE U 1432 -90.32 34.83 -100.84
N LYS U 1433 -89.05 34.54 -101.10
CA LYS U 1433 -88.29 35.23 -102.14
C LYS U 1433 -88.30 34.33 -103.37
N LEU U 1434 -89.08 34.73 -104.37
CA LEU U 1434 -89.33 33.89 -105.54
C LEU U 1434 -88.06 33.73 -106.37
N ALA U 1435 -88.01 32.61 -107.12
CA ALA U 1435 -86.78 32.18 -107.76
C ALA U 1435 -86.34 33.13 -108.87
N ILE U 1436 -87.27 33.58 -109.70
CA ILE U 1436 -86.96 34.46 -110.83
C ILE U 1436 -87.48 35.86 -110.51
N ASN U 1437 -86.58 36.83 -110.51
CA ASN U 1437 -86.95 38.23 -110.31
C ASN U 1437 -87.32 38.80 -111.68
N PRO U 1438 -88.58 39.18 -111.91
CA PRO U 1438 -88.97 39.66 -113.24
C PRO U 1438 -88.50 41.07 -113.56
N TRP U 1439 -87.97 41.81 -112.59
CA TRP U 1439 -87.49 43.17 -112.87
C TRP U 1439 -86.10 43.21 -113.48
N GLU U 1440 -85.35 42.11 -113.45
CA GLU U 1440 -84.00 42.11 -113.99
C GLU U 1440 -83.65 40.88 -114.82
N ASP U 1441 -84.57 39.94 -115.01
CA ASP U 1441 -84.27 38.75 -115.80
C ASP U 1441 -84.22 39.12 -117.27
N PRO U 1442 -83.19 38.67 -118.01
CA PRO U 1442 -83.14 38.97 -119.45
C PRO U 1442 -84.29 38.38 -120.25
N GLU U 1443 -84.80 37.21 -119.84
CA GLU U 1443 -85.92 36.60 -120.55
C GLU U 1443 -87.22 37.38 -120.32
N PHE U 1444 -87.33 38.12 -119.22
CA PHE U 1444 -88.58 38.79 -118.84
C PHE U 1444 -88.22 40.20 -118.39
N LYS U 1445 -88.28 41.16 -119.33
CA LYS U 1445 -87.95 42.54 -119.01
C LYS U 1445 -88.50 43.45 -120.09
N ASP U 1446 -89.19 44.52 -119.68
CA ASP U 1446 -89.68 45.55 -120.57
C ASP U 1446 -90.01 46.77 -119.73
N ARG U 1447 -89.55 47.94 -120.17
CA ARG U 1447 -89.85 49.18 -119.44
C ARG U 1447 -91.30 49.60 -119.63
N GLU U 1448 -91.88 49.34 -120.81
CA GLU U 1448 -93.27 49.69 -121.05
C GLU U 1448 -94.22 48.86 -120.19
N LEU U 1449 -93.91 47.57 -120.02
CA LEU U 1449 -94.72 46.69 -119.18
C LEU U 1449 -94.70 47.15 -117.72
N PHE U 1450 -93.52 47.54 -117.21
CA PHE U 1450 -93.43 48.02 -115.84
C PHE U 1450 -94.03 49.40 -115.69
N ALA U 1451 -94.05 50.20 -116.76
CA ALA U 1451 -94.81 51.44 -116.74
C ALA U 1451 -96.31 51.18 -116.66
N LYS U 1452 -96.79 50.15 -117.35
CA LYS U 1452 -98.20 49.80 -117.28
C LYS U 1452 -98.52 49.05 -116.00
N SER U 1453 -97.84 47.93 -115.76
CA SER U 1453 -98.07 47.08 -114.58
C SER U 1453 -96.72 46.60 -114.07
N LYS U 1454 -96.24 47.23 -113.00
CA LYS U 1454 -94.94 46.87 -112.41
C LYS U 1454 -94.97 45.45 -111.84
N PHE U 1455 -96.05 45.10 -111.13
CA PHE U 1455 -96.20 43.78 -110.51
C PHE U 1455 -97.05 42.84 -111.35
N TYR U 1456 -96.96 42.94 -112.69
CA TYR U 1456 -97.79 42.12 -113.58
C TYR U 1456 -97.50 40.63 -113.42
N TYR U 1457 -96.23 40.27 -113.32
CA TYR U 1457 -95.86 38.86 -113.24
C TYR U 1457 -96.27 38.26 -111.90
N HIS U 1458 -96.12 39.03 -110.82
CA HIS U 1458 -96.51 38.53 -109.49
C HIS U 1458 -98.02 38.38 -109.38
N VAL U 1459 -98.77 39.35 -109.91
CA VAL U 1459 -100.23 39.25 -109.90
C VAL U 1459 -100.70 38.09 -110.75
N TYR U 1460 -100.07 37.85 -111.91
CA TYR U 1460 -100.43 36.69 -112.71
C TYR U 1460 -100.06 35.38 -112.03
N LEU U 1461 -98.94 35.36 -111.29
CA LEU U 1461 -98.56 34.18 -110.51
C LEU U 1461 -99.60 33.89 -109.43
N LEU U 1462 -100.06 34.92 -108.73
CA LEU U 1462 -101.07 34.74 -107.70
C LEU U 1462 -102.42 34.34 -108.29
N LYS U 1463 -102.73 34.83 -109.51
CA LYS U 1463 -103.97 34.44 -110.18
C LYS U 1463 -103.93 33.00 -110.65
N ALA U 1464 -102.79 32.55 -111.19
CA ALA U 1464 -102.68 31.18 -111.65
C ALA U 1464 -102.58 30.18 -110.50
N SER U 1465 -102.19 30.63 -109.32
CA SER U 1465 -102.15 29.77 -108.15
C SER U 1465 -103.46 29.79 -107.35
N GLY U 1466 -104.46 30.53 -107.81
CA GLY U 1466 -105.75 30.53 -107.17
C GLY U 1466 -105.81 31.41 -105.93
N PHE U 1467 -105.62 32.71 -106.12
CA PHE U 1467 -105.74 33.68 -105.04
C PHE U 1467 -106.61 34.84 -105.49
N LEU U 1468 -107.28 35.47 -104.52
CA LEU U 1468 -108.13 36.63 -104.76
C LEU U 1468 -107.56 37.83 -104.01
N LEU U 1469 -107.65 39.00 -104.62
CA LEU U 1469 -107.10 40.21 -104.00
C LEU U 1469 -107.96 40.62 -102.81
N ASP U 1470 -107.31 40.86 -101.67
CA ASP U 1470 -107.99 41.33 -100.47
C ASP U 1470 -108.05 42.84 -100.42
N ASN U 1471 -106.88 43.49 -100.49
CA ASN U 1471 -106.81 44.95 -100.45
C ASN U 1471 -107.19 45.48 -101.83
N ARG U 1472 -108.49 45.73 -102.01
CA ARG U 1472 -108.98 46.30 -103.26
C ARG U 1472 -108.70 47.79 -103.38
N ALA U 1473 -108.37 48.46 -102.27
CA ALA U 1473 -108.22 49.90 -102.22
C ALA U 1473 -106.79 50.29 -101.86
N SER U 1474 -105.82 49.55 -102.39
CA SER U 1474 -104.42 49.80 -102.09
C SER U 1474 -103.78 50.61 -103.20
N LYS U 1475 -102.47 50.87 -103.04
CA LYS U 1475 -101.73 51.75 -103.94
C LYS U 1475 -100.50 51.07 -104.52
N PHE U 1476 -100.52 49.73 -104.59
CA PHE U 1476 -99.38 48.99 -105.13
C PHE U 1476 -99.66 48.31 -106.45
N LEU U 1477 -100.88 48.35 -106.95
CA LEU U 1477 -101.22 47.71 -108.22
C LEU U 1477 -101.73 48.70 -109.26
N GLN U 1478 -102.57 49.65 -108.87
CA GLN U 1478 -103.13 50.63 -109.79
C GLN U 1478 -102.19 51.82 -109.92
N ASN U 1479 -102.30 52.51 -111.05
CA ASN U 1479 -101.49 53.71 -111.32
C ASN U 1479 -102.41 54.77 -111.92
N GLN U 1480 -103.06 55.54 -111.05
CA GLN U 1480 -103.92 56.65 -111.44
C GLN U 1480 -103.94 57.66 -110.30
N ASP U 1481 -104.82 58.66 -110.42
CA ASP U 1481 -104.99 59.70 -109.42
C ASP U 1481 -106.27 59.42 -108.61
N ILE U 1482 -106.62 60.37 -107.74
CA ILE U 1482 -107.76 60.20 -106.84
C ILE U 1482 -108.26 61.58 -106.44
N GLU U 1483 -109.52 61.64 -106.02
CA GLU U 1483 -110.12 62.87 -105.47
C GLU U 1483 -110.07 62.77 -103.95
N PHE U 1484 -108.88 63.06 -103.40
CA PHE U 1484 -108.50 62.91 -101.99
C PHE U 1484 -108.59 61.46 -101.51
N ASP U 1485 -108.21 61.24 -100.26
CA ASP U 1485 -108.07 59.88 -99.74
C ASP U 1485 -109.43 59.22 -99.56
N ILE U 1486 -109.44 57.89 -99.67
CA ILE U 1486 -110.64 57.08 -99.45
C ILE U 1486 -110.58 56.48 -98.06
N MET U 1487 -111.68 56.57 -97.32
CA MET U 1487 -111.75 56.11 -95.94
C MET U 1487 -112.94 55.17 -95.78
N TYR U 1488 -112.69 54.02 -95.16
CA TYR U 1488 -113.76 53.06 -94.90
C TYR U 1488 -114.67 53.56 -93.78
N SER U 1489 -115.79 52.86 -93.61
CA SER U 1489 -116.75 53.23 -92.58
C SER U 1489 -116.27 52.90 -91.17
N TRP U 1490 -115.29 51.99 -91.04
CA TRP U 1490 -114.76 51.62 -89.74
C TRP U 1490 -113.50 52.38 -89.38
N GLY U 1491 -112.68 52.75 -90.35
CA GLY U 1491 -111.48 53.52 -90.08
C GLY U 1491 -110.63 53.64 -91.32
N LYS U 1492 -109.49 54.30 -91.12
CA LYS U 1492 -108.53 54.48 -92.21
C LYS U 1492 -107.82 53.15 -92.50
N PRO U 1493 -107.67 52.77 -93.77
CA PRO U 1493 -106.97 51.50 -94.08
C PRO U 1493 -105.48 51.60 -93.83
N GLN U 1494 -105.01 50.98 -92.75
CA GLN U 1494 -103.60 50.98 -92.40
C GLN U 1494 -102.94 49.67 -92.83
N PHE U 1495 -102.83 49.50 -94.15
CA PHE U 1495 -102.26 48.29 -94.74
C PHE U 1495 -100.95 48.66 -95.40
N LYS U 1496 -99.86 48.00 -94.98
CA LYS U 1496 -98.55 48.30 -95.54
C LYS U 1496 -98.38 47.72 -96.94
N TYR U 1497 -98.90 46.52 -97.17
CA TYR U 1497 -98.75 45.82 -98.44
C TYR U 1497 -100.11 45.30 -98.91
N VAL U 1498 -100.17 44.93 -100.19
CA VAL U 1498 -101.37 44.32 -100.73
C VAL U 1498 -101.52 42.90 -100.17
N GLN U 1499 -102.76 42.54 -99.80
CA GLN U 1499 -103.05 41.24 -99.24
C GLN U 1499 -103.85 40.41 -100.23
N TYR U 1500 -103.60 39.10 -100.23
CA TYR U 1500 -104.27 38.18 -101.13
C TYR U 1500 -104.83 37.01 -100.33
N ILE U 1501 -106.01 36.55 -100.73
CA ILE U 1501 -106.72 35.47 -100.05
C ILE U 1501 -106.88 34.32 -101.02
N HIS U 1502 -106.53 33.12 -100.59
CA HIS U 1502 -106.79 31.91 -101.37
C HIS U 1502 -108.29 31.72 -101.51
N HIS U 1503 -108.72 31.27 -102.70
CA HIS U 1503 -110.13 31.03 -102.97
C HIS U 1503 -110.70 29.90 -102.12
N THR U 1504 -109.85 28.96 -101.69
CA THR U 1504 -110.29 27.93 -100.75
C THR U 1504 -110.68 28.54 -99.40
N GLY U 1505 -109.94 29.55 -98.97
CA GLY U 1505 -110.13 30.12 -97.65
C GLY U 1505 -109.19 29.62 -96.57
N ALA U 1506 -108.14 28.90 -96.95
CA ALA U 1506 -107.25 28.29 -95.98
C ALA U 1506 -105.96 29.05 -95.75
N TYR U 1507 -105.44 29.75 -96.76
CA TYR U 1507 -104.17 30.44 -96.67
C TYR U 1507 -104.33 31.90 -97.07
N VAL U 1508 -103.44 32.74 -96.56
CA VAL U 1508 -103.43 34.17 -96.84
C VAL U 1508 -102.05 34.53 -97.39
N ALA U 1509 -102.03 35.24 -98.52
CA ALA U 1509 -100.81 35.70 -99.14
C ALA U 1509 -100.69 37.22 -99.07
N GLU U 1510 -99.45 37.71 -99.11
CA GLU U 1510 -99.18 39.15 -99.05
C GLU U 1510 -97.95 39.45 -99.89
N LEU U 1511 -98.08 40.43 -100.78
CA LEU U 1511 -97.03 40.79 -101.73
C LEU U 1511 -96.33 42.06 -101.28
N ARG U 1512 -95.00 41.99 -101.15
CA ARG U 1512 -94.23 43.12 -100.66
C ARG U 1512 -93.82 44.04 -101.80
N GLU U 1513 -93.12 45.13 -101.44
CA GLU U 1513 -92.67 46.09 -102.44
C GLU U 1513 -91.51 45.56 -103.27
N ASN U 1514 -90.61 44.79 -102.66
CA ASN U 1514 -89.42 44.30 -103.32
C ASN U 1514 -89.61 42.92 -103.97
N GLY U 1515 -90.86 42.54 -104.26
CA GLY U 1515 -91.13 41.29 -104.94
C GLY U 1515 -91.23 40.08 -104.02
N CYS U 1516 -90.96 40.24 -102.73
CA CYS U 1516 -91.08 39.14 -101.79
C CYS U 1516 -92.55 38.86 -101.49
N LEU U 1517 -92.86 37.61 -101.20
CA LEU U 1517 -94.22 37.19 -100.92
C LEU U 1517 -94.31 36.67 -99.49
N PHE U 1518 -95.39 37.00 -98.81
CA PHE U 1518 -95.69 36.42 -97.51
C PHE U 1518 -96.71 35.31 -97.69
N LEU U 1519 -96.66 34.34 -96.79
CA LEU U 1519 -97.48 33.14 -96.94
C LEU U 1519 -97.75 32.54 -95.56
N ALA U 1520 -99.02 32.34 -95.24
CA ALA U 1520 -99.42 31.86 -93.93
C ALA U 1520 -100.82 31.29 -94.01
N PRO U 1521 -101.16 30.30 -93.19
CA PRO U 1521 -102.50 29.71 -93.24
C PRO U 1521 -103.50 30.47 -92.36
N ASN U 1522 -104.77 30.26 -92.69
CA ASN U 1522 -105.88 30.84 -91.92
C ASN U 1522 -106.28 29.85 -90.85
N ASN U 1523 -105.87 30.13 -89.60
CA ASN U 1523 -106.07 29.17 -88.52
C ASN U 1523 -107.52 29.12 -88.06
N ILE U 1524 -108.28 30.19 -88.25
CA ILE U 1524 -109.66 30.25 -87.78
C ILE U 1524 -110.56 29.32 -88.61
N TYR U 1525 -110.35 29.28 -89.93
CA TYR U 1525 -111.11 28.37 -90.77
C TYR U 1525 -110.76 26.92 -90.49
N ILE U 1526 -109.47 26.64 -90.25
CA ILE U 1526 -109.04 25.27 -89.95
C ILE U 1526 -109.61 24.81 -88.61
N SER U 1527 -109.60 25.70 -87.60
CA SER U 1527 -110.16 25.35 -86.31
C SER U 1527 -111.68 25.20 -86.38
N ARG U 1528 -112.35 26.06 -87.15
CA ARG U 1528 -113.80 25.96 -87.28
C ARG U 1528 -114.20 24.73 -88.08
N VAL U 1529 -113.45 24.39 -89.12
CA VAL U 1529 -113.75 23.24 -89.95
C VAL U 1529 -112.62 22.22 -89.84
N ALA U 1548 -104.74 19.10 -95.74
CA ALA U 1548 -105.00 20.52 -95.94
C ALA U 1548 -103.73 21.34 -95.81
N GLN U 1549 -102.59 20.64 -95.75
CA GLN U 1549 -101.29 21.28 -95.64
C GLN U 1549 -100.43 21.11 -96.89
N LYS U 1550 -100.82 20.24 -97.81
CA LYS U 1550 -100.04 20.03 -99.04
C LYS U 1550 -100.22 21.14 -100.06
N VAL U 1551 -101.33 21.88 -100.01
CA VAL U 1551 -101.58 22.94 -100.99
C VAL U 1551 -100.63 24.11 -100.78
N ILE U 1552 -100.44 24.53 -99.52
CA ILE U 1552 -99.53 25.65 -99.25
C ILE U 1552 -98.09 25.26 -99.54
N LEU U 1553 -97.72 23.99 -99.27
CA LEU U 1553 -96.39 23.52 -99.61
C LEU U 1553 -96.19 23.43 -101.12
N ASN U 1554 -97.24 23.06 -101.85
CA ASN U 1554 -97.18 23.05 -103.31
C ASN U 1554 -97.02 24.46 -103.86
N PHE U 1555 -97.73 25.43 -103.28
CA PHE U 1555 -97.56 26.83 -103.70
C PHE U 1555 -96.15 27.34 -103.39
N LYS U 1556 -95.60 26.93 -102.25
CA LYS U 1556 -94.23 27.28 -101.91
C LYS U 1556 -93.24 26.63 -102.88
N SER U 1557 -93.55 25.41 -103.33
CA SER U 1557 -92.68 24.73 -104.28
C SER U 1557 -92.73 25.44 -105.64
N THR U 1558 -93.92 25.86 -106.05
CA THR U 1558 -94.04 26.56 -107.34
C THR U 1558 -93.35 27.91 -107.28
N CYS U 1559 -93.35 28.56 -106.12
CA CYS U 1559 -92.64 29.81 -105.98
C CYS U 1559 -91.14 29.63 -105.77
N LEU U 1560 -90.69 28.42 -105.45
CA LEU U 1560 -89.26 28.17 -105.27
C LEU U 1560 -88.61 27.36 -106.39
N ASP U 1561 -89.38 26.57 -107.12
CA ASP U 1561 -88.85 25.84 -108.27
C ASP U 1561 -88.68 26.77 -109.46
N TYR U 1562 -87.51 26.70 -110.10
CA TYR U 1562 -87.23 27.57 -111.23
C TYR U 1562 -88.08 27.21 -112.44
N GLN U 1563 -88.31 25.91 -112.66
CA GLN U 1563 -88.97 25.46 -113.89
C GLN U 1563 -90.45 25.82 -113.90
N LYS U 1564 -91.14 25.58 -112.79
CA LYS U 1564 -92.58 25.87 -112.74
C LYS U 1564 -92.86 27.37 -112.74
N LEU U 1565 -92.06 28.14 -111.99
CA LEU U 1565 -92.18 29.59 -112.01
C LEU U 1565 -91.84 30.15 -113.37
N ARG U 1566 -90.84 29.56 -114.05
CA ARG U 1566 -90.50 29.96 -115.40
C ARG U 1566 -91.64 29.67 -116.37
N SER U 1567 -92.32 28.54 -116.19
CA SER U 1567 -93.47 28.20 -117.04
C SER U 1567 -94.61 29.19 -116.84
N ILE U 1568 -94.90 29.55 -115.58
CA ILE U 1568 -95.98 30.51 -115.30
C ILE U 1568 -95.61 31.89 -115.85
N PHE U 1569 -94.36 32.30 -115.69
CA PHE U 1569 -93.94 33.59 -116.22
C PHE U 1569 -93.93 33.61 -117.75
N LEU U 1570 -93.59 32.47 -118.37
CA LEU U 1570 -93.67 32.36 -119.83
C LEU U 1570 -95.11 32.44 -120.31
N ASP U 1571 -96.05 31.84 -119.56
CA ASP U 1571 -97.47 31.98 -119.88
C ASP U 1571 -97.91 33.44 -119.75
N ALA U 1572 -97.41 34.14 -118.72
CA ALA U 1572 -97.73 35.55 -118.56
C ALA U 1572 -97.19 36.38 -119.73
N LYS U 1573 -95.97 36.10 -120.16
CA LYS U 1573 -95.40 36.85 -121.29
C LYS U 1573 -96.13 36.53 -122.59
N GLU U 1574 -96.54 35.27 -122.77
CA GLU U 1574 -97.30 34.89 -123.97
C GLU U 1574 -98.66 35.57 -124.00
N MET U 1575 -99.33 35.66 -122.84
CA MET U 1575 -100.60 36.39 -122.79
C MET U 1575 -100.39 37.89 -123.00
N TRP U 1576 -99.27 38.44 -122.52
CA TRP U 1576 -98.99 39.86 -122.72
C TRP U 1576 -98.71 40.16 -124.19
N ILE U 1577 -98.01 39.26 -124.88
CA ILE U 1577 -97.68 39.47 -126.29
C ILE U 1577 -98.93 39.39 -127.14
N THR U 1578 -99.75 38.36 -126.93
CA THR U 1578 -100.97 38.17 -127.72
C THR U 1578 -102.17 38.75 -127.00
N LYS V 45 -172.19 22.10 -95.59
CA LYS V 45 -172.07 20.68 -95.30
C LYS V 45 -171.05 20.42 -94.20
N GLU V 46 -170.04 21.29 -94.10
CA GLU V 46 -169.05 21.14 -93.04
C GLU V 46 -169.62 21.44 -91.66
N HIS V 47 -170.66 22.26 -91.57
CA HIS V 47 -171.33 22.46 -90.29
C HIS V 47 -172.08 21.21 -89.85
N GLU V 48 -172.62 20.45 -90.81
CA GLU V 48 -173.20 19.16 -90.50
C GLU V 48 -172.13 18.17 -90.02
N HIS V 49 -170.94 18.24 -90.59
CA HIS V 49 -169.81 17.47 -90.08
C HIS V 49 -169.38 17.93 -88.68
N GLU V 50 -169.47 19.23 -88.41
CA GLU V 50 -169.22 19.74 -87.06
C GLU V 50 -170.22 19.21 -86.04
N GLN V 51 -171.50 19.16 -86.42
CA GLN V 51 -172.50 18.52 -85.56
C GLN V 51 -172.27 17.02 -85.42
N LYS V 52 -171.82 16.37 -86.49
CA LYS V 52 -171.45 14.96 -86.42
C LYS V 52 -170.27 14.73 -85.49
N LEU V 53 -169.27 15.62 -85.54
CA LEU V 53 -168.14 15.54 -84.62
C LEU V 53 -168.55 15.80 -83.17
N LEU V 54 -169.49 16.73 -82.95
CA LEU V 54 -170.02 16.93 -81.60
C LEU V 54 -170.77 15.71 -81.09
N ALA V 55 -171.55 15.06 -81.96
CA ALA V 55 -172.18 13.79 -81.60
C ALA V 55 -171.15 12.68 -81.39
N ARG V 56 -170.07 12.69 -82.17
CA ARG V 56 -168.97 11.75 -81.95
C ARG V 56 -168.31 11.97 -80.60
N GLU V 57 -168.10 13.23 -80.23
CA GLU V 57 -167.46 13.54 -78.94
C GLU V 57 -168.35 13.10 -77.79
N GLN V 58 -169.66 13.34 -77.91
CA GLN V 58 -170.60 12.89 -76.88
C GLN V 58 -170.66 11.37 -76.81
N GLU V 59 -170.67 10.70 -77.95
CA GLU V 59 -170.75 9.24 -77.98
C GLU V 59 -169.47 8.62 -77.43
N LEU V 60 -168.32 9.14 -77.82
CA LEU V 60 -167.04 8.58 -77.37
C LEU V 60 -166.83 8.84 -75.89
N ARG V 61 -167.26 10.00 -75.39
CA ARG V 61 -167.23 10.25 -73.95
C ARG V 61 -168.19 9.33 -73.21
N ASP V 62 -169.34 9.02 -73.79
CA ASP V 62 -170.25 8.04 -73.20
C ASP V 62 -169.64 6.64 -73.22
N ILE V 63 -168.95 6.28 -74.30
CA ILE V 63 -168.28 4.98 -74.40
C ILE V 63 -167.20 4.85 -73.34
N VAL V 64 -166.42 5.92 -73.14
CA VAL V 64 -165.39 5.95 -72.10
C VAL V 64 -166.03 5.82 -70.73
N ALA V 65 -167.14 6.55 -70.49
CA ALA V 65 -167.76 6.51 -69.18
C ALA V 65 -168.38 5.14 -68.92
N ASN V 66 -168.94 4.52 -69.96
CA ASN V 66 -169.56 3.21 -69.83
C ASN V 66 -168.52 2.14 -69.49
N THR V 67 -167.38 2.16 -70.18
CA THR V 67 -166.37 1.16 -69.86
C THR V 67 -165.63 1.51 -68.58
N ASN V 68 -165.68 2.78 -68.15
CA ASN V 68 -165.10 3.19 -66.89
C ASN V 68 -165.96 2.77 -65.70
N ASP V 69 -167.27 2.59 -65.91
CA ASP V 69 -168.19 2.28 -64.81
C ASP V 69 -168.15 0.83 -64.39
N LYS V 70 -167.56 -0.06 -65.18
CA LYS V 70 -167.53 -1.47 -64.87
C LYS V 70 -166.19 -1.91 -64.32
N LEU V 71 -165.31 -0.96 -63.98
CA LEU V 71 -163.99 -1.28 -63.47
C LEU V 71 -164.11 -1.71 -62.02
N ILE V 72 -163.71 -2.95 -61.72
CA ILE V 72 -163.75 -3.49 -60.38
C ILE V 72 -162.31 -3.61 -59.89
N ASP V 73 -162.01 -3.00 -58.75
CA ASP V 73 -160.70 -3.09 -58.12
C ASP V 73 -160.70 -4.26 -57.14
N ILE V 74 -159.49 -4.60 -56.66
CA ILE V 74 -159.38 -5.67 -55.68
C ILE V 74 -160.00 -5.26 -54.34
N SER V 75 -160.04 -3.95 -54.05
CA SER V 75 -160.74 -3.46 -52.87
C SER V 75 -162.24 -3.72 -53.00
N MET V 76 -162.79 -3.57 -54.21
CA MET V 76 -164.18 -3.91 -54.45
C MET V 76 -164.44 -5.40 -54.27
N ILE V 77 -163.47 -6.24 -54.63
CA ILE V 77 -163.64 -7.69 -54.47
C ILE V 77 -163.60 -8.07 -53.00
N ASN V 78 -162.67 -7.49 -52.24
CA ASN V 78 -162.47 -7.89 -50.85
C ASN V 78 -163.63 -7.44 -49.97
N ASN V 79 -164.15 -6.24 -50.19
CA ASN V 79 -165.21 -5.65 -49.38
C ASN V 79 -166.49 -5.47 -50.18
N SER V 80 -166.86 -6.49 -50.96
CA SER V 80 -168.06 -6.38 -51.80
C SER V 80 -169.33 -6.37 -50.97
N GLY V 81 -169.47 -7.31 -50.04
CA GLY V 81 -170.67 -7.46 -49.26
C GLY V 81 -171.83 -8.11 -49.98
N ILE V 82 -171.64 -8.54 -51.24
CA ILE V 82 -172.70 -9.23 -51.96
C ILE V 82 -172.93 -10.62 -51.39
N VAL V 83 -171.85 -11.33 -51.09
CA VAL V 83 -171.93 -12.70 -50.56
C VAL V 83 -172.31 -12.60 -49.09
N ILE V 84 -173.61 -12.75 -48.80
CA ILE V 84 -174.12 -12.69 -47.43
C ILE V 84 -174.76 -14.02 -47.11
N GLN V 85 -174.73 -14.38 -45.82
CA GLN V 85 -175.32 -15.64 -45.37
C GLN V 85 -176.84 -15.52 -45.42
N GLY V 86 -177.47 -16.37 -46.22
CA GLY V 86 -178.91 -16.33 -46.37
C GLY V 86 -179.60 -17.66 -46.14
N THR V 87 -180.60 -17.68 -45.29
CA THR V 87 -181.41 -18.86 -45.03
C THR V 87 -182.74 -18.74 -45.76
N ASP V 88 -183.44 -19.88 -45.88
CA ASP V 88 -184.76 -19.88 -46.51
C ASP V 88 -185.77 -19.06 -45.72
N LEU V 89 -185.76 -19.20 -44.39
CA LEU V 89 -186.67 -18.45 -43.55
C LEU V 89 -186.37 -16.95 -43.60
N GLN V 90 -185.09 -16.58 -43.60
CA GLN V 90 -184.74 -15.17 -43.70
C GLN V 90 -185.07 -14.60 -45.08
N GLU V 91 -184.91 -15.41 -46.12
CA GLU V 91 -185.29 -14.97 -47.47
C GLU V 91 -186.80 -14.75 -47.57
N ALA V 92 -187.59 -15.65 -46.95
CA ALA V 92 -189.03 -15.47 -46.92
C ALA V 92 -189.41 -14.23 -46.10
N LEU V 93 -188.70 -13.98 -45.00
CA LEU V 93 -188.97 -12.79 -44.18
C LEU V 93 -188.65 -11.50 -44.95
N ASP V 94 -187.54 -11.48 -45.70
CA ASP V 94 -187.23 -10.31 -46.52
C ASP V 94 -188.23 -10.14 -47.66
N LYS V 95 -188.70 -11.26 -48.24
CA LYS V 95 -189.73 -11.19 -49.26
C LYS V 95 -191.03 -10.60 -48.71
N ARG V 96 -191.41 -11.00 -47.50
CA ARG V 96 -192.61 -10.44 -46.88
C ARG V 96 -192.40 -8.98 -46.46
N GLN V 97 -191.17 -8.63 -46.07
CA GLN V 97 -190.86 -7.24 -45.76
C GLN V 97 -190.99 -6.34 -46.98
N GLN V 98 -190.47 -6.79 -48.11
CA GLN V 98 -190.58 -6.00 -49.34
C GLN V 98 -192.01 -6.01 -49.88
N GLU V 99 -192.74 -7.10 -49.68
CA GLU V 99 -194.13 -7.17 -50.17
C GLU V 99 -195.03 -6.25 -49.37
N GLU V 100 -194.87 -6.22 -48.05
CA GLU V 100 -195.73 -5.41 -47.19
C GLU V 100 -195.31 -3.95 -47.23
N THR V 138 -198.45 -12.10 -34.38
CA THR V 138 -199.60 -12.80 -33.80
C THR V 138 -199.44 -14.30 -33.92
N ASN V 139 -200.03 -15.04 -32.97
CA ASN V 139 -199.92 -16.50 -32.94
C ASN V 139 -201.07 -17.07 -33.78
N THR V 140 -200.78 -17.39 -35.04
CA THR V 140 -201.80 -17.94 -35.92
C THR V 140 -202.20 -19.35 -35.51
N PHE V 141 -201.21 -20.18 -35.16
CA PHE V 141 -201.44 -21.61 -34.96
C PHE V 141 -202.05 -21.88 -33.60
N THR V 142 -203.08 -22.73 -33.57
CA THR V 142 -203.76 -23.10 -32.34
C THR V 142 -203.49 -24.58 -32.06
N LEU V 143 -202.99 -24.87 -30.87
CA LEU V 143 -202.70 -26.24 -30.48
C LEU V 143 -204.00 -26.94 -30.08
N LEU V 144 -204.22 -28.13 -30.62
CA LEU V 144 -205.44 -28.89 -30.33
C LEU V 144 -205.13 -30.08 -29.41
N SER V 153 -203.10 -39.76 -41.63
CA SER V 153 -202.98 -40.50 -40.37
C SER V 153 -201.52 -40.63 -39.96
N LYS V 154 -201.28 -41.25 -38.80
CA LYS V 154 -199.92 -41.52 -38.35
C LYS V 154 -199.20 -42.49 -39.28
N GLU V 155 -199.91 -43.52 -39.76
CA GLU V 155 -199.32 -44.49 -40.68
C GLU V 155 -198.98 -43.84 -42.02
N GLN V 156 -199.90 -43.04 -42.56
CA GLN V 156 -199.69 -42.41 -43.86
C GLN V 156 -198.54 -41.42 -43.80
N LEU V 157 -198.49 -40.58 -42.75
CA LEU V 157 -197.43 -39.61 -42.61
C LEU V 157 -196.09 -40.28 -42.34
N LYS V 158 -196.09 -41.35 -41.52
CA LYS V 158 -194.87 -42.08 -41.23
C LYS V 158 -194.32 -42.78 -42.47
N LYS V 159 -195.20 -43.25 -43.34
CA LYS V 159 -194.77 -43.83 -44.61
C LYS V 159 -194.23 -42.76 -45.55
N LEU V 160 -194.97 -41.65 -45.69
CA LEU V 160 -194.62 -40.66 -46.71
C LEU V 160 -193.36 -39.88 -46.36
N HIS V 161 -193.16 -39.58 -45.07
CA HIS V 161 -191.95 -38.88 -44.64
C HIS V 161 -190.71 -39.72 -44.92
N SER V 162 -190.76 -41.01 -44.57
CA SER V 162 -189.64 -41.91 -44.81
C SER V 162 -189.41 -42.11 -46.31
N ASN V 163 -190.49 -42.22 -47.09
CA ASN V 163 -190.34 -42.39 -48.53
C ASN V 163 -189.75 -41.15 -49.18
N ILE V 164 -190.14 -39.96 -48.72
CA ILE V 164 -189.59 -38.71 -49.24
C ILE V 164 -188.10 -38.60 -48.90
N LEU V 165 -187.73 -38.95 -47.66
CA LEU V 165 -186.32 -38.95 -47.27
C LEU V 165 -185.51 -39.95 -48.09
N ASN V 166 -186.07 -41.14 -48.32
CA ASN V 166 -185.37 -42.14 -49.13
C ASN V 166 -185.21 -41.68 -50.57
N GLU V 167 -186.25 -41.06 -51.15
CA GLU V 167 -186.16 -40.56 -52.51
C GLU V 167 -185.17 -39.41 -52.63
N ILE V 168 -185.06 -38.58 -51.59
CA ILE V 168 -184.05 -37.52 -51.59
C ILE V 168 -182.65 -38.11 -51.50
N PHE V 169 -182.46 -39.10 -50.62
CA PHE V 169 -181.13 -39.67 -50.43
C PHE V 169 -180.69 -40.56 -51.60
N SER V 170 -181.64 -41.12 -52.34
CA SER V 170 -181.27 -42.03 -53.44
C SER V 170 -180.71 -41.26 -54.63
N GLN V 171 -181.31 -40.12 -54.97
CA GLN V 171 -180.86 -39.33 -56.10
C GLN V 171 -179.60 -38.53 -55.80
N SER V 172 -179.22 -38.40 -54.54
CA SER V 172 -178.00 -37.72 -54.15
C SER V 172 -176.77 -38.63 -54.21
N GLN V 173 -176.96 -39.92 -54.48
CA GLN V 173 -175.86 -40.86 -54.54
C GLN V 173 -175.17 -40.70 -55.90
N VAL V 174 -173.98 -40.11 -55.89
CA VAL V 174 -173.22 -39.84 -57.11
C VAL V 174 -172.07 -40.83 -57.18
N ASN V 175 -172.07 -41.65 -58.22
CA ASN V 175 -171.03 -42.65 -58.44
C ASN V 175 -169.97 -42.09 -59.38
N LYS V 176 -168.71 -42.15 -58.96
CA LYS V 176 -167.62 -41.62 -59.76
C LYS V 176 -167.41 -42.48 -61.00
N PRO V 177 -166.96 -41.89 -62.11
CA PRO V 177 -166.64 -42.69 -63.30
C PRO V 177 -165.28 -43.36 -63.25
N GLY V 178 -164.54 -43.22 -62.15
CA GLY V 178 -163.25 -43.84 -62.00
C GLY V 178 -162.51 -43.29 -60.79
N PRO V 179 -161.23 -43.66 -60.65
CA PRO V 179 -160.43 -43.11 -59.56
C PRO V 179 -160.18 -41.61 -59.75
N LEU V 180 -160.03 -40.91 -58.63
CA LEU V 180 -159.82 -39.47 -58.65
C LEU V 180 -158.33 -39.12 -58.76
N THR V 181 -157.49 -39.73 -57.93
CA THR V 181 -156.05 -39.52 -57.98
C THR V 181 -155.38 -40.78 -58.51
N VAL V 182 -154.50 -40.60 -59.49
CA VAL V 182 -153.75 -41.72 -60.07
C VAL V 182 -152.34 -41.69 -59.50
N PRO V 183 -151.70 -42.85 -59.27
CA PRO V 183 -150.30 -42.85 -58.85
C PRO V 183 -149.37 -42.76 -60.05
N PHE V 184 -148.08 -42.86 -59.77
CA PHE V 184 -147.07 -42.90 -60.82
C PHE V 184 -147.04 -44.26 -61.52
N ILE W 9 -204.83 -33.75 -48.53
CA ILE W 9 -203.52 -33.11 -48.41
C ILE W 9 -203.40 -31.97 -49.41
N LYS W 10 -203.05 -30.79 -48.91
CA LYS W 10 -202.91 -29.60 -49.75
C LYS W 10 -201.47 -29.28 -50.12
N GLY W 11 -200.51 -29.68 -49.30
CA GLY W 11 -199.11 -29.41 -49.59
C GLY W 11 -198.23 -29.92 -48.48
N THR W 12 -196.92 -29.92 -48.76
CA THR W 12 -195.93 -30.42 -47.83
C THR W 12 -194.80 -29.40 -47.68
N ILE W 13 -194.23 -29.35 -46.48
CA ILE W 13 -193.06 -28.53 -46.18
C ILE W 13 -192.07 -29.38 -45.39
N ALA W 14 -190.85 -29.48 -45.88
CA ALA W 14 -189.79 -30.25 -45.22
C ALA W 14 -188.72 -29.29 -44.73
N PHE W 15 -188.46 -29.32 -43.42
CA PHE W 15 -187.43 -28.46 -42.84
C PHE W 15 -186.82 -29.16 -41.64
N ASP W 16 -185.54 -28.87 -41.40
CA ASP W 16 -184.80 -29.47 -40.28
C ASP W 16 -184.94 -28.57 -39.06
N THR W 17 -184.11 -28.83 -38.04
CA THR W 17 -184.14 -28.02 -36.81
C THR W 17 -183.74 -26.57 -37.08
N HIS W 18 -182.94 -26.33 -38.11
CA HIS W 18 -182.61 -24.97 -38.52
C HIS W 18 -183.77 -24.29 -39.24
N GLY W 19 -184.77 -25.05 -39.69
CA GLY W 19 -185.92 -24.49 -40.34
C GLY W 19 -185.78 -24.23 -41.83
N ASN W 20 -184.63 -24.54 -42.42
CA ASN W 20 -184.43 -24.28 -43.84
C ASN W 20 -185.23 -25.27 -44.68
N VAL W 21 -185.82 -24.77 -45.77
CA VAL W 21 -186.74 -25.55 -46.58
C VAL W 21 -185.96 -26.60 -47.35
N ILE W 22 -186.40 -27.86 -47.28
CA ILE W 22 -185.85 -28.93 -48.09
C ILE W 22 -186.81 -29.20 -49.25
N GLU W 23 -188.09 -28.93 -49.03
CA GLU W 23 -189.12 -29.10 -50.05
C GLU W 23 -190.33 -28.27 -49.63
N SER W 24 -190.98 -27.64 -50.62
CA SER W 24 -192.16 -26.84 -50.37
C SER W 24 -193.15 -27.04 -51.51
N THR W 25 -194.26 -27.70 -51.23
CA THR W 25 -195.26 -28.05 -52.22
C THR W 25 -196.61 -27.45 -51.84
N GLY W 26 -197.45 -27.24 -52.86
CA GLY W 26 -198.82 -26.83 -52.63
C GLY W 26 -198.94 -25.42 -52.09
N VAL W 27 -199.87 -25.23 -51.14
CA VAL W 27 -200.06 -23.94 -50.49
C VAL W 27 -198.85 -23.58 -49.65
N GLY W 28 -198.19 -24.57 -49.05
CA GLY W 28 -197.00 -24.34 -48.25
C GLY W 28 -195.82 -23.79 -49.02
N SER W 29 -195.81 -23.96 -50.35
CA SER W 29 -194.79 -23.32 -51.19
C SER W 29 -194.88 -21.80 -51.15
N GLN W 30 -196.05 -21.24 -50.87
CA GLN W 30 -196.24 -19.80 -50.70
C GLN W 30 -196.58 -19.44 -49.26
N ARG W 31 -196.25 -20.31 -48.31
CA ARG W 31 -196.56 -20.14 -46.90
C ARG W 31 -195.31 -20.43 -46.07
N ILE W 32 -194.19 -19.84 -46.47
CA ILE W 32 -192.90 -20.21 -45.90
C ILE W 32 -192.66 -19.54 -44.54
N GLU W 33 -193.28 -18.39 -44.28
CA GLU W 33 -192.94 -17.57 -43.12
C GLU W 33 -193.40 -18.16 -41.80
N ASP W 34 -194.21 -19.23 -41.80
CA ASP W 34 -194.72 -19.81 -40.56
C ASP W 34 -193.75 -20.79 -39.91
N ILE W 35 -192.58 -21.05 -40.51
CA ILE W 35 -191.64 -22.00 -39.95
C ILE W 35 -191.06 -21.48 -38.64
N GLY W 36 -190.79 -20.17 -38.57
CA GLY W 36 -190.28 -19.58 -37.33
C GLY W 36 -191.26 -19.68 -36.19
N ASP W 37 -192.56 -19.51 -36.48
CA ASP W 37 -193.56 -19.70 -35.44
C ASP W 37 -193.72 -21.17 -35.08
N LEU W 38 -193.67 -22.07 -36.07
CA LEU W 38 -193.85 -23.49 -35.80
C LEU W 38 -192.66 -24.12 -35.11
N SER W 39 -191.50 -23.45 -35.11
CA SER W 39 -190.33 -23.97 -34.41
C SER W 39 -190.50 -23.98 -32.90
N LYS W 40 -191.49 -23.27 -32.35
CA LYS W 40 -191.74 -23.23 -30.92
C LYS W 40 -192.90 -24.12 -30.50
N VAL W 41 -193.40 -24.97 -31.40
CA VAL W 41 -194.54 -25.83 -31.10
C VAL W 41 -194.03 -27.18 -30.65
N THR W 42 -194.55 -27.67 -29.52
CA THR W 42 -194.10 -28.92 -28.92
C THR W 42 -194.72 -30.12 -29.63
N LEU W 43 -194.02 -31.25 -29.53
CA LEU W 43 -194.42 -32.50 -30.17
C LEU W 43 -194.68 -33.55 -29.09
N ASP W 44 -194.87 -34.80 -29.53
CA ASP W 44 -195.04 -35.93 -28.64
C ASP W 44 -193.82 -36.83 -28.74
N ALA W 45 -193.88 -38.00 -28.08
CA ALA W 45 -192.78 -38.96 -28.15
C ALA W 45 -192.61 -39.51 -29.55
N GLU W 46 -193.71 -39.74 -30.27
CA GLU W 46 -193.63 -40.27 -31.62
C GLU W 46 -193.28 -39.21 -32.66
N GLY W 47 -193.29 -37.92 -32.29
CA GLY W 47 -193.02 -36.85 -33.21
C GLY W 47 -194.23 -36.28 -33.92
N PHE W 48 -195.41 -36.87 -33.75
CA PHE W 48 -196.61 -36.42 -34.45
C PHE W 48 -197.22 -35.21 -33.75
N ALA W 49 -197.89 -34.38 -34.54
CA ALA W 49 -198.63 -33.24 -34.01
C ALA W 49 -199.72 -32.85 -35.00
N GLN W 50 -200.82 -32.30 -34.47
CA GLN W 50 -201.93 -31.80 -35.28
C GLN W 50 -202.25 -30.39 -34.78
N VAL W 51 -201.72 -29.39 -35.47
CA VAL W 51 -201.85 -27.99 -35.08
C VAL W 51 -202.64 -27.26 -36.14
N GLN W 52 -203.67 -26.53 -35.71
CA GLN W 52 -204.60 -25.87 -36.62
C GLN W 52 -204.33 -24.39 -36.69
N GLY W 53 -204.33 -23.85 -37.90
CA GLY W 53 -204.13 -22.42 -38.11
C GLY W 53 -204.52 -21.99 -39.51
N ASP W 54 -205.13 -20.80 -39.60
CA ASP W 54 -205.65 -20.23 -40.86
C ASP W 54 -206.61 -21.18 -41.57
N SER W 55 -207.50 -21.80 -40.77
CA SER W 55 -208.52 -22.74 -41.24
C SER W 55 -207.90 -23.92 -42.00
N LEU W 56 -206.74 -24.38 -41.53
CA LEU W 56 -206.05 -25.54 -42.09
C LEU W 56 -205.45 -26.35 -40.96
N LEU W 57 -205.43 -27.67 -41.15
CA LEU W 57 -204.83 -28.59 -40.18
C LEU W 57 -203.44 -28.97 -40.67
N VAL W 58 -202.43 -28.66 -39.85
CA VAL W 58 -201.03 -28.91 -40.18
C VAL W 58 -200.55 -30.11 -39.38
N HIS W 59 -200.04 -31.13 -40.07
CA HIS W 59 -199.55 -32.34 -39.45
C HIS W 59 -198.02 -32.36 -39.50
N LEU W 60 -197.40 -32.63 -38.36
CA LEU W 60 -195.95 -32.58 -38.22
C LEU W 60 -195.42 -33.96 -37.89
N TYR W 61 -194.17 -34.21 -38.27
CA TYR W 61 -193.48 -35.45 -37.94
C TYR W 61 -191.98 -35.18 -37.94
N LYS W 62 -191.35 -35.28 -36.78
CA LYS W 62 -189.92 -35.03 -36.63
C LYS W 62 -189.20 -36.37 -36.52
N ARG W 63 -188.39 -36.69 -37.54
CA ARG W 63 -187.57 -37.88 -37.55
C ARG W 63 -186.20 -37.51 -38.11
N ASN W 64 -185.14 -37.88 -37.38
CA ASN W 64 -183.75 -37.52 -37.68
C ASN W 64 -183.59 -36.00 -37.82
N ASP W 65 -184.18 -35.29 -36.86
CA ASP W 65 -184.04 -33.83 -36.71
C ASP W 65 -184.56 -33.06 -37.92
N ILE W 66 -185.57 -33.61 -38.60
CA ILE W 66 -186.23 -32.94 -39.72
C ILE W 66 -187.73 -33.00 -39.49
N THR W 67 -188.36 -31.83 -39.45
CA THR W 67 -189.81 -31.73 -39.21
C THR W 67 -190.52 -31.54 -40.54
N LEU W 68 -191.41 -32.47 -40.88
CA LEU W 68 -192.18 -32.42 -42.13
C LEU W 68 -193.56 -31.84 -41.84
N ALA W 69 -193.82 -30.66 -42.40
CA ALA W 69 -195.10 -29.98 -42.22
C ALA W 69 -196.01 -30.32 -43.41
N VAL W 70 -197.16 -30.90 -43.12
CA VAL W 70 -198.11 -31.35 -44.14
C VAL W 70 -199.43 -30.62 -43.91
N TYR W 71 -199.93 -29.98 -44.96
CA TYR W 71 -201.16 -29.20 -44.87
C TYR W 71 -202.34 -30.05 -45.33
N THR W 72 -203.43 -30.01 -44.57
CA THR W 72 -204.70 -30.61 -44.95
C THR W 72 -205.82 -29.61 -44.68
N SER W 73 -206.89 -29.72 -45.46
CA SER W 73 -208.02 -28.81 -45.32
C SER W 73 -208.79 -29.11 -44.04
N ALA W 74 -209.20 -28.05 -43.34
CA ALA W 74 -209.96 -28.22 -42.11
C ALA W 74 -211.38 -28.69 -42.40
N GLN W 75 -211.99 -28.18 -43.46
CA GLN W 75 -213.35 -28.57 -43.82
C GLN W 75 -213.36 -29.92 -44.55
N MET X 3 -150.91 -37.07 -57.63
CA MET X 3 -151.37 -36.32 -58.79
C MET X 3 -152.89 -36.20 -58.81
N LEU X 4 -153.44 -35.75 -59.95
CA LEU X 4 -154.87 -35.55 -60.10
C LEU X 4 -155.28 -35.92 -61.52
N HIS X 5 -156.58 -36.18 -61.69
CA HIS X 5 -157.15 -36.54 -62.97
C HIS X 5 -158.29 -35.57 -63.27
N SER X 6 -158.18 -34.84 -64.38
CA SER X 6 -159.18 -33.83 -64.71
C SER X 6 -160.47 -34.45 -65.25
N LYS X 7 -160.36 -35.57 -65.98
CA LYS X 7 -161.53 -36.16 -66.62
C LYS X 7 -162.51 -36.73 -65.61
N ASN X 8 -162.00 -37.46 -64.61
CA ASN X 8 -162.88 -38.07 -63.61
C ASN X 8 -163.53 -37.01 -62.73
N VAL X 9 -162.78 -35.96 -62.36
CA VAL X 9 -163.35 -34.88 -61.55
C VAL X 9 -164.38 -34.10 -62.37
N LYS X 10 -164.12 -33.91 -63.66
CA LYS X 10 -165.09 -33.24 -64.53
C LYS X 10 -166.38 -34.06 -64.66
N GLY X 11 -166.24 -35.38 -64.80
CA GLY X 11 -167.42 -36.23 -64.84
C GLY X 11 -168.17 -36.24 -63.53
N PHE X 12 -167.46 -36.21 -62.40
CA PHE X 12 -168.09 -36.14 -61.09
C PHE X 12 -168.89 -34.85 -60.93
N LEU X 13 -168.30 -33.72 -61.35
CA LEU X 13 -169.01 -32.44 -61.27
C LEU X 13 -170.21 -32.41 -62.21
N GLU X 14 -170.07 -32.98 -63.40
CA GLU X 14 -171.20 -33.07 -64.33
C GLU X 14 -172.33 -33.92 -63.77
N ASN X 15 -171.98 -35.00 -63.06
CA ASN X 15 -172.98 -35.83 -62.39
C ASN X 15 -173.65 -35.08 -61.24
N THR X 16 -172.89 -34.28 -60.49
CA THR X 16 -173.51 -33.48 -59.42
C THR X 16 -174.32 -32.31 -59.95
N LEU X 17 -174.26 -32.00 -61.24
CA LEU X 17 -175.17 -31.03 -61.85
C LEU X 17 -176.56 -31.61 -62.13
N LYS X 18 -176.81 -32.88 -61.81
CA LYS X 18 -178.09 -33.49 -62.09
C LYS X 18 -179.17 -32.91 -61.19
N PRO X 19 -180.37 -32.65 -61.72
CA PRO X 19 -181.46 -32.12 -60.87
C PRO X 19 -182.21 -33.24 -60.16
N TYR X 20 -183.30 -32.89 -59.47
CA TYR X 20 -184.11 -33.84 -58.74
C TYR X 20 -185.51 -33.88 -59.34
N ASP X 21 -186.03 -35.10 -59.51
CA ASP X 21 -187.39 -35.30 -60.00
C ASP X 21 -188.06 -36.33 -59.10
N LEU X 22 -188.90 -35.85 -58.19
CA LEU X 22 -189.59 -36.71 -57.23
C LEU X 22 -190.90 -37.19 -57.83
N HIS X 23 -191.20 -38.47 -57.63
CA HIS X 23 -192.35 -39.11 -58.27
C HIS X 23 -193.54 -39.29 -57.34
N SER X 24 -193.29 -39.66 -56.07
CA SER X 24 -194.40 -39.80 -55.12
C SER X 24 -195.06 -38.45 -54.85
N VAL X 25 -194.26 -37.39 -54.72
CA VAL X 25 -194.75 -36.02 -54.64
C VAL X 25 -194.23 -35.27 -55.86
N ASP X 26 -195.14 -34.67 -56.62
CA ASP X 26 -194.75 -34.00 -57.86
C ASP X 26 -194.02 -32.70 -57.57
N PHE X 27 -192.70 -32.76 -57.41
CA PHE X 27 -191.87 -31.62 -57.02
C PHE X 27 -190.63 -31.61 -57.91
N LYS X 28 -190.70 -30.89 -59.02
CA LYS X 28 -189.58 -30.78 -59.94
C LYS X 28 -188.63 -29.68 -59.49
N THR X 29 -187.33 -29.97 -59.49
CA THR X 29 -186.30 -28.99 -59.17
C THR X 29 -185.41 -28.78 -60.38
N SER X 30 -184.97 -27.54 -60.58
CA SER X 30 -184.06 -27.22 -61.66
C SER X 30 -182.66 -27.73 -61.32
N SER X 31 -181.81 -27.76 -62.34
CA SER X 31 -180.41 -28.14 -62.14
C SER X 31 -179.64 -26.98 -61.51
N LEU X 32 -178.47 -27.31 -60.96
CA LEU X 32 -177.61 -26.30 -60.36
C LEU X 32 -177.05 -25.37 -61.44
N GLN X 33 -176.80 -24.12 -61.05
CA GLN X 33 -176.27 -23.14 -61.99
C GLN X 33 -174.82 -23.46 -62.37
N SER X 34 -174.00 -23.83 -61.40
CA SER X 34 -172.60 -24.15 -61.65
C SER X 34 -172.08 -25.05 -60.55
N SER X 35 -171.15 -25.93 -60.91
CA SER X 35 -170.49 -26.82 -59.98
C SER X 35 -168.99 -26.79 -60.24
N MET X 36 -168.21 -26.56 -59.19
CA MET X 36 -166.77 -26.39 -59.36
C MET X 36 -166.05 -26.74 -58.07
N ILE X 37 -164.75 -26.92 -58.18
CA ILE X 37 -163.87 -27.19 -57.04
C ILE X 37 -162.79 -26.11 -57.03
N ILE X 38 -162.63 -25.44 -55.88
CA ILE X 38 -161.69 -24.34 -55.75
C ILE X 38 -160.76 -24.60 -54.56
N THR X 39 -159.60 -23.94 -54.59
CA THR X 39 -158.62 -24.10 -53.54
C THR X 39 -158.98 -23.26 -52.32
N ALA X 40 -158.37 -23.60 -51.19
CA ALA X 40 -158.61 -22.92 -49.93
C ALA X 40 -157.61 -21.80 -49.64
N THR X 41 -156.69 -21.53 -50.55
CA THR X 41 -155.67 -20.49 -50.37
C THR X 41 -155.92 -19.27 -51.23
N ASN X 42 -156.11 -19.43 -52.53
CA ASN X 42 -156.32 -18.31 -53.44
C ASN X 42 -157.73 -18.25 -54.02
N GLY X 43 -158.51 -19.31 -53.90
CA GLY X 43 -159.86 -19.34 -54.43
C GLY X 43 -159.97 -19.54 -55.92
N GLY X 44 -158.88 -19.89 -56.59
CA GLY X 44 -158.95 -20.14 -58.02
C GLY X 44 -159.60 -21.47 -58.34
N ILE X 45 -160.12 -21.57 -59.56
CA ILE X 45 -160.88 -22.73 -59.98
C ILE X 45 -159.90 -23.83 -60.39
N LEU X 46 -159.95 -24.97 -59.69
CA LEU X 46 -159.21 -26.15 -60.12
C LEU X 46 -159.96 -26.86 -61.26
N SER X 47 -161.20 -27.28 -60.99
CA SER X 47 -162.03 -27.89 -62.02
C SER X 47 -163.42 -27.30 -61.90
N TYR X 48 -164.16 -27.33 -63.01
CA TYR X 48 -165.48 -26.73 -63.06
C TYR X 48 -166.33 -27.45 -64.10
N ALA X 49 -167.64 -27.29 -63.98
CA ALA X 49 -168.59 -27.82 -64.94
C ALA X 49 -169.88 -27.03 -64.86
N THR X 50 -170.44 -26.71 -66.02
CA THR X 50 -171.68 -25.93 -66.10
C THR X 50 -172.80 -26.80 -66.64
N SER X 51 -174.02 -26.54 -66.13
CA SER X 51 -175.19 -27.31 -66.57
C SER X 51 -175.52 -27.06 -68.03
N ASN X 52 -175.40 -25.81 -68.48
CA ASN X 52 -175.67 -25.47 -69.87
C ASN X 52 -174.41 -24.94 -70.55
N GLU X 62 -168.53 -17.87 -73.89
CA GLU X 62 -168.06 -18.97 -73.06
C GLU X 62 -166.97 -18.51 -72.10
N ILE X 63 -166.03 -17.72 -72.62
CA ILE X 63 -164.93 -17.22 -71.81
C ILE X 63 -165.45 -16.23 -70.76
N ASN X 64 -166.46 -15.44 -71.12
CA ASN X 64 -167.05 -14.48 -70.20
C ASN X 64 -167.69 -15.18 -68.99
N SER X 65 -168.40 -16.29 -69.24
CA SER X 65 -168.99 -17.04 -68.14
C SER X 65 -167.92 -17.70 -67.27
N VAL X 66 -166.82 -18.13 -67.88
CA VAL X 66 -165.71 -18.71 -67.11
C VAL X 66 -165.09 -17.64 -66.21
N ASN X 67 -164.87 -16.44 -66.73
CA ASN X 67 -164.32 -15.36 -65.93
C ASN X 67 -165.27 -14.94 -64.82
N ASN X 68 -166.58 -14.90 -65.12
CA ASN X 68 -167.58 -14.57 -64.10
C ASN X 68 -167.62 -15.63 -63.01
N LEU X 69 -167.49 -16.90 -63.38
CA LEU X 69 -167.47 -17.98 -62.40
C LEU X 69 -166.20 -17.91 -61.54
N LYS X 70 -165.07 -17.54 -62.14
CA LYS X 70 -163.84 -17.35 -61.38
C LYS X 70 -163.96 -16.20 -60.39
N MET X 71 -164.59 -15.09 -60.82
CA MET X 71 -164.84 -13.96 -59.92
C MET X 71 -165.76 -14.35 -58.78
N MET X 72 -166.82 -15.11 -59.08
CA MET X 72 -167.73 -15.58 -58.03
C MET X 72 -167.04 -16.53 -57.07
N SER X 73 -166.15 -17.39 -57.59
CA SER X 73 -165.38 -18.29 -56.73
C SER X 73 -164.44 -17.51 -55.82
N LEU X 74 -163.81 -16.46 -56.35
CA LEU X 74 -162.96 -15.61 -55.53
C LEU X 74 -163.75 -14.90 -54.44
N LEU X 75 -164.95 -14.41 -54.78
CA LEU X 75 -165.81 -13.76 -53.80
C LEU X 75 -166.25 -14.74 -52.70
N ILE X 76 -166.62 -15.96 -53.10
CA ILE X 76 -167.08 -16.97 -52.15
C ILE X 76 -165.94 -17.40 -51.22
N LYS X 77 -164.73 -17.56 -51.77
CA LYS X 77 -163.58 -17.90 -50.93
C LYS X 77 -163.21 -16.75 -49.99
N ASP X 78 -163.35 -15.50 -50.46
CA ASP X 78 -163.07 -14.35 -49.61
C ASP X 78 -164.07 -14.27 -48.46
N LYS X 79 -165.34 -14.56 -48.72
CA LYS X 79 -166.32 -14.59 -47.64
C LYS X 79 -166.11 -15.78 -46.71
N TRP X 80 -165.66 -16.92 -47.25
CA TRP X 80 -165.48 -18.11 -46.42
C TRP X 80 -164.24 -18.03 -45.55
N SER X 81 -163.23 -17.27 -45.98
CA SER X 81 -161.97 -17.17 -45.24
C SER X 81 -162.17 -16.55 -43.86
N GLU X 82 -162.98 -15.50 -43.77
CA GLU X 82 -163.22 -14.87 -42.48
C GLU X 82 -164.12 -15.72 -41.60
N ASP X 83 -165.03 -16.48 -42.21
CA ASP X 83 -165.90 -17.37 -41.43
C ASP X 83 -165.14 -18.55 -40.88
N GLU X 84 -164.12 -19.04 -41.59
CA GLU X 84 -163.34 -20.17 -41.11
C GLU X 84 -162.45 -19.79 -39.93
N ASN X 85 -162.05 -18.53 -39.84
CA ASN X 85 -161.15 -18.07 -38.80
C ASN X 85 -161.87 -17.36 -37.67
N ASP X 86 -163.19 -17.46 -37.61
CA ASP X 86 -163.99 -16.81 -36.57
C ASP X 86 -164.64 -17.88 -35.70
N THR X 87 -164.47 -17.74 -34.38
CA THR X 87 -165.08 -18.65 -33.42
C THR X 87 -166.22 -18.01 -32.64
N GLU X 88 -166.40 -16.70 -32.72
CA GLU X 88 -167.53 -16.03 -32.10
C GLU X 88 -168.78 -16.21 -32.95
N GLU X 89 -169.93 -16.26 -32.28
CA GLU X 89 -171.24 -16.57 -32.89
C GLU X 89 -171.19 -17.89 -33.67
N GLN X 90 -170.55 -18.90 -33.07
CA GLN X 90 -170.38 -20.18 -33.73
C GLN X 90 -171.68 -20.96 -33.86
N HIS X 91 -172.66 -20.70 -32.99
CA HIS X 91 -173.96 -21.36 -33.05
C HIS X 91 -174.90 -20.61 -34.01
N SER X 92 -174.45 -20.51 -35.26
CA SER X 92 -175.20 -19.84 -36.31
C SER X 92 -176.14 -20.82 -37.00
N ASN X 93 -177.30 -20.30 -37.43
CA ASN X 93 -178.32 -21.14 -38.05
C ASN X 93 -177.98 -21.54 -39.47
N SER X 94 -177.02 -20.86 -40.11
CA SER X 94 -176.62 -21.16 -41.48
C SER X 94 -175.42 -22.08 -41.55
N CYS X 95 -174.92 -22.55 -40.42
CA CYS X 95 -173.77 -23.46 -40.36
C CYS X 95 -174.25 -24.88 -40.10
N TYR X 96 -173.77 -25.83 -40.91
CA TYR X 96 -174.15 -27.24 -40.80
C TYR X 96 -172.87 -28.08 -40.73
N PRO X 97 -172.24 -28.14 -39.56
CA PRO X 97 -170.98 -28.91 -39.43
C PRO X 97 -171.26 -30.40 -39.34
N VAL X 98 -170.83 -31.14 -40.37
CA VAL X 98 -171.02 -32.58 -40.44
C VAL X 98 -169.66 -33.25 -40.26
N GLU X 99 -169.67 -34.44 -39.67
CA GLU X 99 -168.47 -35.24 -39.47
C GLU X 99 -168.67 -36.59 -40.13
N ILE X 100 -167.92 -36.84 -41.20
CA ILE X 100 -168.02 -38.08 -41.98
C ILE X 100 -166.68 -38.80 -41.90
N ASP X 101 -166.72 -40.08 -41.52
CA ASP X 101 -165.55 -40.94 -41.37
C ASP X 101 -164.50 -40.34 -40.43
N SER X 102 -164.98 -39.81 -39.29
CA SER X 102 -164.15 -39.18 -38.25
C SER X 102 -163.33 -38.02 -38.81
N PHE X 103 -163.94 -37.24 -39.71
CA PHE X 103 -163.33 -36.05 -40.27
C PHE X 103 -164.31 -34.90 -40.14
N LYS X 104 -163.92 -33.87 -39.39
CA LYS X 104 -164.81 -32.76 -39.08
C LYS X 104 -164.62 -31.62 -40.07
N THR X 105 -165.74 -31.05 -40.52
CA THR X 105 -165.73 -29.93 -41.44
C THR X 105 -166.87 -28.97 -41.09
N LYS X 106 -166.86 -27.82 -41.72
CA LYS X 106 -167.89 -26.80 -41.54
C LYS X 106 -168.45 -26.40 -42.89
N ILE X 107 -169.78 -26.36 -43.00
CA ILE X 107 -170.47 -26.01 -44.23
C ILE X 107 -171.20 -24.70 -44.00
N TYR X 108 -171.00 -23.74 -44.90
CA TYR X 108 -171.61 -22.42 -44.81
C TYR X 108 -172.46 -22.18 -46.04
N THR X 109 -173.68 -21.68 -45.84
CA THR X 109 -174.59 -21.31 -46.92
C THR X 109 -174.60 -19.80 -47.10
N TYR X 110 -174.62 -19.35 -48.35
CA TYR X 110 -174.59 -17.92 -48.66
C TYR X 110 -175.66 -17.59 -49.68
N GLU X 111 -176.10 -16.33 -49.67
CA GLU X 111 -177.02 -15.80 -50.67
C GLU X 111 -176.29 -14.77 -51.51
N MET X 112 -176.28 -14.98 -52.83
CA MET X 112 -175.59 -14.10 -53.76
C MET X 112 -176.64 -13.55 -54.73
N GLU X 113 -177.23 -12.41 -54.36
CA GLU X 113 -178.28 -11.73 -55.12
C GLU X 113 -179.46 -12.66 -55.41
N ASP X 114 -179.47 -13.24 -56.61
CA ASP X 114 -180.50 -14.17 -57.02
C ASP X 114 -179.97 -15.59 -57.20
N LEU X 115 -178.80 -15.88 -56.64
CA LEU X 115 -178.17 -17.19 -56.76
C LEU X 115 -177.87 -17.75 -55.38
N HIS X 116 -178.25 -19.01 -55.17
CA HIS X 116 -177.99 -19.71 -53.91
C HIS X 116 -176.66 -20.43 -54.00
N THR X 117 -175.67 -19.95 -53.25
CA THR X 117 -174.32 -20.50 -53.28
C THR X 117 -174.02 -21.16 -51.94
N CYS X 118 -173.60 -22.42 -51.99
CA CYS X 118 -173.21 -23.17 -50.80
C CYS X 118 -171.84 -23.78 -51.01
N VAL X 119 -170.96 -23.60 -50.01
CA VAL X 119 -169.60 -24.09 -50.09
C VAL X 119 -169.33 -24.98 -48.87
N ALA X 120 -168.45 -25.95 -49.05
CA ALA X 120 -168.04 -26.85 -47.96
C ALA X 120 -166.60 -27.24 -48.17
N GLN X 121 -165.78 -27.05 -47.14
CA GLN X 121 -164.38 -27.45 -47.21
C GLN X 121 -164.27 -28.97 -47.14
N ILE X 122 -163.47 -29.54 -48.04
CA ILE X 122 -163.12 -30.96 -47.99
C ILE X 122 -162.28 -31.17 -46.73
N PRO X 123 -162.68 -32.08 -45.84
CA PRO X 123 -162.07 -32.13 -44.50
C PRO X 123 -160.60 -32.52 -44.52
N ASN X 124 -159.83 -31.89 -43.62
CA ASN X 124 -158.40 -32.13 -43.43
C ASN X 124 -157.61 -31.95 -44.72
N SER X 125 -157.95 -30.91 -45.49
CA SER X 125 -157.31 -30.67 -46.77
C SER X 125 -157.46 -29.19 -47.12
N ASP X 126 -156.69 -28.76 -48.12
CA ASP X 126 -156.67 -27.39 -48.58
C ASP X 126 -157.55 -27.17 -49.80
N LEU X 127 -158.66 -27.91 -49.91
CA LEU X 127 -159.56 -27.81 -51.05
C LEU X 127 -160.96 -27.45 -50.57
N LEU X 128 -161.74 -26.88 -51.48
CA LEU X 128 -163.12 -26.48 -51.22
C LEU X 128 -164.04 -27.08 -52.28
N LEU X 129 -165.26 -27.41 -51.87
CA LEU X 129 -166.30 -27.89 -52.77
C LEU X 129 -167.45 -26.89 -52.76
N LEU X 130 -167.87 -26.46 -53.94
CA LEU X 130 -168.83 -25.37 -54.07
C LEU X 130 -169.96 -25.77 -55.00
N PHE X 131 -171.20 -25.51 -54.57
CA PHE X 131 -172.39 -25.73 -55.38
C PHE X 131 -173.17 -24.42 -55.46
N ILE X 132 -173.54 -24.03 -56.67
CA ILE X 132 -174.29 -22.79 -56.92
C ILE X 132 -175.54 -23.14 -57.71
N ALA X 133 -176.70 -22.66 -57.26
CA ALA X 133 -177.96 -22.87 -57.93
C ALA X 133 -178.74 -21.56 -57.96
N GLU X 134 -179.95 -21.62 -58.51
CA GLU X 134 -180.79 -20.44 -58.63
C GLU X 134 -181.46 -20.11 -57.30
N GLY X 135 -182.21 -18.99 -57.29
CA GLY X 135 -182.87 -18.56 -56.07
C GLY X 135 -184.07 -19.40 -55.68
N SER X 136 -184.67 -20.11 -56.63
CA SER X 136 -185.79 -20.99 -56.30
C SER X 136 -185.34 -22.31 -55.68
N PHE X 137 -184.05 -22.63 -55.74
CA PHE X 137 -183.57 -23.90 -55.21
C PHE X 137 -183.60 -23.88 -53.68
N PRO X 138 -184.11 -24.94 -53.05
CA PRO X 138 -184.11 -24.98 -51.57
C PRO X 138 -182.70 -25.17 -51.02
N TYR X 139 -182.49 -24.62 -49.82
CA TYR X 139 -181.18 -24.72 -49.17
C TYR X 139 -180.93 -26.10 -48.57
N GLY X 140 -181.98 -26.73 -48.04
CA GLY X 140 -181.81 -28.03 -47.42
C GLY X 140 -181.43 -29.11 -48.42
N LEU X 141 -182.02 -29.05 -49.62
CA LEU X 141 -181.63 -29.97 -50.68
C LEU X 141 -180.18 -29.76 -51.09
N LEU X 142 -179.72 -28.50 -51.10
CA LEU X 142 -178.31 -28.21 -51.37
C LEU X 142 -177.41 -28.79 -50.29
N VAL X 143 -177.82 -28.69 -49.02
CA VAL X 143 -177.03 -29.23 -47.91
C VAL X 143 -176.93 -30.76 -48.02
N ILE X 144 -178.06 -31.42 -48.31
CA ILE X 144 -178.07 -32.87 -48.47
C ILE X 144 -177.23 -33.28 -49.68
N LYS X 145 -177.34 -32.54 -50.78
CA LYS X 145 -176.57 -32.82 -51.99
C LYS X 145 -175.07 -32.71 -51.73
N ILE X 146 -174.64 -31.66 -51.04
CA ILE X 146 -173.21 -31.47 -50.86
C ILE X 146 -172.69 -32.42 -49.78
N GLU X 147 -173.53 -32.82 -48.83
CA GLU X 147 -173.14 -33.83 -47.85
C GLU X 147 -172.91 -35.18 -48.50
N ARG X 148 -173.86 -35.61 -49.36
CA ARG X 148 -173.70 -36.90 -50.04
C ARG X 148 -172.60 -36.82 -51.09
N ALA X 149 -172.30 -35.64 -51.62
CA ALA X 149 -171.16 -35.49 -52.52
C ALA X 149 -169.85 -35.64 -51.76
N MET X 150 -169.75 -35.00 -50.58
CA MET X 150 -168.56 -35.16 -49.74
C MET X 150 -168.42 -36.57 -49.19
N ARG X 151 -169.53 -37.33 -49.10
CA ARG X 151 -169.43 -38.73 -48.67
C ARG X 151 -168.68 -39.58 -49.68
N GLU X 152 -168.84 -39.29 -50.97
CA GLU X 152 -168.23 -40.09 -52.04
C GLU X 152 -166.83 -39.63 -52.42
N LEU X 153 -166.34 -38.54 -51.83
CA LEU X 153 -165.05 -37.95 -52.19
C LEU X 153 -163.94 -38.36 -51.24
N THR X 154 -163.96 -39.61 -50.77
CA THR X 154 -163.01 -40.07 -49.77
C THR X 154 -161.60 -40.18 -50.31
N ASP X 155 -161.44 -40.36 -51.63
CA ASP X 155 -160.11 -40.49 -52.21
C ASP X 155 -159.36 -39.17 -52.23
N LEU X 156 -160.06 -38.05 -52.32
CA LEU X 156 -159.43 -36.73 -52.28
C LEU X 156 -159.15 -36.24 -50.86
N PHE X 157 -159.45 -37.04 -49.83
CA PHE X 157 -159.18 -36.61 -48.47
C PHE X 157 -157.69 -36.59 -48.20
N GLY X 158 -157.24 -35.58 -47.46
CA GLY X 158 -155.83 -35.45 -47.15
C GLY X 158 -154.97 -34.96 -48.30
N TYR X 159 -155.54 -34.24 -49.27
CA TYR X 159 -154.79 -33.73 -50.40
C TYR X 159 -154.39 -32.29 -50.15
N LYS X 160 -153.12 -31.97 -50.35
CA LYS X 160 -152.59 -30.63 -50.16
C LYS X 160 -151.91 -30.16 -51.43
N LEU X 161 -151.92 -28.85 -51.64
CA LEU X 161 -151.28 -28.27 -52.82
C LEU X 161 -149.77 -28.36 -52.72
N GLY X 162 -149.13 -28.62 -53.85
CA GLY X 162 -147.68 -28.74 -53.90
C GLY X 162 -146.98 -27.41 -53.96
N ASN Y 5 76.72 97.74 64.38
CA ASN Y 5 76.88 98.23 65.74
C ASN Y 5 75.64 97.94 66.58
N ARG Y 6 75.43 96.67 66.91
CA ARG Y 6 74.31 96.25 67.73
C ARG Y 6 74.79 95.92 69.13
N LYS Y 7 74.19 96.56 70.13
CA LYS Y 7 74.53 96.37 71.53
C LYS Y 7 73.37 95.71 72.26
N LYS Y 8 73.64 94.60 72.94
CA LYS Y 8 72.63 93.81 73.62
C LYS Y 8 72.69 94.16 75.11
N LEU Y 9 71.64 94.81 75.60
CA LEU Y 9 71.52 95.20 77.00
C LEU Y 9 70.46 94.34 77.68
N LEU Y 10 70.76 93.91 78.89
CA LEU Y 10 69.87 93.07 79.68
C LEU Y 10 69.40 93.85 80.91
N LEU Y 11 68.09 93.89 81.10
CA LEU Y 11 67.42 94.65 82.15
C LEU Y 11 66.67 93.68 83.04
N MET Y 12 67.31 93.24 84.12
CA MET Y 12 66.73 92.23 85.00
C MET Y 12 66.42 92.82 86.38
N GLY Y 13 65.66 92.05 87.15
CA GLY Y 13 65.23 92.49 88.46
C GLY Y 13 64.19 91.54 89.01
N ARG Y 14 63.55 91.95 90.10
CA ARG Y 14 62.45 91.19 90.65
C ARG Y 14 61.14 91.83 90.16
N SER Y 15 60.01 91.21 90.50
CA SER Y 15 58.69 91.71 90.11
C SER Y 15 58.44 93.09 90.71
N GLY Y 16 57.95 94.00 89.87
CA GLY Y 16 57.65 95.34 90.33
C GLY Y 16 58.85 96.23 90.62
N SER Y 17 60.02 95.87 90.10
CA SER Y 17 61.23 96.64 90.37
C SER Y 17 61.30 97.96 89.60
N GLY Y 18 60.43 98.15 88.61
CA GLY Y 18 60.43 99.38 87.84
C GLY Y 18 61.32 99.40 86.63
N LYS Y 19 61.61 98.24 86.05
CA LYS Y 19 62.43 98.17 84.84
C LYS Y 19 61.69 98.80 83.66
N SER Y 20 60.42 98.43 83.48
CA SER Y 20 59.62 98.99 82.39
C SER Y 20 59.36 100.47 82.60
N SER Y 21 59.33 100.94 83.86
CA SER Y 21 59.21 102.36 84.12
C SER Y 21 60.43 103.12 83.63
N MET Y 22 61.62 102.57 83.89
CA MET Y 22 62.86 103.15 83.37
C MET Y 22 62.87 103.16 81.84
N ARG Y 23 62.48 102.04 81.23
CA ARG Y 23 62.47 101.93 79.77
C ARG Y 23 61.47 102.91 79.16
N SER Y 24 60.32 103.10 79.82
CA SER Y 24 59.29 103.98 79.29
C SER Y 24 59.70 105.43 79.42
N ILE Y 25 60.22 105.83 80.59
CA ILE Y 25 60.54 107.23 80.82
C ILE Y 25 61.77 107.63 80.00
N ILE Y 26 62.81 106.79 80.00
CA ILE Y 26 64.06 107.14 79.33
C ILE Y 26 63.90 107.12 77.81
N PHE Y 27 63.25 106.09 77.28
CA PHE Y 27 63.23 105.85 75.84
C PHE Y 27 61.87 106.05 75.19
N SER Y 28 60.79 105.60 75.81
CA SER Y 28 59.48 105.64 75.17
C SER Y 28 58.72 106.93 75.41
N ASN Y 29 59.33 107.88 76.13
CA ASN Y 29 58.80 109.22 76.38
C ASN Y 29 57.43 109.16 77.08
N TYR Y 30 57.44 108.56 78.27
CA TYR Y 30 56.31 108.59 79.18
C TYR Y 30 56.68 109.39 80.44
N SER Y 31 55.68 110.07 81.00
CA SER Y 31 55.87 110.83 82.22
C SER Y 31 55.99 109.89 83.42
N ALA Y 32 56.37 110.48 84.56
CA ALA Y 32 56.47 109.71 85.79
C ALA Y 32 55.10 109.26 86.30
N PHE Y 33 54.06 110.08 86.08
CA PHE Y 33 52.72 109.71 86.50
C PHE Y 33 52.12 108.63 85.60
N ASP Y 34 52.65 108.44 84.40
CA ASP Y 34 52.09 107.50 83.43
C ASP Y 34 52.68 106.11 83.55
N THR Y 35 53.56 105.87 84.51
CA THR Y 35 54.11 104.53 84.72
C THR Y 35 53.23 103.65 85.58
N ARG Y 36 52.21 104.23 86.23
CA ARG Y 36 51.32 103.43 87.06
C ARG Y 36 50.41 102.54 86.22
N ARG Y 37 50.07 102.97 85.01
CA ARG Y 37 49.19 102.21 84.13
C ARG Y 37 49.92 101.08 83.42
N LEU Y 38 51.24 100.97 83.58
CA LEU Y 38 52.00 99.92 82.92
C LEU Y 38 51.64 98.54 83.48
N GLY Y 39 51.50 97.57 82.58
CA GLY Y 39 51.21 96.21 82.98
C GLY Y 39 52.47 95.43 83.32
N ALA Y 40 52.27 94.14 83.60
CA ALA Y 40 53.36 93.25 83.95
C ALA Y 40 54.01 92.70 82.70
N THR Y 41 55.33 92.85 82.60
CA THR Y 41 56.08 92.37 81.45
C THR Y 41 56.13 90.84 81.47
N ILE Y 42 55.54 90.21 80.45
CA ILE Y 42 55.50 88.76 80.35
C ILE Y 42 56.69 88.30 79.51
N ASP Y 43 57.50 87.41 80.08
CA ASP Y 43 58.73 86.84 79.48
C ASP Y 43 59.69 88.00 79.19
N VAL Y 44 60.24 88.10 77.99
CA VAL Y 44 61.22 89.13 77.64
C VAL Y 44 60.60 90.02 76.58
N GLU Y 45 60.63 91.33 76.80
CA GLU Y 45 60.10 92.31 75.86
C GLU Y 45 61.29 93.01 75.20
N HIS Y 46 61.52 92.69 73.93
CA HIS Y 46 62.62 93.28 73.20
C HIS Y 46 62.25 94.67 72.72
N SER Y 47 63.25 95.56 72.70
CA SER Y 47 63.06 96.94 72.28
C SER Y 47 64.29 97.38 71.49
N HIS Y 48 64.15 97.48 70.18
CA HIS Y 48 65.24 97.92 69.31
C HIS Y 48 65.20 99.44 69.24
N LEU Y 49 66.17 100.09 69.87
CA LEU Y 49 66.21 101.54 69.95
C LEU Y 49 67.46 102.06 69.27
N ARG Y 50 67.29 103.08 68.42
CA ARG Y 50 68.40 103.64 67.67
C ARG Y 50 68.98 104.83 68.43
N PHE Y 51 70.24 104.70 68.86
CA PHE Y 51 70.95 105.76 69.56
C PHE Y 51 71.89 106.47 68.59
N LEU Y 52 71.92 107.80 68.68
CA LEU Y 52 72.65 108.69 67.75
C LEU Y 52 72.16 108.38 66.34
N GLY Y 53 73.04 108.06 65.39
CA GLY Y 53 72.60 107.72 64.05
C GLY Y 53 73.18 106.41 63.56
N ASN Y 54 74.04 105.79 64.36
CA ASN Y 54 74.71 104.56 63.95
C ASN Y 54 74.49 103.44 64.94
N MET Y 55 74.41 103.78 66.23
CA MET Y 55 74.21 102.78 67.27
C MET Y 55 72.74 102.34 67.31
N THR Y 56 72.54 101.05 67.54
CA THR Y 56 71.22 100.52 67.84
C THR Y 56 71.30 99.74 69.15
N LEU Y 57 70.28 99.89 69.99
CA LEU Y 57 70.27 99.33 71.34
C LEU Y 57 69.22 98.24 71.42
N ASN Y 58 69.67 97.00 71.63
CA ASN Y 58 68.76 95.87 71.82
C ASN Y 58 68.54 95.65 73.31
N LEU Y 59 67.60 96.42 73.86
CA LEU Y 59 67.29 96.33 75.28
C LEU Y 59 66.30 95.20 75.53
N TRP Y 60 66.63 94.33 76.48
CA TRP Y 60 65.84 93.14 76.77
C TRP Y 60 65.20 93.37 78.14
N ASP Y 61 63.91 93.74 78.12
CA ASP Y 61 63.14 93.97 79.34
C ASP Y 61 62.62 92.62 79.83
N CYS Y 62 63.40 91.98 80.69
CA CYS Y 62 63.06 90.66 81.20
C CYS Y 62 61.91 90.76 82.18
N GLY Y 63 61.29 89.61 82.46
CA GLY Y 63 60.09 89.55 83.27
C GLY Y 63 60.31 89.93 84.72
N GLY Y 64 61.07 89.10 85.44
CA GLY Y 64 61.37 89.39 86.83
C GLY Y 64 60.48 88.69 87.81
N GLN Y 65 59.52 87.90 87.34
CA GLN Y 65 58.65 87.11 88.18
C GLN Y 65 59.21 85.70 88.31
N ASP Y 66 58.78 84.99 89.36
CA ASP Y 66 59.45 83.79 89.83
C ASP Y 66 59.53 82.70 88.75
N VAL Y 67 58.44 82.52 88.01
CA VAL Y 67 58.45 81.53 86.93
C VAL Y 67 59.39 81.94 85.81
N PHE Y 68 59.35 83.23 85.42
CA PHE Y 68 60.26 83.73 84.40
C PHE Y 68 61.71 83.65 84.86
N MET Y 69 61.97 84.01 86.12
CA MET Y 69 63.33 84.00 86.64
C MET Y 69 63.88 82.59 86.73
N GLU Y 70 63.05 81.62 87.12
CA GLU Y 70 63.49 80.23 87.13
C GLU Y 70 63.66 79.68 85.72
N ASN Y 71 62.88 80.19 84.76
CA ASN Y 71 63.01 79.75 83.37
C ASN Y 71 64.27 80.30 82.72
N TYR Y 72 64.73 81.47 83.16
CA TYR Y 72 65.89 82.11 82.53
C TYR Y 72 67.17 81.31 82.74
N PHE Y 73 67.37 80.76 83.93
CA PHE Y 73 68.63 80.11 84.29
C PHE Y 73 68.62 78.60 84.08
N THR Y 74 67.54 78.03 83.52
CA THR Y 74 67.46 76.60 83.30
C THR Y 74 67.40 76.25 81.81
N LYS Y 75 66.45 76.81 81.08
CA LYS Y 75 66.25 76.47 79.67
C LYS Y 75 66.75 77.54 78.71
N GLN Y 76 66.52 78.81 79.01
CA GLN Y 76 66.95 79.90 78.14
C GLN Y 76 68.33 80.44 78.50
N LYS Y 77 69.12 79.67 79.25
CA LYS Y 77 70.43 80.16 79.66
C LYS Y 77 71.38 80.29 78.48
N ASP Y 78 71.18 79.48 77.44
CA ASP Y 78 72.04 79.52 76.27
C ASP Y 78 71.59 80.56 75.24
N HIS Y 79 70.55 81.33 75.53
CA HIS Y 79 70.04 82.35 74.63
C HIS Y 79 70.05 83.74 75.24
N ILE Y 80 69.65 83.86 76.51
CA ILE Y 80 69.55 85.20 77.13
C ILE Y 80 70.93 85.78 77.38
N PHE Y 81 71.89 84.96 77.79
CA PHE Y 81 73.13 85.45 78.37
C PHE Y 81 74.33 85.33 77.42
N GLN Y 82 74.10 85.19 76.12
CA GLN Y 82 75.18 85.13 75.14
C GLN Y 82 75.19 86.42 74.32
N MET Y 83 76.41 86.89 74.00
CA MET Y 83 76.66 88.14 73.28
C MET Y 83 76.02 89.34 73.98
N VAL Y 84 76.25 89.43 75.28
CA VAL Y 84 75.69 90.47 76.12
C VAL Y 84 76.79 91.47 76.47
N GLN Y 85 76.51 92.76 76.25
CA GLN Y 85 77.46 93.83 76.56
C GLN Y 85 77.25 94.45 77.93
N VAL Y 86 76.01 94.76 78.31
CA VAL Y 86 75.71 95.45 79.57
C VAL Y 86 74.54 94.75 80.26
N LEU Y 87 74.74 94.38 81.53
CA LEU Y 87 73.66 93.95 82.40
C LEU Y 87 73.24 95.10 83.30
N ILE Y 88 71.94 95.37 83.36
CA ILE Y 88 71.38 96.39 84.24
C ILE Y 88 70.44 95.67 85.21
N HIS Y 89 70.97 95.26 86.36
CA HIS Y 89 70.15 94.65 87.39
C HIS Y 89 69.50 95.73 88.24
N VAL Y 90 68.19 95.63 88.43
CA VAL Y 90 67.42 96.63 89.16
C VAL Y 90 66.99 96.02 90.49
N PHE Y 91 67.37 96.67 91.58
CA PHE Y 91 67.04 96.23 92.92
C PHE Y 91 66.00 97.16 93.54
N ASP Y 92 65.01 96.59 94.22
CA ASP Y 92 63.97 97.36 94.89
C ASP Y 92 64.25 97.40 96.38
N VAL Y 93 64.31 98.60 96.95
CA VAL Y 93 64.52 98.75 98.39
C VAL Y 93 63.25 98.54 99.19
N GLU Y 94 62.09 98.46 98.55
CA GLU Y 94 60.85 98.12 99.23
C GLU Y 94 60.70 96.62 99.41
N SER Y 95 61.54 95.82 98.74
CA SER Y 95 61.45 94.37 98.80
C SER Y 95 61.86 93.86 100.19
N THR Y 96 61.16 92.83 100.65
CA THR Y 96 61.45 92.18 101.91
C THR Y 96 62.24 90.90 101.73
N GLU Y 97 62.64 90.59 100.50
CA GLU Y 97 63.36 89.35 100.19
C GLU Y 97 64.73 89.67 99.59
N VAL Y 98 65.47 90.55 100.26
CA VAL Y 98 66.72 91.10 99.72
C VAL Y 98 67.75 90.01 99.47
N LEU Y 99 67.79 89.00 100.35
CA LEU Y 99 68.71 87.87 100.15
C LEU Y 99 68.38 87.08 98.89
N LYS Y 100 67.09 86.94 98.59
CA LYS Y 100 66.70 86.28 97.34
C LYS Y 100 67.13 87.11 96.13
N ASP Y 101 67.05 88.44 96.24
CA ASP Y 101 67.55 89.31 95.18
C ASP Y 101 69.04 89.15 94.96
N ILE Y 102 69.81 89.08 96.06
CA ILE Y 102 71.26 88.90 95.95
C ILE Y 102 71.59 87.53 95.36
N GLU Y 103 70.82 86.50 95.71
CA GLU Y 103 71.06 85.17 95.15
C GLU Y 103 70.72 85.12 93.66
N ILE Y 104 69.64 85.79 93.26
CA ILE Y 104 69.27 85.89 91.85
C ILE Y 104 70.35 86.62 91.07
N PHE Y 105 70.87 87.71 91.65
CA PHE Y 105 71.97 88.46 91.02
C PHE Y 105 73.22 87.60 90.91
N ALA Y 106 73.49 86.76 91.92
CA ALA Y 106 74.63 85.86 91.87
C ALA Y 106 74.47 84.83 90.75
N LYS Y 107 73.26 84.29 90.58
CA LYS Y 107 73.00 83.36 89.49
C LYS Y 107 73.17 84.03 88.13
N ALA Y 108 72.68 85.27 88.00
CA ALA Y 108 72.83 86.01 86.75
C ALA Y 108 74.30 86.28 86.44
N LEU Y 109 75.07 86.66 87.46
CA LEU Y 109 76.51 86.87 87.29
C LEU Y 109 77.22 85.59 86.90
N LYS Y 110 76.82 84.47 87.51
CA LYS Y 110 77.42 83.18 87.16
C LYS Y 110 77.14 82.81 85.71
N GLN Y 111 75.90 83.01 85.25
CA GLN Y 111 75.56 82.70 83.86
C GLN Y 111 76.31 83.63 82.89
N LEU Y 112 76.40 84.92 83.22
CA LEU Y 112 77.10 85.86 82.34
C LEU Y 112 78.60 85.58 82.32
N ARG Y 113 79.18 85.18 83.46
CA ARG Y 113 80.58 84.79 83.49
C ARG Y 113 80.81 83.52 82.68
N LYS Y 114 79.85 82.60 82.73
CA LYS Y 114 79.97 81.35 81.96
C LYS Y 114 79.92 81.60 80.47
N TYR Y 115 79.07 82.52 80.01
CA TYR Y 115 78.82 82.67 78.58
C TYR Y 115 79.54 83.86 77.94
N SER Y 116 79.33 85.07 78.45
CA SER Y 116 79.92 86.27 77.87
C SER Y 116 80.59 87.09 78.98
N PRO Y 117 81.79 86.69 79.40
CA PRO Y 117 82.42 87.31 80.58
C PRO Y 117 83.04 88.67 80.35
N ASP Y 118 82.85 89.29 79.17
CA ASP Y 118 83.43 90.60 78.90
C ASP Y 118 82.41 91.72 79.08
N ALA Y 119 81.30 91.43 79.76
CA ALA Y 119 80.21 92.39 79.90
C ALA Y 119 80.55 93.42 80.98
N LYS Y 120 79.63 94.36 81.19
CA LYS Y 120 79.77 95.40 82.20
C LYS Y 120 78.51 95.40 83.04
N ILE Y 121 78.66 95.08 84.32
CA ILE Y 121 77.53 94.95 85.23
C ILE Y 121 77.26 96.29 85.90
N PHE Y 122 76.00 96.71 85.86
CA PHE Y 122 75.52 97.91 86.53
C PHE Y 122 74.32 97.55 87.38
N VAL Y 123 74.26 98.12 88.59
CA VAL Y 123 73.16 97.86 89.52
C VAL Y 123 72.50 99.17 89.88
N LEU Y 124 71.16 99.18 89.85
CA LEU Y 124 70.38 100.37 90.18
C LEU Y 124 69.48 100.04 91.36
N LEU Y 125 69.64 100.78 92.45
CA LEU Y 125 68.79 100.66 93.64
C LEU Y 125 67.58 101.58 93.44
N HIS Y 126 66.59 101.05 92.73
CA HIS Y 126 65.42 101.83 92.36
C HIS Y 126 64.49 102.02 93.56
N LYS Y 127 63.48 102.88 93.36
CA LYS Y 127 62.46 103.22 94.35
C LYS Y 127 63.06 103.80 95.63
N MET Y 128 64.16 104.54 95.52
CA MET Y 128 64.76 105.19 96.67
C MET Y 128 64.20 106.61 96.83
N ASP Y 129 62.88 106.67 96.93
CA ASP Y 129 62.16 107.87 97.34
C ASP Y 129 61.15 107.62 98.45
N LEU Y 130 60.74 106.38 98.68
CA LEU Y 130 59.87 106.07 99.81
C LEU Y 130 60.62 106.15 101.13
N VAL Y 131 61.90 105.80 101.12
CA VAL Y 131 62.72 105.88 102.32
C VAL Y 131 63.00 107.34 102.66
N GLN Y 132 63.28 107.58 103.94
CA GLN Y 132 63.54 108.93 104.42
C GLN Y 132 64.90 109.42 103.90
N LEU Y 133 65.03 110.75 103.86
CA LEU Y 133 66.20 111.38 103.26
C LEU Y 133 67.48 111.12 104.03
N ASP Y 134 67.38 110.89 105.35
CA ASP Y 134 68.58 110.74 106.16
C ASP Y 134 69.28 109.40 105.93
N LYS Y 135 68.54 108.35 105.56
CA LYS Y 135 69.10 107.01 105.49
C LYS Y 135 69.32 106.51 104.07
N ARG Y 136 69.19 107.39 103.06
CA ARG Y 136 69.34 106.96 101.67
C ARG Y 136 70.78 106.56 101.38
N GLU Y 137 71.73 107.43 101.73
CA GLU Y 137 73.13 107.16 101.44
C GLU Y 137 73.65 105.98 102.26
N GLU Y 138 73.22 105.89 103.53
CA GLU Y 138 73.63 104.78 104.37
C GLU Y 138 73.10 103.45 103.87
N LEU Y 139 71.82 103.41 103.46
CA LEU Y 139 71.26 102.18 102.91
C LEU Y 139 71.93 101.80 101.59
N PHE Y 140 72.21 102.81 100.74
CA PHE Y 140 72.89 102.55 99.47
C PHE Y 140 74.28 101.99 99.70
N GLN Y 141 75.04 102.54 100.64
CA GLN Y 141 76.38 102.03 100.93
C GLN Y 141 76.32 100.63 101.52
N ILE Y 142 75.36 100.38 102.41
CA ILE Y 142 75.24 99.07 103.06
C ILE Y 142 74.93 97.99 102.03
N MET Y 143 73.99 98.27 101.12
CA MET Y 143 73.67 97.31 100.08
C MET Y 143 74.76 97.22 99.03
N MET Y 144 75.47 98.33 98.77
CA MET Y 144 76.51 98.33 97.75
C MET Y 144 77.74 97.55 98.20
N LYS Y 145 78.03 97.53 99.51
CA LYS Y 145 79.13 96.71 100.01
C LYS Y 145 78.87 95.23 99.77
N ASN Y 146 77.65 94.77 100.08
CA ASN Y 146 77.28 93.38 99.84
C ASN Y 146 77.25 93.07 98.34
N LEU Y 147 76.74 94.00 97.52
CA LEU Y 147 76.68 93.75 96.09
C LEU Y 147 78.07 93.73 95.46
N SER Y 148 79.01 94.52 95.99
CA SER Y 148 80.38 94.49 95.46
C SER Y 148 81.13 93.24 95.91
N GLU Y 149 80.86 92.79 97.14
CA GLU Y 149 81.42 91.52 97.62
C GLU Y 149 80.90 90.35 96.81
N THR Y 150 79.60 90.37 96.49
CA THR Y 150 79.01 89.30 95.68
C THR Y 150 79.54 89.36 94.24
N SER Y 151 79.65 90.58 93.68
CA SER Y 151 80.07 90.74 92.30
C SER Y 151 81.51 90.31 92.09
N SER Y 152 82.39 90.63 93.04
CA SER Y 152 83.80 90.25 92.92
C SER Y 152 84.01 88.74 93.02
N GLU Y 153 83.07 88.00 93.61
CA GLU Y 153 83.20 86.55 93.71
C GLU Y 153 83.08 85.86 92.35
N PHE Y 154 82.11 86.26 91.54
CA PHE Y 154 81.88 85.64 90.23
C PHE Y 154 82.55 86.47 89.14
N GLY Y 155 83.88 86.48 89.18
CA GLY Y 155 84.62 87.32 88.25
C GLY Y 155 84.34 88.79 88.56
N PHE Y 156 84.25 89.60 87.48
CA PHE Y 156 83.74 90.98 87.45
C PHE Y 156 84.29 91.86 88.58
N PRO Y 157 85.56 92.27 88.51
CA PRO Y 157 86.14 93.08 89.60
C PRO Y 157 85.44 94.41 89.85
N ASN Y 158 84.86 95.03 88.83
CA ASN Y 158 84.22 96.33 88.99
C ASN Y 158 82.70 96.21 88.88
N LEU Y 159 82.01 97.04 89.66
CA LEU Y 159 80.55 97.10 89.65
C LEU Y 159 80.14 98.49 90.09
N ILE Y 160 79.50 99.23 89.19
CA ILE Y 160 79.10 100.61 89.43
C ILE Y 160 77.62 100.67 89.77
N GLY Y 161 77.28 101.37 90.86
CA GLY Y 161 75.91 101.44 91.30
C GLY Y 161 75.39 102.86 91.37
N PHE Y 162 74.07 103.03 91.28
CA PHE Y 162 73.45 104.35 91.30
C PHE Y 162 72.15 104.29 92.09
N PRO Y 163 71.95 105.19 93.05
CA PRO Y 163 70.62 105.33 93.68
C PRO Y 163 69.65 106.01 92.73
N THR Y 164 68.64 105.28 92.25
CA THR Y 164 67.78 105.75 91.18
C THR Y 164 66.34 105.82 91.66
N SER Y 165 65.57 106.72 91.04
CA SER Y 165 64.14 106.81 91.24
C SER Y 165 63.53 107.53 90.04
N ILE Y 166 62.21 107.38 89.87
CA ILE Y 166 61.52 108.04 88.77
C ILE Y 166 61.00 109.42 89.15
N TRP Y 167 61.06 109.79 90.43
CA TRP Y 167 60.59 111.09 90.89
C TRP Y 167 61.73 112.08 91.09
N ASP Y 168 62.89 111.79 90.52
CA ASP Y 168 64.00 112.74 90.51
C ASP Y 168 64.77 112.56 89.21
N GLU Y 169 65.99 113.09 89.16
CA GLU Y 169 66.78 113.12 87.94
C GLU Y 169 67.94 112.13 87.94
N SER Y 170 68.04 111.27 88.95
CA SER Y 170 69.17 110.34 89.01
C SER Y 170 69.08 109.26 87.94
N LEU Y 171 67.87 108.98 87.45
CA LEU Y 171 67.69 107.99 86.40
C LEU Y 171 68.43 108.39 85.13
N TYR Y 172 68.39 109.68 84.79
CA TYR Y 172 69.05 110.18 83.59
C TYR Y 172 70.57 110.01 83.69
N LYS Y 173 71.14 110.32 84.86
CA LYS Y 173 72.57 110.14 85.08
C LYS Y 173 72.97 108.68 85.01
N ALA Y 174 72.19 107.80 85.65
CA ALA Y 174 72.49 106.38 85.67
C ALA Y 174 72.45 105.79 84.26
N TRP Y 175 71.40 106.12 83.49
CA TRP Y 175 71.27 105.60 82.14
C TRP Y 175 72.30 106.21 81.21
N SER Y 176 72.69 107.48 81.44
CA SER Y 176 73.73 108.11 80.63
C SER Y 176 75.08 107.42 80.85
N GLN Y 177 75.42 107.13 82.10
CA GLN Y 177 76.68 106.44 82.38
C GLN Y 177 76.63 104.97 81.98
N ILE Y 178 75.43 104.37 81.91
CA ILE Y 178 75.31 103.02 81.39
C ILE Y 178 75.54 103.01 79.88
N VAL Y 179 74.93 103.97 79.18
CA VAL Y 179 75.01 104.02 77.71
C VAL Y 179 76.41 104.41 77.25
N CYS Y 180 77.05 105.36 77.95
CA CYS Y 180 78.34 105.88 77.51
C CYS Y 180 79.47 104.85 77.56
N SER Y 181 79.28 103.74 78.28
CA SER Y 181 80.28 102.67 78.23
C SER Y 181 80.26 101.89 76.93
N LEU Y 182 79.26 102.10 76.08
CA LEU Y 182 79.14 101.42 74.79
C LEU Y 182 79.37 102.32 73.60
N ILE Y 183 79.41 103.64 73.79
CA ILE Y 183 79.54 104.58 72.67
C ILE Y 183 80.95 104.53 72.11
N PRO Y 184 81.13 104.23 70.82
CA PRO Y 184 82.47 104.23 70.24
C PRO Y 184 82.97 105.63 69.95
N ASN Y 185 84.30 105.71 69.81
CA ASN Y 185 85.03 106.95 69.48
C ASN Y 185 84.75 108.05 70.50
N MET Y 186 84.76 107.68 71.79
CA MET Y 186 84.55 108.66 72.85
C MET Y 186 85.74 109.60 72.99
N SER Y 187 86.96 109.09 72.77
CA SER Y 187 88.16 109.92 72.88
C SER Y 187 88.19 111.00 71.80
N ASN Y 188 87.77 110.66 70.57
CA ASN Y 188 87.70 111.66 69.50
C ASN Y 188 86.67 112.73 69.80
N HIS Y 189 85.53 112.33 70.37
CA HIS Y 189 84.51 113.30 70.78
C HIS Y 189 85.04 114.21 71.88
N GLN Y 190 85.77 113.65 72.84
CA GLN Y 190 86.34 114.45 73.92
C GLN Y 190 87.38 115.43 73.39
N SER Y 191 88.23 114.99 72.46
CA SER Y 191 89.25 115.87 71.89
C SER Y 191 88.63 116.99 71.08
N ASN Y 192 87.62 116.67 70.25
CA ASN Y 192 86.95 117.70 69.46
C ASN Y 192 86.18 118.67 70.35
N LEU Y 193 85.57 118.18 71.43
CA LEU Y 193 84.86 119.05 72.36
C LEU Y 193 85.83 119.97 73.09
N LYS Y 194 87.00 119.45 73.47
CA LYS Y 194 88.02 120.29 74.10
C LYS Y 194 88.54 121.36 73.12
N LYS Y 195 88.73 120.98 71.86
CA LYS Y 195 89.15 121.93 70.84
C LYS Y 195 88.11 123.03 70.64
N PHE Y 196 86.83 122.65 70.60
CA PHE Y 196 85.76 123.63 70.44
C PHE Y 196 85.65 124.53 71.66
N LYS Y 197 85.87 123.97 72.86
CA LYS Y 197 85.87 124.77 74.09
C LYS Y 197 87.01 125.79 74.09
N GLU Y 198 88.19 125.37 73.63
CA GLU Y 198 89.32 126.30 73.54
C GLU Y 198 89.08 127.37 72.48
N ILE Y 199 88.46 126.99 71.35
CA ILE Y 199 88.23 127.93 70.27
C ILE Y 199 87.18 128.97 70.67
N MET Y 200 86.07 128.52 71.25
CA MET Y 200 84.99 129.42 71.62
C MET Y 200 85.21 130.11 72.97
N ASN Y 201 86.22 129.69 73.73
CA ASN Y 201 86.53 130.20 75.07
C ASN Y 201 85.32 130.09 76.00
N ALA Y 202 84.89 128.86 76.22
CA ALA Y 202 83.70 128.56 77.01
C ALA Y 202 84.10 127.93 78.33
N LEU Y 203 83.26 128.15 79.34
CA LEU Y 203 83.54 127.60 80.67
C LEU Y 203 83.39 126.08 80.68
N GLU Y 204 82.29 125.57 80.10
CA GLU Y 204 82.05 124.14 80.03
C GLU Y 204 81.03 123.87 78.93
N ILE Y 205 81.37 122.95 78.03
CA ILE Y 205 80.49 122.57 76.92
C ILE Y 205 80.12 121.10 77.09
N ILE Y 206 78.82 120.81 77.11
CA ILE Y 206 78.30 119.47 77.30
C ILE Y 206 77.58 119.04 76.03
N LEU Y 207 77.78 117.79 75.64
CA LEU Y 207 77.18 117.24 74.42
C LEU Y 207 76.14 116.20 74.80
N PHE Y 208 74.94 116.35 74.27
CA PHE Y 208 73.82 115.45 74.57
C PHE Y 208 73.45 114.63 73.35
N GLU Y 209 72.39 113.86 73.49
CA GLU Y 209 71.70 113.23 72.38
C GLU Y 209 70.35 113.92 72.19
N ARG Y 210 69.89 113.97 70.94
CA ARG Y 210 68.71 114.77 70.63
C ARG Y 210 67.43 114.12 71.14
N THR Y 211 67.31 112.80 71.00
CA THR Y 211 66.06 112.11 71.32
C THR Y 211 65.96 111.78 72.80
N THR Y 212 66.89 110.98 73.31
CA THR Y 212 66.82 110.53 74.70
C THR Y 212 67.29 111.57 75.69
N PHE Y 213 68.00 112.60 75.24
CA PHE Y 213 68.55 113.68 76.07
C PHE Y 213 69.44 113.12 77.20
N LEU Y 214 70.27 112.15 76.86
CA LEU Y 214 71.29 111.63 77.77
C LEU Y 214 72.61 112.31 77.52
N VAL Y 215 73.39 112.50 78.59
CA VAL Y 215 74.70 113.11 78.48
C VAL Y 215 75.65 112.16 77.76
N ILE Y 216 76.40 112.69 76.81
CA ILE Y 216 77.38 111.91 76.05
C ILE Y 216 78.80 112.20 76.52
N CYS Y 217 79.19 113.47 76.53
CA CYS Y 217 80.50 113.87 77.01
C CYS Y 217 80.45 115.32 77.48
N SER Y 218 81.46 115.71 78.23
CA SER Y 218 81.59 117.06 78.74
C SER Y 218 83.02 117.56 78.50
N SER Y 219 83.16 118.88 78.43
CA SER Y 219 84.48 119.47 78.18
C SER Y 219 85.43 119.22 79.35
N ASN Y 220 84.93 119.34 80.58
CA ASN Y 220 85.74 119.16 81.77
C ASN Y 220 85.74 117.71 82.26
N GLY Y 221 85.02 116.83 81.59
CA GLY Y 221 84.96 115.43 81.99
C GLY Y 221 83.76 115.11 82.86
N VAL Y 236 85.22 129.09 91.33
CA VAL Y 236 83.78 128.92 91.12
C VAL Y 236 83.43 127.44 91.15
N LEU Y 237 82.89 126.99 92.28
CA LEU Y 237 82.47 125.61 92.45
C LEU Y 237 81.06 125.43 91.91
N LEU Y 238 80.87 124.38 91.11
CA LEU Y 238 79.60 124.09 90.47
C LEU Y 238 78.99 122.83 91.06
N ASP Y 239 77.71 122.63 90.75
CA ASP Y 239 77.00 121.46 91.24
C ASP Y 239 77.51 120.20 90.54
N PRO Y 240 77.92 119.17 91.29
CA PRO Y 240 78.37 117.92 90.63
C PRO Y 240 77.25 117.17 89.93
N LYS Y 241 75.98 117.42 90.29
CA LYS Y 241 74.83 116.77 89.68
C LYS Y 241 74.14 117.68 88.66
N ARG Y 242 74.91 118.52 87.96
CA ARG Y 242 74.30 119.44 87.01
C ARG Y 242 73.88 118.76 85.72
N PHE Y 243 74.58 117.70 85.30
CA PHE Y 243 74.28 117.04 84.03
C PHE Y 243 72.88 116.42 84.04
N GLU Y 244 72.56 115.68 85.10
CA GLU Y 244 71.26 115.03 85.21
C GLU Y 244 70.14 116.05 85.35
N LYS Y 245 70.40 117.16 86.05
CA LYS Y 245 69.40 118.21 86.19
C LYS Y 245 69.14 118.90 84.87
N ILE Y 246 70.18 119.15 84.06
CA ILE Y 246 69.99 119.73 82.74
C ILE Y 246 69.23 118.76 81.84
N SER Y 247 69.50 117.45 81.97
CA SER Y 247 68.77 116.45 81.19
C SER Y 247 67.29 116.44 81.55
N ASN Y 248 66.97 116.51 82.85
CA ASN Y 248 65.56 116.53 83.27
C ASN Y 248 64.86 117.81 82.82
N ILE Y 249 65.55 118.95 82.92
CA ILE Y 249 64.98 120.22 82.49
C ILE Y 249 64.74 120.23 80.98
N MET Y 250 65.68 119.66 80.21
CA MET Y 250 65.49 119.60 78.76
C MET Y 250 64.38 118.64 78.36
N LYS Y 251 64.22 117.53 79.10
CA LYS Y 251 63.09 116.63 78.83
C LYS Y 251 61.76 117.32 79.13
N ASN Y 252 61.68 118.03 80.26
CA ASN Y 252 60.48 118.78 80.60
C ASN Y 252 60.18 119.86 79.58
N PHE Y 253 61.23 120.55 79.10
CA PHE Y 253 61.03 121.61 78.12
C PHE Y 253 60.61 121.05 76.76
N LYS Y 254 61.13 119.89 76.39
CA LYS Y 254 60.70 119.24 75.16
C LYS Y 254 59.23 118.83 75.25
N GLN Y 255 58.83 118.26 76.40
CA GLN Y 255 57.44 117.90 76.60
C GLN Y 255 56.53 119.13 76.67
N SER Y 256 57.07 120.27 77.09
CA SER Y 256 56.29 121.51 77.05
C SER Y 256 56.17 122.05 75.63
N CYS Y 257 57.25 121.99 74.84
CA CYS Y 257 57.23 122.51 73.49
C CYS Y 257 56.48 121.60 72.52
N THR Y 258 56.21 120.35 72.89
CA THR Y 258 55.30 119.52 72.11
C THR Y 258 53.86 120.05 72.11
N LYS Y 259 53.50 120.87 73.09
CA LYS Y 259 52.16 121.43 73.15
C LYS Y 259 51.94 122.48 72.07
N LEU Y 260 52.99 123.17 71.63
CA LEU Y 260 52.89 124.20 70.61
C LEU Y 260 52.97 123.66 69.18
N LYS Y 261 52.80 122.34 69.01
CA LYS Y 261 52.78 121.66 67.71
C LYS Y 261 54.06 121.92 66.92
N SER Y 262 55.19 121.86 67.60
CA SER Y 262 56.49 122.09 66.99
C SER Y 262 57.55 121.38 67.81
N GLY Y 263 58.80 121.51 67.39
CA GLY Y 263 59.92 120.87 68.06
C GLY Y 263 60.92 121.90 68.54
N PHE Y 264 61.54 121.61 69.68
CA PHE Y 264 62.53 122.52 70.25
C PHE Y 264 63.78 122.57 69.37
N LYS Y 265 64.24 123.80 69.08
CA LYS Y 265 65.40 123.99 68.22
C LYS Y 265 66.55 124.68 68.94
N THR Y 266 66.32 125.86 69.51
CA THR Y 266 67.39 126.65 70.12
C THR Y 266 66.90 127.25 71.43
N LEU Y 267 67.85 127.57 72.31
CA LEU Y 267 67.56 128.24 73.57
C LEU Y 267 68.79 129.00 74.02
N ILE Y 268 68.65 130.30 74.25
CA ILE Y 268 69.74 131.15 74.71
C ILE Y 268 69.32 131.79 76.02
N LEU Y 269 70.17 131.68 77.04
CA LEU Y 269 69.87 132.22 78.36
C LEU Y 269 70.91 133.27 78.72
N ASN Y 270 70.46 134.51 78.87
CA ASN Y 270 71.26 135.68 79.27
C ASN Y 270 72.43 135.94 78.33
N ASN Y 271 72.35 135.44 77.09
CA ASN Y 271 73.45 135.44 76.11
C ASN Y 271 74.73 134.81 76.68
N ASN Y 272 74.57 133.85 77.59
CA ASN Y 272 75.70 133.24 78.27
C ASN Y 272 75.60 131.72 78.21
N ILE Y 273 74.37 131.21 78.21
CA ILE Y 273 74.11 129.77 78.15
C ILE Y 273 73.41 129.50 76.83
N TYR Y 274 74.08 128.77 75.95
CA TYR Y 274 73.58 128.50 74.61
C TYR Y 274 73.18 127.03 74.50
N VAL Y 275 71.91 126.79 74.15
CA VAL Y 275 71.39 125.47 73.88
C VAL Y 275 70.90 125.46 72.44
N SER Y 276 71.54 124.64 71.60
CA SER Y 276 71.22 124.61 70.18
C SER Y 276 71.35 123.20 69.65
N GLU Y 277 70.63 122.93 68.56
CA GLU Y 277 70.68 121.63 67.90
C GLU Y 277 71.94 121.58 67.06
N LEU Y 278 72.97 120.89 67.58
CA LEU Y 278 74.25 120.80 66.88
C LEU Y 278 74.13 120.02 65.59
N SER Y 279 73.37 118.92 65.61
CA SER Y 279 73.20 118.08 64.43
C SER Y 279 71.81 117.48 64.49
N SER Y 280 71.57 116.44 63.69
CA SER Y 280 70.31 115.71 63.72
C SER Y 280 70.27 114.65 64.82
N ASN Y 281 71.36 114.47 65.56
CA ASN Y 281 71.43 113.45 66.60
C ASN Y 281 72.03 113.94 67.91
N MET Y 282 72.53 115.17 67.98
CA MET Y 282 73.14 115.70 69.19
C MET Y 282 72.63 117.11 69.45
N VAL Y 283 72.63 117.48 70.73
CA VAL Y 283 72.23 118.80 71.18
C VAL Y 283 73.36 119.34 72.04
N CYS Y 284 73.87 120.52 71.70
CA CYS Y 284 74.99 121.11 72.40
C CYS Y 284 74.51 122.02 73.53
N PHE Y 285 75.28 122.05 74.61
CA PHE Y 285 75.00 122.91 75.77
C PHE Y 285 76.28 123.70 76.07
N ILE Y 286 76.31 124.96 75.64
CA ILE Y 286 77.51 125.78 75.71
C ILE Y 286 77.27 126.89 76.73
N VAL Y 287 78.18 127.01 77.70
CA VAL Y 287 78.19 128.10 78.66
C VAL Y 287 79.48 128.88 78.45
N LEU Y 288 79.36 130.11 77.97
CA LEU Y 288 80.53 130.92 77.65
C LEU Y 288 80.99 131.68 78.89
N LYS Y 289 81.98 132.57 78.73
CA LYS Y 289 82.51 133.37 79.81
C LYS Y 289 82.19 134.85 79.69
N ASP Y 290 82.14 135.38 78.48
CA ASP Y 290 81.90 136.81 78.26
C ASP Y 290 80.46 137.01 77.82
N MET Y 291 79.77 137.93 78.48
CA MET Y 291 78.36 138.20 78.19
C MET Y 291 78.17 139.16 77.03
N ASN Y 292 79.24 139.73 76.48
CA ASN Y 292 79.14 140.75 75.45
C ASN Y 292 79.25 140.19 74.04
N ILE Y 293 79.36 138.87 73.90
CA ILE Y 293 79.44 138.27 72.55
C ILE Y 293 78.07 138.33 71.89
N PRO Y 294 77.95 138.83 70.67
CA PRO Y 294 76.66 138.81 69.98
C PRO Y 294 76.21 137.38 69.64
N GLN Y 295 74.89 137.23 69.52
CA GLN Y 295 74.29 135.90 69.31
C GLN Y 295 74.68 135.32 67.96
N GLU Y 296 74.81 136.17 66.93
CA GLU Y 296 75.04 135.68 65.58
C GLU Y 296 76.40 135.02 65.43
N LEU Y 297 77.41 135.55 66.13
CA LEU Y 297 78.75 134.94 66.07
C LEU Y 297 78.75 133.56 66.70
N VAL Y 298 78.09 133.40 67.84
CA VAL Y 298 78.00 132.10 68.49
C VAL Y 298 77.21 131.12 67.63
N LEU Y 299 76.12 131.59 67.02
CA LEU Y 299 75.32 130.72 66.15
C LEU Y 299 76.11 130.31 64.91
N GLU Y 300 76.89 131.23 64.34
CA GLU Y 300 77.70 130.90 63.18
C GLU Y 300 78.80 129.91 63.52
N ASN Y 301 79.45 130.08 64.68
CA ASN Y 301 80.46 129.13 65.12
C ASN Y 301 79.86 127.77 65.43
N ILE Y 302 78.63 127.74 65.93
CA ILE Y 302 77.92 126.48 66.14
C ILE Y 302 77.64 125.80 64.79
N LYS Y 303 77.19 126.59 63.80
CA LYS Y 303 76.91 126.05 62.48
C LYS Y 303 78.16 125.57 61.75
N LYS Y 304 79.32 126.18 62.03
CA LYS Y 304 80.56 125.71 61.43
C LYS Y 304 80.95 124.33 61.97
N ALA Y 305 80.73 124.09 63.26
CA ALA Y 305 81.06 122.82 63.88
C ALA Y 305 79.97 121.76 63.70
N LYS Y 306 78.88 122.10 63.02
CA LYS Y 306 77.79 121.13 62.81
C LYS Y 306 78.25 119.96 61.95
N GLU Y 307 79.01 120.23 60.90
CA GLU Y 307 79.55 119.17 60.06
C GLU Y 307 80.82 118.54 60.62
N PHE Y 308 81.44 119.16 61.64
CA PHE Y 308 82.67 118.62 62.19
C PHE Y 308 82.41 117.37 63.04
N PHE Y 309 81.37 117.41 63.86
CA PHE Y 309 81.06 116.28 64.74
C PHE Y 309 80.34 115.14 64.03
N GLN Y 310 79.95 115.33 62.77
CA GLN Y 310 79.26 114.28 62.02
C GLN Y 310 80.24 113.20 61.58
N ALA Z 10 47.81 144.80 99.65
CA ALA Z 10 46.80 143.85 99.22
C ALA Z 10 47.09 142.45 99.76
N MET Z 11 46.91 142.28 101.07
CA MET Z 11 47.13 141.01 101.73
C MET Z 11 45.84 140.19 101.70
N VAL Z 12 45.88 139.05 101.01
CA VAL Z 12 44.72 138.18 100.93
C VAL Z 12 44.74 137.19 102.09
N LEU Z 13 43.55 136.88 102.61
CA LEU Z 13 43.38 135.97 103.74
C LEU Z 13 42.75 134.68 103.26
N LEU Z 14 43.36 133.55 103.62
CA LEU Z 14 42.86 132.24 103.23
C LEU Z 14 42.11 131.62 104.40
N MET Z 15 40.83 131.31 104.18
CA MET Z 15 39.97 130.78 105.23
C MET Z 15 39.34 129.47 104.74
N GLY Z 16 39.12 128.57 105.68
CA GLY Z 16 38.49 127.30 105.35
C GLY Z 16 38.49 126.37 106.54
N VAL Z 17 37.78 125.25 106.37
CA VAL Z 17 37.73 124.22 107.40
C VAL Z 17 39.06 123.48 107.42
N ARG Z 18 39.29 122.74 108.51
CA ARG Z 18 40.48 121.89 108.62
C ARG Z 18 40.45 120.80 107.54
N ARG Z 19 41.65 120.48 107.03
CA ARG Z 19 41.87 119.49 105.98
C ARG Z 19 41.14 119.80 104.69
N CYS Z 20 40.97 121.09 104.37
CA CYS Z 20 40.39 121.44 103.08
C CYS Z 20 41.46 121.67 102.01
N GLY Z 21 42.68 122.01 102.41
CA GLY Z 21 43.78 122.13 101.48
C GLY Z 21 44.42 123.48 101.41
N LYS Z 22 44.25 124.32 102.44
CA LYS Z 22 44.83 125.66 102.42
C LYS Z 22 46.36 125.62 102.48
N SER Z 23 46.91 124.79 103.37
CA SER Z 23 48.37 124.70 103.51
C SER Z 23 49.00 124.10 102.27
N SER Z 24 48.36 123.09 101.67
CA SER Z 24 48.88 122.48 100.45
C SER Z 24 48.82 123.47 99.28
N ILE Z 25 47.75 124.25 99.18
CA ILE Z 25 47.63 125.30 98.17
C ILE Z 25 48.75 126.33 98.34
N CYS Z 26 48.98 126.76 99.59
CA CYS Z 26 50.02 127.74 99.89
C CYS Z 26 51.40 127.20 99.51
N LYS Z 27 51.67 125.95 99.86
CA LYS Z 27 52.96 125.33 99.52
C LYS Z 27 53.15 125.23 98.02
N VAL Z 28 52.14 124.69 97.30
CA VAL Z 28 52.26 124.45 95.87
C VAL Z 28 52.39 125.77 95.11
N VAL Z 29 51.61 126.79 95.48
CA VAL Z 29 51.66 128.06 94.77
C VAL Z 29 52.89 128.86 95.19
N PHE Z 30 52.97 129.26 96.46
CA PHE Z 30 53.93 130.26 96.88
C PHE Z 30 55.26 129.69 97.36
N HIS Z 31 55.46 128.37 97.27
CA HIS Z 31 56.73 127.78 97.65
C HIS Z 31 57.25 126.74 96.67
N ASN Z 32 56.47 126.36 95.65
CA ASN Z 32 56.84 125.38 94.62
C ASN Z 32 57.29 124.04 95.19
N SER Z 53 52.41 144.48 100.98
CA SER Z 53 52.63 144.93 99.61
C SER Z 53 51.31 144.91 98.82
N THR Z 54 51.41 145.14 97.52
CA THR Z 54 50.23 145.22 96.66
C THR Z 54 50.18 144.09 95.63
N LEU Z 55 51.24 143.93 94.82
CA LEU Z 55 51.20 143.00 93.69
C LEU Z 55 52.07 141.77 93.89
N ILE Z 56 53.16 141.88 94.68
CA ILE Z 56 54.05 140.74 94.85
C ILE Z 56 53.37 139.66 95.69
N ASP Z 57 53.86 138.43 95.56
CA ASP Z 57 53.30 137.31 96.30
C ASP Z 57 53.75 137.35 97.76
N LEU Z 58 53.00 138.08 98.59
CA LEU Z 58 53.36 138.21 99.99
C LEU Z 58 53.03 136.92 100.75
N ALA Z 59 53.49 136.88 102.00
CA ALA Z 59 53.19 135.77 102.90
C ALA Z 59 51.73 135.86 103.31
N VAL Z 60 50.88 135.04 102.68
CA VAL Z 60 49.45 135.07 102.96
C VAL Z 60 49.17 134.46 104.32
N MET Z 61 47.97 134.69 104.84
CA MET Z 61 47.58 134.26 106.18
C MET Z 61 46.55 133.15 106.08
N GLU Z 62 46.92 131.95 106.53
CA GLU Z 62 45.94 130.89 106.69
C GLU Z 62 45.14 131.12 107.97
N LEU Z 63 43.95 130.52 108.01
CA LEU Z 63 43.03 130.72 109.13
C LEU Z 63 42.14 129.48 109.25
N PRO Z 64 42.45 128.57 110.17
CA PRO Z 64 41.58 127.40 110.37
C PRO Z 64 40.27 127.77 111.03
N GLY Z 65 39.19 127.77 110.26
CA GLY Z 65 37.88 128.11 110.78
C GLY Z 65 36.99 126.90 110.99
N GLN Z 66 36.85 126.47 112.25
CA GLN Z 66 35.98 125.36 112.59
C GLN Z 66 34.58 125.88 112.96
N LEU Z 67 33.63 124.95 112.99
CA LEU Z 67 32.25 125.32 113.32
C LEU Z 67 32.14 125.66 114.80
N ASN Z 68 31.62 126.86 115.07
CA ASN Z 68 31.51 127.41 116.42
C ASN Z 68 30.63 128.65 116.34
N TYR Z 69 30.47 129.32 117.49
CA TYR Z 69 29.77 130.60 117.57
C TYR Z 69 30.80 131.73 117.55
N PHE Z 70 30.65 132.65 116.61
CA PHE Z 70 31.61 133.73 116.47
C PHE Z 70 31.45 134.76 117.58
N GLU Z 71 32.56 135.12 118.21
CA GLU Z 71 32.53 136.14 119.24
C GLU Z 71 32.30 137.51 118.62
N PRO Z 72 31.41 138.33 119.17
CA PRO Z 72 31.13 139.64 118.55
C PRO Z 72 32.24 140.66 118.77
N SER Z 73 32.96 140.98 117.69
CA SER Z 73 34.01 142.01 117.64
C SER Z 73 35.12 141.72 118.66
N TYR Z 74 35.80 140.61 118.44
CA TYR Z 74 36.93 140.20 119.30
C TYR Z 74 38.25 140.70 118.71
N ASP Z 75 38.31 142.03 118.53
CA ASP Z 75 39.47 142.74 118.00
C ASP Z 75 39.88 142.26 116.61
N SER Z 76 38.91 141.78 115.84
CA SER Z 76 39.13 141.30 114.48
C SER Z 76 38.84 142.36 113.43
N GLU Z 77 38.38 143.54 113.83
CA GLU Z 77 38.05 144.59 112.86
C GLU Z 77 39.29 145.10 112.14
N ARG Z 78 40.40 145.29 112.85
CA ARG Z 78 41.63 145.73 112.21
C ARG Z 78 42.20 144.65 111.28
N LEU Z 79 41.99 143.38 111.61
CA LEU Z 79 42.45 142.29 110.76
C LEU Z 79 41.67 142.27 109.46
N PHE Z 80 40.35 142.33 109.53
CA PHE Z 80 39.57 142.26 108.31
C PHE Z 80 39.64 143.57 107.53
N LYS Z 81 39.94 144.68 108.22
CA LYS Z 81 40.18 145.93 107.53
C LYS Z 81 41.53 145.94 106.83
N SER Z 82 42.44 145.04 107.21
CA SER Z 82 43.75 144.99 106.58
C SER Z 82 43.83 143.95 105.47
N VAL Z 83 42.72 143.29 105.15
CA VAL Z 83 42.68 142.25 104.13
C VAL Z 83 42.22 142.88 102.82
N GLY Z 84 43.04 142.76 101.78
CA GLY Z 84 42.67 143.27 100.47
C GLY Z 84 41.51 142.52 99.86
N ALA Z 85 41.52 141.19 99.95
CA ALA Z 85 40.45 140.36 99.41
C ALA Z 85 40.42 139.04 100.17
N LEU Z 86 39.22 138.63 100.59
CA LEU Z 86 39.04 137.41 101.36
C LEU Z 86 38.80 136.22 100.43
N VAL Z 87 39.55 135.14 100.66
CA VAL Z 87 39.46 133.92 99.86
C VAL Z 87 38.98 132.79 100.76
N TYR Z 88 37.94 132.08 100.33
CA TYR Z 88 37.39 130.95 101.05
C TYR Z 88 37.57 129.67 100.24
N VAL Z 89 37.88 128.58 100.93
CA VAL Z 89 38.17 127.29 100.31
C VAL Z 89 37.09 126.30 100.73
N ILE Z 90 36.45 125.68 99.76
CA ILE Z 90 35.40 124.69 99.98
C ILE Z 90 35.85 123.37 99.36
N ASP Z 91 35.87 122.30 100.16
CA ASP Z 91 36.22 120.98 99.66
C ASP Z 91 35.00 120.36 99.00
N SER Z 92 35.13 120.05 97.71
CA SER Z 92 34.02 119.44 96.96
C SER Z 92 33.81 117.98 97.31
N GLN Z 93 34.82 117.30 97.86
CA GLN Z 93 34.67 115.89 98.19
C GLN Z 93 33.76 115.68 99.40
N ASP Z 94 33.95 116.48 100.44
CA ASP Z 94 33.16 116.38 101.65
C ASP Z 94 31.86 117.18 101.53
N GLU Z 95 30.97 116.97 102.49
CA GLU Z 95 29.75 117.76 102.57
C GLU Z 95 30.08 119.21 102.86
N TYR Z 96 29.38 120.12 102.18
CA TYR Z 96 29.75 121.53 102.19
C TYR Z 96 28.61 122.48 102.57
N ILE Z 97 27.46 121.96 102.98
CA ILE Z 97 26.35 122.82 103.37
C ILE Z 97 26.69 123.60 104.64
N ASN Z 98 27.27 122.93 105.63
CA ASN Z 98 27.76 123.62 106.81
C ASN Z 98 28.92 124.55 106.48
N ALA Z 99 29.75 124.19 105.49
CA ALA Z 99 30.81 125.09 105.04
C ALA Z 99 30.23 126.37 104.44
N ILE Z 100 29.17 126.25 103.63
CA ILE Z 100 28.52 127.43 103.07
C ILE Z 100 27.86 128.25 104.17
N THR Z 101 27.28 127.59 105.18
CA THR Z 101 26.68 128.31 106.30
C THR Z 101 27.73 129.10 107.07
N ASN Z 102 28.89 128.48 107.34
CA ASN Z 102 29.98 129.19 108.01
C ASN Z 102 30.52 130.33 107.15
N LEU Z 103 30.59 130.11 105.84
CA LEU Z 103 31.00 131.16 104.91
C LEU Z 103 30.04 132.34 104.95
N ALA Z 104 28.74 132.06 105.00
CA ALA Z 104 27.74 133.13 105.10
C ALA Z 104 27.88 133.88 106.41
N MET Z 105 28.15 133.17 107.50
CA MET Z 105 28.39 133.82 108.79
C MET Z 105 29.63 134.72 108.73
N ILE Z 106 30.67 134.28 108.03
CA ILE Z 106 31.87 135.08 107.89
C ILE Z 106 31.59 136.35 107.07
N ILE Z 107 30.90 136.19 105.94
CA ILE Z 107 30.56 137.32 105.07
C ILE Z 107 29.65 138.31 105.78
N GLU Z 108 28.81 137.82 106.71
CA GLU Z 108 27.83 138.64 107.42
C GLU Z 108 28.48 139.79 108.19
N TYR Z 109 29.67 139.58 108.74
CA TYR Z 109 30.41 140.66 109.35
C TYR Z 109 31.53 141.20 108.47
N ALA Z 110 32.04 140.39 107.52
CA ALA Z 110 33.09 140.86 106.62
C ALA Z 110 32.61 142.02 105.75
N TYR Z 111 31.38 141.91 105.23
CA TYR Z 111 30.85 143.00 104.42
C TYR Z 111 30.42 144.18 105.29
N LYS Z 112 30.06 143.91 106.55
CA LYS Z 112 29.64 144.99 107.44
C LYS Z 112 30.83 145.86 107.87
N VAL Z 113 31.97 145.23 108.17
CA VAL Z 113 33.15 145.98 108.61
C VAL Z 113 33.67 146.86 107.48
N ASN Z 114 33.85 146.27 106.29
CA ASN Z 114 34.38 147.02 105.16
C ASN Z 114 33.58 146.67 103.90
N PRO Z 115 32.88 147.62 103.30
CA PRO Z 115 32.08 147.31 102.09
C PRO Z 115 32.85 147.34 100.78
N SER Z 116 34.18 147.34 100.82
CA SER Z 116 35.01 147.37 99.61
C SER Z 116 35.84 146.11 99.46
N ILE Z 117 35.56 145.08 100.26
CA ILE Z 117 36.33 143.83 100.21
C ILE Z 117 35.76 142.95 99.11
N ASN Z 118 36.64 142.50 98.21
CA ASN Z 118 36.26 141.50 97.22
C ASN Z 118 36.32 140.12 97.85
N ILE Z 119 35.24 139.35 97.70
CA ILE Z 119 35.09 138.05 98.34
C ILE Z 119 35.21 136.97 97.26
N GLU Z 120 36.13 136.04 97.47
CA GLU Z 120 36.39 134.97 96.52
C GLU Z 120 36.17 133.62 97.20
N VAL Z 121 35.62 132.66 96.46
CA VAL Z 121 35.35 131.32 96.96
C VAL Z 121 35.94 130.33 95.97
N LEU Z 122 36.76 129.41 96.48
CA LEU Z 122 37.41 128.39 95.67
C LEU Z 122 36.79 127.04 95.96
N ILE Z 123 36.41 126.31 94.92
CA ILE Z 123 35.85 124.97 95.05
C ILE Z 123 37.00 124.01 94.76
N HIS Z 124 37.69 123.61 95.82
CA HIS Z 124 38.91 122.82 95.67
C HIS Z 124 38.60 121.33 95.54
N LYS Z 125 39.61 120.59 95.10
CA LYS Z 125 39.57 119.12 94.94
C LYS Z 125 38.45 118.69 93.99
N VAL Z 126 38.56 119.12 92.74
CA VAL Z 126 37.61 118.77 91.69
C VAL Z 126 38.29 118.02 90.55
N ASP Z 127 39.42 117.36 90.83
CA ASP Z 127 40.16 116.66 89.79
C ASP Z 127 39.44 115.41 89.32
N GLY Z 128 38.78 114.69 90.24
CA GLY Z 128 38.13 113.44 89.90
C GLY Z 128 36.64 113.57 89.68
N LEU Z 129 36.22 114.65 89.02
CA LEU Z 129 34.80 114.89 88.75
C LEU Z 129 34.62 115.18 87.27
N SER Z 130 33.44 114.83 86.76
CA SER Z 130 33.09 115.10 85.37
C SER Z 130 32.76 116.58 85.19
N GLU Z 131 32.71 117.01 83.92
CA GLU Z 131 32.38 118.40 83.61
C GLU Z 131 30.96 118.74 84.02
N ASP Z 132 30.00 117.85 83.73
CA ASP Z 132 28.62 118.08 84.11
C ASP Z 132 28.46 118.12 85.63
N PHE Z 133 29.13 117.21 86.33
CA PHE Z 133 29.08 117.20 87.80
C PHE Z 133 29.72 118.45 88.36
N LYS Z 134 30.82 118.93 87.76
CA LYS Z 134 31.47 120.14 88.22
C LYS Z 134 30.56 121.35 88.05
N VAL Z 135 29.91 121.47 86.88
CA VAL Z 135 29.02 122.60 86.63
C VAL Z 135 27.81 122.55 87.55
N ASP Z 136 27.23 121.36 87.76
CA ASP Z 136 26.09 121.23 88.66
C ASP Z 136 26.47 121.56 90.11
N ALA Z 137 27.66 121.12 90.54
CA ALA Z 137 28.12 121.43 91.89
C ALA Z 137 28.36 122.92 92.06
N GLN Z 138 28.95 123.57 91.05
CA GLN Z 138 29.17 125.01 91.12
C GLN Z 138 27.84 125.77 91.15
N ARG Z 139 26.87 125.33 90.35
CA ARG Z 139 25.56 125.97 90.36
C ARG Z 139 24.85 125.79 91.69
N ASP Z 140 24.94 124.59 92.28
CA ASP Z 140 24.33 124.35 93.58
C ASP Z 140 24.98 125.19 94.68
N ILE Z 141 26.31 125.30 94.66
CA ILE Z 141 27.02 126.12 95.64
C ILE Z 141 26.64 127.60 95.48
N MET Z 142 26.55 128.07 94.23
CA MET Z 142 26.17 129.45 93.96
C MET Z 142 24.75 129.74 94.44
N GLN Z 143 23.82 128.83 94.16
CA GLN Z 143 22.43 129.01 94.58
C GLN Z 143 22.31 128.98 96.10
N ARG Z 144 23.02 128.07 96.76
CA ARG Z 144 22.97 127.98 98.22
C ARG Z 144 23.56 129.24 98.87
N THR Z 145 24.69 129.73 98.36
CA THR Z 145 25.29 130.95 98.89
C THR Z 145 24.38 132.16 98.67
N GLY Z 146 23.77 132.26 97.48
CA GLY Z 146 22.87 133.35 97.20
C GLY Z 146 21.63 133.34 98.09
N GLU Z 147 21.06 132.15 98.31
CA GLU Z 147 19.90 132.03 99.17
C GLU Z 147 20.24 132.34 100.63
N GLU Z 148 21.42 131.90 101.09
CA GLU Z 148 21.82 132.18 102.46
C GLU Z 148 22.12 133.67 102.68
N LEU Z 149 22.71 134.32 101.67
CA LEU Z 149 22.90 135.76 101.77
C LEU Z 149 21.58 136.52 101.66
N LEU Z 150 20.61 135.96 100.94
CA LEU Z 150 19.28 136.56 100.89
C LEU Z 150 18.60 136.45 102.25
N GLU Z 151 18.80 135.31 102.93
CA GLU Z 151 18.24 135.12 104.26
C GLU Z 151 18.87 136.07 105.27
N LEU Z 152 20.19 136.29 105.16
CA LEU Z 152 20.86 137.16 106.11
C LEU Z 152 20.67 138.65 105.81
N GLY Z 153 20.04 138.98 104.67
CA GLY Z 153 19.74 140.36 104.35
C GLY Z 153 20.86 141.15 103.73
N LEU Z 154 21.97 140.50 103.37
CA LEU Z 154 23.07 141.18 102.72
C LEU Z 154 22.72 141.49 101.26
N ASP Z 155 22.95 142.74 100.86
CA ASP Z 155 22.67 143.18 99.50
C ASP Z 155 23.87 143.96 98.97
N GLY Z 156 24.00 143.98 97.64
CA GLY Z 156 25.11 144.66 97.00
C GLY Z 156 26.44 143.95 97.08
N VAL Z 157 26.46 142.69 97.49
CA VAL Z 157 27.68 141.90 97.61
C VAL Z 157 27.74 140.91 96.46
N GLN Z 158 28.90 140.84 95.79
CA GLN Z 158 29.13 139.91 94.70
C GLN Z 158 30.28 138.99 95.08
N VAL Z 159 30.04 137.68 94.99
CA VAL Z 159 31.02 136.67 95.37
C VAL Z 159 31.39 135.87 94.13
N SER Z 160 32.68 135.82 93.82
CA SER Z 160 33.16 135.06 92.67
C SER Z 160 33.47 133.62 93.08
N PHE Z 161 33.29 132.70 92.14
CA PHE Z 161 33.50 131.28 92.37
C PHE Z 161 34.46 130.72 91.33
N TYR Z 162 35.40 129.90 91.79
CA TYR Z 162 36.39 129.30 90.91
C TYR Z 162 36.54 127.83 91.24
N LEU Z 163 36.58 126.99 90.21
CA LEU Z 163 36.82 125.56 90.35
C LEU Z 163 38.33 125.33 90.33
N THR Z 164 38.91 125.04 91.49
CA THR Z 164 40.35 124.96 91.64
C THR Z 164 40.79 123.54 91.98
N SER Z 165 42.00 123.21 91.56
CA SER Z 165 42.66 121.95 91.93
C SER Z 165 44.15 122.15 91.84
N ILE Z 166 44.89 121.47 92.73
CA ILE Z 166 46.33 121.64 92.80
C ILE Z 166 47.01 121.02 91.59
N PHE Z 167 46.53 119.86 91.15
CA PHE Z 167 47.22 119.08 90.13
C PHE Z 167 47.18 119.71 88.73
N ASP Z 168 46.38 120.76 88.53
CA ASP Z 168 46.33 121.41 87.22
C ASP Z 168 46.51 122.92 87.35
N HIS Z 169 46.24 123.63 86.24
CA HIS Z 169 46.45 125.07 86.15
C HIS Z 169 45.37 125.90 86.83
N SER Z 170 44.31 125.26 87.35
CA SER Z 170 43.12 125.98 87.80
C SER Z 170 43.40 126.90 88.99
N ILE Z 171 44.21 126.44 89.94
CA ILE Z 171 44.52 127.25 91.12
C ILE Z 171 45.35 128.47 90.73
N TYR Z 172 46.25 128.31 89.74
CA TYR Z 172 47.03 129.42 89.23
C TYR Z 172 46.15 130.47 88.59
N GLU Z 173 45.17 130.06 87.80
CA GLU Z 173 44.28 131.01 87.13
C GLU Z 173 43.37 131.70 88.15
N ALA Z 174 42.91 130.95 89.15
CA ALA Z 174 42.06 131.55 90.20
C ALA Z 174 42.84 132.60 90.98
N PHE Z 175 44.07 132.29 91.37
CA PHE Z 175 44.90 133.27 92.06
C PHE Z 175 45.27 134.44 91.15
N SER Z 176 45.38 134.19 89.84
CA SER Z 176 45.63 135.27 88.89
C SER Z 176 44.46 136.24 88.87
N ARG Z 177 43.23 135.72 88.85
CA ARG Z 177 42.04 136.58 88.87
C ARG Z 177 41.96 137.33 90.20
N ILE Z 178 42.26 136.66 91.31
CA ILE Z 178 42.22 137.30 92.62
C ILE Z 178 43.23 138.44 92.70
N VAL Z 179 44.45 138.22 92.20
CA VAL Z 179 45.47 139.25 92.20
C VAL Z 179 45.09 140.39 91.26
N GLN Z 180 44.53 140.06 90.08
CA GLN Z 180 44.12 141.07 89.12
C GLN Z 180 43.00 141.95 89.66
N LYS Z 181 42.16 141.41 90.54
CA LYS Z 181 41.13 142.24 91.16
C LYS Z 181 41.68 143.27 92.14
N LEU Z 182 42.97 143.18 92.51
CA LEU Z 182 43.57 144.08 93.48
C LEU Z 182 44.64 144.97 92.89
N ILE Z 183 44.70 145.11 91.57
CA ILE Z 183 45.60 146.03 90.90
C ILE Z 183 44.76 147.12 90.23
N PRO Z 184 44.80 148.37 90.72
CA PRO Z 184 43.95 149.42 90.13
C PRO Z 184 44.37 149.87 88.74
N GLU Z 185 45.57 149.50 88.29
CA GLU Z 185 46.11 149.91 87.00
C GLU Z 185 45.97 148.81 85.95
N LEU Z 186 44.87 148.06 86.00
CA LEU Z 186 44.72 146.88 85.13
C LEU Z 186 44.54 147.28 83.68
N SER Z 187 43.64 148.23 83.41
CA SER Z 187 43.30 148.61 82.04
C SER Z 187 44.46 149.27 81.31
N PHE Z 188 45.28 150.05 82.03
CA PHE Z 188 46.45 150.67 81.40
C PHE Z 188 47.49 149.63 81.02
N LEU Z 189 47.69 148.62 81.88
CA LEU Z 189 48.58 147.51 81.53
C LEU Z 189 48.02 146.70 80.36
N GLU Z 190 46.70 146.53 80.30
CA GLU Z 190 46.07 145.86 79.17
C GLU Z 190 46.32 146.62 77.87
N ASN Z 191 46.17 147.95 77.91
CA ASN Z 191 46.42 148.77 76.73
C ASN Z 191 47.88 148.72 76.31
N MET Z 192 48.80 148.78 77.29
CA MET Z 192 50.22 148.74 77.00
C MET Z 192 50.62 147.41 76.36
N LEU Z 193 50.12 146.30 76.91
CA LEU Z 193 50.42 144.99 76.34
C LEU Z 193 49.77 144.81 74.97
N ASP Z 194 48.58 145.38 74.78
CA ASP Z 194 47.92 145.30 73.48
C ASP Z 194 48.72 146.05 72.42
N ASN Z 195 49.24 147.24 72.77
CA ASN Z 195 50.09 147.98 71.84
C ASN Z 195 51.40 147.26 71.57
N LEU Z 196 52.00 146.67 72.60
CA LEU Z 196 53.24 145.91 72.45
C LEU Z 196 53.05 144.70 71.51
N ILE Z 197 51.94 143.99 71.67
CA ILE Z 197 51.64 142.84 70.82
C ILE Z 197 51.30 143.28 69.39
N GLN Z 198 50.57 144.39 69.24
CA GLN Z 198 50.21 144.87 67.92
C GLN Z 198 51.40 145.39 67.12
N HIS Z 199 52.49 145.80 67.77
CA HIS Z 199 53.64 146.35 67.07
C HIS Z 199 54.87 145.45 67.15
N SER Z 200 54.71 144.17 67.47
CA SER Z 200 55.86 143.27 67.51
C SER Z 200 55.57 141.87 66.94
N LYS Z 201 54.39 141.67 66.33
CA LYS Z 201 53.96 140.37 65.78
C LYS Z 201 53.96 139.28 66.85
N ILE Z 202 53.52 139.63 68.05
CA ILE Z 202 53.44 138.70 69.18
C ILE Z 202 52.11 137.96 69.09
N GLU Z 203 52.14 136.65 69.35
CA GLU Z 203 50.89 135.90 69.44
C GLU Z 203 50.20 136.13 70.77
N LYS Z 204 50.95 136.01 71.88
CA LYS Z 204 50.38 136.15 73.22
C LYS Z 204 51.50 136.50 74.18
N ALA Z 205 51.38 137.64 74.86
CA ALA Z 205 52.39 138.10 75.81
C ALA Z 205 51.81 138.13 77.21
N PHE Z 206 52.51 137.48 78.14
CA PHE Z 206 52.12 137.43 79.55
C PHE Z 206 53.12 138.18 80.41
N LEU Z 207 52.60 138.94 81.37
CA LEU Z 207 53.43 139.63 82.36
C LEU Z 207 53.41 138.80 83.65
N PHE Z 208 54.29 137.80 83.69
CA PHE Z 208 54.36 136.88 84.82
C PHE Z 208 55.02 137.56 86.02
N ASP Z 209 55.09 136.81 87.12
CA ASP Z 209 55.95 137.10 88.25
C ASP Z 209 56.89 135.93 88.48
N VAL Z 210 58.06 136.21 89.06
CA VAL Z 210 59.15 135.22 89.12
C VAL Z 210 58.75 134.03 89.98
N ASN Z 211 57.99 134.25 91.04
CA ASN Z 211 57.52 133.17 91.90
C ASN Z 211 56.03 132.96 91.68
N SER Z 212 55.58 131.71 91.92
CA SER Z 212 54.19 131.27 91.94
C SER Z 212 53.54 131.19 90.57
N LYS Z 213 54.23 131.69 89.53
CA LYS Z 213 53.79 131.62 88.12
C LYS Z 213 52.41 132.25 87.92
N ILE Z 214 52.13 133.32 88.65
CA ILE Z 214 50.85 134.00 88.63
C ILE Z 214 50.96 135.16 87.64
N TYR Z 215 50.38 135.00 86.45
CA TYR Z 215 50.47 136.03 85.43
C TYR Z 215 49.61 137.22 85.82
N VAL Z 216 50.18 138.43 85.69
CA VAL Z 216 49.58 139.63 86.23
C VAL Z 216 48.73 140.37 85.20
N SER Z 217 49.21 140.45 83.96
CA SER Z 217 48.45 141.14 82.92
C SER Z 217 48.66 140.46 81.59
N THR Z 218 47.71 140.67 80.69
CA THR Z 218 47.76 140.10 79.34
C THR Z 218 47.04 141.05 78.40
N ASP Z 219 46.72 140.56 77.21
CA ASP Z 219 46.02 141.35 76.21
C ASP Z 219 44.51 141.10 76.28
N SER Z 220 43.77 141.60 75.29
CA SER Z 220 42.35 141.31 75.17
C SER Z 220 42.08 139.93 74.58
N ASN Z 221 43.10 139.27 74.04
CA ASN Z 221 42.95 137.91 73.53
C ASN Z 221 42.70 136.94 74.68
N PRO Z 222 41.89 135.91 74.46
CA PRO Z 222 41.59 134.95 75.53
C PRO Z 222 42.83 134.19 75.97
N VAL Z 223 42.90 133.92 77.29
CA VAL Z 223 44.03 133.23 77.89
C VAL Z 223 43.92 131.74 77.53
N ASP Z 224 44.71 131.32 76.54
CA ASP Z 224 44.74 129.91 76.16
C ASP Z 224 45.45 129.11 77.24
N ILE Z 225 44.85 127.97 77.61
CA ILE Z 225 45.39 127.16 78.70
C ILE Z 225 46.71 126.50 78.28
N GLN Z 226 46.75 126.00 77.04
CA GLN Z 226 47.96 125.34 76.54
C GLN Z 226 49.14 126.30 76.44
N MET Z 227 48.91 127.50 75.91
CA MET Z 227 49.95 128.51 75.83
C MET Z 227 50.38 128.97 77.21
N TYR Z 228 49.44 129.06 78.16
CA TYR Z 228 49.78 129.43 79.53
C TYR Z 228 50.67 128.37 80.17
N GLU Z 229 50.36 127.08 79.96
CA GLU Z 229 51.21 126.02 80.49
C GLU Z 229 52.59 126.02 79.84
N VAL Z 230 52.65 126.33 78.54
CA VAL Z 230 53.93 126.44 77.84
C VAL Z 230 54.77 127.56 78.45
N CYS Z 231 54.16 128.72 78.69
CA CYS Z 231 54.89 129.85 79.27
C CYS Z 231 55.29 129.57 80.72
N SER Z 232 54.44 128.87 81.48
CA SER Z 232 54.78 128.53 82.85
C SER Z 232 55.96 127.56 82.92
N GLU Z 233 55.97 126.54 82.06
CA GLU Z 233 57.10 125.63 82.04
C GLU Z 233 58.35 126.32 81.49
N PHE Z 234 58.17 127.32 80.61
CA PHE Z 234 59.30 128.14 80.17
C PHE Z 234 59.89 128.93 81.33
N ILE Z 235 59.03 129.50 82.18
CA ILE Z 235 59.48 130.18 83.39
C ILE Z 235 60.26 129.23 84.29
N ASP Z 236 59.72 128.02 84.49
CA ASP Z 236 60.39 127.03 85.34
C ASP Z 236 61.75 126.62 84.78
N VAL Z 237 61.82 126.40 83.45
CA VAL Z 237 63.07 126.01 82.80
C VAL Z 237 64.10 127.14 82.91
N THR Z 238 63.66 128.39 82.69
CA THR Z 238 64.54 129.54 82.80
C THR Z 238 65.12 129.67 84.21
N ILE Z 239 64.25 129.62 85.23
CA ILE Z 239 64.71 129.80 86.60
C ILE Z 239 65.63 128.65 87.03
N ASP Z 240 65.28 127.41 86.66
CA ASP Z 240 66.11 126.27 87.04
C ASP Z 240 67.47 126.31 86.35
N LEU Z 241 67.49 126.64 85.04
CA LEU Z 241 68.75 126.69 84.31
C LEU Z 241 69.64 127.83 84.81
N PHE Z 242 69.02 128.96 85.19
CA PHE Z 242 69.80 130.04 85.79
C PHE Z 242 70.37 129.61 87.13
N ASP Z 243 69.58 128.91 87.95
CA ASP Z 243 70.03 128.46 89.26
C ASP Z 243 71.10 127.38 89.18
N LEU Z 244 71.18 126.63 88.08
CA LEU Z 244 72.21 125.61 87.96
C LEU Z 244 73.60 126.22 87.85
N TYR Z 245 73.73 127.34 87.15
CA TYR Z 245 75.02 128.02 86.98
C TYR Z 245 74.91 129.41 87.61
N LYS Z 246 75.41 129.55 88.83
CA LYS Z 246 75.39 130.83 89.53
C LYS Z 246 76.79 131.19 90.02
N ALA Z 247 76.88 132.24 90.85
CA ALA Z 247 78.10 132.78 91.45
C ALA Z 247 79.16 133.10 90.40
N PRO Z 248 78.98 134.17 89.61
CA PRO Z 248 79.96 134.50 88.56
C PRO Z 248 81.24 135.11 89.12
N GLU Z 268 68.64 140.65 85.83
CA GLU Z 268 68.29 140.76 84.43
C GLU Z 268 68.30 139.40 83.73
N LEU Z 269 67.13 138.78 83.65
CA LEU Z 269 66.97 137.48 83.02
C LEU Z 269 66.40 137.66 81.61
N GLN Z 270 67.10 137.13 80.62
CA GLN Z 270 66.66 137.18 79.23
C GLN Z 270 66.75 135.80 78.62
N ASN Z 271 65.75 135.42 77.84
CA ASN Z 271 65.73 134.09 77.23
C ASN Z 271 64.99 134.10 75.92
N VAL Z 272 65.60 133.49 74.90
CA VAL Z 272 65.01 133.33 73.58
C VAL Z 272 64.99 131.84 73.26
N SER Z 273 63.79 131.27 73.07
CA SER Z 273 63.64 129.87 72.72
C SER Z 273 62.85 129.77 71.42
N GLN Z 274 63.52 129.37 70.35
CA GLN Z 274 62.94 129.28 69.02
C GLN Z 274 62.62 127.82 68.70
N LEU Z 275 61.42 127.57 68.17
CA LEU Z 275 60.98 126.23 67.84
C LEU Z 275 61.29 125.92 66.38
N ALA Z 276 60.83 124.76 65.91
CA ALA Z 276 61.13 124.33 64.54
C ALA Z 276 60.36 125.15 63.51
N ASN Z 277 59.12 125.54 63.82
CA ASN Z 277 58.29 126.30 62.89
C ASN Z 277 58.57 127.80 62.93
N GLY Z 278 59.67 128.23 63.52
CA GLY Z 278 60.02 129.62 63.61
C GLY Z 278 59.41 130.37 64.78
N VAL Z 279 58.50 129.73 65.52
CA VAL Z 279 57.86 130.39 66.65
C VAL Z 279 58.86 130.51 67.80
N ILE Z 280 59.06 131.73 68.29
CA ILE Z 280 60.01 132.00 69.35
C ILE Z 280 59.26 132.32 70.63
N ILE Z 281 59.89 132.02 71.76
CA ILE Z 281 59.38 132.33 73.08
C ILE Z 281 60.39 133.23 73.77
N TYR Z 282 59.97 134.44 74.15
CA TYR Z 282 60.87 135.46 74.67
C TYR Z 282 60.64 135.65 76.16
N LEU Z 283 61.71 136.02 76.86
CA LEU Z 283 61.65 136.31 78.28
C LEU Z 283 62.51 137.54 78.58
N ARG Z 284 62.00 138.41 79.44
CA ARG Z 284 62.76 139.56 79.93
C ARG Z 284 62.22 139.96 81.28
N GLN Z 285 63.09 140.03 82.28
CA GLN Z 285 62.69 140.37 83.63
C GLN Z 285 62.31 141.84 83.72
N MET Z 286 61.13 142.11 84.29
CA MET Z 286 60.66 143.47 84.48
C MET Z 286 61.08 143.97 85.86
N ILE Z 287 60.50 145.09 86.29
CA ILE Z 287 60.86 145.70 87.57
C ILE Z 287 60.34 144.83 88.71
N ARG Z 288 61.17 144.66 89.73
CA ARG Z 288 60.93 143.81 90.91
C ARG Z 288 60.75 142.37 90.41
N GLY Z 289 59.81 141.62 90.96
CA GLY Z 289 59.66 140.22 90.61
C GLY Z 289 58.91 139.94 89.32
N LEU Z 290 58.44 140.98 88.64
CA LEU Z 290 57.68 140.78 87.42
C LEU Z 290 58.58 140.33 86.27
N ALA Z 291 58.07 139.43 85.44
CA ALA Z 291 58.78 138.97 84.26
C ALA Z 291 57.82 138.94 83.07
N LEU Z 292 58.33 139.33 81.90
CA LEU Z 292 57.51 139.38 80.69
C LEU Z 292 57.84 138.17 79.84
N VAL Z 293 56.81 137.40 79.48
CA VAL Z 293 56.94 136.24 78.59
C VAL Z 293 56.00 136.45 77.41
N ALA Z 294 56.56 136.36 76.21
CA ALA Z 294 55.80 136.57 74.98
C ALA Z 294 56.09 135.46 73.98
N ILE Z 295 55.06 135.10 73.22
CA ILE Z 295 55.19 134.16 72.11
C ILE Z 295 55.07 134.97 70.83
N ILE Z 296 56.17 135.04 70.07
CA ILE Z 296 56.25 135.88 68.87
C ILE Z 296 56.33 134.97 67.65
N ARG Z 297 55.46 135.22 66.68
CA ARG Z 297 55.48 134.44 65.45
C ARG Z 297 56.23 135.20 64.35
N PRO Z 298 57.06 134.50 63.56
CA PRO Z 298 57.89 135.22 62.58
C PRO Z 298 57.12 135.70 61.37
N ASN Z 299 56.07 134.99 60.97
CA ASN Z 299 55.24 135.30 59.79
C ASN Z 299 56.10 135.42 58.52
N GLY Z 300 57.04 134.50 58.38
CA GLY Z 300 57.91 134.47 57.21
C GLY Z 300 58.87 135.64 57.09
N THR Z 301 59.46 136.06 58.21
CA THR Z 301 60.42 137.16 58.22
C THR Z 301 61.76 136.66 58.75
N ASP Z 302 62.73 137.57 58.78
CA ASP Z 302 64.06 137.25 59.32
C ASP Z 302 63.97 137.09 60.84
N MET Z 303 64.65 136.06 61.34
CA MET Z 303 64.65 135.80 62.78
C MET Z 303 65.39 136.90 63.56
N GLU Z 304 66.56 137.31 63.07
CA GLU Z 304 67.36 138.31 63.78
C GLU Z 304 66.72 139.68 63.74
N SER Z 305 66.08 140.04 62.62
CA SER Z 305 65.36 141.31 62.54
C SER Z 305 64.19 141.34 63.51
N CYS Z 306 63.44 140.24 63.59
CA CYS Z 306 62.34 140.13 64.53
C CYS Z 306 62.84 140.21 65.97
N LEU Z 307 63.97 139.55 66.27
CA LEU Z 307 64.55 139.64 67.60
C LEU Z 307 64.99 141.06 67.94
N THR Z 308 65.56 141.77 66.97
CA THR Z 308 66.01 143.14 67.21
C THR Z 308 64.84 144.08 67.46
N VAL Z 309 63.81 144.00 66.63
CA VAL Z 309 62.65 144.88 66.82
C VAL Z 309 61.89 144.52 68.08
N ALA Z 310 61.82 143.22 68.43
CA ALA Z 310 61.16 142.82 69.68
C ALA Z 310 61.95 143.29 70.89
N ASP Z 311 63.29 143.21 70.83
CA ASP Z 311 64.12 143.68 71.92
C ASP Z 311 63.96 145.18 72.13
N TYR Z 312 63.97 145.95 71.03
CA TYR Z 312 63.82 147.40 71.15
C TYR Z 312 62.44 147.78 71.68
N ASN Z 313 61.39 147.12 71.17
CA ASN Z 313 60.03 147.41 71.62
C ASN Z 313 59.83 147.03 73.09
N ILE Z 314 60.38 145.89 73.50
CA ILE Z 314 60.22 145.44 74.88
C ILE Z 314 61.05 146.30 75.83
N ASP Z 315 62.21 146.79 75.38
CA ASP Z 315 62.97 147.76 76.19
C ASP Z 315 62.21 149.07 76.34
N ILE Z 316 61.53 149.52 75.29
CA ILE Z 316 60.69 150.71 75.38
C ILE Z 316 59.53 150.46 76.36
N PHE Z 317 58.94 149.28 76.29
CA PHE Z 317 57.85 148.93 77.20
C PHE Z 317 58.32 148.88 78.65
N LYS Z 318 59.55 148.38 78.88
CA LYS Z 318 60.11 148.36 80.22
C LYS Z 318 60.41 149.77 80.72
N LYS Z 319 60.88 150.64 79.83
CA LYS Z 319 61.10 152.04 80.19
C LYS Z 319 59.79 152.73 80.55
N GLY Z 320 58.72 152.40 79.83
CA GLY Z 320 57.40 152.92 80.20
C GLY Z 320 56.90 152.35 81.52
N LEU Z 321 57.16 151.06 81.76
CA LEU Z 321 56.79 150.42 83.03
C LEU Z 321 57.59 150.96 84.20
N GLU Z 322 58.77 151.55 83.95
CA GLU Z 322 59.54 152.18 85.00
C GLU Z 322 58.81 153.39 85.60
N ASP Z 323 58.06 154.13 84.77
CA ASP Z 323 57.36 155.31 85.24
C ASP Z 323 56.21 154.94 86.19
N ILE Z 324 55.40 153.97 85.80
CA ILE Z 324 54.28 153.52 86.63
C ILE Z 324 54.81 152.66 87.77
N TRP Z 325 54.29 152.86 88.97
CA TRP Z 325 54.76 152.11 90.14
C TRP Z 325 53.95 150.84 90.35
N ALA Z 326 53.83 150.03 89.29
CA ALA Z 326 53.10 148.77 89.40
C ALA Z 326 53.92 147.69 90.09
N ASN Z 327 55.24 147.84 90.14
CA ASN Z 327 56.10 146.86 90.79
C ASN Z 327 55.92 146.89 92.30
N ALA Z 328 56.06 145.70 92.90
CA ALA Z 328 55.94 145.46 94.35
C ALA Z 328 54.61 145.97 94.92
N GLY AA 7 32.25 60.95 66.44
CA GLY AA 7 32.25 60.88 67.89
C GLY AA 7 32.91 62.08 68.54
N PHE AA 8 32.76 62.19 69.86
CA PHE AA 8 33.34 63.29 70.62
C PHE AA 8 34.57 62.78 71.36
N VAL AA 9 35.66 63.52 71.28
CA VAL AA 9 36.90 63.13 71.97
C VAL AA 9 36.73 63.35 73.48
N PRO AA 10 37.14 62.41 74.32
CA PRO AA 10 37.13 62.67 75.77
C PRO AA 10 38.25 63.62 76.16
N ILE AA 11 37.99 64.44 77.17
CA ILE AA 11 39.00 65.35 77.69
C ILE AA 11 40.07 64.56 78.41
N HIS AA 12 41.32 64.99 78.26
CA HIS AA 12 42.45 64.32 78.91
C HIS AA 12 42.78 64.95 80.25
N THR AA 13 42.91 66.28 80.30
CA THR AA 13 43.25 66.98 81.53
C THR AA 13 42.74 68.41 81.43
N ILE AA 14 41.99 68.85 82.44
CA ILE AA 14 41.54 70.23 82.55
C ILE AA 14 42.28 70.88 83.70
N PHE AA 15 42.77 72.10 83.47
CA PHE AA 15 43.42 72.85 84.53
C PHE AA 15 43.16 74.34 84.34
N TYR AA 16 43.27 75.08 85.44
CA TYR AA 16 42.90 76.48 85.51
C TYR AA 16 44.14 77.31 85.86
N SER AA 17 44.64 78.05 84.89
CA SER AA 17 45.82 78.89 85.09
C SER AA 17 45.39 80.27 85.56
N VAL AA 18 46.34 80.97 86.20
CA VAL AA 18 46.08 82.30 86.74
C VAL AA 18 47.41 83.05 86.79
N PHE AA 19 47.34 84.38 86.69
CA PHE AA 19 48.53 85.23 86.67
C PHE AA 19 48.70 85.84 88.05
N HIS AA 20 49.54 85.22 88.86
CA HIS AA 20 49.92 85.79 90.15
C HIS AA 20 50.89 86.93 89.95
N PRO AA 21 50.66 88.10 90.54
CA PRO AA 21 51.54 89.26 90.28
C PRO AA 21 52.92 89.14 90.89
N THR AA 22 53.18 88.16 91.76
CA THR AA 22 54.48 87.96 92.35
C THR AA 22 55.21 86.72 91.82
N GLU AA 23 54.54 85.57 91.83
CA GLU AA 23 55.16 84.32 91.41
C GLU AA 23 54.75 83.90 90.00
N GLY AA 24 54.17 84.81 89.23
CA GLY AA 24 53.96 84.58 87.81
C GLY AA 24 52.80 83.63 87.51
N SER AA 25 52.76 83.23 86.24
CA SER AA 25 51.75 82.30 85.78
C SER AA 25 51.99 80.91 86.35
N LYS AA 26 50.92 80.27 86.83
CA LYS AA 26 51.04 78.97 87.47
C LYS AA 26 49.70 78.26 87.35
N ILE AA 27 49.71 76.96 87.59
CA ILE AA 27 48.50 76.15 87.54
C ILE AA 27 47.87 76.16 88.93
N LYS AA 28 46.78 76.90 89.08
CA LYS AA 28 46.10 77.02 90.36
C LYS AA 28 45.41 75.72 90.75
N TYR AA 29 44.66 75.13 89.81
CA TYR AA 29 43.94 73.89 90.01
C TYR AA 29 44.03 73.05 88.75
N GLU AA 30 43.97 71.73 88.92
CA GLU AA 30 44.14 70.81 87.81
C GLU AA 30 43.42 69.50 88.12
N PHE AA 31 42.60 69.03 87.19
CA PHE AA 31 41.98 67.73 87.34
C PHE AA 31 42.21 66.93 86.06
N PRO AA 32 42.73 65.69 86.16
CA PRO AA 32 43.10 64.92 87.37
C PRO AA 32 44.36 65.49 88.04
N PRO AA 33 44.55 65.26 89.35
CA PRO AA 33 45.69 65.87 90.04
C PRO AA 33 47.00 65.24 89.58
N ASN AA 34 47.98 66.10 89.32
CA ASN AA 34 49.34 65.72 88.89
C ASN AA 34 49.29 64.91 87.59
N ASN AA 35 48.33 65.21 86.73
CA ASN AA 35 48.23 64.53 85.44
C ASN AA 35 49.28 65.04 84.46
N LEU AA 36 49.53 66.35 84.45
CA LEU AA 36 50.48 66.93 83.50
C LEU AA 36 51.91 66.45 83.77
N LYS AA 37 52.30 66.41 85.04
CA LYS AA 37 53.65 65.97 85.39
C LYS AA 37 53.81 64.47 85.13
N ASN AA 38 52.75 63.69 85.36
CA ASN AA 38 52.82 62.27 85.11
C ASN AA 38 52.87 61.96 83.62
N HIS AA 39 52.15 62.74 82.82
CA HIS AA 39 52.09 62.51 81.38
C HIS AA 39 53.15 63.26 80.61
N GLY AA 40 53.97 64.08 81.28
CA GLY AA 40 55.08 64.76 80.65
C GLY AA 40 54.82 66.20 80.26
N ILE AA 41 53.58 66.69 80.40
CA ILE AA 41 53.27 68.06 80.04
C ILE AA 41 53.87 69.02 81.07
N ASN AA 42 54.65 69.98 80.59
CA ASN AA 42 55.36 70.93 81.44
C ASN AA 42 54.82 72.34 81.21
N PHE AA 43 54.42 73.00 82.30
CA PHE AA 43 53.96 74.39 82.22
C PHE AA 43 55.13 75.37 82.36
N ASN AA 44 56.15 75.17 81.53
CA ASN AA 44 57.22 76.14 81.40
C ASN AA 44 57.63 76.37 79.95
N THR AA 45 57.02 75.67 79.00
CA THR AA 45 57.29 75.85 77.59
C THR AA 45 56.21 76.67 76.88
N PHE AA 46 54.94 76.38 77.14
CA PHE AA 46 53.84 77.08 76.50
C PHE AA 46 53.14 78.03 77.46
N LYS AA 47 53.84 78.46 78.51
CA LYS AA 47 53.28 79.40 79.47
C LYS AA 47 53.08 80.79 78.87
N ASN AA 48 53.77 81.11 77.77
CA ASN AA 48 53.61 82.39 77.11
C ASN AA 48 52.40 82.45 76.19
N TYR AA 49 51.79 81.30 75.89
CA TYR AA 49 50.56 81.26 75.13
C TYR AA 49 49.32 81.14 76.01
N ILE AA 50 49.45 80.51 77.17
CA ILE AA 50 48.34 80.41 78.10
C ILE AA 50 48.04 81.76 78.73
N ILE AA 51 49.08 82.48 79.15
CA ILE AA 51 48.92 83.84 79.65
C ILE AA 51 49.75 84.75 78.75
N PRO AA 52 49.19 85.23 77.66
CA PRO AA 52 49.99 85.96 76.66
C PRO AA 52 49.95 87.47 76.87
N LYS AA 53 50.71 88.21 76.08
CA LYS AA 53 50.58 89.65 76.05
C LYS AA 53 49.21 90.03 75.50
N PRO AA 54 48.64 91.18 75.92
CA PRO AA 54 47.24 91.50 75.58
C PRO AA 54 47.00 91.88 74.12
N ILE AA 55 47.46 91.05 73.18
CA ILE AA 55 47.12 91.17 71.78
C ILE AA 55 46.55 89.82 71.37
N LEU AA 56 47.01 88.76 72.04
CA LEU AA 56 46.50 87.41 71.84
C LEU AA 56 45.36 87.07 72.78
N CYS AA 57 45.03 87.96 73.71
CA CYS AA 57 43.97 87.72 74.67
C CYS AA 57 42.60 87.83 74.00
N HIS AA 58 41.60 87.23 74.65
CA HIS AA 58 40.22 87.14 74.14
C HIS AA 58 40.18 86.46 72.77
N LYS AA 59 41.00 85.43 72.60
CA LYS AA 59 41.06 84.67 71.36
C LYS AA 59 41.23 83.20 71.69
N LEU AA 60 40.85 82.35 70.73
CA LEU AA 60 40.85 80.90 70.93
C LEU AA 60 42.20 80.30 70.52
N ILE AA 61 43.15 80.40 71.44
CA ILE AA 61 44.49 79.89 71.19
C ILE AA 61 44.48 78.37 71.24
N THR AA 62 44.99 77.75 70.18
CA THR AA 62 45.04 76.30 70.08
C THR AA 62 46.35 75.90 69.41
N PHE AA 63 47.15 75.11 70.11
CA PHE AA 63 48.44 74.70 69.60
C PHE AA 63 48.64 73.21 69.86
N LYS AA 64 49.77 72.70 69.40
CA LYS AA 64 50.12 71.29 69.52
C LYS AA 64 51.36 71.17 70.39
N TYR AA 65 51.29 70.30 71.39
CA TYR AA 65 52.39 70.04 72.30
C TYR AA 65 52.65 68.54 72.29
N GLY AA 66 53.68 68.12 71.56
CA GLY AA 66 54.04 66.72 71.47
C GLY AA 66 52.99 65.88 70.77
N THR AA 67 52.32 65.02 71.54
CA THR AA 67 51.21 64.23 71.04
C THR AA 67 49.87 64.73 71.58
N TYR AA 68 49.88 65.87 72.28
CA TYR AA 68 48.68 66.43 72.89
C TYR AA 68 48.37 67.77 72.23
N ARG AA 69 47.11 67.96 71.84
CA ARG AA 69 46.63 69.23 71.31
C ARG AA 69 45.97 70.01 72.44
N ILE AA 70 46.42 71.24 72.64
CA ILE AA 70 46.01 72.07 73.77
C ILE AA 70 45.12 73.19 73.25
N VAL AA 71 43.90 73.28 73.81
CA VAL AA 71 42.93 74.31 73.43
C VAL AA 71 42.66 75.18 74.64
N CYS AA 72 42.72 76.50 74.45
CA CYS AA 72 42.53 77.43 75.56
C CYS AA 72 41.96 78.74 75.04
N TYR AA 73 41.34 79.49 75.94
CA TYR AA 73 40.80 80.82 75.66
C TYR AA 73 41.27 81.77 76.75
N PRO AA 74 42.45 82.39 76.59
CA PRO AA 74 42.93 83.32 77.62
C PRO AA 74 42.07 84.57 77.72
N VAL AA 75 41.94 85.07 78.94
CA VAL AA 75 41.10 86.22 79.25
C VAL AA 75 41.90 87.16 80.15
N THR AA 76 41.95 88.43 79.80
CA THR AA 76 42.63 89.46 80.59
C THR AA 76 41.67 90.61 80.87
N ILE AA 77 41.53 90.96 82.16
CA ILE AA 77 40.65 92.04 82.59
C ILE AA 77 41.51 93.22 83.01
N ASN AA 78 41.15 94.42 82.53
CA ASN AA 78 41.90 95.64 82.81
C ASN AA 78 41.08 96.55 83.73
N SER AA 79 41.52 96.70 84.97
CA SER AA 79 40.88 97.60 85.92
C SER AA 79 41.90 97.94 87.00
N PRO AA 80 41.81 99.14 87.61
CA PRO AA 80 42.77 99.49 88.66
C PRO AA 80 42.55 98.74 89.97
N ILE AA 81 41.43 98.03 90.12
CA ILE AA 81 41.15 97.29 91.36
C ILE AA 81 42.17 96.17 91.54
N TYR AA 82 42.46 95.43 90.48
CA TYR AA 82 43.42 94.35 90.55
C TYR AA 82 44.83 94.91 90.65
N ALA AA 83 45.72 94.12 91.24
CA ALA AA 83 47.13 94.50 91.30
C ALA AA 83 47.73 94.47 89.90
N ARG AA 84 48.62 95.43 89.64
CA ARG AA 84 49.28 95.66 88.36
C ARG AA 84 48.29 95.92 87.22
N ASN AA 85 47.10 96.42 87.57
CA ASN AA 85 46.06 96.87 86.64
C ASN AA 85 45.57 95.75 85.70
N PHE AA 86 45.86 94.50 86.03
CA PHE AA 86 45.49 93.38 85.17
C PHE AA 86 45.23 92.15 86.04
N PHE AA 87 44.42 91.24 85.52
CA PHE AA 87 44.17 89.96 86.16
C PHE AA 87 43.88 88.94 85.07
N SER AA 88 44.82 88.03 84.81
CA SER AA 88 44.74 87.10 83.69
C SER AA 88 44.57 85.67 84.19
N PHE AA 89 43.64 84.94 83.58
CA PHE AA 89 43.43 83.53 83.85
C PHE AA 89 43.15 82.83 82.53
N ASN AA 90 43.05 81.51 82.58
CA ASN AA 90 42.81 80.71 81.38
C ASN AA 90 42.27 79.35 81.78
N PHE AA 91 41.09 79.00 81.25
CA PHE AA 91 40.53 77.67 81.40
C PHE AA 91 41.03 76.84 80.22
N VAL AA 92 42.01 75.99 80.47
CA VAL AA 92 42.75 75.29 79.42
C VAL AA 92 42.20 73.87 79.30
N PHE AA 93 41.92 73.45 78.06
CA PHE AA 93 41.48 72.09 77.79
C PHE AA 93 42.56 71.37 76.98
N VAL AA 94 42.88 70.15 77.37
CA VAL AA 94 43.92 69.37 76.72
C VAL AA 94 43.28 68.12 76.11
N PHE AA 95 43.55 67.89 74.83
CA PHE AA 95 43.06 66.75 74.09
C PHE AA 95 44.23 66.00 73.46
N PRO AA 96 44.07 64.70 73.18
CA PRO AA 96 45.05 64.02 72.32
C PRO AA 96 45.00 64.60 70.91
N TYR AA 97 46.15 64.56 70.23
CA TYR AA 97 46.27 65.24 68.95
C TYR AA 97 45.43 64.56 67.87
N ASP AA 98 45.40 63.23 67.85
CA ASP AA 98 44.74 62.48 66.79
C ASP AA 98 43.22 62.42 67.06
N CYS AA 99 42.57 63.57 66.91
CA CYS AA 99 41.13 63.68 67.07
C CYS AA 99 40.67 64.92 66.32
N GLU AA 100 39.43 65.35 66.58
CA GLU AA 100 38.88 66.58 66.04
C GLU AA 100 38.36 67.42 67.20
N THR AA 101 39.08 68.50 67.53
CA THR AA 101 38.68 69.40 68.59
C THR AA 101 37.68 70.46 68.13
N SER AA 102 37.09 70.29 66.95
CA SER AA 102 36.11 71.25 66.44
C SER AA 102 34.87 71.43 67.32
N PRO AA 103 34.17 70.38 67.81
CA PRO AA 103 32.93 70.65 68.56
C PRO AA 103 33.13 71.33 69.90
N TYR AA 104 34.28 71.13 70.55
CA TYR AA 104 34.50 71.70 71.87
C TYR AA 104 34.92 73.17 71.84
N GLU AA 105 35.33 73.67 70.67
CA GLU AA 105 35.83 75.04 70.57
C GLU AA 105 34.78 76.11 70.91
N PRO AA 106 33.54 76.09 70.39
CA PRO AA 106 32.55 77.09 70.85
C PRO AA 106 32.23 76.98 72.33
N ALA AA 107 32.23 75.76 72.88
CA ALA AA 107 31.96 75.59 74.31
C ALA AA 107 33.08 76.21 75.16
N ILE AA 108 34.33 76.00 74.77
CA ILE AA 108 35.45 76.59 75.51
C ILE AA 108 35.42 78.11 75.38
N THR AA 109 35.13 78.62 74.18
CA THR AA 109 35.05 80.07 73.98
C THR AA 109 33.92 80.69 74.81
N ARG AA 110 32.76 80.04 74.85
CA ARG AA 110 31.65 80.56 75.62
C ARG AA 110 31.89 80.45 77.13
N LEU AA 111 32.57 79.39 77.58
CA LEU AA 111 32.92 79.29 78.99
C LEU AA 111 33.87 80.40 79.41
N GLY AA 112 34.88 80.67 78.58
CA GLY AA 112 35.79 81.77 78.85
C GLY AA 112 35.10 83.12 78.84
N LYS AA 113 34.21 83.33 77.88
CA LYS AA 113 33.47 84.59 77.79
C LYS AA 113 32.54 84.77 78.99
N MET AA 114 31.86 83.69 79.41
CA MET AA 114 30.95 83.76 80.55
C MET AA 114 31.72 84.07 81.85
N PHE AA 115 32.87 83.43 82.03
CA PHE AA 115 33.64 83.71 83.24
C PHE AA 115 34.28 85.08 83.19
N LYS AA 116 34.61 85.58 81.99
CA LYS AA 116 35.04 86.97 81.85
C LYS AA 116 33.94 87.93 82.26
N VAL AA 117 32.70 87.64 81.83
CA VAL AA 117 31.56 88.48 82.18
C VAL AA 117 31.32 88.48 83.69
N LEU AA 118 31.41 87.30 84.32
CA LEU AA 118 31.20 87.21 85.76
C LEU AA 118 32.32 87.91 86.53
N GLU AA 119 33.57 87.77 86.06
CA GLU AA 119 34.69 88.46 86.71
C GLU AA 119 34.57 89.98 86.58
N GLU AA 120 34.12 90.46 85.43
CA GLU AA 120 33.88 91.90 85.27
C GLU AA 120 32.70 92.36 86.10
N GLN AA 121 31.73 91.48 86.34
CA GLN AA 121 30.53 91.87 87.07
C GLN AA 121 30.78 91.94 88.57
N ASN AA 122 31.14 90.81 89.18
CA ASN AA 122 31.20 90.74 90.64
C ASN AA 122 32.48 90.09 91.17
N GLN AA 123 33.50 89.93 90.31
CA GLN AA 123 34.81 89.39 90.68
C GLN AA 123 34.69 87.99 91.29
N LEU AA 124 33.99 87.11 90.57
CA LEU AA 124 33.76 85.76 91.07
C LEU AA 124 35.04 84.92 91.08
N LEU AA 125 35.95 85.16 90.14
CA LEU AA 125 37.16 84.36 90.02
C LEU AA 125 38.36 84.95 90.74
N SER AA 126 38.39 86.26 90.97
CA SER AA 126 39.53 86.87 91.61
C SER AA 126 39.45 86.77 93.14
N LYS AA 127 38.26 86.95 93.69
CA LYS AA 127 38.08 86.83 95.14
C LYS AA 127 38.10 85.39 95.63
N SER AA 128 37.97 84.42 94.73
CA SER AA 128 38.00 83.02 95.11
C SER AA 128 39.40 82.55 95.54
N GLU AA 129 40.44 83.30 95.19
CA GLU AA 129 41.80 82.94 95.59
C GLU AA 129 42.06 83.17 97.07
N ARG AA 130 41.25 84.02 97.72
CA ARG AA 130 41.39 84.39 99.14
C ARG AA 130 42.78 84.95 99.43
N ASP AA 131 43.29 85.76 98.51
CA ASP AA 131 44.61 86.37 98.62
C ASP AA 131 44.48 87.84 98.27
N PRO AA 132 44.82 88.76 99.16
CA PRO AA 132 44.72 90.19 98.84
C PRO AA 132 45.83 90.71 97.94
N VAL AA 133 46.78 89.85 97.54
CA VAL AA 133 47.85 90.26 96.63
C VAL AA 133 47.33 90.45 95.21
N PHE AA 134 46.15 89.91 94.89
CA PHE AA 134 45.56 90.10 93.58
C PHE AA 134 44.92 91.47 93.42
N PHE AA 135 44.80 92.24 94.50
CA PHE AA 135 44.07 93.50 94.53
C PHE AA 135 45.03 94.65 94.81
N ASP AA 136 44.52 95.87 94.61
CA ASP AA 136 45.33 97.07 94.82
C ASP AA 136 45.65 97.28 96.28
N LEU AA 137 44.68 96.99 97.17
CA LEU AA 137 44.76 97.20 98.62
C LEU AA 137 45.03 98.65 98.99
N LYS AA 138 44.56 99.58 98.16
CA LYS AA 138 44.65 101.00 98.47
C LYS AA 138 43.37 101.78 98.18
N VAL AA 139 42.43 101.21 97.43
CA VAL AA 139 41.17 101.89 97.14
C VAL AA 139 39.99 101.02 97.56
N PHE AA 195 31.88 78.71 96.65
CA PHE AA 195 32.27 78.30 95.31
C PHE AA 195 33.71 77.79 95.32
N SER AA 196 33.91 76.59 94.78
CA SER AA 196 35.21 75.96 94.72
C SER AA 196 35.56 75.69 93.25
N ILE AA 197 36.73 76.16 92.83
CA ILE AA 197 37.15 75.98 91.45
C ILE AA 197 37.49 74.52 91.17
N GLN AA 198 38.10 73.84 92.15
CA GLN AA 198 38.51 72.45 91.95
C GLN AA 198 37.31 71.52 91.74
N ASP AA 199 36.25 71.71 92.55
CA ASP AA 199 35.04 70.92 92.40
C ASP AA 199 34.36 71.21 91.05
N LEU AA 200 34.40 72.48 90.62
CA LEU AA 200 33.84 72.85 89.32
C LEU AA 200 34.60 72.18 88.19
N LEU AA 201 35.93 72.15 88.28
CA LEU AA 201 36.74 71.47 87.27
C LEU AA 201 36.47 69.97 87.26
N MET AA 202 36.33 69.37 88.45
CA MET AA 202 36.01 67.95 88.54
C MET AA 202 34.67 67.65 87.87
N ARG AA 203 33.67 68.47 88.16
CA ARG AA 203 32.34 68.25 87.58
C ARG AA 203 32.33 68.50 86.08
N ILE AA 204 33.05 69.52 85.61
CA ILE AA 204 33.12 69.81 84.17
C ILE AA 204 33.77 68.63 83.44
N PHE AA 205 34.92 68.17 83.96
CA PHE AA 205 35.64 67.06 83.34
C PHE AA 205 34.80 65.80 83.31
N GLN AA 206 34.18 65.46 84.44
CA GLN AA 206 33.44 64.19 84.53
C GLN AA 206 32.15 64.24 83.71
N ASP AA 207 31.43 65.35 83.75
CA ASP AA 207 30.18 65.46 83.01
C ASP AA 207 30.41 65.54 81.50
N LEU AA 208 31.49 66.21 81.07
CA LEU AA 208 31.79 66.24 79.66
C LEU AA 208 32.39 64.92 79.16
N ASN AA 209 33.00 64.14 80.06
CA ASN AA 209 33.45 62.81 79.66
C ASN AA 209 32.29 61.80 79.60
N ASN AA 210 31.32 61.91 80.51
CA ASN AA 210 30.26 60.91 80.57
C ASN AA 210 29.04 61.27 79.71
N TYR AA 211 28.51 62.48 79.89
CA TYR AA 211 27.20 62.81 79.34
C TYR AA 211 27.26 63.77 78.16
N SER AA 212 28.43 64.38 77.91
CA SER AA 212 28.62 65.47 76.96
C SER AA 212 27.70 66.67 77.25
N GLU AA 213 27.28 66.81 78.49
CA GLU AA 213 26.37 67.89 78.92
C GLU AA 213 26.62 68.16 80.38
N CYS AA 214 26.24 69.36 80.81
CA CYS AA 214 26.35 69.72 82.22
C CYS AA 214 25.40 70.88 82.54
N LEU AA 215 24.93 70.89 83.78
CA LEU AA 215 24.10 71.94 84.35
C LEU AA 215 24.66 72.33 85.72
N ILE AA 216 25.97 72.58 85.73
CA ILE AA 216 26.76 72.73 86.95
C ILE AA 216 26.50 74.08 87.60
N PRO AA 217 26.01 74.11 88.83
CA PRO AA 217 25.79 75.41 89.50
C PRO AA 217 27.04 75.91 90.20
N ILE AA 218 27.32 77.20 90.01
CA ILE AA 218 28.45 77.85 90.64
C ILE AA 218 28.05 78.95 91.60
N ASP AA 219 26.80 79.43 91.55
CA ASP AA 219 26.32 80.51 92.41
C ASP AA 219 24.81 80.40 92.50
N GLU AA 220 24.17 81.45 93.02
CA GLU AA 220 22.72 81.46 93.13
C GLU AA 220 22.02 81.79 91.82
N GLY AA 221 22.74 82.29 90.82
CA GLY AA 221 22.11 82.68 89.58
C GLY AA 221 22.91 82.37 88.34
N ASN AA 222 24.05 81.71 88.52
CA ASN AA 222 24.94 81.36 87.42
C ASN AA 222 25.17 79.86 87.38
N ALA AA 223 25.16 79.31 86.17
CA ALA AA 223 25.37 77.88 85.99
C ALA AA 223 26.12 77.65 84.68
N VAL AA 224 27.02 76.67 84.70
CA VAL AA 224 27.80 76.30 83.52
C VAL AA 224 26.95 75.33 82.70
N ASP AA 225 26.38 75.81 81.60
CA ASP AA 225 25.49 75.02 80.76
C ASP AA 225 26.21 74.79 79.43
N ILE AA 226 26.76 73.59 79.26
CA ILE AA 226 27.53 73.23 78.08
C ILE AA 226 26.86 72.02 77.43
N LYS AA 227 26.58 72.12 76.13
CA LYS AA 227 26.15 70.99 75.33
C LYS AA 227 27.03 70.92 74.09
N ILE AA 228 27.48 69.72 73.75
CA ILE AA 228 28.42 69.50 72.65
C ILE AA 228 27.65 68.91 71.48
N PHE AA 229 27.60 69.64 70.36
CA PHE AA 229 26.94 69.27 69.13
C PHE AA 229 27.96 68.82 68.09
N PRO AA 230 27.59 67.86 67.23
CA PRO AA 230 28.50 67.49 66.13
C PRO AA 230 28.51 68.57 65.05
N LEU AA 231 29.57 68.53 64.24
CA LEU AA 231 29.75 69.48 63.16
C LEU AA 231 29.31 68.86 61.85
N LEU AA 232 28.46 69.56 61.11
CA LEU AA 232 27.86 69.06 59.89
C LEU AA 232 28.38 69.85 58.69
N ARG AA 233 28.58 69.15 57.58
CA ARG AA 233 29.07 69.80 56.36
C ARG AA 233 27.99 70.70 55.76
N PRO AA 234 28.38 71.85 55.22
CA PRO AA 234 27.40 72.70 54.54
C PRO AA 234 26.89 72.02 53.28
N PRO AA 235 25.65 72.31 52.88
CA PRO AA 235 25.08 71.62 51.72
C PRO AA 235 25.64 72.18 50.41
N THR AA 236 25.24 71.52 49.32
CA THR AA 236 25.69 71.91 48.00
C THR AA 236 25.07 73.23 47.56
N THR AA 237 25.70 73.86 46.58
CA THR AA 237 25.15 75.02 45.92
C THR AA 237 24.69 74.73 44.50
N CYS AA 238 25.00 73.56 43.96
CA CYS AA 238 24.60 73.20 42.60
C CYS AA 238 23.28 72.45 42.60
N VAL AA 239 22.26 73.05 43.21
CA VAL AA 239 20.89 72.53 43.16
C VAL AA 239 20.05 73.44 42.26
N SER AA 240 19.33 72.83 41.32
CA SER AA 240 18.63 73.60 40.30
C SER AA 240 17.16 73.21 40.21
N LEU AA 241 16.45 73.75 39.22
CA LEU AA 241 15.01 73.57 39.11
C LEU AA 241 14.61 72.26 38.46
N GLU AA 242 15.55 71.51 37.91
CA GLU AA 242 15.23 70.24 37.25
C GLU AA 242 15.55 69.02 38.09
N ASP AA 243 15.98 69.21 39.34
CA ASP AA 243 16.34 68.11 40.22
C ASP AA 243 15.16 67.80 41.14
N VAL AA 244 14.77 66.53 41.19
CA VAL AA 244 13.66 66.15 42.07
C VAL AA 244 14.24 65.79 43.43
N PRO AA 245 13.67 66.29 44.52
CA PRO AA 245 14.18 65.93 45.84
C PRO AA 245 13.47 64.70 46.39
N LEU AA 246 14.25 63.75 46.89
CA LEU AA 246 13.70 62.61 47.61
C LEU AA 246 13.60 62.95 49.09
N SER AA 247 13.25 61.96 49.90
CA SER AA 247 13.18 62.14 51.36
C SER AA 247 13.41 60.77 51.97
N SER AA 248 14.62 60.54 52.47
CA SER AA 248 14.96 59.29 53.13
C SER AA 248 14.32 59.16 54.50
N VAL AA 249 13.75 60.25 55.04
CA VAL AA 249 13.08 60.24 56.32
C VAL AA 249 11.64 60.67 56.12
N ASN AA 250 10.79 60.29 57.07
CA ASN AA 250 9.39 60.68 57.03
C ASN AA 250 9.29 62.10 57.57
N LEU AA 251 9.02 63.05 56.67
CA LEU AA 251 8.99 64.46 57.00
C LEU AA 251 7.66 64.88 57.62
N LYS AA 252 6.68 63.97 57.72
CA LYS AA 252 5.40 64.32 58.30
C LYS AA 252 5.50 64.46 59.82
N LYS AA 253 6.24 63.55 60.46
CA LYS AA 253 6.33 63.56 61.92
C LYS AA 253 7.42 64.48 62.46
N ILE AA 254 8.26 65.04 61.60
CA ILE AA 254 9.31 65.94 62.05
C ILE AA 254 8.81 67.37 62.18
N ILE AA 255 7.70 67.72 61.51
CA ILE AA 255 7.20 69.08 61.52
C ILE AA 255 6.69 69.45 62.91
N ASP AA 256 7.21 70.55 63.45
CA ASP AA 256 6.67 71.13 64.67
C ASP AA 256 6.39 72.61 64.46
N VAL AA 257 6.08 73.33 65.53
CA VAL AA 257 5.60 74.71 65.42
C VAL AA 257 6.71 75.66 64.98
N ASN AA 258 7.98 75.28 65.11
CA ASN AA 258 9.09 76.19 64.90
C ASN AA 258 9.61 76.22 63.47
N TRP AA 259 8.99 75.48 62.54
CA TRP AA 259 9.51 75.41 61.19
C TRP AA 259 9.26 76.70 60.41
N ASP AA 260 10.04 76.87 59.33
CA ASP AA 260 9.81 77.95 58.39
C ASP AA 260 8.49 77.74 57.64
N PRO AA 261 7.74 78.81 57.35
CA PRO AA 261 6.48 78.65 56.60
C PRO AA 261 6.64 78.05 55.22
N THR AA 262 7.77 78.30 54.54
CA THR AA 262 7.98 77.70 53.23
C THR AA 262 8.22 76.20 53.37
N MET AA 263 9.08 75.82 54.33
CA MET AA 263 9.44 74.42 54.55
C MET AA 263 8.24 73.60 55.04
N MET AA 264 7.23 74.25 55.61
CA MET AA 264 5.97 73.56 55.87
C MET AA 264 5.27 73.19 54.58
N SER AA 265 5.30 74.08 53.59
CA SER AA 265 4.61 73.85 52.33
C SER AA 265 5.36 72.88 51.41
N ILE AA 266 6.69 72.85 51.51
CA ILE AA 266 7.46 71.96 50.63
C ILE AA 266 7.25 70.48 50.98
N VAL AA 267 6.98 70.18 52.27
CA VAL AA 267 6.94 68.79 52.73
C VAL AA 267 5.87 67.92 52.06
N PRO AA 268 4.59 68.34 51.94
CA PRO AA 268 3.62 67.46 51.26
C PRO AA 268 3.95 67.14 49.81
N TYR AA 269 4.56 68.06 49.09
CA TYR AA 269 4.91 67.85 47.68
C TYR AA 269 6.34 67.33 47.52
N ILE AA 270 6.68 66.27 48.25
CA ILE AA 270 7.97 65.58 48.09
C ILE AA 270 7.65 64.09 48.03
N ASP AA 271 7.72 63.51 46.83
CA ASP AA 271 7.43 62.10 46.65
C ASP AA 271 8.38 61.43 45.66
N GLY AA 272 9.49 62.08 45.31
CA GLY AA 272 10.44 61.50 44.39
C GLY AA 272 10.12 61.71 42.92
N LEU AA 273 9.07 62.48 42.60
CA LEU AA 273 8.72 62.74 41.21
C LEU AA 273 8.33 64.18 40.94
N ASN AA 274 8.45 65.08 41.92
CA ASN AA 274 8.12 66.49 41.71
C ASN AA 274 9.40 67.30 41.59
N SER AA 275 9.51 68.06 40.51
CA SER AA 275 10.67 68.92 40.33
C SER AA 275 10.56 70.13 41.26
N ILE AA 276 11.68 70.81 41.46
CA ILE AA 276 11.72 71.91 42.42
C ILE AA 276 10.85 73.07 41.92
N ALA AA 277 10.84 73.32 40.62
CA ALA AA 277 9.93 74.33 40.08
C ALA AA 277 8.47 73.87 40.19
N LYS AA 278 8.22 72.57 40.04
CA LYS AA 278 6.87 72.04 40.25
C LYS AA 278 6.43 72.18 41.71
N ILE AA 279 7.35 71.95 42.65
CA ILE AA 279 7.06 72.15 44.07
C ILE AA 279 6.78 73.62 44.35
N SER AA 280 7.56 74.51 43.72
CA SER AA 280 7.40 75.94 43.90
C SER AA 280 6.05 76.42 43.35
N LYS AA 281 5.65 75.90 42.20
CA LYS AA 281 4.37 76.30 41.60
C LYS AA 281 3.20 75.68 42.36
N LEU AA 282 3.37 74.45 42.85
CA LEU AA 282 2.30 73.78 43.57
C LEU AA 282 2.05 74.44 44.92
N SER AA 283 3.12 74.79 45.63
CA SER AA 283 3.02 75.37 46.97
C SER AA 283 3.02 76.89 46.94
N ASN AA 284 2.97 77.49 45.73
CA ASN AA 284 2.96 78.95 45.53
C ASN AA 284 4.18 79.61 46.19
N SER AA 285 5.37 79.05 45.91
CA SER AA 285 6.60 79.51 46.52
C SER AA 285 7.58 80.01 45.46
N ASP AA 286 8.39 80.97 45.85
CA ASP AA 286 9.51 81.40 45.02
C ASP AA 286 10.56 80.30 44.96
N PRO AA 287 11.16 80.05 43.79
CA PRO AA 287 12.17 78.99 43.68
C PRO AA 287 13.39 79.18 44.56
N GLY AA 288 13.75 80.43 44.88
CA GLY AA 288 14.93 80.66 45.71
C GLY AA 288 14.77 80.14 47.14
N LEU AA 289 13.61 80.38 47.74
CA LEU AA 289 13.38 79.89 49.10
C LEU AA 289 13.21 78.38 49.12
N VAL AA 290 12.67 77.79 48.04
CA VAL AA 290 12.64 76.34 47.92
C VAL AA 290 14.05 75.78 47.82
N ILE AA 291 14.94 76.46 47.09
CA ILE AA 291 16.33 76.06 47.01
C ILE AA 291 16.99 76.10 48.39
N GLU AA 292 16.73 77.17 49.14
CA GLU AA 292 17.31 77.29 50.48
C GLU AA 292 16.76 76.23 51.44
N CYS AA 293 15.46 75.94 51.37
CA CYS AA 293 14.86 74.92 52.23
C CYS AA 293 15.38 73.53 51.88
N ILE AA 294 15.53 73.22 50.59
CA ILE AA 294 16.09 71.95 50.18
C ILE AA 294 17.54 71.83 50.63
N ARG AA 295 18.29 72.94 50.57
CA ARG AA 295 19.66 72.94 51.08
C ARG AA 295 19.71 72.69 52.58
N HIS AA 296 18.76 73.28 53.32
CA HIS AA 296 18.68 73.02 54.76
C HIS AA 296 18.38 71.55 55.04
N LEU AA 297 17.49 70.95 54.24
CA LEU AA 297 17.18 69.53 54.44
C LEU AA 297 18.37 68.63 54.05
N ILE AA 298 19.15 69.01 53.05
CA ILE AA 298 20.39 68.30 52.72
C ILE AA 298 21.39 68.45 53.86
N TYR AA 299 21.41 69.61 54.51
CA TYR AA 299 22.35 69.91 55.57
C TYR AA 299 22.21 68.95 56.75
N TYR AA 300 20.99 68.46 57.00
CA TYR AA 300 20.75 67.51 58.08
C TYR AA 300 20.81 66.06 57.60
N LYS AA 301 21.21 65.82 56.35
CA LYS AA 301 21.33 64.49 55.73
C LYS AA 301 20.01 63.74 55.75
N CYS AA 302 19.00 64.36 55.12
CA CYS AA 302 17.66 63.80 55.02
C CYS AA 302 17.12 63.74 53.61
N VAL AA 303 17.45 64.72 52.77
CA VAL AA 303 16.92 64.84 51.42
C VAL AA 303 18.07 64.73 50.43
N THR AA 304 17.93 63.85 49.44
CA THR AA 304 18.90 63.70 48.37
C THR AA 304 18.23 63.96 47.03
N LEU AA 305 18.91 64.71 46.17
CA LEU AA 305 18.36 65.07 44.88
C LEU AA 305 18.39 63.88 43.92
N SER AA 306 17.56 63.97 42.87
CA SER AA 306 17.51 62.93 41.85
C SER AA 306 17.13 63.60 40.53
N ASP AA 307 16.70 62.78 39.56
CA ASP AA 307 16.45 63.24 38.21
C ASP AA 307 14.98 63.04 37.84
N ILE AA 308 14.48 63.90 36.97
CA ILE AA 308 13.11 63.79 36.48
C ILE AA 308 12.98 62.54 35.62
N PHE AA 309 12.01 61.69 35.95
CA PHE AA 309 11.81 60.43 35.25
C PHE AA 309 10.95 60.67 34.01
N GLN AA 310 11.48 60.29 32.85
CA GLN AA 310 10.76 60.32 31.59
C GLN AA 310 10.77 58.93 30.98
N PHE AA 311 10.16 58.82 29.80
CA PHE AA 311 10.29 57.64 28.97
C PHE AA 311 11.23 57.87 27.80
N SER AA 312 11.92 59.01 27.79
CA SER AA 312 12.92 59.32 26.78
C SER AA 312 14.31 59.44 27.38
N ASN AA 313 14.54 58.81 28.54
CA ASN AA 313 15.81 58.91 29.23
C ASN AA 313 16.76 57.80 28.80
N ILE AA 314 18.04 57.99 29.12
CA ILE AA 314 19.13 57.20 28.57
C ILE AA 314 19.78 56.45 29.72
N TYR AA 315 18.96 55.94 30.65
CA TYR AA 315 19.43 55.26 31.86
C TYR AA 315 20.38 54.12 31.52
N ALA AA 316 21.46 54.02 32.28
CA ALA AA 316 22.54 53.09 32.01
C ALA AA 316 23.03 52.51 33.33
N PRO AA 317 23.56 51.28 33.31
CA PRO AA 317 24.11 50.70 34.54
C PRO AA 317 25.35 51.45 35.00
N SER AA 318 25.54 51.49 36.31
CA SER AA 318 26.67 52.15 36.92
C SER AA 318 27.71 51.12 37.31
N SER AA 319 28.73 51.55 38.05
CA SER AA 319 29.76 50.64 38.53
C SER AA 319 29.37 49.91 39.80
N LEU AA 320 28.20 50.22 40.36
CA LEU AA 320 27.71 49.56 41.57
C LEU AA 320 26.61 48.56 41.28
N ILE AA 321 26.56 48.02 40.05
CA ILE AA 321 25.54 47.03 39.72
C ILE AA 321 25.81 45.69 40.39
N ARG AA 322 27.03 45.46 40.88
CA ARG AA 322 27.32 44.27 41.65
C ARG AA 322 26.78 44.35 43.06
N ASN AA 323 26.35 45.52 43.51
CA ASN AA 323 25.69 45.65 44.81
C ASN AA 323 24.34 44.94 44.84
N PHE AA 324 23.71 44.72 43.68
CA PHE AA 324 22.48 43.94 43.64
C PHE AA 324 22.71 42.47 43.95
N LEU AA 325 23.95 42.01 43.94
CA LEU AA 325 24.30 40.66 44.36
C LEU AA 325 25.02 40.63 45.69
N THR AA 326 25.85 41.63 45.98
CA THR AA 326 26.63 41.62 47.21
C THR AA 326 25.89 42.19 48.41
N ASP AA 327 24.72 42.80 48.22
CA ASP AA 327 23.93 43.27 49.34
C ASP AA 327 22.81 42.28 49.64
N PRO AA 328 22.80 41.66 50.83
CA PRO AA 328 21.77 40.65 51.12
C PRO AA 328 20.36 41.20 51.24
N LEU AA 329 20.20 42.51 51.40
CA LEU AA 329 18.88 43.09 51.65
C LEU AA 329 18.44 44.05 50.55
N MET AA 330 19.08 43.98 49.38
CA MET AA 330 18.72 44.87 48.29
C MET AA 330 17.73 44.23 47.32
N ALA AA 331 18.00 42.98 46.91
CA ALA AA 331 17.11 42.31 45.97
C ALA AA 331 15.80 41.90 46.63
N SER AA 332 15.85 41.55 47.92
CA SER AA 332 14.65 41.12 48.64
C SER AA 332 13.64 42.25 48.74
N ASP AA 333 14.11 43.48 49.00
CA ASP AA 333 13.24 44.64 48.93
C ASP AA 333 12.90 45.01 47.50
N CYS AA 334 13.77 44.65 46.55
CA CYS AA 334 13.49 44.96 45.15
C CYS AA 334 12.32 44.16 44.60
N GLN AA 335 12.14 42.93 45.08
CA GLN AA 335 10.98 42.14 44.65
C GLN AA 335 9.67 42.81 45.08
N SER AA 336 9.60 43.23 46.34
CA SER AA 336 8.36 43.80 46.85
C SER AA 336 8.16 45.24 46.40
N TYR AA 337 9.25 45.97 46.12
CA TYR AA 337 9.15 47.38 45.81
C TYR AA 337 8.57 47.61 44.41
N VAL AA 338 9.05 46.87 43.41
CA VAL AA 338 8.75 47.17 42.02
C VAL AA 338 7.43 46.59 41.55
N THR AA 339 6.69 45.90 42.41
CA THR AA 339 5.50 45.18 42.00
C THR AA 339 4.26 46.01 42.30
N PHE AA 340 3.29 45.96 41.38
CA PHE AA 340 2.00 46.57 41.61
C PHE AA 340 1.28 45.84 42.75
N PRO AA 341 0.47 46.56 43.55
CA PRO AA 341 -0.27 45.90 44.64
C PRO AA 341 -1.26 44.86 44.14
N GLU AA 342 -1.88 45.09 42.97
CA GLU AA 342 -2.78 44.12 42.38
C GLU AA 342 -2.35 43.83 40.95
N VAL AA 343 -3.18 43.12 40.20
CA VAL AA 343 -2.93 42.90 38.78
C VAL AA 343 -3.39 44.15 38.03
N SER AA 344 -2.49 45.10 37.86
CA SER AA 344 -2.86 46.39 37.28
C SER AA 344 -3.11 46.25 35.78
N LYS AA 345 -3.95 47.14 35.26
CA LYS AA 345 -4.30 47.10 33.84
C LYS AA 345 -3.15 47.52 32.95
N ILE AA 346 -2.21 48.32 33.48
CA ILE AA 346 -1.05 48.76 32.70
C ILE AA 346 -0.16 47.59 32.30
N SER AA 347 -0.20 46.50 33.08
CA SER AA 347 0.45 45.24 32.72
C SER AA 347 -0.42 44.38 31.81
N ASN AA 348 -1.42 44.96 31.15
CA ASN AA 348 -2.26 44.23 30.21
C ASN AA 348 -2.46 44.95 28.87
N LEU AA 349 -2.01 46.19 28.72
CA LEU AA 349 -2.05 46.84 27.42
C LEU AA 349 -1.09 46.15 26.45
N PRO AA 350 -1.46 46.02 25.18
CA PRO AA 350 -0.53 45.48 24.18
C PRO AA 350 0.53 46.51 23.83
N LEU AA 351 1.59 46.02 23.17
CA LEU AA 351 2.66 46.91 22.71
C LEU AA 351 2.15 47.87 21.64
N ASN AA 352 1.32 47.39 20.72
CA ASN AA 352 0.78 48.22 19.66
C ASN AA 352 -0.59 47.71 19.27
N LYS AA 353 -1.53 48.63 19.11
CA LYS AA 353 -2.89 48.28 18.69
C LYS AA 353 -3.59 49.48 18.07
N PHE AA 431 4.50 34.70 42.97
CA PHE AA 431 3.82 35.63 42.08
C PHE AA 431 4.63 36.91 41.92
N LEU AA 432 5.42 37.23 42.93
CA LEU AA 432 6.35 38.36 42.83
C LEU AA 432 7.46 38.03 41.84
N PRO AA 433 8.06 39.06 41.22
CA PRO AA 433 9.11 38.82 40.21
C PRO AA 433 10.34 38.12 40.76
N THR AA 434 10.94 37.29 39.91
CA THR AA 434 12.20 36.63 40.25
C THR AA 434 13.34 37.63 40.34
N ARG AA 435 14.24 37.41 41.30
CA ARG AA 435 15.39 38.29 41.47
C ARG AA 435 16.33 38.22 40.27
N SER AA 436 16.44 37.04 39.65
CA SER AA 436 17.25 36.90 38.43
C SER AA 436 16.67 37.72 37.29
N CYS AA 437 15.33 37.78 37.21
CA CYS AA 437 14.68 38.63 36.22
C CYS AA 437 15.01 40.09 36.44
N LEU AA 438 14.98 40.54 37.70
CA LEU AA 438 15.29 41.93 38.01
C LEU AA 438 16.75 42.26 37.72
N PHE AA 439 17.67 41.32 38.02
CA PHE AA 439 19.07 41.55 37.73
C PHE AA 439 19.34 41.57 36.23
N ASP AA 440 18.61 40.75 35.46
CA ASP AA 440 18.76 40.78 34.01
C ASP AA 440 18.16 42.05 33.41
N LEU AA 441 17.12 42.60 34.05
CA LEU AA 441 16.51 43.82 33.55
C LEU AA 441 17.34 45.06 33.89
N TYR AA 442 18.01 45.05 35.05
CA TYR AA 442 18.93 46.14 35.38
C TYR AA 442 20.09 46.23 34.39
N ARG AA 443 20.67 45.10 34.03
CA ARG AA 443 21.83 45.11 33.15
C ARG AA 443 21.46 45.21 31.67
N SER AA 444 20.16 45.22 31.35
CA SER AA 444 19.74 45.35 29.96
C SER AA 444 19.82 46.78 29.44
N LEU AA 445 19.96 47.77 30.33
CA LEU AA 445 20.09 49.15 29.90
C LEU AA 445 21.46 49.40 29.29
N SER AA 446 21.54 50.44 28.46
CA SER AA 446 22.79 50.76 27.77
C SER AA 446 22.85 52.25 27.44
N GLN AA 447 24.05 52.71 27.11
CA GLN AA 447 24.32 54.12 26.87
C GLN AA 447 23.96 54.48 25.42
N GLY AA 448 22.68 54.73 25.20
CA GLY AA 448 22.20 55.07 23.88
C GLY AA 448 20.85 54.47 23.59
N GLN AA 449 20.49 53.44 24.35
CA GLN AA 449 19.17 52.86 24.27
C GLN AA 449 18.24 53.65 25.17
N THR AA 450 17.34 54.43 24.57
CA THR AA 450 16.40 55.21 25.35
C THR AA 450 15.38 54.28 26.02
N LEU AA 451 14.67 54.83 27.01
CA LEU AA 451 13.73 54.04 27.79
C LEU AA 451 12.56 53.54 26.95
N LYS AA 452 12.17 54.31 25.94
CA LYS AA 452 11.12 53.87 25.02
C LYS AA 452 11.56 52.63 24.25
N THR AA 453 12.79 52.65 23.72
CA THR AA 453 13.31 51.51 22.97
C THR AA 453 13.49 50.28 23.86
N TRP AA 454 13.98 50.48 25.08
CA TRP AA 454 14.16 49.34 25.98
C TRP AA 454 12.82 48.77 26.42
N TYR AA 455 11.82 49.63 26.66
CA TYR AA 455 10.52 49.14 27.08
C TYR AA 455 9.78 48.43 25.94
N GLU AA 456 9.90 48.95 24.72
CA GLU AA 456 9.27 48.27 23.59
C GLU AA 456 10.09 47.09 23.08
N SER AA 457 11.33 46.94 23.55
CA SER AA 457 12.11 45.75 23.26
C SER AA 457 11.98 44.68 24.34
N LYS AA 458 11.62 45.09 25.56
CA LYS AA 458 11.35 44.16 26.66
C LYS AA 458 10.03 44.57 27.30
N TYR AA 459 8.93 44.07 26.76
CA TYR AA 459 7.60 44.36 27.31
C TYR AA 459 6.85 43.12 27.77
N MET AA 460 7.16 41.93 27.24
CA MET AA 460 6.57 40.71 27.75
C MET AA 460 7.06 40.38 29.15
N ILE AA 461 8.33 40.69 29.43
CA ILE AA 461 8.90 40.40 30.74
C ILE AA 461 8.32 41.31 31.80
N LEU AA 462 8.11 42.58 31.48
CA LEU AA 462 7.56 43.54 32.42
C LEU AA 462 6.05 43.47 32.51
N LYS AA 463 5.41 42.63 31.71
CA LYS AA 463 3.97 42.41 31.77
C LYS AA 463 3.62 41.14 32.55
N GLU AA 464 4.34 40.04 32.31
CA GLU AA 464 4.08 38.81 33.04
C GLU AA 464 4.48 38.94 34.50
N ASN AA 465 5.60 39.61 34.78
CA ASN AA 465 6.06 39.76 36.15
C ASN AA 465 5.36 40.90 36.90
N ASN AA 466 4.56 41.71 36.21
CA ASN AA 466 3.79 42.81 36.81
C ASN AA 466 4.70 43.81 37.52
N ILE AA 467 5.56 44.45 36.74
CA ILE AA 467 6.58 45.35 37.25
C ILE AA 467 6.24 46.77 36.84
N ASP AA 468 6.19 47.68 37.82
CA ASP AA 468 6.03 49.10 37.54
C ASP AA 468 7.38 49.67 37.12
N ILE AA 469 7.44 50.19 35.89
CA ILE AA 469 8.70 50.58 35.30
C ILE AA 469 9.29 51.81 36.00
N ARG AA 470 8.43 52.75 36.42
CA ARG AA 470 8.92 53.93 37.13
C ARG AA 470 9.52 53.56 38.49
N ARG AA 471 8.85 52.68 39.24
CA ARG AA 471 9.41 52.19 40.49
C ARG AA 471 10.66 51.35 40.26
N PHE AA 472 10.68 50.60 39.16
CA PHE AA 472 11.83 49.79 38.77
C PHE AA 472 13.06 50.66 38.55
N ILE AA 473 12.88 51.79 37.86
CA ILE AA 473 13.98 52.72 37.63
C ILE AA 473 14.37 53.45 38.91
N THR AA 474 13.36 53.85 39.71
CA THR AA 474 13.60 54.66 40.91
C THR AA 474 14.35 53.87 41.98
N PHE AA 475 14.08 52.57 42.11
CA PHE AA 475 14.85 51.77 43.06
C PHE AA 475 16.31 51.67 42.64
N GLY AA 476 16.56 51.53 41.34
CA GLY AA 476 17.93 51.48 40.85
C GLY AA 476 18.67 52.80 41.03
N LEU AA 477 17.96 53.91 40.83
CA LEU AA 477 18.56 55.22 41.04
C LEU AA 477 18.80 55.51 42.51
N GLU AA 478 17.92 55.05 43.39
CA GLU AA 478 18.07 55.30 44.82
C GLU AA 478 19.23 54.50 45.39
N LYS AA 479 19.45 53.30 44.89
CA LYS AA 479 20.55 52.47 45.35
C LYS AA 479 21.85 52.74 44.60
N ARG AA 480 21.84 53.70 43.66
CA ARG AA 480 23.02 54.12 42.91
C ARG AA 480 23.66 52.96 42.16
N ILE AA 481 22.83 52.06 41.63
CA ILE AA 481 23.33 50.98 40.79
C ILE AA 481 23.17 51.28 39.31
N ILE AA 482 22.28 52.21 38.94
CA ILE AA 482 22.19 52.72 37.59
C ILE AA 482 22.15 54.24 37.65
N TYR AA 483 22.58 54.87 36.56
CA TYR AA 483 22.60 56.32 36.47
C TYR AA 483 21.84 56.75 35.22
N ARG AA 484 21.83 58.06 34.98
CA ARG AA 484 21.18 58.66 33.82
C ARG AA 484 22.21 59.36 32.94
N CYS AA 485 22.17 59.08 31.64
CA CYS AA 485 22.96 59.83 30.67
C CYS AA 485 22.15 61.05 30.24
N TYR AA 486 22.59 62.23 30.64
CA TYR AA 486 21.88 63.46 30.34
C TYR AA 486 22.04 63.82 28.86
N SER AA 487 21.08 64.58 28.34
CA SER AA 487 21.09 65.01 26.96
C SER AA 487 21.44 66.50 26.85
N PHE AA 488 22.41 66.81 26.00
CA PHE AA 488 22.91 68.17 25.83
C PHE AA 488 22.71 68.66 24.40
N PRO AA 489 21.86 69.67 24.17
CA PRO AA 489 21.67 70.26 22.83
C PRO AA 489 22.72 71.30 22.45
N VAL AA 490 23.86 70.84 21.96
CA VAL AA 490 24.94 71.73 21.56
C VAL AA 490 24.74 72.15 20.10
N MET AA 491 24.95 73.43 19.83
CA MET AA 491 24.76 73.99 18.50
C MET AA 491 26.03 73.83 17.67
N ILE AA 492 25.87 73.97 16.36
CA ILE AA 492 27.01 73.95 15.44
C ILE AA 492 26.70 74.81 14.22
N MET AA 565 5.61 75.59 13.93
CA MET AA 565 5.59 75.79 15.38
C MET AA 565 4.82 77.07 15.73
N PRO AA 566 4.22 77.10 16.92
CA PRO AA 566 3.60 78.34 17.38
C PRO AA 566 4.65 79.40 17.69
N LYS AA 567 4.24 80.66 17.59
CA LYS AA 567 5.14 81.79 17.81
C LYS AA 567 5.30 82.01 19.31
N LEU AA 568 6.46 81.62 19.84
CA LEU AA 568 6.73 81.77 21.26
C LEU AA 568 7.02 83.23 21.60
N SER AA 569 6.84 83.55 22.89
CA SER AA 569 6.97 84.90 23.37
C SER AA 569 8.44 85.34 23.42
N ASP AA 570 8.65 86.63 23.62
CA ASP AA 570 10.00 87.19 23.62
C ASP AA 570 10.80 86.73 24.83
N GLU AA 571 10.15 86.61 26.00
CA GLU AA 571 10.83 86.10 27.18
C GLU AA 571 11.23 84.64 27.00
N GLU AA 572 10.36 83.85 26.37
CA GLU AA 572 10.66 82.44 26.12
C GLU AA 572 11.86 82.28 25.20
N GLU AA 573 11.92 83.07 24.12
CA GLU AA 573 13.07 82.97 23.23
C GLU AA 573 14.33 83.56 23.86
N GLY AA 574 14.19 84.55 24.73
CA GLY AA 574 15.35 85.07 25.44
C GLY AA 574 15.96 84.05 26.39
N ILE AA 575 15.12 83.40 27.19
CA ILE AA 575 15.66 82.37 28.08
C ILE AA 575 16.09 81.14 27.30
N LEU AA 576 15.51 80.90 26.13
CA LEU AA 576 15.99 79.82 25.27
C LEU AA 576 17.40 80.10 24.77
N GLU AA 577 17.66 81.33 24.32
CA GLU AA 577 19.00 81.70 23.88
C GLU AA 577 20.00 81.68 25.04
N GLU AA 578 19.57 82.14 26.22
CA GLU AA 578 20.46 82.11 27.39
C GLU AA 578 20.79 80.69 27.82
N SER AA 579 19.81 79.77 27.72
CA SER AA 579 20.06 78.38 28.06
C SER AA 579 20.95 77.71 27.02
N ILE AA 580 20.81 78.08 25.74
CA ILE AA 580 21.63 77.50 24.69
C ILE AA 580 23.07 77.96 24.83
N ARG AA 581 23.27 79.25 25.16
CA ARG AA 581 24.62 79.80 25.27
C ARG AA 581 25.39 79.19 26.45
N ASN AA 582 24.69 78.75 27.50
CA ASN AA 582 25.32 78.14 28.66
C ASN AA 582 25.41 76.62 28.57
N ALA AA 583 25.00 76.04 27.42
CA ALA AA 583 25.03 74.59 27.17
C ALA AA 583 24.25 73.80 28.21
N GLU AA 584 23.07 74.31 28.57
CA GLU AA 584 22.20 73.63 29.53
C GLU AA 584 21.54 72.41 28.89
N THR AA 585 21.14 71.47 29.74
CA THR AA 585 20.55 70.21 29.30
C THR AA 585 19.16 70.44 28.73
N PHE AA 586 18.60 69.39 28.12
CA PHE AA 586 17.21 69.43 27.68
C PHE AA 586 16.24 69.52 28.85
N ASP AA 587 16.65 68.98 30.01
CA ASP AA 587 15.80 68.99 31.19
C ASP AA 587 15.54 70.41 31.67
N LYS AA 588 16.61 71.22 31.78
CA LYS AA 588 16.46 72.59 32.28
C LYS AA 588 15.67 73.45 31.31
N ILE AA 589 15.88 73.25 30.00
CA ILE AA 589 15.12 73.98 29.00
C ILE AA 589 13.64 73.60 29.07
N CYS AA 590 13.35 72.30 29.24
CA CYS AA 590 11.96 71.85 29.37
C CYS AA 590 11.31 72.39 30.63
N VAL AA 591 12.05 72.45 31.75
CA VAL AA 591 11.49 73.01 32.98
C VAL AA 591 11.21 74.50 32.81
N LEU AA 592 12.15 75.24 32.21
CA LEU AA 592 11.98 76.69 32.11
C LEU AA 592 10.92 77.07 31.09
N LEU AA 593 10.77 76.30 30.02
CA LEU AA 593 9.75 76.60 29.02
C LEU AA 593 8.41 75.95 29.29
N SER AA 594 8.34 75.02 30.26
CA SER AA 594 7.14 74.25 30.58
C SER AA 594 6.60 73.52 29.36
N LYS AA 595 7.49 72.96 28.56
CA LYS AA 595 7.17 72.27 27.33
C LYS AA 595 7.93 70.95 27.27
N PRO AA 596 7.38 69.93 26.59
CA PRO AA 596 8.10 68.65 26.53
C PRO AA 596 9.31 68.66 25.62
N LYS AA 597 9.92 67.49 25.44
CA LYS AA 597 11.19 67.39 24.73
C LYS AA 597 11.02 67.64 23.24
N LEU AA 598 9.92 67.13 22.66
CA LEU AA 598 9.72 67.23 21.21
C LEU AA 598 9.53 68.68 20.77
N GLU AA 599 8.75 69.46 21.54
CA GLU AA 599 8.53 70.85 21.21
C GLU AA 599 9.82 71.65 21.35
N VAL AA 600 10.62 71.36 22.36
CA VAL AA 600 11.90 72.03 22.54
C VAL AA 600 12.85 71.70 21.39
N GLU AA 601 12.86 70.42 20.96
CA GLU AA 601 13.69 70.02 19.83
C GLU AA 601 13.25 70.71 18.54
N SER AA 602 11.93 70.81 18.32
CA SER AA 602 11.42 71.51 17.13
C SER AA 602 11.76 72.99 17.15
N TYR AA 603 11.64 73.63 18.32
CA TYR AA 603 11.99 75.05 18.45
C TYR AA 603 13.47 75.27 18.18
N LEU AA 604 14.31 74.39 18.72
CA LEU AA 604 15.75 74.52 18.50
C LEU AA 604 16.12 74.28 17.04
N ASN AA 605 15.48 73.29 16.40
CA ASN AA 605 15.73 73.02 14.98
C ASN AA 605 15.27 74.19 14.11
N GLU AA 606 14.20 74.87 14.52
CA GLU AA 606 13.80 76.09 13.83
C GLU AA 606 14.82 77.20 14.05
N LEU AA 607 15.43 77.25 15.25
CA LEU AA 607 16.40 78.29 15.53
C LEU AA 607 17.74 78.02 14.85
N GLY AA 608 18.15 76.77 14.75
CA GLY AA 608 19.42 76.45 14.11
C GLY AA 608 19.74 74.98 14.22
N GLU AA 609 20.75 74.56 13.47
CA GLU AA 609 21.17 73.16 13.52
C GLU AA 609 21.87 72.87 14.84
N PHE AA 610 21.66 71.65 15.35
CA PHE AA 610 22.20 71.27 16.65
C PHE AA 610 22.25 69.75 16.76
N LYS AA 611 23.04 69.28 17.73
CA LYS AA 611 23.21 67.86 18.00
C LYS AA 611 23.01 67.59 19.48
N VAL AA 612 22.74 66.33 19.80
CA VAL AA 612 22.47 65.89 21.17
C VAL AA 612 23.62 65.02 21.64
N ILE AA 613 24.17 65.36 22.80
CA ILE AA 613 25.23 64.58 23.45
C ILE AA 613 24.64 63.87 24.65
N ASN AA 614 24.76 62.54 24.68
CA ASN AA 614 24.19 61.74 25.76
C ASN AA 614 25.31 61.38 26.74
N SER AA 615 25.58 62.31 27.65
CA SER AA 615 26.63 62.12 28.65
C SER AA 615 26.05 61.79 30.01
N GLU BA 3 35.07 66.84 50.52
CA GLU BA 3 35.18 67.70 49.36
C GLU BA 3 36.36 67.29 48.47
N CYS BA 4 36.04 66.83 47.26
CA CYS BA 4 37.04 66.42 46.29
C CYS BA 4 37.62 67.57 45.48
N LEU BA 5 37.05 68.77 45.62
CA LEU BA 5 37.61 69.94 44.94
C LEU BA 5 38.93 70.34 45.58
N PRO BA 6 40.01 70.47 44.80
CA PRO BA 6 41.30 70.84 45.38
C PRO BA 6 41.33 72.31 45.78
N ASN BA 7 41.72 72.57 47.03
CA ASN BA 7 41.81 73.94 47.51
C ASN BA 7 42.83 73.98 48.64
N SER BA 8 44.04 74.45 48.32
CA SER BA 8 45.08 74.65 49.32
C SER BA 8 44.90 76.04 49.91
N CYS BA 9 44.28 76.10 51.08
CA CYS BA 9 43.92 77.37 51.72
C CYS BA 9 45.17 78.02 52.32
N LEU BA 10 45.91 78.71 51.46
CA LEU BA 10 47.14 79.38 51.87
C LEU BA 10 46.96 80.89 51.78
N LEU BA 11 47.59 81.60 52.72
CA LEU BA 11 47.53 83.05 52.76
C LEU BA 11 48.88 83.73 52.69
N GLY BA 12 49.93 83.09 53.19
CA GLY BA 12 51.25 83.71 53.15
C GLY BA 12 52.30 82.79 53.73
N VAL BA 13 53.53 83.29 53.73
CA VAL BA 13 54.68 82.59 54.28
C VAL BA 13 55.51 83.60 55.08
N HIS BA 14 56.24 83.10 56.07
CA HIS BA 14 57.15 83.92 56.86
C HIS BA 14 58.53 83.29 56.82
N LEU BA 15 59.55 84.13 57.02
CA LEU BA 15 60.93 83.67 57.21
C LEU BA 15 61.36 84.30 58.53
N VAL BA 16 61.05 83.61 59.63
CA VAL BA 16 61.36 84.09 60.98
C VAL BA 16 62.63 83.41 61.46
N ILE BA 17 63.66 84.19 61.73
CA ILE BA 17 64.89 83.68 62.29
C ILE BA 17 65.07 84.24 63.70
N SER BA 18 65.86 83.52 64.50
CA SER BA 18 66.10 83.88 65.88
C SER BA 18 67.62 84.07 66.06
N THR BA 19 68.06 85.32 66.00
CA THR BA 19 69.44 85.66 66.32
C THR BA 19 69.60 85.79 67.83
N HIS BA 20 70.82 86.08 68.27
CA HIS BA 20 71.06 86.29 69.69
C HIS BA 20 70.58 87.65 70.17
N SER BA 21 70.19 88.54 69.27
CA SER BA 21 69.62 89.83 69.64
C SER BA 21 68.09 89.81 69.62
N GLY BA 22 67.48 88.64 69.48
CA GLY BA 22 66.04 88.54 69.50
C GLY BA 22 65.49 88.05 68.18
N PRO BA 23 64.29 87.47 68.21
CA PRO BA 23 63.65 87.03 66.96
C PRO BA 23 63.22 88.22 66.11
N GLN BA 24 63.21 87.99 64.80
CA GLN BA 24 62.85 89.04 63.85
C GLN BA 24 62.28 88.41 62.60
N ILE BA 25 61.51 89.18 61.86
CA ILE BA 25 60.94 88.75 60.59
C ILE BA 25 61.83 89.26 59.47
N VAL BA 26 62.29 88.35 58.62
CA VAL BA 26 63.18 88.72 57.52
C VAL BA 26 62.41 88.99 56.25
N TYR BA 27 61.44 88.11 55.92
CA TYR BA 27 60.77 88.22 54.63
C TYR BA 27 59.42 87.50 54.71
N HIS BA 28 58.35 88.23 54.44
CA HIS BA 28 57.03 87.65 54.21
C HIS BA 28 56.55 88.15 52.85
N TYR BA 29 56.07 87.23 52.01
CA TYR BA 29 55.86 87.62 50.62
C TYR BA 29 54.58 88.44 50.43
N PRO BA 30 53.38 88.00 50.83
CA PRO BA 30 52.18 88.80 50.53
C PRO BA 30 52.00 89.92 51.53
N PRO BA 31 52.10 91.17 51.11
CA PRO BA 31 51.89 92.30 52.03
C PRO BA 31 50.46 92.79 52.11
N SER BA 32 49.50 92.04 51.59
CA SER BA 32 48.11 92.49 51.60
C SER BA 32 47.50 92.36 52.99
N ASN BA 33 46.41 93.08 53.18
CA ASN BA 33 45.73 93.11 54.46
C ASN BA 33 44.84 91.87 54.63
N THR BA 34 44.15 91.80 55.76
CA THR BA 34 43.29 90.67 56.08
C THR BA 34 42.04 90.64 55.20
N ALA BA 35 41.51 91.82 54.84
CA ALA BA 35 40.25 91.91 54.12
C ALA BA 35 40.33 91.29 52.73
N PHE BA 36 41.43 91.55 52.01
CA PHE BA 36 41.58 90.95 50.69
C PHE BA 36 41.95 89.48 50.77
N LEU BA 37 42.75 89.10 51.77
CA LEU BA 37 43.25 87.73 51.84
C LEU BA 37 42.17 86.75 52.26
N THR BA 38 41.38 87.08 53.28
CA THR BA 38 40.37 86.13 53.75
C THR BA 38 39.20 86.03 52.79
N ASN BA 39 38.70 87.15 52.30
CA ASN BA 39 37.56 87.16 51.38
C ASN BA 39 37.97 86.71 49.98
N GLU BA 365 73.35 103.00 38.13
CA GLU BA 365 72.75 101.68 38.26
C GLU BA 365 71.64 101.70 39.31
N GLU BA 366 70.39 101.82 38.84
CA GLU BA 366 69.23 101.79 39.72
C GLU BA 366 68.33 100.59 39.45
N ASP BA 367 67.86 100.42 38.21
CA ASP BA 367 66.92 99.36 37.87
C ASP BA 367 67.42 98.54 36.68
N MET BA 368 68.74 98.34 36.59
CA MET BA 368 69.27 97.57 35.48
C MET BA 368 69.00 96.07 35.66
N GLU BA 369 69.51 95.49 36.75
CA GLU BA 369 69.33 94.06 37.00
C GLU BA 369 67.88 93.71 37.29
N VAL BA 370 67.14 94.60 37.94
CA VAL BA 370 65.74 94.34 38.27
C VAL BA 370 64.91 94.22 36.99
N SER BA 371 65.06 95.20 36.08
CA SER BA 371 64.31 95.15 34.82
C SER BA 371 64.80 94.02 33.93
N ALA BA 372 66.11 93.72 33.96
CA ALA BA 372 66.65 92.62 33.17
C ALA BA 372 66.08 91.28 33.64
N MET BA 373 66.00 91.08 34.95
CA MET BA 373 65.44 89.83 35.47
C MET BA 373 63.92 89.78 35.29
N LEU BA 374 63.25 90.94 35.33
CA LEU BA 374 61.81 90.97 35.12
C LEU BA 374 61.46 90.63 33.68
N GLN BA 375 62.21 91.17 32.71
CA GLN BA 375 61.98 90.83 31.31
C GLN BA 375 62.43 89.42 31.00
N ASP BA 376 63.50 88.94 31.64
CA ASP BA 376 63.95 87.56 31.43
C ASP BA 376 63.01 86.55 32.04
N GLY BA 377 62.23 86.95 33.05
CA GLY BA 377 61.26 86.07 33.66
C GLY BA 377 61.70 85.41 34.95
N LYS BA 378 62.84 85.82 35.51
CA LYS BA 378 63.31 85.24 36.75
C LYS BA 378 62.63 85.82 37.97
N ILE BA 379 61.93 86.95 37.83
CA ILE BA 379 61.17 87.51 38.94
C ILE BA 379 59.68 87.30 38.69
N SER BA 380 59.15 86.20 39.21
CA SER BA 380 57.74 85.89 39.11
C SER BA 380 57.08 86.31 40.41
N MET BA 381 56.17 87.28 40.33
CA MET BA 381 55.57 87.84 41.53
C MET BA 381 54.21 88.43 41.17
N ASN BA 382 53.18 88.06 41.93
CA ASN BA 382 51.83 88.53 41.66
C ASN BA 382 51.72 90.03 41.91
N GLU BA 383 50.78 90.66 41.21
CA GLU BA 383 50.60 92.10 41.26
C GLU BA 383 49.35 92.55 42.00
N ILE BA 384 48.38 91.64 42.22
CA ILE BA 384 47.19 91.99 42.99
C ILE BA 384 47.51 92.19 44.46
N PHE BA 385 48.61 91.64 44.95
CA PHE BA 385 49.02 91.83 46.34
C PHE BA 385 49.56 93.23 46.60
N PHE BA 386 49.86 94.01 45.56
CA PHE BA 386 50.47 95.32 45.73
C PHE BA 386 49.56 96.45 45.23
N GLU BA 387 48.29 96.16 44.99
CA GLU BA 387 47.34 97.22 44.65
C GLU BA 387 47.05 98.07 45.87
N GLU BA 388 46.52 99.28 45.62
CA GLU BA 388 46.29 100.23 46.71
C GLU BA 388 45.20 99.75 47.66
N GLU BA 389 44.18 99.06 47.14
CA GLU BA 389 43.11 98.54 47.97
C GLU BA 389 43.46 97.23 48.66
N ASN BA 390 44.60 96.63 48.33
CA ASN BA 390 45.00 95.33 48.86
C ASN BA 390 46.44 95.37 49.34
N PHE BA 391 46.80 96.40 50.11
CA PHE BA 391 48.16 96.53 50.61
C PHE BA 391 48.13 96.88 52.09
N GLN BA 392 49.11 96.37 52.82
CA GLN BA 392 49.31 96.68 54.23
C GLN BA 392 50.80 97.00 54.41
N ASP BA 393 51.12 97.61 55.54
CA ASP BA 393 52.52 97.92 55.82
C ASP BA 393 53.33 96.65 56.04
N ILE BA 394 54.65 96.75 55.80
CA ILE BA 394 55.51 95.59 55.94
C ILE BA 394 55.62 95.17 57.40
N ASN BA 395 55.51 96.12 58.33
CA ASN BA 395 55.67 95.82 59.75
C ASN BA 395 54.43 95.19 60.37
N LYS BA 396 53.31 95.17 59.65
CA LYS BA 396 52.06 94.64 60.18
C LYS BA 396 51.63 93.43 59.35
N ILE BA 397 51.33 92.33 60.04
CA ILE BA 397 50.89 91.10 59.40
C ILE BA 397 49.58 90.71 60.10
N LEU BA 398 48.46 90.96 59.42
CA LEU BA 398 47.11 90.55 59.84
C LEU BA 398 46.76 91.10 61.22
N GLU BA 399 46.78 92.44 61.31
CA GLU BA 399 46.49 93.22 62.52
C GLU BA 399 47.45 92.92 63.67
N PHE BA 400 48.60 92.33 63.38
CA PHE BA 400 49.63 92.07 64.37
C PHE BA 400 50.94 92.69 63.89
N ASP BA 401 51.76 93.14 64.84
CA ASP BA 401 53.05 93.71 64.49
C ASP BA 401 54.04 92.62 64.09
N ASN BA 402 55.11 93.04 63.43
CA ASN BA 402 56.14 92.09 62.98
C ASN BA 402 56.90 91.50 64.17
N ASP BA 403 57.20 92.33 65.17
CA ASP BA 403 57.94 91.88 66.33
C ASP BA 403 57.15 90.85 67.13
N PHE BA 404 55.84 91.09 67.30
CA PHE BA 404 54.99 90.18 68.06
C PHE BA 404 54.83 88.84 67.33
N VAL BA 405 54.67 88.90 65.99
CA VAL BA 405 54.55 87.68 65.20
C VAL BA 405 55.86 86.90 65.25
N ALA BA 406 56.99 87.59 65.13
CA ALA BA 406 58.29 86.94 65.28
C ALA BA 406 58.49 86.38 66.68
N GLU BA 407 57.83 86.98 67.68
CA GLU BA 407 57.93 86.48 69.05
C GLU BA 407 57.16 85.17 69.21
N PHE BA 408 55.87 85.18 68.93
CA PHE BA 408 55.07 84.00 69.25
C PHE BA 408 55.20 82.88 68.21
N CYS BA 409 55.83 83.15 67.07
CA CYS BA 409 56.18 82.10 66.12
C CYS BA 409 57.59 81.56 66.33
N SER BA 410 58.30 82.01 67.37
CA SER BA 410 59.61 81.50 67.72
C SER BA 410 59.50 80.79 69.06
N PRO BA 411 59.31 79.47 69.07
CA PRO BA 411 59.06 78.75 70.31
C PRO BA 411 60.35 78.49 71.08
N GLU BA 412 60.21 77.76 72.17
CA GLU BA 412 61.35 77.32 72.97
C GLU BA 412 61.97 76.09 72.33
N ARG BA 413 62.97 75.50 72.99
CA ARG BA 413 63.64 74.33 72.45
C ARG BA 413 62.73 73.10 72.47
N GLU BA 414 61.85 72.99 73.46
CA GLU BA 414 60.99 71.83 73.57
C GLU BA 414 59.89 71.81 72.51
N MET BA 415 59.52 72.97 71.97
CA MET BA 415 58.49 73.04 70.93
C MET BA 415 59.09 73.25 69.54
N CYS BA 416 60.39 73.07 69.40
CA CYS BA 416 61.08 73.17 68.11
C CYS BA 416 61.47 71.78 67.64
N ASN BA 417 61.96 71.73 66.40
CA ASN BA 417 62.29 70.48 65.69
C ASN BA 417 61.11 69.52 65.61
N THR BA 418 59.91 70.07 65.54
CA THR BA 418 58.67 69.32 65.40
C THR BA 418 57.61 70.26 64.83
N ARG BA 419 56.37 69.76 64.75
CA ARG BA 419 55.30 70.58 64.19
C ARG BA 419 54.94 71.73 65.12
N PHE BA 420 54.50 72.83 64.53
CA PHE BA 420 54.13 74.05 65.24
C PHE BA 420 52.75 74.51 64.81
N GLU BA 421 51.78 73.60 64.88
CA GLU BA 421 50.42 73.91 64.47
C GLU BA 421 49.77 74.86 65.48
N PHE BA 422 49.92 76.15 65.25
CA PHE BA 422 49.42 77.18 66.15
C PHE BA 422 48.22 77.87 65.52
N THR BA 423 47.13 78.00 66.30
CA THR BA 423 45.90 78.61 65.83
C THR BA 423 45.51 79.73 66.77
N VAL BA 424 45.23 80.91 66.22
CA VAL BA 424 44.83 82.05 67.04
C VAL BA 424 43.32 82.25 66.96
N ASP BA 425 42.82 82.62 65.79
CA ASP BA 425 41.37 82.69 65.56
C ASP BA 425 41.18 82.63 64.04
N ASN BA 426 40.82 81.44 63.54
CA ASN BA 426 40.68 81.15 62.12
C ASN BA 426 41.96 81.50 61.35
N PHE BA 427 43.11 81.26 61.98
CA PHE BA 427 44.41 81.56 61.39
C PHE BA 427 45.40 80.54 61.94
N CYS BA 428 45.65 79.49 61.17
CA CYS BA 428 46.53 78.41 61.61
C CYS BA 428 47.96 78.72 61.18
N PHE BA 429 48.72 79.32 62.09
CA PHE BA 429 50.15 79.51 61.89
C PHE BA 429 50.83 78.15 61.94
N LEU BA 430 51.26 77.66 60.78
CA LEU BA 430 51.81 76.31 60.64
C LEU BA 430 53.21 76.36 60.07
N GLY BA 431 54.10 75.56 60.63
CA GLY BA 431 55.46 75.48 60.13
C GLY BA 431 56.24 74.44 60.90
N LEU BA 432 57.44 74.17 60.42
CA LEU BA 432 58.38 73.23 61.04
C LEU BA 432 59.64 74.02 61.43
N PRO BA 433 59.71 74.52 62.66
CA PRO BA 433 60.93 75.21 63.10
C PRO BA 433 62.11 74.26 63.18
N ILE BA 434 63.28 74.79 62.81
CA ILE BA 434 64.54 74.07 62.90
C ILE BA 434 65.44 74.81 63.86
N HIS BA 435 65.79 74.16 64.96
CA HIS BA 435 66.57 74.78 66.02
C HIS BA 435 67.90 74.07 66.14
N VAL BA 436 68.95 74.83 66.46
CA VAL BA 436 70.28 74.25 66.65
C VAL BA 436 70.27 73.38 67.91
N ASP BA 437 71.14 72.38 67.94
CA ASP BA 437 71.23 71.45 69.06
C ASP BA 437 71.99 72.10 70.21
N SER BA 438 72.41 71.28 71.19
CA SER BA 438 73.18 71.78 72.32
C SER BA 438 74.50 72.37 71.84
N GLN BA 439 75.13 71.75 70.85
CA GLN BA 439 76.32 72.30 70.21
C GLN BA 439 75.89 73.29 69.12
N GLY BA 440 76.82 73.68 68.26
CA GLY BA 440 76.53 74.56 67.15
C GLY BA 440 76.06 73.88 65.89
N ARG BA 441 75.81 72.57 65.97
CA ARG BA 441 75.45 71.78 64.79
C ARG BA 441 74.00 72.00 64.39
N TRP BA 442 73.77 72.29 63.11
CA TRP BA 442 72.39 72.43 62.64
C TRP BA 442 71.71 71.07 62.49
N ARG BA 443 72.47 70.04 62.13
CA ARG BA 443 71.96 68.68 62.04
C ARG BA 443 73.11 67.73 62.30
N LYS BA 444 72.76 66.49 62.67
CA LYS BA 444 73.76 65.46 62.96
C LYS BA 444 73.86 64.47 61.80
N SER BA 445 75.08 64.20 61.37
CA SER BA 445 75.36 63.27 60.29
C SER BA 445 75.02 61.83 60.71
N GLU BA 520 82.08 90.67 52.91
CA GLU BA 520 81.21 90.99 54.04
C GLU BA 520 81.42 89.99 55.17
N ARG BA 521 81.60 90.50 56.38
CA ARG BA 521 81.76 89.67 57.56
C ARG BA 521 80.53 89.66 58.47
N GLU BA 522 79.48 90.42 58.12
CA GLU BA 522 78.22 90.28 58.84
C GLU BA 522 77.55 88.95 58.50
N LYS BA 523 77.85 88.40 57.32
CA LYS BA 523 77.27 87.11 56.92
C LYS BA 523 77.76 85.99 57.83
N GLU BA 524 79.07 85.91 58.05
CA GLU BA 524 79.62 84.90 58.95
C GLU BA 524 79.21 85.13 60.39
N ASP BA 525 79.09 86.39 60.80
CA ASP BA 525 78.65 86.71 62.16
C ASP BA 525 77.21 86.25 62.38
N LEU BA 526 76.34 86.49 61.39
CA LEU BA 526 74.96 86.04 61.50
C LEU BA 526 74.86 84.52 61.39
N GLY BA 527 75.75 83.89 60.61
CA GLY BA 527 75.76 82.44 60.54
C GLY BA 527 76.18 81.80 61.84
N LYS BA 528 77.14 82.41 62.54
CA LYS BA 528 77.58 81.89 63.84
C LYS BA 528 76.67 82.32 64.98
N ASN BA 529 75.82 83.32 64.77
CA ASN BA 529 74.96 83.84 65.82
C ASN BA 529 73.53 83.33 65.75
N MET BA 530 73.05 82.93 64.57
CA MET BA 530 71.69 82.45 64.43
C MET BA 530 71.54 81.07 65.06
N ASN BA 531 70.45 80.88 65.81
CA ASN BA 531 70.18 79.61 66.47
C ASN BA 531 68.87 78.95 66.05
N MET BA 532 67.98 79.68 65.39
CA MET BA 532 66.73 79.10 64.94
C MET BA 532 66.23 79.90 63.75
N PHE BA 533 65.72 79.19 62.74
CA PHE BA 533 65.02 79.79 61.62
C PHE BA 533 63.73 79.02 61.41
N HIS BA 534 62.68 79.73 61.00
CA HIS BA 534 61.35 79.15 60.91
C HIS BA 534 60.68 79.61 59.63
N VAL BA 535 60.06 78.67 58.93
CA VAL BA 535 59.29 78.96 57.74
C VAL BA 535 57.83 78.71 58.11
N CYS BA 536 57.11 79.78 58.40
CA CYS BA 536 55.76 79.69 58.94
C CYS BA 536 54.75 79.96 57.82
N PHE BA 537 53.83 79.03 57.62
CA PHE BA 537 52.78 79.15 56.62
C PHE BA 537 51.47 79.50 57.31
N VAL BA 538 50.83 80.57 56.84
CA VAL BA 538 49.56 81.01 57.39
C VAL BA 538 48.43 80.40 56.56
N MET BA 539 47.54 79.67 57.21
CA MET BA 539 46.45 78.98 56.55
C MET BA 539 45.14 79.35 57.24
N ASN BA 540 44.06 79.38 56.47
CA ASN BA 540 42.71 79.60 56.99
C ASN BA 540 41.75 78.56 56.43
N PRO BA 541 41.89 77.29 56.83
CA PRO BA 541 40.95 76.26 56.37
C PRO BA 541 39.63 76.34 57.12
N HIS BA 542 38.61 75.76 56.51
CA HIS BA 542 37.31 75.66 57.17
C HIS BA 542 37.40 74.68 58.34
N LEU BA 543 36.45 74.85 59.28
CA LEU BA 543 36.48 74.07 60.52
C LEU BA 543 36.22 72.59 60.29
N ILE BA 544 35.59 72.23 59.17
CA ILE BA 544 35.30 70.83 58.89
C ILE BA 544 36.45 70.14 58.17
N GLU BA 545 37.38 70.90 57.58
CA GLU BA 545 38.49 70.34 56.82
C GLU BA 545 39.84 70.76 57.38
N TYR BA 546 39.88 71.17 58.65
CA TYR BA 546 41.14 71.60 59.27
C TYR BA 546 42.14 70.46 59.32
N ASN BA 547 41.72 69.32 59.86
CA ASN BA 547 42.58 68.15 60.02
C ASN BA 547 42.98 67.54 58.69
N LYS BA 548 42.33 67.93 57.60
CA LYS BA 548 42.75 67.50 56.26
C LYS BA 548 43.72 68.50 55.64
N ARG BA 549 43.34 69.79 55.61
CA ARG BA 549 44.15 70.80 54.93
C ARG BA 549 45.51 70.98 55.61
N ILE BA 550 45.50 71.11 56.94
CA ILE BA 550 46.76 71.34 57.66
C ILE BA 550 47.66 70.12 57.53
N ASP BA 551 47.08 68.91 57.63
CA ASP BA 551 47.86 67.69 57.53
C ASP BA 551 48.46 67.50 56.14
N ASP BA 552 47.69 67.76 55.09
CA ASP BA 552 48.23 67.56 53.74
C ASP BA 552 49.28 68.61 53.41
N MET BA 553 49.08 69.86 53.85
CA MET BA 553 50.07 70.90 53.61
C MET BA 553 51.39 70.58 54.31
N TYR BA 554 51.31 70.19 55.60
CA TYR BA 554 52.51 69.85 56.35
C TYR BA 554 53.16 68.58 55.80
N GLN BA 555 52.37 67.64 55.29
CA GLN BA 555 52.94 66.40 54.78
C GLN BA 555 53.63 66.59 53.44
N PHE BA 556 53.12 67.48 52.58
CA PHE BA 556 53.59 67.55 51.21
C PHE BA 556 54.50 68.74 50.90
N VAL BA 557 54.43 69.83 51.66
CA VAL BA 557 55.22 71.01 51.31
C VAL BA 557 56.21 71.35 52.42
N VAL BA 558 55.68 71.60 53.62
CA VAL BA 558 56.43 72.22 54.71
C VAL BA 558 57.55 71.32 55.19
N THR BA 559 57.27 70.02 55.34
CA THR BA 559 58.27 69.08 55.87
C THR BA 559 59.47 68.98 54.95
N ARG BA 560 59.23 68.76 53.65
CA ARG BA 560 60.30 68.63 52.68
C ARG BA 560 61.07 69.93 52.52
N LEU BA 561 60.36 71.07 52.51
CA LEU BA 561 61.03 72.37 52.35
C LEU BA 561 61.93 72.66 53.55
N SER BA 562 61.44 72.44 54.76
CA SER BA 562 62.24 72.71 55.95
C SER BA 562 63.38 71.71 56.10
N LEU BA 563 63.19 70.45 55.70
CA LEU BA 563 64.30 69.49 55.77
C LEU BA 563 65.40 69.84 54.78
N LEU BA 564 65.04 70.25 53.55
CA LEU BA 564 66.05 70.68 52.59
C LEU BA 564 66.75 71.95 53.06
N LEU BA 565 66.01 72.89 53.67
CA LEU BA 565 66.62 74.09 54.20
C LEU BA 565 67.58 73.80 55.34
N ARG BA 566 67.20 72.88 56.24
CA ARG BA 566 68.10 72.50 57.34
C ARG BA 566 69.36 71.82 56.81
N TYR BA 567 69.21 70.95 55.80
CA TYR BA 567 70.36 70.27 55.21
C TYR BA 567 71.33 71.26 54.55
N VAL BA 568 70.79 72.16 53.73
CA VAL BA 568 71.64 73.11 53.02
C VAL BA 568 72.25 74.12 53.99
N GLN BA 569 71.55 74.42 55.10
CA GLN BA 569 72.14 75.28 56.13
C GLN BA 569 73.26 74.54 56.86
N SER BA 570 73.11 73.23 57.03
CA SER BA 570 74.12 72.44 57.72
C SER BA 570 75.40 72.35 56.91
N LYS BA 571 75.31 72.12 55.60
CA LYS BA 571 76.55 72.00 54.84
C LYS BA 571 77.17 73.37 54.52
N THR BA 572 76.45 74.22 53.79
CA THR BA 572 76.98 75.51 53.36
C THR BA 572 75.94 76.59 53.63
N SER BA 573 76.22 77.44 54.63
CA SER BA 573 75.27 78.37 55.23
C SER BA 573 74.55 79.24 54.21
N TYR BA 574 73.25 79.02 54.07
CA TYR BA 574 72.45 79.63 53.02
C TYR BA 574 71.35 80.53 53.55
N ILE BA 575 70.57 80.07 54.53
CA ILE BA 575 69.53 80.90 55.13
C ILE BA 575 70.12 82.08 55.87
N SER BA 576 71.28 81.89 56.51
CA SER BA 576 72.01 83.01 57.10
C SER BA 576 72.40 84.05 56.04
N SER BA 577 72.99 83.57 54.93
CA SER BA 577 73.42 84.47 53.86
C SER BA 577 72.23 85.13 53.17
N GLU BA 578 71.16 84.37 52.91
CA GLU BA 578 69.99 84.93 52.26
C GLU BA 578 69.30 85.95 53.14
N CYS BA 579 69.20 85.68 54.44
CA CYS BA 579 68.62 86.66 55.37
C CYS BA 579 69.48 87.90 55.46
N HIS BA 580 70.81 87.73 55.46
CA HIS BA 580 71.72 88.87 55.50
C HIS BA 580 71.58 89.76 54.26
N ILE BA 581 71.50 89.13 53.07
CA ILE BA 581 71.38 89.94 51.87
C ILE BA 581 69.98 90.56 51.75
N ILE BA 582 68.95 89.90 52.29
CA ILE BA 582 67.61 90.50 52.31
C ILE BA 582 67.60 91.74 53.21
N LEU BA 583 68.20 91.64 54.39
CA LEU BA 583 68.26 92.78 55.29
C LEU BA 583 69.12 93.90 54.73
N LYS BA 584 70.23 93.55 54.06
CA LYS BA 584 71.09 94.55 53.43
C LYS BA 584 70.37 95.26 52.30
N GLU BA 585 69.60 94.52 51.49
CA GLU BA 585 68.85 95.14 50.40
C GLU BA 585 67.72 96.02 50.94
N LYS BA 586 67.07 95.59 52.03
CA LYS BA 586 66.05 96.42 52.65
C LYS BA 586 66.65 97.72 53.19
N GLU BA 587 67.85 97.63 53.80
CA GLU BA 587 68.54 98.83 54.28
C GLU BA 587 68.94 99.73 53.11
N ARG BA 588 69.40 99.14 52.01
CA ARG BA 588 69.82 99.94 50.87
C ARG BA 588 68.63 100.53 50.10
N VAL BA 589 67.45 99.96 50.24
CA VAL BA 589 66.27 100.51 49.57
C VAL BA 589 65.60 101.58 50.43
N LEU BA 590 65.48 101.35 51.75
CA LEU BA 590 64.76 102.29 52.59
C LEU BA 590 65.56 103.56 52.84
N LYS BA 591 66.88 103.46 52.96
CA LYS BA 591 67.69 104.62 53.28
C LYS BA 591 68.47 105.18 52.10
N HIS BA 592 68.69 104.36 51.06
CA HIS BA 592 69.42 104.79 49.88
C HIS BA 592 68.61 104.45 48.64
N SER BA 593 69.23 104.52 47.46
CA SER BA 593 68.62 104.16 46.18
C SER BA 593 67.38 105.03 45.90
N LYS BA 594 67.68 106.31 45.64
CA LYS BA 594 66.71 107.40 45.49
C LYS BA 594 65.58 107.16 44.49
N THR BA 595 65.68 106.13 43.65
CA THR BA 595 64.56 105.73 42.81
C THR BA 595 63.35 105.32 43.65
N TYR BA 596 63.60 104.73 44.82
CA TYR BA 596 62.51 104.32 45.71
C TYR BA 596 61.72 105.51 46.23
N GLN BA 597 62.41 106.61 46.57
CA GLN BA 597 61.74 107.79 47.12
C GLN BA 597 60.87 108.49 46.09
N SER BA 598 61.27 108.49 44.82
CA SER BA 598 60.51 109.18 43.78
C SER BA 598 59.22 108.45 43.40
N ILE BA 599 59.06 107.19 43.79
CA ILE BA 599 57.87 106.44 43.43
C ILE BA 599 56.69 106.91 44.28
N ARG BA 600 55.59 107.24 43.63
CA ARG BA 600 54.38 107.69 44.31
C ARG BA 600 53.44 106.52 44.54
N GLY BA 601 52.99 106.36 45.79
CA GLY BA 601 52.12 105.28 46.14
C GLY BA 601 52.78 104.24 47.04
N ALA BA 602 52.10 103.84 48.11
CA ALA BA 602 52.65 102.85 49.02
C ALA BA 602 52.71 101.46 48.38
N GLY BA 603 51.69 101.12 47.58
CA GLY BA 603 51.67 99.81 46.94
C GLY BA 603 52.78 99.64 45.92
N ASN BA 604 53.02 100.68 45.11
CA ASN BA 604 54.11 100.62 44.14
C ASN BA 604 55.47 100.66 44.82
N LYS BA 605 55.58 101.37 45.94
CA LYS BA 605 56.81 101.35 46.74
C LYS BA 605 57.09 99.95 47.26
N GLY BA 606 56.07 99.27 47.79
CA GLY BA 606 56.24 97.90 48.24
C GLY BA 606 56.55 96.97 47.08
N LYS BA 607 55.95 97.20 45.92
CA LYS BA 607 56.24 96.38 44.74
C LYS BA 607 57.69 96.53 44.31
N TYR BA 608 58.20 97.77 44.32
CA TYR BA 608 59.60 98.02 43.98
C TYR BA 608 60.53 97.40 45.00
N LEU BA 609 60.20 97.49 46.29
CA LEU BA 609 61.03 96.90 47.33
C LEU BA 609 61.09 95.38 47.19
N TYR BA 610 59.94 94.75 46.96
CA TYR BA 610 59.89 93.30 46.78
C TYR BA 610 60.57 92.87 45.49
N GLN BA 611 60.50 93.69 44.44
CA GLN BA 611 61.20 93.40 43.20
C GLN BA 611 62.71 93.43 43.40
N ARG BA 612 63.20 94.42 44.16
CA ARG BA 612 64.63 94.50 44.45
C ARG BA 612 65.07 93.34 45.34
N ILE BA 613 64.22 92.95 46.31
CA ILE BA 613 64.54 91.82 47.18
C ILE BA 613 64.62 90.53 46.37
N LEU BA 614 63.64 90.29 45.50
CA LEU BA 614 63.64 89.09 44.69
C LEU BA 614 64.77 89.08 43.66
N ALA BA 615 65.18 90.27 43.19
CA ALA BA 615 66.31 90.33 42.28
C ALA BA 615 67.62 90.04 42.98
N LYS BA 616 67.76 90.46 44.24
CA LYS BA 616 69.01 90.21 44.95
C LYS BA 616 69.03 88.85 45.65
N SER BA 617 67.93 88.43 46.25
CA SER BA 617 67.89 87.21 47.04
C SER BA 617 67.52 86.00 46.17
N SER BA 618 67.75 84.82 46.73
CA SER BA 618 67.35 83.56 46.11
C SER BA 618 66.32 82.79 46.90
N LEU BA 619 66.35 82.85 48.24
CA LEU BA 619 65.32 82.20 49.05
C LEU BA 619 63.99 82.93 48.95
N ALA BA 620 64.03 84.26 48.80
CA ALA BA 620 62.81 85.05 48.67
C ALA BA 620 62.03 84.67 47.42
N ARG BA 621 62.74 84.45 46.31
CA ARG BA 621 62.10 83.98 45.08
C ARG BA 621 61.46 82.62 45.28
N ALA BA 622 62.14 81.74 46.02
CA ALA BA 622 61.60 80.41 46.29
C ALA BA 622 60.31 80.48 47.11
N LEU BA 623 60.31 81.30 48.16
CA LEU BA 623 59.10 81.44 48.97
C LEU BA 623 57.98 82.10 48.17
N THR BA 624 58.31 83.09 47.34
CA THR BA 624 57.31 83.75 46.51
C THR BA 624 56.69 82.78 45.50
N GLU BA 625 57.53 81.97 44.85
CA GLU BA 625 57.03 80.98 43.89
C GLU BA 625 56.20 79.91 44.58
N CYS BA 626 56.61 79.48 45.78
CA CYS BA 626 55.84 78.49 46.54
C CYS BA 626 54.46 79.02 46.90
N VAL BA 627 54.39 80.27 47.37
CA VAL BA 627 53.10 80.85 47.72
C VAL BA 627 52.23 81.03 46.48
N ASP BA 628 52.81 81.53 45.39
CA ASP BA 628 52.02 81.81 44.20
C ASP BA 628 51.59 80.56 43.45
N LYS BA 629 52.30 79.43 43.63
CA LYS BA 629 51.94 78.22 42.91
C LYS BA 629 51.16 77.21 43.74
N ILE BA 630 51.37 77.18 45.07
CA ILE BA 630 50.51 76.34 45.91
C ILE BA 630 49.10 76.90 45.95
N GLN BA 631 48.97 78.24 45.97
CA GLN BA 631 47.66 78.88 45.91
C GLN BA 631 46.96 78.59 44.57
N ARG BA 632 47.74 78.49 43.49
CA ARG BA 632 47.19 78.20 42.17
C ARG BA 632 47.02 76.71 41.91
N ASN BA 633 47.34 75.85 42.90
CA ASN BA 633 47.27 74.39 42.79
C ASN BA 633 48.13 73.86 41.65
N GLU BA 634 49.32 74.43 41.50
CA GLU BA 634 50.26 74.04 40.46
C GLU BA 634 51.51 73.45 41.08
N ILE BA 635 52.35 72.85 40.24
CA ILE BA 635 53.62 72.29 40.71
C ILE BA 635 54.62 73.43 40.85
N ALA BA 636 55.17 73.57 42.06
CA ALA BA 636 56.10 74.63 42.38
C ALA BA 636 57.53 74.10 42.32
N CYS BA 637 58.33 74.67 41.42
CA CYS BA 637 59.75 74.35 41.31
C CYS BA 637 60.55 75.49 41.90
N LEU BA 638 61.36 75.18 42.93
CA LEU BA 638 62.08 76.20 43.68
C LEU BA 638 63.57 75.98 43.51
N GLU BA 639 64.30 77.04 43.16
CA GLU BA 639 65.75 76.99 43.02
C GLU BA 639 66.39 77.39 44.35
N ILE BA 640 67.06 76.45 45.00
CA ILE BA 640 67.67 76.67 46.31
C ILE BA 640 69.16 76.40 46.19
N ASN BA 641 69.97 77.39 46.58
CA ASN BA 641 71.44 77.32 46.62
C ASN BA 641 72.07 77.12 45.24
N ASP BA 642 71.30 77.36 44.16
CA ASP BA 642 71.73 77.29 42.76
C ASP BA 642 72.28 75.92 42.35
N ASP BA 643 72.05 74.87 43.14
CA ASP BA 643 72.51 73.53 42.80
C ASP BA 643 71.46 72.45 42.98
N LYS BA 644 70.43 72.67 43.80
CA LYS BA 644 69.37 71.70 44.04
C LYS BA 644 68.03 72.35 43.81
N VAL BA 645 67.08 71.59 43.28
CA VAL BA 645 65.71 72.06 43.07
C VAL BA 645 64.74 71.07 43.70
N ILE BA 646 63.69 71.60 44.31
CA ILE BA 646 62.66 70.79 44.96
C ILE BA 646 61.32 71.09 44.31
N SER BA 647 60.58 70.05 43.95
CA SER BA 647 59.26 70.19 43.34
C SER BA 647 58.21 69.91 44.41
N LEU BA 648 57.34 70.89 44.66
CA LEU BA 648 56.34 70.80 45.71
C LEU BA 648 54.93 70.89 45.12
N GLN BA 649 54.06 69.95 45.50
CA GLN BA 649 52.68 69.98 45.08
C GLN BA 649 51.81 69.39 46.18
N ILE BA 650 50.52 69.66 46.10
CA ILE BA 650 49.49 68.96 46.86
C ILE BA 650 48.66 68.16 45.86
N PRO BA 651 48.52 66.85 46.04
CA PRO BA 651 47.86 66.01 45.02
C PRO BA 651 46.39 66.36 44.81
N ILE BA 652 45.96 66.19 43.56
CA ILE BA 652 44.61 66.53 43.13
C ILE BA 652 43.85 65.23 42.87
N GLN BA 653 42.68 65.09 43.49
CA GLN BA 653 41.83 63.91 43.30
C GLN BA 653 40.95 64.13 42.07
N ASN BA 654 41.48 63.76 40.90
CA ASN BA 654 40.74 63.83 39.65
C ASN BA 654 40.48 62.45 39.04
N GLU BA 655 40.70 61.38 39.81
CA GLU BA 655 40.45 60.03 39.37
C GLU BA 655 39.35 59.45 40.26
N PHE BA 656 38.36 58.82 39.64
CA PHE BA 656 37.24 58.26 40.39
C PHE BA 656 36.80 56.95 39.77
N GLU BA 657 36.16 56.13 40.60
CA GLU BA 657 35.72 54.79 40.23
C GLU BA 657 34.24 54.56 40.51
N LYS BA 658 33.72 55.14 41.59
CA LYS BA 658 32.36 54.85 42.05
C LYS BA 658 31.35 55.89 41.63
N MET BA 659 31.73 56.82 40.74
CA MET BA 659 30.86 57.87 40.19
C MET BA 659 30.27 58.73 41.31
N PRO BA 660 31.06 59.62 41.93
CA PRO BA 660 30.55 60.42 43.04
C PRO BA 660 29.39 61.31 42.62
N ASN BA 661 28.46 61.50 43.56
CA ASN BA 661 27.26 62.29 43.30
C ASN BA 661 27.62 63.75 43.19
N PHE BA 662 27.82 64.21 41.95
CA PHE BA 662 28.22 65.59 41.69
C PHE BA 662 27.10 66.60 42.01
N LYS BA 663 25.86 66.12 42.16
CA LYS BA 663 24.78 67.01 42.58
C LYS BA 663 24.95 67.46 44.03
N LEU BA 664 25.52 66.61 44.88
CA LEU BA 664 25.67 66.90 46.29
C LEU BA 664 27.11 67.25 46.65
N GLN BA 665 28.06 66.37 46.33
CA GLN BA 665 29.47 66.68 46.52
C GLN BA 665 30.09 67.00 45.17
N PRO BA 666 30.52 68.24 44.93
CA PRO BA 666 31.02 68.61 43.60
C PRO BA 666 32.30 67.88 43.23
N VAL BA 667 32.47 67.67 41.92
CA VAL BA 667 33.59 66.94 41.37
C VAL BA 667 34.16 67.76 40.23
N LEU BA 668 35.49 67.80 40.12
CA LEU BA 668 36.16 68.45 39.00
C LEU BA 668 35.66 67.92 37.66
N ARG BA 669 35.26 68.83 36.78
CA ARG BA 669 34.79 68.45 35.46
C ARG BA 669 35.93 67.89 34.63
N GLY BA 670 35.65 66.81 33.91
CA GLY BA 670 36.70 66.11 33.20
C GLY BA 670 37.54 65.19 34.06
N SER BA 671 37.03 64.81 35.23
CA SER BA 671 37.72 63.84 36.06
C SER BA 671 37.69 62.47 35.38
N TYR BA 672 38.79 61.75 35.47
CA TYR BA 672 38.95 60.47 34.78
C TYR BA 672 38.13 59.42 35.53
N LEU BA 673 36.91 59.17 35.06
CA LEU BA 673 36.02 58.20 35.69
C LEU BA 673 36.26 56.82 35.06
N THR BA 674 37.32 56.17 35.53
CA THR BA 674 37.72 54.85 35.05
C THR BA 674 37.97 53.93 36.23
N SER BA 675 37.79 52.63 36.01
CA SER BA 675 38.14 51.63 37.01
C SER BA 675 39.62 51.28 37.01
N ILE BA 676 40.39 51.86 36.09
CA ILE BA 676 41.84 51.73 36.10
C ILE BA 676 42.39 53.06 36.62
N LEU BA 677 43.03 53.01 37.78
CA LEU BA 677 43.45 54.21 38.50
C LEU BA 677 44.97 54.23 38.64
N ASN BA 678 45.52 55.44 38.57
CA ASN BA 678 46.94 55.61 38.87
C ASN BA 678 47.25 55.30 40.32
N MET BA 679 46.36 55.72 41.22
CA MET BA 679 46.61 55.67 42.67
C MET BA 679 46.66 54.24 43.20
N LYS BA 680 46.17 53.26 42.44
CA LYS BA 680 46.34 51.87 42.84
C LYS BA 680 47.72 51.34 42.53
N PHE BA 681 48.54 52.12 41.83
CA PHE BA 681 49.92 51.75 41.54
C PHE BA 681 50.91 52.48 42.41
N LEU BA 682 50.57 53.70 42.86
CA LEU BA 682 51.44 54.41 43.80
C LEU BA 682 51.41 53.74 45.16
N GLU BA 683 50.23 53.34 45.63
CA GLU BA 683 50.13 52.71 46.95
C GLU BA 683 50.72 51.31 46.93
N LYS BA 684 50.74 50.66 45.76
CA LYS BA 684 51.39 49.35 45.63
C LYS BA 684 52.91 49.44 45.64
N SER BA 685 53.47 50.65 45.53
CA SER BA 685 54.91 50.83 45.56
C SER BA 685 55.46 51.05 46.96
N SER BA 686 54.61 50.98 47.99
CA SER BA 686 55.04 51.17 49.37
C SER BA 686 55.88 49.98 49.86
N ASN BA 741 50.63 39.72 40.95
CA ASN BA 741 49.48 40.61 40.87
C ASN BA 741 49.42 41.25 39.49
N ASP BA 742 49.25 42.57 39.45
CA ASP BA 742 49.16 43.33 38.21
C ASP BA 742 50.47 44.07 37.99
N ASP BA 743 50.99 44.02 36.77
CA ASP BA 743 52.19 44.73 36.39
C ASP BA 743 51.84 46.00 35.63
N LEU BA 744 52.55 47.08 35.96
CA LEU BA 744 52.30 48.38 35.35
C LEU BA 744 52.77 48.43 33.90
N LEU BA 745 53.65 47.49 33.51
CA LEU BA 745 54.18 47.46 32.15
C LEU BA 745 53.10 47.15 31.12
N ASN BA 746 52.05 46.42 31.52
CA ASN BA 746 51.00 46.04 30.59
C ASN BA 746 50.17 47.22 30.12
N TYR BA 747 50.12 48.29 30.90
CA TYR BA 747 49.34 49.47 30.59
C TYR BA 747 50.19 50.48 29.82
N ALA BA 748 49.52 51.41 29.17
CA ALA BA 748 50.18 52.40 28.31
C ALA BA 748 49.98 53.80 28.87
N LEU BA 749 51.01 54.64 28.73
CA LEU BA 749 50.97 55.99 29.26
C LEU BA 749 50.41 56.95 28.23
N LEU BA 750 49.37 57.70 28.63
CA LEU BA 750 48.75 58.72 27.79
C LEU BA 750 49.15 60.09 28.31
N LEU BA 751 49.90 60.84 27.50
CA LEU BA 751 50.40 62.15 27.93
C LEU BA 751 49.25 63.14 28.10
N LEU BA 752 49.30 63.89 29.19
CA LEU BA 752 48.29 64.89 29.51
C LEU BA 752 48.58 66.25 28.89
N ASP BA 753 49.64 66.36 28.10
CA ASP BA 753 49.98 67.58 27.39
C ASP BA 753 50.78 67.21 26.16
N GLU BA 754 51.09 68.21 25.34
CA GLU BA 754 51.96 68.00 24.21
C GLU BA 754 53.37 67.66 24.69
N PRO BA 755 54.09 66.79 23.96
CA PRO BA 755 55.42 66.36 24.44
C PRO BA 755 56.44 67.47 24.58
N ASN BA 756 56.41 68.50 23.73
CA ASN BA 756 57.37 69.59 23.85
C ASN BA 756 57.13 70.41 25.12
N ASN BA 757 55.86 70.63 25.47
CA ASN BA 757 55.55 71.32 26.73
C ASN BA 757 55.91 70.47 27.93
N ILE BA 758 55.78 69.15 27.83
CA ILE BA 758 56.20 68.26 28.90
C ILE BA 758 57.72 68.31 29.07
N ILE BA 759 58.46 68.38 27.97
CA ILE BA 759 59.91 68.52 28.05
C ILE BA 759 60.29 69.85 28.67
N SER BA 760 59.58 70.92 28.28
CA SER BA 760 59.85 72.25 28.83
C SER BA 760 59.59 72.29 30.34
N SER BA 761 58.52 71.64 30.79
CA SER BA 761 58.26 71.56 32.22
C SER BA 761 59.26 70.64 32.91
N LEU BA 762 59.79 69.64 32.18
CA LEU BA 762 60.80 68.74 32.72
C LEU BA 762 62.17 69.37 32.76
N GLU BA 763 62.35 70.53 32.13
CA GLU BA 763 63.63 71.24 32.20
C GLU BA 763 63.76 72.07 33.46
N THR BA 764 62.73 72.10 34.31
CA THR BA 764 62.76 72.81 35.58
C THR BA 764 62.88 71.90 36.78
N PHE BA 765 62.83 70.58 36.57
CA PHE BA 765 62.95 69.61 37.65
C PHE BA 765 64.38 69.26 38.00
N SER BA 766 65.36 69.75 37.23
CA SER BA 766 66.76 69.50 37.52
C SER BA 766 67.57 70.69 37.01
N TYR BA 767 68.49 71.18 37.85
CA TYR BA 767 69.32 72.33 37.48
C TYR BA 767 70.24 71.99 36.31
N GLN BA 768 70.81 70.79 36.32
CA GLN BA 768 71.62 70.30 35.22
C GLN BA 768 71.08 68.95 34.76
N ASP BA 769 71.40 68.60 33.51
CA ASP BA 769 70.85 67.39 32.90
C ASP BA 769 71.51 66.14 33.48
N ASP BA 770 70.88 65.55 34.49
CA ASP BA 770 71.35 64.28 35.05
C ASP BA 770 70.84 63.13 34.19
N ILE BA 771 71.10 61.89 34.64
CA ILE BA 771 70.66 60.72 33.88
C ILE BA 771 69.15 60.53 33.97
N GLY BA 772 68.50 61.04 35.02
CA GLY BA 772 67.06 60.93 35.12
C GLY BA 772 66.33 61.75 34.08
N THR BA 773 66.76 63.00 33.89
CA THR BA 773 66.14 63.90 32.92
C THR BA 773 66.65 63.71 31.50
N ILE BA 774 67.50 62.71 31.27
CA ILE BA 774 67.82 62.28 29.91
C ILE BA 774 66.90 61.14 29.47
N ILE BA 775 66.82 60.10 30.31
CA ILE BA 775 65.92 58.97 30.04
C ILE BA 775 64.47 59.45 30.05
N LEU BA 776 64.11 60.29 31.01
CA LEU BA 776 62.73 60.75 31.12
C LEU BA 776 62.37 61.71 30.00
N LYS BA 777 63.35 62.41 29.43
CA LYS BA 777 63.10 63.25 28.26
C LYS BA 777 62.95 62.41 27.01
N HIS BA 778 63.81 61.39 26.87
CA HIS BA 778 63.78 60.55 25.68
C HIS BA 778 62.52 59.71 25.64
N LEU BA 779 62.08 59.22 26.81
CA LEU BA 779 60.86 58.41 26.85
C LEU BA 779 59.64 59.23 26.47
N VAL BA 780 59.58 60.49 26.93
CA VAL BA 780 58.48 61.39 26.58
C VAL BA 780 58.48 61.68 25.08
N ARG BA 781 59.68 61.91 24.51
CA ARG BA 781 59.77 62.16 23.08
C ARG BA 781 59.44 60.92 22.24
N ASN BA 782 59.55 59.73 22.80
CA ASN BA 782 59.31 58.49 22.07
C ASN BA 782 58.27 57.61 22.76
N ILE BA 783 57.12 58.19 23.10
CA ILE BA 783 56.01 57.44 23.67
C ILE BA 783 54.76 57.70 22.84
N GLN BA 784 53.85 56.71 22.84
CA GLN BA 784 52.61 56.81 22.12
C GLN BA 784 51.57 56.03 22.92
N PRO BA 785 50.33 56.54 23.03
CA PRO BA 785 49.28 55.86 23.80
C PRO BA 785 48.53 54.79 23.02
N ASN BA 786 49.28 53.91 22.35
CA ASN BA 786 48.67 52.78 21.66
C ASN BA 786 49.53 51.52 21.73
N ILE BA 787 50.62 51.52 22.48
CA ILE BA 787 51.51 50.37 22.58
C ILE BA 787 51.80 50.13 24.07
N PRO BA 788 51.90 48.88 24.52
CA PRO BA 788 52.23 48.64 25.92
C PRO BA 788 53.64 49.08 26.26
N LEU BA 789 53.86 49.34 27.55
CA LEU BA 789 55.16 49.80 28.02
C LEU BA 789 56.24 48.71 27.97
N ARG BA 790 55.85 47.44 27.84
CA ARG BA 790 56.81 46.37 27.65
C ARG BA 790 57.61 46.54 26.36
N SER BA 791 57.00 47.11 25.32
CA SER BA 791 57.66 47.33 24.04
C SER BA 791 58.61 48.53 24.03
N TYR BA 792 58.66 49.31 25.12
CA TYR BA 792 59.55 50.46 25.22
C TYR BA 792 60.81 50.18 26.02
N ARG BA 793 61.22 48.92 26.13
CA ARG BA 793 62.49 48.60 26.76
C ARG BA 793 63.69 48.99 25.90
N TYR BA 794 63.50 49.09 24.57
CA TYR BA 794 64.61 49.36 23.69
C TYR BA 794 65.14 50.79 23.84
N LEU BA 795 64.27 51.73 24.23
CA LEU BA 795 64.72 53.10 24.49
C LEU BA 795 65.69 53.16 25.67
N ILE BA 796 65.40 52.42 26.74
CA ILE BA 796 66.32 52.35 27.86
C ILE BA 796 67.56 51.56 27.46
N THR BA 797 67.38 50.50 26.66
CA THR BA 797 68.49 49.64 26.27
C THR BA 797 69.52 50.39 25.43
N ASP BA 798 69.07 51.26 24.51
CA ASP BA 798 70.02 52.01 23.71
C ASP BA 798 70.69 53.13 24.48
N LEU BA 799 70.02 53.70 25.48
CA LEU BA 799 70.55 54.82 26.24
C LEU BA 799 71.28 54.42 27.52
N LEU BA 800 71.51 53.12 27.73
CA LEU BA 800 72.27 52.69 28.89
C LEU BA 800 73.09 51.46 28.53
N ASP BA 801 74.25 51.32 29.16
CA ASP BA 801 75.18 50.25 28.81
C ASP BA 801 75.49 49.39 30.04
N THR BA 813 61.42 41.21 32.19
CA THR BA 813 61.72 40.32 33.30
C THR BA 813 61.91 41.12 34.59
N ASN BA 814 63.08 40.94 35.23
CA ASN BA 814 63.43 41.67 36.43
C ASN BA 814 64.69 42.50 36.22
N SER BA 815 64.91 42.93 34.98
CA SER BA 815 66.09 43.71 34.63
C SER BA 815 66.00 45.11 35.21
N LEU BA 816 67.15 45.76 35.33
CA LEU BA 816 67.22 47.14 35.81
C LEU BA 816 66.57 48.12 34.84
N GLU BA 817 66.48 47.77 33.57
CA GLU BA 817 65.76 48.59 32.59
C GLU BA 817 64.28 48.67 32.93
N SER BA 818 63.69 47.54 33.34
CA SER BA 818 62.28 47.53 33.72
C SER BA 818 62.04 48.36 34.97
N SER BA 819 62.96 48.29 35.95
CA SER BA 819 62.82 49.11 37.16
C SER BA 819 62.97 50.59 36.86
N ILE BA 820 63.90 50.93 35.97
CA ILE BA 820 64.09 52.32 35.54
C ILE BA 820 62.83 52.83 34.83
N LEU BA 821 62.24 51.99 33.97
CA LEU BA 821 61.02 52.39 33.26
C LEU BA 821 59.84 52.52 34.21
N ARG BA 822 59.77 51.65 35.23
CA ARG BA 822 58.74 51.77 36.26
C ARG BA 822 58.89 53.08 37.02
N SER BA 823 60.12 53.43 37.40
CA SER BA 823 60.36 54.67 38.13
C SER BA 823 60.01 55.89 37.27
N CYS BA 824 60.36 55.85 35.97
CA CYS BA 824 60.03 56.94 35.07
C CYS BA 824 58.52 57.07 34.87
N ALA BA 825 57.82 55.95 34.78
CA ALA BA 825 56.37 55.98 34.65
C ALA BA 825 55.71 56.55 35.90
N LEU BA 826 56.21 56.15 37.08
CA LEU BA 826 55.69 56.71 38.35
C LEU BA 826 55.94 58.20 38.42
N HIS BA 827 57.13 58.64 38.00
CA HIS BA 827 57.45 60.06 37.99
C HIS BA 827 56.56 60.84 37.03
N LEU BA 828 56.27 60.24 35.87
CA LEU BA 828 55.44 60.92 34.88
C LEU BA 828 53.99 61.00 35.35
N MET BA 829 53.47 59.94 35.95
CA MET BA 829 52.08 59.92 36.36
C MET BA 829 51.85 60.51 37.75
N TYR BA 830 52.90 60.88 38.48
CA TYR BA 830 52.71 61.56 39.75
C TYR BA 830 52.70 63.06 39.57
N TRP BA 831 53.52 63.60 38.68
CA TRP BA 831 53.67 65.04 38.53
C TRP BA 831 52.74 65.63 37.49
N ARG BA 832 51.58 65.00 37.26
CA ARG BA 832 50.54 65.47 36.33
C ARG BA 832 51.10 65.64 34.91
N HIS BA 833 51.65 64.55 34.39
CA HIS BA 833 52.20 64.62 33.04
C HIS BA 833 51.66 63.55 32.11
N ALA BA 834 51.45 62.33 32.59
CA ALA BA 834 51.02 61.24 31.72
C ALA BA 834 50.23 60.22 32.53
N ARG BA 835 48.91 60.30 32.45
CA ARG BA 835 48.05 59.31 33.08
C ARG BA 835 48.15 57.98 32.32
N ILE BA 836 48.31 56.88 33.06
CA ILE BA 836 48.44 55.59 32.42
C ILE BA 836 47.04 55.06 32.09
N VAL BA 837 46.93 54.34 30.97
CA VAL BA 837 45.68 53.78 30.49
C VAL BA 837 45.94 52.40 29.89
N ILE BA 838 44.88 51.75 29.45
CA ILE BA 838 44.93 50.48 28.72
C ILE BA 838 45.49 50.80 27.34
N PRO BA 839 46.18 49.87 26.66
CA PRO BA 839 46.70 50.18 25.31
C PRO BA 839 45.58 50.33 24.29
N LEU BA 840 45.09 51.57 24.16
CA LEU BA 840 43.94 51.92 23.32
C LEU BA 840 44.08 51.42 21.88
N SER BA 841 43.00 50.81 21.39
CA SER BA 841 42.92 50.36 20.01
C SER BA 841 41.55 50.73 19.47
N SER BA 842 41.30 50.34 18.23
CA SER BA 842 40.01 50.57 17.59
C SER BA 842 39.01 49.45 17.86
N LYS BA 843 39.44 48.40 18.57
CA LYS BA 843 38.60 47.24 18.84
C LYS BA 843 37.89 47.32 20.18
N TYR BA 844 38.10 48.38 20.93
CA TYR BA 844 37.49 48.54 22.25
C TYR BA 844 36.20 49.36 22.13
N THR BA 845 35.44 49.38 23.21
CA THR BA 845 34.19 50.12 23.26
C THR BA 845 34.41 51.38 24.08
N TYR BA 846 34.05 52.52 23.51
CA TYR BA 846 34.28 53.81 24.14
C TYR BA 846 32.97 54.57 24.21
N ILE BA 847 32.65 55.09 25.39
CA ILE BA 847 31.43 55.85 25.61
C ILE BA 847 31.79 57.22 26.19
N VAL BA 848 30.81 58.10 26.20
CA VAL BA 848 30.98 59.42 26.80
C VAL BA 848 30.78 59.30 28.31
N SER BA 849 31.78 59.76 29.06
CA SER BA 849 31.72 59.66 30.52
C SER BA 849 30.66 60.60 31.07
N PRO BA 850 30.00 60.23 32.18
CA PRO BA 850 29.04 61.16 32.80
C PRO BA 850 29.67 62.45 33.29
N LEU BA 851 30.92 62.42 33.72
CA LEU BA 851 31.64 63.63 34.12
C LEU BA 851 32.42 64.22 32.93
N ALA BA 852 31.72 64.42 31.82
CA ALA BA 852 32.33 65.05 30.65
C ALA BA 852 32.39 66.55 30.83
N PRO BA 853 33.52 67.20 30.52
CA PRO BA 853 33.60 68.65 30.68
C PRO BA 853 32.76 69.39 29.64
N ILE BA 854 31.44 69.42 29.83
CA ILE BA 854 30.54 70.06 28.89
C ILE BA 854 30.09 71.42 29.44
N GLN BA 855 29.46 71.42 30.61
CA GLN BA 855 28.98 72.64 31.23
C GLN BA 855 30.09 73.33 32.01
N GLY BA 856 29.79 74.54 32.46
CA GLY BA 856 30.73 75.29 33.28
C GLY BA 856 31.67 76.15 32.47
N TYR BA 857 31.94 77.37 32.93
CA TYR BA 857 32.84 78.26 32.22
C TYR BA 857 34.30 77.90 32.42
N THR BA 858 34.63 77.08 33.41
CA THR BA 858 35.99 76.61 33.65
C THR BA 858 35.92 75.24 34.30
N ILE BA 859 37.07 74.76 34.78
CA ILE BA 859 37.16 73.43 35.37
C ILE BA 859 36.41 73.36 36.69
N ASP BA 860 36.45 74.43 37.47
CA ASP BA 860 35.88 74.45 38.81
C ASP BA 860 34.99 75.68 39.00
N ASP BA 861 34.08 75.91 38.06
CA ASP BA 861 33.21 77.08 38.12
C ASP BA 861 32.17 76.92 39.23
N TYR BA 862 31.26 75.96 39.06
CA TYR BA 862 30.16 75.66 39.99
C TYR BA 862 29.38 76.88 40.50
N ARG BA 887 33.02 84.44 28.65
CA ARG BA 887 32.15 83.47 29.30
C ARG BA 887 31.60 82.45 28.31
N VAL BA 888 32.41 81.46 27.99
CA VAL BA 888 32.08 80.42 27.01
C VAL BA 888 32.21 79.09 27.73
N PRO BA 889 31.25 78.17 27.60
CA PRO BA 889 31.36 76.87 28.26
C PRO BA 889 32.50 76.04 27.70
N LEU BA 890 32.88 75.03 28.48
CA LEU BA 890 34.05 74.21 28.15
C LEU BA 890 33.87 73.42 26.86
N ILE BA 891 32.63 73.11 26.49
CA ILE BA 891 32.37 72.32 25.28
C ILE BA 891 32.81 73.09 24.03
N TYR BA 892 32.50 74.38 23.96
CA TYR BA 892 32.86 75.15 22.77
C TYR BA 892 34.35 75.49 22.75
N GLN BA 893 34.95 75.72 23.92
CA GLN BA 893 36.40 75.92 24.00
C GLN BA 893 37.16 74.69 23.54
N ASN BA 894 36.75 73.53 24.03
CA ASN BA 894 37.39 72.28 23.62
C ASN BA 894 37.05 71.92 22.18
N SER BA 895 35.90 72.37 21.66
CA SER BA 895 35.62 72.19 20.24
C SER BA 895 36.54 73.06 19.39
N MET BA 896 36.82 74.28 19.84
CA MET BA 896 37.78 75.14 19.17
C MET BA 896 39.18 74.53 19.18
N LEU BA 897 39.59 73.98 20.33
CA LEU BA 897 40.88 73.30 20.41
C LEU BA 897 40.93 72.05 19.54
N PHE BA 898 39.82 71.32 19.45
CA PHE BA 898 39.75 70.14 18.60
C PHE BA 898 39.85 70.50 17.13
N ARG BA 899 39.16 71.57 16.72
CA ARG BA 899 39.22 72.01 15.34
C ARG BA 899 40.61 72.54 14.99
N SER BA 900 41.26 73.23 15.93
CA SER BA 900 42.60 73.73 15.70
C SER BA 900 43.61 72.58 15.61
N LYS BA 901 43.51 71.61 16.50
CA LYS BA 901 44.47 70.51 16.50
C LYS BA 901 44.17 69.50 15.39
N PHE BA 902 42.90 69.22 15.14
CA PHE BA 902 42.48 68.22 14.15
C PHE BA 902 41.50 68.87 13.19
N PRO BA 903 41.98 69.49 12.11
CA PRO BA 903 41.10 70.15 11.15
C PRO BA 903 40.67 69.31 9.96
N SER BA 904 40.99 68.02 9.93
CA SER BA 904 40.65 67.15 8.80
C SER BA 904 39.62 66.10 9.20
N LEU BA 905 38.75 66.42 10.13
CA LEU BA 905 37.78 65.48 10.70
C LEU BA 905 36.65 66.28 11.32
N PRO BA 906 35.46 65.68 11.49
CA PRO BA 906 34.31 66.46 11.99
C PRO BA 906 34.52 66.98 13.40
N SER BA 907 33.78 68.03 13.73
CA SER BA 907 33.96 68.77 14.97
C SER BA 907 33.56 67.94 16.18
N LEU BA 908 33.88 68.48 17.36
CA LEU BA 908 33.61 67.79 18.62
C LEU BA 908 32.13 67.50 18.89
N PRO BA 909 31.16 68.40 18.65
CA PRO BA 909 29.75 67.99 18.83
C PRO BA 909 29.32 66.82 17.95
N ILE BA 910 29.71 66.82 16.67
CA ILE BA 910 29.38 65.70 15.79
C ILE BA 910 30.06 64.42 16.26
N PHE BA 911 31.34 64.52 16.63
CA PHE BA 911 32.14 63.35 16.99
C PHE BA 911 31.66 62.76 18.31
N LEU BA 912 31.20 63.60 19.23
CA LEU BA 912 30.64 63.12 20.50
C LEU BA 912 29.23 62.59 20.33
N SER BA 913 28.43 63.18 19.43
CA SER BA 913 27.09 62.68 19.19
C SER BA 913 27.11 61.34 18.46
N LEU BA 914 28.14 61.08 17.65
CA LEU BA 914 28.25 59.78 16.99
C LEU BA 914 28.59 58.65 17.96
N LEU BA 915 29.06 58.96 19.16
CA LEU BA 915 29.50 57.97 20.13
C LEU BA 915 28.51 57.75 21.27
N SER BA 916 27.40 58.50 21.32
CA SER BA 916 26.53 58.45 22.48
C SER BA 916 25.07 58.23 22.11
N THR BA 917 24.67 58.62 20.90
CA THR BA 917 23.26 58.52 20.52
C THR BA 917 22.85 57.06 20.27
N ASP BA 918 23.67 56.31 19.55
CA ASP BA 918 23.40 54.92 19.25
C ASP BA 918 23.93 54.02 20.37
N LYS BA 919 23.74 52.71 20.19
CA LYS BA 919 24.24 51.75 21.16
C LYS BA 919 25.77 51.72 21.14
N PRO BA 920 26.41 51.56 22.30
CA PRO BA 920 27.89 51.52 22.33
C PRO BA 920 28.48 50.31 21.63
N GLN BA 921 29.17 50.54 20.52
CA GLN BA 921 29.88 49.50 19.81
C GLN BA 921 31.37 49.84 19.76
N ALA BA 922 32.12 49.08 18.96
CA ALA BA 922 33.55 49.28 18.84
C ALA BA 922 33.86 50.65 18.22
N TYR BA 923 35.01 51.20 18.60
CA TYR BA 923 35.40 52.52 18.10
C TYR BA 923 35.70 52.52 16.61
N SER BA 924 36.01 51.35 16.03
CA SER BA 924 36.38 51.29 14.62
C SER BA 924 35.20 51.53 13.69
N ASN BA 925 33.96 51.44 14.20
CA ASN BA 925 32.79 51.66 13.37
C ASN BA 925 32.56 53.13 13.03
N ILE BA 926 33.27 54.04 13.68
CA ILE BA 926 33.21 55.45 13.28
C ILE BA 926 34.23 55.76 12.19
N ILE BA 927 35.30 54.98 12.11
CA ILE BA 927 36.35 55.17 11.12
C ILE BA 927 35.82 54.76 9.74
N PRO BA 928 35.81 55.65 8.75
CA PRO BA 928 35.26 55.30 7.43
C PRO BA 928 36.26 54.54 6.57
N SER BA 929 37.55 54.82 6.73
CA SER BA 929 38.57 54.25 5.87
C SER BA 929 39.87 54.11 6.64
N ARG BA 930 40.73 53.20 6.17
CA ARG BA 930 42.05 52.97 6.76
C ARG BA 930 42.99 54.15 6.58
N GLU BA 931 42.66 55.11 5.72
CA GLU BA 931 43.47 56.32 5.59
C GLU BA 931 43.26 57.30 6.74
N HIS BA 932 42.30 57.04 7.63
CA HIS BA 932 42.02 57.94 8.74
C HIS BA 932 42.17 57.24 10.09
N LYS BA 933 42.93 56.14 10.15
CA LYS BA 933 43.05 55.42 11.40
C LYS BA 933 44.00 56.07 12.41
N PRO BA 934 45.26 56.44 12.09
CA PRO BA 934 46.10 57.03 13.14
C PRO BA 934 45.65 58.39 13.61
N VAL BA 935 45.05 59.19 12.72
CA VAL BA 935 44.55 60.50 13.13
C VAL BA 935 43.35 60.35 14.06
N TYR BA 936 42.51 59.33 13.84
CA TYR BA 936 41.40 59.10 14.75
C TYR BA 936 41.87 58.48 16.05
N LEU BA 937 42.97 57.72 16.01
CA LEU BA 937 43.57 57.23 17.26
C LEU BA 937 44.13 58.37 18.08
N ASN BA 938 44.75 59.36 17.40
CA ASN BA 938 45.20 60.56 18.09
C ASN BA 938 44.03 61.35 18.66
N ALA BA 939 42.92 61.43 17.92
CA ALA BA 939 41.72 62.11 18.43
C ALA BA 939 41.15 61.40 19.65
N LEU BA 940 41.13 60.07 19.63
CA LEU BA 940 40.66 59.30 20.77
C LEU BA 940 41.57 59.47 21.97
N ALA BA 941 42.89 59.50 21.74
CA ALA BA 941 43.83 59.74 22.83
C ALA BA 941 43.66 61.14 23.40
N TRP BA 942 43.37 62.13 22.56
CA TRP BA 942 43.07 63.48 23.04
C TRP BA 942 41.80 63.51 23.87
N LEU BA 943 40.78 62.76 23.44
CA LEU BA 943 39.51 62.77 24.16
C LEU BA 943 39.66 62.10 25.53
N ILE BA 944 40.41 60.99 25.60
CA ILE BA 944 40.67 60.35 26.88
C ILE BA 944 41.57 61.24 27.73
N GLN BA 945 42.47 61.98 27.09
CA GLN BA 945 43.32 62.95 27.78
C GLN BA 945 42.48 64.01 28.48
N TYR BA 946 41.46 64.53 27.80
CA TYR BA 946 40.63 65.57 28.37
C TYR BA 946 39.50 64.99 29.23
N GLY BA 947 39.38 63.67 29.30
CA GLY BA 947 38.36 63.06 30.13
C GLY BA 947 36.98 63.07 29.54
N TYR BA 948 36.85 63.37 28.25
CA TYR BA 948 35.54 63.38 27.61
C TYR BA 948 35.01 61.95 27.43
N VAL BA 949 35.87 61.01 27.07
CA VAL BA 949 35.47 59.68 26.64
C VAL BA 949 36.22 58.65 27.47
N THR BA 950 35.49 57.74 28.10
CA THR BA 950 36.06 56.64 28.84
C THR BA 950 35.90 55.34 28.04
N GLN BA 951 36.32 54.24 28.66
CA GLN BA 951 36.28 52.92 28.04
C GLN BA 951 35.25 52.06 28.74
N LEU BA 952 34.38 51.42 27.96
CA LEU BA 952 33.36 50.52 28.49
C LEU BA 952 33.93 49.12 28.52
N LEU BA 953 34.32 48.67 29.71
CA LEU BA 953 34.92 47.36 29.89
C LEU BA 953 33.86 46.29 30.06
N THR BA 954 34.26 45.04 29.85
CA THR BA 954 33.36 43.89 29.88
C THR BA 954 33.66 43.05 31.12
N PHE BA 955 32.65 42.86 31.94
CA PHE BA 955 32.73 42.02 33.14
C PHE BA 955 31.80 40.84 32.95
N ILE BA 956 32.34 39.62 33.08
CA ILE BA 956 31.59 38.40 32.80
C ILE BA 956 31.29 37.70 34.11
N ASN BA 957 30.02 37.39 34.33
CA ASN BA 957 29.57 36.68 35.53
C ASN BA 957 28.90 35.38 35.10
N ILE BA 958 29.16 34.31 35.85
CA ILE BA 958 28.72 32.97 35.48
C ILE BA 958 27.34 32.70 36.07
N ARG BA 959 26.57 31.86 35.40
CA ARG BA 959 25.22 31.52 35.81
C ARG BA 959 24.99 30.03 35.61
N VAL BA 960 24.18 29.45 36.49
CA VAL BA 960 23.84 28.04 36.44
C VAL BA 960 22.32 27.92 36.55
N ASP BA 961 21.72 27.20 35.60
CA ASP BA 961 20.27 27.02 35.55
C ASP BA 961 19.90 25.71 36.23
N LYS BA 962 18.60 25.38 36.21
CA LYS BA 962 18.13 24.21 36.92
C LYS BA 962 18.49 22.90 36.23
N HIS BA 963 18.75 22.92 34.93
CA HIS BA 963 19.15 21.70 34.24
C HIS BA 963 20.50 21.18 34.71
N ILE BA 964 21.46 22.08 34.94
CA ILE BA 964 22.76 21.68 35.47
C ILE BA 964 22.61 21.17 36.90
N LYS BA 965 21.72 21.78 37.68
CA LYS BA 965 21.48 21.31 39.05
C LYS BA 965 20.91 19.90 39.05
N MET BA 966 19.96 19.63 38.18
CA MET BA 966 19.39 18.29 38.08
C MET BA 966 20.42 17.30 37.55
N ALA BA 967 21.29 17.74 36.63
CA ALA BA 967 22.33 16.85 36.10
C ALA BA 967 23.33 16.46 37.17
N VAL BA 968 23.76 17.43 38.00
CA VAL BA 968 24.71 17.08 39.05
C VAL BA 968 24.00 16.32 40.17
N ASP BA 969 22.69 16.50 40.33
CA ASP BA 969 21.94 15.65 41.25
C ASP BA 969 21.93 14.20 40.77
N GLU BA 970 21.76 14.01 39.45
CA GLU BA 970 21.83 12.66 38.88
C GLU BA 970 23.23 12.07 39.06
N ASP BA 971 24.27 12.88 38.87
CA ASP BA 971 25.63 12.39 39.08
C ASP BA 971 25.87 12.02 40.55
N LEU BA 972 25.34 12.81 41.48
CA LEU BA 972 25.45 12.45 42.89
C LEU BA 972 24.61 11.22 43.21
N GLU BA 973 23.57 10.95 42.43
CA GLU BA 973 22.81 9.72 42.56
C GLU BA 973 23.55 8.54 41.95
N LYS BA 974 24.56 8.80 41.11
CA LYS BA 974 25.36 7.75 40.52
C LYS BA 974 26.52 7.33 41.42
N GLU BA 975 26.66 7.93 42.59
CA GLU BA 975 27.75 7.59 43.50
C GLU BA 975 27.33 7.82 44.96
N PHE BA 1059 5.38 21.88 40.16
CA PHE BA 1059 5.28 20.56 40.77
C PHE BA 1059 5.72 19.48 39.79
N GLU BA 1060 5.07 18.32 39.83
CA GLU BA 1060 5.43 17.21 38.96
C GLU BA 1060 4.48 17.01 37.79
N TYR BA 1061 3.25 17.52 37.89
CA TYR BA 1061 2.27 17.31 36.85
C TYR BA 1061 2.50 18.19 35.62
N ASP BA 1062 3.12 19.36 35.79
CA ASP BA 1062 3.26 20.33 34.73
C ASP BA 1062 4.72 20.69 34.49
N ASP BA 1063 4.97 21.28 33.32
CA ASP BA 1063 6.28 21.79 32.95
C ASP BA 1063 6.11 23.23 32.48
N PRO BA 1064 6.02 24.19 33.40
CA PRO BA 1064 5.97 25.61 33.02
C PRO BA 1064 7.31 26.04 32.44
N GLU BA 1065 7.30 26.45 31.17
CA GLU BA 1065 8.54 26.80 30.50
C GLU BA 1065 9.05 28.20 30.82
N MET BA 1066 8.36 28.96 31.68
CA MET BA 1066 8.78 30.32 31.98
C MET BA 1066 9.49 30.41 33.32
N GLN BA 1067 9.72 29.28 33.97
CA GLN BA 1067 10.34 29.22 35.29
C GLN BA 1067 11.72 28.60 35.18
N HIS BA 1068 12.73 29.30 35.68
CA HIS BA 1068 14.11 28.81 35.65
C HIS BA 1068 14.73 29.11 37.00
N ASP BA 1069 15.30 28.08 37.65
CA ASP BA 1069 15.92 28.27 38.96
C ASP BA 1069 17.36 28.72 38.76
N TYR BA 1070 17.49 30.00 38.41
CA TYR BA 1070 18.79 30.58 38.09
C TYR BA 1070 19.59 30.85 39.36
N THR BA 1071 20.80 30.31 39.42
CA THR BA 1071 21.67 30.54 40.57
C THR BA 1071 23.00 31.08 40.06
N ILE BA 1072 23.41 32.23 40.59
CA ILE BA 1072 24.62 32.91 40.17
C ILE BA 1072 25.75 32.56 41.14
N ILE BA 1073 26.83 32.00 40.61
CA ILE BA 1073 28.02 31.72 41.40
C ILE BA 1073 28.83 33.01 41.47
N LEU BA 1074 28.86 33.64 42.65
CA LEU BA 1074 29.51 34.95 42.77
C LEU BA 1074 31.03 34.83 42.66
N GLU BA 1075 31.63 33.89 43.36
CA GLU BA 1075 33.07 33.65 43.29
C GLU BA 1075 33.32 32.22 42.82
N PRO BA 1076 33.62 32.03 41.53
CA PRO BA 1076 33.90 30.66 41.05
C PRO BA 1076 35.10 30.01 41.70
N GLU BA 1077 36.12 30.78 42.08
CA GLU BA 1077 37.27 30.20 42.76
C GLU BA 1077 36.91 29.78 44.18
N ARG BA 1078 36.09 30.58 44.86
CA ARG BA 1078 35.67 30.29 46.23
C ARG BA 1078 34.28 29.65 46.18
N ALA BA 1079 34.25 28.35 45.96
CA ALA BA 1079 32.99 27.63 45.84
C ALA BA 1079 33.12 26.26 46.48
N THR BA 1080 31.96 25.67 46.79
CA THR BA 1080 31.92 24.35 47.42
C THR BA 1080 32.08 23.27 46.35
N ALA BA 1081 31.88 22.01 46.74
CA ALA BA 1081 32.02 20.90 45.80
C ALA BA 1081 30.88 20.87 44.80
N ILE BA 1082 29.64 21.04 45.28
CA ILE BA 1082 28.48 20.99 44.40
C ILE BA 1082 28.48 22.18 43.45
N GLU BA 1083 28.99 23.33 43.89
CA GLU BA 1083 29.04 24.52 43.04
C GLU BA 1083 30.10 24.40 41.95
N LYS BA 1084 31.26 23.84 42.30
CA LYS BA 1084 32.26 23.51 41.28
C LYS BA 1084 31.76 22.43 40.34
N ARG BA 1085 30.94 21.50 40.85
CA ARG BA 1085 30.28 20.52 39.99
C ARG BA 1085 29.33 21.18 39.01
N TRP BA 1086 28.59 22.20 39.48
CA TRP BA 1086 27.74 23.00 38.60
C TRP BA 1086 28.55 23.63 37.49
N LEU BA 1087 29.64 24.30 37.85
CA LEU BA 1087 30.44 25.01 36.86
C LEU BA 1087 31.12 24.07 35.89
N TYR BA 1088 31.54 22.89 36.34
CA TYR BA 1088 32.18 21.94 35.44
C TYR BA 1088 31.17 21.19 34.57
N ARG BA 1089 29.95 20.97 35.07
CA ARG BA 1089 28.90 20.40 34.24
C ARG BA 1089 28.36 21.42 33.23
N CYS BA 1090 28.58 22.70 33.47
CA CYS BA 1090 28.20 23.73 32.50
C CYS BA 1090 28.94 23.60 31.17
N ILE BA 1091 30.06 22.88 31.13
CA ILE BA 1091 30.93 22.79 29.96
C ILE BA 1091 30.86 21.40 29.33
N TYR BA 1092 30.06 20.50 29.89
CA TYR BA 1092 29.97 19.10 29.45
C TYR BA 1092 29.32 19.04 28.07
N GLY BA 1093 30.15 19.01 27.03
CA GLY BA 1093 29.67 18.94 25.66
C GLY BA 1093 30.44 19.81 24.68
N GLN BA 1094 31.16 20.80 25.20
CA GLN BA 1094 31.95 21.67 24.36
C GLN BA 1094 33.31 21.03 24.05
N PRO BA 1095 33.96 21.42 22.92
CA PRO BA 1095 35.23 20.77 22.55
C PRO BA 1095 36.40 21.12 23.48
N SER BA 1096 37.59 20.62 23.12
CA SER BA 1096 38.72 20.67 24.05
C SER BA 1096 39.24 22.09 24.23
N ASP BA 1097 39.25 22.88 23.16
CA ASP BA 1097 39.74 24.26 23.25
C ASP BA 1097 38.86 25.10 24.17
N ILE BA 1098 37.54 24.91 24.08
CA ILE BA 1098 36.61 25.63 24.94
C ILE BA 1098 36.78 25.20 26.38
N GLN BA 1099 37.03 23.90 26.61
CA GLN BA 1099 37.25 23.40 27.96
C GLN BA 1099 38.52 23.97 28.57
N ILE BA 1100 39.60 24.04 27.79
CA ILE BA 1100 40.85 24.60 28.28
C ILE BA 1100 40.71 26.09 28.57
N LEU BA 1101 40.06 26.82 27.65
CA LEU BA 1101 39.85 28.25 27.85
C LEU BA 1101 38.95 28.55 29.04
N PHE BA 1102 37.99 27.67 29.32
CA PHE BA 1102 37.14 27.86 30.49
C PHE BA 1102 37.88 27.52 31.78
N ASN BA 1103 38.68 26.44 31.76
CA ASN BA 1103 39.42 26.03 32.95
C ASN BA 1103 40.55 26.99 33.28
N LYS BA 1104 41.07 27.72 32.30
CA LYS BA 1104 42.10 28.71 32.58
C LYS BA 1104 41.53 30.07 32.94
N LEU BA 1105 40.25 30.32 32.64
CA LEU BA 1105 39.64 31.62 32.91
C LEU BA 1105 38.36 31.51 33.73
N LEU BA 1106 38.20 30.44 34.52
CA LEU BA 1106 37.04 30.34 35.39
C LEU BA 1106 37.18 31.25 36.61
N LYS BA 1107 38.39 31.37 37.15
CA LYS BA 1107 38.60 32.15 38.36
C LYS BA 1107 38.46 33.66 38.13
N TYR BA 1108 38.40 34.10 36.88
CA TYR BA 1108 38.25 35.52 36.56
C TYR BA 1108 36.80 35.91 36.34
N PHE BA 1109 35.85 34.98 36.44
CA PHE BA 1109 34.44 35.28 36.22
C PHE BA 1109 33.75 35.65 37.53
N ASN BA 1110 34.31 36.60 38.26
CA ASN BA 1110 33.79 37.03 39.55
C ASN BA 1110 33.02 38.34 39.48
N GLY BA 1111 32.81 38.88 38.28
CA GLY BA 1111 32.08 40.12 38.14
C GLY BA 1111 32.85 41.37 38.49
N LYS BA 1112 34.16 41.27 38.71
CA LYS BA 1112 34.97 42.42 39.09
C LYS BA 1112 36.23 42.61 38.26
N VAL BA 1113 36.68 41.60 37.54
CA VAL BA 1113 37.88 41.68 36.70
C VAL BA 1113 37.46 41.94 35.26
N PRO BA 1114 37.86 43.06 34.67
CA PRO BA 1114 37.52 43.31 33.26
C PRO BA 1114 38.18 42.29 32.35
N MET BA 1115 37.47 41.93 31.27
CA MET BA 1115 37.98 40.90 30.37
C MET BA 1115 39.11 41.39 29.49
N GLU BA 1116 39.23 42.70 29.28
CA GLU BA 1116 40.34 43.24 28.53
C GLU BA 1116 41.65 43.01 29.27
N LEU BA 1117 41.65 43.23 30.58
CA LEU BA 1117 42.83 42.93 31.39
C LEU BA 1117 43.13 41.44 31.41
N VAL BA 1118 42.09 40.60 31.36
CA VAL BA 1118 42.29 39.15 31.29
C VAL BA 1118 42.97 38.77 29.98
N ILE BA 1119 42.52 39.38 28.87
CA ILE BA 1119 43.14 39.13 27.57
C ILE BA 1119 44.60 39.58 27.56
N ILE BA 1120 44.87 40.75 28.12
CA ILE BA 1120 46.23 41.27 28.17
C ILE BA 1120 47.13 40.39 29.04
N LYS BA 1121 46.64 40.00 30.22
CA LYS BA 1121 47.47 39.29 31.18
C LYS BA 1121 47.70 37.84 30.77
N GLU BA 1122 46.66 37.15 30.32
CA GLU BA 1122 46.75 35.71 30.08
C GLU BA 1122 47.22 35.37 28.67
N GLU BA 1123 47.41 36.37 27.81
CA GLU BA 1123 47.89 36.22 26.43
C GLU BA 1123 46.98 35.28 25.65
N ILE BA 1124 45.73 35.72 25.48
CA ILE BA 1124 44.73 34.97 24.74
C ILE BA 1124 44.19 35.86 23.63
N SER BA 1125 43.64 35.22 22.61
CA SER BA 1125 43.07 35.94 21.49
C SER BA 1125 41.70 36.50 21.86
N ARG BA 1126 41.38 37.66 21.28
CA ARG BA 1126 40.07 38.27 21.48
C ARG BA 1126 38.97 37.43 20.85
N HIS BA 1127 39.25 36.85 19.67
CA HIS BA 1127 38.30 35.96 19.02
C HIS BA 1127 38.08 34.68 19.83
N ASP BA 1128 39.09 34.25 20.60
CA ASP BA 1128 38.90 33.13 21.51
C ASP BA 1128 37.90 33.47 22.61
N LEU BA 1129 37.98 34.70 23.15
CA LEU BA 1129 37.00 35.16 24.13
C LEU BA 1129 35.62 35.26 23.50
N LYS BA 1130 35.55 35.72 22.25
CA LYS BA 1130 34.26 35.78 21.56
C LYS BA 1130 33.66 34.40 21.37
N LYS BA 1131 34.50 33.40 21.04
CA LYS BA 1131 34.04 32.03 20.92
C LYS BA 1131 33.54 31.49 22.25
N LEU BA 1132 34.29 31.76 23.32
CA LEU BA 1132 33.91 31.30 24.65
C LEU BA 1132 32.60 31.94 25.13
N LEU BA 1133 32.39 33.19 24.78
CA LEU BA 1133 31.15 33.87 25.16
C LEU BA 1133 29.97 33.39 24.32
N ASN BA 1134 30.17 33.20 23.01
CA ASN BA 1134 29.06 32.82 22.15
C ASN BA 1134 28.66 31.36 22.32
N ALA BA 1135 29.62 30.47 22.62
CA ALA BA 1135 29.28 29.08 22.88
C ALA BA 1135 28.44 28.92 24.13
N LEU BA 1136 28.80 29.62 25.20
CA LEU BA 1136 28.06 29.58 26.46
C LEU BA 1136 27.13 30.78 26.56
N ASP BA 1137 26.16 30.83 25.64
CA ASP BA 1137 25.33 32.02 25.49
C ASP BA 1137 24.34 32.19 26.64
N LYS BA 1138 23.80 31.08 27.15
CA LYS BA 1138 22.72 31.14 28.14
C LYS BA 1138 23.22 30.89 29.56
N TYR BA 1139 24.51 31.07 29.81
CA TYR BA 1139 25.05 30.93 31.16
C TYR BA 1139 26.03 32.03 31.55
N LEU BA 1140 26.33 32.97 30.67
CA LEU BA 1140 27.28 34.04 30.95
C LEU BA 1140 26.55 35.37 31.00
N ILE BA 1141 26.75 36.10 32.09
CA ILE BA 1141 26.14 37.41 32.29
C ILE BA 1141 27.17 38.46 31.90
N GLU BA 1142 26.78 39.36 31.01
CA GLU BA 1142 27.64 40.46 30.58
C GLU BA 1142 27.34 41.70 31.39
N ILE BA 1143 28.37 42.30 31.97
CA ILE BA 1143 28.25 43.55 32.72
C ILE BA 1143 29.16 44.57 32.08
N HIS BA 1144 28.60 45.70 31.66
CA HIS BA 1144 29.33 46.72 30.91
C HIS BA 1144 29.31 48.02 31.70
N HIS BA 1145 30.45 48.37 32.31
CA HIS BA 1145 30.61 49.64 32.99
C HIS BA 1145 32.09 49.99 32.95
N TRP BA 1146 32.38 51.26 33.28
CA TRP BA 1146 33.73 51.78 33.19
C TRP BA 1146 34.71 51.14 34.17
N ALA CA 101 35.20 134.38 45.94
CA ALA CA 101 35.56 134.25 47.34
C ALA CA 101 36.33 135.47 47.83
N TYR CA 102 36.40 135.63 49.15
CA TYR CA 102 37.08 136.76 49.77
C TYR CA 102 38.22 136.25 50.65
N GLN CA 103 38.94 137.19 51.27
CA GLN CA 103 40.03 136.88 52.17
C GLN CA 103 39.86 137.68 53.45
N ALA CA 104 40.21 137.08 54.59
CA ALA CA 104 40.04 137.73 55.88
C ALA CA 104 41.10 137.20 56.84
N GLU CA 105 41.35 137.97 57.89
CA GLU CA 105 42.29 137.60 58.95
C GLU CA 105 41.52 137.07 60.15
N LEU CA 106 41.94 135.90 60.65
CA LEU CA 106 41.26 135.27 61.76
C LEU CA 106 41.56 135.98 63.07
N GLY CA 107 40.58 135.97 63.97
CA GLY CA 107 40.75 136.58 65.28
C GLY CA 107 40.00 135.79 66.34
N TYR CA 108 40.36 136.07 67.59
CA TYR CA 108 39.71 135.45 68.74
C TYR CA 108 39.33 136.53 69.74
N HIS CA 109 38.23 136.29 70.45
CA HIS CA 109 37.76 137.24 71.46
C HIS CA 109 37.13 136.48 72.61
N GLU CA 110 37.18 137.06 73.80
CA GLU CA 110 36.60 136.47 74.98
C GLU CA 110 35.10 136.76 75.06
N SER CA 111 34.43 136.10 75.99
CA SER CA 111 33.00 136.28 76.18
C SER CA 111 32.63 137.60 76.82
N ARG CA 112 33.61 138.34 77.35
CA ARG CA 112 33.34 139.66 77.94
C ARG CA 112 32.85 140.65 76.88
N PHE CA 113 33.48 140.65 75.71
CA PHE CA 113 33.11 141.59 74.65
C PHE CA 113 31.77 141.20 74.02
N SER CA 114 31.71 140.03 73.40
CA SER CA 114 30.53 139.61 72.67
C SER CA 114 30.22 138.14 72.98
N GLU CA 115 28.93 137.82 72.97
CA GLU CA 115 28.45 136.47 73.23
C GLU CA 115 28.30 135.65 71.95
N ASN CA 116 28.34 136.28 70.78
CA ASN CA 116 28.17 135.56 69.53
C ASN CA 116 29.40 134.70 69.24
N LEU CA 117 29.19 133.65 68.46
CA LEU CA 117 30.27 132.72 68.15
C LEU CA 117 31.24 133.29 67.12
N VAL CA 118 30.72 133.67 65.95
CA VAL CA 118 31.53 134.19 64.86
C VAL CA 118 31.09 135.62 64.56
N MET CA 119 32.06 136.53 64.54
CA MET CA 119 31.81 137.93 64.19
C MET CA 119 32.76 138.34 63.07
N LEU CA 120 32.25 139.14 62.14
CA LEU CA 120 33.06 139.63 61.03
C LEU CA 120 32.90 141.14 60.92
N ASN CA 121 33.90 141.78 60.31
CA ASN CA 121 33.89 143.22 60.08
C ASN CA 121 32.96 143.54 58.92
N LEU CA 122 31.86 144.23 59.22
CA LEU CA 122 30.90 144.58 58.17
C LEU CA 122 31.39 145.72 57.30
N VAL CA 123 32.24 146.60 57.84
CA VAL CA 123 32.73 147.72 57.05
C VAL CA 123 33.68 147.25 55.95
N GLU CA 124 34.50 146.24 56.23
CA GLU CA 124 35.27 145.59 55.19
C GLU CA 124 34.38 144.62 54.42
N PHE CA 125 34.73 144.39 53.14
CA PHE CA 125 34.02 143.60 52.14
C PHE CA 125 32.50 143.81 52.22
N PRO CA 126 31.99 144.96 51.80
CA PRO CA 126 30.59 145.31 52.08
C PRO CA 126 29.56 144.61 51.19
N ASP CA 127 29.95 143.57 50.46
CA ASP CA 127 28.99 142.76 49.72
C ASP CA 127 28.03 142.03 50.64
N ILE CA 128 28.45 141.76 51.87
CA ILE CA 128 27.68 140.96 52.82
C ILE CA 128 26.83 141.92 53.67
N LYS CA 129 25.50 141.77 53.59
CA LYS CA 129 24.58 142.51 54.43
C LYS CA 129 24.58 141.92 55.84
N PRO CA 130 24.07 142.65 56.85
CA PRO CA 130 24.10 142.13 58.24
C PRO CA 130 23.44 140.77 58.44
N GLY CA 131 22.36 140.46 57.73
CA GLY CA 131 21.77 139.14 57.85
C GLY CA 131 22.02 138.24 56.66
N ASP CA 132 22.99 137.33 56.80
CA ASP CA 132 23.39 136.43 55.73
C ASP CA 132 23.88 135.11 56.32
N LEU CA 133 24.03 134.13 55.44
CA LEU CA 133 24.71 132.87 55.74
C LEU CA 133 26.06 132.91 55.06
N VAL CA 134 27.13 132.75 55.83
CA VAL CA 134 28.49 132.96 55.35
C VAL CA 134 29.33 131.73 55.68
N GLU CA 135 29.96 131.15 54.68
CA GLU CA 135 30.92 130.08 54.87
C GLU CA 135 32.24 130.63 55.40
N LEU CA 136 32.94 129.81 56.17
CA LEU CA 136 34.23 130.16 56.77
C LEU CA 136 35.28 129.11 56.41
N LYS CA 137 35.35 128.76 55.13
CA LYS CA 137 36.31 127.77 54.67
C LYS CA 137 37.74 128.30 54.77
N THR CA 138 38.66 127.44 55.22
CA THR CA 138 40.06 127.80 55.35
C THR CA 138 40.90 127.34 54.17
N TYR CA 139 40.26 126.82 53.12
CA TYR CA 139 40.96 126.29 51.95
C TYR CA 139 40.53 127.01 50.69
N HIS CA 140 41.49 127.31 49.82
CA HIS CA 140 41.24 127.86 48.50
C HIS CA 140 41.76 126.86 47.48
N LYS CA 141 40.85 126.00 46.99
CA LYS CA 141 41.07 124.93 46.00
C LYS CA 141 41.94 123.79 46.55
N ASN CA 142 41.71 122.56 46.06
CA ASN CA 142 42.40 121.34 46.46
C ASN CA 142 42.29 121.12 47.97
N PRO CA 143 41.12 120.73 48.48
CA PRO CA 143 40.97 120.54 49.93
C PRO CA 143 41.86 119.43 50.47
N SER CA 144 42.38 119.65 51.67
CA SER CA 144 43.33 118.75 52.31
C SER CA 144 42.74 118.19 53.60
N ALA CA 145 42.81 116.88 53.76
CA ALA CA 145 42.33 116.22 54.97
C ALA CA 145 43.44 116.01 55.99
N SER CA 146 44.64 115.62 55.53
CA SER CA 146 45.76 115.42 56.44
C SER CA 146 46.24 116.75 57.04
N ASN CA 147 46.29 117.81 56.22
CA ASN CA 147 46.68 119.13 56.74
C ASN CA 147 45.62 119.68 57.69
N GLY CA 148 44.34 119.47 57.37
CA GLY CA 148 43.26 119.93 58.22
C GLY CA 148 42.60 121.20 57.71
N ASP CA 149 41.45 121.05 57.07
CA ASP CA 149 40.69 122.17 56.55
C ASP CA 149 39.21 121.89 56.72
N LYS CA 150 38.46 122.90 57.18
CA LYS CA 150 37.06 122.73 57.52
C LYS CA 150 36.23 123.86 56.91
N LYS CA 151 34.95 123.57 56.69
CA LYS CA 151 33.98 124.54 56.20
C LYS CA 151 32.92 124.70 57.29
N ILE CA 152 33.01 125.80 58.05
CA ILE CA 152 32.14 126.04 59.18
C ILE CA 152 31.14 127.13 58.78
N TYR CA 153 29.87 126.75 58.69
CA TYR CA 153 28.82 127.73 58.43
C TYR CA 153 28.54 128.56 59.68
N PHE CA 154 28.13 129.81 59.46
CA PHE CA 154 27.67 130.67 60.54
C PHE CA 154 26.78 131.75 59.95
N ILE CA 155 26.19 132.56 60.83
CA ILE CA 155 25.36 133.69 60.46
C ILE CA 155 26.15 134.97 60.73
N ALA CA 156 26.10 135.91 59.79
CA ALA CA 156 26.89 137.12 59.88
C ALA CA 156 26.38 138.03 60.99
N LYS CA 157 27.31 138.60 61.75
CA LYS CA 157 26.99 139.60 62.76
C LYS CA 157 28.16 140.59 62.84
N ASP CA 158 27.84 141.82 63.21
CA ASP CA 158 28.84 142.88 63.24
C ASP CA 158 29.69 142.79 64.50
N PHE CA 159 30.82 143.50 64.47
CA PHE CA 159 31.72 143.56 65.62
C PHE CA 159 31.09 144.37 66.76
N ASP CA 160 31.59 144.11 67.96
CA ASP CA 160 31.20 144.91 69.12
C ASP CA 160 31.82 146.31 69.01
N GLY CA 161 31.18 147.27 69.67
CA GLY CA 161 31.67 148.64 69.63
C GLY CA 161 33.05 148.80 70.25
N GLU CA 162 33.29 148.13 71.38
CA GLU CA 162 34.59 148.19 72.03
C GLU CA 162 35.67 147.52 71.18
N THR CA 163 35.32 146.40 70.53
CA THR CA 163 36.29 145.69 69.70
C THR CA 163 36.56 146.46 68.40
N LYS CA 164 35.52 147.04 67.81
CA LYS CA 164 35.71 147.82 66.58
C LYS CA 164 36.49 149.11 66.85
N ARG CA 165 36.25 149.74 68.01
CA ARG CA 165 36.98 150.95 68.36
C ARG CA 165 38.46 150.66 68.62
N ARG CA 166 38.74 149.82 69.61
CA ARG CA 166 40.11 149.39 69.91
C ARG CA 166 40.41 148.13 69.10
N ALA CA 167 40.66 148.32 67.81
CA ALA CA 167 40.78 147.22 66.87
C ALA CA 167 42.24 146.93 66.55
N LYS CA 168 42.50 145.68 66.19
CA LYS CA 168 43.84 145.21 65.80
C LYS CA 168 43.62 144.09 64.77
N THR CA 169 43.64 144.47 63.48
CA THR CA 169 43.30 143.67 62.31
C THR CA 169 42.15 142.70 62.57
N SER CA 170 42.28 141.42 62.19
CA SER CA 170 41.36 140.34 62.55
C SER CA 170 39.94 140.63 62.04
N ASN CA 171 39.82 140.57 60.71
CA ASN CA 171 38.55 140.83 60.04
C ASN CA 171 37.44 139.91 60.50
N VAL CA 172 37.77 138.69 60.93
CA VAL CA 172 36.79 137.73 61.42
C VAL CA 172 37.24 137.26 62.79
N SER CA 173 36.36 137.36 63.78
CA SER CA 173 36.65 136.96 65.14
C SER CA 173 35.77 135.79 65.53
N ILE CA 174 36.39 134.75 66.10
CA ILE CA 174 35.70 133.54 66.55
C ILE CA 174 35.79 133.50 68.07
N LEU CA 175 34.64 133.30 68.73
CA LEU CA 175 34.61 133.15 70.18
C LEU CA 175 35.38 131.92 70.61
N SER CA 176 36.12 132.04 71.70
CA SER CA 176 36.94 130.95 72.21
C SER CA 176 36.06 129.88 72.86
N GLY CA 177 36.68 128.74 73.18
CA GLY CA 177 35.98 127.63 73.79
C GLY CA 177 35.95 126.38 72.95
N GLN CA 178 34.77 126.03 72.43
CA GLN CA 178 34.61 124.81 71.65
C GLN CA 178 34.83 125.04 70.16
N LEU CA 179 34.39 126.18 69.62
CA LEU CA 179 34.55 126.46 68.20
C LEU CA 179 36.02 126.64 67.84
N GLN CA 180 36.78 127.30 68.71
CA GLN CA 180 38.21 127.47 68.47
C GLN CA 180 38.94 126.13 68.49
N THR CA 181 38.59 125.27 69.45
CA THR CA 181 39.20 123.94 69.52
C THR CA 181 38.80 123.08 68.32
N LEU CA 182 37.59 123.25 67.81
CA LEU CA 182 37.17 122.53 66.61
C LEU CA 182 37.95 123.01 65.39
N LEU CA 183 38.09 124.33 65.23
CA LEU CA 183 38.76 124.86 64.05
C LEU CA 183 40.25 124.59 64.10
N ASP CA 184 40.88 124.77 65.27
CA ASP CA 184 42.29 124.50 65.52
C ASP CA 184 43.20 125.31 64.60
N LEU CA 185 43.13 126.63 64.75
CA LEU CA 185 43.93 127.55 63.96
C LEU CA 185 44.61 128.56 64.87
N PRO CA 186 45.80 129.06 64.47
CA PRO CA 186 46.48 130.07 65.29
C PRO CA 186 45.76 131.41 65.34
N SER CA 187 46.28 132.35 66.14
CA SER CA 187 45.59 133.60 66.42
C SER CA 187 45.50 134.52 65.21
N ARG CA 188 46.36 134.34 64.20
CA ARG CA 188 46.33 135.16 63.00
C ARG CA 188 46.67 134.27 61.80
N SER CA 189 45.63 133.81 61.10
CA SER CA 189 45.79 132.93 59.95
C SER CA 189 44.93 133.43 58.80
N ARG CA 190 45.09 132.80 57.64
CA ARG CA 190 44.37 133.15 56.44
C ARG CA 190 43.14 132.28 56.27
N ILE CA 191 41.98 132.92 56.12
CA ILE CA 191 40.71 132.23 55.90
C ILE CA 191 40.02 132.83 54.69
N TRP CA 192 38.90 132.23 54.31
CA TRP CA 192 38.14 132.65 53.14
C TRP CA 192 36.66 132.75 53.50
N ILE CA 193 35.93 133.52 52.69
CA ILE CA 193 34.53 133.85 52.96
C ILE CA 193 33.75 133.77 51.65
N LYS CA 194 32.59 133.11 51.68
CA LYS CA 194 31.65 133.12 50.57
C LYS CA 194 30.35 133.78 51.04
N LEU CA 195 29.42 133.94 50.11
CA LEU CA 195 28.13 134.57 50.37
C LEU CA 195 27.00 133.74 49.73
N LYS CA 196 26.96 132.45 50.08
CA LYS CA 196 25.88 131.54 49.71
C LYS CA 196 24.52 132.13 50.05
N PRO CA 197 23.73 132.52 49.06
CA PRO CA 197 22.48 133.27 49.31
C PRO CA 197 21.22 132.43 49.39
N ASN CA 198 21.31 131.11 49.24
CA ASN CA 198 20.13 130.24 49.26
C ASN CA 198 19.99 129.64 50.66
N LYS CA 199 19.36 130.42 51.54
CA LYS CA 199 19.08 129.95 52.90
C LYS CA 199 18.11 128.77 52.88
N PHE CA 200 17.11 128.82 52.00
CA PHE CA 200 16.13 127.75 51.91
C PHE CA 200 16.75 126.47 51.37
N ASP CA 201 17.65 126.59 50.38
CA ASP CA 201 18.24 125.42 49.75
C ASP CA 201 19.38 124.81 50.54
N LEU CA 202 19.91 125.52 51.55
CA LEU CA 202 21.02 125.01 52.35
C LEU CA 202 20.57 124.56 53.74
N GLN CA 203 19.27 124.28 53.90
CA GLN CA 203 18.77 123.78 55.17
C GLN CA 203 19.24 122.35 55.40
N ALA CA 204 19.75 122.09 56.61
CA ALA CA 204 20.03 120.71 57.00
C ALA CA 204 18.73 119.93 57.16
N ASP CA 205 18.79 118.65 56.85
CA ASP CA 205 17.59 117.82 56.91
C ASP CA 205 17.32 117.36 58.34
N VAL CA 206 18.31 116.78 59.00
CA VAL CA 206 18.17 116.24 60.35
C VAL CA 206 19.26 116.85 61.22
N VAL CA 207 18.86 117.49 62.31
CA VAL CA 207 19.78 117.99 63.32
C VAL CA 207 19.49 117.27 64.63
N GLU CA 208 20.50 116.57 65.16
CA GLU CA 208 20.29 115.81 66.38
C GLU CA 208 20.39 116.71 67.60
N PHE CA 209 20.05 116.14 68.75
CA PHE CA 209 20.03 116.88 70.01
C PHE CA 209 20.02 115.87 71.15
N ASN CA 210 20.59 116.27 72.28
CA ASN CA 210 20.64 115.43 73.47
C ASN CA 210 20.12 116.21 74.66
N ILE CA 211 19.26 115.58 75.46
CA ILE CA 211 18.57 116.25 76.54
C ILE CA 211 18.86 115.54 77.86
N LYS CA 212 20.10 115.07 78.00
CA LYS CA 212 20.52 114.25 79.14
C LYS CA 212 20.27 114.93 80.48
N ASP CA 213 19.75 114.17 81.44
CA ASP CA 213 19.63 114.53 82.86
C ASP CA 213 18.72 115.74 83.07
N CYS CA 214 17.74 115.93 82.19
CA CYS CA 214 16.78 117.01 82.33
C CYS CA 214 15.51 116.64 81.59
N LEU CA 215 14.36 117.01 82.17
CA LEU CA 215 13.05 116.67 81.61
C LEU CA 215 12.59 117.81 80.71
N LEU CA 216 12.48 117.53 79.41
CA LEU CA 216 11.88 118.45 78.45
C LEU CA 216 10.52 117.93 78.03
N ASN CA 217 9.51 118.80 78.13
CA ASN CA 217 8.21 118.48 77.57
C ASN CA 217 8.28 118.48 76.04
N ARG CA 218 7.25 117.91 75.42
CA ARG CA 218 7.13 117.96 73.96
C ARG CA 218 6.99 119.39 73.47
N GLY CA 219 6.18 120.20 74.16
CA GLY CA 219 6.11 121.61 73.85
C GLY CA 219 7.40 122.34 74.14
N ASP CA 220 8.16 121.88 75.15
CA ASP CA 220 9.48 122.45 75.40
C ASP CA 220 10.43 122.16 74.24
N MET CA 221 10.36 120.95 73.68
CA MET CA 221 11.14 120.64 72.48
C MET CA 221 10.71 121.49 71.30
N TRP CA 222 9.40 121.73 71.16
CA TRP CA 222 8.89 122.59 70.09
C TRP CA 222 9.41 124.01 70.24
N VAL CA 223 9.40 124.54 71.46
CA VAL CA 223 9.87 125.90 71.72
C VAL CA 223 11.37 126.02 71.47
N LEU CA 224 12.13 125.00 71.93
CA LEU CA 224 13.58 125.02 71.72
C LEU CA 224 13.93 124.91 70.25
N SER CA 225 13.17 124.12 69.48
CA SER CA 225 13.37 124.08 68.04
C SER CA 225 12.95 125.38 67.37
N SER CA 226 11.92 126.05 67.90
CA SER CA 226 11.50 127.33 67.36
C SER CA 226 12.57 128.41 67.58
N LYS CA 227 13.25 128.34 68.73
CA LYS CA 227 14.36 129.27 68.98
C LYS CA 227 15.58 128.94 68.14
N LEU CA 228 15.72 127.69 67.69
CA LEU CA 228 16.84 127.28 66.83
C LEU CA 228 16.47 127.39 65.35
N VAL CA 229 16.02 128.56 64.93
CA VAL CA 229 15.72 128.82 63.53
C VAL CA 229 16.55 130.03 63.09
N ASP CA 230 16.99 129.98 61.81
CA ASP CA 230 17.91 130.97 61.22
C ASP CA 230 19.20 131.09 62.02
N THR CA 231 19.68 129.97 62.55
CA THR CA 231 20.90 129.93 63.34
C THR CA 231 21.68 128.68 62.99
N CYS CA 232 22.96 128.85 62.67
CA CYS CA 232 23.81 127.75 62.25
C CYS CA 232 24.47 127.09 63.45
N VAL CA 233 24.53 125.76 63.43
CA VAL CA 233 25.14 124.98 64.50
C VAL CA 233 26.22 124.09 63.89
N PHE CA 234 26.97 123.43 64.78
CA PHE CA 234 28.04 122.53 64.40
C PHE CA 234 28.05 121.35 65.36
N MET CA 235 29.00 120.44 65.15
CA MET CA 235 29.05 119.20 65.94
C MET CA 235 29.55 119.47 67.36
N ASP CA 236 28.92 118.80 68.32
CA ASP CA 236 29.27 118.86 69.75
C ASP CA 236 29.21 120.29 70.29
N GLN CA 237 28.20 121.05 69.86
CA GLN CA 237 27.97 122.39 70.38
C GLN CA 237 26.96 122.32 71.52
N ARG CA 238 27.36 122.83 72.69
CA ARG CA 238 26.52 122.76 73.89
C ARG CA 238 25.56 123.94 73.88
N LEU CA 239 24.37 123.70 73.33
CA LEU CA 239 23.31 124.70 73.41
C LEU CA 239 22.74 124.74 74.82
N ALA CA 240 22.09 125.86 75.15
CA ALA CA 240 21.51 126.05 76.48
C ALA CA 240 20.07 126.53 76.35
N PHE CA 241 19.19 125.96 77.17
CA PHE CA 241 17.80 126.36 77.25
C PHE CA 241 17.47 126.68 78.71
N LEU CA 242 17.00 127.90 78.95
CA LEU CA 242 16.65 128.41 80.29
C LEU CA 242 17.83 128.34 81.26
N ASP CA 243 19.05 128.45 80.73
CA ASP CA 243 20.32 128.53 81.47
C ASP CA 243 20.62 127.28 82.31
N SER CA 244 19.83 126.22 82.19
CA SER CA 244 20.07 124.98 82.92
C SER CA 244 20.07 123.75 82.03
N ILE CA 245 19.20 123.70 81.02
CA ILE CA 245 19.14 122.56 80.13
C ILE CA 245 20.34 122.59 79.19
N ARG CA 246 21.04 121.45 79.09
CA ARG CA 246 22.23 121.34 78.27
C ARG CA 246 21.93 120.46 77.06
N GLY CA 247 22.40 120.89 75.89
CA GLY CA 247 22.22 120.14 74.66
C GLY CA 247 23.56 119.71 74.06
N THR CA 248 23.46 118.87 73.04
CA THR CA 248 24.64 118.41 72.31
C THR CA 248 24.22 118.06 70.89
N ILE CA 249 24.78 118.75 69.91
CA ILE CA 249 24.42 118.55 68.50
C ILE CA 249 25.32 117.43 67.99
N LYS CA 250 24.88 116.19 68.20
CA LYS CA 250 25.65 115.02 67.76
C LYS CA 250 25.10 114.51 66.43
N GLY CA 251 25.27 115.33 65.40
CA GLY CA 251 24.93 114.93 64.05
C GLY CA 251 24.13 115.95 63.27
N ILE CA 252 24.66 116.37 62.12
CA ILE CA 252 23.97 117.26 61.20
C ILE CA 252 24.03 116.61 59.83
N TYR CA 253 22.85 116.40 59.22
CA TYR CA 253 22.75 115.65 57.98
C TYR CA 253 22.20 116.54 56.87
N ARG CA 254 22.72 116.37 55.66
CA ARG CA 254 22.25 117.10 54.49
C ARG CA 254 22.61 116.31 53.25
N ASN CA 255 21.58 115.86 52.51
CA ASN CA 255 21.74 115.11 51.26
C ASN CA 255 22.57 113.83 51.45
N GLY CA 256 22.38 113.17 52.59
CA GLY CA 256 23.06 111.92 52.87
C GLY CA 256 24.49 112.08 53.35
N LYS CA 257 24.95 113.30 53.61
CA LYS CA 257 26.30 113.54 54.10
C LYS CA 257 26.22 114.09 55.52
N LYS CA 258 27.10 113.60 56.39
CA LYS CA 258 27.18 114.08 57.76
C LYS CA 258 28.13 115.28 57.80
N ILE CA 259 27.57 116.46 57.51
CA ILE CA 259 28.36 117.69 57.48
C ILE CA 259 28.76 118.08 58.90
N VAL CA 260 29.92 118.72 59.02
CA VAL CA 260 30.40 119.17 60.33
C VAL CA 260 29.50 120.28 60.87
N SER CA 261 29.16 121.25 60.03
CA SER CA 261 28.25 122.33 60.41
C SER CA 261 27.18 122.50 59.35
N GLY CA 262 25.99 122.92 59.79
CA GLY CA 262 24.88 123.12 58.89
C GLY CA 262 24.03 124.29 59.32
N TYR CA 263 23.10 124.65 58.44
CA TYR CA 263 22.16 125.74 58.69
C TYR CA 263 20.78 125.16 58.96
N ILE CA 264 20.17 125.59 60.06
CA ILE CA 264 18.84 125.12 60.45
C ILE CA 264 17.80 126.13 59.97
N GLY CA 265 16.90 125.66 59.10
CA GLY CA 265 15.87 126.49 58.52
C GLY CA 265 14.48 126.15 59.02
N GLU CA 266 13.49 126.63 58.29
CA GLU CA 266 12.09 126.39 58.67
C GLU CA 266 11.67 124.95 58.45
N GLN CA 267 12.24 124.30 57.44
CA GLN CA 267 11.87 122.92 57.06
C GLN CA 267 12.94 121.92 57.46
N THR CA 268 13.56 122.13 58.62
CA THR CA 268 14.58 121.22 59.13
C THR CA 268 13.94 120.29 60.14
N ARG CA 269 14.06 118.98 59.90
CA ARG CA 269 13.49 117.97 60.79
C ARG CA 269 14.48 117.73 61.93
N ILE CA 270 14.41 118.59 62.93
CA ILE CA 270 15.28 118.47 64.10
C ILE CA 270 14.69 117.44 65.07
N ILE CA 271 15.52 116.52 65.53
CA ILE CA 271 15.08 115.47 66.43
C ILE CA 271 15.73 115.68 67.79
N PHE CA 272 15.10 115.15 68.82
CA PHE CA 272 15.56 115.29 70.21
C PHE CA 272 15.71 113.89 70.80
N ARG CA 273 16.89 113.30 70.63
CA ARG CA 273 17.17 112.03 71.27
C ARG CA 273 17.52 112.24 72.74
N SER CA 274 17.14 111.28 73.58
CA SER CA 274 17.32 111.37 75.01
C SER CA 274 18.43 110.44 75.47
N GLU CA 275 19.41 110.99 76.19
CA GLU CA 275 20.51 110.21 76.75
C GLU CA 275 20.24 109.77 78.19
N SER CA 276 19.06 110.11 78.73
CA SER CA 276 18.67 109.66 80.07
C SER CA 276 17.15 109.46 80.03
N ALA CA 277 16.73 108.21 79.82
CA ALA CA 277 15.34 107.91 79.55
C ALA CA 277 14.90 106.69 80.34
N ARG CA 278 13.58 106.57 80.50
CA ARG CA 278 13.00 105.39 81.14
C ARG CA 278 12.90 104.27 80.12
N LEU CA 279 13.33 103.06 80.51
CA LEU CA 279 13.31 101.92 79.62
C LEU CA 279 12.56 100.76 80.27
N ILE CA 280 11.80 100.04 79.45
CA ILE CA 280 11.04 98.87 79.88
C ILE CA 280 11.51 97.68 79.06
N PHE CA 281 11.92 96.61 79.76
CA PHE CA 281 12.29 95.35 79.14
C PHE CA 281 11.20 94.32 79.37
N LEU CA 282 10.87 93.56 78.34
CA LEU CA 282 9.84 92.53 78.40
C LEU CA 282 10.43 91.23 77.87
N ILE CA 283 11.05 90.46 78.76
CA ILE CA 283 11.67 89.19 78.40
C ILE CA 283 10.60 88.11 78.31
N GLN CA 284 10.56 87.40 77.19
CA GLN CA 284 9.66 86.26 77.05
C GLN CA 284 10.36 85.03 77.60
N ILE CA 285 9.80 84.44 78.65
CA ILE CA 285 10.24 83.15 79.16
C ILE CA 285 9.30 82.12 78.53
N THR CA 286 9.81 81.40 77.54
CA THR CA 286 9.02 80.43 76.80
C THR CA 286 9.73 79.08 76.77
N ASP CA 287 9.19 78.14 75.99
CA ASP CA 287 9.84 76.84 75.85
C ASP CA 287 11.13 76.94 75.03
N GLU CA 288 11.29 77.99 74.23
CA GLU CA 288 12.45 78.14 73.36
C GLU CA 288 13.65 78.74 74.07
N MET CA 289 13.48 79.24 75.30
CA MET CA 289 14.60 79.88 75.99
C MET CA 289 15.66 78.86 76.38
N TRP CA 290 15.27 77.63 76.66
CA TRP CA 290 16.21 76.57 76.98
C TRP CA 290 16.58 75.73 75.77
N ASN CA 291 16.11 76.10 74.58
CA ASN CA 291 16.54 75.44 73.36
C ASN CA 291 17.97 75.82 73.03
N PHE CA 292 18.59 75.03 72.16
CA PHE CA 292 19.98 75.23 71.77
C PHE CA 292 20.08 75.71 70.33
N GLU CA 293 20.92 76.73 70.11
CA GLU CA 293 21.22 77.23 68.78
C GLU CA 293 22.21 76.29 68.10
N GLU CA 294 22.40 76.47 66.79
CA GLU CA 294 23.22 75.57 65.99
C GLU CA 294 24.68 75.54 66.45
N THR CA 295 25.18 76.67 66.98
CA THR CA 295 26.55 76.71 67.47
C THR CA 295 26.71 75.91 68.75
N GLY CA 296 25.68 75.87 69.59
CA GLY CA 296 25.73 75.12 70.83
C GLY CA 296 25.46 75.95 72.07
N GLU CA 297 24.73 77.05 71.93
CA GLU CA 297 24.43 77.92 73.06
C GLU CA 297 22.92 78.02 73.27
N GLN CA 298 22.52 78.01 74.53
CA GLN CA 298 21.13 78.31 74.87
C GLN CA 298 20.84 79.78 74.66
N LEU CA 299 19.57 80.09 74.37
CA LEU CA 299 19.20 81.47 74.06
C LEU CA 299 19.19 82.34 75.31
N PHE CA 300 18.74 81.80 76.45
CA PHE CA 300 18.80 82.57 77.68
C PHE CA 300 20.24 82.74 78.15
N GLN CA 301 21.10 81.75 77.86
CA GLN CA 301 22.52 81.90 78.13
C GLN CA 301 23.12 83.03 77.31
N LYS CA 302 22.70 83.14 76.05
CA LYS CA 302 23.07 84.28 75.21
C LYS CA 302 22.58 85.58 75.83
N MET CA 303 21.33 85.59 76.32
CA MET CA 303 20.74 86.80 76.88
C MET CA 303 21.51 87.28 78.11
N VAL CA 304 21.96 86.34 78.95
CA VAL CA 304 22.63 86.72 80.19
C VAL CA 304 24.14 86.77 80.03
N ASN CA 305 24.69 86.41 78.87
CA ASN CA 305 26.14 86.44 78.69
C ASN CA 305 26.64 87.36 77.60
N SER CA 306 25.81 87.76 76.64
CA SER CA 306 26.27 88.58 75.52
C SER CA 306 25.39 89.77 75.19
N PHE CA 307 24.11 89.78 75.55
CA PHE CA 307 23.27 90.94 75.24
C PHE CA 307 23.30 91.98 76.35
N PHE CA 308 22.92 91.58 77.57
CA PHE CA 308 22.87 92.51 78.70
C PHE CA 308 24.24 93.07 79.09
N PRO CA 309 25.33 92.28 79.26
CA PRO CA 309 26.62 92.91 79.58
C PRO CA 309 27.12 93.85 78.50
N LYS CA 310 26.88 93.53 77.22
CA LYS CA 310 27.32 94.41 76.14
C LYS CA 310 26.52 95.71 76.13
N ILE CA 311 25.21 95.62 76.38
CA ILE CA 311 24.40 96.84 76.38
C ILE CA 311 24.71 97.69 77.61
N PHE CA 312 25.07 97.08 78.75
CA PHE CA 312 25.44 97.88 79.92
C PHE CA 312 26.82 98.51 79.74
N LYS CA 313 27.76 97.79 79.11
CA LYS CA 313 29.06 98.36 78.78
C LYS CA 313 28.91 99.53 77.80
N LYS CA 314 28.05 99.36 76.80
CA LYS CA 314 27.81 100.43 75.83
C LYS CA 314 27.15 101.63 76.50
N TRP CA 315 26.20 101.39 77.41
CA TRP CA 315 25.53 102.47 78.12
C TRP CA 315 26.50 103.23 79.01
N LYS CA 316 27.44 102.52 79.62
CA LYS CA 316 28.47 103.16 80.44
C LYS CA 316 29.49 103.92 79.59
N ASP CA 317 29.81 103.41 78.40
CA ASP CA 317 30.78 104.07 77.54
C ASP CA 317 30.27 105.41 77.03
N VAL CA 318 28.99 105.48 76.64
CA VAL CA 318 28.38 106.75 76.26
C VAL CA 318 28.02 107.59 77.48
N ASP CA 319 28.12 107.01 78.69
CA ASP CA 319 27.80 107.66 79.96
C ASP CA 319 26.36 108.16 79.99
N THR CA 320 25.43 107.21 79.89
CA THR CA 320 24.01 107.48 79.95
C THR CA 320 23.49 107.23 81.37
N HIS CA 321 22.31 107.77 81.64
CA HIS CA 321 21.66 107.69 82.94
C HIS CA 321 20.24 107.15 82.78
N HIS CA 322 20.12 106.04 82.07
CA HIS CA 322 18.82 105.43 81.81
C HIS CA 322 18.24 104.84 83.09
N THR CA 323 16.94 104.58 83.06
CA THR CA 323 16.22 104.00 84.20
C THR CA 323 15.58 102.71 83.70
N ILE CA 324 16.25 101.59 83.94
CA ILE CA 324 15.83 100.33 83.38
C ILE CA 324 14.71 99.74 84.24
N THR CA 325 13.88 98.91 83.61
CA THR CA 325 12.81 98.20 84.32
C THR CA 325 12.63 96.86 83.59
N ILE CA 326 13.29 95.83 84.08
CA ILE CA 326 13.25 94.51 83.47
C ILE CA 326 12.11 93.73 84.10
N ALA CA 327 11.25 93.15 83.25
CA ALA CA 327 10.11 92.38 83.71
C ALA CA 327 9.96 91.15 82.84
N PHE CA 328 9.69 90.01 83.47
CA PHE CA 328 9.35 88.82 82.72
C PHE CA 328 7.90 88.87 82.27
N ALA CA 329 7.56 87.97 81.35
CA ALA CA 329 6.17 87.82 80.90
C ALA CA 329 6.03 86.41 80.37
N ILE CA 330 5.35 85.55 81.13
CA ILE CA 330 5.33 84.11 80.89
C ILE CA 330 3.90 83.68 80.61
N SER CA 331 3.73 82.87 79.58
CA SER CA 331 2.43 82.27 79.24
C SER CA 331 2.55 80.77 79.35
N MET CA 332 1.63 80.16 80.09
CA MET CA 332 1.64 78.73 80.36
C MET CA 332 0.51 78.05 79.58
N ASP CA 333 0.85 76.92 78.96
CA ASP CA 333 -0.14 76.12 78.22
C ASP CA 333 -0.67 75.03 79.13
N LEU CA 334 -1.95 75.16 79.52
CA LEU CA 334 -2.56 74.21 80.43
C LEU CA 334 -2.94 72.90 79.75
N SER CA 335 -3.23 72.93 78.46
CA SER CA 335 -3.69 71.75 77.75
C SER CA 335 -2.56 70.73 77.59
N ASP CA 336 -2.95 69.47 77.43
CA ASP CA 336 -2.04 68.34 77.31
C ASP CA 336 -1.74 67.96 75.87
N THR CA 337 -2.29 68.69 74.90
CA THR CA 337 -2.03 68.38 73.50
C THR CA 337 -0.59 68.73 73.13
N SER CA 338 0.00 67.91 72.26
CA SER CA 338 1.38 68.11 71.85
C SER CA 338 1.49 69.34 70.94
N PHE CA 339 2.70 69.90 70.90
CA PHE CA 339 2.94 71.11 70.13
C PHE CA 339 2.92 70.87 68.63
N LYS CA 340 3.15 69.63 68.20
CA LYS CA 340 3.12 69.32 66.77
C LYS CA 340 1.70 69.38 66.20
N ASP CA 341 0.67 69.27 67.06
CA ASP CA 341 -0.72 69.24 66.64
C ASP CA 341 -1.38 70.61 66.67
N LEU CA 342 -0.62 71.69 66.48
CA LEU CA 342 -1.16 73.03 66.53
C LEU CA 342 -1.27 73.60 65.13
N THR CA 343 -2.46 74.11 64.80
CA THR CA 343 -2.66 74.74 63.50
C THR CA 343 -1.99 76.11 63.46
N PRO CA 344 -1.24 76.42 62.39
CA PRO CA 344 -0.63 77.75 62.28
C PRO CA 344 -1.69 78.85 62.13
N GLY CA 345 -1.39 80.01 62.71
CA GLY CA 345 -2.29 81.14 62.65
C GLY CA 345 -3.35 81.16 63.73
N GLU CA 346 -3.40 80.14 64.60
CA GLU CA 346 -4.40 80.03 65.65
C GLU CA 346 -3.74 80.17 67.01
N SER CA 347 -4.28 81.06 67.84
CA SER CA 347 -3.74 81.29 69.16
C SER CA 347 -4.09 80.11 70.08
N LEU CA 348 -3.37 80.01 71.19
CA LEU CA 348 -3.65 78.96 72.16
C LEU CA 348 -5.01 79.19 72.84
N LYS CA 349 -5.77 78.11 72.99
CA LYS CA 349 -7.12 78.22 73.52
C LYS CA 349 -7.10 78.36 75.03
N ASN CA 350 -6.59 77.34 75.72
CA ASN CA 350 -6.53 77.32 77.18
C ASN CA 350 -5.10 77.71 77.59
N SER CA 351 -4.93 78.94 78.06
CA SER CA 351 -3.61 79.42 78.43
C SER CA 351 -3.72 80.30 79.68
N GLN CA 352 -2.65 80.32 80.46
CA GLN CA 352 -2.55 81.17 81.64
C GLN CA 352 -1.32 82.05 81.51
N ASP CA 353 -1.47 83.33 81.85
CA ASP CA 353 -0.43 84.32 81.68
C ASP CA 353 0.10 84.78 83.04
N TYR CA 354 1.43 84.76 83.19
CA TYR CA 354 2.09 85.24 84.38
C TYR CA 354 2.99 86.42 84.02
N PHE CA 355 3.16 87.33 84.98
CA PHE CA 355 4.06 88.47 84.83
C PHE CA 355 4.89 88.58 86.09
N ARG CA 356 6.21 88.54 85.93
CA ARG CA 356 7.15 88.63 87.05
C ARG CA 356 8.07 89.82 86.81
N ILE CA 357 7.96 90.85 87.65
CA ILE CA 357 8.80 92.02 87.55
C ILE CA 357 10.08 91.76 88.32
N VAL CA 358 11.21 91.77 87.61
CA VAL CA 358 12.50 91.48 88.24
C VAL CA 358 13.02 92.71 88.99
N VAL CA 359 13.08 93.85 88.30
CA VAL CA 359 13.58 95.09 88.89
C VAL CA 359 12.66 96.23 88.50
N ASP CA 360 12.33 97.09 89.47
CA ASP CA 360 11.54 98.29 89.23
C ASP CA 360 12.42 99.40 88.66
N GLN CA 361 11.93 100.64 88.70
CA GLN CA 361 12.68 101.77 88.16
C GLN CA 361 13.97 101.99 88.96
N VAL CA 362 15.09 101.55 88.39
CA VAL CA 362 16.39 101.59 89.03
C VAL CA 362 17.40 102.10 88.01
N SER CA 363 18.22 103.08 88.41
CA SER CA 363 19.21 103.66 87.52
C SER CA 363 20.28 102.62 87.17
N ILE CA 364 20.89 102.80 85.99
CA ILE CA 364 21.80 101.80 85.44
C ILE CA 364 23.17 101.80 86.09
N ILE CA 365 23.43 102.68 87.06
CA ILE CA 365 24.70 102.66 87.77
C ILE CA 365 24.78 101.50 88.76
N HIS CA 366 23.67 100.84 89.05
CA HIS CA 366 23.63 99.61 89.84
C HIS CA 366 23.48 98.38 88.94
N TRP CA 367 24.14 98.40 87.77
CA TRP CA 367 23.95 97.36 86.77
C TRP CA 367 24.45 96.00 87.24
N VAL CA 368 25.45 95.98 88.13
CA VAL CA 368 25.93 94.72 88.70
C VAL CA 368 24.83 94.06 89.51
N ASP CA 369 24.18 94.83 90.38
CA ASP CA 369 23.07 94.31 91.18
C ASP CA 369 21.88 93.96 90.29
N ILE CA 370 21.66 94.74 89.23
CA ILE CA 370 20.58 94.46 88.28
C ILE CA 370 20.79 93.10 87.62
N MET CA 371 22.01 92.84 87.14
CA MET CA 371 22.27 91.57 86.48
C MET CA 371 22.30 90.41 87.47
N GLU CA 372 22.74 90.66 88.71
CA GLU CA 372 22.68 89.61 89.73
C GLU CA 372 21.25 89.22 90.04
N THR CA 373 20.37 90.22 90.20
CA THR CA 373 18.95 89.96 90.45
C THR CA 373 18.30 89.26 89.26
N LEU CA 374 18.66 89.67 88.04
CA LEU CA 374 18.10 89.04 86.84
C LEU CA 374 18.53 87.58 86.73
N ARG CA 375 19.82 87.31 87.00
CA ARG CA 375 20.32 85.94 86.95
C ARG CA 375 19.66 85.06 88.02
N GLU CA 376 19.54 85.58 89.25
CA GLU CA 376 18.90 84.81 90.32
C GLU CA 376 17.43 84.56 90.02
N GLU CA 377 16.73 85.57 89.52
CA GLU CA 377 15.30 85.42 89.22
C GLU CA 377 15.06 84.50 88.04
N PHE CA 378 15.95 84.52 87.04
CA PHE CA 378 15.80 83.62 85.90
C PHE CA 378 16.11 82.18 86.30
N MET CA 379 17.13 81.99 87.16
CA MET CA 379 17.44 80.64 87.59
C MET CA 379 16.43 80.10 88.59
N GLU CA 380 15.62 80.97 89.20
CA GLU CA 380 14.57 80.56 90.12
C GLU CA 380 13.19 80.80 89.54
N ILE CA 381 13.03 80.59 88.23
CA ILE CA 381 11.74 80.78 87.57
C ILE CA 381 11.08 79.44 87.21
N ARG CA 382 11.83 78.34 87.14
CA ARG CA 382 11.19 77.06 86.89
C ARG CA 382 10.49 76.53 88.13
N LYS CA 383 11.07 76.77 89.31
CA LYS CA 383 10.46 76.29 90.55
C LYS CA 383 9.20 77.07 90.88
N ASP CA 384 9.15 78.36 90.51
CA ASP CA 384 8.02 79.19 90.87
C ASP CA 384 6.77 78.91 90.04
N LEU CA 385 6.92 78.29 88.88
CA LEU CA 385 5.80 78.08 87.97
C LEU CA 385 5.51 76.62 87.68
N LEU CA 386 6.55 75.82 87.44
CA LEU CA 386 6.34 74.41 87.11
C LEU CA 386 5.83 73.63 88.31
N ASN CA 387 6.16 74.07 89.52
CA ASN CA 387 5.53 73.55 90.72
C ASN CA 387 4.24 74.32 90.99
N LYS CA 388 3.19 73.58 91.35
CA LYS CA 388 1.92 74.18 91.70
C LYS CA 388 1.48 73.67 93.07
N GLN CA 389 0.76 74.51 93.79
CA GLN CA 389 0.29 74.15 95.12
C GLN CA 389 -0.96 73.27 95.01
N THR CA 390 -0.94 72.15 95.71
CA THR CA 390 -2.06 71.21 95.72
C THR CA 390 -2.71 71.23 97.10
N ASP CA 391 -4.04 71.15 97.12
CA ASP CA 391 -4.79 71.21 98.38
C ASP CA 391 -4.58 69.98 99.26
N LYS CA 392 -4.06 68.88 98.69
CA LYS CA 392 -3.85 67.67 99.47
C LYS CA 392 -2.73 67.85 100.49
N GLY CA 393 -1.68 68.60 100.13
CA GLY CA 393 -0.59 68.82 101.05
C GLY CA 393 0.77 68.73 100.39
N TYR CA 394 0.79 68.57 99.07
CA TYR CA 394 2.05 68.46 98.34
C TYR CA 394 2.09 69.39 97.13
N SER CA 395 3.09 69.23 96.29
CA SER CA 395 3.23 69.98 95.05
C SER CA 395 3.31 69.03 93.88
N VAL CA 396 2.92 69.52 92.70
CA VAL CA 396 2.94 68.73 91.47
C VAL CA 396 3.79 69.47 90.44
N ALA CA 397 4.71 68.74 89.81
CA ALA CA 397 5.56 69.31 88.76
C ALA CA 397 4.83 69.20 87.43
N ASN CA 398 3.77 70.00 87.30
CA ASN CA 398 2.90 70.00 86.14
C ASN CA 398 2.83 71.38 85.52
N GLY CA 399 2.88 71.43 84.20
CA GLY CA 399 2.82 72.68 83.46
C GLY CA 399 3.94 72.78 82.43
N ARG CA 400 3.64 73.45 81.31
CA ARG CA 400 4.59 73.62 80.22
C ARG CA 400 4.54 75.05 79.70
N PHE CA 401 5.71 75.57 79.35
CA PHE CA 401 5.81 76.89 78.75
C PHE CA 401 5.25 76.88 77.35
N SER CA 402 4.51 77.94 76.98
CA SER CA 402 3.99 78.04 75.64
C SER CA 402 5.11 78.41 74.67
N PRO CA 403 5.03 77.95 73.42
CA PRO CA 403 6.07 78.32 72.44
C PRO CA 403 5.95 79.77 72.01
N VAL CA 404 6.98 80.24 71.31
CA VAL CA 404 7.08 81.64 70.91
C VAL CA 404 6.02 81.99 69.88
N ILE CA 405 5.77 81.07 68.92
CA ILE CA 405 4.82 81.31 67.86
C ILE CA 405 3.42 81.47 68.43
N LYS CA 406 3.07 80.64 69.41
CA LYS CA 406 1.78 80.69 70.09
C LYS CA 406 1.81 81.58 71.33
N SER CA 407 2.92 82.30 71.56
CA SER CA 407 3.03 83.11 72.76
C SER CA 407 2.13 84.34 72.66
N ASN CA 408 2.05 85.05 73.77
CA ASN CA 408 1.10 86.17 73.91
C ASN CA 408 1.78 87.50 73.61
N PHE CA 409 2.33 87.61 72.39
CA PHE CA 409 3.12 88.78 72.03
C PHE CA 409 2.31 90.07 72.08
N LEU CA 410 1.07 90.04 71.56
CA LEU CA 410 0.19 91.20 71.64
C LEU CA 410 -0.16 91.54 73.08
N GLU CA 411 -0.22 90.53 73.95
CA GLU CA 411 -0.50 90.78 75.36
C GLU CA 411 0.67 91.49 76.04
N LEU CA 412 1.91 91.14 75.69
CA LEU CA 412 3.06 91.93 76.14
C LEU CA 412 3.01 93.35 75.61
N VAL CA 413 2.69 93.51 74.32
CA VAL CA 413 2.64 94.84 73.71
C VAL CA 413 1.60 95.71 74.41
N ASN CA 414 0.43 95.15 74.73
CA ASN CA 414 -0.62 95.93 75.36
C ASN CA 414 -0.47 96.01 76.87
N PHE CA 415 0.37 95.15 77.47
CA PHE CA 415 0.75 95.29 78.87
C PHE CA 415 1.78 96.38 79.06
N ALA CA 416 2.65 96.58 78.07
CA ALA CA 416 3.62 97.69 78.13
C ALA CA 416 2.92 99.04 78.03
N THR CA 417 1.85 99.12 77.26
CA THR CA 417 1.10 100.38 77.10
C THR CA 417 0.07 100.57 78.20
N THR CA 418 0.51 100.44 79.45
CA THR CA 418 -0.31 100.79 80.61
C THR CA 418 0.31 101.87 81.48
N ILE CA 419 1.62 102.09 81.36
CA ILE CA 419 2.32 103.11 82.18
C ILE CA 419 2.31 104.45 81.44
N LEU CA 420 1.81 104.47 80.20
CA LEU CA 420 1.80 105.72 79.39
C LEU CA 420 0.36 106.07 79.01
N THR CA 421 -0.57 105.14 79.22
CA THR CA 421 -2.00 105.37 78.85
C THR CA 421 -2.43 106.79 79.21
N ASP CA 422 -2.31 107.18 80.49
CA ASP CA 422 -2.77 108.49 80.93
C ASP CA 422 -1.69 109.51 80.59
N PRO CA 423 -2.01 110.55 79.81
CA PRO CA 423 -1.01 111.61 79.56
C PRO CA 423 -0.62 112.38 80.81
N PHE CA 424 -1.56 112.57 81.73
CA PHE CA 424 -1.30 113.30 82.98
C PHE CA 424 -0.92 112.35 84.11
N LYS CA 425 0.09 111.51 83.85
CA LYS CA 425 0.66 110.64 84.87
C LYS CA 425 1.62 111.45 85.74
N GLN CA 426 2.16 110.80 86.77
CA GLN CA 426 3.15 111.46 87.60
C GLN CA 426 4.45 111.64 86.81
N LEU CA 427 5.03 112.83 86.91
CA LEU CA 427 6.11 113.23 86.02
C LEU CA 427 7.44 112.69 86.53
N ASP CA 428 8.19 112.07 85.62
CA ASP CA 428 9.59 111.72 85.89
C ASP CA 428 10.43 112.96 85.60
N LEU CA 429 10.97 113.57 86.65
CA LEU CA 429 11.59 114.89 86.52
C LEU CA 429 13.03 114.84 86.02
N ARG CA 430 13.57 113.66 85.75
CA ARG CA 430 14.91 113.55 85.19
C ARG CA 430 14.99 112.64 83.97
N HIS CA 431 13.87 112.06 83.53
CA HIS CA 431 13.84 111.17 82.38
C HIS CA 431 12.63 111.50 81.54
N THR CA 432 12.77 111.33 80.22
CA THR CA 432 11.78 111.83 79.28
C THR CA 432 11.12 110.73 78.46
N THR CA 433 11.90 109.87 77.81
CA THR CA 433 11.39 108.90 76.85
C THR CA 433 11.06 107.60 77.58
N THR CA 434 10.10 106.85 77.02
CA THR CA 434 9.62 105.61 77.62
C THR CA 434 9.79 104.47 76.59
N HIS CA 435 11.00 104.35 76.05
CA HIS CA 435 11.30 103.30 75.09
C HIS CA 435 11.11 101.92 75.71
N VAL CA 436 10.53 101.01 74.93
CA VAL CA 436 10.19 99.66 75.38
C VAL CA 436 10.87 98.66 74.47
N MET CA 437 11.56 97.67 75.05
CA MET CA 437 12.20 96.61 74.29
C MET CA 437 11.62 95.27 74.71
N ILE CA 438 11.50 94.36 73.75
CA ILE CA 438 11.01 93.02 73.98
C ILE CA 438 12.07 92.04 73.50
N ILE CA 439 12.52 91.16 74.39
CA ILE CA 439 13.48 90.12 74.04
C ILE CA 439 12.71 88.82 73.86
N SER CA 440 12.85 88.22 72.67
CA SER CA 440 12.16 86.98 72.37
C SER CA 440 13.14 85.96 71.81
N PRO CA 441 12.98 84.68 72.17
CA PRO CA 441 13.83 83.62 71.60
C PRO CA 441 13.35 83.06 70.27
N GLY CA 442 12.42 83.72 69.59
CA GLY CA 442 11.94 83.29 68.30
C GLY CA 442 12.66 83.96 67.16
N SER CA 443 12.01 83.96 65.99
CA SER CA 443 12.56 84.55 64.78
C SER CA 443 11.55 85.50 64.14
N GLY CA 444 10.82 86.24 64.96
CA GLY CA 444 9.88 87.21 64.43
C GLY CA 444 8.62 86.62 63.85
N LEU CA 445 8.31 85.37 64.16
CA LEU CA 445 7.10 84.71 63.68
C LEU CA 445 6.16 84.50 64.86
N PHE CA 446 4.93 84.99 64.73
CA PHE CA 446 3.95 84.93 65.80
C PHE CA 446 2.59 84.59 65.22
N ASP CA 447 1.76 83.97 66.05
CA ASP CA 447 0.36 83.72 65.74
C ASP CA 447 -0.50 84.61 66.63
N VAL CA 448 -1.37 85.41 66.00
CA VAL CA 448 -2.10 86.46 66.69
C VAL CA 448 -3.58 86.36 66.36
N ASP CA 449 -4.39 87.00 67.20
CA ASP CA 449 -5.81 87.17 66.93
C ASP CA 449 -6.08 88.47 66.17
N TYR CA 450 -7.11 88.44 65.34
CA TYR CA 450 -7.39 89.57 64.44
C TYR CA 450 -7.85 90.81 65.20
N SER CA 451 -8.84 90.64 66.10
CA SER CA 451 -9.37 91.77 66.84
C SER CA 451 -8.34 92.35 67.80
N LEU CA 452 -7.55 91.48 68.43
CA LEU CA 452 -6.47 91.94 69.30
C LEU CA 452 -5.43 92.72 68.50
N LEU CA 453 -5.13 92.28 67.28
CA LEU CA 453 -4.19 93.01 66.43
C LEU CA 453 -4.72 94.38 66.04
N ARG CA 454 -6.02 94.46 65.70
CA ARG CA 454 -6.62 95.75 65.36
C ARG CA 454 -6.60 96.71 66.54
N LEU CA 455 -6.96 96.21 67.73
CA LEU CA 455 -6.97 97.05 68.92
C LEU CA 455 -5.56 97.48 69.30
N THR CA 456 -4.59 96.57 69.17
CA THR CA 456 -3.19 96.88 69.46
C THR CA 456 -2.65 97.96 68.53
N GLY CA 457 -2.97 97.86 67.24
CA GLY CA 457 -2.56 98.90 66.30
C GLY CA 457 -3.20 100.24 66.57
N LYS CA 458 -4.52 100.25 66.84
CA LYS CA 458 -5.21 101.51 67.12
C LYS CA 458 -4.72 102.14 68.42
N LYS CA 459 -4.28 101.33 69.38
CA LYS CA 459 -3.71 101.90 70.59
C LYS CA 459 -2.29 102.40 70.37
N LEU CA 460 -1.47 101.65 69.61
CA LEU CA 460 -0.08 102.00 69.44
C LEU CA 460 0.12 103.19 68.50
N LEU CA 461 -0.86 103.52 67.66
CA LEU CA 461 -0.83 104.76 66.92
C LEU CA 461 -1.43 105.94 67.68
N SER CA 462 -1.48 105.87 69.02
CA SER CA 462 -1.99 106.99 69.81
C SER CA 462 -1.17 107.26 71.07
N LEU CA 463 0.06 106.75 71.15
CA LEU CA 463 0.89 106.96 72.33
C LEU CA 463 2.36 106.89 71.93
N GLU CA 464 3.21 107.50 72.77
CA GLU CA 464 4.60 107.79 72.40
C GLU CA 464 5.53 106.65 72.85
N MET CA 465 5.42 105.53 72.15
CA MET CA 465 6.29 104.40 72.42
C MET CA 465 6.88 103.85 71.13
N THR CA 466 8.17 103.56 71.15
CA THR CA 466 8.84 102.83 70.08
C THR CA 466 9.25 101.46 70.63
N MET CA 467 8.77 100.40 69.99
CA MET CA 467 9.03 99.04 70.44
C MET CA 467 10.01 98.38 69.49
N ASP CA 468 11.17 97.98 70.02
CA ASP CA 468 12.24 97.38 69.23
C ASP CA 468 12.39 95.93 69.71
N LEU CA 469 11.63 95.04 69.07
CA LEU CA 469 11.75 93.61 69.36
C LEU CA 469 13.11 93.10 68.91
N ILE CA 470 13.84 92.45 69.83
CA ILE CA 470 15.13 91.85 69.54
C ILE CA 470 15.00 90.34 69.70
N CYS CA 471 15.46 89.61 68.70
CA CYS CA 471 15.35 88.17 68.66
C CYS CA 471 16.72 87.56 68.90
N LEU CA 472 16.76 86.50 69.70
CA LEU CA 472 18.00 85.82 70.04
C LEU CA 472 18.34 84.71 69.06
N SER CA 473 17.53 84.52 68.03
CA SER CA 473 17.76 83.52 67.00
C SER CA 473 18.19 84.19 65.71
N LYS CA 474 18.62 83.37 64.75
CA LYS CA 474 19.10 83.89 63.48
C LYS CA 474 17.94 84.42 62.66
N ALA CA 475 18.25 85.34 61.76
CA ALA CA 475 17.23 85.96 60.91
C ALA CA 475 16.68 84.93 59.93
N PRO CA 476 15.38 84.74 59.87
CA PRO CA 476 14.81 83.72 58.99
C PRO CA 476 14.69 84.21 57.56
N LEU CA 477 14.31 83.29 56.68
CA LEU CA 477 14.23 83.58 55.26
C LEU CA 477 13.08 84.53 54.92
N HIS CA 478 11.98 84.44 55.66
CA HIS CA 478 10.84 85.29 55.42
C HIS CA 478 11.07 86.69 56.00
N ILE CA 479 10.16 87.61 55.65
CA ILE CA 479 10.23 88.98 56.14
C ILE CA 479 9.80 89.01 57.60
N VAL CA 480 10.43 89.89 58.38
CA VAL CA 480 10.12 89.99 59.80
C VAL CA 480 9.68 91.42 60.12
N PRO CA 481 8.76 91.63 61.07
CA PRO CA 481 8.01 90.62 61.82
C PRO CA 481 6.85 90.04 61.00
N LEU CA 482 6.52 88.77 61.21
CA LEU CA 482 5.49 88.09 60.45
C LEU CA 482 4.40 87.58 61.40
N PHE CA 483 3.17 87.95 61.12
CA PHE CA 483 2.02 87.53 61.90
C PHE CA 483 1.11 86.66 61.06
N ARG CA 484 0.82 85.46 61.56
CA ARG CA 484 -0.10 84.54 60.89
C ARG CA 484 -1.40 84.51 61.68
N TYR CA 485 -2.51 84.74 61.00
CA TYR CA 485 -3.80 84.81 61.66
C TYR CA 485 -4.89 84.28 60.73
N ARG CA 486 -6.03 83.94 61.33
CA ARG CA 486 -7.17 83.43 60.61
C ARG CA 486 -8.29 84.46 60.66
N ASP CA 487 -9.00 84.60 59.55
CA ASP CA 487 -10.12 85.53 59.46
C ASP CA 487 -11.37 84.89 60.04
N PHE CA 488 -12.51 85.58 59.92
CA PHE CA 488 -13.77 85.04 60.40
C PHE CA 488 -14.25 83.86 59.56
N GLU CA 489 -13.76 83.73 58.32
CA GLU CA 489 -14.10 82.63 57.45
C GLU CA 489 -13.04 81.52 57.47
N ASN CA 490 -12.10 81.60 58.42
CA ASN CA 490 -11.05 80.60 58.66
C ASN CA 490 -10.15 80.42 57.44
N LYS CA 491 -9.48 81.50 57.06
CA LYS CA 491 -8.48 81.49 56.00
C LYS CA 491 -7.17 82.03 56.56
N LEU CA 492 -6.07 81.38 56.23
CA LEU CA 492 -4.77 81.81 56.74
C LEU CA 492 -4.33 83.10 56.06
N HIS CA 493 -3.88 84.06 56.86
CA HIS CA 493 -3.43 85.35 56.35
C HIS CA 493 -2.11 85.72 57.00
N HIS CA 494 -1.25 86.38 56.23
CA HIS CA 494 0.03 86.86 56.71
C HIS CA 494 0.08 88.38 56.57
N CYS CA 495 0.50 89.05 57.63
CA CYS CA 495 0.63 90.50 57.64
C CYS CA 495 1.87 90.90 58.41
N VAL CA 496 2.47 92.01 58.01
CA VAL CA 496 3.65 92.58 58.66
C VAL CA 496 3.24 93.88 59.32
N PRO CA 497 3.29 93.98 60.65
CA PRO CA 497 2.85 95.22 61.32
C PRO CA 497 3.82 96.36 61.08
N LEU CA 498 3.28 97.58 61.13
CA LEU CA 498 4.04 98.80 60.90
C LEU CA 498 4.41 99.52 62.18
N TRP CA 499 4.23 98.90 63.34
CA TRP CA 499 4.61 99.49 64.61
C TRP CA 499 5.75 98.76 65.31
N LEU CA 500 6.29 97.72 64.70
CA LEU CA 500 7.34 96.91 65.31
C LEU CA 500 8.60 96.92 64.46
N SER CA 501 9.75 97.13 65.09
CA SER CA 501 11.04 97.09 64.43
C SER CA 501 11.84 95.92 65.02
N VAL CA 502 12.40 95.09 64.16
CA VAL CA 502 13.04 93.84 64.55
C VAL CA 502 14.55 93.95 64.39
N PHE CA 503 15.28 93.69 65.48
CA PHE CA 503 16.73 93.54 65.45
C PHE CA 503 17.11 92.10 65.80
N PHE CA 504 18.25 91.67 65.29
CA PHE CA 504 18.78 90.34 65.55
C PHE CA 504 20.13 90.43 66.24
N TRP CA 505 20.29 89.64 67.30
CA TRP CA 505 21.52 89.63 68.09
C TRP CA 505 22.43 88.50 67.63
N ASN CA 506 23.69 88.83 67.41
CA ASN CA 506 24.68 87.88 66.91
C ASN CA 506 25.78 87.65 67.94
N GLU CA 515 30.65 81.67 53.91
CA GLU CA 515 30.26 80.36 54.40
C GLU CA 515 28.77 80.13 54.23
N TRP CA 516 28.15 79.51 55.24
CA TRP CA 516 26.73 79.20 55.21
C TRP CA 516 26.23 79.10 56.66
N THR CA 517 25.07 79.68 56.93
CA THR CA 517 24.50 79.66 58.27
C THR CA 517 23.06 79.17 58.18
N PRO CA 518 22.68 78.16 58.97
CA PRO CA 518 21.30 77.66 58.91
C PRO CA 518 20.31 78.62 59.52
N ARG CA 519 19.46 79.22 58.68
CA ARG CA 519 18.47 80.18 59.13
C ARG CA 519 17.11 79.53 59.41
N CYS CA 520 17.00 78.21 59.24
CA CYS CA 520 15.77 77.49 59.52
C CYS CA 520 16.00 76.49 60.66
N LYS CA 521 15.01 76.41 61.56
CA LYS CA 521 15.13 75.61 62.77
C LYS CA 521 14.34 74.32 62.58
N ILE CA 522 15.06 73.20 62.55
CA ILE CA 522 14.46 71.86 62.57
C ILE CA 522 14.89 71.20 63.87
N TYR CA 523 14.05 71.29 64.89
CA TYR CA 523 14.44 70.89 66.25
C TYR CA 523 14.54 69.38 66.38
N ASP CA 524 13.65 68.63 65.71
CA ASP CA 524 13.67 67.18 65.85
C ASP CA 524 14.88 66.54 65.19
N LEU CA 525 15.50 67.21 64.22
CA LEU CA 525 16.67 66.68 63.55
C LEU CA 525 17.97 67.28 64.06
N GLN CA 526 17.93 68.50 64.61
CA GLN CA 526 19.13 69.09 65.19
C GLN CA 526 19.56 68.35 66.44
N MET CA 527 18.60 68.00 67.30
CA MET CA 527 18.90 67.34 68.57
C MET CA 527 18.77 65.82 68.47
N MET CA 528 18.48 65.28 67.28
CA MET CA 528 18.29 63.86 67.04
C MET CA 528 17.23 63.26 67.96
N GLY CA 529 16.11 63.97 68.08
CA GLY CA 529 15.05 63.55 68.98
C GLY CA 529 14.16 62.43 68.48
N ILE CA 530 14.35 61.99 67.25
CA ILE CA 530 13.61 60.87 66.66
C ILE CA 530 14.60 59.77 66.32
N THR CA 531 14.34 58.56 66.84
CA THR CA 531 15.27 57.46 66.69
C THR CA 531 15.23 56.88 65.27
N GLU CA 532 16.05 55.85 65.05
CA GLU CA 532 16.31 55.36 63.70
C GLU CA 532 15.14 54.59 63.10
N ASN CA 533 14.52 53.69 63.88
CA ASN CA 533 13.57 52.75 63.28
C ASN CA 533 12.24 53.41 62.94
N GLU CA 534 11.85 54.46 63.68
CA GLU CA 534 10.60 55.16 63.43
C GLU CA 534 10.77 56.35 62.50
N LEU CA 535 11.96 56.57 61.96
CA LEU CA 535 12.23 57.66 61.02
C LEU CA 535 12.23 57.19 59.58
N ILE CA 536 11.95 55.91 59.33
CA ILE CA 536 11.98 55.39 57.96
C ILE CA 536 10.80 55.93 57.17
N ARG CA 537 10.98 55.96 55.85
CA ARG CA 537 9.95 56.49 54.96
C ARG CA 537 8.77 55.55 54.87
N GLU CA 538 7.56 56.11 54.90
CA GLU CA 538 6.33 55.35 54.80
C GLU CA 538 5.58 55.56 53.50
N VAL CA 539 5.77 56.69 52.83
CA VAL CA 539 5.10 56.98 51.57
C VAL CA 539 6.18 57.01 50.49
N ASP CA 540 6.15 56.03 49.59
CA ASP CA 540 7.14 55.91 48.54
C ASP CA 540 6.65 56.62 47.27
N VAL CA 541 7.32 56.37 46.15
CA VAL CA 541 6.91 56.92 44.87
C VAL CA 541 5.58 56.29 44.46
N GLU CA 542 4.64 57.13 44.03
CA GLU CA 542 3.32 56.66 43.65
C GLU CA 542 3.37 55.83 42.38
N TYR CA 543 2.51 54.81 42.31
CA TYR CA 543 2.43 53.94 41.16
C TYR CA 543 1.87 54.68 39.96
N LEU CA 544 2.20 54.17 38.77
CA LEU CA 544 1.69 54.72 37.53
C LEU CA 544 0.19 54.47 37.41
N GLN CA 545 -0.50 55.35 36.69
CA GLN CA 545 -1.94 55.27 36.56
C GLN CA 545 -2.37 55.42 35.11
N LEU CA 546 -3.50 54.79 34.78
CA LEU CA 546 -4.07 54.88 33.45
C LEU CA 546 -4.98 56.10 33.34
N ASN CA 547 -5.09 56.61 32.12
CA ASN CA 547 -5.91 57.79 31.84
C ASN CA 547 -7.28 57.42 31.28
N LYS CA 548 -7.61 56.13 31.19
CA LYS CA 548 -8.86 55.61 30.64
C LYS CA 548 -9.08 56.02 29.18
N LYS CA 549 -8.00 56.42 28.48
CA LYS CA 549 -8.07 56.75 27.06
C LYS CA 549 -6.89 56.15 26.30
N VAL CA 550 -6.07 55.33 26.93
CA VAL CA 550 -4.84 54.82 26.33
C VAL CA 550 -5.04 53.35 26.02
N LYS CA 551 -4.69 52.95 24.80
CA LYS CA 551 -4.88 51.58 24.35
C LYS CA 551 -3.59 50.75 24.29
N SER CA 552 -2.43 51.38 24.11
CA SER CA 552 -1.19 50.63 23.95
C SER CA 552 -0.10 51.29 24.79
N LEU CA 553 0.97 50.52 25.04
CA LEU CA 553 2.07 51.00 25.86
C LEU CA 553 2.83 52.13 25.20
N SER CA 554 2.87 52.16 23.86
CA SER CA 554 3.49 53.28 23.15
C SER CA 554 2.72 54.57 23.40
N GLU CA 555 1.37 54.49 23.37
CA GLU CA 555 0.55 55.65 23.66
C GLU CA 555 0.73 56.12 25.10
N PHE CA 556 0.84 55.17 26.04
CA PHE CA 556 1.05 55.52 27.43
C PHE CA 556 2.39 56.20 27.64
N MET CA 557 3.45 55.70 26.99
CA MET CA 557 4.77 56.32 27.10
C MET CA 557 4.77 57.71 26.50
N ASN CA 558 4.11 57.88 25.35
CA ASN CA 558 4.02 59.21 24.73
C ASN CA 558 3.22 60.17 25.60
N ASP CA 559 2.16 59.68 26.24
CA ASP CA 559 1.37 60.54 27.12
C ASP CA 559 2.11 60.90 28.39
N TYR CA 560 2.91 59.96 28.93
CA TYR CA 560 3.66 60.26 30.14
C TYR CA 560 4.79 61.24 29.85
N ASP CA 561 5.45 61.10 28.69
CA ASP CA 561 6.47 62.07 28.30
C ASP CA 561 5.87 63.40 27.89
N LYS CA 562 4.62 63.40 27.42
CA LYS CA 562 3.95 64.63 27.03
C LYS CA 562 3.48 65.45 28.22
N ASN CA 563 3.21 64.81 29.36
CA ASN CA 563 2.71 65.50 30.54
C ASN CA 563 3.70 65.41 31.70
N ALA CA 564 4.98 65.25 31.41
CA ALA CA 564 5.99 65.13 32.45
C ALA CA 564 6.36 66.48 33.07
N PHE CA 565 5.96 67.58 32.44
CA PHE CA 565 6.31 68.92 32.91
C PHE CA 565 5.10 69.82 33.13
N GLU CA 566 3.90 69.32 32.87
CA GLU CA 566 2.69 70.12 33.10
C GLU CA 566 2.39 70.21 34.58
N VAL CA 567 1.91 71.40 35.01
CA VAL CA 567 1.52 71.66 36.38
C VAL CA 567 0.01 71.82 36.43
N LYS CA 568 -0.64 71.04 37.29
CA LYS CA 568 -2.09 71.05 37.39
C LYS CA 568 -2.61 72.35 38.00
N ARG CA 843 -4.74 103.62 54.06
CA ARG CA 843 -3.39 104.08 53.77
C ARG CA 843 -2.71 104.57 55.04
N ILE CA 844 -3.49 105.10 55.97
CA ILE CA 844 -2.97 105.63 57.23
C ILE CA 844 -3.55 104.90 58.43
N SER CA 845 -4.86 104.65 58.44
CA SER CA 845 -5.48 103.92 59.54
C SER CA 845 -5.02 102.47 59.61
N GLU CA 846 -4.51 101.93 58.50
CA GLU CA 846 -3.96 100.58 58.49
C GLU CA 846 -2.68 100.53 59.33
N THR CA 847 -2.55 99.47 60.12
CA THR CA 847 -1.38 99.28 60.96
C THR CA 847 -0.52 98.11 60.50
N TRP CA 848 -0.91 97.44 59.42
CA TRP CA 848 -0.16 96.34 58.84
C TRP CA 848 -0.33 96.38 57.33
N VAL CA 849 0.63 95.76 56.63
CA VAL CA 849 0.54 95.55 55.19
C VAL CA 849 0.28 94.07 54.95
N ASP CA 850 -0.62 93.78 54.03
CA ASP CA 850 -1.05 92.41 53.78
C ASP CA 850 -0.08 91.74 52.83
N ILE CA 851 0.75 90.85 53.36
CA ILE CA 851 1.64 90.03 52.57
C ILE CA 851 0.85 88.85 52.01
N LYS CA 852 0.91 88.67 50.69
CA LYS CA 852 0.15 87.61 50.04
C LYS CA 852 0.62 86.23 50.49
N SER CA 853 1.94 86.04 50.58
CA SER CA 853 2.51 84.79 51.05
C SER CA 853 3.91 85.04 51.56
N PRO CA 854 4.35 84.41 52.64
CA PRO CA 854 5.75 84.55 53.06
C PRO CA 854 6.74 83.92 52.10
N SER CA 855 6.28 83.01 51.24
CA SER CA 855 7.17 82.31 50.31
C SER CA 855 7.51 83.14 49.08
N ILE CA 856 6.74 84.17 48.75
CA ILE CA 856 7.11 85.09 47.68
C ILE CA 856 8.19 86.03 48.21
N PRO CA 857 9.12 86.51 47.37
CA PRO CA 857 10.19 87.37 47.89
C PRO CA 857 9.78 88.83 47.96
N VAL CA 858 10.72 89.70 48.32
CA VAL CA 858 10.43 91.13 48.35
C VAL CA 858 10.34 91.68 46.93
N SER CA 859 9.32 92.48 46.68
CA SER CA 859 9.12 93.12 45.38
C SER CA 859 9.88 94.44 45.38
N SER CA 860 10.96 94.50 44.60
CA SER CA 860 11.89 95.64 44.52
C SER CA 860 12.43 95.90 45.92
N GLU CA 861 12.22 97.08 46.51
CA GLU CA 861 12.76 97.43 47.82
C GLU CA 861 11.69 98.09 48.68
N PHE CA 862 10.52 97.46 48.77
CA PHE CA 862 9.43 98.02 49.56
C PHE CA 862 9.65 97.86 51.07
N ALA CA 863 10.66 97.11 51.49
CA ALA CA 863 10.93 96.92 52.91
C ALA CA 863 11.34 98.22 53.58
N ASN CA 864 12.07 99.09 52.87
CA ASN CA 864 12.40 100.40 53.41
C ASN CA 864 11.18 101.29 53.54
N GLU CA 865 10.13 101.04 52.77
CA GLU CA 865 8.88 101.77 52.91
C GLU CA 865 8.04 101.28 54.08
N LEU CA 866 8.38 100.12 54.65
CA LEU CA 866 7.68 99.56 55.80
C LEU CA 866 8.23 100.23 57.06
N LEU CA 867 7.80 101.47 57.27
CA LEU CA 867 8.20 102.28 58.40
C LEU CA 867 6.99 102.91 59.04
N PRO CA 868 7.02 103.15 60.36
CA PRO CA 868 5.91 103.87 61.00
C PRO CA 868 5.83 105.29 60.47
N ILE CA 869 4.60 105.77 60.27
CA ILE CA 869 4.41 107.11 59.72
C ILE CA 869 4.79 108.18 60.74
N ARG CA 870 4.45 107.97 62.02
CA ARG CA 870 4.71 108.99 63.03
C ARG CA 870 6.20 109.12 63.34
N TRP CA 871 6.95 108.03 63.24
CA TRP CA 871 8.38 108.03 63.52
C TRP CA 871 9.22 108.07 62.25
N LYS CA 872 8.60 108.34 61.09
CA LYS CA 872 9.34 108.32 59.83
C LYS CA 872 10.36 109.45 59.73
N ASP CA 873 10.11 110.57 60.41
CA ASP CA 873 10.94 111.75 60.28
C ASP CA 873 12.23 111.71 61.09
N VAL CA 874 12.43 110.68 61.92
CA VAL CA 874 13.67 110.65 62.70
C VAL CA 874 14.86 110.19 61.85
N TRP CA 875 14.60 109.39 60.81
CA TRP CA 875 15.67 108.95 59.94
C TRP CA 875 16.03 110.03 58.93
N PRO CA 876 17.30 110.08 58.48
CA PRO CA 876 17.68 111.07 57.47
C PRO CA 876 17.13 110.76 56.08
N LYS CA 877 17.41 111.64 55.13
CA LYS CA 877 16.82 111.52 53.79
C LYS CA 877 17.46 110.38 53.00
N TYR CA 878 18.78 110.21 53.10
CA TYR CA 878 19.48 109.25 52.27
C TYR CA 878 20.46 108.36 53.03
N VAL CA 879 20.63 108.58 54.34
CA VAL CA 879 21.54 107.74 55.12
C VAL CA 879 20.89 106.37 55.31
N ALA CA 880 21.68 105.33 55.10
CA ALA CA 880 21.21 103.95 55.22
C ALA CA 880 20.85 103.60 56.66
N ARG CA 881 20.03 102.58 56.81
CA ARG CA 881 19.54 102.15 58.13
C ARG CA 881 20.54 101.27 58.87
N LYS CA 882 21.67 100.94 58.24
CA LYS CA 882 22.68 100.10 58.88
C LYS CA 882 23.42 100.82 59.99
N TYR CA 883 23.31 102.15 60.05
CA TYR CA 883 24.00 102.92 61.09
C TYR CA 883 23.15 103.11 62.33
N SER CA 884 21.84 103.27 62.16
CA SER CA 884 20.97 103.52 63.30
C SER CA 884 20.46 102.23 63.94
N LYS CA 885 21.38 101.35 64.30
CA LYS CA 885 21.03 100.13 65.04
C LYS CA 885 21.32 100.29 66.53
N TRP CA 886 22.57 100.60 66.87
CA TRP CA 886 22.96 100.82 68.25
C TRP CA 886 22.42 102.13 68.80
N ARG CA 887 22.12 103.10 67.94
CA ARG CA 887 21.61 104.38 68.39
C ARG CA 887 20.21 104.27 68.96
N SER CA 888 19.40 103.35 68.43
CA SER CA 888 18.07 103.12 68.97
C SER CA 888 18.14 102.52 70.37
N PHE CA 889 19.13 101.66 70.61
CA PHE CA 889 19.29 101.06 71.93
C PHE CA 889 19.86 102.05 72.94
N THR CA 890 20.99 102.68 72.61
CA THR CA 890 21.69 103.50 73.60
C THR CA 890 20.99 104.84 73.84
N THR CA 891 20.54 105.50 72.78
CA THR CA 891 19.99 106.86 72.87
C THR CA 891 18.63 106.91 72.18
N PRO CA 892 17.56 106.50 72.87
CA PRO CA 892 16.23 106.45 72.25
C PRO CA 892 15.74 107.84 71.84
N ALA CA 893 15.03 107.89 70.73
CA ALA CA 893 14.59 109.13 70.11
C ALA CA 893 13.15 109.46 70.50
N GLU CA 894 12.88 110.75 70.75
CA GLU CA 894 11.53 111.20 71.03
C GLU CA 894 10.66 111.15 69.78
N LEU CA 895 9.36 111.23 69.99
CA LEU CA 895 8.42 111.33 68.88
C LEU CA 895 8.53 112.71 68.26
N PRO CA 896 8.78 112.82 66.96
CA PRO CA 896 9.08 114.12 66.35
C PRO CA 896 7.89 115.06 66.34
N ILE CA 897 8.21 116.36 66.35
CA ILE CA 897 7.16 117.39 66.32
C ILE CA 897 6.44 117.37 64.99
N THR CA 898 7.16 117.11 63.90
CA THR CA 898 6.61 117.20 62.56
C THR CA 898 6.15 115.83 62.07
N ILE CA 899 5.12 115.85 61.23
CA ILE CA 899 4.58 114.66 60.57
C ILE CA 899 4.46 114.96 59.08
N SER CA 900 4.89 114.02 58.24
CA SER CA 900 4.97 114.23 56.81
C SER CA 900 3.86 113.49 56.06
N ASP CA 901 2.86 112.98 56.76
CA ASP CA 901 1.75 112.26 56.14
C ASP CA 901 0.44 112.93 56.52
N PHE CA 902 -0.57 112.76 55.65
CA PHE CA 902 -1.86 113.38 55.85
C PHE CA 902 -2.87 112.66 54.97
N PRO CA 903 -4.12 112.50 55.42
CA PRO CA 903 -5.12 111.79 54.61
C PRO CA 903 -5.47 112.56 53.34
N SER CA 904 -5.86 111.80 52.33
CA SER CA 904 -6.22 112.36 51.03
C SER CA 904 -7.64 112.93 51.07
N LYS CA 905 -8.11 113.41 49.92
CA LYS CA 905 -9.42 114.04 49.84
C LYS CA 905 -10.55 113.05 50.06
N ASP CA 906 -10.39 111.82 49.57
CA ASP CA 906 -11.44 110.81 49.71
C ASP CA 906 -11.58 110.32 51.15
N ASP CA 907 -10.49 110.35 51.92
CA ASP CA 907 -10.53 109.87 53.29
C ASP CA 907 -11.34 110.79 54.20
N PHE CA 908 -11.33 112.10 53.92
CA PHE CA 908 -12.13 113.02 54.71
C PHE CA 908 -13.62 112.92 54.39
N ASP CA 909 -13.98 112.33 53.26
CA ASP CA 909 -15.37 112.16 52.86
C ASP CA 909 -15.89 110.74 53.06
N ARG CA 910 -15.13 109.88 53.75
CA ARG CA 910 -15.53 108.50 53.98
C ARG CA 910 -15.83 108.22 55.43
N ASN CA 911 -14.89 108.44 56.34
CA ASN CA 911 -15.07 108.14 57.77
C ASN CA 911 -14.43 109.26 58.60
N PHE CA 912 -15.21 110.31 58.83
CA PHE CA 912 -14.81 111.45 59.66
C PHE CA 912 -16.06 112.24 60.02
N ILE CA 913 -15.93 113.07 61.06
CA ILE CA 913 -16.97 113.99 61.48
C ILE CA 913 -16.34 115.37 61.65
N PHE CA 914 -17.18 116.33 62.04
CA PHE CA 914 -16.78 117.73 62.08
C PHE CA 914 -17.30 118.40 63.34
N ARG CA 915 -16.48 119.27 63.92
CA ARG CA 915 -16.87 120.07 65.08
C ARG CA 915 -16.36 121.49 64.83
N ASN CA 916 -16.48 122.34 65.86
CA ASN CA 916 -16.04 123.73 65.74
C ASN CA 916 -15.76 124.29 67.12
N HIS CA 917 -14.72 125.11 67.21
CA HIS CA 917 -14.39 125.83 68.43
C HIS CA 917 -14.28 127.31 68.12
N SER CA 918 -14.40 128.13 69.17
CA SER CA 918 -14.21 129.57 69.07
C SER CA 918 -13.78 130.07 70.44
N VAL CA 919 -12.49 130.33 70.59
CA VAL CA 919 -11.90 130.71 71.88
C VAL CA 919 -11.26 132.08 71.76
N THR CA 920 -11.40 132.88 72.82
CA THR CA 920 -10.80 134.20 72.91
C THR CA 920 -10.70 134.57 74.38
N LEU CA 921 -9.51 134.95 74.82
CA LEU CA 921 -9.26 135.19 76.24
C LEU CA 921 -10.05 136.40 76.74
N ASN CA 922 -10.53 136.31 77.97
CA ASN CA 922 -11.35 137.35 78.57
C ASN CA 922 -10.49 138.54 78.98
N THR CA 923 -11.16 139.61 79.42
CA THR CA 923 -10.49 140.81 79.88
C THR CA 923 -9.73 140.61 81.19
N ASP CA 924 -10.01 139.53 81.92
CA ASP CA 924 -9.29 139.26 83.17
C ASP CA 924 -7.85 138.86 82.89
N GLN CA 925 -7.61 138.06 81.86
CA GLN CA 925 -6.27 137.57 81.58
C GLN CA 925 -5.38 138.63 80.94
N GLU CA 926 -5.94 139.60 80.23
CA GLU CA 926 -5.13 140.66 79.63
C GLU CA 926 -4.70 141.71 80.64
N GLN CA 927 -5.14 141.62 81.90
CA GLN CA 927 -4.49 142.35 82.98
C GLN CA 927 -3.03 141.95 83.10
N TYR CA 928 -2.73 140.67 82.86
CA TYR CA 928 -1.37 140.19 82.71
C TYR CA 928 -0.92 140.37 81.25
N ASN CA 929 0.38 140.22 81.03
CA ASN CA 929 0.94 140.36 79.68
C ASN CA 929 0.66 139.08 78.89
N GLN CA 930 -0.60 138.95 78.48
CA GLN CA 930 -1.06 137.78 77.72
C GLN CA 930 -1.98 138.27 76.60
N THR CA 931 -1.51 138.18 75.36
CA THR CA 931 -2.31 138.54 74.20
C THR CA 931 -2.76 137.26 73.49
N TYR CA 932 -3.40 137.44 72.33
CA TYR CA 932 -3.92 136.29 71.59
C TYR CA 932 -2.79 135.39 71.09
N LYS CA 933 -1.60 135.96 70.83
CA LYS CA 933 -0.46 135.16 70.42
C LYS CA 933 -0.01 134.22 71.54
N ASP CA 934 0.00 134.71 72.78
CA ASP CA 934 0.34 133.87 73.92
C ASP CA 934 -0.69 132.77 74.14
N LEU CA 935 -1.97 133.09 73.94
CA LEU CA 935 -3.02 132.08 74.04
C LEU CA 935 -2.87 131.02 72.96
N LEU CA 936 -2.51 131.45 71.74
CA LEU CA 936 -2.28 130.49 70.66
C LEU CA 936 -1.07 129.60 70.95
N ARG CA 937 0.00 130.18 71.50
CA ARG CA 937 1.17 129.39 71.87
C ARG CA 937 0.83 128.38 72.96
N ASP CA 938 0.07 128.81 73.97
CA ASP CA 938 -0.34 127.92 75.04
C ASP CA 938 -1.27 126.82 74.52
N MET CA 939 -2.12 127.16 73.55
CA MET CA 939 -3.04 126.17 73.00
C MET CA 939 -2.30 125.12 72.18
N ILE CA 940 -1.30 125.54 71.39
CA ILE CA 940 -0.47 124.57 70.67
C ILE CA 940 0.36 123.74 71.66
N TYR CA 941 0.81 124.36 72.75
CA TYR CA 941 1.54 123.63 73.79
C TYR CA 941 0.66 122.54 74.42
N MET CA 942 -0.60 122.87 74.72
CA MET CA 942 -1.51 121.92 75.33
C MET CA 942 -2.06 120.90 74.33
N ARG CA 943 -2.08 121.23 73.04
CA ARG CA 943 -2.38 120.25 72.01
C ARG CA 943 -1.32 119.16 71.97
N LEU CA 944 -0.06 119.52 72.25
CA LEU CA 944 1.00 118.54 72.43
C LEU CA 944 0.86 117.92 73.83
N LEU CA 945 1.88 117.18 74.25
CA LEU CA 945 1.97 116.42 75.51
C LEU CA 945 0.97 115.28 75.58
N THR CA 946 0.27 114.99 74.48
CA THR CA 946 -0.71 113.91 74.43
C THR CA 946 -0.37 112.97 73.29
N GLY CA 947 0.32 113.48 72.26
CA GLY CA 947 0.71 112.66 71.14
C GLY CA 947 0.58 113.35 69.80
N PHE CA 948 0.07 114.58 69.81
CA PHE CA 948 -0.18 115.32 68.58
C PHE CA 948 1.12 115.69 67.87
N GLN CA 949 1.05 115.80 66.55
CA GLN CA 949 2.21 116.12 65.72
C GLN CA 949 1.84 117.22 64.73
N ILE CA 950 2.69 118.24 64.62
CA ILE CA 950 2.41 119.36 63.74
C ILE CA 950 2.60 118.93 62.29
N CYS CA 951 1.60 119.22 61.45
CA CYS CA 951 1.60 118.78 60.06
C CYS CA 951 2.19 119.84 59.14
N VAL CA 952 3.19 119.43 58.36
CA VAL CA 952 3.77 120.28 57.32
C VAL CA 952 4.30 119.37 56.22
N GLY CA 953 4.10 119.79 54.98
CA GLY CA 953 4.54 119.01 53.84
C GLY CA 953 3.69 119.34 52.61
N ARG CA 954 3.57 118.34 51.73
CA ARG CA 954 2.89 118.51 50.45
C ARG CA 954 1.41 118.15 50.52
N GLN CA 955 1.07 117.05 51.20
CA GLN CA 955 -0.32 116.62 51.28
C GLN CA 955 -1.17 117.61 52.06
N VAL CA 956 -0.62 118.19 53.13
CA VAL CA 956 -1.34 119.19 53.92
C VAL CA 956 -1.61 120.44 53.09
N GLU CA 957 -0.62 120.85 52.28
CA GLU CA 957 -0.81 121.97 51.37
C GLU CA 957 -1.87 121.66 50.31
N LYS CA 958 -1.88 120.42 49.83
CA LYS CA 958 -2.88 120.02 48.84
C LYS CA 958 -4.29 120.05 49.43
N ILE CA 959 -4.45 119.61 50.67
CA ILE CA 959 -5.75 119.67 51.33
C ILE CA 959 -6.15 121.12 51.60
N GLU CA 960 -5.17 121.96 51.98
CA GLU CA 960 -5.47 123.36 52.27
C GLU CA 960 -5.90 124.10 51.00
N LEU CA 961 -5.23 123.84 49.88
CA LEU CA 961 -5.61 124.47 48.61
C LEU CA 961 -6.99 124.00 48.16
N SER CA 962 -7.28 122.71 48.32
CA SER CA 962 -8.56 122.13 47.92
C SER CA 962 -9.59 122.37 49.04
N ARG CA 963 -9.95 123.64 49.20
CA ARG CA 963 -10.93 124.01 50.21
C ARG CA 963 -11.86 125.11 49.71
N THR CA 970 -3.54 129.13 52.93
CA THR CA 970 -2.53 129.54 51.97
C THR CA 970 -1.15 129.00 52.35
N VAL CA 971 -0.63 129.48 53.48
CA VAL CA 971 0.69 129.09 53.97
C VAL CA 971 0.51 128.34 55.29
N VAL CA 972 1.08 127.14 55.37
CA VAL CA 972 1.06 126.35 56.59
C VAL CA 972 2.37 126.53 57.33
N ASN CA 973 2.31 126.54 58.66
CA ASN CA 973 3.46 126.85 59.50
C ASN CA 973 3.85 125.63 60.32
N LYS CA 974 5.13 125.55 60.66
CA LYS CA 974 5.65 124.54 61.57
C LYS CA 974 6.01 125.12 62.92
N TYR CA 975 6.85 126.15 62.95
CA TYR CA 975 7.19 126.86 64.18
C TYR CA 975 6.23 128.04 64.35
N LEU CA 976 6.54 128.93 65.30
CA LEU CA 976 5.66 130.05 65.59
C LEU CA 976 6.52 131.25 65.96
N ASP CA 977 6.53 132.27 65.10
CA ASP CA 977 7.23 133.52 65.34
C ASP CA 977 6.21 134.65 65.45
N PHE CA 978 6.25 135.37 66.56
CA PHE CA 978 5.27 136.42 66.84
C PHE CA 978 5.69 137.80 66.33
N ASN CA 979 6.92 137.96 65.85
CA ASN CA 979 7.39 139.27 65.44
C ASN CA 979 6.95 139.62 64.02
N GLN CA 980 7.36 138.80 63.05
CA GLN CA 980 7.08 139.10 61.65
C GLN CA 980 5.64 138.76 61.28
N ASN CA 981 5.26 137.49 61.40
CA ASN CA 981 3.94 137.04 61.00
C ASN CA 981 2.90 137.44 62.05
N ASP CA 982 1.65 137.60 61.58
CA ASP CA 982 0.55 137.99 62.45
C ASP CA 982 -0.71 137.15 62.21
N ALA CA 983 -0.59 136.05 61.46
CA ALA CA 983 -1.73 135.16 61.20
C ALA CA 983 -1.17 133.79 60.87
N PHE CA 984 -1.49 132.80 61.71
CA PHE CA 984 -0.87 131.48 61.62
C PHE CA 984 -1.91 130.42 61.35
N LYS CA 985 -1.54 129.43 60.53
CA LYS CA 985 -2.39 128.29 60.23
C LYS CA 985 -1.51 127.06 60.19
N LEU CA 986 -1.87 126.05 60.99
CA LEU CA 986 -1.02 124.88 61.17
C LEU CA 986 -1.88 123.73 61.68
N TYR CA 987 -1.62 122.53 61.15
CA TYR CA 987 -2.45 121.35 61.35
C TYR CA 987 -1.76 120.39 62.31
N LEU CA 988 -2.56 119.69 63.11
CA LEU CA 988 -2.05 118.64 63.98
C LEU CA 988 -2.86 117.37 63.78
N MET CA 989 -2.18 116.22 63.83
CA MET CA 989 -2.82 114.95 63.50
C MET CA 989 -2.39 113.85 64.46
N ILE CA 990 -3.37 113.13 65.01
CA ILE CA 990 -3.18 111.86 65.68
C ILE CA 990 -4.21 110.91 65.06
N ASP CA 991 -4.01 109.60 65.30
CA ASP CA 991 -4.93 108.60 64.75
C ASP CA 991 -6.35 108.77 65.28
N SER CA 992 -6.49 109.32 66.50
CA SER CA 992 -7.82 109.54 67.06
C SER CA 992 -8.53 110.70 66.38
N GLU CA 993 -7.81 111.81 66.14
CA GLU CA 993 -8.44 113.01 65.62
C GLU CA 993 -7.40 113.89 64.95
N ILE CA 994 -7.88 114.78 64.08
CA ILE CA 994 -7.02 115.69 63.34
C ILE CA 994 -7.49 117.11 63.62
N HIS CA 995 -6.57 117.98 64.02
CA HIS CA 995 -6.89 119.35 64.35
C HIS CA 995 -6.33 120.31 63.30
N ARG CA 996 -7.00 121.45 63.16
CA ARG CA 996 -6.45 122.59 62.44
C ARG CA 996 -6.76 123.86 63.23
N ILE CA 997 -5.74 124.71 63.43
CA ILE CA 997 -5.90 125.94 64.19
C ILE CA 997 -5.55 127.11 63.28
N THR CA 998 -6.47 128.06 63.17
CA THR CA 998 -6.28 129.26 62.37
C THR CA 998 -6.45 130.49 63.25
N CYS CA 999 -5.70 131.54 62.93
CA CYS CA 999 -5.75 132.77 63.70
C CYS CA 999 -5.62 133.96 62.75
N SER CA 1000 -6.03 135.13 63.25
CA SER CA 1000 -5.96 136.37 62.50
C SER CA 1000 -5.63 137.50 63.48
N SER CA 1001 -5.66 138.73 62.99
CA SER CA 1001 -5.44 139.89 63.86
C SER CA 1001 -6.64 140.16 64.77
N SER CA 1002 -7.81 139.60 64.46
CA SER CA 1002 -9.00 139.82 65.27
C SER CA 1002 -8.97 139.09 66.60
N GLY CA 1003 -8.06 138.13 66.77
CA GLY CA 1003 -7.95 137.38 68.00
C GLY CA 1003 -8.94 136.24 68.15
N ILE CA 1004 -9.78 135.98 67.14
CA ILE CA 1004 -10.76 134.90 67.20
C ILE CA 1004 -10.06 133.66 66.66
N ILE CA 1005 -9.69 132.75 67.57
CA ILE CA 1005 -9.00 131.52 67.20
C ILE CA 1005 -10.04 130.47 66.82
N ASP CA 1006 -9.94 129.95 65.61
CA ASP CA 1006 -10.87 128.94 65.10
C ASP CA 1006 -10.17 127.60 65.07
N VAL CA 1007 -10.78 126.61 65.72
CA VAL CA 1007 -10.25 125.24 65.80
C VAL CA 1007 -11.30 124.29 65.27
N GLU CA 1008 -10.94 123.53 64.24
CA GLU CA 1008 -11.80 122.50 63.68
C GLU CA 1008 -11.12 121.15 63.87
N ARG CA 1009 -11.83 120.20 64.47
CA ARG CA 1009 -11.29 118.89 64.79
C ARG CA 1009 -12.05 117.84 64.00
N TYR CA 1010 -11.31 116.95 63.33
CA TYR CA 1010 -11.89 115.86 62.55
C TYR CA 1010 -11.62 114.57 63.32
N LEU CA 1011 -12.62 114.13 64.10
CA LEU CA 1011 -12.48 112.91 64.89
C LEU CA 1011 -12.65 111.69 63.99
N ARG CA 1012 -11.70 110.76 64.09
CA ARG CA 1012 -11.80 109.51 63.36
C ARG CA 1012 -12.78 108.58 64.09
N LYS CA 1013 -13.82 108.16 63.39
CA LYS CA 1013 -14.87 107.36 64.00
C LYS CA 1013 -14.39 105.94 64.25
N ASP CA 1014 -14.78 105.39 65.40
CA ASP CA 1014 -14.39 104.03 65.74
C ASP CA 1014 -15.07 103.01 64.84
N GLU CA 1015 -14.39 101.90 64.60
CA GLU CA 1015 -14.85 100.86 63.68
C GLU CA 1015 -15.44 99.70 64.47
N ALA CA 1016 -16.76 99.80 64.71
CA ALA CA 1016 -17.60 98.74 65.28
C ALA CA 1016 -17.15 98.29 66.67
N ASN CA 1017 -16.59 99.23 67.45
CA ASN CA 1017 -16.26 99.05 68.87
C ASN CA 1017 -15.29 97.87 69.08
N LEU CA 1018 -14.06 98.08 68.59
CA LEU CA 1018 -13.01 97.07 68.73
C LEU CA 1018 -12.71 96.74 70.19
N PHE CA 1019 -12.92 97.69 71.10
CA PHE CA 1019 -12.69 97.45 72.52
C PHE CA 1019 -13.82 96.66 73.17
N ASP CA 1020 -14.91 96.39 72.45
CA ASP CA 1020 -15.97 95.53 72.95
C ASP CA 1020 -15.94 94.14 72.34
N GLN CA 1021 -15.22 93.94 71.24
CA GLN CA 1021 -15.14 92.66 70.55
C GLN CA 1021 -14.01 91.78 71.07
N VAL CA 1022 -13.29 92.20 72.11
CA VAL CA 1022 -12.17 91.45 72.64
C VAL CA 1022 -12.57 90.83 73.99
N PRO CA 1023 -12.24 89.57 74.24
CA PRO CA 1023 -12.58 88.98 75.54
C PRO CA 1023 -11.78 89.60 76.68
N SER CA 1024 -12.34 89.50 77.88
CA SER CA 1024 -11.65 89.97 79.07
C SER CA 1024 -10.42 89.13 79.36
N TYR CA 1025 -9.35 89.79 79.81
CA TYR CA 1025 -8.05 89.17 80.00
C TYR CA 1025 -7.41 89.78 81.24
N ILE CA 1026 -7.44 89.03 82.34
CA ILE CA 1026 -6.90 89.47 83.61
C ILE CA 1026 -5.76 88.54 84.00
N PRO CA 1027 -4.51 88.95 83.83
CA PRO CA 1027 -3.38 88.07 84.09
C PRO CA 1027 -3.02 88.06 85.59
N LEU CA 1028 -1.94 87.36 85.90
CA LEU CA 1028 -1.41 87.29 87.26
C LEU CA 1028 -0.07 88.02 87.30
N VAL CA 1029 0.03 89.01 88.18
CA VAL CA 1029 1.21 89.87 88.27
C VAL CA 1029 1.86 89.66 89.63
N LYS CA 1030 3.14 89.31 89.62
CA LYS CA 1030 3.95 89.15 90.82
C LYS CA 1030 5.02 90.22 90.83
N THR CA 1031 4.95 91.15 91.79
CA THR CA 1031 5.91 92.24 91.87
C THR CA 1031 7.18 91.76 92.60
N ARG CA 1032 8.10 92.68 92.87
CA ARG CA 1032 9.39 92.31 93.45
C ARG CA 1032 9.28 91.98 94.93
N TYR CA 1033 8.46 92.70 95.67
CA TYR CA 1033 8.35 92.50 97.11
C TYR CA 1033 7.35 91.41 97.48
N GLU CA 1034 6.62 90.88 96.51
CA GLU CA 1034 5.65 89.82 96.76
C GLU CA 1034 6.33 88.45 96.72
N SER CA 1035 5.59 87.43 97.16
CA SER CA 1035 6.07 86.06 97.14
C SER CA 1035 5.08 85.10 96.50
N SER CA 1036 3.87 85.54 96.18
CA SER CA 1036 2.87 84.71 95.52
C SER CA 1036 2.28 85.48 94.35
N PHE CA 1037 1.91 84.75 93.31
CA PHE CA 1037 1.36 85.36 92.10
C PHE CA 1037 -0.06 85.83 92.38
N ARG CA 1038 -0.22 87.11 92.70
CA ARG CA 1038 -1.54 87.65 92.97
C ARG CA 1038 -2.27 87.94 91.66
N ASP CA 1039 -3.40 88.62 91.74
CA ASP CA 1039 -4.22 88.90 90.56
C ASP CA 1039 -4.12 90.38 90.21
N ALA CA 1040 -3.94 90.66 88.92
CA ALA CA 1040 -3.80 92.02 88.44
C ALA CA 1040 -5.11 92.79 88.58
N MET CA 1041 -4.99 94.08 88.89
CA MET CA 1041 -6.15 94.92 89.17
C MET CA 1041 -6.62 95.73 87.96
N ILE CA 1042 -5.95 95.61 86.81
CA ILE CA 1042 -6.35 96.30 85.59
C ILE CA 1042 -6.32 95.32 84.43
N ASP CA 1043 -7.29 95.43 83.54
CA ASP CA 1043 -7.25 94.70 82.28
C ASP CA 1043 -6.30 95.42 81.33
N PRO CA 1044 -5.21 94.78 80.89
CA PRO CA 1044 -4.31 95.46 79.95
C PRO CA 1044 -4.94 95.72 78.59
N LEU CA 1045 -5.87 94.88 78.16
CA LEU CA 1045 -6.45 95.02 76.83
C LEU CA 1045 -7.47 96.15 76.75
N HIS CA 1046 -8.24 96.38 77.81
CA HIS CA 1046 -9.36 97.30 77.79
C HIS CA 1046 -9.03 98.67 78.35
N VAL CA 1047 -7.76 98.98 78.58
CA VAL CA 1047 -7.33 100.30 79.02
C VAL CA 1047 -6.74 101.04 77.82
N LYS CA 1048 -7.16 102.28 77.62
CA LYS CA 1048 -6.81 102.99 76.39
C LYS CA 1048 -6.69 104.48 76.68
N ARG CA 1049 -5.96 105.16 75.79
CA ARG CA 1049 -5.84 106.61 75.84
C ARG CA 1049 -7.16 107.22 75.35
N GLU CA 1050 -7.91 107.84 76.26
CA GLU CA 1050 -9.23 108.34 75.93
C GLU CA 1050 -9.12 109.67 75.18
N SER CA 1051 -10.16 109.96 74.39
CA SER CA 1051 -10.21 111.22 73.67
C SER CA 1051 -10.56 112.33 74.64
N LEU CA 1052 -9.64 113.29 74.78
CA LEU CA 1052 -9.81 114.37 75.74
C LEU CA 1052 -10.83 115.39 75.24
N ASN CA 1053 -11.50 116.03 76.19
CA ASN CA 1053 -12.50 117.06 75.88
C ASN CA 1053 -11.75 118.38 75.70
N TRP CA 1054 -11.37 118.67 74.45
CA TRP CA 1054 -10.48 119.79 74.19
C TRP CA 1054 -11.19 121.14 74.32
N ASN CA 1055 -12.53 121.15 74.27
CA ASN CA 1055 -13.29 122.39 74.41
C ASN CA 1055 -13.10 122.99 75.80
N GLN CA 1056 -13.28 122.18 76.85
CA GLN CA 1056 -13.08 122.66 78.21
C GLN CA 1056 -11.63 122.97 78.49
N ILE CA 1057 -10.70 122.22 77.87
CA ILE CA 1057 -9.27 122.48 78.02
C ILE CA 1057 -8.94 123.87 77.47
N ASP CA 1058 -9.41 124.16 76.25
CA ASP CA 1058 -9.18 125.48 75.67
C ASP CA 1058 -9.90 126.57 76.45
N GLN CA 1059 -11.08 126.26 77.01
CA GLN CA 1059 -11.83 127.25 77.77
C GLN CA 1059 -11.08 127.64 79.05
N VAL CA 1060 -10.57 126.65 79.79
CA VAL CA 1060 -9.83 126.95 81.01
C VAL CA 1060 -8.44 127.49 80.71
N LEU CA 1061 -7.90 127.20 79.53
CA LEU CA 1061 -6.60 127.76 79.14
C LEU CA 1061 -6.73 129.19 78.63
N ALA CA 1062 -7.94 129.63 78.27
CA ALA CA 1062 -8.19 131.00 77.87
C ALA CA 1062 -8.57 131.92 79.03
N GLY CA 1063 -8.53 131.42 80.26
CA GLY CA 1063 -8.89 132.22 81.41
C GLY CA 1063 -10.34 132.14 81.84
N TYR CA 1064 -11.09 131.17 81.33
CA TYR CA 1064 -12.49 130.98 81.69
C TYR CA 1064 -12.67 129.81 82.66
N GLY CA 1065 -11.74 129.64 83.59
CA GLY CA 1065 -11.79 128.55 84.54
C GLY CA 1065 -12.71 128.76 85.72
N ASP CA 1066 -13.48 129.84 85.72
CA ASP CA 1066 -14.39 130.13 86.83
C ASP CA 1066 -15.77 129.51 86.63
N ASN CA 1067 -15.86 128.50 85.77
CA ASN CA 1067 -17.14 127.85 85.51
C ASN CA 1067 -17.68 127.12 86.74
N LEU CA 1068 -16.80 126.74 87.68
CA LEU CA 1068 -17.18 126.12 88.96
C LEU CA 1068 -17.95 124.82 88.76
N ILE CA 1069 -17.50 124.00 87.81
CA ILE CA 1069 -18.11 122.71 87.52
C ILE CA 1069 -17.03 121.64 87.68
N ASP CA 1070 -17.37 120.55 88.35
CA ASP CA 1070 -16.43 119.47 88.60
C ASP CA 1070 -16.13 118.72 87.30
N ARG CA 1071 -15.06 119.12 86.62
CA ARG CA 1071 -14.69 118.50 85.36
C ARG CA 1071 -14.16 117.09 85.57
N LYS CA 1072 -14.46 116.21 84.61
CA LYS CA 1072 -14.02 114.82 84.68
C LYS CA 1072 -12.54 114.65 84.38
N TRP CA 1073 -11.85 115.68 83.90
CA TRP CA 1073 -10.43 115.60 83.59
C TRP CA 1073 -9.64 116.48 84.56
N HIS CA 1074 -8.43 116.03 84.87
CA HIS CA 1074 -7.54 116.75 85.76
C HIS CA 1074 -6.28 117.14 85.01
N GLY CA 1075 -5.67 118.25 85.44
CA GLY CA 1075 -4.40 118.67 84.90
C GLY CA 1075 -3.25 117.90 85.52
N PHE CA 1076 -2.04 118.33 85.19
CA PHE CA 1076 -0.85 117.80 85.82
C PHE CA 1076 -0.85 118.14 87.31
N ARG CA 1077 -0.58 117.14 88.15
CA ARG CA 1077 -0.65 117.30 89.59
C ARG CA 1077 0.61 116.74 90.25
N ALA CA 1078 1.01 117.37 91.35
CA ALA CA 1078 2.13 116.89 92.14
C ALA CA 1078 1.89 117.27 93.60
N LYS CA 1079 1.97 116.27 94.48
CA LYS CA 1079 1.74 116.46 95.90
C LYS CA 1079 3.06 116.29 96.65
N TYR CA 1080 3.37 117.24 97.52
CA TYR CA 1080 4.62 117.25 98.26
C TYR CA 1080 4.34 117.17 99.75
N VAL CA 1081 5.15 116.37 100.45
CA VAL CA 1081 4.93 116.07 101.86
C VAL CA 1081 6.15 116.51 102.66
N VAL CA 1082 5.90 117.31 103.70
CA VAL CA 1082 6.96 117.76 104.61
C VAL CA 1082 7.01 116.81 105.79
N LEU CA 1083 8.19 116.25 106.06
CA LEU CA 1083 8.37 115.27 107.12
C LEU CA 1083 9.46 115.73 108.07
N PRO CA 1084 9.18 115.92 109.36
CA PRO CA 1084 10.23 116.27 110.32
C PRO CA 1084 11.19 115.11 110.51
N THR CA 1085 12.46 115.33 110.16
CA THR CA 1085 13.46 114.27 110.20
C THR CA 1085 14.58 114.54 111.20
N ASP CA 1086 15.29 115.66 111.07
CA ASP CA 1086 16.52 115.85 111.84
C ASP CA 1086 16.89 117.33 111.86
N ILE CA 1087 17.39 117.79 113.00
CA ILE CA 1087 17.92 119.15 113.13
C ILE CA 1087 19.31 119.20 112.49
N PRO CA 1088 19.63 120.26 111.74
CA PRO CA 1088 21.01 120.43 111.26
C PRO CA 1088 21.91 120.93 112.39
N PRO CA 1089 23.21 120.72 112.28
CA PRO CA 1089 24.13 121.28 113.28
C PRO CA 1089 24.13 122.80 113.24
N ASN CA 1090 24.41 123.40 114.39
CA ASN CA 1090 24.39 124.86 114.65
C ASN CA 1090 22.97 125.34 114.33
N THR CA 1091 22.84 126.52 113.71
CA THR CA 1091 21.55 127.15 113.36
C THR CA 1091 20.64 127.28 114.58
N TYR CA 1092 21.22 127.66 115.71
CA TYR CA 1092 20.46 127.80 116.94
C TYR CA 1092 19.53 129.00 116.90
N SER CA 1093 19.92 130.06 116.17
CA SER CA 1093 19.12 131.27 115.92
C SER CA 1093 18.67 131.97 117.21
N ASN CA 1104 15.52 124.72 120.62
CA ASN CA 1104 14.68 123.55 120.84
C ASN CA 1104 14.33 122.87 119.52
N PRO CA 1105 14.36 121.54 119.47
CA PRO CA 1105 14.03 120.82 118.24
C PRO CA 1105 12.55 120.64 117.97
N GLU CA 1106 11.67 121.26 118.76
CA GLU CA 1106 10.23 121.14 118.56
C GLU CA 1106 9.57 122.43 118.13
N GLU CA 1107 10.25 123.57 118.26
CA GLU CA 1107 9.71 124.86 117.84
C GLU CA 1107 10.40 125.45 116.61
N ILE CA 1108 11.60 124.96 116.27
CA ILE CA 1108 12.28 125.42 115.07
C ILE CA 1108 11.58 124.92 113.80
N ARG CA 1109 10.93 123.75 113.89
CA ARG CA 1109 10.17 123.25 112.73
C ARG CA 1109 8.91 124.08 112.50
N VAL CA 1110 8.34 124.64 113.56
CA VAL CA 1110 7.25 125.59 113.44
C VAL CA 1110 7.69 126.82 112.65
N GLU CA 1111 8.88 127.34 112.98
CA GLU CA 1111 9.44 128.45 112.21
C GLU CA 1111 9.78 128.06 110.79
N GLY CA 1112 10.17 126.79 110.56
CA GLY CA 1112 10.43 126.33 109.21
C GLY CA 1112 9.17 126.30 108.36
N LEU CA 1113 8.06 125.80 108.93
CA LEU CA 1113 6.78 125.86 108.23
C LEU CA 1113 6.33 127.30 108.01
N ARG CA 1114 6.58 128.17 109.00
CA ARG CA 1114 6.23 129.59 108.84
C ARG CA 1114 7.00 130.21 107.69
N ARG CA 1115 8.30 129.90 107.57
CA ARG CA 1115 9.11 130.44 106.48
C ARG CA 1115 8.67 129.86 105.14
N LEU CA 1116 8.29 128.58 105.11
CA LEU CA 1116 7.78 127.97 103.88
C LEU CA 1116 6.49 128.64 103.42
N ILE CA 1117 5.56 128.88 104.35
CA ILE CA 1117 4.30 129.55 104.01
C ILE CA 1117 4.57 130.99 103.59
N GLY CA 1118 5.50 131.66 104.25
CA GLY CA 1118 5.86 133.02 103.87
C GLY CA 1118 6.46 133.11 102.48
N SER CA 1119 7.34 132.16 102.14
CA SER CA 1119 7.93 132.12 100.80
C SER CA 1119 6.88 131.80 99.74
N ILE CA 1120 5.93 130.92 100.06
CA ILE CA 1120 4.88 130.57 99.11
C ILE CA 1120 3.98 131.77 98.86
N THR CA 1121 3.56 132.45 99.92
CA THR CA 1121 2.69 133.61 99.74
C THR CA 1121 3.45 134.78 99.15
N ARG CA 1122 4.77 134.85 99.36
CA ARG CA 1122 5.59 135.88 98.74
C ARG CA 1122 5.81 135.62 97.26
N SER CA 1123 5.63 134.36 96.82
CA SER CA 1123 5.78 134.02 95.41
C SER CA 1123 4.47 134.14 94.65
N ARG CA 1124 3.55 134.98 95.11
CA ARG CA 1124 2.24 135.12 94.49
C ARG CA 1124 2.35 135.82 93.13
N LEU CA 1125 1.63 135.30 92.15
CA LEU CA 1125 1.59 135.94 90.83
C LEU CA 1125 0.77 137.23 90.91
N ARG CA 1126 1.34 138.32 90.39
CA ARG CA 1126 0.75 139.64 90.53
C ARG CA 1126 0.75 140.33 89.17
N THR CA 1127 -0.24 141.20 88.97
CA THR CA 1127 -0.38 141.93 87.72
C THR CA 1127 0.66 143.04 87.62
N GLU CA 1128 0.78 143.62 86.43
CA GLU CA 1128 1.79 144.64 86.17
C GLU CA 1128 1.55 145.91 86.98
N LYS CA 1129 0.28 146.26 87.22
CA LYS CA 1129 -0.04 147.42 88.05
C LYS CA 1129 0.46 147.22 89.47
N GLU CA 1130 0.30 146.01 90.02
CA GLU CA 1130 0.88 145.70 91.31
C GLU CA 1130 2.36 145.33 91.23
N LYS CA 1131 2.86 145.02 90.03
CA LYS CA 1131 4.28 144.71 89.89
C LYS CA 1131 5.12 145.99 89.97
N LYS CA 1132 4.66 147.07 89.33
CA LYS CA 1132 5.42 148.32 89.39
C LYS CA 1132 5.35 148.95 90.77
N GLY CA 1133 4.23 148.81 91.46
CA GLY CA 1133 4.06 149.43 92.76
C GLY CA 1133 4.87 148.73 93.84
N ARG CA 1134 4.95 149.39 94.99
CA ARG CA 1134 5.68 148.85 96.13
C ARG CA 1134 4.75 148.53 97.29
N ARG CA 1138 3.51 147.48 101.82
CA ARG CA 1138 3.69 146.29 102.63
C ARG CA 1138 2.57 145.29 102.36
N GLU CA 1139 2.95 144.07 102.01
CA GLU CA 1139 1.98 143.01 101.74
C GLU CA 1139 1.36 142.53 103.05
N GLU CA 1140 0.22 141.85 102.91
CA GLU CA 1140 -0.47 141.29 104.06
C GLU CA 1140 0.33 140.15 104.68
N ILE CA 1141 0.11 139.92 105.97
CA ILE CA 1141 0.80 138.83 106.66
C ILE CA 1141 0.29 137.48 106.16
N GLN CA 1142 1.12 136.46 106.35
CA GLN CA 1142 0.76 135.11 105.95
C GLN CA 1142 -0.38 134.57 106.82
N PRO CA 1143 -1.24 133.71 106.27
CA PRO CA 1143 -2.26 133.06 107.10
C PRO CA 1143 -1.62 132.15 108.15
N GLU CA 1144 -2.27 132.08 109.31
CA GLU CA 1144 -1.74 131.31 110.42
C GLU CA 1144 -1.95 129.82 110.19
N VAL CA 1145 -0.92 129.03 110.50
CA VAL CA 1145 -1.03 127.58 110.61
C VAL CA 1145 -1.17 127.22 112.09
N MET CA 1146 -2.15 126.38 112.39
CA MET CA 1146 -2.55 126.11 113.76
C MET CA 1146 -2.16 124.68 114.16
N PHE CA 1147 -1.70 124.53 115.40
CA PHE CA 1147 -1.12 123.28 115.86
C PHE CA 1147 -1.96 122.69 116.99
N TYR CA 1148 -1.93 121.37 117.07
CA TYR CA 1148 -2.69 120.60 118.06
C TYR CA 1148 -2.03 119.24 118.18
N THR CA 1149 -2.53 118.45 119.12
CA THR CA 1149 -2.04 117.10 119.34
C THR CA 1149 -3.19 116.12 119.25
N GLY CA 1150 -2.91 114.93 118.70
CA GLY CA 1150 -3.92 113.92 118.54
C GLY CA 1150 -4.64 114.02 117.20
N PRO CA 1151 -5.79 113.34 117.08
CA PRO CA 1151 -6.55 113.37 115.84
C PRO CA 1151 -7.13 114.74 115.54
N LEU CA 1152 -7.35 114.99 114.24
CA LEU CA 1152 -7.89 116.27 113.78
C LEU CA 1152 -9.32 116.47 114.29
N TYR CA 1153 -10.11 115.39 114.34
CA TYR CA 1153 -11.49 115.49 114.80
C TYR CA 1153 -11.59 115.94 116.25
N ASN CA 1154 -10.58 115.63 117.06
CA ASN CA 1154 -10.51 116.15 118.42
C ASN CA 1154 -10.40 117.67 118.42
N PHE CA 1155 -9.59 118.23 117.52
CA PHE CA 1155 -9.48 119.68 117.41
C PHE CA 1155 -10.76 120.29 116.87
N ILE CA 1156 -11.40 119.62 115.90
CA ILE CA 1156 -12.67 120.11 115.34
C ILE CA 1156 -13.75 120.15 116.42
N ASN CA 1157 -13.82 119.11 117.26
CA ASN CA 1157 -14.75 119.13 118.39
C ASN CA 1157 -14.35 120.17 119.43
N GLU CA 1158 -13.05 120.37 119.65
CA GLU CA 1158 -12.56 121.36 120.60
C GLU CA 1158 -12.84 122.79 120.16
N GLN CA 1159 -13.11 123.01 118.87
CA GLN CA 1159 -13.47 124.34 118.39
C GLN CA 1159 -14.87 124.84 118.87
N GLN CA 1160 -15.57 124.23 119.82
CA GLN CA 1160 -16.90 124.72 120.22
C GLN CA 1160 -16.83 125.93 121.15
N THR CA 1161 -15.64 126.28 121.64
CA THR CA 1161 -15.50 127.28 122.69
C THR CA 1161 -15.95 128.66 122.23
N SER CA 1162 -16.56 129.41 123.15
CA SER CA 1162 -17.14 130.71 122.84
C SER CA 1162 -16.09 131.81 123.05
N LEU CA 1163 -15.09 131.78 122.19
CA LEU CA 1163 -14.04 132.80 122.19
C LEU CA 1163 -13.41 132.86 120.81
N GLU CA 1164 -13.09 134.09 120.38
CA GLU CA 1164 -12.38 134.41 119.14
C GLU CA 1164 -13.15 133.98 117.88
N SER CA 1165 -12.59 134.30 116.71
CA SER CA 1165 -13.13 133.80 115.45
C SER CA 1165 -12.06 133.37 114.46
N SER CA 1166 -10.78 133.54 114.77
CA SER CA 1166 -9.69 133.16 113.88
C SER CA 1166 -9.13 131.80 114.28
N ALA CA 1167 -9.99 130.78 114.19
CA ALA CA 1167 -9.61 129.41 114.54
C ALA CA 1167 -10.40 128.46 113.66
N ILE CA 1168 -9.77 128.03 112.55
CA ILE CA 1168 -10.34 127.15 111.54
C ILE CA 1168 -11.68 127.69 111.05
N ASN CA 1169 -11.65 128.87 110.44
CA ASN CA 1169 -12.87 129.50 109.93
C ASN CA 1169 -12.56 130.30 108.66
N PRO CA 1339 -22.09 123.96 105.40
CA PRO CA 1339 -21.12 124.00 106.50
C PRO CA 1339 -19.91 123.11 106.24
N ILE CA 1340 -19.22 123.34 105.14
CA ILE CA 1340 -18.01 122.61 104.79
C ILE CA 1340 -16.80 123.35 105.33
N LEU CA 1341 -15.82 122.60 105.81
CA LEU CA 1341 -14.62 123.16 106.45
C LEU CA 1341 -13.45 123.06 105.47
N MET CA 1342 -13.01 124.21 104.97
CA MET CA 1342 -11.87 124.26 104.06
C MET CA 1342 -10.58 124.12 104.84
N LEU CA 1343 -9.97 122.94 104.76
CA LEU CA 1343 -8.72 122.68 105.48
C LEU CA 1343 -7.50 123.33 104.83
N SER CA 1344 -7.64 123.82 103.59
CA SER CA 1344 -6.54 124.47 102.89
C SER CA 1344 -7.07 125.68 102.14
N ASN CA 1345 -6.13 126.43 101.56
CA ASN CA 1345 -6.43 127.62 100.77
C ASN CA 1345 -5.55 127.63 99.53
N SER CA 1346 -6.04 128.29 98.48
CA SER CA 1346 -5.42 128.20 97.17
C SER CA 1346 -5.02 129.60 96.67
N LEU CA 1347 -3.89 129.66 95.97
CA LEU CA 1347 -3.43 130.88 95.33
C LEU CA 1347 -2.55 130.52 94.14
N VAL CA 1348 -2.40 131.48 93.23
CA VAL CA 1348 -1.64 131.30 92.00
C VAL CA 1348 -0.24 131.88 92.21
N ILE CA 1349 0.77 131.14 91.76
CA ILE CA 1349 2.17 131.54 92.00
C ILE CA 1349 2.83 131.98 90.69
N ASP CA 1350 4.08 132.44 90.81
CA ASP CA 1350 4.81 133.12 89.74
C ASP CA 1350 6.16 132.43 89.51
N VAL CA 1351 6.10 131.11 89.28
CA VAL CA 1351 7.21 130.14 89.27
C VAL CA 1351 8.49 130.62 88.62
N ASP CA 1352 8.36 131.41 87.53
CA ASP CA 1352 9.53 131.98 86.87
C ASP CA 1352 9.59 133.48 87.14
N PRO CA 1353 10.37 133.94 88.12
CA PRO CA 1353 10.40 135.38 88.42
C PRO CA 1353 11.40 136.16 87.59
N ALA CA 1354 12.45 135.50 87.12
CA ALA CA 1354 13.57 136.16 86.46
C ALA CA 1354 13.34 136.41 84.97
N GLY CA 1355 12.19 136.02 84.42
CA GLY CA 1355 11.98 136.14 82.99
C GLY CA 1355 12.77 135.16 82.16
N LYS CA 1356 13.10 134.00 82.73
CA LYS CA 1356 13.85 132.98 81.99
C LYS CA 1356 13.05 132.44 80.82
N SER CA 1357 11.75 132.22 81.01
CA SER CA 1357 10.89 131.66 79.98
C SER CA 1357 10.17 132.78 79.23
N SER CA 1358 9.96 132.56 77.93
CA SER CA 1358 9.27 133.56 77.12
C SER CA 1358 7.77 133.58 77.37
N LYS CA 1359 7.21 132.52 77.94
CA LYS CA 1359 5.80 132.44 78.26
C LYS CA 1359 5.55 133.07 79.64
N GLN CA 1360 4.34 132.91 80.16
CA GLN CA 1360 4.00 133.26 81.53
C GLN CA 1360 3.79 131.97 82.31
N GLU CA 1361 4.49 131.84 83.43
CA GLU CA 1361 4.48 130.63 84.22
C GLU CA 1361 3.59 130.84 85.45
N SER CA 1362 2.67 129.91 85.69
CA SER CA 1362 1.71 130.05 86.78
C SER CA 1362 1.20 128.68 87.18
N CYS CA 1363 1.56 128.24 88.37
CA CYS CA 1363 1.00 127.03 88.97
C CYS CA 1363 -0.03 127.43 90.02
N THR CA 1364 -0.59 126.43 90.70
CA THR CA 1364 -1.51 126.65 91.80
C THR CA 1364 -1.07 125.82 93.00
N VAL CA 1365 -1.00 126.46 94.16
CA VAL CA 1365 -0.56 125.79 95.38
C VAL CA 1365 -1.74 125.71 96.35
N HIS CA 1366 -1.70 124.69 97.20
CA HIS CA 1366 -2.65 124.53 98.30
C HIS CA 1366 -1.86 124.11 99.53
N TYR CA 1367 -2.01 124.86 100.61
CA TYR CA 1367 -1.33 124.54 101.87
C TYR CA 1367 -2.34 124.46 102.99
N ASP CA 1368 -2.17 123.44 103.85
CA ASP CA 1368 -3.10 123.17 104.93
C ASP CA 1368 -3.00 124.24 106.01
N ARG CA 1369 -4.09 124.39 106.75
CA ARG CA 1369 -4.18 125.33 107.87
C ARG CA 1369 -3.99 124.65 109.21
N VAL CA 1370 -3.66 123.35 109.22
CA VAL CA 1370 -3.40 122.59 110.43
C VAL CA 1370 -2.09 121.83 110.25
N HIS CA 1371 -1.46 121.51 111.38
CA HIS CA 1371 -0.19 120.81 111.38
C HIS CA 1371 0.04 120.18 112.75
N ASN CA 1372 0.60 118.99 112.76
CA ASN CA 1372 1.03 118.31 113.97
C ASN CA 1372 2.45 117.78 113.79
N PRO CA 1373 3.21 117.64 114.89
CA PRO CA 1373 4.49 116.92 114.79
C PRO CA 1373 4.33 115.46 114.39
N ASP CA 1374 3.19 114.84 114.69
CA ASP CA 1374 2.92 113.45 114.34
C ASP CA 1374 2.13 113.29 113.06
N HIS CA 1375 1.81 114.39 112.38
CA HIS CA 1375 1.02 114.35 111.15
C HIS CA 1375 1.78 115.07 110.05
N CYS CA 1376 1.86 114.44 108.87
CA CYS CA 1376 2.63 115.02 107.78
C CYS CA 1376 1.93 116.25 107.20
N PHE CA 1377 2.74 117.15 106.64
CA PHE CA 1377 2.23 118.39 106.07
C PHE CA 1377 2.12 118.26 104.56
N HIS CA 1378 1.01 118.77 104.01
CA HIS CA 1378 0.68 118.59 102.61
C HIS CA 1378 0.82 119.92 101.86
N ILE CA 1379 1.67 119.90 100.82
CA ILE CA 1379 1.78 120.99 99.86
C ILE CA 1379 1.51 120.39 98.48
N ARG CA 1380 0.59 121.00 97.73
CA ARG CA 1380 0.17 120.47 96.45
C ARG CA 1380 0.44 121.48 95.34
N LEU CA 1381 0.57 120.97 94.11
CA LEU CA 1381 0.93 121.78 92.96
C LEU CA 1381 0.11 121.31 91.76
N GLU CA 1382 -0.79 122.16 91.29
CA GLU CA 1382 -1.64 121.86 90.13
C GLU CA 1382 -1.25 122.81 89.00
N TRP CA 1383 -0.91 122.23 87.85
CA TRP CA 1383 -0.53 123.03 86.69
C TRP CA 1383 -1.02 122.34 85.42
N LEU CA 1384 -1.11 123.11 84.36
CA LEU CA 1384 -1.66 122.62 83.11
C LEU CA 1384 -0.72 122.80 81.93
N THR CA 1385 0.03 123.91 81.88
CA THR CA 1385 0.87 124.19 80.72
C THR CA 1385 2.23 124.76 81.12
N THR CA 1386 2.66 124.59 82.36
CA THR CA 1386 3.92 125.17 82.78
C THR CA 1386 5.10 124.29 82.37
N THR CA 1387 6.28 124.90 82.36
CA THR CA 1387 7.49 124.18 82.03
C THR CA 1387 7.91 123.31 83.21
N PRO CA 1388 8.14 122.00 83.00
CA PRO CA 1388 8.50 121.13 84.13
C PRO CA 1388 9.99 121.13 84.45
N LYS CA 1389 10.61 122.30 84.42
CA LYS CA 1389 11.94 122.51 84.97
C LYS CA 1389 12.00 123.70 85.93
N LEU CA 1390 11.24 124.76 85.64
CA LEU CA 1390 11.17 125.89 86.57
C LEU CA 1390 10.45 125.49 87.86
N ILE CA 1391 9.43 124.64 87.75
CA ILE CA 1391 8.78 124.10 88.93
C ILE CA 1391 9.74 123.18 89.70
N ASP CA 1392 10.66 122.51 88.99
CA ASP CA 1392 11.63 121.66 89.66
C ASP CA 1392 12.61 122.46 90.50
N ASP CA 1393 13.12 123.58 89.97
CA ASP CA 1393 14.01 124.39 90.80
C ASP CA 1393 13.25 125.19 91.86
N LEU CA 1394 11.95 125.48 91.64
CA LEU CA 1394 11.15 126.03 92.72
C LEU CA 1394 11.00 125.04 93.87
N VAL CA 1395 10.76 123.76 93.55
CA VAL CA 1395 10.70 122.71 94.56
C VAL CA 1395 12.05 122.55 95.24
N GLY CA 1396 13.14 122.68 94.47
CA GLY CA 1396 14.47 122.62 95.06
C GLY CA 1396 14.75 123.76 96.01
N ASN CA 1397 14.30 124.98 95.66
CA ASN CA 1397 14.42 126.13 96.55
C ASN CA 1397 13.62 125.91 97.83
N TRP CA 1398 12.40 125.38 97.70
CA TRP CA 1398 11.59 125.07 98.88
C TRP CA 1398 12.27 124.02 99.76
N SER CA 1399 12.86 122.99 99.13
CA SER CA 1399 13.56 121.95 99.87
C SER CA 1399 14.78 122.48 100.58
N ARG CA 1400 15.55 123.37 99.94
CA ARG CA 1400 16.70 123.99 100.58
C ARG CA 1400 16.28 124.87 101.75
N LEU CA 1401 15.21 125.67 101.57
CA LEU CA 1401 14.70 126.51 102.64
C LEU CA 1401 14.22 125.66 103.82
N CYS CA 1402 13.65 124.49 103.53
CA CYS CA 1402 13.33 123.53 104.58
C CYS CA 1402 14.60 123.06 105.27
N GLU CA 1403 15.59 122.60 104.50
CA GLU CA 1403 16.78 121.94 105.06
C GLU CA 1403 17.70 122.90 105.80
N ARG CA 1404 17.55 124.22 105.64
CA ARG CA 1404 18.24 125.14 106.53
C ARG CA 1404 17.75 124.97 107.97
N TYR CA 1405 16.44 124.84 108.15
CA TYR CA 1405 15.82 124.39 109.38
C TYR CA 1405 15.78 122.86 109.38
N GLY CA 1406 14.93 122.26 110.21
CA GLY CA 1406 14.78 120.81 110.20
C GLY CA 1406 13.98 120.31 109.01
N LEU CA 1407 13.08 119.33 109.23
CA LEU CA 1407 12.18 118.78 108.22
C LEU CA 1407 12.87 118.14 107.03
N LYS CA 1408 12.07 117.60 106.10
CA LYS CA 1408 12.59 117.08 104.83
C LYS CA 1408 11.41 117.00 103.86
N MET CA 1409 11.43 117.83 102.82
CA MET CA 1409 10.36 117.83 101.85
C MET CA 1409 10.46 116.60 100.94
N ILE CA 1410 9.35 115.88 100.79
CA ILE CA 1410 9.32 114.67 99.99
C ILE CA 1410 8.08 114.72 99.10
N GLU CA 1411 8.10 113.94 98.03
CA GLU CA 1411 6.98 113.85 97.10
C GLU CA 1411 6.44 112.43 97.07
N ILE CA 1412 5.11 112.32 97.03
CA ILE CA 1412 4.43 111.03 96.94
C ILE CA 1412 3.42 111.13 95.81
N PRO CA 1413 3.01 109.98 95.22
CA PRO CA 1413 1.97 110.03 94.19
C PRO CA 1413 0.65 110.59 94.69
N TRP CA 1414 -0.01 111.35 93.82
CA TRP CA 1414 -1.26 112.02 94.16
C TRP CA 1414 -2.36 111.01 94.45
N GLU CA 1415 -2.42 109.93 93.65
CA GLU CA 1415 -3.44 108.91 93.84
C GLU CA 1415 -3.14 108.06 95.06
N GLU CA 1416 -4.12 107.25 95.45
CA GLU CA 1416 -3.97 106.39 96.61
C GLU CA 1416 -2.95 105.28 96.34
N LEU CA 1417 -2.39 104.75 97.43
CA LEU CA 1417 -1.43 103.66 97.32
C LEU CA 1417 -2.10 102.39 96.80
N CYS CA 1418 -3.38 102.18 97.12
CA CYS CA 1418 -4.10 100.98 96.71
C CYS CA 1418 -4.41 100.95 95.22
N THR CA 1419 -4.20 102.05 94.50
CA THR CA 1419 -4.55 102.14 93.09
C THR CA 1419 -3.36 102.00 92.14
N ILE CA 1420 -2.15 101.96 92.69
CA ILE CA 1420 -0.92 101.93 91.82
C ILE CA 1420 -0.91 100.67 90.93
N PRO CA 1421 -1.35 99.46 91.35
CA PRO CA 1421 -1.39 98.32 90.43
C PRO CA 1421 -2.33 98.63 89.27
N SER CA 1422 -3.41 99.36 89.54
CA SER CA 1422 -4.38 99.70 88.51
C SER CA 1422 -3.94 100.88 87.66
N VAL CA 1423 -2.72 101.37 87.85
CA VAL CA 1423 -2.17 102.44 87.01
C VAL CA 1423 -0.81 101.99 86.47
N ASN CA 1424 0.07 101.56 87.36
CA ASN CA 1424 1.45 101.20 87.03
C ASN CA 1424 1.67 99.75 87.42
N PRO CA 1425 1.43 98.80 86.51
CA PRO CA 1425 1.59 97.38 86.85
C PRO CA 1425 3.02 96.97 87.16
N PHE CA 1426 4.02 97.74 86.74
CA PHE CA 1426 5.41 97.43 87.04
C PHE CA 1426 5.82 97.87 88.45
N HIS CA 1427 4.97 98.63 89.13
CA HIS CA 1427 5.31 99.15 90.44
C HIS CA 1427 5.33 98.04 91.48
N SER CA 1428 6.30 98.10 92.38
CA SER CA 1428 6.36 97.16 93.48
C SER CA 1428 5.25 97.45 94.48
N PHE CA 1429 4.52 96.41 94.88
CA PHE CA 1429 3.34 96.57 95.72
C PHE CA 1429 3.06 95.23 96.37
N VAL CA 1430 3.16 95.17 97.70
CA VAL CA 1430 2.94 93.95 98.45
C VAL CA 1430 1.91 94.22 99.54
N GLU CA 1431 0.95 93.31 99.68
CA GLU CA 1431 -0.01 93.37 100.78
C GLU CA 1431 0.49 92.52 101.94
N ILE CA 1432 0.34 93.05 103.14
CA ILE CA 1432 0.89 92.44 104.35
C ILE CA 1432 -0.25 92.01 105.25
N LYS CA 1433 -0.39 90.70 105.46
CA LYS CA 1433 -1.25 90.16 106.50
C LYS CA 1433 -0.37 89.84 107.69
N LEU CA 1434 -0.46 90.66 108.74
CA LEU CA 1434 0.45 90.57 109.87
C LEU CA 1434 0.23 89.28 110.65
N ALA CA 1435 1.29 88.85 111.34
CA ALA CA 1435 1.32 87.51 111.92
C ALA CA 1435 0.31 87.35 113.05
N ILE CA 1436 0.22 88.34 113.94
CA ILE CA 1436 -0.67 88.27 115.09
C ILE CA 1436 -1.83 89.24 114.85
N ASN CA 1437 -3.05 88.70 114.86
CA ASN CA 1437 -4.25 89.51 114.76
C ASN CA 1437 -4.62 89.99 116.17
N PRO CA 1438 -4.55 91.29 116.46
CA PRO CA 1438 -4.84 91.75 117.82
C PRO CA 1438 -6.31 91.74 118.19
N TRP CA 1439 -7.22 91.52 117.24
CA TRP CA 1439 -8.64 91.50 117.55
C TRP CA 1439 -9.12 90.17 118.12
N GLU CA 1440 -8.32 89.11 118.02
CA GLU CA 1440 -8.75 87.80 118.50
C GLU CA 1440 -7.68 87.03 119.25
N ASP CA 1441 -6.48 87.58 119.43
CA ASP CA 1441 -5.44 86.87 120.16
C ASP CA 1441 -5.76 86.86 121.64
N PRO CA 1442 -5.65 85.71 122.32
CA PRO CA 1442 -5.90 85.68 123.77
C PRO CA 1442 -4.94 86.53 124.58
N GLU CA 1443 -3.69 86.65 124.14
CA GLU CA 1443 -2.73 87.48 124.86
C GLU CA 1443 -3.05 88.97 124.73
N PHE CA 1444 -3.75 89.37 123.66
CA PHE CA 1444 -3.98 90.79 123.35
C PHE CA 1444 -5.45 90.93 122.96
N LYS CA 1445 -6.30 91.24 123.94
CA LYS CA 1445 -7.73 91.39 123.67
C LYS CA 1445 -8.38 92.17 124.81
N ASP CA 1446 -9.17 93.18 124.45
CA ASP CA 1446 -9.97 93.94 125.41
C ASP CA 1446 -11.03 94.69 124.64
N ARG CA 1447 -12.29 94.60 125.11
CA ARG CA 1447 -13.37 95.31 124.45
C ARG CA 1447 -13.30 96.82 124.70
N GLU CA 1448 -12.83 97.22 125.88
CA GLU CA 1448 -12.69 98.65 126.18
C GLU CA 1448 -11.63 99.30 125.31
N LEU CA 1449 -10.52 98.60 125.07
CA LEU CA 1449 -9.46 99.13 124.22
C LEU CA 1449 -9.96 99.33 122.79
N PHE CA 1450 -10.72 98.36 122.26
CA PHE CA 1450 -11.25 98.50 120.90
C PHE CA 1450 -12.37 99.53 120.84
N ALA CA 1451 -13.07 99.75 121.95
CA ALA CA 1451 -14.00 100.87 122.02
C ALA CA 1451 -13.27 102.21 121.96
N LYS CA 1452 -12.11 102.30 122.64
CA LYS CA 1452 -11.34 103.53 122.59
C LYS CA 1452 -10.56 103.65 121.28
N SER CA 1453 -9.72 102.65 120.98
CA SER CA 1453 -8.89 102.66 119.77
C SER CA 1453 -8.88 101.25 119.18
N LYS CA 1454 -9.67 101.05 118.13
CA LYS CA 1454 -9.75 99.74 117.48
C LYS CA 1454 -8.43 99.34 116.85
N PHE CA 1455 -7.76 100.27 116.18
CA PHE CA 1455 -6.49 100.01 115.51
C PHE CA 1455 -5.29 100.47 116.34
N TYR CA 1456 -5.38 100.35 117.67
CA TYR CA 1456 -4.32 100.82 118.55
C TYR CA 1456 -3.01 100.07 118.31
N TYR CA 1457 -3.08 98.75 118.16
CA TYR CA 1457 -1.87 97.96 118.00
C TYR CA 1457 -1.21 98.21 116.65
N HIS CA 1458 -2.03 98.36 115.60
CA HIS CA 1458 -1.48 98.63 114.27
C HIS CA 1458 -0.84 100.02 114.19
N VAL CA 1459 -1.49 101.02 114.80
CA VAL CA 1459 -0.93 102.37 114.83
C VAL CA 1459 0.36 102.40 115.64
N TYR CA 1460 0.41 101.67 116.76
CA TYR CA 1460 1.65 101.59 117.53
C TYR CA 1460 2.74 100.84 116.77
N LEU CA 1461 2.37 99.81 116.00
CA LEU CA 1461 3.34 99.11 115.17
C LEU CA 1461 3.92 100.03 114.10
N LEU CA 1462 3.08 100.84 113.46
CA LEU CA 1462 3.54 101.79 112.47
C LEU CA 1462 4.38 102.89 113.09
N LYS CA 1463 4.07 103.29 114.33
CA LYS CA 1463 4.85 104.29 115.04
C LYS CA 1463 6.22 103.77 115.43
N ALA CA 1464 6.29 102.52 115.90
CA ALA CA 1464 7.57 101.93 116.30
C ALA CA 1464 8.44 101.59 115.09
N SER CA 1465 7.84 101.43 113.92
CA SER CA 1465 8.60 101.18 112.70
C SER CA 1465 8.95 102.46 111.96
N GLY CA 1466 8.60 103.63 112.49
CA GLY CA 1466 9.00 104.88 111.88
C GLY CA 1466 8.14 105.27 110.69
N PHE CA 1467 6.86 105.52 110.93
CA PHE CA 1467 5.95 105.99 109.90
C PHE CA 1467 5.15 107.18 110.42
N LEU CA 1468 4.75 108.05 109.51
CA LEU CA 1468 3.94 109.22 109.82
C LEU CA 1468 2.61 109.11 109.09
N LEU CA 1469 1.54 109.56 109.76
CA LEU CA 1469 0.21 109.46 109.17
C LEU CA 1469 0.06 110.47 108.03
N ASP CA 1470 -0.41 109.97 106.88
CA ASP CA 1470 -0.66 110.83 105.72
C ASP CA 1470 -2.09 111.38 105.74
N ASN CA 1471 -3.08 110.49 105.80
CA ASN CA 1471 -4.48 110.89 105.84
C ASN CA 1471 -4.82 111.38 107.25
N ARG CA 1472 -4.63 112.67 107.48
CA ARG CA 1472 -4.96 113.24 108.78
C ARG CA 1472 -6.45 113.45 108.96
N ALA CA 1473 -7.22 113.42 107.88
CA ALA CA 1473 -8.64 113.76 107.89
C ALA CA 1473 -9.50 112.56 107.52
N SER CA 1474 -9.09 111.37 107.97
CA SER CA 1474 -9.78 110.14 107.64
C SER CA 1474 -10.72 109.73 108.78
N LYS CA 1475 -11.39 108.60 108.59
CA LYS CA 1475 -12.43 108.14 109.51
C LYS CA 1475 -12.16 106.73 110.02
N PHE CA 1476 -10.90 106.29 110.03
CA PHE CA 1476 -10.55 104.96 110.49
C PHE CA 1476 -9.77 104.94 111.79
N LEU CA 1477 -9.39 106.09 112.33
CA LEU CA 1477 -8.64 106.14 113.59
C LEU CA 1477 -9.37 106.89 114.68
N GLN CA 1478 -10.00 108.01 114.35
CA GLN CA 1478 -10.73 108.82 115.33
C GLN CA 1478 -12.16 108.30 115.49
N ASN CA 1479 -12.74 108.57 116.65
CA ASN CA 1479 -14.11 108.17 116.94
C ASN CA 1479 -14.82 109.36 117.63
N GLN CA 1480 -15.36 110.25 116.81
CA GLN CA 1480 -16.13 111.41 117.27
C GLN CA 1480 -17.12 111.81 116.18
N ASP CA 1481 -17.78 112.94 116.37
CA ASP CA 1481 -18.72 113.49 115.43
C ASP CA 1481 -18.08 114.64 114.66
N ILE CA 1482 -18.88 115.34 113.84
CA ILE CA 1482 -18.38 116.40 112.98
C ILE CA 1482 -19.53 117.35 112.66
N GLU CA 1483 -19.20 118.58 112.30
CA GLU CA 1483 -20.17 119.57 111.84
C GLU CA 1483 -20.15 119.56 110.31
N PHE CA 1484 -20.84 118.57 109.73
CA PHE CA 1484 -20.87 118.23 108.30
C PHE CA 1484 -19.49 117.87 107.76
N ASP CA 1485 -19.45 117.49 106.47
CA ASP CA 1485 -18.23 116.94 105.89
C ASP CA 1485 -17.16 118.02 105.72
N ILE CA 1486 -15.90 117.59 105.76
CA ILE CA 1486 -14.75 118.46 105.56
C ILE CA 1486 -14.25 118.27 104.13
N MET CA 1487 -14.00 119.39 103.44
CA MET CA 1487 -13.59 119.37 102.05
C MET CA 1487 -12.31 120.19 101.88
N TYR CA 1488 -11.34 119.62 101.20
CA TYR CA 1488 -10.08 120.31 100.93
C TYR CA 1488 -10.29 121.40 99.88
N SER CA 1489 -9.28 122.24 99.72
CA SER CA 1489 -9.35 123.33 98.74
C SER CA 1489 -9.24 122.82 97.30
N TRP CA 1490 -8.71 121.63 97.10
CA TRP CA 1490 -8.56 121.06 95.77
C TRP CA 1490 -9.70 120.13 95.39
N GLY CA 1491 -10.27 119.41 96.36
CA GLY CA 1491 -11.40 118.56 96.08
C GLY CA 1491 -11.76 117.72 97.29
N LYS CA 1492 -12.75 116.87 97.09
CA LYS CA 1492 -13.19 115.96 98.13
C LYS CA 1492 -12.16 114.84 98.33
N PRO CA 1493 -11.80 114.51 99.58
CA PRO CA 1493 -10.82 113.43 99.79
C PRO CA 1493 -11.41 112.06 99.51
N GLN CA 1494 -11.01 111.48 98.39
CA GLN CA 1494 -11.48 110.15 97.98
C GLN CA 1494 -10.43 109.09 98.34
N PHE CA 1495 -10.27 108.88 99.63
CA PHE CA 1495 -9.30 107.92 100.15
C PHE CA 1495 -10.04 106.75 100.78
N LYS CA 1496 -9.79 105.54 100.30
CA LYS CA 1496 -10.48 104.37 100.83
C LYS CA 1496 -9.95 103.97 102.20
N TYR CA 1497 -8.62 104.06 102.39
CA TYR CA 1497 -7.98 103.64 103.63
C TYR CA 1497 -7.03 104.73 104.11
N VAL CA 1498 -6.62 104.62 105.38
CA VAL CA 1498 -5.63 105.53 105.92
C VAL CA 1498 -4.27 105.25 105.31
N GLN CA 1499 -3.55 106.31 104.96
CA GLN CA 1499 -2.23 106.19 104.33
C GLN CA 1499 -1.16 106.64 105.32
N TYR CA 1500 -0.01 105.98 105.25
CA TYR CA 1500 1.12 106.27 106.13
C TYR CA 1500 2.38 106.46 105.30
N ILE CA 1501 3.21 107.41 105.71
CA ILE CA 1501 4.44 107.75 105.00
C ILE CA 1501 5.61 107.50 105.94
N HIS CA 1502 6.62 106.78 105.44
CA HIS CA 1502 7.86 106.61 106.18
C HIS CA 1502 8.55 107.95 106.38
N HIS CA 1503 9.13 108.15 107.57
CA HIS CA 1503 9.82 109.39 107.87
C HIS CA 1503 11.06 109.60 107.00
N THR CA 1504 11.66 108.51 106.50
CA THR CA 1504 12.75 108.65 105.53
C THR CA 1504 12.26 109.27 104.24
N GLY CA 1505 11.04 108.93 103.81
CA GLY CA 1505 10.53 109.36 102.53
C GLY CA 1505 10.67 108.37 101.40
N ALA CA 1506 11.01 107.11 101.70
CA ALA CA 1506 11.28 106.12 100.67
C ALA CA 1506 10.13 105.16 100.43
N TYR CA 1507 9.34 104.86 101.46
CA TYR CA 1507 8.26 103.87 101.35
C TYR CA 1507 6.95 104.48 101.82
N VAL CA 1508 5.85 103.93 101.31
CA VAL CA 1508 4.51 104.37 101.67
C VAL CA 1508 3.74 103.17 102.19
N ALA CA 1509 3.10 103.33 103.34
CA ALA CA 1509 2.28 102.28 103.95
C ALA CA 1509 0.81 102.68 103.94
N GLU CA 1510 -0.06 101.66 103.97
CA GLU CA 1510 -1.50 101.87 103.97
C GLU CA 1510 -2.16 100.77 104.79
N LEU CA 1511 -3.02 101.17 105.72
CA LEU CA 1511 -3.66 100.26 106.65
C LEU CA 1511 -5.11 100.03 106.24
N ARG CA 1512 -5.49 98.76 106.06
CA ARG CA 1512 -6.81 98.40 105.59
C ARG CA 1512 -7.79 98.27 106.77
N GLU CA 1513 -9.05 97.97 106.43
CA GLU CA 1513 -10.08 97.81 107.45
C GLU CA 1513 -9.92 96.51 108.22
N ASN CA 1514 -9.50 95.44 107.55
CA ASN CA 1514 -9.40 94.13 108.18
C ASN CA 1514 -8.02 93.85 108.77
N GLY CA 1515 -7.25 94.90 109.08
CA GLY CA 1515 -5.95 94.73 109.71
C GLY CA 1515 -4.80 94.48 108.76
N CYS CA 1516 -5.08 94.32 107.47
CA CYS CA 1516 -4.03 94.11 106.48
C CYS CA 1516 -3.31 95.42 106.21
N LEU CA 1517 -2.03 95.32 105.88
CA LEU CA 1517 -1.20 96.48 105.60
C LEU CA 1517 -0.71 96.45 104.16
N PHE CA 1518 -0.72 97.62 103.52
CA PHE CA 1518 -0.11 97.76 102.21
C PHE CA 1518 1.28 98.35 102.37
N LEU CA 1519 2.14 98.04 101.42
CA LEU CA 1519 3.55 98.42 101.54
C LEU CA 1519 4.17 98.53 100.15
N ALA CA 1520 4.77 99.69 99.86
CA ALA CA 1520 5.30 99.96 98.53
C ALA CA 1520 6.30 101.10 98.64
N PRO CA 1521 7.33 101.13 97.79
CA PRO CA 1521 8.31 102.21 97.85
C PRO CA 1521 7.90 103.43 97.03
N ASN CA 1522 8.51 104.56 97.38
CA ASN CA 1522 8.29 105.81 96.67
C ASN CA 1522 9.33 105.92 95.55
N ASN CA 1523 8.89 105.67 94.32
CA ASN CA 1523 9.82 105.60 93.19
C ASN CA 1523 10.33 106.97 92.78
N ILE CA 1524 9.56 108.03 93.04
CA ILE CA 1524 9.94 109.37 92.62
C ILE CA 1524 11.13 109.87 93.43
N TYR CA 1525 11.14 109.61 94.74
CA TYR CA 1525 12.28 110.00 95.58
C TYR CA 1525 13.53 109.21 95.21
N ILE CA 1526 13.37 107.92 94.92
CA ILE CA 1526 14.51 107.08 94.55
C ILE CA 1526 15.08 107.53 93.20
N SER CA 1527 14.22 107.85 92.23
CA SER CA 1527 14.70 108.34 90.95
C SER CA 1527 15.34 109.73 91.07
N ARG CA 1528 14.76 110.60 91.91
CA ARG CA 1528 15.33 111.93 92.10
C ARG CA 1528 16.65 111.87 92.86
N VAL CA 1529 16.73 111.00 93.85
CA VAL CA 1529 17.94 110.86 94.65
C VAL CA 1529 18.54 109.47 94.46
N ALA CA 1548 19.08 100.78 99.85
CA ALA CA 1548 17.84 101.48 100.12
C ALA CA 1548 16.65 100.53 100.00
N GLN CA 1549 16.94 99.24 99.87
CA GLN CA 1549 15.91 98.22 99.76
C GLN CA 1549 15.84 97.29 100.97
N LYS CA 1550 16.82 97.34 101.87
CA LYS CA 1550 16.82 96.48 103.04
C LYS CA 1550 15.86 96.97 104.14
N VAL CA 1551 15.52 98.26 104.15
CA VAL CA 1551 14.65 98.78 105.20
C VAL CA 1551 13.22 98.28 105.02
N ILE CA 1552 12.71 98.30 103.79
CA ILE CA 1552 11.35 97.82 103.54
C ILE CA 1552 11.26 96.31 103.75
N LEU CA 1553 12.32 95.57 103.41
CA LEU CA 1553 12.34 94.14 103.67
C LEU CA 1553 12.43 93.86 105.17
N ASN CA 1554 13.14 94.69 105.92
CA ASN CA 1554 13.18 94.56 107.37
C ASN CA 1554 11.82 94.83 107.99
N PHE CA 1555 11.11 95.84 107.48
CA PHE CA 1555 9.75 96.11 107.96
C PHE CA 1555 8.80 94.96 107.63
N LYS CA 1556 8.97 94.36 106.45
CA LYS CA 1556 8.18 93.19 106.09
C LYS CA 1556 8.51 92.00 106.99
N SER CA 1557 9.78 91.87 107.39
CA SER CA 1557 10.17 90.79 108.29
C SER CA 1557 9.58 91.01 109.67
N THR CA 1558 9.57 92.25 110.15
CA THR CA 1558 9.00 92.52 111.47
C THR CA 1558 7.50 92.31 111.46
N CYS CA 1559 6.84 92.57 110.31
CA CYS CA 1559 5.41 92.31 110.22
C CYS CA 1559 5.09 90.84 109.94
N LEU CA 1560 6.07 90.04 109.56
CA LEU CA 1560 5.84 88.61 109.32
C LEU CA 1560 6.43 87.69 110.38
N ASP CA 1561 7.46 88.13 111.12
CA ASP CA 1561 8.00 87.34 112.20
C ASP CA 1561 7.10 87.43 113.43
N TYR CA 1562 6.80 86.27 114.03
CA TYR CA 1562 5.92 86.24 115.19
C TYR CA 1562 6.59 86.87 116.41
N GLN CA 1563 7.89 86.65 116.59
CA GLN CA 1563 8.57 87.08 117.82
C GLN CA 1563 8.71 88.59 117.88
N LYS CA 1564 9.13 89.23 116.78
CA LYS CA 1564 9.34 90.68 116.80
C LYS CA 1564 8.00 91.42 116.87
N LEU CA 1565 7.00 90.95 116.14
CA LEU CA 1565 5.66 91.54 116.22
C LEU CA 1565 5.06 91.33 117.60
N ARG CA 1566 5.33 90.17 118.22
CA ARG CA 1566 4.89 89.91 119.58
C ARG CA 1566 5.56 90.86 120.56
N SER CA 1567 6.85 91.15 120.36
CA SER CA 1567 7.56 92.08 121.23
C SER CA 1567 6.99 93.49 121.10
N ILE CA 1568 6.70 93.92 119.88
CA ILE CA 1568 6.14 95.26 119.68
C ILE CA 1568 4.73 95.36 120.28
N PHE CA 1569 3.92 94.31 120.10
CA PHE CA 1569 2.59 94.30 120.68
C PHE CA 1569 2.63 94.23 122.20
N LEU CA 1570 3.60 93.52 122.76
CA LEU CA 1570 3.79 93.49 124.21
C LEU CA 1570 4.19 94.86 124.74
N ASP CA 1571 5.04 95.57 124.00
CA ASP CA 1571 5.37 96.95 124.37
C ASP CA 1571 4.14 97.84 124.32
N ALA CA 1572 3.28 97.64 123.31
CA ALA CA 1572 2.04 98.39 123.22
C ALA CA 1572 1.12 98.11 124.41
N LYS CA 1573 1.00 96.85 124.79
CA LYS CA 1573 0.16 96.48 125.93
C LYS CA 1573 0.73 97.01 127.24
N GLU CA 1574 2.06 97.00 127.38
CA GLU CA 1574 2.71 97.53 128.58
C GLU CA 1574 2.51 99.04 128.68
N MET CA 1575 2.59 99.75 127.56
CA MET CA 1575 2.30 101.18 127.58
C MET CA 1575 0.83 101.48 127.84
N TRP CA 1576 -0.07 100.61 127.36
CA TRP CA 1576 -1.50 100.78 127.61
C TRP CA 1576 -1.82 100.55 129.09
N ILE CA 1577 -1.18 99.56 129.71
CA ILE CA 1577 -1.44 99.26 131.11
C ILE CA 1577 -0.93 100.38 132.02
N THR CA 1578 0.30 100.82 131.77
CA THR CA 1578 0.90 101.88 132.59
C THR CA 1578 0.72 103.24 131.94
N LYS DA 45 38.20 165.50 102.15
CA LYS DA 45 39.51 164.93 101.79
C LYS DA 45 39.38 163.94 100.63
N GLU DA 46 38.23 163.27 100.54
CA GLU DA 46 38.02 162.32 99.45
C GLU DA 46 37.88 163.02 98.10
N HIS DA 47 37.42 164.28 98.08
CA HIS DA 47 37.42 165.05 96.84
C HIS DA 47 38.83 165.36 96.36
N GLU DA 48 39.75 165.59 97.31
CA GLU DA 48 41.17 165.73 96.96
C GLU DA 48 41.72 164.42 96.39
N HIS DA 49 41.29 163.28 96.94
CA HIS DA 49 41.64 162.00 96.35
C HIS DA 49 41.02 161.81 94.97
N GLU DA 50 39.80 162.32 94.75
CA GLU DA 50 39.20 162.31 93.43
C GLU DA 50 40.00 163.13 92.41
N GLN DA 51 40.47 164.31 92.82
CA GLN DA 51 41.37 165.09 91.98
C GLN DA 51 42.71 164.39 91.76
N LYS DA 52 43.21 163.71 92.79
CA LYS DA 52 44.43 162.91 92.64
C LYS DA 52 44.23 161.76 91.66
N LEU DA 53 43.07 161.10 91.71
CA LEU DA 53 42.74 160.04 90.77
C LEU DA 53 42.58 160.58 89.34
N LEU DA 54 42.00 161.77 89.19
CA LEU DA 54 41.94 162.40 87.87
C LEU DA 54 43.33 162.74 87.32
N ALA DA 55 44.22 163.22 88.19
CA ALA DA 55 45.61 163.43 87.80
C ALA DA 55 46.31 162.11 87.50
N ARG DA 56 45.99 161.05 88.24
CA ARG DA 56 46.51 159.73 87.95
C ARG DA 56 46.03 159.23 86.59
N GLU DA 57 44.76 159.45 86.26
CA GLU DA 57 44.23 159.01 84.98
C GLU DA 57 44.89 159.76 83.83
N GLN DA 58 45.10 161.07 84.01
CA GLN DA 58 45.80 161.86 82.99
C GLN DA 58 47.25 161.43 82.85
N GLU DA 59 47.92 161.17 83.97
CA GLU DA 59 49.33 160.78 83.93
C GLU DA 59 49.49 159.39 83.32
N LEU DA 60 48.63 158.44 83.69
CA LEU DA 60 48.73 157.08 83.17
C LEU DA 60 48.37 157.03 81.68
N ARG DA 61 47.39 157.84 81.26
CA ARG DA 61 47.10 157.96 79.83
C ARG DA 61 48.27 158.59 79.07
N ASP DA 62 48.95 159.57 79.69
CA ASP DA 62 50.15 160.13 79.09
C ASP DA 62 51.28 159.10 79.02
N ILE DA 63 51.44 158.28 80.06
CA ILE DA 63 52.44 157.23 80.09
C ILE DA 63 52.18 156.21 78.97
N VAL DA 64 50.92 155.83 78.80
CA VAL DA 64 50.52 154.92 77.73
C VAL DA 64 50.80 155.55 76.37
N ALA DA 65 50.47 156.84 76.22
CA ALA DA 65 50.66 157.48 74.92
C ALA DA 65 52.15 157.63 74.62
N ASN DA 66 52.95 157.91 75.66
CA ASN DA 66 54.39 158.07 75.49
C ASN DA 66 55.04 156.77 75.06
N THR DA 67 54.68 155.66 75.70
CA THR DA 67 55.29 154.40 75.30
C THR DA 67 54.66 153.87 74.01
N ASN DA 68 53.47 154.34 73.65
CA ASN DA 68 52.85 154.00 72.39
C ASN DA 68 53.48 154.73 71.22
N ASP DA 69 54.09 155.89 71.45
CA ASP DA 69 54.63 156.71 70.38
C ASP DA 69 55.99 156.22 69.88
N LYS DA 70 56.65 155.34 70.62
CA LYS DA 70 57.97 154.86 70.24
C LYS DA 70 57.93 153.48 69.62
N LEU DA 71 56.74 152.98 69.29
CA LEU DA 71 56.59 151.66 68.72
C LEU DA 71 56.99 151.69 67.25
N ILE DA 72 58.02 150.93 66.89
CA ILE DA 72 58.50 150.85 65.52
C ILE DA 72 58.14 149.48 64.98
N ASP DA 73 57.42 149.45 63.87
CA ASP DA 73 57.07 148.22 63.19
C ASP DA 73 58.14 147.88 62.15
N ILE DA 74 58.06 146.65 61.62
CA ILE DA 74 59.01 146.24 60.59
C ILE DA 74 58.77 147.03 59.29
N SER DA 75 57.54 147.49 59.07
CA SER DA 75 57.27 148.37 57.93
C SER DA 75 58.00 149.71 58.10
N MET DA 76 58.08 150.20 59.33
CA MET DA 76 58.85 151.41 59.60
C MET DA 76 60.34 151.18 59.38
N ILE DA 77 60.84 149.97 59.66
CA ILE DA 77 62.25 149.67 59.44
C ILE DA 77 62.56 149.59 57.95
N ASN DA 78 61.68 148.93 57.19
CA ASN DA 78 61.95 148.68 55.78
C ASN DA 78 61.87 149.95 54.95
N ASN DA 79 60.91 150.83 55.26
CA ASN DA 79 60.67 152.05 54.50
C ASN DA 79 60.94 153.28 55.35
N SER DA 80 62.05 153.27 56.10
CA SER DA 80 62.37 154.39 56.98
C SER DA 80 62.74 155.64 56.19
N GLY DA 81 63.65 155.51 55.22
CA GLY DA 81 64.15 156.64 54.48
C GLY DA 81 65.17 157.49 55.22
N ILE DA 82 65.55 157.11 56.44
CA ILE DA 82 66.57 157.85 57.16
C ILE DA 82 67.95 157.64 56.54
N VAL DA 83 68.26 156.40 56.16
CA VAL DA 83 69.55 156.07 55.58
C VAL DA 83 69.54 156.53 54.13
N ILE DA 84 70.10 157.71 53.87
CA ILE DA 84 70.16 158.29 52.54
C ILE DA 84 71.61 158.48 52.16
N GLN DA 85 71.90 158.39 50.86
CA GLN DA 85 73.26 158.57 50.38
C GLN DA 85 73.65 160.04 50.48
N GLY DA 86 74.68 160.33 51.27
CA GLY DA 86 75.12 161.69 51.45
C GLY DA 86 76.59 161.91 51.19
N THR DA 87 76.91 162.91 50.37
CA THR DA 87 78.28 163.29 50.09
C THR DA 87 78.62 164.55 50.88
N ASP DA 88 79.92 164.84 50.96
CA ASP DA 88 80.38 166.05 51.65
C ASP DA 88 79.91 167.31 50.92
N LEU DA 89 79.99 167.32 49.59
CA LEU DA 89 79.55 168.47 48.82
C LEU DA 89 78.04 168.67 48.92
N GLN DA 90 77.27 167.58 48.89
CA GLN DA 90 75.82 167.69 49.05
C GLN DA 90 75.45 168.13 50.46
N GLU DA 91 76.19 167.67 51.47
CA GLU DA 91 75.94 168.11 52.84
C GLU DA 91 76.23 169.59 53.00
N ALA DA 92 77.31 170.08 52.37
CA ALA DA 92 77.61 171.51 52.39
C ALA DA 92 76.53 172.30 51.65
N LEU DA 93 76.03 171.76 50.53
CA LEU DA 93 74.97 172.44 49.79
C LEU DA 93 73.68 172.53 50.59
N ASP DA 94 73.32 171.45 51.30
CA ASP DA 94 72.14 171.50 52.16
C ASP DA 94 72.33 172.44 53.34
N LYS DA 95 73.56 172.50 53.88
CA LYS DA 95 73.87 173.46 54.95
C LYS DA 95 73.72 174.89 54.46
N ARG DA 96 74.18 175.18 53.25
CA ARG DA 96 74.02 176.52 52.70
C ARG DA 96 72.56 176.81 52.34
N GLN DA 97 71.81 175.79 51.93
CA GLN DA 97 70.39 175.96 51.66
C GLN DA 97 69.63 176.32 52.93
N GLN DA 98 69.91 175.62 54.03
CA GLN DA 98 69.24 175.93 55.30
C GLN DA 98 69.74 177.25 55.87
N GLU DA 99 71.00 177.60 55.65
CA GLU DA 99 71.53 178.85 56.17
C GLU DA 99 70.94 180.05 55.46
N GLU DA 100 70.80 179.98 54.13
CA GLU DA 100 70.29 181.08 53.34
C GLU DA 100 68.76 181.16 53.43
N THR DA 138 77.09 182.08 40.33
CA THR DA 138 78.09 182.97 39.75
C THR DA 138 79.48 182.32 39.81
N ASN DA 139 80.33 182.68 38.84
CA ASN DA 139 81.68 182.11 38.76
C ASN DA 139 82.61 182.97 39.59
N THR DA 140 82.87 182.54 40.83
CA THR DA 140 83.74 183.28 41.72
C THR DA 140 85.19 183.21 41.25
N PHE DA 141 85.65 182.04 40.85
CA PHE DA 141 87.06 181.80 40.60
C PHE DA 141 87.47 182.34 39.23
N THR DA 142 88.61 183.05 39.20
CA THR DA 142 89.15 183.62 37.98
C THR DA 142 90.44 182.91 37.62
N LEU DA 143 90.52 182.39 36.40
CA LEU DA 143 91.71 181.70 35.93
C LEU DA 143 92.77 182.73 35.54
N LEU DA 144 94.00 182.53 36.02
CA LEU DA 144 95.10 183.45 35.74
C LEU DA 144 96.08 182.82 34.76
N SER DA 153 104.97 177.19 46.47
CA SER DA 153 105.59 176.88 45.18
C SER DA 153 105.22 175.49 44.71
N LYS DA 154 105.70 175.12 43.52
CA LYS DA 154 105.49 173.76 43.01
C LYS DA 154 106.21 172.72 43.87
N GLU DA 155 107.43 173.05 44.32
CA GLU DA 155 108.18 172.13 45.18
C GLU DA 155 107.50 171.96 46.53
N GLN DA 156 107.07 173.06 47.14
CA GLN DA 156 106.43 173.00 48.45
C GLN DA 156 105.12 172.24 48.40
N LEU DA 157 104.29 172.52 47.39
CA LEU DA 157 103.01 171.83 47.26
C LEU DA 157 103.22 170.36 46.92
N LYS DA 158 104.18 170.06 46.05
CA LYS DA 158 104.47 168.66 45.68
C LYS DA 158 104.99 167.88 46.88
N LYS DA 159 105.76 168.52 47.76
CA LYS DA 159 106.21 167.86 48.98
C LYS DA 159 105.05 167.65 49.96
N LEU DA 160 104.24 168.70 50.16
CA LEU DA 160 103.23 168.66 51.21
C LEU DA 160 102.08 167.73 50.86
N HIS DA 161 101.67 167.70 49.58
CA HIS DA 161 100.61 166.80 49.15
C HIS DA 161 101.00 165.33 49.34
N SER DA 162 102.23 164.99 48.93
CA SER DA 162 102.73 163.62 49.09
C SER DA 162 102.90 163.28 50.56
N ASN DA 163 103.36 164.23 51.38
CA ASN DA 163 103.54 163.96 52.81
C ASN DA 163 102.18 163.78 53.50
N ILE DA 164 101.17 164.56 53.10
CA ILE DA 164 99.83 164.41 53.67
C ILE DA 164 99.23 163.06 53.27
N LEU DA 165 99.41 162.65 52.01
CA LEU DA 165 98.92 161.34 51.58
C LEU DA 165 99.64 160.20 52.31
N ASN DA 166 100.96 160.34 52.52
CA ASN DA 166 101.71 159.32 53.25
C ASN DA 166 101.27 159.25 54.72
N GLU DA 167 101.02 160.41 55.35
CA GLU DA 167 100.57 160.42 56.74
C GLU DA 167 99.17 159.85 56.87
N ILE DA 168 98.31 160.06 55.86
CA ILE DA 168 96.98 159.46 55.88
C ILE DA 168 97.09 157.94 55.72
N PHE DA 169 97.92 157.47 54.79
CA PHE DA 169 98.03 156.05 54.52
C PHE DA 169 98.76 155.29 55.63
N SER DA 170 99.63 155.97 56.40
CA SER DA 170 100.40 155.28 57.43
C SER DA 170 99.53 154.95 58.63
N GLN DA 171 98.66 155.86 59.03
CA GLN DA 171 97.80 155.64 60.20
C GLN DA 171 96.62 154.72 59.88
N SER DA 172 96.34 154.46 58.61
CA SER DA 172 95.29 153.54 58.22
C SER DA 172 95.75 152.09 58.18
N GLN DA 173 97.04 151.84 58.41
CA GLN DA 173 97.58 150.49 58.40
C GLN DA 173 97.26 149.82 59.74
N VAL DA 174 96.30 148.89 59.72
CA VAL DA 174 95.83 148.21 60.92
C VAL DA 174 96.40 146.80 60.92
N ASN DA 175 97.22 146.48 61.91
CA ASN DA 175 97.82 145.16 62.05
C ASN DA 175 96.98 144.31 62.98
N LYS DA 176 96.60 143.12 62.51
CA LYS DA 176 95.78 142.22 63.30
C LYS DA 176 96.57 141.68 64.49
N PRO DA 177 95.90 141.39 65.62
CA PRO DA 177 96.59 140.78 66.75
C PRO DA 177 96.78 139.27 66.63
N GLY DA 178 96.37 138.68 65.51
CA GLY DA 178 96.53 137.27 65.29
C GLY DA 178 95.74 136.79 64.08
N PRO DA 179 95.66 135.48 63.89
CA PRO DA 179 94.82 134.95 62.79
C PRO DA 179 93.35 135.19 63.04
N LEU DA 180 92.60 135.33 61.95
CA LEU DA 180 91.17 135.59 62.03
C LEU DA 180 90.35 134.31 62.11
N THR DA 181 90.62 133.35 61.24
CA THR DA 181 89.96 132.05 61.24
C THR DA 181 90.95 130.99 61.69
N VAL DA 182 90.53 130.16 62.65
CA VAL DA 182 91.37 129.07 63.15
C VAL DA 182 90.85 127.77 62.54
N PRO DA 183 91.72 126.81 62.25
CA PRO DA 183 91.28 125.50 61.77
C PRO DA 183 90.93 124.60 62.95
N PHE DA 184 90.59 123.36 62.62
CA PHE DA 184 90.33 122.34 63.64
C PHE DA 184 91.63 121.84 64.28
N ILE EA 9 100.08 180.45 53.69
CA ILE EA 9 99.05 179.43 53.55
C ILE EA 9 97.96 179.63 54.60
N LYS EA 10 96.71 179.70 54.14
CA LYS EA 10 95.58 179.92 55.03
C LYS EA 10 94.81 178.65 55.36
N GLY EA 11 94.86 177.65 54.50
CA GLY EA 11 94.16 176.40 54.77
C GLY EA 11 94.31 175.45 53.59
N THR EA 12 93.89 174.21 53.83
CA THR EA 12 94.02 173.14 52.84
C THR EA 12 92.69 172.42 52.70
N ILE EA 13 92.40 171.95 51.48
CA ILE EA 13 91.25 171.13 51.19
C ILE EA 13 91.70 169.96 50.33
N ALA EA 14 91.41 168.74 50.77
CA ALA EA 14 91.76 167.53 50.05
C ALA EA 14 90.50 166.85 49.56
N PHE EA 15 90.40 166.64 48.25
CA PHE EA 15 89.24 165.98 47.68
C PHE EA 15 89.65 165.22 46.42
N ASP EA 16 88.96 164.12 46.15
CA ASP EA 16 89.24 163.28 45.00
C ASP EA 16 88.40 163.76 43.81
N THR EA 17 88.33 162.93 42.76
CA THR EA 17 87.54 163.28 41.58
C THR EA 17 86.05 163.35 41.89
N HIS EA 18 85.60 162.62 42.92
CA HIS EA 18 84.22 162.74 43.38
C HIS EA 18 83.97 164.02 44.16
N GLY EA 19 85.03 164.70 44.61
CA GLY EA 19 84.89 165.94 45.32
C GLY EA 19 84.65 165.84 46.80
N ASN EA 20 84.59 164.62 47.35
CA ASN EA 20 84.34 164.46 48.78
C ASN EA 20 85.56 164.86 49.60
N VAL EA 21 85.31 165.52 50.72
CA VAL EA 21 86.38 166.10 51.52
C VAL EA 21 87.15 164.99 52.22
N ILE EA 22 88.47 165.01 52.09
CA ILE EA 22 89.33 164.09 52.84
C ILE EA 22 89.93 164.86 54.02
N GLU EA 23 90.08 166.17 53.85
CA GLU EA 23 90.63 167.04 54.88
C GLU EA 23 90.22 168.48 54.56
N SER EA 24 89.87 169.24 55.59
CA SER EA 24 89.48 170.64 55.42
C SER EA 24 90.03 171.45 56.58
N THR EA 25 91.01 172.30 56.30
CA THR EA 25 91.70 173.09 57.32
C THR EA 25 91.56 174.58 57.01
N GLY EA 26 91.67 175.39 58.06
CA GLY EA 26 91.71 176.83 57.89
C GLY EA 26 90.40 177.42 57.42
N VAL EA 27 90.50 178.41 56.53
CA VAL EA 27 89.33 179.04 55.94
C VAL EA 27 88.55 178.04 55.07
N GLY EA 28 89.26 177.13 54.41
CA GLY EA 28 88.63 176.12 53.58
C GLY EA 28 87.75 175.14 54.33
N SER EA 29 87.94 175.01 55.66
CA SER EA 29 87.03 174.21 56.48
C SER EA 29 85.63 174.80 56.52
N GLN EA 30 85.48 176.11 56.30
CA GLN EA 30 84.18 176.74 56.20
C GLN EA 30 83.89 177.25 54.80
N ARG EA 31 84.58 176.71 53.81
CA ARG EA 31 84.46 177.12 52.41
C ARG EA 31 84.31 175.88 51.52
N ILE EA 32 83.40 175.00 51.90
CA ILE EA 32 83.31 173.68 51.29
C ILE EA 32 82.57 173.74 49.95
N GLU EA 33 81.66 174.71 49.77
CA GLU EA 33 80.75 174.69 48.64
C GLU EA 33 81.41 175.00 47.29
N ASP EA 34 82.68 175.42 47.28
CA ASP EA 34 83.35 175.77 46.03
C ASP EA 34 83.94 174.57 45.30
N ILE EA 35 83.83 173.35 45.86
CA ILE EA 35 84.40 172.18 45.22
C ILE EA 35 83.68 171.85 43.91
N GLY EA 36 82.35 172.03 43.89
CA GLY EA 36 81.60 171.79 42.68
C GLY EA 36 81.96 172.75 41.56
N ASP EA 37 82.24 174.00 41.90
CA ASP EA 37 82.71 174.95 40.89
C ASP EA 37 84.14 174.65 40.45
N LEU EA 38 85.00 174.26 41.41
CA LEU EA 38 86.40 174.00 41.08
C LEU EA 38 86.59 172.69 40.32
N SER EA 39 85.58 171.81 40.32
CA SER EA 39 85.67 170.57 39.55
C SER EA 39 85.69 170.79 38.05
N LYS EA 40 85.31 171.97 37.58
CA LYS EA 40 85.30 172.29 36.16
C LYS EA 40 86.51 173.12 35.73
N VAL EA 41 87.50 173.29 36.59
CA VAL EA 41 88.68 174.10 36.30
C VAL EA 41 89.78 173.20 35.77
N THR EA 42 90.38 173.59 34.64
CA THR EA 42 91.38 172.79 33.98
C THR EA 42 92.75 172.95 34.64
N LEU EA 43 93.58 171.93 34.46
CA LEU EA 43 94.91 171.87 35.06
C LEU EA 43 95.96 171.81 33.96
N ASP EA 44 97.21 171.58 34.34
CA ASP EA 44 98.31 171.42 33.41
C ASP EA 44 98.77 169.96 33.43
N ALA EA 45 99.86 169.67 32.71
CA ALA EA 45 100.42 168.32 32.70
C ALA EA 45 100.93 167.91 34.07
N GLU EA 46 101.53 168.85 34.81
CA GLU EA 46 102.05 168.54 36.14
C GLU EA 46 100.96 168.49 37.20
N GLY EA 47 99.74 168.93 36.90
CA GLY EA 47 98.67 168.98 37.87
C GLY EA 47 98.55 170.29 38.64
N PHE EA 48 99.48 171.22 38.48
CA PHE EA 48 99.47 172.46 39.24
C PHE EA 48 98.50 173.46 38.62
N ALA EA 49 97.96 174.34 39.47
CA ALA EA 49 97.11 175.43 39.02
C ALA EA 49 97.13 176.54 40.05
N GLN EA 50 96.94 177.76 39.58
CA GLN EA 50 96.85 178.94 40.45
C GLN EA 50 95.61 179.72 40.03
N VAL EA 51 94.52 179.52 40.76
CA VAL EA 51 93.23 180.11 40.43
C VAL EA 51 92.83 181.05 41.54
N GLN EA 52 92.45 182.28 41.18
CA GLN EA 52 92.18 183.33 42.15
C GLN EA 52 90.68 183.56 42.27
N GLY EA 53 90.20 183.67 43.51
CA GLY EA 53 88.81 183.93 43.78
C GLY EA 53 88.57 184.38 45.21
N ASP EA 54 87.65 185.34 45.38
CA ASP EA 54 87.32 185.96 46.67
C ASP EA 54 88.55 186.51 47.37
N SER EA 55 89.40 187.19 46.57
CA SER EA 55 90.65 187.83 47.04
C SER EA 55 91.58 186.83 47.71
N LEU EA 56 91.61 185.60 47.18
CA LEU EA 56 92.50 184.56 47.67
C LEU EA 56 93.04 183.77 46.49
N LEU EA 57 94.29 183.31 46.61
CA LEU EA 57 94.93 182.50 45.60
C LEU EA 57 94.85 181.04 46.00
N VAL EA 58 94.21 180.23 45.18
CA VAL EA 58 94.00 178.81 45.46
C VAL EA 58 94.95 178.01 44.58
N HIS EA 59 95.76 177.17 45.21
CA HIS EA 59 96.74 176.33 44.51
C HIS EA 59 96.26 174.89 44.52
N LEU EA 60 96.28 174.25 43.35
CA LEU EA 60 95.75 172.91 43.16
C LEU EA 60 96.87 171.97 42.74
N TYR EA 61 96.71 170.70 43.08
CA TYR EA 61 97.66 169.66 42.66
C TYR EA 61 96.91 168.34 42.63
N LYS EA 62 96.76 167.77 41.44
CA LYS EA 62 96.05 166.50 41.26
C LYS EA 62 97.08 165.39 41.07
N ARG EA 63 97.15 164.47 42.04
CA ARG EA 63 98.01 163.29 41.96
C ARG EA 63 97.23 162.11 42.50
N ASN EA 64 97.21 161.02 41.71
CA ASN EA 64 96.43 159.81 41.99
C ASN EA 64 94.95 160.15 42.20
N ASP EA 65 94.43 160.97 41.29
CA ASP EA 65 93.01 161.32 41.20
C ASP EA 65 92.49 162.01 42.46
N ILE EA 66 93.36 162.75 43.16
CA ILE EA 66 92.98 163.53 44.32
C ILE EA 66 93.51 164.95 44.13
N THR EA 67 92.63 165.94 44.17
CA THR EA 67 92.98 167.34 43.99
C THR EA 67 93.08 168.01 45.35
N LEU EA 68 94.26 168.55 45.67
CA LEU EA 68 94.50 169.22 46.94
C LEU EA 68 94.39 170.72 46.73
N ALA EA 69 93.38 171.33 47.35
CA ALA EA 69 93.15 172.77 47.25
C ALA EA 69 93.80 173.46 48.44
N VAL EA 70 94.72 174.38 48.17
CA VAL EA 70 95.48 175.08 49.20
C VAL EA 70 95.22 176.57 49.05
N TYR EA 71 94.80 177.21 50.14
CA TYR EA 71 94.47 178.63 50.13
C TYR EA 71 95.67 179.44 50.59
N THR EA 72 95.96 180.53 49.85
CA THR EA 72 96.95 181.52 50.25
C THR EA 72 96.37 182.91 50.07
N SER EA 73 96.85 183.85 50.88
CA SER EA 73 96.34 185.21 50.82
C SER EA 73 96.84 185.91 49.56
N ALA EA 74 95.94 186.66 48.92
CA ALA EA 74 96.31 187.39 47.70
C ALA EA 74 97.23 188.56 48.01
N GLN EA 75 96.97 189.26 49.11
CA GLN EA 75 97.81 190.40 49.51
C GLN EA 75 99.10 189.94 50.17
N MET FA 3 85.98 128.00 60.84
CA MET FA 3 85.47 128.61 62.06
C MET FA 3 85.85 130.08 62.14
N LEU FA 4 85.64 130.69 63.30
CA LEU FA 4 85.92 132.10 63.50
C LEU FA 4 86.45 132.31 64.92
N HIS FA 5 87.11 133.45 65.11
CA HIS FA 5 87.69 133.81 66.40
C HIS FA 5 87.15 135.19 66.78
N SER FA 6 86.45 135.27 67.91
CA SER FA 6 85.85 136.53 68.32
C SER FA 6 86.86 137.51 68.88
N LYS FA 7 87.92 137.03 69.55
CA LYS FA 7 88.86 137.92 70.20
C LYS FA 7 89.69 138.70 69.19
N ASN FA 8 90.18 138.03 68.15
CA ASN FA 8 91.00 138.72 67.15
C ASN FA 8 90.18 139.70 66.33
N VAL FA 9 88.94 139.35 65.99
CA VAL FA 9 88.08 140.27 65.26
C VAL FA 9 87.70 141.47 66.13
N LYS FA 10 87.47 141.22 67.42
CA LYS FA 10 87.19 142.32 68.36
C LYS FA 10 88.39 143.26 68.48
N GLY FA 11 89.59 142.70 68.57
CA GLY FA 11 90.79 143.53 68.60
C GLY FA 11 91.00 144.31 67.32
N PHE FA 12 90.69 143.69 66.17
CA PHE FA 12 90.79 144.37 64.89
C PHE FA 12 89.82 145.55 64.81
N LEU FA 13 88.58 145.35 65.27
CA LEU FA 13 87.60 146.43 65.27
C LEU FA 13 88.00 147.53 66.25
N GLU FA 14 88.53 147.16 67.41
CA GLU FA 14 89.02 148.16 68.37
C GLU FA 14 90.18 148.97 67.80
N ASN FA 15 91.06 148.32 67.03
CA ASN FA 15 92.13 149.04 66.36
C ASN FA 15 91.61 149.97 65.27
N THR FA 16 90.57 149.54 64.53
CA THR FA 16 89.98 150.43 63.54
C THR FA 16 89.16 151.57 64.14
N LEU FA 17 88.89 151.54 65.45
CA LEU FA 17 88.30 152.68 66.13
C LEU FA 17 89.30 153.79 66.43
N LYS FA 18 90.57 153.64 66.04
CA LYS FA 18 91.58 154.64 66.35
C LYS FA 18 91.34 155.89 65.51
N PRO FA 19 91.51 157.09 66.09
CA PRO FA 19 91.35 158.31 65.31
C PRO FA 19 92.62 158.70 64.57
N TYR FA 20 92.62 159.87 63.93
CA TYR FA 20 93.76 160.37 63.19
C TYR FA 20 94.28 161.65 63.83
N ASP FA 21 95.59 161.75 63.96
CA ASP FA 21 96.25 162.93 64.50
C ASP FA 21 97.41 163.28 63.56
N LEU FA 22 97.20 164.27 62.70
CA LEU FA 22 98.20 164.68 61.73
C LEU FA 22 99.10 165.74 62.36
N HIS FA 23 100.41 165.62 62.10
CA HIS FA 23 101.40 166.47 62.75
C HIS FA 23 101.93 167.58 61.85
N SER FA 24 102.16 167.29 60.56
CA SER FA 24 102.61 168.33 59.64
C SER FA 24 101.55 169.41 59.46
N VAL FA 25 100.28 169.00 59.35
CA VAL FA 25 99.14 169.91 59.35
C VAL FA 25 98.32 169.60 60.59
N ASP FA 26 98.06 170.62 61.41
CA ASP FA 26 97.34 170.40 62.66
C ASP FA 26 95.85 170.15 62.40
N PHE FA 27 95.49 168.89 62.19
CA PHE FA 27 94.13 168.50 61.83
C PHE FA 27 93.74 167.28 62.66
N LYS FA 28 93.13 167.54 63.81
CA LYS FA 28 92.69 166.47 64.69
C LYS FA 28 91.32 165.95 64.26
N THR FA 29 91.18 164.64 64.21
CA THR FA 29 89.92 163.98 63.90
C THR FA 29 89.46 163.15 65.09
N SER FA 30 88.15 163.13 65.32
CA SER FA 30 87.59 162.32 66.39
C SER FA 30 87.59 160.84 65.99
N SER FA 31 87.39 159.98 66.97
CA SER FA 31 87.28 158.56 66.70
C SER FA 31 85.91 158.23 66.12
N LEU FA 32 85.82 157.04 65.50
CA LEU FA 32 84.56 156.59 64.93
C LEU FA 32 83.54 156.32 66.02
N GLN FA 33 82.27 156.50 65.69
CA GLN FA 33 81.21 156.27 66.66
C GLN FA 33 81.05 154.80 66.98
N SER FA 34 81.10 153.93 65.97
CA SER FA 34 80.94 152.50 66.17
C SER FA 34 81.59 151.76 65.01
N SER FA 35 82.13 150.59 65.30
CA SER FA 35 82.74 149.72 64.30
C SER FA 35 82.22 148.31 64.51
N MET FA 36 81.72 147.68 63.46
CA MET FA 36 81.08 146.37 63.59
C MET FA 36 81.15 145.64 62.25
N ILE FA 37 80.89 144.34 62.31
CA ILE FA 37 80.83 143.47 61.14
C ILE FA 37 79.46 142.81 61.14
N ILE FA 38 78.74 142.92 60.01
CA ILE FA 38 77.39 142.40 59.90
C ILE FA 38 77.30 141.49 58.69
N THR FA 39 76.30 140.62 58.71
CA THR FA 39 76.09 139.67 57.61
C THR FA 39 75.37 140.34 56.45
N ALA FA 40 75.46 139.70 55.28
CA ALA FA 40 74.86 140.22 54.06
C ALA FA 40 73.47 139.63 53.78
N THR FA 41 72.94 138.80 54.69
CA THR FA 41 71.64 138.20 54.51
C THR FA 41 70.57 138.78 55.42
N ASN FA 42 70.84 138.85 56.73
CA ASN FA 42 69.87 139.37 57.69
C ASN FA 42 70.29 140.69 58.31
N GLY FA 43 71.55 141.09 58.18
CA GLY FA 43 72.02 142.34 58.75
C GLY FA 43 72.29 142.31 60.23
N GLY FA 44 72.30 141.14 60.86
CA GLY FA 44 72.61 141.05 62.26
C GLY FA 44 74.09 141.23 62.54
N ILE FA 45 74.39 141.63 63.76
CA ILE FA 45 75.75 141.96 64.16
C ILE FA 45 76.49 140.66 64.49
N LEU FA 46 77.55 140.38 63.74
CA LEU FA 46 78.45 139.28 64.09
C LEU FA 46 79.40 139.69 65.21
N SER FA 47 80.19 140.74 64.98
CA SER FA 47 81.07 141.29 66.00
C SER FA 47 80.96 142.81 65.96
N TYR FA 48 81.26 143.43 67.09
CA TYR FA 48 81.13 144.88 67.22
C TYR FA 48 82.12 145.38 68.25
N ALA FA 49 82.39 146.69 68.19
CA ALA FA 49 83.24 147.36 69.15
C ALA FA 49 82.89 148.85 69.15
N THR FA 50 82.81 149.44 70.33
CA THR FA 50 82.48 150.84 70.50
C THR FA 50 83.69 151.61 71.03
N SER FA 51 83.81 152.86 70.58
CA SER FA 51 84.93 153.70 71.00
C SER FA 51 84.84 154.02 72.49
N ASN FA 52 83.65 154.29 73.00
CA ASN FA 52 83.46 154.59 74.41
C ASN FA 52 82.58 153.55 75.09
N GLU FA 62 74.08 150.10 78.55
CA GLU FA 62 74.94 149.35 77.65
C GLU FA 62 74.12 148.52 76.67
N ILE FA 63 73.09 147.86 77.19
CA ILE FA 63 72.22 147.02 76.35
C ILE FA 63 71.43 147.88 75.39
N ASN FA 64 71.02 149.09 75.81
CA ASN FA 64 70.27 149.98 74.95
C ASN FA 64 71.10 150.42 73.75
N SER FA 65 72.38 150.73 73.96
CA SER FA 65 73.26 151.09 72.85
C SER FA 65 73.51 149.91 71.91
N VAL FA 66 73.58 148.70 72.46
CA VAL FA 66 73.73 147.51 71.63
C VAL FA 66 72.50 147.30 70.75
N ASN FA 67 71.32 147.45 71.33
CA ASN FA 67 70.08 147.32 70.56
C ASN FA 67 69.96 148.41 69.50
N ASN FA 68 70.35 149.64 69.84
CA ASN FA 68 70.33 150.74 68.87
C ASN FA 68 71.31 150.49 67.74
N LEU FA 69 72.50 149.94 68.05
CA LEU FA 69 73.46 149.61 67.01
C LEU FA 69 72.97 148.48 66.12
N LYS FA 70 72.27 147.50 66.71
CA LYS FA 70 71.67 146.43 65.91
C LYS FA 70 70.59 146.97 64.98
N MET FA 71 69.77 147.90 65.49
CA MET FA 71 68.75 148.53 64.65
C MET FA 71 69.38 149.34 63.51
N MET FA 72 70.44 150.07 63.81
CA MET FA 72 71.14 150.84 62.78
C MET FA 72 71.79 149.91 61.74
N SER FA 73 72.32 148.78 62.20
CA SER FA 73 72.90 147.80 61.28
C SER FA 73 71.83 147.20 60.37
N LEU FA 74 70.65 146.92 60.93
CA LEU FA 74 69.54 146.42 60.12
C LEU FA 74 69.11 147.45 59.10
N LEU FA 75 69.03 148.73 59.49
CA LEU FA 75 68.67 149.79 58.56
C LEU FA 75 69.70 149.94 57.45
N ILE FA 76 70.99 149.87 57.80
CA ILE FA 76 72.05 150.02 56.81
C ILE FA 76 72.06 148.85 55.84
N LYS FA 77 71.84 147.62 56.34
CA LYS FA 77 71.75 146.47 55.45
C LYS FA 77 70.52 146.53 54.56
N ASP FA 78 69.41 147.05 55.09
CA ASP FA 78 68.20 147.21 54.28
C ASP FA 78 68.41 148.22 53.17
N LYS FA 79 69.12 149.31 53.44
CA LYS FA 79 69.43 150.27 52.39
C LYS FA 79 70.46 149.72 51.40
N TRP FA 80 71.39 148.89 51.87
CA TRP FA 80 72.43 148.35 51.01
C TRP FA 80 71.91 147.25 50.09
N SER FA 81 70.86 146.54 50.53
CA SER FA 81 70.34 145.43 49.74
C SER FA 81 69.78 145.88 48.41
N GLU FA 82 69.04 147.01 48.38
CA GLU FA 82 68.49 147.51 47.14
C GLU FA 82 69.57 148.11 46.25
N ASP FA 83 70.62 148.69 46.87
CA ASP FA 83 71.71 149.26 46.08
C ASP FA 83 72.57 148.18 45.44
N GLU FA 84 72.71 147.03 46.09
CA GLU FA 84 73.50 145.94 45.53
C GLU FA 84 72.82 145.28 44.34
N ASN FA 85 71.49 145.32 44.28
CA ASN FA 85 70.72 144.67 43.24
C ASN FA 85 70.26 145.65 42.16
N ASP FA 86 70.78 146.87 42.14
CA ASP FA 86 70.41 147.88 41.17
C ASP FA 86 71.60 148.18 40.27
N THR FA 87 71.37 148.13 38.96
CA THR FA 87 72.39 148.47 37.98
C THR FA 87 72.14 149.79 37.27
N GLU FA 88 70.95 150.37 37.41
CA GLU FA 88 70.67 151.68 36.85
C GLU FA 88 71.27 152.78 37.75
N GLU FA 89 71.67 153.88 37.11
CA GLU FA 89 72.41 154.98 37.75
C GLU FA 89 73.66 154.48 38.46
N GLN FA 90 74.39 153.58 37.79
CA GLN FA 90 75.57 152.97 38.40
C GLN FA 90 76.73 153.95 38.53
N HIS FA 91 76.77 154.99 37.70
CA HIS FA 91 77.82 156.01 37.79
C HIS FA 91 77.45 157.08 38.80
N SER FA 92 77.26 156.64 40.04
CA SER FA 92 76.89 157.52 41.14
C SER FA 92 78.15 158.05 41.82
N ASN FA 93 78.05 159.30 42.31
CA ASN FA 93 79.20 159.96 42.91
C ASN FA 93 79.51 159.44 44.32
N SER FA 94 78.58 158.73 44.95
CA SER FA 94 78.78 158.19 46.28
C SER FA 94 79.26 156.75 46.27
N CYS FA 95 79.51 156.17 45.10
CA CYS FA 95 79.99 154.81 44.97
C CYS FA 95 81.48 154.82 44.66
N TYR FA 96 82.25 154.01 45.40
CA TYR FA 96 83.70 153.92 45.25
C TYR FA 96 84.08 152.45 45.09
N PRO FA 97 83.90 151.89 43.90
CA PRO FA 97 84.22 150.46 43.69
C PRO FA 97 85.72 150.24 43.55
N VAL FA 98 86.31 149.55 44.52
CA VAL FA 98 87.73 149.26 44.53
C VAL FA 98 87.91 147.77 44.29
N GLU FA 99 89.03 147.42 43.64
CA GLU FA 99 89.37 146.03 43.36
C GLU FA 99 90.75 145.75 43.96
N ILE FA 100 90.77 144.92 45.00
CA ILE FA 100 92.00 144.58 45.72
C ILE FA 100 92.24 143.08 45.56
N ASP FA 101 93.45 142.72 45.13
CA ASP FA 101 93.88 141.34 44.90
C ASP FA 101 92.94 140.59 43.96
N SER FA 102 92.56 141.27 42.86
CA SER FA 102 91.67 140.74 41.83
C SER FA 102 90.32 140.31 42.40
N PHE FA 103 89.82 141.10 43.36
CA PHE FA 103 88.50 140.87 43.96
C PHE FA 103 87.73 142.18 43.91
N LYS FA 104 86.61 142.18 43.19
CA LYS FA 104 85.84 143.39 42.97
C LYS FA 104 84.73 143.54 44.01
N THR FA 105 84.56 144.75 44.52
CA THR FA 105 83.53 145.07 45.49
C THR FA 105 83.00 146.46 45.21
N LYS FA 106 81.91 146.81 45.90
CA LYS FA 106 81.29 148.12 45.80
C LYS FA 106 81.12 148.72 47.19
N ILE FA 107 81.54 149.97 47.33
CA ILE FA 107 81.46 150.69 48.60
C ILE FA 107 80.45 151.82 48.46
N TYR FA 108 79.51 151.89 49.38
CA TYR FA 108 78.47 152.92 49.37
C TYR FA 108 78.55 153.73 50.65
N THR FA 109 78.46 155.05 50.52
CA THR FA 109 78.46 155.96 51.65
C THR FA 109 77.03 156.46 51.89
N TYR FA 110 76.65 156.58 53.16
CA TYR FA 110 75.30 156.99 53.53
C TYR FA 110 75.37 158.06 54.61
N GLU FA 111 74.32 158.88 54.66
CA GLU FA 111 74.15 159.87 55.71
C GLU FA 111 72.96 159.47 56.58
N MET FA 112 73.19 159.34 57.88
CA MET FA 112 72.16 158.93 58.83
C MET FA 112 72.02 160.06 59.85
N GLU FA 113 71.12 161.00 59.56
CA GLU FA 113 70.85 162.18 60.38
C GLU FA 113 72.12 162.97 60.67
N ASP FA 114 72.70 162.74 61.85
CA ASP FA 114 73.94 163.41 62.25
C ASP FA 114 75.11 162.44 62.34
N LEU FA 115 74.99 161.25 61.73
CA LEU FA 115 76.02 160.23 61.78
C LEU FA 115 76.42 159.85 60.36
N HIS FA 116 77.72 159.79 60.10
CA HIS FA 116 78.26 159.39 58.81
C HIS FA 116 78.51 157.88 58.83
N THR FA 117 77.71 157.14 58.07
CA THR FA 117 77.80 155.67 58.03
C THR FA 117 78.28 155.23 56.65
N CYS FA 118 79.33 154.42 56.64
CA CYS FA 118 79.89 153.88 55.40
C CYS FA 118 80.01 152.37 55.53
N VAL FA 119 79.53 151.65 54.52
CA VAL FA 119 79.56 150.19 54.53
C VAL FA 119 80.27 149.72 53.26
N ALA FA 120 80.90 148.55 53.37
CA ALA FA 120 81.58 147.94 52.23
C ALA FA 120 81.49 146.43 52.37
N GLN FA 121 81.00 145.77 51.32
CA GLN FA 121 80.94 144.31 51.32
C GLN FA 121 82.34 143.72 51.19
N ILE FA 122 82.63 142.73 52.03
CA ILE FA 122 83.86 141.95 51.90
C ILE FA 122 83.75 141.16 50.60
N PRO FA 123 84.72 141.28 49.68
CA PRO FA 123 84.52 140.74 48.32
C PRO FA 123 84.41 139.23 48.28
N ASN FA 124 83.53 138.75 47.38
CA ASN FA 124 83.29 137.32 47.12
C ASN FA 124 82.90 136.57 48.40
N SER FA 125 82.07 137.20 49.22
CA SER FA 125 81.67 136.61 50.49
C SER FA 125 80.33 137.20 50.91
N ASP FA 126 79.71 136.56 51.91
CA ASP FA 126 78.41 136.97 52.43
C ASP FA 126 78.54 137.82 53.69
N LEU FA 127 79.58 138.62 53.79
CA LEU FA 127 79.83 139.46 54.97
C LEU FA 127 79.92 140.92 54.55
N LEU FA 128 79.67 141.80 55.53
CA LEU FA 128 79.73 143.23 55.32
C LEU FA 128 80.62 143.86 56.38
N LEU FA 129 81.32 144.93 56.00
CA LEU FA 129 82.14 145.71 56.91
C LEU FA 129 81.57 147.12 56.98
N LEU FA 130 81.34 147.61 58.19
CA LEU FA 130 80.62 148.87 58.40
C LEU FA 130 81.40 149.76 59.35
N PHE FA 131 81.54 151.03 58.98
CA PHE FA 131 82.16 152.05 59.82
C PHE FA 131 81.19 153.21 59.97
N ILE FA 132 80.98 153.63 61.23
CA ILE FA 132 80.07 154.73 61.55
C ILE FA 132 80.83 155.76 62.36
N ALA FA 133 80.73 157.03 61.96
CA ALA FA 133 81.37 158.13 62.68
C ALA FA 133 80.39 159.28 62.79
N GLU FA 134 80.85 160.39 63.38
CA GLU FA 134 80.02 161.55 63.58
C GLU FA 134 79.88 162.36 62.30
N GLY FA 135 79.07 163.42 62.35
CA GLY FA 135 78.82 164.24 61.19
C GLY FA 135 79.99 165.13 60.79
N SER FA 136 80.90 165.42 61.73
CA SER FA 136 82.08 166.20 61.40
C SER FA 136 83.16 165.39 60.71
N PHE FA 137 83.04 164.07 60.70
CA PHE FA 137 84.07 163.22 60.10
C PHE FA 137 84.02 163.32 58.57
N PRO FA 138 85.16 163.49 57.90
CA PRO FA 138 85.15 163.55 56.45
C PRO FA 138 84.85 162.19 55.82
N TYR FA 139 84.22 162.21 54.65
CA TYR FA 139 83.87 160.98 53.96
C TYR FA 139 85.08 160.34 53.29
N GLY FA 140 85.99 161.15 52.75
CA GLY FA 140 87.16 160.59 52.07
C GLY FA 140 88.09 159.84 53.01
N LEU FA 141 88.25 160.35 54.23
CA LEU FA 141 89.03 159.64 55.23
C LEU FA 141 88.37 158.31 55.60
N LEU FA 142 87.03 158.28 55.66
CA LEU FA 142 86.31 157.04 55.89
C LEU FA 142 86.54 156.05 54.76
N VAL FA 143 86.53 156.53 53.50
CA VAL FA 143 86.76 155.66 52.35
C VAL FA 143 88.16 155.06 52.39
N ILE FA 144 89.16 155.91 52.68
CA ILE FA 144 90.55 155.44 52.78
C ILE FA 144 90.71 154.45 53.93
N LYS FA 145 90.08 154.75 55.07
CA LYS FA 145 90.13 153.88 56.24
C LYS FA 145 89.54 152.50 55.93
N ILE FA 146 88.38 152.47 55.29
CA ILE FA 146 87.72 151.19 55.06
C ILE FA 146 88.42 150.43 53.92
N GLU FA 147 89.05 151.15 52.98
CA GLU FA 147 89.83 150.49 51.94
C GLU FA 147 91.07 149.82 52.53
N ARG FA 148 91.80 150.53 53.39
CA ARG FA 148 92.98 149.94 54.01
C ARG FA 148 92.61 148.86 55.03
N ALA FA 149 91.40 148.95 55.60
CA ALA FA 149 90.92 147.88 56.46
C ALA FA 149 90.61 146.63 55.66
N MET FA 150 89.94 146.78 54.52
CA MET FA 150 89.67 145.65 53.63
C MET FA 150 90.94 145.09 53.00
N ARG FA 151 92.01 145.89 52.92
CA ARG FA 151 93.28 145.38 52.42
C ARG FA 151 93.89 144.35 53.36
N GLU FA 152 93.70 144.52 54.67
CA GLU FA 152 94.30 143.64 55.67
C GLU FA 152 93.42 142.45 56.03
N LEU FA 153 92.21 142.37 55.48
CA LEU FA 153 91.25 141.33 55.83
C LEU FA 153 91.24 140.19 54.81
N THR FA 154 92.41 139.83 54.29
CA THR FA 154 92.50 138.82 53.24
C THR FA 154 92.17 137.42 53.74
N ASP FA 155 92.32 137.17 55.04
CA ASP FA 155 92.03 135.83 55.57
C ASP FA 155 90.54 135.55 55.62
N LEU FA 156 89.71 136.59 55.78
CA LEU FA 156 88.26 136.40 55.79
C LEU FA 156 87.66 136.36 54.39
N PHE FA 157 88.48 136.43 53.33
CA PHE FA 157 87.95 136.38 51.97
C PHE FA 157 87.44 134.98 51.67
N GLY FA 158 86.31 134.92 50.96
CA GLY FA 158 85.72 133.64 50.61
C GLY FA 158 85.01 132.93 51.75
N TYR FA 159 84.56 133.65 52.77
CA TYR FA 159 83.86 133.07 53.90
C TYR FA 159 82.35 133.18 53.69
N LYS FA 160 81.65 132.06 53.87
CA LYS FA 160 80.21 132.02 53.72
C LYS FA 160 79.58 131.46 54.99
N LEU FA 161 78.35 131.89 55.26
CA LEU FA 161 77.63 131.43 56.44
C LEU FA 161 77.23 129.97 56.28
N GLY FA 162 77.30 129.22 57.38
CA GLY FA 162 76.94 127.81 57.38
C GLY FA 162 75.44 127.57 57.47
#